data_9AU6
#
_entry.id   9AU6
#
_cell.length_a   1.00
_cell.length_b   1.00
_cell.length_c   1.00
_cell.angle_alpha   90.00
_cell.angle_beta   90.00
_cell.angle_gamma   90.00
#
_symmetry.space_group_name_H-M   'P 1'
#
_entity_poly.entity_id   1
_entity_poly.type   'polypeptide(L)'
_entity_poly.pdbx_seq_one_letter_code
;MAMYINTNVPSLTAQRYLGETNNAVSKSLERLSSGLRINSASDDASGLAISEKLRGQISGLKRASLNAQDGISLLQTAEG
GLQNIQDMLQRMRELAVQAGNGVYTTNDRAEIQKEVDQLKEEINRIASSTEFNTKKLLNGDSTALWSSDSSDLDVVIKSA
VAEGNYNLNVTVDPGKNFVYKSDVMTLNEDAIGAEIVTAGGDVNETNVGFVTDPNTLASTGTAYYTVDVTAGADTLSSVA
TMSVYRQAGSNFGSVATWTTGGTVADSGYLLIEAQENFTVSAGTTANYTFKATFVDAKTGEKSTYEIEGGDDGAGNLVFD
LADMTGAGFSGEVSIAIGTDANMQSGDKILLSTTEAVDTSATSGGGTIAISGGPAGTTGAIISYGNNELTKVDNGDTTID
YNSVTVYHAALNVETGNLDVGNLTFNFREDTGTDTAYGSTTGGSFDLLVAGGGEAATSTTKLKDISRFTTDDGVNIFAAG
PQELTIFGNGSSATIYLEGDDTVSEFETKLSSAILELGMGATAGTSDEAATVNSNLVNYVSTGDVTDSSNEALAGTFVIQ
TARLGDDSKLSFIGDQNLINALSLATIQEGENSETTIKVTDAHTGKFIGSDSVNDSTLRGVIQGVDVKIDSDVGVSISWN
STKKTMEFSATGESEDIKLHLVDNAMEMQIGANEGQTILANIPQVDTTSLGIDDILMVDQELAQESITKLDKALETVSGV
RATIGAQINRLEYTMTGLDTTRENLTAAESRIRDLDIADEMAKFTKNQILAQSNISMLAQANSLPQMALSLLG
;
_entity_poly.pdbx_strand_id   A,a,B,b,C,c,D,d,E,e,F,f,G,g,H,h,I,i,J,j,K,k
#
# COMPACT_ATOMS: atom_id res chain seq x y z
N ALA A 2 8.68 -72.21 -17.20
CA ALA A 2 9.86 -72.56 -17.98
C ALA A 2 10.91 -71.45 -17.90
N MET A 3 12.12 -71.82 -17.48
CA MET A 3 13.19 -70.86 -17.30
C MET A 3 14.22 -71.02 -18.41
N TYR A 4 14.46 -69.95 -19.17
CA TYR A 4 15.39 -69.95 -20.29
C TYR A 4 16.52 -68.97 -20.01
N ILE A 5 17.38 -68.80 -21.00
CA ILE A 5 18.44 -67.79 -20.98
C ILE A 5 18.31 -66.95 -22.25
N ASN A 6 18.38 -65.63 -22.08
CA ASN A 6 18.18 -64.67 -23.17
C ASN A 6 16.80 -64.80 -23.80
N THR A 7 15.79 -64.66 -22.94
CA THR A 7 14.37 -64.67 -23.32
C THR A 7 13.62 -63.55 -22.61
N ASN A 8 14.26 -62.39 -22.47
CA ASN A 8 13.73 -61.29 -21.66
C ASN A 8 12.67 -60.53 -22.46
N VAL A 9 11.58 -61.24 -22.75
CA VAL A 9 10.44 -60.61 -23.45
C VAL A 9 9.81 -59.49 -22.63
N PRO A 10 9.57 -59.63 -21.31
CA PRO A 10 9.01 -58.51 -20.55
C PRO A 10 9.86 -57.25 -20.63
N SER A 11 11.18 -57.39 -20.72
CA SER A 11 12.04 -56.24 -20.93
C SER A 11 11.68 -55.53 -22.24
N LEU A 12 11.45 -56.30 -23.30
CA LEU A 12 11.07 -55.71 -24.58
C LEU A 12 9.73 -54.98 -24.47
N THR A 13 8.76 -55.59 -23.79
CA THR A 13 7.46 -54.94 -23.62
C THR A 13 7.59 -53.63 -22.86
N ALA A 14 8.35 -53.64 -21.76
CA ALA A 14 8.55 -52.43 -20.97
C ALA A 14 9.26 -51.36 -21.79
N GLN A 15 10.25 -51.76 -22.59
CA GLN A 15 10.96 -50.79 -23.42
C GLN A 15 10.02 -50.15 -24.44
N ARG A 16 9.15 -50.94 -25.05
CA ARG A 16 8.18 -50.39 -26.00
C ARG A 16 7.30 -49.35 -25.32
N TYR A 17 6.68 -49.73 -24.20
CA TYR A 17 5.75 -48.82 -23.52
C TYR A 17 6.46 -47.55 -23.07
N LEU A 18 7.69 -47.69 -22.57
CA LEU A 18 8.48 -46.54 -22.20
C LEU A 18 8.74 -45.63 -23.38
N GLY A 19 9.00 -46.21 -24.56
CA GLY A 19 9.21 -45.40 -25.74
C GLY A 19 7.99 -44.55 -26.07
N GLU A 20 6.81 -45.17 -26.08
CA GLU A 20 5.62 -44.37 -26.38
C GLU A 20 5.39 -43.28 -25.33
N THR A 21 5.62 -43.61 -24.05
CA THR A 21 5.43 -42.62 -23.00
C THR A 21 6.37 -41.42 -23.20
N ASN A 22 7.63 -41.69 -23.52
CA ASN A 22 8.59 -40.61 -23.73
C ASN A 22 8.19 -39.75 -24.92
N ASN A 23 7.73 -40.37 -26.01
CA ASN A 23 7.28 -39.59 -27.16
C ASN A 23 6.12 -38.66 -26.79
N ALA A 24 5.15 -39.19 -26.03
CA ALA A 24 4.02 -38.37 -25.60
C ALA A 24 4.48 -37.20 -24.75
N VAL A 25 5.41 -37.46 -23.82
CA VAL A 25 5.93 -36.38 -22.97
C VAL A 25 6.59 -35.30 -23.82
N SER A 26 7.40 -35.71 -24.80
CA SER A 26 8.09 -34.73 -25.65
C SER A 26 7.08 -33.87 -26.39
N LYS A 27 6.06 -34.49 -27.00
CA LYS A 27 5.09 -33.71 -27.76
C LYS A 27 4.32 -32.75 -26.86
N SER A 28 3.92 -33.20 -25.66
CA SER A 28 3.18 -32.32 -24.76
C SER A 28 4.04 -31.13 -24.32
N LEU A 29 5.31 -31.39 -24.02
CA LEU A 29 6.20 -30.30 -23.62
C LEU A 29 6.37 -29.30 -24.75
N GLU A 30 6.57 -29.78 -25.97
CA GLU A 30 6.68 -28.88 -27.13
C GLU A 30 5.43 -28.03 -27.28
N ARG A 31 4.25 -28.66 -27.22
CA ARG A 31 3.01 -27.91 -27.39
C ARG A 31 2.88 -26.81 -26.35
N LEU A 32 3.08 -27.16 -25.07
CA LEU A 32 2.77 -26.18 -24.03
C LEU A 32 3.81 -25.08 -23.99
N SER A 33 5.08 -25.41 -24.32
CA SER A 33 6.09 -24.38 -24.42
C SER A 33 5.80 -23.43 -25.58
N SER A 34 5.38 -23.97 -26.72
CA SER A 34 5.07 -23.13 -27.86
C SER A 34 3.84 -22.25 -27.63
N GLY A 35 2.87 -22.75 -26.86
CA GLY A 35 1.65 -21.99 -26.66
C GLY A 35 0.73 -21.97 -27.86
N LEU A 36 0.87 -22.94 -28.77
CA LEU A 36 0.03 -23.05 -29.95
C LEU A 36 -0.57 -24.44 -30.00
N ARG A 37 -1.76 -24.55 -30.61
CA ARG A 37 -2.41 -25.84 -30.75
C ARG A 37 -1.78 -26.65 -31.87
N ILE A 38 -1.84 -26.14 -33.10
CA ILE A 38 -1.47 -26.94 -34.26
C ILE A 38 0.04 -27.13 -34.32
N ASN A 39 0.77 -26.03 -34.52
CA ASN A 39 2.21 -26.07 -34.76
C ASN A 39 2.51 -26.94 -35.98
N SER A 40 3.79 -27.11 -36.31
CA SER A 40 4.22 -27.98 -37.40
C SER A 40 3.34 -27.88 -38.63
N ALA A 41 3.02 -29.02 -39.25
CA ALA A 41 2.04 -29.05 -40.32
C ALA A 41 1.15 -30.27 -40.30
N SER A 42 1.26 -31.14 -39.28
CA SER A 42 0.62 -32.45 -39.31
C SER A 42 -0.49 -32.62 -38.27
N ASP A 43 -0.57 -31.76 -37.26
CA ASP A 43 -1.56 -31.95 -36.21
C ASP A 43 -2.97 -31.85 -36.76
N ASP A 44 -3.25 -30.79 -37.53
CA ASP A 44 -4.53 -30.64 -38.20
C ASP A 44 -4.28 -30.27 -39.65
N ALA A 45 -4.99 -30.92 -40.56
CA ALA A 45 -4.78 -30.72 -41.99
C ALA A 45 -5.69 -29.66 -42.58
N SER A 46 -6.70 -29.18 -41.84
CA SER A 46 -7.69 -28.26 -42.39
C SER A 46 -7.66 -26.87 -41.79
N GLY A 47 -7.11 -26.70 -40.58
CA GLY A 47 -7.11 -25.39 -39.95
C GLY A 47 -6.09 -24.41 -40.49
N LEU A 48 -5.05 -24.92 -41.17
CA LEU A 48 -3.95 -24.05 -41.61
C LEU A 48 -4.42 -23.03 -42.63
N ALA A 49 -5.15 -23.47 -43.65
CA ALA A 49 -5.61 -22.56 -44.70
C ALA A 49 -6.55 -21.51 -44.13
N ILE A 50 -7.47 -21.92 -43.25
CA ILE A 50 -8.40 -20.99 -42.63
C ILE A 50 -7.63 -19.94 -41.82
N SER A 51 -6.64 -20.41 -41.03
CA SER A 51 -5.85 -19.49 -40.22
C SER A 51 -5.12 -18.47 -41.08
N GLU A 52 -4.50 -18.93 -42.18
CA GLU A 52 -3.75 -18.01 -43.03
C GLU A 52 -4.67 -17.00 -43.70
N LYS A 53 -5.83 -17.46 -44.19
CA LYS A 53 -6.77 -16.55 -44.82
C LYS A 53 -7.27 -15.49 -43.83
N LEU A 54 -7.58 -15.92 -42.60
CA LEU A 54 -8.05 -14.97 -41.59
C LEU A 54 -6.97 -13.95 -41.24
N ARG A 55 -5.72 -14.42 -41.13
CA ARG A 55 -4.61 -13.50 -40.84
C ARG A 55 -4.49 -12.44 -41.92
N GLY A 56 -4.52 -12.87 -43.19
CA GLY A 56 -4.42 -11.91 -44.28
C GLY A 56 -5.56 -10.91 -44.29
N GLN A 57 -6.79 -11.38 -44.05
CA GLN A 57 -7.92 -10.46 -44.01
C GLN A 57 -7.79 -9.46 -42.87
N ILE A 58 -7.31 -9.90 -41.70
CA ILE A 58 -7.12 -8.99 -40.58
C ILE A 58 -6.15 -7.88 -40.97
N SER A 59 -5.02 -8.26 -41.57
CA SER A 59 -4.03 -7.26 -41.96
C SER A 59 -4.62 -6.27 -42.96
N GLY A 60 -5.36 -6.77 -43.96
CA GLY A 60 -5.96 -5.87 -44.93
C GLY A 60 -6.95 -4.90 -44.32
N LEU A 61 -7.76 -5.39 -43.37
CA LEU A 61 -8.73 -4.53 -42.71
C LEU A 61 -8.04 -3.42 -41.93
N LYS A 62 -6.96 -3.74 -41.22
CA LYS A 62 -6.25 -2.69 -40.49
C LYS A 62 -5.67 -1.65 -41.45
N ARG A 63 -5.14 -2.11 -42.60
CA ARG A 63 -4.59 -1.17 -43.56
C ARG A 63 -5.67 -0.21 -44.08
N ALA A 64 -6.85 -0.74 -44.42
CA ALA A 64 -7.94 0.12 -44.86
C ALA A 64 -8.36 1.10 -43.77
N SER A 65 -8.33 0.64 -42.51
CA SER A 65 -8.68 1.50 -41.38
C SER A 65 -7.79 2.72 -41.34
N LEU A 66 -6.47 2.53 -41.51
CA LEU A 66 -5.58 3.70 -41.54
C LEU A 66 -5.83 4.57 -42.76
N ASN A 67 -6.05 3.92 -43.92
CA ASN A 67 -6.22 4.66 -45.16
C ASN A 67 -7.40 5.62 -45.11
N ALA A 68 -8.45 5.26 -44.36
CA ALA A 68 -9.63 6.12 -44.31
C ALA A 68 -9.31 7.52 -43.77
N GLN A 69 -8.66 7.59 -42.60
CA GLN A 69 -8.31 8.88 -42.02
C GLN A 69 -7.28 9.61 -42.86
N ASP A 70 -6.30 8.86 -43.39
CA ASP A 70 -5.34 9.46 -44.31
C ASP A 70 -6.07 10.18 -45.44
N GLY A 71 -7.17 9.61 -45.92
CA GLY A 71 -7.95 10.28 -46.93
C GLY A 71 -8.71 11.50 -46.42
N ILE A 72 -9.30 11.39 -45.22
CA ILE A 72 -10.22 12.44 -44.74
C ILE A 72 -9.50 13.77 -44.52
N SER A 73 -8.22 13.72 -44.16
CA SER A 73 -7.50 14.97 -43.86
C SER A 73 -7.55 15.97 -45.02
N LEU A 74 -7.40 15.49 -46.25
CA LEU A 74 -7.34 16.37 -47.42
C LEU A 74 -8.64 17.13 -47.61
N LEU A 75 -9.77 16.44 -47.48
CA LEU A 75 -11.06 17.10 -47.61
C LEU A 75 -11.24 18.15 -46.51
N GLN A 76 -10.74 17.87 -45.31
CA GLN A 76 -10.80 18.90 -44.26
C GLN A 76 -10.05 20.17 -44.69
N THR A 77 -8.85 20.00 -45.26
CA THR A 77 -8.08 21.17 -45.71
C THR A 77 -8.82 21.95 -46.78
N ALA A 78 -9.39 21.24 -47.76
CA ALA A 78 -10.13 21.91 -48.82
C ALA A 78 -11.32 22.70 -48.27
N GLU A 79 -12.01 22.12 -47.27
CA GLU A 79 -13.11 22.83 -46.62
C GLU A 79 -12.64 24.16 -46.02
N GLY A 80 -11.49 24.13 -45.33
CA GLY A 80 -10.98 25.37 -44.76
C GLY A 80 -10.72 26.44 -45.81
N GLY A 81 -10.07 26.05 -46.90
CA GLY A 81 -9.79 27.02 -47.97
C GLY A 81 -11.06 27.62 -48.54
N LEU A 82 -12.04 26.77 -48.83
CA LEU A 82 -13.30 27.25 -49.38
C LEU A 82 -13.98 28.22 -48.42
N GLN A 83 -13.93 27.93 -47.12
CA GLN A 83 -14.54 28.82 -46.14
C GLN A 83 -13.92 30.21 -46.20
N ASN A 84 -12.59 30.29 -46.28
CA ASN A 84 -11.97 31.60 -46.32
C ASN A 84 -12.36 32.37 -47.59
N ILE A 85 -12.39 31.67 -48.74
CA ILE A 85 -12.77 32.35 -49.98
C ILE A 85 -14.19 32.88 -49.89
N GLN A 86 -15.11 32.07 -49.36
CA GLN A 86 -16.49 32.51 -49.20
C GLN A 86 -16.58 33.71 -48.26
N ASP A 87 -15.72 33.75 -47.24
CA ASP A 87 -15.71 34.92 -46.35
C ASP A 87 -15.34 36.20 -47.10
N MET A 88 -14.36 36.11 -48.01
CA MET A 88 -13.96 37.33 -48.73
C MET A 88 -15.03 37.77 -49.73
N LEU A 89 -15.75 36.82 -50.33
CA LEU A 89 -16.72 37.18 -51.36
C LEU A 89 -17.81 38.12 -50.81
N GLN A 90 -18.23 37.92 -49.56
CA GLN A 90 -19.31 38.75 -49.02
C GLN A 90 -18.87 40.19 -48.79
N ARG A 91 -17.62 40.39 -48.37
CA ARG A 91 -17.08 41.75 -48.28
C ARG A 91 -17.06 42.41 -49.65
N MET A 92 -16.67 41.64 -50.68
CA MET A 92 -16.76 42.19 -52.04
C MET A 92 -18.20 42.59 -52.36
N ARG A 93 -19.17 41.77 -51.99
CA ARG A 93 -20.56 42.08 -52.28
C ARG A 93 -21.03 43.36 -51.58
N GLU A 94 -20.69 43.51 -50.31
CA GLU A 94 -21.13 44.70 -49.58
C GLU A 94 -20.51 45.96 -50.15
N LEU A 95 -19.20 45.93 -50.43
CA LEU A 95 -18.60 47.15 -50.94
C LEU A 95 -18.95 47.36 -52.41
N ALA A 96 -19.50 46.35 -53.08
CA ALA A 96 -20.14 46.56 -54.37
C ALA A 96 -21.46 47.31 -54.22
N VAL A 97 -22.30 46.87 -53.28
CA VAL A 97 -23.62 47.48 -53.15
C VAL A 97 -23.53 48.89 -52.58
N GLN A 98 -22.47 49.20 -51.82
CA GLN A 98 -22.30 50.58 -51.37
C GLN A 98 -22.16 51.53 -52.56
N ALA A 99 -21.27 51.20 -53.49
CA ALA A 99 -21.15 51.99 -54.71
C ALA A 99 -22.41 51.85 -55.55
N GLY A 100 -23.01 52.98 -55.90
CA GLY A 100 -24.28 52.98 -56.59
C GLY A 100 -25.20 54.08 -56.14
N ASN A 101 -25.09 54.49 -54.89
CA ASN A 101 -25.78 55.69 -54.43
C ASN A 101 -25.11 56.90 -55.04
N GLY A 102 -25.88 57.73 -55.75
CA GLY A 102 -25.24 58.80 -56.49
C GLY A 102 -25.13 60.11 -55.74
N VAL A 103 -23.99 60.28 -55.06
CA VAL A 103 -23.53 61.57 -54.56
C VAL A 103 -22.05 61.68 -54.90
N TYR A 104 -21.46 60.55 -55.27
CA TYR A 104 -20.03 60.44 -55.47
C TYR A 104 -19.64 60.86 -56.87
N THR A 105 -18.52 61.56 -56.99
CA THR A 105 -17.97 61.90 -58.29
C THR A 105 -17.30 60.67 -58.91
N THR A 106 -16.78 60.83 -60.13
CA THR A 106 -16.23 59.73 -60.90
C THR A 106 -14.80 59.38 -60.53
N ASN A 107 -14.31 59.85 -59.38
CA ASN A 107 -12.97 59.50 -58.89
C ASN A 107 -13.03 58.54 -57.71
N ASP A 108 -14.00 58.71 -56.81
CA ASP A 108 -14.16 57.78 -55.69
C ASP A 108 -14.46 56.37 -56.18
N ARG A 109 -15.16 56.26 -57.32
CA ARG A 109 -15.47 54.94 -57.86
C ARG A 109 -14.22 54.23 -58.34
N ALA A 110 -13.29 54.96 -58.96
CA ALA A 110 -11.99 54.38 -59.29
C ALA A 110 -11.20 54.01 -58.03
N GLU A 111 -11.29 54.87 -57.01
CA GLU A 111 -10.67 54.56 -55.73
C GLU A 111 -11.17 53.23 -55.18
N ILE A 112 -12.48 52.97 -55.32
CA ILE A 112 -13.04 51.69 -54.88
C ILE A 112 -12.59 50.56 -55.81
N GLN A 113 -12.53 50.84 -57.11
CA GLN A 113 -12.12 49.82 -58.07
C GLN A 113 -10.71 49.31 -57.78
N LYS A 114 -9.85 50.16 -57.26
CA LYS A 114 -8.50 49.73 -56.91
C LYS A 114 -8.52 48.59 -55.90
N GLU A 115 -9.22 48.77 -54.79
CA GLU A 115 -9.30 47.71 -53.79
C GLU A 115 -10.11 46.51 -54.29
N VAL A 116 -11.07 46.73 -55.18
CA VAL A 116 -11.77 45.61 -55.79
C VAL A 116 -10.78 44.72 -56.54
N ASP A 117 -9.92 45.35 -57.35
CA ASP A 117 -8.91 44.60 -58.09
C ASP A 117 -7.96 43.89 -57.15
N GLN A 118 -7.57 44.55 -56.06
CA GLN A 118 -6.64 43.92 -55.12
C GLN A 118 -7.28 42.69 -54.46
N LEU A 119 -8.57 42.79 -54.11
CA LEU A 119 -9.27 41.63 -53.55
C LEU A 119 -9.35 40.49 -54.56
N LYS A 120 -9.58 40.82 -55.83
CA LYS A 120 -9.59 39.79 -56.86
C LYS A 120 -8.23 39.11 -56.96
N GLU A 121 -7.16 39.88 -56.89
CA GLU A 121 -5.83 39.28 -56.90
C GLU A 121 -5.61 38.37 -55.71
N GLU A 122 -6.09 38.79 -54.53
CA GLU A 122 -5.96 37.95 -53.34
C GLU A 122 -6.72 36.63 -53.50
N ILE A 123 -7.93 36.69 -54.06
CA ILE A 123 -8.71 35.47 -54.20
C ILE A 123 -8.07 34.54 -55.22
N ASN A 124 -7.48 35.09 -56.29
CA ASN A 124 -6.73 34.25 -57.22
C ASN A 124 -5.53 33.60 -56.54
N ARG A 125 -4.81 34.37 -55.71
CA ARG A 125 -3.64 33.82 -55.04
C ARG A 125 -4.02 32.68 -54.11
N ILE A 126 -5.09 32.87 -53.32
CA ILE A 126 -5.48 31.81 -52.40
C ILE A 126 -6.05 30.61 -53.16
N ALA A 127 -6.70 30.84 -54.31
CA ALA A 127 -7.18 29.73 -55.12
C ALA A 127 -6.01 28.90 -55.65
N SER A 128 -4.93 29.55 -56.05
CA SER A 128 -3.80 28.83 -56.64
C SER A 128 -2.73 28.44 -55.63
N SER A 129 -2.92 28.74 -54.35
CA SER A 129 -1.89 28.50 -53.35
C SER A 129 -2.11 27.26 -52.49
N THR A 130 -3.19 26.53 -52.67
CA THR A 130 -3.45 25.36 -51.84
C THR A 130 -2.40 24.28 -52.11
N GLU A 131 -1.99 23.58 -51.06
CA GLU A 131 -0.86 22.66 -51.16
C GLU A 131 -1.00 21.54 -50.13
N PHE A 132 -0.72 20.32 -50.57
CA PHE A 132 -0.63 19.15 -49.68
C PHE A 132 0.16 18.07 -50.38
N ASN A 133 1.34 17.75 -49.86
CA ASN A 133 2.19 16.68 -50.39
C ASN A 133 2.42 16.82 -51.89
N THR A 134 2.79 18.04 -52.29
CA THR A 134 3.04 18.37 -53.70
C THR A 134 1.81 18.12 -54.57
N LYS A 135 0.62 18.16 -53.97
CA LYS A 135 -0.65 18.05 -54.68
C LYS A 135 -1.43 19.34 -54.46
N LYS A 136 -1.50 20.16 -55.49
CA LYS A 136 -2.38 21.32 -55.48
C LYS A 136 -3.78 20.88 -55.88
N LEU A 137 -4.77 21.23 -55.05
CA LEU A 137 -6.12 20.67 -55.17
C LEU A 137 -7.04 21.52 -56.03
N LEU A 138 -7.24 22.79 -55.65
CA LEU A 138 -8.30 23.58 -56.24
C LEU A 138 -7.98 24.01 -57.66
N ASN A 139 -6.70 24.03 -58.04
CA ASN A 139 -6.32 24.59 -59.33
C ASN A 139 -6.47 23.55 -60.44
N GLY A 140 -7.65 22.95 -60.54
CA GLY A 140 -7.96 22.04 -61.63
C GLY A 140 -6.99 20.88 -61.77
N ASP A 141 -6.36 20.45 -60.69
CA ASP A 141 -5.38 19.38 -60.73
C ASP A 141 -5.88 18.12 -60.03
N SER A 142 -7.19 18.00 -59.85
CA SER A 142 -7.77 16.84 -59.18
C SER A 142 -8.62 15.97 -60.08
N THR A 143 -9.19 16.53 -61.16
CA THR A 143 -10.09 15.78 -62.02
C THR A 143 -9.52 15.58 -63.43
N ALA A 144 -9.17 16.64 -64.12
CA ALA A 144 -8.83 16.55 -65.53
C ALA A 144 -7.47 17.19 -65.81
N LEU A 145 -7.04 17.10 -67.07
CA LEU A 145 -5.79 17.72 -67.50
C LEU A 145 -5.90 17.95 -69.01
N TRP A 146 -5.89 19.21 -69.42
CA TRP A 146 -6.19 19.58 -70.80
C TRP A 146 -5.05 20.37 -71.41
N SER A 147 -5.05 20.44 -72.74
CA SER A 147 -4.07 21.20 -73.50
C SER A 147 -4.56 21.30 -74.94
N SER A 148 -4.26 22.44 -75.57
CA SER A 148 -4.61 22.66 -76.97
C SER A 148 -3.49 23.43 -77.63
N ASP A 149 -3.63 23.67 -78.94
CA ASP A 149 -2.59 24.33 -79.71
C ASP A 149 -2.86 25.80 -79.96
N SER A 150 -4.08 26.17 -80.33
CA SER A 150 -4.38 27.58 -80.57
C SER A 150 -4.43 28.33 -79.24
N SER A 151 -4.17 29.63 -79.31
CA SER A 151 -4.05 30.47 -78.13
C SER A 151 -5.30 31.31 -77.87
N ASP A 152 -6.45 30.84 -78.33
CA ASP A 152 -7.71 31.54 -78.12
C ASP A 152 -8.81 30.56 -77.73
N LEU A 153 -8.49 29.64 -76.82
CA LEU A 153 -9.44 28.60 -76.43
C LEU A 153 -9.23 28.30 -74.95
N ASP A 154 -10.22 28.60 -74.14
CA ASP A 154 -10.16 28.36 -72.70
C ASP A 154 -11.09 27.20 -72.34
N VAL A 155 -10.68 26.42 -71.34
CA VAL A 155 -11.42 25.25 -70.90
C VAL A 155 -11.60 25.34 -69.40
N VAL A 156 -12.84 25.22 -68.94
CA VAL A 156 -13.14 25.18 -67.51
C VAL A 156 -13.78 23.83 -67.19
N ILE A 157 -13.30 23.21 -66.10
CA ILE A 157 -13.70 21.87 -65.71
C ILE A 157 -14.73 21.98 -64.60
N LYS A 158 -15.85 21.28 -64.76
CA LYS A 158 -16.91 21.29 -63.74
C LYS A 158 -17.21 19.90 -63.22
N SER A 159 -17.25 18.89 -64.09
CA SER A 159 -17.49 17.51 -63.72
C SER A 159 -16.41 16.62 -64.34
N ALA A 160 -16.55 15.31 -64.12
CA ALA A 160 -15.62 14.36 -64.70
C ALA A 160 -15.73 14.35 -66.21
N VAL A 161 -14.58 14.40 -66.88
CA VAL A 161 -14.51 14.34 -68.33
C VAL A 161 -14.08 12.93 -68.73
N ALA A 162 -14.27 12.58 -70.00
CA ALA A 162 -14.05 11.19 -70.41
C ALA A 162 -12.64 10.95 -70.93
N GLU A 163 -12.32 11.45 -72.13
CA GLU A 163 -11.06 11.19 -72.81
C GLU A 163 -10.92 11.91 -74.15
N GLY A 164 -9.76 11.72 -74.80
CA GLY A 164 -9.66 11.78 -76.25
C GLY A 164 -9.33 13.14 -76.84
N ASN A 165 -9.13 13.09 -78.16
CA ASN A 165 -8.91 14.27 -78.99
C ASN A 165 -10.19 14.61 -79.73
N TYR A 166 -10.40 15.92 -79.96
CA TYR A 166 -11.58 16.40 -80.65
C TYR A 166 -11.20 17.47 -81.66
N ASN A 167 -11.92 17.49 -82.77
CA ASN A 167 -11.75 18.50 -83.81
C ASN A 167 -13.02 19.33 -83.92
N LEU A 168 -12.83 20.65 -84.00
CA LEU A 168 -13.94 21.59 -84.00
C LEU A 168 -13.98 22.37 -85.32
N ASN A 169 -15.20 22.74 -85.71
CA ASN A 169 -15.45 23.50 -86.94
C ASN A 169 -16.37 24.65 -86.60
N VAL A 170 -16.03 25.85 -87.06
CA VAL A 170 -16.67 27.08 -86.62
C VAL A 170 -17.19 27.86 -87.82
N THR A 171 -18.35 28.49 -87.66
CA THR A 171 -18.90 29.43 -88.63
C THR A 171 -19.50 30.60 -87.86
N VAL A 172 -19.21 31.83 -88.32
CA VAL A 172 -19.49 33.04 -87.56
C VAL A 172 -20.39 33.96 -88.37
N ASP A 173 -21.36 34.56 -87.70
CA ASP A 173 -22.21 35.60 -88.28
C ASP A 173 -22.13 36.80 -87.34
N PRO A 174 -21.56 37.92 -87.76
CA PRO A 174 -21.23 38.99 -86.82
C PRO A 174 -22.42 39.89 -86.49
N GLY A 175 -22.17 40.83 -85.58
CA GLY A 175 -23.18 41.77 -85.14
C GLY A 175 -22.82 43.22 -85.40
N LYS A 176 -22.69 44.01 -84.33
CA LYS A 176 -22.41 45.43 -84.46
C LYS A 176 -21.49 45.88 -83.32
N ASN A 177 -21.23 47.18 -83.27
CA ASN A 177 -20.31 47.77 -82.30
C ASN A 177 -20.97 48.96 -81.62
N PHE A 178 -20.18 49.64 -80.78
CA PHE A 178 -20.63 50.83 -80.07
C PHE A 178 -20.11 52.08 -80.79
N VAL A 179 -20.99 53.06 -80.97
CA VAL A 179 -20.64 54.31 -81.63
C VAL A 179 -21.05 55.47 -80.72
N TYR A 180 -20.08 56.31 -80.36
CA TYR A 180 -20.28 57.42 -79.44
C TYR A 180 -20.06 58.75 -80.15
N LYS A 181 -20.81 59.76 -79.71
CA LYS A 181 -20.75 61.11 -80.25
C LYS A 181 -20.57 62.12 -79.14
N SER A 182 -19.76 63.14 -79.39
CA SER A 182 -19.58 64.25 -78.47
C SER A 182 -20.46 65.41 -78.90
N ASP A 183 -20.41 66.49 -78.11
CA ASP A 183 -21.29 67.63 -78.33
C ASP A 183 -20.54 68.78 -78.99
N VAL A 184 -21.32 69.73 -79.50
CA VAL A 184 -20.78 70.78 -80.37
C VAL A 184 -19.86 71.71 -79.58
N MET A 185 -18.84 72.22 -80.26
CA MET A 185 -17.87 73.14 -79.69
C MET A 185 -17.87 74.44 -80.49
N THR A 186 -17.68 75.56 -79.80
CA THR A 186 -17.66 76.87 -80.43
C THR A 186 -16.52 77.69 -79.85
N LEU A 187 -16.34 78.89 -80.41
CA LEU A 187 -15.26 79.78 -80.05
C LEU A 187 -15.74 80.82 -79.05
N ASN A 188 -14.76 81.50 -78.43
CA ASN A 188 -15.06 82.59 -77.52
C ASN A 188 -15.41 83.86 -78.31
N GLU A 189 -15.57 84.96 -77.59
CA GLU A 189 -16.04 86.20 -78.22
C GLU A 189 -14.97 86.86 -79.06
N ASP A 190 -13.70 86.54 -78.85
CA ASP A 190 -12.60 87.23 -79.52
C ASP A 190 -11.76 86.34 -80.42
N ALA A 191 -12.12 85.06 -80.57
CA ALA A 191 -11.27 84.15 -81.32
C ALA A 191 -11.34 84.45 -82.81
N ILE A 192 -10.35 83.91 -83.53
CA ILE A 192 -10.27 84.02 -84.98
C ILE A 192 -9.98 82.63 -85.55
N GLY A 193 -10.82 82.18 -86.48
CA GLY A 193 -10.68 80.85 -87.06
C GLY A 193 -10.33 80.94 -88.54
N ALA A 194 -9.39 80.10 -88.97
CA ALA A 194 -8.99 80.01 -90.36
C ALA A 194 -9.06 78.56 -90.81
N GLU A 195 -9.50 78.35 -92.05
CA GLU A 195 -9.63 76.99 -92.56
C GLU A 195 -9.56 77.01 -94.08
N ILE A 196 -9.36 75.83 -94.66
CA ILE A 196 -9.45 75.63 -96.10
C ILE A 196 -10.77 74.95 -96.37
N VAL A 197 -11.68 75.64 -97.05
CA VAL A 197 -13.02 75.12 -97.34
C VAL A 197 -13.22 75.14 -98.84
N THR A 198 -13.86 74.10 -99.36
CA THR A 198 -14.07 73.95 -100.79
C THR A 198 -15.48 74.33 -101.18
N ALA A 199 -15.62 74.95 -102.35
CA ALA A 199 -16.93 75.29 -102.90
C ALA A 199 -16.77 75.39 -104.42
N GLY A 200 -17.28 74.40 -105.14
CA GLY A 200 -17.14 74.34 -106.57
C GLY A 200 -16.13 73.32 -107.07
N GLY A 201 -15.67 72.40 -106.22
CA GLY A 201 -14.67 71.44 -106.63
C GLY A 201 -13.25 71.97 -106.65
N ASP A 202 -13.00 73.10 -105.99
CA ASP A 202 -11.66 73.69 -106.00
C ASP A 202 -10.73 72.89 -105.11
N VAL A 203 -10.24 71.76 -105.62
CA VAL A 203 -9.40 70.86 -104.84
C VAL A 203 -8.00 71.43 -104.69
N ASN A 204 -7.22 70.84 -103.79
CA ASN A 204 -5.86 71.31 -103.54
C ASN A 204 -4.92 70.93 -104.69
N GLU A 205 -4.67 71.87 -105.59
CA GLU A 205 -3.68 71.71 -106.64
C GLU A 205 -2.29 72.14 -106.19
N THR A 206 -2.11 72.45 -104.91
CA THR A 206 -0.91 73.11 -104.42
C THR A 206 -0.17 72.20 -103.44
N ASN A 207 0.81 72.79 -102.76
CA ASN A 207 1.75 72.08 -101.90
C ASN A 207 1.74 72.66 -100.48
N VAL A 208 0.55 72.92 -99.96
CA VAL A 208 0.37 73.60 -98.68
C VAL A 208 -0.44 72.71 -97.75
N GLY A 209 0.03 72.55 -96.52
CA GLY A 209 -0.68 71.76 -95.52
C GLY A 209 -1.87 72.49 -94.93
N PHE A 210 -1.61 73.58 -94.21
CA PHE A 210 -2.67 74.39 -93.64
C PHE A 210 -2.09 75.75 -93.25
N VAL A 211 -2.90 76.55 -92.55
CA VAL A 211 -2.51 77.87 -92.07
C VAL A 211 -2.62 77.87 -90.56
N THR A 212 -1.68 78.54 -89.90
CA THR A 212 -1.61 78.56 -88.45
C THR A 212 -1.60 79.98 -87.91
N ASP A 213 -2.26 80.13 -86.75
CA ASP A 213 -2.37 81.30 -85.90
C ASP A 213 -2.67 82.59 -86.65
N PRO A 214 -3.87 82.73 -87.22
CA PRO A 214 -4.29 84.05 -87.70
C PRO A 214 -4.47 85.01 -86.54
N ASN A 215 -4.25 86.29 -86.82
CA ASN A 215 -4.38 87.31 -85.79
C ASN A 215 -4.69 88.65 -86.44
N THR A 216 -5.57 89.41 -85.79
CA THR A 216 -5.98 90.75 -86.23
C THR A 216 -6.31 90.77 -87.72
N LEU A 217 -7.34 90.01 -88.08
CA LEU A 217 -7.75 89.90 -89.48
C LEU A 217 -9.24 89.61 -89.56
N ALA A 218 -10.01 90.61 -90.00
CA ALA A 218 -11.43 90.45 -90.35
C ALA A 218 -12.19 89.59 -89.36
N SER A 219 -12.14 90.00 -88.09
CA SER A 219 -12.77 89.24 -87.02
C SER A 219 -14.29 89.20 -87.12
N THR A 220 -14.89 90.05 -87.95
CA THR A 220 -16.35 90.15 -88.07
C THR A 220 -16.79 89.47 -89.36
N GLY A 221 -17.23 88.22 -89.25
CA GLY A 221 -17.83 87.51 -90.35
C GLY A 221 -16.86 86.52 -90.99
N THR A 222 -17.33 85.90 -92.06
CA THR A 222 -16.56 84.96 -92.85
C THR A 222 -15.97 85.69 -94.06
N ALA A 223 -14.69 85.47 -94.31
CA ALA A 223 -13.99 86.12 -95.40
C ALA A 223 -13.34 85.07 -96.30
N TYR A 224 -13.53 85.22 -97.61
CA TYR A 224 -12.94 84.34 -98.61
C TYR A 224 -11.72 85.03 -99.22
N TYR A 225 -10.56 84.42 -99.04
CA TYR A 225 -9.31 84.94 -99.60
C TYR A 225 -8.77 83.94 -100.62
N THR A 226 -8.16 84.46 -101.68
CA THR A 226 -7.52 83.64 -102.70
C THR A 226 -6.01 83.73 -102.51
N VAL A 227 -5.39 82.60 -102.17
CA VAL A 227 -3.95 82.52 -101.97
C VAL A 227 -3.36 81.77 -103.15
N ASP A 228 -2.51 82.43 -103.91
CA ASP A 228 -1.89 81.85 -105.10
C ASP A 228 -0.42 81.65 -104.83
N VAL A 229 0.04 80.40 -104.96
CA VAL A 229 1.44 80.04 -104.75
C VAL A 229 1.94 79.47 -106.06
N THR A 230 2.68 80.28 -106.81
CA THR A 230 3.15 79.91 -108.14
C THR A 230 4.63 79.58 -108.11
N ALA A 231 5.04 78.68 -108.99
CA ALA A 231 6.43 78.23 -109.06
C ALA A 231 7.27 79.14 -109.96
N GLY A 232 7.22 80.44 -109.69
CA GLY A 232 8.05 81.39 -110.40
C GLY A 232 7.37 82.11 -111.54
N ALA A 233 7.48 83.44 -111.57
CA ALA A 233 6.95 84.25 -112.66
C ALA A 233 7.60 85.63 -112.57
N ASP A 234 8.25 86.05 -113.65
CA ASP A 234 8.98 87.32 -113.63
C ASP A 234 8.01 88.49 -113.41
N THR A 235 8.38 89.38 -112.51
CA THR A 235 7.54 90.52 -112.14
C THR A 235 8.37 91.78 -112.18
N LEU A 236 7.92 92.77 -112.94
CA LEU A 236 8.60 94.06 -112.99
C LEU A 236 8.19 94.93 -111.81
N SER A 237 9.05 95.88 -111.48
CA SER A 237 8.78 96.80 -110.37
C SER A 237 7.51 97.60 -110.65
N SER A 238 6.69 97.76 -109.60
CA SER A 238 5.42 98.46 -109.76
C SER A 238 4.97 99.01 -108.43
N VAL A 239 4.23 100.12 -108.49
CA VAL A 239 3.48 100.64 -107.36
C VAL A 239 2.09 101.01 -107.87
N ALA A 240 1.10 100.86 -107.01
CA ALA A 240 -0.28 101.10 -107.40
C ALA A 240 -1.11 101.50 -106.19
N THR A 241 -2.27 102.09 -106.44
CA THR A 241 -3.14 102.53 -105.36
C THR A 241 -3.93 101.36 -104.81
N MET A 242 -4.09 101.35 -103.49
CA MET A 242 -5.01 100.43 -102.82
C MET A 242 -6.23 101.13 -102.24
N SER A 243 -6.05 102.22 -101.49
CA SER A 243 -7.21 102.80 -100.86
C SER A 243 -6.99 104.27 -100.51
N VAL A 244 -8.11 104.97 -100.30
CA VAL A 244 -8.12 106.36 -99.87
C VAL A 244 -9.16 106.50 -98.76
N TYR A 245 -9.03 107.57 -97.97
CA TYR A 245 -9.97 107.79 -96.88
C TYR A 245 -10.13 109.28 -96.63
N ARG A 246 -11.39 109.71 -96.47
CA ARG A 246 -11.74 111.10 -96.22
C ARG A 246 -12.60 111.19 -94.96
N GLN A 247 -12.56 112.36 -94.32
CA GLN A 247 -13.43 112.60 -93.15
C GLN A 247 -14.72 113.28 -93.59
N ALA A 248 -14.62 114.51 -94.08
CA ALA A 248 -15.69 115.19 -94.79
C ALA A 248 -15.17 115.64 -96.14
N GLY A 249 -14.03 116.33 -96.12
CA GLY A 249 -13.18 116.70 -97.22
C GLY A 249 -13.93 117.33 -98.38
N SER A 250 -13.35 117.17 -99.56
CA SER A 250 -13.93 117.66 -100.80
C SER A 250 -13.36 116.80 -101.93
N ASN A 251 -13.64 117.19 -103.17
CA ASN A 251 -13.27 116.37 -104.31
C ASN A 251 -11.76 116.34 -104.51
N PHE A 252 -11.21 115.13 -104.65
CA PHE A 252 -9.84 114.95 -105.10
C PHE A 252 -9.67 113.49 -105.52
N GLY A 253 -9.17 113.27 -106.74
CA GLY A 253 -9.11 111.95 -107.32
C GLY A 253 -7.97 111.10 -106.80
N SER A 254 -7.46 110.24 -107.68
CA SER A 254 -6.43 109.28 -107.33
C SER A 254 -5.73 108.82 -108.61
N VAL A 255 -4.94 107.75 -108.49
CA VAL A 255 -4.22 107.05 -109.55
C VAL A 255 -2.80 107.59 -109.62
N ALA A 256 -1.82 106.74 -109.34
CA ALA A 256 -0.43 107.15 -109.33
C ALA A 256 0.17 107.05 -110.73
N THR A 257 1.28 107.76 -110.92
CA THR A 257 2.04 107.72 -112.16
C THR A 257 3.52 107.61 -111.84
N TRP A 258 4.20 106.76 -112.61
CA TRP A 258 5.61 106.41 -112.44
C TRP A 258 6.52 107.27 -113.32
N THR A 259 7.82 107.09 -113.11
CA THR A 259 8.85 107.47 -114.07
C THR A 259 9.81 106.30 -114.18
N THR A 260 9.78 105.62 -115.32
CA THR A 260 10.57 104.41 -115.48
C THR A 260 12.06 104.72 -115.42
N GLY A 261 12.80 103.84 -114.74
CA GLY A 261 14.22 103.99 -114.53
C GLY A 261 14.66 103.93 -113.09
N GLY A 262 13.73 104.10 -112.14
CA GLY A 262 14.06 104.02 -110.74
C GLY A 262 14.18 102.59 -110.25
N THR A 263 14.43 102.45 -108.95
CA THR A 263 14.58 101.17 -108.30
C THR A 263 13.79 101.14 -107.00
N VAL A 264 13.33 99.95 -106.63
CA VAL A 264 12.56 99.73 -105.42
C VAL A 264 13.35 98.77 -104.53
N ALA A 265 13.19 98.92 -103.22
CA ALA A 265 13.95 98.10 -102.27
C ALA A 265 13.32 96.72 -102.09
N ASP A 266 12.10 96.66 -101.57
CA ASP A 266 11.44 95.41 -101.29
C ASP A 266 9.92 95.61 -101.36
N SER A 267 9.20 94.49 -101.48
CA SER A 267 7.74 94.53 -101.50
C SER A 267 7.20 94.91 -100.13
N GLY A 268 6.10 95.64 -100.12
CA GLY A 268 5.51 96.05 -98.86
C GLY A 268 4.34 96.98 -99.06
N TYR A 269 3.98 97.69 -98.00
CA TYR A 269 2.89 98.65 -98.04
C TYR A 269 3.37 100.01 -97.56
N LEU A 270 2.76 101.06 -98.11
CA LEU A 270 3.12 102.43 -97.79
C LEU A 270 1.87 103.23 -97.51
N LEU A 271 1.91 104.02 -96.44
CA LEU A 271 0.81 104.87 -96.02
C LEU A 271 1.27 106.32 -96.03
N ILE A 272 0.46 107.19 -96.63
CA ILE A 272 0.76 108.62 -96.71
C ILE A 272 -0.39 109.38 -96.06
N GLU A 273 -0.05 110.30 -95.16
CA GLU A 273 -1.00 111.03 -94.34
C GLU A 273 -0.77 112.52 -94.45
N ALA A 274 -1.86 113.27 -94.60
CA ALA A 274 -1.78 114.72 -94.78
C ALA A 274 -1.45 115.42 -93.45
N GLN A 275 -1.06 116.68 -93.56
CA GLN A 275 -0.66 117.47 -92.41
C GLN A 275 -1.36 118.83 -92.34
N GLU A 276 -1.77 119.37 -93.49
CA GLU A 276 -2.35 120.70 -93.49
C GLU A 276 -3.36 120.83 -94.62
N ASN A 277 -4.32 121.73 -94.42
CA ASN A 277 -5.43 121.91 -95.35
C ASN A 277 -5.05 122.90 -96.44
N PHE A 278 -5.66 122.74 -97.61
CA PHE A 278 -5.46 123.71 -98.69
C PHE A 278 -6.57 123.57 -99.73
N THR A 279 -7.07 124.73 -100.19
CA THR A 279 -8.06 124.80 -101.25
C THR A 279 -7.74 125.94 -102.22
N VAL A 280 -6.47 126.26 -102.39
CA VAL A 280 -6.02 127.41 -103.17
C VAL A 280 -5.55 126.88 -104.53
N SER A 281 -6.06 125.71 -104.92
CA SER A 281 -5.58 125.04 -106.12
C SER A 281 -5.96 125.86 -107.35
N ALA A 282 -4.96 126.55 -107.91
CA ALA A 282 -5.11 127.30 -109.15
C ALA A 282 -3.96 127.10 -110.13
N GLY A 283 -2.79 126.65 -109.66
CA GLY A 283 -1.63 126.43 -110.49
C GLY A 283 -0.51 127.40 -110.21
N THR A 284 0.42 126.97 -109.36
CA THR A 284 1.60 127.73 -108.95
C THR A 284 2.48 126.83 -108.11
N THR A 285 3.80 126.99 -108.22
CA THR A 285 4.72 126.21 -107.41
C THR A 285 4.45 126.45 -105.92
N ALA A 286 4.44 125.37 -105.14
CA ALA A 286 4.15 125.43 -103.72
C ALA A 286 4.70 124.17 -103.07
N ASN A 287 4.73 124.18 -101.73
CA ASN A 287 5.25 123.05 -100.97
C ASN A 287 4.44 122.88 -99.69
N TYR A 288 4.26 121.62 -99.29
CA TYR A 288 3.51 121.25 -98.10
C TYR A 288 4.08 119.95 -97.56
N THR A 289 3.69 119.62 -96.33
CA THR A 289 4.26 118.52 -95.57
C THR A 289 3.29 117.34 -95.46
N PHE A 290 3.86 116.14 -95.37
CA PHE A 290 3.11 114.91 -95.21
C PHE A 290 3.90 113.97 -94.31
N LYS A 291 3.20 113.00 -93.72
CA LYS A 291 3.84 111.93 -92.97
C LYS A 291 3.74 110.63 -93.76
N ALA A 292 4.73 109.75 -93.58
CA ALA A 292 4.79 108.51 -94.32
C ALA A 292 5.12 107.36 -93.37
N THR A 293 4.54 106.20 -93.66
CA THR A 293 4.81 105.00 -92.87
C THR A 293 4.98 103.82 -93.81
N PHE A 294 6.06 103.06 -93.60
CA PHE A 294 6.39 101.92 -94.45
C PHE A 294 6.31 100.64 -93.63
N VAL A 295 5.65 99.62 -94.19
CA VAL A 295 5.51 98.32 -93.55
C VAL A 295 6.06 97.26 -94.49
N ASP A 296 6.92 96.39 -93.97
CA ASP A 296 7.56 95.36 -94.77
C ASP A 296 6.67 94.13 -94.90
N ALA A 297 6.85 93.42 -96.01
CA ALA A 297 6.00 92.28 -96.32
C ALA A 297 6.50 90.96 -95.73
N LYS A 298 7.75 90.90 -95.27
CA LYS A 298 8.29 89.69 -94.69
C LYS A 298 8.66 89.80 -93.23
N THR A 299 8.85 91.01 -92.70
CA THR A 299 9.24 91.21 -91.32
C THR A 299 8.13 91.77 -90.44
N GLY A 300 7.23 92.57 -91.01
CA GLY A 300 6.25 93.27 -90.21
C GLY A 300 6.76 94.52 -89.55
N GLU A 301 8.01 94.90 -89.84
CA GLU A 301 8.59 96.09 -89.24
C GLU A 301 7.95 97.35 -89.81
N LYS A 302 7.96 98.40 -89.00
CA LYS A 302 7.32 99.67 -89.35
C LYS A 302 8.32 100.80 -89.24
N SER A 303 8.32 101.69 -90.23
CA SER A 303 9.19 102.86 -90.23
C SER A 303 8.37 104.12 -90.45
N THR A 304 8.72 105.19 -89.74
CA THR A 304 7.95 106.43 -89.72
C THR A 304 8.83 107.58 -90.20
N TYR A 305 8.45 108.21 -91.31
CA TYR A 305 9.25 109.24 -91.95
C TYR A 305 8.39 110.48 -92.22
N GLU A 306 9.05 111.57 -92.59
CA GLU A 306 8.41 112.81 -93.00
C GLU A 306 8.76 113.10 -94.45
N ILE A 307 7.84 113.72 -95.18
CA ILE A 307 8.03 113.99 -96.61
C ILE A 307 7.39 115.33 -96.95
N GLU A 308 7.73 115.85 -98.12
CA GLU A 308 7.17 117.10 -98.60
C GLU A 308 6.87 117.00 -100.10
N GLY A 309 5.88 117.76 -100.54
CA GLY A 309 5.48 117.77 -101.94
C GLY A 309 4.59 118.95 -102.24
N GLY A 310 4.37 119.18 -103.53
CA GLY A 310 3.61 120.34 -103.96
C GLY A 310 2.88 120.13 -105.26
N ASP A 311 1.76 120.82 -105.41
CA ASP A 311 1.03 120.87 -106.68
C ASP A 311 1.80 121.71 -107.68
N ASP A 312 1.60 121.43 -108.98
CA ASP A 312 2.37 122.09 -110.02
C ASP A 312 1.54 123.02 -110.90
N GLY A 313 0.56 122.51 -111.64
CA GLY A 313 -0.34 123.40 -112.35
C GLY A 313 -1.81 123.05 -112.23
N ALA A 314 -2.10 121.76 -112.03
CA ALA A 314 -3.47 121.30 -111.83
C ALA A 314 -3.47 119.84 -111.39
N GLY A 315 -4.16 119.56 -110.29
CA GLY A 315 -4.41 118.21 -109.82
C GLY A 315 -3.29 117.20 -109.95
N ASN A 316 -2.05 117.64 -109.74
CA ASN A 316 -0.91 116.74 -109.75
C ASN A 316 -0.14 116.92 -108.44
N LEU A 317 0.05 115.82 -107.72
CA LEU A 317 0.75 115.84 -106.44
C LEU A 317 1.95 114.90 -106.57
N VAL A 318 3.14 115.48 -106.77
CA VAL A 318 4.35 114.71 -107.01
C VAL A 318 5.18 114.66 -105.73
N PHE A 319 5.64 113.46 -105.38
CA PHE A 319 6.51 113.27 -104.22
C PHE A 319 7.86 112.75 -104.67
N ASP A 320 8.74 112.51 -103.70
CA ASP A 320 10.08 112.01 -103.96
C ASP A 320 10.38 110.92 -102.95
N LEU A 321 10.62 109.71 -103.44
CA LEU A 321 10.97 108.58 -102.58
C LEU A 321 12.46 108.53 -102.27
N ALA A 322 13.26 109.40 -102.88
CA ALA A 322 14.68 109.44 -102.57
C ALA A 322 14.93 109.86 -101.12
N ASP A 323 14.02 110.64 -100.54
CA ASP A 323 14.15 111.03 -99.14
C ASP A 323 13.91 109.89 -98.17
N MET A 324 13.56 108.70 -98.67
CA MET A 324 13.31 107.56 -97.78
C MET A 324 14.63 107.06 -97.23
N THR A 325 15.01 107.55 -96.05
CA THR A 325 16.30 107.22 -95.47
C THR A 325 16.34 105.77 -95.00
N GLY A 326 17.56 105.24 -94.86
CA GLY A 326 17.76 103.94 -94.27
C GLY A 326 17.30 102.79 -95.13
N ALA A 327 16.01 102.79 -95.48
CA ALA A 327 15.48 101.73 -96.34
C ALA A 327 15.99 101.87 -97.77
N GLY A 328 16.01 103.09 -98.30
CA GLY A 328 16.53 103.32 -99.63
C GLY A 328 15.48 103.16 -100.72
N PHE A 329 15.33 104.18 -101.55
CA PHE A 329 14.39 104.13 -102.68
C PHE A 329 14.95 105.03 -103.79
N SER A 330 14.13 105.26 -104.80
CA SER A 330 14.52 106.09 -105.95
C SER A 330 13.29 106.33 -106.80
N GLY A 331 13.49 107.04 -107.91
CA GLY A 331 12.43 107.29 -108.86
C GLY A 331 11.50 108.40 -108.44
N GLU A 332 10.42 108.54 -109.19
CA GLU A 332 9.40 109.54 -108.96
C GLU A 332 8.03 108.89 -108.81
N VAL A 333 7.10 109.64 -108.25
CA VAL A 333 5.71 109.20 -108.13
C VAL A 333 4.83 110.45 -108.10
N SER A 334 3.72 110.42 -108.85
CA SER A 334 2.83 111.56 -108.88
C SER A 334 1.38 111.09 -108.92
N ILE A 335 0.59 111.52 -107.94
CA ILE A 335 -0.84 111.27 -107.93
C ILE A 335 -1.51 112.23 -108.90
N ALA A 336 -2.29 111.68 -109.84
CA ALA A 336 -3.00 112.47 -110.84
C ALA A 336 -4.40 112.77 -110.31
N ILE A 337 -4.52 113.86 -109.57
CA ILE A 337 -5.77 114.19 -108.90
C ILE A 337 -6.78 114.77 -109.88
N GLY A 338 -6.38 115.81 -110.60
CA GLY A 338 -7.31 116.65 -111.34
C GLY A 338 -7.67 117.90 -110.54
N THR A 339 -8.08 118.93 -111.27
CA THR A 339 -8.31 120.24 -110.66
C THR A 339 -9.48 120.17 -109.68
N ASP A 340 -9.69 121.27 -108.95
CA ASP A 340 -10.69 121.33 -107.87
C ASP A 340 -10.37 120.31 -106.77
N ALA A 341 -9.18 120.44 -106.19
CA ALA A 341 -8.69 119.53 -105.16
C ALA A 341 -8.56 120.30 -103.85
N ASN A 342 -9.58 120.21 -103.00
CA ASN A 342 -9.52 120.76 -101.66
C ASN A 342 -9.18 119.64 -100.68
N MET A 343 -8.28 119.93 -99.74
CA MET A 343 -7.70 118.90 -98.89
C MET A 343 -7.79 119.30 -97.43
N GLN A 344 -8.42 118.45 -96.64
CA GLN A 344 -8.45 118.55 -95.19
C GLN A 344 -7.22 117.88 -94.60
N SER A 345 -7.22 117.68 -93.28
CA SER A 345 -6.16 116.94 -92.61
C SER A 345 -6.67 115.54 -92.26
N GLY A 346 -5.99 114.52 -92.75
CA GLY A 346 -6.29 113.14 -92.40
C GLY A 346 -6.78 112.27 -93.53
N ASP A 347 -7.06 112.81 -94.71
CA ASP A 347 -7.50 111.98 -95.83
C ASP A 347 -6.31 111.14 -96.29
N LYS A 348 -6.30 109.87 -95.88
CA LYS A 348 -5.11 109.03 -96.03
C LYS A 348 -5.10 108.35 -97.38
N ILE A 349 -3.89 108.03 -97.84
CA ILE A 349 -3.68 107.26 -99.07
C ILE A 349 -2.83 106.04 -98.73
N LEU A 350 -3.23 104.87 -99.26
CA LEU A 350 -2.53 103.63 -98.97
C LEU A 350 -2.20 102.92 -100.28
N LEU A 351 -0.91 102.60 -100.46
CA LEU A 351 -0.37 102.02 -101.68
C LEU A 351 0.39 100.74 -101.36
N SER A 352 0.56 99.90 -102.37
CA SER A 352 1.31 98.65 -102.27
C SER A 352 2.46 98.66 -103.25
N THR A 353 3.57 98.04 -102.86
CA THR A 353 4.78 98.00 -103.67
C THR A 353 5.20 96.56 -103.89
N THR A 354 5.48 96.22 -105.14
CA THR A 354 5.96 94.89 -105.54
C THR A 354 7.41 95.00 -105.99
N GLU A 355 8.25 94.10 -105.50
CA GLU A 355 9.68 94.13 -105.78
C GLU A 355 10.01 93.19 -106.93
N ALA A 356 10.80 93.68 -107.88
CA ALA A 356 11.20 92.86 -109.02
C ALA A 356 12.26 91.86 -108.62
N VAL A 357 12.00 90.58 -108.90
CA VAL A 357 12.92 89.49 -108.61
C VAL A 357 12.99 88.60 -109.84
N ASP A 358 14.10 87.88 -109.98
CA ASP A 358 14.28 86.99 -111.12
C ASP A 358 13.18 85.92 -111.14
N THR A 359 12.94 85.28 -109.99
CA THR A 359 11.86 84.32 -109.81
C THR A 359 11.93 83.13 -110.76
N SER A 360 13.14 82.72 -111.15
CA SER A 360 13.30 81.53 -112.00
C SER A 360 14.70 80.97 -111.74
N ALA A 361 14.76 79.95 -110.91
CA ALA A 361 16.01 79.27 -110.57
C ALA A 361 15.88 77.78 -110.86
N THR A 362 16.89 77.01 -110.45
CA THR A 362 16.82 75.56 -110.62
C THR A 362 15.63 74.98 -109.87
N SER A 363 15.50 75.31 -108.59
CA SER A 363 14.39 74.90 -107.74
C SER A 363 14.60 75.52 -106.36
N GLY A 364 13.51 75.56 -105.59
CA GLY A 364 13.61 76.03 -104.22
C GLY A 364 12.45 76.86 -103.72
N GLY A 365 11.74 77.54 -104.62
CA GLY A 365 10.63 78.35 -104.20
C GLY A 365 10.00 79.11 -105.35
N GLY A 366 9.07 79.98 -104.99
CA GLY A 366 8.36 80.78 -105.97
C GLY A 366 7.73 82.02 -105.40
N THR A 367 6.52 82.34 -105.83
CA THR A 367 5.84 83.57 -105.46
C THR A 367 4.53 83.26 -104.74
N ILE A 368 4.20 84.13 -103.78
CA ILE A 368 2.96 84.06 -103.02
C ILE A 368 2.21 85.36 -103.22
N ALA A 369 0.91 85.25 -103.51
CA ALA A 369 0.05 86.42 -103.68
C ALA A 369 -1.26 86.19 -102.95
N ILE A 370 -1.81 87.27 -102.40
CA ILE A 370 -3.08 87.23 -101.68
C ILE A 370 -4.03 88.20 -102.35
N SER A 371 -5.24 87.73 -102.66
CA SER A 371 -6.26 88.57 -103.28
C SER A 371 -7.59 88.35 -102.59
N GLY A 372 -8.47 89.35 -102.70
CA GLY A 372 -9.80 89.26 -102.15
C GLY A 372 -10.05 90.17 -100.96
N GLY A 373 -10.66 89.62 -99.91
CA GLY A 373 -10.98 90.39 -98.74
C GLY A 373 -12.41 90.90 -98.78
N PRO A 374 -12.91 91.43 -97.66
CA PRO A 374 -14.27 91.98 -97.64
C PRO A 374 -14.46 93.10 -98.64
N ALA A 375 -13.42 93.91 -98.89
CA ALA A 375 -13.48 94.96 -99.88
C ALA A 375 -13.03 94.51 -101.26
N GLY A 376 -12.59 93.26 -101.41
CA GLY A 376 -12.17 92.75 -102.69
C GLY A 376 -10.94 93.44 -103.26
N THR A 377 -9.88 93.54 -102.47
CA THR A 377 -8.67 94.24 -102.88
C THR A 377 -7.67 93.27 -103.51
N THR A 378 -6.65 93.84 -104.13
CA THR A 378 -5.53 93.09 -104.70
C THR A 378 -4.27 93.45 -103.93
N GLY A 379 -3.64 92.43 -103.32
CA GLY A 379 -2.48 92.65 -102.49
C GLY A 379 -1.18 92.63 -103.27
N ALA A 380 -0.07 92.69 -102.52
CA ALA A 380 1.25 92.66 -103.11
C ALA A 380 1.64 91.24 -103.49
N ILE A 381 2.78 91.11 -104.17
CA ILE A 381 3.32 89.84 -104.61
C ILE A 381 4.69 89.65 -103.97
N ILE A 382 4.86 88.55 -103.25
CA ILE A 382 6.14 88.27 -102.59
C ILE A 382 6.81 87.11 -103.31
N SER A 383 8.14 87.10 -103.27
CA SER A 383 8.92 86.06 -103.95
C SER A 383 10.00 85.57 -103.01
N TYR A 384 10.36 84.28 -103.17
CA TYR A 384 11.35 83.65 -102.31
C TYR A 384 12.48 83.09 -103.16
N GLY A 385 13.58 82.77 -102.49
CA GLY A 385 14.77 82.23 -103.13
C GLY A 385 14.82 80.72 -103.09
N ASN A 386 16.04 80.20 -103.19
CA ASN A 386 16.25 78.76 -103.27
C ASN A 386 16.20 78.11 -101.90
N ASN A 387 15.62 76.91 -101.85
CA ASN A 387 15.53 76.10 -100.64
C ASN A 387 14.85 76.83 -99.49
N GLU A 388 13.97 77.77 -99.79
CA GLU A 388 13.19 78.46 -98.77
C GLU A 388 11.81 77.85 -98.57
N LEU A 389 11.41 76.88 -99.40
CA LEU A 389 10.06 76.36 -99.37
C LEU A 389 10.00 74.89 -98.99
N THR A 390 10.88 74.06 -99.53
CA THR A 390 10.83 72.63 -99.31
C THR A 390 12.20 72.10 -98.91
N LYS A 391 12.24 71.23 -97.92
CA LYS A 391 13.43 70.52 -97.51
C LYS A 391 13.38 69.10 -98.05
N VAL A 392 14.33 68.26 -97.61
CA VAL A 392 14.48 66.90 -98.09
C VAL A 392 14.38 65.96 -96.90
N ASP A 393 13.94 64.73 -97.17
CA ASP A 393 13.70 63.77 -96.09
C ASP A 393 15.00 63.28 -95.48
N ASN A 394 14.85 62.54 -94.39
CA ASN A 394 15.95 61.92 -93.65
C ASN A 394 15.64 60.46 -93.37
N GLY A 395 15.19 59.75 -94.41
CA GLY A 395 14.66 58.41 -94.29
C GLY A 395 13.15 58.38 -94.23
N ASP A 396 12.55 58.79 -93.11
CA ASP A 396 11.09 58.84 -93.01
C ASP A 396 10.56 60.23 -92.70
N THR A 397 11.15 60.90 -91.69
CA THR A 397 10.75 62.22 -91.19
C THR A 397 9.43 62.18 -90.44
N THR A 398 8.74 61.04 -90.49
CA THR A 398 7.38 60.89 -89.97
C THR A 398 6.54 62.13 -90.26
N ILE A 399 6.59 62.55 -91.52
CA ILE A 399 5.95 63.77 -92.03
C ILE A 399 6.61 65.00 -91.43
N ASP A 400 6.99 65.95 -92.29
CA ASP A 400 7.64 67.18 -91.88
C ASP A 400 6.80 68.37 -92.31
N TYR A 401 7.06 69.52 -91.69
CA TYR A 401 6.39 70.76 -92.03
C TYR A 401 7.33 71.93 -91.83
N ASN A 402 7.22 72.93 -92.69
CA ASN A 402 8.01 74.16 -92.58
C ASN A 402 7.06 75.35 -92.45
N SER A 403 7.46 76.34 -91.66
CA SER A 403 6.62 77.49 -91.36
C SER A 403 7.06 78.70 -92.16
N VAL A 404 6.07 79.46 -92.66
CA VAL A 404 6.34 80.73 -93.33
C VAL A 404 5.38 81.77 -92.76
N THR A 405 5.91 82.84 -92.22
CA THR A 405 5.11 83.92 -91.64
C THR A 405 4.97 85.04 -92.65
N VAL A 406 3.73 85.44 -92.93
CA VAL A 406 3.43 86.46 -93.92
C VAL A 406 2.47 87.47 -93.32
N TYR A 407 2.78 88.75 -93.46
CA TYR A 407 1.97 89.83 -92.92
C TYR A 407 1.24 90.54 -94.03
N HIS A 408 -0.05 90.81 -93.80
CA HIS A 408 -0.89 91.57 -94.72
C HIS A 408 -1.62 92.66 -93.96
N ALA A 409 -1.78 93.82 -94.59
CA ALA A 409 -2.36 94.98 -93.95
C ALA A 409 -3.61 95.43 -94.69
N ALA A 410 -4.45 96.18 -93.99
CA ALA A 410 -5.71 96.66 -94.53
C ALA A 410 -6.08 97.98 -93.86
N LEU A 411 -6.88 98.77 -94.58
CA LEU A 411 -7.34 100.07 -94.13
C LEU A 411 -8.85 100.13 -94.24
N ASN A 412 -9.49 100.71 -93.23
CA ASN A 412 -10.95 100.83 -93.20
C ASN A 412 -11.35 102.26 -93.54
N VAL A 413 -12.44 102.40 -94.29
CA VAL A 413 -12.82 103.67 -94.89
C VAL A 413 -13.67 104.50 -93.93
N GLU A 414 -13.79 104.04 -92.68
CA GLU A 414 -14.64 104.72 -91.71
C GLU A 414 -13.83 105.40 -90.60
N THR A 415 -12.96 104.66 -89.91
CA THR A 415 -12.27 105.17 -88.74
C THR A 415 -10.83 105.56 -89.01
N GLY A 416 -10.31 105.28 -90.20
CA GLY A 416 -8.93 105.60 -90.48
C GLY A 416 -7.91 104.77 -89.73
N ASN A 417 -8.29 103.57 -89.30
CA ASN A 417 -7.35 102.67 -88.63
C ASN A 417 -6.61 101.82 -89.66
N LEU A 418 -5.50 101.24 -89.22
CA LEU A 418 -4.71 100.33 -90.03
C LEU A 418 -4.54 99.03 -89.28
N ASP A 419 -4.87 97.92 -89.94
CA ASP A 419 -4.79 96.60 -89.32
C ASP A 419 -3.74 95.77 -90.05
N VAL A 420 -2.74 95.30 -89.32
CA VAL A 420 -1.64 94.52 -89.90
C VAL A 420 -1.67 93.16 -89.24
N GLY A 421 -2.22 92.17 -89.92
CA GLY A 421 -2.29 90.82 -89.41
C GLY A 421 -1.26 89.91 -90.05
N ASN A 422 -1.15 88.70 -89.50
CA ASN A 422 -0.16 87.74 -89.98
C ASN A 422 -0.78 86.35 -90.05
N LEU A 423 -0.24 85.55 -90.96
CA LEU A 423 -0.57 84.14 -91.09
C LEU A 423 0.73 83.34 -91.08
N THR A 424 0.63 82.05 -90.76
CA THR A 424 1.79 81.17 -90.90
C THR A 424 1.39 79.98 -91.77
N PHE A 425 1.75 80.02 -93.04
CA PHE A 425 1.48 78.89 -93.92
C PHE A 425 2.45 77.75 -93.62
N ASN A 426 1.94 76.52 -93.68
CA ASN A 426 2.74 75.33 -93.43
C ASN A 426 2.97 74.64 -94.77
N PHE A 427 4.22 74.59 -95.20
CA PHE A 427 4.60 73.90 -96.43
C PHE A 427 5.04 72.48 -96.10
N ARG A 428 4.80 71.58 -97.05
CA ARG A 428 4.78 70.15 -96.77
C ARG A 428 6.17 69.58 -96.56
N GLU A 429 6.23 68.26 -96.45
CA GLU A 429 7.38 67.52 -95.95
C GLU A 429 8.63 67.65 -96.81
N ASP A 430 8.59 67.17 -98.05
CA ASP A 430 9.82 66.97 -98.80
C ASP A 430 9.52 66.87 -100.28
N THR A 431 10.35 67.52 -101.09
CA THR A 431 10.41 67.38 -102.54
C THR A 431 11.88 67.31 -102.96
N GLY A 432 12.12 67.40 -104.27
CA GLY A 432 13.48 67.55 -104.72
C GLY A 432 13.93 66.75 -105.92
N THR A 433 14.84 67.31 -106.70
CA THR A 433 15.54 66.59 -107.75
C THR A 433 16.66 65.79 -107.08
N ASP A 434 17.61 65.26 -107.85
CA ASP A 434 18.64 64.39 -107.31
C ASP A 434 19.62 65.21 -106.47
N THR A 435 19.19 65.54 -105.26
CA THR A 435 20.04 66.09 -104.21
C THR A 435 20.69 67.41 -104.63
N ALA A 436 20.01 68.21 -105.45
CA ALA A 436 20.63 69.48 -105.83
C ALA A 436 20.08 70.66 -105.04
N TYR A 437 18.80 71.01 -105.24
CA TYR A 437 18.22 72.13 -104.51
C TYR A 437 16.79 71.95 -104.02
N GLY A 438 15.99 71.06 -104.61
CA GLY A 438 14.61 70.91 -104.15
C GLY A 438 13.58 70.90 -105.25
N SER A 439 12.33 71.23 -104.91
CA SER A 439 11.21 71.33 -105.84
C SER A 439 9.99 71.83 -105.06
N THR A 440 9.00 72.33 -105.79
CA THR A 440 7.72 72.75 -105.21
C THR A 440 6.71 72.90 -106.33
N THR A 441 5.43 72.73 -105.98
CA THR A 441 4.33 72.84 -106.94
C THR A 441 3.48 74.07 -106.62
N GLY A 442 2.93 74.68 -107.65
CA GLY A 442 2.17 75.90 -107.54
C GLY A 442 0.67 75.66 -107.57
N GLY A 443 -0.07 76.69 -108.00
CA GLY A 443 -1.51 76.68 -108.06
C GLY A 443 -2.12 77.78 -107.22
N SER A 444 -3.42 77.64 -106.94
CA SER A 444 -4.14 78.57 -106.11
C SER A 444 -5.14 77.81 -105.23
N PHE A 445 -5.47 78.40 -104.09
CA PHE A 445 -6.47 77.80 -103.21
C PHE A 445 -7.20 78.89 -102.44
N ASP A 446 -8.23 78.46 -101.71
CA ASP A 446 -9.20 79.36 -101.10
C ASP A 446 -9.18 79.20 -99.59
N LEU A 447 -9.10 80.33 -98.88
CA LEU A 447 -9.11 80.37 -97.42
C LEU A 447 -10.40 80.98 -96.92
N LEU A 448 -10.96 80.39 -95.87
CA LEU A 448 -12.15 80.92 -95.21
C LEU A 448 -11.77 81.33 -93.79
N VAL A 449 -12.13 82.56 -93.43
CA VAL A 449 -11.92 83.10 -92.09
C VAL A 449 -13.28 83.21 -91.42
N ALA A 450 -13.46 82.46 -90.34
CA ALA A 450 -14.69 82.44 -89.56
C ALA A 450 -14.45 83.12 -88.22
N GLY A 451 -15.38 83.98 -87.82
CA GLY A 451 -15.24 84.73 -86.60
C GLY A 451 -15.59 83.91 -85.37
N GLY A 452 -15.66 84.62 -84.24
CA GLY A 452 -15.97 84.00 -82.97
C GLY A 452 -17.46 84.00 -82.66
N GLY A 453 -17.78 83.48 -81.48
CA GLY A 453 -19.15 83.44 -81.01
C GLY A 453 -20.03 82.47 -81.79
N GLU A 454 -19.38 80.13 -83.77
CA GLU A 454 -18.94 79.52 -85.02
C GLU A 454 -18.27 78.18 -84.77
N ALA A 455 -18.24 77.33 -85.80
CA ALA A 455 -17.60 76.04 -85.67
C ALA A 455 -16.10 76.19 -85.44
N ALA A 456 -15.56 75.36 -84.55
CA ALA A 456 -14.13 75.39 -84.28
C ALA A 456 -13.35 74.85 -85.47
N THR A 457 -12.11 75.32 -85.60
CA THR A 457 -11.24 74.90 -86.69
C THR A 457 -10.39 73.71 -86.27
N SER A 458 -9.61 73.18 -87.22
CA SER A 458 -8.72 72.07 -86.94
C SER A 458 -7.38 72.51 -86.35
N THR A 459 -7.15 73.82 -86.24
CA THR A 459 -5.90 74.35 -85.70
C THR A 459 -6.12 75.19 -84.45
N THR A 460 -7.33 75.22 -83.91
CA THR A 460 -7.61 76.05 -82.75
C THR A 460 -6.99 75.47 -81.49
N LYS A 461 -6.35 76.33 -80.71
CA LYS A 461 -5.82 75.91 -79.43
C LYS A 461 -6.96 75.62 -78.46
N LEU A 462 -6.75 74.62 -77.60
CA LEU A 462 -7.80 74.14 -76.72
C LEU A 462 -8.13 75.10 -75.60
N LYS A 463 -7.46 76.24 -75.51
CA LYS A 463 -7.76 77.24 -74.49
C LYS A 463 -8.79 78.27 -74.94
N ASP A 464 -9.25 78.20 -76.19
CA ASP A 464 -10.22 79.16 -76.73
C ASP A 464 -11.63 78.60 -76.83
N ILE A 465 -11.80 77.29 -76.74
CA ILE A 465 -13.14 76.70 -76.83
C ILE A 465 -13.94 77.11 -75.61
N SER A 466 -15.17 77.59 -75.84
CA SER A 466 -15.94 78.22 -74.77
C SER A 466 -16.37 77.23 -73.69
N ARG A 467 -16.49 75.94 -74.02
CA ARG A 467 -16.95 74.97 -73.04
C ARG A 467 -15.93 74.70 -71.94
N PHE A 468 -14.69 75.17 -72.07
CA PHE A 468 -13.64 74.85 -71.12
C PHE A 468 -13.43 75.92 -70.06
N THR A 469 -14.37 76.86 -69.92
CA THR A 469 -14.32 77.85 -68.86
C THR A 469 -15.53 77.66 -67.95
N THR A 470 -15.32 77.83 -66.65
CA THR A 470 -16.37 77.62 -65.67
C THR A 470 -17.31 78.83 -65.63
N ASP A 471 -18.32 78.74 -64.76
CA ASP A 471 -19.31 79.82 -64.66
C ASP A 471 -18.69 81.09 -64.10
N ASP A 472 -17.67 80.98 -63.27
CA ASP A 472 -17.05 82.15 -62.65
C ASP A 472 -15.91 82.73 -63.47
N GLY A 473 -15.64 82.19 -64.65
CA GLY A 473 -14.62 82.72 -65.52
C GLY A 473 -13.24 82.11 -65.37
N VAL A 474 -13.12 80.99 -64.66
CA VAL A 474 -11.85 80.31 -64.47
C VAL A 474 -11.84 79.09 -65.39
N ASN A 475 -10.92 79.08 -66.35
CA ASN A 475 -10.83 77.96 -67.27
C ASN A 475 -10.13 76.79 -66.60
N ILE A 476 -10.35 75.60 -67.17
CA ILE A 476 -9.88 74.37 -66.54
C ILE A 476 -8.36 74.31 -66.54
N PHE A 477 -7.72 74.81 -67.59
CA PHE A 477 -6.28 74.66 -67.78
C PHE A 477 -5.45 75.69 -67.03
N ALA A 478 -6.07 76.50 -66.17
CA ALA A 478 -5.32 77.53 -65.45
C ALA A 478 -4.31 76.89 -64.50
N ALA A 479 -4.72 75.87 -63.75
CA ALA A 479 -3.83 75.27 -62.76
C ALA A 479 -2.72 74.44 -63.41
N GLY A 480 -3.05 73.62 -64.41
CA GLY A 480 -2.08 72.78 -65.04
C GLY A 480 -2.70 71.72 -65.94
N PRO A 481 -1.89 70.75 -66.36
CA PRO A 481 -2.41 69.71 -67.25
C PRO A 481 -3.42 68.82 -66.54
N GLN A 482 -4.29 68.21 -67.35
CA GLN A 482 -5.33 67.32 -66.86
C GLN A 482 -5.07 65.89 -67.32
N GLU A 483 -5.76 64.95 -66.67
CA GLU A 483 -5.59 63.52 -66.94
C GLU A 483 -6.93 62.93 -67.36
N LEU A 484 -6.88 61.97 -68.29
CA LEU A 484 -8.08 61.27 -68.74
C LEU A 484 -7.79 59.78 -68.78
N THR A 485 -8.69 58.98 -68.22
CA THR A 485 -8.49 57.54 -68.12
C THR A 485 -9.54 56.82 -68.95
N ILE A 486 -9.09 55.86 -69.77
CA ILE A 486 -9.95 55.07 -70.62
C ILE A 486 -9.92 53.63 -70.14
N PHE A 487 -11.10 53.03 -69.96
CA PHE A 487 -11.24 51.66 -69.51
C PHE A 487 -11.95 50.85 -70.58
N GLY A 488 -11.40 49.69 -70.92
CA GLY A 488 -12.00 48.81 -71.90
C GLY A 488 -11.28 47.50 -72.06
N ASN A 489 -12.03 46.43 -72.33
CA ASN A 489 -11.46 45.10 -72.62
C ASN A 489 -10.52 44.64 -71.51
N GLY A 490 -10.95 44.86 -70.27
CA GLY A 490 -10.13 44.47 -69.13
C GLY A 490 -8.80 45.17 -69.03
N SER A 491 -8.68 46.36 -69.64
CA SER A 491 -7.44 47.12 -69.62
C SER A 491 -7.76 48.59 -69.41
N SER A 492 -6.74 49.36 -69.06
CA SER A 492 -6.91 50.78 -68.79
C SER A 492 -5.71 51.55 -69.37
N ALA A 493 -5.94 52.83 -69.63
CA ALA A 493 -4.89 53.69 -70.16
C ALA A 493 -5.15 55.12 -69.71
N THR A 494 -4.08 55.92 -69.74
CA THR A 494 -4.15 57.31 -69.29
C THR A 494 -3.54 58.22 -70.35
N ILE A 495 -4.13 59.40 -70.52
CA ILE A 495 -3.62 60.42 -71.42
C ILE A 495 -3.55 61.75 -70.68
N TYR A 496 -2.62 62.59 -71.14
CA TYR A 496 -2.36 63.91 -70.58
C TYR A 496 -2.88 64.98 -71.53
N LEU A 497 -3.43 66.05 -70.98
CA LEU A 497 -3.93 67.16 -71.76
C LEU A 497 -3.31 68.46 -71.25
N GLU A 498 -2.80 69.26 -72.18
CA GLU A 498 -2.23 70.56 -71.86
C GLU A 498 -2.95 71.64 -72.66
N GLY A 499 -2.92 72.86 -72.13
CA GLY A 499 -3.71 73.95 -72.66
C GLY A 499 -3.18 74.62 -73.90
N ASP A 500 -2.20 74.04 -74.58
CA ASP A 500 -1.65 74.66 -75.78
C ASP A 500 -1.77 73.79 -77.03
N ASP A 501 -2.13 72.53 -76.90
CA ASP A 501 -2.28 71.68 -78.07
C ASP A 501 -3.54 72.05 -78.84
N THR A 502 -3.60 71.60 -80.09
CA THR A 502 -4.72 71.85 -80.98
C THR A 502 -5.65 70.64 -81.01
N VAL A 503 -6.73 70.76 -81.79
CA VAL A 503 -7.72 69.69 -81.86
C VAL A 503 -7.13 68.45 -82.53
N SER A 504 -6.36 68.65 -83.61
CA SER A 504 -5.84 67.51 -84.36
C SER A 504 -4.89 66.67 -83.52
N GLU A 505 -4.04 67.32 -82.72
CA GLU A 505 -3.12 66.59 -81.86
C GLU A 505 -3.87 65.81 -80.79
N PHE A 506 -4.95 66.39 -80.25
CA PHE A 506 -5.80 65.65 -79.31
C PHE A 506 -6.41 64.43 -79.96
N GLU A 507 -6.89 64.58 -81.20
CA GLU A 507 -7.39 63.44 -81.96
C GLU A 507 -6.35 62.35 -82.11
N THR A 508 -5.12 62.75 -82.49
CA THR A 508 -4.06 61.77 -82.69
C THR A 508 -3.70 61.06 -81.39
N LYS A 509 -3.63 61.81 -80.29
CA LYS A 509 -3.32 61.20 -79.00
C LYS A 509 -4.39 60.21 -78.58
N LEU A 510 -5.67 60.57 -78.77
CA LEU A 510 -6.75 59.64 -78.41
C LEU A 510 -6.71 58.41 -79.29
N SER A 511 -6.44 58.58 -80.60
CA SER A 511 -6.36 57.44 -81.49
C SER A 511 -5.24 56.49 -81.08
N SER A 512 -4.07 57.04 -80.74
CA SER A 512 -2.96 56.21 -80.30
C SER A 512 -3.28 55.50 -79.00
N ALA A 513 -3.93 56.20 -78.07
CA ALA A 513 -4.29 55.58 -76.80
C ALA A 513 -5.26 54.43 -77.00
N ILE A 514 -6.25 54.61 -77.88
CA ILE A 514 -7.20 53.53 -78.16
C ILE A 514 -6.49 52.36 -78.83
N LEU A 515 -5.61 52.65 -79.79
CA LEU A 515 -4.90 51.59 -80.49
C LEU A 515 -3.94 50.84 -79.58
N GLU A 516 -3.51 51.46 -78.48
CA GLU A 516 -2.62 50.76 -77.55
C GLU A 516 -3.31 49.55 -76.94
N LEU A 517 -4.58 49.68 -76.56
CA LEU A 517 -5.28 48.60 -75.88
C LEU A 517 -5.46 47.36 -76.74
N GLY A 518 -5.37 47.50 -78.06
CA GLY A 518 -5.56 46.38 -78.96
C GLY A 518 -6.92 46.32 -79.63
N MET A 519 -7.77 47.32 -79.42
CA MET A 519 -9.07 47.36 -80.09
C MET A 519 -8.93 47.65 -81.58
N GLY A 520 -7.77 48.09 -82.04
CA GLY A 520 -7.59 48.45 -83.42
C GLY A 520 -7.52 47.23 -84.32
N ALA A 521 -7.26 47.51 -85.60
CA ALA A 521 -7.21 46.45 -86.60
C ALA A 521 -6.14 45.42 -86.22
N THR A 522 -6.52 44.15 -86.29
CA THR A 522 -5.63 43.07 -85.91
C THR A 522 -4.65 42.78 -87.05
N ALA A 523 -3.96 41.65 -86.96
CA ALA A 523 -2.88 41.36 -87.90
C ALA A 523 -3.41 41.00 -89.28
N GLY A 524 -4.08 41.96 -89.92
CA GLY A 524 -4.32 41.89 -91.34
C GLY A 524 -3.20 42.60 -92.04
N THR A 525 -2.64 43.60 -91.36
CA THR A 525 -1.39 44.27 -91.70
C THR A 525 -1.41 44.96 -93.05
N SER A 526 -2.57 45.06 -93.71
CA SER A 526 -2.65 45.64 -95.04
C SER A 526 -3.02 47.11 -94.96
N ASP A 527 -3.04 47.76 -96.12
CA ASP A 527 -3.50 49.13 -96.21
C ASP A 527 -4.93 49.25 -95.69
N GLU A 528 -5.72 48.17 -95.82
CA GLU A 528 -7.02 48.09 -95.18
C GLU A 528 -6.92 48.41 -93.69
N ALA A 529 -5.98 47.74 -93.03
CA ALA A 529 -5.79 47.95 -91.59
C ALA A 529 -5.33 49.36 -91.30
N ALA A 530 -4.44 49.91 -92.13
CA ALA A 530 -3.95 51.27 -91.89
C ALA A 530 -5.09 52.28 -91.98
N THR A 531 -5.93 52.16 -93.02
CA THR A 531 -7.06 53.06 -93.16
C THR A 531 -8.04 52.91 -92.01
N VAL A 532 -8.34 51.66 -91.63
CA VAL A 532 -9.28 51.45 -90.52
C VAL A 532 -8.74 52.05 -89.23
N ASN A 533 -7.45 51.86 -88.97
CA ASN A 533 -6.83 52.43 -87.78
C ASN A 533 -6.90 53.95 -87.81
N SER A 534 -6.61 54.55 -88.97
CA SER A 534 -6.66 56.00 -89.10
C SER A 534 -8.08 56.54 -89.04
N ASN A 535 -9.09 55.69 -89.20
CA ASN A 535 -10.49 56.12 -89.16
C ASN A 535 -11.18 55.72 -87.86
N LEU A 536 -10.49 55.80 -86.72
CA LEU A 536 -11.10 55.49 -85.43
C LEU A 536 -11.79 56.71 -84.83
N VAL A 537 -11.08 57.82 -84.70
CA VAL A 537 -11.60 59.07 -84.15
C VAL A 537 -11.76 60.05 -85.29
N ASN A 538 -12.90 60.75 -85.33
CA ASN A 538 -13.15 61.69 -86.41
C ASN A 538 -13.68 63.02 -85.87
N TYR A 539 -13.21 64.11 -86.47
CA TYR A 539 -13.71 65.45 -86.22
C TYR A 539 -14.26 66.02 -87.51
N VAL A 540 -15.48 66.54 -87.47
CA VAL A 540 -16.18 67.01 -88.66
C VAL A 540 -16.05 68.52 -88.73
N SER A 541 -15.43 69.02 -89.79
CA SER A 541 -15.31 70.45 -90.01
C SER A 541 -16.52 70.96 -90.80
N THR A 542 -16.44 72.20 -91.28
CA THR A 542 -17.59 72.82 -91.94
C THR A 542 -17.89 72.14 -93.27
N GLY A 543 -16.87 71.94 -94.10
CA GLY A 543 -17.08 71.42 -95.43
C GLY A 543 -17.20 69.92 -95.57
N ASP A 544 -17.19 69.18 -94.47
CA ASP A 544 -17.23 67.73 -94.50
C ASP A 544 -18.57 67.15 -94.06
N VAL A 545 -19.62 67.96 -94.07
CA VAL A 545 -20.93 67.51 -93.61
C VAL A 545 -21.56 66.63 -94.67
N THR A 546 -22.06 65.46 -94.24
CA THR A 546 -22.79 64.55 -95.13
C THR A 546 -23.98 64.01 -94.36
N ASP A 547 -25.17 64.17 -94.93
CA ASP A 547 -26.41 63.85 -94.23
C ASP A 547 -26.69 62.35 -94.27
N SER A 548 -27.67 61.94 -93.45
CA SER A 548 -28.09 60.54 -93.35
C SER A 548 -26.94 59.63 -92.95
N SER A 549 -26.03 60.13 -92.12
CA SER A 549 -24.89 59.34 -91.65
C SER A 549 -24.55 59.78 -90.23
N ASN A 550 -23.52 59.15 -89.67
CA ASN A 550 -23.08 59.52 -88.32
C ASN A 550 -22.56 60.95 -88.26
N GLU A 551 -22.07 61.48 -89.37
CA GLU A 551 -21.42 62.80 -89.41
C GLU A 551 -22.35 63.88 -89.94
N ALA A 552 -23.63 63.81 -89.63
CA ALA A 552 -24.60 64.79 -90.09
C ALA A 552 -24.54 66.11 -89.32
N LEU A 553 -23.55 66.30 -88.46
CA LEU A 553 -23.42 67.50 -87.67
C LEU A 553 -21.99 68.02 -87.74
N ALA A 554 -21.85 69.32 -87.55
CA ALA A 554 -20.54 69.98 -87.63
C ALA A 554 -19.96 70.19 -86.23
N GLY A 555 -18.64 70.12 -86.16
CA GLY A 555 -17.94 70.38 -84.91
C GLY A 555 -18.25 69.39 -83.81
N THR A 556 -18.34 68.10 -84.14
CA THR A 556 -18.59 67.05 -83.16
C THR A 556 -17.58 65.94 -83.33
N PHE A 557 -17.19 65.33 -82.21
CA PHE A 557 -16.27 64.20 -82.23
C PHE A 557 -17.06 62.90 -82.36
N VAL A 558 -16.54 61.99 -83.20
CA VAL A 558 -17.13 60.68 -83.39
C VAL A 558 -16.10 59.63 -83.00
N ILE A 559 -16.50 58.71 -82.13
CA ILE A 559 -15.61 57.68 -81.59
C ILE A 559 -16.23 56.31 -81.83
N GLN A 560 -15.42 55.39 -82.35
CA GLN A 560 -15.84 54.02 -82.61
C GLN A 560 -14.71 53.07 -82.25
N THR A 561 -15.01 51.78 -82.27
CA THR A 561 -14.01 50.74 -82.07
C THR A 561 -14.11 49.71 -83.18
N ALA A 562 -13.37 48.60 -83.06
CA ALA A 562 -13.36 47.57 -84.09
C ALA A 562 -13.74 46.20 -83.56
N ARG A 563 -14.30 46.13 -82.35
CA ARG A 563 -14.76 44.87 -81.77
C ARG A 563 -16.28 44.87 -81.64
N LEU A 564 -16.85 43.68 -81.54
CA LEU A 564 -18.29 43.49 -81.51
C LEU A 564 -18.76 43.19 -80.10
N GLY A 565 -20.01 43.57 -79.82
CA GLY A 565 -20.63 43.22 -78.56
C GLY A 565 -20.08 43.96 -77.36
N ASP A 566 -20.29 43.34 -76.20
CA ASP A 566 -19.94 43.97 -74.92
C ASP A 566 -18.46 44.31 -74.82
N ASP A 567 -17.61 43.64 -75.61
CA ASP A 567 -16.19 43.94 -75.57
C ASP A 567 -15.87 45.35 -76.08
N SER A 568 -16.79 45.97 -76.82
CA SER A 568 -16.56 47.29 -77.38
C SER A 568 -17.05 48.42 -76.50
N LYS A 569 -17.54 48.12 -75.29
CA LYS A 569 -17.99 49.17 -74.39
C LYS A 569 -16.79 49.96 -73.86
N LEU A 570 -16.91 51.28 -73.88
CA LEU A 570 -15.84 52.17 -73.46
C LEU A 570 -16.24 52.93 -72.21
N SER A 571 -15.30 53.11 -71.29
CA SER A 571 -15.53 53.86 -70.07
C SER A 571 -14.52 55.01 -69.98
N PHE A 572 -15.02 56.18 -69.58
CA PHE A 572 -14.19 57.37 -69.44
C PHE A 572 -14.23 57.84 -67.99
N ILE A 573 -13.05 58.15 -67.44
CA ILE A 573 -12.92 58.55 -66.04
C ILE A 573 -12.01 59.78 -65.97
N GLY A 574 -12.37 60.71 -65.11
CA GLY A 574 -11.56 61.92 -64.93
C GLY A 574 -12.26 62.88 -64.00
N ASP A 575 -11.80 64.13 -64.04
CA ASP A 575 -12.40 65.16 -63.22
C ASP A 575 -13.84 65.42 -63.65
N GLN A 576 -14.66 65.85 -62.68
CA GLN A 576 -16.08 66.08 -62.96
C GLN A 576 -16.27 67.19 -63.98
N ASN A 577 -15.51 68.27 -63.85
CA ASN A 577 -15.65 69.39 -64.79
C ASN A 577 -15.30 68.98 -66.21
N LEU A 578 -14.17 68.27 -66.38
CA LEU A 578 -13.75 67.87 -67.72
C LEU A 578 -14.73 66.88 -68.34
N ILE A 579 -15.21 65.91 -67.56
CA ILE A 579 -16.15 64.93 -68.10
C ILE A 579 -17.47 65.58 -68.45
N ASN A 580 -17.93 66.51 -67.61
CA ASN A 580 -19.16 67.25 -67.92
C ASN A 580 -19.00 68.08 -69.18
N ALA A 581 -17.85 68.74 -69.34
CA ALA A 581 -17.64 69.57 -70.53
C ALA A 581 -17.51 68.72 -71.79
N LEU A 582 -16.94 67.52 -71.68
CA LEU A 582 -16.83 66.64 -72.84
C LEU A 582 -18.20 66.26 -73.37
N SER A 583 -19.15 65.96 -72.48
CA SER A 583 -20.55 65.75 -72.83
C SER A 583 -20.70 64.62 -73.87
N LEU A 584 -20.28 63.43 -73.47
CA LEU A 584 -20.38 62.27 -74.34
C LEU A 584 -21.81 61.75 -74.41
N ALA A 585 -22.15 61.15 -75.55
CA ALA A 585 -23.45 60.53 -75.73
C ALA A 585 -23.30 59.38 -76.71
N THR A 586 -24.26 58.46 -76.67
CA THR A 586 -24.21 57.25 -77.46
C THR A 586 -25.21 57.33 -78.60
N ILE A 587 -24.75 57.05 -79.82
CA ILE A 587 -25.62 56.99 -80.98
C ILE A 587 -25.77 55.59 -81.55
N GLN A 588 -24.97 54.63 -81.08
CA GLN A 588 -25.23 53.24 -81.43
C GLN A 588 -24.67 52.33 -80.33
N GLU A 589 -25.41 51.25 -80.06
CA GLU A 589 -25.07 50.32 -79.00
C GLU A 589 -24.69 48.97 -79.60
N GLY A 590 -24.25 48.06 -78.73
CA GLY A 590 -23.57 46.85 -79.18
C GLY A 590 -24.51 45.77 -79.67
N GLU A 591 -23.89 44.65 -80.05
CA GLU A 591 -24.62 43.49 -80.56
C GLU A 591 -23.71 42.26 -80.59
N ASN A 592 -24.19 41.14 -80.04
CA ASN A 592 -23.38 39.93 -80.01
C ASN A 592 -23.48 39.20 -81.35
N SER A 593 -22.69 38.14 -81.47
CA SER A 593 -22.59 37.39 -82.72
C SER A 593 -23.39 36.09 -82.61
N GLU A 594 -23.43 35.34 -83.71
CA GLU A 594 -24.05 34.02 -83.75
C GLU A 594 -23.05 33.03 -84.32
N THR A 595 -22.79 31.95 -83.60
CA THR A 595 -21.74 31.01 -83.97
C THR A 595 -22.31 29.61 -84.09
N THR A 596 -22.00 28.94 -85.20
CA THR A 596 -22.35 27.54 -85.40
C THR A 596 -21.09 26.70 -85.22
N ILE A 597 -21.17 25.71 -84.34
CA ILE A 597 -20.01 24.91 -83.97
C ILE A 597 -20.36 23.43 -84.16
N LYS A 598 -19.47 22.69 -84.81
CA LYS A 598 -19.61 21.26 -85.02
C LYS A 598 -18.37 20.55 -84.50
N VAL A 599 -18.54 19.52 -83.69
CA VAL A 599 -17.42 18.83 -83.06
C VAL A 599 -17.45 17.36 -83.46
N THR A 600 -16.27 16.81 -83.74
CA THR A 600 -16.14 15.42 -84.13
C THR A 600 -14.88 14.84 -83.52
N ASP A 601 -14.74 13.51 -83.61
CA ASP A 601 -13.52 12.86 -83.17
C ASP A 601 -12.44 12.97 -84.24
N ALA A 602 -11.18 12.96 -83.80
CA ALA A 602 -10.06 13.27 -84.68
C ALA A 602 -9.67 12.12 -85.61
N HIS A 603 -9.97 10.88 -85.26
CA HIS A 603 -9.47 9.74 -86.01
C HIS A 603 -10.53 9.00 -86.81
N THR A 604 -11.82 9.17 -86.50
CA THR A 604 -12.88 8.47 -87.20
C THR A 604 -13.79 9.42 -87.97
N GLY A 605 -14.26 10.49 -87.33
CA GLY A 605 -15.14 11.44 -87.97
C GLY A 605 -16.59 11.31 -87.60
N LYS A 606 -16.93 10.46 -86.63
CA LYS A 606 -18.32 10.33 -86.22
C LYS A 606 -18.82 11.62 -85.57
N PHE A 607 -20.08 11.94 -85.79
CA PHE A 607 -20.67 13.15 -85.23
C PHE A 607 -20.79 13.03 -83.71
N ILE A 608 -20.48 14.13 -83.02
CA ILE A 608 -20.54 14.20 -81.57
C ILE A 608 -21.51 15.29 -81.10
N GLY A 609 -21.42 16.48 -81.68
CA GLY A 609 -22.29 17.57 -81.29
C GLY A 609 -22.30 18.75 -82.23
N SER A 610 -23.41 19.47 -82.24
CA SER A 610 -23.55 20.70 -83.02
C SER A 610 -24.35 21.70 -82.21
N ASP A 611 -23.95 22.97 -82.24
CA ASP A 611 -24.60 23.98 -81.42
C ASP A 611 -24.59 25.32 -82.12
N SER A 612 -25.54 26.17 -81.72
CA SER A 612 -25.63 27.55 -82.17
C SER A 612 -25.61 28.44 -80.92
N VAL A 613 -24.51 29.15 -80.73
CA VAL A 613 -24.27 29.91 -79.52
C VAL A 613 -24.28 31.40 -79.84
N ASN A 614 -24.56 32.19 -78.81
CA ASN A 614 -24.56 33.64 -78.89
C ASN A 614 -23.36 34.27 -78.20
N ASP A 615 -22.96 33.75 -77.05
CA ASP A 615 -21.80 34.24 -76.31
C ASP A 615 -20.54 33.42 -76.59
N SER A 616 -20.57 32.56 -77.60
CA SER A 616 -19.41 31.75 -77.99
C SER A 616 -18.95 30.85 -76.85
N THR A 617 -19.91 30.17 -76.21
CA THR A 617 -19.63 29.25 -75.13
C THR A 617 -20.32 27.92 -75.44
N LEU A 618 -19.52 26.91 -75.81
CA LEU A 618 -20.05 25.58 -76.09
C LEU A 618 -20.23 24.86 -74.76
N ARG A 619 -21.48 24.64 -74.35
CA ARG A 619 -21.80 24.10 -73.05
C ARG A 619 -22.76 22.93 -73.17
N GLY A 620 -22.50 21.88 -72.40
CA GLY A 620 -23.44 20.78 -72.28
C GLY A 620 -23.46 19.79 -73.43
N VAL A 621 -22.35 19.64 -74.15
CA VAL A 621 -22.22 18.63 -75.18
C VAL A 621 -21.07 17.66 -74.88
N ILE A 622 -19.93 18.17 -74.44
CA ILE A 622 -18.82 17.34 -73.98
C ILE A 622 -18.92 17.26 -72.46
N GLN A 623 -18.81 16.05 -71.93
CA GLN A 623 -19.11 15.79 -70.52
C GLN A 623 -18.11 16.50 -69.62
N GLY A 624 -18.60 17.42 -68.78
CA GLY A 624 -17.80 17.98 -67.71
C GLY A 624 -16.85 19.08 -68.11
N VAL A 625 -16.99 19.66 -69.29
CA VAL A 625 -16.06 20.68 -69.79
C VAL A 625 -16.86 21.79 -70.46
N ASP A 626 -16.50 23.04 -70.18
CA ASP A 626 -17.03 24.17 -70.91
C ASP A 626 -15.90 24.86 -71.67
N VAL A 627 -16.17 25.22 -72.92
CA VAL A 627 -15.17 25.71 -73.85
C VAL A 627 -15.49 27.15 -74.23
N LYS A 628 -14.46 27.99 -74.27
CA LYS A 628 -14.58 29.40 -74.64
C LYS A 628 -13.70 29.66 -75.85
N ILE A 629 -14.30 30.25 -76.88
CA ILE A 629 -13.63 30.55 -78.14
C ILE A 629 -13.67 32.05 -78.37
N ASP A 630 -12.56 32.58 -78.91
CA ASP A 630 -12.41 34.01 -79.10
C ASP A 630 -13.46 34.55 -80.06
N SER A 631 -13.85 35.81 -79.82
CA SER A 631 -14.83 36.48 -80.65
C SER A 631 -14.24 37.06 -81.93
N ASP A 632 -12.93 37.08 -82.07
CA ASP A 632 -12.26 37.64 -83.24
C ASP A 632 -11.76 36.55 -84.19
N VAL A 633 -12.51 35.46 -84.31
CA VAL A 633 -12.14 34.36 -85.20
C VAL A 633 -13.14 34.37 -86.35
N GLY A 634 -12.67 34.68 -87.55
CA GLY A 634 -13.52 34.66 -88.73
C GLY A 634 -14.29 35.93 -88.98
N VAL A 635 -13.62 37.07 -88.93
CA VAL A 635 -14.23 38.37 -89.20
C VAL A 635 -13.28 39.17 -90.08
N SER A 636 -13.83 39.88 -91.06
CA SER A 636 -13.07 40.78 -91.91
C SER A 636 -13.66 42.18 -91.82
N ILE A 637 -12.79 43.18 -91.75
CA ILE A 637 -13.17 44.57 -91.55
C ILE A 637 -12.94 45.35 -92.82
N SER A 638 -13.89 46.21 -93.17
CA SER A 638 -13.77 47.08 -94.33
C SER A 638 -14.33 48.46 -93.97
N TRP A 639 -13.92 49.47 -94.73
CA TRP A 639 -14.34 50.85 -94.51
C TRP A 639 -15.05 51.36 -95.74
N ASN A 640 -16.22 51.98 -95.55
CA ASN A 640 -17.00 52.57 -96.62
C ASN A 640 -16.90 54.09 -96.50
N SER A 641 -16.13 54.70 -97.40
CA SER A 641 -15.91 56.15 -97.35
C SER A 641 -17.12 56.94 -97.82
N THR A 642 -17.80 56.45 -98.86
CA THR A 642 -18.97 57.16 -99.38
C THR A 642 -20.08 57.24 -98.35
N LYS A 643 -20.16 56.27 -97.44
CA LYS A 643 -21.09 56.30 -96.34
C LYS A 643 -20.42 56.51 -94.99
N LYS A 644 -19.08 56.52 -94.95
CA LYS A 644 -18.32 56.79 -93.73
C LYS A 644 -18.68 55.81 -92.62
N THR A 645 -18.78 54.53 -92.95
CA THR A 645 -19.20 53.52 -91.98
C THR A 645 -18.28 52.30 -92.05
N MET A 646 -18.07 51.69 -90.89
CA MET A 646 -17.36 50.42 -90.84
C MET A 646 -18.29 49.31 -91.30
N GLU A 647 -17.69 48.21 -91.79
CA GLU A 647 -18.43 47.07 -92.26
C GLU A 647 -17.72 45.79 -91.85
N PHE A 648 -18.49 44.83 -91.35
CA PHE A 648 -17.97 43.54 -90.92
C PHE A 648 -18.52 42.45 -91.82
N SER A 649 -17.66 41.54 -92.26
CA SER A 649 -18.08 40.48 -93.17
C SER A 649 -17.49 39.15 -92.72
N ALA A 650 -18.18 38.07 -93.10
CA ALA A 650 -17.71 36.73 -92.80
C ALA A 650 -16.51 36.39 -93.67
N THR A 651 -15.62 35.57 -93.11
CA THR A 651 -14.41 35.18 -93.84
C THR A 651 -14.75 34.37 -95.08
N GLY A 652 -15.71 33.45 -94.97
CA GLY A 652 -16.10 32.60 -96.08
C GLY A 652 -15.55 31.19 -96.02
N GLU A 653 -14.61 30.92 -95.12
CA GLU A 653 -14.02 29.60 -94.97
C GLU A 653 -14.06 29.20 -93.50
N SER A 654 -14.15 27.89 -93.26
CA SER A 654 -14.23 27.39 -91.91
C SER A 654 -12.84 27.31 -91.28
N GLU A 655 -12.81 27.14 -89.97
CA GLU A 655 -11.57 27.02 -89.21
C GLU A 655 -11.62 25.75 -88.37
N ASP A 656 -10.44 25.17 -88.12
CA ASP A 656 -10.33 23.92 -87.38
C ASP A 656 -9.40 24.13 -86.20
N ILE A 657 -9.87 23.74 -85.01
CA ILE A 657 -9.09 23.78 -83.78
C ILE A 657 -9.15 22.42 -83.14
N LYS A 658 -8.03 21.97 -82.58
CA LYS A 658 -7.91 20.64 -81.99
C LYS A 658 -7.67 20.75 -80.50
N LEU A 659 -8.21 19.78 -79.76
CA LEU A 659 -8.17 19.79 -78.31
C LEU A 659 -7.73 18.43 -77.79
N HIS A 660 -6.90 18.44 -76.74
CA HIS A 660 -6.42 17.23 -76.09
C HIS A 660 -6.76 17.30 -74.61
N LEU A 661 -7.18 16.16 -74.05
CA LEU A 661 -7.84 16.16 -72.76
C LEU A 661 -7.79 14.76 -72.17
N VAL A 662 -7.26 14.64 -70.94
CA VAL A 662 -7.04 13.36 -70.30
C VAL A 662 -7.58 13.41 -68.87
N ASP A 663 -8.21 12.32 -68.44
CA ASP A 663 -8.69 12.22 -67.07
C ASP A 663 -7.52 11.95 -66.12
N ASN A 664 -7.50 12.68 -65.02
CA ASN A 664 -6.45 12.54 -64.03
C ASN A 664 -6.97 12.78 -62.62
N ALA A 665 -9.48 11.14 -61.81
CA ALA A 665 -10.13 11.25 -60.52
C ALA A 665 -9.20 10.75 -59.42
N MET A 666 -9.69 10.76 -58.17
CA MET A 666 -8.93 10.27 -57.04
C MET A 666 -9.52 8.93 -56.62
N GLU A 667 -8.76 7.85 -56.79
CA GLU A 667 -9.23 6.51 -56.49
C GLU A 667 -8.65 6.08 -55.15
N MET A 668 -9.53 5.70 -54.22
CA MET A 668 -9.14 5.41 -52.85
C MET A 668 -9.58 4.00 -52.48
N GLN A 669 -8.64 3.22 -51.94
CA GLN A 669 -8.91 1.86 -51.51
C GLN A 669 -9.60 1.87 -50.16
N ILE A 670 -10.68 1.10 -50.03
CA ILE A 670 -11.47 1.09 -48.80
C ILE A 670 -11.70 -0.36 -48.35
N GLY A 671 -11.43 -1.32 -49.23
CA GLY A 671 -11.69 -2.71 -48.96
C GLY A 671 -10.42 -3.53 -48.87
N ALA A 672 -10.59 -4.77 -48.39
CA ALA A 672 -9.51 -5.72 -48.26
C ALA A 672 -9.36 -6.60 -49.48
N ASN A 673 -10.17 -6.37 -50.52
CA ASN A 673 -10.08 -7.12 -51.77
C ASN A 673 -10.14 -6.14 -52.93
N GLU A 674 -10.19 -6.67 -54.14
CA GLU A 674 -10.12 -5.86 -55.33
C GLU A 674 -11.46 -5.17 -55.57
N GLY A 675 -11.44 -4.18 -56.46
CA GLY A 675 -12.66 -3.53 -56.89
C GLY A 675 -13.22 -2.52 -55.91
N GLN A 676 -12.96 -2.71 -54.63
CA GLN A 676 -13.52 -1.86 -53.59
C GLN A 676 -12.80 -0.52 -53.56
N THR A 677 -13.27 0.43 -54.38
CA THR A 677 -12.63 1.73 -54.50
C THR A 677 -13.67 2.83 -54.48
N ILE A 678 -13.23 4.01 -54.08
CA ILE A 678 -14.08 5.20 -54.02
C ILE A 678 -13.46 6.26 -54.93
N LEU A 679 -14.29 6.88 -55.76
CA LEU A 679 -13.86 7.91 -56.68
C LEU A 679 -14.23 9.28 -56.13
N ALA A 680 -13.24 10.16 -56.04
CA ALA A 680 -13.42 11.51 -55.51
C ALA A 680 -12.99 12.53 -56.56
N ASN A 681 -13.73 13.64 -56.63
CA ASN A 681 -13.48 14.70 -57.58
C ASN A 681 -13.55 16.05 -56.88
N ILE A 682 -12.73 16.99 -57.33
CA ILE A 682 -12.77 18.37 -56.84
C ILE A 682 -12.74 19.31 -58.04
N PRO A 683 -13.84 20.00 -58.33
CA PRO A 683 -13.87 20.87 -59.50
C PRO A 683 -12.92 22.06 -59.36
N GLN A 684 -12.46 22.56 -60.50
CA GLN A 684 -11.59 23.72 -60.52
C GLN A 684 -12.32 24.96 -60.05
N VAL A 685 -11.66 25.76 -59.21
CA VAL A 685 -12.24 26.97 -58.66
C VAL A 685 -11.23 28.11 -58.78
N ASP A 686 -11.66 29.21 -59.40
CA ASP A 686 -10.88 30.45 -59.49
C ASP A 686 -11.83 31.55 -59.94
N THR A 687 -11.28 32.72 -60.26
CA THR A 687 -12.11 33.82 -60.73
C THR A 687 -12.78 33.49 -62.06
N THR A 688 -12.05 32.80 -62.95
CA THR A 688 -12.62 32.46 -64.25
C THR A 688 -13.81 31.52 -64.11
N SER A 689 -13.71 30.52 -63.22
CA SER A 689 -14.81 29.58 -63.04
C SER A 689 -15.99 30.23 -62.34
N LEU A 690 -15.73 31.13 -61.41
CA LEU A 690 -16.81 31.84 -60.72
C LEU A 690 -17.51 32.86 -61.61
N GLY A 691 -16.93 33.22 -62.74
CA GLY A 691 -17.56 34.14 -63.67
C GLY A 691 -17.70 35.55 -63.19
N ILE A 692 -16.67 36.08 -62.54
CA ILE A 692 -16.64 37.48 -62.12
C ILE A 692 -15.39 38.12 -62.67
N ASP A 693 -14.90 37.60 -63.78
CA ASP A 693 -13.56 37.94 -64.27
C ASP A 693 -13.45 39.40 -64.73
N ASP A 694 -14.50 39.93 -65.37
CA ASP A 694 -14.39 41.24 -65.98
C ASP A 694 -15.43 42.20 -65.38
N ILE A 695 -15.46 42.30 -64.05
CA ILE A 695 -16.41 43.16 -63.37
C ILE A 695 -15.75 44.52 -63.12
N LEU A 696 -16.46 45.59 -63.48
CA LEU A 696 -15.99 46.96 -63.29
C LEU A 696 -16.95 47.74 -62.42
N MET A 697 -16.40 48.72 -61.68
CA MET A 697 -17.17 49.65 -60.85
C MET A 697 -16.70 51.04 -61.22
N VAL A 698 -17.25 51.59 -62.31
CA VAL A 698 -16.78 52.86 -62.83
C VAL A 698 -17.92 53.85 -62.98
N ASP A 699 -19.01 53.42 -63.64
CA ASP A 699 -20.15 54.27 -63.88
C ASP A 699 -21.32 53.86 -62.99
N GLN A 700 -22.43 54.57 -63.13
CA GLN A 700 -23.63 54.25 -62.36
C GLN A 700 -24.55 53.29 -63.14
N GLU A 701 -23.96 52.22 -63.68
CA GLU A 701 -24.76 51.17 -64.32
C GLU A 701 -24.30 49.75 -64.05
N LEU A 702 -23.05 49.51 -63.69
CA LEU A 702 -22.50 48.16 -63.62
C LEU A 702 -22.69 47.48 -62.27
N ALA A 703 -23.00 48.25 -61.22
CA ALA A 703 -23.10 47.68 -59.89
C ALA A 703 -24.24 46.68 -59.79
N GLN A 704 -25.31 46.85 -60.57
CA GLN A 704 -26.43 45.92 -60.52
C GLN A 704 -26.01 44.55 -61.03
N GLU A 705 -25.35 44.52 -62.20
CA GLU A 705 -24.80 43.27 -62.72
C GLU A 705 -23.81 42.67 -61.73
N SER A 706 -23.01 43.53 -61.08
CA SER A 706 -22.09 43.05 -60.06
C SER A 706 -22.83 42.30 -58.95
N ILE A 707 -23.94 42.88 -58.47
CA ILE A 707 -24.70 42.26 -57.39
C ILE A 707 -25.23 40.90 -57.82
N THR A 708 -25.81 40.83 -59.02
CA THR A 708 -26.36 39.56 -59.49
C THR A 708 -25.28 38.50 -59.62
N LYS A 709 -24.13 38.86 -60.22
CA LYS A 709 -23.05 37.91 -60.40
C LYS A 709 -22.52 37.41 -59.06
N LEU A 710 -22.39 38.33 -58.09
CA LEU A 710 -21.91 37.93 -56.77
C LEU A 710 -22.87 36.95 -56.10
N ASP A 711 -24.18 37.19 -56.23
CA ASP A 711 -25.14 36.25 -55.67
C ASP A 711 -24.97 34.86 -56.28
N LYS A 712 -24.84 34.79 -57.61
CA LYS A 712 -24.69 33.49 -58.25
C LYS A 712 -23.40 32.80 -57.81
N ALA A 713 -22.32 33.56 -57.66
CA ALA A 713 -21.06 32.98 -57.20
C ALA A 713 -21.19 32.40 -55.80
N LEU A 714 -21.88 33.12 -54.90
CA LEU A 714 -22.13 32.59 -53.57
C LEU A 714 -22.86 31.26 -53.64
N GLU A 715 -23.88 31.18 -54.50
CA GLU A 715 -24.62 29.93 -54.66
C GLU A 715 -23.70 28.79 -55.09
N THR A 716 -22.84 29.04 -56.08
CA THR A 716 -21.97 27.99 -56.58
C THR A 716 -21.00 27.50 -55.50
N VAL A 717 -20.42 28.43 -54.73
CA VAL A 717 -19.49 28.04 -53.67
C VAL A 717 -20.21 27.19 -52.63
N SER A 718 -21.43 27.57 -52.27
CA SER A 718 -22.19 26.77 -51.30
C SER A 718 -22.43 25.36 -51.83
N GLY A 719 -22.74 25.23 -53.12
CA GLY A 719 -22.94 23.90 -53.68
C GLY A 719 -21.70 23.03 -53.59
N VAL A 720 -20.53 23.61 -53.90
CA VAL A 720 -19.29 22.84 -53.81
C VAL A 720 -19.05 22.37 -52.38
N ARG A 721 -19.26 23.27 -51.41
CA ARG A 721 -19.09 22.88 -50.01
C ARG A 721 -20.04 21.74 -49.64
N ALA A 722 -21.28 21.78 -50.12
CA ALA A 722 -22.22 20.71 -49.82
C ALA A 722 -21.75 19.37 -50.36
N THR A 723 -21.21 19.36 -51.58
CA THR A 723 -20.69 18.11 -52.14
C THR A 723 -19.58 17.54 -51.26
N ILE A 724 -18.63 18.40 -50.86
CA ILE A 724 -17.52 17.92 -50.04
C ILE A 724 -18.04 17.35 -48.72
N GLY A 725 -19.00 18.03 -48.10
CA GLY A 725 -19.56 17.54 -46.84
C GLY A 725 -20.23 16.19 -46.98
N ALA A 726 -20.98 16.00 -48.07
CA ALA A 726 -21.64 14.71 -48.29
C ALA A 726 -20.60 13.58 -48.38
N GLN A 727 -19.54 13.80 -49.16
CA GLN A 727 -18.55 12.74 -49.30
C GLN A 727 -17.85 12.44 -47.97
N ILE A 728 -17.51 13.48 -47.21
CA ILE A 728 -16.80 13.23 -45.95
C ILE A 728 -17.69 12.49 -44.97
N ASN A 729 -19.00 12.81 -44.95
CA ASN A 729 -19.91 12.07 -44.07
C ASN A 729 -20.00 10.60 -44.47
N ARG A 730 -20.05 10.32 -45.77
CA ARG A 730 -20.07 8.93 -46.22
C ARG A 730 -18.84 8.18 -45.73
N LEU A 731 -17.66 8.78 -45.87
CA LEU A 731 -16.45 8.11 -45.41
C LEU A 731 -16.47 7.89 -43.89
N GLU A 732 -16.95 8.90 -43.15
CA GLU A 732 -16.99 8.78 -41.70
C GLU A 732 -17.88 7.62 -41.26
N TYR A 733 -19.05 7.48 -41.88
CA TYR A 733 -19.88 6.31 -41.58
C TYR A 733 -19.20 5.01 -41.97
N THR A 734 -18.55 4.95 -43.13
CA THR A 734 -18.02 3.65 -43.54
C THR A 734 -16.78 3.25 -42.74
N MET A 735 -16.20 4.15 -41.95
CA MET A 735 -14.97 3.79 -41.22
C MET A 735 -15.18 2.73 -40.13
N THR A 736 -16.31 2.75 -39.42
CA THR A 736 -16.44 1.96 -38.18
C THR A 736 -16.67 0.46 -38.42
N GLY A 737 -17.29 0.11 -39.55
CA GLY A 737 -17.56 -1.29 -39.82
C GLY A 737 -16.30 -2.12 -39.90
N LEU A 738 -15.20 -1.51 -40.34
CA LEU A 738 -13.92 -2.22 -40.38
C LEU A 738 -13.47 -2.61 -38.99
N ASP A 739 -13.59 -1.70 -38.02
CA ASP A 739 -13.22 -2.03 -36.65
C ASP A 739 -14.11 -3.12 -36.08
N THR A 740 -15.42 -3.04 -36.35
CA THR A 740 -16.33 -4.08 -35.86
C THR A 740 -15.96 -5.45 -36.43
N THR A 741 -15.70 -5.50 -37.74
CA THR A 741 -15.34 -6.76 -38.39
C THR A 741 -13.99 -7.27 -37.89
N ARG A 742 -13.04 -6.36 -37.64
CA ARG A 742 -11.75 -6.76 -37.09
C ARG A 742 -11.93 -7.42 -35.72
N GLU A 743 -12.74 -6.80 -34.85
CA GLU A 743 -13.01 -7.40 -33.55
C GLU A 743 -13.57 -8.81 -33.72
N ASN A 744 -14.63 -8.95 -34.53
CA ASN A 744 -15.29 -10.25 -34.65
C ASN A 744 -14.35 -11.30 -35.22
N LEU A 745 -13.58 -10.94 -36.25
CA LEU A 745 -12.72 -11.94 -36.90
C LEU A 745 -11.48 -12.26 -36.09
N THR A 746 -10.92 -11.32 -35.33
CA THR A 746 -9.80 -11.66 -34.47
C THR A 746 -10.27 -12.48 -33.29
N ALA A 747 -11.51 -12.30 -32.85
CA ALA A 747 -12.08 -13.22 -31.86
C ALA A 747 -12.27 -14.61 -32.45
N ALA A 748 -12.73 -14.69 -33.71
CA ALA A 748 -12.95 -15.97 -34.34
C ALA A 748 -11.65 -16.73 -34.57
N GLU A 749 -10.59 -16.03 -34.99
CA GLU A 749 -9.34 -16.71 -35.27
C GLU A 749 -8.66 -17.20 -34.00
N SER A 750 -8.77 -16.45 -32.91
CA SER A 750 -8.18 -16.88 -31.64
C SER A 750 -9.10 -17.85 -30.92
N ARG A 751 -9.53 -18.89 -31.63
CA ARG A 751 -10.19 -20.04 -31.03
C ARG A 751 -9.48 -21.34 -31.30
N ILE A 752 -8.44 -21.32 -32.14
CA ILE A 752 -7.59 -22.48 -32.40
C ILE A 752 -6.15 -22.17 -31.96
N ARG A 753 -6.00 -21.19 -31.06
CA ARG A 753 -4.68 -20.75 -30.64
C ARG A 753 -4.01 -21.79 -29.74
N ASP A 754 -4.61 -22.07 -28.60
CA ASP A 754 -4.10 -23.09 -27.70
C ASP A 754 -5.22 -23.55 -26.78
N LEU A 755 -5.02 -24.74 -26.21
CA LEU A 755 -6.00 -25.29 -25.27
C LEU A 755 -6.01 -24.46 -23.99
N ASP A 756 -7.14 -24.50 -23.29
CA ASP A 756 -7.17 -23.99 -21.92
C ASP A 756 -6.12 -24.73 -21.11
N ILE A 757 -5.12 -23.98 -20.63
CA ILE A 757 -3.85 -24.53 -20.15
C ILE A 757 -4.03 -25.65 -19.14
N ALA A 758 -5.19 -25.68 -18.47
CA ALA A 758 -5.42 -26.66 -17.41
C ALA A 758 -5.35 -28.10 -17.93
N ASP A 759 -5.97 -28.38 -19.07
CA ASP A 759 -6.01 -29.75 -19.56
C ASP A 759 -4.65 -30.20 -20.06
N GLU A 760 -3.90 -29.30 -20.71
CA GLU A 760 -2.54 -29.63 -21.12
C GLU A 760 -1.66 -29.90 -19.90
N MET A 761 -1.82 -29.10 -18.84
CA MET A 761 -1.11 -29.37 -17.60
C MET A 761 -1.48 -30.74 -17.04
N ALA A 762 -2.76 -31.09 -17.08
CA ALA A 762 -3.19 -32.39 -16.56
C ALA A 762 -2.58 -33.54 -17.36
N LYS A 763 -2.55 -33.41 -18.69
CA LYS A 763 -1.93 -34.43 -19.53
C LYS A 763 -0.45 -34.58 -19.19
N PHE A 764 0.25 -33.45 -19.04
CA PHE A 764 1.66 -33.47 -18.69
C PHE A 764 1.87 -34.18 -17.35
N THR A 765 1.05 -33.84 -16.36
CA THR A 765 1.20 -34.43 -15.03
C THR A 765 0.98 -35.94 -15.08
N LYS A 766 -0.08 -36.37 -15.77
CA LYS A 766 -0.40 -37.80 -15.82
C LYS A 766 0.71 -38.58 -16.50
N ASN A 767 1.20 -38.08 -17.65
CA ASN A 767 2.27 -38.79 -18.35
C ASN A 767 3.54 -38.83 -17.52
N GLN A 768 3.87 -37.73 -16.85
CA GLN A 768 5.05 -37.69 -16.00
C GLN A 768 4.95 -38.70 -14.86
N ILE A 769 3.75 -38.84 -14.27
CA ILE A 769 3.56 -39.82 -13.22
C ILE A 769 3.75 -41.23 -13.76
N LEU A 770 3.21 -41.51 -14.96
CA LEU A 770 3.23 -42.87 -15.49
C LEU A 770 4.63 -43.32 -15.93
N ALA A 771 5.46 -42.37 -16.38
CA ALA A 771 6.79 -42.73 -16.87
C ALA A 771 7.64 -43.38 -15.78
N GLN A 772 7.60 -42.84 -14.56
CA GLN A 772 8.44 -43.38 -13.49
C GLN A 772 8.02 -44.80 -13.11
N SER A 773 6.72 -45.08 -13.12
CA SER A 773 6.26 -46.44 -12.90
C SER A 773 6.79 -47.38 -13.97
N ASN A 774 6.76 -46.93 -15.23
CA ASN A 774 7.37 -47.74 -16.29
C ASN A 774 8.82 -48.04 -15.99
N ILE A 775 9.58 -47.03 -15.57
CA ILE A 775 11.01 -47.21 -15.34
C ILE A 775 11.26 -48.20 -14.21
N SER A 776 10.52 -48.07 -13.11
CA SER A 776 10.71 -48.97 -11.98
C SER A 776 10.37 -50.40 -12.36
N MET A 777 9.26 -50.61 -13.08
CA MET A 777 8.90 -51.96 -13.50
C MET A 777 9.94 -52.54 -14.44
N LEU A 778 10.50 -51.71 -15.32
CA LEU A 778 11.56 -52.18 -16.20
C LEU A 778 12.78 -52.63 -15.39
N ALA A 779 13.13 -51.86 -14.35
CA ALA A 779 14.26 -52.24 -13.51
C ALA A 779 14.03 -53.60 -12.86
N GLN A 780 12.84 -53.80 -12.28
CA GLN A 780 12.59 -55.08 -11.62
C GLN A 780 12.54 -56.23 -12.62
N ALA A 781 12.01 -55.99 -13.82
CA ALA A 781 11.98 -57.01 -14.84
C ALA A 781 13.38 -57.42 -15.26
N ASN A 782 14.28 -56.44 -15.40
CA ASN A 782 15.68 -56.78 -15.65
C ASN A 782 16.27 -57.58 -14.50
N SER A 783 15.91 -57.24 -13.26
CA SER A 783 16.55 -57.85 -12.11
C SER A 783 16.18 -59.33 -11.97
N LEU A 784 14.89 -59.64 -12.05
CA LEU A 784 14.39 -60.90 -11.47
C LEU A 784 14.90 -62.17 -12.15
N PRO A 785 14.55 -62.45 -13.41
CA PRO A 785 14.62 -63.85 -13.89
C PRO A 785 16.02 -64.44 -13.94
N GLN A 786 17.01 -63.67 -14.40
CA GLN A 786 18.35 -64.22 -14.51
C GLN A 786 18.94 -64.51 -13.14
N MET A 787 18.68 -63.65 -12.16
CA MET A 787 19.12 -63.95 -10.79
C MET A 787 18.44 -65.20 -10.27
N ALA A 788 17.14 -65.35 -10.54
CA ALA A 788 16.45 -66.57 -10.09
C ALA A 788 17.09 -67.81 -10.70
N LEU A 789 17.35 -67.78 -12.00
CA LEU A 789 17.93 -68.93 -12.69
C LEU A 789 19.34 -69.23 -12.17
N SER A 790 20.14 -68.19 -11.94
CA SER A 790 21.48 -68.39 -11.39
C SER A 790 21.41 -68.98 -9.99
N LEU A 791 20.39 -68.62 -9.22
CA LEU A 791 20.16 -69.29 -7.94
C LEU A 791 19.85 -70.76 -8.14
N LEU A 792 19.07 -71.09 -9.17
CA LEU A 792 18.75 -72.49 -9.44
C LEU A 792 20.00 -73.30 -9.77
N GLY A 793 20.88 -72.75 -10.61
CA GLY A 793 22.05 -73.46 -11.08
C GLY A 793 22.98 -73.97 -10.00
N ALA B 2 31.28 -125.64 -14.68
CA ALA B 2 32.55 -125.23 -14.11
C ALA B 2 32.88 -123.79 -14.47
N MET B 3 34.03 -123.31 -14.00
CA MET B 3 34.50 -121.97 -14.30
C MET B 3 35.80 -122.02 -15.08
N TYR B 4 36.00 -121.03 -15.93
CA TYR B 4 37.05 -121.08 -16.95
C TYR B 4 38.06 -119.97 -16.74
N ILE B 5 38.98 -119.83 -17.69
CA ILE B 5 40.01 -118.81 -17.69
C ILE B 5 39.95 -118.07 -19.02
N ASN B 6 40.08 -116.74 -18.96
CA ASN B 6 40.06 -115.87 -20.15
C ASN B 6 38.70 -115.88 -20.82
N THR B 7 37.63 -115.87 -20.02
CA THR B 7 36.26 -115.82 -20.52
C THR B 7 35.43 -114.85 -19.69
N ASN B 8 35.99 -113.67 -19.42
CA ASN B 8 35.37 -112.69 -18.53
C ASN B 8 34.32 -111.87 -19.31
N VAL B 9 33.21 -112.56 -19.63
CA VAL B 9 32.12 -111.90 -20.36
C VAL B 9 31.47 -110.77 -19.56
N PRO B 10 31.15 -110.93 -18.27
CA PRO B 10 30.52 -109.81 -17.54
C PRO B 10 31.36 -108.54 -17.55
N SER B 11 32.69 -108.68 -17.55
CA SER B 11 33.54 -107.50 -17.68
C SER B 11 33.30 -106.81 -19.02
N LEU B 12 33.14 -107.58 -20.09
CA LEU B 12 32.86 -106.98 -21.40
C LEU B 12 31.53 -106.24 -21.40
N THR B 13 30.50 -106.85 -20.81
CA THR B 13 29.19 -106.18 -20.76
C THR B 13 29.26 -104.90 -19.93
N ALA B 14 29.95 -104.94 -18.79
CA ALA B 14 30.10 -103.75 -17.96
C ALA B 14 30.87 -102.66 -18.71
N GLN B 15 31.90 -103.04 -19.46
CA GLN B 15 32.63 -102.07 -20.25
C GLN B 15 31.73 -101.40 -21.28
N ARG B 16 30.89 -102.19 -21.95
CA ARG B 16 29.94 -101.62 -22.91
C ARG B 16 29.04 -100.59 -22.23
N TYR B 17 28.40 -100.99 -21.12
CA TYR B 17 27.45 -100.09 -20.46
C TYR B 17 28.14 -98.83 -19.98
N LEU B 18 29.35 -98.95 -19.43
CA LEU B 18 30.13 -97.78 -19.06
C LEU B 18 30.39 -96.90 -20.27
N GLY B 19 30.59 -97.49 -21.45
CA GLY B 19 30.77 -96.69 -22.64
C GLY B 19 29.57 -95.82 -22.96
N GLU B 20 28.37 -96.41 -22.95
CA GLU B 20 27.20 -95.57 -23.22
C GLU B 20 27.00 -94.52 -22.13
N THR B 21 27.29 -94.88 -20.86
CA THR B 21 27.12 -93.90 -19.79
C THR B 21 28.04 -92.71 -19.99
N ASN B 22 29.31 -92.97 -20.35
CA ASN B 22 30.24 -91.88 -20.59
C ASN B 22 29.80 -91.02 -21.77
N ASN B 23 29.30 -91.66 -22.84
CA ASN B 23 28.81 -90.90 -23.98
C ASN B 23 27.68 -89.95 -23.58
N ALA B 24 26.73 -90.46 -22.80
CA ALA B 24 25.61 -89.63 -22.36
C ALA B 24 26.08 -88.47 -21.50
N VAL B 25 27.02 -88.74 -20.59
CA VAL B 25 27.54 -87.67 -19.72
C VAL B 25 28.21 -86.59 -20.57
N SER B 26 29.01 -86.99 -21.55
CA SER B 26 29.70 -86.02 -22.39
C SER B 26 28.70 -85.17 -23.17
N LYS B 27 27.67 -85.80 -23.73
CA LYS B 27 26.68 -85.03 -24.49
C LYS B 27 25.95 -84.03 -23.60
N SER B 28 25.56 -84.46 -22.40
CA SER B 28 24.85 -83.55 -21.50
C SER B 28 25.73 -82.37 -21.11
N LEU B 29 27.00 -82.64 -20.82
CA LEU B 29 27.91 -81.55 -20.45
C LEU B 29 28.10 -80.57 -21.60
N GLU B 30 28.27 -81.10 -22.82
CA GLU B 30 28.37 -80.23 -23.99
C GLU B 30 27.14 -79.35 -24.14
N ARG B 31 25.94 -79.94 -24.04
CA ARG B 31 24.73 -79.17 -24.23
C ARG B 31 24.58 -78.08 -23.17
N LEU B 32 24.83 -78.41 -21.91
CA LEU B 32 24.59 -77.44 -20.86
C LEU B 32 25.65 -76.34 -20.88
N SER B 33 26.90 -76.69 -21.22
CA SER B 33 27.93 -75.67 -21.36
C SER B 33 27.61 -74.72 -22.50
N SER B 34 27.14 -75.26 -23.64
CA SER B 34 26.81 -74.40 -24.78
C SER B 34 25.62 -73.51 -24.46
N GLY B 35 24.62 -74.03 -23.75
CA GLY B 35 23.41 -73.27 -23.51
C GLY B 35 22.46 -73.24 -24.68
N LEU B 36 22.63 -74.14 -25.65
CA LEU B 36 21.77 -74.24 -26.82
C LEU B 36 21.24 -75.64 -26.91
N ARG B 37 20.04 -75.78 -27.51
CA ARG B 37 19.42 -77.10 -27.65
C ARG B 37 20.05 -77.90 -28.77
N ILE B 38 19.93 -77.40 -30.00
CA ILE B 38 20.26 -78.22 -31.17
C ILE B 38 21.77 -78.28 -31.38
N ASN B 39 22.39 -77.15 -31.70
CA ASN B 39 23.79 -77.09 -32.09
C ASN B 39 24.10 -78.10 -33.19
N SER B 40 25.39 -78.37 -33.41
CA SER B 40 25.86 -79.39 -34.34
C SER B 40 25.09 -79.39 -35.66
N ALA B 41 24.90 -80.57 -36.25
CA ALA B 41 24.00 -80.73 -37.37
C ALA B 41 23.16 -82.00 -37.31
N SER B 42 23.36 -82.85 -36.30
CA SER B 42 22.72 -84.15 -36.27
C SER B 42 21.72 -84.30 -35.13
N ASP B 43 21.66 -83.36 -34.20
CA ASP B 43 20.67 -83.45 -33.11
C ASP B 43 19.27 -83.30 -33.66
N ASP B 44 19.05 -82.33 -34.54
CA ASP B 44 17.78 -82.15 -35.22
C ASP B 44 18.04 -81.66 -36.64
N ALA B 45 17.26 -82.18 -37.59
CA ALA B 45 17.42 -81.81 -38.99
C ALA B 45 16.32 -80.90 -39.50
N SER B 46 15.44 -80.41 -38.63
CA SER B 46 14.29 -79.62 -39.05
C SER B 46 14.31 -78.18 -38.55
N GLY B 47 14.81 -77.93 -37.35
CA GLY B 47 14.74 -76.59 -36.77
C GLY B 47 15.70 -75.59 -37.39
N LEU B 48 16.74 -76.07 -38.07
CA LEU B 48 17.77 -75.18 -38.57
C LEU B 48 17.22 -74.19 -39.60
N ALA B 49 16.41 -74.68 -40.55
CA ALA B 49 15.88 -73.81 -41.59
C ALA B 49 14.95 -72.75 -41.01
N ILE B 50 14.08 -73.16 -40.09
CA ILE B 50 13.17 -72.22 -39.45
C ILE B 50 13.97 -71.16 -38.68
N SER B 51 14.99 -71.60 -37.94
CA SER B 51 15.80 -70.65 -37.18
C SER B 51 16.50 -69.65 -38.09
N GLU B 52 17.08 -70.13 -39.19
CA GLU B 52 17.77 -69.23 -40.11
C GLU B 52 16.83 -68.22 -40.72
N LYS B 53 15.65 -68.68 -41.17
CA LYS B 53 14.68 -67.77 -41.78
C LYS B 53 14.21 -66.72 -40.77
N LEU B 54 13.95 -67.14 -39.52
CA LEU B 54 13.50 -66.20 -38.51
C LEU B 54 14.59 -65.18 -38.18
N ARG B 55 15.85 -65.62 -38.11
CA ARG B 55 16.94 -64.68 -37.85
C ARG B 55 17.03 -63.63 -38.97
N GLY B 56 16.94 -64.09 -40.22
CA GLY B 56 16.99 -63.16 -41.33
C GLY B 56 15.85 -62.15 -41.29
N GLN B 57 14.64 -62.62 -40.98
CA GLN B 57 13.51 -61.70 -40.88
C GLN B 57 13.70 -60.69 -39.76
N ILE B 58 14.23 -61.11 -38.61
CA ILE B 58 14.45 -60.18 -37.51
C ILE B 58 15.44 -59.09 -37.92
N SER B 59 16.54 -59.50 -38.56
CA SER B 59 17.54 -58.51 -39.00
C SER B 59 16.93 -57.52 -40.00
N GLY B 60 16.16 -58.03 -40.96
CA GLY B 60 15.54 -57.14 -41.93
C GLY B 60 14.58 -56.16 -41.28
N LEU B 61 13.80 -56.63 -40.31
CA LEU B 61 12.87 -55.73 -39.63
C LEU B 61 13.60 -54.63 -38.89
N LYS B 62 14.72 -54.97 -38.24
CA LYS B 62 15.51 -53.95 -37.56
C LYS B 62 16.02 -52.90 -38.54
N ARG B 63 16.52 -53.35 -39.69
CA ARG B 63 17.04 -52.40 -40.67
C ARG B 63 15.94 -51.48 -41.19
N ALA B 64 14.75 -52.03 -41.45
CA ALA B 64 13.63 -51.19 -41.87
C ALA B 64 13.25 -50.18 -40.80
N SER B 65 13.30 -50.59 -39.53
CA SER B 65 13.01 -49.68 -38.43
C SER B 65 13.96 -48.50 -38.43
N LEU B 66 15.25 -48.74 -38.68
CA LEU B 66 16.18 -47.62 -38.79
C LEU B 66 15.87 -46.73 -39.99
N ASN B 67 15.58 -47.35 -41.14
CA ASN B 67 15.31 -46.58 -42.35
C ASN B 67 14.12 -45.64 -42.18
N ALA B 68 13.14 -46.03 -41.35
CA ALA B 68 11.96 -45.18 -41.17
C ALA B 68 12.32 -43.80 -40.62
N GLN B 69 13.09 -43.75 -39.53
CA GLN B 69 13.49 -42.46 -38.95
C GLN B 69 14.43 -41.72 -39.88
N ASP B 70 15.33 -42.46 -40.54
CA ASP B 70 16.17 -41.84 -41.57
C ASP B 70 15.30 -41.07 -42.57
N GLY B 71 14.17 -41.65 -42.94
CA GLY B 71 13.26 -40.96 -43.86
C GLY B 71 12.57 -39.76 -43.23
N ILE B 72 12.12 -39.88 -41.98
CA ILE B 72 11.29 -38.83 -41.39
C ILE B 72 12.07 -37.52 -41.23
N SER B 73 13.37 -37.61 -40.93
CA SER B 73 14.15 -36.39 -40.69
C SER B 73 14.11 -35.43 -41.89
N LEU B 74 14.20 -35.99 -43.10
CA LEU B 74 14.24 -35.17 -44.31
C LEU B 74 12.96 -34.36 -44.49
N LEU B 75 11.82 -35.00 -44.27
CA LEU B 75 10.55 -34.30 -44.39
C LEU B 75 10.42 -33.20 -43.34
N GLN B 76 10.93 -33.46 -42.13
CA GLN B 76 10.92 -32.39 -41.13
C GLN B 76 11.70 -31.16 -41.62
N THR B 77 12.87 -31.39 -42.22
CA THR B 77 13.64 -30.26 -42.76
C THR B 77 12.87 -29.52 -43.85
N ALA B 78 12.24 -30.28 -44.74
CA ALA B 78 11.49 -29.66 -45.84
C ALA B 78 10.35 -28.79 -45.31
N GLU B 79 9.62 -29.28 -44.31
CA GLU B 79 8.49 -28.50 -43.81
C GLU B 79 8.97 -27.24 -43.10
N GLY B 80 10.12 -27.31 -42.42
CA GLY B 80 10.69 -26.09 -41.86
C GLY B 80 10.97 -25.04 -42.91
N GLY B 81 11.63 -25.45 -44.00
CA GLY B 81 11.90 -24.49 -45.08
C GLY B 81 10.64 -23.90 -45.67
N LEU B 82 9.64 -24.75 -45.91
CA LEU B 82 8.37 -24.27 -46.47
C LEU B 82 7.69 -23.28 -45.53
N GLN B 83 7.77 -23.53 -44.23
CA GLN B 83 7.17 -22.61 -43.26
C GLN B 83 7.84 -21.24 -43.34
N ASN B 84 9.16 -21.21 -43.46
CA ASN B 84 9.83 -19.91 -43.59
C ASN B 84 9.36 -19.17 -44.84
N ILE B 85 9.26 -19.88 -45.98
CA ILE B 85 8.81 -19.23 -47.21
C ILE B 85 7.40 -18.68 -47.04
N GLN B 86 6.51 -19.47 -46.44
CA GLN B 86 5.13 -19.05 -46.24
C GLN B 86 5.06 -17.83 -45.34
N ASP B 87 5.92 -17.76 -44.33
CA ASP B 87 5.96 -16.58 -43.47
C ASP B 87 6.34 -15.34 -44.26
N MET B 88 7.31 -15.46 -45.17
CA MET B 88 7.71 -14.29 -45.95
C MET B 88 6.59 -13.81 -46.87
N LEU B 89 5.87 -14.76 -47.48
CA LEU B 89 4.90 -14.39 -48.51
C LEU B 89 3.79 -13.50 -47.95
N GLN B 90 3.39 -13.72 -46.70
CA GLN B 90 2.28 -12.94 -46.16
C GLN B 90 2.69 -11.50 -45.86
N ARG B 91 3.92 -11.29 -45.39
CA ARG B 91 4.41 -9.92 -45.25
C ARG B 91 4.46 -9.22 -46.60
N MET B 92 4.86 -9.95 -47.65
CA MET B 92 4.80 -9.36 -48.98
C MET B 92 3.38 -8.92 -49.32
N ARG B 93 2.39 -9.78 -49.06
CA ARG B 93 1.01 -9.43 -49.39
C ARG B 93 0.51 -8.24 -48.56
N GLU B 94 0.90 -8.18 -47.29
CA GLU B 94 0.51 -7.05 -46.44
C GLU B 94 1.05 -5.74 -46.98
N LEU B 95 2.35 -5.71 -47.29
CA LEU B 95 2.89 -4.47 -47.84
C LEU B 95 2.38 -4.21 -49.25
N ALA B 96 1.85 -5.23 -49.91
CA ALA B 96 1.17 -5.02 -51.20
C ALA B 96 -0.15 -4.27 -51.01
N VAL B 97 -0.97 -4.73 -50.06
CA VAL B 97 -2.24 -4.06 -49.83
C VAL B 97 -2.03 -2.68 -49.20
N GLN B 98 -0.84 -2.43 -48.64
CA GLN B 98 -0.48 -1.08 -48.20
C GLN B 98 -0.68 -0.06 -49.32
N ALA B 99 -0.11 -0.32 -50.48
CA ALA B 99 -0.18 0.63 -51.59
C ALA B 99 -1.51 0.49 -52.34
N GLY B 100 -1.81 1.51 -53.13
CA GLY B 100 -3.03 1.51 -53.93
C GLY B 100 -3.79 2.82 -53.82
N ASN B 101 -3.64 3.50 -52.69
CA ASN B 101 -4.31 4.79 -52.48
C ASN B 101 -3.58 5.88 -53.25
N GLY B 102 -4.35 6.88 -53.69
CA GLY B 102 -3.67 8.07 -54.19
C GLY B 102 -3.54 9.11 -53.10
N VAL B 103 -2.43 9.06 -52.37
CA VAL B 103 -1.99 10.13 -51.49
C VAL B 103 -0.49 10.27 -51.69
N TYR B 104 0.11 9.27 -52.33
CA TYR B 104 1.54 9.17 -52.52
C TYR B 104 1.94 9.73 -53.87
N THR B 105 3.17 10.22 -53.96
CA THR B 105 3.74 10.65 -55.23
C THR B 105 4.27 9.42 -55.97
N THR B 106 5.03 9.64 -57.04
CA THR B 106 5.59 8.55 -57.82
C THR B 106 6.90 8.02 -57.25
N ASN B 107 7.44 8.64 -56.20
CA ASN B 107 8.67 8.17 -55.58
C ASN B 107 8.43 7.19 -54.42
N ASP B 108 7.31 7.34 -53.72
CA ASP B 108 6.98 6.41 -52.64
C ASP B 108 6.79 4.99 -53.17
N ARG B 109 6.14 4.87 -54.33
CA ARG B 109 5.97 3.56 -54.95
C ARG B 109 7.31 2.94 -55.29
N ALA B 110 8.25 3.74 -55.81
CA ALA B 110 9.57 3.22 -56.12
C ALA B 110 10.33 2.77 -54.87
N GLU B 111 10.25 3.57 -53.80
CA GLU B 111 10.98 3.18 -52.59
C GLU B 111 10.36 1.97 -51.92
N ILE B 112 9.06 1.72 -52.14
CA ILE B 112 8.47 0.45 -51.74
C ILE B 112 8.97 -0.67 -52.65
N GLN B 113 9.09 -0.40 -53.95
CA GLN B 113 9.48 -1.42 -54.91
C GLN B 113 10.88 -1.94 -54.63
N LYS B 114 11.77 -1.07 -54.15
CA LYS B 114 13.14 -1.52 -53.84
C LYS B 114 13.13 -2.66 -52.83
N GLU B 115 12.45 -2.46 -51.70
CA GLU B 115 12.41 -3.50 -50.68
C GLU B 115 11.57 -4.70 -51.12
N VAL B 116 10.56 -4.50 -51.96
CA VAL B 116 9.84 -5.65 -52.51
C VAL B 116 10.78 -6.52 -53.33
N ASP B 117 11.61 -5.89 -54.17
CA ASP B 117 12.55 -6.63 -54.99
C ASP B 117 13.56 -7.36 -54.12
N GLN B 118 14.04 -6.71 -53.05
CA GLN B 118 14.98 -7.39 -52.16
C GLN B 118 14.33 -8.58 -51.47
N LEU B 119 13.05 -8.47 -51.10
CA LEU B 119 12.35 -9.61 -50.51
C LEU B 119 12.23 -10.76 -51.51
N LYS B 120 11.97 -10.43 -52.78
CA LYS B 120 11.91 -11.49 -53.80
C LYS B 120 13.26 -12.17 -53.96
N GLU B 121 14.35 -11.40 -53.92
CA GLU B 121 15.67 -12.01 -53.98
C GLU B 121 15.90 -12.92 -52.77
N GLU B 122 15.45 -12.48 -51.60
CA GLU B 122 15.58 -13.31 -50.40
C GLU B 122 14.81 -14.62 -50.55
N ILE B 123 13.60 -14.57 -51.08
CA ILE B 123 12.81 -15.79 -51.21
C ILE B 123 13.44 -16.73 -52.23
N ASN B 124 14.02 -16.18 -53.30
CA ASN B 124 14.76 -17.04 -54.23
C ASN B 124 15.95 -17.70 -53.53
N ARG B 125 16.69 -16.94 -52.73
CA ARG B 125 17.84 -17.51 -52.04
C ARG B 125 17.41 -18.63 -51.09
N ILE B 126 16.33 -18.40 -50.33
CA ILE B 126 15.89 -19.42 -49.37
C ILE B 126 15.34 -20.63 -50.11
N ALA B 127 14.76 -20.44 -51.30
CA ALA B 127 14.37 -21.58 -52.11
C ALA B 127 15.58 -22.38 -52.57
N SER B 128 16.68 -21.69 -52.86
CA SER B 128 17.87 -22.35 -53.39
C SER B 128 18.87 -22.76 -52.32
N SER B 129 18.58 -22.54 -51.04
CA SER B 129 19.58 -22.72 -49.99
C SER B 129 19.38 -23.97 -49.12
N THR B 130 18.39 -24.80 -49.41
CA THR B 130 18.14 -25.97 -48.57
C THR B 130 19.06 -27.14 -48.95
N GLU B 131 19.75 -27.69 -47.95
CA GLU B 131 20.66 -28.80 -48.15
C GLU B 131 20.31 -29.94 -47.20
N PHE B 132 20.62 -31.17 -47.63
CA PHE B 132 20.58 -32.33 -46.75
C PHE B 132 21.45 -33.42 -47.39
N ASN B 133 22.56 -33.75 -46.73
CA ASN B 133 23.47 -34.79 -47.22
C ASN B 133 23.91 -34.51 -48.65
N THR B 134 24.19 -33.24 -48.95
CA THR B 134 24.61 -32.78 -50.27
C THR B 134 23.61 -33.14 -51.36
N LYS B 135 22.32 -33.24 -51.02
CA LYS B 135 21.27 -33.48 -51.99
C LYS B 135 20.22 -32.38 -51.83
N LYS B 136 20.22 -31.43 -52.75
CA LYS B 136 19.28 -30.32 -52.67
C LYS B 136 17.85 -30.82 -52.88
N LEU B 137 16.92 -30.21 -52.15
CA LEU B 137 15.56 -30.74 -52.03
C LEU B 137 14.55 -29.99 -52.88
N LEU B 138 14.43 -28.68 -52.67
CA LEU B 138 13.27 -27.95 -53.16
C LEU B 138 13.35 -27.62 -54.65
N ASN B 139 14.55 -27.50 -55.22
CA ASN B 139 14.68 -27.01 -56.59
C ASN B 139 14.50 -28.14 -57.60
N GLY B 140 13.41 -28.90 -57.48
CA GLY B 140 13.12 -29.95 -58.44
C GLY B 140 14.20 -30.99 -58.56
N ASP B 141 15.06 -31.12 -57.54
CA ASP B 141 16.15 -32.08 -57.56
C ASP B 141 15.75 -33.41 -56.94
N SER B 142 14.45 -33.68 -56.87
CA SER B 142 13.94 -34.92 -56.31
C SER B 142 12.84 -35.56 -57.13
N THR B 143 12.32 -34.89 -58.16
CA THR B 143 11.25 -35.43 -58.99
C THR B 143 11.68 -35.65 -60.44
N ALA B 144 12.17 -34.62 -61.11
CA ALA B 144 12.46 -34.71 -62.54
C ALA B 144 13.79 -34.02 -62.84
N LEU B 145 14.19 -34.11 -64.11
CA LEU B 145 15.43 -33.50 -64.58
C LEU B 145 15.30 -33.32 -66.08
N TRP B 146 15.41 -32.07 -66.56
CA TRP B 146 15.12 -31.75 -67.94
C TRP B 146 16.25 -30.93 -68.54
N SER B 147 16.34 -30.99 -69.87
CA SER B 147 17.31 -30.22 -70.63
C SER B 147 16.83 -30.09 -72.06
N SER B 148 17.17 -28.97 -72.69
CA SER B 148 16.76 -28.69 -74.06
C SER B 148 17.83 -27.84 -74.74
N ASP B 149 17.82 -27.86 -76.07
CA ASP B 149 18.83 -27.17 -76.86
C ASP B 149 18.47 -25.72 -77.17
N SER B 150 17.21 -25.44 -77.53
CA SER B 150 16.81 -24.07 -77.77
C SER B 150 16.70 -23.32 -76.44
N SER B 151 17.27 -22.12 -76.40
CA SER B 151 17.34 -21.33 -75.18
C SER B 151 16.13 -20.42 -74.99
N ASP B 152 15.01 -20.74 -75.64
CA ASP B 152 13.76 -19.99 -75.50
C ASP B 152 12.63 -20.91 -75.09
N LEU B 153 12.91 -21.80 -74.14
CA LEU B 153 11.92 -22.77 -73.67
C LEU B 153 12.13 -22.97 -72.18
N ASP B 154 11.05 -22.88 -71.41
CA ASP B 154 11.09 -23.03 -69.96
C ASP B 154 10.16 -24.18 -69.55
N VAL B 155 10.52 -24.86 -68.48
CA VAL B 155 9.75 -25.99 -67.97
C VAL B 155 9.67 -25.90 -66.46
N VAL B 156 8.46 -26.06 -65.91
CA VAL B 156 8.28 -26.13 -64.46
C VAL B 156 7.65 -27.46 -64.12
N ILE B 157 8.10 -28.04 -63.00
CA ILE B 157 7.75 -29.41 -62.61
C ILE B 157 6.76 -29.35 -61.46
N LYS B 158 5.65 -30.07 -61.61
CA LYS B 158 4.65 -30.19 -60.55
C LYS B 158 4.56 -31.62 -60.02
N SER B 159 4.32 -32.59 -60.90
CA SER B 159 4.16 -33.97 -60.49
C SER B 159 5.05 -34.90 -61.33
N ALA B 160 4.80 -36.20 -61.24
CA ALA B 160 5.68 -37.18 -61.90
C ALA B 160 5.70 -36.98 -63.41
N VAL B 161 6.87 -37.22 -64.00
CA VAL B 161 7.07 -37.14 -65.44
C VAL B 161 7.34 -38.55 -65.95
N ALA B 162 7.20 -38.74 -67.26
CA ALA B 162 7.31 -40.12 -67.73
C ALA B 162 8.70 -40.50 -68.22
N GLU B 163 9.13 -39.98 -69.38
CA GLU B 163 10.43 -40.34 -69.95
C GLU B 163 10.63 -39.68 -71.32
N GLY B 164 11.83 -39.82 -71.88
CA GLY B 164 12.03 -39.78 -73.32
C GLY B 164 12.35 -38.41 -73.86
N ASN B 165 12.64 -38.40 -75.17
CA ASN B 165 12.90 -37.19 -75.93
C ASN B 165 11.66 -36.81 -76.72
N TYR B 166 11.39 -35.50 -76.80
CA TYR B 166 10.17 -35.00 -77.40
C TYR B 166 10.47 -33.98 -78.48
N ASN B 167 9.54 -33.87 -79.43
CA ASN B 167 9.65 -32.95 -80.56
C ASN B 167 8.38 -32.08 -80.61
N LEU B 168 8.57 -30.77 -80.65
CA LEU B 168 7.48 -29.81 -80.63
C LEU B 168 7.44 -29.04 -81.95
N ASN B 169 6.23 -28.87 -82.48
CA ASN B 169 5.99 -28.11 -83.69
C ASN B 169 5.09 -26.93 -83.35
N VAL B 170 5.49 -25.73 -83.78
CA VAL B 170 4.90 -24.48 -83.31
C VAL B 170 4.42 -23.66 -84.49
N THR B 171 3.27 -23.01 -84.32
CA THR B 171 2.77 -22.04 -85.28
C THR B 171 2.14 -20.89 -84.52
N VAL B 172 2.27 -19.67 -85.05
CA VAL B 172 1.90 -18.45 -84.33
C VAL B 172 0.92 -17.64 -85.15
N ASP B 173 -0.05 -17.01 -84.47
CA ASP B 173 -0.98 -16.05 -85.04
C ASP B 173 -0.90 -14.77 -84.21
N PRO B 174 -0.44 -13.67 -84.78
CA PRO B 174 -0.07 -12.50 -83.96
C PRO B 174 -1.29 -11.74 -83.44
N GLY B 175 -0.98 -10.78 -82.56
CA GLY B 175 -1.98 -9.92 -81.96
C GLY B 175 -1.75 -8.44 -82.24
N LYS B 176 -1.63 -7.63 -81.18
CA LYS B 176 -1.45 -6.19 -81.33
C LYS B 176 -0.48 -5.71 -80.26
N ASN B 177 -0.17 -4.41 -80.30
CA ASN B 177 0.77 -3.81 -79.35
C ASN B 177 0.21 -2.53 -78.73
N PHE B 178 1.02 -1.85 -77.94
CA PHE B 178 0.60 -0.64 -77.22
C PHE B 178 1.13 0.60 -77.93
N VAL B 179 0.30 1.63 -78.00
CA VAL B 179 0.67 2.89 -78.63
C VAL B 179 0.27 4.04 -77.71
N TYR B 180 1.24 4.89 -77.37
CA TYR B 180 1.05 6.03 -76.49
C TYR B 180 1.26 7.34 -77.24
N LYS B 181 0.57 8.38 -76.78
CA LYS B 181 0.65 9.72 -77.35
C LYS B 181 0.85 10.74 -76.25
N SER B 182 1.70 11.74 -76.50
CA SER B 182 2.00 12.78 -75.54
C SER B 182 1.10 14.00 -75.77
N ASP B 183 1.39 15.09 -75.06
CA ASP B 183 0.57 16.29 -75.12
C ASP B 183 1.05 17.22 -76.23
N VAL B 184 0.47 18.42 -76.26
CA VAL B 184 0.80 19.44 -77.24
C VAL B 184 1.73 20.45 -76.59
N MET B 185 2.61 21.05 -77.40
CA MET B 185 3.62 21.97 -76.90
C MET B 185 3.53 23.28 -77.66
N THR B 186 3.79 24.38 -76.95
CA THR B 186 3.74 25.72 -77.54
C THR B 186 4.80 26.58 -76.86
N LEU B 187 5.16 27.67 -77.52
CA LEU B 187 6.24 28.55 -77.07
C LEU B 187 5.70 29.62 -76.11
N ASN B 188 6.61 30.13 -75.28
CA ASN B 188 6.26 31.22 -74.39
C ASN B 188 5.99 32.49 -75.18
N GLU B 189 5.47 33.50 -74.48
CA GLU B 189 5.12 34.77 -75.12
C GLU B 189 6.28 35.75 -75.13
N ASP B 190 7.39 35.45 -74.47
CA ASP B 190 8.56 36.31 -74.56
C ASP B 190 9.25 36.17 -75.91
N ALA B 191 9.23 34.96 -76.49
CA ALA B 191 9.85 34.71 -77.79
C ALA B 191 8.92 35.12 -78.92
N ILE B 192 9.24 34.66 -80.14
CA ILE B 192 8.47 34.93 -81.36
C ILE B 192 8.65 36.38 -81.77
N GLY B 193 8.99 36.60 -83.05
CA GLY B 193 9.18 37.94 -83.56
C GLY B 193 10.43 38.10 -84.39
N ALA B 194 10.28 38.64 -85.60
CA ALA B 194 11.41 38.97 -86.44
C ALA B 194 11.80 40.44 -86.25
N GLU B 195 13.03 40.77 -86.66
CA GLU B 195 13.53 42.13 -86.47
C GLU B 195 14.71 42.31 -87.42
N ILE B 196 15.10 43.57 -87.61
CA ILE B 196 16.17 43.94 -88.53
C ILE B 196 17.33 44.53 -87.73
N VAL B 197 18.50 43.91 -87.81
CA VAL B 197 19.66 44.30 -87.04
C VAL B 197 20.71 44.91 -87.95
N THR B 198 21.70 45.54 -87.33
CA THR B 198 22.89 46.05 -88.01
C THR B 198 24.10 45.44 -87.30
N ALA B 199 24.45 44.22 -87.68
CA ALA B 199 25.59 43.52 -87.10
C ALA B 199 26.70 43.29 -88.12
N GLY B 200 26.38 42.65 -89.25
CA GLY B 200 27.39 42.49 -90.29
C GLY B 200 27.77 43.80 -90.94
N GLY B 201 26.80 44.68 -91.15
CA GLY B 201 27.05 45.97 -91.76
C GLY B 201 26.50 46.08 -93.17
N ASP B 202 25.34 46.72 -93.31
CA ASP B 202 24.71 46.91 -94.61
C ASP B 202 23.71 48.05 -94.49
N VAL B 203 23.23 48.49 -95.65
CA VAL B 203 22.28 49.60 -95.73
C VAL B 203 21.02 49.10 -96.41
N ASN B 204 19.87 49.58 -95.94
CA ASN B 204 18.58 49.21 -96.51
C ASN B 204 18.36 50.01 -97.79
N GLU B 205 18.62 49.37 -98.93
CA GLU B 205 18.45 50.02 -100.23
C GLU B 205 17.04 49.83 -100.80
N THR B 206 16.15 49.16 -100.08
CA THR B 206 14.81 48.89 -100.57
C THR B 206 13.77 49.55 -99.67
N ASN B 207 12.50 49.26 -99.93
CA ASN B 207 11.40 49.97 -99.29
C ASN B 207 10.67 49.09 -98.29
N VAL B 208 11.40 48.27 -97.54
CA VAL B 208 10.81 47.34 -96.59
C VAL B 208 10.71 48.02 -95.23
N GLY B 209 9.49 48.11 -94.70
CA GLY B 209 9.28 48.65 -93.37
C GLY B 209 9.67 47.67 -92.29
N PHE B 210 8.94 46.56 -92.19
CA PHE B 210 9.21 45.53 -91.20
C PHE B 210 8.37 44.29 -91.54
N VAL B 211 8.44 43.30 -90.65
CA VAL B 211 7.86 41.98 -90.89
C VAL B 211 7.07 41.58 -89.66
N THR B 212 6.02 40.79 -89.87
CA THR B 212 5.12 40.41 -88.80
C THR B 212 4.75 38.94 -88.91
N ASP B 213 4.25 38.41 -87.77
CA ASP B 213 3.72 37.07 -87.59
C ASP B 213 4.66 35.97 -88.08
N PRO B 214 5.76 35.72 -87.39
CA PRO B 214 6.53 34.50 -87.66
C PRO B 214 5.90 33.31 -86.96
N ASN B 215 5.69 32.24 -87.72
CA ASN B 215 5.10 31.04 -87.15
C ASN B 215 5.81 29.82 -87.73
N THR B 216 6.64 29.18 -86.90
CA THR B 216 7.31 27.91 -87.21
C THR B 216 8.31 28.05 -88.36
N LEU B 217 9.03 29.18 -88.39
CA LEU B 217 10.08 29.41 -89.37
C LEU B 217 11.46 28.95 -88.88
N ALA B 218 11.48 27.93 -88.01
CA ALA B 218 12.63 27.57 -87.18
C ALA B 218 12.85 28.66 -86.15
N SER B 219 14.04 28.71 -85.54
CA SER B 219 14.22 29.55 -84.36
C SER B 219 15.71 29.84 -84.16
N THR B 220 16.03 30.35 -82.97
CA THR B 220 17.36 30.63 -82.43
C THR B 220 18.00 31.86 -83.05
N GLY B 221 17.44 32.37 -84.14
CA GLY B 221 17.74 33.70 -84.65
C GLY B 221 19.19 34.12 -84.69
N THR B 222 20.12 33.17 -84.68
CA THR B 222 21.53 33.49 -84.67
C THR B 222 22.18 33.34 -86.04
N ALA B 223 21.70 32.41 -86.84
CA ALA B 223 22.06 32.31 -88.25
C ALA B 223 21.11 33.22 -89.03
N TYR B 224 21.61 34.38 -89.44
CA TYR B 224 20.78 35.44 -89.99
C TYR B 224 20.26 35.05 -91.37
N TYR B 225 19.26 35.78 -91.85
CA TYR B 225 18.60 35.45 -93.11
C TYR B 225 18.69 36.61 -94.09
N THR B 226 18.83 36.26 -95.37
CA THR B 226 18.94 37.25 -96.44
C THR B 226 17.71 37.13 -97.34
N VAL B 227 17.07 38.27 -97.59
CA VAL B 227 15.71 38.31 -98.12
C VAL B 227 15.61 39.10 -99.43
N ASP B 228 16.61 38.99 -100.30
CA ASP B 228 16.80 39.86 -101.46
C ASP B 228 15.47 40.20 -102.15
N VAL B 229 15.23 41.49 -102.36
CA VAL B 229 14.01 41.96 -103.01
C VAL B 229 14.42 42.77 -104.23
N THR B 230 14.47 42.13 -105.38
CA THR B 230 14.91 42.77 -106.61
C THR B 230 13.73 43.44 -107.31
N ALA B 231 13.99 44.61 -107.88
CA ALA B 231 12.97 45.34 -108.64
C ALA B 231 13.03 45.02 -110.13
N GLY B 232 13.00 43.74 -110.46
CA GLY B 232 13.02 43.30 -111.84
C GLY B 232 14.34 42.72 -112.27
N ALA B 233 14.34 41.42 -112.61
CA ALA B 233 15.53 40.73 -113.10
C ALA B 233 15.12 39.42 -113.75
N ASP B 234 15.63 39.16 -114.95
CA ASP B 234 15.22 37.98 -115.70
C ASP B 234 15.54 36.71 -114.93
N THR B 235 14.57 35.78 -114.91
CA THR B 235 14.68 34.56 -114.13
C THR B 235 14.46 33.37 -115.05
N LEU B 236 15.31 32.35 -114.92
CA LEU B 236 15.23 31.18 -115.78
C LEU B 236 14.76 29.96 -114.99
N SER B 237 14.35 28.93 -115.72
CA SER B 237 13.94 27.68 -115.10
C SER B 237 15.14 26.96 -114.50
N SER B 238 14.95 26.40 -113.30
CA SER B 238 16.05 25.70 -112.64
C SER B 238 15.51 24.86 -111.49
N VAL B 239 16.31 23.87 -111.09
CA VAL B 239 16.14 23.16 -109.83
C VAL B 239 17.54 22.82 -109.33
N ALA B 240 17.71 22.86 -108.01
CA ALA B 240 19.01 22.63 -107.40
C ALA B 240 18.88 21.68 -106.23
N THR B 241 19.97 20.98 -105.93
CA THR B 241 19.99 20.06 -104.81
C THR B 241 19.93 20.85 -103.51
N MET B 242 18.79 20.76 -102.82
CA MET B 242 18.61 21.50 -101.58
C MET B 242 19.30 20.81 -100.40
N SER B 243 18.97 19.53 -100.17
CA SER B 243 19.65 18.77 -99.11
C SER B 243 19.27 17.30 -99.21
N VAL B 244 19.91 16.49 -98.35
CA VAL B 244 19.72 15.04 -98.31
C VAL B 244 19.71 14.59 -96.85
N TYR B 245 19.41 13.30 -96.66
CA TYR B 245 19.34 12.74 -95.32
C TYR B 245 19.45 11.22 -95.39
N ARG B 246 20.37 10.67 -94.59
CA ARG B 246 20.55 9.23 -94.43
C ARG B 246 20.81 8.94 -92.95
N GLN B 247 20.51 7.70 -92.52
CA GLN B 247 20.63 7.37 -91.09
C GLN B 247 21.99 6.76 -90.76
N ALA B 248 22.20 5.51 -91.18
CA ALA B 248 23.53 4.91 -91.18
C ALA B 248 23.82 4.35 -92.57
N GLY B 249 22.90 3.51 -93.06
CA GLY B 249 22.84 3.05 -94.43
C GLY B 249 24.14 2.77 -95.14
N SER B 250 24.24 3.29 -96.37
CA SER B 250 25.43 3.19 -97.19
C SER B 250 25.46 4.43 -98.07
N ASN B 251 26.61 4.66 -98.70
CA ASN B 251 26.82 5.91 -99.41
C ASN B 251 26.01 5.96 -100.70
N PHE B 252 25.57 7.18 -101.04
CA PHE B 252 25.07 7.47 -102.38
C PHE B 252 25.13 8.99 -102.59
N GLY B 253 25.59 9.41 -103.77
CA GLY B 253 25.91 10.80 -104.01
C GLY B 253 24.71 11.69 -104.21
N SER B 254 24.95 12.84 -104.83
CA SER B 254 23.94 13.86 -105.05
C SER B 254 24.13 14.44 -106.45
N VAL B 255 23.50 15.59 -106.69
CA VAL B 255 23.58 16.38 -107.92
C VAL B 255 22.56 15.87 -108.93
N ALA B 256 21.59 16.71 -109.27
CA ALA B 256 20.55 16.38 -110.23
C ALA B 256 20.69 17.29 -111.45
N THR B 257 20.20 16.79 -112.58
CA THR B 257 20.30 17.49 -113.85
C THR B 257 18.97 17.44 -114.60
N TRP B 258 18.74 18.45 -115.43
CA TRP B 258 17.54 18.60 -116.24
C TRP B 258 17.68 17.92 -117.59
N THR B 259 16.56 17.88 -118.32
CA THR B 259 16.53 17.74 -119.77
C THR B 259 15.70 18.89 -120.31
N THR B 260 16.29 19.68 -121.20
CA THR B 260 15.64 20.90 -121.66
C THR B 260 14.36 20.58 -122.43
N GLY B 261 13.37 21.45 -122.27
CA GLY B 261 12.06 21.30 -122.89
C GLY B 261 10.91 21.29 -121.91
N GLY B 262 11.11 20.67 -120.75
CA GLY B 262 10.07 20.61 -119.74
C GLY B 262 9.80 21.97 -119.12
N THR B 263 8.64 22.07 -118.47
CA THR B 263 8.22 23.29 -117.82
C THR B 263 7.74 22.99 -116.41
N VAL B 264 7.87 24.01 -115.56
CA VAL B 264 7.46 23.96 -114.16
C VAL B 264 6.14 24.72 -114.02
N ALA B 265 5.32 24.30 -113.06
CA ALA B 265 4.06 24.98 -112.82
C ALA B 265 4.25 26.22 -111.96
N ASP B 266 4.71 26.04 -110.73
CA ASP B 266 4.87 27.14 -109.79
C ASP B 266 6.08 26.86 -108.91
N SER B 267 6.82 27.92 -108.58
CA SER B 267 8.01 27.77 -107.75
C SER B 267 7.62 27.28 -106.36
N GLY B 268 8.39 26.35 -105.84
CA GLY B 268 8.07 25.76 -104.55
C GLY B 268 9.11 24.80 -104.01
N TYR B 269 8.69 23.81 -103.23
CA TYR B 269 9.63 22.86 -102.64
C TYR B 269 9.16 21.44 -102.92
N LEU B 270 10.11 20.58 -103.25
CA LEU B 270 9.85 19.21 -103.67
C LEU B 270 10.64 18.25 -102.78
N LEU B 271 9.99 17.18 -102.33
CA LEU B 271 10.62 16.23 -101.44
C LEU B 271 10.42 14.81 -101.98
N ILE B 272 11.50 14.04 -102.03
CA ILE B 272 11.48 12.68 -102.55
C ILE B 272 11.87 11.73 -101.42
N GLU B 273 11.06 10.69 -101.24
CA GLU B 273 11.22 9.71 -100.17
C GLU B 273 11.27 8.32 -100.76
N ALA B 274 12.34 7.58 -100.45
CA ALA B 274 12.46 6.21 -100.92
C ALA B 274 11.57 5.28 -100.11
N GLN B 275 11.47 4.03 -100.55
CA GLN B 275 10.57 3.08 -99.93
C GLN B 275 11.17 1.70 -99.65
N GLU B 276 12.20 1.26 -100.35
CA GLU B 276 12.65 -0.11 -100.18
C GLU B 276 14.17 -0.18 -100.37
N ASN B 277 14.69 -1.39 -100.52
CA ASN B 277 16.11 -1.67 -100.44
C ASN B 277 16.63 -2.19 -101.77
N PHE B 278 17.83 -1.75 -102.16
CA PHE B 278 18.47 -2.35 -103.33
C PHE B 278 19.96 -2.09 -103.32
N THR B 279 20.74 -3.17 -103.55
CA THR B 279 22.20 -3.12 -103.60
C THR B 279 22.76 -4.00 -104.71
N VAL B 280 21.99 -4.23 -105.78
CA VAL B 280 22.39 -5.20 -106.80
C VAL B 280 22.78 -4.42 -108.06
N SER B 281 23.25 -3.19 -107.87
CA SER B 281 23.59 -2.32 -109.00
C SER B 281 24.95 -2.72 -109.58
N ALA B 282 24.92 -3.33 -110.76
CA ALA B 282 26.11 -3.56 -111.56
C ALA B 282 25.87 -3.27 -113.04
N GLY B 283 24.70 -2.73 -113.40
CA GLY B 283 24.29 -2.44 -114.75
C GLY B 283 23.18 -3.36 -115.18
N THR B 284 21.94 -2.91 -115.00
CA THR B 284 20.73 -3.68 -115.30
C THR B 284 19.51 -2.78 -115.11
N THR B 285 18.50 -2.92 -115.97
CA THR B 285 17.28 -2.15 -115.80
C THR B 285 16.57 -2.56 -114.50
N ALA B 286 15.89 -1.59 -113.89
CA ALA B 286 15.22 -1.82 -112.61
C ALA B 286 14.15 -0.76 -112.44
N ASN B 287 13.33 -0.95 -111.41
CA ASN B 287 12.25 -0.02 -111.12
C ASN B 287 11.94 -0.12 -109.63
N TYR B 288 11.69 1.02 -109.00
CA TYR B 288 11.42 1.09 -107.58
C TYR B 288 10.50 2.27 -107.29
N THR B 289 9.87 2.23 -106.13
CA THR B 289 8.81 3.16 -105.77
C THR B 289 9.33 4.29 -104.89
N PHE B 290 8.67 5.45 -105.00
CA PHE B 290 9.06 6.64 -104.25
C PHE B 290 7.81 7.45 -103.96
N LYS B 291 7.89 8.29 -102.92
CA LYS B 291 6.87 9.27 -102.62
C LYS B 291 7.38 10.67 -102.94
N ALA B 292 6.51 11.51 -103.49
CA ALA B 292 6.82 12.88 -103.83
C ALA B 292 5.86 13.80 -103.11
N THR B 293 6.41 14.73 -102.33
CA THR B 293 5.62 15.71 -101.59
C THR B 293 5.96 17.10 -102.09
N PHE B 294 4.94 17.86 -102.47
CA PHE B 294 5.11 19.21 -103.00
C PHE B 294 4.49 20.21 -102.04
N VAL B 295 5.25 21.26 -101.72
CA VAL B 295 4.79 22.38 -100.91
C VAL B 295 4.84 23.63 -101.79
N ASP B 296 3.72 24.35 -101.86
CA ASP B 296 3.62 25.55 -102.67
C ASP B 296 4.04 26.76 -101.84
N ALA B 297 4.94 27.58 -102.39
CA ALA B 297 5.54 28.67 -101.64
C ALA B 297 4.65 29.91 -101.57
N LYS B 298 3.60 29.98 -102.38
CA LYS B 298 2.74 31.16 -102.43
C LYS B 298 1.39 30.97 -101.78
N THR B 299 0.80 29.78 -101.87
CA THR B 299 -0.51 29.50 -101.30
C THR B 299 -0.49 28.56 -100.11
N GLY B 300 0.59 27.80 -99.93
CA GLY B 300 0.67 26.87 -98.83
C GLY B 300 0.03 25.53 -99.06
N GLU B 301 -0.34 25.22 -100.31
CA GLU B 301 -0.97 23.94 -100.59
C GLU B 301 0.05 22.81 -100.46
N LYS B 302 -0.45 21.59 -100.26
CA LYS B 302 0.36 20.42 -100.01
C LYS B 302 -0.17 19.26 -100.84
N SER B 303 0.71 18.62 -101.60
CA SER B 303 0.31 17.48 -102.43
C SER B 303 1.23 16.30 -102.19
N THR B 304 0.66 15.09 -102.29
CA THR B 304 1.33 13.85 -101.93
C THR B 304 1.03 12.79 -102.98
N TYR B 305 2.05 12.38 -103.74
CA TYR B 305 1.89 11.52 -104.91
C TYR B 305 2.91 10.39 -104.88
N GLU B 306 2.67 9.38 -105.71
CA GLU B 306 3.52 8.20 -105.82
C GLU B 306 4.18 8.15 -107.19
N ILE B 307 5.46 7.78 -107.23
CA ILE B 307 6.25 7.79 -108.46
C ILE B 307 7.18 6.58 -108.47
N GLU B 308 7.87 6.37 -109.60
CA GLU B 308 8.81 5.28 -109.76
C GLU B 308 10.08 5.78 -110.44
N GLY B 309 11.17 5.04 -110.21
CA GLY B 309 12.45 5.39 -110.81
C GLY B 309 13.30 4.16 -111.04
N GLY B 310 14.26 4.28 -111.95
CA GLY B 310 15.09 3.16 -112.32
C GLY B 310 16.52 3.56 -112.66
N ASP B 311 17.38 2.54 -112.70
CA ASP B 311 18.79 2.69 -113.06
C ASP B 311 18.99 2.36 -114.54
N ASP B 312 20.06 2.91 -115.11
CA ASP B 312 20.34 2.70 -116.53
C ASP B 312 21.60 1.87 -116.76
N GLY B 313 22.77 2.34 -116.34
CA GLY B 313 23.93 1.48 -116.30
C GLY B 313 24.70 1.56 -115.00
N ALA B 314 24.59 2.70 -114.32
CA ALA B 314 25.21 2.92 -113.01
C ALA B 314 24.74 4.25 -112.47
N GLY B 315 24.46 4.28 -111.16
CA GLY B 315 24.29 5.50 -110.40
C GLY B 315 23.50 6.64 -111.02
N ASN B 316 22.59 6.33 -111.93
CA ASN B 316 21.73 7.34 -112.53
C ASN B 316 20.28 7.00 -112.22
N LEU B 317 19.57 7.93 -111.61
CA LEU B 317 18.16 7.77 -111.28
C LEU B 317 17.39 8.84 -112.05
N VAL B 318 16.65 8.42 -113.07
CA VAL B 318 15.89 9.32 -113.92
C VAL B 318 14.43 9.25 -113.50
N PHE B 319 13.90 10.34 -112.96
CA PHE B 319 12.53 10.39 -112.48
C PHE B 319 11.61 10.96 -113.55
N ASP B 320 10.34 10.64 -113.44
CA ASP B 320 9.30 11.13 -114.34
C ASP B 320 8.38 12.04 -113.54
N LEU B 321 8.19 13.27 -114.01
CA LEU B 321 7.30 14.22 -113.35
C LEU B 321 5.93 14.26 -114.00
N ALA B 322 5.61 13.29 -114.85
CA ALA B 322 4.28 13.23 -115.47
C ALA B 322 3.20 12.89 -114.46
N ASP B 323 3.48 11.99 -113.51
CA ASP B 323 2.48 11.57 -112.54
C ASP B 323 2.16 12.65 -111.51
N MET B 324 2.92 13.75 -111.52
CA MET B 324 2.65 14.88 -110.65
C MET B 324 1.46 15.68 -111.19
N THR B 325 0.28 15.08 -111.10
CA THR B 325 -0.94 15.68 -111.61
C THR B 325 -1.37 16.87 -110.75
N GLY B 326 -2.40 17.56 -111.20
CA GLY B 326 -2.93 18.68 -110.47
C GLY B 326 -2.04 19.90 -110.56
N ALA B 327 -0.88 19.85 -109.92
CA ALA B 327 0.09 20.93 -110.07
C ALA B 327 0.70 20.92 -111.46
N GLY B 328 1.16 19.75 -111.91
CA GLY B 328 1.69 19.60 -113.25
C GLY B 328 3.14 19.98 -113.41
N PHE B 329 3.90 19.10 -114.07
CA PHE B 329 5.27 19.36 -114.52
C PHE B 329 5.51 18.67 -115.85
N SER B 330 6.76 18.70 -116.28
CA SER B 330 7.19 18.10 -117.53
C SER B 330 8.70 17.93 -117.48
N GLY B 331 9.23 17.28 -118.51
CA GLY B 331 10.66 17.03 -118.58
C GLY B 331 11.08 15.90 -117.66
N GLU B 332 12.37 15.90 -117.32
CA GLU B 332 12.97 14.86 -116.50
C GLU B 332 13.77 15.47 -115.36
N VAL B 333 14.37 14.61 -114.55
CA VAL B 333 15.34 15.00 -113.54
C VAL B 333 16.18 13.77 -113.22
N SER B 334 17.49 13.96 -113.13
CA SER B 334 18.40 12.84 -113.00
C SER B 334 19.31 13.04 -111.80
N ILE B 335 19.26 12.10 -110.87
CA ILE B 335 20.18 12.05 -109.74
C ILE B 335 21.41 11.26 -110.16
N ALA B 336 22.59 11.84 -109.98
CA ALA B 336 23.84 11.22 -110.41
C ALA B 336 24.56 10.66 -109.19
N ILE B 337 24.42 9.35 -108.97
CA ILE B 337 25.01 8.70 -107.80
C ILE B 337 26.40 8.15 -108.11
N GLY B 338 26.54 7.44 -109.22
CA GLY B 338 27.74 6.69 -109.50
C GLY B 338 27.61 5.22 -109.13
N THR B 339 28.60 4.44 -109.56
CA THR B 339 28.58 3.00 -109.36
C THR B 339 28.60 2.67 -107.86
N ASP B 340 28.09 1.49 -107.53
CA ASP B 340 27.97 1.02 -106.14
C ASP B 340 27.07 1.94 -105.32
N ALA B 341 25.80 1.98 -105.72
CA ALA B 341 24.76 2.65 -104.96
C ALA B 341 23.99 1.61 -104.17
N ASN B 342 24.21 1.59 -102.86
CA ASN B 342 23.49 0.70 -101.94
C ASN B 342 22.48 1.54 -101.18
N MET B 343 21.20 1.21 -101.34
CA MET B 343 20.14 2.10 -100.92
C MET B 343 19.22 1.40 -99.94
N GLN B 344 19.06 1.99 -98.75
CA GLN B 344 18.09 1.55 -97.77
C GLN B 344 16.77 2.29 -97.97
N SER B 345 15.86 2.13 -97.03
CA SER B 345 14.56 2.80 -97.06
C SER B 345 14.49 3.80 -95.92
N GLY B 346 14.16 5.05 -96.25
CA GLY B 346 14.04 6.08 -95.24
C GLY B 346 14.82 7.33 -95.55
N ASP B 347 15.85 7.20 -96.38
CA ASP B 347 16.65 8.37 -96.76
C ASP B 347 15.79 9.33 -97.57
N LYS B 348 16.06 10.62 -97.39
CA LYS B 348 15.21 11.68 -97.95
C LYS B 348 16.04 12.64 -98.78
N ILE B 349 15.43 13.21 -99.82
CA ILE B 349 16.08 14.23 -100.63
C ILE B 349 15.11 15.40 -100.81
N LEU B 350 15.63 16.61 -100.72
CA LEU B 350 14.82 17.81 -100.84
C LEU B 350 15.43 18.73 -101.88
N LEU B 351 14.56 19.34 -102.70
CA LEU B 351 14.94 20.23 -103.78
C LEU B 351 14.02 21.44 -103.80
N SER B 352 14.48 22.52 -104.44
CA SER B 352 13.71 23.75 -104.59
C SER B 352 13.46 24.02 -106.07
N THR B 353 12.23 24.44 -106.39
CA THR B 353 11.76 24.55 -107.76
C THR B 353 11.49 26.00 -108.12
N THR B 354 11.86 26.37 -109.35
CA THR B 354 11.85 27.74 -109.84
C THR B 354 10.98 27.84 -111.09
N GLU B 355 10.35 29.00 -111.27
CA GLU B 355 9.49 29.28 -112.42
C GLU B 355 10.11 30.37 -113.28
N ALA B 356 9.82 30.31 -114.58
CA ALA B 356 10.33 31.30 -115.53
C ALA B 356 9.33 32.43 -115.71
N VAL B 357 9.83 33.66 -115.56
CA VAL B 357 8.98 34.86 -115.60
C VAL B 357 9.66 35.90 -116.49
N ASP B 358 8.85 36.77 -117.09
CA ASP B 358 9.39 37.84 -117.93
C ASP B 358 10.14 38.86 -117.10
N THR B 359 9.58 39.27 -115.96
CA THR B 359 10.22 40.16 -114.99
C THR B 359 10.63 41.51 -115.57
N SER B 360 9.86 42.05 -116.52
CA SER B 360 10.18 43.37 -117.07
C SER B 360 8.88 44.01 -117.54
N ALA B 361 8.31 44.87 -116.70
CA ALA B 361 7.11 45.63 -117.01
C ALA B 361 7.42 47.12 -116.88
N THR B 362 6.40 47.95 -117.13
CA THR B 362 6.55 49.38 -116.92
C THR B 362 6.84 49.70 -115.46
N SER B 363 6.09 49.06 -114.55
CA SER B 363 6.27 49.15 -113.11
C SER B 363 5.26 48.22 -112.47
N GLY B 364 5.35 48.07 -111.15
CA GLY B 364 4.33 47.35 -110.43
C GLY B 364 4.76 46.43 -109.30
N GLY B 365 5.99 45.92 -109.35
CA GLY B 365 6.43 45.00 -108.33
C GLY B 365 7.81 44.44 -108.64
N GLY B 366 8.12 43.31 -108.01
CA GLY B 366 9.41 42.69 -108.18
C GLY B 366 9.46 41.24 -107.76
N THR B 367 10.66 40.80 -107.38
CA THR B 367 10.95 39.41 -107.06
C THR B 367 11.60 39.32 -105.68
N ILE B 368 11.36 38.20 -105.01
CA ILE B 368 11.87 37.93 -103.67
C ILE B 368 12.64 36.62 -103.69
N ALA B 369 13.78 36.60 -103.02
CA ALA B 369 14.60 35.40 -102.88
C ALA B 369 15.14 35.31 -101.46
N ILE B 370 14.87 34.19 -100.80
CA ILE B 370 15.26 33.96 -99.40
C ILE B 370 16.40 32.96 -99.38
N SER B 371 17.41 33.25 -98.56
CA SER B 371 18.57 32.38 -98.43
C SER B 371 19.21 32.61 -97.07
N GLY B 372 20.18 31.75 -96.74
CA GLY B 372 20.87 31.85 -95.47
C GLY B 372 20.49 30.74 -94.52
N GLY B 373 20.52 31.04 -93.22
CA GLY B 373 20.08 30.09 -92.21
C GLY B 373 21.19 29.24 -91.65
N PRO B 374 20.87 28.42 -90.66
CA PRO B 374 21.90 27.56 -90.05
C PRO B 374 22.55 26.61 -91.03
N ALA B 375 21.81 26.12 -92.02
CA ALA B 375 22.35 25.24 -93.03
C ALA B 375 22.98 26.01 -94.19
N GLY B 376 22.86 27.34 -94.21
CA GLY B 376 23.40 28.13 -95.30
C GLY B 376 22.77 27.79 -96.63
N THR B 377 21.46 27.65 -96.65
CA THR B 377 20.75 27.21 -97.85
C THR B 377 20.68 28.32 -98.88
N THR B 378 20.62 27.91 -100.15
CA THR B 378 20.41 28.82 -101.27
C THR B 378 19.09 28.44 -101.93
N GLY B 379 18.02 29.14 -101.57
CA GLY B 379 16.68 28.74 -101.94
C GLY B 379 16.28 29.21 -103.32
N ALA B 380 14.98 29.16 -103.58
CA ALA B 380 14.41 29.49 -104.87
C ALA B 380 14.10 30.98 -104.97
N ILE B 381 13.62 31.38 -106.13
CA ILE B 381 13.30 32.78 -106.43
C ILE B 381 11.85 32.86 -106.89
N ILE B 382 11.12 33.85 -106.37
CA ILE B 382 9.71 34.03 -106.70
C ILE B 382 9.52 35.46 -107.19
N SER B 383 8.47 35.66 -107.97
CA SER B 383 8.19 36.98 -108.56
C SER B 383 6.71 37.28 -108.40
N TYR B 384 6.37 38.56 -108.48
CA TYR B 384 4.98 39.00 -108.36
C TYR B 384 4.57 39.76 -109.61
N GLY B 385 3.29 40.11 -109.66
CA GLY B 385 2.70 40.77 -110.82
C GLY B 385 2.73 42.28 -110.69
N ASN B 386 2.02 42.92 -111.62
CA ASN B 386 2.02 44.37 -111.71
C ASN B 386 1.05 44.98 -110.70
N ASN B 387 1.47 46.10 -110.10
CA ASN B 387 0.68 46.81 -109.10
C ASN B 387 0.28 45.88 -107.95
N GLU B 388 1.24 45.08 -107.49
CA GLU B 388 1.00 44.14 -106.41
C GLU B 388 1.93 44.34 -105.21
N LEU B 389 2.87 45.28 -105.29
CA LEU B 389 3.80 45.55 -104.19
C LEU B 389 3.60 46.92 -103.57
N THR B 390 3.37 47.95 -104.38
CA THR B 390 3.22 49.31 -103.88
C THR B 390 1.92 49.91 -104.38
N LYS B 391 1.16 50.51 -103.46
CA LYS B 391 -0.10 51.16 -103.79
C LYS B 391 0.18 52.59 -104.27
N VAL B 392 -0.89 53.39 -104.39
CA VAL B 392 -0.80 54.76 -104.88
C VAL B 392 -1.26 55.69 -103.77
N ASP B 393 -0.75 56.92 -103.79
CA ASP B 393 -1.10 57.90 -102.77
C ASP B 393 -2.56 58.32 -102.89
N ASN B 394 -3.12 58.76 -101.77
CA ASN B 394 -4.53 59.12 -101.66
C ASN B 394 -4.67 60.46 -100.92
N GLY B 395 -3.85 61.42 -101.30
CA GLY B 395 -3.83 62.73 -100.67
C GLY B 395 -2.71 62.92 -99.67
N ASP B 396 -2.77 62.24 -98.53
CA ASP B 396 -1.68 62.30 -97.58
C ASP B 396 -1.29 60.89 -97.12
N THR B 397 -2.28 59.99 -97.13
CA THR B 397 -2.16 58.55 -96.86
C THR B 397 -1.90 58.25 -95.39
N THR B 398 -1.60 59.29 -94.60
CA THR B 398 -1.25 59.16 -93.18
C THR B 398 -0.46 57.88 -92.92
N ILE B 399 0.54 57.64 -93.79
CA ILE B 399 1.35 56.43 -93.82
C ILE B 399 0.48 55.22 -94.18
N ASP B 400 0.98 54.38 -95.08
CA ASP B 400 0.29 53.18 -95.53
C ASP B 400 1.25 52.00 -95.45
N TYR B 401 0.71 50.79 -95.65
CA TYR B 401 1.51 49.58 -95.53
C TYR B 401 0.87 48.48 -96.36
N ASN B 402 1.64 47.90 -97.28
CA ASN B 402 1.15 46.79 -98.09
C ASN B 402 1.56 45.46 -97.46
N SER B 403 0.78 44.42 -97.73
CA SER B 403 0.97 43.11 -97.11
C SER B 403 1.37 42.07 -98.13
N VAL B 404 2.35 41.24 -97.79
CA VAL B 404 2.75 40.11 -98.62
C VAL B 404 2.93 38.88 -97.72
N THR B 405 2.41 37.74 -98.17
CA THR B 405 2.49 36.49 -97.43
C THR B 405 3.64 35.64 -97.96
N VAL B 406 4.42 35.04 -97.06
CA VAL B 406 5.59 34.26 -97.45
C VAL B 406 5.63 32.98 -96.63
N TYR B 407 6.03 31.87 -97.26
CA TYR B 407 6.27 30.61 -96.58
C TYR B 407 7.69 30.11 -96.88
N HIS B 408 8.21 29.29 -95.99
CA HIS B 408 9.59 28.82 -96.04
C HIS B 408 9.66 27.44 -95.42
N ALA B 409 10.60 26.61 -95.87
CA ALA B 409 10.72 25.23 -95.41
C ALA B 409 12.17 24.85 -95.16
N ALA B 410 12.37 23.89 -94.27
CA ALA B 410 13.69 23.42 -93.90
C ALA B 410 13.62 21.94 -93.55
N LEU B 411 14.79 21.29 -93.57
CA LEU B 411 14.90 19.85 -93.33
C LEU B 411 16.00 19.58 -92.34
N ASN B 412 15.80 18.56 -91.51
CA ASN B 412 16.75 18.17 -90.48
C ASN B 412 17.49 16.90 -90.90
N VAL B 413 18.70 16.71 -90.36
CA VAL B 413 19.57 15.61 -90.76
C VAL B 413 19.62 14.51 -89.71
N GLU B 414 18.74 14.52 -88.73
CA GLU B 414 18.83 13.51 -87.69
C GLU B 414 17.52 12.78 -87.43
N THR B 415 16.37 13.42 -87.67
CA THR B 415 15.08 12.75 -87.53
C THR B 415 14.19 12.87 -88.76
N GLY B 416 14.59 13.65 -89.76
CA GLY B 416 13.81 13.73 -90.99
C GLY B 416 12.44 14.35 -90.86
N ASN B 417 12.32 15.45 -90.11
CA ASN B 417 11.06 16.17 -90.02
C ASN B 417 11.15 17.46 -90.83
N LEU B 418 10.19 17.65 -91.72
CA LEU B 418 10.16 18.81 -92.61
C LEU B 418 9.44 19.94 -91.90
N ASP B 419 10.14 21.04 -91.68
CA ASP B 419 9.62 22.18 -90.94
C ASP B 419 9.15 23.25 -91.92
N VAL B 420 7.97 23.82 -91.66
CA VAL B 420 7.36 24.82 -92.53
C VAL B 420 6.94 26.02 -91.69
N GLY B 421 7.28 27.22 -92.15
CA GLY B 421 6.92 28.44 -91.45
C GLY B 421 6.48 29.52 -92.42
N ASN B 422 6.05 30.65 -91.85
CA ASN B 422 5.51 31.74 -92.66
C ASN B 422 5.82 33.08 -92.02
N LEU B 423 5.68 34.13 -92.83
CA LEU B 423 5.96 35.50 -92.46
C LEU B 423 5.07 36.42 -93.27
N THR B 424 4.99 37.68 -92.84
CA THR B 424 4.25 38.70 -93.59
C THR B 424 5.13 39.93 -93.72
N PHE B 425 5.43 40.31 -94.96
CA PHE B 425 6.16 41.54 -95.22
C PHE B 425 5.20 42.73 -95.27
N ASN B 426 5.60 43.83 -94.63
CA ASN B 426 4.90 45.11 -94.71
C ASN B 426 5.75 46.05 -95.57
N PHE B 427 5.23 46.39 -96.75
CA PHE B 427 5.96 47.22 -97.70
C PHE B 427 5.50 48.67 -97.63
N ARG B 428 6.34 49.54 -98.15
CA ARG B 428 6.33 50.99 -98.01
C ARG B 428 4.97 51.58 -98.40
N GLU B 429 4.71 52.78 -97.89
CA GLU B 429 3.43 53.47 -98.00
C GLU B 429 2.96 53.57 -99.44
N ASP B 430 3.70 54.29 -100.28
CA ASP B 430 3.28 54.54 -101.64
C ASP B 430 4.41 55.08 -102.50
N THR B 431 4.47 54.63 -103.75
CA THR B 431 5.38 55.13 -104.77
C THR B 431 4.57 55.49 -106.01
N GLY B 432 5.26 55.81 -107.10
CA GLY B 432 4.56 56.00 -108.34
C GLY B 432 5.12 57.05 -109.29
N THR B 433 5.07 56.75 -110.58
CA THR B 433 5.29 57.72 -111.64
C THR B 433 3.98 58.50 -111.80
N ASP B 434 3.80 59.19 -112.93
CA ASP B 434 2.62 60.03 -113.08
C ASP B 434 1.36 59.19 -113.28
N THR B 435 0.93 58.55 -112.19
CA THR B 435 -0.37 57.87 -112.11
C THR B 435 -0.55 56.87 -113.25
N ALA B 436 0.47 56.06 -113.51
CA ALA B 436 0.34 55.00 -114.50
C ALA B 436 0.12 53.62 -113.87
N TYR B 437 1.10 53.14 -113.10
CA TYR B 437 0.94 51.86 -112.39
C TYR B 437 1.49 51.85 -110.97
N GLY B 438 2.46 52.71 -110.64
CA GLY B 438 3.16 52.67 -109.37
C GLY B 438 4.66 52.62 -109.62
N SER B 439 5.39 52.16 -108.60
CA SER B 439 6.84 52.03 -108.70
C SER B 439 7.31 51.09 -107.60
N THR B 440 8.54 50.60 -107.75
CA THR B 440 9.15 49.68 -106.79
C THR B 440 10.66 49.75 -106.93
N THR B 441 11.36 49.45 -105.84
CA THR B 441 12.82 49.46 -105.81
C THR B 441 13.33 48.24 -105.06
N GLY B 442 14.46 47.71 -105.51
CA GLY B 442 15.06 46.53 -104.92
C GLY B 442 16.07 46.84 -103.84
N GLY B 443 16.74 45.79 -103.38
CA GLY B 443 17.74 45.86 -102.35
C GLY B 443 17.92 44.52 -101.66
N SER B 444 18.75 44.52 -100.62
CA SER B 444 19.03 43.34 -99.83
C SER B 444 19.35 43.76 -98.40
N PHE B 445 18.76 43.05 -97.44
CA PHE B 445 18.97 43.37 -96.03
C PHE B 445 18.88 42.09 -95.21
N ASP B 446 19.31 42.18 -93.96
CA ASP B 446 19.43 41.04 -93.08
C ASP B 446 18.24 40.96 -92.12
N LEU B 447 17.92 39.74 -91.68
CA LEU B 447 16.80 39.51 -90.79
C LEU B 447 17.21 38.58 -89.66
N LEU B 448 16.73 38.92 -88.45
CA LEU B 448 16.94 38.15 -87.23
C LEU B 448 15.60 37.66 -86.70
N VAL B 449 15.62 36.52 -86.01
CA VAL B 449 14.43 35.85 -85.53
C VAL B 449 14.54 35.64 -84.02
N ALA B 450 13.40 35.60 -83.34
CA ALA B 450 13.35 35.20 -81.95
C ALA B 450 12.09 34.39 -81.71
N GLY B 451 12.28 33.12 -81.37
CA GLY B 451 11.17 32.20 -81.26
C GLY B 451 10.75 31.66 -82.62
N GLY B 452 9.73 30.81 -82.59
CA GLY B 452 9.29 30.18 -83.83
C GLY B 452 7.88 30.52 -84.25
N GLY B 453 6.98 30.75 -83.30
CA GLY B 453 5.59 31.00 -83.63
C GLY B 453 4.64 30.38 -82.62
N GLU B 454 3.61 29.67 -83.10
CA GLU B 454 2.73 28.90 -82.20
C GLU B 454 2.78 27.44 -82.67
N ALA B 455 3.88 26.78 -82.30
CA ALA B 455 4.13 25.35 -82.42
C ALA B 455 5.56 25.16 -81.93
N ALA B 456 6.00 23.91 -81.87
CA ALA B 456 7.38 23.61 -81.52
C ALA B 456 8.12 23.13 -82.77
N THR B 457 9.26 23.76 -83.05
CA THR B 457 10.10 23.36 -84.17
C THR B 457 11.03 22.24 -83.76
N SER B 458 11.80 21.74 -84.73
CA SER B 458 12.69 20.62 -84.46
C SER B 458 13.80 20.99 -83.49
N THR B 459 14.36 22.18 -83.62
CA THR B 459 15.50 22.61 -82.81
C THR B 459 15.09 23.60 -81.72
N THR B 460 13.88 23.45 -81.17
CA THR B 460 13.44 24.33 -80.10
C THR B 460 14.09 23.94 -78.78
N LYS B 461 14.57 24.94 -78.06
CA LYS B 461 15.18 24.69 -76.76
C LYS B 461 14.14 24.21 -75.76
N LEU B 462 14.57 23.34 -74.85
CA LEU B 462 13.64 22.71 -73.92
C LEU B 462 13.21 23.62 -72.78
N LYS B 463 13.80 24.81 -72.65
CA LYS B 463 13.47 25.72 -71.57
C LYS B 463 12.53 26.83 -72.02
N ASP B 464 11.92 26.71 -73.20
CA ASP B 464 11.01 27.72 -73.72
C ASP B 464 9.60 27.21 -73.93
N ILE B 465 9.35 25.91 -73.75
CA ILE B 465 7.99 25.39 -73.85
C ILE B 465 7.19 25.84 -72.64
N SER B 466 5.96 26.31 -72.87
CA SER B 466 5.16 26.87 -71.79
C SER B 466 4.80 25.82 -70.74
N ARG B 467 4.66 24.57 -71.14
CA ARG B 467 4.28 23.51 -70.20
C ARG B 467 5.35 23.21 -69.15
N PHE B 468 6.59 23.66 -69.36
CA PHE B 468 7.69 23.32 -68.47
C PHE B 468 7.91 24.36 -67.37
N THR B 469 6.87 25.09 -66.99
CA THR B 469 6.93 25.98 -65.84
C THR B 469 5.66 25.81 -65.02
N THR B 470 5.77 26.04 -63.72
CA THR B 470 4.65 25.92 -62.82
C THR B 470 3.77 27.17 -62.89
N ASP B 471 2.73 27.20 -62.04
CA ASP B 471 1.87 28.37 -62.01
C ASP B 471 2.42 29.49 -61.13
N ASP B 472 3.55 29.26 -60.47
CA ASP B 472 4.23 30.31 -59.72
C ASP B 472 5.36 30.95 -60.51
N GLY B 473 5.50 30.60 -61.79
CA GLY B 473 6.51 31.22 -62.63
C GLY B 473 7.88 30.62 -62.55
N VAL B 474 8.05 29.50 -61.85
CA VAL B 474 9.34 28.84 -61.71
C VAL B 474 9.37 27.63 -62.63
N ASN B 475 10.27 27.67 -63.62
CA ASN B 475 10.44 26.53 -64.50
C ASN B 475 11.20 25.42 -63.78
N ILE B 476 10.96 24.19 -64.23
CA ILE B 476 11.49 23.02 -63.54
C ILE B 476 13.01 22.96 -63.67
N PHE B 477 13.55 23.36 -64.83
CA PHE B 477 14.96 23.21 -65.13
C PHE B 477 15.82 24.29 -64.48
N ALA B 478 15.24 25.20 -63.70
CA ALA B 478 16.05 26.22 -63.04
C ALA B 478 17.01 25.62 -62.04
N ALA B 479 16.56 24.63 -61.26
CA ALA B 479 17.43 24.03 -60.26
C ALA B 479 18.55 23.22 -60.91
N GLY B 480 18.22 22.39 -61.89
CA GLY B 480 19.22 21.56 -62.53
C GLY B 480 18.59 20.44 -63.34
N PRO B 481 19.41 19.47 -63.73
CA PRO B 481 18.89 18.36 -64.54
C PRO B 481 17.87 17.53 -63.78
N GLN B 482 16.92 16.97 -64.53
CA GLN B 482 15.88 16.12 -63.98
C GLN B 482 16.08 14.68 -64.44
N GLU B 483 15.42 13.76 -63.74
CA GLU B 483 15.56 12.33 -63.98
C GLU B 483 14.25 11.74 -64.48
N LEU B 484 14.36 10.68 -65.27
CA LEU B 484 13.20 9.92 -65.70
C LEU B 484 13.55 8.44 -65.69
N THR B 485 12.64 7.61 -65.20
CA THR B 485 12.86 6.18 -65.09
C THR B 485 11.79 5.44 -65.90
N ILE B 486 12.21 4.46 -66.67
CA ILE B 486 11.31 3.66 -67.49
C ILE B 486 11.34 2.23 -66.97
N PHE B 487 10.16 1.72 -66.63
CA PHE B 487 9.99 0.34 -66.19
C PHE B 487 9.31 -0.46 -67.30
N GLY B 488 9.91 -1.58 -67.66
CA GLY B 488 9.34 -2.42 -68.71
C GLY B 488 10.12 -3.69 -68.96
N ASN B 489 9.42 -4.72 -69.44
CA ASN B 489 10.03 -6.01 -69.78
C ASN B 489 10.81 -6.58 -68.60
N GLY B 490 10.25 -6.42 -67.40
CA GLY B 490 10.92 -6.87 -66.18
C GLY B 490 12.27 -6.23 -65.95
N SER B 491 12.42 -4.95 -66.30
CA SER B 491 13.67 -4.25 -66.12
C SER B 491 13.38 -2.76 -65.98
N SER B 492 14.44 -1.98 -65.72
CA SER B 492 14.32 -0.55 -65.53
C SER B 492 15.50 0.15 -66.17
N ALA B 493 15.28 1.42 -66.53
CA ALA B 493 16.33 2.23 -67.14
C ALA B 493 16.15 3.67 -66.69
N THR B 494 17.22 4.44 -66.80
CA THR B 494 17.25 5.82 -66.31
C THR B 494 17.80 6.74 -67.39
N ILE B 495 17.17 7.92 -67.54
CA ILE B 495 17.65 8.96 -68.42
C ILE B 495 17.63 10.29 -67.67
N TYR B 496 18.46 11.22 -68.15
CA TYR B 496 18.61 12.54 -67.55
C TYR B 496 18.33 13.61 -68.58
N LEU B 497 17.74 14.71 -68.13
CA LEU B 497 17.38 15.83 -69.00
C LEU B 497 17.96 17.12 -68.43
N GLU B 498 18.45 17.98 -69.31
CA GLU B 498 19.03 19.25 -68.92
C GLU B 498 18.29 20.38 -69.64
N GLY B 499 18.63 21.62 -69.28
CA GLY B 499 17.90 22.78 -69.71
C GLY B 499 18.26 23.36 -71.05
N ASP B 500 19.17 22.73 -71.79
CA ASP B 500 19.58 23.24 -73.10
C ASP B 500 19.53 22.18 -74.19
N ASP B 501 18.84 21.07 -73.97
CA ASP B 501 18.68 20.06 -75.00
C ASP B 501 17.73 20.55 -76.09
N THR B 502 17.75 19.82 -77.20
CA THR B 502 16.77 20.00 -78.27
C THR B 502 15.73 18.89 -78.20
N VAL B 503 14.61 19.11 -78.89
CA VAL B 503 13.56 18.09 -78.93
C VAL B 503 14.05 16.84 -79.64
N SER B 504 14.81 17.02 -80.73
CA SER B 504 15.37 15.88 -81.43
C SER B 504 16.35 15.10 -80.56
N GLU B 505 17.11 15.81 -79.73
CA GLU B 505 17.98 15.13 -78.78
C GLU B 505 17.18 14.33 -77.77
N PHE B 506 16.03 14.85 -77.34
CA PHE B 506 15.14 14.10 -76.47
C PHE B 506 14.65 12.82 -77.14
N GLU B 507 14.25 12.93 -78.41
CA GLU B 507 13.80 11.75 -79.14
C GLU B 507 14.92 10.72 -79.28
N THR B 508 16.14 11.18 -79.59
CA THR B 508 17.26 10.25 -79.72
C THR B 508 17.58 9.56 -78.40
N LYS B 509 17.56 10.33 -77.30
CA LYS B 509 17.81 9.74 -75.98
C LYS B 509 16.76 8.69 -75.64
N LEU B 510 15.48 9.01 -75.90
CA LEU B 510 14.42 8.05 -75.59
C LEU B 510 14.54 6.80 -76.46
N SER B 511 14.90 6.97 -77.74
CA SER B 511 15.07 5.82 -78.62
C SER B 511 16.20 4.92 -78.13
N SER B 512 17.33 5.52 -77.74
CA SER B 512 18.43 4.74 -77.21
C SER B 512 18.04 4.02 -75.92
N ALA B 513 17.32 4.71 -75.03
CA ALA B 513 16.91 4.08 -73.78
C ALA B 513 15.96 2.91 -74.03
N ILE B 514 15.01 3.07 -74.95
CA ILE B 514 14.06 2.00 -75.24
C ILE B 514 14.78 0.82 -75.88
N LEU B 515 15.69 1.09 -76.81
CA LEU B 515 16.45 0.00 -77.43
C LEU B 515 17.38 -0.67 -76.43
N GLU B 516 17.76 0.02 -75.36
CA GLU B 516 18.60 -0.61 -74.34
C GLU B 516 17.87 -1.71 -73.60
N LEU B 517 16.57 -1.51 -73.31
CA LEU B 517 15.82 -2.45 -72.51
C LEU B 517 15.61 -3.79 -73.21
N GLY B 518 15.77 -3.84 -74.52
CA GLY B 518 15.57 -5.07 -75.26
C GLY B 518 14.25 -5.19 -76.01
N MET B 519 13.47 -4.11 -76.08
CA MET B 519 12.20 -4.12 -76.81
C MET B 519 12.38 -3.90 -78.30
N GLY B 520 13.61 -3.72 -78.77
CA GLY B 520 13.87 -3.30 -80.13
C GLY B 520 13.63 -4.41 -81.14
N ALA B 521 13.99 -4.09 -82.38
CA ALA B 521 13.74 -4.99 -83.50
C ALA B 521 14.79 -6.09 -83.56
N THR B 522 14.38 -7.24 -84.10
CA THR B 522 15.26 -8.38 -84.24
C THR B 522 16.38 -8.07 -85.22
N ALA B 523 17.57 -8.61 -84.93
CA ALA B 523 18.72 -8.49 -85.81
C ALA B 523 18.61 -9.56 -86.87
N GLY B 524 17.79 -9.31 -87.88
CA GLY B 524 17.53 -10.27 -88.94
C GLY B 524 18.49 -10.19 -90.12
N THR B 525 19.64 -9.53 -89.95
CA THR B 525 20.60 -9.33 -91.04
C THR B 525 19.94 -8.66 -92.24
N SER B 526 19.11 -7.64 -91.97
CA SER B 526 18.37 -6.95 -93.01
C SER B 526 18.15 -5.51 -92.61
N ASP B 527 17.89 -4.66 -93.60
CA ASP B 527 17.61 -3.25 -93.36
C ASP B 527 16.28 -3.03 -92.64
N GLU B 528 15.43 -4.05 -92.58
CA GLU B 528 14.17 -3.96 -91.86
C GLU B 528 14.40 -3.53 -90.43
N ALA B 529 15.42 -4.09 -89.78
CA ALA B 529 15.72 -3.71 -88.40
C ALA B 529 16.08 -2.24 -88.30
N ALA B 530 16.90 -1.74 -89.24
CA ALA B 530 17.29 -0.34 -89.21
C ALA B 530 16.08 0.57 -89.37
N THR B 531 15.20 0.27 -90.33
CA THR B 531 14.01 1.10 -90.52
C THR B 531 13.10 1.06 -89.31
N VAL B 532 12.86 -0.14 -88.77
CA VAL B 532 11.95 -0.29 -87.64
C VAL B 532 12.49 0.46 -86.43
N ASN B 533 13.78 0.30 -86.14
CA ASN B 533 14.36 1.03 -85.01
C ASN B 533 14.37 2.53 -85.27
N SER B 534 14.42 2.94 -86.53
CA SER B 534 14.29 4.36 -86.84
C SER B 534 12.90 4.88 -86.51
N ASN B 535 11.87 4.07 -86.76
CA ASN B 535 10.48 4.51 -86.58
C ASN B 535 9.86 4.05 -85.28
N LEU B 536 10.60 4.07 -84.16
CA LEU B 536 10.03 3.72 -82.86
C LEU B 536 9.32 4.91 -82.22
N VAL B 537 10.08 5.95 -81.87
CA VAL B 537 9.56 7.16 -81.26
C VAL B 537 9.64 8.28 -82.28
N ASN B 538 8.54 9.00 -82.47
CA ASN B 538 8.53 10.02 -83.50
C ASN B 538 7.82 11.28 -83.04
N TYR B 539 8.12 12.38 -83.71
CA TYR B 539 7.57 13.70 -83.44
C TYR B 539 6.98 14.26 -84.73
N VAL B 540 5.80 14.87 -84.62
CA VAL B 540 5.07 15.36 -85.77
C VAL B 540 5.18 16.87 -85.81
N SER B 541 5.89 17.39 -86.81
CA SER B 541 6.06 18.83 -86.96
C SER B 541 4.97 19.39 -87.87
N THR B 542 5.11 20.65 -88.27
CA THR B 542 4.09 21.30 -89.07
C THR B 542 3.97 20.68 -90.46
N GLY B 543 5.09 20.39 -91.10
CA GLY B 543 5.08 19.93 -92.48
C GLY B 543 4.84 18.45 -92.69
N ASP B 544 4.72 17.67 -91.63
CA ASP B 544 4.54 16.23 -91.74
C ASP B 544 3.25 15.77 -91.09
N VAL B 545 2.16 16.48 -91.33
CA VAL B 545 0.88 16.16 -90.73
C VAL B 545 0.07 15.30 -91.69
N THR B 546 -0.47 14.19 -91.19
CA THR B 546 -1.27 13.27 -91.99
C THR B 546 -2.61 13.06 -91.28
N ASP B 547 -3.68 13.04 -92.07
CA ASP B 547 -5.02 12.92 -91.52
C ASP B 547 -5.46 11.46 -91.43
N SER B 548 -6.41 11.20 -90.53
CA SER B 548 -7.01 9.87 -90.35
C SER B 548 -5.95 8.82 -90.03
N SER B 549 -5.10 9.13 -89.07
CA SER B 549 -4.08 8.19 -88.61
C SER B 549 -3.69 8.55 -87.19
N ASN B 550 -2.68 7.85 -86.67
CA ASN B 550 -2.15 8.17 -85.35
C ASN B 550 -1.45 9.51 -85.31
N GLU B 551 -1.16 10.10 -86.47
CA GLU B 551 -0.41 11.35 -86.56
C GLU B 551 -1.28 12.52 -87.01
N ALA B 552 -2.52 12.57 -86.54
CA ALA B 552 -3.45 13.63 -86.94
C ALA B 552 -3.28 14.90 -86.14
N LEU B 553 -2.40 14.91 -85.14
CA LEU B 553 -2.19 16.07 -84.28
C LEU B 553 -0.80 16.63 -84.51
N ALA B 554 -0.68 17.95 -84.40
CA ALA B 554 0.57 18.65 -84.66
C ALA B 554 1.30 18.93 -83.35
N GLY B 555 2.60 18.61 -83.32
CA GLY B 555 3.42 18.88 -82.16
C GLY B 555 3.19 17.93 -81.00
N THR B 556 3.24 16.63 -81.26
CA THR B 556 3.07 15.62 -80.24
C THR B 556 4.09 14.51 -80.43
N PHE B 557 4.29 13.72 -79.38
CA PHE B 557 5.19 12.58 -79.41
C PHE B 557 4.37 11.30 -79.53
N VAL B 558 4.75 10.44 -80.46
CA VAL B 558 4.13 9.14 -80.66
C VAL B 558 5.14 8.08 -80.27
N ILE B 559 4.75 7.19 -79.35
CA ILE B 559 5.63 6.19 -78.78
C ILE B 559 5.03 4.82 -79.02
N GLN B 560 5.85 3.91 -79.55
CA GLN B 560 5.44 2.52 -79.78
C GLN B 560 6.59 1.61 -79.39
N THR B 561 6.26 0.32 -79.21
CA THR B 561 7.25 -0.69 -78.90
C THR B 561 7.07 -1.86 -79.86
N ALA B 562 8.17 -2.55 -80.15
CA ALA B 562 8.21 -3.54 -81.21
C ALA B 562 7.71 -4.91 -80.79
N ARG B 563 7.37 -5.11 -79.52
CA ARG B 563 6.85 -6.38 -79.04
C ARG B 563 5.33 -6.32 -78.92
N LEU B 564 4.72 -7.48 -78.78
CA LEU B 564 3.28 -7.61 -78.75
C LEU B 564 2.78 -7.98 -77.36
N GLY B 565 1.51 -7.66 -77.11
CA GLY B 565 0.84 -8.09 -75.90
C GLY B 565 1.39 -7.44 -74.64
N ASP B 566 1.29 -8.19 -73.54
CA ASP B 566 1.65 -7.67 -72.22
C ASP B 566 3.09 -7.17 -72.18
N ASP B 567 3.97 -7.74 -73.01
CA ASP B 567 5.37 -7.33 -73.00
C ASP B 567 5.56 -5.90 -73.45
N SER B 568 4.56 -5.30 -74.10
CA SER B 568 4.69 -3.99 -74.72
C SER B 568 4.19 -2.86 -73.82
N LYS B 569 3.81 -3.15 -72.59
CA LYS B 569 3.34 -2.12 -71.68
C LYS B 569 4.52 -1.43 -71.00
N LEU B 570 4.52 -0.10 -71.02
CA LEU B 570 5.59 0.70 -70.46
C LEU B 570 5.10 1.49 -69.25
N SER B 571 6.01 1.76 -68.32
CA SER B 571 5.71 2.55 -67.14
C SER B 571 6.72 3.69 -67.00
N PHE B 572 6.23 4.87 -66.64
CA PHE B 572 7.04 6.07 -66.49
C PHE B 572 7.04 6.51 -65.04
N ILE B 573 8.22 6.79 -64.50
CA ILE B 573 8.39 7.19 -63.11
C ILE B 573 9.30 8.41 -63.06
N GLY B 574 9.01 9.33 -62.15
CA GLY B 574 9.83 10.50 -62.00
C GLY B 574 9.20 11.49 -61.04
N ASP B 575 9.66 12.74 -61.12
CA ASP B 575 9.10 13.79 -60.30
C ASP B 575 7.65 14.05 -60.71
N GLN B 576 6.84 14.47 -59.73
CA GLN B 576 5.42 14.67 -59.98
C GLN B 576 5.17 15.74 -61.04
N ASN B 577 5.88 16.87 -60.94
CA ASN B 577 5.63 17.98 -61.87
C ASN B 577 6.04 17.62 -63.29
N LEU B 578 7.17 16.95 -63.47
CA LEU B 578 7.60 16.57 -64.82
C LEU B 578 6.62 15.57 -65.44
N ILE B 579 6.17 14.59 -64.66
CA ILE B 579 5.20 13.63 -65.16
C ILE B 579 3.89 14.32 -65.52
N ASN B 580 3.46 15.26 -64.68
CA ASN B 580 2.23 16.00 -64.96
C ASN B 580 2.37 16.81 -66.25
N ALA B 581 3.51 17.46 -66.44
CA ALA B 581 3.73 18.24 -67.66
C ALA B 581 3.77 17.34 -68.90
N LEU B 582 4.43 16.19 -68.80
CA LEU B 582 4.47 15.26 -69.93
C LEU B 582 3.06 14.78 -70.28
N SER B 583 2.33 14.26 -69.29
CA SER B 583 0.91 13.95 -69.42
C SER B 583 0.65 12.97 -70.57
N LEU B 584 1.21 11.78 -70.45
CA LEU B 584 1.03 10.77 -71.47
C LEU B 584 -0.40 10.25 -71.47
N ALA B 585 -0.81 9.71 -72.61
CA ALA B 585 -2.13 9.13 -72.78
C ALA B 585 -2.02 7.86 -73.62
N THR B 586 -2.97 6.97 -73.43
CA THR B 586 -3.00 5.69 -74.13
C THR B 586 -4.02 5.74 -75.25
N ILE B 587 -3.58 5.42 -76.47
CA ILE B 587 -4.48 5.38 -77.61
C ILE B 587 -4.58 4.00 -78.25
N GLN B 588 -3.63 3.09 -78.01
CA GLN B 588 -3.82 1.71 -78.44
C GLN B 588 -3.23 0.77 -77.40
N GLU B 589 -3.84 -0.42 -77.31
CA GLU B 589 -3.45 -1.44 -76.33
C GLU B 589 -3.20 -2.76 -77.05
N GLY B 590 -2.31 -3.56 -76.49
CA GLY B 590 -1.91 -4.80 -77.12
C GLY B 590 -2.89 -5.94 -76.96
N GLU B 591 -2.71 -6.96 -77.78
CA GLU B 591 -3.50 -8.18 -77.73
C GLU B 591 -2.58 -9.38 -77.80
N ASN B 592 -2.94 -10.45 -77.11
CA ASN B 592 -2.11 -11.64 -77.08
C ASN B 592 -2.21 -12.40 -78.41
N SER B 593 -1.30 -13.33 -78.60
CA SER B 593 -1.24 -14.14 -79.80
C SER B 593 -1.85 -15.52 -79.55
N GLU B 594 -2.08 -16.26 -80.62
CA GLU B 594 -2.64 -17.60 -80.56
C GLU B 594 -1.63 -18.59 -81.12
N THR B 595 -1.30 -19.61 -80.33
CA THR B 595 -0.24 -20.54 -80.68
C THR B 595 -0.81 -21.93 -80.84
N THR B 596 -0.45 -22.59 -81.95
CA THR B 596 -0.80 -23.98 -82.21
C THR B 596 0.45 -24.83 -82.00
N ILE B 597 0.34 -25.85 -81.15
CA ILE B 597 1.47 -26.67 -80.77
C ILE B 597 1.10 -28.13 -80.96
N LYS B 598 2.00 -28.90 -81.58
CA LYS B 598 1.83 -30.33 -81.76
C LYS B 598 3.05 -31.05 -81.24
N VAL B 599 2.84 -32.09 -80.42
CA VAL B 599 3.95 -32.80 -79.78
C VAL B 599 4.00 -34.21 -80.35
N THR B 600 5.21 -34.69 -80.62
CA THR B 600 5.42 -36.04 -81.14
C THR B 600 6.72 -36.61 -80.57
N ASP B 601 6.83 -37.93 -80.61
CA ASP B 601 8.04 -38.58 -80.14
C ASP B 601 9.21 -38.29 -81.08
N ALA B 602 10.41 -38.30 -80.52
CA ALA B 602 11.61 -37.93 -81.27
C ALA B 602 12.24 -39.09 -82.02
N HIS B 603 11.83 -40.33 -81.76
CA HIS B 603 12.42 -41.46 -82.46
C HIS B 603 11.40 -42.28 -83.23
N THR B 604 10.24 -42.56 -82.65
CA THR B 604 9.24 -43.41 -83.28
C THR B 604 8.21 -42.64 -84.09
N GLY B 605 7.79 -41.48 -83.61
CA GLY B 605 6.91 -40.61 -84.38
C GLY B 605 5.43 -40.79 -84.15
N LYS B 606 5.03 -41.54 -83.12
CA LYS B 606 3.61 -41.65 -82.82
C LYS B 606 3.07 -40.34 -82.25
N PHE B 607 1.82 -40.04 -82.59
CA PHE B 607 1.21 -38.80 -82.13
C PHE B 607 0.89 -38.88 -80.64
N ILE B 608 1.01 -37.74 -79.95
CA ILE B 608 0.75 -37.65 -78.52
C ILE B 608 -0.36 -36.63 -78.21
N GLY B 609 -0.17 -35.39 -78.66
CA GLY B 609 -1.15 -34.37 -78.37
C GLY B 609 -0.95 -33.12 -79.19
N SER B 610 -1.98 -32.28 -79.19
CA SER B 610 -1.95 -30.98 -79.83
C SER B 610 -2.80 -30.02 -79.01
N ASP B 611 -2.47 -28.73 -79.09
CA ASP B 611 -3.19 -27.73 -78.33
C ASP B 611 -3.16 -26.38 -79.04
N SER B 612 -4.14 -25.55 -78.70
CA SER B 612 -4.21 -24.17 -79.14
C SER B 612 -4.31 -23.29 -77.91
N VAL B 613 -3.29 -22.49 -77.66
CA VAL B 613 -3.17 -21.72 -76.43
C VAL B 613 -3.12 -20.24 -76.76
N ASN B 614 -3.35 -19.43 -75.74
CA ASN B 614 -3.43 -17.98 -75.91
C ASN B 614 -2.51 -17.21 -74.97
N ASP B 615 -1.93 -17.86 -73.96
CA ASP B 615 -0.91 -17.25 -73.13
C ASP B 615 0.46 -17.89 -73.33
N SER B 616 0.64 -18.64 -74.42
CA SER B 616 1.90 -19.29 -74.76
C SER B 616 2.37 -20.23 -73.65
N THR B 617 1.42 -20.92 -73.03
CA THR B 617 1.71 -21.91 -71.99
C THR B 617 1.03 -23.22 -72.37
N LEU B 618 1.82 -24.29 -72.48
CA LEU B 618 1.28 -25.62 -72.75
C LEU B 618 1.17 -26.37 -71.43
N ARG B 619 -0.06 -26.55 -70.94
CA ARG B 619 -0.29 -27.06 -69.61
C ARG B 619 -1.30 -28.19 -69.64
N GLY B 620 -0.84 -29.41 -69.44
CA GLY B 620 -1.73 -30.53 -69.22
C GLY B 620 -1.78 -31.56 -70.32
N VAL B 621 -0.75 -31.67 -71.13
CA VAL B 621 -0.65 -32.73 -72.13
C VAL B 621 0.53 -33.65 -71.85
N ILE B 622 1.58 -33.14 -71.21
CA ILE B 622 2.67 -33.94 -70.68
C ILE B 622 2.54 -33.94 -69.17
N GLN B 623 2.26 -35.10 -68.58
CA GLN B 623 1.94 -35.17 -67.16
C GLN B 623 3.15 -34.77 -66.32
N GLY B 624 2.92 -33.92 -65.32
CA GLY B 624 3.97 -33.49 -64.42
C GLY B 624 4.86 -32.39 -64.93
N VAL B 625 4.52 -31.77 -66.07
CA VAL B 625 5.34 -30.73 -66.67
C VAL B 625 4.43 -29.63 -67.20
N ASP B 626 4.81 -28.38 -66.95
CA ASP B 626 4.19 -27.24 -67.60
C ASP B 626 5.26 -26.56 -68.45
N VAL B 627 4.94 -26.28 -69.71
CA VAL B 627 5.87 -25.77 -70.69
C VAL B 627 5.54 -24.32 -70.99
N LYS B 628 6.56 -23.46 -70.99
CA LYS B 628 6.42 -22.04 -71.25
C LYS B 628 7.30 -21.69 -72.44
N ILE B 629 6.69 -21.12 -73.47
CA ILE B 629 7.39 -20.73 -74.70
C ILE B 629 7.32 -19.21 -74.83
N ASP B 630 8.45 -18.61 -75.18
CA ASP B 630 8.53 -17.16 -75.29
C ASP B 630 7.71 -16.67 -76.48
N SER B 631 7.26 -15.42 -76.39
CA SER B 631 6.36 -14.86 -77.39
C SER B 631 7.09 -14.21 -78.57
N ASP B 632 8.41 -14.27 -78.61
CA ASP B 632 9.19 -13.70 -79.72
C ASP B 632 9.59 -14.78 -80.72
N VAL B 633 8.70 -15.72 -81.00
CA VAL B 633 8.98 -16.86 -81.87
C VAL B 633 8.11 -16.75 -83.11
N GLY B 634 8.74 -16.83 -84.29
CA GLY B 634 8.03 -16.94 -85.54
C GLY B 634 7.12 -15.78 -85.89
N VAL B 635 7.61 -14.55 -85.75
CA VAL B 635 6.87 -13.35 -86.11
C VAL B 635 7.77 -12.45 -86.94
N SER B 636 7.24 -11.91 -88.04
CA SER B 636 7.96 -10.99 -88.89
C SER B 636 7.31 -9.61 -88.79
N ILE B 637 8.15 -8.58 -88.78
CA ILE B 637 7.72 -7.20 -88.54
C ILE B 637 8.15 -6.33 -89.70
N SER B 638 7.29 -5.39 -90.09
CA SER B 638 7.59 -4.47 -91.17
C SER B 638 6.97 -3.11 -90.87
N TRP B 639 7.48 -2.09 -91.54
CA TRP B 639 7.01 -0.72 -91.40
C TRP B 639 6.40 -0.24 -92.71
N ASN B 640 5.32 0.54 -92.61
CA ASN B 640 4.68 1.14 -93.77
C ASN B 640 4.54 2.63 -93.52
N SER B 641 5.19 3.44 -94.36
CA SER B 641 5.18 4.89 -94.17
C SER B 641 4.00 5.57 -94.86
N THR B 642 3.41 4.93 -95.88
CA THR B 642 2.21 5.50 -96.48
C THR B 642 1.06 5.53 -95.47
N LYS B 643 0.92 4.46 -94.69
CA LYS B 643 -0.06 4.40 -93.61
C LYS B 643 0.56 4.74 -92.25
N LYS B 644 1.88 4.78 -92.16
CA LYS B 644 2.59 5.09 -90.91
C LYS B 644 2.22 4.11 -89.80
N THR B 645 2.34 2.81 -90.10
CA THR B 645 1.96 1.77 -89.15
C THR B 645 2.90 0.57 -89.27
N MET B 646 2.96 -0.18 -88.18
CA MET B 646 3.64 -1.46 -88.18
C MET B 646 2.73 -2.54 -88.74
N GLU B 647 3.34 -3.59 -89.27
CA GLU B 647 2.61 -4.77 -89.73
C GLU B 647 3.34 -6.02 -89.25
N PHE B 648 2.59 -6.93 -88.66
CA PHE B 648 3.13 -8.20 -88.17
C PHE B 648 2.54 -9.34 -88.97
N SER B 649 3.34 -10.37 -89.19
CA SER B 649 2.90 -11.49 -90.01
C SER B 649 3.58 -12.78 -89.55
N ALA B 650 3.02 -13.90 -89.99
CA ALA B 650 3.60 -15.19 -89.71
C ALA B 650 4.80 -15.43 -90.62
N THR B 651 5.80 -16.14 -90.07
CA THR B 651 7.02 -16.38 -90.83
C THR B 651 6.74 -17.26 -92.06
N GLY B 652 5.86 -18.24 -91.92
CA GLY B 652 5.49 -19.10 -93.03
C GLY B 652 6.16 -20.46 -93.04
N GLU B 653 7.12 -20.70 -92.13
CA GLU B 653 7.76 -21.99 -92.01
C GLU B 653 7.76 -22.41 -90.55
N SER B 654 7.53 -23.70 -90.32
CA SER B 654 7.35 -24.21 -88.97
C SER B 654 8.68 -24.24 -88.23
N GLU B 655 8.59 -24.32 -86.91
CA GLU B 655 9.74 -24.39 -86.03
C GLU B 655 9.72 -25.71 -85.27
N ASP B 656 10.89 -26.32 -85.11
CA ASP B 656 11.02 -27.59 -84.42
C ASP B 656 11.97 -27.43 -83.24
N ILE B 657 11.54 -27.91 -82.06
CA ILE B 657 12.35 -27.88 -80.85
C ILE B 657 12.36 -29.29 -80.28
N LYS B 658 13.42 -29.58 -79.51
CA LYS B 658 13.62 -30.89 -78.92
C LYS B 658 13.78 -30.78 -77.42
N LEU B 659 13.13 -31.66 -76.68
CA LEU B 659 13.10 -31.62 -75.22
C LEU B 659 13.49 -32.98 -74.67
N HIS B 660 14.32 -32.97 -73.62
CA HIS B 660 14.83 -34.17 -72.98
C HIS B 660 14.44 -34.16 -71.51
N LEU B 661 13.92 -35.29 -71.02
CA LEU B 661 13.35 -35.36 -69.69
C LEU B 661 13.65 -36.72 -69.08
N VAL B 662 13.86 -36.75 -67.75
CA VAL B 662 14.15 -37.98 -67.03
C VAL B 662 13.65 -37.82 -65.60
N ASP B 663 13.45 -38.96 -64.92
CA ASP B 663 12.87 -38.99 -63.59
C ASP B 663 13.95 -39.18 -62.52
N ASN B 664 13.68 -38.62 -61.33
CA ASN B 664 14.64 -38.65 -60.22
C ASN B 664 13.95 -38.88 -58.88
N ALA B 665 12.87 -39.66 -58.86
CA ALA B 665 12.04 -39.79 -57.66
C ALA B 665 12.81 -40.42 -56.49
N MET B 666 12.19 -40.45 -55.32
CA MET B 666 12.84 -40.94 -54.11
C MET B 666 12.20 -42.24 -53.65
N GLU B 667 13.03 -43.24 -53.37
CA GLU B 667 12.59 -44.54 -52.87
C GLU B 667 12.77 -44.61 -51.35
N MET B 668 11.93 -45.43 -50.71
CA MET B 668 12.07 -45.71 -49.28
C MET B 668 11.86 -47.20 -49.05
N GLN B 669 12.89 -47.87 -48.52
CA GLN B 669 12.74 -49.24 -48.06
C GLN B 669 11.98 -49.26 -46.74
N ILE B 670 10.89 -50.04 -46.69
CA ILE B 670 10.02 -50.05 -45.52
C ILE B 670 9.77 -51.49 -45.07
N GLY B 671 10.54 -52.42 -45.62
CA GLY B 671 10.32 -53.82 -45.29
C GLY B 671 11.57 -54.68 -45.30
N ALA B 672 11.40 -55.99 -45.09
CA ALA B 672 12.52 -56.92 -45.01
C ALA B 672 12.51 -57.91 -46.17
N ASN B 673 11.83 -57.57 -47.27
CA ASN B 673 11.75 -58.44 -48.42
C ASN B 673 11.70 -57.60 -49.68
N GLU B 674 12.06 -58.22 -50.80
CA GLU B 674 12.05 -57.54 -52.09
C GLU B 674 10.62 -57.19 -52.48
N GLY B 675 10.34 -55.90 -52.64
CA GLY B 675 9.08 -55.51 -53.23
C GLY B 675 8.34 -54.36 -52.56
N GLN B 676 8.45 -54.22 -51.24
CA GLN B 676 7.70 -53.19 -50.52
C GLN B 676 8.56 -51.94 -50.38
N THR B 677 8.08 -50.85 -50.97
CA THR B 677 8.77 -49.56 -50.92
C THR B 677 7.74 -48.45 -50.86
N ILE B 678 8.21 -47.25 -50.54
CA ILE B 678 7.36 -46.06 -50.44
C ILE B 678 7.97 -44.99 -51.33
N LEU B 679 7.14 -44.38 -52.17
CA LEU B 679 7.62 -43.32 -53.06
C LEU B 679 7.63 -41.98 -52.34
N ALA B 680 8.45 -41.06 -52.85
CA ALA B 680 8.50 -39.71 -52.33
C ALA B 680 8.94 -38.75 -53.43
N ASN B 681 8.23 -37.63 -53.54
CA ASN B 681 8.57 -36.57 -54.47
C ASN B 681 8.15 -35.24 -53.89
N ILE B 682 8.95 -34.20 -54.14
CA ILE B 682 8.70 -32.86 -53.64
C ILE B 682 8.61 -31.90 -54.81
N PRO B 683 7.47 -31.29 -55.08
CA PRO B 683 7.34 -30.43 -56.27
C PRO B 683 8.24 -29.20 -56.17
N GLN B 684 8.64 -28.71 -57.34
CA GLN B 684 9.52 -27.55 -57.41
C GLN B 684 8.81 -26.30 -56.91
N VAL B 685 9.52 -25.50 -56.13
CA VAL B 685 8.97 -24.28 -55.55
C VAL B 685 9.98 -23.16 -55.71
N ASP B 686 9.55 -22.06 -56.32
CA ASP B 686 10.32 -20.82 -56.39
C ASP B 686 9.37 -19.71 -56.82
N THR B 687 9.93 -18.53 -57.13
CA THR B 687 9.10 -17.46 -57.66
C THR B 687 8.48 -17.83 -59.00
N THR B 688 9.24 -18.53 -59.85
CA THR B 688 8.70 -18.95 -61.13
C THR B 688 7.53 -19.91 -60.97
N SER B 689 7.65 -20.85 -60.03
CA SER B 689 6.55 -21.79 -59.79
C SER B 689 5.32 -21.07 -59.25
N LEU B 690 5.51 -20.13 -58.33
CA LEU B 690 4.40 -19.40 -57.74
C LEU B 690 3.82 -18.34 -58.68
N GLY B 691 4.48 -18.06 -59.80
CA GLY B 691 3.96 -17.13 -60.78
C GLY B 691 3.87 -15.69 -60.32
N ILE B 692 4.90 -15.18 -59.65
CA ILE B 692 4.93 -13.79 -59.22
C ILE B 692 6.22 -13.13 -59.71
N ASP B 693 6.75 -13.63 -60.83
CA ASP B 693 8.01 -13.10 -61.35
C ASP B 693 7.86 -11.66 -61.81
N ASP B 694 6.79 -11.35 -62.53
CA ASP B 694 6.62 -10.08 -63.22
C ASP B 694 5.68 -9.14 -62.47
N ILE B 695 5.74 -9.18 -61.14
CA ILE B 695 4.94 -8.28 -60.31
C ILE B 695 5.64 -6.93 -60.23
N LEU B 696 4.89 -5.87 -60.51
CA LEU B 696 5.43 -4.51 -60.49
C LEU B 696 4.58 -3.62 -59.61
N MET B 697 5.24 -2.65 -58.96
CA MET B 697 4.56 -1.64 -58.15
C MET B 697 5.10 -0.28 -58.58
N VAL B 698 4.52 0.26 -59.64
CA VAL B 698 4.97 1.52 -60.22
C VAL B 698 3.81 2.49 -60.34
N ASP B 699 2.66 1.98 -60.80
CA ASP B 699 1.47 2.79 -61.01
C ASP B 699 0.32 2.25 -60.15
N GLN B 700 -0.78 2.99 -60.14
CA GLN B 700 -1.94 2.61 -59.34
C GLN B 700 -2.90 1.76 -60.19
N GLU B 701 -2.35 0.69 -60.76
CA GLU B 701 -3.16 -0.27 -61.52
C GLU B 701 -2.76 -1.72 -61.33
N LEU B 702 -1.64 -2.03 -60.70
CA LEU B 702 -1.16 -3.40 -60.60
C LEU B 702 -1.34 -4.03 -59.22
N ALA B 703 -1.75 -3.24 -58.23
CA ALA B 703 -1.90 -3.78 -56.87
C ALA B 703 -3.00 -4.83 -56.79
N GLN B 704 -4.07 -4.66 -57.56
CA GLN B 704 -5.16 -5.64 -57.54
C GLN B 704 -4.69 -6.99 -58.04
N GLU B 705 -3.99 -7.00 -59.18
CA GLU B 705 -3.41 -8.24 -59.69
C GLU B 705 -2.42 -8.81 -58.68
N SER B 706 -1.64 -7.94 -58.03
CA SER B 706 -0.72 -8.39 -57.00
C SER B 706 -1.45 -9.18 -55.92
N ILE B 707 -2.56 -8.63 -55.43
CA ILE B 707 -3.31 -9.29 -54.35
C ILE B 707 -3.83 -10.64 -54.83
N THR B 708 -4.38 -10.69 -56.05
CA THR B 708 -4.87 -11.96 -56.60
C THR B 708 -3.76 -13.02 -56.62
N LYS B 709 -2.61 -12.66 -57.21
CA LYS B 709 -1.52 -13.62 -57.32
C LYS B 709 -1.03 -14.06 -55.95
N LEU B 710 -0.98 -13.13 -54.99
CA LEU B 710 -0.49 -13.48 -53.66
C LEU B 710 -1.42 -14.47 -52.98
N ASP B 711 -2.74 -14.28 -53.11
CA ASP B 711 -3.68 -15.23 -52.55
C ASP B 711 -3.49 -16.62 -53.16
N LYS B 712 -3.36 -16.68 -54.48
CA LYS B 712 -3.21 -17.98 -55.13
C LYS B 712 -1.91 -18.68 -54.71
N ALA B 713 -0.82 -17.91 -54.58
CA ALA B 713 0.44 -18.49 -54.13
C ALA B 713 0.34 -19.04 -52.72
N LEU B 714 -0.34 -18.31 -51.82
CA LEU B 714 -0.56 -18.81 -50.48
C LEU B 714 -1.32 -20.15 -50.52
N GLU B 715 -2.35 -20.23 -51.36
CA GLU B 715 -3.09 -21.49 -51.48
C GLU B 715 -2.17 -22.64 -51.90
N THR B 716 -1.32 -22.40 -52.90
CA THR B 716 -0.44 -23.47 -53.39
C THR B 716 0.52 -23.94 -52.31
N VAL B 717 1.12 -22.99 -51.57
CA VAL B 717 2.07 -23.37 -50.52
C VAL B 717 1.38 -24.19 -49.45
N SER B 718 0.16 -23.79 -49.07
CA SER B 718 -0.58 -24.56 -48.07
C SER B 718 -0.85 -25.98 -48.55
N GLY B 719 -1.20 -26.14 -49.83
CA GLY B 719 -1.41 -27.48 -50.37
C GLY B 719 -0.18 -28.36 -50.27
N VAL B 720 0.98 -27.80 -50.62
CA VAL B 720 2.22 -28.59 -50.54
C VAL B 720 2.48 -29.02 -49.09
N ARG B 721 2.31 -28.10 -48.15
CA ARG B 721 2.50 -28.45 -46.74
C ARG B 721 1.56 -29.56 -46.31
N ALA B 722 0.31 -29.51 -46.77
CA ALA B 722 -0.66 -30.55 -46.42
C ALA B 722 -0.22 -31.92 -46.91
N THR B 723 0.28 -31.99 -48.15
CA THR B 723 0.76 -33.27 -48.68
C THR B 723 1.90 -33.82 -47.83
N ILE B 724 2.85 -32.96 -47.47
CA ILE B 724 3.98 -33.41 -46.65
C ILE B 724 3.48 -33.95 -45.31
N GLY B 725 2.53 -33.26 -44.69
CA GLY B 725 1.99 -33.73 -43.42
C GLY B 725 1.32 -35.08 -43.52
N ALA B 726 0.57 -35.31 -44.61
CA ALA B 726 -0.06 -36.62 -44.80
C ALA B 726 0.99 -37.72 -44.86
N GLN B 727 2.06 -37.50 -45.63
CA GLN B 727 3.09 -38.52 -45.74
C GLN B 727 3.73 -38.81 -44.38
N ILE B 728 4.06 -37.76 -43.62
CA ILE B 728 4.75 -37.99 -42.35
C ILE B 728 3.84 -38.72 -41.37
N ASN B 729 2.53 -38.44 -41.41
CA ASN B 729 1.62 -39.15 -40.51
C ASN B 729 1.53 -40.63 -40.88
N ARG B 730 1.53 -40.95 -42.17
CA ARG B 730 1.53 -42.37 -42.54
C ARG B 730 2.78 -43.06 -42.03
N LEU B 731 3.95 -42.43 -42.19
CA LEU B 731 5.17 -43.07 -41.71
C LEU B 731 5.13 -43.27 -40.20
N GLU B 732 4.58 -42.29 -39.47
CA GLU B 732 4.44 -42.44 -38.03
C GLU B 732 3.58 -43.64 -37.67
N TYR B 733 2.43 -43.81 -38.33
CA TYR B 733 1.61 -44.98 -38.04
C TYR B 733 2.30 -46.29 -38.43
N THR B 734 3.05 -46.30 -39.53
CA THR B 734 3.66 -47.56 -39.92
C THR B 734 4.88 -47.92 -39.08
N MET B 735 5.39 -46.99 -38.27
CA MET B 735 6.56 -47.28 -37.43
C MET B 735 6.29 -48.42 -36.45
N THR B 736 5.17 -48.36 -35.71
CA THR B 736 5.01 -49.20 -34.51
C THR B 736 4.76 -50.67 -34.81
N GLY B 737 4.10 -50.97 -35.93
CA GLY B 737 3.82 -52.36 -36.27
C GLY B 737 5.07 -53.18 -36.43
N LEU B 738 6.15 -52.57 -36.92
CA LEU B 738 7.43 -53.28 -37.05
C LEU B 738 7.94 -53.73 -35.69
N ASP B 739 7.87 -52.85 -34.68
CA ASP B 739 8.34 -53.21 -33.35
C ASP B 739 7.46 -54.31 -32.75
N THR B 740 6.15 -54.22 -32.94
CA THR B 740 5.26 -55.26 -32.42
C THR B 740 5.56 -56.62 -33.06
N THR B 741 5.73 -56.62 -34.39
CA THR B 741 6.04 -57.87 -35.09
C THR B 741 7.40 -58.43 -34.67
N ARG B 742 8.37 -57.54 -34.45
CA ARG B 742 9.67 -57.97 -33.97
C ARG B 742 9.55 -58.66 -32.63
N GLU B 743 8.77 -58.07 -31.71
CA GLU B 743 8.56 -58.70 -30.41
C GLU B 743 7.94 -60.08 -30.57
N ASN B 744 6.88 -60.20 -31.38
CA ASN B 744 6.20 -61.47 -31.49
C ASN B 744 7.09 -62.56 -32.10
N LEU B 745 7.80 -62.23 -33.18
CA LEU B 745 8.65 -63.25 -33.80
C LEU B 745 9.91 -63.53 -33.00
N THR B 746 10.44 -62.57 -32.24
CA THR B 746 11.59 -62.89 -31.40
C THR B 746 11.17 -63.72 -30.20
N ALA B 747 9.91 -63.59 -29.76
CA ALA B 747 9.40 -64.51 -28.75
C ALA B 747 9.18 -65.90 -29.35
N ALA B 748 8.66 -65.97 -30.57
CA ALA B 748 8.41 -67.27 -31.20
C ALA B 748 9.71 -68.01 -31.49
N GLU B 749 10.73 -67.30 -31.97
CA GLU B 749 11.97 -67.95 -32.37
C GLU B 749 12.68 -68.57 -31.18
N SER B 750 12.72 -67.87 -30.05
CA SER B 750 13.47 -68.38 -28.90
C SER B 750 12.63 -69.37 -28.12
N ARG B 751 12.08 -70.36 -28.82
CA ARG B 751 11.46 -71.51 -28.19
C ARG B 751 12.11 -72.81 -28.64
N ILE B 752 13.02 -72.75 -29.60
CA ILE B 752 13.82 -73.87 -30.04
C ILE B 752 15.30 -73.63 -29.75
N ARG B 753 15.59 -72.71 -28.82
CA ARG B 753 16.97 -72.41 -28.47
C ARG B 753 17.53 -73.43 -27.48
N ASP B 754 16.83 -73.63 -26.37
CA ASP B 754 17.31 -74.50 -25.32
C ASP B 754 16.17 -74.85 -24.37
N LEU B 755 16.32 -75.97 -23.68
CA LEU B 755 15.32 -76.40 -22.70
C LEU B 755 15.46 -75.60 -21.41
N ASP B 756 14.69 -75.99 -20.40
CA ASP B 756 14.92 -75.47 -19.06
C ASP B 756 16.22 -76.04 -18.52
N ILE B 757 16.80 -75.36 -17.53
CA ILE B 757 18.02 -75.85 -16.93
C ILE B 757 17.72 -76.97 -15.93
N ALA B 758 16.48 -77.02 -15.41
CA ALA B 758 16.16 -77.96 -14.34
C ALA B 758 16.29 -79.41 -14.80
N ASP B 759 15.65 -79.76 -15.93
CA ASP B 759 15.70 -81.13 -16.40
C ASP B 759 17.11 -81.50 -16.89
N GLU B 760 17.84 -80.54 -17.44
CA GLU B 760 19.22 -80.80 -17.83
C GLU B 760 20.08 -81.15 -16.62
N MET B 761 19.94 -80.38 -15.53
CA MET B 761 20.66 -80.69 -14.31
C MET B 761 20.22 -82.03 -13.74
N ALA B 762 18.93 -82.36 -13.83
CA ALA B 762 18.47 -83.65 -13.37
C ALA B 762 19.13 -84.79 -14.14
N LYS B 763 19.19 -84.65 -15.47
CA LYS B 763 19.87 -85.65 -16.30
C LYS B 763 21.33 -85.78 -15.90
N PHE B 764 22.00 -84.65 -15.71
CA PHE B 764 23.42 -84.66 -15.33
C PHE B 764 23.62 -85.41 -14.01
N THR B 765 22.82 -85.08 -13.00
CA THR B 765 22.97 -85.70 -11.69
C THR B 765 22.68 -87.19 -11.76
N LYS B 766 21.63 -87.59 -12.49
CA LYS B 766 21.29 -89.01 -12.60
C LYS B 766 22.42 -89.79 -13.27
N ASN B 767 22.95 -89.26 -14.37
CA ASN B 767 24.04 -89.95 -15.06
C ASN B 767 25.28 -90.05 -14.18
N GLN B 768 25.60 -88.97 -13.45
CA GLN B 768 26.77 -89.01 -12.57
C GLN B 768 26.58 -90.05 -11.47
N ILE B 769 25.36 -90.16 -10.93
CA ILE B 769 25.09 -91.16 -9.91
C ILE B 769 25.29 -92.57 -10.47
N LEU B 770 24.78 -92.81 -11.68
CA LEU B 770 24.82 -94.17 -12.24
C LEU B 770 26.23 -94.60 -12.65
N ALA B 771 27.05 -93.64 -13.08
CA ALA B 771 28.39 -93.99 -13.57
C ALA B 771 29.25 -94.63 -12.48
N GLN B 772 29.20 -94.10 -11.26
CA GLN B 772 30.05 -94.65 -10.20
C GLN B 772 29.64 -96.06 -9.81
N SER B 773 28.34 -96.35 -9.83
CA SER B 773 27.90 -97.72 -9.62
C SER B 773 28.45 -98.65 -10.69
N ASN B 774 28.42 -98.21 -11.96
CA ASN B 774 29.04 -99.00 -13.02
C ASN B 774 30.51 -99.26 -12.72
N ILE B 775 31.25 -98.22 -12.30
CA ILE B 775 32.68 -98.37 -12.09
C ILE B 775 32.96 -99.37 -10.96
N SER B 776 32.23 -99.24 -9.85
CA SER B 776 32.45 -100.13 -8.72
C SER B 776 32.13 -101.57 -9.08
N MET B 777 31.03 -101.79 -9.81
CA MET B 777 30.68 -103.16 -10.18
C MET B 777 31.67 -103.74 -11.17
N LEU B 778 32.23 -102.91 -12.06
CA LEU B 778 33.28 -103.38 -12.95
C LEU B 778 34.51 -103.81 -12.16
N ALA B 779 34.87 -103.03 -11.13
CA ALA B 779 36.02 -103.39 -10.30
C ALA B 779 35.77 -104.73 -9.61
N GLN B 780 34.58 -104.92 -9.03
CA GLN B 780 34.28 -106.18 -8.38
C GLN B 780 34.28 -107.34 -9.36
N ALA B 781 33.73 -107.12 -10.56
CA ALA B 781 33.70 -108.17 -11.57
C ALA B 781 35.11 -108.59 -11.97
N ASN B 782 36.02 -107.61 -12.13
CA ASN B 782 37.40 -107.96 -12.44
C ASN B 782 38.05 -108.71 -11.28
N SER B 783 37.74 -108.32 -10.04
CA SER B 783 38.36 -108.98 -8.90
C SER B 783 37.85 -110.42 -8.75
N LEU B 784 36.63 -110.69 -9.20
CA LEU B 784 35.99 -111.98 -8.92
C LEU B 784 36.75 -113.19 -9.46
N PRO B 785 36.92 -113.36 -10.78
CA PRO B 785 37.16 -114.71 -11.33
C PRO B 785 38.40 -115.43 -10.83
N GLN B 786 39.58 -114.85 -11.04
CA GLN B 786 40.82 -115.61 -10.84
C GLN B 786 41.17 -115.79 -9.37
N MET B 787 40.85 -114.82 -8.52
CA MET B 787 41.23 -114.93 -7.12
C MET B 787 40.50 -116.07 -6.42
N ALA B 788 39.21 -116.25 -6.73
CA ALA B 788 38.45 -117.35 -6.15
C ALA B 788 38.84 -118.71 -6.73
N LEU B 789 39.45 -118.75 -7.91
CA LEU B 789 39.88 -120.02 -8.50
C LEU B 789 41.29 -120.42 -8.09
N SER B 790 42.19 -119.45 -7.89
CA SER B 790 43.61 -119.73 -7.68
C SER B 790 43.86 -120.73 -6.55
N LEU B 791 42.87 -120.99 -5.70
CA LEU B 791 42.97 -122.01 -4.67
C LEU B 791 42.38 -123.34 -5.10
N LEU B 792 42.21 -123.55 -6.41
CA LEU B 792 41.77 -124.87 -6.89
C LEU B 792 42.81 -125.93 -6.57
N GLY B 793 44.08 -125.55 -6.53
CA GLY B 793 45.16 -126.47 -6.23
C GLY B 793 46.51 -125.84 -6.51
N ALA C 2 43.77 -38.85 17.41
CA ALA C 2 43.40 -39.69 18.54
C ALA C 2 41.88 -39.74 18.70
N MET C 3 41.33 -40.95 18.75
CA MET C 3 39.89 -41.14 18.85
C MET C 3 39.54 -41.71 20.21
N TYR C 4 38.70 -41.00 20.96
CA TYR C 4 38.22 -41.42 22.26
C TYR C 4 36.69 -41.51 22.25
N ILE C 5 36.12 -41.75 23.43
CA ILE C 5 34.68 -41.83 23.64
C ILE C 5 34.27 -40.82 24.70
N ASN C 6 33.21 -40.05 24.41
CA ASN C 6 32.68 -39.02 25.30
C ASN C 6 33.79 -38.08 25.79
N THR C 7 34.43 -37.41 24.83
CA THR C 7 35.47 -36.39 25.01
C THR C 7 35.16 -35.16 24.17
N ASN C 8 33.88 -34.77 24.12
CA ASN C 8 33.41 -33.69 23.26
C ASN C 8 33.78 -32.34 23.87
N VAL C 9 35.08 -32.05 23.89
CA VAL C 9 35.54 -30.72 24.25
C VAL C 9 35.07 -29.66 23.26
N PRO C 10 35.09 -29.91 21.93
CA PRO C 10 34.48 -28.93 21.02
C PRO C 10 33.02 -28.64 21.35
N SER C 11 32.27 -29.64 21.84
CA SER C 11 30.90 -29.38 22.27
C SER C 11 30.87 -28.37 23.42
N LEU C 12 31.79 -28.49 24.38
CA LEU C 12 31.85 -27.55 25.48
C LEU C 12 32.23 -26.15 24.99
N THR C 13 33.17 -26.06 24.05
CA THR C 13 33.54 -24.77 23.49
C THR C 13 32.35 -24.11 22.80
N ALA C 14 31.62 -24.89 22.00
CA ALA C 14 30.45 -24.37 21.33
C ALA C 14 29.38 -23.94 22.33
N GLN C 15 29.21 -24.70 23.41
CA GLN C 15 28.25 -24.33 24.45
C GLN C 15 28.62 -22.99 25.09
N ARG C 16 29.90 -22.80 25.39
CA ARG C 16 30.34 -21.54 26.00
C ARG C 16 30.08 -20.36 25.06
N TYR C 17 30.44 -20.51 23.79
CA TYR C 17 30.25 -19.40 22.85
C TYR C 17 28.77 -19.13 22.62
N LEU C 18 27.95 -20.19 22.59
CA LEU C 18 26.51 -20.03 22.45
C LEU C 18 25.92 -19.28 23.64
N GLY C 19 26.37 -19.61 24.85
CA GLY C 19 25.89 -18.88 26.02
C GLY C 19 26.24 -17.41 25.96
N GLU C 20 27.48 -17.10 25.54
CA GLU C 20 27.88 -15.71 25.40
C GLU C 20 26.99 -14.98 24.39
N THR C 21 26.75 -15.61 23.24
CA THR C 21 25.92 -14.99 22.22
C THR C 21 24.50 -14.76 22.72
N ASN C 22 23.93 -15.73 23.44
CA ASN C 22 22.58 -15.58 23.97
C ASN C 22 22.51 -14.43 24.96
N ASN C 23 23.52 -14.30 25.83
CA ASN C 23 23.54 -13.19 26.77
C ASN C 23 23.57 -11.84 26.04
N ALA C 24 24.42 -11.74 25.00
CA ALA C 24 24.50 -10.49 24.25
C ALA C 24 23.17 -10.16 23.59
N VAL C 25 22.52 -11.17 23.00
CA VAL C 25 21.24 -10.95 22.32
C VAL C 25 20.19 -10.47 23.33
N SER C 26 20.12 -11.10 24.49
CA SER C 26 19.14 -10.72 25.50
C SER C 26 19.37 -9.28 25.96
N LYS C 27 20.62 -8.91 26.21
CA LYS C 27 20.88 -7.54 26.65
C LYS C 27 20.51 -6.52 25.58
N SER C 28 20.85 -6.81 24.32
CA SER C 28 20.49 -5.89 23.24
C SER C 28 18.98 -5.74 23.12
N LEU C 29 18.25 -6.85 23.21
CA LEU C 29 16.79 -6.78 23.12
C LEU C 29 16.21 -5.97 24.27
N GLU C 30 16.72 -6.16 25.48
CA GLU C 30 16.21 -5.41 26.62
C GLU C 30 16.46 -3.91 26.44
N ARG C 31 17.66 -3.54 25.98
CA ARG C 31 17.96 -2.14 25.73
C ARG C 31 17.02 -1.55 24.68
N LEU C 32 16.82 -2.29 23.59
CA LEU C 32 15.96 -1.79 22.51
C LEU C 32 14.53 -1.61 22.99
N SER C 33 14.02 -2.57 23.78
CA SER C 33 12.65 -2.47 24.25
C SER C 33 12.49 -1.32 25.24
N SER C 34 13.47 -1.14 26.14
CA SER C 34 13.35 -0.07 27.12
C SER C 34 13.46 1.31 26.48
N GLY C 35 14.41 1.49 25.56
CA GLY C 35 14.57 2.80 24.95
C GLY C 35 15.40 3.77 25.75
N LEU C 36 16.10 3.29 26.79
CA LEU C 36 17.02 4.11 27.57
C LEU C 36 18.39 3.47 27.53
N ARG C 37 19.43 4.28 27.29
CA ARG C 37 20.77 3.74 27.20
C ARG C 37 21.23 3.16 28.55
N ILE C 38 20.95 3.88 29.63
CA ILE C 38 21.54 3.52 30.92
C ILE C 38 20.89 2.26 31.49
N ASN C 39 19.60 2.33 31.81
CA ASN C 39 18.85 1.23 32.43
C ASN C 39 19.50 0.77 33.73
N SER C 40 18.90 -0.22 34.39
CA SER C 40 19.46 -0.92 35.54
C SER C 40 20.20 0.01 36.50
N ALA C 41 21.35 -0.45 37.01
CA ALA C 41 22.25 0.40 37.76
C ALA C 41 23.71 0.15 37.45
N SER C 42 24.04 -0.84 36.61
CA SER C 42 25.41 -1.30 36.46
C SER C 42 26.08 -0.85 35.17
N ASP C 43 25.32 -0.33 34.21
CA ASP C 43 25.93 0.08 32.94
C ASP C 43 26.91 1.22 33.15
N ASP C 44 26.53 2.22 33.95
CA ASP C 44 27.39 3.35 34.24
C ASP C 44 27.11 3.86 35.65
N ALA C 45 28.16 4.07 36.43
CA ALA C 45 28.03 4.54 37.80
C ALA C 45 28.05 6.06 37.90
N SER C 46 28.25 6.78 36.79
CA SER C 46 28.39 8.23 36.83
C SER C 46 27.27 8.99 36.15
N GLY C 47 26.54 8.36 35.21
CA GLY C 47 25.45 9.04 34.55
C GLY C 47 24.17 9.11 35.36
N LEU C 48 23.95 8.15 36.26
CA LEU C 48 22.70 8.09 37.01
C LEU C 48 22.53 9.32 37.89
N ALA C 49 23.55 9.67 38.68
CA ALA C 49 23.44 10.81 39.57
C ALA C 49 23.26 12.11 38.80
N ILE C 50 23.99 12.28 37.70
CA ILE C 50 23.87 13.49 36.90
C ILE C 50 22.45 13.61 36.35
N SER C 51 21.91 12.50 35.84
CA SER C 51 20.54 12.51 35.36
C SER C 51 19.56 12.89 36.46
N GLU C 52 19.77 12.36 37.67
CA GLU C 52 18.87 12.68 38.78
C GLU C 52 18.90 14.17 39.10
N LYS C 53 20.10 14.74 39.20
CA LYS C 53 20.22 16.17 39.50
C LYS C 53 19.53 17.01 38.43
N LEU C 54 19.76 16.69 37.16
CA LEU C 54 19.18 17.47 36.08
C LEU C 54 17.66 17.38 36.09
N ARG C 55 17.12 16.18 36.32
CA ARG C 55 15.66 16.00 36.35
C ARG C 55 15.04 16.81 37.48
N GLY C 56 15.66 16.77 38.66
CA GLY C 56 15.15 17.55 39.78
C GLY C 56 15.16 19.04 39.49
N GLN C 57 16.25 19.54 38.91
CA GLN C 57 16.29 20.95 38.55
C GLN C 57 15.20 21.32 37.56
N ILE C 58 14.95 20.45 36.57
CA ILE C 58 13.91 20.72 35.58
C ILE C 58 12.55 20.86 36.25
N SER C 59 12.23 19.92 37.15
CA SER C 59 10.95 19.99 37.84
C SER C 59 10.81 21.28 38.66
N GLY C 60 11.87 21.63 39.40
CA GLY C 60 11.80 22.83 40.21
C GLY C 60 11.60 24.09 39.39
N LEU C 61 12.30 24.19 38.25
CA LEU C 61 12.18 25.40 37.44
C LEU C 61 10.80 25.49 36.78
N LYS C 62 10.20 24.35 36.42
CA LYS C 62 8.81 24.38 35.95
C LYS C 62 7.88 24.93 37.02
N ARG C 63 8.05 24.47 38.27
CA ARG C 63 7.22 24.99 39.34
C ARG C 63 7.37 26.51 39.46
N ALA C 64 8.61 27.01 39.45
CA ALA C 64 8.84 28.44 39.58
C ALA C 64 8.21 29.21 38.42
N SER C 65 8.30 28.65 37.20
CA SER C 65 7.74 29.33 36.03
C SER C 65 6.24 29.52 36.18
N LEU C 66 5.53 28.49 36.65
CA LEU C 66 4.10 28.68 36.88
C LEU C 66 3.84 29.70 38.00
N ASN C 67 4.64 29.63 39.07
CA ASN C 67 4.45 30.52 40.21
C ASN C 67 4.56 31.99 39.82
N ALA C 68 5.37 32.29 38.80
CA ALA C 68 5.55 33.68 38.40
C ALA C 68 4.24 34.33 37.95
N GLN C 69 3.54 33.70 37.01
CA GLN C 69 2.25 34.25 36.55
C GLN C 69 1.23 34.24 37.68
N ASP C 70 1.21 33.16 38.47
CA ASP C 70 0.31 33.12 39.60
C ASP C 70 0.50 34.34 40.49
N GLY C 71 1.75 34.77 40.67
CA GLY C 71 2.00 36.00 41.41
C GLY C 71 1.55 37.26 40.69
N ILE C 72 1.76 37.32 39.37
CA ILE C 72 1.54 38.58 38.64
C ILE C 72 0.05 38.97 38.64
N SER C 73 -0.85 37.98 38.70
CA SER C 73 -2.28 38.30 38.61
C SER C 73 -2.73 39.24 39.75
N LEU C 74 -2.23 38.99 40.97
CA LEU C 74 -2.64 39.78 42.13
C LEU C 74 -2.27 41.25 41.97
N LEU C 75 -1.04 41.52 41.52
CA LEU C 75 -0.63 42.89 41.29
C LEU C 75 -1.50 43.55 40.23
N GLN C 76 -1.89 42.79 39.19
CA GLN C 76 -2.79 43.37 38.20
C GLN C 76 -4.11 43.82 38.84
N THR C 77 -4.68 42.98 39.72
CA THR C 77 -5.93 43.34 40.38
C THR C 77 -5.78 44.61 41.22
N ALA C 78 -4.70 44.69 42.00
CA ALA C 78 -4.48 45.88 42.83
C ALA C 78 -4.34 47.13 41.97
N GLU C 79 -3.65 47.00 40.83
CA GLU C 79 -3.50 48.13 39.92
C GLU C 79 -4.86 48.63 39.44
N GLY C 80 -5.74 47.72 39.06
CA GLY C 80 -7.08 48.14 38.63
C GLY C 80 -7.83 48.91 39.70
N GLY C 81 -7.81 48.38 40.93
CA GLY C 81 -8.49 49.08 42.02
C GLY C 81 -7.95 50.47 42.23
N LEU C 82 -6.63 50.61 42.24
CA LEU C 82 -6.02 51.92 42.47
C LEU C 82 -6.37 52.89 41.34
N GLN C 83 -6.45 52.40 40.11
CA GLN C 83 -6.84 53.27 39.00
C GLN C 83 -8.25 53.81 39.21
N ASN C 84 -9.17 52.97 39.65
CA ASN C 84 -10.53 53.46 39.88
C ASN C 84 -10.56 54.53 40.97
N ILE C 85 -9.81 54.30 42.05
CA ILE C 85 -9.78 55.29 43.13
C ILE C 85 -9.23 56.62 42.64
N GLN C 86 -8.13 56.59 41.87
CA GLN C 86 -7.58 57.83 41.35
C GLN C 86 -8.58 58.53 40.44
N ASP C 87 -9.38 57.76 39.68
CA ASP C 87 -10.40 58.38 38.85
C ASP C 87 -11.43 59.13 39.71
N MET C 88 -11.81 58.57 40.86
CA MET C 88 -12.76 59.28 41.72
C MET C 88 -12.17 60.57 42.31
N LEU C 89 -10.88 60.55 42.64
CA LEU C 89 -10.29 61.71 43.30
C LEU C 89 -10.39 62.98 42.44
N GLN C 90 -10.34 62.83 41.11
CA GLN C 90 -10.38 64.00 40.24
C GLN C 90 -11.75 64.68 40.28
N ARG C 91 -12.83 63.89 40.29
CA ARG C 91 -14.15 64.48 40.46
C ARG C 91 -14.26 65.18 41.81
N MET C 92 -13.68 64.57 42.85
CA MET C 92 -13.65 65.27 44.13
C MET C 92 -12.96 66.63 44.02
N ARG C 93 -11.83 66.68 43.31
CA ARG C 93 -11.11 67.95 43.17
C ARG C 93 -11.93 68.98 42.40
N GLU C 94 -12.60 68.55 41.32
CA GLU C 94 -13.39 69.50 40.53
C GLU C 94 -14.56 70.05 41.33
N LEU C 95 -15.25 69.18 42.08
CA LEU C 95 -16.33 69.68 42.92
C LEU C 95 -15.79 70.59 44.02
N ALA C 96 -14.55 70.37 44.48
CA ALA C 96 -13.95 71.29 45.42
C ALA C 96 -13.72 72.66 44.80
N VAL C 97 -13.21 72.69 43.56
CA VAL C 97 -12.88 73.98 42.96
C VAL C 97 -14.13 74.73 42.51
N GLN C 98 -15.24 74.01 42.28
CA GLN C 98 -16.46 74.71 41.87
C GLN C 98 -16.92 75.69 42.95
N ALA C 99 -17.02 75.23 44.19
CA ALA C 99 -17.42 76.11 45.29
C ALA C 99 -16.34 77.16 45.54
N GLY C 100 -16.77 78.40 45.74
CA GLY C 100 -15.84 79.49 45.95
C GLY C 100 -16.23 80.74 45.21
N ASN C 101 -16.86 80.59 44.04
CA ASN C 101 -17.45 81.74 43.36
C ASN C 101 -18.64 82.23 44.17
N GLY C 102 -18.53 83.42 44.76
CA GLY C 102 -19.53 83.78 45.74
C GLY C 102 -20.77 84.42 45.15
N VAL C 103 -21.76 83.58 44.89
CA VAL C 103 -23.12 83.98 44.59
C VAL C 103 -24.04 83.03 45.35
N TYR C 104 -23.47 81.93 45.83
CA TYR C 104 -24.21 80.88 46.50
C TYR C 104 -24.40 81.22 47.96
N THR C 105 -25.59 80.95 48.48
CA THR C 105 -25.86 81.12 49.90
C THR C 105 -25.23 79.96 50.68
N THR C 106 -25.50 79.93 51.98
CA THR C 106 -24.96 78.91 52.88
C THR C 106 -25.77 77.62 52.85
N ASN C 107 -26.59 77.40 51.84
CA ASN C 107 -27.37 76.17 51.68
C ASN C 107 -26.90 75.30 50.53
N ASP C 108 -26.52 75.93 49.40
CA ASP C 108 -25.94 75.18 48.29
C ASP C 108 -24.65 74.50 48.69
N ARG C 109 -23.91 75.10 49.62
CA ARG C 109 -22.67 74.49 50.08
C ARG C 109 -22.94 73.22 50.87
N ALA C 110 -23.99 73.20 51.68
CA ALA C 110 -24.39 71.96 52.34
C ALA C 110 -24.88 70.93 51.33
N GLU C 111 -25.61 71.40 50.30
CA GLU C 111 -26.04 70.50 49.24
C GLU C 111 -24.85 69.82 48.57
N ILE C 112 -23.76 70.57 48.37
CA ILE C 112 -22.54 70.00 47.81
C ILE C 112 -21.86 69.06 48.82
N GLN C 113 -21.84 69.47 50.09
CA GLN C 113 -21.18 68.69 51.13
C GLN C 113 -21.79 67.31 51.28
N LYS C 114 -23.10 67.19 51.07
CA LYS C 114 -23.74 65.88 51.16
C LYS C 114 -23.13 64.90 50.16
N GLU C 115 -23.01 65.33 48.90
CA GLU C 115 -22.44 64.46 47.87
C GLU C 115 -20.95 64.21 48.12
N VAL C 116 -20.24 65.21 48.66
CA VAL C 116 -18.84 65.01 49.01
C VAL C 116 -18.71 63.90 50.04
N ASP C 117 -19.58 63.93 51.06
CA ASP C 117 -19.55 62.89 52.09
C ASP C 117 -19.90 61.52 51.51
N GLN C 118 -20.86 61.47 50.59
CA GLN C 118 -21.19 60.20 49.97
C GLN C 118 -20.01 59.64 49.19
N LEU C 119 -19.28 60.50 48.48
CA LEU C 119 -18.10 60.03 47.75
C LEU C 119 -17.02 59.54 48.72
N LYS C 120 -16.87 60.22 49.86
CA LYS C 120 -15.92 59.73 50.87
C LYS C 120 -16.31 58.35 51.37
N GLU C 121 -17.60 58.13 51.62
CA GLU C 121 -18.06 56.81 52.05
C GLU C 121 -17.77 55.76 50.99
N GLU C 122 -18.01 56.09 49.71
CA GLU C 122 -17.72 55.15 48.64
C GLU C 122 -16.25 54.80 48.56
N ILE C 123 -15.38 55.81 48.72
CA ILE C 123 -13.94 55.55 48.62
C ILE C 123 -13.48 54.69 49.80
N ASN C 124 -14.05 54.90 50.99
CA ASN C 124 -13.74 54.01 52.11
C ASN C 124 -14.19 52.58 51.83
N ARG C 125 -15.40 52.43 51.27
CA ARG C 125 -15.90 51.09 50.98
C ARG C 125 -15.00 50.37 49.99
N ILE C 126 -14.60 51.05 48.92
CA ILE C 126 -13.77 50.40 47.92
C ILE C 126 -12.37 50.13 48.47
N ALA C 127 -11.87 51.00 49.36
CA ALA C 127 -10.59 50.74 50.00
C ALA C 127 -10.63 49.50 50.86
N SER C 128 -11.73 49.29 51.58
CA SER C 128 -11.84 48.16 52.49
C SER C 128 -12.63 47.00 51.90
N SER C 129 -12.83 46.94 50.58
CA SER C 129 -13.60 45.86 49.97
C SER C 129 -12.79 44.94 49.07
N THR C 130 -11.57 45.34 48.66
CA THR C 130 -10.82 44.54 47.69
C THR C 130 -10.47 43.17 48.27
N GLU C 131 -10.45 42.16 47.41
CA GLU C 131 -10.38 40.77 47.85
C GLU C 131 -9.67 39.92 46.81
N PHE C 132 -8.92 38.92 47.28
CA PHE C 132 -8.34 37.91 46.38
C PHE C 132 -7.94 36.71 47.22
N ASN C 133 -8.57 35.55 46.95
CA ASN C 133 -8.21 34.28 47.57
C ASN C 133 -8.18 34.39 49.09
N THR C 134 -9.21 35.05 49.63
CA THR C 134 -9.34 35.29 51.06
C THR C 134 -8.12 36.00 51.64
N LYS C 135 -7.56 36.94 50.87
CA LYS C 135 -6.47 37.80 51.32
C LYS C 135 -6.84 39.24 50.99
N LYS C 136 -7.02 40.07 52.01
CA LYS C 136 -7.39 41.46 51.80
C LYS C 136 -6.13 42.31 51.65
N LEU C 137 -6.06 43.05 50.54
CA LEU C 137 -4.81 43.66 50.10
C LEU C 137 -4.65 45.10 50.58
N LEU C 138 -5.58 45.98 50.20
CA LEU C 138 -5.33 47.41 50.36
C LEU C 138 -5.59 47.89 51.79
N ASN C 139 -6.23 47.07 52.62
CA ASN C 139 -6.59 47.53 53.96
C ASN C 139 -5.46 47.32 54.96
N GLY C 140 -4.22 47.63 54.56
CA GLY C 140 -3.09 47.55 55.47
C GLY C 140 -2.88 46.18 56.06
N ASP C 141 -3.11 45.11 55.29
CA ASP C 141 -2.95 43.75 55.77
C ASP C 141 -1.98 42.96 54.89
N SER C 142 -1.14 43.65 54.12
CA SER C 142 -0.11 43.00 53.32
C SER C 142 1.29 43.33 53.78
N THR C 143 1.45 44.26 54.73
CA THR C 143 2.76 44.68 55.20
C THR C 143 2.96 44.42 56.68
N ALA C 144 2.01 44.81 57.54
CA ALA C 144 2.19 44.72 58.98
C ALA C 144 0.87 44.39 59.66
N LEU C 145 0.90 44.39 60.99
CA LEU C 145 -0.31 44.17 61.78
C LEU C 145 -0.06 44.76 63.18
N TRP C 146 -0.91 45.68 63.59
CA TRP C 146 -0.67 46.45 64.81
C TRP C 146 -1.84 46.32 65.77
N SER C 147 -1.57 46.62 67.04
CA SER C 147 -2.58 46.66 68.09
C SER C 147 -2.04 47.49 69.24
N SER C 148 -2.95 48.12 69.98
CA SER C 148 -2.58 48.90 71.15
C SER C 148 -3.77 48.89 72.11
N ASP C 149 -3.50 49.21 73.37
CA ASP C 149 -4.53 49.12 74.40
C ASP C 149 -5.35 50.39 74.55
N SER C 150 -4.73 51.54 74.76
CA SER C 150 -5.49 52.75 75.01
C SER C 150 -6.31 53.12 73.79
N SER C 151 -7.49 53.70 74.03
CA SER C 151 -8.49 53.93 73.00
C SER C 151 -8.35 55.32 72.37
N ASP C 152 -7.18 55.92 72.46
CA ASP C 152 -6.92 57.22 71.86
C ASP C 152 -5.58 57.24 71.15
N LEU C 153 -5.27 56.17 70.43
CA LEU C 153 -4.02 56.08 69.67
C LEU C 153 -4.34 55.44 68.33
N ASP C 154 -3.83 56.02 67.25
CA ASP C 154 -4.07 55.54 65.90
C ASP C 154 -2.73 55.35 65.19
N VAL C 155 -2.72 54.46 64.20
CA VAL C 155 -1.49 54.10 63.49
C VAL C 155 -1.79 54.00 62.02
N VAL C 156 -0.90 54.55 61.19
CA VAL C 156 -0.96 54.38 59.74
C VAL C 156 0.35 53.73 59.29
N ILE C 157 0.23 52.70 58.45
CA ILE C 157 1.34 51.89 57.97
C ILE C 157 1.69 52.34 56.57
N LYS C 158 2.99 52.55 56.31
CA LYS C 158 3.47 52.90 54.99
C LYS C 158 4.32 51.83 54.36
N SER C 159 5.40 51.42 55.04
CA SER C 159 6.36 50.46 54.52
C SER C 159 6.58 49.35 55.55
N ALA C 160 7.61 48.55 55.31
CA ALA C 160 7.96 47.46 56.21
C ALA C 160 8.25 47.99 57.61
N VAL C 161 7.74 47.29 58.61
CA VAL C 161 7.91 47.66 60.00
C VAL C 161 8.92 46.69 60.60
N ALA C 162 9.41 47.00 61.81
CA ALA C 162 10.55 46.23 62.32
C ALA C 162 10.10 45.05 63.19
N GLU C 163 9.65 45.33 64.42
CA GLU C 163 9.11 44.35 65.38
C GLU C 163 8.73 45.01 66.70
N GLY C 164 8.22 44.19 67.63
CA GLY C 164 8.39 44.44 69.05
C GLY C 164 7.27 45.17 69.76
N ASN C 165 7.50 45.36 71.05
CA ASN C 165 6.62 46.08 71.95
C ASN C 165 7.31 47.36 72.43
N TYR C 166 6.58 48.47 72.36
CA TYR C 166 7.14 49.78 72.66
C TYR C 166 6.35 50.46 73.77
N ASN C 167 7.05 51.23 74.58
CA ASN C 167 6.47 51.99 75.68
C ASN C 167 6.69 53.47 75.42
N LEU C 168 5.64 54.27 75.62
CA LEU C 168 5.65 55.68 75.28
C LEU C 168 5.41 56.53 76.53
N ASN C 169 6.04 57.70 76.54
CA ASN C 169 5.89 58.66 77.63
C ASN C 169 5.62 60.02 77.02
N VAL C 170 4.59 60.71 77.51
CA VAL C 170 4.07 61.92 76.88
C VAL C 170 4.08 63.07 77.88
N THR C 171 4.52 64.24 77.43
CA THR C 171 4.45 65.46 78.21
C THR C 171 3.82 66.53 77.33
N VAL C 172 2.92 67.33 77.93
CA VAL C 172 2.09 68.26 77.19
C VAL C 172 2.34 69.68 77.66
N ASP C 173 2.35 70.62 76.71
CA ASP C 173 2.36 72.06 77.00
C ASP C 173 1.13 72.64 76.32
N PRO C 174 0.26 73.32 77.05
CA PRO C 174 -1.09 73.59 76.54
C PRO C 174 -1.12 74.67 75.48
N GLY C 175 -2.29 74.80 74.85
CA GLY C 175 -2.52 75.80 73.82
C GLY C 175 -3.69 76.71 74.13
N LYS C 176 -4.37 77.20 73.10
CA LYS C 176 -5.47 78.14 73.27
C LYS C 176 -6.65 77.66 72.45
N ASN C 177 -7.78 78.35 72.62
CA ASN C 177 -9.03 77.97 71.97
C ASN C 177 -9.64 79.19 71.27
N PHE C 178 -10.86 79.02 70.79
CA PHE C 178 -11.58 80.04 70.05
C PHE C 178 -12.63 80.72 70.92
N VAL C 179 -12.74 82.03 70.80
CA VAL C 179 -13.75 82.81 71.52
C VAL C 179 -14.49 83.66 70.50
N TYR C 180 -15.82 83.52 70.46
CA TYR C 180 -16.66 84.22 69.50
C TYR C 180 -17.63 85.17 70.22
N LYS C 181 -17.83 86.32 69.59
CA LYS C 181 -18.72 87.36 70.11
C LYS C 181 -19.81 87.66 69.10
N SER C 182 -21.04 87.74 69.58
CA SER C 182 -22.17 88.14 68.74
C SER C 182 -22.43 89.63 68.93
N ASP C 183 -23.32 90.16 68.09
CA ASP C 183 -23.59 91.59 68.04
C ASP C 183 -24.57 92.00 69.13
N VAL C 184 -24.84 93.30 69.18
CA VAL C 184 -25.70 93.87 70.20
C VAL C 184 -27.16 93.73 69.77
N MET C 185 -28.03 93.46 70.74
CA MET C 185 -29.46 93.28 70.51
C MET C 185 -30.25 94.29 71.32
N THR C 186 -31.19 94.97 70.68
CA THR C 186 -32.02 95.99 71.32
C THR C 186 -33.48 95.65 71.12
N LEU C 187 -34.34 96.53 71.61
CA LEU C 187 -35.78 96.33 71.61
C LEU C 187 -36.44 97.12 70.47
N ASN C 188 -37.65 96.68 70.12
CA ASN C 188 -38.45 97.39 69.14
C ASN C 188 -38.99 98.69 69.73
N GLU C 189 -39.78 99.41 68.93
CA GLU C 189 -40.24 100.73 69.33
C GLU C 189 -41.34 100.68 70.38
N ASP C 190 -41.95 99.52 70.62
CA ASP C 190 -43.10 99.41 71.50
C ASP C 190 -42.91 98.46 72.67
N ALA C 191 -41.75 97.84 72.81
CA ALA C 191 -41.58 96.80 73.81
C ALA C 191 -41.35 97.41 75.20
N ILE C 192 -41.15 96.52 76.17
CA ILE C 192 -40.89 96.90 77.56
C ILE C 192 -40.19 95.73 78.24
N GLY C 193 -39.39 96.03 79.26
CA GLY C 193 -38.64 95.01 79.99
C GLY C 193 -38.48 95.38 81.46
N ALA C 194 -38.28 94.36 82.29
CA ALA C 194 -38.00 94.55 83.71
C ALA C 194 -36.80 93.69 84.08
N GLU C 195 -36.02 94.17 85.05
CA GLU C 195 -34.78 93.48 85.39
C GLU C 195 -34.45 93.73 86.85
N ILE C 196 -33.76 92.75 87.45
CA ILE C 196 -33.26 92.84 88.82
C ILE C 196 -31.76 93.06 88.74
N VAL C 197 -31.30 94.24 89.14
CA VAL C 197 -29.89 94.59 89.12
C VAL C 197 -29.54 95.27 90.43
N THR C 198 -28.39 94.91 91.00
CA THR C 198 -27.93 95.47 92.26
C THR C 198 -27.46 96.91 92.06
N ALA C 199 -27.53 97.70 93.13
CA ALA C 199 -27.01 99.06 93.11
C ALA C 199 -26.51 99.36 94.52
N GLY C 200 -25.20 99.16 94.74
CA GLY C 200 -24.61 99.30 96.05
C GLY C 200 -24.53 98.02 96.85
N GLY C 201 -24.69 96.86 96.22
CA GLY C 201 -24.66 95.61 96.95
C GLY C 201 -25.98 95.15 97.51
N ASP C 202 -27.10 95.64 96.98
CA ASP C 202 -28.41 95.18 97.42
C ASP C 202 -28.66 93.77 96.91
N VAL C 203 -28.12 92.77 97.61
CA VAL C 203 -28.14 91.38 97.16
C VAL C 203 -29.52 90.78 97.31
N ASN C 204 -29.75 89.65 96.63
CA ASN C 204 -31.03 88.96 96.69
C ASN C 204 -31.19 88.27 98.04
N GLU C 205 -31.87 88.93 98.97
CA GLU C 205 -32.12 88.34 100.28
C GLU C 205 -33.38 87.50 100.32
N THR C 206 -34.05 87.31 99.18
CA THR C 206 -35.35 86.64 99.12
C THR C 206 -35.22 85.36 98.32
N ASN C 207 -36.36 84.72 98.08
CA ASN C 207 -36.46 83.45 97.39
C ASN C 207 -37.15 83.59 96.04
N VAL C 208 -36.94 84.73 95.38
CA VAL C 208 -37.62 85.06 94.15
C VAL C 208 -36.71 84.72 92.97
N GLY C 209 -37.24 83.97 92.02
CA GLY C 209 -36.49 83.61 90.83
C GLY C 209 -36.30 84.77 89.88
N PHE C 210 -37.41 85.25 89.30
CA PHE C 210 -37.37 86.39 88.39
C PHE C 210 -38.79 86.93 88.22
N VAL C 211 -38.94 87.90 87.32
CA VAL C 211 -40.21 88.49 86.98
C VAL C 211 -40.46 88.24 85.50
N THR C 212 -41.73 88.16 85.12
CA THR C 212 -42.11 87.89 83.74
C THR C 212 -43.27 88.79 83.30
N ASP C 213 -43.27 89.10 82.00
CA ASP C 213 -44.29 89.80 81.24
C ASP C 213 -44.80 91.06 81.93
N PRO C 214 -43.97 92.09 82.10
CA PRO C 214 -44.53 93.40 82.47
C PRO C 214 -45.33 93.97 81.31
N ASN C 215 -46.31 94.79 81.66
CA ASN C 215 -47.20 95.32 80.63
C ASN C 215 -47.77 96.65 81.09
N THR C 216 -47.80 97.62 80.17
CA THR C 216 -48.39 98.95 80.38
C THR C 216 -48.01 99.53 81.75
N LEU C 217 -46.70 99.65 81.97
CA LEU C 217 -46.18 100.26 83.19
C LEU C 217 -44.96 101.10 82.86
N ALA C 218 -45.10 102.42 83.00
CA ALA C 218 -44.00 103.37 82.88
C ALA C 218 -43.17 103.09 81.63
N SER C 219 -43.86 102.97 80.49
CA SER C 219 -43.21 102.64 79.24
C SER C 219 -42.23 103.72 78.77
N THR C 220 -42.29 104.92 79.33
CA THR C 220 -41.43 106.02 78.95
C THR C 220 -40.30 106.13 79.97
N GLY C 221 -39.27 105.31 79.80
CA GLY C 221 -38.06 105.41 80.58
C GLY C 221 -37.89 104.25 81.54
N THR C 222 -36.69 104.19 82.11
CA THR C 222 -36.32 103.17 83.09
C THR C 222 -36.65 103.70 84.48
N ALA C 223 -37.51 102.98 85.19
CA ALA C 223 -38.00 103.40 86.50
C ALA C 223 -37.50 102.46 87.58
N TYR C 224 -37.20 103.03 88.74
CA TYR C 224 -36.77 102.29 89.92
C TYR C 224 -37.98 101.99 90.80
N TYR C 225 -38.22 100.71 91.07
CA TYR C 225 -39.28 100.29 91.98
C TYR C 225 -38.68 99.41 93.08
N THR C 226 -39.33 99.43 94.25
CA THR C 226 -38.92 98.59 95.37
C THR C 226 -40.02 97.56 95.61
N VAL C 227 -39.64 96.28 95.60
CA VAL C 227 -40.57 95.19 95.83
C VAL C 227 -40.19 94.55 97.16
N ASP C 228 -41.16 94.42 98.06
CA ASP C 228 -40.92 93.93 99.42
C ASP C 228 -41.73 92.67 99.62
N VAL C 229 -41.06 91.59 100.03
CA VAL C 229 -41.72 90.31 100.28
C VAL C 229 -41.39 89.92 101.72
N THR C 230 -42.42 89.76 102.55
CA THR C 230 -42.24 89.52 103.97
C THR C 230 -42.96 88.25 104.37
N ALA C 231 -42.44 87.56 105.39
CA ALA C 231 -42.98 86.27 105.80
C ALA C 231 -44.06 86.42 106.89
N GLY C 232 -45.07 87.25 106.64
CA GLY C 232 -46.23 87.29 107.49
C GLY C 232 -46.16 88.24 108.67
N ALA C 233 -47.13 89.13 108.78
CA ALA C 233 -47.24 90.05 109.91
C ALA C 233 -48.65 90.63 109.92
N ASP C 234 -49.22 90.80 111.11
CA ASP C 234 -50.60 91.29 111.20
C ASP C 234 -50.74 92.66 110.57
N THR C 235 -51.84 92.87 109.85
CA THR C 235 -52.06 94.09 109.09
C THR C 235 -53.28 94.82 109.66
N LEU C 236 -53.12 96.11 109.91
CA LEU C 236 -54.23 96.93 110.38
C LEU C 236 -54.86 97.69 109.22
N SER C 237 -56.19 97.69 109.19
CA SER C 237 -56.92 98.35 108.12
C SER C 237 -56.70 99.85 108.14
N SER C 238 -56.63 100.44 106.95
CA SER C 238 -56.42 101.88 106.82
C SER C 238 -56.73 102.31 105.40
N VAL C 239 -56.87 103.63 105.22
CA VAL C 239 -57.10 104.24 103.92
C VAL C 239 -56.21 105.47 103.82
N ALA C 240 -55.68 105.71 102.62
CA ALA C 240 -54.72 106.77 102.42
C ALA C 240 -54.85 107.33 101.01
N THR C 241 -54.32 108.54 100.82
CA THR C 241 -54.40 109.21 99.53
C THR C 241 -53.22 108.84 98.64
N MET C 242 -53.50 108.60 97.36
CA MET C 242 -52.47 108.48 96.34
C MET C 242 -52.32 109.73 95.49
N SER C 243 -53.39 110.18 94.84
CA SER C 243 -53.20 111.25 93.86
C SER C 243 -54.45 112.11 93.74
N VAL C 244 -54.24 113.33 93.22
CA VAL C 244 -55.31 114.27 92.93
C VAL C 244 -55.07 114.86 91.54
N TYR C 245 -56.15 115.33 90.92
CA TYR C 245 -56.05 115.89 89.58
C TYR C 245 -57.06 117.02 89.40
N ARG C 246 -56.60 118.10 88.77
CA ARG C 246 -57.41 119.27 88.49
C ARG C 246 -57.24 119.65 87.02
N GLN C 247 -58.25 120.34 86.48
CA GLN C 247 -58.21 120.77 85.07
C GLN C 247 -57.63 122.18 84.99
N ALA C 248 -58.31 123.14 85.61
CA ALA C 248 -57.76 124.46 85.91
C ALA C 248 -58.10 124.75 87.35
N GLY C 249 -59.30 124.34 87.76
CA GLY C 249 -59.82 124.20 89.09
C GLY C 249 -59.62 125.43 89.95
N SER C 250 -59.68 125.21 91.26
CA SER C 250 -59.44 126.23 92.25
C SER C 250 -58.99 125.54 93.53
N ASN C 251 -58.82 126.32 94.60
CA ASN C 251 -58.22 125.79 95.82
C ASN C 251 -59.14 124.77 96.49
N PHE C 252 -58.58 123.60 96.79
CA PHE C 252 -59.26 122.62 97.64
C PHE C 252 -58.21 121.62 98.10
N GLY C 253 -58.26 121.25 99.39
CA GLY C 253 -57.23 120.43 99.98
C GLY C 253 -57.37 118.94 99.68
N SER C 254 -56.92 118.13 100.63
CA SER C 254 -56.91 116.68 100.49
C SER C 254 -56.85 116.08 101.90
N VAL C 255 -56.56 114.78 101.95
CA VAL C 255 -56.31 113.98 103.16
C VAL C 255 -57.61 113.30 103.60
N ALA C 256 -57.59 111.98 103.62
CA ALA C 256 -58.76 111.22 104.03
C ALA C 256 -58.66 110.83 105.50
N THR C 257 -59.82 110.74 106.14
CA THR C 257 -59.91 110.39 107.55
C THR C 257 -60.94 109.28 107.73
N TRP C 258 -60.60 108.35 108.63
CA TRP C 258 -61.31 107.12 108.91
C TRP C 258 -61.90 107.13 110.32
N THR C 259 -62.99 106.38 110.49
CA THR C 259 -63.62 106.21 111.80
C THR C 259 -63.64 104.72 112.14
N THR C 260 -63.29 104.40 113.39
CA THR C 260 -63.24 103.02 113.82
C THR C 260 -64.63 102.39 113.81
N GLY C 261 -64.70 101.14 113.33
CA GLY C 261 -65.91 100.37 113.31
C GLY C 261 -66.26 99.78 111.97
N GLY C 262 -65.66 100.26 110.88
CA GLY C 262 -65.96 99.76 109.55
C GLY C 262 -65.22 98.48 109.23
N THR C 263 -65.53 97.95 108.05
CA THR C 263 -64.89 96.74 107.54
C THR C 263 -64.38 96.99 106.13
N VAL C 264 -63.39 96.18 105.73
CA VAL C 264 -62.83 96.22 104.39
C VAL C 264 -63.03 94.86 103.75
N ALA C 265 -63.37 94.87 102.46
CA ALA C 265 -63.57 93.62 101.74
C ALA C 265 -62.25 93.04 101.26
N ASP C 266 -61.54 93.78 100.39
CA ASP C 266 -60.24 93.35 99.88
C ASP C 266 -59.43 94.60 99.55
N SER C 267 -58.11 94.41 99.52
CA SER C 267 -57.21 95.50 99.18
C SER C 267 -57.37 95.89 97.72
N GLY C 268 -57.39 97.18 97.44
CA GLY C 268 -57.63 97.63 96.08
C GLY C 268 -57.43 99.11 95.91
N TYR C 269 -57.78 99.59 94.71
CA TYR C 269 -57.64 100.98 94.33
C TYR C 269 -59.03 101.58 94.14
N LEU C 270 -59.22 102.79 94.66
CA LEU C 270 -60.51 103.47 94.60
C LEU C 270 -60.34 104.83 93.95
N LEU C 271 -61.22 105.12 92.98
CA LEU C 271 -61.16 106.36 92.22
C LEU C 271 -62.49 107.09 92.36
N ILE C 272 -62.41 108.37 92.70
CA ILE C 272 -63.59 109.21 92.92
C ILE C 272 -63.56 110.34 91.90
N GLU C 273 -64.66 110.49 91.16
CA GLU C 273 -64.78 111.47 90.08
C GLU C 273 -66.07 112.25 90.23
N ALA C 274 -65.98 113.57 90.06
CA ALA C 274 -67.11 114.46 90.30
C ALA C 274 -67.96 114.63 89.05
N GLN C 275 -69.14 115.23 89.23
CA GLN C 275 -70.09 115.36 88.13
C GLN C 275 -70.67 116.76 87.98
N GLU C 276 -70.72 117.53 89.06
CA GLU C 276 -71.33 118.86 88.99
C GLU C 276 -70.40 119.87 89.63
N ASN C 277 -70.49 121.11 89.13
CA ASN C 277 -69.68 122.21 89.62
C ASN C 277 -70.36 122.88 90.81
N PHE C 278 -69.57 123.23 91.82
CA PHE C 278 -70.13 123.98 92.93
C PHE C 278 -69.04 124.79 93.62
N THR C 279 -69.40 126.03 93.97
CA THR C 279 -68.50 126.98 94.61
C THR C 279 -69.22 127.75 95.72
N VAL C 280 -70.29 127.17 96.27
CA VAL C 280 -71.12 127.87 97.24
C VAL C 280 -70.73 127.37 98.63
N SER C 281 -69.51 126.81 98.73
CA SER C 281 -69.04 126.22 99.98
C SER C 281 -68.83 127.30 101.02
N ALA C 282 -69.82 127.49 101.89
CA ALA C 282 -69.71 128.35 103.05
C ALA C 282 -70.23 127.70 104.33
N GLY C 283 -70.84 126.52 104.23
CA GLY C 283 -71.42 125.81 105.35
C GLY C 283 -72.93 125.73 105.24
N THR C 284 -73.42 124.61 104.70
CA THR C 284 -74.83 124.33 104.49
C THR C 284 -74.96 122.90 103.99
N THR C 285 -75.97 122.19 104.46
CA THR C 285 -76.17 120.81 104.02
C THR C 285 -76.62 120.78 102.56
N ALA C 286 -76.02 119.86 101.80
CA ALA C 286 -76.31 119.73 100.37
C ALA C 286 -75.83 118.37 99.91
N ASN C 287 -76.15 118.04 98.66
CA ASN C 287 -75.80 116.73 98.10
C ASN C 287 -75.50 116.85 96.62
N TYR C 288 -74.49 116.10 96.18
CA TYR C 288 -74.09 116.04 94.78
C TYR C 288 -73.62 114.61 94.50
N THR C 289 -73.40 114.32 93.22
CA THR C 289 -73.19 112.97 92.74
C THR C 289 -71.74 112.74 92.32
N PHE C 290 -71.29 111.51 92.48
CA PHE C 290 -69.95 111.11 92.11
C PHE C 290 -69.99 109.73 91.46
N LYS C 291 -69.03 109.47 90.58
CA LYS C 291 -68.76 108.13 90.09
C LYS C 291 -67.56 107.54 90.79
N ALA C 292 -67.65 106.25 91.10
CA ALA C 292 -66.64 105.52 91.82
C ALA C 292 -66.13 104.37 90.98
N THR C 293 -64.82 104.21 90.96
CA THR C 293 -64.15 103.12 90.28
C THR C 293 -63.43 102.26 91.32
N PHE C 294 -63.73 100.97 91.35
CA PHE C 294 -63.05 100.07 92.26
C PHE C 294 -62.29 99.02 91.47
N VAL C 295 -61.01 98.85 91.78
CA VAL C 295 -60.14 97.89 91.11
C VAL C 295 -59.54 96.97 92.16
N ASP C 296 -59.65 95.66 91.93
CA ASP C 296 -59.09 94.67 92.84
C ASP C 296 -57.67 94.32 92.44
N ALA C 297 -56.77 94.30 93.43
CA ALA C 297 -55.35 94.12 93.16
C ALA C 297 -54.97 92.66 92.93
N LYS C 298 -55.87 91.71 93.19
CA LYS C 298 -55.60 90.30 92.96
C LYS C 298 -56.25 89.73 91.71
N THR C 299 -57.29 90.38 91.19
CA THR C 299 -58.01 89.86 90.03
C THR C 299 -57.98 90.77 88.83
N GLY C 300 -57.96 92.09 89.02
CA GLY C 300 -57.97 93.02 87.91
C GLY C 300 -59.32 93.47 87.45
N GLU C 301 -60.40 93.05 88.11
CA GLU C 301 -61.74 93.44 87.71
C GLU C 301 -62.02 94.89 88.08
N LYS C 302 -62.80 95.56 87.25
CA LYS C 302 -63.09 96.98 87.40
C LYS C 302 -64.60 97.16 87.60
N SER C 303 -64.98 97.92 88.62
CA SER C 303 -66.39 98.10 88.94
C SER C 303 -66.75 99.57 88.97
N THR C 304 -67.89 99.91 88.35
CA THR C 304 -68.34 101.29 88.17
C THR C 304 -69.60 101.51 88.98
N TYR C 305 -69.50 102.33 90.04
CA TYR C 305 -70.62 102.58 90.93
C TYR C 305 -70.95 104.08 90.95
N GLU C 306 -72.15 104.39 91.46
CA GLU C 306 -72.56 105.76 91.68
C GLU C 306 -72.67 106.00 93.19
N ILE C 307 -72.32 107.21 93.62
CA ILE C 307 -72.30 107.53 95.06
C ILE C 307 -72.72 108.98 95.24
N GLU C 308 -73.05 109.32 96.49
CA GLU C 308 -73.59 110.64 96.81
C GLU C 308 -72.78 111.21 97.97
N GLY C 309 -72.56 112.53 97.92
CA GLY C 309 -71.80 113.18 98.99
C GLY C 309 -72.00 114.68 98.93
N GLY C 310 -71.72 115.34 100.05
CA GLY C 310 -71.91 116.77 100.12
C GLY C 310 -71.27 117.39 101.35
N ASP C 311 -71.03 118.69 101.27
CA ASP C 311 -70.54 119.47 102.41
C ASP C 311 -71.66 119.68 103.43
N ASP C 312 -71.28 119.75 104.70
CA ASP C 312 -72.26 119.95 105.76
C ASP C 312 -72.10 121.29 106.46
N GLY C 313 -70.97 121.55 107.12
CA GLY C 313 -70.76 122.86 107.69
C GLY C 313 -69.41 123.50 107.46
N ALA C 314 -68.38 122.69 107.25
CA ALA C 314 -67.03 123.23 107.07
C ALA C 314 -66.06 122.18 106.55
N GLY C 315 -65.48 122.41 105.38
CA GLY C 315 -64.34 121.69 104.88
C GLY C 315 -64.29 120.19 105.07
N ASN C 316 -65.45 119.53 105.11
CA ASN C 316 -65.52 118.08 105.24
C ASN C 316 -66.41 117.53 104.14
N LEU C 317 -65.84 116.66 103.30
CA LEU C 317 -66.60 115.98 102.24
C LEU C 317 -66.77 114.55 102.70
N VAL C 318 -68.00 114.18 103.07
CA VAL C 318 -68.28 112.89 103.70
C VAL C 318 -68.87 111.94 102.66
N PHE C 319 -68.29 110.75 102.56
CA PHE C 319 -68.80 109.70 101.69
C PHE C 319 -69.15 108.47 102.52
N ASP C 320 -69.99 107.62 101.95
CA ASP C 320 -70.44 106.39 102.61
C ASP C 320 -70.20 105.24 101.65
N LEU C 321 -69.59 104.17 102.15
CA LEU C 321 -69.30 103.00 101.33
C LEU C 321 -70.36 101.91 101.43
N ALA C 322 -71.42 102.13 102.21
CA ALA C 322 -72.47 101.14 102.33
C ALA C 322 -73.21 100.95 101.00
N ASP C 323 -73.24 101.99 100.16
CA ASP C 323 -73.90 101.90 98.87
C ASP C 323 -73.17 101.00 97.89
N MET C 324 -71.96 100.56 98.23
CA MET C 324 -71.16 99.75 97.31
C MET C 324 -71.76 98.36 97.18
N THR C 325 -72.58 98.15 96.16
CA THR C 325 -73.23 96.87 95.98
C THR C 325 -72.22 95.81 95.52
N GLY C 326 -72.63 94.55 95.57
CA GLY C 326 -71.80 93.47 95.08
C GLY C 326 -70.62 93.18 95.98
N ALA C 327 -69.78 94.18 96.22
CA ALA C 327 -68.61 93.99 97.07
C ALA C 327 -68.97 94.04 98.55
N GLY C 328 -69.67 95.09 98.97
CA GLY C 328 -70.05 95.23 100.37
C GLY C 328 -69.00 95.93 101.20
N PHE C 329 -69.39 96.98 101.91
CA PHE C 329 -68.46 97.76 102.70
C PHE C 329 -69.20 98.29 103.93
N SER C 330 -68.55 99.20 104.66
CA SER C 330 -69.16 99.82 105.82
C SER C 330 -68.27 100.99 106.24
N GLY C 331 -68.83 101.83 107.10
CA GLY C 331 -68.07 102.91 107.70
C GLY C 331 -68.17 104.22 106.94
N GLU C 332 -67.64 105.25 107.58
CA GLU C 332 -67.61 106.62 107.07
C GLU C 332 -66.19 107.00 106.68
N VAL C 333 -66.08 107.84 105.67
CA VAL C 333 -64.80 108.34 105.19
C VAL C 333 -64.96 109.82 104.86
N SER C 334 -63.98 110.63 105.26
CA SER C 334 -64.12 112.07 105.05
C SER C 334 -62.86 112.65 104.45
N ILE C 335 -63.03 113.40 103.35
CA ILE C 335 -61.93 114.16 102.77
C ILE C 335 -61.93 115.54 103.40
N ALA C 336 -60.80 115.92 104.01
CA ALA C 336 -60.70 117.17 104.77
C ALA C 336 -60.23 118.27 103.84
N ILE C 337 -61.17 118.89 103.12
CA ILE C 337 -60.82 119.89 102.12
C ILE C 337 -60.42 121.21 102.80
N GLY C 338 -61.35 121.79 103.55
CA GLY C 338 -61.14 123.10 104.12
C GLY C 338 -62.08 124.15 103.54
N THR C 339 -62.04 125.34 104.12
CA THR C 339 -62.91 126.43 103.70
C THR C 339 -62.47 126.95 102.32
N ASP C 340 -63.41 127.57 101.62
CA ASP C 340 -63.19 128.10 100.27
C ASP C 340 -62.81 126.98 99.29
N ALA C 341 -63.74 126.05 99.09
CA ALA C 341 -63.55 124.90 98.24
C ALA C 341 -64.39 125.09 96.98
N ASN C 342 -63.72 125.21 95.84
CA ASN C 342 -64.40 125.34 94.55
C ASN C 342 -64.12 124.09 93.71
N MET C 343 -65.18 123.43 93.27
CA MET C 343 -65.05 122.21 92.48
C MET C 343 -65.62 122.42 91.10
N GLN C 344 -64.75 122.33 90.09
CA GLN C 344 -65.19 122.19 88.71
C GLN C 344 -65.42 120.70 88.44
N SER C 345 -65.94 120.38 87.27
CA SER C 345 -66.23 118.99 86.91
C SER C 345 -64.96 118.34 86.38
N GLY C 346 -64.55 117.24 87.01
CA GLY C 346 -63.42 116.45 86.56
C GLY C 346 -62.27 116.34 87.53
N ASP C 347 -62.25 117.10 88.62
CA ASP C 347 -61.15 116.99 89.59
C ASP C 347 -61.23 115.62 90.26
N LYS C 348 -60.28 114.76 89.94
CA LYS C 348 -60.32 113.36 90.34
C LYS C 348 -59.44 113.11 91.56
N ILE C 349 -59.80 112.09 92.34
CA ILE C 349 -59.01 111.68 93.50
C ILE C 349 -58.82 110.17 93.44
N LEU C 350 -57.61 109.70 93.75
CA LEU C 350 -57.29 108.28 93.75
C LEU C 350 -56.71 107.89 95.10
N LEU C 351 -57.28 106.83 95.70
CA LEU C 351 -56.99 106.41 97.06
C LEU C 351 -56.73 104.91 97.09
N SER C 352 -56.11 104.46 98.18
CA SER C 352 -55.74 103.08 98.39
C SER C 352 -56.65 102.44 99.44
N THR C 353 -56.75 101.11 99.41
CA THR C 353 -57.46 100.36 100.43
C THR C 353 -56.67 99.10 100.76
N THR C 354 -56.43 98.86 102.04
CA THR C 354 -55.68 97.69 102.50
C THR C 354 -56.59 96.79 103.32
N GLU C 355 -56.38 95.48 103.21
CA GLU C 355 -57.21 94.49 103.88
C GLU C 355 -56.48 93.92 105.10
N ALA C 356 -57.22 93.74 106.19
CA ALA C 356 -56.64 93.15 107.40
C ALA C 356 -56.77 91.64 107.36
N VAL C 357 -55.64 90.94 107.51
CA VAL C 357 -55.59 89.49 107.56
C VAL C 357 -54.65 89.09 108.69
N ASP C 358 -54.89 87.91 109.25
CA ASP C 358 -54.07 87.43 110.36
C ASP C 358 -52.62 87.25 109.93
N THR C 359 -52.40 86.55 108.81
CA THR C 359 -51.10 86.41 108.17
C THR C 359 -50.04 85.81 109.08
N SER C 360 -50.43 84.88 109.96
CA SER C 360 -49.45 84.21 110.82
C SER C 360 -49.95 82.80 111.07
N ALA C 361 -49.47 81.87 110.25
CA ALA C 361 -49.85 80.47 110.30
C ALA C 361 -48.59 79.61 110.40
N THR C 362 -48.76 78.29 110.26
CA THR C 362 -47.62 77.39 110.32
C THR C 362 -46.61 77.72 109.23
N SER C 363 -47.07 77.79 107.99
CA SER C 363 -46.31 78.26 106.83
C SER C 363 -47.23 78.20 105.62
N GLY C 364 -46.73 78.74 104.49
CA GLY C 364 -47.48 78.62 103.25
C GLY C 364 -47.50 79.83 102.35
N GLY C 365 -47.29 81.02 102.91
CA GLY C 365 -47.35 82.22 102.11
C GLY C 365 -46.79 83.41 102.85
N GLY C 366 -47.08 84.60 102.32
CA GLY C 366 -46.59 85.82 102.92
C GLY C 366 -47.27 87.08 102.44
N THR C 367 -46.55 88.21 102.53
CA THR C 367 -47.07 89.52 102.21
C THR C 367 -46.19 90.20 101.17
N ILE C 368 -46.83 90.97 100.29
CA ILE C 368 -46.19 91.63 99.17
C ILE C 368 -46.53 93.12 99.23
N ALA C 369 -45.53 93.96 98.99
CA ALA C 369 -45.71 95.40 98.92
C ALA C 369 -44.88 95.97 97.78
N ILE C 370 -45.36 97.05 97.17
CA ILE C 370 -44.68 97.73 96.09
C ILE C 370 -44.59 99.21 96.45
N SER C 371 -43.41 99.80 96.24
CA SER C 371 -43.19 101.20 96.54
C SER C 371 -42.30 101.83 95.47
N GLY C 372 -42.34 103.16 95.42
CA GLY C 372 -41.48 103.90 94.51
C GLY C 372 -42.23 104.58 93.38
N GLY C 373 -41.70 104.47 92.17
CA GLY C 373 -42.30 105.05 91.00
C GLY C 373 -41.74 106.42 90.67
N PRO C 374 -41.95 106.87 89.44
CA PRO C 374 -41.49 108.22 89.08
C PRO C 374 -42.09 109.33 89.94
N ALA C 375 -43.30 109.12 90.44
CA ALA C 375 -43.95 110.08 91.31
C ALA C 375 -43.73 109.81 92.79
N GLY C 376 -42.97 108.76 93.13
CA GLY C 376 -42.72 108.43 94.51
C GLY C 376 -43.96 108.00 95.27
N THR C 377 -44.71 107.06 94.70
CA THR C 377 -45.95 106.60 95.30
C THR C 377 -45.68 105.55 96.37
N THR C 378 -46.64 105.43 97.30
CA THR C 378 -46.62 104.39 98.32
C THR C 378 -47.77 103.42 98.03
N GLY C 379 -47.44 102.19 97.66
CA GLY C 379 -48.41 101.25 97.17
C GLY C 379 -49.18 100.55 98.28
N ALA C 380 -50.00 99.59 97.87
CA ALA C 380 -50.84 98.84 98.78
C ALA C 380 -50.09 97.66 99.40
N ILE C 381 -50.81 96.88 100.20
CA ILE C 381 -50.26 95.72 100.90
C ILE C 381 -51.16 94.54 100.61
N ILE C 382 -50.57 93.42 100.18
CA ILE C 382 -51.35 92.23 99.86
C ILE C 382 -50.77 91.04 100.61
N SER C 383 -51.59 90.01 100.81
CA SER C 383 -51.16 88.82 101.53
C SER C 383 -51.77 87.58 100.90
N TYR C 384 -51.14 86.44 101.16
CA TYR C 384 -51.56 85.16 100.60
C TYR C 384 -51.64 84.10 101.70
N GLY C 385 -52.40 83.04 101.41
CA GLY C 385 -52.72 82.02 102.39
C GLY C 385 -51.78 80.83 102.36
N ASN C 386 -52.28 79.72 102.91
CA ASN C 386 -51.46 78.52 103.07
C ASN C 386 -51.19 77.83 101.74
N ASN C 387 -49.95 77.39 101.56
CA ASN C 387 -49.50 76.62 100.40
C ASN C 387 -49.84 77.31 99.08
N GLU C 388 -49.59 78.62 99.00
CA GLU C 388 -49.83 79.36 97.77
C GLU C 388 -48.55 79.90 97.13
N LEU C 389 -47.42 79.84 97.82
CA LEU C 389 -46.18 80.44 97.31
C LEU C 389 -45.13 79.39 96.97
N THR C 390 -44.77 78.53 97.92
CA THR C 390 -43.72 77.54 97.72
C THR C 390 -44.32 76.15 97.81
N LYS C 391 -43.95 75.29 96.87
CA LYS C 391 -44.47 73.93 96.81
C LYS C 391 -43.43 72.95 97.34
N VAL C 392 -43.72 71.65 97.22
CA VAL C 392 -42.90 70.58 97.74
C VAL C 392 -42.23 69.85 96.59
N ASP C 393 -41.01 69.38 96.83
CA ASP C 393 -40.28 68.69 95.78
C ASP C 393 -40.85 67.29 95.54
N ASN C 394 -40.54 66.75 94.36
CA ASN C 394 -41.03 65.45 93.91
C ASN C 394 -39.86 64.58 93.44
N GLY C 395 -38.81 64.53 94.25
CA GLY C 395 -37.59 63.85 93.89
C GLY C 395 -36.50 64.78 93.39
N ASP C 396 -36.68 65.39 92.23
CA ASP C 396 -35.73 66.39 91.74
C ASP C 396 -36.42 67.67 91.30
N THR C 397 -37.60 67.57 90.70
CA THR C 397 -38.42 68.67 90.18
C THR C 397 -37.82 69.29 88.92
N THR C 398 -36.59 68.88 88.57
CA THR C 398 -35.81 69.52 87.52
C THR C 398 -35.94 71.04 87.60
N ILE C 399 -35.91 71.53 88.85
CA ILE C 399 -36.17 72.92 89.20
C ILE C 399 -37.62 73.28 88.88
N ASP C 400 -38.32 73.84 89.86
CA ASP C 400 -39.71 74.23 89.72
C ASP C 400 -39.85 75.72 89.96
N TYR C 401 -40.95 76.29 89.46
CA TYR C 401 -41.24 77.69 89.69
C TYR C 401 -42.75 77.89 89.66
N ASN C 402 -43.23 78.89 90.38
CA ASN C 402 -44.65 79.24 90.41
C ASN C 402 -44.83 80.67 89.95
N SER C 403 -45.90 80.91 89.18
CA SER C 403 -46.17 82.20 88.59
C SER C 403 -47.35 82.88 89.29
N VAL C 404 -47.14 84.11 89.75
CA VAL C 404 -48.13 84.85 90.52
C VAL C 404 -48.34 86.20 89.85
N THR C 405 -49.59 86.53 89.57
CA THR C 405 -49.94 87.77 88.88
C THR C 405 -50.27 88.87 89.89
N VAL C 406 -49.73 90.06 89.66
CA VAL C 406 -50.01 91.22 90.50
C VAL C 406 -50.33 92.42 89.60
N TYR C 407 -51.47 93.04 89.84
CA TYR C 407 -51.90 94.23 89.11
C TYR C 407 -51.60 95.48 89.93
N HIS C 408 -51.25 96.56 89.25
CA HIS C 408 -50.98 97.85 89.88
C HIS C 408 -51.47 98.97 88.97
N ALA C 409 -52.11 99.97 89.57
CA ALA C 409 -52.71 101.07 88.85
C ALA C 409 -52.13 102.40 89.30
N ALA C 410 -52.07 103.34 88.36
CA ALA C 410 -51.48 104.65 88.63
C ALA C 410 -52.14 105.70 87.75
N LEU C 411 -51.92 106.96 88.11
CA LEU C 411 -52.59 108.11 87.50
C LEU C 411 -51.58 109.19 87.16
N ASN C 412 -51.77 109.82 86.00
CA ASN C 412 -50.99 110.99 85.61
C ASN C 412 -51.75 112.26 85.97
N VAL C 413 -51.02 113.35 86.17
CA VAL C 413 -51.61 114.59 86.66
C VAL C 413 -51.91 115.52 85.49
N GLU C 414 -51.81 115.00 84.26
CA GLU C 414 -51.86 115.84 83.07
C GLU C 414 -53.02 115.49 82.14
N THR C 415 -53.36 114.22 81.98
CA THR C 415 -54.60 113.87 81.28
C THR C 415 -55.66 113.26 82.19
N GLY C 416 -55.28 112.78 83.36
CA GLY C 416 -56.23 112.09 84.20
C GLY C 416 -56.58 110.69 83.75
N ASN C 417 -55.73 110.06 82.96
CA ASN C 417 -55.92 108.67 82.57
C ASN C 417 -55.34 107.74 83.63
N LEU C 418 -55.85 106.51 83.65
CA LEU C 418 -55.45 105.51 84.61
C LEU C 418 -54.79 104.36 83.88
N ASP C 419 -53.66 103.88 84.39
CA ASP C 419 -53.00 102.72 83.81
C ASP C 419 -53.01 101.58 84.82
N VAL C 420 -53.33 100.38 84.35
CA VAL C 420 -53.42 99.18 85.19
C VAL C 420 -52.53 98.13 84.54
N GLY C 421 -51.29 98.03 85.00
CA GLY C 421 -50.36 97.04 84.51
C GLY C 421 -50.32 95.79 85.39
N ASN C 422 -49.67 94.75 84.86
CA ASN C 422 -49.57 93.48 85.56
C ASN C 422 -48.17 92.91 85.43
N LEU C 423 -47.70 92.33 86.53
CA LEU C 423 -46.42 91.62 86.58
C LEU C 423 -46.69 90.17 86.94
N THR C 424 -45.74 89.29 86.63
CA THR C 424 -45.85 87.89 87.03
C THR C 424 -44.55 87.49 87.73
N PHE C 425 -44.59 87.47 89.06
CA PHE C 425 -43.45 87.00 89.83
C PHE C 425 -43.32 85.49 89.69
N ASN C 426 -42.08 84.99 89.80
CA ASN C 426 -41.83 83.56 89.85
C ASN C 426 -41.18 83.23 91.17
N PHE C 427 -41.78 82.29 91.90
CA PHE C 427 -41.28 81.84 93.18
C PHE C 427 -40.64 80.46 93.04
N ARG C 428 -39.61 80.22 93.86
CA ARG C 428 -38.63 79.18 93.60
C ARG C 428 -39.17 77.78 93.92
N GLU C 429 -38.31 76.78 93.77
CA GLU C 429 -38.70 75.37 93.69
C GLU C 429 -39.34 74.80 94.95
N ASP C 430 -38.57 74.70 96.03
CA ASP C 430 -38.97 73.84 97.13
C ASP C 430 -38.32 74.30 98.44
N THR C 431 -39.15 74.58 99.43
CA THR C 431 -38.74 74.86 100.80
C THR C 431 -39.57 74.00 101.75
N GLY C 432 -39.43 74.25 103.04
CA GLY C 432 -40.37 73.68 104.00
C GLY C 432 -39.81 72.87 105.15
N THR C 433 -40.60 72.78 106.22
CA THR C 433 -40.33 71.85 107.32
C THR C 433 -40.80 70.47 106.84
N ASP C 434 -40.97 69.53 107.77
CA ASP C 434 -41.22 68.14 107.37
C ASP C 434 -42.65 67.99 106.84
N THR C 435 -42.78 68.17 105.53
CA THR C 435 -43.93 67.75 104.73
C THR C 435 -45.25 68.28 105.31
N ALA C 436 -45.25 69.49 105.89
CA ALA C 436 -46.51 69.99 106.42
C ALA C 436 -47.17 71.03 105.52
N TYR C 437 -46.53 72.19 105.35
CA TYR C 437 -47.14 73.25 104.54
C TYR C 437 -46.18 73.98 103.60
N GLY C 438 -44.87 74.00 103.88
CA GLY C 438 -43.94 74.77 103.08
C GLY C 438 -43.09 75.71 103.91
N SER C 439 -42.42 76.67 103.26
CA SER C 439 -41.64 77.71 103.92
C SER C 439 -41.26 78.75 102.88
N THR C 440 -40.78 79.90 103.37
CA THR C 440 -40.32 81.00 102.53
C THR C 440 -39.54 81.98 103.39
N THR C 441 -38.53 82.61 102.79
CA THR C 441 -37.74 83.64 103.43
C THR C 441 -38.16 85.01 102.89
N GLY C 442 -37.89 86.05 103.67
CA GLY C 442 -38.31 87.40 103.36
C GLY C 442 -37.18 88.30 102.91
N GLY C 443 -37.47 89.59 102.82
CA GLY C 443 -36.54 90.61 102.36
C GLY C 443 -37.17 91.54 101.35
N SER C 444 -36.31 92.17 100.56
CA SER C 444 -36.73 93.13 99.55
C SER C 444 -35.71 93.16 98.43
N PHE C 445 -36.14 93.66 97.27
CA PHE C 445 -35.21 93.87 96.18
C PHE C 445 -35.69 95.00 95.28
N ASP C 446 -34.86 95.34 94.30
CA ASP C 446 -35.00 96.54 93.47
C ASP C 446 -35.20 96.15 92.02
N LEU C 447 -36.24 96.71 91.40
CA LEU C 447 -36.59 96.43 90.02
C LEU C 447 -36.33 97.67 89.17
N LEU C 448 -35.81 97.45 87.96
CA LEU C 448 -35.69 98.51 86.97
C LEU C 448 -36.58 98.16 85.78
N VAL C 449 -37.34 99.15 85.32
CA VAL C 449 -38.21 99.01 84.16
C VAL C 449 -37.59 99.78 83.01
N ALA C 450 -37.13 99.06 81.99
CA ALA C 450 -36.40 99.62 80.86
C ALA C 450 -37.29 99.57 79.63
N GLY C 451 -37.36 100.68 78.91
CA GLY C 451 -38.21 100.79 77.74
C GLY C 451 -37.51 100.37 76.47
N GLY C 452 -38.10 100.80 75.35
CA GLY C 452 -37.57 100.48 74.04
C GLY C 452 -36.51 101.46 73.58
N GLY C 453 -36.33 101.49 72.26
CA GLY C 453 -35.35 102.38 71.65
C GLY C 453 -33.98 101.75 71.53
N GLU C 454 -32.80 100.32 74.18
CA GLU C 454 -32.21 99.99 75.47
C GLU C 454 -31.76 98.53 75.50
N ALA C 455 -30.99 98.18 76.54
CA ALA C 455 -30.45 96.83 76.63
C ALA C 455 -31.56 95.81 76.84
N ALA C 456 -31.43 94.66 76.19
CA ALA C 456 -32.42 93.60 76.33
C ALA C 456 -32.30 92.91 77.68
N THR C 457 -33.41 92.33 78.12
CA THR C 457 -33.45 91.59 79.38
C THR C 457 -33.52 90.09 79.10
N SER C 458 -33.32 89.29 80.15
CA SER C 458 -33.34 87.84 80.00
C SER C 458 -34.73 87.28 79.77
N THR C 459 -35.78 88.07 79.97
CA THR C 459 -37.16 87.62 79.78
C THR C 459 -37.76 88.10 78.47
N THR C 460 -36.94 88.62 77.56
CA THR C 460 -37.46 89.12 76.29
C THR C 460 -37.77 87.97 75.35
N LYS C 461 -38.96 88.00 74.76
CA LYS C 461 -39.31 87.04 73.74
C LYS C 461 -38.60 87.38 72.43
N LEU C 462 -38.38 86.37 71.59
CA LEU C 462 -37.56 86.54 70.40
C LEU C 462 -38.28 87.27 69.28
N LYS C 463 -39.54 87.67 69.47
CA LYS C 463 -40.25 88.45 68.46
C LYS C 463 -40.22 89.95 68.74
N ASP C 464 -39.40 90.39 69.70
CA ASP C 464 -39.31 91.80 70.03
C ASP C 464 -37.97 92.43 69.67
N ILE C 465 -36.94 91.61 69.43
CA ILE C 465 -35.62 92.14 69.11
C ILE C 465 -35.66 92.79 67.73
N SER C 466 -35.04 93.96 67.62
CA SER C 466 -35.13 94.73 66.37
C SER C 466 -34.31 94.10 65.25
N ARG C 467 -33.37 93.21 65.58
CA ARG C 467 -32.56 92.58 64.54
C ARG C 467 -33.32 91.52 63.75
N PHE C 468 -34.49 91.10 64.20
CA PHE C 468 -35.21 90.00 63.57
C PHE C 468 -36.37 90.48 62.71
N THR C 469 -36.31 91.69 62.18
CA THR C 469 -37.30 92.19 61.23
C THR C 469 -36.61 92.54 59.91
N THR C 470 -37.24 92.18 58.80
CA THR C 470 -36.69 92.50 57.50
C THR C 470 -36.90 93.99 57.20
N ASP C 471 -36.44 94.42 56.03
CA ASP C 471 -36.50 95.83 55.68
C ASP C 471 -37.88 96.24 55.18
N ASP C 472 -38.73 95.26 54.87
CA ASP C 472 -40.07 95.54 54.37
C ASP C 472 -41.15 95.43 55.45
N GLY C 473 -40.77 95.16 56.69
CA GLY C 473 -41.73 95.06 57.77
C GLY C 473 -42.22 93.67 58.09
N VAL C 474 -41.53 92.63 57.62
CA VAL C 474 -41.91 91.25 57.86
C VAL C 474 -40.85 90.60 58.74
N ASN C 475 -41.27 89.99 59.83
CA ASN C 475 -40.34 89.31 60.72
C ASN C 475 -40.18 87.85 60.31
N ILE C 476 -39.04 87.28 60.69
CA ILE C 476 -38.68 85.94 60.24
C ILE C 476 -39.61 84.89 60.84
N PHE C 477 -40.02 85.08 62.09
CA PHE C 477 -40.74 84.05 62.83
C PHE C 477 -42.23 84.06 62.55
N ALA C 478 -42.68 84.70 61.48
CA ALA C 478 -44.11 84.70 61.16
C ALA C 478 -44.57 83.33 60.64
N ALA C 479 -43.80 82.74 59.73
CA ALA C 479 -44.21 81.49 59.10
C ALA C 479 -44.05 80.30 60.04
N GLY C 480 -42.93 80.19 60.73
CA GLY C 480 -42.67 79.06 61.58
C GLY C 480 -41.25 79.03 62.12
N PRO C 481 -40.86 77.89 62.69
CA PRO C 481 -39.52 77.79 63.26
C PRO C 481 -38.44 77.81 62.20
N GLN C 482 -37.26 78.28 62.60
CA GLN C 482 -36.07 78.27 61.76
C GLN C 482 -35.10 77.22 62.28
N GLU C 483 -34.15 76.83 61.41
CA GLU C 483 -33.22 75.77 61.72
C GLU C 483 -31.79 76.28 61.67
N LEU C 484 -30.97 75.83 62.62
CA LEU C 484 -29.56 76.19 62.68
C LEU C 484 -28.73 74.93 62.82
N THR C 485 -27.62 74.87 62.08
CA THR C 485 -26.73 73.72 62.07
C THR C 485 -25.36 74.16 62.57
N ILE C 486 -24.82 73.41 63.54
CA ILE C 486 -23.52 73.68 64.13
C ILE C 486 -22.59 72.55 63.74
N PHE C 487 -21.42 72.91 63.22
CA PHE C 487 -20.43 71.95 62.74
C PHE C 487 -19.15 72.09 63.56
N GLY C 488 -18.58 70.94 63.94
CA GLY C 488 -17.32 70.91 64.66
C GLY C 488 -16.82 69.49 64.87
N ASN C 489 -15.49 69.32 64.82
CA ASN C 489 -14.86 68.02 65.02
C ASN C 489 -15.40 66.99 64.04
N GLY C 490 -15.70 67.43 62.83
CA GLY C 490 -16.30 66.54 61.86
C GLY C 490 -17.65 65.99 62.27
N SER C 491 -18.48 66.80 62.91
CA SER C 491 -19.79 66.37 63.38
C SER C 491 -20.74 67.55 63.33
N SER C 492 -22.03 67.25 63.29
CA SER C 492 -23.05 68.26 63.09
C SER C 492 -24.17 68.10 64.10
N ALA C 493 -24.82 69.22 64.41
CA ALA C 493 -26.00 69.24 65.25
C ALA C 493 -26.99 70.24 64.68
N THR C 494 -28.27 70.06 64.99
CA THR C 494 -29.34 70.89 64.46
C THR C 494 -30.28 71.32 65.57
N ILE C 495 -30.65 72.60 65.56
CA ILE C 495 -31.56 73.17 66.54
C ILE C 495 -32.66 73.93 65.84
N TYR C 496 -33.80 74.04 66.53
CA TYR C 496 -34.98 74.74 66.03
C TYR C 496 -35.24 75.98 66.88
N LEU C 497 -35.71 77.05 66.23
CA LEU C 497 -36.04 78.29 66.90
C LEU C 497 -37.48 78.68 66.58
N GLU C 498 -38.24 79.00 67.62
CA GLU C 498 -39.60 79.49 67.46
C GLU C 498 -39.71 80.86 68.10
N GLY C 499 -40.68 81.65 67.63
CA GLY C 499 -40.81 83.02 68.06
C GLY C 499 -41.37 83.25 69.44
N ASP C 500 -41.84 82.20 70.11
CA ASP C 500 -42.37 82.35 71.46
C ASP C 500 -41.32 82.21 72.55
N ASP C 501 -40.13 81.72 72.21
CA ASP C 501 -39.11 81.44 73.22
C ASP C 501 -38.51 82.73 73.77
N THR C 502 -37.68 82.57 74.80
CA THR C 502 -36.96 83.66 75.44
C THR C 502 -35.46 83.50 75.18
N VAL C 503 -34.70 84.51 75.59
CA VAL C 503 -33.26 84.50 75.32
C VAL C 503 -32.54 83.44 76.15
N SER C 504 -32.91 83.32 77.43
CA SER C 504 -32.20 82.41 78.31
C SER C 504 -32.33 80.97 77.85
N GLU C 505 -33.52 80.58 77.39
CA GLU C 505 -33.68 79.20 76.94
C GLU C 505 -33.08 78.99 75.56
N PHE C 506 -32.93 80.05 74.77
CA PHE C 506 -32.06 79.97 73.60
C PHE C 506 -30.63 79.63 74.00
N GLU C 507 -30.13 80.31 75.04
CA GLU C 507 -28.79 79.99 75.55
C GLU C 507 -28.72 78.55 76.03
N THR C 508 -29.76 78.09 76.73
CA THR C 508 -29.78 76.72 77.22
C THR C 508 -29.77 75.70 76.07
N LYS C 509 -30.59 75.95 75.05
CA LYS C 509 -30.62 75.06 73.90
C LYS C 509 -29.27 75.01 73.21
N LEU C 510 -28.63 76.16 73.01
CA LEU C 510 -27.34 76.15 72.33
C LEU C 510 -26.28 75.46 73.18
N SER C 511 -26.31 75.68 74.49
CA SER C 511 -25.35 75.01 75.37
C SER C 511 -25.51 73.51 75.32
N SER C 512 -26.76 73.02 75.39
CA SER C 512 -27.00 71.59 75.34
C SER C 512 -26.61 71.01 73.98
N ALA C 513 -26.87 71.74 72.89
CA ALA C 513 -26.48 71.27 71.57
C ALA C 513 -24.97 71.17 71.44
N ILE C 514 -24.24 72.16 71.96
CA ILE C 514 -22.78 72.10 71.94
C ILE C 514 -22.28 70.94 72.77
N LEU C 515 -22.88 70.72 73.95
CA LEU C 515 -22.51 69.59 74.78
C LEU C 515 -22.78 68.26 74.10
N GLU C 516 -23.80 68.18 73.25
CA GLU C 516 -24.13 66.92 72.58
C GLU C 516 -22.99 66.48 71.66
N LEU C 517 -22.36 67.42 70.95
CA LEU C 517 -21.28 67.08 70.04
C LEU C 517 -20.03 66.58 70.76
N GLY C 518 -19.94 66.76 72.08
CA GLY C 518 -18.82 66.25 72.84
C GLY C 518 -17.77 67.28 73.20
N MET C 519 -17.92 68.54 72.79
CA MET C 519 -16.96 69.57 73.15
C MET C 519 -16.94 69.87 74.63
N GLY C 520 -17.93 69.39 75.38
CA GLY C 520 -18.06 69.74 76.77
C GLY C 520 -16.99 69.12 77.64
N ALA C 521 -17.07 69.45 78.93
CA ALA C 521 -16.09 68.96 79.90
C ALA C 521 -16.05 67.43 79.89
N THR C 522 -14.84 66.90 79.91
CA THR C 522 -14.64 65.46 79.76
C THR C 522 -14.91 64.77 81.10
N ALA C 523 -14.55 63.48 81.19
CA ALA C 523 -14.87 62.70 82.37
C ALA C 523 -13.99 63.06 83.55
N GLY C 524 -14.01 64.32 83.95
CA GLY C 524 -13.45 64.71 85.23
C GLY C 524 -14.51 64.50 86.29
N THR C 525 -15.77 64.55 85.86
CA THR C 525 -16.95 64.18 86.62
C THR C 525 -17.17 65.03 87.87
N SER C 526 -16.32 66.02 88.11
CA SER C 526 -16.37 66.81 89.34
C SER C 526 -17.18 68.08 89.13
N ASP C 527 -17.24 68.89 90.19
CA ASP C 527 -17.90 70.20 90.09
C ASP C 527 -17.22 71.09 89.06
N GLU C 528 -15.94 70.82 88.77
CA GLU C 528 -15.25 71.49 87.67
C GLU C 528 -16.03 71.31 86.38
N ALA C 529 -16.42 70.08 86.08
CA ALA C 529 -17.16 69.80 84.86
C ALA C 529 -18.50 70.52 84.84
N ALA C 530 -19.21 70.50 85.97
CA ALA C 530 -20.51 71.17 86.04
C ALA C 530 -20.38 72.66 85.79
N THR C 531 -19.41 73.31 86.44
CA THR C 531 -19.22 74.74 86.25
C THR C 531 -18.79 75.06 84.83
N VAL C 532 -17.88 74.26 84.26
CA VAL C 532 -17.42 74.51 82.91
C VAL C 532 -18.57 74.38 81.91
N ASN C 533 -19.40 73.35 82.08
CA ASN C 533 -20.56 73.18 81.20
C ASN C 533 -21.54 74.35 81.38
N SER C 534 -21.75 74.77 82.63
CA SER C 534 -22.66 75.89 82.89
C SER C 534 -22.12 77.22 82.39
N ASN C 535 -20.82 77.31 82.09
CA ASN C 535 -20.22 78.55 81.60
C ASN C 535 -19.62 78.40 80.20
N LEU C 536 -20.34 77.78 79.28
CA LEU C 536 -19.86 77.65 77.91
C LEU C 536 -20.39 78.77 77.02
N VAL C 537 -21.69 79.02 77.05
CA VAL C 537 -22.34 80.08 76.29
C VAL C 537 -22.99 81.04 77.28
N ASN C 538 -22.74 82.33 77.11
CA ASN C 538 -23.22 83.29 78.09
C ASN C 538 -23.75 84.56 77.44
N TYR C 539 -24.64 85.24 78.17
CA TYR C 539 -25.20 86.54 77.79
C TYR C 539 -24.91 87.53 78.91
N VAL C 540 -24.54 88.75 78.55
CA VAL C 540 -24.14 89.78 79.51
C VAL C 540 -25.33 90.71 79.72
N SER C 541 -25.71 90.89 80.99
CA SER C 541 -26.84 91.75 81.33
C SER C 541 -26.35 93.18 81.56
N THR C 542 -27.23 94.03 82.12
CA THR C 542 -26.90 95.45 82.24
C THR C 542 -25.85 95.69 83.31
N GLY C 543 -26.10 95.20 84.53
CA GLY C 543 -25.20 95.46 85.62
C GLY C 543 -24.02 94.53 85.74
N ASP C 544 -23.86 93.60 84.79
CA ASP C 544 -22.79 92.61 84.83
C ASP C 544 -21.65 92.94 83.87
N VAL C 545 -21.46 94.22 83.55
CA VAL C 545 -20.40 94.63 82.65
C VAL C 545 -19.06 94.49 83.36
N THR C 546 -18.12 93.80 82.72
CA THR C 546 -16.79 93.60 83.27
C THR C 546 -15.77 94.13 82.28
N ASP C 547 -15.11 95.22 82.64
CA ASP C 547 -14.23 95.93 81.72
C ASP C 547 -12.94 95.18 81.48
N SER C 548 -12.30 95.52 80.36
CA SER C 548 -10.98 94.99 79.97
C SER C 548 -10.97 93.46 79.93
N SER C 549 -11.99 92.86 79.34
CA SER C 549 -12.06 91.41 79.18
C SER C 549 -12.90 91.09 77.97
N ASN C 550 -13.27 89.82 77.82
CA ASN C 550 -14.16 89.42 76.75
C ASN C 550 -15.56 90.01 76.92
N GLU C 551 -15.92 90.39 78.14
CA GLU C 551 -17.26 90.85 78.45
C GLU C 551 -17.30 92.32 78.82
N ALA C 552 -16.53 93.15 78.14
CA ALA C 552 -16.56 94.60 78.36
C ALA C 552 -17.77 95.26 77.73
N LEU C 553 -18.62 94.49 77.05
CA LEU C 553 -19.78 95.02 76.35
C LEU C 553 -21.04 94.38 76.91
N ALA C 554 -22.13 95.16 76.93
CA ALA C 554 -23.41 94.69 77.41
C ALA C 554 -24.30 94.26 76.26
N GLY C 555 -25.09 93.22 76.50
CA GLY C 555 -26.01 92.73 75.49
C GLY C 555 -25.36 92.01 74.33
N THR C 556 -24.41 91.11 74.61
CA THR C 556 -23.74 90.32 73.59
C THR C 556 -23.68 88.86 74.01
N PHE C 557 -23.70 87.98 73.01
CA PHE C 557 -23.47 86.55 73.25
C PHE C 557 -21.98 86.26 73.20
N VAL C 558 -21.51 85.46 74.15
CA VAL C 558 -20.14 84.98 74.19
C VAL C 558 -20.18 83.46 74.08
N ILE C 559 -19.46 82.92 73.09
CA ILE C 559 -19.44 81.49 72.81
C ILE C 559 -17.99 81.00 72.87
N GLN C 560 -17.78 79.90 73.60
CA GLN C 560 -16.46 79.34 73.82
C GLN C 560 -16.58 77.82 73.77
N THR C 561 -15.43 77.14 73.69
CA THR C 561 -15.39 75.68 73.70
C THR C 561 -14.28 75.19 74.62
N ALA C 562 -14.31 73.90 74.98
CA ALA C 562 -13.38 73.35 75.95
C ALA C 562 -12.24 72.56 75.34
N ARG C 563 -12.03 72.64 74.03
CA ARG C 563 -10.92 71.99 73.37
C ARG C 563 -9.99 73.03 72.75
N LEU C 564 -8.87 72.56 72.22
CA LEU C 564 -7.81 73.44 71.76
C LEU C 564 -7.57 73.29 70.26
N GLY C 565 -7.13 74.39 69.64
CA GLY C 565 -6.68 74.38 68.26
C GLY C 565 -7.80 74.15 67.25
N ASP C 566 -7.41 73.51 66.14
CA ASP C 566 -8.34 73.28 65.04
C ASP C 566 -9.51 72.40 65.45
N ASP C 567 -9.36 71.58 66.49
CA ASP C 567 -10.48 70.78 66.98
C ASP C 567 -11.59 71.66 67.56
N SER C 568 -11.25 72.85 68.05
CA SER C 568 -12.24 73.72 68.69
C SER C 568 -12.89 74.69 67.72
N LYS C 569 -12.60 74.61 66.43
CA LYS C 569 -13.25 75.47 65.46
C LYS C 569 -14.74 75.14 65.35
N LEU C 570 -15.57 76.17 65.29
CA LEU C 570 -17.01 76.02 65.17
C LEU C 570 -17.49 76.70 63.90
N SER C 571 -18.43 76.05 63.20
CA SER C 571 -19.02 76.59 61.98
C SER C 571 -20.53 76.63 62.11
N PHE C 572 -21.15 77.65 61.52
CA PHE C 572 -22.58 77.86 61.59
C PHE C 572 -23.18 77.85 60.18
N ILE C 573 -24.31 77.15 60.03
CA ILE C 573 -25.02 77.07 58.76
C ILE C 573 -26.50 77.27 59.01
N GLY C 574 -27.16 77.97 58.09
CA GLY C 574 -28.60 78.16 58.20
C GLY C 574 -29.09 79.04 57.07
N ASP C 575 -30.30 79.56 57.25
CA ASP C 575 -30.86 80.48 56.28
C ASP C 575 -30.05 81.78 56.28
N GLN C 576 -30.02 82.44 55.13
CA GLN C 576 -29.20 83.64 54.99
C GLN C 576 -29.65 84.74 55.94
N ASN C 577 -30.96 84.91 56.10
CA ASN C 577 -31.47 85.99 56.94
C ASN C 577 -31.04 85.82 58.39
N LEU C 578 -31.23 84.62 58.95
CA LEU C 578 -30.88 84.38 60.34
C LEU C 578 -29.39 84.52 60.58
N ILE C 579 -28.56 83.99 59.67
CA ILE C 579 -27.12 84.08 59.83
C ILE C 579 -26.66 85.53 59.75
N ASN C 580 -27.22 86.29 58.80
CA ASN C 580 -26.84 87.68 58.67
C ASN C 580 -27.30 88.51 59.87
N ALA C 581 -28.46 88.17 60.43
CA ALA C 581 -28.97 88.89 61.58
C ALA C 581 -28.15 88.58 62.84
N LEU C 582 -27.77 87.32 63.02
CA LEU C 582 -26.96 86.95 64.19
C LEU C 582 -25.61 87.67 64.15
N SER C 583 -25.00 87.75 62.98
CA SER C 583 -23.80 88.56 62.76
C SER C 583 -22.67 88.16 63.71
N LEU C 584 -22.23 86.92 63.56
CA LEU C 584 -21.20 86.38 64.43
C LEU C 584 -19.83 86.91 64.02
N ALA C 585 -19.00 87.18 65.02
CA ALA C 585 -17.65 87.68 64.79
C ALA C 585 -16.69 86.92 65.68
N THR C 586 -15.44 86.84 65.24
CA THR C 586 -14.41 86.07 65.91
C THR C 586 -13.47 87.01 66.66
N ILE C 587 -13.35 86.80 67.97
CA ILE C 587 -12.45 87.58 68.80
C ILE C 587 -11.12 86.88 69.06
N GLN C 588 -11.14 85.61 69.48
CA GLN C 588 -9.89 84.93 69.74
C GLN C 588 -9.80 83.68 68.89
N GLU C 589 -8.64 83.50 68.26
CA GLU C 589 -8.36 82.37 67.39
C GLU C 589 -7.61 81.30 68.16
N GLY C 590 -7.47 80.13 67.53
CA GLY C 590 -6.90 78.98 68.19
C GLY C 590 -5.38 78.99 68.24
N GLU C 591 -4.84 77.93 68.84
CA GLU C 591 -3.41 77.75 69.03
C GLU C 591 -3.10 76.31 69.43
N ASN C 592 -2.08 75.72 68.82
CA ASN C 592 -1.78 74.32 69.09
C ASN C 592 -1.02 74.17 70.40
N SER C 593 -0.90 72.92 70.84
CA SER C 593 -0.11 72.55 71.99
C SER C 593 1.29 72.13 71.54
N GLU C 594 2.14 71.78 72.50
CA GLU C 594 3.46 71.24 72.18
C GLU C 594 3.65 69.95 72.93
N THR C 595 3.98 68.88 72.22
CA THR C 595 4.03 67.54 72.79
C THR C 595 5.46 67.02 72.76
N THR C 596 5.91 66.49 73.89
CA THR C 596 7.22 65.84 73.99
C THR C 596 6.99 64.35 74.20
N ILE C 597 7.54 63.53 73.31
CA ILE C 597 7.30 62.09 73.29
C ILE C 597 8.65 61.40 73.46
N LYS C 598 8.68 60.43 74.37
CA LYS C 598 9.86 59.59 74.58
C LYS C 598 9.46 58.14 74.41
N VAL C 599 10.14 57.42 73.53
CA VAL C 599 9.80 56.04 73.19
C VAL C 599 10.94 55.13 73.62
N THR C 600 10.60 54.00 74.23
CA THR C 600 11.58 53.06 74.75
C THR C 600 11.07 51.64 74.56
N ASP C 601 11.97 50.67 74.78
CA ASP C 601 11.62 49.27 74.66
C ASP C 601 10.94 48.78 75.93
N ALA C 602 10.05 47.80 75.77
CA ALA C 602 9.21 47.34 76.86
C ALA C 602 9.84 46.22 77.69
N HIS C 603 10.96 45.65 77.26
CA HIS C 603 11.62 44.59 78.00
C HIS C 603 13.03 44.92 78.45
N THR C 604 13.79 45.67 77.66
CA THR C 604 15.13 46.09 78.04
C THR C 604 15.17 47.56 78.46
N GLY C 605 14.50 48.43 77.70
CA GLY C 605 14.40 49.83 78.05
C GLY C 605 15.39 50.75 77.37
N LYS C 606 16.11 50.28 76.35
CA LYS C 606 17.08 51.14 75.69
C LYS C 606 16.39 52.27 74.95
N PHE C 607 17.05 53.42 74.91
CA PHE C 607 16.50 54.60 74.25
C PHE C 607 16.33 54.36 72.76
N ILE C 608 15.20 54.81 72.22
CA ILE C 608 14.90 54.73 70.80
C ILE C 608 14.70 56.11 70.19
N GLY C 609 13.94 56.97 70.86
CA GLY C 609 13.71 58.30 70.33
C GLY C 609 13.03 59.29 71.26
N SER C 610 13.29 60.57 71.03
CA SER C 610 12.64 61.67 71.73
C SER C 610 12.31 62.75 70.72
N ASP C 611 11.05 63.18 70.71
CA ASP C 611 10.56 64.09 69.68
C ASP C 611 9.73 65.20 70.30
N SER C 612 9.86 66.39 69.73
CA SER C 612 9.01 67.53 70.05
C SER C 612 8.16 67.83 68.82
N VAL C 613 6.85 67.78 68.99
CA VAL C 613 5.92 67.92 67.88
C VAL C 613 4.84 68.93 68.24
N ASN C 614 4.14 69.40 67.21
CA ASN C 614 3.08 70.38 67.35
C ASN C 614 1.74 69.91 66.81
N ASP C 615 1.74 68.94 65.89
CA ASP C 615 0.52 68.35 65.38
C ASP C 615 0.23 66.99 66.00
N SER C 616 0.97 66.64 67.07
CA SER C 616 0.75 65.38 67.80
C SER C 616 0.86 64.17 66.88
N THR C 617 1.87 64.20 66.00
CA THR C 617 2.16 63.09 65.11
C THR C 617 3.60 62.66 65.31
N LEU C 618 3.81 61.37 65.57
CA LEU C 618 5.15 60.83 65.72
C LEU C 618 5.60 60.29 64.37
N ARG C 619 6.53 60.99 63.73
CA ARG C 619 6.85 60.74 62.33
C ARG C 619 8.33 60.39 62.20
N GLY C 620 8.60 59.23 61.60
CA GLY C 620 9.95 58.89 61.19
C GLY C 620 10.93 58.54 62.29
N VAL C 621 10.47 58.00 63.41
CA VAL C 621 11.35 57.43 64.42
C VAL C 621 11.18 55.92 64.52
N ILE C 622 9.99 55.42 64.23
CA ILE C 622 9.74 53.98 64.08
C ILE C 622 9.59 53.70 62.59
N GLN C 623 10.24 52.65 62.11
CA GLN C 623 10.36 52.42 60.68
C GLN C 623 9.01 52.03 60.08
N GLY C 624 8.53 52.85 59.14
CA GLY C 624 7.35 52.52 58.37
C GLY C 624 6.03 52.71 59.07
N VAL C 625 5.99 53.46 60.17
CA VAL C 625 4.77 53.67 60.94
C VAL C 625 4.66 55.14 61.33
N ASP C 626 3.47 55.70 61.20
CA ASP C 626 3.18 57.02 61.73
C ASP C 626 2.06 56.91 62.76
N VAL C 627 2.24 57.59 63.90
CA VAL C 627 1.40 57.40 65.07
C VAL C 627 0.68 58.70 65.40
N LYS C 628 -0.59 58.59 65.75
CA LYS C 628 -1.43 59.70 66.14
C LYS C 628 -1.86 59.52 67.60
N ILE C 629 -1.66 60.55 68.40
CA ILE C 629 -2.10 60.57 69.79
C ILE C 629 -3.13 61.68 69.94
N ASP C 630 -4.19 61.38 70.69
CA ASP C 630 -5.29 62.33 70.86
C ASP C 630 -4.80 63.62 71.51
N SER C 631 -5.44 64.72 71.14
CA SER C 631 -5.04 66.05 71.61
C SER C 631 -5.61 66.40 72.97
N ASP C 632 -6.35 65.49 73.60
CA ASP C 632 -6.97 65.74 74.90
C ASP C 632 -6.41 64.85 75.99
N VAL C 633 -5.10 64.65 76.02
CA VAL C 633 -4.45 63.76 76.97
C VAL C 633 -3.61 64.61 77.91
N GLY C 634 -3.93 64.53 79.21
CA GLY C 634 -3.12 65.19 80.23
C GLY C 634 -3.30 66.69 80.30
N VAL C 635 -4.54 67.16 80.38
CA VAL C 635 -4.84 68.58 80.52
C VAL C 635 -5.84 68.74 81.67
N SER C 636 -5.59 69.74 82.52
CA SER C 636 -6.50 70.08 83.60
C SER C 636 -7.16 71.41 83.29
N ILE C 637 -8.48 71.47 83.48
CA ILE C 637 -9.29 72.62 83.07
C ILE C 637 -9.86 73.29 84.30
N SER C 638 -9.98 74.61 84.24
CA SER C 638 -10.57 75.38 85.34
C SER C 638 -11.21 76.64 84.77
N TRP C 639 -11.95 77.34 85.62
CA TRP C 639 -12.65 78.57 85.24
C TRP C 639 -12.44 79.61 86.32
N ASN C 640 -11.92 80.77 85.92
CA ASN C 640 -11.62 81.85 86.85
C ASN C 640 -12.67 82.94 86.67
N SER C 641 -13.40 83.24 87.76
CA SER C 641 -14.57 84.09 87.65
C SER C 641 -14.24 85.57 87.88
N THR C 642 -13.12 85.86 88.54
CA THR C 642 -12.73 87.26 88.71
C THR C 642 -12.40 87.91 87.38
N LYS C 643 -11.75 87.19 86.47
CA LYS C 643 -11.56 87.64 85.10
C LYS C 643 -12.50 86.97 84.12
N LYS C 644 -13.25 85.96 84.56
CA LYS C 644 -14.23 85.27 83.72
C LYS C 644 -13.58 84.68 82.47
N THR C 645 -12.65 83.75 82.67
CA THR C 645 -11.94 83.10 81.58
C THR C 645 -11.76 81.62 81.90
N MET C 646 -11.48 80.83 80.87
CA MET C 646 -11.11 79.45 81.09
C MET C 646 -9.59 79.32 81.14
N GLU C 647 -9.13 78.38 81.97
CA GLU C 647 -7.71 78.18 82.21
C GLU C 647 -7.35 76.73 81.98
N PHE C 648 -6.20 76.51 81.34
CA PHE C 648 -5.68 75.19 81.03
C PHE C 648 -4.32 75.04 81.68
N SER C 649 -4.05 73.86 82.24
CA SER C 649 -2.76 73.59 82.86
C SER C 649 -2.35 72.15 82.63
N ALA C 650 -1.06 71.89 82.83
CA ALA C 650 -0.55 70.52 82.69
C ALA C 650 -0.93 69.70 83.92
N THR C 651 -1.09 68.40 83.70
CA THR C 651 -1.51 67.50 84.78
C THR C 651 -0.43 67.41 85.86
N GLY C 652 0.83 67.36 85.45
CA GLY C 652 1.94 67.20 86.38
C GLY C 652 2.50 65.80 86.45
N GLU C 653 1.86 64.83 85.82
CA GLU C 653 2.35 63.46 85.76
C GLU C 653 2.27 62.97 84.32
N SER C 654 3.27 62.20 83.92
CA SER C 654 3.31 61.65 82.58
C SER C 654 2.43 60.40 82.50
N GLU C 655 2.21 59.94 81.28
CA GLU C 655 1.34 58.80 81.02
C GLU C 655 2.09 57.75 80.23
N ASP C 656 1.66 56.51 80.36
CA ASP C 656 2.25 55.38 79.65
C ASP C 656 1.20 54.72 78.78
N ILE C 657 1.52 54.55 77.50
CA ILE C 657 0.72 53.76 76.57
C ILE C 657 1.66 52.76 75.91
N LYS C 658 1.16 51.55 75.66
CA LYS C 658 1.98 50.47 75.16
C LYS C 658 1.49 50.02 73.79
N LEU C 659 2.44 49.70 72.92
CA LEU C 659 2.16 49.42 71.53
C LEU C 659 2.69 48.04 71.15
N HIS C 660 1.92 47.31 70.36
CA HIS C 660 2.29 45.98 69.88
C HIS C 660 2.22 45.94 68.36
N LEU C 661 3.27 45.43 67.74
CA LEU C 661 3.38 45.48 66.29
C LEU C 661 4.07 44.21 65.81
N VAL C 662 3.57 43.62 64.72
CA VAL C 662 4.14 42.42 64.14
C VAL C 662 4.22 42.59 62.63
N ASP C 663 5.23 41.97 62.02
CA ASP C 663 5.43 42.09 60.58
C ASP C 663 4.67 41.01 59.84
N ASN C 664 3.93 41.41 58.81
CA ASN C 664 3.13 40.47 58.03
C ASN C 664 3.02 40.94 56.57
N ALA C 665 5.63 40.72 55.03
CA ALA C 665 5.38 41.05 53.62
C ALA C 665 4.84 39.83 52.89
N MET C 666 4.83 39.91 51.55
CA MET C 666 4.42 38.79 50.71
C MET C 666 5.67 38.22 50.07
N GLU C 667 6.06 37.01 50.47
CA GLU C 667 7.30 36.40 49.99
C GLU C 667 6.95 35.33 48.96
N MET C 668 7.46 35.49 47.75
CA MET C 668 7.17 34.60 46.63
C MET C 668 8.43 33.86 46.23
N GLN C 669 8.31 32.54 46.09
CA GLN C 669 9.40 31.72 45.57
C GLN C 669 9.60 32.01 44.09
N ILE C 670 10.84 32.23 43.69
CA ILE C 670 11.13 32.64 42.31
C ILE C 670 12.19 31.75 41.69
N GLY C 671 12.86 30.94 42.51
CA GLY C 671 13.92 30.08 42.06
C GLY C 671 13.61 28.61 42.30
N ALA C 672 14.55 27.76 41.85
CA ALA C 672 14.46 26.32 42.04
C ALA C 672 15.25 25.86 43.25
N ASN C 673 15.79 26.79 44.04
CA ASN C 673 16.57 26.46 45.23
C ASN C 673 16.22 27.46 46.33
N GLU C 674 16.94 27.37 47.44
CA GLU C 674 16.69 28.23 48.57
C GLU C 674 17.22 29.64 48.31
N GLY C 675 16.85 30.57 49.19
CA GLY C 675 17.38 31.92 49.14
C GLY C 675 16.74 32.81 48.09
N GLN C 676 16.26 32.21 47.01
CA GLN C 676 15.71 32.99 45.91
C GLN C 676 14.23 33.30 46.14
N THR C 677 13.95 34.40 46.84
CA THR C 677 12.59 34.82 47.13
C THR C 677 12.46 36.31 46.88
N ILE C 678 11.23 36.75 46.59
CA ILE C 678 10.93 38.14 46.30
C ILE C 678 9.94 38.65 47.33
N LEU C 679 10.24 39.80 47.92
CA LEU C 679 9.39 40.42 48.93
C LEU C 679 8.54 41.50 48.28
N ALA C 680 7.24 41.49 48.56
CA ALA C 680 6.30 42.45 48.00
C ALA C 680 5.51 43.12 49.12
N ASN C 681 5.27 44.42 48.95
CA ASN C 681 4.57 45.23 49.92
C ASN C 681 3.47 46.05 49.24
N ILE C 682 2.37 46.26 49.95
CA ILE C 682 1.31 47.17 49.51
C ILE C 682 0.87 48.01 50.71
N PRO C 683 1.03 49.32 50.65
CA PRO C 683 0.69 50.15 51.82
C PRO C 683 -0.81 50.34 51.99
N GLN C 684 -1.18 50.90 53.15
CA GLN C 684 -2.56 51.27 53.40
C GLN C 684 -2.98 52.46 52.53
N VAL C 685 -4.21 52.40 52.03
CA VAL C 685 -4.78 53.49 51.24
C VAL C 685 -6.24 53.66 51.62
N ASP C 686 -6.56 54.78 52.27
CA ASP C 686 -7.92 55.18 52.59
C ASP C 686 -7.90 56.65 52.99
N THR C 687 -9.05 57.17 53.45
CA THR C 687 -9.13 58.59 53.77
C THR C 687 -8.21 58.98 54.92
N THR C 688 -8.10 58.11 55.94
CA THR C 688 -7.22 58.41 57.06
C THR C 688 -5.77 58.51 56.61
N SER C 689 -5.34 57.62 55.71
CA SER C 689 -3.97 57.67 55.22
C SER C 689 -3.77 58.83 54.24
N LEU C 690 -4.79 59.15 53.45
CA LEU C 690 -4.66 60.23 52.47
C LEU C 690 -4.73 61.62 53.10
N GLY C 691 -5.11 61.73 54.37
CA GLY C 691 -5.15 63.02 55.03
C GLY C 691 -6.29 63.91 54.59
N ILE C 692 -7.38 63.34 54.09
CA ILE C 692 -8.52 64.11 53.64
C ILE C 692 -9.75 63.70 54.43
N ASP C 693 -9.53 63.24 55.67
CA ASP C 693 -10.64 62.76 56.49
C ASP C 693 -11.51 63.91 56.99
N ASP C 694 -10.92 65.08 57.21
CA ASP C 694 -11.62 66.15 57.91
C ASP C 694 -11.79 67.38 57.04
N ILE C 695 -12.20 67.20 55.79
CA ILE C 695 -12.45 68.33 54.89
C ILE C 695 -13.92 68.73 55.00
N LEU C 696 -14.15 70.02 55.21
CA LEU C 696 -15.49 70.57 55.30
C LEU C 696 -15.75 71.49 54.12
N MET C 697 -17.02 71.64 53.76
CA MET C 697 -17.44 72.54 52.69
C MET C 697 -18.58 73.37 53.26
N VAL C 698 -18.23 74.43 53.97
CA VAL C 698 -19.20 75.17 54.77
C VAL C 698 -19.18 76.66 54.44
N ASP C 699 -18.02 77.28 54.52
CA ASP C 699 -17.87 78.69 54.25
C ASP C 699 -16.86 78.91 53.13
N GLN C 700 -16.61 80.19 52.82
CA GLN C 700 -15.67 80.52 51.75
C GLN C 700 -14.24 80.61 52.28
N GLU C 701 -13.82 79.58 53.02
CA GLU C 701 -12.44 79.48 53.46
C GLU C 701 -11.84 78.09 53.37
N LEU C 702 -12.63 77.02 53.37
CA LEU C 702 -12.10 75.66 53.38
C LEU C 702 -11.64 75.19 52.00
N ALA C 703 -12.06 75.86 50.93
CA ALA C 703 -11.80 75.36 49.59
C ALA C 703 -10.31 75.35 49.24
N GLN C 704 -9.56 76.35 49.67
CA GLN C 704 -8.15 76.43 49.31
C GLN C 704 -7.36 75.29 49.95
N GLU C 705 -7.56 75.08 51.24
CA GLU C 705 -6.92 73.96 51.92
C GLU C 705 -7.38 72.64 51.32
N SER C 706 -8.65 72.56 50.92
CA SER C 706 -9.15 71.37 50.24
C SER C 706 -8.35 71.09 48.97
N ILE C 707 -8.11 72.14 48.17
CA ILE C 707 -7.36 71.96 46.92
C ILE C 707 -5.95 71.44 47.22
N THR C 708 -5.30 72.03 48.23
CA THR C 708 -3.94 71.59 48.58
C THR C 708 -3.93 70.12 49.01
N LYS C 709 -4.86 69.74 49.89
CA LYS C 709 -4.90 68.36 50.37
C LYS C 709 -5.16 67.40 49.21
N LEU C 710 -6.05 67.78 48.28
CA LEU C 710 -6.35 66.90 47.16
C LEU C 710 -5.15 66.73 46.25
N ASP C 711 -4.37 67.79 46.06
CA ASP C 711 -3.13 67.66 45.28
C ASP C 711 -2.18 66.65 45.93
N LYS C 712 -2.03 66.76 47.25
CA LYS C 712 -1.16 65.81 47.95
C LYS C 712 -1.65 64.37 47.80
N ALA C 713 -2.97 64.17 47.92
CA ALA C 713 -3.51 62.82 47.77
C ALA C 713 -3.24 62.27 46.37
N LEU C 714 -3.42 63.11 45.35
CA LEU C 714 -3.19 62.67 43.98
C LEU C 714 -1.74 62.23 43.78
N GLU C 715 -0.78 63.03 44.28
CA GLU C 715 0.61 62.66 44.07
C GLU C 715 0.96 61.36 44.80
N THR C 716 0.39 61.16 46.00
CA THR C 716 0.63 59.91 46.71
C THR C 716 0.11 58.71 45.93
N VAL C 717 -1.11 58.80 45.39
CA VAL C 717 -1.68 57.69 44.64
C VAL C 717 -0.82 57.38 43.41
N SER C 718 -0.38 58.43 42.71
CA SER C 718 0.46 58.21 41.54
C SER C 718 1.75 57.49 41.90
N GLY C 719 2.38 57.87 43.01
CA GLY C 719 3.59 57.20 43.44
C GLY C 719 3.37 55.71 43.69
N VAL C 720 2.28 55.38 44.39
CA VAL C 720 2.01 53.97 44.69
C VAL C 720 1.84 53.17 43.40
N ARG C 721 1.05 53.72 42.46
CA ARG C 721 0.82 53.00 41.21
C ARG C 721 2.12 52.78 40.44
N ALA C 722 2.98 53.81 40.39
CA ALA C 722 4.23 53.67 39.65
C ALA C 722 5.13 52.60 40.26
N THR C 723 5.19 52.53 41.60
CA THR C 723 5.99 51.49 42.24
C THR C 723 5.48 50.09 41.86
N ILE C 724 4.16 49.90 41.89
CA ILE C 724 3.60 48.61 41.51
C ILE C 724 3.96 48.26 40.07
N GLY C 725 3.91 49.25 39.19
CA GLY C 725 4.27 49.01 37.80
C GLY C 725 5.72 48.58 37.64
N ALA C 726 6.63 49.22 38.38
CA ALA C 726 8.03 48.82 38.31
C ALA C 726 8.21 47.37 38.73
N GLN C 727 7.53 46.97 39.81
CA GLN C 727 7.66 45.58 40.27
C GLN C 727 7.12 44.58 39.24
N ILE C 728 5.98 44.91 38.63
CA ILE C 728 5.41 43.98 37.65
C ILE C 728 6.33 43.86 36.44
N ASN C 729 6.98 44.96 36.05
CA ASN C 729 7.96 44.88 34.96
C ASN C 729 9.13 43.97 35.33
N ARG C 730 9.62 44.07 36.57
CA ARG C 730 10.67 43.15 37.01
C ARG C 730 10.23 41.70 36.84
N LEU C 731 9.03 41.36 37.30
CA LEU C 731 8.60 39.96 37.23
C LEU C 731 8.47 39.50 35.79
N GLU C 732 7.90 40.34 34.93
CA GLU C 732 7.79 39.97 33.51
C GLU C 732 9.16 39.72 32.90
N TYR C 733 10.14 40.56 33.23
CA TYR C 733 11.50 40.33 32.72
C TYR C 733 12.08 39.02 33.23
N THR C 734 11.93 38.74 34.53
CA THR C 734 12.56 37.53 35.06
C THR C 734 11.86 36.25 34.60
N MET C 735 10.68 36.36 33.99
CA MET C 735 9.98 35.15 33.52
C MET C 735 10.78 34.37 32.46
N THR C 736 11.33 35.05 31.44
CA THR C 736 11.78 34.35 30.23
C THR C 736 13.09 33.58 30.42
N GLY C 737 14.00 34.08 31.25
CA GLY C 737 15.27 33.39 31.44
C GLY C 737 15.10 31.99 31.99
N LEU C 738 14.06 31.79 32.82
CA LEU C 738 13.80 30.45 33.35
C LEU C 738 13.46 29.47 32.24
N ASP C 739 12.63 29.90 31.28
CA ASP C 739 12.30 29.02 30.16
C ASP C 739 13.50 28.76 29.27
N THR C 740 14.34 29.77 29.06
CA THR C 740 15.56 29.55 28.28
C THR C 740 16.45 28.52 28.96
N THR C 741 16.62 28.65 30.28
CA THR C 741 17.39 27.67 31.05
C THR C 741 16.74 26.30 30.98
N ARG C 742 15.41 26.23 31.01
CA ARG C 742 14.71 24.96 30.85
C ARG C 742 15.10 24.29 29.54
N GLU C 743 15.03 25.04 28.44
CA GLU C 743 15.33 24.45 27.15
C GLU C 743 16.77 23.96 27.11
N ASN C 744 17.70 24.77 27.62
CA ASN C 744 19.11 24.37 27.60
C ASN C 744 19.34 23.10 28.44
N LEU C 745 18.78 23.03 29.64
CA LEU C 745 19.00 21.87 30.49
C LEU C 745 18.26 20.64 30.01
N THR C 746 17.07 20.78 29.43
CA THR C 746 16.39 19.61 28.88
C THR C 746 17.09 19.11 27.63
N ALA C 747 17.76 19.99 26.88
CA ALA C 747 18.64 19.53 25.82
C ALA C 747 19.85 18.80 26.38
N ALA C 748 20.42 19.32 27.47
CA ALA C 748 21.58 18.69 28.09
C ALA C 748 21.26 17.31 28.63
N GLU C 749 20.06 17.14 29.21
CA GLU C 749 19.70 15.85 29.77
C GLU C 749 19.41 14.82 28.69
N SER C 750 18.76 15.24 27.60
CA SER C 750 18.44 14.30 26.54
C SER C 750 19.64 14.09 25.62
N ARG C 751 20.80 13.80 26.22
CA ARG C 751 21.94 13.25 25.51
C ARG C 751 22.44 11.98 26.16
N ILE C 752 21.77 11.50 27.20
CA ILE C 752 22.02 10.21 27.82
C ILE C 752 20.77 9.33 27.72
N ARG C 753 19.89 9.65 26.75
CA ARG C 753 18.63 8.92 26.64
C ARG C 753 18.84 7.55 26.02
N ASP C 754 19.30 7.51 24.78
CA ASP C 754 19.53 6.23 24.11
C ASP C 754 20.41 6.46 22.89
N LEU C 755 21.01 5.38 22.40
CA LEU C 755 21.75 5.44 21.15
C LEU C 755 20.81 5.74 19.99
N ASP C 756 21.36 6.34 18.94
CA ASP C 756 20.65 6.38 17.67
C ASP C 756 20.31 4.96 17.25
N ILE C 757 19.06 4.76 16.83
CA ILE C 757 18.47 3.44 16.68
C ILE C 757 19.25 2.59 15.69
N ALA C 758 19.90 3.25 14.72
CA ALA C 758 20.58 2.50 13.66
C ALA C 758 21.69 1.61 14.20
N ASP C 759 22.49 2.13 15.13
CA ASP C 759 23.64 1.36 15.63
C ASP C 759 23.17 0.14 16.43
N GLU C 760 22.15 0.30 17.27
CA GLU C 760 21.64 -0.83 18.04
C GLU C 760 20.97 -1.84 17.12
N MET C 761 20.27 -1.36 16.09
CA MET C 761 19.72 -2.24 15.07
C MET C 761 20.82 -3.09 14.42
N ALA C 762 21.93 -2.45 14.05
CA ALA C 762 23.03 -3.18 13.42
C ALA C 762 23.63 -4.22 14.37
N LYS C 763 23.81 -3.84 15.63
CA LYS C 763 24.33 -4.78 16.62
C LYS C 763 23.43 -6.01 16.74
N PHE C 764 22.12 -5.76 16.87
CA PHE C 764 21.17 -6.85 17.02
C PHE C 764 21.17 -7.75 15.78
N THR C 765 21.21 -7.15 14.59
CA THR C 765 21.23 -7.93 13.36
C THR C 765 22.47 -8.82 13.28
N LYS C 766 23.63 -8.25 13.61
CA LYS C 766 24.87 -9.03 13.53
C LYS C 766 24.86 -10.20 14.51
N ASN C 767 24.40 -9.95 15.74
CA ASN C 767 24.35 -11.05 16.72
C ASN C 767 23.38 -12.14 16.28
N GLN C 768 22.22 -11.74 15.76
CA GLN C 768 21.24 -12.72 15.29
C GLN C 768 21.81 -13.53 14.14
N ILE C 769 22.60 -12.90 13.27
CA ILE C 769 23.24 -13.62 12.17
C ILE C 769 24.22 -14.65 12.70
N LEU C 770 25.03 -14.27 13.70
CA LEU C 770 26.08 -15.18 14.17
C LEU C 770 25.51 -16.37 14.93
N ALA C 771 24.39 -16.19 15.62
CA ALA C 771 23.87 -17.26 16.48
C ALA C 771 23.56 -18.54 15.70
N GLN C 772 22.94 -18.39 14.52
CA GLN C 772 22.53 -19.57 13.75
C GLN C 772 23.72 -20.38 13.26
N SER C 773 24.77 -19.69 12.80
CA SER C 773 25.99 -20.40 12.41
C SER C 773 26.58 -21.14 13.59
N ASN C 774 26.58 -20.51 14.78
CA ASN C 774 27.12 -21.18 15.95
C ASN C 774 26.34 -22.46 16.26
N ILE C 775 25.00 -22.39 16.20
CA ILE C 775 24.20 -23.55 16.56
C ILE C 775 24.36 -24.67 15.53
N SER C 776 24.48 -24.30 14.24
CA SER C 776 24.69 -25.33 13.22
C SER C 776 26.02 -26.04 13.43
N MET C 777 27.07 -25.28 13.75
CA MET C 777 28.37 -25.90 13.99
C MET C 777 28.33 -26.79 15.23
N LEU C 778 27.58 -26.37 16.25
CA LEU C 778 27.39 -27.24 17.42
C LEU C 778 26.75 -28.56 17.03
N ALA C 779 25.72 -28.51 16.17
CA ALA C 779 25.07 -29.73 15.73
C ALA C 779 26.03 -30.65 15.00
N GLN C 780 26.84 -30.08 14.10
CA GLN C 780 27.80 -30.90 13.35
C GLN C 780 28.84 -31.52 14.27
N ALA C 781 29.34 -30.74 15.23
CA ALA C 781 30.32 -31.27 16.17
C ALA C 781 29.75 -32.40 17.00
N ASN C 782 28.49 -32.28 17.41
CA ASN C 782 27.84 -33.39 18.10
C ASN C 782 27.74 -34.62 17.21
N SER C 783 27.41 -34.42 15.93
CA SER C 783 27.15 -35.56 15.05
C SER C 783 28.43 -36.37 14.80
N LEU C 784 29.57 -35.69 14.63
CA LEU C 784 30.77 -36.34 14.11
C LEU C 784 31.25 -37.54 14.92
N PRO C 785 31.61 -37.40 16.21
CA PRO C 785 32.55 -38.37 16.81
C PRO C 785 32.02 -39.78 16.96
N GLN C 786 30.82 -39.94 17.52
CA GLN C 786 30.30 -41.29 17.76
C GLN C 786 30.14 -42.05 16.45
N MET C 787 29.64 -41.39 15.41
CA MET C 787 29.50 -42.05 14.12
C MET C 787 30.86 -42.47 13.58
N ALA C 788 31.86 -41.58 13.64
CA ALA C 788 33.18 -41.93 13.12
C ALA C 788 33.76 -43.13 13.86
N LEU C 789 33.67 -43.12 15.19
CA LEU C 789 34.28 -44.19 15.96
C LEU C 789 33.55 -45.51 15.77
N SER C 790 32.21 -45.50 15.81
CA SER C 790 31.46 -46.72 15.57
C SER C 790 31.73 -47.27 14.17
N LEU C 791 32.01 -46.39 13.21
CA LEU C 791 32.49 -46.86 11.91
C LEU C 791 33.83 -47.57 12.07
N LEU C 792 34.74 -47.00 12.87
CA LEU C 792 36.03 -47.65 13.09
C LEU C 792 35.86 -48.99 13.81
N GLY C 793 34.97 -49.04 14.81
CA GLY C 793 34.80 -50.23 15.62
C GLY C 793 34.25 -51.45 14.90
N ALA D 2 66.89 -91.85 21.42
CA ALA D 2 65.78 -92.77 21.21
C ALA D 2 64.46 -92.11 21.60
N MET D 3 63.35 -92.75 21.27
CA MET D 3 62.03 -92.22 21.58
C MET D 3 61.50 -92.84 22.86
N TYR D 4 60.86 -92.01 23.68
CA TYR D 4 60.44 -92.40 25.02
C TYR D 4 58.91 -92.33 25.15
N ILE D 5 58.43 -92.68 26.34
CA ILE D 5 57.03 -92.57 26.72
C ILE D 5 56.97 -91.85 28.06
N ASN D 6 55.87 -91.12 28.29
CA ASN D 6 55.60 -90.43 29.56
C ASN D 6 56.45 -89.17 29.71
N THR D 7 57.00 -88.68 28.60
CA THR D 7 57.90 -87.52 28.60
C THR D 7 57.55 -86.54 27.49
N ASN D 8 56.27 -86.14 27.41
CA ASN D 8 55.79 -85.24 26.36
C ASN D 8 56.01 -83.79 26.76
N VAL D 9 57.27 -83.35 26.64
CA VAL D 9 57.63 -81.97 26.99
C VAL D 9 56.99 -80.92 26.07
N PRO D 10 57.01 -81.08 24.74
CA PRO D 10 56.45 -80.02 23.88
C PRO D 10 55.01 -79.70 24.19
N SER D 11 54.23 -80.69 24.63
CA SER D 11 52.88 -80.42 25.08
C SER D 11 52.88 -79.42 26.24
N LEU D 12 53.80 -79.61 27.20
CA LEU D 12 53.88 -78.69 28.33
C LEU D 12 54.24 -77.28 27.88
N THR D 13 55.21 -77.16 26.97
CA THR D 13 55.61 -75.84 26.51
C THR D 13 54.46 -75.14 25.77
N ALA D 14 53.76 -75.88 24.91
CA ALA D 14 52.63 -75.31 24.20
C ALA D 14 51.53 -74.89 25.17
N GLN D 15 51.31 -75.69 26.21
CA GLN D 15 50.33 -75.32 27.22
C GLN D 15 50.68 -74.00 27.88
N ARG D 16 51.96 -73.82 28.24
CA ARG D 16 52.38 -72.57 28.86
C ARG D 16 52.12 -71.38 27.92
N TYR D 17 52.55 -71.50 26.66
CA TYR D 17 52.39 -70.38 25.73
C TYR D 17 50.93 -70.05 25.50
N LEU D 18 50.10 -71.08 25.30
CA LEU D 18 48.66 -70.88 25.22
C LEU D 18 48.13 -70.18 26.46
N GLY D 19 48.70 -70.48 27.63
CA GLY D 19 48.26 -69.84 28.85
C GLY D 19 48.43 -68.33 28.81
N GLU D 20 49.65 -67.87 28.50
CA GLU D 20 49.78 -66.39 28.54
C GLU D 20 49.02 -65.75 27.39
N THR D 21 48.88 -66.44 26.25
CA THR D 21 48.09 -65.88 25.15
C THR D 21 46.63 -65.68 25.59
N ASN D 22 46.06 -66.67 26.26
CA ASN D 22 44.68 -66.54 26.72
C ASN D 22 44.55 -65.42 27.75
N ASN D 23 45.52 -65.30 28.65
CA ASN D 23 45.46 -64.23 29.65
C ASN D 23 45.48 -62.86 28.98
N ALA D 24 46.34 -62.69 27.98
CA ALA D 24 46.40 -61.42 27.26
C ALA D 24 45.08 -61.13 26.55
N VAL D 25 44.49 -62.15 25.93
CA VAL D 25 43.21 -61.95 25.25
C VAL D 25 42.15 -61.49 26.24
N SER D 26 42.10 -62.13 27.41
CA SER D 26 41.12 -61.74 28.42
C SER D 26 41.32 -60.30 28.86
N LYS D 27 42.56 -59.89 29.12
CA LYS D 27 42.81 -58.52 29.55
C LYS D 27 42.40 -57.52 28.48
N SER D 28 42.74 -57.80 27.22
CA SER D 28 42.39 -56.88 26.14
C SER D 28 40.88 -56.77 25.99
N LEU D 29 40.17 -57.89 26.08
CA LEU D 29 38.71 -57.85 25.97
C LEU D 29 38.10 -57.04 27.10
N GLU D 30 38.58 -57.22 28.33
CA GLU D 30 38.05 -56.46 29.45
C GLU D 30 38.31 -54.97 29.25
N ARG D 31 39.52 -54.61 28.81
CA ARG D 31 39.82 -53.20 28.57
C ARG D 31 38.90 -52.60 27.52
N LEU D 32 38.71 -53.30 26.39
CA LEU D 32 37.86 -52.76 25.33
C LEU D 32 36.41 -52.63 25.79
N SER D 33 35.91 -53.62 26.53
CA SER D 33 34.54 -53.55 27.00
C SER D 33 34.34 -52.41 27.98
N SER D 34 35.28 -52.23 28.91
CA SER D 34 35.13 -51.17 29.91
C SER D 34 35.26 -49.79 29.28
N GLY D 35 36.21 -49.62 28.36
CA GLY D 35 36.46 -48.32 27.80
C GLY D 35 37.29 -47.41 28.67
N LEU D 36 38.03 -47.97 29.63
CA LEU D 36 38.91 -47.20 30.50
C LEU D 36 40.33 -47.77 30.44
N ARG D 37 41.31 -46.89 30.57
CA ARG D 37 42.72 -47.29 30.58
C ARG D 37 43.07 -48.07 31.84
N ILE D 38 42.93 -47.42 32.99
CA ILE D 38 43.55 -47.92 34.21
C ILE D 38 42.76 -49.07 34.80
N ASN D 39 41.50 -48.82 35.20
CA ASN D 39 40.68 -49.81 35.89
C ASN D 39 41.44 -50.42 37.06
N SER D 40 40.95 -51.54 37.59
CA SER D 40 41.66 -52.38 38.55
C SER D 40 42.35 -51.58 39.64
N ALA D 41 43.50 -52.07 40.10
CA ALA D 41 44.38 -51.29 40.95
C ALA D 41 45.86 -51.47 40.62
N SER D 42 46.21 -52.33 39.67
CA SER D 42 47.60 -52.67 39.41
C SER D 42 48.08 -52.27 38.02
N ASP D 43 47.17 -51.85 37.13
CA ASP D 43 47.59 -51.41 35.81
C ASP D 43 48.50 -50.18 35.90
N ASP D 44 48.15 -49.24 36.77
CA ASP D 44 49.01 -48.10 37.08
C ASP D 44 48.80 -47.69 38.53
N ALA D 45 49.89 -47.38 39.22
CA ALA D 45 49.82 -46.91 40.60
C ALA D 45 49.96 -45.40 40.71
N SER D 46 50.02 -44.69 39.59
CA SER D 46 50.24 -43.25 39.60
C SER D 46 49.08 -42.44 39.06
N GLY D 47 48.33 -42.96 38.09
CA GLY D 47 47.23 -42.21 37.51
C GLY D 47 46.02 -42.04 38.41
N LEU D 48 45.86 -42.93 39.39
CA LEU D 48 44.67 -42.89 40.23
C LEU D 48 44.59 -41.59 41.03
N ALA D 49 45.70 -41.17 41.63
CA ALA D 49 45.70 -39.96 42.44
C ALA D 49 45.39 -38.72 41.60
N ILE D 50 46.04 -38.63 40.43
CA ILE D 50 45.79 -37.49 39.54
C ILE D 50 44.33 -37.45 39.12
N SER D 51 43.78 -38.61 38.73
CA SER D 51 42.39 -38.67 38.30
C SER D 51 41.45 -38.24 39.41
N GLU D 52 41.67 -38.75 40.63
CA GLU D 52 40.77 -38.42 41.73
C GLU D 52 40.84 -36.94 42.08
N LYS D 53 42.05 -36.38 42.13
CA LYS D 53 42.20 -34.97 42.47
C LYS D 53 41.52 -34.09 41.42
N LEU D 54 41.74 -34.39 40.14
CA LEU D 54 41.13 -33.58 39.08
C LEU D 54 39.61 -33.71 39.10
N ARG D 55 39.10 -34.91 39.37
CA ARG D 55 37.65 -35.10 39.44
C ARG D 55 37.04 -34.26 40.55
N GLY D 56 37.67 -34.28 41.74
CA GLY D 56 37.17 -33.47 42.84
C GLY D 56 37.18 -31.99 42.53
N GLN D 57 38.27 -31.51 41.92
CA GLN D 57 38.33 -30.09 41.57
C GLN D 57 37.27 -29.71 40.54
N ILE D 58 37.00 -30.60 39.57
CA ILE D 58 35.96 -30.33 38.58
C ILE D 58 34.59 -30.18 39.25
N SER D 59 34.29 -31.11 40.18
CA SER D 59 33.02 -31.02 40.89
C SER D 59 32.90 -29.71 41.66
N GLY D 60 33.97 -29.33 42.37
CA GLY D 60 33.94 -28.07 43.10
C GLY D 60 33.72 -26.87 42.20
N LEU D 61 34.37 -26.85 41.04
CA LEU D 61 34.20 -25.74 40.11
C LEU D 61 32.76 -25.64 39.63
N LYS D 62 32.13 -26.78 39.30
CA LYS D 62 30.74 -26.73 38.86
C LYS D 62 29.82 -26.19 39.95
N ARG D 63 30.04 -26.64 41.19
CA ARG D 63 29.19 -26.16 42.29
C ARG D 63 29.33 -24.65 42.48
N ALA D 64 30.57 -24.14 42.41
CA ALA D 64 30.77 -22.70 42.53
C ALA D 64 30.08 -21.95 41.39
N SER D 65 30.10 -22.54 40.19
CA SER D 65 29.44 -21.92 39.05
C SER D 65 27.94 -21.74 39.31
N LEU D 66 27.30 -22.75 39.91
CA LEU D 66 25.89 -22.59 40.29
C LEU D 66 25.73 -21.51 41.35
N ASN D 67 26.61 -21.53 42.35
CA ASN D 67 26.53 -20.58 43.47
C ASN D 67 26.53 -19.14 43.01
N ALA D 68 27.31 -18.82 41.97
CA ALA D 68 27.44 -17.43 41.54
C ALA D 68 26.10 -16.83 41.11
N GLN D 69 25.36 -17.52 40.24
CA GLN D 69 24.08 -17.00 39.78
C GLN D 69 23.05 -16.99 40.92
N ASP D 70 23.08 -18.04 41.75
CA ASP D 70 22.22 -18.04 42.93
C ASP D 70 22.45 -16.77 43.75
N GLY D 71 23.69 -16.30 43.81
CA GLY D 71 23.97 -15.04 44.47
C GLY D 71 23.43 -13.83 43.72
N ILE D 72 23.57 -13.81 42.39
CA ILE D 72 23.29 -12.58 41.64
C ILE D 72 21.81 -12.20 41.69
N SER D 73 20.92 -13.20 41.75
CA SER D 73 19.49 -12.87 41.69
C SER D 73 19.05 -11.95 42.83
N LEU D 74 19.57 -12.19 44.04
CA LEU D 74 19.18 -11.42 45.22
C LEU D 74 19.55 -9.94 45.06
N LEU D 75 20.77 -9.68 44.57
CA LEU D 75 21.20 -8.30 44.36
C LEU D 75 20.33 -7.61 43.31
N GLN D 76 19.93 -8.34 42.27
CA GLN D 76 19.02 -7.72 41.29
C GLN D 76 17.71 -7.28 41.96
N THR D 77 17.17 -8.12 42.84
CA THR D 77 15.93 -7.76 43.54
C THR D 77 16.13 -6.48 44.38
N ALA D 78 17.22 -6.42 45.14
CA ALA D 78 17.47 -5.23 45.95
C ALA D 78 17.58 -3.98 45.08
N GLU D 79 18.23 -4.10 43.92
CA GLU D 79 18.35 -2.96 43.02
C GLU D 79 16.99 -2.47 42.54
N GLY D 80 16.09 -3.41 42.22
CA GLY D 80 14.75 -2.99 41.81
C GLY D 80 14.04 -2.19 42.90
N GLY D 81 14.12 -2.68 44.13
CA GLY D 81 13.52 -1.93 45.24
C GLY D 81 14.08 -0.53 45.37
N LEU D 82 15.41 -0.41 45.32
CA LEU D 82 16.04 0.91 45.42
C LEU D 82 15.57 1.83 44.30
N GLN D 83 15.40 1.30 43.10
CA GLN D 83 14.94 2.12 41.98
C GLN D 83 13.55 2.68 42.25
N ASN D 84 12.64 1.84 42.76
CA ASN D 84 11.30 2.34 43.05
C ASN D 84 11.31 3.45 44.10
N ILE D 85 12.08 3.25 45.17
CA ILE D 85 12.16 4.27 46.22
C ILE D 85 12.72 5.57 45.65
N GLN D 86 13.77 5.47 44.84
CA GLN D 86 14.36 6.67 44.24
C GLN D 86 13.36 7.40 43.36
N ASP D 87 12.54 6.66 42.62
CA ASP D 87 11.52 7.33 41.80
C ASP D 87 10.53 8.09 42.67
N MET D 88 10.15 7.51 43.82
CA MET D 88 9.19 8.20 44.69
C MET D 88 9.76 9.49 45.27
N LEU D 89 11.05 9.47 45.65
CA LEU D 89 11.59 10.60 46.39
C LEU D 89 11.60 11.89 45.55
N GLN D 90 11.73 11.77 44.23
CA GLN D 90 11.78 12.97 43.42
C GLN D 90 10.40 13.62 43.32
N ARG D 91 9.33 12.82 43.29
CA ARG D 91 7.99 13.39 43.39
C ARG D 91 7.79 14.06 44.74
N MET D 92 8.36 13.47 45.80
CA MET D 92 8.37 14.17 47.09
C MET D 92 8.99 15.56 46.96
N ARG D 93 10.14 15.64 46.29
CA ARG D 93 10.83 16.92 46.15
C ARG D 93 10.00 17.91 45.32
N GLU D 94 9.38 17.42 44.24
CA GLU D 94 8.54 18.29 43.41
C GLU D 94 7.38 18.86 44.22
N LEU D 95 6.66 18.01 44.94
CA LEU D 95 5.58 18.50 45.78
C LEU D 95 6.09 19.44 46.87
N ALA D 96 7.32 19.24 47.34
CA ALA D 96 7.88 20.14 48.33
C ALA D 96 8.10 21.54 47.73
N VAL D 97 8.70 21.60 46.54
CA VAL D 97 8.95 22.91 45.94
C VAL D 97 7.66 23.55 45.45
N GLN D 98 6.59 22.77 45.31
CA GLN D 98 5.29 23.34 44.96
C GLN D 98 4.87 24.43 45.95
N ALA D 99 4.94 24.14 47.24
CA ALA D 99 4.58 25.11 48.26
C ALA D 99 5.70 26.11 48.48
N GLY D 100 5.35 27.28 49.02
CA GLY D 100 6.32 28.30 49.31
C GLY D 100 5.86 29.69 48.91
N ASN D 101 5.04 29.75 47.87
CA ASN D 101 4.48 31.01 47.42
C ASN D 101 3.47 31.53 48.44
N GLY D 102 3.44 32.84 48.63
CA GLY D 102 2.34 33.35 49.42
C GLY D 102 1.20 33.79 48.54
N VAL D 103 0.32 32.84 48.20
CA VAL D 103 -1.00 33.10 47.66
C VAL D 103 -1.94 32.11 48.33
N TYR D 104 -1.36 31.07 48.94
CA TYR D 104 -2.11 30.00 49.58
C TYR D 104 -2.33 30.32 51.05
N THR D 105 -3.49 29.94 51.55
CA THR D 105 -3.80 30.07 52.97
C THR D 105 -3.22 28.82 53.66
N THR D 106 -3.46 28.68 54.97
CA THR D 106 -2.84 27.61 55.75
C THR D 106 -3.46 26.25 55.49
N ASN D 107 -4.69 26.19 54.99
CA ASN D 107 -5.37 24.92 54.77
C ASN D 107 -4.88 24.17 53.55
N ASP D 108 -4.46 24.89 52.50
CA ASP D 108 -3.87 24.22 51.34
C ASP D 108 -2.57 23.52 51.73
N ARG D 109 -1.78 24.16 52.60
CA ARG D 109 -0.57 23.52 53.09
C ARG D 109 -0.89 22.24 53.86
N ALA D 110 -1.97 22.26 54.64
CA ALA D 110 -2.40 21.06 55.36
C ALA D 110 -2.83 19.96 54.40
N GLU D 111 -3.58 20.31 53.35
CA GLU D 111 -4.03 19.28 52.42
C GLU D 111 -2.86 18.71 51.61
N ILE D 112 -1.81 19.51 51.40
CA ILE D 112 -0.58 18.95 50.83
C ILE D 112 0.12 18.05 51.84
N GLN D 113 0.13 18.44 53.11
CA GLN D 113 0.77 17.66 54.15
C GLN D 113 0.12 16.29 54.30
N LYS D 114 -1.19 16.21 54.04
CA LYS D 114 -1.88 14.92 54.10
C LYS D 114 -1.27 13.93 53.10
N GLU D 115 -1.12 14.36 51.84
CA GLU D 115 -0.52 13.51 50.83
C GLU D 115 0.93 13.20 51.15
N VAL D 116 1.67 14.18 51.69
CA VAL D 116 3.06 13.92 52.07
C VAL D 116 3.14 12.83 53.12
N ASP D 117 2.26 12.89 54.12
CA ASP D 117 2.24 11.88 55.18
C ASP D 117 1.90 10.50 54.61
N GLN D 118 0.93 10.44 53.71
CA GLN D 118 0.59 9.14 53.13
C GLN D 118 1.75 8.57 52.32
N LEU D 119 2.45 9.43 51.58
CA LEU D 119 3.63 8.99 50.83
C LEU D 119 4.72 8.48 51.78
N LYS D 120 4.90 9.15 52.92
CA LYS D 120 5.86 8.69 53.91
C LYS D 120 5.51 7.31 54.44
N GLU D 121 4.23 7.08 54.73
CA GLU D 121 3.84 5.76 55.21
C GLU D 121 4.05 4.71 54.13
N GLU D 122 3.79 5.05 52.88
CA GLU D 122 4.04 4.12 51.77
C GLU D 122 5.52 3.78 51.67
N ILE D 123 6.39 4.78 51.80
CA ILE D 123 7.83 4.51 51.67
C ILE D 123 8.31 3.65 52.84
N ASN D 124 7.75 3.85 54.04
CA ASN D 124 8.08 2.96 55.14
C ASN D 124 7.63 1.54 54.85
N ARG D 125 6.44 1.38 54.29
CA ARG D 125 5.95 0.04 53.95
C ARG D 125 6.86 -0.64 52.94
N ILE D 126 7.27 0.08 51.89
CA ILE D 126 8.13 -0.53 50.89
C ILE D 126 9.52 -0.80 51.46
N ALA D 127 9.97 0.01 52.42
CA ALA D 127 11.24 -0.26 53.08
C ALA D 127 11.18 -1.55 53.88
N SER D 128 10.04 -1.81 54.53
CA SER D 128 9.92 -2.99 55.38
C SER D 128 9.29 -4.19 54.67
N SER D 129 9.00 -4.10 53.36
CA SER D 129 8.22 -5.13 52.69
C SER D 129 9.05 -6.03 51.77
N THR D 130 10.27 -5.65 51.41
CA THR D 130 11.06 -6.47 50.50
C THR D 130 11.43 -7.79 51.16
N GLU D 131 11.43 -8.86 50.37
CA GLU D 131 11.50 -10.20 50.92
C GLU D 131 12.22 -11.13 49.95
N PHE D 132 12.94 -12.12 50.51
CA PHE D 132 13.56 -13.16 49.69
C PHE D 132 13.87 -14.35 50.59
N ASN D 133 13.21 -15.48 50.33
CA ASN D 133 13.48 -16.74 51.03
C ASN D 133 13.41 -16.55 52.54
N THR D 134 12.39 -15.82 52.99
CA THR D 134 12.18 -15.49 54.40
C THR D 134 13.40 -14.80 55.03
N LYS D 135 14.15 -14.06 54.23
CA LYS D 135 15.27 -13.26 54.71
C LYS D 135 15.04 -11.81 54.26
N LYS D 136 14.57 -10.97 55.17
CA LYS D 136 14.35 -9.57 54.83
C LYS D 136 15.68 -8.85 54.66
N LEU D 137 15.72 -7.97 53.65
CA LEU D 137 16.97 -7.43 53.12
C LEU D 137 17.27 -6.02 53.62
N LEU D 138 16.39 -5.08 53.32
CA LEU D 138 16.72 -3.67 53.45
C LEU D 138 16.67 -3.18 54.90
N ASN D 139 15.96 -3.88 55.77
CA ASN D 139 15.74 -3.38 57.12
C ASN D 139 16.88 -3.71 58.07
N GLY D 140 18.11 -3.43 57.65
CA GLY D 140 19.26 -3.62 58.53
C GLY D 140 19.46 -5.03 59.01
N ASP D 141 18.93 -6.02 58.29
CA ASP D 141 19.09 -7.42 58.65
C ASP D 141 20.03 -8.16 57.69
N SER D 142 20.74 -7.43 56.84
CA SER D 142 21.77 -8.01 56.00
C SER D 142 23.19 -7.69 56.45
N THR D 143 23.38 -6.79 57.41
CA THR D 143 24.70 -6.42 57.89
C THR D 143 24.91 -6.80 59.35
N ALA D 144 24.06 -6.34 60.25
CA ALA D 144 24.30 -6.49 61.69
C ALA D 144 22.98 -6.70 62.41
N LEU D 145 23.04 -6.60 63.74
CA LEU D 145 21.88 -6.83 64.60
C LEU D 145 22.17 -6.16 65.94
N TRP D 146 21.22 -5.39 66.45
CA TRP D 146 21.44 -4.58 67.64
C TRP D 146 20.26 -4.69 68.60
N SER D 147 20.53 -4.38 69.86
CA SER D 147 19.50 -4.34 70.90
C SER D 147 19.99 -3.51 72.07
N SER D 148 19.05 -2.98 72.84
CA SER D 148 19.36 -2.16 74.01
C SER D 148 18.21 -2.23 74.99
N ASP D 149 18.45 -1.75 76.21
CA ASP D 149 17.46 -1.81 77.27
C ASP D 149 16.69 -0.52 77.46
N SER D 150 17.36 0.63 77.42
CA SER D 150 16.66 1.89 77.59
C SER D 150 15.95 2.28 76.30
N SER D 151 14.75 2.86 76.45
CA SER D 151 13.90 3.20 75.31
C SER D 151 14.14 4.61 74.79
N ASP D 152 15.26 5.23 75.14
CA ASP D 152 15.60 6.57 74.67
C ASP D 152 16.87 6.53 73.83
N LEU D 153 17.06 5.44 73.11
CA LEU D 153 18.28 5.22 72.34
C LEU D 153 17.91 4.67 70.98
N ASP D 154 18.44 5.29 69.93
CA ASP D 154 18.22 4.85 68.56
C ASP D 154 19.55 4.53 67.90
N VAL D 155 19.54 3.56 66.99
CA VAL D 155 20.75 3.12 66.31
C VAL D 155 20.45 2.95 64.84
N VAL D 156 21.30 3.52 63.98
CA VAL D 156 21.21 3.30 62.55
C VAL D 156 22.49 2.63 62.08
N ILE D 157 22.33 1.64 61.18
CA ILE D 157 23.42 0.77 60.74
C ILE D 157 23.85 1.21 59.35
N LYS D 158 25.14 1.43 59.18
CA LYS D 158 25.70 1.83 57.89
C LYS D 158 26.62 0.77 57.31
N SER D 159 27.63 0.33 58.05
CA SER D 159 28.58 -0.66 57.55
C SER D 159 28.84 -1.73 58.60
N ALA D 160 29.90 -2.52 58.40
CA ALA D 160 30.22 -3.58 59.34
C ALA D 160 30.50 -3.02 60.73
N VAL D 161 30.09 -3.76 61.75
CA VAL D 161 30.26 -3.38 63.14
C VAL D 161 31.22 -4.38 63.78
N ALA D 162 31.60 -4.12 65.03
CA ALA D 162 32.62 -5.02 65.57
C ALA D 162 32.02 -6.18 66.37
N GLU D 163 31.57 -5.92 67.61
CA GLU D 163 31.07 -6.94 68.54
C GLU D 163 30.65 -6.33 69.88
N GLY D 164 30.09 -7.17 70.74
CA GLY D 164 30.23 -7.02 72.18
C GLY D 164 29.19 -6.12 72.81
N ASN D 165 29.39 -5.93 74.12
CA ASN D 165 28.53 -5.10 74.95
C ASN D 165 29.28 -3.84 75.35
N TYR D 166 28.58 -2.71 75.37
CA TYR D 166 29.19 -1.43 75.63
C TYR D 166 28.49 -0.70 76.77
N ASN D 167 29.20 0.25 77.36
CA ASN D 167 28.72 1.06 78.48
C ASN D 167 28.95 2.52 78.17
N LEU D 168 27.93 3.34 78.41
CA LEU D 168 27.95 4.75 78.05
C LEU D 168 27.66 5.62 79.27
N ASN D 169 28.39 6.73 79.38
CA ASN D 169 28.21 7.70 80.44
C ASN D 169 27.93 9.06 79.80
N VAL D 170 26.92 9.76 80.29
CA VAL D 170 26.40 10.96 79.67
C VAL D 170 26.40 12.11 80.67
N THR D 171 26.80 13.29 80.19
CA THR D 171 26.71 14.52 80.98
C THR D 171 26.07 15.59 80.10
N VAL D 172 25.21 16.41 80.71
CA VAL D 172 24.34 17.30 79.96
C VAL D 172 24.53 18.73 80.44
N ASP D 173 24.41 19.68 79.51
CA ASP D 173 24.35 21.11 79.79
C ASP D 173 23.14 21.67 79.07
N PRO D 174 22.12 22.16 79.77
CA PRO D 174 20.85 22.51 79.14
C PRO D 174 20.96 23.74 78.24
N GLY D 175 20.05 23.80 77.27
CA GLY D 175 20.00 24.91 76.33
C GLY D 175 18.95 25.94 76.67
N LYS D 176 17.94 26.10 75.80
CA LYS D 176 16.90 27.09 75.99
C LYS D 176 15.66 26.65 75.24
N ASN D 177 14.54 27.37 75.45
CA ASN D 177 13.27 27.01 74.83
C ASN D 177 12.63 28.19 74.10
N PHE D 178 11.41 27.97 73.59
CA PHE D 178 10.67 29.00 72.86
C PHE D 178 9.61 29.62 73.76
N VAL D 179 9.39 30.92 73.58
CA VAL D 179 8.35 31.66 74.31
C VAL D 179 7.58 32.51 73.29
N TYR D 180 6.26 32.34 73.26
CA TYR D 180 5.38 33.01 72.30
C TYR D 180 4.44 33.97 73.03
N LYS D 181 4.08 35.05 72.34
CA LYS D 181 3.24 36.10 72.90
C LYS D 181 2.16 36.51 71.93
N SER D 182 0.93 36.68 72.43
CA SER D 182 -0.23 37.07 71.65
C SER D 182 -0.46 38.58 71.75
N ASP D 183 -1.60 39.03 71.23
CA ASP D 183 -1.92 40.45 71.17
C ASP D 183 -2.70 40.90 72.41
N VAL D 184 -3.17 42.15 72.37
CA VAL D 184 -3.96 42.72 73.44
C VAL D 184 -5.43 42.62 73.08
N MET D 185 -6.29 42.46 74.07
CA MET D 185 -7.72 42.26 73.88
C MET D 185 -8.49 43.41 74.50
N THR D 186 -9.45 43.94 73.75
CA THR D 186 -10.22 45.10 74.17
C THR D 186 -11.70 44.83 73.91
N LEU D 187 -12.56 45.56 74.61
CA LEU D 187 -14.00 45.35 74.59
C LEU D 187 -14.68 46.26 73.58
N ASN D 188 -15.88 45.86 73.16
CA ASN D 188 -16.72 46.68 72.31
C ASN D 188 -17.25 47.88 73.10
N GLU D 189 -17.53 48.96 72.38
CA GLU D 189 -18.16 50.14 72.95
C GLU D 189 -19.65 49.93 73.23
N ASP D 190 -20.27 48.94 72.62
CA ASP D 190 -21.66 48.62 72.95
C ASP D 190 -21.76 48.09 74.37
N ALA D 191 -20.70 47.47 74.87
CA ALA D 191 -20.61 47.08 76.28
C ALA D 191 -20.23 48.29 77.13
N ILE D 192 -19.81 48.05 78.37
CA ILE D 192 -19.31 49.06 79.30
C ILE D 192 -20.48 49.91 79.80
N GLY D 193 -20.53 50.14 81.11
CA GLY D 193 -21.54 50.98 81.69
C GLY D 193 -22.24 50.40 82.90
N ALA D 194 -22.25 51.16 84.00
CA ALA D 194 -23.05 50.81 85.15
C ALA D 194 -24.35 51.58 85.12
N GLU D 195 -25.35 51.06 85.82
CA GLU D 195 -26.69 51.64 85.74
C GLU D 195 -27.46 51.20 86.97
N ILE D 196 -28.58 51.87 87.24
CA ILE D 196 -29.35 51.67 88.46
C ILE D 196 -30.73 51.14 88.11
N VAL D 197 -31.10 50.01 88.69
CA VAL D 197 -32.37 49.35 88.41
C VAL D 197 -33.17 49.24 89.70
N THR D 198 -34.45 48.89 89.56
CA THR D 198 -35.30 48.51 90.67
C THR D 198 -35.74 47.07 90.39
N ALA D 199 -34.90 46.11 90.79
CA ALA D 199 -35.19 44.70 90.58
C ALA D 199 -35.35 43.96 91.90
N GLY D 200 -34.37 44.04 92.79
CA GLY D 200 -34.51 43.42 94.10
C GLY D 200 -35.62 44.04 94.92
N GLY D 201 -35.85 45.34 94.73
CA GLY D 201 -36.92 46.02 95.43
C GLY D 201 -36.43 46.87 96.58
N ASP D 202 -36.34 48.18 96.34
CA ASP D 202 -35.96 49.13 97.37
C ASP D 202 -36.16 50.54 96.82
N VAL D 203 -35.71 51.53 97.58
CA VAL D 203 -35.75 52.93 97.18
C VAL D 203 -34.37 53.53 97.45
N ASN D 204 -34.12 54.68 96.81
CA ASN D 204 -32.84 55.37 96.96
C ASN D 204 -32.92 56.28 98.19
N GLU D 205 -32.50 55.75 99.34
CA GLU D 205 -32.51 56.49 100.59
C GLU D 205 -31.45 57.58 100.65
N THR D 206 -30.54 57.62 99.68
CA THR D 206 -29.34 58.45 99.78
C THR D 206 -29.28 59.43 98.61
N ASN D 207 -28.15 60.13 98.50
CA ASN D 207 -28.02 61.24 97.57
C ASN D 207 -26.90 61.01 96.57
N VAL D 208 -26.88 59.83 95.95
CA VAL D 208 -25.92 59.50 94.89
C VAL D 208 -26.63 59.67 93.56
N GLY D 209 -26.12 60.59 92.72
CA GLY D 209 -26.76 60.88 91.45
C GLY D 209 -26.74 59.71 90.49
N PHE D 210 -25.55 59.35 90.02
CA PHE D 210 -25.38 58.21 89.11
C PHE D 210 -23.91 57.82 89.11
N VAL D 211 -23.57 56.89 88.21
CA VAL D 211 -22.25 56.28 88.18
C VAL D 211 -21.68 56.35 86.78
N THR D 212 -20.35 56.39 86.69
CA THR D 212 -19.65 56.58 85.44
C THR D 212 -18.33 55.82 85.42
N ASP D 213 -17.77 55.76 84.20
CA ASP D 213 -16.51 55.18 83.70
C ASP D 213 -16.04 53.96 84.48
N PRO D 214 -16.75 52.85 84.39
CA PRO D 214 -16.21 51.59 84.90
C PRO D 214 -15.02 51.14 84.06
N ASN D 215 -14.09 50.44 84.71
CA ASN D 215 -12.92 49.92 84.01
C ASN D 215 -12.49 48.63 84.71
N THR D 216 -12.92 47.49 84.15
CA THR D 216 -12.61 46.16 84.70
C THR D 216 -13.15 45.99 86.12
N LEU D 217 -14.45 46.23 86.29
CA LEU D 217 -15.13 46.01 87.56
C LEU D 217 -15.80 44.64 87.64
N ALA D 218 -15.25 43.65 86.92
CA ALA D 218 -15.95 42.42 86.54
C ALA D 218 -17.05 42.78 85.56
N SER D 219 -17.98 41.87 85.31
CA SER D 219 -18.93 42.08 84.23
C SER D 219 -20.17 41.21 84.46
N THR D 220 -20.98 41.10 83.40
CA THR D 220 -22.17 40.25 83.26
C THR D 220 -23.37 40.78 84.04
N GLY D 221 -23.15 41.70 84.97
CA GLY D 221 -24.22 42.45 85.61
C GLY D 221 -25.44 41.68 86.05
N THR D 222 -25.30 40.37 86.26
CA THR D 222 -26.44 39.54 86.62
C THR D 222 -26.62 39.40 88.13
N ALA D 223 -25.52 39.22 88.86
CA ALA D 223 -25.54 39.29 90.32
C ALA D 223 -25.27 40.74 90.70
N TYR D 224 -26.25 41.37 91.35
CA TYR D 224 -26.25 42.81 91.49
C TYR D 224 -25.34 43.24 92.63
N TYR D 225 -25.03 44.54 92.68
CA TYR D 225 -24.05 45.08 93.61
C TYR D 225 -24.74 45.98 94.64
N THR D 226 -24.26 45.91 95.89
CA THR D 226 -24.78 46.68 96.99
C THR D 226 -23.73 47.69 97.42
N VAL D 227 -24.13 48.96 97.47
CA VAL D 227 -23.21 50.09 97.51
C VAL D 227 -23.45 50.99 98.72
N ASP D 228 -23.70 50.39 99.88
CA ASP D 228 -24.14 51.11 101.08
C ASP D 228 -23.34 52.39 101.32
N VAL D 229 -24.05 53.48 101.62
CA VAL D 229 -23.42 54.77 101.90
C VAL D 229 -23.94 55.22 103.26
N THR D 230 -23.12 55.10 104.29
CA THR D 230 -23.52 55.45 105.64
C THR D 230 -23.01 56.84 106.01
N ALA D 231 -23.86 57.59 106.71
CA ALA D 231 -23.53 58.96 107.11
C ALA D 231 -22.91 58.99 108.51
N GLY D 232 -21.78 58.31 108.67
CA GLY D 232 -21.08 58.29 109.94
C GLY D 232 -21.44 57.10 110.79
N ALA D 233 -20.45 56.24 111.07
CA ALA D 233 -20.66 55.06 111.88
C ALA D 233 -19.33 54.55 112.42
N ASP D 234 -19.23 54.33 113.72
CA ASP D 234 -17.99 53.90 114.33
C ASP D 234 -17.51 52.58 113.73
N THR D 235 -16.24 52.52 113.38
CA THR D 235 -15.65 51.34 112.74
C THR D 235 -14.37 50.99 113.45
N LEU D 236 -14.19 49.71 113.77
CA LEU D 236 -12.99 49.24 114.44
C LEU D 236 -12.11 48.42 113.49
N SER D 237 -10.90 48.12 113.94
CA SER D 237 -9.97 47.34 113.13
C SER D 237 -10.53 45.96 112.85
N SER D 238 -10.35 45.49 111.63
CA SER D 238 -10.88 44.19 111.23
C SER D 238 -10.16 43.70 109.98
N VAL D 239 -9.83 42.41 109.98
CA VAL D 239 -9.37 41.71 108.80
C VAL D 239 -10.21 40.46 108.65
N ALA D 240 -10.66 40.19 107.43
CA ALA D 240 -11.59 39.11 107.17
C ALA D 240 -11.11 38.29 105.99
N THR D 241 -11.55 37.03 105.95
CA THR D 241 -11.17 36.12 104.87
C THR D 241 -11.91 36.52 103.59
N MET D 242 -11.19 36.64 102.50
CA MET D 242 -11.77 37.04 101.22
C MET D 242 -11.91 35.85 100.27
N SER D 243 -10.81 35.14 99.99
CA SER D 243 -10.91 34.00 99.08
C SER D 243 -9.64 33.16 99.15
N VAL D 244 -9.76 31.94 98.61
CA VAL D 244 -8.65 30.98 98.54
C VAL D 244 -8.61 30.42 97.11
N TYR D 245 -7.49 29.77 96.77
CA TYR D 245 -7.34 29.19 95.45
C TYR D 245 -6.29 28.09 95.50
N ARG D 246 -6.71 26.88 95.10
CA ARG D 246 -5.83 25.72 94.99
C ARG D 246 -5.98 25.12 93.60
N GLN D 247 -4.90 24.50 93.11
CA GLN D 247 -4.97 23.86 91.78
C GLN D 247 -5.33 22.39 91.90
N ALA D 248 -4.43 21.60 92.47
CA ALA D 248 -4.75 20.24 92.88
C ALA D 248 -4.43 20.08 94.36
N GLY D 249 -3.21 20.46 94.73
CA GLY D 249 -2.73 20.51 96.09
C GLY D 249 -3.21 19.41 97.00
N SER D 250 -3.62 19.81 98.20
CA SER D 250 -4.21 18.91 99.18
C SER D 250 -4.98 19.76 100.17
N ASN D 251 -5.51 19.11 101.21
CA ASN D 251 -6.42 19.80 102.11
C ASN D 251 -5.68 20.77 103.01
N PHE D 252 -6.25 21.99 103.11
CA PHE D 252 -5.85 22.96 104.13
C PHE D 252 -6.94 24.01 104.26
N GLY D 253 -7.23 24.42 105.49
CA GLY D 253 -8.41 25.22 105.79
C GLY D 253 -8.25 26.71 105.56
N SER D 254 -9.00 27.48 106.34
CA SER D 254 -9.11 28.93 106.21
C SER D 254 -9.16 29.53 107.61
N VAL D 255 -9.58 30.80 107.68
CA VAL D 255 -9.91 31.53 108.91
C VAL D 255 -8.67 32.20 109.49
N ALA D 256 -8.73 33.53 109.59
CA ALA D 256 -7.67 34.35 110.16
C ALA D 256 -8.15 34.99 111.45
N THR D 257 -7.24 35.11 112.41
CA THR D 257 -7.54 35.67 113.72
C THR D 257 -6.47 36.68 114.11
N TRP D 258 -6.88 37.63 114.94
CA TRP D 258 -6.04 38.72 115.40
C TRP D 258 -5.30 38.38 116.69
N THR D 259 -4.20 39.09 116.91
CA THR D 259 -3.63 39.32 118.23
C THR D 259 -3.80 40.80 118.54
N THR D 260 -4.63 41.10 119.53
CA THR D 260 -5.09 42.47 119.72
C THR D 260 -3.93 43.41 120.05
N GLY D 261 -4.17 44.70 119.83
CA GLY D 261 -3.19 45.75 120.09
C GLY D 261 -2.55 46.31 118.83
N GLY D 262 -2.72 45.63 117.70
CA GLY D 262 -2.11 46.07 116.47
C GLY D 262 -2.69 47.37 115.94
N THR D 263 -1.91 48.02 115.08
CA THR D 263 -2.30 49.25 114.43
C THR D 263 -2.21 49.08 112.92
N VAL D 264 -3.18 49.66 112.21
CA VAL D 264 -3.31 49.50 110.77
C VAL D 264 -3.07 50.84 110.10
N ALA D 265 -2.51 50.80 108.88
CA ALA D 265 -2.21 52.02 108.15
C ALA D 265 -3.44 52.56 107.42
N ASP D 266 -3.97 51.78 106.47
CA ASP D 266 -5.12 52.18 105.68
C ASP D 266 -5.92 50.93 105.29
N SER D 267 -7.18 51.15 104.90
CA SER D 267 -8.02 50.05 104.43
C SER D 267 -7.57 49.60 103.05
N GLY D 268 -7.69 48.30 102.78
CA GLY D 268 -7.26 47.79 101.49
C GLY D 268 -7.38 46.29 101.31
N TYR D 269 -6.60 45.74 100.38
CA TYR D 269 -6.62 44.30 100.12
C TYR D 269 -5.20 43.76 100.22
N LEU D 270 -5.09 42.56 100.78
CA LEU D 270 -3.81 41.88 100.95
C LEU D 270 -3.86 40.52 100.28
N LEU D 271 -2.78 40.15 99.58
CA LEU D 271 -2.72 38.90 98.86
C LEU D 271 -1.46 38.16 99.27
N ILE D 272 -1.59 36.88 99.61
CA ILE D 272 -0.50 36.05 100.10
C ILE D 272 -0.36 34.85 99.18
N GLU D 273 0.87 34.56 98.78
CA GLU D 273 1.18 33.50 97.84
C GLU D 273 2.29 32.63 98.42
N ALA D 274 2.14 31.31 98.27
CA ALA D 274 3.13 30.38 98.80
C ALA D 274 4.28 30.21 97.81
N GLN D 275 5.31 29.49 98.26
CA GLN D 275 6.51 29.28 97.46
C GLN D 275 6.97 27.84 97.32
N GLU D 276 6.76 26.98 98.32
CA GLU D 276 7.22 25.60 98.21
C GLU D 276 6.20 24.68 98.87
N ASN D 277 6.60 23.42 99.06
CA ASN D 277 5.73 22.36 99.56
C ASN D 277 5.98 22.15 101.05
N PHE D 278 5.00 21.55 101.73
CA PHE D 278 5.27 20.91 103.01
C PHE D 278 4.11 20.02 103.41
N THR D 279 4.44 18.81 103.90
CA THR D 279 3.46 17.86 104.42
C THR D 279 3.97 17.18 105.68
N VAL D 280 4.98 17.75 106.33
CA VAL D 280 5.70 17.08 107.42
C VAL D 280 5.14 17.59 108.74
N SER D 281 3.94 18.17 108.71
CA SER D 281 3.34 18.78 109.89
C SER D 281 3.01 17.70 110.92
N ALA D 282 3.83 17.62 111.97
CA ALA D 282 3.53 16.77 113.13
C ALA D 282 3.79 17.48 114.45
N GLY D 283 4.25 18.73 114.41
CA GLY D 283 4.64 19.49 115.58
C GLY D 283 6.14 19.68 115.64
N THR D 284 6.61 20.82 115.14
CA THR D 284 8.04 21.07 114.98
C THR D 284 8.26 22.51 114.54
N THR D 285 9.31 23.16 115.05
CA THR D 285 9.65 24.51 114.60
C THR D 285 10.01 24.50 113.12
N ALA D 286 9.58 25.54 112.41
CA ALA D 286 9.83 25.63 110.99
C ALA D 286 9.75 27.10 110.58
N ASN D 287 10.25 27.38 109.39
CA ASN D 287 10.28 28.75 108.88
C ASN D 287 10.33 28.71 107.35
N TYR D 288 9.25 29.16 106.72
CA TYR D 288 9.11 29.13 105.28
C TYR D 288 8.83 30.54 104.77
N THR D 289 8.75 30.67 103.45
CA THR D 289 8.67 31.97 102.79
C THR D 289 7.36 32.13 102.02
N PHE D 290 6.97 33.38 101.81
CA PHE D 290 5.76 33.73 101.09
C PHE D 290 5.96 35.06 100.38
N LYS D 291 5.13 35.31 99.38
CA LYS D 291 5.08 36.60 98.68
C LYS D 291 3.81 37.33 99.08
N ALA D 292 3.90 38.66 99.17
CA ALA D 292 2.76 39.47 99.58
C ALA D 292 2.57 40.62 98.60
N THR D 293 1.31 40.89 98.25
CA THR D 293 0.96 42.00 97.39
C THR D 293 -0.14 42.81 98.06
N PHE D 294 0.07 44.12 98.20
CA PHE D 294 -0.89 45.00 98.85
C PHE D 294 -1.49 45.95 97.83
N VAL D 295 -2.82 46.06 97.85
CA VAL D 295 -3.56 46.97 96.98
C VAL D 295 -4.28 47.98 97.85
N ASP D 296 -4.02 49.26 97.62
CA ASP D 296 -4.67 50.34 98.34
C ASP D 296 -6.05 50.59 97.74
N ALA D 297 -7.05 50.70 98.60
CA ALA D 297 -8.44 50.83 98.14
C ALA D 297 -8.74 52.20 97.55
N LYS D 298 -8.15 53.27 98.07
CA LYS D 298 -8.47 54.63 97.65
C LYS D 298 -7.59 55.16 96.54
N THR D 299 -6.29 54.87 96.55
CA THR D 299 -5.36 55.45 95.60
C THR D 299 -5.12 54.61 94.36
N GLY D 300 -5.21 53.29 94.46
CA GLY D 300 -4.80 52.41 93.38
C GLY D 300 -3.34 52.02 93.43
N GLU D 301 -2.62 52.39 94.49
CA GLU D 301 -1.24 51.98 94.62
C GLU D 301 -1.12 50.47 94.80
N LYS D 302 0.03 49.93 94.44
CA LYS D 302 0.28 48.50 94.49
C LYS D 302 1.70 48.26 94.97
N SER D 303 1.87 47.36 95.94
CA SER D 303 3.17 47.10 96.52
C SER D 303 3.41 45.60 96.62
N THR D 304 4.70 45.22 96.61
CA THR D 304 5.10 43.81 96.59
C THR D 304 6.22 43.61 97.61
N TYR D 305 6.10 42.55 98.41
CA TYR D 305 7.03 42.28 99.50
C TYR D 305 7.25 40.77 99.64
N GLU D 306 8.30 40.42 100.39
CA GLU D 306 8.59 39.04 100.76
C GLU D 306 8.42 38.90 102.26
N ILE D 307 7.86 37.77 102.70
CA ILE D 307 7.54 37.56 104.12
C ILE D 307 7.88 36.12 104.48
N GLU D 308 7.87 35.82 105.78
CA GLU D 308 8.14 34.47 106.26
C GLU D 308 7.10 34.09 107.32
N GLY D 309 6.98 32.79 107.54
CA GLY D 309 6.02 32.28 108.49
C GLY D 309 6.46 30.93 109.02
N GLY D 310 5.66 30.38 109.93
CA GLY D 310 6.00 29.09 110.52
C GLY D 310 4.85 28.48 111.28
N ASP D 311 4.95 27.16 111.46
CA ASP D 311 4.02 26.38 112.27
C ASP D 311 4.49 26.36 113.72
N ASP D 312 3.55 26.07 114.63
CA ASP D 312 3.88 26.03 116.05
C ASP D 312 3.78 24.63 116.65
N GLY D 313 2.59 24.03 116.66
CA GLY D 313 2.47 22.63 117.00
C GLY D 313 1.58 21.87 116.05
N ALA D 314 0.66 22.58 115.39
CA ALA D 314 -0.25 22.01 114.42
C ALA D 314 -1.03 23.11 113.74
N GLY D 315 -1.13 23.04 112.42
CA GLY D 315 -2.08 23.81 111.63
C GLY D 315 -2.25 25.27 111.95
N ASN D 316 -1.21 25.93 112.45
CA ASN D 316 -1.27 27.35 112.76
C ASN D 316 -0.18 28.07 111.98
N LEU D 317 -0.56 29.14 111.29
CA LEU D 317 0.39 29.95 110.52
C LEU D 317 0.36 31.36 111.09
N VAL D 318 1.46 31.79 111.70
CA VAL D 318 1.55 33.09 112.34
C VAL D 318 2.41 33.98 111.47
N PHE D 319 1.85 35.10 111.00
CA PHE D 319 2.58 36.04 110.20
C PHE D 319 2.94 37.28 111.03
N ASP D 320 4.05 37.91 110.65
CA ASP D 320 4.54 39.11 111.32
C ASP D 320 4.58 40.24 110.31
N LEU D 321 3.64 41.18 110.44
CA LEU D 321 3.49 42.27 109.49
C LEU D 321 4.39 43.45 109.79
N ALA D 322 5.42 43.26 110.62
CA ALA D 322 6.40 44.32 110.83
C ALA D 322 7.25 44.56 109.59
N ASP D 323 7.48 43.53 108.80
CA ASP D 323 8.29 43.65 107.60
C ASP D 323 7.59 44.40 106.47
N MET D 324 6.31 44.72 106.63
CA MET D 324 5.57 45.46 105.62
C MET D 324 5.98 46.93 105.63
N THR D 325 7.17 47.22 105.12
CA THR D 325 7.63 48.60 105.02
C THR D 325 6.84 49.34 103.94
N GLY D 326 7.16 50.62 103.78
CA GLY D 326 6.46 51.43 102.79
C GLY D 326 5.06 51.79 103.22
N ALA D 327 4.24 50.78 103.52
CA ALA D 327 2.91 51.04 104.06
C ALA D 327 2.94 51.10 105.58
N GLY D 328 3.47 50.07 106.23
CA GLY D 328 3.61 50.05 107.66
C GLY D 328 2.43 49.44 108.39
N PHE D 329 2.68 48.37 109.15
CA PHE D 329 1.65 47.68 109.91
C PHE D 329 2.23 47.27 111.27
N SER D 330 1.38 46.66 112.09
CA SER D 330 1.79 46.13 113.37
C SER D 330 0.85 45.01 113.77
N GLY D 331 1.27 44.20 114.73
CA GLY D 331 0.49 43.08 115.19
C GLY D 331 0.80 41.81 114.43
N GLU D 332 -0.05 40.81 114.66
CA GLU D 332 0.10 39.49 114.06
C GLU D 332 -1.21 39.08 113.41
N VAL D 333 -1.14 38.07 112.54
CA VAL D 333 -2.32 37.44 111.99
C VAL D 333 -2.07 35.94 111.95
N SER D 334 -3.07 35.17 112.40
CA SER D 334 -2.92 33.73 112.52
C SER D 334 -3.96 33.03 111.65
N ILE D 335 -3.51 32.24 110.70
CA ILE D 335 -4.38 31.40 109.89
C ILE D 335 -4.49 30.04 110.59
N ALA D 336 -5.72 29.60 110.84
CA ALA D 336 -5.97 28.36 111.58
C ALA D 336 -6.30 27.26 110.58
N ILE D 337 -5.32 26.42 110.29
CA ILE D 337 -5.47 25.39 109.28
C ILE D 337 -5.85 24.05 109.89
N GLY D 338 -5.20 23.67 110.98
CA GLY D 338 -5.39 22.37 111.57
C GLY D 338 -4.38 21.35 111.05
N THR D 339 -4.24 20.26 111.80
CA THR D 339 -3.31 19.19 111.45
C THR D 339 -3.67 18.61 110.08
N ASP D 340 -2.69 17.93 109.46
CA ASP D 340 -2.81 17.40 108.11
C ASP D 340 -3.00 18.53 107.09
N ALA D 341 -1.99 19.39 107.04
CA ALA D 341 -1.96 20.49 106.08
C ALA D 341 -0.85 20.23 105.07
N ASN D 342 -1.21 19.67 103.92
CA ASN D 342 -0.27 19.38 102.85
C ASN D 342 -0.39 20.51 101.84
N MET D 343 0.68 21.30 101.71
CA MET D 343 0.64 22.59 101.05
C MET D 343 1.55 22.60 99.83
N GLN D 344 0.98 22.95 98.67
CA GLN D 344 1.72 23.09 97.42
C GLN D 344 2.11 24.55 97.22
N SER D 345 2.76 24.84 96.09
CA SER D 345 3.14 26.19 95.70
C SER D 345 2.30 26.60 94.50
N GLY D 346 1.71 27.79 94.58
CA GLY D 346 0.83 28.27 93.52
C GLY D 346 -0.53 28.65 94.08
N ASP D 347 -0.88 28.07 95.22
CA ASP D 347 -2.14 28.39 95.87
C ASP D 347 -2.11 29.81 96.38
N LYS D 348 -3.22 30.53 96.21
CA LYS D 348 -3.31 31.94 96.54
C LYS D 348 -4.34 32.15 97.65
N ILE D 349 -4.09 33.15 98.50
CA ILE D 349 -5.03 33.54 99.55
C ILE D 349 -5.21 35.05 99.48
N LEU D 350 -6.44 35.51 99.62
CA LEU D 350 -6.72 36.95 99.54
C LEU D 350 -7.58 37.34 100.73
N LEU D 351 -7.27 38.51 101.30
CA LEU D 351 -7.93 39.04 102.50
C LEU D 351 -8.21 40.53 102.30
N SER D 352 -9.17 41.03 103.07
CA SER D 352 -9.55 42.44 103.04
C SER D 352 -9.35 43.06 104.42
N THR D 353 -8.88 44.31 104.45
CA THR D 353 -8.48 44.98 105.68
C THR D 353 -9.15 46.34 105.79
N THR D 354 -9.40 46.75 107.04
CA THR D 354 -10.12 47.98 107.35
C THR D 354 -9.23 48.90 108.18
N GLU D 355 -9.53 50.20 108.13
CA GLU D 355 -8.83 51.22 108.89
C GLU D 355 -9.77 51.89 109.89
N ALA D 356 -9.23 52.28 111.03
CA ALA D 356 -10.03 52.87 112.10
C ALA D 356 -10.19 54.37 111.86
N VAL D 357 -11.43 54.84 111.98
CA VAL D 357 -11.78 56.25 111.84
C VAL D 357 -12.80 56.59 112.91
N ASP D 358 -12.71 57.83 113.42
CA ASP D 358 -13.64 58.25 114.46
C ASP D 358 -15.07 58.30 113.94
N THR D 359 -15.26 58.81 112.73
CA THR D 359 -16.55 58.84 112.03
C THR D 359 -17.65 59.55 112.81
N SER D 360 -17.30 60.55 113.62
CA SER D 360 -18.31 61.28 114.39
C SER D 360 -17.91 62.75 114.38
N ALA D 361 -18.44 63.50 113.43
CA ALA D 361 -18.22 64.93 113.29
C ALA D 361 -19.56 65.63 113.18
N THR D 362 -19.50 66.97 113.11
CA THR D 362 -20.73 67.74 112.92
C THR D 362 -21.37 67.41 111.58
N SER D 363 -20.57 67.29 110.53
CA SER D 363 -21.02 66.93 109.19
C SER D 363 -19.78 66.79 108.31
N GLY D 364 -20.00 66.45 107.05
CA GLY D 364 -18.93 66.47 106.07
C GLY D 364 -18.76 65.24 105.22
N GLY D 365 -18.96 64.05 105.77
CA GLY D 365 -18.74 62.84 105.00
C GLY D 365 -19.19 61.61 105.76
N GLY D 366 -18.85 60.46 105.22
CA GLY D 366 -19.24 59.18 105.79
C GLY D 366 -18.42 58.03 105.25
N THR D 367 -19.06 56.86 105.17
CA THR D 367 -18.40 55.63 104.74
C THR D 367 -19.15 55.02 103.57
N ILE D 368 -18.42 54.27 102.75
CA ILE D 368 -18.96 53.55 101.62
C ILE D 368 -18.55 52.08 101.73
N ALA D 369 -19.47 51.18 101.38
CA ALA D 369 -19.23 49.76 101.47
C ALA D 369 -19.83 49.05 100.25
N ILE D 370 -19.01 48.27 99.58
CA ILE D 370 -19.40 47.54 98.37
C ILE D 370 -19.43 46.05 98.68
N SER D 371 -20.50 45.38 98.25
CA SER D 371 -20.66 43.96 98.49
C SER D 371 -21.52 43.36 97.38
N GLY D 372 -21.52 42.03 97.30
CA GLY D 372 -22.34 41.33 96.35
C GLY D 372 -21.59 40.74 95.18
N GLY D 373 -22.23 40.71 94.01
CA GLY D 373 -21.61 40.20 92.81
C GLY D 373 -21.70 38.70 92.69
N PRO D 374 -21.20 38.15 91.58
CA PRO D 374 -21.25 36.68 91.40
C PRO D 374 -20.54 35.91 92.51
N ALA D 375 -19.51 36.50 93.10
CA ALA D 375 -18.86 35.87 94.25
C ALA D 375 -19.53 36.22 95.57
N GLY D 376 -20.40 37.24 95.60
CA GLY D 376 -21.19 37.54 96.76
C GLY D 376 -20.38 37.77 98.02
N THR D 377 -19.33 38.59 97.91
CA THR D 377 -18.40 38.73 99.02
C THR D 377 -18.72 39.98 99.85
N THR D 378 -18.47 39.87 101.16
CA THR D 378 -18.59 40.97 102.09
C THR D 378 -17.34 41.83 101.95
N GLY D 379 -17.42 42.86 101.11
CA GLY D 379 -16.31 43.74 100.85
C GLY D 379 -15.98 44.63 102.03
N ALA D 380 -14.85 45.31 101.92
CA ALA D 380 -14.37 46.19 102.98
C ALA D 380 -15.18 47.48 103.02
N ILE D 381 -14.91 48.28 104.04
CA ILE D 381 -15.60 49.55 104.25
C ILE D 381 -14.57 50.66 104.31
N ILE D 382 -14.85 51.76 103.60
CA ILE D 382 -13.93 52.88 103.54
C ILE D 382 -14.62 54.10 104.13
N SER D 383 -13.84 54.92 104.84
CA SER D 383 -14.38 56.08 105.53
C SER D 383 -13.62 57.32 105.08
N TYR D 384 -14.33 58.45 105.08
CA TYR D 384 -13.79 59.70 104.57
C TYR D 384 -13.92 60.82 105.59
N GLY D 385 -13.63 62.04 105.16
CA GLY D 385 -13.51 63.19 106.03
C GLY D 385 -14.60 64.22 105.86
N ASN D 386 -14.20 65.48 106.05
CA ASN D 386 -15.16 66.58 106.17
C ASN D 386 -15.24 67.42 104.89
N ASN D 387 -16.44 67.95 104.64
CA ASN D 387 -16.68 68.89 103.54
C ASN D 387 -16.08 68.40 102.24
N GLU D 388 -16.35 67.13 101.92
CA GLU D 388 -15.69 66.42 100.84
C GLU D 388 -16.56 65.39 100.13
N LEU D 389 -17.82 65.23 100.52
CA LEU D 389 -18.85 64.65 99.66
C LEU D 389 -19.83 65.67 99.11
N THR D 390 -20.25 66.63 99.93
CA THR D 390 -21.27 67.59 99.54
C THR D 390 -20.75 69.00 99.69
N LYS D 391 -21.00 69.84 98.69
CA LYS D 391 -20.64 71.25 98.71
C LYS D 391 -21.86 72.09 99.05
N VAL D 392 -21.71 73.41 98.96
CA VAL D 392 -22.75 74.36 99.34
C VAL D 392 -23.20 75.10 98.11
N ASP D 393 -24.40 75.70 98.18
CA ASP D 393 -24.97 76.38 97.04
C ASP D 393 -24.22 77.67 96.72
N ASN D 394 -24.37 78.11 95.48
CA ASN D 394 -23.77 79.34 94.98
C ASN D 394 -24.83 80.14 94.20
N GLY D 395 -26.00 80.27 94.81
CA GLY D 395 -27.16 80.87 94.16
C GLY D 395 -28.16 79.86 93.65
N ASP D 396 -27.85 79.13 92.57
CA ASP D 396 -28.73 78.04 92.16
C ASP D 396 -27.93 76.78 91.85
N THR D 397 -26.65 76.97 91.51
CA THR D 397 -25.69 75.92 91.16
C THR D 397 -26.05 75.23 89.86
N THR D 398 -27.20 75.58 89.28
CA THR D 398 -27.74 74.93 88.08
C THR D 398 -27.48 73.43 88.10
N ILE D 399 -27.74 72.82 89.27
CA ILE D 399 -27.44 71.44 89.58
C ILE D 399 -25.93 71.23 89.60
N ASP D 400 -25.43 70.63 90.68
CA ASP D 400 -24.01 70.36 90.86
C ASP D 400 -23.80 68.87 91.04
N TYR D 401 -22.53 68.46 91.06
CA TYR D 401 -22.16 67.07 91.25
C TYR D 401 -20.74 66.99 91.78
N ASN D 402 -20.57 66.36 92.94
CA ASN D 402 -19.25 65.97 93.40
C ASN D 402 -18.93 64.58 92.85
N SER D 403 -17.68 64.14 93.03
CA SER D 403 -17.27 62.87 92.47
C SER D 403 -16.41 62.07 93.44
N VAL D 404 -16.51 60.75 93.34
CA VAL D 404 -15.72 59.83 94.16
C VAL D 404 -15.23 58.70 93.27
N THR D 405 -13.92 58.42 93.32
CA THR D 405 -13.33 57.30 92.62
C THR D 405 -13.16 56.14 93.59
N VAL D 406 -13.61 54.96 93.18
CA VAL D 406 -13.57 53.77 94.05
C VAL D 406 -12.90 52.63 93.31
N TYR D 407 -11.95 51.98 93.98
CA TYR D 407 -11.23 50.85 93.42
C TYR D 407 -11.65 49.56 94.13
N HIS D 408 -11.88 48.51 93.35
CA HIS D 408 -12.35 47.24 93.86
C HIS D 408 -11.57 46.11 93.22
N ALA D 409 -11.29 45.08 94.02
CA ALA D 409 -10.48 43.94 93.59
C ALA D 409 -11.25 42.64 93.76
N ALA D 410 -10.88 41.65 92.96
CA ALA D 410 -11.55 40.36 92.95
C ALA D 410 -10.56 39.27 92.55
N LEU D 411 -10.93 38.03 92.83
CA LEU D 411 -10.07 36.87 92.61
C LEU D 411 -10.86 35.78 91.91
N ASN D 412 -10.16 35.01 91.08
CA ASN D 412 -10.73 33.86 90.39
C ASN D 412 -10.18 32.58 91.01
N VAL D 413 -10.99 31.52 90.98
CA VAL D 413 -10.66 30.27 91.64
C VAL D 413 -10.29 29.17 90.65
N GLU D 414 -9.86 29.53 89.45
CA GLU D 414 -9.35 28.57 88.49
C GLU D 414 -7.97 28.93 87.96
N THR D 415 -7.67 30.22 87.82
CA THR D 415 -6.34 30.66 87.42
C THR D 415 -5.62 31.48 88.47
N GLY D 416 -6.32 32.00 89.47
CA GLY D 416 -5.68 32.81 90.48
C GLY D 416 -5.38 34.23 90.05
N ASN D 417 -5.88 34.65 88.90
CA ASN D 417 -5.68 36.01 88.42
C ASN D 417 -6.38 37.00 89.35
N LEU D 418 -5.65 38.04 89.74
CA LEU D 418 -6.18 39.10 90.58
C LEU D 418 -6.64 40.24 89.67
N ASP D 419 -7.88 40.69 89.84
CA ASP D 419 -8.47 41.69 88.98
C ASP D 419 -8.77 42.95 89.79
N VAL D 420 -8.48 44.11 89.21
CA VAL D 420 -8.68 45.40 89.88
C VAL D 420 -9.38 46.33 88.90
N GLY D 421 -10.41 47.02 89.39
CA GLY D 421 -11.15 47.98 88.59
C GLY D 421 -11.55 49.19 89.41
N ASN D 422 -12.18 50.15 88.74
CA ASN D 422 -12.58 51.37 89.41
C ASN D 422 -13.87 51.91 88.82
N LEU D 423 -14.51 52.80 89.59
CA LEU D 423 -15.80 53.38 89.27
C LEU D 423 -15.82 54.81 89.77
N THR D 424 -16.76 55.60 89.23
CA THR D 424 -16.94 56.98 89.69
C THR D 424 -18.38 57.19 90.11
N PHE D 425 -18.60 57.55 91.38
CA PHE D 425 -19.90 58.02 91.83
C PHE D 425 -19.99 59.52 91.67
N ASN D 426 -21.18 60.00 91.27
CA ASN D 426 -21.50 61.42 91.26
C ASN D 426 -22.44 61.67 92.43
N PHE D 427 -22.01 62.52 93.35
CA PHE D 427 -22.77 62.82 94.57
C PHE D 427 -23.51 64.15 94.43
N ARG D 428 -24.59 64.26 95.20
CA ARG D 428 -25.67 65.22 95.02
C ARG D 428 -25.13 66.66 94.98
N GLU D 429 -25.98 67.55 94.46
CA GLU D 429 -25.64 68.94 94.15
C GLU D 429 -25.06 69.67 95.34
N ASP D 430 -25.90 69.96 96.34
CA ASP D 430 -25.49 70.81 97.45
C ASP D 430 -26.40 70.67 98.66
N THR D 431 -25.82 70.26 99.78
CA THR D 431 -26.50 70.20 101.07
C THR D 431 -26.02 71.36 101.94
N GLY D 432 -26.42 71.34 103.20
CA GLY D 432 -25.86 72.32 104.12
C GLY D 432 -26.77 72.83 105.23
N THR D 433 -26.22 72.84 106.43
CA THR D 433 -26.81 73.52 107.57
C THR D 433 -26.40 74.99 107.47
N ASP D 434 -26.48 75.75 108.56
CA ASP D 434 -26.30 77.19 108.49
C ASP D 434 -24.86 77.57 108.13
N THR D 435 -24.45 77.21 106.92
CA THR D 435 -23.19 77.63 106.33
C THR D 435 -22.00 77.29 107.24
N ALA D 436 -22.03 76.09 107.83
CA ALA D 436 -20.93 75.64 108.68
C ALA D 436 -20.01 74.67 107.96
N TYR D 437 -20.53 73.49 107.57
CA TYR D 437 -19.73 72.54 106.78
C TYR D 437 -20.49 71.86 105.66
N GLY D 438 -21.82 71.76 105.72
CA GLY D 438 -22.60 70.98 104.78
C GLY D 438 -23.33 69.87 105.51
N SER D 439 -23.68 68.82 104.77
CA SER D 439 -24.34 67.64 105.33
C SER D 439 -24.35 66.56 104.26
N THR D 440 -24.68 65.34 104.69
CA THR D 440 -24.76 64.21 103.76
C THR D 440 -25.83 63.24 104.27
N THR D 441 -26.47 62.55 103.33
CA THR D 441 -27.53 61.61 103.63
C THR D 441 -27.13 60.21 103.17
N GLY D 442 -27.44 59.21 103.99
CA GLY D 442 -27.07 57.84 103.72
C GLY D 442 -28.23 56.99 103.24
N GLY D 443 -27.93 55.71 103.04
CA GLY D 443 -28.86 54.73 102.54
C GLY D 443 -28.14 53.58 101.88
N SER D 444 -28.88 52.79 101.12
CA SER D 444 -28.32 51.65 100.39
C SER D 444 -29.21 51.35 99.20
N PHE D 445 -28.59 51.08 98.05
CA PHE D 445 -29.34 50.76 96.86
C PHE D 445 -28.59 49.74 96.03
N ASP D 446 -29.18 49.35 94.91
CA ASP D 446 -28.66 48.28 94.07
C ASP D 446 -28.11 48.83 92.77
N LEU D 447 -27.13 48.11 92.20
CA LEU D 447 -26.46 48.55 90.98
C LEU D 447 -26.26 47.38 90.03
N LEU D 448 -26.38 47.66 88.73
CA LEU D 448 -26.20 46.69 87.65
C LEU D 448 -25.06 47.12 86.74
N VAL D 449 -24.41 46.15 86.12
CA VAL D 449 -23.20 46.37 85.34
C VAL D 449 -23.40 45.81 83.93
N ALA D 450 -22.70 46.38 82.96
CA ALA D 450 -22.63 45.81 81.62
C ALA D 450 -21.27 46.13 81.02
N GLY D 451 -20.55 45.09 80.61
CA GLY D 451 -19.20 45.27 80.12
C GLY D 451 -18.21 45.50 81.24
N GLY D 452 -16.97 45.75 80.85
CA GLY D 452 -15.90 45.94 81.82
C GLY D 452 -15.22 47.30 81.77
N GLY D 453 -15.12 47.91 80.60
CA GLY D 453 -14.35 49.13 80.43
C GLY D 453 -13.36 48.98 79.31
N GLU D 454 -12.09 49.36 79.53
CA GLU D 454 -11.05 49.10 78.53
C GLU D 454 -9.97 48.25 79.19
N ALA D 455 -10.26 46.95 79.29
CA ALA D 455 -9.33 45.84 79.45
C ALA D 455 -10.22 44.62 79.57
N ALA D 456 -9.61 43.44 79.59
CA ALA D 456 -10.37 42.20 79.64
C ALA D 456 -10.20 41.53 81.00
N THR D 457 -11.31 41.17 81.62
CA THR D 457 -11.30 40.37 82.84
C THR D 457 -11.24 38.89 82.49
N SER D 458 -11.07 38.05 83.52
CA SER D 458 -11.05 36.61 83.29
C SER D 458 -12.45 36.06 83.03
N THR D 459 -13.48 36.87 83.23
CA THR D 459 -14.87 36.45 83.08
C THR D 459 -15.50 37.00 81.81
N THR D 460 -14.69 37.56 80.91
CA THR D 460 -15.21 38.20 79.71
C THR D 460 -15.70 37.17 78.70
N LYS D 461 -16.88 37.42 78.12
CA LYS D 461 -17.37 36.58 77.04
C LYS D 461 -16.54 36.79 75.79
N LEU D 462 -16.26 35.71 75.07
CA LEU D 462 -15.38 35.78 73.90
C LEU D 462 -16.02 36.48 72.72
N LYS D 463 -17.34 36.65 72.71
CA LYS D 463 -18.04 37.29 71.60
C LYS D 463 -17.96 38.80 71.66
N ASP D 464 -17.38 39.37 72.71
CA ASP D 464 -17.39 40.80 72.96
C ASP D 464 -16.07 41.46 72.60
N ILE D 465 -15.00 40.68 72.42
CA ILE D 465 -13.70 41.26 72.11
C ILE D 465 -13.75 41.90 70.72
N SER D 466 -13.19 43.11 70.62
CA SER D 466 -13.26 43.85 69.37
C SER D 466 -12.41 43.22 68.27
N ARG D 467 -11.34 42.51 68.65
CA ARG D 467 -10.49 41.87 67.66
C ARG D 467 -11.17 40.73 66.92
N PHE D 468 -12.24 40.17 67.47
CA PHE D 468 -12.89 39.00 66.87
C PHE D 468 -14.06 39.36 65.98
N THR D 469 -14.02 40.54 65.36
CA THR D 469 -14.98 40.91 64.32
C THR D 469 -14.21 41.58 63.17
N THR D 470 -14.70 41.36 61.96
CA THR D 470 -14.00 41.84 60.78
C THR D 470 -14.35 43.31 60.51
N ASP D 471 -13.81 43.84 59.42
CA ASP D 471 -14.07 45.22 59.05
C ASP D 471 -15.49 45.45 58.57
N ASP D 472 -16.23 44.38 58.26
CA ASP D 472 -17.61 44.47 57.83
C ASP D 472 -18.60 44.41 58.98
N GLY D 473 -18.12 44.35 60.21
CA GLY D 473 -19.00 44.26 61.35
C GLY D 473 -19.53 42.87 61.64
N VAL D 474 -19.02 41.85 60.96
CA VAL D 474 -19.49 40.48 61.13
C VAL D 474 -18.48 39.72 61.97
N ASN D 475 -18.90 39.23 63.12
CA ASN D 475 -18.03 38.41 63.96
C ASN D 475 -17.94 37.00 63.40
N ILE D 476 -16.80 36.36 63.68
CA ILE D 476 -16.52 35.04 63.10
C ILE D 476 -17.48 34.00 63.65
N PHE D 477 -17.75 34.04 64.95
CA PHE D 477 -18.51 33.00 65.63
C PHE D 477 -20.00 33.02 65.31
N ALA D 478 -20.44 33.86 64.37
CA ALA D 478 -21.87 33.92 64.05
C ALA D 478 -22.37 32.60 63.48
N ALA D 479 -21.61 31.99 62.57
CA ALA D 479 -22.07 30.78 61.92
C ALA D 479 -22.05 29.58 62.85
N GLY D 480 -20.98 29.43 63.63
CA GLY D 480 -20.85 28.31 64.53
C GLY D 480 -19.47 28.20 65.12
N PRO D 481 -19.16 27.05 65.72
CA PRO D 481 -17.84 26.87 66.34
C PRO D 481 -16.74 26.85 65.31
N GLN D 482 -15.54 27.25 65.73
CA GLN D 482 -14.36 27.24 64.88
C GLN D 482 -13.38 26.19 65.36
N GLU D 483 -12.40 25.89 64.52
CA GLU D 483 -11.44 24.82 64.76
C GLU D 483 -10.02 25.36 64.73
N LEU D 484 -9.19 24.87 65.67
CA LEU D 484 -7.79 25.27 65.72
C LEU D 484 -6.92 24.05 65.94
N THR D 485 -5.87 23.91 65.12
CA THR D 485 -4.99 22.75 65.14
C THR D 485 -3.60 23.17 65.58
N ILE D 486 -2.98 22.34 66.41
CA ILE D 486 -1.62 22.58 66.88
C ILE D 486 -0.75 21.43 66.36
N PHE D 487 0.34 21.78 65.69
CA PHE D 487 1.32 20.81 65.21
C PHE D 487 2.62 20.98 65.96
N GLY D 488 3.21 19.86 66.40
CA GLY D 488 4.48 19.88 67.09
C GLY D 488 4.90 18.51 67.58
N ASN D 489 6.21 18.34 67.78
CA ASN D 489 6.78 17.09 68.30
C ASN D 489 6.31 15.88 67.49
N GLY D 490 6.23 16.07 66.17
CA GLY D 490 5.78 15.00 65.29
C GLY D 490 4.37 14.52 65.57
N SER D 491 3.47 15.42 65.94
CA SER D 491 2.08 15.07 66.20
C SER D 491 1.21 16.31 66.05
N SER D 492 -0.10 16.11 66.15
CA SER D 492 -1.06 17.18 65.99
C SER D 492 -2.21 17.00 66.96
N ALA D 493 -2.90 18.10 67.25
CA ALA D 493 -4.04 18.11 68.13
C ALA D 493 -5.04 19.15 67.65
N THR D 494 -6.30 18.98 68.07
CA THR D 494 -7.40 19.81 67.60
C THR D 494 -8.23 20.31 68.77
N ILE D 495 -8.64 21.58 68.72
CA ILE D 495 -9.54 22.16 69.69
C ILE D 495 -10.66 22.89 68.96
N TYR D 496 -11.82 22.96 69.61
CA TYR D 496 -13.00 23.62 69.09
C TYR D 496 -13.35 24.81 69.97
N LEU D 497 -13.79 25.89 69.34
CA LEU D 497 -14.13 27.12 70.04
C LEU D 497 -15.57 27.50 69.74
N GLU D 498 -16.32 27.83 70.78
CA GLU D 498 -17.71 28.27 70.66
C GLU D 498 -17.78 29.73 71.09
N GLY D 499 -18.93 30.35 70.85
CA GLY D 499 -19.15 31.74 71.22
C GLY D 499 -19.46 31.96 72.68
N ASP D 500 -19.63 30.90 73.46
CA ASP D 500 -19.95 31.03 74.88
C ASP D 500 -18.73 30.89 75.78
N ASP D 501 -17.54 30.73 75.23
CA ASP D 501 -16.36 30.51 76.05
C ASP D 501 -15.88 31.81 76.69
N THR D 502 -15.25 31.65 77.85
CA THR D 502 -14.54 32.74 78.51
C THR D 502 -13.04 32.58 78.31
N VAL D 503 -12.29 33.60 78.74
CA VAL D 503 -10.84 33.59 78.55
C VAL D 503 -10.20 32.44 79.32
N SER D 504 -10.62 32.25 80.57
CA SER D 504 -10.04 31.18 81.39
C SER D 504 -10.35 29.81 80.80
N GLU D 505 -11.55 29.65 80.23
CA GLU D 505 -11.88 28.38 79.58
C GLU D 505 -10.98 28.14 78.37
N PHE D 506 -10.69 29.19 77.61
CA PHE D 506 -9.74 29.08 76.52
C PHE D 506 -8.35 28.68 77.00
N GLU D 507 -7.90 29.28 78.10
CA GLU D 507 -6.60 28.93 78.65
C GLU D 507 -6.55 27.48 79.10
N THR D 508 -7.61 27.00 79.75
CA THR D 508 -7.66 25.61 80.18
C THR D 508 -7.68 24.65 78.99
N LYS D 509 -8.46 24.99 77.96
CA LYS D 509 -8.50 24.15 76.77
C LYS D 509 -7.13 24.05 76.12
N LEU D 510 -6.44 25.19 75.97
CA LEU D 510 -5.14 25.18 75.32
C LEU D 510 -4.10 24.47 76.17
N SER D 511 -4.20 24.62 77.50
CA SER D 511 -3.28 23.91 78.39
C SER D 511 -3.45 22.40 78.26
N SER D 512 -4.70 21.93 78.23
CA SER D 512 -4.94 20.51 78.04
C SER D 512 -4.43 20.04 76.67
N ALA D 513 -4.65 20.86 75.63
CA ALA D 513 -4.19 20.48 74.30
C ALA D 513 -2.68 20.36 74.25
N ILE D 514 -1.96 21.29 74.88
CA ILE D 514 -0.50 21.21 74.89
C ILE D 514 -0.03 20.04 75.73
N LEU D 515 -0.72 19.77 76.85
CA LEU D 515 -0.36 18.63 77.68
C LEU D 515 -0.59 17.30 76.97
N GLU D 516 -1.54 17.25 76.03
CA GLU D 516 -1.86 15.99 75.38
C GLU D 516 -0.78 15.60 74.36
N LEU D 517 -0.15 16.59 73.72
CA LEU D 517 0.80 16.30 72.65
C LEU D 517 2.09 15.67 73.15
N GLY D 518 2.37 15.73 74.45
CA GLY D 518 3.54 15.10 75.00
C GLY D 518 4.66 16.04 75.41
N MET D 519 4.41 17.35 75.43
CA MET D 519 5.43 18.29 75.86
C MET D 519 5.30 18.70 77.32
N GLY D 520 4.46 18.01 78.09
CA GLY D 520 4.20 18.38 79.47
C GLY D 520 5.36 18.04 80.38
N ALA D 521 5.22 18.49 81.63
CA ALA D 521 6.25 18.27 82.63
C ALA D 521 6.43 16.78 82.91
N THR D 522 7.67 16.39 83.13
CA THR D 522 8.01 14.99 83.35
C THR D 522 7.44 14.50 84.68
N ALA D 523 7.20 13.19 84.74
CA ALA D 523 6.71 12.56 85.96
C ALA D 523 7.87 12.47 86.94
N GLY D 524 7.99 13.49 87.78
CA GLY D 524 9.02 13.55 88.79
C GLY D 524 8.57 13.20 90.19
N THR D 525 7.31 12.76 90.35
CA THR D 525 6.74 12.41 91.65
C THR D 525 6.87 13.55 92.65
N SER D 526 6.61 14.77 92.20
CA SER D 526 6.65 15.94 93.07
C SER D 526 5.71 17.01 92.51
N ASP D 527 5.29 17.92 93.40
CA ASP D 527 4.43 19.02 93.00
C ASP D 527 5.13 20.02 92.11
N GLU D 528 6.47 19.92 91.99
CA GLU D 528 7.19 20.62 90.94
C GLU D 528 6.47 20.52 89.62
N ALA D 529 6.13 19.30 89.20
CA ALA D 529 5.46 19.08 87.93
C ALA D 529 4.09 19.73 87.91
N ALA D 530 3.36 19.68 89.03
CA ALA D 530 2.04 20.29 89.09
C ALA D 530 2.12 21.79 88.84
N THR D 531 3.01 22.48 89.55
CA THR D 531 3.16 23.92 89.38
C THR D 531 3.63 24.25 87.97
N VAL D 532 4.59 23.48 87.44
CA VAL D 532 5.13 23.77 86.12
C VAL D 532 4.04 23.60 85.06
N ASN D 533 3.25 22.52 85.16
CA ASN D 533 2.17 22.31 84.22
C ASN D 533 1.11 23.40 84.33
N SER D 534 0.82 23.85 85.55
CA SER D 534 -0.13 24.95 85.72
C SER D 534 0.36 26.23 85.07
N ASN D 535 1.66 26.49 85.16
CA ASN D 535 2.25 27.75 84.67
C ASN D 535 2.59 27.70 83.18
N LEU D 536 2.03 26.77 82.42
CA LEU D 536 2.38 26.62 81.01
C LEU D 536 1.86 27.78 80.17
N VAL D 537 0.54 27.96 80.14
CA VAL D 537 -0.11 29.01 79.37
C VAL D 537 -0.67 30.03 80.34
N ASN D 538 -0.34 31.30 80.16
CA ASN D 538 -0.72 32.32 81.12
C ASN D 538 -1.39 33.49 80.41
N TYR D 539 -2.41 34.02 81.08
CA TYR D 539 -3.05 35.27 80.70
C TYR D 539 -2.73 36.33 81.74
N VAL D 540 -2.27 37.48 81.27
CA VAL D 540 -1.82 38.56 82.15
C VAL D 540 -3.00 39.47 82.42
N SER D 541 -3.33 39.66 83.69
CA SER D 541 -4.52 40.42 84.07
C SER D 541 -4.12 41.84 84.46
N THR D 542 -5.10 42.62 84.93
CA THR D 542 -4.84 44.02 85.25
C THR D 542 -3.97 44.16 86.50
N GLY D 543 -4.31 43.44 87.56
CA GLY D 543 -3.59 43.57 88.81
C GLY D 543 -2.37 42.69 88.96
N ASP D 544 -2.00 41.94 87.93
CA ASP D 544 -0.84 41.05 87.97
C ASP D 544 0.19 41.43 86.92
N VAL D 545 0.42 42.73 86.77
CA VAL D 545 1.38 43.23 85.79
C VAL D 545 2.71 43.47 86.51
N THR D 546 3.80 43.00 85.90
CA THR D 546 5.14 43.18 86.46
C THR D 546 6.01 43.90 85.44
N ASP D 547 7.12 44.46 85.91
CA ASP D 547 8.00 45.26 85.06
C ASP D 547 9.26 44.48 84.71
N SER D 548 9.76 44.75 83.49
CA SER D 548 11.05 44.23 83.02
C SER D 548 11.10 42.70 83.04
N SER D 549 10.03 42.08 82.56
CA SER D 549 10.02 40.63 82.39
C SER D 549 9.09 40.29 81.24
N ASN D 550 8.77 39.00 81.12
CA ASN D 550 7.89 38.54 80.05
C ASN D 550 6.46 39.02 80.23
N GLU D 551 6.04 39.31 81.45
CA GLU D 551 4.67 39.74 81.75
C GLU D 551 4.54 41.25 81.83
N ALA D 552 5.38 41.97 81.09
CA ALA D 552 5.38 43.43 81.12
C ALA D 552 4.18 44.05 80.42
N LEU D 553 3.36 43.25 79.72
CA LEU D 553 2.21 43.75 78.99
C LEU D 553 0.95 43.11 79.52
N ALA D 554 -0.11 43.91 79.62
CA ALA D 554 -1.39 43.47 80.17
C ALA D 554 -2.31 43.01 79.04
N GLY D 555 -3.17 42.05 79.36
CA GLY D 555 -4.14 41.55 78.41
C GLY D 555 -3.53 40.80 77.24
N THR D 556 -2.49 40.02 77.52
CA THR D 556 -1.82 39.23 76.48
C THR D 556 -1.64 37.80 76.96
N PHE D 557 -1.56 36.90 75.99
CA PHE D 557 -1.34 35.48 76.25
C PHE D 557 0.14 35.15 76.07
N VAL D 558 0.70 34.41 77.03
CA VAL D 558 2.08 33.96 76.97
C VAL D 558 2.08 32.45 77.00
N ILE D 559 2.78 31.84 76.03
CA ILE D 559 2.79 30.40 75.85
C ILE D 559 4.22 29.90 75.90
N GLN D 560 4.44 28.85 76.68
CA GLN D 560 5.74 28.21 76.83
C GLN D 560 5.58 26.71 76.66
N THR D 561 6.70 26.03 76.47
CA THR D 561 6.75 24.57 76.45
C THR D 561 7.90 24.11 77.33
N ALA D 562 7.77 22.91 77.88
CA ALA D 562 8.69 22.45 78.93
C ALA D 562 9.92 21.74 78.38
N ARG D 563 10.00 21.52 77.07
CA ARG D 563 11.15 20.87 76.47
C ARG D 563 12.07 21.90 75.84
N LEU D 564 13.28 21.46 75.50
CA LEU D 564 14.31 22.33 74.95
C LEU D 564 14.56 22.01 73.48
N GLY D 565 15.31 22.89 72.84
CA GLY D 565 15.78 22.66 71.49
C GLY D 565 14.68 22.71 70.46
N ASP D 566 14.96 22.09 69.30
CA ASP D 566 14.05 22.14 68.16
C ASP D 566 12.70 21.52 68.50
N ASP D 567 12.64 20.69 69.54
CA ASP D 567 11.37 20.11 69.96
C ASP D 567 10.37 21.18 70.42
N SER D 568 10.86 22.28 71.00
CA SER D 568 10.00 23.28 71.61
C SER D 568 9.39 24.24 70.59
N LYS D 569 9.41 23.89 69.31
CA LYS D 569 8.81 24.74 68.29
C LYS D 569 7.36 24.32 68.05
N LEU D 570 6.45 25.26 68.20
CA LEU D 570 5.02 25.02 68.03
C LEU D 570 4.54 25.63 66.71
N SER D 571 3.49 25.02 66.15
CA SER D 571 2.89 25.53 64.92
C SER D 571 1.38 25.58 65.06
N PHE D 572 0.78 26.68 64.60
CA PHE D 572 -0.65 26.92 64.70
C PHE D 572 -1.28 26.85 63.32
N ILE D 573 -2.47 26.26 63.24
CA ILE D 573 -3.17 26.03 61.98
C ILE D 573 -4.65 26.34 62.19
N GLY D 574 -5.26 26.99 61.22
CA GLY D 574 -6.68 27.26 61.29
C GLY D 574 -7.12 28.20 60.18
N ASP D 575 -8.34 28.70 60.32
CA ASP D 575 -8.89 29.62 59.34
C ASP D 575 -8.10 30.92 59.35
N GLN D 576 -8.10 31.60 58.20
CA GLN D 576 -7.28 32.80 58.04
C GLN D 576 -7.69 33.90 59.00
N ASN D 577 -8.99 34.10 59.18
CA ASN D 577 -9.47 35.19 60.04
C ASN D 577 -9.02 35.00 61.50
N LEU D 578 -9.19 33.78 62.03
CA LEU D 578 -8.84 33.55 63.43
C LEU D 578 -7.34 33.68 63.66
N ILE D 579 -6.53 33.11 62.75
CA ILE D 579 -5.08 33.19 62.90
C ILE D 579 -4.60 34.62 62.77
N ASN D 580 -5.18 35.38 61.83
CA ASN D 580 -4.80 36.77 61.66
C ASN D 580 -5.23 37.59 62.87
N ALA D 581 -6.35 37.24 63.49
CA ALA D 581 -6.80 37.96 64.68
C ALA D 581 -5.89 37.69 65.88
N LEU D 582 -5.52 36.42 66.09
CA LEU D 582 -4.66 36.09 67.23
C LEU D 582 -3.32 36.81 67.14
N SER D 583 -2.71 36.80 65.96
CA SER D 583 -1.49 37.56 65.69
C SER D 583 -0.37 37.18 66.66
N LEU D 584 0.03 35.93 66.59
CA LEU D 584 1.10 35.44 67.45
C LEU D 584 2.47 35.89 66.94
N ALA D 585 3.34 36.22 67.88
CA ALA D 585 4.70 36.64 67.57
C ALA D 585 5.66 35.91 68.51
N THR D 586 6.86 35.66 68.02
CA THR D 586 7.88 34.95 68.78
C THR D 586 8.76 35.94 69.52
N ILE D 587 8.83 35.80 70.84
CA ILE D 587 9.69 36.65 71.65
C ILE D 587 10.89 35.91 72.23
N GLN D 588 10.90 34.57 72.23
CA GLN D 588 12.10 33.86 72.60
C GLN D 588 12.25 32.59 71.76
N GLU D 589 13.47 32.36 71.29
CA GLU D 589 13.80 31.18 70.48
C GLU D 589 14.79 30.31 71.23
N GLY D 590 14.60 28.99 71.12
CA GLY D 590 15.37 28.06 71.89
C GLY D 590 16.75 27.78 71.33
N GLU D 591 17.53 27.04 72.12
CA GLU D 591 18.85 26.57 71.74
C GLU D 591 18.97 25.10 72.09
N ASN D 592 19.85 24.40 71.38
CA ASN D 592 20.10 23.01 71.70
C ASN D 592 20.96 22.89 72.96
N SER D 593 21.10 21.68 73.45
CA SER D 593 21.90 21.40 74.63
C SER D 593 23.32 21.01 74.23
N GLU D 594 24.15 20.76 75.25
CA GLU D 594 25.52 20.32 75.04
C GLU D 594 25.74 19.01 75.78
N THR D 595 26.04 17.95 75.04
CA THR D 595 26.14 16.61 75.62
C THR D 595 27.59 16.13 75.52
N THR D 596 28.08 15.52 76.60
CA THR D 596 29.37 14.87 76.62
C THR D 596 29.16 13.39 76.87
N ILE D 597 29.73 12.55 76.01
CA ILE D 597 29.48 11.11 76.04
C ILE D 597 30.82 10.39 76.14
N LYS D 598 30.89 9.39 77.02
CA LYS D 598 32.08 8.58 77.20
C LYS D 598 31.70 7.11 77.09
N VAL D 599 32.43 6.35 76.27
CA VAL D 599 32.10 4.96 76.01
C VAL D 599 33.25 4.08 76.49
N THR D 600 32.90 2.98 77.16
CA THR D 600 33.89 2.03 77.66
C THR D 600 33.27 0.62 77.63
N ASP D 601 34.13 -0.38 77.65
CA ASP D 601 33.67 -1.76 77.56
C ASP D 601 32.96 -2.18 78.84
N ALA D 602 32.08 -3.17 78.71
CA ALA D 602 31.24 -3.63 79.81
C ALA D 602 31.80 -4.85 80.53
N HIS D 603 32.87 -5.43 80.04
CA HIS D 603 33.47 -6.58 80.72
C HIS D 603 34.85 -6.29 81.26
N THR D 604 35.74 -5.71 80.46
CA THR D 604 37.05 -5.29 80.91
C THR D 604 37.06 -3.87 81.47
N GLY D 605 36.43 -2.94 80.76
CA GLY D 605 36.34 -1.57 81.21
C GLY D 605 37.35 -0.61 80.63
N LYS D 606 38.14 -1.03 79.63
CA LYS D 606 39.13 -0.15 79.04
C LYS D 606 38.46 0.93 78.21
N PHE D 607 39.18 2.04 78.03
CA PHE D 607 38.62 3.21 77.36
C PHE D 607 38.45 2.95 75.87
N ILE D 608 37.43 3.59 75.28
CA ILE D 608 37.17 3.53 73.85
C ILE D 608 37.17 4.92 73.22
N GLY D 609 36.27 5.78 73.67
CA GLY D 609 36.18 7.11 73.09
C GLY D 609 35.37 8.05 73.95
N SER D 610 35.48 9.34 73.63
CA SER D 610 34.70 10.40 74.27
C SER D 610 34.42 11.48 73.24
N ASP D 611 33.27 12.14 73.38
CA ASP D 611 32.86 13.13 72.39
C ASP D 611 31.97 14.18 73.03
N SER D 612 31.90 15.34 72.37
CA SER D 612 31.04 16.44 72.77
C SER D 612 30.21 16.85 71.57
N VAL D 613 28.88 16.80 71.72
CA VAL D 613 27.96 17.04 70.62
C VAL D 613 26.88 18.02 71.05
N ASN D 614 26.15 18.51 70.05
CA ASN D 614 25.01 19.40 70.27
C ASN D 614 23.71 18.87 69.70
N ASP D 615 23.76 18.05 68.65
CA ASP D 615 22.57 17.40 68.11
C ASP D 615 22.32 16.04 68.73
N SER D 616 23.13 15.65 69.71
CA SER D 616 22.92 14.43 70.50
C SER D 616 23.02 13.17 69.64
N THR D 617 24.00 13.15 68.73
CA THR D 617 24.24 11.99 67.89
C THR D 617 25.70 11.58 68.04
N LEU D 618 25.95 10.55 68.84
CA LEU D 618 27.29 9.98 68.96
C LEU D 618 27.58 9.15 67.72
N ARG D 619 28.34 9.71 66.79
CA ARG D 619 28.59 9.07 65.51
C ARG D 619 30.07 9.16 65.15
N GLY D 620 30.56 8.14 64.45
CA GLY D 620 31.93 8.12 64.02
C GLY D 620 32.93 7.58 65.02
N VAL D 621 32.47 7.08 66.16
CA VAL D 621 33.35 6.48 67.16
C VAL D 621 33.25 4.96 67.15
N ILE D 622 32.07 4.41 66.89
CA ILE D 622 31.88 2.98 66.71
C ILE D 622 31.56 2.75 65.25
N GLN D 623 32.39 1.96 64.57
CA GLN D 623 32.30 1.85 63.12
C GLN D 623 31.01 1.16 62.71
N GLY D 624 30.36 1.68 61.68
CA GLY D 624 29.18 1.08 61.13
C GLY D 624 27.88 1.39 61.85
N VAL D 625 27.95 2.16 62.93
CA VAL D 625 26.78 2.46 63.75
C VAL D 625 26.76 3.94 64.08
N ASP D 626 25.59 4.56 63.98
CA ASP D 626 25.36 5.89 64.51
C ASP D 626 24.32 5.80 65.61
N VAL D 627 24.60 6.47 66.73
CA VAL D 627 23.81 6.37 67.95
C VAL D 627 23.14 7.70 68.21
N LYS D 628 21.88 7.65 68.61
CA LYS D 628 21.07 8.83 68.89
C LYS D 628 20.53 8.71 70.31
N ILE D 629 20.74 9.74 71.12
CA ILE D 629 20.32 9.77 72.51
C ILE D 629 19.29 10.88 72.69
N ASP D 630 18.19 10.54 73.34
CA ASP D 630 17.12 11.52 73.56
C ASP D 630 17.60 12.65 74.47
N SER D 631 17.16 13.86 74.14
CA SER D 631 17.58 15.05 74.88
C SER D 631 16.70 15.36 76.08
N ASP D 632 15.73 14.51 76.38
CA ASP D 632 14.89 14.68 77.56
C ASP D 632 15.48 13.96 78.76
N VAL D 633 16.78 13.72 78.72
CA VAL D 633 17.50 12.94 79.74
C VAL D 633 18.37 13.88 80.55
N GLY D 634 18.34 13.72 81.87
CA GLY D 634 19.25 14.44 82.74
C GLY D 634 19.05 15.94 82.82
N VAL D 635 17.80 16.39 82.93
CA VAL D 635 17.49 17.80 83.12
C VAL D 635 16.52 17.92 84.30
N SER D 636 16.78 18.89 85.18
CA SER D 636 15.89 19.18 86.29
C SER D 636 15.18 20.50 86.03
N ILE D 637 13.88 20.52 86.28
CA ILE D 637 13.01 21.64 85.91
C ILE D 637 12.43 22.24 87.18
N SER D 638 12.41 23.56 87.25
CA SER D 638 11.75 24.27 88.35
C SER D 638 11.13 25.54 87.81
N TRP D 639 10.24 26.12 88.61
CA TRP D 639 9.57 27.37 88.25
C TRP D 639 9.92 28.44 89.28
N ASN D 640 10.07 29.67 88.81
CA ASN D 640 10.32 30.81 89.69
C ASN D 640 9.25 31.86 89.42
N SER D 641 8.50 32.23 90.46
CA SER D 641 7.45 33.22 90.34
C SER D 641 7.92 34.63 90.67
N THR D 642 9.01 34.77 91.42
CA THR D 642 9.55 36.11 91.70
C THR D 642 10.07 36.75 90.42
N LYS D 643 10.69 35.96 89.54
CA LYS D 643 11.11 36.43 88.23
C LYS D 643 10.26 35.86 87.11
N LYS D 644 9.37 34.92 87.42
CA LYS D 644 8.38 34.39 86.46
C LYS D 644 9.04 33.73 85.26
N THR D 645 9.92 32.77 85.54
CA THR D 645 10.63 32.05 84.48
C THR D 645 10.84 30.60 84.87
N MET D 646 11.05 29.77 83.85
CA MET D 646 11.46 28.39 84.07
C MET D 646 12.95 28.34 84.36
N GLU D 647 13.36 27.31 85.09
CA GLU D 647 14.77 27.08 85.38
C GLU D 647 15.11 25.64 85.01
N PHE D 648 16.10 25.49 84.13
CA PHE D 648 16.65 24.20 83.76
C PHE D 648 18.03 24.06 84.37
N SER D 649 18.27 22.94 85.04
CA SER D 649 19.55 22.74 85.71
C SER D 649 20.00 21.30 85.54
N ALA D 650 21.27 21.06 85.88
CA ALA D 650 21.86 19.74 85.75
C ALA D 650 21.36 18.82 86.87
N THR D 651 21.30 17.53 86.55
CA THR D 651 20.82 16.54 87.52
C THR D 651 21.76 16.45 88.72
N GLY D 652 23.06 16.43 88.49
CA GLY D 652 24.03 16.16 89.53
C GLY D 652 24.47 14.71 89.62
N GLU D 653 23.83 13.82 88.85
CA GLU D 653 24.23 12.42 88.78
C GLU D 653 24.30 12.01 87.31
N SER D 654 25.37 11.30 86.96
CA SER D 654 25.53 10.84 85.59
C SER D 654 24.58 9.67 85.31
N GLU D 655 24.42 9.37 84.02
CA GLU D 655 23.50 8.34 83.58
C GLU D 655 24.26 7.27 82.81
N ASP D 656 23.79 6.02 82.93
CA ASP D 656 24.43 4.88 82.28
C ASP D 656 23.42 4.16 81.41
N ILE D 657 23.81 3.85 80.17
CA ILE D 657 23.03 3.01 79.27
C ILE D 657 23.99 1.98 78.68
N LYS D 658 23.42 0.85 78.24
CA LYS D 658 24.21 -0.26 77.74
C LYS D 658 23.64 -0.74 76.41
N LEU D 659 24.53 -1.21 75.52
CA LEU D 659 24.18 -1.56 74.16
C LEU D 659 24.73 -2.94 73.82
N HIS D 660 23.99 -3.68 73.00
CA HIS D 660 24.39 -5.01 72.55
C HIS D 660 24.36 -5.03 71.02
N LEU D 661 25.44 -5.55 70.42
CA LEU D 661 25.64 -5.46 68.98
C LEU D 661 26.35 -6.72 68.47
N VAL D 662 25.89 -7.25 67.35
CA VAL D 662 26.46 -8.45 66.74
C VAL D 662 26.39 -8.30 65.23
N ASP D 663 27.23 -9.05 64.53
CA ASP D 663 27.36 -8.94 63.08
C ASP D 663 26.67 -10.10 62.35
N ASN D 664 26.11 -9.76 61.18
CA ASN D 664 25.40 -10.73 60.36
C ASN D 664 25.72 -10.54 58.88
N ALA D 665 27.00 -10.37 58.53
CA ALA D 665 27.41 -10.17 57.15
C ALA D 665 27.08 -11.38 56.28
N MET D 666 27.14 -11.22 54.97
CA MET D 666 26.75 -12.27 54.03
C MET D 666 27.97 -12.89 53.38
N GLU D 667 28.08 -14.20 53.49
CA GLU D 667 29.15 -15.00 52.91
C GLU D 667 28.69 -15.62 51.59
N MET D 668 29.57 -15.57 50.58
CA MET D 668 29.34 -16.30 49.34
C MET D 668 30.55 -17.17 49.05
N GLN D 669 30.30 -18.47 48.89
CA GLN D 669 31.36 -19.39 48.45
C GLN D 669 31.61 -19.19 46.96
N ILE D 670 32.86 -18.91 46.61
CA ILE D 670 33.19 -18.56 45.23
C ILE D 670 34.36 -19.41 44.75
N GLY D 671 34.82 -20.33 45.59
CA GLY D 671 35.95 -21.16 45.24
C GLY D 671 35.73 -22.63 45.52
N ALA D 672 36.64 -23.48 45.03
CA ALA D 672 36.56 -24.91 45.23
C ALA D 672 37.53 -25.39 46.31
N ASN D 673 38.04 -24.47 47.12
CA ASN D 673 38.93 -24.82 48.23
C ASN D 673 38.57 -23.96 49.43
N GLU D 674 38.91 -24.47 50.61
CA GLU D 674 38.62 -23.74 51.85
C GLU D 674 39.44 -22.46 51.89
N GLY D 675 38.75 -21.32 52.01
CA GLY D 675 39.45 -20.07 52.23
C GLY D 675 39.00 -18.86 51.43
N GLN D 676 38.55 -19.05 50.19
CA GLN D 676 38.17 -17.94 49.34
C GLN D 676 36.66 -17.76 49.36
N THR D 677 36.21 -16.59 49.79
CA THR D 677 34.80 -16.25 49.85
C THR D 677 34.64 -14.75 49.55
N ILE D 678 33.40 -14.35 49.28
CA ILE D 678 33.09 -12.97 48.96
C ILE D 678 32.09 -12.45 49.99
N LEU D 679 32.36 -11.25 50.50
CA LEU D 679 31.46 -10.64 51.48
C LEU D 679 30.46 -9.71 50.80
N ALA D 680 29.26 -9.65 51.38
CA ALA D 680 28.24 -8.71 50.94
C ALA D 680 27.44 -8.23 52.14
N ASN D 681 27.07 -6.95 52.10
CA ASN D 681 26.24 -6.33 53.13
C ASN D 681 25.57 -5.10 52.55
N ILE D 682 24.33 -4.87 52.96
CA ILE D 682 23.49 -3.83 52.38
C ILE D 682 23.05 -2.86 53.47
N PRO D 683 23.36 -1.57 53.36
CA PRO D 683 23.02 -0.63 54.44
C PRO D 683 21.52 -0.49 54.65
N GLN D 684 21.16 -0.10 55.87
CA GLN D 684 19.75 -0.02 56.26
C GLN D 684 19.13 1.27 55.73
N VAL D 685 17.97 1.14 55.08
CA VAL D 685 17.32 2.26 54.40
C VAL D 685 15.86 2.34 54.82
N ASP D 686 15.47 3.49 55.36
CA ASP D 686 14.08 3.83 55.62
C ASP D 686 14.00 5.33 55.88
N THR D 687 12.85 5.80 56.37
CA THR D 687 12.67 7.22 56.64
C THR D 687 13.68 7.73 57.66
N THR D 688 13.94 6.96 58.71
CA THR D 688 14.87 7.39 59.74
C THR D 688 16.30 7.50 59.20
N SER D 689 16.68 6.56 58.33
CA SER D 689 18.04 6.57 57.79
C SER D 689 18.31 7.84 56.98
N LEU D 690 17.35 8.25 56.15
CA LEU D 690 17.52 9.45 55.35
C LEU D 690 17.39 10.74 56.15
N GLY D 691 16.97 10.66 57.40
CA GLY D 691 16.84 11.85 58.24
C GLY D 691 15.76 12.81 57.80
N ILE D 692 14.59 12.30 57.42
CA ILE D 692 13.48 13.15 57.00
C ILE D 692 12.24 12.81 57.81
N ASP D 693 12.44 12.34 59.04
CA ASP D 693 11.31 11.95 59.88
C ASP D 693 10.43 13.14 60.23
N ASP D 694 11.04 14.27 60.60
CA ASP D 694 10.32 15.43 61.10
C ASP D 694 10.19 16.53 60.06
N ILE D 695 10.00 16.15 58.79
CA ILE D 695 9.76 17.12 57.74
C ILE D 695 8.35 17.67 57.90
N LEU D 696 8.24 18.98 58.08
CA LEU D 696 6.96 19.65 58.26
C LEU D 696 6.74 20.64 57.14
N MET D 697 5.51 20.68 56.64
CA MET D 697 5.12 21.64 55.60
C MET D 697 3.84 22.32 56.10
N VAL D 698 4.02 23.34 56.92
CA VAL D 698 2.89 23.97 57.61
C VAL D 698 2.86 25.47 57.35
N ASP D 699 4.02 26.12 57.43
CA ASP D 699 4.15 27.55 57.23
C ASP D 699 5.17 27.83 56.14
N GLN D 700 5.33 29.11 55.82
CA GLN D 700 6.24 29.51 54.74
C GLN D 700 7.66 29.74 55.27
N GLU D 701 8.17 28.76 56.02
CA GLU D 701 9.56 28.77 56.44
C GLU D 701 10.27 27.43 56.33
N LEU D 702 9.55 26.30 56.32
CA LEU D 702 10.17 24.99 56.37
C LEU D 702 10.52 24.41 55.00
N ALA D 703 10.08 25.06 53.92
CA ALA D 703 10.29 24.53 52.58
C ALA D 703 11.77 24.44 52.23
N GLN D 704 12.56 25.44 52.64
CA GLN D 704 13.98 25.44 52.33
C GLN D 704 14.69 24.25 52.97
N GLU D 705 14.40 24.01 54.25
CA GLU D 705 14.95 22.85 54.94
C GLU D 705 14.50 21.56 54.26
N SER D 706 13.24 21.51 53.85
CA SER D 706 12.73 20.33 53.16
C SER D 706 13.55 20.05 51.89
N ILE D 707 13.80 21.09 51.10
CA ILE D 707 14.54 20.90 49.85
C ILE D 707 15.95 20.40 50.14
N THR D 708 16.62 21.00 51.12
CA THR D 708 17.98 20.56 51.46
C THR D 708 18.00 19.10 51.87
N LYS D 709 17.09 18.71 52.78
CA LYS D 709 17.07 17.34 53.25
C LYS D 709 16.78 16.36 52.11
N LEU D 710 15.87 16.74 51.20
CA LEU D 710 15.53 15.86 50.09
C LEU D 710 16.73 15.67 49.17
N ASP D 711 17.49 16.74 48.92
CA ASP D 711 18.70 16.60 48.10
C ASP D 711 19.69 15.64 48.75
N LYS D 712 19.87 15.76 50.07
CA LYS D 712 20.79 14.85 50.77
C LYS D 712 20.33 13.40 50.65
N ALA D 713 19.03 13.16 50.81
CA ALA D 713 18.52 11.80 50.71
C ALA D 713 18.72 11.22 49.31
N LEU D 714 18.49 12.04 48.28
CA LEU D 714 18.73 11.59 46.91
C LEU D 714 20.19 11.18 46.73
N GLU D 715 21.11 11.98 47.26
CA GLU D 715 22.53 11.65 47.15
C GLU D 715 22.82 10.29 47.80
N THR D 716 22.27 10.05 48.99
CA THR D 716 22.52 8.80 49.69
C THR D 716 22.00 7.60 48.88
N VAL D 717 20.80 7.72 48.33
CA VAL D 717 20.24 6.62 47.55
C VAL D 717 21.11 6.33 46.33
N SER D 718 21.58 7.38 45.66
CA SER D 718 22.47 7.18 44.51
C SER D 718 23.74 6.44 44.91
N GLY D 719 24.32 6.80 46.05
CA GLY D 719 25.51 6.09 46.52
C GLY D 719 25.27 4.61 46.74
N VAL D 720 24.15 4.27 47.37
CA VAL D 720 23.85 2.86 47.61
C VAL D 720 23.71 2.11 46.29
N ARG D 721 23.00 2.71 45.32
CA ARG D 721 22.85 2.05 44.03
C ARG D 721 24.20 1.82 43.36
N ALA D 722 25.10 2.81 43.43
CA ALA D 722 26.42 2.66 42.82
C ALA D 722 27.18 1.50 43.44
N THR D 723 27.12 1.36 44.77
CA THR D 723 27.82 0.25 45.42
C THR D 723 27.29 -1.10 44.95
N ILE D 724 25.96 -1.23 44.86
CA ILE D 724 25.39 -2.50 44.41
C ILE D 724 25.83 -2.83 43.00
N GLY D 725 25.81 -1.81 42.12
CA GLY D 725 26.25 -2.03 40.75
C GLY D 725 27.69 -2.47 40.65
N ALA D 726 28.57 -1.86 41.46
CA ALA D 726 29.97 -2.26 41.44
C ALA D 726 30.14 -3.73 41.82
N GLN D 727 29.45 -4.16 42.88
CA GLN D 727 29.59 -5.55 43.30
C GLN D 727 29.06 -6.51 42.24
N ILE D 728 27.94 -6.19 41.61
CA ILE D 728 27.43 -7.10 40.58
C ILE D 728 28.37 -7.14 39.38
N ASN D 729 29.04 -6.03 39.07
CA ASN D 729 30.05 -6.03 38.01
C ASN D 729 31.18 -7.00 38.35
N ARG D 730 31.71 -6.92 39.57
CA ARG D 730 32.73 -7.88 39.98
C ARG D 730 32.26 -9.31 39.80
N LEU D 731 31.02 -9.60 40.22
CA LEU D 731 30.55 -10.97 40.14
C LEU D 731 30.46 -11.45 38.69
N GLU D 732 29.94 -10.62 37.78
CA GLU D 732 29.87 -11.07 36.40
C GLU D 732 31.26 -11.33 35.84
N TYR D 733 32.24 -10.50 36.23
CA TYR D 733 33.61 -10.74 35.74
C TYR D 733 34.18 -12.04 36.29
N THR D 734 33.89 -12.36 37.55
CA THR D 734 34.42 -13.61 38.08
C THR D 734 33.65 -14.84 37.58
N MET D 735 32.52 -14.64 36.91
CA MET D 735 31.77 -15.77 36.35
C MET D 735 32.60 -16.65 35.41
N THR D 736 33.24 -16.03 34.40
CA THR D 736 33.71 -16.78 33.23
C THR D 736 34.99 -17.60 33.46
N GLY D 737 35.90 -17.11 34.31
CA GLY D 737 37.15 -17.82 34.51
C GLY D 737 36.96 -19.21 35.06
N LEU D 738 35.96 -19.39 35.92
CA LEU D 738 35.67 -20.71 36.46
C LEU D 738 35.35 -21.69 35.34
N ASP D 739 34.46 -21.28 34.41
CA ASP D 739 34.10 -22.14 33.30
C ASP D 739 35.29 -22.43 32.40
N THR D 740 36.11 -21.40 32.11
CA THR D 740 37.26 -21.60 31.22
C THR D 740 38.24 -22.61 31.82
N THR D 741 38.59 -22.40 33.09
CA THR D 741 39.42 -23.37 33.80
C THR D 741 38.76 -24.74 33.82
N ARG D 742 37.42 -24.76 33.85
CA ARG D 742 36.71 -26.03 33.83
C ARG D 742 37.00 -26.83 32.57
N GLU D 743 36.82 -26.23 31.39
CA GLU D 743 37.04 -27.06 30.20
C GLU D 743 38.52 -27.39 30.07
N ASN D 744 39.40 -26.47 30.46
CA ASN D 744 40.83 -26.76 30.37
C ASN D 744 41.19 -27.98 31.22
N LEU D 745 40.76 -28.02 32.47
CA LEU D 745 41.10 -29.15 33.34
C LEU D 745 40.35 -30.42 32.96
N THR D 746 39.11 -30.32 32.48
CA THR D 746 38.41 -31.55 32.08
C THR D 746 39.01 -32.13 30.80
N ALA D 747 39.61 -31.30 29.95
CA ALA D 747 40.36 -31.82 28.82
C ALA D 747 41.68 -32.42 29.27
N ALA D 748 42.36 -31.76 30.21
CA ALA D 748 43.64 -32.26 30.70
C ALA D 748 43.48 -33.61 31.38
N GLU D 749 42.43 -33.79 32.17
CA GLU D 749 42.21 -35.06 32.84
C GLU D 749 41.83 -36.15 31.84
N SER D 750 41.03 -35.81 30.83
CA SER D 750 40.56 -36.81 29.89
C SER D 750 41.63 -37.10 28.83
N ARG D 751 42.84 -37.41 29.29
CA ARG D 751 43.90 -37.90 28.43
C ARG D 751 44.46 -39.23 28.91
N ILE D 752 43.95 -39.76 30.02
CA ILE D 752 44.38 -41.05 30.54
C ILE D 752 43.19 -42.00 30.67
N ARG D 753 42.12 -41.79 29.91
CA ARG D 753 40.93 -42.62 30.08
C ARG D 753 41.00 -43.88 29.23
N ASP D 754 41.20 -43.75 27.93
CA ASP D 754 41.29 -44.94 27.10
C ASP D 754 42.18 -44.68 25.90
N LEU D 755 42.73 -45.76 25.34
CA LEU D 755 43.52 -45.64 24.13
C LEU D 755 42.60 -45.33 22.95
N ASP D 756 43.20 -45.02 21.81
CA ASP D 756 42.45 -45.06 20.56
C ASP D 756 41.95 -46.48 20.34
N ILE D 757 40.76 -46.61 19.78
CA ILE D 757 40.23 -47.96 19.58
C ILE D 757 41.01 -48.68 18.49
N ALA D 758 41.79 -47.94 17.69
CA ALA D 758 42.53 -48.55 16.59
C ALA D 758 43.54 -49.57 17.08
N ASP D 759 44.50 -49.15 17.91
CA ASP D 759 45.56 -50.06 18.32
C ASP D 759 45.04 -51.15 19.25
N GLU D 760 44.03 -50.85 20.06
CA GLU D 760 43.41 -51.88 20.89
C GLU D 760 42.76 -52.96 20.04
N MET D 761 42.04 -52.56 19.00
CA MET D 761 41.43 -53.52 18.09
C MET D 761 42.50 -54.33 17.36
N ALA D 762 43.59 -53.67 16.98
CA ALA D 762 44.69 -54.39 16.32
C ALA D 762 45.28 -55.44 17.26
N LYS D 763 45.49 -55.07 18.53
CA LYS D 763 45.98 -56.02 19.52
C LYS D 763 45.03 -57.21 19.64
N PHE D 764 43.73 -56.94 19.75
CA PHE D 764 42.75 -58.01 19.89
C PHE D 764 42.79 -58.96 18.68
N THR D 765 42.80 -58.40 17.47
CA THR D 765 42.82 -59.22 16.27
C THR D 765 44.09 -60.06 16.19
N LYS D 766 45.23 -59.47 16.50
CA LYS D 766 46.49 -60.19 16.41
C LYS D 766 46.56 -61.33 17.42
N ASN D 767 46.12 -61.07 18.66
CA ASN D 767 46.10 -62.14 19.65
C ASN D 767 45.14 -63.26 19.25
N GLN D 768 43.97 -62.89 18.71
CA GLN D 768 43.02 -63.89 18.25
C GLN D 768 43.61 -64.73 17.13
N ILE D 769 44.42 -64.12 16.28
CA ILE D 769 45.08 -64.88 15.20
C ILE D 769 46.09 -65.86 15.78
N LEU D 770 46.89 -65.41 16.74
CA LEU D 770 47.95 -66.28 17.29
C LEU D 770 47.38 -67.45 18.08
N ALA D 771 46.23 -67.25 18.74
CA ALA D 771 45.67 -68.30 19.58
C ALA D 771 45.34 -69.56 18.78
N GLN D 772 44.78 -69.39 17.59
CA GLN D 772 44.38 -70.55 16.78
C GLN D 772 45.58 -71.36 16.33
N SER D 773 46.67 -70.69 15.94
CA SER D 773 47.90 -71.41 15.61
C SER D 773 48.42 -72.17 16.81
N ASN D 774 48.37 -71.55 18.00
CA ASN D 774 48.76 -72.27 19.21
C ASN D 774 47.94 -73.53 19.38
N ILE D 775 46.62 -73.43 19.20
CA ILE D 775 45.73 -74.58 19.40
C ILE D 775 46.07 -75.69 18.40
N SER D 776 46.23 -75.33 17.14
CA SER D 776 46.51 -76.33 16.11
C SER D 776 47.83 -77.04 16.39
N MET D 777 48.87 -76.30 16.77
CA MET D 777 50.15 -76.93 17.04
C MET D 777 50.10 -77.79 18.28
N LEU D 778 49.32 -77.39 19.28
CA LEU D 778 49.13 -78.24 20.46
C LEU D 778 48.48 -79.56 20.07
N ALA D 779 47.47 -79.50 19.20
CA ALA D 779 46.82 -80.73 18.73
C ALA D 779 47.81 -81.62 18.00
N GLN D 780 48.63 -81.03 17.12
CA GLN D 780 49.63 -81.82 16.41
C GLN D 780 50.63 -82.45 17.37
N ALA D 781 51.06 -81.70 18.39
CA ALA D 781 51.99 -82.22 19.37
C ALA D 781 51.41 -83.40 20.13
N ASN D 782 50.14 -83.31 20.52
CA ASN D 782 49.51 -84.45 21.19
C ASN D 782 49.34 -85.63 20.23
N SER D 783 49.16 -85.35 18.94
CA SER D 783 48.98 -86.43 17.98
C SER D 783 50.27 -87.20 17.73
N LEU D 784 51.41 -86.50 17.70
CA LEU D 784 52.64 -87.10 17.16
C LEU D 784 53.13 -88.34 17.89
N PRO D 785 53.17 -88.40 19.26
CA PRO D 785 54.07 -89.37 19.93
C PRO D 785 53.99 -90.83 19.49
N GLN D 786 52.83 -91.48 19.59
CA GLN D 786 52.82 -92.92 19.32
C GLN D 786 52.38 -93.25 17.90
N MET D 787 51.78 -92.30 17.18
CA MET D 787 51.48 -92.56 15.78
C MET D 787 52.75 -92.85 14.99
N ALA D 788 53.90 -92.41 15.52
CA ALA D 788 55.19 -92.79 14.99
C ALA D 788 55.90 -93.85 15.83
N LEU D 789 55.27 -94.35 16.89
CA LEU D 789 55.95 -95.28 17.79
C LEU D 789 55.37 -96.69 17.76
N SER D 790 54.05 -96.82 17.71
CA SER D 790 53.40 -98.12 17.93
C SER D 790 53.79 -99.17 16.91
N LEU D 791 54.45 -98.76 15.83
CA LEU D 791 54.92 -99.69 14.81
C LEU D 791 56.23 -100.38 15.21
N LEU D 792 56.73 -100.09 16.42
CA LEU D 792 57.97 -100.73 16.87
C LEU D 792 57.80 -102.24 16.96
N GLY D 793 56.59 -102.71 17.18
CA GLY D 793 56.32 -104.12 17.37
C GLY D 793 55.22 -104.34 18.40
N ALA E 2 58.38 -61.25 2.57
CA ALA E 2 58.49 -61.90 3.88
C ALA E 2 57.26 -61.63 4.73
N MET E 3 56.73 -62.68 5.35
CA MET E 3 55.53 -62.59 6.16
C MET E 3 55.87 -62.93 7.61
N TYR E 4 55.49 -62.05 8.53
CA TYR E 4 55.78 -62.22 9.95
C TYR E 4 54.48 -62.17 10.75
N ILE E 5 54.64 -62.22 12.08
CA ILE E 5 53.56 -62.04 13.04
C ILE E 5 54.04 -60.99 14.04
N ASN E 6 53.10 -60.19 14.56
CA ASN E 6 53.39 -59.08 15.47
C ASN E 6 54.09 -57.94 14.72
N THR E 7 53.71 -57.76 13.47
CA THR E 7 54.40 -56.87 12.55
C THR E 7 53.44 -56.05 11.70
N ASN E 8 52.40 -55.49 12.31
CA ASN E 8 51.44 -54.67 11.57
C ASN E 8 51.93 -53.22 11.50
N VAL E 9 53.02 -53.04 10.74
CA VAL E 9 53.56 -51.69 10.53
C VAL E 9 52.58 -50.79 9.78
N PRO E 10 51.91 -51.22 8.70
CA PRO E 10 50.94 -50.33 8.04
C PRO E 10 49.85 -49.84 8.97
N SER E 11 49.45 -50.66 9.94
CA SER E 11 48.47 -50.20 10.92
C SER E 11 49.00 -49.00 11.70
N LEU E 12 50.27 -49.06 12.13
CA LEU E 12 50.85 -47.94 12.86
C LEU E 12 50.96 -46.70 11.99
N THR E 13 51.35 -46.87 10.73
CA THR E 13 51.43 -45.72 9.82
C THR E 13 50.06 -45.06 9.64
N ALA E 14 49.03 -45.88 9.42
CA ALA E 14 47.68 -45.36 9.27
C ALA E 14 47.21 -44.68 10.55
N GLN E 15 47.58 -45.23 11.71
CA GLN E 15 47.24 -44.59 12.98
C GLN E 15 47.85 -43.20 13.07
N ARG E 16 49.13 -43.07 12.70
CA ARG E 16 49.78 -41.76 12.76
C ARG E 16 49.08 -40.76 11.83
N TYR E 17 48.81 -41.19 10.59
CA TYR E 17 48.17 -40.28 9.64
C TYR E 17 46.77 -39.89 10.11
N LEU E 18 46.02 -40.84 10.65
CA LEU E 18 44.68 -40.55 11.16
C LEU E 18 44.73 -39.57 12.32
N GLY E 19 45.70 -39.73 13.22
CA GLY E 19 45.84 -38.78 14.31
C GLY E 19 46.12 -37.37 13.82
N GLU E 20 47.01 -37.25 12.83
CA GLU E 20 47.30 -35.93 12.26
C GLU E 20 46.05 -35.31 11.65
N THR E 21 45.30 -36.10 10.88
CA THR E 21 44.08 -35.58 10.25
C THR E 21 43.05 -35.17 11.29
N ASN E 22 42.92 -35.96 12.37
CA ASN E 22 41.96 -35.62 13.42
C ASN E 22 42.33 -34.31 14.09
N ASN E 23 43.63 -34.10 14.37
CA ASN E 23 44.05 -32.84 14.98
C ASN E 23 43.76 -31.67 14.04
N ALA E 24 44.01 -31.84 12.74
CA ALA E 24 43.71 -30.76 11.80
C ALA E 24 42.22 -30.43 11.79
N VAL E 25 41.37 -31.47 11.80
CA VAL E 25 39.92 -31.24 11.80
C VAL E 25 39.49 -30.51 13.07
N SER E 26 40.03 -30.91 14.21
CA SER E 26 39.68 -30.26 15.47
C SER E 26 40.07 -28.78 15.45
N LYS E 27 41.27 -28.47 14.94
CA LYS E 27 41.69 -27.07 14.88
C LYS E 27 40.79 -26.27 13.96
N SER E 28 40.41 -26.83 12.81
CA SER E 28 39.53 -26.12 11.90
C SER E 28 38.17 -25.85 12.55
N LEU E 29 37.63 -26.85 13.25
CA LEU E 29 36.35 -26.66 13.92
C LEU E 29 36.44 -25.59 15.00
N GLU E 30 37.52 -25.60 15.79
CA GLU E 30 37.68 -24.58 16.82
C GLU E 30 37.74 -23.18 16.20
N ARG E 31 38.53 -23.02 15.14
CA ARG E 31 38.65 -21.71 14.50
C ARG E 31 37.29 -21.23 13.98
N LEU E 32 36.57 -22.10 13.27
CA LEU E 32 35.33 -21.65 12.65
C LEU E 32 34.26 -21.38 13.70
N SER E 33 34.22 -22.18 14.77
CA SER E 33 33.26 -21.94 15.84
C SER E 33 33.57 -20.62 16.56
N SER E 34 34.85 -20.34 16.79
CA SER E 34 35.21 -19.06 17.39
C SER E 34 34.86 -17.89 16.50
N GLY E 35 35.03 -18.05 15.18
CA GLY E 35 34.76 -16.94 14.28
C GLY E 35 35.84 -15.88 14.28
N LEU E 36 36.98 -16.15 14.91
CA LEU E 36 38.11 -15.25 14.91
C LEU E 36 39.32 -15.97 14.37
N ARG E 37 40.29 -15.21 13.87
CA ARG E 37 41.49 -15.82 13.31
C ARG E 37 42.42 -16.32 14.40
N ILE E 38 42.89 -15.42 15.26
CA ILE E 38 44.03 -15.72 16.11
C ILE E 38 43.62 -16.57 17.30
N ASN E 39 42.73 -16.05 18.16
CA ASN E 39 42.38 -16.70 19.42
C ASN E 39 43.62 -16.96 20.27
N SER E 40 43.44 -17.66 21.39
CA SER E 40 44.53 -18.21 22.20
C SER E 40 45.74 -17.28 22.30
N ALA E 41 46.94 -17.84 22.21
CA ALA E 41 48.14 -17.04 22.06
C ALA E 41 49.16 -17.65 21.11
N SER E 42 48.86 -18.77 20.47
CA SER E 42 49.86 -19.54 19.73
C SER E 42 49.71 -19.44 18.21
N ASP E 43 48.58 -18.95 17.71
CA ASP E 43 48.39 -18.91 16.26
C ASP E 43 49.34 -17.92 15.60
N ASP E 44 49.43 -16.71 16.13
CA ASP E 44 50.34 -15.70 15.62
C ASP E 44 50.99 -14.98 16.80
N ALA E 45 52.24 -14.60 16.64
CA ALA E 45 53.00 -13.98 17.72
C ALA E 45 52.92 -12.46 17.70
N SER E 46 52.81 -11.84 16.54
CA SER E 46 52.86 -10.38 16.43
C SER E 46 51.50 -9.71 16.33
N GLY E 47 50.41 -10.46 16.18
CA GLY E 47 49.11 -9.84 16.05
C GLY E 47 48.50 -9.36 17.36
N LEU E 48 48.83 -10.01 18.47
CA LEU E 48 48.17 -9.71 19.74
C LEU E 48 48.45 -8.28 20.19
N ALA E 49 49.72 -7.87 20.15
CA ALA E 49 50.06 -6.53 20.62
C ALA E 49 49.39 -5.45 19.78
N ILE E 50 49.43 -5.61 18.45
CA ILE E 50 48.80 -4.63 17.56
C ILE E 50 47.30 -4.57 17.81
N SER E 51 46.66 -5.73 17.96
CA SER E 51 45.22 -5.75 18.19
C SER E 51 44.86 -5.06 19.49
N GLU E 52 45.60 -5.33 20.56
CA GLU E 52 45.29 -4.71 21.84
C GLU E 52 45.51 -3.20 21.80
N LYS E 53 46.60 -2.76 21.18
CA LYS E 53 46.84 -1.33 21.01
C LYS E 53 45.68 -0.66 20.28
N LEU E 54 45.26 -1.25 19.17
CA LEU E 54 44.19 -0.66 18.37
C LEU E 54 42.88 -0.60 19.16
N ARG E 55 42.58 -1.66 19.91
CA ARG E 55 41.33 -1.70 20.68
C ARG E 55 41.33 -0.60 21.75
N GLY E 56 42.46 -0.43 22.45
CA GLY E 56 42.56 0.64 23.43
C GLY E 56 42.37 2.01 22.80
N GLN E 57 43.01 2.24 21.65
CA GLN E 57 42.83 3.52 20.97
C GLN E 57 41.37 3.75 20.58
N ILE E 58 40.68 2.70 20.14
CA ILE E 58 39.27 2.83 19.77
C ILE E 58 38.44 3.29 20.97
N SER E 59 38.66 2.65 22.13
CA SER E 59 37.92 3.04 23.32
C SER E 59 38.18 4.50 23.70
N GLY E 60 39.46 4.90 23.68
CA GLY E 60 39.78 6.28 24.01
C GLY E 60 39.13 7.28 23.06
N LEU E 61 39.12 6.96 21.77
CA LEU E 61 38.51 7.86 20.79
C LEU E 61 37.02 8.01 21.05
N LYS E 62 36.32 6.92 21.36
CA LYS E 62 34.89 7.02 21.69
C LYS E 62 34.68 7.93 22.90
N ARG E 63 35.51 7.76 23.93
CA ARG E 63 35.33 8.57 25.14
C ARG E 63 35.49 10.06 24.83
N ALA E 64 36.54 10.42 24.08
CA ALA E 64 36.74 11.82 23.73
C ALA E 64 35.56 12.36 22.91
N SER E 65 35.05 11.53 22.00
CA SER E 65 33.90 11.92 21.18
C SER E 65 32.74 12.36 22.06
N LEU E 66 32.41 11.58 23.09
CA LEU E 66 31.28 11.97 23.94
C LEU E 66 31.63 13.20 24.81
N ASN E 67 32.86 13.24 25.32
CA ASN E 67 33.29 14.35 26.17
C ASN E 67 33.12 15.69 25.47
N ALA E 68 33.27 15.73 24.14
CA ALA E 68 33.16 17.00 23.43
C ALA E 68 31.78 17.63 23.59
N GLN E 69 30.71 16.86 23.34
CA GLN E 69 29.36 17.40 23.50
C GLN E 69 29.09 17.75 24.96
N ASP E 70 29.54 16.89 25.87
CA ASP E 70 29.39 17.20 27.29
C ASP E 70 29.98 18.57 27.59
N GLY E 71 31.09 18.91 26.93
CA GLY E 71 31.65 20.25 27.08
C GLY E 71 30.79 21.34 26.46
N ILE E 72 30.25 21.09 25.26
CA ILE E 72 29.59 22.16 24.52
C ILE E 72 28.31 22.66 25.20
N SER E 73 27.64 21.78 25.96
CA SER E 73 26.37 22.19 26.58
C SER E 73 26.53 23.40 27.50
N LEU E 74 27.62 23.42 28.28
CA LEU E 74 27.84 24.51 29.25
C LEU E 74 27.97 25.86 28.55
N LEU E 75 28.73 25.90 27.45
CA LEU E 75 28.87 27.14 26.70
C LEU E 75 27.53 27.60 26.15
N GLN E 76 26.71 26.66 25.69
CA GLN E 76 25.36 27.05 25.25
C GLN E 76 24.60 27.76 26.36
N THR E 77 24.63 27.19 27.58
CA THR E 77 23.90 27.79 28.70
C THR E 77 24.41 29.21 29.00
N ALA E 78 25.73 29.37 29.05
CA ALA E 78 26.31 30.68 29.35
C ALA E 78 25.90 31.71 28.29
N GLU E 79 25.90 31.31 27.02
CA GLU E 79 25.51 32.22 25.96
C GLU E 79 24.07 32.69 26.15
N GLY E 80 23.17 31.77 26.51
CA GLY E 80 21.78 32.17 26.75
C GLY E 80 21.65 33.21 27.85
N GLY E 81 22.32 32.96 28.98
CA GLY E 81 22.26 33.93 30.08
C GLY E 81 22.76 35.30 29.66
N LEU E 82 23.90 35.34 28.97
CA LEU E 82 24.45 36.63 28.55
C LEU E 82 23.53 37.34 27.57
N GLN E 83 22.84 36.57 26.72
CA GLN E 83 21.85 37.19 25.84
C GLN E 83 20.75 37.89 26.61
N ASN E 84 20.23 37.24 27.66
CA ASN E 84 19.20 37.89 28.46
C ASN E 84 19.71 39.19 29.08
N ILE E 85 20.93 39.17 29.63
CA ILE E 85 21.47 40.37 30.26
C ILE E 85 21.62 41.50 29.24
N GLN E 86 22.14 41.18 28.05
CA GLN E 86 22.28 42.19 27.02
C GLN E 86 20.92 42.74 26.60
N ASP E 87 19.88 41.91 26.65
CA ASP E 87 18.55 42.40 26.36
C ASP E 87 18.12 43.46 27.37
N MET E 88 18.39 43.25 28.66
CA MET E 88 17.97 44.24 29.65
C MET E 88 18.75 45.55 29.56
N LEU E 89 20.04 45.48 29.21
CA LEU E 89 20.87 46.68 29.24
C LEU E 89 20.34 47.77 28.30
N GLN E 90 19.74 47.38 27.17
CA GLN E 90 19.26 48.37 26.21
C GLN E 90 18.04 49.11 26.72
N ARG E 91 17.14 48.42 27.43
CA ARG E 91 16.03 49.09 28.09
C ARG E 91 16.57 50.09 29.11
N MET E 92 17.60 49.69 29.86
CA MET E 92 18.21 50.65 30.77
C MET E 92 18.73 51.88 30.05
N ARG E 93 19.38 51.67 28.89
CA ARG E 93 19.90 52.81 28.13
C ARG E 93 18.79 53.73 27.65
N GLU E 94 17.69 53.17 27.15
CA GLU E 94 16.59 54.00 26.65
C GLU E 94 15.97 54.79 27.79
N LEU E 95 15.79 54.16 28.95
CA LEU E 95 15.34 54.90 30.12
C LEU E 95 16.29 56.03 30.48
N ALA E 96 17.60 55.79 30.37
CA ALA E 96 18.56 56.85 30.64
C ALA E 96 18.41 58.00 29.66
N VAL E 97 18.26 57.68 28.37
CA VAL E 97 18.26 58.74 27.35
C VAL E 97 16.97 59.56 27.39
N GLN E 98 15.83 58.95 27.74
CA GLN E 98 14.61 59.75 27.84
C GLN E 98 14.73 60.81 28.92
N ALA E 99 15.21 60.42 30.10
CA ALA E 99 15.43 61.38 31.16
C ALA E 99 16.56 62.34 30.78
N GLY E 100 16.34 63.63 30.97
CA GLY E 100 17.29 64.63 30.55
C GLY E 100 16.64 65.79 29.82
N ASN E 101 15.59 65.50 29.05
CA ASN E 101 14.77 66.56 28.48
C ASN E 101 14.19 67.39 29.60
N GLY E 102 14.57 68.66 29.68
CA GLY E 102 14.15 69.40 30.85
C GLY E 102 12.80 70.07 30.71
N VAL E 103 11.76 69.34 31.11
CA VAL E 103 10.46 69.90 31.45
C VAL E 103 10.03 69.19 32.73
N TYR E 104 10.75 68.14 33.08
CA TYR E 104 10.39 67.26 34.19
C TYR E 104 10.90 67.82 35.50
N THR E 105 10.10 67.63 36.55
CA THR E 105 10.50 68.08 37.88
C THR E 105 11.51 67.11 38.49
N THR E 106 11.84 67.33 39.75
CA THR E 106 12.78 66.49 40.49
C THR E 106 12.11 65.35 41.24
N ASN E 107 10.88 64.99 40.87
CA ASN E 107 10.14 63.91 41.50
C ASN E 107 9.97 62.69 40.60
N ASP E 108 9.49 62.91 39.37
CA ASP E 108 9.41 61.81 38.41
C ASP E 108 10.79 61.28 38.04
N ARG E 109 11.83 62.09 38.21
CA ARG E 109 13.18 61.59 38.00
C ARG E 109 13.55 60.55 39.07
N ALA E 110 13.20 60.83 40.33
CA ALA E 110 13.39 59.82 41.37
C ALA E 110 12.50 58.61 41.13
N GLU E 111 11.32 58.84 40.56
CA GLU E 111 10.46 57.72 40.17
C GLU E 111 11.15 56.82 39.15
N ILE E 112 11.84 57.44 38.19
CA ILE E 112 12.63 56.66 37.23
C ILE E 112 13.78 55.95 37.94
N GLN E 113 14.40 56.63 38.91
CA GLN E 113 15.52 56.05 39.65
C GLN E 113 15.11 54.77 40.38
N LYS E 114 13.90 54.73 40.94
CA LYS E 114 13.46 53.53 41.65
C LYS E 114 13.42 52.32 40.71
N GLU E 115 12.85 52.50 39.52
CA GLU E 115 12.78 51.41 38.56
C GLU E 115 14.18 51.02 38.06
N VAL E 116 15.07 52.00 37.89
CA VAL E 116 16.44 51.69 37.51
C VAL E 116 17.11 50.82 38.57
N ASP E 117 16.88 51.16 39.84
CA ASP E 117 17.40 50.37 40.94
C ASP E 117 16.86 48.94 40.90
N GLN E 118 15.57 48.79 40.63
CA GLN E 118 14.98 47.46 40.62
C GLN E 118 15.57 46.63 39.47
N LEU E 119 15.78 47.26 38.32
CA LEU E 119 16.40 46.55 37.19
C LEU E 119 17.82 46.13 37.51
N LYS E 120 18.57 47.00 38.21
CA LYS E 120 19.92 46.63 38.64
C LYS E 120 19.88 45.42 39.57
N GLU E 121 18.92 45.40 40.49
CA GLU E 121 18.76 44.24 41.36
C GLU E 121 18.52 42.97 40.56
N GLU E 122 17.65 43.04 39.55
CA GLU E 122 17.37 41.85 38.76
C GLU E 122 18.62 41.39 38.00
N ILE E 123 19.37 42.33 37.42
CA ILE E 123 20.54 41.92 36.64
C ILE E 123 21.60 41.29 37.54
N ASN E 124 21.77 41.83 38.75
CA ASN E 124 22.75 41.23 39.67
C ASN E 124 22.29 39.86 40.12
N ARG E 125 20.99 39.69 40.38
CA ARG E 125 20.47 38.39 40.79
C ARG E 125 20.69 37.34 39.69
N ILE E 126 20.38 37.70 38.44
CA ILE E 126 20.56 36.74 37.36
C ILE E 126 22.04 36.47 37.11
N ALA E 127 22.91 37.45 37.41
CA ALA E 127 24.34 37.18 37.36
C ALA E 127 24.76 36.17 38.42
N SER E 128 24.16 36.25 39.60
CA SER E 128 24.54 35.39 40.71
C SER E 128 23.76 34.07 40.77
N SER E 129 22.82 33.84 39.87
CA SER E 129 21.94 32.67 39.98
C SER E 129 22.26 31.54 39.00
N THR E 130 23.11 31.78 38.00
CA THR E 130 23.37 30.75 36.99
C THR E 130 24.00 29.52 37.62
N GLU E 131 23.67 28.35 37.09
CA GLU E 131 24.03 27.10 37.75
C GLU E 131 24.17 25.98 36.71
N PHE E 132 25.13 25.09 36.95
CA PHE E 132 25.28 23.89 36.11
C PHE E 132 26.07 22.85 36.89
N ASN E 133 25.41 21.75 37.27
CA ASN E 133 26.04 20.64 37.98
C ASN E 133 26.80 21.12 39.21
N THR E 134 26.11 21.92 40.03
CA THR E 134 26.68 22.49 41.26
C THR E 134 27.93 23.32 40.98
N LYS E 135 28.02 23.89 39.79
CA LYS E 135 29.15 24.74 39.39
C LYS E 135 28.58 26.08 38.93
N LYS E 136 28.70 27.10 39.78
CA LYS E 136 28.29 28.44 39.39
C LYS E 136 29.31 29.02 38.40
N LEU E 137 28.81 29.60 37.31
CA LEU E 137 29.66 30.00 36.20
C LEU E 137 30.08 31.47 36.25
N LEU E 138 29.11 32.38 36.22
CA LEU E 138 29.42 33.76 35.88
C LEU E 138 30.04 34.54 37.02
N ASN E 139 29.90 34.08 38.27
CA ASN E 139 30.40 34.84 39.39
C ASN E 139 31.88 34.58 39.66
N GLY E 140 32.70 34.65 38.62
CA GLY E 140 34.14 34.56 38.77
C GLY E 140 34.62 33.27 39.41
N ASP E 141 33.82 32.21 39.35
CA ASP E 141 34.16 30.94 39.96
C ASP E 141 34.84 30.02 38.95
N SER E 142 34.78 30.38 37.66
CA SER E 142 35.35 29.56 36.62
C SER E 142 36.76 29.95 36.21
N THR E 143 37.30 31.02 36.79
CA THR E 143 38.64 31.48 36.44
C THR E 143 39.61 31.38 37.62
N ALA E 144 39.28 32.00 38.76
CA ALA E 144 40.20 32.07 39.89
C ALA E 144 39.42 32.12 41.20
N LEU E 145 40.16 32.30 42.29
CA LEU E 145 39.57 32.45 43.61
C LEU E 145 40.49 33.37 44.41
N TRP E 146 39.91 34.25 45.23
CA TRP E 146 40.68 35.21 46.00
C TRP E 146 40.06 35.40 47.39
N SER E 147 40.88 35.92 48.30
CA SER E 147 40.44 36.23 49.66
C SER E 147 41.47 37.14 50.31
N SER E 148 40.98 38.08 51.12
CA SER E 148 41.84 39.00 51.85
C SER E 148 41.29 39.18 53.25
N ASP E 149 42.03 39.92 54.08
CA ASP E 149 41.64 40.14 55.47
C ASP E 149 41.11 41.54 55.73
N SER E 150 41.77 42.57 55.21
CA SER E 150 41.24 43.92 55.36
C SER E 150 40.04 44.11 54.44
N SER E 151 38.97 44.68 55.00
CA SER E 151 37.66 44.69 54.36
C SER E 151 37.42 45.95 53.53
N ASP E 152 38.47 46.52 52.94
CA ASP E 152 38.32 47.65 52.04
C ASP E 152 39.18 47.48 50.81
N LEU E 153 39.14 46.28 50.22
CA LEU E 153 39.96 45.98 49.05
C LEU E 153 39.15 45.06 48.13
N ASP E 154 38.70 45.60 47.01
CA ASP E 154 37.84 44.88 46.08
C ASP E 154 38.68 44.29 44.96
N VAL E 155 38.26 43.14 44.44
CA VAL E 155 38.99 42.40 43.43
C VAL E 155 38.06 42.09 42.27
N VAL E 156 38.49 42.38 41.05
CA VAL E 156 37.74 42.04 39.85
C VAL E 156 38.65 41.24 38.93
N ILE E 157 38.10 40.16 38.37
CA ILE E 157 38.85 39.21 37.56
C ILE E 157 38.47 39.39 36.10
N LYS E 158 39.48 39.44 35.23
CA LYS E 158 39.26 39.52 33.80
C LYS E 158 39.76 38.30 33.06
N SER E 159 41.02 37.92 33.26
CA SER E 159 41.64 36.81 32.56
C SER E 159 42.32 35.89 33.57
N ALA E 160 43.10 34.94 33.06
CA ALA E 160 43.78 33.97 33.91
C ALA E 160 44.80 34.66 34.81
N VAL E 161 44.79 34.29 36.09
CA VAL E 161 45.77 34.77 37.05
C VAL E 161 46.67 33.59 37.40
N ALA E 162 47.82 33.88 38.00
CA ALA E 162 48.81 32.81 38.21
C ALA E 162 48.71 32.16 39.58
N GLU E 163 49.13 32.87 40.64
CA GLU E 163 49.36 32.29 41.96
C GLU E 163 49.72 33.31 43.03
N GLY E 164 49.93 32.83 44.26
CA GLY E 164 50.77 33.49 45.23
C GLY E 164 50.07 34.40 46.22
N ASN E 165 50.87 34.84 47.19
CA ASN E 165 50.49 35.80 48.22
C ASN E 165 51.26 37.10 48.00
N TYR E 166 50.52 38.21 47.98
CA TYR E 166 51.11 39.50 47.66
C TYR E 166 50.90 40.48 48.80
N ASN E 167 51.90 41.33 49.01
CA ASN E 167 51.88 42.38 50.01
C ASN E 167 51.98 43.74 49.33
N LEU E 168 51.18 44.69 49.81
CA LEU E 168 51.05 45.99 49.18
C LEU E 168 51.52 47.09 50.10
N ASN E 169 52.07 48.15 49.50
CA ASN E 169 52.57 49.31 50.22
C ASN E 169 51.91 50.55 49.64
N VAL E 170 51.25 51.33 50.49
CA VAL E 170 50.38 52.42 50.05
C VAL E 170 50.83 53.72 50.68
N THR E 171 50.88 54.78 49.87
CA THR E 171 51.10 56.13 50.35
C THR E 171 50.14 57.07 49.62
N VAL E 172 49.64 58.09 50.30
CA VAL E 172 48.50 58.87 49.83
C VAL E 172 48.88 60.36 49.77
N ASP E 173 48.28 61.06 48.82
CA ASP E 173 48.33 62.52 48.72
C ASP E 173 46.90 63.00 48.53
N PRO E 174 46.35 63.79 49.45
CA PRO E 174 44.90 64.04 49.47
C PRO E 174 44.46 65.05 48.42
N GLY E 175 43.15 65.15 48.27
CA GLY E 175 42.54 66.10 47.36
C GLY E 175 41.73 67.16 48.06
N LYS E 176 40.53 67.46 47.54
CA LYS E 176 39.68 68.51 48.12
C LYS E 176 38.23 68.02 48.11
N ASN E 177 37.42 68.62 48.97
CA ASN E 177 36.04 68.22 49.20
C ASN E 177 35.09 69.26 48.62
N PHE E 178 33.79 69.06 48.86
CA PHE E 178 32.73 69.89 48.34
C PHE E 178 32.25 70.87 49.40
N VAL E 179 32.08 72.14 49.01
CA VAL E 179 31.56 73.17 49.88
C VAL E 179 30.41 73.86 49.17
N TYR E 180 29.23 73.83 49.80
CA TYR E 180 28.01 74.41 49.26
C TYR E 180 27.50 75.54 50.14
N LYS E 181 26.87 76.53 49.50
CA LYS E 181 26.36 77.71 50.16
C LYS E 181 24.87 77.88 49.86
N SER E 182 24.11 78.28 50.87
CA SER E 182 22.70 78.60 50.71
C SER E 182 22.52 80.12 50.67
N ASP E 183 21.29 80.54 50.36
CA ASP E 183 20.99 81.93 50.09
C ASP E 183 20.50 82.66 51.34
N VAL E 184 20.41 83.99 51.22
CA VAL E 184 20.12 84.85 52.35
C VAL E 184 18.67 84.67 52.79
N MET E 185 18.46 84.71 54.11
CA MET E 185 17.14 84.58 54.70
C MET E 185 16.81 85.84 55.49
N THR E 186 15.63 86.39 55.25
CA THR E 186 15.20 87.64 55.87
C THR E 186 13.84 87.43 56.54
N LEU E 187 13.47 88.37 57.38
CA LEU E 187 12.22 88.32 58.12
C LEU E 187 11.11 89.02 57.36
N ASN E 188 9.87 88.71 57.74
CA ASN E 188 8.71 89.32 57.12
C ASN E 188 8.55 90.76 57.59
N GLU E 189 7.48 91.41 57.12
CA GLU E 189 7.27 92.83 57.39
C GLU E 189 6.92 93.10 58.85
N ASP E 190 6.51 92.08 59.61
CA ASP E 190 6.03 92.27 60.97
C ASP E 190 6.79 91.45 62.01
N ALA E 191 7.89 90.80 61.62
CA ALA E 191 8.55 89.88 62.53
C ALA E 191 9.38 90.62 63.58
N ILE E 192 9.73 89.90 64.63
CA ILE E 192 10.58 90.40 65.71
C ILE E 192 11.65 89.36 65.99
N GLY E 193 12.90 89.79 66.08
CA GLY E 193 14.02 88.90 66.35
C GLY E 193 14.85 89.40 67.53
N ALA E 194 15.37 88.46 68.32
CA ALA E 194 16.24 88.77 69.44
C ALA E 194 17.49 87.91 69.36
N GLU E 195 18.62 88.48 69.76
CA GLU E 195 19.89 87.75 69.67
C GLU E 195 20.85 88.34 70.70
N ILE E 196 21.88 87.57 71.04
CA ILE E 196 22.98 88.04 71.86
C ILE E 196 24.15 88.34 70.92
N VAL E 197 24.61 89.58 70.92
CA VAL E 197 25.68 90.03 70.04
C VAL E 197 26.74 90.72 70.90
N THR E 198 27.99 90.67 70.46
CA THR E 198 29.09 91.27 71.20
C THR E 198 29.55 92.55 70.51
N ALA E 199 30.18 93.43 71.30
CA ALA E 199 30.71 94.68 70.76
C ALA E 199 31.92 95.07 71.62
N GLY E 200 33.10 94.77 71.11
CA GLY E 200 34.34 95.06 71.83
C GLY E 200 34.82 93.95 72.75
N GLY E 201 34.25 92.75 72.64
CA GLY E 201 34.66 91.67 73.52
C GLY E 201 33.84 91.51 74.78
N ASP E 202 32.58 91.96 74.78
CA ASP E 202 31.74 91.81 75.95
C ASP E 202 31.30 90.35 76.06
N VAL E 203 32.19 89.50 76.58
CA VAL E 203 31.99 88.05 76.60
C VAL E 203 30.94 87.67 77.63
N ASN E 204 30.34 86.50 77.47
CA ASN E 204 29.27 86.05 78.35
C ASN E 204 29.79 85.68 79.73
N GLU E 205 29.64 86.58 80.69
CA GLU E 205 29.98 86.31 82.07
C GLU E 205 28.95 85.44 82.77
N THR E 206 27.80 85.19 82.15
CA THR E 206 26.61 84.70 82.83
C THR E 206 26.22 83.32 82.30
N ASN E 207 25.05 82.86 82.73
CA ASN E 207 24.61 81.49 82.61
C ASN E 207 23.33 81.37 81.80
N VAL E 208 23.11 82.29 80.87
CA VAL E 208 21.90 82.33 80.05
C VAL E 208 22.20 81.68 78.72
N GLY E 209 21.39 80.67 78.36
CA GLY E 209 21.53 80.05 77.05
C GLY E 209 21.18 81.02 75.95
N PHE E 210 19.92 81.41 75.87
CA PHE E 210 19.45 82.39 74.91
C PHE E 210 18.04 82.83 75.31
N VAL E 211 17.39 83.58 74.43
CA VAL E 211 16.09 84.19 74.70
C VAL E 211 15.12 83.73 73.62
N THR E 212 13.88 83.48 74.02
CA THR E 212 12.84 83.02 73.12
C THR E 212 11.63 83.94 73.15
N ASP E 213 10.82 83.82 72.09
CA ASP E 213 9.61 84.51 71.68
C ASP E 213 9.55 85.97 72.14
N PRO E 214 10.44 86.83 71.64
CA PRO E 214 10.24 88.26 71.85
C PRO E 214 8.98 88.72 71.16
N ASN E 215 8.28 89.65 71.80
CA ASN E 215 6.99 90.10 71.30
C ASN E 215 6.68 91.48 71.85
N THR E 216 6.07 92.31 71.00
CA THR E 216 5.57 93.63 71.36
C THR E 216 6.60 94.43 72.17
N LEU E 217 7.78 94.56 71.59
CA LEU E 217 8.85 95.38 72.20
C LEU E 217 9.72 95.95 71.10
N ALA E 218 9.57 97.24 70.83
CA ALA E 218 10.43 97.98 69.92
C ALA E 218 10.58 97.27 68.58
N SER E 219 9.46 97.17 67.86
CA SER E 219 9.50 96.62 66.51
C SER E 219 10.19 97.56 65.52
N THR E 220 10.46 98.80 65.92
CA THR E 220 11.05 99.82 65.05
C THR E 220 12.51 100.01 65.45
N GLY E 221 13.40 99.34 64.73
CA GLY E 221 14.83 99.57 64.85
C GLY E 221 15.54 98.49 65.66
N THR E 222 16.85 98.64 65.72
CA THR E 222 17.72 97.75 66.49
C THR E 222 17.89 98.33 67.89
N ALA E 223 17.50 97.55 68.89
CA ALA E 223 17.51 98.01 70.28
C ALA E 223 18.60 97.26 71.05
N TYR E 224 19.36 98.02 71.85
CA TYR E 224 20.42 97.49 72.69
C TYR E 224 19.96 97.52 74.14
N TYR E 225 19.83 96.34 74.74
CA TYR E 225 19.33 96.23 76.11
C TYR E 225 20.37 95.57 77.00
N THR E 226 20.55 96.11 78.20
CA THR E 226 21.50 95.57 79.17
C THR E 226 20.74 94.74 80.20
N VAL E 227 21.13 93.48 80.33
CA VAL E 227 20.52 92.57 81.29
C VAL E 227 21.56 92.24 82.36
N ASP E 228 21.22 92.51 83.61
CA ASP E 228 22.10 92.23 84.75
C ASP E 228 21.48 91.10 85.55
N VAL E 229 22.23 90.03 85.77
CA VAL E 229 21.77 88.88 86.51
C VAL E 229 22.70 88.70 87.70
N THR E 230 22.25 89.10 88.88
CA THR E 230 23.08 89.09 90.07
C THR E 230 22.66 87.97 91.01
N ALA E 231 23.64 87.33 91.62
CA ALA E 231 23.42 86.18 92.49
C ALA E 231 23.25 86.58 93.95
N GLY E 232 22.34 87.51 94.21
CA GLY E 232 21.99 87.84 95.58
C GLY E 232 22.55 89.14 96.12
N ALA E 233 21.66 90.09 96.41
CA ALA E 233 22.03 91.36 97.02
C ALA E 233 20.76 92.01 97.55
N ASP E 234 20.76 92.37 98.84
CA ASP E 234 19.56 92.92 99.45
C ASP E 234 19.19 94.26 98.82
N THR E 235 17.88 94.51 98.72
CA THR E 235 17.36 95.71 98.07
C THR E 235 16.26 96.30 98.94
N LEU E 236 16.19 97.62 99.01
CA LEU E 236 15.16 98.30 99.78
C LEU E 236 14.05 98.82 98.87
N SER E 237 12.88 99.05 99.47
CA SER E 237 11.73 99.52 98.72
C SER E 237 11.96 100.95 98.23
N SER E 238 11.49 101.24 97.02
CA SER E 238 11.66 102.56 96.43
C SER E 238 10.68 102.75 95.29
N VAL E 239 10.51 104.02 94.90
CA VAL E 239 9.72 104.39 93.73
C VAL E 239 10.26 105.71 93.21
N ALA E 240 10.24 105.89 91.89
CA ALA E 240 10.82 107.08 91.28
C ALA E 240 10.14 107.34 89.95
N THR E 241 10.38 108.54 89.42
CA THR E 241 9.74 108.96 88.18
C THR E 241 10.40 108.30 86.97
N MET E 242 9.57 107.66 86.14
CA MET E 242 10.03 107.06 84.90
C MET E 242 9.71 107.91 83.68
N SER E 243 8.46 108.30 83.49
CA SER E 243 8.14 109.07 82.29
C SER E 243 6.86 109.87 82.51
N VAL E 244 6.69 110.88 81.66
CA VAL E 244 5.50 111.74 81.67
C VAL E 244 5.00 111.88 80.25
N TYR E 245 3.75 112.31 80.12
CA TYR E 245 3.15 112.54 78.81
C TYR E 245 2.17 113.70 78.89
N ARG E 246 2.28 114.61 77.92
CA ARG E 246 1.40 115.76 77.79
C ARG E 246 0.93 115.85 76.35
N GLN E 247 -0.27 116.42 76.17
CA GLN E 247 -0.81 116.62 74.82
C GLN E 247 -0.47 118.02 74.33
N ALA E 248 -0.96 119.04 75.05
CA ALA E 248 -0.52 120.42 74.87
C ALA E 248 -0.23 120.99 76.24
N GLY E 249 -1.08 120.64 77.20
CA GLY E 249 -0.95 120.84 78.62
C GLY E 249 -0.47 122.22 78.99
N SER E 250 0.32 122.27 80.07
CA SER E 250 0.98 123.49 80.51
C SER E 250 2.17 123.08 81.38
N ASN E 251 2.73 124.05 82.09
CA ASN E 251 3.91 123.79 82.90
C ASN E 251 3.56 122.94 84.11
N PHE E 252 4.31 121.85 84.31
CA PHE E 252 4.19 121.02 85.49
C PHE E 252 5.43 120.15 85.60
N GLY E 253 6.05 120.14 86.78
CA GLY E 253 7.31 119.45 86.98
C GLY E 253 7.17 117.97 87.25
N SER E 254 8.09 117.45 88.05
CA SER E 254 8.14 116.03 88.38
C SER E 254 8.86 115.88 89.71
N VAL E 255 9.27 114.64 90.02
CA VAL E 255 10.07 114.22 91.17
C VAL E 255 9.16 113.72 92.28
N ALA E 256 9.29 112.45 92.62
CA ALA E 256 8.46 111.82 93.63
C ALA E 256 9.25 111.58 94.91
N THR E 257 8.54 111.59 96.04
CA THR E 257 9.14 111.39 97.35
C THR E 257 8.26 110.47 98.18
N TRP E 258 8.91 109.72 99.07
CA TRP E 258 8.31 108.74 99.95
C TRP E 258 7.92 109.35 101.29
N THR E 259 7.23 108.53 102.10
CA THR E 259 7.15 108.70 103.53
C THR E 259 7.52 107.36 104.15
N THR E 260 8.74 107.25 104.66
CA THR E 260 9.27 105.96 105.09
C THR E 260 8.39 105.32 106.16
N GLY E 261 8.10 104.04 105.98
CA GLY E 261 7.24 103.28 106.85
C GLY E 261 6.19 102.47 106.13
N GLY E 262 5.85 102.82 104.89
CA GLY E 262 4.88 102.08 104.12
C GLY E 262 5.43 100.77 103.59
N THR E 263 4.52 99.97 103.03
CA THR E 263 4.87 98.66 102.49
C THR E 263 4.43 98.54 101.06
N VAL E 264 5.08 97.63 100.33
CA VAL E 264 4.83 97.37 98.92
C VAL E 264 4.52 95.89 98.76
N ALA E 265 3.65 95.57 97.81
CA ALA E 265 3.28 94.17 97.57
C ALA E 265 4.31 93.45 96.70
N ASP E 266 4.48 93.90 95.46
CA ASP E 266 5.43 93.30 94.53
C ASP E 266 5.86 94.34 93.51
N SER E 267 6.95 94.05 92.81
CA SER E 267 7.47 94.96 91.81
C SER E 267 6.53 95.05 90.61
N GLY E 268 6.51 96.21 89.97
CA GLY E 268 5.65 96.39 88.82
C GLY E 268 5.77 97.78 88.26
N TYR E 269 4.83 98.15 87.40
CA TYR E 269 4.79 99.48 86.81
C TYR E 269 3.41 100.09 86.98
N LEU E 270 3.39 101.41 87.16
CA LEU E 270 2.19 102.14 87.53
C LEU E 270 1.93 103.26 86.55
N LEU E 271 0.66 103.44 86.19
CA LEU E 271 0.23 104.48 85.27
C LEU E 271 -0.86 105.30 85.95
N ILE E 272 -0.67 106.62 85.95
CA ILE E 272 -1.53 107.56 86.66
C ILE E 272 -2.18 108.47 85.64
N GLU E 273 -3.51 108.57 85.71
CA GLU E 273 -4.35 109.19 84.68
C GLU E 273 -5.13 110.33 85.30
N ALA E 274 -5.12 111.50 84.66
CA ALA E 274 -5.97 112.59 85.11
C ALA E 274 -7.26 112.61 84.30
N GLN E 275 -8.28 113.28 84.85
CA GLN E 275 -9.58 113.25 84.19
C GLN E 275 -10.24 114.62 84.06
N GLU E 276 -9.81 115.61 84.84
CA GLU E 276 -10.43 116.92 84.76
C GLU E 276 -9.35 117.99 84.67
N ASN E 277 -9.75 119.15 84.16
CA ASN E 277 -8.81 120.25 83.93
C ASN E 277 -8.82 121.20 85.12
N PHE E 278 -7.64 121.72 85.46
CA PHE E 278 -7.58 122.67 86.55
C PHE E 278 -6.33 123.54 86.46
N THR E 279 -6.53 124.84 86.73
CA THR E 279 -5.46 125.84 86.76
C THR E 279 -5.65 126.81 87.94
N VAL E 280 -6.35 126.37 88.98
CA VAL E 280 -6.75 127.28 90.07
C VAL E 280 -5.80 127.06 91.24
N SER E 281 -4.58 126.61 90.94
CA SER E 281 -3.59 126.32 91.97
C SER E 281 -2.95 127.62 92.43
N ALA E 282 -3.33 128.07 93.62
CA ALA E 282 -2.70 129.21 94.29
C ALA E 282 -2.41 128.96 95.76
N GLY E 283 -2.82 127.82 96.31
CA GLY E 283 -2.66 127.46 97.70
C GLY E 283 -3.99 127.41 98.42
N THR E 284 -4.55 126.20 98.50
CA THR E 284 -5.86 125.94 99.11
C THR E 284 -6.07 124.42 99.12
N THR E 285 -6.71 123.92 100.17
CA THR E 285 -7.09 122.52 100.18
C THR E 285 -8.06 122.23 99.03
N ALA E 286 -7.91 121.06 98.40
CA ALA E 286 -8.68 120.74 97.22
C ALA E 286 -8.75 119.23 97.06
N ASN E 287 -9.67 118.79 96.20
CA ASN E 287 -9.83 117.38 95.88
C ASN E 287 -10.13 117.22 94.41
N TYR E 288 -9.56 116.16 93.82
CA TYR E 288 -9.77 115.82 92.43
C TYR E 288 -9.65 114.31 92.31
N THR E 289 -10.18 113.76 91.22
CA THR E 289 -10.21 112.32 90.98
C THR E 289 -9.22 111.93 89.88
N PHE E 290 -8.74 110.70 89.96
CA PHE E 290 -7.74 110.18 89.02
C PHE E 290 -8.01 108.71 88.79
N LYS E 291 -7.50 108.21 87.66
CA LYS E 291 -7.54 106.79 87.34
C LYS E 291 -6.15 106.18 87.54
N ALA E 292 -6.12 104.90 87.92
CA ALA E 292 -4.85 104.23 88.15
C ALA E 292 -4.85 102.88 87.47
N THR E 293 -3.71 102.53 86.87
CA THR E 293 -3.55 101.23 86.22
C THR E 293 -2.23 100.62 86.67
N PHE E 294 -2.28 99.37 87.11
CA PHE E 294 -1.12 98.67 87.64
C PHE E 294 -0.81 97.45 86.77
N VAL E 295 0.45 97.29 86.40
CA VAL E 295 0.92 96.19 85.59
C VAL E 295 1.93 95.40 86.41
N ASP E 296 1.64 94.13 86.64
CA ASP E 296 2.52 93.24 87.38
C ASP E 296 3.71 92.84 86.52
N ALA E 297 4.87 92.67 87.15
CA ALA E 297 6.10 92.37 86.42
C ALA E 297 6.27 90.89 86.11
N LYS E 298 5.55 90.01 86.80
CA LYS E 298 5.74 88.57 86.66
C LYS E 298 4.67 87.88 85.83
N THR E 299 3.43 88.35 85.85
CA THR E 299 2.33 87.67 85.18
C THR E 299 1.77 88.43 84.00
N GLY E 300 1.97 89.74 83.92
CA GLY E 300 1.38 90.54 82.87
C GLY E 300 -0.05 90.96 83.11
N GLU E 301 -0.59 90.69 84.30
CA GLU E 301 -1.96 91.10 84.61
C GLU E 301 -2.07 92.61 84.70
N LYS E 302 -3.26 93.12 84.41
CA LYS E 302 -3.55 94.54 84.45
C LYS E 302 -4.71 94.79 85.41
N SER E 303 -4.53 95.75 86.32
CA SER E 303 -5.58 96.13 87.26
C SER E 303 -5.88 97.62 87.10
N THR E 304 -7.15 97.98 87.23
CA THR E 304 -7.61 99.35 87.03
C THR E 304 -8.47 99.78 88.21
N TYR E 305 -8.08 100.89 88.85
CA TYR E 305 -8.76 101.41 90.03
C TYR E 305 -8.96 102.92 89.94
N GLU E 306 -9.67 103.46 90.93
CA GLU E 306 -9.92 104.89 91.07
C GLU E 306 -9.16 105.41 92.26
N ILE E 307 -8.77 106.69 92.22
CA ILE E 307 -8.03 107.31 93.31
C ILE E 307 -8.38 108.80 93.34
N GLU E 308 -7.95 109.48 94.40
CA GLU E 308 -8.18 110.91 94.52
C GLU E 308 -7.01 111.58 95.21
N GLY E 309 -6.86 112.88 94.95
CA GLY E 309 -5.80 113.68 95.55
C GLY E 309 -6.04 115.14 95.29
N GLY E 310 -5.30 115.98 96.01
CA GLY E 310 -5.50 117.42 95.89
C GLY E 310 -4.25 118.20 96.23
N ASP E 311 -4.08 119.33 95.55
CA ASP E 311 -3.00 120.25 95.86
C ASP E 311 -3.29 120.97 97.18
N ASP E 312 -2.23 121.34 97.89
CA ASP E 312 -2.38 121.90 99.23
C ASP E 312 -1.97 123.37 99.32
N GLY E 313 -0.71 123.70 99.07
CA GLY E 313 -0.34 125.10 99.07
C GLY E 313 0.50 125.57 97.90
N ALA E 314 1.26 124.66 97.29
CA ALA E 314 2.04 124.97 96.09
C ALA E 314 2.57 123.70 95.46
N GLY E 315 2.16 123.44 94.21
CA GLY E 315 2.71 122.37 93.41
C GLY E 315 3.02 121.05 94.07
N ASN E 316 2.20 120.64 95.03
CA ASN E 316 2.37 119.36 95.70
C ASN E 316 1.15 118.50 95.42
N LEU E 317 1.37 117.31 94.86
CA LEU E 317 0.30 116.36 94.56
C LEU E 317 0.56 115.09 95.34
N VAL E 318 -0.21 114.86 96.39
CA VAL E 318 -0.01 113.71 97.27
C VAL E 318 -1.09 112.68 96.98
N PHE E 319 -0.67 111.46 96.67
CA PHE E 319 -1.60 110.35 96.46
C PHE E 319 -1.60 109.41 97.66
N ASP E 320 -2.59 108.53 97.69
CA ASP E 320 -2.75 107.55 98.77
C ASP E 320 -2.80 106.17 98.15
N LEU E 321 -1.92 105.28 98.60
CA LEU E 321 -1.89 103.92 98.08
C LEU E 321 -2.67 102.93 98.93
N ALA E 322 -3.26 103.38 100.04
CA ALA E 322 -4.05 102.47 100.87
C ALA E 322 -5.33 102.05 100.16
N ASP E 323 -5.81 102.86 99.22
CA ASP E 323 -7.03 102.55 98.48
C ASP E 323 -6.83 101.39 97.51
N MET E 324 -5.58 100.97 97.26
CA MET E 324 -5.32 99.93 96.28
C MET E 324 -5.79 98.59 96.83
N THR E 325 -7.03 98.23 96.57
CA THR E 325 -7.62 97.04 97.17
C THR E 325 -7.10 95.77 96.49
N GLY E 326 -7.13 94.68 97.25
CA GLY E 326 -6.71 93.38 96.74
C GLY E 326 -5.21 93.24 96.62
N ALA E 327 -4.58 94.10 95.82
CA ALA E 327 -3.14 94.04 95.67
C ALA E 327 -2.41 94.37 96.97
N GLY E 328 -2.86 95.41 97.67
CA GLY E 328 -2.29 95.74 98.97
C GLY E 328 -1.13 96.70 98.89
N PHE E 329 -1.29 97.88 99.50
CA PHE E 329 -0.26 98.91 99.53
C PHE E 329 -0.48 99.77 100.77
N SER E 330 0.44 100.69 101.01
CA SER E 330 0.36 101.61 102.14
C SER E 330 1.32 102.76 101.89
N GLY E 331 1.51 103.59 102.91
CA GLY E 331 2.42 104.71 102.80
C GLY E 331 1.84 105.87 102.00
N GLU E 332 2.72 106.83 101.73
CA GLU E 332 2.36 108.02 100.98
C GLU E 332 3.36 108.26 99.86
N VAL E 333 2.87 108.87 98.78
CA VAL E 333 3.71 109.27 97.66
C VAL E 333 3.37 110.72 97.32
N SER E 334 4.41 111.54 97.12
CA SER E 334 4.19 112.95 96.83
C SER E 334 4.96 113.34 95.57
N ILE E 335 4.27 114.03 94.66
CA ILE E 335 4.90 114.59 93.48
C ILE E 335 5.11 116.08 93.71
N ALA E 336 6.37 116.54 93.56
CA ALA E 336 6.71 117.94 93.78
C ALA E 336 6.64 118.67 92.44
N ILE E 337 5.44 119.14 92.11
CA ILE E 337 5.20 119.72 90.78
C ILE E 337 5.76 121.14 90.70
N GLY E 338 5.38 121.99 91.65
CA GLY E 338 5.78 123.38 91.63
C GLY E 338 4.63 124.32 91.26
N THR E 339 4.81 125.59 91.58
CA THR E 339 3.81 126.60 91.34
C THR E 339 3.57 126.76 89.84
N ASP E 340 2.37 127.23 89.49
CA ASP E 340 1.89 127.26 88.10
C ASP E 340 1.78 125.85 87.54
N ALA E 341 0.95 125.03 88.17
CA ALA E 341 0.70 123.66 87.74
C ALA E 341 -0.68 123.61 87.11
N ASN E 342 -0.73 123.94 85.82
CA ASN E 342 -1.97 123.85 85.04
C ASN E 342 -2.03 122.49 84.36
N MET E 343 -3.06 121.72 84.70
CA MET E 343 -3.17 120.35 84.22
C MET E 343 -4.43 120.19 83.38
N GLN E 344 -4.25 119.70 82.16
CA GLN E 344 -5.35 119.38 81.26
C GLN E 344 -5.77 117.93 81.49
N SER E 345 -6.63 117.41 80.63
CA SER E 345 -7.09 116.04 80.71
C SER E 345 -6.29 115.20 79.72
N GLY E 346 -5.73 114.09 80.18
CA GLY E 346 -4.94 113.20 79.35
C GLY E 346 -3.47 113.15 79.70
N ASP E 347 -2.97 114.01 80.58
CA ASP E 347 -1.57 113.98 80.96
C ASP E 347 -1.30 112.73 81.78
N LYS E 348 -0.33 111.94 81.35
CA LYS E 348 -0.10 110.61 81.92
C LYS E 348 1.21 110.57 82.70
N ILE E 349 1.23 109.77 83.76
CA ILE E 349 2.43 109.58 84.58
C ILE E 349 2.76 108.10 84.60
N LEU E 350 4.05 107.77 84.42
CA LEU E 350 4.49 106.38 84.46
C LEU E 350 5.61 106.24 85.49
N LEU E 351 5.42 105.34 86.44
CA LEU E 351 6.38 105.09 87.52
C LEU E 351 6.70 103.60 87.58
N SER E 352 7.80 103.28 88.25
CA SER E 352 8.22 101.90 88.47
C SER E 352 8.31 101.64 89.96
N THR E 353 7.90 100.44 90.39
CA THR E 353 7.91 100.05 91.79
C THR E 353 8.74 98.79 91.96
N THR E 354 9.60 98.79 92.97
CA THR E 354 10.48 97.67 93.26
C THR E 354 10.15 97.10 94.63
N GLU E 355 10.05 95.78 94.71
CA GLU E 355 9.67 95.10 95.95
C GLU E 355 10.91 94.70 96.73
N ALA E 356 10.88 94.94 98.04
CA ALA E 356 11.98 94.54 98.91
C ALA E 356 11.97 93.03 99.12
N VAL E 357 13.06 92.37 98.75
CA VAL E 357 13.25 90.94 98.95
C VAL E 357 14.66 90.73 99.51
N ASP E 358 14.77 89.78 100.43
CA ASP E 358 16.05 89.55 101.10
C ASP E 358 17.12 89.15 100.10
N THR E 359 16.78 88.27 99.15
CA THR E 359 17.65 87.88 98.04
C THR E 359 19.01 87.36 98.49
N SER E 360 19.05 86.48 99.50
CA SER E 360 20.31 85.88 99.91
C SER E 360 19.98 84.55 100.59
N ALA E 361 20.06 83.46 99.83
CA ALA E 361 19.76 82.13 100.32
C ALA E 361 20.98 81.22 100.11
N THR E 362 20.80 79.94 100.40
CA THR E 362 21.86 78.97 100.16
C THR E 362 22.25 78.95 98.69
N SER E 363 21.27 78.78 97.82
CA SER E 363 21.42 78.86 96.37
C SER E 363 20.05 78.69 95.74
N GLY E 364 19.96 79.02 94.45
CA GLY E 364 18.73 78.77 93.72
C GLY E 364 18.28 79.88 92.80
N GLY E 365 18.77 81.09 93.00
CA GLY E 365 18.36 82.20 92.16
C GLY E 365 18.91 83.52 92.65
N GLY E 366 18.44 84.59 92.03
CA GLY E 366 18.88 85.93 92.36
C GLY E 366 17.99 87.02 91.81
N THR E 367 18.60 88.10 91.32
CA THR E 367 17.87 89.25 90.83
C THR E 367 18.19 89.52 89.36
N ILE E 368 17.17 89.97 88.63
CA ILE E 368 17.26 90.26 87.21
C ILE E 368 16.89 91.72 87.01
N ALA E 369 17.68 92.43 86.21
CA ALA E 369 17.40 93.83 85.89
C ALA E 369 17.59 94.06 84.40
N ILE E 370 16.73 94.89 83.82
CA ILE E 370 16.79 95.26 82.41
C ILE E 370 16.87 96.77 82.32
N SER E 371 17.85 97.27 81.56
CA SER E 371 18.03 98.70 81.39
C SER E 371 18.36 99.01 79.93
N GLY E 372 18.25 100.29 79.58
CA GLY E 372 18.60 100.74 78.25
C GLY E 372 17.42 101.15 77.40
N GLY E 373 17.56 101.03 76.08
CA GLY E 373 16.50 101.37 75.16
C GLY E 373 16.66 102.76 74.59
N PRO E 374 15.93 103.04 73.50
CA PRO E 374 16.01 104.38 72.89
C PRO E 374 15.55 105.49 73.82
N ALA E 375 14.66 105.20 74.75
CA ALA E 375 14.16 106.21 75.69
C ALA E 375 15.12 106.49 76.83
N GLY E 376 16.12 105.63 77.05
CA GLY E 376 17.07 105.84 78.11
C GLY E 376 16.48 105.74 79.49
N THR E 377 15.65 104.73 79.73
CA THR E 377 14.98 104.57 81.01
C THR E 377 15.70 103.53 81.87
N THR E 378 15.35 103.51 83.15
CA THR E 378 15.89 102.55 84.11
C THR E 378 14.76 101.70 84.65
N GLY E 379 14.73 100.43 84.22
CA GLY E 379 13.64 99.54 84.58
C GLY E 379 13.70 99.08 86.03
N ALA E 380 12.73 98.24 86.39
CA ALA E 380 12.63 97.69 87.73
C ALA E 380 13.47 96.42 87.85
N ILE E 381 13.62 95.96 89.09
CA ILE E 381 14.44 94.79 89.41
C ILE E 381 13.52 93.71 89.95
N ILE E 382 13.66 92.49 89.43
CA ILE E 382 12.80 91.37 89.83
C ILE E 382 13.67 90.38 90.60
N SER E 383 13.02 89.65 91.52
CA SER E 383 13.71 88.80 92.47
C SER E 383 13.13 87.40 92.48
N TYR E 384 14.00 86.40 92.61
CA TYR E 384 13.62 85.00 92.63
C TYR E 384 14.18 84.34 93.88
N GLY E 385 13.66 83.15 94.19
CA GLY E 385 13.99 82.45 95.41
C GLY E 385 14.86 81.23 95.20
N ASN E 386 14.45 80.12 95.84
CA ASN E 386 15.21 78.89 95.81
C ASN E 386 14.78 77.98 94.65
N ASN E 387 15.75 77.59 93.83
CA ASN E 387 15.59 76.58 92.80
C ASN E 387 14.43 76.87 91.84
N GLU E 388 14.30 78.12 91.42
CA GLU E 388 13.44 78.43 90.28
C GLU E 388 14.25 78.69 89.02
N LEU E 389 15.57 78.50 89.06
CA LEU E 389 16.44 78.91 87.97
C LEU E 389 17.14 77.74 87.30
N THR E 390 17.81 76.89 88.06
CA THR E 390 18.62 75.81 87.52
C THR E 390 18.29 74.51 88.26
N LYS E 391 18.22 73.42 87.51
CA LYS E 391 17.99 72.10 88.08
C LYS E 391 19.29 71.32 88.13
N VAL E 392 19.19 70.05 88.50
CA VAL E 392 20.35 69.18 88.70
C VAL E 392 20.38 68.16 87.58
N ASP E 393 21.57 67.64 87.28
CA ASP E 393 21.74 66.70 86.19
C ASP E 393 21.22 65.32 86.57
N ASN E 394 21.05 64.49 85.55
CA ASN E 394 20.55 63.11 85.68
C ASN E 394 21.42 62.17 84.85
N GLY E 395 22.73 62.34 84.96
CA GLY E 395 23.68 61.60 84.15
C GLY E 395 24.16 62.36 82.94
N ASP E 396 23.26 62.64 81.99
CA ASP E 396 23.60 63.45 80.82
C ASP E 396 22.62 64.59 80.59
N THR E 397 21.32 64.36 80.83
CA THR E 397 20.23 65.31 80.62
C THR E 397 20.03 65.64 79.14
N THR E 398 20.91 65.11 78.29
CA THR E 398 20.98 65.52 76.88
C THR E 398 20.91 67.04 76.76
N ILE E 399 21.57 67.70 77.72
CA ILE E 399 21.51 69.14 77.93
C ILE E 399 20.11 69.55 78.37
N ASP E 400 20.01 70.28 79.47
CA ASP E 400 18.74 70.74 80.01
C ASP E 400 18.63 72.25 79.84
N TYR E 401 17.42 72.76 80.09
CA TYR E 401 17.16 74.19 80.05
C TYR E 401 15.97 74.48 80.95
N ASN E 402 15.95 75.68 81.53
CA ASN E 402 14.84 76.11 82.35
C ASN E 402 14.35 77.46 81.84
N SER E 403 13.04 77.70 81.94
CA SER E 403 12.43 78.86 81.29
C SER E 403 11.97 79.88 82.33
N VAL E 404 12.14 81.16 82.00
CA VAL E 404 11.67 82.26 82.83
C VAL E 404 11.01 83.30 81.92
N THR E 405 9.78 83.68 82.24
CA THR E 405 9.05 84.67 81.47
C THR E 405 9.12 86.02 82.17
N VAL E 406 9.45 87.07 81.42
CA VAL E 406 9.62 88.40 81.97
C VAL E 406 8.89 89.41 81.09
N TYR E 407 8.02 90.21 81.71
CA TYR E 407 7.34 91.29 81.01
C TYR E 407 7.89 92.64 81.45
N HIS E 408 7.88 93.59 80.51
CA HIS E 408 8.30 94.96 80.78
C HIS E 408 7.34 95.92 80.08
N ALA E 409 7.04 97.03 80.75
CA ALA E 409 6.12 98.03 80.22
C ALA E 409 6.87 99.28 79.80
N ALA E 410 6.36 99.93 78.76
CA ALA E 410 6.97 101.14 78.23
C ALA E 410 5.89 102.10 77.78
N LEU E 411 6.17 103.40 77.92
CA LEU E 411 5.26 104.47 77.52
C LEU E 411 6.00 105.43 76.60
N ASN E 412 5.37 105.77 75.48
CA ASN E 412 5.92 106.70 74.51
C ASN E 412 5.28 108.07 74.71
N VAL E 413 6.04 109.11 74.39
CA VAL E 413 5.67 110.48 74.75
C VAL E 413 4.93 111.17 73.61
N GLU E 414 4.62 110.44 72.54
CA GLU E 414 3.96 111.01 71.39
C GLU E 414 2.49 110.60 71.30
N THR E 415 2.16 109.36 71.65
CA THR E 415 0.79 108.88 71.58
C THR E 415 0.18 108.58 72.94
N GLY E 416 0.98 108.11 73.89
CA GLY E 416 0.44 107.73 75.18
C GLY E 416 0.06 106.27 75.30
N ASN E 417 0.36 105.47 74.29
CA ASN E 417 0.13 104.04 74.36
C ASN E 417 1.07 103.40 75.36
N LEU E 418 0.60 102.31 75.98
CA LEU E 418 1.39 101.56 76.94
C LEU E 418 1.66 100.17 76.37
N ASP E 419 2.92 99.92 76.00
CA ASP E 419 3.32 98.68 75.36
C ASP E 419 3.97 97.78 76.39
N VAL E 420 3.37 96.61 76.62
CA VAL E 420 3.87 95.63 77.58
C VAL E 420 4.34 94.43 76.76
N GLY E 421 5.65 94.18 76.78
CA GLY E 421 6.23 93.09 76.03
C GLY E 421 6.79 92.00 76.93
N ASN E 422 7.04 90.84 76.31
CA ASN E 422 7.49 89.67 77.05
C ASN E 422 8.72 89.06 76.39
N LEU E 423 9.57 88.47 77.22
CA LEU E 423 10.72 87.70 76.79
C LEU E 423 10.74 86.39 77.57
N THR E 424 11.38 85.37 77.01
CA THR E 424 11.52 84.10 77.73
C THR E 424 13.01 83.75 77.80
N PHE E 425 13.64 84.06 78.93
CA PHE E 425 15.03 83.68 79.14
C PHE E 425 15.13 82.19 79.37
N ASN E 426 16.16 81.57 78.80
CA ASN E 426 16.42 80.14 78.97
C ASN E 426 17.75 80.00 79.69
N PHE E 427 17.74 79.31 80.82
CA PHE E 427 18.92 79.15 81.65
C PHE E 427 19.44 77.73 81.57
N ARG E 428 20.73 77.58 81.88
CA ARG E 428 21.55 76.46 81.43
C ARG E 428 21.23 75.20 82.22
N GLU E 429 21.96 74.12 81.95
CA GLU E 429 21.58 72.76 82.33
C GLU E 429 21.54 72.54 83.83
N ASP E 430 22.71 72.54 84.47
CA ASP E 430 22.84 71.96 85.80
C ASP E 430 23.88 72.71 86.60
N THR E 431 23.52 73.12 87.80
CA THR E 431 24.42 73.69 88.79
C THR E 431 24.16 73.03 90.13
N GLY E 432 24.94 73.39 91.14
CA GLY E 432 24.62 72.95 92.48
C GLY E 432 25.75 72.50 93.38
N THR E 433 25.55 72.68 94.68
CA THR E 433 26.38 72.07 95.71
C THR E 433 25.88 70.63 95.88
N ASP E 434 26.35 69.92 96.91
CA ASP E 434 26.03 68.50 97.06
C ASP E 434 24.55 68.34 97.40
N THR E 435 23.73 68.38 96.35
CA THR E 435 22.32 67.97 96.38
C THR E 435 21.48 68.77 97.37
N ALA E 436 21.81 70.05 97.59
CA ALA E 436 21.02 70.80 98.55
C ALA E 436 20.00 71.73 97.88
N TYR E 437 20.47 72.73 97.13
CA TYR E 437 19.53 73.67 96.50
C TYR E 437 19.88 74.07 95.07
N GLY E 438 21.14 74.00 94.63
CA GLY E 438 21.49 74.48 93.31
C GLY E 438 22.66 75.44 93.29
N SER E 439 22.76 76.25 92.24
CA SER E 439 23.80 77.26 92.09
C SER E 439 23.47 78.09 90.84
N THR E 440 24.19 79.20 90.69
CA THR E 440 24.01 80.10 89.55
C THR E 440 25.23 80.99 89.45
N THR E 441 25.48 81.50 88.25
CA THR E 441 26.54 82.47 88.00
C THR E 441 25.94 83.80 87.56
N GLY E 442 26.50 84.88 88.08
CA GLY E 442 26.01 86.23 87.82
C GLY E 442 26.78 86.92 86.70
N GLY E 443 26.56 88.23 86.59
CA GLY E 443 27.21 89.07 85.61
C GLY E 443 26.24 89.98 84.90
N SER E 444 26.68 90.49 83.75
CA SER E 444 25.87 91.37 82.92
C SER E 444 26.17 91.10 81.45
N PHE E 445 25.17 91.34 80.59
CA PHE E 445 25.35 91.12 79.17
C PHE E 445 24.39 92.01 78.39
N ASP E 446 24.49 91.91 77.06
CA ASP E 446 23.79 92.78 76.13
C ASP E 446 22.91 91.95 75.20
N LEU E 447 21.77 92.50 74.83
CA LEU E 447 20.82 91.89 73.90
C LEU E 447 20.55 92.85 72.75
N LEU E 448 20.48 92.30 71.54
CA LEU E 448 20.17 93.04 70.33
C LEU E 448 18.80 92.61 69.83
N VAL E 449 17.90 93.56 69.69
CA VAL E 449 16.54 93.32 69.18
C VAL E 449 16.47 93.90 67.77
N ALA E 450 16.27 93.03 66.79
CA ALA E 450 16.20 93.40 65.39
C ALA E 450 14.76 93.30 64.91
N GLY E 451 14.28 94.35 64.26
CA GLY E 451 12.90 94.42 63.84
C GLY E 451 12.63 93.64 62.57
N GLY E 452 11.50 93.96 61.94
CA GLY E 452 11.10 93.32 60.70
C GLY E 452 11.75 93.97 59.49
N GLY E 453 11.60 93.29 58.35
CA GLY E 453 12.15 93.78 57.10
C GLY E 453 13.66 93.83 57.09
N GLU E 454 16.31 92.12 57.31
CA GLU E 454 17.33 91.91 58.34
C GLU E 454 17.66 90.43 58.48
N ALA E 455 18.89 90.13 58.88
CA ALA E 455 19.30 88.75 59.08
C ALA E 455 18.57 88.14 60.26
N ALA E 456 18.11 86.90 60.08
CA ALA E 456 17.38 86.22 61.13
C ALA E 456 18.31 85.77 62.24
N THR E 457 17.74 85.54 63.42
CA THR E 457 18.50 85.03 64.55
C THR E 457 18.40 83.51 64.58
N SER E 458 19.15 82.89 65.49
CA SER E 458 19.15 81.43 65.60
C SER E 458 17.89 80.87 66.22
N THR E 459 17.01 81.73 66.75
CA THR E 459 15.78 81.28 67.40
C THR E 459 14.54 81.62 66.58
N THR E 460 14.69 82.00 65.32
CA THR E 460 13.54 82.40 64.52
C THR E 460 12.80 81.18 63.98
N LYS E 461 11.48 81.21 64.12
CA LYS E 461 10.65 80.14 63.58
C LYS E 461 10.61 80.20 62.05
N LEU E 462 10.59 79.03 61.42
CA LEU E 462 10.65 78.94 59.97
C LEU E 462 9.37 79.42 59.29
N LYS E 463 8.29 79.64 60.03
CA LYS E 463 7.04 80.11 59.45
C LYS E 463 7.03 81.61 59.17
N ASP E 464 8.17 82.30 59.33
CA ASP E 464 8.23 83.74 59.17
C ASP E 464 9.21 84.21 58.11
N ILE E 465 10.07 83.32 57.60
CA ILE E 465 11.05 83.72 56.61
C ILE E 465 10.37 84.07 55.30
N SER E 466 10.74 85.23 54.73
CA SER E 466 10.03 85.76 53.57
C SER E 466 10.17 84.88 52.34
N ARG E 467 11.24 84.08 52.27
CA ARG E 467 11.44 83.23 51.10
C ARG E 467 10.50 82.05 51.04
N PHE E 468 9.73 81.77 52.10
CA PHE E 468 8.90 80.59 52.17
C PHE E 468 7.42 80.87 51.91
N THR E 469 7.10 81.95 51.22
CA THR E 469 5.75 82.26 50.78
C THR E 469 5.74 82.45 49.27
N THR E 470 4.70 81.92 48.61
CA THR E 470 4.62 81.97 47.17
C THR E 470 4.07 83.31 46.71
N ASP E 471 3.77 83.40 45.40
CA ASP E 471 3.31 84.66 44.83
C ASP E 471 1.90 85.02 45.31
N ASP E 472 1.03 84.04 45.45
CA ASP E 472 -0.35 84.28 45.86
C ASP E 472 -0.46 84.62 47.34
N GLY E 473 0.61 84.43 48.10
CA GLY E 473 0.60 84.73 49.52
C GLY E 473 0.34 83.55 50.43
N VAL E 474 0.32 82.34 49.89
CA VAL E 474 0.11 81.13 50.68
C VAL E 474 1.47 80.53 51.01
N ASN E 475 1.69 80.21 52.27
CA ASN E 475 2.96 79.64 52.69
C ASN E 475 2.97 78.13 52.49
N ILE E 476 4.18 77.58 52.39
CA ILE E 476 4.34 76.16 52.09
C ILE E 476 3.84 75.30 53.24
N PHE E 477 4.02 75.78 54.47
CA PHE E 477 3.79 74.97 55.66
C PHE E 477 2.32 74.92 56.08
N ALA E 478 1.43 75.63 55.38
CA ALA E 478 0.02 75.60 55.75
C ALA E 478 -0.57 74.20 55.59
N ALA E 479 -0.21 73.51 54.51
CA ALA E 479 -0.72 72.17 54.27
C ALA E 479 -0.25 71.18 55.33
N GLY E 480 1.00 71.29 55.77
CA GLY E 480 1.54 70.40 56.76
C GLY E 480 3.04 70.25 56.63
N PRO E 481 3.58 69.19 57.20
CA PRO E 481 5.03 68.96 57.09
C PRO E 481 5.45 68.66 55.66
N GLN E 482 6.66 69.08 55.34
CA GLN E 482 7.30 68.79 54.06
C GLN E 482 8.45 67.80 54.28
N GLU E 483 8.96 67.27 53.18
CA GLU E 483 10.00 66.25 53.23
C GLU E 483 11.17 66.66 52.36
N LEU E 484 12.37 66.21 52.75
CA LEU E 484 13.59 66.48 52.00
C LEU E 484 14.39 65.19 51.88
N THR E 485 14.87 64.90 50.67
CA THR E 485 15.62 63.68 50.40
C THR E 485 17.04 64.05 50.02
N ILE E 486 18.00 63.37 50.64
CA ILE E 486 19.43 63.61 50.41
C ILE E 486 20.03 62.33 49.85
N PHE E 487 20.74 62.45 48.73
CA PHE E 487 21.44 61.34 48.10
C PHE E 487 22.93 61.58 48.19
N GLY E 488 23.65 60.57 48.70
CA GLY E 488 25.09 60.64 48.83
C GLY E 488 25.73 59.29 49.11
N ASN E 489 26.94 59.08 48.57
CA ASN E 489 27.70 57.85 48.78
C ASN E 489 26.88 56.62 48.37
N GLY E 490 26.07 56.77 47.32
CA GLY E 490 25.21 55.70 46.89
C GLY E 490 24.16 55.29 47.91
N SER E 491 23.62 56.25 48.65
CA SER E 491 22.60 55.97 49.64
C SER E 491 21.67 57.17 49.74
N SER E 492 20.51 56.96 50.38
CA SER E 492 19.47 57.98 50.45
C SER E 492 19.00 58.13 51.89
N ALA E 493 18.57 59.35 52.22
CA ALA E 493 18.03 59.65 53.54
C ALA E 493 16.92 60.66 53.38
N THR E 494 16.03 60.70 54.38
CA THR E 494 14.85 61.56 54.32
C THR E 494 14.64 62.23 55.66
N ILE E 495 14.28 63.52 55.62
CA ILE E 495 13.98 64.28 56.82
C ILE E 495 12.64 65.00 56.63
N TYR E 496 12.03 65.33 57.77
CA TYR E 496 10.77 66.07 57.79
C TYR E 496 11.05 67.51 58.23
N LEU E 497 10.18 68.42 57.82
CA LEU E 497 10.19 69.80 58.28
C LEU E 497 8.76 70.21 58.59
N GLU E 498 8.59 71.03 59.62
CA GLU E 498 7.28 71.52 60.02
C GLU E 498 7.38 72.99 60.36
N GLY E 499 6.23 73.66 60.34
CA GLY E 499 6.17 75.11 60.40
C GLY E 499 6.56 75.75 61.71
N ASP E 500 6.82 74.98 62.75
CA ASP E 500 7.12 75.58 64.05
C ASP E 500 8.55 75.34 64.54
N ASP E 501 9.31 74.46 63.87
CA ASP E 501 10.68 74.24 64.29
C ASP E 501 11.55 75.44 63.92
N THR E 502 12.65 75.60 64.65
CA THR E 502 13.54 76.73 64.52
C THR E 502 14.72 76.37 63.62
N VAL E 503 15.53 77.39 63.31
CA VAL E 503 16.64 77.23 62.39
C VAL E 503 17.70 76.31 62.97
N SER E 504 18.03 76.48 64.26
CA SER E 504 19.06 75.66 64.87
C SER E 504 18.66 74.20 64.91
N GLU E 505 17.37 73.92 65.11
CA GLU E 505 16.92 72.53 65.09
C GLU E 505 16.97 71.96 63.68
N PHE E 506 16.74 72.80 62.66
CA PHE E 506 16.97 72.38 61.28
C PHE E 506 18.42 72.01 61.07
N GLU E 507 19.34 72.81 61.61
CA GLU E 507 20.77 72.49 61.52
C GLU E 507 21.08 71.15 62.20
N THR E 508 20.52 70.93 63.39
CA THR E 508 20.76 69.70 64.11
C THR E 508 20.22 68.49 63.33
N LYS E 509 19.02 68.61 62.78
CA LYS E 509 18.45 67.51 62.00
C LYS E 509 19.27 67.22 60.76
N LEU E 510 19.76 68.26 60.09
CA LEU E 510 20.60 68.04 58.92
C LEU E 510 21.92 67.38 59.32
N SER E 511 22.49 67.78 60.45
CA SER E 511 23.71 67.14 60.94
C SER E 511 23.48 65.65 61.21
N SER E 512 22.35 65.32 61.85
CA SER E 512 22.03 63.92 62.11
C SER E 512 21.83 63.15 60.81
N ALA E 513 21.16 63.77 59.82
CA ALA E 513 20.95 63.10 58.55
C ALA E 513 22.26 62.83 57.84
N ILE E 514 23.17 63.82 57.83
CA ILE E 514 24.46 63.62 57.19
C ILE E 514 25.27 62.55 57.89
N LEU E 515 25.28 62.56 59.23
CA LEU E 515 25.99 61.53 59.97
C LEU E 515 25.39 60.14 59.74
N GLU E 516 24.09 60.06 59.46
CA GLU E 516 23.47 58.76 59.24
C GLU E 516 24.02 58.09 57.98
N LEU E 517 24.22 58.87 56.92
CA LEU E 517 24.69 58.29 55.65
C LEU E 517 26.12 57.80 55.74
N GLY E 518 26.88 58.19 56.76
CA GLY E 518 28.27 57.81 56.88
C GLY E 518 29.26 58.87 56.45
N MET E 519 28.79 60.06 56.06
CA MET E 519 29.69 61.13 55.66
C MET E 519 30.57 61.62 56.80
N GLY E 520 30.18 61.36 58.05
CA GLY E 520 30.85 61.95 59.18
C GLY E 520 32.25 61.40 59.39
N ALA E 521 32.93 61.99 60.38
CA ALA E 521 34.28 61.58 60.70
C ALA E 521 34.31 60.13 61.17
N THR E 522 35.27 59.38 60.66
CA THR E 522 35.37 57.95 60.95
C THR E 522 35.98 57.74 62.33
N ALA E 523 36.34 56.50 62.65
CA ALA E 523 36.68 56.14 64.02
C ALA E 523 38.04 56.71 64.45
N GLY E 524 38.13 58.03 64.51
CA GLY E 524 39.19 58.67 65.27
C GLY E 524 38.78 58.65 66.72
N THR E 525 37.46 58.65 66.94
CA THR E 525 36.81 58.48 68.24
C THR E 525 37.28 59.49 69.29
N SER E 526 37.94 60.56 68.88
CA SER E 526 38.46 61.55 69.82
C SER E 526 37.69 62.87 69.70
N ASP E 527 38.15 63.86 70.47
CA ASP E 527 37.56 65.19 70.38
C ASP E 527 37.74 65.79 69.00
N GLU E 528 38.70 65.30 68.22
CA GLU E 528 38.82 65.66 66.82
C GLU E 528 37.51 65.34 66.10
N ALA E 529 36.99 64.13 66.34
CA ALA E 529 35.73 63.73 65.72
C ALA E 529 34.58 64.60 66.20
N ALA E 530 34.57 64.95 67.49
CA ALA E 530 33.51 65.80 68.02
C ALA E 530 33.53 67.17 67.34
N THR E 531 34.71 67.77 67.23
CA THR E 531 34.83 69.07 66.58
C THR E 531 34.41 69.00 65.12
N VAL E 532 34.88 67.97 64.40
CA VAL E 532 34.54 67.84 62.98
C VAL E 532 33.05 67.66 62.79
N ASN E 533 32.44 66.80 63.62
CA ASN E 533 31.01 66.57 63.49
C ASN E 533 30.22 67.82 63.85
N SER E 534 30.67 68.57 64.84
CA SER E 534 30.00 69.81 65.21
C SER E 534 30.10 70.88 64.13
N ASN E 535 31.23 70.99 63.44
CA ASN E 535 31.44 72.03 62.44
C ASN E 535 31.16 71.54 61.02
N LEU E 536 30.24 70.60 60.85
CA LEU E 536 29.91 70.09 59.53
C LEU E 536 28.99 71.03 58.76
N VAL E 537 27.80 71.29 59.27
CA VAL E 537 26.85 72.22 58.69
C VAL E 537 26.71 73.40 59.62
N ASN E 538 26.84 74.61 59.08
CA ASN E 538 26.95 75.79 59.92
C ASN E 538 26.05 76.92 59.44
N TYR E 539 25.62 77.75 60.39
CA TYR E 539 24.86 78.96 60.13
C TYR E 539 25.63 80.15 60.66
N VAL E 540 25.63 81.24 59.92
CA VAL E 540 26.39 82.44 60.27
C VAL E 540 25.44 83.44 60.92
N SER E 541 25.80 83.90 62.10
CA SER E 541 25.00 84.89 62.82
C SER E 541 25.44 86.29 62.40
N THR E 542 24.90 87.31 63.06
CA THR E 542 25.18 88.69 62.68
C THR E 542 26.62 89.08 63.02
N GLY E 543 27.06 88.78 64.22
CA GLY E 543 28.39 89.16 64.66
C GLY E 543 29.47 88.11 64.52
N ASP E 544 29.25 87.07 63.71
CA ASP E 544 30.18 85.96 63.58
C ASP E 544 30.89 85.95 62.23
N VAL E 545 30.80 87.03 61.47
CA VAL E 545 31.30 87.05 60.10
C VAL E 545 32.83 87.16 60.11
N THR E 546 33.48 86.28 59.35
CA THR E 546 34.92 86.32 59.15
C THR E 546 35.18 86.61 57.68
N ASP E 547 35.98 87.65 57.41
CA ASP E 547 36.18 88.12 56.05
C ASP E 547 37.07 87.16 55.26
N SER E 548 36.93 87.23 53.93
CA SER E 548 37.76 86.46 53.00
C SER E 548 37.72 84.96 53.28
N SER E 549 36.55 84.44 53.64
CA SER E 549 36.40 83.03 53.93
C SER E 549 35.02 82.58 53.49
N ASN E 550 34.71 81.31 53.75
CA ASN E 550 33.41 80.76 53.38
C ASN E 550 32.27 81.44 54.13
N GLU E 551 32.57 82.06 55.27
CA GLU E 551 31.56 82.73 56.10
C GLU E 551 31.62 84.24 55.95
N ALA E 552 31.90 84.74 54.75
CA ALA E 552 31.95 86.18 54.50
C ALA E 552 30.58 86.79 54.32
N LEU E 553 29.51 86.06 54.61
CA LEU E 553 28.14 86.55 54.49
C LEU E 553 27.36 86.18 55.73
N ALA E 554 26.35 86.97 56.05
CA ALA E 554 25.52 86.77 57.22
C ALA E 554 24.20 86.13 56.84
N GLY E 555 23.69 85.28 57.73
CA GLY E 555 22.42 84.61 57.50
C GLY E 555 22.44 83.64 56.34
N THR E 556 23.48 82.83 56.23
CA THR E 556 23.61 81.84 55.17
C THR E 556 24.01 80.50 55.75
N PHE E 557 23.64 79.42 55.06
CA PHE E 557 24.00 78.08 55.47
C PHE E 557 25.22 77.61 54.67
N VAL E 558 26.14 76.95 55.37
CA VAL E 558 27.34 76.39 54.75
C VAL E 558 27.35 74.89 55.00
N ILE E 559 27.54 74.11 53.94
CA ILE E 559 27.51 72.66 54.01
C ILE E 559 28.83 72.11 53.49
N GLN E 560 29.50 71.29 54.29
CA GLN E 560 30.72 70.61 53.92
C GLN E 560 30.61 69.14 54.32
N THR E 561 31.36 68.28 53.63
CA THR E 561 31.42 66.87 54.00
C THR E 561 32.84 66.51 54.42
N ALA E 562 33.01 65.32 55.01
CA ALA E 562 34.31 64.92 55.53
C ALA E 562 35.04 63.94 54.61
N ARG E 563 34.54 63.72 53.40
CA ARG E 563 35.18 62.83 52.44
C ARG E 563 35.72 63.63 51.27
N LEU E 564 36.46 62.95 50.40
CA LEU E 564 37.13 63.57 49.28
C LEU E 564 36.53 63.13 47.95
N GLY E 565 36.75 63.95 46.92
CA GLY E 565 36.45 63.60 45.55
C GLY E 565 34.97 63.40 45.27
N ASP E 566 34.72 62.63 44.20
CA ASP E 566 33.37 62.38 43.75
C ASP E 566 32.57 61.57 44.76
N ASP E 567 33.24 60.99 45.75
CA ASP E 567 32.53 60.33 46.85
C ASP E 567 31.71 61.31 47.67
N SER E 568 32.04 62.60 47.61
CA SER E 568 31.41 63.59 48.48
C SER E 568 30.41 64.48 47.76
N LYS E 569 29.94 64.09 46.57
CA LYS E 569 28.93 64.89 45.88
C LYS E 569 27.56 64.66 46.52
N LEU E 570 26.92 65.75 46.92
CA LEU E 570 25.61 65.71 47.55
C LEU E 570 24.53 65.99 46.52
N SER E 571 23.37 65.36 46.68
CA SER E 571 22.22 65.60 45.81
C SER E 571 20.97 65.82 46.66
N PHE E 572 20.12 66.75 46.23
CA PHE E 572 18.94 67.15 46.99
C PHE E 572 17.69 66.93 46.17
N ILE E 573 16.63 66.43 46.81
CA ILE E 573 15.35 66.19 46.17
C ILE E 573 14.23 66.67 47.09
N GLY E 574 13.22 67.30 46.49
CA GLY E 574 12.06 67.73 47.25
C GLY E 574 11.05 68.37 46.32
N ASP E 575 10.09 69.06 46.91
CA ASP E 575 9.13 69.81 46.12
C ASP E 575 9.83 70.96 45.40
N GLN E 576 9.32 71.30 44.22
CA GLN E 576 9.97 72.31 43.40
C GLN E 576 10.01 73.66 44.12
N ASN E 577 8.91 74.04 44.78
CA ASN E 577 8.88 75.31 45.49
C ASN E 577 9.89 75.33 46.65
N LEU E 578 9.96 74.25 47.41
CA LEU E 578 10.89 74.20 48.54
C LEU E 578 12.34 74.24 48.06
N ILE E 579 12.67 73.45 47.04
CA ILE E 579 14.03 73.44 46.51
C ILE E 579 14.40 74.82 45.95
N ASN E 580 13.46 75.45 45.25
CA ASN E 580 13.71 76.79 44.72
C ASN E 580 13.93 77.79 45.85
N ALA E 581 13.16 77.67 46.93
CA ALA E 581 13.32 78.57 48.06
C ALA E 581 14.67 78.38 48.74
N LEU E 582 15.10 77.13 48.91
CA LEU E 582 16.39 76.89 49.55
C LEU E 582 17.54 77.48 48.72
N SER E 583 17.52 77.26 47.41
CA SER E 583 18.39 77.93 46.47
C SER E 583 19.87 77.72 46.82
N LEU E 584 20.29 76.46 46.75
CA LEU E 584 21.67 76.12 47.05
C LEU E 584 22.60 76.51 45.90
N ALA E 585 23.86 76.78 46.25
CA ALA E 585 24.86 77.15 45.28
C ALA E 585 26.17 76.48 45.65
N THR E 586 27.03 76.28 44.66
CA THR E 586 28.30 75.59 44.82
C THR E 586 29.42 76.61 44.83
N ILE E 587 30.25 76.57 45.88
CA ILE E 587 31.43 77.42 45.95
C ILE E 587 32.73 76.63 45.96
N GLN E 588 32.69 75.31 46.18
CA GLN E 588 33.90 74.51 46.03
C GLN E 588 33.53 73.10 45.61
N GLU E 589 34.24 72.60 44.60
CA GLU E 589 34.04 71.26 44.07
C GLU E 589 35.11 70.32 44.63
N GLY E 590 34.84 69.02 44.48
CA GLY E 590 35.75 68.01 44.97
C GLY E 590 36.97 67.82 44.09
N GLU E 591 37.88 66.99 44.58
CA GLU E 591 39.13 66.69 43.87
C GLU E 591 39.69 65.36 44.34
N ASN E 592 40.10 64.50 43.41
CA ASN E 592 40.57 63.17 43.77
C ASN E 592 41.98 63.23 44.35
N SER E 593 42.46 62.07 44.78
CA SER E 593 43.74 61.95 45.46
C SER E 593 44.74 61.22 44.56
N GLU E 594 45.97 61.09 45.04
CA GLU E 594 47.03 60.37 44.35
C GLU E 594 47.55 59.27 45.27
N THR E 595 47.76 58.09 44.72
CA THR E 595 48.16 56.93 45.51
C THR E 595 49.40 56.30 44.91
N THR E 596 50.41 56.06 45.74
CA THR E 596 51.60 55.31 45.37
C THR E 596 51.47 53.91 45.93
N ILE E 597 51.49 52.91 45.05
CA ILE E 597 51.30 51.51 45.40
C ILE E 597 52.53 50.72 44.95
N LYS E 598 53.09 49.93 45.86
CA LYS E 598 54.19 49.02 45.58
C LYS E 598 53.74 47.61 45.90
N VAL E 599 54.01 46.65 45.02
CA VAL E 599 53.65 45.27 45.25
C VAL E 599 54.92 44.44 45.41
N THR E 600 54.96 43.61 46.45
CA THR E 600 56.11 42.76 46.71
C THR E 600 55.62 41.44 47.31
N ASP E 601 56.48 40.42 47.22
CA ASP E 601 56.10 39.09 47.68
C ASP E 601 56.27 38.98 49.20
N ALA E 602 55.34 38.24 49.82
CA ALA E 602 55.29 38.17 51.28
C ALA E 602 56.16 37.06 51.85
N HIS E 603 56.76 36.21 51.03
CA HIS E 603 57.67 35.19 51.51
C HIS E 603 59.13 35.43 51.14
N THR E 604 59.41 35.95 49.94
CA THR E 604 60.77 36.19 49.49
C THR E 604 61.10 37.67 49.41
N GLY E 605 60.30 38.45 48.69
CA GLY E 605 60.50 39.88 48.59
C GLY E 605 60.89 40.39 47.22
N LYS E 606 60.77 39.57 46.18
CA LYS E 606 61.09 40.04 44.84
C LYS E 606 60.10 41.10 44.40
N PHE E 607 60.61 42.10 43.67
CA PHE E 607 59.76 43.21 43.23
C PHE E 607 58.95 42.79 42.01
N ILE E 608 57.72 43.29 41.94
CA ILE E 608 56.80 42.99 40.84
C ILE E 608 56.38 44.26 40.11
N GLY E 609 56.06 45.32 40.87
CA GLY E 609 55.63 46.55 40.25
C GLY E 609 55.31 47.68 41.21
N SER E 610 55.23 48.90 40.67
CA SER E 610 54.85 50.08 41.43
C SER E 610 54.11 51.04 40.51
N ASP E 611 53.05 51.65 41.03
CA ASP E 611 52.24 52.57 40.25
C ASP E 611 51.90 53.80 41.07
N SER E 612 51.69 54.91 40.35
CA SER E 612 51.12 56.12 40.90
C SER E 612 49.80 56.38 40.18
N VAL E 613 48.70 56.32 40.91
CA VAL E 613 47.37 56.35 40.32
C VAL E 613 46.56 57.50 40.91
N ASN E 614 45.49 57.85 40.23
CA ASN E 614 44.60 58.93 40.63
C ASN E 614 43.20 58.47 41.00
N ASP E 615 42.68 57.45 40.31
CA ASP E 615 41.36 56.91 40.58
C ASP E 615 41.39 55.73 41.54
N SER E 616 42.56 55.41 42.10
CA SER E 616 42.72 54.38 43.12
C SER E 616 42.33 53.00 42.58
N THR E 617 42.81 52.68 41.38
CA THR E 617 42.60 51.39 40.75
C THR E 617 43.94 50.85 40.27
N LEU E 618 44.33 49.67 40.74
CA LEU E 618 45.56 49.04 40.30
C LEU E 618 45.24 48.14 39.12
N ARG E 619 45.78 48.48 37.95
CA ARG E 619 45.43 47.80 36.70
C ARG E 619 46.69 47.45 35.92
N GLY E 620 46.75 46.20 35.48
CA GLY E 620 47.76 45.80 34.50
C GLY E 620 49.15 45.56 35.04
N VAL E 621 49.29 45.23 36.33
CA VAL E 621 50.57 44.84 36.89
C VAL E 621 50.56 43.39 37.37
N ILE E 622 49.47 42.97 38.00
CA ILE E 622 49.25 41.57 38.34
C ILE E 622 48.50 40.94 37.17
N GLN E 623 48.77 39.67 36.89
CA GLN E 623 48.27 39.03 35.68
C GLN E 623 46.76 38.88 35.73
N GLY E 624 46.05 39.74 35.00
CA GLY E 624 44.63 39.55 34.75
C GLY E 624 43.69 39.87 35.89
N VAL E 625 44.10 40.69 36.85
CA VAL E 625 43.26 41.05 37.99
C VAL E 625 43.39 42.54 38.24
N ASP E 626 42.27 43.19 38.55
CA ASP E 626 42.28 44.59 38.96
C ASP E 626 41.84 44.69 40.42
N VAL E 627 42.50 45.57 41.16
CA VAL E 627 42.30 45.73 42.60
C VAL E 627 41.89 47.17 42.87
N LYS E 628 40.96 47.33 43.82
CA LYS E 628 40.43 48.63 44.20
C LYS E 628 40.64 48.85 45.69
N ILE E 629 41.19 50.01 46.04
CA ILE E 629 41.37 50.42 47.42
C ILE E 629 40.56 51.68 47.65
N ASP E 630 39.79 51.71 48.74
CA ASP E 630 38.92 52.83 49.01
C ASP E 630 39.73 54.10 49.31
N SER E 631 39.01 55.22 49.39
CA SER E 631 39.63 56.53 49.45
C SER E 631 40.02 56.99 50.85
N ASP E 632 39.61 56.29 51.90
CA ASP E 632 39.79 56.76 53.27
C ASP E 632 40.92 56.05 54.02
N VAL E 633 42.01 55.71 53.33
CA VAL E 633 43.16 55.07 53.97
C VAL E 633 44.29 56.10 54.03
N GLY E 634 44.91 56.20 55.20
CA GLY E 634 46.06 57.06 55.38
C GLY E 634 45.78 58.54 55.24
N VAL E 635 44.66 59.00 55.81
CA VAL E 635 44.30 60.41 55.80
C VAL E 635 43.81 60.79 57.20
N SER E 636 44.23 61.96 57.68
CA SER E 636 43.76 62.51 58.93
C SER E 636 43.12 63.86 58.68
N ILE E 637 42.04 64.15 59.41
CA ILE E 637 41.24 65.35 59.18
C ILE E 637 41.27 66.20 60.43
N SER E 638 41.55 67.50 60.26
CA SER E 638 41.57 68.45 61.34
C SER E 638 40.78 69.68 60.93
N TRP E 639 40.55 70.58 61.89
CA TRP E 639 39.74 71.78 61.67
C TRP E 639 40.49 73.00 62.17
N ASN E 640 40.45 74.07 61.40
CA ASN E 640 41.06 75.36 61.76
C ASN E 640 39.95 76.34 62.06
N SER E 641 39.83 76.72 63.33
CA SER E 641 38.78 77.66 63.73
C SER E 641 39.16 79.10 63.43
N THR E 642 40.46 79.40 63.44
CA THR E 642 40.91 80.73 63.04
C THR E 642 40.58 81.05 61.60
N LYS E 643 40.76 80.09 60.69
CA LYS E 643 40.35 80.25 59.30
C LYS E 643 39.02 79.58 58.99
N LYS E 644 38.46 78.81 59.93
CA LYS E 644 37.16 78.16 59.76
C LYS E 644 37.14 77.24 58.55
N THR E 645 38.12 76.35 58.45
CA THR E 645 38.25 75.47 57.29
C THR E 645 38.67 74.07 57.72
N MET E 646 38.37 73.10 56.87
CA MET E 646 38.86 71.75 57.10
C MET E 646 40.26 71.58 56.51
N GLU E 647 41.02 70.64 57.08
CA GLU E 647 42.38 70.40 56.67
C GLU E 647 42.63 68.90 56.59
N PHE E 648 43.15 68.46 55.45
CA PHE E 648 43.47 67.06 55.22
C PHE E 648 44.98 66.88 55.25
N SER E 649 45.46 65.88 55.99
CA SER E 649 46.87 65.65 56.17
C SER E 649 47.19 64.18 56.01
N ALA E 650 48.43 63.90 55.62
CA ALA E 650 48.89 62.52 55.52
C ALA E 650 49.16 61.96 56.91
N THR E 651 48.84 60.67 57.07
CA THR E 651 49.06 60.02 58.36
C THR E 651 50.54 59.97 58.71
N GLY E 652 51.39 59.66 57.73
CA GLY E 652 52.82 59.61 57.93
C GLY E 652 53.39 58.21 58.07
N GLU E 653 52.54 57.19 58.12
CA GLU E 653 52.98 55.80 58.23
C GLU E 653 52.36 54.97 57.13
N SER E 654 53.18 54.12 56.52
CA SER E 654 52.72 53.24 55.46
C SER E 654 51.88 52.11 56.05
N GLU E 655 51.04 51.52 55.21
CA GLU E 655 50.17 50.43 55.60
C GLU E 655 50.41 49.23 54.68
N ASP E 656 50.10 48.04 55.18
CA ASP E 656 50.29 46.81 54.43
C ASP E 656 48.98 46.03 54.41
N ILE E 657 48.58 45.62 53.21
CA ILE E 657 47.40 44.78 53.02
C ILE E 657 47.85 43.52 52.26
N LYS E 658 47.19 42.40 52.54
CA LYS E 658 47.61 41.11 52.03
C LYS E 658 46.48 40.45 51.25
N LEU E 659 46.83 39.79 50.16
CA LEU E 659 45.86 39.18 49.26
C LEU E 659 46.28 37.75 48.95
N HIS E 660 45.30 36.85 48.93
CA HIS E 660 45.50 35.44 48.63
C HIS E 660 44.73 35.10 47.37
N LEU E 661 45.37 34.41 46.44
CA LEU E 661 44.87 34.30 45.08
C LEU E 661 45.33 32.99 44.47
N VAL E 662 44.38 32.15 44.05
CA VAL E 662 44.68 30.80 43.59
C VAL E 662 43.88 30.53 42.31
N ASP E 663 44.48 29.78 41.39
CA ASP E 663 43.83 29.48 40.13
C ASP E 663 42.75 28.43 40.30
N ASN E 664 41.63 28.64 39.60
CA ASN E 664 40.52 27.70 39.61
C ASN E 664 39.73 27.76 38.31
N ALA E 665 41.25 27.17 35.75
CA ALA E 665 40.29 27.34 34.67
C ALA E 665 39.45 26.09 34.51
N MET E 666 38.85 25.93 33.33
CA MET E 666 38.08 24.73 33.00
C MET E 666 38.89 23.95 31.98
N GLU E 667 39.22 22.71 32.30
CA GLU E 667 40.08 21.89 31.46
C GLU E 667 39.28 20.70 30.93
N MET E 668 39.31 20.51 29.62
CA MET E 668 38.47 19.51 28.95
C MET E 668 39.34 18.55 28.17
N GLN E 669 39.10 17.25 28.36
CA GLN E 669 39.80 16.21 27.63
C GLN E 669 39.33 16.17 26.19
N ILE E 670 40.27 16.12 25.25
CA ILE E 670 39.92 16.17 23.83
C ILE E 670 40.62 15.05 23.08
N GLY E 671 41.62 14.41 23.70
CA GLY E 671 42.43 13.42 23.04
C GLY E 671 42.40 12.07 23.74
N ALA E 672 43.02 11.10 23.09
CA ALA E 672 43.11 9.74 23.59
C ALA E 672 44.42 9.47 24.31
N ASN E 673 45.28 10.47 24.45
CA ASN E 673 46.53 10.35 25.18
C ASN E 673 46.64 11.51 26.16
N GLU E 674 47.80 11.62 26.80
CA GLU E 674 48.03 12.66 27.77
C GLU E 674 48.21 14.02 27.07
N GLY E 675 48.07 15.08 27.84
CA GLY E 675 48.38 16.42 27.37
C GLY E 675 47.32 17.05 26.48
N GLN E 676 46.57 16.23 25.75
CA GLN E 676 45.59 16.76 24.81
C GLN E 676 44.38 17.30 25.57
N THR E 677 44.48 18.54 26.04
CA THR E 677 43.42 19.18 26.80
C THR E 677 43.18 20.59 26.27
N ILE E 678 41.97 21.09 26.49
CA ILE E 678 41.55 22.41 26.04
C ILE E 678 41.18 23.23 27.27
N LEU E 679 41.60 24.50 27.28
CA LEU E 679 41.40 25.38 28.42
C LEU E 679 40.32 26.41 28.08
N ALA E 680 39.41 26.64 29.02
CA ALA E 680 38.32 27.60 28.86
C ALA E 680 38.18 28.43 30.12
N ASN E 681 37.88 29.72 29.92
CA ASN E 681 37.66 30.67 31.00
C ASN E 681 36.38 31.44 30.77
N ILE E 682 35.71 31.81 31.86
CA ILE E 682 34.56 32.69 31.81
C ILE E 682 34.77 33.81 32.83
N PRO E 683 34.98 35.05 32.40
CA PRO E 683 35.26 36.12 33.36
C PRO E 683 34.03 36.47 34.19
N GLN E 684 34.29 37.11 35.33
CA GLN E 684 33.21 37.56 36.20
C GLN E 684 32.45 38.72 35.56
N VAL E 685 31.13 38.63 35.60
CA VAL E 685 30.25 39.67 35.05
C VAL E 685 29.21 40.03 36.09
N ASP E 686 29.24 41.29 36.54
CA ASP E 686 28.24 41.83 37.45
C ASP E 686 28.29 43.35 37.32
N THR E 687 27.46 44.04 38.10
CA THR E 687 27.39 45.51 37.98
C THR E 687 28.71 46.16 38.31
N THR E 688 29.41 45.67 39.34
CA THR E 688 30.69 46.26 39.72
C THR E 688 31.72 46.10 38.62
N SER E 689 31.78 44.92 37.99
CA SER E 689 32.71 44.72 36.89
C SER E 689 32.30 45.52 35.66
N LEU E 690 30.99 45.63 35.41
CA LEU E 690 30.51 46.40 34.28
C LEU E 690 30.68 47.91 34.48
N GLY E 691 31.00 48.35 35.69
CA GLY E 691 31.26 49.75 35.96
C GLY E 691 30.07 50.68 35.84
N ILE E 692 28.90 50.25 36.31
CA ILE E 692 27.73 51.12 36.38
C ILE E 692 27.12 51.02 37.77
N ASP E 693 27.95 50.67 38.76
CA ASP E 693 27.46 50.38 40.09
C ASP E 693 26.91 51.63 40.77
N ASP E 694 27.46 52.80 40.46
CA ASP E 694 27.08 54.01 41.18
C ASP E 694 26.45 55.05 40.26
N ILE E 695 25.55 54.60 39.39
CA ILE E 695 24.91 55.49 38.43
C ILE E 695 23.63 56.04 39.05
N LEU E 696 23.45 57.35 38.95
CA LEU E 696 22.33 58.04 39.60
C LEU E 696 21.48 58.74 38.56
N MET E 697 20.17 58.76 38.80
CA MET E 697 19.22 59.47 37.94
C MET E 697 18.39 60.36 38.85
N VAL E 698 18.94 61.52 39.20
CA VAL E 698 18.28 62.42 40.13
C VAL E 698 18.15 63.80 39.52
N ASP E 699 19.28 64.42 39.17
CA ASP E 699 19.31 65.78 38.68
C ASP E 699 19.70 65.81 37.20
N GLN E 700 19.77 67.02 36.64
CA GLN E 700 20.01 67.19 35.21
C GLN E 700 21.51 67.31 34.91
N GLU E 701 22.31 66.39 35.45
CA GLU E 701 23.72 66.29 35.03
C GLU E 701 24.25 64.88 34.89
N LEU E 702 23.68 63.87 35.53
CA LEU E 702 24.28 62.54 35.58
C LEU E 702 23.97 61.69 34.35
N ALA E 703 22.98 62.09 33.55
CA ALA E 703 22.54 61.26 32.43
C ALA E 703 23.61 61.09 31.37
N GLN E 704 24.46 62.11 31.17
CA GLN E 704 25.50 62.00 30.15
C GLN E 704 26.52 60.92 30.50
N GLU E 705 27.03 60.98 31.73
CA GLU E 705 27.91 59.92 32.22
C GLU E 705 27.20 58.57 32.17
N SER E 706 25.91 58.55 32.49
CA SER E 706 25.13 57.32 32.39
C SER E 706 25.21 56.73 30.99
N ILE E 707 24.97 57.56 29.98
CA ILE E 707 24.97 57.07 28.59
C ILE E 707 26.34 56.54 28.22
N THR E 708 27.39 57.28 28.57
CA THR E 708 28.75 56.85 28.21
C THR E 708 29.08 55.49 28.84
N LYS E 709 28.82 55.35 30.14
CA LYS E 709 29.14 54.10 30.82
C LYS E 709 28.30 52.95 30.28
N LEU E 710 27.04 53.22 29.93
CA LEU E 710 26.19 52.19 29.36
C LEU E 710 26.76 51.67 28.04
N ASP E 711 27.21 52.59 27.17
CA ASP E 711 27.80 52.16 25.90
C ASP E 711 29.04 51.31 26.13
N LYS E 712 29.89 51.73 27.08
CA LYS E 712 31.11 50.96 27.36
C LYS E 712 30.77 49.55 27.83
N ALA E 713 29.80 49.43 28.74
CA ALA E 713 29.41 48.11 29.25
C ALA E 713 28.85 47.23 28.13
N LEU E 714 28.05 47.81 27.24
CA LEU E 714 27.51 47.04 26.12
C LEU E 714 28.64 46.50 25.24
N GLU E 715 29.65 47.33 24.99
CA GLU E 715 30.80 46.86 24.21
C GLU E 715 31.49 45.67 24.89
N THR E 716 31.68 45.77 26.20
CA THR E 716 32.33 44.67 26.93
C THR E 716 31.54 43.37 26.81
N VAL E 717 30.22 43.44 26.98
CA VAL E 717 29.40 42.23 26.92
C VAL E 717 29.45 41.62 25.53
N SER E 718 29.40 42.46 24.49
CA SER E 718 29.49 41.93 23.13
C SER E 718 30.82 41.21 22.91
N GLY E 719 31.91 41.78 23.43
CA GLY E 719 33.19 41.11 23.29
C GLY E 719 33.23 39.74 23.94
N VAL E 720 32.64 39.64 25.14
CA VAL E 720 32.62 38.34 25.82
C VAL E 720 31.86 37.32 25.00
N ARG E 721 30.70 37.72 24.46
CA ARG E 721 29.93 36.79 23.62
C ARG E 721 30.72 36.35 22.40
N ALA E 722 31.44 37.29 21.77
CA ALA E 722 32.25 36.92 20.60
C ALA E 722 33.29 35.87 20.96
N THR E 723 33.94 36.03 22.11
CA THR E 723 34.94 35.04 22.54
C THR E 723 34.32 33.66 22.70
N ILE E 724 33.16 33.59 23.39
CA ILE E 724 32.56 32.27 23.62
C ILE E 724 32.14 31.64 22.29
N GLY E 725 31.67 32.45 21.34
CA GLY E 725 31.33 31.91 20.04
C GLY E 725 32.52 31.35 19.30
N ALA E 726 33.67 32.04 19.39
CA ALA E 726 34.88 31.52 18.77
C ALA E 726 35.24 30.15 19.34
N GLN E 727 35.18 30.01 20.67
CA GLN E 727 35.53 28.73 21.27
C GLN E 727 34.57 27.61 20.83
N ILE E 728 33.26 27.90 20.78
CA ILE E 728 32.33 26.85 20.41
C ILE E 728 32.54 26.44 18.95
N ASN E 729 32.86 27.39 18.07
CA ASN E 729 33.17 27.02 16.69
C ASN E 729 34.41 26.14 16.61
N ARG E 730 35.44 26.45 17.40
CA ARG E 730 36.64 25.61 17.39
C ARG E 730 36.31 24.18 17.82
N LEU E 731 35.49 24.03 18.86
CA LEU E 731 35.10 22.69 19.29
C LEU E 731 34.31 21.96 18.21
N GLU E 732 33.40 22.68 17.54
CA GLU E 732 32.59 22.03 16.51
C GLU E 732 33.47 21.51 15.38
N TYR E 733 34.47 22.31 14.96
CA TYR E 733 35.41 21.80 13.96
C TYR E 733 36.21 20.62 14.48
N THR E 734 36.69 20.67 15.73
CA THR E 734 37.53 19.55 16.16
C THR E 734 36.74 18.26 16.38
N MET E 735 35.41 18.32 16.35
CA MET E 735 34.60 17.11 16.46
C MET E 735 34.88 16.05 15.39
N THR E 736 34.81 16.42 14.10
CA THR E 736 34.63 15.42 13.04
C THR E 736 35.86 14.55 12.81
N GLY E 737 37.06 15.08 13.06
CA GLY E 737 38.26 14.31 12.86
C GLY E 737 38.30 13.05 13.71
N LEU E 738 37.76 13.12 14.92
CA LEU E 738 37.73 11.94 15.78
C LEU E 738 36.91 10.83 15.15
N ASP E 739 35.74 11.16 14.59
CA ASP E 739 34.90 10.14 13.96
C ASP E 739 35.57 9.57 12.71
N THR E 740 36.20 10.44 11.91
CA THR E 740 36.90 9.95 10.72
C THR E 740 38.02 8.99 11.09
N THR E 741 38.80 9.35 12.12
CA THR E 741 39.89 8.49 12.56
C THR E 741 39.36 7.19 13.14
N ARG E 742 38.24 7.24 13.87
CA ARG E 742 37.63 6.02 14.38
C ARG E 742 37.23 5.10 13.24
N GLU E 743 36.60 5.64 12.20
CA GLU E 743 36.21 4.82 11.07
C GLU E 743 37.43 4.16 10.43
N ASN E 744 38.48 4.95 10.17
CA ASN E 744 39.65 4.40 9.51
C ASN E 744 40.34 3.34 10.37
N LEU E 745 40.44 3.58 11.67
CA LEU E 745 41.13 2.63 12.55
C LEU E 745 40.32 1.36 12.80
N THR E 746 38.99 1.47 12.89
CA THR E 746 38.19 0.26 13.03
C THR E 746 38.14 -0.52 11.72
N ALA E 747 38.34 0.16 10.59
CA ALA E 747 38.54 -0.57 9.34
C ALA E 747 39.87 -1.29 9.33
N ALA E 748 40.94 -0.60 9.77
CA ALA E 748 42.26 -1.21 9.79
C ALA E 748 42.30 -2.41 10.72
N GLU E 749 41.69 -2.30 11.90
CA GLU E 749 41.64 -3.42 12.83
C GLU E 749 40.78 -4.55 12.29
N SER E 750 39.73 -4.23 11.54
CA SER E 750 38.87 -5.26 10.98
C SER E 750 39.46 -5.80 9.69
N ARG E 751 40.75 -6.17 9.72
CA ARG E 751 41.39 -6.95 8.69
C ARG E 751 42.14 -8.14 9.25
N ILE E 752 42.00 -8.40 10.54
CA ILE E 752 42.60 -9.55 11.23
C ILE E 752 41.51 -10.35 11.95
N ARG E 753 40.25 -10.07 11.64
CA ARG E 753 39.14 -10.67 12.39
C ARG E 753 38.97 -12.15 12.04
N ASP E 754 38.65 -12.43 10.78
CA ASP E 754 38.49 -13.81 10.35
C ASP E 754 38.63 -13.89 8.83
N LEU E 755 38.95 -15.08 8.35
CA LEU E 755 39.05 -15.31 6.91
C LEU E 755 37.67 -15.24 6.28
N ASP E 756 37.65 -14.94 4.97
CA ASP E 756 36.42 -15.09 4.21
C ASP E 756 35.97 -16.54 4.28
N ILE E 757 34.82 -16.76 4.93
CA ILE E 757 34.41 -18.06 5.47
C ILE E 757 34.51 -19.19 4.45
N ALA E 758 34.48 -18.85 3.16
CA ALA E 758 34.45 -19.87 2.12
C ALA E 758 35.69 -20.74 2.15
N ASP E 759 36.87 -20.14 2.31
CA ASP E 759 38.11 -20.92 2.27
C ASP E 759 38.23 -21.85 3.47
N GLU E 760 37.86 -21.36 4.66
CA GLU E 760 37.87 -22.21 5.84
C GLU E 760 36.86 -23.35 5.68
N MET E 761 35.70 -23.07 5.12
CA MET E 761 34.71 -24.11 4.87
C MET E 761 35.25 -25.17 3.91
N ALA E 762 35.94 -24.73 2.86
CA ALA E 762 36.52 -25.68 1.91
C ALA E 762 37.59 -26.55 2.57
N LYS E 763 38.43 -25.94 3.42
CA LYS E 763 39.43 -26.71 4.15
C LYS E 763 38.76 -27.75 5.05
N PHE E 764 37.71 -27.35 5.74
CA PHE E 764 36.96 -28.28 6.59
C PHE E 764 36.39 -29.44 5.77
N THR E 765 35.81 -29.12 4.61
CA THR E 765 35.22 -30.15 3.78
C THR E 765 36.27 -31.14 3.30
N LYS E 766 37.42 -30.63 2.85
CA LYS E 766 38.48 -31.51 2.38
C LYS E 766 38.98 -32.43 3.48
N ASN E 767 39.20 -31.89 4.68
CA ASN E 767 39.68 -32.71 5.79
C ASN E 767 38.66 -33.78 6.17
N GLN E 768 37.38 -33.40 6.22
CA GLN E 768 36.35 -34.36 6.60
C GLN E 768 36.20 -35.45 5.54
N ILE E 769 36.44 -35.11 4.27
CA ILE E 769 36.46 -36.12 3.22
C ILE E 769 37.63 -37.08 3.42
N LEU E 770 38.81 -36.56 3.73
CA LEU E 770 40.00 -37.41 3.82
C LEU E 770 39.94 -38.36 5.02
N ALA E 771 39.28 -37.95 6.11
CA ALA E 771 39.27 -38.77 7.31
C ALA E 771 38.65 -40.15 7.06
N GLN E 772 37.54 -40.19 6.32
CA GLN E 772 36.86 -41.46 6.08
C GLN E 772 37.71 -42.42 5.27
N SER E 773 38.41 -41.91 4.26
CA SER E 773 39.34 -42.75 3.50
C SER E 773 40.42 -43.30 4.41
N ASN E 774 40.96 -42.46 5.29
CA ASN E 774 41.94 -42.95 6.26
C ASN E 774 41.38 -44.13 7.06
N ILE E 775 40.15 -43.96 7.57
CA ILE E 775 39.56 -45.00 8.41
C ILE E 775 39.38 -46.30 7.62
N SER E 776 38.87 -46.20 6.40
CA SER E 776 38.63 -47.39 5.59
C SER E 776 39.93 -48.12 5.28
N MET E 777 40.98 -47.37 4.92
CA MET E 777 42.26 -48.00 4.63
C MET E 777 42.83 -48.67 5.88
N LEU E 778 42.69 -48.03 7.04
CA LEU E 778 43.16 -48.65 8.28
C LEU E 778 42.42 -49.96 8.55
N ALA E 779 41.10 -49.97 8.33
CA ALA E 779 40.32 -51.19 8.55
C ALA E 779 40.80 -52.32 7.65
N GLN E 780 40.98 -52.03 6.36
CA GLN E 780 41.43 -53.08 5.44
C GLN E 780 42.83 -53.56 5.78
N ALA E 781 43.71 -52.64 6.21
CA ALA E 781 45.06 -53.03 6.59
C ALA E 781 45.04 -53.94 7.82
N ASN E 782 44.17 -53.66 8.77
CA ASN E 782 44.01 -54.57 9.90
C ASN E 782 43.52 -55.93 9.42
N SER E 783 42.58 -55.95 8.47
CA SER E 783 41.95 -57.20 8.08
C SER E 783 42.92 -58.14 7.37
N LEU E 784 43.61 -57.65 6.34
CA LEU E 784 44.15 -58.56 5.32
C LEU E 784 45.28 -59.46 5.81
N PRO E 785 46.45 -58.94 6.23
CA PRO E 785 47.64 -59.82 6.32
C PRO E 785 47.48 -61.01 7.25
N GLN E 786 46.81 -60.84 8.39
CA GLN E 786 46.65 -61.95 9.32
C GLN E 786 45.69 -63.00 8.78
N MET E 787 44.64 -62.57 8.07
CA MET E 787 43.79 -63.53 7.37
C MET E 787 44.62 -64.35 6.38
N ALA E 788 45.47 -63.68 5.60
CA ALA E 788 46.28 -64.41 4.63
C ALA E 788 47.21 -65.40 5.32
N LEU E 789 47.86 -64.96 6.41
CA LEU E 789 48.79 -65.83 7.11
C LEU E 789 48.08 -67.04 7.72
N SER E 790 46.91 -66.82 8.33
CA SER E 790 46.15 -67.94 8.86
C SER E 790 45.72 -68.89 7.75
N LEU E 791 45.41 -68.36 6.57
CA LEU E 791 45.12 -69.23 5.43
C LEU E 791 46.33 -70.07 5.07
N LEU E 792 47.52 -69.48 5.09
CA LEU E 792 48.73 -70.22 4.76
C LEU E 792 48.97 -71.36 5.74
N GLY E 793 48.77 -71.12 7.03
CA GLY E 793 49.02 -72.10 8.06
C GLY E 793 48.20 -73.37 7.95
N ALA F 2 80.74 -114.09 6.18
CA ALA F 2 79.74 -114.86 6.93
C ALA F 2 79.02 -113.97 7.94
N MET F 3 77.78 -114.32 8.25
CA MET F 3 76.99 -113.57 9.21
C MET F 3 77.38 -113.95 10.64
N TYR F 4 77.11 -113.06 11.56
CA TYR F 4 77.42 -113.25 12.98
C TYR F 4 76.14 -113.10 13.80
N ILE F 5 76.30 -113.14 15.12
CA ILE F 5 75.19 -113.03 16.06
C ILE F 5 75.54 -111.96 17.09
N ASN F 6 74.55 -111.12 17.43
CA ASN F 6 74.71 -110.03 18.39
C ASN F 6 75.74 -109.00 17.91
N THR F 7 75.73 -108.71 16.60
CA THR F 7 76.59 -107.70 16.01
C THR F 7 75.79 -106.86 15.02
N ASN F 8 74.59 -106.44 15.41
CA ASN F 8 73.68 -105.72 14.53
C ASN F 8 74.05 -104.22 14.51
N VAL F 9 75.18 -103.94 13.86
CA VAL F 9 75.63 -102.56 13.72
C VAL F 9 74.65 -101.69 12.94
N PRO F 10 74.04 -102.15 11.83
CA PRO F 10 73.07 -101.28 11.13
C PRO F 10 71.94 -100.80 12.01
N SER F 11 71.51 -101.62 12.97
CA SER F 11 70.51 -101.17 13.93
C SER F 11 71.00 -99.97 14.72
N LEU F 12 72.26 -100.02 15.18
CA LEU F 12 72.82 -98.89 15.91
C LEU F 12 72.88 -97.64 15.05
N THR F 13 73.30 -97.78 13.79
CA THR F 13 73.37 -96.61 12.91
C THR F 13 71.99 -96.02 12.67
N ALA F 14 70.99 -96.87 12.42
CA ALA F 14 69.63 -96.38 12.21
C ALA F 14 69.11 -95.69 13.46
N GLN F 15 69.41 -96.24 14.63
CA GLN F 15 68.97 -95.62 15.88
C GLN F 15 69.58 -94.23 16.05
N ARG F 16 70.87 -94.10 15.73
CA ARG F 16 71.50 -92.78 15.78
C ARG F 16 70.78 -91.79 14.87
N TYR F 17 70.58 -92.17 13.61
CA TYR F 17 69.97 -91.24 12.65
C TYR F 17 68.57 -90.84 13.09
N LEU F 18 67.78 -91.81 13.56
CA LEU F 18 66.47 -91.48 14.12
C LEU F 18 66.60 -90.53 15.29
N GLY F 19 67.66 -90.66 16.09
CA GLY F 19 67.87 -89.73 17.18
C GLY F 19 68.01 -88.29 16.73
N GLU F 20 68.90 -88.05 15.75
CA GLU F 20 68.99 -86.66 15.24
C GLU F 20 67.69 -86.19 14.62
N THR F 21 66.98 -87.06 13.88
CA THR F 21 65.74 -86.63 13.24
C THR F 21 64.72 -86.21 14.30
N ASN F 22 64.57 -87.00 15.36
CA ASN F 22 63.63 -86.65 16.41
C ASN F 22 64.01 -85.36 17.11
N ASN F 23 65.30 -85.17 17.40
CA ASN F 23 65.73 -83.93 18.05
C ASN F 23 65.40 -82.72 17.19
N ALA F 24 65.67 -82.81 15.89
CA ALA F 24 65.37 -81.71 14.98
C ALA F 24 63.87 -81.43 14.93
N VAL F 25 63.05 -82.48 14.87
CA VAL F 25 61.60 -82.28 14.83
C VAL F 25 61.13 -81.58 16.10
N SER F 26 61.64 -82.01 17.25
CA SER F 26 61.24 -81.39 18.51
C SER F 26 61.61 -79.91 18.54
N LYS F 27 62.83 -79.58 18.11
CA LYS F 27 63.24 -78.18 18.11
C LYS F 27 62.40 -77.34 17.16
N SER F 28 62.07 -77.90 15.98
CA SER F 28 61.23 -77.17 15.04
C SER F 28 59.85 -76.89 15.61
N LEU F 29 59.26 -77.89 16.28
CA LEU F 29 57.95 -77.67 16.89
C LEU F 29 58.04 -76.63 17.99
N GLU F 30 59.10 -76.66 18.80
CA GLU F 30 59.30 -75.65 19.82
C GLU F 30 59.34 -74.25 19.21
N ARG F 31 60.14 -74.07 18.16
CA ARG F 31 60.28 -72.76 17.53
C ARG F 31 58.95 -72.28 16.96
N LEU F 32 58.23 -73.16 16.26
CA LEU F 32 57.01 -72.70 15.58
C LEU F 32 55.91 -72.41 16.61
N SER F 33 55.85 -73.20 17.69
CA SER F 33 54.89 -72.90 18.74
C SER F 33 55.20 -71.58 19.41
N SER F 34 56.48 -71.30 19.68
CA SER F 34 56.86 -70.05 20.31
C SER F 34 56.56 -68.85 19.41
N GLY F 35 56.88 -68.96 18.12
CA GLY F 35 56.73 -67.83 17.23
C GLY F 35 57.88 -66.86 17.25
N LEU F 36 59.03 -67.26 17.79
CA LEU F 36 60.22 -66.42 17.85
C LEU F 36 61.41 -67.17 17.26
N ARG F 37 62.37 -66.42 16.74
CA ARG F 37 63.58 -67.02 16.18
C ARG F 37 64.51 -67.51 17.28
N ILE F 38 65.03 -66.58 18.08
CA ILE F 38 66.16 -66.90 18.94
C ILE F 38 65.72 -67.65 20.19
N ASN F 39 64.88 -67.02 21.02
CA ASN F 39 64.51 -67.57 22.32
C ASN F 39 65.74 -67.94 23.13
N SER F 40 65.55 -68.66 24.23
CA SER F 40 66.63 -69.31 24.97
C SER F 40 67.86 -68.43 25.12
N ALA F 41 69.05 -69.03 25.10
CA ALA F 41 70.29 -68.28 24.94
C ALA F 41 71.29 -68.96 24.01
N SER F 42 70.99 -70.15 23.50
CA SER F 42 71.96 -70.95 22.76
C SER F 42 71.73 -70.94 21.25
N ASP F 43 70.66 -70.31 20.77
CA ASP F 43 70.41 -70.30 19.33
C ASP F 43 71.23 -69.23 18.63
N ASP F 44 71.27 -68.03 19.18
CA ASP F 44 72.07 -66.93 18.66
C ASP F 44 72.71 -66.19 19.82
N ALA F 45 73.94 -65.73 19.62
CA ALA F 45 74.69 -65.07 20.67
C ALA F 45 74.77 -63.56 20.51
N SER F 46 74.36 -63.02 19.36
CA SER F 46 74.52 -61.60 19.07
C SER F 46 73.21 -60.83 19.00
N GLY F 47 72.08 -61.51 18.81
CA GLY F 47 70.80 -60.81 18.73
C GLY F 47 70.26 -60.38 20.08
N LEU F 48 70.69 -61.01 21.17
CA LEU F 48 70.12 -60.74 22.48
C LEU F 48 70.36 -59.30 22.91
N ALA F 49 71.60 -58.82 22.79
CA ALA F 49 71.92 -57.46 23.22
C ALA F 49 71.16 -56.43 22.41
N ILE F 50 71.10 -56.64 21.09
CA ILE F 50 70.38 -55.71 20.22
C ILE F 50 68.91 -55.67 20.60
N SER F 51 68.30 -56.84 20.82
CA SER F 51 66.89 -56.87 21.18
C SER F 51 66.63 -56.16 22.51
N GLU F 52 67.48 -56.42 23.51
CA GLU F 52 67.29 -55.80 24.82
C GLU F 52 67.41 -54.28 24.73
N LYS F 53 68.45 -53.80 24.03
CA LYS F 53 68.64 -52.37 23.91
C LYS F 53 67.48 -51.72 23.16
N LEU F 54 67.00 -52.36 22.09
CA LEU F 54 65.93 -51.78 21.31
C LEU F 54 64.62 -51.72 22.09
N ARG F 55 64.30 -52.78 22.85
CA ARG F 55 63.08 -52.75 23.65
C ARG F 55 63.15 -51.67 24.72
N GLY F 56 64.32 -51.51 25.35
CA GLY F 56 64.47 -50.44 26.32
C GLY F 56 64.24 -49.07 25.70
N GLN F 57 64.82 -48.84 24.52
CA GLN F 57 64.62 -47.56 23.86
C GLN F 57 63.17 -47.33 23.48
N ILE F 58 62.47 -48.38 23.04
CA ILE F 58 61.06 -48.24 22.68
C ILE F 58 60.23 -47.81 23.89
N SER F 59 60.47 -48.46 25.04
CA SER F 59 59.76 -48.09 26.25
C SER F 59 60.03 -46.63 26.63
N GLY F 60 61.30 -46.23 26.58
CA GLY F 60 61.63 -44.84 26.90
C GLY F 60 60.93 -43.85 25.99
N LEU F 61 60.87 -44.16 24.69
CA LEU F 61 60.22 -43.25 23.75
C LEU F 61 58.73 -43.13 24.06
N LYS F 62 58.07 -44.25 24.38
CA LYS F 62 56.67 -44.19 24.80
C LYS F 62 56.48 -43.23 25.97
N ARG F 63 57.31 -43.39 27.00
CA ARG F 63 57.14 -42.57 28.21
C ARG F 63 57.35 -41.09 27.90
N ALA F 64 58.38 -40.77 27.10
CA ALA F 64 58.62 -39.37 26.75
C ALA F 64 57.46 -38.79 25.95
N SER F 65 56.90 -39.58 25.03
CA SER F 65 55.78 -39.11 24.23
C SER F 65 54.59 -38.74 25.11
N LEU F 66 54.31 -39.56 26.14
CA LEU F 66 53.23 -39.19 27.06
C LEU F 66 53.58 -37.92 27.85
N ASN F 67 54.83 -37.82 28.31
CA ASN F 67 55.22 -36.69 29.14
C ASN F 67 55.06 -35.36 28.41
N ALA F 68 55.26 -35.35 27.09
CA ALA F 68 55.15 -34.09 26.36
C ALA F 68 53.74 -33.48 26.48
N GLN F 69 52.71 -34.29 26.26
CA GLN F 69 51.34 -33.79 26.36
C GLN F 69 50.99 -33.42 27.79
N ASP F 70 51.44 -34.25 28.74
CA ASP F 70 51.28 -33.89 30.14
C ASP F 70 51.85 -32.49 30.41
N GLY F 71 52.96 -32.16 29.75
CA GLY F 71 53.51 -30.82 29.89
C GLY F 71 52.66 -29.74 29.23
N ILE F 72 52.11 -30.02 28.05
CA ILE F 72 51.42 -28.97 27.30
C ILE F 72 50.14 -28.50 28.01
N SER F 73 49.48 -29.40 28.76
CA SER F 73 48.22 -29.00 29.38
C SER F 73 48.38 -27.80 30.32
N LEU F 74 49.45 -27.79 31.12
CA LEU F 74 49.66 -26.74 32.11
C LEU F 74 49.82 -25.37 31.43
N LEU F 75 50.57 -25.35 30.33
CA LEU F 75 50.75 -24.10 29.60
C LEU F 75 49.42 -23.60 29.05
N GLN F 76 48.56 -24.50 28.59
CA GLN F 76 47.23 -24.07 28.16
C GLN F 76 46.47 -23.39 29.29
N THR F 77 46.52 -23.98 30.49
CA THR F 77 45.82 -23.38 31.63
C THR F 77 46.34 -21.98 31.93
N ALA F 78 47.67 -21.82 31.96
CA ALA F 78 48.25 -20.52 32.24
C ALA F 78 47.84 -19.48 31.20
N GLU F 79 47.80 -19.89 29.93
CA GLU F 79 47.37 -18.98 28.87
C GLU F 79 45.94 -18.51 29.10
N GLY F 80 45.04 -19.41 29.49
CA GLY F 80 43.68 -19.00 29.75
C GLY F 80 43.58 -17.95 30.86
N GLY F 81 44.27 -18.20 31.97
CA GLY F 81 44.26 -17.22 33.07
C GLY F 81 44.78 -15.86 32.64
N LEU F 82 45.91 -15.86 31.92
CA LEU F 82 46.49 -14.59 31.48
C LEU F 82 45.54 -13.85 30.55
N GLN F 83 44.83 -14.57 29.69
CA GLN F 83 43.88 -13.92 28.79
C GLN F 83 42.77 -13.23 29.58
N ASN F 84 42.25 -13.89 30.62
CA ASN F 84 41.21 -13.24 31.43
C ASN F 84 41.73 -11.95 32.08
N ILE F 85 42.95 -12.00 32.63
CA ILE F 85 43.50 -10.81 33.27
C ILE F 85 43.66 -9.67 32.25
N GLN F 86 44.17 -10.01 31.06
CA GLN F 86 44.34 -9.01 30.02
C GLN F 86 43.01 -8.41 29.60
N ASP F 87 41.94 -9.22 29.63
CA ASP F 87 40.61 -8.69 29.34
C ASP F 87 40.22 -7.63 30.36
N MET F 88 40.45 -7.89 31.65
CA MET F 88 40.00 -6.94 32.67
C MET F 88 40.79 -5.63 32.61
N LEU F 89 42.08 -5.70 32.31
CA LEU F 89 42.91 -4.50 32.36
C LEU F 89 42.42 -3.42 31.40
N GLN F 90 41.96 -3.80 30.21
CA GLN F 90 41.56 -2.80 29.23
C GLN F 90 40.24 -2.13 29.62
N ARG F 91 39.34 -2.86 30.28
CA ARG F 91 38.17 -2.21 30.84
C ARG F 91 38.56 -1.19 31.90
N MET F 92 39.56 -1.53 32.73
CA MET F 92 40.05 -0.52 33.68
C MET F 92 40.58 0.71 32.96
N ARG F 93 41.29 0.50 31.84
CA ARG F 93 41.81 1.64 31.08
C ARG F 93 40.68 2.50 30.51
N GLU F 94 39.65 1.85 29.98
CA GLU F 94 38.49 2.58 29.47
C GLU F 94 37.84 3.42 30.57
N LEU F 95 37.64 2.82 31.74
CA LEU F 95 37.08 3.59 32.85
C LEU F 95 37.98 4.75 33.25
N ALA F 96 39.30 4.56 33.25
CA ALA F 96 40.19 5.65 33.61
C ALA F 96 40.10 6.80 32.61
N VAL F 97 40.06 6.49 31.31
CA VAL F 97 39.99 7.56 30.33
C VAL F 97 38.61 8.22 30.33
N GLN F 98 37.58 7.53 30.82
CA GLN F 98 36.28 8.18 31.01
C GLN F 98 36.39 9.41 31.88
N ALA F 99 36.98 9.27 33.06
CA ALA F 99 37.11 10.39 33.98
C ALA F 99 38.26 11.30 33.58
N GLY F 100 38.10 12.59 33.84
CA GLY F 100 39.12 13.55 33.50
C GLY F 100 38.57 14.86 32.96
N ASN F 101 37.30 14.86 32.57
CA ASN F 101 36.67 16.08 32.11
C ASN F 101 36.49 17.07 33.26
N GLY F 102 36.49 18.35 32.92
CA GLY F 102 36.23 19.39 33.91
C GLY F 102 34.76 19.73 34.01
N VAL F 103 33.92 18.72 34.19
CA VAL F 103 32.47 18.92 34.32
C VAL F 103 31.96 18.14 35.51
N TYR F 104 32.83 17.36 36.14
CA TYR F 104 32.46 16.51 37.27
C TYR F 104 32.92 17.13 38.58
N THR F 105 32.15 16.87 39.63
CA THR F 105 32.48 17.31 40.98
C THR F 105 33.39 16.26 41.63
N THR F 106 33.60 16.40 42.94
CA THR F 106 34.55 15.56 43.66
C THR F 106 33.95 14.27 44.19
N ASN F 107 32.65 14.03 44.02
CA ASN F 107 32.02 12.80 44.49
C ASN F 107 31.85 11.76 43.39
N ASP F 108 31.69 12.20 42.15
CA ASP F 108 31.62 11.27 41.03
C ASP F 108 32.93 10.49 40.88
N ARG F 109 34.05 11.18 41.06
CA ARG F 109 35.34 10.49 40.99
C ARG F 109 35.48 9.45 42.08
N ALA F 110 34.92 9.73 43.27
CA ALA F 110 34.94 8.74 44.34
C ALA F 110 34.07 7.53 44.02
N GLU F 111 32.87 7.77 43.47
CA GLU F 111 32.01 6.65 43.13
C GLU F 111 32.60 5.82 42.00
N ILE F 112 33.45 6.42 41.15
CA ILE F 112 34.24 5.65 40.21
C ILE F 112 35.35 4.89 40.94
N GLN F 113 35.97 5.54 41.93
CA GLN F 113 37.09 4.96 42.66
C GLN F 113 36.69 3.67 43.37
N LYS F 114 35.45 3.59 43.84
CA LYS F 114 35.00 2.38 44.51
C LYS F 114 35.12 1.16 43.59
N GLU F 115 34.57 1.26 42.38
CA GLU F 115 34.62 0.13 41.46
C GLU F 115 36.03 -0.09 40.93
N VAL F 116 36.84 0.97 40.83
CA VAL F 116 38.25 0.76 40.48
C VAL F 116 38.94 -0.10 41.53
N ASP F 117 38.72 0.21 42.81
CA ASP F 117 39.31 -0.58 43.88
C ASP F 117 38.82 -2.02 43.84
N GLN F 118 37.53 -2.22 43.58
CA GLN F 118 37.00 -3.57 43.63
C GLN F 118 37.53 -4.39 42.44
N LEU F 119 37.70 -3.75 41.28
CA LEU F 119 38.32 -4.42 40.14
C LEU F 119 39.76 -4.80 40.44
N LYS F 120 40.51 -3.92 41.12
CA LYS F 120 41.88 -4.26 41.48
C LYS F 120 41.92 -5.47 42.41
N GLU F 121 41.01 -5.52 43.39
CA GLU F 121 40.99 -6.67 44.27
C GLU F 121 40.61 -7.95 43.52
N GLU F 122 39.72 -7.82 42.52
CA GLU F 122 39.38 -8.97 41.68
C GLU F 122 40.60 -9.46 40.91
N ILE F 123 41.41 -8.54 40.37
CA ILE F 123 42.58 -8.98 39.62
C ILE F 123 43.58 -9.66 40.54
N ASN F 124 43.69 -9.18 41.80
CA ASN F 124 44.54 -9.87 42.75
C ASN F 124 44.03 -11.28 43.03
N ARG F 125 42.72 -11.42 43.21
CA ARG F 125 42.16 -12.74 43.49
C ARG F 125 42.42 -13.70 42.34
N ILE F 126 42.19 -13.25 41.11
CA ILE F 126 42.40 -14.13 39.96
C ILE F 126 43.89 -14.44 39.79
N ALA F 127 44.77 -13.50 40.13
CA ALA F 127 46.20 -13.78 40.09
C ALA F 127 46.57 -14.87 41.08
N SER F 128 45.99 -14.83 42.28
CA SER F 128 46.36 -15.78 43.33
C SER F 128 45.49 -17.02 43.37
N SER F 129 44.56 -17.19 42.43
CA SER F 129 43.61 -18.30 42.48
C SER F 129 43.94 -19.45 41.53
N THR F 130 44.90 -19.28 40.61
CA THR F 130 45.20 -20.33 39.67
C THR F 130 45.78 -21.55 40.38
N GLU F 131 45.48 -22.73 39.85
CA GLU F 131 45.80 -23.98 40.54
C GLU F 131 45.96 -25.11 39.54
N PHE F 132 46.93 -25.99 39.81
CA PHE F 132 47.08 -27.22 39.05
C PHE F 132 47.79 -28.24 39.94
N ASN F 133 47.03 -29.18 40.49
CA ASN F 133 47.57 -30.28 41.30
C ASN F 133 48.40 -29.76 42.46
N THR F 134 47.83 -28.82 43.22
CA THR F 134 48.41 -28.31 44.47
C THR F 134 49.70 -27.51 44.21
N LYS F 135 50.07 -27.33 42.95
CA LYS F 135 51.26 -26.56 42.59
C LYS F 135 50.78 -25.26 41.93
N LYS F 136 50.73 -24.19 42.71
CA LYS F 136 50.28 -22.91 42.20
C LYS F 136 51.27 -22.36 41.18
N LEU F 137 50.73 -21.63 40.20
CA LEU F 137 51.47 -21.24 39.01
C LEU F 137 51.93 -19.78 39.04
N LEU F 138 50.98 -18.85 39.17
CA LEU F 138 51.26 -17.46 38.84
C LEU F 138 51.96 -16.69 39.96
N ASN F 139 51.82 -17.13 41.21
CA ASN F 139 52.35 -16.35 42.32
C ASN F 139 53.83 -16.65 42.58
N GLY F 140 54.64 -16.64 41.53
CA GLY F 140 56.08 -16.77 41.69
C GLY F 140 56.53 -18.07 42.31
N ASP F 141 55.70 -19.11 42.26
CA ASP F 141 56.05 -20.41 42.81
C ASP F 141 56.57 -21.37 41.75
N SER F 142 56.82 -20.87 40.54
CA SER F 142 57.34 -21.70 39.46
C SER F 142 58.77 -21.39 39.06
N THR F 143 59.34 -20.29 39.51
CA THR F 143 60.70 -19.91 39.16
C THR F 143 61.63 -19.91 40.37
N ALA F 144 61.30 -19.16 41.41
CA ALA F 144 62.19 -18.98 42.55
C ALA F 144 61.38 -18.90 43.83
N LEU F 145 62.09 -18.73 44.95
CA LEU F 145 61.47 -18.59 46.25
C LEU F 145 62.37 -17.74 47.12
N TRP F 146 61.83 -16.70 47.74
CA TRP F 146 62.62 -15.76 48.51
C TRP F 146 62.01 -15.57 49.90
N SER F 147 62.86 -15.16 50.84
CA SER F 147 62.43 -14.83 52.19
C SER F 147 63.40 -13.81 52.77
N SER F 148 62.86 -12.91 53.59
CA SER F 148 63.66 -11.86 54.20
C SER F 148 63.21 -11.67 55.64
N ASP F 149 64.11 -11.13 56.45
CA ASP F 149 63.85 -10.90 57.87
C ASP F 149 63.36 -9.49 58.18
N SER F 150 63.94 -8.48 57.55
CA SER F 150 63.47 -7.11 57.77
C SER F 150 62.12 -6.91 57.09
N SER F 151 61.20 -6.25 57.79
CA SER F 151 59.82 -6.12 57.36
C SER F 151 59.59 -4.93 56.44
N ASP F 152 60.65 -4.42 55.80
CA ASP F 152 60.55 -3.26 54.91
C ASP F 152 61.28 -3.53 53.61
N LEU F 153 61.30 -4.79 53.19
CA LEU F 153 62.01 -5.19 51.99
C LEU F 153 61.13 -6.13 51.18
N ASP F 154 60.81 -5.74 49.95
CA ASP F 154 59.98 -6.54 49.06
C ASP F 154 60.82 -7.01 47.87
N VAL F 155 60.37 -8.07 47.21
CA VAL F 155 61.09 -8.64 46.08
C VAL F 155 60.08 -9.04 45.01
N VAL F 156 60.38 -8.70 43.76
CA VAL F 156 59.60 -9.17 42.62
C VAL F 156 60.51 -9.89 41.66
N ILE F 157 60.03 -11.01 41.13
CA ILE F 157 60.81 -11.93 40.32
C ILE F 157 60.47 -11.72 38.85
N LYS F 158 61.50 -11.67 38.00
CA LYS F 158 61.33 -11.54 36.57
C LYS F 158 61.86 -12.76 35.82
N SER F 159 63.06 -13.23 36.16
CA SER F 159 63.65 -14.38 35.49
C SER F 159 64.39 -15.25 36.48
N ALA F 160 65.23 -16.16 35.98
CA ALA F 160 65.95 -17.08 36.84
C ALA F 160 66.90 -16.32 37.77
N VAL F 161 66.97 -16.77 39.02
CA VAL F 161 67.83 -16.17 40.03
C VAL F 161 69.03 -17.10 40.23
N ALA F 162 70.05 -16.59 40.94
CA ALA F 162 71.26 -17.39 40.97
C ALA F 162 71.32 -18.33 42.15
N GLU F 163 71.53 -17.80 43.37
CA GLU F 163 71.53 -18.54 44.64
C GLU F 163 71.89 -17.64 45.82
N GLY F 164 71.83 -18.20 47.02
CA GLY F 164 72.65 -17.77 48.13
C GLY F 164 71.97 -16.76 49.04
N ASN F 165 72.74 -16.35 50.04
CA ASN F 165 72.35 -15.35 51.04
C ASN F 165 73.12 -14.07 50.77
N TYR F 166 72.45 -12.93 50.89
CA TYR F 166 73.02 -11.65 50.51
C TYR F 166 72.96 -10.66 51.66
N ASN F 167 73.91 -9.74 51.69
CA ASN F 167 74.03 -8.74 52.74
C ASN F 167 74.07 -7.35 52.08
N LEU F 168 73.22 -6.46 52.56
CA LEU F 168 73.03 -5.15 51.96
C LEU F 168 73.36 -4.03 52.95
N ASN F 169 73.95 -2.96 52.43
CA ASN F 169 74.31 -1.78 53.21
C ASN F 169 73.70 -0.55 52.54
N VAL F 170 73.06 0.30 53.33
CA VAL F 170 72.25 1.39 52.83
C VAL F 170 72.72 2.71 53.44
N THR F 171 72.85 3.73 52.59
CA THR F 171 73.11 5.10 53.02
C THR F 171 72.10 6.01 52.35
N VAL F 172 71.60 7.01 53.10
CA VAL F 172 70.48 7.82 52.65
C VAL F 172 70.85 9.30 52.73
N ASP F 173 70.39 10.07 51.74
CA ASP F 173 70.46 11.52 51.73
C ASP F 173 69.04 12.05 51.61
N PRO F 174 68.52 12.76 52.62
CA PRO F 174 67.10 13.12 52.63
C PRO F 174 66.77 14.20 51.61
N GLY F 175 65.47 14.32 51.33
CA GLY F 175 64.97 15.32 50.40
C GLY F 175 64.05 16.33 51.06
N LYS F 176 62.97 16.70 50.39
CA LYS F 176 62.03 17.69 50.90
C LYS F 176 60.62 17.11 50.89
N ASN F 177 59.68 17.86 51.46
CA ASN F 177 58.32 17.37 51.61
C ASN F 177 57.28 18.38 51.13
N PHE F 178 56.01 18.12 51.40
CA PHE F 178 54.90 18.93 50.90
C PHE F 178 54.39 19.86 51.99
N VAL F 179 54.16 21.13 51.62
CA VAL F 179 53.64 22.14 52.55
C VAL F 179 52.49 22.85 51.86
N TYR F 180 51.32 22.87 52.53
CA TYR F 180 50.11 23.51 52.04
C TYR F 180 49.73 24.69 52.93
N LYS F 181 49.10 25.69 52.32
CA LYS F 181 48.61 26.88 53.01
C LYS F 181 47.16 27.12 52.63
N SER F 182 46.34 27.50 53.62
CA SER F 182 44.90 27.63 53.45
C SER F 182 44.50 29.10 53.28
N ASP F 183 43.18 29.35 53.26
CA ASP F 183 42.61 30.66 52.98
C ASP F 183 42.59 31.54 54.22
N VAL F 184 42.16 32.78 54.02
CA VAL F 184 41.94 33.74 55.10
C VAL F 184 40.51 33.62 55.59
N MET F 185 40.32 33.74 56.89
CA MET F 185 39.01 33.62 57.51
C MET F 185 38.59 34.93 58.13
N THR F 186 37.34 35.30 57.95
CA THR F 186 36.82 36.59 58.41
C THR F 186 35.45 36.39 59.02
N LEU F 187 35.13 37.23 60.00
CA LEU F 187 33.88 37.18 60.73
C LEU F 187 32.77 37.90 59.99
N ASN F 188 31.54 37.43 60.18
CA ASN F 188 30.38 38.11 59.64
C ASN F 188 30.21 39.47 60.32
N GLU F 189 29.48 40.36 59.66
CA GLU F 189 29.26 41.70 60.18
C GLU F 189 28.14 41.76 61.21
N ASP F 190 27.39 40.68 61.39
CA ASP F 190 26.40 40.65 62.45
C ASP F 190 27.05 40.66 63.83
N ALA F 191 28.21 40.01 63.95
CA ALA F 191 28.94 39.97 65.22
C ALA F 191 29.75 41.26 65.43
N ILE F 192 30.71 41.22 66.35
CA ILE F 192 31.62 42.31 66.66
C ILE F 192 30.88 43.44 67.38
N GLY F 193 31.45 43.91 68.49
CA GLY F 193 30.84 44.97 69.27
C GLY F 193 30.83 44.71 70.76
N ALA F 194 31.32 45.67 71.54
CA ALA F 194 31.29 45.57 72.99
C ALA F 194 30.15 46.44 73.55
N GLU F 195 29.62 46.02 74.69
CA GLU F 195 28.46 46.67 75.28
C GLU F 195 28.60 46.69 76.79
N ILE F 196 27.72 47.46 77.43
CA ILE F 196 27.64 47.57 78.87
C ILE F 196 26.28 47.08 79.31
N VAL F 197 26.25 46.14 80.26
CA VAL F 197 25.01 45.55 80.75
C VAL F 197 25.01 45.63 82.28
N THR F 198 23.83 45.44 82.87
CA THR F 198 23.63 45.50 84.32
C THR F 198 22.95 44.19 84.75
N ALA F 199 23.77 43.17 85.02
CA ALA F 199 23.27 41.87 85.46
C ALA F 199 23.72 41.54 86.88
N GLY F 200 25.02 41.59 87.15
CA GLY F 200 25.51 41.22 88.46
C GLY F 200 25.05 42.18 89.55
N GLY F 201 24.94 43.46 89.21
CA GLY F 201 24.50 44.45 90.17
C GLY F 201 25.59 45.44 90.56
N ASP F 202 25.56 46.61 89.94
CA ASP F 202 26.52 47.67 90.23
C ASP F 202 26.01 48.94 89.56
N VAL F 203 26.57 50.07 90.00
CA VAL F 203 26.19 51.38 89.48
C VAL F 203 27.46 52.08 88.99
N ASN F 204 27.28 53.00 88.04
CA ASN F 204 28.41 53.70 87.43
C ASN F 204 28.82 54.84 88.35
N GLU F 205 29.93 54.64 89.07
CA GLU F 205 30.49 55.68 89.92
C GLU F 205 31.55 56.51 89.21
N THR F 206 31.82 56.23 87.95
CA THR F 206 32.75 57.01 87.13
C THR F 206 31.98 57.59 85.95
N ASN F 207 32.71 58.18 85.01
CA ASN F 207 32.07 58.87 83.90
C ASN F 207 32.54 58.30 82.56
N VAL F 208 32.51 56.98 82.42
CA VAL F 208 32.90 56.30 81.19
C VAL F 208 31.69 56.31 80.25
N GLY F 209 31.90 56.80 79.03
CA GLY F 209 30.84 56.84 78.05
C GLY F 209 30.50 55.50 77.45
N PHE F 210 31.41 54.94 76.66
CA PHE F 210 31.22 53.64 76.03
C PHE F 210 32.57 53.15 75.51
N VAL F 211 32.53 52.05 74.75
CA VAL F 211 33.73 51.43 74.21
C VAL F 211 33.49 51.17 72.74
N THR F 212 34.56 51.23 71.95
CA THR F 212 34.46 51.12 70.51
C THR F 212 35.58 50.25 69.94
N ASP F 213 35.32 49.74 68.74
CA ASP F 213 36.27 49.04 67.88
C ASP F 213 36.97 47.88 68.58
N PRO F 214 36.26 46.78 68.83
CA PRO F 214 36.96 45.56 69.23
C PRO F 214 37.63 44.91 68.02
N ASN F 215 38.84 44.39 68.23
CA ASN F 215 39.60 43.76 67.15
C ASN F 215 40.37 42.59 67.71
N THR F 216 39.85 41.38 67.50
CA THR F 216 40.49 40.12 67.90
C THR F 216 40.73 40.05 69.40
N LEU F 217 39.72 40.45 70.18
CA LEU F 217 39.81 40.50 71.64
C LEU F 217 39.33 39.20 72.30
N ALA F 218 39.49 38.07 71.62
CA ALA F 218 38.81 36.82 71.91
C ALA F 218 37.32 36.99 71.62
N SER F 219 36.47 36.12 72.14
CA SER F 219 35.08 36.11 71.70
C SER F 219 34.20 35.45 72.77
N THR F 220 32.97 35.14 72.36
CA THR F 220 31.91 34.45 73.10
C THR F 220 31.26 35.33 74.15
N GLY F 221 31.85 36.49 74.42
CA GLY F 221 31.19 37.58 75.13
C GLY F 221 30.36 37.22 76.35
N THR F 222 30.63 36.06 76.95
CA THR F 222 29.81 35.57 78.05
C THR F 222 30.42 35.82 79.42
N ALA F 223 31.69 35.48 79.61
CA ALA F 223 32.39 35.81 80.84
C ALA F 223 32.60 37.32 80.87
N TYR F 224 31.87 37.99 81.75
CA TYR F 224 31.88 39.44 81.77
C TYR F 224 33.22 39.97 82.27
N TYR F 225 33.62 41.14 81.75
CA TYR F 225 34.94 41.68 81.98
C TYR F 225 34.88 42.82 83.00
N THR F 226 35.94 42.89 83.83
CA THR F 226 36.10 43.88 84.87
C THR F 226 37.10 44.94 84.40
N VAL F 227 36.68 46.20 84.42
CA VAL F 227 37.36 47.28 83.73
C VAL F 227 37.74 48.41 84.69
N ASP F 228 38.17 48.06 85.90
CA ASP F 228 38.29 49.03 86.99
C ASP F 228 39.14 50.22 86.60
N VAL F 229 38.69 51.42 87.00
CA VAL F 229 39.43 52.65 86.73
C VAL F 229 39.54 53.41 88.05
N THR F 230 40.77 53.66 88.49
CA THR F 230 41.01 54.35 89.75
C THR F 230 41.60 55.73 89.49
N ALA F 231 41.19 56.69 90.32
CA ALA F 231 41.63 58.08 90.17
C ALA F 231 42.87 58.38 91.00
N GLY F 232 43.93 57.60 90.79
CA GLY F 232 45.18 57.82 91.48
C GLY F 232 45.37 57.00 92.73
N ALA F 233 46.33 56.09 92.70
CA ALA F 233 46.68 55.25 93.85
C ALA F 233 48.07 54.67 93.63
N ASP F 234 48.89 54.68 94.68
CA ASP F 234 50.29 54.28 94.54
C ASP F 234 50.40 52.85 94.05
N THR F 235 51.26 52.64 93.04
CA THR F 235 51.46 51.33 92.43
C THR F 235 52.93 50.95 92.57
N LEU F 236 53.19 49.74 93.03
CA LEU F 236 54.55 49.25 93.20
C LEU F 236 54.91 48.29 92.07
N SER F 237 56.21 48.06 91.90
CA SER F 237 56.68 47.11 90.90
C SER F 237 56.23 45.70 91.26
N SER F 238 55.79 44.95 90.26
CA SER F 238 55.24 43.62 90.51
C SER F 238 55.30 42.78 89.25
N VAL F 239 55.28 41.47 89.45
CA VAL F 239 55.16 40.48 88.38
C VAL F 239 54.64 39.19 88.99
N ALA F 240 53.67 38.58 88.32
CA ALA F 240 52.94 37.45 88.88
C ALA F 240 52.72 36.38 87.83
N THR F 241 52.40 35.17 88.30
CA THR F 241 52.19 34.02 87.43
C THR F 241 50.80 34.08 86.81
N MET F 242 50.73 34.25 85.49
CA MET F 242 49.45 34.17 84.81
C MET F 242 49.06 32.74 84.46
N SER F 243 49.85 32.06 83.63
CA SER F 243 49.38 30.74 83.18
C SER F 243 50.54 29.89 82.66
N VAL F 244 50.23 28.60 82.45
CA VAL F 244 51.19 27.57 82.07
C VAL F 244 50.68 26.88 80.81
N TYR F 245 51.54 26.03 80.23
CA TYR F 245 51.07 25.14 79.18
C TYR F 245 51.99 23.94 79.05
N ARG F 246 51.38 22.75 79.12
CA ARG F 246 52.04 21.46 78.90
C ARG F 246 51.18 20.65 77.95
N GLN F 247 51.83 19.82 77.12
CA GLN F 247 51.09 19.09 76.07
C GLN F 247 50.68 17.70 76.55
N ALA F 248 51.66 16.81 76.73
CA ALA F 248 51.48 15.59 77.50
C ALA F 248 52.54 15.56 78.60
N GLY F 249 53.78 15.76 78.17
CA GLY F 249 54.92 16.02 79.02
C GLY F 249 55.01 15.28 80.33
N SER F 250 55.34 16.01 81.37
CA SER F 250 55.43 15.50 82.73
C SER F 250 55.18 16.65 83.68
N ASN F 251 55.22 16.37 84.97
CA ASN F 251 54.86 17.39 85.95
C ASN F 251 56.00 18.39 86.15
N PHE F 252 55.63 19.67 86.19
CA PHE F 252 56.51 20.72 86.68
C PHE F 252 55.67 21.90 87.14
N GLY F 253 55.95 22.40 88.34
CA GLY F 253 55.06 23.32 89.02
C GLY F 253 55.13 24.75 88.53
N SER F 254 54.81 25.68 89.43
CA SER F 254 54.64 27.08 89.10
C SER F 254 55.03 27.92 90.31
N VAL F 255 54.63 29.20 90.26
CA VAL F 255 54.90 30.25 91.25
C VAL F 255 56.19 30.97 90.87
N ALA F 256 56.07 32.27 90.59
CA ALA F 256 57.21 33.10 90.23
C ALA F 256 57.51 34.09 91.34
N THR F 257 58.80 34.32 91.57
CA THR F 257 59.25 35.22 92.63
C THR F 257 60.32 36.16 92.09
N TRP F 258 60.37 37.34 92.72
CA TRP F 258 61.22 38.45 92.32
C TRP F 258 62.37 38.63 93.31
N THR F 259 63.43 39.28 92.84
CA THR F 259 64.54 39.69 93.69
C THR F 259 64.56 41.21 93.74
N THR F 260 64.47 41.76 94.96
CA THR F 260 64.27 43.18 95.12
C THR F 260 65.46 43.99 94.61
N GLY F 261 65.19 45.23 94.22
CA GLY F 261 66.20 46.15 93.74
C GLY F 261 66.10 46.47 92.26
N GLY F 262 65.57 45.53 91.48
CA GLY F 262 65.52 45.71 90.04
C GLY F 262 64.54 46.78 89.61
N THR F 263 64.64 47.15 88.34
CA THR F 263 63.78 48.15 87.73
C THR F 263 63.16 47.58 86.46
N VAL F 264 61.89 47.91 86.26
CA VAL F 264 61.12 47.46 85.11
C VAL F 264 60.84 48.66 84.22
N ALA F 265 60.85 48.43 82.91
CA ALA F 265 60.76 49.54 81.96
C ALA F 265 59.31 49.99 81.76
N ASP F 266 58.46 49.12 81.24
CA ASP F 266 57.08 49.47 80.93
C ASP F 266 56.18 48.27 81.15
N SER F 267 54.93 48.54 81.52
CA SER F 267 53.97 47.47 81.72
C SER F 267 53.69 46.75 80.41
N GLY F 268 53.62 45.42 80.49
CA GLY F 268 53.40 44.62 79.29
C GLY F 268 53.14 43.16 79.59
N TYR F 269 53.11 42.33 78.55
CA TYR F 269 52.92 40.90 78.70
C TYR F 269 54.19 40.16 78.27
N LEU F 270 54.66 39.27 79.13
CA LEU F 270 55.88 38.50 78.88
C LEU F 270 55.52 37.04 78.76
N LEU F 271 56.18 36.36 77.81
CA LEU F 271 55.91 34.95 77.52
C LEU F 271 57.24 34.26 77.31
N ILE F 272 57.36 33.02 77.77
CA ILE F 272 58.62 32.29 77.71
C ILE F 272 58.38 30.91 77.11
N GLU F 273 59.25 30.55 76.16
CA GLU F 273 59.26 29.29 75.40
C GLU F 273 60.51 28.50 75.79
N ALA F 274 60.33 27.21 76.05
CA ALA F 274 61.48 26.33 76.18
C ALA F 274 61.90 25.82 74.80
N GLN F 275 63.00 25.06 74.76
CA GLN F 275 63.55 24.57 73.49
C GLN F 275 63.90 23.09 73.45
N GLU F 276 64.19 22.44 74.58
CA GLU F 276 64.57 21.03 74.54
C GLU F 276 64.01 20.32 75.76
N ASN F 277 64.47 19.10 75.99
CA ASN F 277 63.93 18.21 77.01
C ASN F 277 65.03 17.80 77.98
N PHE F 278 64.67 17.68 79.26
CA PHE F 278 65.63 17.23 80.27
C PHE F 278 64.88 16.63 81.46
N THR F 279 65.43 15.52 81.98
CA THR F 279 64.85 14.83 83.13
C THR F 279 65.93 14.32 84.08
N VAL F 280 67.14 14.87 84.00
CA VAL F 280 68.29 14.29 84.68
C VAL F 280 68.61 15.18 85.88
N SER F 281 67.60 15.85 86.42
CA SER F 281 67.79 16.74 87.55
C SER F 281 67.91 15.94 88.83
N ALA F 282 69.06 16.07 89.50
CA ALA F 282 69.25 15.55 90.85
C ALA F 282 69.99 16.53 91.74
N GLY F 283 70.26 17.73 91.26
CA GLY F 283 71.04 18.75 91.94
C GLY F 283 72.39 18.90 91.29
N THR F 284 72.51 19.85 90.36
CA THR F 284 73.71 20.06 89.57
C THR F 284 73.53 21.32 88.73
N THR F 285 74.59 22.11 88.56
CA THR F 285 74.52 23.26 87.68
C THR F 285 74.48 22.84 86.22
N ALA F 286 73.75 23.60 85.41
CA ALA F 286 73.62 23.32 83.99
C ALA F 286 73.07 24.56 83.30
N ASN F 287 72.95 24.48 81.98
CA ASN F 287 72.42 25.60 81.21
C ASN F 287 71.50 25.10 80.11
N TYR F 288 70.46 25.89 79.82
CA TYR F 288 69.51 25.56 78.78
C TYR F 288 69.04 26.85 78.12
N THR F 289 68.63 26.73 76.86
CA THR F 289 68.28 27.88 76.04
C THR F 289 66.77 28.00 75.89
N PHE F 290 66.28 29.24 76.01
CA PHE F 290 64.86 29.54 75.89
C PHE F 290 64.68 30.75 74.99
N LYS F 291 63.46 30.91 74.48
CA LYS F 291 63.06 32.11 73.78
C LYS F 291 62.10 32.93 74.64
N ALA F 292 62.11 34.24 74.45
CA ALA F 292 61.26 35.15 75.20
C ALA F 292 60.51 36.05 74.23
N THR F 293 59.27 36.39 74.58
CA THR F 293 58.42 37.26 73.76
C THR F 293 57.82 38.33 74.65
N PHE F 294 57.89 39.58 74.20
CA PHE F 294 57.35 40.71 74.93
C PHE F 294 56.35 41.45 74.07
N VAL F 295 55.21 41.81 74.65
CA VAL F 295 54.17 42.59 73.99
C VAL F 295 53.93 43.83 74.82
N ASP F 296 54.02 45.00 74.19
CA ASP F 296 53.75 46.27 74.86
C ASP F 296 52.24 46.45 75.02
N ALA F 297 51.82 46.75 76.25
CA ALA F 297 50.40 46.91 76.53
C ALA F 297 49.83 48.22 76.01
N LYS F 298 50.67 49.20 75.71
CA LYS F 298 50.21 50.53 75.32
C LYS F 298 50.31 50.79 73.81
N THR F 299 51.44 50.51 73.18
CA THR F 299 51.63 50.80 71.77
C THR F 299 51.43 49.60 70.86
N GLY F 300 51.52 48.38 71.39
CA GLY F 300 51.36 47.20 70.58
C GLY F 300 52.64 46.66 69.96
N GLU F 301 53.79 47.22 70.30
CA GLU F 301 55.05 46.73 69.78
C GLU F 301 55.32 45.31 70.28
N LYS F 302 55.92 44.50 69.43
CA LYS F 302 56.19 43.09 69.71
C LYS F 302 57.66 42.81 69.53
N SER F 303 58.27 42.14 70.51
CA SER F 303 59.70 41.87 70.48
C SER F 303 59.96 40.41 70.87
N THR F 304 61.06 39.87 70.35
CA THR F 304 61.46 38.48 70.56
C THR F 304 62.93 38.44 70.89
N TYR F 305 63.31 37.66 71.91
CA TYR F 305 64.69 37.59 72.36
C TYR F 305 65.07 36.16 72.71
N GLU F 306 66.35 35.97 73.01
CA GLU F 306 66.89 34.69 73.45
C GLU F 306 67.38 34.83 74.89
N ILE F 307 67.14 33.81 75.72
CA ILE F 307 67.52 33.83 77.13
C ILE F 307 68.07 32.46 77.49
N GLU F 308 68.68 32.39 78.68
CA GLU F 308 69.31 31.18 79.17
C GLU F 308 68.91 30.96 80.62
N GLY F 309 68.87 29.70 81.04
CA GLY F 309 68.49 29.37 82.40
C GLY F 309 69.24 28.16 82.90
N GLY F 310 69.16 27.94 84.22
CA GLY F 310 69.83 26.82 84.84
C GLY F 310 69.25 26.48 86.19
N ASP F 311 69.29 25.19 86.51
CA ASP F 311 68.88 24.68 87.81
C ASP F 311 70.02 24.83 88.80
N ASP F 312 69.66 24.96 90.09
CA ASP F 312 70.65 25.18 91.12
C ASP F 312 70.77 24.01 92.11
N GLY F 313 69.72 23.72 92.87
CA GLY F 313 69.74 22.52 93.68
C GLY F 313 68.47 21.71 93.61
N ALA F 314 67.36 22.36 93.29
CA ALA F 314 66.06 21.69 93.18
C ALA F 314 65.03 22.69 92.69
N GLY F 315 64.28 22.29 91.67
CA GLY F 315 63.09 22.99 91.23
C GLY F 315 63.12 24.50 91.14
N ASN F 316 64.27 25.06 90.79
CA ASN F 316 64.40 26.51 90.61
C ASN F 316 64.88 26.79 89.20
N LEU F 317 64.14 27.63 88.48
CA LEU F 317 64.55 28.12 87.17
C LEU F 317 64.75 29.63 87.31
N VAL F 318 66.01 30.06 87.30
CA VAL F 318 66.36 31.46 87.53
C VAL F 318 66.74 32.07 86.19
N PHE F 319 65.96 33.04 85.73
CA PHE F 319 66.21 33.72 84.48
C PHE F 319 66.77 35.12 84.73
N ASP F 320 67.60 35.58 83.80
CA ASP F 320 68.24 36.88 83.88
C ASP F 320 67.53 37.82 82.91
N LEU F 321 67.16 39.00 83.39
CA LEU F 321 66.43 39.97 82.59
C LEU F 321 67.34 41.02 81.95
N ALA F 322 68.65 40.92 82.15
CA ALA F 322 69.57 41.91 81.59
C ALA F 322 69.66 41.81 80.07
N ASP F 323 69.31 40.66 79.51
CA ASP F 323 69.38 40.48 78.07
C ASP F 323 68.14 40.96 77.33
N MET F 324 67.16 41.51 78.04
CA MET F 324 66.05 42.20 77.39
C MET F 324 66.48 43.57 76.88
N THR F 325 67.23 43.60 75.78
CA THR F 325 67.64 44.87 75.20
C THR F 325 66.43 45.58 74.58
N GLY F 326 66.65 46.83 74.19
CA GLY F 326 65.60 47.65 73.63
C GLY F 326 64.61 48.15 74.67
N ALA F 327 63.96 47.23 75.39
CA ALA F 327 63.08 47.63 76.46
C ALA F 327 63.87 47.90 77.75
N GLY F 328 64.69 46.94 78.16
CA GLY F 328 65.55 47.12 79.31
C GLY F 328 64.92 46.70 80.62
N PHE F 329 65.51 45.72 81.28
CA PHE F 329 65.04 45.21 82.57
C PHE F 329 66.24 45.08 83.51
N SER F 330 65.96 44.67 84.74
CA SER F 330 67.02 44.45 85.72
C SER F 330 66.52 43.47 86.76
N GLY F 331 67.46 42.91 87.52
CA GLY F 331 67.13 41.93 88.53
C GLY F 331 67.01 40.53 87.97
N GLU F 332 66.42 39.65 88.78
CA GLU F 332 66.26 38.25 88.44
C GLU F 332 64.78 37.89 88.43
N VAL F 333 64.51 36.61 88.21
CA VAL F 333 63.17 36.05 88.33
C VAL F 333 63.33 34.55 88.52
N SER F 334 62.55 33.98 89.43
CA SER F 334 62.70 32.57 89.78
C SER F 334 61.36 31.85 89.68
N ILE F 335 61.34 30.78 88.92
CA ILE F 335 60.18 29.89 88.84
C ILE F 335 60.45 28.72 89.79
N ALA F 336 59.55 28.52 90.74
CA ALA F 336 59.72 27.49 91.78
C ALA F 336 59.06 26.20 91.27
N ILE F 337 59.86 25.36 90.63
CA ILE F 337 59.32 24.17 89.97
C ILE F 337 59.10 23.04 90.97
N GLY F 338 59.97 22.95 91.97
CA GLY F 338 59.97 21.81 92.85
C GLY F 338 60.78 20.65 92.29
N THR F 339 61.15 19.73 93.17
CA THR F 339 62.02 18.63 92.81
C THR F 339 61.36 17.73 91.77
N ASP F 340 62.19 17.01 91.02
CA ASP F 340 61.73 16.08 89.97
C ASP F 340 60.95 16.80 88.87
N ALA F 341 61.68 17.67 88.15
CA ALA F 341 61.13 18.37 87.00
C ALA F 341 61.57 17.64 85.74
N ASN F 342 60.60 17.25 84.92
CA ASN F 342 60.84 16.59 83.64
C ASN F 342 60.25 17.46 82.55
N MET F 343 61.11 18.15 81.81
CA MET F 343 60.71 19.24 80.94
C MET F 343 60.78 18.81 79.49
N GLN F 344 59.72 19.05 78.74
CA GLN F 344 59.66 18.73 77.32
C GLN F 344 59.78 20.01 76.50
N SER F 345 59.97 19.86 75.19
CA SER F 345 60.09 20.98 74.26
C SER F 345 58.69 21.39 73.81
N GLY F 346 58.22 22.52 74.31
CA GLY F 346 56.92 23.03 73.91
C GLY F 346 56.10 23.61 75.05
N ASP F 347 56.64 23.55 76.27
CA ASP F 347 55.92 24.06 77.42
C ASP F 347 56.03 25.58 77.49
N LYS F 348 54.90 26.25 77.73
CA LYS F 348 54.84 27.70 77.76
C LYS F 348 54.65 28.21 79.17
N ILE F 349 55.18 29.42 79.45
CA ILE F 349 54.83 30.12 80.67
C ILE F 349 54.51 31.58 80.31
N LEU F 350 53.43 32.11 80.90
CA LEU F 350 52.97 33.45 80.59
C LEU F 350 52.82 34.26 81.87
N LEU F 351 53.42 35.46 81.87
CA LEU F 351 53.38 36.39 82.99
C LEU F 351 53.03 37.79 82.48
N SER F 352 52.66 38.67 83.40
CA SER F 352 52.41 40.07 83.11
C SER F 352 53.28 40.96 83.98
N THR F 353 53.75 42.06 83.43
CA THR F 353 54.64 42.98 84.12
C THR F 353 53.98 44.34 84.26
N THR F 354 54.13 44.94 85.44
CA THR F 354 53.55 46.24 85.75
C THR F 354 54.66 47.27 85.95
N GLU F 355 54.24 48.53 86.11
CA GLU F 355 55.15 49.65 86.29
C GLU F 355 54.75 50.49 87.49
N ALA F 356 55.73 51.09 88.14
CA ALA F 356 55.48 51.97 89.28
C ALA F 356 55.29 53.40 88.82
N VAL F 357 54.23 54.04 89.31
CA VAL F 357 53.88 55.40 88.93
C VAL F 357 53.57 56.18 90.20
N ASP F 358 53.81 57.50 90.16
CA ASP F 358 53.54 58.35 91.32
C ASP F 358 52.06 58.35 91.68
N THR F 359 51.19 58.54 90.68
CA THR F 359 49.74 58.50 90.83
C THR F 359 49.21 59.44 91.92
N SER F 360 50.02 60.41 92.35
CA SER F 360 49.58 61.36 93.37
C SER F 360 49.99 62.75 92.91
N ALA F 361 49.12 63.38 92.14
CA ALA F 361 49.33 64.72 91.60
C ALA F 361 48.11 65.57 91.90
N THR F 362 48.05 66.75 91.26
CA THR F 362 46.89 67.62 91.44
C THR F 362 45.63 66.98 90.88
N SER F 363 45.63 66.66 89.59
CA SER F 363 44.52 66.00 88.91
C SER F 363 44.97 65.73 87.48
N GLY F 364 44.14 64.99 86.74
CA GLY F 364 44.40 64.78 85.32
C GLY F 364 44.33 63.35 84.83
N GLY F 365 44.76 62.39 85.63
CA GLY F 365 44.80 61.01 85.16
C GLY F 365 44.87 60.03 86.30
N GLY F 366 44.79 58.75 85.96
CA GLY F 366 44.80 57.68 86.93
C GLY F 366 45.19 56.36 86.30
N THR F 367 44.69 55.27 86.89
CA THR F 367 45.10 53.92 86.51
C THR F 367 43.90 53.10 86.05
N ILE F 368 44.19 52.09 85.23
CA ILE F 368 43.18 51.23 84.62
C ILE F 368 43.63 49.78 84.76
N ALA F 369 42.68 48.90 85.07
CA ALA F 369 42.94 47.48 85.23
C ALA F 369 41.84 46.66 84.58
N ILE F 370 42.25 45.78 83.66
CA ILE F 370 41.36 44.86 82.96
C ILE F 370 41.58 43.46 83.52
N SER F 371 40.48 42.77 83.84
CA SER F 371 40.55 41.43 84.40
C SER F 371 39.29 40.67 84.04
N GLY F 372 39.34 39.35 84.27
CA GLY F 372 38.18 38.50 84.03
C GLY F 372 38.39 37.46 82.96
N GLY F 373 37.37 37.25 82.14
CA GLY F 373 37.46 36.33 81.03
C GLY F 373 37.08 34.92 81.42
N PRO F 374 36.89 34.05 80.42
CA PRO F 374 36.57 32.65 80.72
C PRO F 374 37.63 31.95 81.56
N ALA F 375 38.90 32.32 81.38
CA ALA F 375 39.98 31.77 82.18
C ALA F 375 40.14 32.46 83.52
N GLY F 376 39.50 33.60 83.72
CA GLY F 376 39.53 34.29 84.99
C GLY F 376 40.90 34.82 85.39
N THR F 377 41.59 35.47 84.46
CA THR F 377 42.90 36.02 84.76
C THR F 377 42.77 37.35 85.50
N THR F 378 43.76 37.63 86.35
CA THR F 378 43.87 38.92 87.03
C THR F 378 44.97 39.71 86.35
N GLY F 379 44.58 40.68 85.53
CA GLY F 379 45.49 41.35 84.62
C GLY F 379 46.38 42.37 85.30
N ALA F 380 47.19 43.02 84.48
CA ALA F 380 48.15 44.02 84.93
C ALA F 380 47.49 45.39 85.07
N ILE F 381 48.25 46.34 85.59
CA ILE F 381 47.76 47.68 85.88
C ILE F 381 48.49 48.68 84.99
N ILE F 382 47.75 49.58 84.36
CA ILE F 382 48.32 50.61 83.51
C ILE F 382 47.99 51.96 84.12
N SER F 383 48.80 52.97 83.82
CA SER F 383 48.63 54.29 84.41
C SER F 383 48.87 55.37 83.37
N TYR F 384 48.22 56.51 83.58
CA TYR F 384 48.28 57.65 82.69
C TYR F 384 48.63 58.92 83.47
N GLY F 385 48.90 60.00 82.72
CA GLY F 385 49.42 61.22 83.30
C GLY F 385 48.41 62.35 83.34
N ASN F 386 48.95 63.57 83.51
CA ASN F 386 48.12 64.76 83.72
C ASN F 386 47.41 65.17 82.43
N ASN F 387 46.13 65.52 82.57
CA ASN F 387 45.30 65.99 81.46
C ASN F 387 45.39 65.04 80.27
N GLU F 388 45.40 63.74 80.55
CA GLU F 388 45.42 62.73 79.51
C GLU F 388 44.10 61.97 79.38
N LEU F 389 43.09 62.32 80.19
CA LEU F 389 41.79 61.66 80.14
C LEU F 389 40.64 62.63 79.94
N THR F 390 40.71 63.81 80.54
CA THR F 390 39.59 64.74 80.55
C THR F 390 40.03 66.12 80.10
N LYS F 391 39.32 66.66 79.11
CA LYS F 391 39.63 67.98 78.55
C LYS F 391 38.81 69.06 79.28
N VAL F 392 38.80 70.26 78.73
CA VAL F 392 38.18 71.43 79.34
C VAL F 392 37.03 71.90 78.46
N ASP F 393 36.09 72.63 79.05
CA ASP F 393 34.94 73.11 78.32
C ASP F 393 35.27 74.38 77.52
N ASN F 394 34.54 74.56 76.42
CA ASN F 394 34.72 75.69 75.51
C ASN F 394 33.38 76.39 75.26
N GLY F 395 32.64 76.61 76.34
CA GLY F 395 31.30 77.18 76.25
C GLY F 395 30.19 76.15 76.34
N ASP F 396 30.07 75.26 75.36
CA ASP F 396 29.10 74.18 75.44
C ASP F 396 29.73 72.83 75.14
N THR F 397 30.74 72.84 74.26
CA THR F 397 31.46 71.66 73.77
C THR F 397 30.57 70.74 72.94
N THR F 398 29.29 71.06 72.82
CA THR F 398 28.31 70.24 72.12
C THR F 398 28.49 68.76 72.42
N ILE F 399 28.83 68.49 73.69
CA ILE F 399 29.28 67.19 74.17
C ILE F 399 30.59 66.80 73.51
N ASP F 400 31.59 66.47 74.32
CA ASP F 400 32.91 66.05 73.84
C ASP F 400 33.16 64.62 74.30
N TYR F 401 34.26 64.04 73.82
CA TYR F 401 34.60 62.67 74.15
C TYR F 401 36.06 62.41 73.83
N ASN F 402 36.80 61.86 74.80
CA ASN F 402 38.19 61.50 74.59
C ASN F 402 38.31 59.99 74.38
N SER F 403 39.46 59.55 73.85
CA SER F 403 39.66 58.15 73.53
C SER F 403 40.95 57.61 74.11
N VAL F 404 40.93 56.33 74.46
CA VAL F 404 42.10 55.61 74.95
C VAL F 404 42.12 54.24 74.30
N THR F 405 43.26 53.87 73.73
CA THR F 405 43.44 52.59 73.05
C THR F 405 44.13 51.61 73.97
N VAL F 406 43.49 50.46 74.22
CA VAL F 406 44.01 49.46 75.14
C VAL F 406 44.03 48.10 74.46
N TYR F 407 45.16 47.43 74.55
CA TYR F 407 45.33 46.09 73.98
C TYR F 407 45.32 45.06 75.10
N HIS F 408 45.14 43.80 74.70
CA HIS F 408 45.02 42.70 75.64
C HIS F 408 45.59 41.43 75.02
N ALA F 409 46.18 40.59 75.86
CA ALA F 409 46.81 39.35 75.42
C ALA F 409 46.22 38.17 76.19
N ALA F 410 46.18 37.02 75.50
CA ALA F 410 45.55 35.84 76.07
C ALA F 410 46.24 34.58 75.53
N LEU F 411 46.13 33.51 76.30
CA LEU F 411 46.74 32.22 75.98
C LEU F 411 45.78 31.10 76.32
N ASN F 412 45.67 30.12 75.42
CA ASN F 412 44.84 28.96 75.63
C ASN F 412 45.67 27.85 76.27
N VAL F 413 44.99 26.76 76.67
CA VAL F 413 45.62 25.71 77.44
C VAL F 413 45.88 24.45 76.60
N GLU F 414 45.53 24.48 75.33
CA GLU F 414 45.73 23.29 74.49
C GLU F 414 46.68 23.52 73.33
N THR F 415 46.48 24.56 72.52
CA THR F 415 47.30 24.81 71.35
C THR F 415 48.28 25.94 71.50
N GLY F 416 48.16 26.77 72.54
CA GLY F 416 49.18 27.76 72.83
C GLY F 416 49.40 28.83 71.80
N ASN F 417 48.36 29.28 71.12
CA ASN F 417 48.46 30.47 70.28
C ASN F 417 48.30 31.70 71.15
N LEU F 418 48.99 32.78 70.76
CA LEU F 418 48.95 34.03 71.47
C LEU F 418 47.90 34.93 70.84
N ASP F 419 46.94 35.39 71.65
CA ASP F 419 45.83 36.20 71.17
C ASP F 419 46.03 37.64 71.60
N VAL F 420 45.87 38.58 70.67
CA VAL F 420 46.02 39.99 70.93
C VAL F 420 44.78 40.71 70.42
N GLY F 421 44.16 41.51 71.28
CA GLY F 421 42.95 42.22 70.94
C GLY F 421 43.05 43.70 71.31
N ASN F 422 42.16 44.49 70.72
CA ASN F 422 42.20 45.93 70.92
C ASN F 422 40.81 46.45 71.25
N LEU F 423 40.77 47.50 72.05
CA LEU F 423 39.54 48.21 72.37
C LEU F 423 39.87 49.68 72.52
N THR F 424 38.84 50.53 72.46
CA THR F 424 39.00 51.96 72.70
C THR F 424 37.95 52.40 73.70
N PHE F 425 38.40 52.73 74.91
CA PHE F 425 37.51 53.33 75.89
C PHE F 425 37.31 54.80 75.56
N ASN F 426 36.07 55.27 75.69
CA ASN F 426 35.74 56.67 75.45
C ASN F 426 35.42 57.29 76.80
N PHE F 427 36.02 58.43 77.08
CA PHE F 427 35.88 59.09 78.36
C PHE F 427 35.18 60.43 78.21
N ARG F 428 34.66 60.91 79.34
CA ARG F 428 33.60 61.90 79.43
C ARG F 428 34.00 63.22 78.75
N GLU F 429 32.99 64.07 78.56
CA GLU F 429 33.12 65.34 77.84
C GLU F 429 34.23 66.22 78.42
N ASP F 430 34.04 66.70 79.65
CA ASP F 430 34.95 67.67 80.23
C ASP F 430 34.74 67.80 81.74
N THR F 431 35.82 67.71 82.50
CA THR F 431 35.77 67.84 83.95
C THR F 431 36.77 68.91 84.39
N GLY F 432 36.71 69.27 85.67
CA GLY F 432 37.72 70.15 86.23
C GLY F 432 37.21 71.25 87.15
N THR F 433 38.08 71.65 88.07
CA THR F 433 37.84 72.81 88.92
C THR F 433 38.24 74.05 88.12
N ASP F 434 38.42 75.20 88.77
CA ASP F 434 38.62 76.44 88.03
C ASP F 434 39.98 76.44 87.34
N THR F 435 40.06 75.72 86.22
CA THR F 435 41.17 75.80 85.27
C THR F 435 42.52 75.51 85.93
N ALA F 436 42.65 74.34 86.55
CA ALA F 436 43.96 73.89 87.00
C ALA F 436 44.55 72.83 86.06
N TYR F 437 43.96 71.63 86.04
CA TYR F 437 44.29 70.62 85.04
C TYR F 437 43.10 69.82 84.53
N GLY F 438 42.00 69.71 85.28
CA GLY F 438 40.88 68.85 84.99
C GLY F 438 40.47 68.09 86.23
N SER F 439 39.74 67.00 86.03
CA SER F 439 39.27 66.17 87.14
C SER F 439 38.95 64.79 86.62
N THR F 440 38.92 63.82 87.53
CA THR F 440 38.62 62.43 87.19
C THR F 440 38.10 61.73 88.44
N THR F 441 37.16 60.81 88.22
CA THR F 441 36.60 59.99 89.29
C THR F 441 36.65 58.52 88.88
N GLY F 442 36.97 57.66 89.85
CA GLY F 442 37.10 56.24 89.61
C GLY F 442 35.78 55.51 89.71
N GLY F 443 35.86 54.19 89.57
CA GLY F 443 34.73 53.31 89.61
C GLY F 443 35.04 51.97 88.97
N SER F 444 34.02 51.13 88.90
CA SER F 444 34.12 49.80 88.33
C SER F 444 32.79 49.43 87.69
N PHE F 445 32.84 48.99 86.44
CA PHE F 445 31.64 48.55 85.76
C PHE F 445 31.94 47.27 85.00
N ASP F 446 30.92 46.75 84.32
CA ASP F 446 30.99 45.43 83.71
C ASP F 446 30.88 45.53 82.20
N LEU F 447 31.65 44.69 81.50
CA LEU F 447 31.71 44.77 80.04
C LEU F 447 31.31 43.43 79.43
N LEU F 448 30.53 43.50 78.34
CA LEU F 448 30.13 42.36 77.55
C LEU F 448 30.69 42.49 76.13
N VAL F 449 30.92 41.35 75.49
CA VAL F 449 31.61 41.32 74.20
C VAL F 449 30.72 40.59 73.19
N ALA F 450 30.92 40.89 71.90
CA ALA F 450 30.37 40.09 70.82
C ALA F 450 31.34 40.11 69.65
N GLY F 451 31.56 38.95 69.04
CA GLY F 451 32.50 38.84 67.95
C GLY F 451 33.93 39.10 68.42
N GLY F 452 34.84 39.13 67.46
CA GLY F 452 36.22 39.42 67.77
C GLY F 452 36.79 40.68 67.14
N GLY F 453 36.33 41.01 65.94
CA GLY F 453 36.93 42.10 65.18
C GLY F 453 37.07 41.76 63.71
N GLU F 454 38.27 41.93 63.15
CA GLU F 454 38.55 41.50 61.77
C GLU F 454 39.79 40.61 61.79
N ALA F 455 39.59 39.38 62.23
CA ALA F 455 40.46 38.21 62.09
C ALA F 455 39.74 37.10 62.86
N ALA F 456 40.27 35.89 62.77
CA ALA F 456 39.68 34.76 63.48
C ALA F 456 40.52 34.40 64.69
N THR F 457 39.92 34.48 65.88
CA THR F 457 40.59 34.07 67.10
C THR F 457 40.53 32.56 67.25
N SER F 458 41.32 32.05 68.19
CA SER F 458 41.40 30.60 68.38
C SER F 458 40.09 30.04 68.94
N THR F 459 39.26 30.88 69.54
CA THR F 459 38.01 30.45 70.16
C THR F 459 36.78 30.94 69.38
N THR F 460 36.86 30.94 68.05
CA THR F 460 35.76 31.41 67.25
C THR F 460 34.89 30.25 66.77
N LYS F 461 33.58 30.44 66.81
CA LYS F 461 32.65 29.39 66.41
C LYS F 461 32.62 29.28 64.89
N LEU F 462 32.57 28.03 64.41
CA LEU F 462 32.70 27.76 62.98
C LEU F 462 31.49 28.19 62.17
N LYS F 463 30.32 28.34 62.78
CA LYS F 463 29.12 28.78 62.07
C LYS F 463 29.09 30.28 61.85
N ASP F 464 30.19 30.99 62.15
CA ASP F 464 30.20 32.44 62.12
C ASP F 464 31.19 33.01 61.11
N ILE F 465 32.04 32.20 60.51
CA ILE F 465 33.03 32.70 59.57
C ILE F 465 32.36 33.07 58.26
N SER F 466 32.76 34.22 57.69
CA SER F 466 32.10 34.73 56.50
C SER F 466 32.28 33.82 55.29
N ARG F 467 33.35 33.03 55.26
CA ARG F 467 33.57 32.15 54.11
C ARG F 467 32.59 30.99 54.05
N PHE F 468 31.94 30.64 55.15
CA PHE F 468 31.07 29.47 55.20
C PHE F 468 29.62 29.80 54.90
N THR F 469 29.38 30.86 54.13
CA THR F 469 28.05 31.16 53.60
C THR F 469 28.17 31.46 52.12
N THR F 470 27.16 31.05 51.36
CA THR F 470 27.16 31.25 49.92
C THR F 470 26.65 32.65 49.59
N ASP F 471 26.56 32.94 48.29
CA ASP F 471 25.99 34.21 47.85
C ASP F 471 24.50 34.29 48.12
N ASP F 472 23.86 33.16 48.43
CA ASP F 472 22.42 33.11 48.65
C ASP F 472 22.04 33.42 50.09
N GLY F 473 23.00 33.74 50.95
CA GLY F 473 22.72 34.10 52.32
C GLY F 473 22.50 32.93 53.25
N VAL F 474 22.74 31.71 52.81
CA VAL F 474 22.52 30.51 53.62
C VAL F 474 23.88 29.93 54.01
N ASN F 475 24.01 29.52 55.27
CA ASN F 475 25.22 28.84 55.72
C ASN F 475 25.05 27.33 55.60
N ILE F 476 26.18 26.66 55.35
CA ILE F 476 26.14 25.23 55.04
C ILE F 476 25.78 24.41 56.27
N PHE F 477 26.17 24.87 57.46
CA PHE F 477 26.07 24.07 58.67
C PHE F 477 24.66 23.99 59.24
N ALA F 478 23.71 24.76 58.68
CA ALA F 478 22.34 24.72 59.19
C ALA F 478 21.72 23.34 59.01
N ALA F 479 21.95 22.71 57.86
CA ALA F 479 21.31 21.43 57.56
C ALA F 479 21.81 20.33 58.48
N GLY F 480 23.12 20.25 58.70
CA GLY F 480 23.69 19.22 59.53
C GLY F 480 25.19 19.10 59.39
N PRO F 481 25.79 18.12 60.05
CA PRO F 481 27.24 17.93 59.96
C PRO F 481 27.68 17.60 58.55
N GLN F 482 28.90 18.02 58.21
CA GLN F 482 29.46 17.86 56.88
C GLN F 482 30.60 16.86 56.89
N GLU F 483 30.91 16.35 55.69
CA GLU F 483 31.91 15.32 55.49
C GLU F 483 33.22 15.92 55.02
N LEU F 484 34.33 15.26 55.36
CA LEU F 484 35.61 15.59 54.75
C LEU F 484 36.45 14.32 54.63
N THR F 485 36.96 14.05 53.44
CA THR F 485 37.73 12.84 53.17
C THR F 485 39.17 13.20 52.85
N ILE F 486 40.10 12.53 53.52
CA ILE F 486 41.53 12.71 53.31
C ILE F 486 42.08 11.43 52.70
N PHE F 487 42.78 11.56 51.58
CA PHE F 487 43.41 10.44 50.90
C PHE F 487 44.92 10.61 50.91
N GLY F 488 45.63 9.56 51.28
CA GLY F 488 47.09 9.57 51.29
C GLY F 488 47.68 8.28 51.79
N ASN F 489 48.94 8.01 51.43
CA ASN F 489 49.64 6.79 51.85
C ASN F 489 48.87 5.54 51.44
N GLY F 490 48.18 5.64 50.30
CA GLY F 490 47.34 4.54 49.84
C GLY F 490 46.23 4.17 50.80
N SER F 491 45.66 5.17 51.48
CA SER F 491 44.59 4.94 52.44
C SER F 491 43.72 6.18 52.51
N SER F 492 42.64 6.10 53.27
CA SER F 492 41.67 7.17 53.36
C SER F 492 41.14 7.29 54.78
N ALA F 493 40.65 8.48 55.10
CA ALA F 493 40.04 8.76 56.39
C ALA F 493 38.91 9.76 56.19
N THR F 494 37.94 9.74 57.10
CA THR F 494 36.77 10.58 57.01
C THR F 494 36.51 11.26 58.35
N ILE F 495 36.25 12.57 58.31
CA ILE F 495 35.96 13.35 59.50
C ILE F 495 34.64 14.07 59.32
N TYR F 496 34.01 14.35 60.45
CA TYR F 496 32.69 14.98 60.53
C TYR F 496 32.82 16.35 61.17
N LEU F 497 32.21 17.36 60.54
CA LEU F 497 32.22 18.72 61.05
C LEU F 497 30.82 19.09 61.52
N GLU F 498 30.73 19.63 62.74
CA GLU F 498 29.46 20.08 63.28
C GLU F 498 29.45 21.60 63.30
N GLY F 499 28.26 22.16 63.55
CA GLY F 499 28.04 23.58 63.43
C GLY F 499 28.50 24.43 64.59
N ASP F 500 29.05 23.83 65.65
CA ASP F 500 29.46 24.59 66.81
C ASP F 500 30.91 24.35 67.21
N ASP F 501 31.74 23.79 66.33
CA ASP F 501 33.13 23.55 66.64
C ASP F 501 33.90 24.86 66.76
N THR F 502 35.01 24.80 67.48
CA THR F 502 36.00 25.87 67.51
C THR F 502 37.14 25.51 66.56
N VAL F 503 37.94 26.52 66.21
CA VAL F 503 39.03 26.30 65.27
C VAL F 503 40.09 25.37 65.87
N SER F 504 40.30 25.47 67.19
CA SER F 504 41.23 24.57 67.85
C SER F 504 40.76 23.13 67.75
N GLU F 505 39.44 22.91 67.87
CA GLU F 505 38.91 21.56 67.71
C GLU F 505 39.12 21.05 66.29
N PHE F 506 38.98 21.92 65.29
CA PHE F 506 39.26 21.53 63.91
C PHE F 506 40.72 21.13 63.73
N GLU F 507 41.63 21.92 64.30
CA GLU F 507 43.05 21.59 64.20
C GLU F 507 43.37 20.26 64.88
N THR F 508 42.79 20.03 66.06
CA THR F 508 43.00 18.77 66.76
C THR F 508 42.45 17.60 65.96
N LYS F 509 41.26 17.76 65.36
CA LYS F 509 40.69 16.70 64.55
C LYS F 509 41.57 16.38 63.35
N LEU F 510 42.09 17.41 62.68
CA LEU F 510 42.96 17.17 61.53
C LEU F 510 44.25 16.49 61.96
N SER F 511 44.81 16.91 63.10
CA SER F 511 46.03 16.27 63.59
C SER F 511 45.81 14.80 63.87
N SER F 512 44.71 14.47 64.55
CA SER F 512 44.40 13.07 64.83
C SER F 512 44.17 12.28 63.55
N ALA F 513 43.46 12.87 62.58
CA ALA F 513 43.20 12.18 61.33
C ALA F 513 44.49 11.89 60.57
N ILE F 514 45.41 12.86 60.54
CA ILE F 514 46.68 12.65 59.84
C ILE F 514 47.53 11.63 60.57
N LEU F 515 47.53 11.67 61.90
CA LEU F 515 48.26 10.67 62.67
C LEU F 515 47.66 9.28 62.51
N GLU F 516 46.37 9.18 62.19
CA GLU F 516 45.76 7.86 62.03
C GLU F 516 46.20 7.18 60.75
N LEU F 517 46.46 7.97 59.69
CA LEU F 517 46.85 7.40 58.41
C LEU F 517 48.28 6.84 58.42
N GLY F 518 49.06 7.13 59.46
CA GLY F 518 50.43 6.70 59.53
C GLY F 518 51.45 7.70 59.03
N MET F 519 51.05 8.95 58.79
CA MET F 519 51.97 9.96 58.29
C MET F 519 52.73 10.67 59.41
N GLY F 520 52.48 10.32 60.66
CA GLY F 520 53.02 11.05 61.79
C GLY F 520 54.46 10.69 62.08
N ALA F 521 54.97 11.29 63.16
CA ALA F 521 56.35 11.08 63.57
C ALA F 521 56.58 9.65 64.03
N THR F 522 57.80 9.18 63.83
CA THR F 522 58.16 7.81 64.17
C THR F 522 58.22 7.63 65.69
N ALA F 523 58.32 6.37 66.10
CA ALA F 523 58.43 6.02 67.52
C ALA F 523 59.91 5.96 67.87
N GLY F 524 60.46 7.11 68.26
CA GLY F 524 61.84 7.20 68.67
C GLY F 524 62.07 7.08 70.16
N THR F 525 61.04 6.74 70.94
CA THR F 525 61.13 6.66 72.40
C THR F 525 61.66 7.96 73.00
N SER F 526 61.20 9.09 72.45
CA SER F 526 61.66 10.39 72.91
C SER F 526 60.57 11.42 72.67
N ASP F 527 60.71 12.56 73.35
CA ASP F 527 59.75 13.65 73.23
C ASP F 527 59.89 14.41 71.91
N GLU F 528 60.92 14.09 71.13
CA GLU F 528 61.04 14.61 69.77
C GLU F 528 59.75 14.36 69.00
N ALA F 529 59.23 13.13 69.08
CA ALA F 529 57.98 12.81 68.40
C ALA F 529 56.83 13.63 68.97
N ALA F 530 56.83 13.86 70.29
CA ALA F 530 55.78 14.68 70.89
C ALA F 530 55.76 16.07 70.28
N THR F 531 56.91 16.73 70.22
CA THR F 531 56.97 18.08 69.65
C THR F 531 56.60 18.07 68.18
N VAL F 532 57.10 17.09 67.42
CA VAL F 532 56.85 17.05 65.98
C VAL F 532 55.37 16.85 65.72
N ASN F 533 54.74 15.91 66.44
CA ASN F 533 53.31 15.68 66.28
C ASN F 533 52.49 16.88 66.74
N SER F 534 52.99 17.62 67.73
CA SER F 534 52.34 18.86 68.12
C SER F 534 52.36 19.88 67.00
N ASN F 535 53.48 19.96 66.27
CA ASN F 535 53.66 20.97 65.23
C ASN F 535 53.30 20.48 63.83
N LEU F 536 52.33 19.58 63.71
CA LEU F 536 51.91 19.09 62.38
C LEU F 536 51.03 20.11 61.67
N VAL F 537 49.86 20.40 62.24
CA VAL F 537 48.90 21.33 61.66
C VAL F 537 48.88 22.58 62.52
N ASN F 538 49.01 23.75 61.89
CA ASN F 538 49.13 24.98 62.64
C ASN F 538 48.14 26.02 62.12
N TYR F 539 47.69 26.86 63.03
CA TYR F 539 46.86 28.01 62.71
C TYR F 539 47.57 29.27 63.16
N VAL F 540 47.70 30.23 62.25
CA VAL F 540 48.46 31.44 62.49
C VAL F 540 47.51 32.53 62.96
N SER F 541 47.74 33.05 64.16
CA SER F 541 46.92 34.11 64.72
C SER F 541 47.67 35.44 64.61
N THR F 542 47.04 36.52 65.10
CA THR F 542 47.65 37.83 65.01
C THR F 542 48.88 37.94 65.92
N GLY F 543 48.82 37.30 67.10
CA GLY F 543 49.90 37.42 68.06
C GLY F 543 51.11 36.54 67.84
N ASP F 544 51.14 35.77 66.75
CA ASP F 544 52.25 34.88 66.47
C ASP F 544 52.69 34.96 65.00
N VAL F 545 52.60 36.16 64.43
CA VAL F 545 52.99 36.37 63.04
C VAL F 545 54.51 36.52 62.96
N THR F 546 55.14 35.73 62.09
CA THR F 546 56.57 35.80 61.87
C THR F 546 56.82 36.16 60.41
N ASP F 547 57.87 36.93 60.15
CA ASP F 547 58.09 37.52 58.85
C ASP F 547 59.01 36.65 57.98
N SER F 548 58.71 36.64 56.68
CA SER F 548 59.55 36.00 55.66
C SER F 548 59.71 34.51 55.92
N SER F 549 58.72 33.92 56.58
CA SER F 549 58.70 32.48 56.81
C SER F 549 57.37 31.95 56.30
N ASN F 550 57.14 30.66 56.53
CA ASN F 550 55.92 30.02 56.06
C ASN F 550 54.68 30.47 56.83
N GLU F 551 54.86 31.18 57.95
CA GLU F 551 53.75 31.63 58.80
C GLU F 551 53.56 33.13 58.72
N ALA F 552 53.82 33.74 57.57
CA ALA F 552 53.76 35.19 57.44
C ALA F 552 52.34 35.71 57.22
N LEU F 553 51.37 34.84 56.99
CA LEU F 553 50.00 35.24 56.73
C LEU F 553 49.13 34.90 57.93
N ALA F 554 48.33 35.87 58.36
CA ALA F 554 47.49 35.73 59.55
C ALA F 554 46.16 35.10 59.18
N GLY F 555 45.64 34.28 60.09
CA GLY F 555 44.36 33.63 59.88
C GLY F 555 44.36 32.60 58.77
N THR F 556 45.42 31.80 58.68
CA THR F 556 45.51 30.74 57.69
C THR F 556 46.00 29.45 58.34
N PHE F 557 45.80 28.35 57.65
CA PHE F 557 46.21 27.04 58.12
C PHE F 557 47.47 26.61 57.37
N VAL F 558 48.46 26.12 58.12
CA VAL F 558 49.68 25.55 57.56
C VAL F 558 49.62 24.05 57.81
N ILE F 559 49.76 23.27 56.73
CA ILE F 559 49.65 21.82 56.78
C ILE F 559 50.95 21.21 56.26
N GLN F 560 51.53 20.32 57.05
CA GLN F 560 52.74 19.60 56.71
C GLN F 560 52.61 18.15 57.16
N THR F 561 53.44 17.30 56.59
CA THR F 561 53.50 15.89 56.95
C THR F 561 54.93 15.49 57.22
N ALA F 562 55.11 14.41 57.98
CA ALA F 562 56.42 13.98 58.44
C ALA F 562 57.10 13.02 57.48
N ARG F 563 56.52 12.76 56.32
CA ARG F 563 57.07 11.84 55.35
C ARG F 563 57.58 12.61 54.13
N LEU F 564 58.45 11.95 53.36
CA LEU F 564 59.11 12.58 52.22
C LEU F 564 58.53 12.07 50.91
N GLY F 565 58.73 12.89 49.87
CA GLY F 565 58.43 12.47 48.51
C GLY F 565 56.96 12.28 48.24
N ASP F 566 56.68 11.46 47.20
CA ASP F 566 55.30 11.22 46.80
C ASP F 566 54.53 10.46 47.87
N ASP F 567 55.23 9.91 48.86
CA ASP F 567 54.56 9.27 49.98
C ASP F 567 53.82 10.28 50.85
N SER F 568 54.06 11.58 50.66
CA SER F 568 53.51 12.61 51.54
C SER F 568 52.45 13.47 50.86
N LYS F 569 52.01 13.11 49.65
CA LYS F 569 51.00 13.90 48.96
C LYS F 569 49.63 13.68 49.60
N LEU F 570 48.95 14.76 49.92
CA LEU F 570 47.63 14.72 50.55
C LEU F 570 46.57 15.15 49.55
N SER F 571 45.44 14.43 49.57
CA SER F 571 44.30 14.75 48.72
C SER F 571 43.08 15.01 49.58
N PHE F 572 42.33 16.06 49.26
CA PHE F 572 41.17 16.48 50.03
C PHE F 572 39.92 16.38 49.16
N ILE F 573 38.89 15.71 49.67
CA ILE F 573 37.66 15.48 48.93
C ILE F 573 36.48 15.79 49.85
N GLY F 574 35.35 16.17 49.26
CA GLY F 574 34.16 16.44 50.04
C GLY F 574 33.11 17.09 49.17
N ASP F 575 32.23 17.86 49.82
CA ASP F 575 31.23 18.62 49.09
C ASP F 575 31.89 19.75 48.32
N GLN F 576 31.27 20.13 47.19
CA GLN F 576 31.85 21.14 46.32
C GLN F 576 31.95 22.49 47.04
N ASN F 577 30.91 22.88 47.76
CA ASN F 577 30.92 24.18 48.44
C ASN F 577 32.00 24.24 49.51
N LEU F 578 32.11 23.19 50.34
CA LEU F 578 33.12 23.19 51.40
C LEU F 578 34.52 23.20 50.82
N ILE F 579 34.76 22.40 49.78
CA ILE F 579 36.08 22.35 49.16
C ILE F 579 36.45 23.70 48.56
N ASN F 580 35.49 24.34 47.88
CA ASN F 580 35.74 25.66 47.30
C ASN F 580 36.01 26.68 48.40
N ALA F 581 35.27 26.62 49.50
CA ALA F 581 35.46 27.59 50.58
C ALA F 581 36.81 27.43 51.26
N LEU F 582 37.23 26.18 51.52
CA LEU F 582 38.52 25.96 52.14
C LEU F 582 39.66 26.44 51.25
N SER F 583 39.65 26.01 49.98
CA SER F 583 40.53 26.53 48.95
C SER F 583 42.01 26.42 49.34
N LEU F 584 42.46 25.18 49.50
CA LEU F 584 43.86 24.93 49.81
C LEU F 584 44.73 25.25 48.60
N ALA F 585 46.01 25.50 48.87
CA ALA F 585 46.96 25.84 47.84
C ALA F 585 48.30 25.19 48.15
N THR F 586 49.13 25.06 47.13
CA THR F 586 50.42 24.40 47.24
C THR F 586 51.53 25.44 47.28
N ILE F 587 52.38 25.36 48.31
CA ILE F 587 53.55 26.22 48.38
C ILE F 587 54.85 25.45 48.45
N GLN F 588 54.86 24.19 48.89
CA GLN F 588 56.08 23.40 48.81
C GLN F 588 55.78 22.01 48.30
N GLU F 589 56.55 21.58 47.30
CA GLU F 589 56.43 20.26 46.70
C GLU F 589 57.69 19.45 46.98
N GLY F 590 57.50 18.20 47.38
CA GLY F 590 58.61 17.36 47.76
C GLY F 590 59.27 16.66 46.59
N GLU F 591 60.44 16.09 46.89
CA GLU F 591 61.16 15.25 45.94
C GLU F 591 61.66 14.02 46.67
N ASN F 592 62.20 13.07 45.92
CA ASN F 592 62.69 11.83 46.49
C ASN F 592 64.05 12.03 47.15
N SER F 593 64.41 11.11 48.02
CA SER F 593 65.72 11.05 48.63
C SER F 593 66.71 10.41 47.66
N GLU F 594 67.97 10.35 48.06
CA GLU F 594 69.00 9.70 47.27
C GLU F 594 69.60 8.56 48.07
N THR F 595 69.59 7.36 47.51
CA THR F 595 70.00 6.16 48.22
C THR F 595 71.24 5.57 47.58
N THR F 596 72.19 5.14 48.41
CA THR F 596 73.37 4.41 47.97
C THR F 596 73.32 3.02 48.60
N ILE F 597 73.40 2.00 47.76
CA ILE F 597 73.24 0.61 48.19
C ILE F 597 74.48 -0.18 47.78
N LYS F 598 74.99 -0.98 48.70
CA LYS F 598 76.15 -1.83 48.47
C LYS F 598 75.79 -3.26 48.84
N VAL F 599 76.15 -4.22 48.00
CA VAL F 599 75.75 -5.61 48.20
C VAL F 599 76.99 -6.49 48.28
N THR F 600 76.97 -7.47 49.19
CA THR F 600 78.10 -8.36 49.41
C THR F 600 77.59 -9.71 49.88
N ASP F 601 78.47 -10.70 49.87
CA ASP F 601 78.11 -12.05 50.29
C ASP F 601 78.25 -12.19 51.81
N ALA F 602 77.42 -13.06 52.38
CA ALA F 602 77.30 -13.16 53.83
C ALA F 602 78.28 -14.15 54.47
N HIS F 603 78.88 -15.03 53.69
CA HIS F 603 79.81 -15.98 54.30
C HIS F 603 81.26 -15.73 53.90
N THR F 604 81.57 -15.79 52.61
CA THR F 604 82.91 -15.47 52.14
C THR F 604 83.18 -13.97 52.13
N GLY F 605 82.21 -13.16 51.72
CA GLY F 605 82.33 -11.72 51.78
C GLY F 605 82.86 -11.05 50.54
N LYS F 606 82.88 -11.73 49.39
CA LYS F 606 83.40 -11.11 48.19
C LYS F 606 82.43 -10.07 47.64
N PHE F 607 82.97 -9.07 46.96
CA PHE F 607 82.17 -7.97 46.44
C PHE F 607 81.26 -8.45 45.32
N ILE F 608 80.09 -7.81 45.20
CA ILE F 608 79.12 -8.12 44.16
C ILE F 608 78.75 -6.88 43.35
N GLY F 609 78.32 -5.81 44.02
CA GLY F 609 77.91 -4.62 43.32
C GLY F 609 77.62 -3.48 44.25
N SER F 610 77.51 -2.28 43.66
CA SER F 610 77.11 -1.07 44.36
C SER F 610 76.42 -0.15 43.37
N ASP F 611 75.51 0.68 43.87
CA ASP F 611 74.74 1.55 43.01
C ASP F 611 74.18 2.72 43.80
N SER F 612 73.75 3.74 43.07
CA SER F 612 73.11 4.92 43.65
C SER F 612 71.85 5.22 42.85
N VAL F 613 70.71 5.27 43.54
CA VAL F 613 69.42 5.46 42.91
C VAL F 613 68.67 6.58 43.61
N ASN F 614 67.53 6.95 43.02
CA ASN F 614 66.68 8.00 43.55
C ASN F 614 65.24 7.57 43.77
N ASP F 615 64.80 6.48 43.15
CA ASP F 615 63.48 5.91 43.42
C ASP F 615 63.54 4.79 44.45
N SER F 616 64.72 4.56 45.04
CA SER F 616 64.91 3.59 46.12
C SER F 616 64.54 2.18 45.69
N THR F 617 65.00 1.76 44.52
CA THR F 617 64.74 0.42 44.00
C THR F 617 66.03 -0.10 43.36
N LEU F 618 66.75 -0.96 44.09
CA LEU F 618 67.95 -1.59 43.57
C LEU F 618 67.53 -2.66 42.56
N ARG F 619 67.78 -2.38 41.28
CA ARG F 619 67.35 -3.23 40.19
C ARG F 619 68.46 -3.39 39.16
N GLY F 620 68.56 -4.60 38.62
CA GLY F 620 69.50 -4.85 37.54
C GLY F 620 70.88 -5.28 37.95
N VAL F 621 71.11 -5.51 39.24
CA VAL F 621 72.41 -6.00 39.72
C VAL F 621 72.32 -7.45 40.18
N ILE F 622 71.14 -7.89 40.60
CA ILE F 622 70.89 -9.29 40.94
C ILE F 622 69.98 -9.85 39.87
N GLN F 623 70.34 -11.01 39.33
CA GLN F 623 69.67 -11.54 38.15
C GLN F 623 68.22 -11.88 38.44
N GLY F 624 67.31 -11.20 37.75
CA GLY F 624 65.91 -11.55 37.80
C GLY F 624 65.18 -11.13 39.06
N VAL F 625 65.75 -10.23 39.86
CA VAL F 625 65.13 -9.82 41.11
C VAL F 625 65.16 -8.30 41.20
N ASP F 626 64.01 -7.71 41.50
CA ASP F 626 63.92 -6.29 41.83
C ASP F 626 63.56 -6.15 43.31
N VAL F 627 64.33 -5.34 44.03
CA VAL F 627 64.21 -5.17 45.47
C VAL F 627 63.55 -3.83 45.76
N LYS F 628 62.58 -3.84 46.65
CA LYS F 628 61.84 -2.66 47.08
C LYS F 628 62.22 -2.33 48.50
N ILE F 629 62.80 -1.14 48.69
CA ILE F 629 63.15 -0.63 50.01
C ILE F 629 62.32 0.63 50.26
N ASP F 630 61.60 0.65 51.38
CA ASP F 630 60.77 1.80 51.71
C ASP F 630 61.62 3.02 52.02
N SER F 631 60.95 4.17 52.11
CA SER F 631 61.62 5.46 52.24
C SER F 631 61.81 5.90 53.69
N ASP F 632 61.43 5.08 54.67
CA ASP F 632 61.50 5.45 56.07
C ASP F 632 62.75 4.88 56.75
N VAL F 633 63.86 4.79 56.03
CA VAL F 633 65.09 4.19 56.54
C VAL F 633 66.16 5.27 56.66
N GLY F 634 66.81 5.33 57.82
CA GLY F 634 67.96 6.19 58.01
C GLY F 634 67.69 7.68 57.91
N VAL F 635 66.58 8.13 58.49
CA VAL F 635 66.21 9.53 58.48
C VAL F 635 65.84 9.95 59.89
N SER F 636 66.39 11.07 60.35
CA SER F 636 66.06 11.64 61.64
C SER F 636 65.37 12.99 61.43
N ILE F 637 64.32 13.23 62.22
CA ILE F 637 63.44 14.38 62.02
C ILE F 637 63.46 15.24 63.28
N SER F 638 63.48 16.55 63.09
CA SER F 638 63.44 17.48 64.21
C SER F 638 62.65 18.72 63.82
N TRP F 639 62.20 19.46 64.83
CA TRP F 639 61.43 20.68 64.64
C TRP F 639 62.22 21.88 65.11
N ASN F 640 62.22 22.95 64.32
CA ASN F 640 62.94 24.17 64.64
C ASN F 640 61.95 25.31 64.75
N SER F 641 61.63 25.70 65.98
CA SER F 641 60.68 26.80 66.20
C SER F 641 61.32 28.17 66.04
N THR F 642 62.66 28.25 66.03
CA THR F 642 63.31 29.52 65.72
C THR F 642 63.04 29.94 64.29
N LYS F 643 63.09 28.99 63.36
CA LYS F 643 62.66 29.21 61.98
C LYS F 643 61.27 28.66 61.70
N LYS F 644 60.71 27.86 62.62
CA LYS F 644 59.38 27.26 62.46
C LYS F 644 59.31 26.37 61.23
N THR F 645 60.23 25.41 61.15
CA THR F 645 60.30 24.48 60.02
C THR F 645 60.70 23.10 60.52
N MET F 646 60.83 22.18 59.57
CA MET F 646 61.26 20.82 59.88
C MET F 646 62.65 20.58 59.32
N GLU F 647 63.44 19.80 60.07
CA GLU F 647 64.80 19.44 59.68
C GLU F 647 64.90 17.94 59.52
N PHE F 648 65.45 17.50 58.40
CA PHE F 648 65.76 16.10 58.16
C PHE F 648 67.27 15.93 58.15
N SER F 649 67.75 14.83 58.73
CA SER F 649 69.18 14.61 58.82
C SER F 649 69.50 13.13 58.73
N ALA F 650 70.75 12.85 58.39
CA ALA F 650 71.22 11.47 58.29
C ALA F 650 71.47 10.89 59.66
N THR F 651 71.33 9.57 59.76
CA THR F 651 71.51 8.89 61.04
C THR F 651 72.96 8.90 61.48
N GLY F 652 73.89 8.64 60.56
CA GLY F 652 75.29 8.50 60.90
C GLY F 652 75.76 7.06 61.03
N GLU F 653 74.83 6.10 61.09
CA GLU F 653 75.17 4.69 61.11
C GLU F 653 74.32 3.97 60.08
N SER F 654 75.00 3.17 59.24
CA SER F 654 74.32 2.47 58.16
C SER F 654 73.49 1.31 58.71
N GLU F 655 72.74 0.67 57.82
CA GLU F 655 71.85 -0.43 58.19
C GLU F 655 72.19 -1.66 57.37
N ASP F 656 71.87 -2.84 57.91
CA ASP F 656 72.15 -4.11 57.25
C ASP F 656 70.87 -4.91 57.14
N ILE F 657 70.66 -5.51 55.97
CA ILE F 657 69.52 -6.39 55.71
C ILE F 657 70.04 -7.66 55.05
N LYS F 658 69.30 -8.76 55.24
CA LYS F 658 69.70 -10.06 54.74
C LYS F 658 68.56 -10.67 53.93
N LEU F 659 68.91 -11.31 52.81
CA LEU F 659 67.94 -11.84 51.88
C LEU F 659 68.31 -13.27 51.51
N HIS F 660 67.32 -14.16 51.53
CA HIS F 660 67.52 -15.58 51.26
C HIS F 660 66.74 -15.94 49.99
N LEU F 661 67.42 -16.61 49.05
CA LEU F 661 66.89 -16.82 47.72
C LEU F 661 67.28 -18.20 47.22
N VAL F 662 66.29 -18.94 46.69
CA VAL F 662 66.51 -20.29 46.20
C VAL F 662 65.70 -20.47 44.92
N ASP F 663 66.05 -21.50 44.15
CA ASP F 663 65.50 -21.70 42.81
C ASP F 663 64.39 -22.76 42.85
N ASN F 664 63.39 -22.57 41.99
CA ASN F 664 62.25 -23.47 41.89
C ASN F 664 61.80 -23.69 40.45
N ALA F 665 62.75 -23.70 39.51
CA ALA F 665 62.42 -23.83 38.09
C ALA F 665 61.71 -25.15 37.79
N MET F 666 61.07 -25.24 36.64
CA MET F 666 60.28 -26.41 36.28
C MET F 666 60.97 -27.20 35.18
N GLU F 667 61.17 -28.49 35.41
CA GLU F 667 61.80 -29.37 34.43
C GLU F 667 60.75 -30.20 33.72
N MET F 668 61.10 -30.66 32.52
CA MET F 668 60.21 -31.51 31.72
C MET F 668 61.06 -32.54 31.00
N GLN F 669 60.78 -33.82 31.26
CA GLN F 669 61.50 -34.91 30.61
C GLN F 669 61.02 -35.07 29.18
N ILE F 670 61.97 -35.16 28.24
CA ILE F 670 61.64 -35.17 26.82
C ILE F 670 62.37 -36.29 26.09
N GLY F 671 63.11 -37.12 26.82
CA GLY F 671 63.93 -38.12 26.16
C GLY F 671 63.97 -39.46 26.85
N ALA F 672 64.71 -40.40 26.25
CA ALA F 672 64.84 -41.75 26.79
C ALA F 672 66.23 -41.99 27.36
N ASN F 673 66.99 -40.92 27.63
CA ASN F 673 68.30 -41.04 28.24
C ASN F 673 68.53 -39.84 29.15
N GLU F 674 69.43 -40.02 30.10
CA GLU F 674 69.76 -38.95 31.05
C GLU F 674 70.44 -37.81 30.32
N GLY F 675 69.84 -36.62 30.40
CA GLY F 675 70.51 -35.44 29.88
C GLY F 675 69.65 -34.46 29.11
N GLN F 676 68.61 -34.93 28.43
CA GLN F 676 67.78 -34.07 27.60
C GLN F 676 66.49 -33.71 28.33
N THR F 677 66.32 -32.43 28.62
CA THR F 677 65.14 -31.92 29.30
C THR F 677 64.79 -30.56 28.71
N ILE F 678 63.61 -30.06 29.09
CA ILE F 678 63.18 -28.72 28.76
C ILE F 678 62.90 -27.97 30.05
N LEU F 679 63.43 -26.75 30.17
CA LEU F 679 63.18 -25.94 31.35
C LEU F 679 62.11 -24.90 31.06
N ALA F 680 61.22 -24.71 32.04
CA ALA F 680 60.14 -23.75 31.94
C ALA F 680 60.00 -23.01 33.26
N ASN F 681 59.68 -21.73 33.17
CA ASN F 681 59.49 -20.88 34.32
C ASN F 681 58.67 -19.66 33.94
N ILE F 682 57.75 -19.27 34.83
CA ILE F 682 56.76 -18.25 34.54
C ILE F 682 56.91 -17.10 35.53
N PRO F 683 57.21 -15.88 35.09
CA PRO F 683 57.33 -14.75 36.03
C PRO F 683 56.00 -14.48 36.74
N GLN F 684 56.11 -13.99 37.97
CA GLN F 684 54.92 -13.70 38.75
C GLN F 684 54.26 -12.41 38.28
N VAL F 685 52.94 -12.39 38.27
CA VAL F 685 52.17 -11.26 37.78
C VAL F 685 51.08 -10.92 38.80
N ASP F 686 51.06 -9.67 39.24
CA ASP F 686 50.01 -9.15 40.11
C ASP F 686 50.05 -7.63 40.01
N THR F 687 49.34 -6.95 40.92
CA THR F 687 49.32 -5.49 40.90
C THR F 687 50.70 -4.91 41.17
N THR F 688 51.52 -5.62 41.96
CA THR F 688 52.86 -5.12 42.27
C THR F 688 53.76 -5.17 41.04
N SER F 689 53.78 -6.29 40.33
CA SER F 689 54.65 -6.41 39.17
C SER F 689 54.24 -5.44 38.06
N LEU F 690 52.94 -5.30 37.82
CA LEU F 690 52.46 -4.36 36.81
C LEU F 690 52.62 -2.91 37.25
N GLY F 691 52.86 -2.66 38.53
CA GLY F 691 53.11 -1.32 39.02
C GLY F 691 51.92 -0.38 38.95
N ILE F 692 50.74 -0.86 39.30
CA ILE F 692 49.56 0.00 39.36
C ILE F 692 48.98 -0.07 40.78
N ASP F 693 49.86 -0.31 41.75
CA ASP F 693 49.41 -0.43 43.14
C ASP F 693 48.78 0.86 43.65
N ASP F 694 49.37 2.01 43.30
CA ASP F 694 49.00 3.30 43.87
C ASP F 694 48.25 4.18 42.87
N ILE F 695 47.34 3.58 42.09
CA ILE F 695 46.54 4.33 41.14
C ILE F 695 45.38 4.98 41.88
N LEU F 696 45.29 6.30 41.78
CA LEU F 696 44.27 7.07 42.48
C LEU F 696 43.47 7.90 41.49
N MET F 697 42.16 7.93 41.68
CA MET F 697 41.26 8.75 40.86
C MET F 697 40.40 9.57 41.81
N VAL F 698 40.94 10.69 42.28
CA VAL F 698 40.24 11.61 43.17
C VAL F 698 40.24 13.01 42.56
N ASP F 699 41.35 13.43 41.99
CA ASP F 699 41.54 14.76 41.44
C ASP F 699 41.86 14.67 39.95
N GLN F 700 41.66 15.77 39.25
CA GLN F 700 41.86 15.81 37.80
C GLN F 700 43.31 16.08 37.44
N GLU F 701 44.22 15.28 38.01
CA GLU F 701 45.63 15.32 37.61
C GLU F 701 46.30 13.97 37.50
N LEU F 702 45.76 12.91 38.11
CA LEU F 702 46.41 11.60 38.12
C LEU F 702 45.97 10.73 36.94
N ALA F 703 45.02 11.18 36.13
CA ALA F 703 44.56 10.37 35.00
C ALA F 703 45.66 10.13 33.99
N GLN F 704 46.54 11.11 33.77
CA GLN F 704 47.62 10.95 32.81
C GLN F 704 48.59 9.85 33.25
N GLU F 705 48.99 9.90 34.53
CA GLU F 705 49.81 8.84 35.08
C GLU F 705 49.10 7.50 34.95
N SER F 706 47.80 7.47 35.21
CA SER F 706 47.03 6.24 35.10
C SER F 706 47.11 5.66 33.69
N ILE F 707 46.95 6.51 32.68
CA ILE F 707 46.99 6.04 31.30
C ILE F 707 48.36 5.47 30.98
N THR F 708 49.42 6.16 31.39
CA THR F 708 50.77 5.66 31.12
C THR F 708 51.01 4.30 31.77
N LYS F 709 50.61 4.16 33.04
CA LYS F 709 50.81 2.89 33.75
C LYS F 709 50.01 1.78 33.08
N LEU F 710 48.78 2.08 32.65
CA LEU F 710 47.96 1.06 32.01
C LEU F 710 48.59 0.60 30.70
N ASP F 711 49.13 1.53 29.92
CA ASP F 711 49.76 1.15 28.67
C ASP F 711 50.96 0.23 28.91
N LYS F 712 51.82 0.60 29.86
CA LYS F 712 53.01 -0.22 30.10
C LYS F 712 52.64 -1.60 30.63
N ALA F 713 51.61 -1.67 31.49
CA ALA F 713 51.16 -2.97 31.99
C ALA F 713 50.64 -3.84 30.86
N LEU F 714 49.85 -3.25 29.94
CA LEU F 714 49.37 -4.02 28.79
C LEU F 714 50.52 -4.59 27.98
N GLU F 715 51.56 -3.76 27.73
CA GLU F 715 52.71 -4.24 26.98
C GLU F 715 53.36 -5.43 27.67
N THR F 716 53.54 -5.34 29.00
CA THR F 716 54.19 -6.44 29.72
C THR F 716 53.39 -7.73 29.63
N VAL F 717 52.07 -7.64 29.81
CA VAL F 717 51.23 -8.84 29.75
C VAL F 717 51.30 -9.47 28.36
N SER F 718 51.26 -8.63 27.31
CA SER F 718 51.37 -9.16 25.95
C SER F 718 52.68 -9.90 25.75
N GLY F 719 53.78 -9.34 26.27
CA GLY F 719 55.06 -10.03 26.15
C GLY F 719 55.07 -11.40 26.81
N VAL F 720 54.48 -11.49 28.01
CA VAL F 720 54.44 -12.78 28.70
C VAL F 720 53.64 -13.80 27.88
N ARG F 721 52.50 -13.38 27.34
CA ARG F 721 51.70 -14.30 26.54
C ARG F 721 52.45 -14.75 25.29
N ALA F 722 53.20 -13.84 24.68
CA ALA F 722 54.01 -14.21 23.52
C ALA F 722 55.04 -15.28 23.86
N THR F 723 55.71 -15.13 25.00
CA THR F 723 56.68 -16.14 25.43
C THR F 723 56.02 -17.51 25.59
N ILE F 724 54.86 -17.54 26.24
CA ILE F 724 54.16 -18.81 26.44
C ILE F 724 53.81 -19.45 25.11
N GLY F 725 53.30 -18.65 24.17
CA GLY F 725 52.96 -19.19 22.85
C GLY F 725 54.15 -19.77 22.13
N ALA F 726 55.30 -19.08 22.21
CA ALA F 726 56.50 -19.60 21.58
C ALA F 726 56.89 -20.96 22.14
N GLN F 727 56.86 -21.09 23.48
CA GLN F 727 57.21 -22.36 24.10
C GLN F 727 56.27 -23.48 23.66
N ILE F 728 54.97 -23.19 23.61
CA ILE F 728 54.02 -24.25 23.27
C ILE F 728 54.20 -24.67 21.81
N ASN F 729 54.51 -23.73 20.92
CA ASN F 729 54.77 -24.11 19.53
C ASN F 729 56.01 -24.99 19.41
N ARG F 730 57.08 -24.66 20.16
CA ARG F 730 58.27 -25.51 20.10
C ARG F 730 57.97 -26.92 20.58
N LEU F 731 57.21 -27.05 21.66
CA LEU F 731 56.87 -28.38 22.15
C LEU F 731 56.03 -29.16 21.14
N GLU F 732 55.06 -28.49 20.51
CA GLU F 732 54.23 -29.18 19.54
C GLU F 732 55.05 -29.66 18.34
N TYR F 733 56.01 -28.85 17.90
CA TYR F 733 56.92 -29.33 16.85
C TYR F 733 57.74 -30.53 17.31
N THR F 734 58.27 -30.51 18.54
CA THR F 734 59.12 -31.62 18.93
C THR F 734 58.33 -32.90 19.22
N MET F 735 57.00 -32.82 19.28
CA MET F 735 56.20 -34.01 19.57
C MET F 735 56.38 -35.11 18.51
N THR F 736 56.30 -34.76 17.22
CA THR F 736 56.07 -35.76 16.17
C THR F 736 57.31 -36.59 15.82
N GLY F 737 58.51 -36.00 15.90
CA GLY F 737 59.71 -36.74 15.58
C GLY F 737 59.89 -37.97 16.43
N LEU F 738 59.44 -37.90 17.69
CA LEU F 738 59.50 -39.07 18.56
C LEU F 738 58.68 -40.22 17.99
N ASP F 739 57.48 -39.92 17.50
CA ASP F 739 56.64 -40.97 16.91
C ASP F 739 57.28 -41.53 15.64
N THR F 740 57.86 -40.67 14.81
CA THR F 740 58.51 -41.17 13.59
C THR F 740 59.68 -42.08 13.93
N THR F 741 60.50 -41.69 14.91
CA THR F 741 61.63 -42.51 15.34
C THR F 741 61.15 -43.82 15.94
N ARG F 742 60.05 -43.79 16.70
CA ARG F 742 59.46 -45.02 17.22
C ARG F 742 59.06 -45.95 16.08
N GLU F 743 58.38 -45.42 15.07
CA GLU F 743 58.00 -46.22 13.92
C GLU F 743 59.21 -46.92 13.31
N ASN F 744 60.26 -46.15 13.01
CA ASN F 744 61.41 -46.72 12.32
C ASN F 744 62.14 -47.73 13.20
N LEU F 745 62.30 -47.45 14.49
CA LEU F 745 63.02 -48.36 15.36
C LEU F 745 62.24 -49.63 15.64
N THR F 746 60.92 -49.54 15.82
CA THR F 746 60.14 -50.76 16.02
C THR F 746 60.07 -51.58 14.74
N ALA F 747 60.14 -50.92 13.57
CA ALA F 747 60.27 -51.68 12.33
C ALA F 747 61.62 -52.39 12.27
N ALA F 748 62.69 -51.71 12.65
CA ALA F 748 64.02 -52.31 12.60
C ALA F 748 64.16 -53.48 13.57
N GLU F 749 63.59 -53.34 14.77
CA GLU F 749 63.75 -54.39 15.77
C GLU F 749 63.08 -55.69 15.32
N SER F 750 61.88 -55.60 14.75
CA SER F 750 61.15 -56.81 14.41
C SER F 750 61.51 -57.29 13.02
N ARG F 751 62.82 -57.45 12.76
CA ARG F 751 63.31 -58.18 11.61
C ARG F 751 64.16 -59.36 12.02
N ILE F 752 64.24 -59.65 13.32
CA ILE F 752 65.02 -60.74 13.88
C ILE F 752 64.15 -61.62 14.78
N ARG F 753 62.83 -61.43 14.72
CA ARG F 753 61.94 -62.11 15.66
C ARG F 753 61.55 -63.49 15.17
N ASP F 754 61.02 -63.60 13.95
CA ASP F 754 60.69 -64.90 13.41
C ASP F 754 60.82 -64.88 11.89
N LEU F 755 61.14 -66.04 11.32
CA LEU F 755 61.19 -66.16 9.87
C LEU F 755 59.77 -66.20 9.29
N ASP F 756 59.70 -66.37 7.98
CA ASP F 756 58.42 -66.65 7.34
C ASP F 756 57.95 -68.04 7.77
N ILE F 757 56.65 -68.15 8.03
CA ILE F 757 56.09 -69.43 8.46
C ILE F 757 56.18 -70.46 7.34
N ALA F 758 56.29 -70.00 6.08
CA ALA F 758 56.29 -70.92 4.95
C ALA F 758 57.47 -71.90 5.00
N ASP F 759 58.68 -71.38 5.15
CA ASP F 759 59.84 -72.28 5.12
C ASP F 759 59.95 -73.10 6.41
N GLU F 760 59.48 -72.57 7.54
CA GLU F 760 59.41 -73.37 8.74
C GLU F 760 58.47 -74.56 8.57
N MET F 761 57.29 -74.32 7.96
CA MET F 761 56.36 -75.40 7.69
C MET F 761 56.95 -76.40 6.71
N ALA F 762 57.68 -75.91 5.70
CA ALA F 762 58.33 -76.81 4.75
C ALA F 762 59.35 -77.71 5.45
N LYS F 763 60.16 -77.12 6.33
CA LYS F 763 61.14 -77.90 7.09
C LYS F 763 60.46 -78.94 7.96
N PHE F 764 59.37 -78.55 8.63
CA PHE F 764 58.63 -79.47 9.49
C PHE F 764 58.08 -80.64 8.68
N THR F 765 57.48 -80.35 7.52
CA THR F 765 56.93 -81.40 6.69
C THR F 765 58.02 -82.35 6.17
N LYS F 766 59.16 -81.78 5.75
CA LYS F 766 60.24 -82.60 5.22
C LYS F 766 60.79 -83.53 6.30
N ASN F 767 61.01 -83.00 7.50
CA ASN F 767 61.49 -83.84 8.61
C ASN F 767 60.48 -84.91 8.97
N GLN F 768 59.19 -84.56 8.98
CA GLN F 768 58.15 -85.54 9.28
C GLN F 768 58.16 -86.67 8.24
N ILE F 769 58.35 -86.32 6.97
CA ILE F 769 58.42 -87.34 5.92
C ILE F 769 59.61 -88.25 6.13
N LEU F 770 60.77 -87.69 6.46
CA LEU F 770 61.98 -88.49 6.55
C LEU F 770 61.99 -89.40 7.79
N ALA F 771 61.33 -88.97 8.86
CA ALA F 771 61.30 -89.78 10.08
C ALA F 771 60.63 -91.13 9.85
N GLN F 772 59.55 -91.16 9.07
CA GLN F 772 58.86 -92.42 8.81
C GLN F 772 59.72 -93.40 8.05
N SER F 773 60.50 -92.92 7.07
CA SER F 773 61.46 -93.79 6.39
C SER F 773 62.49 -94.32 7.37
N ASN F 774 62.96 -93.47 8.29
CA ASN F 774 63.87 -93.96 9.32
C ASN F 774 63.24 -95.13 10.08
N ILE F 775 61.98 -94.96 10.49
CA ILE F 775 61.31 -95.99 11.30
C ILE F 775 61.18 -97.29 10.52
N SER F 776 60.76 -97.20 9.26
CA SER F 776 60.58 -98.40 8.45
C SER F 776 61.90 -99.13 8.25
N MET F 777 62.97 -98.39 7.95
CA MET F 777 64.26 -99.04 7.75
C MET F 777 64.77 -99.68 9.04
N LEU F 778 64.55 -99.03 10.18
CA LEU F 778 64.91 -99.64 11.45
C LEU F 778 64.15 -100.95 11.66
N ALA F 779 62.86 -100.95 11.35
CA ALA F 779 62.06 -102.16 11.53
C ALA F 779 62.58 -103.30 10.66
N GLN F 780 62.87 -103.02 9.39
CA GLN F 780 63.35 -104.09 8.51
C GLN F 780 64.74 -104.56 8.91
N ALA F 781 65.60 -103.63 9.33
CA ALA F 781 66.94 -104.02 9.78
C ALA F 781 66.87 -104.91 11.01
N ASN F 782 65.97 -104.62 11.94
CA ASN F 782 65.78 -105.49 13.09
C ASN F 782 65.22 -106.84 12.67
N SER F 783 64.34 -106.85 11.68
CA SER F 783 63.75 -108.10 11.22
C SER F 783 64.80 -109.01 10.58
N LEU F 784 65.77 -108.43 9.87
CA LEU F 784 66.66 -109.23 9.02
C LEU F 784 67.47 -110.29 9.76
N PRO F 785 68.28 -109.96 10.79
CA PRO F 785 69.40 -110.84 11.15
C PRO F 785 69.07 -112.28 11.56
N GLN F 786 68.26 -112.47 12.61
CA GLN F 786 68.12 -113.81 13.17
C GLN F 786 67.19 -114.70 12.37
N MET F 787 66.19 -114.13 11.70
CA MET F 787 65.31 -114.93 10.86
C MET F 787 66.09 -115.55 9.70
N ALA F 788 67.00 -114.79 9.10
CA ALA F 788 67.78 -115.27 7.96
C ALA F 788 68.83 -116.30 8.34
N LEU F 789 69.07 -116.52 9.64
CA LEU F 789 70.07 -117.48 10.08
C LEU F 789 69.47 -118.67 10.81
N SER F 790 68.27 -118.52 11.37
CA SER F 790 67.67 -119.63 12.13
C SER F 790 67.46 -120.88 11.29
N LEU F 791 67.38 -120.75 9.96
CA LEU F 791 67.14 -121.89 9.10
C LEU F 791 68.42 -122.57 8.63
N LEU F 792 69.59 -122.06 9.06
CA LEU F 792 70.84 -122.70 8.67
C LEU F 792 70.97 -124.10 9.24
N GLY F 793 70.54 -124.29 10.49
CA GLY F 793 70.64 -125.60 11.13
C GLY F 793 70.57 -125.54 12.63
N ALA G 2 84.96 -138.94 -8.64
CA ALA G 2 85.92 -138.60 -7.59
C ALA G 2 85.20 -138.13 -6.33
N MET G 3 85.30 -138.94 -5.27
CA MET G 3 84.64 -138.67 -4.00
C MET G 3 85.65 -138.76 -2.87
N TYR G 4 85.65 -137.76 -1.99
CA TYR G 4 86.67 -137.57 -0.96
C TYR G 4 86.02 -137.34 0.40
N ILE G 5 86.82 -136.89 1.36
CA ILE G 5 86.38 -136.63 2.72
C ILE G 5 86.73 -135.20 3.09
N ASN G 6 85.72 -134.44 3.56
CA ASN G 6 85.89 -133.06 4.01
C ASN G 6 86.58 -132.21 2.94
N THR G 7 85.99 -132.22 1.75
CA THR G 7 86.50 -131.50 0.58
C THR G 7 85.41 -130.66 -0.04
N ASN G 8 84.59 -130.03 0.79
CA ASN G 8 83.40 -129.31 0.34
C ASN G 8 83.79 -127.96 -0.27
N VAL G 9 84.43 -128.04 -1.44
CA VAL G 9 84.73 -126.83 -2.20
C VAL G 9 83.48 -126.06 -2.58
N PRO G 10 82.39 -126.69 -3.07
CA PRO G 10 81.18 -125.91 -3.35
C PRO G 10 80.66 -125.16 -2.14
N SER G 11 80.86 -125.70 -0.93
CA SER G 11 80.51 -124.95 0.27
C SER G 11 81.30 -123.65 0.36
N LEU G 12 82.60 -123.70 0.05
CA LEU G 12 83.42 -122.49 0.05
C LEU G 12 82.94 -121.50 -1.01
N THR G 13 82.59 -121.99 -2.20
CA THR G 13 82.05 -121.12 -3.24
C THR G 13 80.79 -120.40 -2.74
N ALA G 14 79.86 -121.16 -2.16
CA ALA G 14 78.62 -120.58 -1.68
C ALA G 14 78.87 -119.59 -0.56
N GLN G 15 79.82 -119.88 0.33
CA GLN G 15 80.15 -118.95 1.41
C GLN G 15 80.72 -117.65 0.87
N ARG G 16 81.60 -117.73 -0.14
CA ARG G 16 82.14 -116.51 -0.74
C ARG G 16 81.04 -115.66 -1.35
N TYR G 17 80.15 -116.30 -2.12
CA TYR G 17 79.06 -115.55 -2.75
C TYR G 17 78.14 -114.94 -1.69
N LEU G 18 77.85 -115.71 -0.64
CA LEU G 18 77.03 -115.21 0.46
C LEU G 18 77.67 -114.00 1.13
N GLY G 19 79.00 -114.05 1.33
CA GLY G 19 79.68 -112.93 1.95
C GLY G 19 79.56 -111.66 1.13
N GLU G 20 79.82 -111.75 -0.18
CA GLU G 20 79.74 -110.53 -0.99
C GLU G 20 78.31 -110.01 -1.06
N THR G 21 77.32 -110.92 -1.17
CA THR G 21 75.93 -110.48 -1.21
C THR G 21 75.53 -109.80 0.09
N ASN G 22 75.96 -110.35 1.23
CA ASN G 22 75.64 -109.75 2.52
C ASN G 22 76.26 -108.37 2.65
N ASN G 23 77.51 -108.21 2.20
CA ASN G 23 78.14 -106.90 2.23
C ASN G 23 77.36 -105.89 1.40
N ALA G 24 76.94 -106.27 0.19
CA ALA G 24 76.19 -105.36 -0.66
C ALA G 24 74.86 -104.97 -0.01
N VAL G 25 74.16 -105.95 0.58
CA VAL G 25 72.89 -105.67 1.23
C VAL G 25 73.09 -104.69 2.38
N SER G 26 74.16 -104.89 3.17
CA SER G 26 74.46 -103.95 4.25
C SER G 26 74.60 -102.53 3.70
N LYS G 27 75.58 -102.31 2.81
CA LYS G 27 75.83 -100.95 2.33
C LYS G 27 74.56 -100.32 1.77
N SER G 28 73.75 -101.10 1.04
CA SER G 28 72.47 -100.58 0.57
C SER G 28 71.59 -100.13 1.75
N LEU G 29 71.58 -100.92 2.83
CA LEU G 29 70.72 -100.59 3.96
C LEU G 29 71.12 -99.28 4.62
N GLU G 30 72.40 -99.12 4.95
CA GLU G 30 72.81 -97.83 5.54
C GLU G 30 72.64 -96.68 4.57
N ARG G 31 72.88 -96.91 3.27
CA ARG G 31 72.70 -95.84 2.29
C ARG G 31 71.26 -95.34 2.29
N LEU G 32 70.30 -96.27 2.19
CA LEU G 32 68.90 -95.86 2.13
C LEU G 32 68.46 -95.23 3.45
N SER G 33 68.94 -95.77 4.58
CA SER G 33 68.56 -95.21 5.87
C SER G 33 69.07 -93.78 6.02
N SER G 34 70.31 -93.52 5.62
CA SER G 34 70.87 -92.18 5.72
C SER G 34 70.19 -91.21 4.77
N GLY G 35 69.96 -91.62 3.52
CA GLY G 35 69.42 -90.69 2.56
C GLY G 35 70.45 -89.79 1.92
N LEU G 36 71.71 -90.20 1.90
CA LEU G 36 72.77 -89.51 1.19
C LEU G 36 73.51 -90.51 0.31
N ARG G 37 73.79 -90.11 -0.93
CA ARG G 37 74.49 -91.02 -1.84
C ARG G 37 75.94 -91.27 -1.39
N ILE G 38 76.68 -90.21 -1.12
CA ILE G 38 78.12 -90.38 -0.93
C ILE G 38 78.41 -91.05 0.42
N ASN G 39 78.05 -90.38 1.53
CA ASN G 39 78.37 -90.84 2.87
C ASN G 39 79.88 -91.09 3.02
N SER G 40 80.29 -91.60 4.17
CA SER G 40 81.68 -91.99 4.44
C SER G 40 82.67 -90.97 3.88
N ALA G 41 83.77 -91.45 3.29
CA ALA G 41 84.61 -90.60 2.46
C ALA G 41 85.18 -91.31 1.25
N SER G 42 84.86 -92.58 1.03
CA SER G 42 85.56 -93.40 0.05
C SER G 42 84.79 -93.64 -1.24
N ASP G 43 83.47 -93.44 -1.25
CA ASP G 43 82.71 -93.69 -2.46
C ASP G 43 83.09 -92.71 -3.56
N ASP G 44 83.18 -91.43 -3.24
CA ASP G 44 83.63 -90.41 -4.18
C ASP G 44 84.60 -89.49 -3.47
N ALA G 45 85.83 -89.41 -3.99
CA ALA G 45 86.85 -88.53 -3.43
C ALA G 45 86.85 -87.16 -4.07
N SER G 46 86.04 -86.93 -5.10
CA SER G 46 86.00 -85.66 -5.80
C SER G 46 84.80 -84.79 -5.46
N GLY G 47 83.66 -85.38 -5.09
CA GLY G 47 82.49 -84.59 -4.73
C GLY G 47 82.57 -83.92 -3.39
N LEU G 48 83.44 -84.40 -2.49
CA LEU G 48 83.50 -83.85 -1.14
C LEU G 48 83.91 -82.39 -1.14
N ALA G 49 84.96 -82.05 -1.87
CA ALA G 49 85.42 -80.66 -1.90
C ALA G 49 84.37 -79.75 -2.53
N ILE G 50 83.73 -80.20 -3.60
CA ILE G 50 82.69 -79.40 -4.25
C ILE G 50 81.55 -79.14 -3.26
N SER G 51 81.12 -80.18 -2.56
CA SER G 51 80.04 -80.03 -1.59
C SER G 51 80.41 -79.04 -0.49
N GLU G 52 81.65 -79.14 0.02
CA GLU G 52 82.07 -78.26 1.10
C GLU G 52 82.11 -76.80 0.64
N LYS G 53 82.70 -76.55 -0.53
CA LYS G 53 82.77 -75.20 -1.07
C LYS G 53 81.38 -74.61 -1.25
N LEU G 54 80.47 -75.39 -1.87
CA LEU G 54 79.13 -74.89 -2.14
C LEU G 54 78.37 -74.62 -0.84
N ARG G 55 78.52 -75.49 0.15
CA ARG G 55 77.83 -75.30 1.42
C ARG G 55 78.27 -74.01 2.09
N GLY G 56 79.59 -73.80 2.15
CA GLY G 56 80.11 -72.56 2.74
C GLY G 56 79.61 -71.33 2.01
N GLN G 57 79.63 -71.35 0.67
CA GLN G 57 79.17 -70.20 -0.08
C GLN G 57 77.69 -69.92 0.15
N ILE G 58 76.87 -70.97 0.25
CA ILE G 58 75.44 -70.79 0.50
C ILE G 58 75.22 -70.11 1.84
N SER G 59 75.93 -70.57 2.88
CA SER G 59 75.78 -69.96 4.20
C SER G 59 76.17 -68.49 4.17
N GLY G 60 77.30 -68.18 3.52
CA GLY G 60 77.72 -66.78 3.42
C GLY G 60 76.69 -65.92 2.70
N LEU G 61 76.09 -66.46 1.64
CA LEU G 61 75.09 -65.70 0.89
C LEU G 61 73.88 -65.40 1.77
N LYS G 62 73.41 -66.37 2.55
CA LYS G 62 72.29 -66.11 3.46
C LYS G 62 72.63 -65.01 4.46
N ARG G 63 73.84 -65.06 5.03
CA ARG G 63 74.23 -64.02 5.97
C ARG G 63 74.21 -62.63 5.32
N ALA G 64 74.77 -62.52 4.12
CA ALA G 64 74.76 -61.22 3.43
C ALA G 64 73.34 -60.75 3.16
N SER G 65 72.45 -61.69 2.81
CA SER G 65 71.06 -61.34 2.53
C SER G 65 70.42 -60.67 3.74
N LEU G 66 70.65 -61.21 4.94
CA LEU G 66 70.11 -60.56 6.13
C LEU G 66 70.79 -59.22 6.39
N ASN G 67 72.11 -59.16 6.18
CA ASN G 67 72.87 -57.94 6.46
C ASN G 67 72.37 -56.75 5.66
N ALA G 68 71.87 -56.99 4.45
CA ALA G 68 71.41 -55.89 3.61
C ALA G 68 70.30 -55.08 4.28
N GLN G 69 69.24 -55.74 4.74
CA GLN G 69 68.14 -55.03 5.39
C GLN G 69 68.57 -54.46 6.74
N ASP G 70 69.41 -55.22 7.47
CA ASP G 70 69.97 -54.68 8.69
C ASP G 70 70.61 -53.32 8.44
N GLY G 71 71.25 -53.17 7.28
CA GLY G 71 71.81 -51.88 6.92
C GLY G 71 70.78 -50.85 6.51
N ILE G 72 69.76 -51.27 5.75
CA ILE G 72 68.83 -50.30 5.16
C ILE G 72 68.05 -49.53 6.24
N SER G 73 67.85 -50.16 7.41
CA SER G 73 67.07 -49.49 8.46
C SER G 73 67.65 -48.13 8.85
N LEU G 74 68.98 -48.05 8.97
CA LEU G 74 69.62 -46.82 9.43
C LEU G 74 69.35 -45.66 8.49
N LEU G 75 69.49 -45.89 7.18
CA LEU G 75 69.26 -44.83 6.21
C LEU G 75 67.80 -44.39 6.24
N GLN G 76 66.88 -45.33 6.46
CA GLN G 76 65.48 -44.92 6.58
C GLN G 76 65.28 -43.96 7.76
N THR G 77 65.89 -44.28 8.91
CA THR G 77 65.76 -43.40 10.08
C THR G 77 66.35 -42.01 9.81
N ALA G 78 67.52 -41.98 9.16
CA ALA G 78 68.15 -40.71 8.83
C ALA G 78 67.26 -39.87 7.93
N GLU G 79 66.62 -40.51 6.95
CA GLU G 79 65.67 -39.81 6.08
C GLU G 79 64.55 -39.16 6.91
N GLY G 80 64.02 -39.91 7.89
CA GLY G 80 62.97 -39.34 8.74
C GLY G 80 63.40 -38.07 9.45
N GLY G 81 64.56 -38.13 10.12
CA GLY G 81 65.06 -36.94 10.78
C GLY G 81 65.25 -35.78 9.82
N LEU G 82 65.71 -36.09 8.61
CA LEU G 82 65.94 -35.04 7.63
C LEU G 82 64.65 -34.34 7.25
N GLN G 83 63.55 -35.08 7.02
CA GLN G 83 62.33 -34.37 6.65
C GLN G 83 61.80 -33.54 7.83
N ASN G 84 62.04 -33.99 9.07
CA ASN G 84 61.64 -33.15 10.19
C ASN G 84 62.35 -31.79 10.16
N ILE G 85 63.68 -31.81 9.99
CA ILE G 85 64.42 -30.55 9.94
C ILE G 85 63.95 -29.70 8.76
N GLN G 86 63.72 -30.35 7.61
CA GLN G 86 63.21 -29.63 6.44
C GLN G 86 61.90 -28.92 6.75
N ASP G 87 61.00 -29.59 7.45
CA ASP G 87 59.72 -28.97 7.78
C ASP G 87 59.90 -27.74 8.66
N MET G 88 60.81 -27.81 9.63
CA MET G 88 60.99 -26.63 10.50
C MET G 88 61.58 -25.44 9.75
N LEU G 89 62.53 -25.69 8.84
CA LEU G 89 63.23 -24.58 8.20
C LEU G 89 62.28 -23.68 7.38
N GLN G 90 61.28 -24.27 6.74
CA GLN G 90 60.41 -23.48 5.88
C GLN G 90 59.48 -22.58 6.69
N ARG G 91 59.04 -23.05 7.85
CA ARG G 91 58.31 -22.16 8.76
C ARG G 91 59.20 -21.01 9.20
N MET G 92 60.47 -21.30 9.49
CA MET G 92 61.40 -20.20 9.76
C MET G 92 61.43 -19.20 8.60
N ARG G 93 61.43 -19.70 7.36
CA ARG G 93 61.51 -18.81 6.21
C ARG G 93 60.28 -17.92 6.09
N GLU G 94 59.08 -18.50 6.21
CA GLU G 94 57.86 -17.71 6.12
C GLU G 94 57.80 -16.67 7.23
N LEU G 95 58.19 -17.07 8.43
CA LEU G 95 58.15 -16.13 9.54
C LEU G 95 59.20 -15.03 9.41
N ALA G 96 60.30 -15.31 8.71
CA ALA G 96 61.28 -14.27 8.43
C ALA G 96 60.75 -13.30 7.38
N VAL G 97 60.08 -13.82 6.34
CA VAL G 97 59.59 -12.92 5.30
C VAL G 97 58.42 -12.09 5.79
N GLN G 98 57.68 -12.55 6.81
CA GLN G 98 56.65 -11.70 7.39
C GLN G 98 57.25 -10.39 7.91
N ALA G 99 58.32 -10.49 8.70
CA ALA G 99 59.01 -9.30 9.18
C ALA G 99 59.69 -8.60 8.02
N GLY G 100 59.48 -7.29 7.93
CA GLY G 100 60.03 -6.52 6.82
C GLY G 100 59.08 -5.45 6.30
N ASN G 101 57.77 -5.69 6.42
CA ASN G 101 56.82 -4.63 6.13
C ASN G 101 56.94 -3.54 7.18
N GLY G 102 57.02 -2.29 6.74
CA GLY G 102 57.16 -1.25 7.73
C GLY G 102 55.84 -0.64 8.16
N VAL G 103 55.26 -1.22 9.20
CA VAL G 103 54.22 -0.60 10.02
C VAL G 103 54.56 -0.96 11.46
N TYR G 104 55.52 -1.87 11.63
CA TYR G 104 55.82 -2.47 12.92
C TYR G 104 56.89 -1.66 13.65
N THR G 105 56.73 -1.55 14.96
CA THR G 105 57.68 -0.83 15.79
C THR G 105 58.91 -1.69 16.09
N THR G 106 59.71 -1.23 17.06
CA THR G 106 60.96 -1.90 17.41
C THR G 106 60.82 -2.83 18.62
N ASN G 107 59.61 -3.21 18.98
CA ASN G 107 59.37 -4.15 20.07
C ASN G 107 58.86 -5.51 19.59
N ASP G 108 57.88 -5.52 18.69
CA ASP G 108 57.37 -6.77 18.15
C ASP G 108 58.42 -7.50 17.33
N ARG G 109 59.43 -6.79 16.82
CA ARG G 109 60.52 -7.47 16.12
C ARG G 109 61.33 -8.34 17.07
N ALA G 110 61.64 -7.83 18.26
CA ALA G 110 62.29 -8.68 19.28
C ALA G 110 61.33 -9.76 19.77
N GLU G 111 60.04 -9.43 19.83
CA GLU G 111 59.03 -10.44 20.16
C GLU G 111 59.09 -11.61 19.19
N ILE G 112 59.33 -11.33 17.90
CA ILE G 112 59.52 -12.39 16.92
C ILE G 112 60.87 -13.09 17.14
N GLN G 113 61.90 -12.31 17.45
CA GLN G 113 63.25 -12.85 17.66
C GLN G 113 63.26 -13.93 18.74
N LYS G 114 62.47 -13.75 19.79
CA LYS G 114 62.44 -14.73 20.88
C LYS G 114 62.10 -16.13 20.36
N GLU G 115 60.96 -16.25 19.67
CA GLU G 115 60.54 -17.54 19.15
C GLU G 115 61.42 -18.04 18.02
N VAL G 116 62.02 -17.13 17.24
CA VAL G 116 62.99 -17.58 16.23
C VAL G 116 64.16 -18.28 16.91
N ASP G 117 64.67 -17.68 17.99
CA ASP G 117 65.78 -18.30 18.72
C ASP G 117 65.38 -19.63 19.32
N GLN G 118 64.15 -19.73 19.84
CA GLN G 118 63.70 -21.01 20.38
C GLN G 118 63.64 -22.09 19.32
N LEU G 119 63.17 -21.73 18.12
CA LEU G 119 63.15 -22.69 17.02
C LEU G 119 64.57 -23.13 16.64
N LYS G 120 65.52 -22.20 16.68
CA LYS G 120 66.91 -22.57 16.45
C LYS G 120 67.41 -23.56 17.49
N GLU G 121 67.06 -23.32 18.76
CA GLU G 121 67.44 -24.27 19.81
C GLU G 121 66.85 -25.64 19.55
N GLU G 122 65.58 -25.69 19.11
CA GLU G 122 64.97 -26.97 18.81
C GLU G 122 65.69 -27.69 17.67
N ILE G 123 66.07 -26.96 16.62
CA ILE G 123 66.74 -27.61 15.50
C ILE G 123 68.10 -28.13 15.94
N ASN G 124 68.81 -27.40 16.81
CA ASN G 124 70.07 -27.90 17.33
C ASN G 124 69.86 -29.18 18.14
N ARG G 125 68.83 -29.22 18.98
CA ARG G 125 68.59 -30.40 19.78
C ARG G 125 68.29 -31.61 18.91
N ILE G 126 67.41 -31.43 17.91
CA ILE G 126 67.05 -32.56 17.06
C ILE G 126 68.24 -33.01 16.22
N ALA G 127 69.11 -32.07 15.82
CA ALA G 127 70.33 -32.46 15.12
C ALA G 127 71.23 -33.30 16.00
N SER G 128 71.35 -32.94 17.28
CA SER G 128 72.28 -33.62 18.17
C SER G 128 71.70 -34.83 18.88
N SER G 129 70.40 -35.12 18.72
CA SER G 129 69.75 -36.13 19.54
C SER G 129 69.51 -37.47 18.83
N THR G 130 69.78 -37.57 17.54
CA THR G 130 69.48 -38.81 16.82
C THR G 130 70.30 -39.97 17.37
N GLU G 131 69.70 -41.16 17.39
CA GLU G 131 70.25 -42.28 18.15
C GLU G 131 69.94 -43.59 17.44
N PHE G 132 70.92 -44.48 17.40
CA PHE G 132 70.71 -45.83 16.88
C PHE G 132 71.83 -46.73 17.38
N ASN G 133 71.48 -47.70 18.24
CA ASN G 133 72.42 -48.73 18.69
C ASN G 133 73.67 -48.12 19.30
N THR G 134 73.48 -47.06 20.09
CA THR G 134 74.57 -46.27 20.66
C THR G 134 75.54 -45.78 19.58
N LYS G 135 75.00 -45.36 18.44
CA LYS G 135 75.78 -44.79 17.35
C LYS G 135 74.98 -43.61 16.79
N LYS G 136 75.34 -42.40 17.19
CA LYS G 136 74.66 -41.21 16.69
C LYS G 136 75.06 -40.95 15.25
N LEU G 137 74.12 -40.44 14.45
CA LEU G 137 74.28 -40.36 13.00
C LEU G 137 74.67 -38.97 12.52
N LEU G 138 73.86 -37.96 12.83
CA LEU G 138 73.94 -36.71 12.09
C LEU G 138 75.03 -35.77 12.63
N ASN G 139 75.54 -36.01 13.83
CA ASN G 139 76.49 -35.07 14.40
C ASN G 139 77.91 -35.40 13.94
N GLY G 140 78.10 -35.54 12.63
CA GLY G 140 79.44 -35.66 12.07
C GLY G 140 80.28 -36.79 12.61
N ASP G 141 79.66 -37.77 13.29
CA ASP G 141 80.39 -38.87 13.90
C ASP G 141 80.30 -40.14 13.08
N SER G 142 79.78 -40.05 11.85
CA SER G 142 79.78 -41.20 10.94
C SER G 142 80.89 -41.13 9.91
N THR G 143 81.53 -39.98 9.73
CA THR G 143 82.58 -39.81 8.74
C THR G 143 83.93 -39.50 9.35
N ALA G 144 84.05 -38.47 10.17
CA ALA G 144 85.34 -37.97 10.60
C ALA G 144 85.39 -37.76 12.11
N LEU G 145 86.58 -37.40 12.59
CA LEU G 145 86.80 -37.13 14.01
C LEU G 145 88.01 -36.20 14.11
N TRP G 146 87.80 -35.00 14.63
CA TRP G 146 88.87 -34.01 14.70
C TRP G 146 89.08 -33.52 16.12
N SER G 147 90.28 -33.02 16.37
CA SER G 147 90.65 -32.44 17.65
C SER G 147 91.83 -31.51 17.44
N SER G 148 91.78 -30.34 18.09
CA SER G 148 92.81 -29.33 17.95
C SER G 148 93.25 -28.87 19.33
N ASP G 149 94.17 -27.91 19.36
CA ASP G 149 94.71 -27.38 20.60
C ASP G 149 94.26 -25.94 20.87
N SER G 150 94.16 -25.11 19.84
CA SER G 150 93.75 -23.73 20.03
C SER G 150 92.26 -23.65 20.37
N SER G 151 91.87 -22.51 20.93
CA SER G 151 90.50 -22.28 21.38
C SER G 151 89.72 -21.38 20.42
N ASP G 152 90.29 -21.06 19.26
CA ASP G 152 89.62 -20.22 18.27
C ASP G 152 89.72 -20.84 16.89
N LEU G 153 89.44 -22.13 16.79
CA LEU G 153 89.50 -22.85 15.53
C LEU G 153 88.32 -23.80 15.46
N ASP G 154 87.55 -23.72 14.37
CA ASP G 154 86.38 -24.57 14.19
C ASP G 154 86.55 -25.41 12.93
N VAL G 155 85.91 -26.57 12.91
CA VAL G 155 86.03 -27.51 11.81
C VAL G 155 84.63 -27.99 11.43
N VAL G 156 84.34 -28.00 10.12
CA VAL G 156 83.09 -28.54 9.61
C VAL G 156 83.42 -29.59 8.55
N ILE G 157 82.64 -30.67 8.54
CA ILE G 157 82.91 -31.85 7.73
C ILE G 157 81.88 -31.93 6.61
N LYS G 158 82.35 -32.18 5.39
CA LYS G 158 81.48 -32.38 4.24
C LYS G 158 81.55 -33.79 3.69
N SER G 159 82.75 -34.27 3.38
CA SER G 159 82.96 -35.57 2.74
C SER G 159 84.13 -36.27 3.41
N ALA G 160 84.59 -37.34 2.77
CA ALA G 160 85.66 -38.17 3.33
C ALA G 160 86.91 -37.36 3.59
N VAL G 161 87.50 -37.56 4.77
CA VAL G 161 88.73 -36.91 5.16
C VAL G 161 89.88 -37.89 4.92
N ALA G 162 91.10 -37.37 4.85
CA ALA G 162 92.23 -38.24 4.47
C ALA G 162 92.95 -38.82 5.69
N GLU G 163 93.71 -38.00 6.40
CA GLU G 163 94.48 -38.38 7.59
C GLU G 163 95.33 -37.24 8.14
N GLY G 164 95.99 -37.47 9.27
CA GLY G 164 97.24 -36.80 9.59
C GLY G 164 97.15 -35.61 10.51
N ASN G 165 98.33 -35.12 10.86
CA ASN G 165 98.52 -33.92 11.66
C ASN G 165 99.02 -32.79 10.77
N TYR G 166 98.32 -31.67 10.81
CA TYR G 166 98.62 -30.54 9.96
C TYR G 166 99.06 -29.34 10.80
N ASN G 167 100.06 -28.63 10.32
CA ASN G 167 100.56 -27.41 10.94
C ASN G 167 100.23 -26.22 10.05
N LEU G 168 99.59 -25.22 10.64
CA LEU G 168 99.09 -24.06 9.91
C LEU G 168 99.90 -22.83 10.28
N ASN G 169 100.07 -21.94 9.31
CA ASN G 169 100.80 -20.70 9.47
C ASN G 169 99.92 -19.57 8.96
N VAL G 170 99.77 -18.53 9.78
CA VAL G 170 98.79 -17.47 9.56
C VAL G 170 99.51 -16.14 9.40
N THR G 171 99.04 -15.32 8.44
CA THR G 171 99.51 -13.96 8.26
C THR G 171 98.29 -13.08 8.05
N VAL G 172 98.34 -11.85 8.57
CA VAL G 172 97.16 -11.00 8.69
C VAL G 172 97.40 -9.67 7.99
N ASP G 173 96.32 -9.08 7.46
CA ASP G 173 96.32 -7.72 6.96
C ASP G 173 95.00 -7.10 7.38
N PRO G 174 94.99 -6.09 8.24
CA PRO G 174 93.76 -5.65 8.90
C PRO G 174 92.95 -4.70 8.03
N GLY G 175 91.75 -4.39 8.53
CA GLY G 175 90.80 -3.54 7.82
C GLY G 175 90.32 -2.34 8.62
N LYS G 176 89.00 -2.19 8.77
CA LYS G 176 88.42 -1.02 9.40
C LYS G 176 87.27 -1.46 10.29
N ASN G 177 86.66 -0.49 10.98
CA ASN G 177 85.59 -0.75 11.95
C ASN G 177 84.47 0.29 11.78
N PHE G 178 83.45 0.15 12.63
CA PHE G 178 82.26 0.98 12.56
C PHE G 178 82.36 2.16 13.51
N VAL G 179 81.89 3.32 13.08
CA VAL G 179 81.84 4.52 13.91
C VAL G 179 80.45 5.12 13.80
N TYR G 180 79.78 5.28 14.94
CA TYR G 180 78.44 5.86 15.02
C TYR G 180 78.49 7.23 15.69
N LYS G 181 77.70 8.16 15.15
CA LYS G 181 77.59 9.51 15.67
C LYS G 181 76.16 9.80 16.06
N SER G 182 75.97 10.36 17.25
CA SER G 182 74.67 10.80 17.70
C SER G 182 74.47 12.28 17.37
N ASP G 183 73.27 12.78 17.66
CA ASP G 183 72.91 14.15 17.33
C ASP G 183 73.16 15.07 18.52
N VAL G 184 72.97 16.38 18.27
CA VAL G 184 73.26 17.38 19.27
C VAL G 184 72.16 17.43 20.32
N MET G 185 72.54 17.73 21.57
CA MET G 185 71.61 17.90 22.66
C MET G 185 71.60 19.36 23.09
N THR G 186 70.42 19.87 23.41
CA THR G 186 70.27 21.25 23.86
C THR G 186 69.44 21.28 25.12
N LEU G 187 69.46 22.43 25.80
CA LEU G 187 68.78 22.62 27.07
C LEU G 187 67.38 23.19 26.86
N ASN G 188 66.63 23.23 27.97
CA ASN G 188 65.31 23.84 27.96
C ASN G 188 65.43 25.36 28.07
N GLU G 189 64.30 26.01 28.29
CA GLU G 189 64.27 27.47 28.32
C GLU G 189 64.77 28.05 29.63
N ASP G 190 64.85 27.26 30.70
CA ASP G 190 65.12 27.79 32.03
C ASP G 190 66.32 27.14 32.72
N ALA G 191 67.01 26.20 32.08
CA ALA G 191 68.08 25.50 32.76
C ALA G 191 69.33 26.37 32.88
N ILE G 192 70.19 26.02 33.83
CA ILE G 192 71.47 26.68 34.04
C ILE G 192 72.54 25.61 34.20
N GLY G 193 73.64 25.73 33.46
CA GLY G 193 74.73 24.78 33.50
C GLY G 193 76.06 25.46 33.73
N ALA G 194 77.04 24.70 34.21
CA ALA G 194 78.38 25.22 34.48
C ALA G 194 79.42 24.24 33.97
N GLU G 195 80.60 24.74 33.63
CA GLU G 195 81.69 23.89 33.20
C GLU G 195 83.01 24.65 33.37
N ILE G 196 84.10 23.96 33.09
CA ILE G 196 85.43 24.56 33.09
C ILE G 196 85.96 24.49 31.67
N VAL G 197 86.29 25.64 31.09
CA VAL G 197 86.75 25.75 29.73
C VAL G 197 88.03 26.57 29.72
N THR G 198 88.93 26.29 28.77
CA THR G 198 90.22 26.95 28.70
C THR G 198 90.20 28.07 27.67
N ALA G 199 90.85 29.19 28.01
CA ALA G 199 91.03 30.29 27.07
C ALA G 199 92.32 31.01 27.50
N GLY G 200 93.43 30.68 26.85
CA GLY G 200 94.72 31.21 27.20
C GLY G 200 95.67 30.24 27.86
N GLY G 201 95.47 28.93 27.69
CA GLY G 201 96.36 27.95 28.28
C GLY G 201 96.26 27.84 29.78
N ASP G 202 95.10 28.11 30.37
CA ASP G 202 94.95 28.02 31.81
C ASP G 202 94.88 26.57 32.26
N VAL G 203 96.03 25.94 32.43
CA VAL G 203 96.10 24.55 32.86
C VAL G 203 95.56 24.44 34.28
N ASN G 204 94.88 23.33 34.58
CA ASN G 204 94.25 23.16 35.88
C ASN G 204 95.29 22.85 36.95
N GLU G 205 95.52 23.82 37.84
CA GLU G 205 96.56 23.71 38.86
C GLU G 205 96.01 23.33 40.23
N THR G 206 94.73 23.02 40.33
CA THR G 206 94.03 22.93 41.62
C THR G 206 93.71 21.48 41.97
N ASN G 207 92.97 21.30 43.06
CA ASN G 207 92.52 20.02 43.56
C ASN G 207 91.01 19.89 43.44
N VAL G 208 90.43 20.49 42.39
CA VAL G 208 88.99 20.55 42.19
C VAL G 208 88.63 19.74 40.97
N GLY G 209 87.64 18.85 41.11
CA GLY G 209 87.18 18.05 40.01
C GLY G 209 86.22 18.77 39.09
N PHE G 210 85.12 19.27 39.65
CA PHE G 210 84.06 19.90 38.87
C PHE G 210 83.10 20.60 39.84
N VAL G 211 82.03 21.17 39.28
CA VAL G 211 81.02 21.88 40.04
C VAL G 211 79.66 21.31 39.69
N THR G 212 78.71 21.39 40.62
CA THR G 212 77.39 20.82 40.43
C THR G 212 76.30 21.75 40.96
N ASP G 213 75.07 21.45 40.52
CA ASP G 213 73.80 22.13 40.78
C ASP G 213 73.92 23.63 40.95
N PRO G 214 74.33 24.37 39.90
CA PRO G 214 74.14 25.81 39.92
C PRO G 214 72.65 26.13 39.94
N ASN G 215 72.30 27.19 40.67
CA ASN G 215 70.90 27.52 40.85
C ASN G 215 70.77 29.03 41.02
N THR G 216 69.89 29.64 40.22
CA THR G 216 69.64 31.08 40.23
C THR G 216 70.95 31.86 40.15
N LEU G 217 71.66 31.66 39.04
CA LEU G 217 72.98 32.27 38.87
C LEU G 217 73.18 32.61 37.40
N ALA G 218 73.13 33.90 37.09
CA ALA G 218 73.47 34.43 35.76
C ALA G 218 72.76 33.67 34.65
N SER G 219 71.45 33.52 34.80
CA SER G 219 70.65 32.81 33.80
C SER G 219 70.64 33.51 32.45
N THR G 220 71.02 34.79 32.39
CA THR G 220 71.03 35.54 31.15
C THR G 220 72.49 35.70 30.71
N GLY G 221 72.91 34.85 29.78
CA GLY G 221 74.22 34.94 29.18
C GLY G 221 75.19 33.90 29.72
N THR G 222 76.25 33.69 28.96
CA THR G 222 77.34 32.80 29.34
C THR G 222 78.38 33.64 30.07
N ALA G 223 78.61 33.33 31.34
CA ALA G 223 79.38 34.19 32.22
C ALA G 223 80.72 33.56 32.58
N TYR G 224 81.74 34.39 32.68
CA TYR G 224 83.09 33.99 33.08
C TYR G 224 83.28 34.34 34.55
N TYR G 225 83.59 33.35 35.36
CA TYR G 225 83.88 33.54 36.78
C TYR G 225 85.28 33.03 37.09
N THR G 226 85.92 33.65 38.07
CA THR G 226 87.22 33.20 38.55
C THR G 226 87.05 32.66 39.96
N VAL G 227 87.43 31.40 40.17
CA VAL G 227 87.31 30.75 41.47
C VAL G 227 88.72 30.43 41.96
N ASP G 228 89.06 30.92 43.15
CA ASP G 228 90.38 30.74 43.73
C ASP G 228 90.26 29.83 44.94
N VAL G 229 91.02 28.74 44.95
CA VAL G 229 91.10 27.84 46.09
C VAL G 229 92.54 27.82 46.56
N THR G 230 92.79 28.44 47.72
CA THR G 230 94.15 28.62 48.22
C THR G 230 94.33 27.88 49.55
N ALA G 231 95.57 27.50 49.83
CA ALA G 231 95.89 26.72 51.01
C ALA G 231 96.40 27.58 52.16
N GLY G 232 95.57 28.49 52.65
CA GLY G 232 95.88 29.22 53.86
C GLY G 232 96.62 30.53 53.66
N ALA G 233 96.01 31.63 54.12
CA ALA G 233 96.65 32.94 54.08
C ALA G 233 95.92 33.85 55.04
N ASP G 234 96.68 34.52 55.92
CA ASP G 234 96.06 35.36 56.95
C ASP G 234 95.35 36.55 56.31
N THR G 235 94.14 36.84 56.81
CA THR G 235 93.32 37.91 56.28
C THR G 235 92.74 38.72 57.44
N LEU G 236 92.99 40.02 57.45
CA LEU G 236 92.45 40.88 58.49
C LEU G 236 91.01 41.26 58.18
N SER G 237 90.34 41.81 59.19
CA SER G 237 88.94 42.20 59.05
C SER G 237 88.79 43.32 58.03
N SER G 238 87.72 43.27 57.24
CA SER G 238 87.45 44.28 56.23
C SER G 238 86.03 44.15 55.72
N VAL G 239 85.43 45.30 55.41
CA VAL G 239 84.20 45.38 54.63
C VAL G 239 84.43 46.43 53.55
N ALA G 240 83.67 46.33 52.46
CA ALA G 240 83.86 47.26 51.36
C ALA G 240 82.55 47.45 50.62
N THR G 241 82.45 48.57 49.91
CA THR G 241 81.27 48.83 49.10
C THR G 241 81.22 47.89 47.91
N MET G 242 80.01 47.40 47.60
CA MET G 242 79.82 46.51 46.47
C MET G 242 78.85 47.05 45.43
N SER G 243 77.72 47.61 45.85
CA SER G 243 76.78 48.10 44.84
C SER G 243 75.84 49.14 45.44
N VAL G 244 75.26 49.95 44.55
CA VAL G 244 74.22 50.90 44.91
C VAL G 244 73.11 50.80 43.87
N TYR G 245 71.90 51.22 44.28
CA TYR G 245 70.77 51.24 43.37
C TYR G 245 69.95 52.50 43.60
N ARG G 246 69.48 53.11 42.50
CA ARG G 246 68.78 54.38 42.50
C ARG G 246 67.52 54.24 41.66
N GLN G 247 66.49 55.04 41.96
CA GLN G 247 65.34 55.13 41.05
C GLN G 247 65.48 56.34 40.13
N ALA G 248 65.35 57.54 40.70
CA ALA G 248 65.78 58.77 40.04
C ALA G 248 66.66 59.57 40.97
N GLY G 249 66.24 59.66 42.23
CA GLY G 249 66.87 60.25 43.40
C GLY G 249 67.59 61.55 43.09
N SER G 250 68.67 61.77 43.82
CA SER G 250 69.62 62.82 43.54
C SER G 250 71.01 62.22 43.73
N ASN G 251 72.04 63.07 43.72
CA ASN G 251 73.39 62.56 43.78
C ASN G 251 73.82 62.32 45.22
N PHE G 252 74.40 61.14 45.47
CA PHE G 252 75.01 60.82 46.75
C PHE G 252 76.08 59.76 46.51
N GLY G 253 77.29 60.01 47.01
CA GLY G 253 78.44 59.19 46.67
C GLY G 253 78.48 57.86 47.40
N SER G 254 79.70 57.36 47.58
CA SER G 254 79.93 56.07 48.21
C SER G 254 81.26 56.13 48.95
N VAL G 255 81.80 54.96 49.31
CA VAL G 255 83.08 54.72 49.97
C VAL G 255 82.83 54.52 51.47
N ALA G 256 83.20 53.35 51.97
CA ALA G 256 82.98 53.01 53.37
C ALA G 256 84.30 52.94 54.13
N THR G 257 84.23 53.30 55.42
CA THR G 257 85.39 53.25 56.29
C THR G 257 85.00 52.67 57.64
N TRP G 258 85.98 52.09 58.32
CA TRP G 258 85.81 51.45 59.61
C TRP G 258 86.27 52.35 60.76
N THR G 259 86.20 51.79 61.95
CA THR G 259 87.01 52.21 63.09
C THR G 259 87.65 50.95 63.65
N THR G 260 88.98 50.98 63.82
CA THR G 260 89.69 49.79 64.21
C THR G 260 89.27 49.33 65.61
N GLY G 261 89.40 48.03 65.86
CA GLY G 261 88.98 47.43 67.10
C GLY G 261 87.69 46.65 67.01
N GLY G 262 86.96 46.78 65.90
CA GLY G 262 85.72 46.06 65.73
C GLY G 262 85.93 44.58 65.49
N THR G 263 84.83 43.84 65.59
CA THR G 263 84.84 42.39 65.41
C THR G 263 83.74 41.98 64.44
N VAL G 264 84.00 40.90 63.72
CA VAL G 264 83.08 40.38 62.70
C VAL G 264 82.62 38.99 63.12
N ALA G 265 81.33 38.74 62.95
CA ALA G 265 80.77 37.43 63.24
C ALA G 265 81.18 36.39 62.21
N ASP G 266 80.91 36.68 60.93
CA ASP G 266 81.28 35.79 59.84
C ASP G 266 81.14 36.54 58.52
N SER G 267 81.75 35.96 57.48
CA SER G 267 81.63 36.53 56.14
C SER G 267 80.19 36.43 55.65
N GLY G 268 79.79 37.38 54.81
CA GLY G 268 78.44 37.36 54.30
C GLY G 268 78.14 38.59 53.48
N TYR G 269 76.85 38.86 53.31
CA TYR G 269 76.39 40.04 52.58
C TYR G 269 75.43 40.85 53.44
N LEU G 270 75.49 42.17 53.30
CA LEU G 270 74.61 43.07 54.03
C LEU G 270 73.98 44.05 53.05
N LEU G 271 72.71 44.37 53.29
CA LEU G 271 71.94 45.25 52.41
C LEU G 271 71.23 46.29 53.28
N ILE G 272 71.33 47.56 52.87
CA ILE G 272 70.79 48.68 53.62
C ILE G 272 69.80 49.43 52.73
N GLU G 273 68.61 49.70 53.28
CA GLU G 273 67.46 50.21 52.55
C GLU G 273 66.98 51.49 53.21
N ALA G 274 66.70 52.51 52.40
CA ALA G 274 66.18 53.76 52.94
C ALA G 274 64.72 53.61 53.34
N GLN G 275 64.24 54.54 54.17
CA GLN G 275 62.88 54.47 54.69
C GLN G 275 62.10 55.77 54.46
N GLU G 276 62.78 56.92 54.47
CA GLU G 276 62.08 58.18 54.22
C GLU G 276 63.00 59.15 53.51
N ASN G 277 62.37 60.10 52.81
CA ASN G 277 63.08 61.07 51.98
C ASN G 277 63.73 62.13 52.85
N PHE G 278 64.79 62.76 52.33
CA PHE G 278 65.25 64.00 52.95
C PHE G 278 66.13 64.78 51.98
N THR G 279 65.93 66.11 51.98
CA THR G 279 66.78 67.04 51.24
C THR G 279 67.17 68.23 52.12
N VAL G 280 67.25 68.00 53.44
CA VAL G 280 67.49 69.09 54.39
C VAL G 280 68.92 68.94 54.90
N SER G 281 69.77 68.35 54.06
CA SER G 281 71.17 68.14 54.42
C SER G 281 71.90 69.48 54.43
N ALA G 282 72.04 70.07 55.61
CA ALA G 282 72.77 71.32 55.78
C ALA G 282 73.74 71.30 56.95
N GLY G 283 73.70 70.28 57.82
CA GLY G 283 74.59 70.16 58.94
C GLY G 283 73.85 70.35 60.26
N THR G 284 73.44 69.24 60.86
CA THR G 284 72.71 69.20 62.11
C THR G 284 72.58 67.76 62.55
N THR G 285 72.68 67.51 63.86
CA THR G 285 72.44 66.18 64.37
C THR G 285 71.00 65.75 64.06
N ALA G 286 70.83 64.51 63.61
CA ALA G 286 69.52 64.03 63.18
C ALA G 286 69.50 62.52 63.31
N ASN G 287 68.30 61.96 63.24
CA ASN G 287 68.11 60.53 63.41
C ASN G 287 67.01 60.04 62.47
N TYR G 288 67.39 59.15 61.57
CA TYR G 288 66.49 58.56 60.58
C TYR G 288 66.62 57.05 60.65
N THR G 289 65.69 56.37 59.99
CA THR G 289 65.56 54.92 60.07
C THR G 289 65.89 54.26 58.74
N PHE G 290 66.41 53.04 58.83
CA PHE G 290 66.78 52.25 57.67
C PHE G 290 66.41 50.80 57.94
N LYS G 291 66.20 50.05 56.86
CA LYS G 291 66.00 48.61 56.95
C LYS G 291 67.31 47.91 56.61
N ALA G 292 67.59 46.81 57.33
CA ALA G 292 68.84 46.09 57.13
C ALA G 292 68.54 44.63 56.92
N THR G 293 69.33 43.98 56.06
CA THR G 293 69.15 42.57 55.79
C THR G 293 70.51 41.92 55.62
N PHE G 294 70.76 40.85 56.38
CA PHE G 294 72.02 40.13 56.32
C PHE G 294 71.79 38.72 55.77
N VAL G 295 72.72 38.25 54.95
CA VAL G 295 72.70 36.90 54.42
C VAL G 295 74.04 36.24 54.77
N ASP G 296 73.97 35.07 55.38
CA ASP G 296 75.16 34.31 55.75
C ASP G 296 75.79 33.69 54.52
N ALA G 297 77.12 33.50 54.58
CA ALA G 297 77.85 32.97 53.43
C ALA G 297 77.96 31.46 53.45
N LYS G 298 77.86 30.82 54.61
CA LYS G 298 78.02 29.38 54.71
C LYS G 298 76.72 28.60 54.73
N THR G 299 75.62 29.19 55.20
CA THR G 299 74.33 28.52 55.24
C THR G 299 73.29 29.16 54.34
N GLY G 300 73.47 30.42 53.96
CA GLY G 300 72.50 31.10 53.13
C GLY G 300 71.29 31.64 53.85
N GLU G 301 71.31 31.65 55.18
CA GLU G 301 70.18 32.16 55.94
C GLU G 301 70.08 33.67 55.80
N LYS G 302 68.95 34.22 56.25
CA LYS G 302 68.66 35.64 56.12
C LYS G 302 68.10 36.18 57.42
N SER G 303 68.56 37.37 57.81
CA SER G 303 68.07 38.07 58.99
C SER G 303 67.63 39.46 58.59
N THR G 304 66.48 39.89 59.11
CA THR G 304 65.84 41.15 58.73
C THR G 304 65.72 42.02 59.97
N TYR G 305 66.45 43.14 59.99
CA TYR G 305 66.55 44.01 61.15
C TYR G 305 66.18 45.44 60.77
N GLU G 306 65.97 46.28 61.79
CA GLU G 306 65.78 47.71 61.62
C GLU G 306 66.96 48.43 62.28
N ILE G 307 67.37 49.56 61.70
CA ILE G 307 68.51 50.30 62.19
C ILE G 307 68.22 51.80 62.08
N GLU G 308 69.06 52.60 62.73
CA GLU G 308 68.92 54.05 62.69
C GLU G 308 70.28 54.70 62.61
N GLY G 309 70.32 55.90 62.03
CA GLY G 309 71.56 56.64 61.89
C GLY G 309 71.29 58.08 61.53
N GLY G 310 72.34 58.88 61.53
CA GLY G 310 72.19 60.31 61.26
C GLY G 310 73.43 60.94 60.69
N ASP G 311 73.21 61.91 59.80
CA ASP G 311 74.28 62.79 59.34
C ASP G 311 74.70 63.74 60.46
N ASP G 312 75.96 64.18 60.41
CA ASP G 312 76.50 64.95 61.52
C ASP G 312 76.79 66.40 61.17
N GLY G 313 77.73 66.67 60.26
CA GLY G 313 77.90 68.03 59.81
C GLY G 313 78.04 68.20 58.30
N ALA G 314 78.51 67.16 57.64
CA ALA G 314 78.68 67.18 56.18
C ALA G 314 79.01 65.78 55.66
N GLY G 315 78.26 65.33 54.66
CA GLY G 315 78.56 64.13 53.89
C GLY G 315 79.07 62.91 54.64
N ASN G 316 78.56 62.65 55.83
CA ASN G 316 78.92 61.47 56.61
C ASN G 316 77.66 60.80 57.12
N LEU G 317 77.46 59.54 56.74
CA LEU G 317 76.36 58.74 57.26
C LEU G 317 76.97 57.59 58.06
N VAL G 318 76.86 57.66 59.38
CA VAL G 318 77.46 56.69 60.27
C VAL G 318 76.39 55.70 60.72
N PHE G 319 76.72 54.41 60.66
CA PHE G 319 75.83 53.35 61.11
C PHE G 319 76.50 52.56 62.22
N ASP G 320 75.68 51.84 62.98
CA ASP G 320 76.18 51.03 64.09
C ASP G 320 75.81 49.57 63.84
N LEU G 321 76.79 48.69 63.92
CA LEU G 321 76.55 47.25 63.81
C LEU G 321 76.37 46.58 65.16
N ALA G 322 76.48 47.33 66.25
CA ALA G 322 76.25 46.76 67.57
C ALA G 322 74.79 46.35 67.75
N ASP G 323 73.87 47.01 67.04
CA ASP G 323 72.45 46.71 67.20
C ASP G 323 72.02 45.50 66.38
N MET G 324 72.95 44.84 65.69
CA MET G 324 72.61 43.60 65.00
C MET G 324 72.42 42.50 66.03
N THR G 325 71.19 42.31 66.49
CA THR G 325 70.93 41.35 67.55
C THR G 325 71.13 39.92 67.03
N GLY G 326 71.62 39.06 67.93
CA GLY G 326 71.84 37.68 67.58
C GLY G 326 73.07 37.48 66.70
N ALA G 327 73.09 38.16 65.55
CA ALA G 327 74.23 38.05 64.65
C ALA G 327 75.52 38.53 65.32
N GLY G 328 75.48 39.69 65.96
CA GLY G 328 76.61 40.16 66.74
C GLY G 328 77.68 40.85 65.92
N PHE G 329 78.10 42.02 66.37
CA PHE G 329 79.16 42.79 65.72
C PHE G 329 79.72 43.78 66.74
N SER G 330 80.59 44.67 66.27
CA SER G 330 81.17 45.72 67.10
C SER G 330 81.78 46.77 66.18
N GLY G 331 82.21 47.87 66.80
CA GLY G 331 82.87 48.95 66.06
C GLY G 331 81.88 49.87 65.37
N GLU G 332 82.45 50.76 64.55
CA GLU G 332 81.70 51.75 63.82
C GLU G 332 81.87 51.53 62.32
N VAL G 333 80.96 52.11 61.54
CA VAL G 333 81.05 52.08 60.08
C VAL G 333 80.53 53.42 59.56
N SER G 334 81.19 53.94 58.52
CA SER G 334 80.84 55.25 57.99
C SER G 334 80.81 55.20 56.47
N ILE G 335 79.78 55.81 55.89
CA ILE G 335 79.71 56.02 54.45
C ILE G 335 79.99 57.49 54.19
N ALA G 336 80.97 57.77 53.31
CA ALA G 336 81.39 59.14 53.05
C ALA G 336 80.71 59.61 51.76
N ILE G 337 79.58 60.29 51.92
CA ILE G 337 78.78 60.68 50.77
C ILE G 337 79.27 62.00 50.19
N GLY G 338 79.25 63.05 50.98
CA GLY G 338 79.53 64.39 50.51
C GLY G 338 78.31 65.31 50.66
N THR G 339 78.56 66.60 50.49
CA THR G 339 77.52 67.59 50.65
C THR G 339 76.50 67.48 49.50
N ASP G 340 75.32 68.07 49.71
CA ASP G 340 74.21 67.98 48.76
C ASP G 340 73.80 66.53 48.53
N ALA G 341 73.49 65.84 49.62
CA ALA G 341 73.03 64.46 49.58
C ALA G 341 71.51 64.45 49.77
N ASN G 342 70.79 64.67 48.67
CA ASN G 342 69.34 64.52 48.67
C ASN G 342 69.01 63.06 48.43
N MET G 343 68.20 62.49 49.32
CA MET G 343 68.07 61.04 49.44
C MET G 343 66.61 60.67 49.31
N GLN G 344 66.30 59.80 48.36
CA GLN G 344 64.94 59.28 48.20
C GLN G 344 64.75 58.03 49.06
N SER G 345 63.54 57.50 49.05
CA SER G 345 63.21 56.27 49.76
C SER G 345 63.26 55.10 48.80
N GLY G 346 64.33 54.32 48.85
CA GLY G 346 64.46 53.13 48.04
C GLY G 346 65.85 52.87 47.48
N ASP G 347 66.70 53.88 47.32
CA ASP G 347 68.06 53.68 46.82
C ASP G 347 68.82 52.86 47.85
N LYS G 348 69.32 51.69 47.43
CA LYS G 348 69.88 50.74 48.39
C LYS G 348 71.39 50.62 48.23
N ILE G 349 72.03 50.11 49.28
CA ILE G 349 73.48 49.88 49.30
C ILE G 349 73.73 48.44 49.68
N LEU G 350 74.60 47.76 48.92
CA LEU G 350 74.95 46.36 49.17
C LEU G 350 76.45 46.28 49.45
N LEU G 351 76.80 45.60 50.54
CA LEU G 351 78.17 45.45 51.01
C LEU G 351 78.46 43.96 51.26
N SER G 352 79.74 43.61 51.20
CA SER G 352 80.19 42.25 51.45
C SER G 352 81.19 42.24 52.61
N THR G 353 81.07 41.25 53.49
CA THR G 353 81.79 41.22 54.76
C THR G 353 82.71 40.01 54.80
N THR G 354 83.94 40.22 55.28
CA THR G 354 84.98 39.20 55.35
C THR G 354 85.35 38.95 56.80
N GLU G 355 85.56 37.68 57.15
CA GLU G 355 85.91 37.29 58.52
C GLU G 355 87.39 36.92 58.60
N ALA G 356 88.02 37.30 59.71
CA ALA G 356 89.43 36.96 59.92
C ALA G 356 89.56 35.56 60.50
N VAL G 357 90.48 34.78 59.93
CA VAL G 357 90.71 33.40 60.35
C VAL G 357 92.22 33.14 60.33
N ASP G 358 92.67 32.27 61.24
CA ASP G 358 94.10 32.00 61.37
C ASP G 358 94.69 31.46 60.08
N THR G 359 94.02 30.47 59.47
CA THR G 359 94.35 29.96 58.14
C THR G 359 95.79 29.47 58.02
N SER G 360 96.37 28.91 59.09
CA SER G 360 97.72 28.35 58.99
C SER G 360 97.79 27.17 59.96
N ALA G 361 97.55 25.98 59.45
CA ALA G 361 97.57 24.76 60.24
C ALA G 361 98.47 23.73 59.54
N THR G 362 98.50 22.51 60.10
CA THR G 362 99.28 21.45 59.49
C THR G 362 98.77 21.14 58.09
N SER G 363 97.48 20.86 57.96
CA SER G 363 96.80 20.60 56.69
C SER G 363 95.32 20.39 56.98
N GLY G 364 94.53 20.35 55.92
CA GLY G 364 93.12 20.05 56.06
C GLY G 364 92.18 20.84 55.18
N GLY G 365 92.60 22.03 54.74
CA GLY G 365 91.73 22.85 53.92
C GLY G 365 92.34 24.22 53.69
N GLY G 366 91.48 25.17 53.35
CA GLY G 366 91.93 26.52 53.09
C GLY G 366 90.83 27.53 52.83
N THR G 367 91.04 28.38 51.84
CA THR G 367 90.15 29.49 51.54
C THR G 367 89.62 29.39 50.10
N ILE G 368 88.38 29.84 49.94
CA ILE G 368 87.67 29.81 48.66
C ILE G 368 87.18 31.23 48.36
N ALA G 369 87.41 31.68 47.13
CA ALA G 369 87.03 33.01 46.71
C ALA G 369 86.40 32.97 45.33
N ILE G 370 85.44 33.87 45.10
CA ILE G 370 84.73 33.99 43.84
C ILE G 370 84.86 35.43 43.35
N SER G 371 85.14 35.60 42.07
CA SER G 371 85.20 36.93 41.47
C SER G 371 84.63 36.87 40.06
N GLY G 372 84.21 38.04 39.56
CA GLY G 372 83.71 38.14 38.20
C GLY G 372 82.22 38.39 38.11
N GLY G 373 81.59 37.81 37.08
CA GLY G 373 80.17 37.98 36.87
C GLY G 373 79.86 39.08 35.89
N PRO G 374 78.56 39.27 35.60
CA PRO G 374 78.17 40.34 34.66
C PRO G 374 78.54 41.73 35.13
N ALA G 375 78.59 41.97 36.43
CA ALA G 375 78.87 43.30 36.97
C ALA G 375 80.34 43.50 37.31
N GLY G 376 81.19 42.50 37.09
CA GLY G 376 82.61 42.65 37.38
C GLY G 376 82.89 42.90 38.85
N THR G 377 82.27 42.11 39.71
CA THR G 377 82.35 42.31 41.15
C THR G 377 83.55 41.58 41.74
N THR G 378 84.05 42.10 42.85
CA THR G 378 85.09 41.46 43.65
C THR G 378 84.45 40.85 44.88
N GLY G 379 84.26 39.53 44.85
CA GLY G 379 83.48 38.85 45.86
C GLY G 379 84.23 38.64 47.16
N ALA G 380 83.54 38.00 48.10
CA ALA G 380 84.09 37.73 49.42
C ALA G 380 85.00 36.51 49.39
N ILE G 381 85.60 36.22 50.54
CA ILE G 381 86.50 35.09 50.72
C ILE G 381 86.05 34.33 51.97
N ILE G 382 85.99 33.00 51.85
CA ILE G 382 85.59 32.14 52.96
C ILE G 382 86.76 31.25 53.33
N SER G 383 86.79 30.81 54.59
CA SER G 383 87.87 29.99 55.11
C SER G 383 87.30 28.81 55.88
N TYR G 384 88.01 27.68 55.81
CA TYR G 384 87.58 26.45 56.45
C TYR G 384 88.64 25.94 57.43
N GLY G 385 88.24 24.96 58.23
CA GLY G 385 89.13 24.35 59.19
C GLY G 385 89.83 23.13 58.65
N ASN G 386 90.38 22.33 59.57
CA ASN G 386 91.16 21.16 59.19
C ASN G 386 90.25 19.97 58.90
N ASN G 387 90.68 19.15 57.93
CA ASN G 387 89.97 17.93 57.51
C ASN G 387 88.53 18.22 57.10
N GLU G 388 88.24 19.43 56.65
CA GLU G 388 86.93 19.77 56.13
C GLU G 388 86.85 19.67 54.61
N LEU G 389 87.95 19.41 53.93
CA LEU G 389 87.99 19.44 52.48
C LEU G 389 88.33 18.09 51.87
N THR G 390 89.39 17.43 52.36
CA THR G 390 89.85 16.17 51.79
C THR G 390 89.84 15.10 52.87
N LYS G 391 89.34 13.92 52.50
CA LYS G 391 89.28 12.79 53.40
C LYS G 391 90.31 11.74 52.97
N VAL G 392 90.56 10.76 53.84
CA VAL G 392 91.63 9.79 53.65
C VAL G 392 91.08 8.59 52.90
N ASP G 393 91.95 7.94 52.13
CA ASP G 393 91.57 6.79 51.34
C ASP G 393 91.27 5.58 52.23
N ASN G 394 90.58 4.60 51.66
CA ASN G 394 90.11 3.40 52.35
C ASN G 394 90.42 2.14 51.53
N GLY G 395 91.67 2.06 51.05
CA GLY G 395 92.09 0.96 50.21
C GLY G 395 92.12 1.28 48.73
N ASP G 396 90.97 1.48 48.10
CA ASP G 396 90.93 1.92 46.71
C ASP G 396 90.02 3.12 46.50
N THR G 397 88.90 3.18 47.24
CA THR G 397 87.92 4.26 47.23
C THR G 397 87.12 4.30 45.94
N THR G 398 87.49 3.49 44.96
CA THR G 398 86.93 3.54 43.61
C THR G 398 86.78 4.98 43.14
N ILE G 399 87.77 5.79 43.51
CA ILE G 399 87.76 7.25 43.36
C ILE G 399 86.66 7.85 44.25
N ASP G 400 87.03 8.81 45.07
CA ASP G 400 86.10 9.43 46.02
C ASP G 400 85.98 10.92 45.70
N TYR G 401 84.98 11.56 46.34
CA TYR G 401 84.77 12.98 46.19
C TYR G 401 84.00 13.50 47.39
N ASN G 402 84.05 14.82 47.60
CA ASN G 402 83.24 15.48 48.61
C ASN G 402 82.63 16.74 48.03
N SER G 403 81.51 17.17 48.62
CA SER G 403 80.76 18.31 48.12
C SER G 403 80.81 19.47 49.10
N VAL G 404 80.97 20.69 48.58
CA VAL G 404 81.00 21.90 49.37
C VAL G 404 79.97 22.87 48.79
N THR G 405 79.08 23.37 49.63
CA THR G 405 78.03 24.29 49.22
C THR G 405 78.50 25.72 49.42
N VAL G 406 78.34 26.55 48.39
CA VAL G 406 78.78 27.95 48.43
C VAL G 406 77.64 28.84 47.97
N TYR G 407 77.34 29.88 48.74
CA TYR G 407 76.31 30.86 48.40
C TYR G 407 76.95 32.19 48.01
N HIS G 408 76.47 32.76 46.91
CA HIS G 408 76.93 34.06 46.44
C HIS G 408 75.74 34.87 45.93
N ALA G 409 75.75 36.17 46.18
CA ALA G 409 74.63 37.05 45.86
C ALA G 409 75.04 38.08 44.83
N ALA G 410 74.03 38.61 44.14
CA ALA G 410 74.22 39.64 43.13
C ALA G 410 73.00 40.55 43.12
N LEU G 411 73.21 41.79 42.68
CA LEU G 411 72.18 42.81 42.65
C LEU G 411 72.14 43.47 41.28
N ASN G 412 70.94 43.73 40.78
CA ASN G 412 70.73 44.40 39.50
C ASN G 412 70.57 45.89 39.75
N VAL G 413 70.85 46.69 38.70
CA VAL G 413 70.87 48.14 38.85
C VAL G 413 69.64 48.78 38.22
N GLU G 414 68.62 47.97 37.92
CA GLU G 414 67.41 48.48 37.27
C GLU G 414 66.17 48.38 38.15
N THR G 415 65.87 47.20 38.69
CA THR G 415 64.64 47.01 39.44
C THR G 415 64.86 46.77 40.93
N GLY G 416 66.09 46.43 41.34
CA GLY G 416 66.39 46.34 42.75
C GLY G 416 66.05 45.03 43.42
N ASN G 417 66.10 43.92 42.69
CA ASN G 417 66.00 42.61 43.31
C ASN G 417 67.38 42.02 43.56
N LEU G 418 67.44 41.08 44.49
CA LEU G 418 68.69 40.41 44.84
C LEU G 418 68.58 38.94 44.50
N ASP G 419 69.67 38.37 43.98
CA ASP G 419 69.70 36.97 43.58
C ASP G 419 70.82 36.27 44.34
N VAL G 420 70.45 35.32 45.19
CA VAL G 420 71.41 34.56 45.98
C VAL G 420 71.42 33.14 45.41
N GLY G 421 72.45 32.83 44.64
CA GLY G 421 72.60 31.51 44.07
C GLY G 421 73.64 30.69 44.83
N ASN G 422 73.72 29.40 44.46
CA ASN G 422 74.63 28.49 45.12
C ASN G 422 75.30 27.57 44.12
N LEU G 423 76.52 27.18 44.45
CA LEU G 423 77.28 26.17 43.72
C LEU G 423 77.62 25.03 44.67
N THR G 424 77.92 23.87 44.11
CA THR G 424 78.45 22.76 44.91
C THR G 424 79.77 22.33 44.27
N PHE G 425 80.87 22.79 44.85
CA PHE G 425 82.17 22.38 44.37
C PHE G 425 82.43 20.94 44.78
N ASN G 426 83.12 20.19 43.92
CA ASN G 426 83.51 18.81 44.20
C ASN G 426 85.01 18.79 44.42
N PHE G 427 85.41 18.32 45.59
CA PHE G 427 86.83 18.15 45.90
C PHE G 427 87.19 16.67 45.79
N ARG G 428 88.44 16.42 45.40
CA ARG G 428 88.83 15.12 44.86
C ARG G 428 88.99 14.09 45.97
N GLU G 429 89.56 12.93 45.59
CA GLU G 429 89.52 11.71 46.38
C GLU G 429 90.24 11.80 47.72
N ASP G 430 91.56 11.96 47.68
CA ASP G 430 92.35 11.69 48.88
C ASP G 430 93.71 12.36 48.77
N THR G 431 94.20 12.89 49.89
CA THR G 431 95.55 13.38 50.07
C THR G 431 96.05 12.93 51.44
N GLY G 432 97.18 13.46 51.87
CA GLY G 432 97.58 13.25 53.25
C GLY G 432 99.04 12.96 53.54
N THR G 433 99.51 13.51 54.65
CA THR G 433 100.78 13.11 55.26
C THR G 433 100.49 11.83 56.06
N ASP G 434 101.34 11.49 57.02
CA ASP G 434 101.28 10.19 57.69
C ASP G 434 100.04 10.13 58.58
N THR G 435 98.88 10.00 57.92
CA THR G 435 97.60 9.67 58.56
C THR G 435 97.23 10.68 59.66
N ALA G 436 97.56 11.96 59.46
CA ALA G 436 97.24 12.94 60.50
C ALA G 436 96.01 13.77 60.15
N TYR G 437 96.11 14.59 59.10
CA TYR G 437 95.00 15.49 58.76
C TYR G 437 94.63 15.52 57.28
N GLY G 438 95.54 15.23 56.35
CA GLY G 438 95.24 15.36 54.94
C GLY G 438 96.20 16.30 54.23
N SER G 439 95.77 16.86 53.10
CA SER G 439 96.55 17.83 52.33
C SER G 439 95.66 18.36 51.21
N THR G 440 96.13 19.41 50.55
CA THR G 440 95.44 20.02 49.42
C THR G 440 96.40 20.95 48.69
N THR G 441 96.24 21.04 47.38
CA THR G 441 96.99 21.99 46.56
C THR G 441 96.09 23.15 46.17
N GLY G 442 96.69 24.31 45.93
CA GLY G 442 95.97 25.53 45.64
C GLY G 442 96.00 25.91 44.19
N GLY G 443 95.49 27.10 43.90
CA GLY G 443 95.42 27.63 42.55
C GLY G 443 94.12 28.37 42.31
N SER G 444 93.85 28.64 41.03
CA SER G 444 92.62 29.29 40.61
C SER G 444 92.24 28.80 39.23
N PHE G 445 90.95 28.83 38.92
CA PHE G 445 90.50 28.42 37.60
C PHE G 445 89.26 29.21 37.20
N ASP G 446 88.75 28.88 36.01
CA ASP G 446 87.75 29.67 35.31
C ASP G 446 86.48 28.86 35.14
N LEU G 447 85.35 29.41 35.59
CA LEU G 447 84.03 28.81 35.44
C LEU G 447 83.30 29.47 34.29
N LEU G 448 82.78 28.65 33.38
CA LEU G 448 81.93 29.11 32.30
C LEU G 448 80.50 28.69 32.61
N VAL G 449 79.62 29.67 32.79
CA VAL G 449 78.21 29.44 33.09
C VAL G 449 77.43 29.60 31.80
N ALA G 450 76.79 28.51 31.36
CA ALA G 450 76.04 28.48 30.12
C ALA G 450 74.55 28.39 30.44
N GLY G 451 73.76 29.25 29.79
CA GLY G 451 72.32 29.26 29.98
C GLY G 451 71.62 28.33 29.02
N GLY G 452 70.28 28.40 29.06
CA GLY G 452 69.45 27.55 28.23
C GLY G 452 69.19 28.17 26.87
N GLY G 453 68.31 27.51 26.12
CA GLY G 453 67.94 27.97 24.80
C GLY G 453 68.66 27.23 23.69
N GLU G 454 71.95 26.20 24.20
CA GLU G 454 73.40 26.20 24.26
C GLU G 454 73.94 24.78 24.45
N ALA G 455 75.25 24.68 24.67
CA ALA G 455 75.87 23.36 24.82
C ALA G 455 75.59 22.78 26.20
N ALA G 456 75.07 21.56 26.22
CA ALA G 456 74.87 20.86 27.49
C ALA G 456 76.21 20.49 28.11
N THR G 457 76.32 20.70 29.42
CA THR G 457 77.56 20.47 30.13
C THR G 457 77.70 18.99 30.49
N SER G 458 78.83 18.65 31.11
CA SER G 458 79.10 17.26 31.48
C SER G 458 78.29 16.80 32.68
N THR G 459 77.65 17.72 33.41
CA THR G 459 76.83 17.38 34.56
C THR G 459 75.37 17.74 34.35
N THR G 460 74.92 17.86 33.11
CA THR G 460 73.53 18.16 32.84
C THR G 460 72.65 16.96 33.15
N LYS G 461 71.57 17.19 33.89
CA LYS G 461 70.65 16.12 34.20
C LYS G 461 69.79 15.78 32.99
N LEU G 462 69.47 14.50 32.85
CA LEU G 462 68.74 14.00 31.69
C LEU G 462 67.31 14.50 31.63
N LYS G 463 66.80 15.11 32.69
CA LYS G 463 65.44 15.63 32.72
C LYS G 463 65.32 17.04 32.17
N ASP G 464 66.40 17.60 31.63
CA ASP G 464 66.38 18.94 31.08
C ASP G 464 66.65 19.00 29.58
N ILE G 465 67.08 17.90 28.97
CA ILE G 465 67.40 17.89 27.55
C ILE G 465 66.13 18.08 26.74
N SER G 466 66.21 18.88 25.68
CA SER G 466 65.03 19.23 24.91
C SER G 466 64.46 18.05 24.13
N ARG G 467 65.29 17.05 23.82
CA ARG G 467 64.83 15.93 22.99
C ARG G 467 64.02 14.91 23.76
N PHE G 468 63.97 14.99 25.09
CA PHE G 468 63.32 13.97 25.90
C PHE G 468 61.93 14.38 26.37
N THR G 469 61.37 15.46 25.83
CA THR G 469 59.98 15.83 26.07
C THR G 469 59.22 15.76 24.74
N THR G 470 58.03 15.18 24.79
CA THR G 470 57.28 14.91 23.57
C THR G 470 56.60 16.19 23.07
N ASP G 471 55.85 16.05 21.98
CA ASP G 471 55.20 17.21 21.37
C ASP G 471 54.01 17.70 22.17
N ASP G 472 53.57 16.94 23.16
CA ASP G 472 52.43 17.32 23.98
C ASP G 472 52.82 17.80 25.37
N GLY G 473 54.11 17.97 25.64
CA GLY G 473 54.55 18.49 26.91
C GLY G 473 54.82 17.48 27.99
N VAL G 474 54.96 16.21 27.64
CA VAL G 474 55.21 15.14 28.60
C VAL G 474 56.59 14.58 28.35
N ASN G 475 57.41 14.49 29.39
CA ASN G 475 58.72 13.90 29.26
C ASN G 475 58.67 12.40 29.57
N ILE G 476 59.63 11.68 28.99
CA ILE G 476 59.57 10.22 29.01
C ILE G 476 59.74 9.68 30.43
N PHE G 477 60.56 10.32 31.24
CA PHE G 477 60.92 9.80 32.55
C PHE G 477 59.87 10.07 33.62
N ALA G 478 58.65 10.45 33.24
CA ALA G 478 57.62 10.72 34.24
C ALA G 478 57.10 9.44 34.87
N ALA G 479 56.87 8.40 34.06
CA ALA G 479 56.31 7.16 34.58
C ALA G 479 57.35 6.34 35.34
N GLY G 480 58.59 6.31 34.88
CA GLY G 480 59.62 5.53 35.52
C GLY G 480 60.83 5.34 34.64
N PRO G 481 61.63 4.32 34.95
CA PRO G 481 62.83 4.04 34.15
C PRO G 481 62.47 3.54 32.76
N GLN G 482 63.44 3.63 31.87
CA GLN G 482 63.30 3.15 30.51
C GLN G 482 64.35 2.08 30.21
N GLU G 483 64.01 1.21 29.28
CA GLU G 483 64.85 0.06 28.93
C GLU G 483 65.70 0.42 27.72
N LEU G 484 66.83 -0.28 27.58
CA LEU G 484 67.60 -0.23 26.34
C LEU G 484 68.28 -1.58 26.13
N THR G 485 68.27 -2.07 24.89
CA THR G 485 68.84 -3.36 24.56
C THR G 485 69.85 -3.19 23.44
N ILE G 486 71.02 -3.78 23.61
CA ILE G 486 72.11 -3.70 22.64
C ILE G 486 72.40 -5.10 22.13
N PHE G 487 72.41 -5.26 20.81
CA PHE G 487 72.61 -6.54 20.14
C PHE G 487 73.93 -6.52 19.38
N GLY G 488 74.67 -7.62 19.45
CA GLY G 488 75.91 -7.77 18.71
C GLY G 488 76.66 -9.04 19.03
N ASN G 489 77.31 -9.62 18.01
CA ASN G 489 78.13 -10.82 18.17
C ASN G 489 77.34 -11.96 18.81
N GLY G 490 76.08 -12.07 18.43
CA GLY G 490 75.24 -13.13 18.99
C GLY G 490 74.98 -12.99 20.47
N SER G 491 75.04 -11.76 21.00
CA SER G 491 74.80 -11.51 22.41
C SER G 491 73.99 -10.23 22.55
N SER G 492 73.37 -10.07 23.71
CA SER G 492 72.54 -8.91 23.98
C SER G 492 72.76 -8.44 25.41
N ALA G 493 72.53 -7.16 25.63
CA ALA G 493 72.65 -6.56 26.95
C ALA G 493 71.49 -5.60 27.17
N THR G 494 71.12 -5.42 28.43
CA THR G 494 70.01 -4.57 28.80
C THR G 494 70.45 -3.58 29.87
N ILE G 495 70.10 -2.31 29.68
CA ILE G 495 70.44 -1.25 30.62
C ILE G 495 69.18 -0.46 30.96
N TYR G 496 69.22 0.17 32.14
CA TYR G 496 68.11 0.93 32.70
C TYR G 496 68.49 2.40 32.77
N LEU G 497 67.58 3.27 32.33
CA LEU G 497 67.77 4.70 32.37
C LEU G 497 66.77 5.32 33.32
N GLU G 498 67.23 6.26 34.15
CA GLU G 498 66.38 6.97 35.08
C GLU G 498 66.56 8.48 34.87
N GLY G 499 65.59 9.24 35.36
CA GLY G 499 65.52 10.66 35.11
C GLY G 499 66.45 11.54 35.90
N ASP G 500 67.31 10.97 36.74
CA ASP G 500 68.22 11.79 37.54
C ASP G 500 69.69 11.46 37.31
N ASP G 501 70.01 10.58 36.37
CA ASP G 501 71.40 10.40 35.98
C ASP G 501 71.79 11.45 34.94
N THR G 502 73.07 11.79 34.93
CA THR G 502 73.60 12.79 34.02
C THR G 502 74.36 12.11 32.90
N VAL G 503 75.00 12.93 32.05
CA VAL G 503 75.62 12.43 30.84
C VAL G 503 76.79 11.49 31.16
N SER G 504 77.61 11.87 32.15
CA SER G 504 78.85 11.13 32.39
C SER G 504 78.58 9.69 32.81
N GLU G 505 77.69 9.49 33.78
CA GLU G 505 77.42 8.13 34.22
C GLU G 505 76.63 7.34 33.20
N PHE G 506 75.85 8.02 32.35
CA PHE G 506 75.23 7.35 31.21
C PHE G 506 76.31 6.80 30.27
N GLU G 507 77.31 7.61 29.97
CA GLU G 507 78.43 7.15 29.15
C GLU G 507 79.16 5.99 29.81
N THR G 508 79.38 6.09 31.12
CA THR G 508 80.06 5.00 31.84
C THR G 508 79.25 3.71 31.78
N LYS G 509 77.94 3.81 31.97
CA LYS G 509 77.09 2.62 31.89
C LYS G 509 77.14 2.00 30.51
N LEU G 510 77.07 2.82 29.47
CA LEU G 510 77.11 2.27 28.11
C LEU G 510 78.47 1.63 27.82
N SER G 511 79.56 2.24 28.32
CA SER G 511 80.88 1.67 28.11
C SER G 511 81.00 0.33 28.83
N SER G 512 80.47 0.23 30.05
CA SER G 512 80.48 -1.04 30.76
C SER G 512 79.66 -2.10 30.02
N ALA G 513 78.50 -1.70 29.49
CA ALA G 513 77.68 -2.63 28.72
C ALA G 513 78.43 -3.13 27.49
N ILE G 514 79.12 -2.23 26.79
CA ILE G 514 79.90 -2.63 25.61
C ILE G 514 81.01 -3.58 26.02
N LEU G 515 81.69 -3.30 27.13
CA LEU G 515 82.72 -4.20 27.62
C LEU G 515 82.18 -5.56 28.00
N GLU G 516 80.92 -5.64 28.46
CA GLU G 516 80.35 -6.92 28.84
C GLU G 516 80.19 -7.84 27.64
N LEU G 517 79.80 -7.28 26.48
CA LEU G 517 79.51 -8.10 25.32
C LEU G 517 80.75 -8.75 24.71
N GLY G 518 81.94 -8.26 25.04
CA GLY G 518 83.16 -8.77 24.47
C GLY G 518 83.81 -7.89 23.42
N MET G 519 83.34 -6.65 23.24
CA MET G 519 83.95 -5.75 22.27
C MET G 519 85.17 -5.04 22.83
N GLY G 520 85.41 -5.12 24.14
CA GLY G 520 86.46 -4.35 24.75
C GLY G 520 87.84 -4.85 24.37
N ALA G 521 88.84 -4.11 24.87
CA ALA G 521 90.22 -4.46 24.60
C ALA G 521 90.53 -5.84 25.15
N THR G 522 91.22 -6.66 24.36
CA THR G 522 91.43 -8.06 24.69
C THR G 522 92.50 -8.18 25.77
N ALA G 523 92.97 -9.40 26.00
CA ALA G 523 93.95 -9.66 27.05
C ALA G 523 95.35 -9.24 26.63
N GLY G 524 95.50 -7.99 26.19
CA GLY G 524 96.81 -7.41 26.03
C GLY G 524 97.33 -7.06 27.41
N THR G 525 96.38 -6.85 28.33
CA THR G 525 96.59 -6.73 29.77
C THR G 525 97.39 -5.50 30.16
N SER G 526 97.85 -4.69 29.21
CA SER G 526 98.68 -3.53 29.49
C SER G 526 97.83 -2.27 29.54
N ASP G 527 98.52 -1.14 29.81
CA ASP G 527 97.84 0.15 29.85
C ASP G 527 97.22 0.51 28.51
N GLU G 528 97.70 -0.10 27.43
CA GLU G 528 97.05 0.05 26.13
C GLU G 528 95.59 -0.36 26.23
N ALA G 529 95.34 -1.49 26.89
CA ALA G 529 93.98 -1.96 27.09
C ALA G 529 93.16 -0.97 27.90
N ALA G 530 93.76 -0.42 28.97
CA ALA G 530 93.04 0.54 29.80
C ALA G 530 92.64 1.76 29.01
N THR G 531 93.57 2.32 28.23
CA THR G 531 93.26 3.50 27.43
C THR G 531 92.20 3.20 26.39
N VAL G 532 92.33 2.06 25.70
CA VAL G 532 91.37 1.71 24.66
C VAL G 532 89.98 1.53 25.27
N ASN G 533 89.89 0.83 26.40
CA ASN G 533 88.60 0.63 27.05
C ASN G 533 87.99 1.95 27.50
N SER G 534 88.81 2.83 28.09
CA SER G 534 88.32 4.11 28.55
C SER G 534 87.94 5.05 27.42
N ASN G 535 88.47 4.85 26.22
CA ASN G 535 88.23 5.74 25.08
C ASN G 535 87.27 5.14 24.05
N LEU G 536 86.23 4.41 24.49
CA LEU G 536 85.35 3.76 23.53
C LEU G 536 84.10 4.59 23.24
N VAL G 537 83.50 5.19 24.27
CA VAL G 537 82.32 6.05 24.12
C VAL G 537 82.72 7.44 24.57
N ASN G 538 82.47 8.44 23.73
CA ASN G 538 82.99 9.77 23.98
C ASN G 538 81.91 10.84 23.80
N TYR G 539 81.99 11.87 24.64
CA TYR G 539 81.16 13.07 24.53
C TYR G 539 82.08 14.26 24.31
N VAL G 540 81.66 15.18 23.45
CA VAL G 540 82.46 16.35 23.10
C VAL G 540 81.85 17.57 23.79
N SER G 541 82.60 18.18 24.69
CA SER G 541 82.16 19.38 25.37
C SER G 541 82.56 20.61 24.54
N THR G 542 82.38 21.80 25.11
CA THR G 542 82.63 23.02 24.35
C THR G 542 84.13 23.23 24.11
N GLY G 543 84.95 22.98 25.13
CA GLY G 543 86.36 23.29 25.06
C GLY G 543 87.26 22.23 24.47
N ASP G 544 86.72 21.16 23.90
CA ASP G 544 87.52 20.08 23.35
C ASP G 544 87.20 19.78 21.89
N VAL G 545 86.70 20.77 21.16
CA VAL G 545 86.36 20.58 19.75
C VAL G 545 87.63 20.53 18.93
N THR G 546 87.76 19.50 18.10
CA THR G 546 88.93 19.34 17.23
C THR G 546 88.46 19.23 15.79
N ASP G 547 88.98 20.10 14.93
CA ASP G 547 88.60 20.14 13.52
C ASP G 547 89.24 18.99 12.75
N SER G 548 88.58 18.60 11.66
CA SER G 548 89.08 17.57 10.73
C SER G 548 89.26 16.22 11.42
N SER G 549 88.36 15.87 12.32
CA SER G 549 88.42 14.59 13.01
C SER G 549 87.00 14.06 13.16
N ASN G 550 86.88 12.92 13.86
CA ASN G 550 85.57 12.37 14.14
C ASN G 550 84.75 13.26 15.06
N GLU G 551 85.42 14.11 15.85
CA GLU G 551 84.76 14.96 16.84
C GLU G 551 84.75 16.42 16.41
N ALA G 552 84.55 16.69 15.13
CA ALA G 552 84.49 18.04 14.61
C ALA G 552 83.22 18.78 15.01
N LEU G 553 82.37 18.17 15.83
CA LEU G 553 81.12 18.78 16.24
C LEU G 553 81.06 18.83 17.76
N ALA G 554 80.30 19.79 18.28
CA ALA G 554 80.19 20.00 19.71
C ALA G 554 78.89 19.39 20.24
N GLY G 555 78.99 18.79 21.43
CA GLY G 555 77.81 18.24 22.08
C GLY G 555 77.19 17.05 21.39
N THR G 556 78.01 16.09 20.97
CA THR G 556 77.53 14.86 20.33
C THR G 556 78.21 13.66 20.94
N PHE G 557 77.52 12.51 20.90
CA PHE G 557 78.12 11.25 21.29
C PHE G 557 78.80 10.57 20.11
N VAL G 558 79.95 9.96 20.37
CA VAL G 558 80.67 9.17 19.38
C VAL G 558 80.88 7.78 19.97
N ILE G 559 80.53 6.75 19.19
CA ILE G 559 80.59 5.36 19.65
C ILE G 559 81.41 4.55 18.64
N GLN G 560 82.35 3.76 19.14
CA GLN G 560 83.17 2.89 18.33
C GLN G 560 83.30 1.54 19.03
N THR G 561 83.82 0.55 18.31
CA THR G 561 84.12 -0.75 18.89
C THR G 561 85.56 -1.13 18.58
N ALA G 562 85.99 -2.31 19.02
CA ALA G 562 87.37 -2.74 18.84
C ALA G 562 87.52 -4.00 18.01
N ARG G 563 86.61 -4.25 17.08
CA ARG G 563 86.71 -5.37 16.15
C ARG G 563 86.51 -4.89 14.72
N LEU G 564 86.76 -5.79 13.78
CA LEU G 564 86.74 -5.46 12.37
C LEU G 564 85.62 -6.20 11.65
N GLY G 565 85.12 -5.57 10.59
CA GLY G 565 84.14 -6.20 9.72
C GLY G 565 82.77 -6.37 10.37
N ASP G 566 82.07 -7.41 9.89
CA ASP G 566 80.69 -7.66 10.32
C ASP G 566 80.59 -7.89 11.82
N ASP G 567 81.67 -8.29 12.47
CA ASP G 567 81.64 -8.50 13.92
C ASP G 567 81.45 -7.20 14.69
N SER G 568 81.70 -6.05 14.07
CA SER G 568 81.62 -4.77 14.76
C SER G 568 80.30 -4.04 14.50
N LYS G 569 79.33 -4.68 13.85
CA LYS G 569 78.01 -4.08 13.70
C LYS G 569 77.28 -4.09 15.05
N LEU G 570 76.69 -2.95 15.41
CA LEU G 570 75.93 -2.80 16.63
C LEU G 570 74.46 -2.59 16.30
N SER G 571 73.58 -3.10 17.16
CA SER G 571 72.14 -2.95 16.98
C SER G 571 71.51 -2.40 18.26
N PHE G 572 70.54 -1.51 18.09
CA PHE G 572 69.90 -0.81 19.21
C PHE G 572 68.41 -1.11 19.20
N ILE G 573 67.86 -1.37 20.40
CA ILE G 573 66.43 -1.62 20.58
C ILE G 573 65.93 -0.88 21.81
N GLY G 574 64.75 -0.30 21.71
CA GLY G 574 64.13 0.37 22.84
C GLY G 574 62.76 0.86 22.44
N ASP G 575 62.23 1.76 23.26
CA ASP G 575 60.96 2.40 22.91
C ASP G 575 61.12 3.27 21.67
N GLN G 576 60.03 3.39 20.91
CA GLN G 576 60.08 4.14 19.66
C GLN G 576 60.46 5.60 19.90
N ASN G 577 59.86 6.22 20.94
CA ASN G 577 60.14 7.62 21.22
C ASN G 577 61.59 7.84 21.63
N LEU G 578 62.12 6.96 22.48
CA LEU G 578 63.51 7.11 22.91
C LEU G 578 64.48 6.96 21.74
N ILE G 579 64.23 5.98 20.87
CA ILE G 579 65.11 5.78 19.72
C ILE G 579 65.03 6.98 18.77
N ASN G 580 63.83 7.50 18.55
CA ASN G 580 63.71 8.70 17.73
C ASN G 580 64.42 9.88 18.36
N ALA G 581 64.38 9.99 19.70
CA ALA G 581 65.05 11.08 20.38
C ALA G 581 66.57 10.99 20.25
N LEU G 582 67.13 9.79 20.41
CA LEU G 582 68.58 9.64 20.32
C LEU G 582 69.08 9.96 18.93
N SER G 583 68.40 9.46 17.90
CA SER G 583 68.70 9.77 16.50
C SER G 583 70.15 9.44 16.15
N LEU G 584 70.48 8.16 16.24
CA LEU G 584 71.81 7.68 15.88
C LEU G 584 72.00 7.72 14.37
N ALA G 585 73.27 7.72 13.95
CA ALA G 585 73.60 7.75 12.54
C ALA G 585 74.93 7.04 12.34
N THR G 586 75.16 6.60 11.11
CA THR G 586 76.38 5.89 10.73
C THR G 586 77.31 6.87 10.01
N ILE G 587 78.53 7.01 10.53
CA ILE G 587 79.53 7.86 9.90
C ILE G 587 80.73 7.06 9.40
N GLN G 588 80.96 5.85 9.90
CA GLN G 588 81.96 4.99 9.30
C GLN G 588 81.49 3.54 9.39
N GLU G 589 81.85 2.76 8.38
CA GLU G 589 81.37 1.40 8.22
C GLU G 589 82.53 0.42 8.33
N GLY G 590 82.18 -0.86 8.49
CA GLY G 590 83.16 -1.91 8.66
C GLY G 590 83.85 -2.29 7.35
N GLU G 591 84.87 -3.13 7.50
CA GLU G 591 85.69 -3.57 6.37
C GLU G 591 86.47 -4.81 6.77
N ASN G 592 86.42 -5.85 5.94
CA ASN G 592 87.00 -7.12 6.33
C ASN G 592 88.51 -7.11 6.15
N SER G 593 89.15 -8.15 6.69
CA SER G 593 90.60 -8.30 6.66
C SER G 593 91.02 -9.24 5.54
N GLU G 594 92.31 -9.49 5.44
CA GLU G 594 92.87 -10.41 4.46
C GLU G 594 93.86 -11.33 5.15
N THR G 595 93.65 -12.64 5.00
CA THR G 595 94.45 -13.63 5.71
C THR G 595 95.16 -14.53 4.73
N THR G 596 96.46 -14.74 4.95
CA THR G 596 97.26 -15.65 4.15
C THR G 596 97.58 -16.88 5.00
N ILE G 597 97.22 -18.06 4.50
CA ILE G 597 97.31 -19.30 5.26
C ILE G 597 98.17 -20.28 4.49
N LYS G 598 99.14 -20.89 5.19
CA LYS G 598 100.03 -21.89 4.61
C LYS G 598 99.98 -23.14 5.46
N VAL G 599 99.79 -24.31 4.83
CA VAL G 599 99.64 -25.56 5.56
C VAL G 599 100.80 -26.48 5.18
N THR G 600 101.33 -27.19 6.19
CA THR G 600 102.41 -28.14 5.97
C THR G 600 102.22 -29.33 6.90
N ASP G 601 102.86 -30.45 6.55
CA ASP G 601 102.78 -31.64 7.37
C ASP G 601 103.67 -31.51 8.60
N ALA G 602 103.31 -32.22 9.67
CA ALA G 602 103.93 -32.02 10.97
C ALA G 602 105.17 -32.87 11.20
N HIS G 603 105.46 -33.83 10.32
CA HIS G 603 106.62 -34.70 10.49
C HIS G 603 107.56 -34.71 9.30
N THR G 604 107.15 -34.23 8.14
CA THR G 604 108.01 -34.16 6.96
C THR G 604 108.28 -32.72 6.53
N GLY G 605 107.23 -31.91 6.38
CA GLY G 605 107.37 -30.54 5.98
C GLY G 605 107.09 -30.27 4.52
N LYS G 606 106.62 -31.26 3.76
CA LYS G 606 106.30 -31.03 2.37
C LYS G 606 105.11 -30.08 2.25
N PHE G 607 105.15 -29.23 1.23
CA PHE G 607 104.11 -28.23 1.03
C PHE G 607 102.81 -28.89 0.60
N ILE G 608 101.69 -28.37 1.11
CA ILE G 608 100.36 -28.88 0.82
C ILE G 608 99.48 -27.83 0.17
N GLY G 609 99.45 -26.62 0.74
CA GLY G 609 98.60 -25.58 0.21
C GLY G 609 98.81 -24.21 0.83
N SER G 610 98.39 -23.17 0.11
CA SER G 610 98.46 -21.79 0.58
C SER G 610 97.36 -21.00 -0.08
N ASP G 611 96.63 -20.21 0.71
CA ASP G 611 95.50 -19.45 0.20
C ASP G 611 95.52 -18.04 0.78
N SER G 612 94.87 -17.13 0.05
CA SER G 612 94.61 -15.76 0.51
C SER G 612 93.11 -15.56 0.53
N VAL G 613 92.55 -15.32 1.70
CA VAL G 613 91.11 -15.26 1.89
C VAL G 613 90.72 -13.93 2.51
N ASN G 614 89.45 -13.58 2.32
CA ASN G 614 88.88 -12.34 2.83
C ASN G 614 87.97 -12.55 4.04
N ASP G 615 87.20 -13.64 4.07
CA ASP G 615 86.32 -13.95 5.18
C ASP G 615 86.96 -14.89 6.19
N SER G 616 88.25 -15.17 6.03
CA SER G 616 89.01 -15.99 6.97
C SER G 616 88.42 -17.40 7.09
N THR G 617 88.14 -18.01 5.95
CA THR G 617 87.65 -19.39 5.87
C THR G 617 88.54 -20.15 4.89
N LEU G 618 89.28 -21.13 5.38
CA LEU G 618 90.13 -21.95 4.53
C LEU G 618 89.29 -23.08 3.96
N ARG G 619 89.13 -23.10 2.63
CA ARG G 619 88.23 -24.03 1.98
C ARG G 619 88.87 -24.58 0.71
N GLY G 620 88.78 -25.88 0.52
CA GLY G 620 89.18 -26.51 -0.73
C GLY G 620 90.64 -26.86 -0.86
N VAL G 621 91.38 -26.97 0.25
CA VAL G 621 92.76 -27.41 0.22
C VAL G 621 92.94 -28.72 0.97
N ILE G 622 92.12 -28.96 1.99
CA ILE G 622 92.07 -30.23 2.70
C ILE G 622 90.77 -30.94 2.33
N GLN G 623 90.88 -32.22 2.00
CA GLN G 623 89.74 -32.95 1.47
C GLN G 623 88.64 -33.11 2.52
N GLY G 624 87.48 -32.50 2.26
CA GLY G 624 86.30 -32.74 3.07
C GLY G 624 86.23 -32.00 4.39
N VAL G 625 87.07 -31.00 4.61
CA VAL G 625 87.06 -30.23 5.84
C VAL G 625 87.16 -28.75 5.52
N ASP G 626 86.33 -27.94 6.16
CA ASP G 626 86.45 -26.50 6.11
C ASP G 626 86.78 -25.97 7.50
N VAL G 627 87.65 -24.97 7.54
CA VAL G 627 88.25 -24.49 8.78
C VAL G 627 87.84 -23.04 9.01
N LYS G 628 87.41 -22.75 10.24
CA LYS G 628 87.07 -21.40 10.69
C LYS G 628 88.16 -20.91 11.63
N ILE G 629 88.72 -19.75 11.32
CA ILE G 629 89.75 -19.13 12.13
C ILE G 629 89.28 -17.75 12.57
N ASP G 630 89.43 -17.47 13.86
CA ASP G 630 88.88 -16.26 14.44
C ASP G 630 89.59 -15.02 13.90
N SER G 631 88.91 -13.88 13.97
CA SER G 631 89.45 -12.61 13.51
C SER G 631 90.31 -11.93 14.57
N ASP G 632 90.52 -12.55 15.72
CA ASP G 632 91.32 -11.98 16.80
C ASP G 632 92.69 -12.61 16.88
N VAL G 633 93.28 -12.93 15.72
CA VAL G 633 94.57 -13.60 15.64
C VAL G 633 95.56 -12.65 15.00
N GLY G 634 96.66 -12.36 15.70
CA GLY G 634 97.75 -11.58 15.16
C GLY G 634 97.42 -10.14 14.80
N VAL G 635 96.74 -9.43 15.69
CA VAL G 635 96.41 -8.02 15.48
C VAL G 635 96.76 -7.25 16.74
N SER G 636 97.36 -6.07 16.57
CA SER G 636 97.65 -5.17 17.68
C SER G 636 96.87 -3.88 17.52
N ILE G 637 96.58 -3.23 18.64
CA ILE G 637 95.62 -2.14 18.72
C ILE G 637 96.32 -0.92 19.31
N SER G 638 95.86 0.28 18.94
CA SER G 638 96.37 1.49 19.54
C SER G 638 95.36 2.62 19.45
N TRP G 639 95.51 3.59 20.36
CA TRP G 639 94.73 4.82 20.40
C TRP G 639 95.64 5.99 20.06
N ASN G 640 95.24 6.80 19.09
CA ASN G 640 96.02 7.96 18.69
C ASN G 640 95.35 9.20 19.28
N SER G 641 96.01 9.83 20.25
CA SER G 641 95.39 10.95 20.95
C SER G 641 95.54 12.26 20.20
N THR G 642 96.58 12.39 19.37
CA THR G 642 96.74 13.61 18.59
C THR G 642 95.64 13.77 17.54
N LYS G 643 95.14 12.66 17.01
CA LYS G 643 94.01 12.70 16.09
C LYS G 643 92.75 12.06 16.66
N LYS G 644 92.81 11.52 17.88
CA LYS G 644 91.64 10.94 18.55
C LYS G 644 91.02 9.82 17.73
N THR G 645 91.80 8.77 17.43
CA THR G 645 91.32 7.71 16.56
C THR G 645 91.81 6.34 17.00
N MET G 646 91.39 5.34 16.23
CA MET G 646 91.83 3.97 16.36
C MET G 646 92.91 3.67 15.33
N GLU G 647 93.82 2.76 15.70
CA GLU G 647 94.84 2.30 14.78
C GLU G 647 95.07 0.82 14.97
N PHE G 648 94.99 0.06 13.88
CA PHE G 648 95.24 -1.37 13.91
C PHE G 648 96.54 -1.65 13.18
N SER G 649 97.33 -2.59 13.69
CA SER G 649 98.60 -2.94 13.08
C SER G 649 98.82 -4.46 13.10
N ALA G 650 99.65 -4.92 12.18
CA ALA G 650 100.06 -6.32 12.16
C ALA G 650 101.11 -6.57 13.23
N THR G 651 101.01 -7.73 13.88
CA THR G 651 101.87 -8.01 15.03
C THR G 651 103.32 -8.16 14.63
N GLY G 652 103.59 -8.86 13.52
CA GLY G 652 104.93 -9.05 13.03
C GLY G 652 105.50 -10.44 13.24
N GLU G 653 105.01 -11.20 14.22
CA GLU G 653 105.44 -12.57 14.43
C GLU G 653 104.41 -13.52 13.85
N SER G 654 104.90 -14.63 13.30
CA SER G 654 104.01 -15.68 12.82
C SER G 654 103.47 -16.49 14.00
N GLU G 655 102.33 -17.12 13.78
CA GLU G 655 101.67 -17.92 14.80
C GLU G 655 101.26 -19.25 14.19
N ASP G 656 101.34 -20.31 14.99
CA ASP G 656 101.15 -21.67 14.51
C ASP G 656 100.01 -22.34 15.26
N ILE G 657 99.15 -23.03 14.53
CA ILE G 657 98.05 -23.82 15.09
C ILE G 657 98.12 -25.22 14.51
N LYS G 658 97.87 -26.22 15.35
CA LYS G 658 98.01 -27.61 14.99
C LYS G 658 96.66 -28.32 15.02
N LEU G 659 96.47 -29.23 14.07
CA LEU G 659 95.19 -29.90 13.87
C LEU G 659 95.40 -31.41 13.77
N HIS G 660 94.50 -32.16 14.39
CA HIS G 660 94.50 -33.62 14.36
C HIS G 660 93.17 -34.10 13.79
N LEU G 661 93.24 -35.04 12.85
CA LEU G 661 92.05 -35.47 12.11
C LEU G 661 92.19 -36.94 11.77
N VAL G 662 91.10 -37.70 11.93
CA VAL G 662 91.11 -39.14 11.68
C VAL G 662 89.77 -39.55 11.08
N ASP G 663 89.82 -40.43 10.08
CA ASP G 663 88.60 -40.98 9.49
C ASP G 663 87.89 -41.89 10.48
N ASN G 664 86.56 -41.89 10.41
CA ASN G 664 85.76 -42.74 11.27
C ASN G 664 84.44 -43.13 10.61
N ALA G 665 84.49 -44.30 7.82
CA ALA G 665 83.24 -44.51 7.10
C ALA G 665 82.48 -45.68 7.68
N MET G 666 81.24 -45.87 7.23
CA MET G 666 80.45 -47.05 7.55
C MET G 666 80.54 -48.01 6.38
N GLU G 667 81.42 -49.00 6.48
CA GLU G 667 81.63 -49.96 5.41
C GLU G 667 80.88 -51.24 5.75
N MET G 668 80.24 -51.83 4.73
CA MET G 668 79.27 -52.89 4.90
C MET G 668 79.63 -54.06 4.00
N GLN G 669 79.62 -55.26 4.57
CA GLN G 669 79.91 -56.47 3.82
C GLN G 669 78.66 -56.93 3.08
N ILE G 670 78.78 -57.14 1.76
CA ILE G 670 77.63 -57.50 0.95
C ILE G 670 77.90 -58.82 0.23
N GLY G 671 79.18 -59.13 0.01
CA GLY G 671 79.56 -60.33 -0.69
C GLY G 671 79.79 -61.51 0.25
N ALA G 672 80.07 -62.66 -0.35
CA ALA G 672 80.42 -63.86 0.38
C ALA G 672 81.92 -64.06 0.48
N ASN G 673 82.71 -63.09 0.00
CA ASN G 673 84.16 -63.17 0.04
C ASN G 673 84.71 -61.82 0.48
N GLU G 674 86.02 -61.66 0.33
CA GLU G 674 86.69 -60.45 0.76
C GLU G 674 86.54 -59.34 -0.27
N GLY G 675 86.71 -58.11 0.20
CA GLY G 675 86.74 -56.96 -0.70
C GLY G 675 85.38 -56.47 -1.15
N GLN G 676 84.38 -57.35 -1.16
CA GLN G 676 83.05 -56.98 -1.63
C GLN G 676 82.30 -56.21 -0.57
N THR G 677 82.53 -54.90 -0.51
CA THR G 677 81.92 -54.04 0.50
C THR G 677 81.41 -52.76 -0.15
N ILE G 678 80.56 -52.06 0.59
CA ILE G 678 80.02 -50.77 0.18
C ILE G 678 80.25 -49.77 1.30
N LEU G 679 80.72 -48.57 0.95
CA LEU G 679 81.02 -47.55 1.94
C LEU G 679 79.93 -46.48 1.93
N ALA G 680 79.55 -46.02 3.13
CA ALA G 680 78.53 -45.00 3.30
C ALA G 680 79.01 -43.96 4.30
N ASN G 681 78.60 -42.71 4.08
CA ASN G 681 78.93 -41.60 4.96
C ASN G 681 77.71 -40.70 5.12
N ILE G 682 77.63 -40.02 6.26
CA ILE G 682 76.57 -39.06 6.52
C ILE G 682 77.20 -37.73 6.91
N PRO G 683 77.10 -36.70 6.07
CA PRO G 683 77.71 -35.41 6.40
C PRO G 683 77.05 -34.76 7.61
N GLN G 684 77.83 -33.92 8.30
CA GLN G 684 77.32 -33.19 9.45
C GLN G 684 76.23 -32.22 9.03
N VAL G 685 75.15 -32.19 9.82
CA VAL G 685 74.05 -31.26 9.62
C VAL G 685 73.70 -30.63 10.95
N ASP G 686 73.80 -29.30 11.01
CA ASP G 686 73.42 -28.53 12.19
C ASP G 686 73.37 -27.06 11.74
N THR G 687 73.18 -26.16 12.70
CA THR G 687 73.16 -24.74 12.37
C THR G 687 74.51 -24.28 11.84
N THR G 688 75.60 -24.76 12.44
CA THR G 688 76.93 -24.32 12.06
C THR G 688 77.24 -24.65 10.60
N SER G 689 76.98 -25.89 10.18
CA SER G 689 77.21 -26.27 8.79
C SER G 689 76.26 -25.53 7.86
N LEU G 690 75.00 -25.39 8.26
CA LEU G 690 74.01 -24.71 7.42
C LEU G 690 74.23 -23.20 7.37
N GLY G 691 75.09 -22.66 8.21
CA GLY G 691 75.46 -21.25 8.13
C GLY G 691 74.36 -20.25 8.43
N ILE G 692 73.55 -20.52 9.45
CA ILE G 692 72.54 -19.55 9.89
C ILE G 692 72.68 -19.32 11.39
N ASP G 693 73.91 -19.44 11.90
CA ASP G 693 74.15 -19.26 13.33
C ASP G 693 73.79 -17.86 13.79
N ASP G 694 74.20 -16.84 13.04
CA ASP G 694 74.10 -15.47 13.52
C ASP G 694 73.13 -14.64 12.71
N ILE G 695 71.99 -15.21 12.37
CA ILE G 695 70.94 -14.46 11.67
C ILE G 695 70.12 -13.70 12.71
N LEU G 696 69.96 -12.41 12.47
CA LEU G 696 69.22 -11.52 13.36
C LEU G 696 68.03 -10.94 12.61
N MET G 697 66.92 -10.75 13.32
CA MET G 697 65.75 -10.05 12.78
C MET G 697 65.37 -9.00 13.81
N VAL G 698 66.02 -7.84 13.73
CA VAL G 698 65.91 -6.81 14.75
C VAL G 698 65.53 -5.48 14.10
N ASP G 699 66.29 -5.08 13.09
CA ASP G 699 66.01 -3.85 12.36
C ASP G 699 65.54 -4.16 10.94
N GLN G 700 65.17 -3.10 10.22
CA GLN G 700 64.60 -3.24 8.88
C GLN G 700 65.67 -3.33 7.81
N GLU G 701 66.64 -4.22 7.99
CA GLU G 701 67.61 -4.51 6.93
C GLU G 701 67.97 -5.97 6.77
N LEU G 702 67.76 -6.83 7.77
CA LEU G 702 68.28 -8.19 7.74
C LEU G 702 67.39 -9.16 6.97
N ALA G 703 66.18 -8.76 6.59
CA ALA G 703 65.22 -9.68 6.00
C ALA G 703 65.72 -10.26 4.69
N GLN G 704 66.31 -9.45 3.81
CA GLN G 704 66.66 -9.90 2.47
C GLN G 704 67.74 -10.99 2.51
N GLU G 705 68.86 -10.73 3.18
CA GLU G 705 69.90 -11.75 3.23
C GLU G 705 69.47 -12.91 4.13
N SER G 706 68.56 -12.68 5.08
CA SER G 706 67.99 -13.81 5.81
C SER G 706 67.27 -14.75 4.85
N ILE G 707 66.47 -14.19 3.95
CA ILE G 707 65.75 -15.00 2.96
C ILE G 707 66.74 -15.76 2.10
N THR G 708 67.80 -15.10 1.65
CA THR G 708 68.78 -15.75 0.78
C THR G 708 69.46 -16.93 1.50
N LYS G 709 69.89 -16.70 2.74
CA LYS G 709 70.53 -17.78 3.50
C LYS G 709 69.58 -18.95 3.69
N LEU G 710 68.32 -18.66 4.01
CA LEU G 710 67.36 -19.74 4.23
C LEU G 710 67.14 -20.55 2.96
N ASP G 711 67.06 -19.88 1.81
CA ASP G 711 66.90 -20.61 0.55
C ASP G 711 68.09 -21.53 0.29
N LYS G 712 69.30 -21.02 0.51
CA LYS G 712 70.49 -21.85 0.28
C LYS G 712 70.52 -23.05 1.22
N ALA G 713 70.13 -22.85 2.48
CA ALA G 713 70.06 -23.96 3.43
C ALA G 713 69.05 -25.02 2.97
N LEU G 714 67.90 -24.57 2.46
CA LEU G 714 66.91 -25.50 1.93
C LEU G 714 67.51 -26.36 0.81
N GLU G 715 68.25 -25.71 -0.10
CA GLU G 715 68.88 -26.44 -1.19
C GLU G 715 69.86 -27.49 -0.66
N THR G 716 70.65 -27.13 0.34
CA THR G 716 71.62 -28.09 0.89
C THR G 716 70.92 -29.29 1.51
N VAL G 717 69.85 -29.06 2.26
CA VAL G 717 69.13 -30.18 2.89
C VAL G 717 68.55 -31.10 1.82
N SER G 718 67.98 -30.51 0.76
CA SER G 718 67.42 -31.34 -0.31
C SER G 718 68.50 -32.19 -0.96
N GLY G 719 69.69 -31.62 -1.17
CA GLY G 719 70.78 -32.39 -1.76
C GLY G 719 71.18 -33.58 -0.91
N VAL G 720 71.29 -33.37 0.41
CA VAL G 720 71.64 -34.48 1.30
C VAL G 720 70.60 -35.59 1.22
N ARG G 721 69.31 -35.21 1.25
CA ARG G 721 68.25 -36.21 1.16
C ARG G 721 68.34 -37.00 -0.14
N ALA G 722 68.60 -36.31 -1.26
CA ALA G 722 68.69 -36.99 -2.54
C ALA G 722 69.83 -38.01 -2.56
N THR G 723 70.99 -37.65 -1.98
CA THR G 723 72.11 -38.58 -1.94
C THR G 723 71.75 -39.84 -1.15
N ILE G 724 71.12 -39.66 0.01
CA ILE G 724 70.74 -40.82 0.81
C ILE G 724 69.74 -41.71 0.05
N GLY G 725 68.79 -41.09 -0.64
CA GLY G 725 67.85 -41.86 -1.43
C GLY G 725 68.51 -42.67 -2.54
N ALA G 726 69.51 -42.08 -3.20
CA ALA G 726 70.23 -42.81 -4.24
C ALA G 726 70.91 -44.04 -3.64
N GLN G 727 71.55 -43.88 -2.49
CA GLN G 727 72.20 -45.03 -1.85
C GLN G 727 71.20 -46.12 -1.53
N ILE G 728 70.03 -45.75 -0.97
CA ILE G 728 69.07 -46.77 -0.56
C ILE G 728 68.52 -47.51 -1.78
N ASN G 729 68.32 -46.80 -2.89
CA ASN G 729 67.83 -47.48 -4.10
C ASN G 729 68.86 -48.46 -4.65
N ARG G 730 70.15 -48.07 -4.63
CA ARG G 730 71.19 -49.00 -5.06
C ARG G 730 71.19 -50.26 -4.20
N LEU G 731 71.05 -50.11 -2.89
CA LEU G 731 71.03 -51.28 -2.02
C LEU G 731 69.82 -52.16 -2.32
N GLU G 732 68.65 -51.54 -2.54
CA GLU G 732 67.45 -52.32 -2.82
C GLU G 732 67.63 -53.15 -4.09
N TYR G 733 68.19 -52.56 -5.14
CA TYR G 733 68.47 -53.35 -6.34
C TYR G 733 69.47 -54.46 -6.07
N THR G 734 70.55 -54.18 -5.34
CA THR G 734 71.57 -55.22 -5.20
C THR G 734 71.14 -56.36 -4.28
N MET G 735 70.03 -56.22 -3.54
CA MET G 735 69.63 -57.29 -2.63
C MET G 735 69.19 -58.57 -3.35
N THR G 736 68.52 -58.46 -4.51
CA THR G 736 67.82 -59.61 -5.09
C THR G 736 68.74 -60.62 -5.78
N GLY G 737 69.85 -60.16 -6.35
CA GLY G 737 70.76 -61.06 -7.03
C GLY G 737 71.31 -62.14 -6.12
N LEU G 738 71.51 -61.80 -4.84
CA LEU G 738 71.97 -62.80 -3.88
C LEU G 738 70.96 -63.93 -3.73
N ASP G 739 69.67 -63.60 -3.66
CA ASP G 739 68.65 -64.64 -3.56
C ASP G 739 68.59 -65.49 -4.81
N THR G 740 68.71 -64.85 -5.98
CA THR G 740 68.69 -65.63 -7.23
C THR G 740 69.88 -66.59 -7.29
N THR G 741 71.07 -66.12 -6.91
CA THR G 741 72.25 -66.96 -6.88
C THR G 741 72.09 -68.09 -5.86
N ARG G 742 71.50 -67.79 -4.71
CA ARG G 742 71.23 -68.83 -3.72
C ARG G 742 70.34 -69.92 -4.31
N GLU G 743 69.27 -69.52 -4.98
CA GLU G 743 68.37 -70.49 -5.60
C GLU G 743 69.12 -71.38 -6.57
N ASN G 744 69.87 -70.77 -7.50
CA ASN G 744 70.56 -71.57 -8.51
C ASN G 744 71.58 -72.51 -7.90
N LEU G 745 72.35 -72.01 -6.93
CA LEU G 745 73.40 -72.84 -6.34
C LEU G 745 72.86 -73.93 -5.43
N THR G 746 71.74 -73.68 -4.72
CA THR G 746 71.17 -74.76 -3.92
C THR G 746 70.48 -75.78 -4.80
N ALA G 747 69.99 -75.37 -5.98
CA ALA G 747 69.52 -76.35 -6.95
C ALA G 747 70.67 -77.19 -7.48
N ALA G 748 71.81 -76.55 -7.76
CA ALA G 748 72.97 -77.27 -8.27
C ALA G 748 73.52 -78.24 -7.24
N GLU G 749 73.58 -77.81 -5.97
CA GLU G 749 74.14 -78.68 -4.93
C GLU G 749 73.22 -79.86 -4.64
N SER G 750 71.91 -79.68 -4.75
CA SER G 750 70.98 -80.77 -4.51
C SER G 750 70.87 -81.66 -5.76
N ARG G 751 72.02 -82.06 -6.29
CA ARG G 751 72.12 -83.12 -7.27
C ARG G 751 73.21 -84.11 -6.91
N ILE G 752 73.81 -83.99 -5.73
CA ILE G 752 74.83 -84.87 -5.20
C ILE G 752 74.40 -85.43 -3.84
N ARG G 753 73.14 -85.18 -3.46
CA ARG G 753 72.67 -85.58 -2.15
C ARG G 753 72.31 -87.06 -2.12
N ASP G 754 71.33 -87.46 -2.93
CA ASP G 754 70.87 -88.85 -2.90
C ASP G 754 70.11 -89.15 -4.17
N LEU G 755 70.01 -90.45 -4.47
CA LEU G 755 69.29 -90.92 -5.65
C LEU G 755 67.79 -90.75 -5.45
N ASP G 756 67.05 -90.91 -6.55
CA ASP G 756 65.65 -91.25 -6.46
C ASP G 756 65.52 -92.59 -5.76
N ILE G 757 64.53 -92.72 -4.89
CA ILE G 757 64.40 -93.87 -4.01
C ILE G 757 64.07 -95.13 -4.83
N ALA G 758 63.56 -94.94 -6.05
CA ALA G 758 63.03 -96.07 -6.82
C ALA G 758 64.12 -97.09 -7.17
N ASP G 759 65.23 -96.63 -7.77
CA ASP G 759 66.27 -97.57 -8.18
C ASP G 759 66.99 -98.16 -6.98
N GLU G 760 67.15 -97.39 -5.90
CA GLU G 760 67.71 -97.94 -4.67
C GLU G 760 66.85 -99.05 -4.13
N MET G 761 65.52 -98.86 -4.13
CA MET G 761 64.62 -99.90 -3.67
C MET G 761 64.66 -101.12 -4.58
N ALA G 762 64.79 -100.90 -5.89
CA ALA G 762 64.90 -102.03 -6.81
C ALA G 762 66.15 -102.86 -6.53
N LYS G 763 67.29 -102.17 -6.33
CA LYS G 763 68.53 -102.88 -6.00
C LYS G 763 68.38 -103.65 -4.69
N PHE G 764 67.77 -103.02 -3.68
CA PHE G 764 67.52 -103.67 -2.41
C PHE G 764 66.70 -104.95 -2.60
N THR G 765 65.62 -104.86 -3.38
CA THR G 765 64.75 -106.02 -3.58
C THR G 765 65.49 -107.14 -4.29
N LYS G 766 66.26 -106.82 -5.33
CA LYS G 766 66.95 -107.87 -6.07
C LYS G 766 68.00 -108.55 -5.20
N ASN G 767 68.73 -107.77 -4.40
CA ASN G 767 69.72 -108.37 -3.50
C ASN G 767 69.05 -109.27 -2.47
N GLN G 768 67.93 -108.80 -1.91
CA GLN G 768 67.17 -109.63 -0.98
C GLN G 768 66.76 -110.94 -1.63
N ILE G 769 66.29 -110.89 -2.87
CA ILE G 769 65.87 -112.09 -3.57
C ILE G 769 67.03 -113.06 -3.75
N LEU G 770 68.21 -112.52 -4.14
CA LEU G 770 69.35 -113.40 -4.39
C LEU G 770 69.86 -114.07 -3.11
N ALA G 771 69.72 -113.39 -1.96
CA ALA G 771 70.24 -113.93 -0.72
C ALA G 771 69.62 -115.29 -0.37
N GLN G 772 68.29 -115.40 -0.48
CA GLN G 772 67.63 -116.65 -0.08
C GLN G 772 68.02 -117.80 -1.01
N SER G 773 68.15 -117.53 -2.31
CA SER G 773 68.59 -118.56 -3.24
C SER G 773 69.99 -119.06 -2.87
N ASN G 774 70.88 -118.13 -2.55
CA ASN G 774 72.24 -118.54 -2.14
C ASN G 774 72.18 -119.40 -0.88
N ILE G 775 71.35 -119.00 0.09
CA ILE G 775 71.27 -119.76 1.34
C ILE G 775 70.75 -121.17 1.09
N SER G 776 69.71 -121.30 0.26
CA SER G 776 69.14 -122.62 -0.03
C SER G 776 70.16 -123.51 -0.73
N MET G 777 70.87 -122.95 -1.72
CA MET G 777 71.89 -123.73 -2.41
C MET G 777 72.99 -124.18 -1.45
N LEU G 778 73.41 -123.30 -0.54
CA LEU G 778 74.40 -123.68 0.46
C LEU G 778 73.89 -124.81 1.34
N ALA G 779 72.62 -124.74 1.75
CA ALA G 779 72.06 -125.78 2.60
C ALA G 779 72.09 -127.14 1.90
N GLN G 780 71.66 -127.18 0.63
CA GLN G 780 71.65 -128.46 -0.08
C GLN G 780 73.06 -128.98 -0.31
N ALA G 781 74.01 -128.09 -0.64
CA ALA G 781 75.39 -128.50 -0.84
C ALA G 781 75.98 -129.08 0.44
N ASN G 782 75.66 -128.47 1.58
CA ASN G 782 76.11 -129.02 2.86
C ASN G 782 75.50 -130.40 3.07
N SER G 783 74.21 -130.55 2.75
CA SER G 783 73.51 -131.81 3.02
C SER G 783 74.10 -132.98 2.23
N LEU G 784 74.41 -132.76 0.95
CA LEU G 784 74.58 -133.90 0.03
C LEU G 784 75.70 -134.88 0.41
N PRO G 785 76.95 -134.47 0.65
CA PRO G 785 78.07 -135.42 0.48
C PRO G 785 78.19 -136.47 1.57
N GLN G 786 78.06 -136.07 2.85
CA GLN G 786 78.25 -137.04 3.93
C GLN G 786 77.19 -138.13 3.89
N MET G 787 75.93 -137.75 3.63
CA MET G 787 74.89 -138.76 3.50
C MET G 787 75.08 -139.61 2.26
N ALA G 788 75.57 -139.01 1.17
CA ALA G 788 75.86 -139.80 -0.04
C ALA G 788 76.89 -140.89 0.27
N LEU G 789 77.97 -140.52 0.96
CA LEU G 789 78.96 -141.53 1.34
C LEU G 789 78.37 -142.56 2.30
N SER G 790 77.66 -142.12 3.33
CA SER G 790 77.11 -143.06 4.31
C SER G 790 76.19 -144.06 3.65
N LEU G 791 75.48 -143.66 2.59
CA LEU G 791 74.76 -144.64 1.79
C LEU G 791 75.73 -145.55 1.04
N LEU G 792 76.75 -144.97 0.40
CA LEU G 792 77.71 -145.78 -0.33
C LEU G 792 78.55 -146.64 0.61
N GLY G 793 78.95 -146.07 1.74
CA GLY G 793 79.85 -146.75 2.67
C GLY G 793 79.35 -148.09 3.18
N ALA H 2 107.73 -191.94 -5.03
CA ALA H 2 107.49 -192.27 -3.63
C ALA H 2 107.36 -191.01 -2.78
N MET H 3 106.35 -190.98 -1.93
CA MET H 3 106.12 -189.86 -1.04
C MET H 3 106.92 -190.04 0.25
N TYR H 4 107.45 -188.93 0.76
CA TYR H 4 108.38 -188.94 1.88
C TYR H 4 107.69 -188.44 3.14
N ILE H 5 108.47 -188.30 4.21
CA ILE H 5 107.97 -187.88 5.52
C ILE H 5 108.61 -186.56 5.89
N ASN H 6 107.81 -185.63 6.41
CA ASN H 6 108.27 -184.29 6.80
C ASN H 6 108.78 -183.49 5.61
N THR H 7 108.00 -183.46 4.53
CA THR H 7 108.37 -182.76 3.30
C THR H 7 107.17 -182.02 2.72
N ASN H 8 106.43 -181.30 3.57
CA ASN H 8 105.19 -180.64 3.15
C ASN H 8 105.51 -179.26 2.53
N VAL H 9 106.13 -179.31 1.36
CA VAL H 9 106.42 -178.07 0.63
C VAL H 9 105.17 -177.29 0.26
N PRO H 10 104.08 -177.91 -0.23
CA PRO H 10 102.86 -177.13 -0.50
C PRO H 10 102.36 -176.38 0.73
N SER H 11 102.48 -176.97 1.92
CA SER H 11 102.14 -176.25 3.14
C SER H 11 103.00 -175.01 3.30
N LEU H 12 104.31 -175.12 3.01
CA LEU H 12 105.19 -173.97 3.09
C LEU H 12 104.76 -172.85 2.15
N THR H 13 104.52 -173.19 0.88
CA THR H 13 103.96 -172.21 -0.04
C THR H 13 102.66 -171.63 0.49
N ALA H 14 101.89 -172.45 1.21
CA ALA H 14 100.62 -171.99 1.76
C ALA H 14 100.81 -170.87 2.79
N GLN H 15 101.70 -171.07 3.77
CA GLN H 15 101.83 -169.97 4.74
C GLN H 15 102.52 -168.77 4.11
N ARG H 16 103.36 -168.99 3.09
CA ARG H 16 103.94 -167.83 2.41
C ARG H 16 102.85 -166.97 1.77
N TYR H 17 101.94 -167.62 1.03
CA TYR H 17 100.85 -166.89 0.38
C TYR H 17 99.95 -166.23 1.41
N LEU H 18 99.62 -166.95 2.50
CA LEU H 18 98.85 -166.34 3.57
C LEU H 18 99.61 -165.17 4.18
N GLY H 19 100.94 -165.20 4.15
CA GLY H 19 101.72 -164.08 4.64
C GLY H 19 101.45 -162.81 3.85
N GLU H 20 101.65 -162.86 2.53
CA GLU H 20 101.40 -161.62 1.80
C GLU H 20 99.92 -161.23 1.85
N THR H 21 99.03 -162.23 1.96
CA THR H 21 97.60 -161.91 2.07
C THR H 21 97.31 -161.12 3.34
N ASN H 22 97.89 -161.54 4.47
CA ASN H 22 97.60 -160.82 5.71
C ASN H 22 98.29 -159.46 5.73
N ASN H 23 99.46 -159.34 5.10
CA ASN H 23 100.03 -158.00 4.94
C ASN H 23 99.08 -157.10 4.16
N ALA H 24 98.50 -157.62 3.08
CA ALA H 24 97.59 -156.81 2.27
C ALA H 24 96.37 -156.38 3.08
N VAL H 25 95.76 -157.31 3.79
CA VAL H 25 94.56 -156.96 4.56
C VAL H 25 94.91 -155.98 5.67
N SER H 26 96.09 -156.14 6.27
CA SER H 26 96.50 -155.22 7.33
C SER H 26 96.63 -153.80 6.80
N LYS H 27 97.40 -153.62 5.71
CA LYS H 27 97.57 -152.26 5.21
C LYS H 27 96.26 -151.67 4.73
N SER H 28 95.40 -152.48 4.09
CA SER H 28 94.09 -151.98 3.72
C SER H 28 93.30 -151.52 4.95
N LEU H 29 93.43 -152.26 6.05
CA LEU H 29 92.69 -151.90 7.26
C LEU H 29 93.17 -150.58 7.85
N GLU H 30 94.48 -150.36 7.93
CA GLU H 30 94.91 -149.09 8.51
C GLU H 30 94.65 -147.93 7.55
N ARG H 31 94.66 -148.20 6.24
CA ARG H 31 94.27 -147.15 5.30
C ARG H 31 92.81 -146.76 5.51
N LEU H 32 91.92 -147.74 5.70
CA LEU H 32 90.55 -147.45 6.08
C LEU H 32 90.48 -146.62 7.36
N SER H 33 91.18 -147.06 8.40
CA SER H 33 91.06 -146.40 9.70
C SER H 33 91.55 -144.96 9.63
N SER H 34 92.67 -144.72 8.95
CA SER H 34 93.24 -143.37 8.89
C SER H 34 92.43 -142.47 7.97
N GLY H 35 91.95 -143.00 6.84
CA GLY H 35 91.29 -142.18 5.86
C GLY H 35 92.22 -141.29 5.07
N LEU H 36 93.51 -141.61 5.04
CA LEU H 36 94.51 -140.86 4.31
C LEU H 36 95.27 -141.82 3.39
N ARG H 37 95.81 -141.28 2.30
CA ARG H 37 96.56 -142.11 1.37
C ARG H 37 97.95 -142.46 1.92
N ILE H 38 98.77 -141.44 2.15
CA ILE H 38 100.19 -141.69 2.38
C ILE H 38 100.44 -142.08 3.83
N ASN H 39 100.21 -141.16 4.76
CA ASN H 39 100.58 -141.33 6.17
C ASN H 39 102.05 -141.72 6.29
N SER H 40 102.43 -142.25 7.46
CA SER H 40 103.75 -142.84 7.69
C SER H 40 104.89 -142.02 7.11
N ALA H 41 105.93 -142.71 6.64
CA ALA H 41 106.99 -142.06 5.88
C ALA H 41 107.48 -142.87 4.69
N SER H 42 106.95 -144.08 4.47
CA SER H 42 107.51 -144.99 3.48
C SER H 42 106.61 -145.19 2.26
N ASP H 43 105.32 -144.88 2.35
CA ASP H 43 104.44 -145.07 1.21
C ASP H 43 104.86 -144.21 0.03
N ASP H 44 105.20 -142.95 0.28
CA ASP H 44 105.68 -142.04 -0.75
C ASP H 44 106.65 -141.04 -0.14
N ALA H 45 107.70 -140.71 -0.88
CA ALA H 45 108.69 -139.75 -0.44
C ALA H 45 108.63 -138.43 -1.20
N SER H 46 107.61 -138.23 -2.03
CA SER H 46 107.52 -137.05 -2.88
C SER H 46 106.47 -136.05 -2.46
N GLY H 47 105.27 -136.51 -2.09
CA GLY H 47 104.17 -135.59 -1.82
C GLY H 47 104.24 -134.93 -0.46
N LEU H 48 105.11 -135.41 0.44
CA LEU H 48 105.13 -134.87 1.80
C LEU H 48 105.54 -133.40 1.81
N ALA H 49 106.62 -133.06 1.10
CA ALA H 49 107.10 -131.68 1.09
C ALA H 49 106.07 -130.75 0.47
N ILE H 50 105.45 -131.19 -0.62
CA ILE H 50 104.42 -130.38 -1.26
C ILE H 50 103.26 -130.13 -0.31
N SER H 51 102.81 -131.20 0.38
CA SER H 51 101.68 -131.06 1.29
C SER H 51 102.00 -130.09 2.42
N GLU H 52 103.20 -130.20 3.02
CA GLU H 52 103.54 -129.32 4.12
C GLU H 52 103.71 -127.88 3.66
N LYS H 53 104.31 -127.67 2.49
CA LYS H 53 104.41 -126.33 1.93
C LYS H 53 103.03 -125.72 1.74
N LEU H 54 102.09 -126.48 1.17
CA LEU H 54 100.75 -125.97 0.92
C LEU H 54 100.02 -125.67 2.22
N ARG H 55 100.17 -126.52 3.23
CA ARG H 55 99.52 -126.27 4.52
C ARG H 55 100.05 -124.99 5.16
N GLY H 56 101.38 -124.79 5.12
CA GLY H 56 101.94 -123.57 5.67
C GLY H 56 101.45 -122.33 4.95
N GLN H 57 101.42 -122.40 3.61
CA GLN H 57 100.94 -121.26 2.83
C GLN H 57 99.48 -120.95 3.15
N ILE H 58 98.64 -121.98 3.28
CA ILE H 58 97.23 -121.76 3.57
C ILE H 58 97.04 -121.10 4.92
N SER H 59 97.79 -121.58 5.93
CA SER H 59 97.70 -120.96 7.25
C SER H 59 98.12 -119.49 7.21
N GLY H 60 99.21 -119.20 6.50
CA GLY H 60 99.61 -117.81 6.34
C GLY H 60 98.56 -116.97 5.65
N LEU H 61 97.87 -117.56 4.67
CA LEU H 61 96.79 -116.84 3.99
C LEU H 61 95.67 -116.49 4.96
N LYS H 62 95.31 -117.43 5.83
CA LYS H 62 94.32 -117.14 6.86
C LYS H 62 94.75 -115.96 7.72
N ARG H 63 96.02 -115.99 8.17
CA ARG H 63 96.51 -114.92 9.04
C ARG H 63 96.42 -113.57 8.35
N ALA H 64 96.87 -113.48 7.10
CA ALA H 64 96.83 -112.22 6.37
C ALA H 64 95.39 -111.76 6.13
N SER H 65 94.49 -112.70 5.85
CA SER H 65 93.10 -112.35 5.61
C SER H 65 92.48 -111.69 6.83
N LEU H 66 92.75 -112.23 8.02
CA LEU H 66 92.24 -111.59 9.24
C LEU H 66 92.89 -110.23 9.46
N ASN H 67 94.21 -110.16 9.22
CA ASN H 67 94.93 -108.90 9.41
C ASN H 67 94.36 -107.78 8.55
N ALA H 68 93.78 -108.12 7.40
CA ALA H 68 93.23 -107.09 6.52
C ALA H 68 92.12 -106.29 7.21
N GLN H 69 91.14 -106.98 7.79
CA GLN H 69 90.07 -106.30 8.51
C GLN H 69 90.60 -105.58 9.75
N ASP H 70 91.58 -106.23 10.43
CA ASP H 70 92.27 -105.56 11.52
C ASP H 70 92.76 -104.19 11.07
N GLY H 71 93.33 -104.12 9.87
CA GLY H 71 93.81 -102.84 9.35
C GLY H 71 92.69 -101.87 9.00
N ILE H 72 91.61 -102.37 8.41
CA ILE H 72 90.56 -101.46 7.91
C ILE H 72 89.87 -100.70 9.04
N SER H 73 89.70 -101.34 10.21
CA SER H 73 88.95 -100.69 11.29
C SER H 73 89.58 -99.35 11.70
N LEU H 74 90.91 -99.32 11.77
CA LEU H 74 91.62 -98.12 12.22
C LEU H 74 91.35 -96.94 11.31
N LEU H 75 91.42 -97.17 10.00
CA LEU H 75 91.18 -96.10 9.03
C LEU H 75 89.74 -95.61 9.12
N GLN H 76 88.79 -96.52 9.37
CA GLN H 76 87.41 -96.07 9.52
C GLN H 76 87.27 -95.14 10.72
N THR H 77 87.91 -95.48 11.83
CA THR H 77 87.85 -94.61 13.01
C THR H 77 88.45 -93.24 12.71
N ALA H 78 89.60 -93.21 12.04
CA ALA H 78 90.22 -91.94 11.68
C ALA H 78 89.28 -91.10 10.81
N GLU H 79 88.60 -91.74 9.86
CA GLU H 79 87.66 -91.03 9.01
C GLU H 79 86.54 -90.40 9.83
N GLY H 80 86.02 -91.13 10.81
CA GLY H 80 84.97 -90.56 11.65
C GLY H 80 85.42 -89.31 12.37
N GLY H 81 86.59 -89.37 13.00
CA GLY H 81 87.10 -88.19 13.69
C GLY H 81 87.31 -87.00 12.75
N LEU H 82 87.86 -87.27 11.57
CA LEU H 82 88.10 -86.20 10.61
C LEU H 82 86.79 -85.56 10.15
N GLN H 83 85.75 -86.37 9.97
CA GLN H 83 84.46 -85.81 9.60
C GLN H 83 83.92 -84.90 10.70
N ASN H 84 84.09 -85.29 11.96
CA ASN H 84 83.67 -84.41 13.05
C ASN H 84 84.36 -83.05 12.96
N ILE H 85 85.69 -83.05 12.79
CA ILE H 85 86.42 -81.78 12.73
C ILE H 85 85.96 -80.96 11.52
N GLN H 86 85.76 -81.62 10.37
CA GLN H 86 85.33 -80.92 9.17
C GLN H 86 83.98 -80.26 9.38
N ASP H 87 83.07 -80.94 10.09
CA ASP H 87 81.78 -80.34 10.38
C ASP H 87 81.94 -79.11 11.26
N MET H 88 82.85 -79.16 12.24
CA MET H 88 83.04 -77.99 13.10
C MET H 88 83.55 -76.78 12.32
N LEU H 89 84.45 -77.01 11.37
CA LEU H 89 85.08 -75.88 10.67
C LEU H 89 84.06 -75.01 9.94
N GLN H 90 82.98 -75.61 9.43
CA GLN H 90 82.01 -74.84 8.67
C GLN H 90 81.19 -73.90 9.56
N ARG H 91 80.81 -74.38 10.75
CA ARG H 91 80.17 -73.48 11.71
C ARG H 91 81.11 -72.35 12.10
N MET H 92 82.41 -72.66 12.24
CA MET H 92 83.37 -71.61 12.52
C MET H 92 83.38 -70.56 11.41
N ARG H 93 83.37 -71.00 10.16
CA ARG H 93 83.38 -70.05 9.05
C ARG H 93 82.10 -69.22 8.99
N GLU H 94 80.96 -69.85 9.28
CA GLU H 94 79.69 -69.14 9.31
C GLU H 94 79.72 -68.03 10.36
N LEU H 95 80.18 -68.36 11.57
CA LEU H 95 80.30 -67.35 12.61
C LEU H 95 81.33 -66.29 12.23
N ALA H 96 82.35 -66.66 11.46
CA ALA H 96 83.32 -65.68 10.99
C ALA H 96 82.68 -64.67 10.06
N VAL H 97 81.91 -65.13 9.08
CA VAL H 97 81.31 -64.21 8.12
C VAL H 97 80.16 -63.43 8.77
N GLN H 98 79.63 -63.92 9.89
CA GLN H 98 78.63 -63.13 10.63
C GLN H 98 79.16 -61.75 10.98
N ALA H 99 80.35 -61.67 11.56
CA ALA H 99 80.97 -60.39 11.87
C ALA H 99 81.60 -59.78 10.63
N GLY H 100 81.65 -58.46 10.60
CA GLY H 100 82.23 -57.76 9.46
C GLY H 100 81.47 -56.52 9.07
N ASN H 101 80.17 -56.49 9.37
CA ASN H 101 79.37 -55.30 9.12
C ASN H 101 79.66 -54.24 10.16
N GLY H 102 79.60 -52.97 9.75
CA GLY H 102 79.59 -51.96 10.77
C GLY H 102 78.18 -51.54 11.10
N VAL H 103 77.56 -52.26 12.03
CA VAL H 103 76.35 -51.84 12.74
C VAL H 103 76.56 -52.21 14.20
N TYR H 104 77.57 -53.03 14.46
CA TYR H 104 77.85 -53.60 15.76
C TYR H 104 78.93 -52.79 16.47
N THR H 105 78.73 -52.57 17.77
CA THR H 105 79.74 -51.93 18.59
C THR H 105 80.84 -52.93 18.92
N THR H 106 81.78 -52.54 19.77
CA THR H 106 82.95 -53.38 20.06
C THR H 106 82.67 -54.46 21.10
N ASN H 107 81.53 -54.40 21.78
CA ASN H 107 81.14 -55.45 22.72
C ASN H 107 80.61 -56.70 22.03
N ASP H 108 79.88 -56.53 20.93
CA ASP H 108 79.32 -57.67 20.21
C ASP H 108 80.42 -58.55 19.62
N ARG H 109 81.46 -57.94 19.08
CA ARG H 109 82.56 -58.71 18.52
C ARG H 109 83.29 -59.49 19.61
N ALA H 110 83.43 -58.89 20.80
CA ALA H 110 84.05 -59.62 21.92
C ALA H 110 83.18 -60.79 22.37
N GLU H 111 81.86 -60.59 22.47
CA GLU H 111 81.00 -61.68 22.90
C GLU H 111 80.92 -62.79 21.86
N ILE H 112 81.15 -62.45 20.58
CA ILE H 112 81.33 -63.49 19.57
C ILE H 112 82.68 -64.19 19.76
N GLN H 113 83.72 -63.42 20.08
CA GLN H 113 85.05 -63.96 20.25
C GLN H 113 85.11 -64.99 21.37
N LYS H 114 84.30 -64.80 22.42
CA LYS H 114 84.27 -65.79 23.50
C LYS H 114 83.89 -67.17 22.99
N GLU H 115 82.78 -67.26 22.25
CA GLU H 115 82.36 -68.56 21.73
C GLU H 115 83.30 -69.07 20.65
N VAL H 116 83.93 -68.17 19.89
CA VAL H 116 84.96 -68.60 18.95
C VAL H 116 86.10 -69.29 19.68
N ASP H 117 86.54 -68.71 20.79
CA ASP H 117 87.61 -69.30 21.59
C ASP H 117 87.19 -70.65 22.16
N GLN H 118 85.94 -70.75 22.63
CA GLN H 118 85.51 -72.03 23.20
C GLN H 118 85.42 -73.12 22.12
N LEU H 119 84.97 -72.75 20.91
CA LEU H 119 84.97 -73.73 19.82
C LEU H 119 86.39 -74.13 19.45
N LYS H 120 87.34 -73.18 19.52
CA LYS H 120 88.74 -73.51 19.27
C LYS H 120 89.27 -74.52 20.28
N GLU H 121 88.96 -74.32 21.57
CA GLU H 121 89.46 -75.26 22.57
C GLU H 121 88.78 -76.62 22.42
N GLU H 122 87.51 -76.63 21.98
CA GLU H 122 86.86 -77.91 21.70
C GLU H 122 87.55 -78.65 20.54
N ILE H 123 87.93 -77.92 19.49
CA ILE H 123 88.60 -78.59 18.38
C ILE H 123 89.99 -79.07 18.81
N ASN H 124 90.65 -78.33 19.70
CA ASN H 124 91.91 -78.81 20.25
C ASN H 124 91.71 -80.11 21.05
N ARG H 125 90.65 -80.15 21.85
CA ARG H 125 90.38 -81.36 22.64
C ARG H 125 90.09 -82.55 21.74
N ILE H 126 89.28 -82.35 20.69
CA ILE H 126 88.97 -83.47 19.81
C ILE H 126 90.21 -83.90 19.03
N ALA H 127 91.12 -82.96 18.74
CA ALA H 127 92.38 -83.33 18.13
C ALA H 127 93.22 -84.18 19.07
N SER H 128 93.20 -83.87 20.36
CA SER H 128 94.02 -84.56 21.34
C SER H 128 93.33 -85.73 22.03
N SER H 129 92.12 -86.10 21.61
CA SER H 129 91.33 -87.09 22.34
C SER H 129 91.18 -88.42 21.63
N THR H 130 91.52 -88.52 20.34
CA THR H 130 91.31 -89.76 19.59
C THR H 130 92.16 -90.89 20.17
N GLU H 131 91.61 -92.11 20.13
CA GLU H 131 92.22 -93.24 20.81
C GLU H 131 91.84 -94.53 20.11
N PHE H 132 92.79 -95.45 20.00
CA PHE H 132 92.51 -96.80 19.49
C PHE H 132 93.59 -97.73 20.03
N ASN H 133 93.20 -98.60 20.96
CA ASN H 133 94.09 -99.64 21.51
C ASN H 133 95.36 -98.99 22.06
N THR H 134 95.19 -98.05 23.00
CA THR H 134 96.27 -97.38 23.70
C THR H 134 97.28 -96.73 22.74
N LYS H 135 96.86 -96.41 21.52
CA LYS H 135 97.73 -95.85 20.51
C LYS H 135 97.03 -94.65 19.87
N LYS H 136 97.37 -93.46 20.36
CA LYS H 136 96.77 -92.24 19.81
C LYS H 136 97.20 -92.05 18.36
N LEU H 137 96.26 -91.57 17.54
CA LEU H 137 96.42 -91.55 16.09
C LEU H 137 96.69 -90.16 15.54
N LEU H 138 95.80 -89.21 15.81
CA LEU H 138 95.77 -87.98 15.04
C LEU H 138 96.82 -86.96 15.49
N ASN H 139 97.31 -87.06 16.72
CA ASN H 139 98.24 -86.06 17.22
C ASN H 139 99.68 -86.35 16.80
N GLY H 140 99.89 -86.63 15.52
CA GLY H 140 101.23 -86.78 14.99
C GLY H 140 102.04 -87.92 15.55
N ASP H 141 101.39 -88.87 16.22
CA ASP H 141 102.07 -90.04 16.76
C ASP H 141 102.02 -91.22 15.80
N SER H 142 101.75 -90.96 14.52
CA SER H 142 101.66 -92.01 13.52
C SER H 142 102.75 -92.00 12.48
N THR H 143 103.46 -90.87 12.29
CA THR H 143 104.50 -90.77 11.28
C THR H 143 105.87 -90.50 11.88
N ALA H 144 105.99 -89.49 12.73
CA ALA H 144 107.29 -89.04 13.21
C ALA H 144 107.24 -88.80 14.72
N LEU H 145 108.41 -88.46 15.26
CA LEU H 145 108.58 -88.20 16.69
C LEU H 145 109.78 -87.30 16.84
N TRP H 146 109.60 -86.11 17.42
CA TRP H 146 110.63 -85.10 17.46
C TRP H 146 110.77 -84.52 18.85
N SER H 147 111.97 -83.98 19.11
CA SER H 147 112.26 -83.31 20.38
C SER H 147 113.41 -82.34 20.13
N SER H 148 113.48 -81.30 20.96
CA SER H 148 114.47 -80.25 20.81
C SER H 148 114.77 -79.62 22.16
N ASP H 149 115.87 -78.87 22.20
CA ASP H 149 116.34 -78.23 23.42
C ASP H 149 115.93 -76.77 23.56
N SER H 150 115.96 -76.01 22.46
CA SER H 150 115.61 -74.59 22.54
C SER H 150 114.14 -74.42 22.86
N SER H 151 113.84 -73.47 23.75
CA SER H 151 112.48 -73.24 24.22
C SER H 151 111.66 -72.37 23.27
N ASP H 152 112.17 -72.09 22.08
CA ASP H 152 111.49 -71.24 21.11
C ASP H 152 111.56 -71.86 19.72
N LEU H 153 111.34 -73.16 19.64
CA LEU H 153 111.40 -73.86 18.35
C LEU H 153 110.17 -74.74 18.23
N ASP H 154 109.54 -74.72 17.06
CA ASP H 154 108.36 -75.51 16.79
C ASP H 154 108.55 -76.35 15.53
N VAL H 155 108.02 -77.56 15.57
CA VAL H 155 108.12 -78.49 14.43
C VAL H 155 106.74 -79.06 14.16
N VAL H 156 106.32 -79.03 12.90
CA VAL H 156 105.07 -79.65 12.47
C VAL H 156 105.37 -80.68 11.39
N ILE H 157 104.62 -81.77 11.40
CA ILE H 157 104.89 -82.93 10.57
C ILE H 157 103.79 -83.05 9.52
N LYS H 158 104.19 -83.25 8.27
CA LYS H 158 103.23 -83.41 7.18
C LYS H 158 103.38 -84.75 6.46
N SER H 159 104.60 -85.25 6.30
CA SER H 159 104.81 -86.51 5.60
C SER H 159 105.93 -87.33 6.24
N ALA H 160 106.38 -88.36 5.53
CA ALA H 160 107.42 -89.23 6.05
C ALA H 160 108.75 -88.50 6.18
N VAL H 161 109.43 -88.72 7.29
CA VAL H 161 110.77 -88.17 7.54
C VAL H 161 111.76 -89.32 7.45
N ALA H 162 113.05 -88.97 7.38
CA ALA H 162 114.01 -90.06 7.35
C ALA H 162 114.59 -90.36 8.73
N GLU H 163 115.45 -89.47 9.25
CA GLU H 163 116.24 -89.70 10.47
C GLU H 163 117.05 -88.45 10.83
N GLY H 164 117.80 -88.54 11.92
CA GLY H 164 119.02 -87.77 12.06
C GLY H 164 118.99 -86.75 13.18
N ASN H 165 120.20 -86.39 13.61
CA ASN H 165 120.45 -85.24 14.46
C ASN H 165 120.93 -84.10 13.57
N TYR H 166 120.43 -82.89 13.83
CA TYR H 166 120.67 -81.76 12.95
C TYR H 166 121.15 -80.55 13.73
N ASN H 167 121.92 -79.70 13.04
CA ASN H 167 122.42 -78.46 13.59
C ASN H 167 122.02 -77.32 12.67
N LEU H 168 121.55 -76.23 13.25
CA LEU H 168 121.06 -75.07 12.50
C LEU H 168 121.84 -73.83 12.88
N ASN H 169 122.12 -72.99 11.89
CA ASN H 169 122.83 -71.74 12.07
C ASN H 169 121.94 -70.60 11.60
N VAL H 170 121.79 -69.58 12.44
CA VAL H 170 120.78 -68.54 12.26
C VAL H 170 121.46 -67.18 12.20
N THR H 171 121.00 -66.34 11.28
CA THR H 171 121.43 -64.94 11.19
C THR H 171 120.19 -64.09 10.93
N VAL H 172 120.15 -62.91 11.55
CA VAL H 172 118.94 -62.10 11.61
C VAL H 172 119.19 -60.74 10.99
N ASP H 173 118.23 -60.26 10.21
CA ASP H 173 118.19 -58.91 9.68
C ASP H 173 116.94 -58.24 10.21
N PRO H 174 117.07 -57.20 11.03
CA PRO H 174 115.92 -56.70 11.81
C PRO H 174 114.86 -56.06 10.93
N GLY H 175 113.67 -55.89 11.53
CA GLY H 175 112.53 -55.36 10.82
C GLY H 175 112.08 -53.99 11.29
N LYS H 176 110.84 -53.90 11.77
CA LYS H 176 110.22 -52.61 12.07
C LYS H 176 109.04 -52.85 13.02
N ASN H 177 108.57 -51.77 13.65
CA ASN H 177 107.52 -51.92 14.65
C ASN H 177 106.33 -50.99 14.40
N PHE H 178 105.38 -50.98 15.33
CA PHE H 178 104.16 -50.19 15.20
C PHE H 178 104.17 -49.06 16.22
N VAL H 179 103.77 -47.86 15.78
CA VAL H 179 103.71 -46.69 16.65
C VAL H 179 102.35 -46.03 16.48
N TYR H 180 101.64 -45.86 17.60
CA TYR H 180 100.33 -45.24 17.65
C TYR H 180 100.38 -43.90 18.38
N LYS H 181 99.45 -43.02 18.01
CA LYS H 181 99.37 -41.67 18.57
C LYS H 181 97.93 -41.38 18.97
N SER H 182 97.77 -40.63 20.06
CA SER H 182 96.46 -40.29 20.59
C SER H 182 96.09 -38.85 20.22
N ASP H 183 94.97 -38.37 20.75
CA ASP H 183 94.47 -37.05 20.44
C ASP H 183 95.10 -35.99 21.34
N VAL H 184 94.59 -34.77 21.24
CA VAL H 184 95.01 -33.65 22.08
C VAL H 184 93.96 -33.46 23.17
N MET H 185 94.41 -33.09 24.36
CA MET H 185 93.54 -32.93 25.52
C MET H 185 93.50 -31.47 25.94
N THR H 186 92.33 -31.04 26.41
CA THR H 186 92.13 -29.65 26.81
C THR H 186 91.13 -29.62 27.97
N LEU H 187 91.22 -28.55 28.77
CA LEU H 187 90.39 -28.39 29.95
C LEU H 187 89.06 -27.74 29.60
N ASN H 188 88.11 -27.86 30.51
CA ASN H 188 86.82 -27.20 30.35
C ASN H 188 86.95 -25.72 30.68
N GLU H 189 85.82 -25.02 30.64
CA GLU H 189 85.79 -23.59 30.92
C GLU H 189 85.54 -23.27 32.38
N ASP H 190 84.99 -24.21 33.15
CA ASP H 190 84.70 -23.95 34.56
C ASP H 190 85.98 -23.71 35.36
N ALA H 191 87.04 -24.45 35.06
CA ALA H 191 88.30 -24.28 35.74
C ALA H 191 89.07 -23.09 35.18
N ILE H 192 90.37 -23.01 35.51
CA ILE H 192 91.31 -22.00 35.02
C ILE H 192 91.04 -20.65 35.69
N GLY H 193 92.10 -20.04 36.22
CA GLY H 193 92.00 -18.76 36.90
C GLY H 193 92.74 -18.71 38.21
N ALA H 194 93.59 -17.70 38.38
CA ALA H 194 94.26 -17.47 39.64
C ALA H 194 93.45 -16.48 40.48
N GLU H 195 93.76 -16.43 41.78
CA GLU H 195 92.96 -15.64 42.69
C GLU H 195 93.77 -15.37 43.96
N ILE H 196 93.29 -14.41 44.74
CA ILE H 196 93.92 -14.00 45.99
C ILE H 196 92.96 -14.27 47.13
N VAL H 197 93.41 -15.06 48.11
CA VAL H 197 92.62 -15.38 49.29
C VAL H 197 93.31 -14.79 50.51
N THR H 198 92.55 -14.72 51.61
CA THR H 198 93.08 -14.37 52.92
C THR H 198 92.81 -15.58 53.82
N ALA H 199 93.72 -16.55 53.77
CA ALA H 199 93.58 -17.78 54.52
C ALA H 199 94.66 -17.93 55.59
N GLY H 200 95.93 -17.89 55.19
CA GLY H 200 96.99 -17.97 56.19
C GLY H 200 97.07 -16.74 57.06
N GLY H 201 96.63 -15.59 56.54
CA GLY H 201 96.58 -14.36 57.29
C GLY H 201 97.73 -13.42 56.97
N ASP H 202 97.46 -12.44 56.11
CA ASP H 202 98.39 -11.37 55.79
C ASP H 202 97.67 -10.37 54.91
N VAL H 203 98.02 -9.10 55.08
CA VAL H 203 97.39 -8.00 54.36
C VAL H 203 98.29 -7.61 53.20
N ASN H 204 97.68 -7.07 52.14
CA ASN H 204 98.42 -6.61 50.97
C ASN H 204 99.24 -5.38 51.37
N GLU H 205 100.56 -5.55 51.44
CA GLU H 205 101.46 -4.43 51.70
C GLU H 205 102.06 -3.84 50.44
N THR H 206 101.65 -4.32 49.26
CA THR H 206 102.22 -3.88 47.99
C THR H 206 101.12 -3.37 47.08
N ASN H 207 101.48 -3.09 45.83
CA ASN H 207 100.57 -2.42 44.90
C ASN H 207 100.23 -3.28 43.70
N VAL H 208 99.84 -4.53 43.93
CA VAL H 208 99.39 -5.42 42.87
C VAL H 208 97.86 -5.44 42.87
N GLY H 209 97.26 -5.12 41.74
CA GLY H 209 95.81 -5.16 41.61
C GLY H 209 95.27 -6.57 41.55
N PHE H 210 95.66 -7.32 40.53
CA PHE H 210 95.21 -8.69 40.32
C PHE H 210 96.07 -9.34 39.25
N VAL H 211 95.68 -10.56 38.86
CA VAL H 211 96.46 -11.37 37.94
C VAL H 211 95.56 -11.88 36.83
N THR H 212 96.18 -12.25 35.70
CA THR H 212 95.46 -12.68 34.52
C THR H 212 96.19 -13.83 33.83
N ASP H 213 95.46 -14.46 32.92
CA ASP H 213 95.75 -15.57 32.01
C ASP H 213 96.76 -16.58 32.52
N PRO H 214 96.38 -17.39 33.51
CA PRO H 214 97.18 -18.59 33.81
C PRO H 214 97.02 -19.61 32.71
N ASN H 215 98.15 -20.18 32.28
CA ASN H 215 98.14 -21.12 31.16
C ASN H 215 99.19 -22.18 31.41
N THR H 216 98.76 -23.42 31.69
CA THR H 216 99.64 -24.57 31.87
C THR H 216 100.62 -24.38 33.02
N LEU H 217 100.15 -23.74 34.10
CA LEU H 217 100.98 -23.45 35.26
C LEU H 217 100.89 -24.52 36.34
N ALA H 218 100.70 -25.78 35.95
CA ALA H 218 100.26 -26.86 36.84
C ALA H 218 98.89 -26.54 37.39
N SER H 219 98.49 -27.18 38.49
CA SER H 219 97.10 -27.15 38.91
C SER H 219 97.00 -27.50 40.39
N THR H 220 95.78 -27.87 40.81
CA THR H 220 95.37 -28.35 42.13
C THR H 220 95.18 -27.22 43.14
N GLY H 221 95.67 -26.02 42.84
CA GLY H 221 95.26 -24.81 43.52
C GLY H 221 95.13 -24.85 45.04
N THR H 222 95.80 -25.79 45.69
CA THR H 222 95.73 -25.92 47.14
C THR H 222 97.04 -25.58 47.83
N ALA H 223 98.16 -26.05 47.29
CA ALA H 223 99.48 -25.61 47.75
C ALA H 223 99.65 -24.18 47.29
N TYR H 224 99.47 -23.23 48.20
CA TYR H 224 99.47 -21.81 47.86
C TYR H 224 100.85 -21.39 47.35
N TYR H 225 100.91 -20.19 46.78
CA TYR H 225 102.13 -19.71 46.16
C TYR H 225 102.53 -18.36 46.75
N THR H 226 103.84 -18.21 46.97
CA THR H 226 104.43 -16.99 47.51
C THR H 226 105.05 -16.20 46.37
N VAL H 227 104.59 -14.95 46.20
CA VAL H 227 104.84 -14.15 45.01
C VAL H 227 105.52 -12.83 45.37
N ASP H 228 106.45 -12.89 46.33
CA ASP H 228 106.96 -11.68 46.99
C ASP H 228 107.49 -10.67 45.99
N VAL H 229 107.15 -9.40 46.22
CA VAL H 229 107.49 -8.30 45.29
C VAL H 229 108.29 -7.29 46.08
N THR H 230 109.62 -7.37 46.01
CA THR H 230 110.49 -6.45 46.74
C THR H 230 110.89 -5.28 45.85
N ALA H 231 111.03 -4.11 46.47
CA ALA H 231 111.44 -2.90 45.75
C ALA H 231 112.94 -2.65 45.87
N GLY H 232 113.75 -3.63 45.46
CA GLY H 232 115.19 -3.41 45.41
C GLY H 232 115.96 -3.91 46.60
N ALA H 233 116.88 -4.84 46.36
CA ALA H 233 117.76 -5.37 47.39
C ALA H 233 118.94 -6.09 46.74
N ASP H 234 120.14 -5.92 47.27
CA ASP H 234 121.34 -6.41 46.60
C ASP H 234 121.26 -7.93 46.41
N THR H 235 121.68 -8.39 45.24
CA THR H 235 121.60 -9.80 44.87
C THR H 235 122.94 -10.25 44.31
N LEU H 236 123.32 -11.48 44.61
CA LEU H 236 124.54 -12.09 44.07
C LEU H 236 124.17 -13.29 43.19
N SER H 237 125.06 -13.60 42.25
CA SER H 237 124.84 -14.73 41.37
C SER H 237 124.82 -16.04 42.15
N SER H 238 123.84 -16.89 41.86
CA SER H 238 123.67 -18.12 42.61
C SER H 238 122.88 -19.12 41.78
N VAL H 239 122.97 -20.39 42.16
CA VAL H 239 122.19 -21.47 41.58
C VAL H 239 121.84 -22.44 42.71
N ALA H 240 120.70 -23.11 42.57
CA ALA H 240 120.20 -23.97 43.63
C ALA H 240 119.79 -25.32 43.07
N THR H 241 119.94 -26.35 43.89
CA THR H 241 119.48 -27.69 43.52
C THR H 241 117.95 -27.71 43.57
N MET H 242 117.33 -27.73 42.38
CA MET H 242 115.89 -27.59 42.28
C MET H 242 115.17 -28.92 42.48
N SER H 243 115.53 -29.94 41.71
CA SER H 243 114.87 -31.24 41.83
C SER H 243 115.72 -32.31 41.17
N VAL H 244 115.38 -33.57 41.47
CA VAL H 244 116.04 -34.74 40.90
C VAL H 244 114.97 -35.77 40.55
N TYR H 245 115.34 -36.72 39.70
CA TYR H 245 114.42 -37.79 39.33
C TYR H 245 115.22 -39.05 39.00
N ARG H 246 114.80 -40.16 39.61
CA ARG H 246 115.43 -41.46 39.42
C ARG H 246 114.35 -42.50 39.15
N GLN H 247 114.66 -43.47 38.30
CA GLN H 247 113.64 -44.45 37.89
C GLN H 247 113.70 -45.69 38.76
N ALA H 248 114.79 -46.46 38.67
CA ALA H 248 115.15 -47.46 39.65
C ALA H 248 116.57 -47.18 40.09
N GLY H 249 117.46 -47.05 39.11
CA GLY H 249 118.82 -46.57 39.27
C GLY H 249 119.58 -47.09 40.49
N SER H 250 120.27 -46.18 41.15
CA SER H 250 121.01 -46.47 42.36
C SER H 250 121.26 -45.15 43.09
N ASN H 251 122.03 -45.22 44.16
CA ASN H 251 122.25 -44.05 45.00
C ASN H 251 123.22 -43.06 44.36
N PHE H 252 122.99 -41.78 44.65
CA PHE H 252 123.96 -40.73 44.39
C PHE H 252 123.57 -39.47 45.13
N GLY H 253 124.56 -38.74 45.64
CA GLY H 253 124.31 -37.55 46.45
C GLY H 253 123.82 -36.37 45.64
N SER H 254 123.70 -35.24 46.32
CA SER H 254 123.20 -34.01 45.72
C SER H 254 124.10 -32.86 46.19
N VAL H 255 123.63 -31.64 45.95
CA VAL H 255 124.27 -30.38 46.36
C VAL H 255 125.36 -30.01 45.36
N ALA H 256 125.21 -28.84 44.75
CA ALA H 256 126.16 -28.32 43.77
C ALA H 256 126.87 -27.10 44.34
N THR H 257 128.10 -26.89 43.89
CA THR H 257 128.93 -25.79 44.35
C THR H 257 129.55 -25.08 43.17
N TRP H 258 129.79 -23.78 43.33
CA TRP H 258 130.45 -22.95 42.34
C TRP H 258 131.96 -22.94 42.54
N THR H 259 132.65 -22.30 41.60
CA THR H 259 133.96 -21.71 41.81
C THR H 259 133.84 -20.24 41.42
N THR H 260 133.90 -19.36 42.41
CA THR H 260 133.53 -17.97 42.19
C THR H 260 134.44 -17.32 41.16
N GLY H 261 133.89 -16.32 40.47
CA GLY H 261 134.55 -15.64 39.36
C GLY H 261 133.82 -15.82 38.04
N GLY H 262 132.99 -16.84 37.93
CA GLY H 262 132.20 -17.04 36.73
C GLY H 262 131.07 -16.02 36.62
N THR H 263 130.47 -15.98 35.43
CA THR H 263 129.40 -15.05 35.13
C THR H 263 128.21 -15.81 34.57
N VAL H 264 127.02 -15.37 34.97
CA VAL H 264 125.77 -15.96 34.52
C VAL H 264 125.04 -14.95 33.66
N ALA H 265 124.44 -15.44 32.57
CA ALA H 265 123.79 -14.56 31.61
C ALA H 265 122.50 -13.98 32.15
N ASP H 266 121.54 -14.83 32.47
CA ASP H 266 120.24 -14.40 32.99
C ASP H 266 119.68 -15.47 33.91
N SER H 267 118.77 -15.07 34.79
CA SER H 267 118.09 -16.02 35.65
C SER H 267 117.18 -16.91 34.83
N GLY H 268 117.11 -18.19 35.20
CA GLY H 268 116.28 -19.12 34.46
C GLY H 268 116.22 -20.52 35.04
N TYR H 269 115.94 -21.51 34.21
CA TYR H 269 115.82 -22.90 34.65
C TYR H 269 116.72 -23.78 33.81
N LEU H 270 117.46 -24.67 34.48
CA LEU H 270 118.45 -25.53 33.84
C LEU H 270 118.06 -26.99 34.04
N LEU H 271 118.15 -27.79 32.99
CA LEU H 271 117.78 -29.19 33.05
C LEU H 271 118.91 -30.03 32.47
N ILE H 272 119.33 -31.04 33.22
CA ILE H 272 120.45 -31.90 32.84
C ILE H 272 119.95 -33.33 32.75
N GLU H 273 120.23 -33.97 31.60
CA GLU H 273 119.78 -35.32 31.30
C GLU H 273 121.00 -36.20 31.07
N ALA H 274 121.04 -37.35 31.74
CA ALA H 274 122.12 -38.30 31.53
C ALA H 274 121.91 -39.06 30.23
N GLN H 275 122.95 -39.76 29.78
CA GLN H 275 122.88 -40.47 28.51
C GLN H 275 123.26 -41.95 28.60
N GLU H 276 124.20 -42.33 29.45
CA GLU H 276 124.61 -43.73 29.53
C GLU H 276 124.92 -44.08 30.98
N ASN H 277 125.23 -45.35 31.23
CA ASN H 277 125.40 -45.91 32.56
C ASN H 277 126.87 -45.95 32.95
N PHE H 278 127.16 -45.74 34.23
CA PHE H 278 128.50 -46.02 34.72
C PHE H 278 128.46 -46.29 36.22
N THR H 279 129.16 -47.34 36.65
CA THR H 279 129.18 -47.76 38.06
C THR H 279 130.56 -48.21 38.51
N VAL H 280 131.60 -47.86 37.77
CA VAL H 280 132.93 -48.45 37.99
C VAL H 280 133.82 -47.40 38.65
N SER H 281 133.22 -46.50 39.41
CA SER H 281 133.95 -45.41 40.05
C SER H 281 134.80 -45.97 41.19
N ALA H 282 136.12 -45.89 41.04
CA ALA H 282 137.05 -46.19 42.12
C ALA H 282 138.19 -45.18 42.19
N GLY H 283 138.18 -44.15 41.35
CA GLY H 283 139.17 -43.10 41.32
C GLY H 283 140.03 -43.18 40.07
N THR H 284 139.64 -42.42 39.04
CA THR H 284 140.33 -42.36 37.75
C THR H 284 139.64 -41.32 36.89
N THR H 285 140.39 -40.62 36.04
CA THR H 285 139.77 -39.67 35.12
C THR H 285 138.93 -40.41 34.08
N ALA H 286 137.86 -39.76 33.65
CA ALA H 286 136.96 -40.33 32.67
C ALA H 286 136.13 -39.20 32.05
N ASN H 287 135.27 -39.58 31.11
CA ASN H 287 134.42 -38.61 30.42
C ASN H 287 133.16 -39.30 29.91
N TYR H 288 132.04 -38.58 29.98
CA TYR H 288 130.76 -39.09 29.53
C TYR H 288 129.93 -37.91 29.03
N THR H 289 128.93 -38.21 28.19
CA THR H 289 128.17 -37.17 27.52
C THR H 289 126.76 -37.07 28.09
N PHE H 290 126.28 -35.84 28.23
CA PHE H 290 124.96 -35.54 28.75
C PHE H 290 124.31 -34.48 27.87
N LYS H 291 123.02 -34.25 28.11
CA LYS H 291 122.24 -33.25 27.40
C LYS H 291 121.82 -32.14 28.36
N ALA H 292 121.76 -30.90 27.85
CA ALA H 292 121.41 -29.74 28.66
C ALA H 292 120.31 -28.95 27.97
N THR H 293 119.28 -28.57 28.73
CA THR H 293 118.20 -27.73 28.23
C THR H 293 118.00 -26.55 29.16
N PHE H 294 118.04 -25.34 28.61
CA PHE H 294 117.89 -24.14 29.42
C PHE H 294 116.67 -23.35 28.96
N VAL H 295 115.90 -22.86 29.93
CA VAL H 295 114.68 -22.09 29.67
C VAL H 295 114.85 -20.73 30.34
N ASP H 296 114.52 -19.67 29.61
CA ASP H 296 114.54 -18.32 30.15
C ASP H 296 113.30 -18.09 31.00
N ALA H 297 113.47 -17.39 32.12
CA ALA H 297 112.34 -17.08 32.99
C ALA H 297 111.51 -15.91 32.51
N LYS H 298 111.95 -15.23 31.45
CA LYS H 298 111.26 -14.05 30.94
C LYS H 298 110.69 -14.24 29.55
N THR H 299 111.49 -14.69 28.58
CA THR H 299 111.06 -14.78 27.20
C THR H 299 110.43 -16.12 26.84
N GLY H 300 110.73 -17.19 27.56
CA GLY H 300 110.20 -18.49 27.25
C GLY H 300 110.97 -19.28 26.21
N GLU H 301 112.08 -18.74 25.71
CA GLU H 301 112.91 -19.47 24.75
C GLU H 301 113.57 -20.67 25.41
N LYS H 302 113.70 -21.75 24.64
CA LYS H 302 114.30 -22.99 25.12
C LYS H 302 115.48 -23.34 24.25
N SER H 303 116.65 -23.54 24.87
CA SER H 303 117.87 -23.89 24.18
C SER H 303 118.30 -25.29 24.56
N THR H 304 118.73 -26.06 23.56
CA THR H 304 119.09 -27.47 23.75
C THR H 304 120.50 -27.72 23.23
N TYR H 305 121.37 -28.24 24.08
CA TYR H 305 122.78 -28.40 23.79
C TYR H 305 123.26 -29.75 24.32
N GLU H 306 124.48 -30.12 23.93
CA GLU H 306 125.13 -31.34 24.38
C GLU H 306 126.44 -31.00 25.08
N ILE H 307 126.71 -31.68 26.21
CA ILE H 307 127.84 -31.35 27.08
C ILE H 307 128.48 -32.64 27.54
N GLU H 308 129.59 -32.52 28.28
CA GLU H 308 130.30 -33.68 28.80
C GLU H 308 130.73 -33.41 30.23
N GLY H 309 130.96 -34.49 30.97
CA GLY H 309 131.40 -34.39 32.35
C GLY H 309 132.23 -35.60 32.74
N GLY H 310 133.10 -35.40 33.73
CA GLY H 310 133.99 -36.46 34.17
C GLY H 310 134.27 -36.41 35.65
N ASP H 311 134.25 -37.58 36.27
CA ASP H 311 134.61 -37.75 37.67
C ASP H 311 136.13 -37.68 37.81
N ASP H 312 136.59 -37.35 39.01
CA ASP H 312 138.02 -37.19 39.25
C ASP H 312 138.61 -38.24 40.17
N GLY H 313 138.16 -38.33 41.42
CA GLY H 313 138.59 -39.42 42.26
C GLY H 313 137.50 -40.12 43.03
N ALA H 314 136.39 -39.42 43.27
CA ALA H 314 135.26 -39.98 44.01
C ALA H 314 134.09 -39.01 43.95
N GLY H 315 132.96 -39.50 43.44
CA GLY H 315 131.67 -38.84 43.52
C GLY H 315 131.64 -37.33 43.28
N ASN H 316 132.43 -36.84 42.33
CA ASN H 316 132.42 -35.45 41.94
C ASN H 316 132.04 -35.37 40.47
N LEU H 317 130.98 -34.63 40.15
CA LEU H 317 130.59 -34.41 38.77
C LEU H 317 130.75 -32.92 38.47
N VAL H 318 131.82 -32.59 37.73
CA VAL H 318 132.18 -31.20 37.45
C VAL H 318 131.81 -30.88 36.01
N PHE H 319 131.10 -29.78 35.82
CA PHE H 319 130.56 -29.39 34.53
C PHE H 319 131.16 -28.06 34.07
N ASP H 320 131.44 -27.97 32.78
CA ASP H 320 131.94 -26.73 32.19
C ASP H 320 130.76 -26.07 31.49
N LEU H 321 130.56 -24.79 31.79
CA LEU H 321 129.44 -24.04 31.24
C LEU H 321 129.85 -23.07 30.13
N ALA H 322 131.10 -23.12 29.69
CA ALA H 322 131.51 -22.28 28.56
C ALA H 322 130.95 -22.80 27.24
N ASP H 323 130.44 -24.03 27.22
CA ASP H 323 129.86 -24.60 26.01
C ASP H 323 128.38 -24.30 25.85
N MET H 324 127.76 -23.65 26.83
CA MET H 324 126.41 -23.13 26.66
C MET H 324 126.45 -21.83 25.86
N THR H 325 126.54 -21.96 24.54
CA THR H 325 126.59 -20.81 23.66
C THR H 325 125.24 -20.11 23.61
N GLY H 326 125.15 -19.09 22.76
CA GLY H 326 123.91 -18.35 22.60
C GLY H 326 123.63 -17.46 23.78
N ALA H 327 123.30 -18.06 24.92
CA ALA H 327 123.21 -17.30 26.15
C ALA H 327 124.60 -16.92 26.64
N GLY H 328 125.47 -17.90 26.85
CA GLY H 328 126.84 -17.65 27.24
C GLY H 328 127.02 -17.66 28.74
N PHE H 329 127.72 -18.67 29.25
CA PHE H 329 127.93 -18.84 30.68
C PHE H 329 129.43 -18.91 30.96
N SER H 330 129.77 -18.95 32.25
CA SER H 330 131.16 -19.10 32.66
C SER H 330 131.16 -19.61 34.10
N GLY H 331 132.33 -20.07 34.54
CA GLY H 331 132.46 -20.63 35.87
C GLY H 331 132.42 -22.14 35.87
N GLU H 332 132.31 -22.68 37.08
CA GLU H 332 132.32 -24.12 37.31
C GLU H 332 131.16 -24.50 38.22
N VAL H 333 130.64 -25.71 38.02
CA VAL H 333 129.63 -26.26 38.92
C VAL H 333 130.01 -27.70 39.21
N SER H 334 129.86 -28.09 40.48
CA SER H 334 130.26 -29.40 40.94
C SER H 334 129.15 -30.02 41.76
N ILE H 335 128.59 -31.13 41.27
CA ILE H 335 127.64 -31.94 42.01
C ILE H 335 128.43 -32.88 42.89
N ALA H 336 128.14 -32.87 44.19
CA ALA H 336 128.82 -33.75 45.16
C ALA H 336 128.01 -35.04 45.23
N ILE H 337 128.56 -36.09 44.63
CA ILE H 337 127.86 -37.38 44.54
C ILE H 337 128.28 -38.31 45.67
N GLY H 338 129.58 -38.43 45.91
CA GLY H 338 130.10 -39.42 46.84
C GLY H 338 130.41 -40.74 46.15
N THR H 339 131.21 -41.54 46.83
CA THR H 339 131.66 -42.82 46.28
C THR H 339 130.47 -43.75 46.09
N ASP H 340 130.65 -44.76 45.23
CA ASP H 340 129.60 -45.69 44.82
C ASP H 340 128.50 -44.95 44.05
N ALA H 341 128.90 -44.40 42.90
CA ALA H 341 127.99 -43.72 41.99
C ALA H 341 127.64 -44.67 40.84
N ASN H 342 126.38 -45.11 40.79
CA ASN H 342 125.88 -46.00 39.76
C ASN H 342 124.79 -45.28 38.99
N MET H 343 125.10 -44.84 37.77
CA MET H 343 124.18 -44.06 36.96
C MET H 343 123.59 -44.93 35.87
N GLN H 344 122.27 -45.10 35.91
CA GLN H 344 121.53 -45.70 34.81
C GLN H 344 121.25 -44.61 33.77
N SER H 345 120.65 -45.00 32.64
CA SER H 345 120.36 -44.08 31.56
C SER H 345 118.96 -43.52 31.74
N GLY H 346 118.85 -42.31 32.25
CA GLY H 346 117.55 -41.69 32.39
C GLY H 346 117.36 -40.78 33.58
N ASP H 347 118.26 -40.85 34.57
CA ASP H 347 118.15 -39.98 35.74
C ASP H 347 118.28 -38.52 35.33
N LYS H 348 117.49 -37.66 35.95
CA LYS H 348 117.38 -36.27 35.54
C LYS H 348 117.67 -35.34 36.71
N ILE H 349 118.24 -34.17 36.41
CA ILE H 349 118.48 -33.13 37.42
C ILE H 349 117.93 -31.81 36.91
N LEU H 350 117.43 -30.99 37.81
CA LEU H 350 116.90 -29.67 37.48
C LEU H 350 117.39 -28.66 38.50
N LEU H 351 117.77 -27.48 38.00
CA LEU H 351 118.33 -26.40 38.81
C LEU H 351 117.70 -25.07 38.40
N SER H 352 117.84 -24.07 39.27
CA SER H 352 117.33 -22.74 39.01
C SER H 352 118.45 -21.72 39.14
N THR H 353 118.58 -20.84 38.14
CA THR H 353 119.70 -19.92 38.03
C THR H 353 119.26 -18.50 38.37
N THR H 354 120.11 -17.80 39.11
CA THR H 354 119.84 -16.46 39.60
C THR H 354 120.86 -15.47 39.04
N GLU H 355 120.40 -14.29 38.67
CA GLU H 355 121.24 -13.22 38.15
C GLU H 355 121.51 -12.17 39.23
N ALA H 356 122.74 -11.66 39.23
CA ALA H 356 123.12 -10.60 40.16
C ALA H 356 122.93 -9.23 39.52
N VAL H 357 122.18 -8.37 40.21
CA VAL H 357 121.85 -7.05 39.71
C VAL H 357 122.17 -6.04 40.80
N ASP H 358 122.42 -4.79 40.40
CA ASP H 358 122.64 -3.73 41.37
C ASP H 358 121.40 -3.52 42.24
N THR H 359 120.22 -3.57 41.62
CA THR H 359 118.93 -3.49 42.30
C THR H 359 118.78 -2.22 43.13
N SER H 360 119.28 -1.08 42.64
CA SER H 360 119.19 0.16 43.40
C SER H 360 119.17 1.32 42.41
N ALA H 361 118.01 1.93 42.23
CA ALA H 361 117.83 3.16 41.48
C ALA H 361 117.04 4.14 42.35
N THR H 362 116.83 5.35 41.82
CA THR H 362 115.95 6.28 42.50
C THR H 362 114.54 5.71 42.59
N SER H 363 114.06 5.13 41.49
CA SER H 363 112.83 4.34 41.43
C SER H 363 112.74 3.76 40.01
N GLY H 364 111.71 2.95 39.79
CA GLY H 364 111.46 2.44 38.46
C GLY H 364 111.17 0.96 38.35
N GLY H 365 111.74 0.16 39.23
CA GLY H 365 111.53 -1.28 39.15
C GLY H 365 112.05 -1.98 40.40
N GLY H 366 111.82 -3.27 40.44
CA GLY H 366 112.21 -4.08 41.58
C GLY H 366 112.36 -5.53 41.20
N THR H 367 112.19 -6.42 42.19
CA THR H 367 112.39 -7.85 42.01
C THR H 367 111.15 -8.61 42.48
N ILE H 368 110.94 -9.78 41.89
CA ILE H 368 109.83 -10.67 42.23
C ILE H 368 110.38 -12.08 42.42
N ALA H 369 109.86 -12.78 43.43
CA ALA H 369 110.29 -14.14 43.76
C ALA H 369 109.06 -15.03 43.97
N ILE H 370 109.09 -16.21 43.33
CA ILE H 370 108.02 -17.20 43.43
C ILE H 370 108.54 -18.41 44.18
N SER H 371 107.77 -18.87 45.16
CA SER H 371 108.15 -20.03 45.96
C SER H 371 106.89 -20.74 46.43
N GLY H 372 107.09 -21.95 46.96
CA GLY H 372 105.98 -22.74 47.47
C GLY H 372 105.68 -23.97 46.63
N GLY H 373 104.41 -24.32 46.52
CA GLY H 373 103.99 -25.43 45.68
C GLY H 373 103.89 -26.74 46.44
N PRO H 374 103.37 -27.77 45.78
CA PRO H 374 103.25 -29.08 46.44
C PRO H 374 104.57 -29.64 46.92
N ALA H 375 105.67 -29.32 46.24
CA ALA H 375 106.99 -29.81 46.64
C ALA H 375 107.70 -28.86 47.59
N GLY H 376 107.10 -27.72 47.94
CA GLY H 376 107.74 -26.75 48.80
C GLY H 376 108.97 -26.14 48.17
N THR H 377 108.85 -25.77 46.90
CA THR H 377 110.00 -25.31 46.13
C THR H 377 110.39 -23.89 46.50
N THR H 378 111.62 -23.52 46.15
CA THR H 378 112.14 -22.17 46.31
C THR H 378 112.72 -21.73 44.97
N GLY H 379 111.96 -20.93 44.23
CA GLY H 379 112.36 -20.51 42.90
C GLY H 379 113.44 -19.46 42.91
N ALA H 380 113.55 -18.76 41.79
CA ALA H 380 114.57 -17.74 41.62
C ALA H 380 113.98 -16.33 41.79
N ILE H 381 114.86 -15.34 41.76
CA ILE H 381 114.49 -13.94 41.88
C ILE H 381 114.74 -13.26 40.54
N ILE H 382 113.79 -12.40 40.12
CA ILE H 382 113.95 -11.69 38.86
C ILE H 382 113.81 -10.20 39.11
N SER H 383 114.53 -9.41 38.31
CA SER H 383 114.67 -7.98 38.56
C SER H 383 114.26 -7.20 37.31
N TYR H 384 114.04 -5.90 37.51
CA TYR H 384 113.60 -5.01 36.44
C TYR H 384 114.24 -3.64 36.59
N GLY H 385 114.14 -2.84 35.52
CA GLY H 385 114.81 -1.56 35.45
C GLY H 385 113.88 -0.37 35.59
N ASN H 386 114.36 0.77 35.10
CA ASN H 386 113.69 2.04 35.32
C ASN H 386 112.39 2.14 34.52
N ASN H 387 111.33 2.59 35.20
CA ASN H 387 110.01 2.81 34.59
C ASN H 387 109.54 1.59 33.81
N GLU H 388 109.63 0.42 34.45
CA GLU H 388 109.18 -0.81 33.85
C GLU H 388 108.05 -1.49 34.60
N LEU H 389 107.65 -0.95 35.76
CA LEU H 389 106.56 -1.50 36.56
C LEU H 389 105.38 -0.56 36.67
N THR H 390 105.62 0.69 37.07
CA THR H 390 104.54 1.63 37.36
C THR H 390 104.63 2.82 36.41
N LYS H 391 103.47 3.27 35.95
CA LYS H 391 103.38 4.45 35.09
C LYS H 391 103.02 5.66 35.93
N VAL H 392 102.82 6.81 35.28
CA VAL H 392 102.63 8.09 35.96
C VAL H 392 101.22 8.58 35.69
N ASP H 393 100.71 9.40 36.62
CA ASP H 393 99.37 9.96 36.46
C ASP H 393 99.33 10.91 35.26
N ASN H 394 98.20 10.86 34.55
CA ASN H 394 98.02 11.58 33.29
C ASN H 394 96.68 12.32 33.30
N GLY H 395 96.44 13.08 34.36
CA GLY H 395 95.19 13.79 34.58
C GLY H 395 94.25 13.11 35.55
N ASP H 396 93.66 11.97 35.19
CA ASP H 396 92.93 11.18 36.18
C ASP H 396 93.28 9.71 36.05
N THR H 397 93.72 9.33 34.84
CA THR H 397 94.13 7.96 34.46
C THR H 397 92.94 7.03 34.37
N THR H 398 91.76 7.49 34.78
CA THR H 398 90.55 6.68 34.83
C THR H 398 90.84 5.28 35.36
N ILE H 399 91.76 5.22 36.32
CA ILE H 399 92.37 4.00 36.83
C ILE H 399 93.20 3.35 35.73
N ASP H 400 94.40 2.90 36.06
CA ASP H 400 95.34 2.33 35.10
C ASP H 400 95.81 0.97 35.59
N TYR H 401 96.40 0.21 34.67
CA TYR H 401 96.94 -1.11 34.99
C TYR H 401 98.01 -1.48 33.99
N ASN H 402 99.25 -1.64 34.47
CA ASN H 402 100.34 -2.15 33.66
C ASN H 402 100.42 -3.66 33.81
N SER H 403 101.25 -4.32 33.01
CA SER H 403 101.33 -5.76 33.04
C SER H 403 102.75 -6.27 32.94
N VAL H 404 103.00 -7.42 33.56
CA VAL H 404 104.27 -8.13 33.47
C VAL H 404 103.98 -9.62 33.30
N THR H 405 104.66 -10.24 32.35
CA THR H 405 104.49 -11.67 32.07
C THR H 405 105.60 -12.46 32.76
N VAL H 406 105.22 -13.53 33.46
CA VAL H 406 106.16 -14.34 34.22
C VAL H 406 105.91 -15.81 33.94
N TYR H 407 106.98 -16.54 33.62
CA TYR H 407 106.90 -17.96 33.33
C TYR H 407 107.45 -18.77 34.51
N HIS H 408 106.89 -19.97 34.67
CA HIS H 408 107.26 -20.89 35.74
C HIS H 408 107.44 -22.28 35.15
N ALA H 409 108.32 -23.07 35.76
CA ALA H 409 108.60 -24.41 35.31
C ALA H 409 108.62 -25.35 36.51
N ALA H 410 108.40 -26.64 36.23
CA ALA H 410 108.34 -27.64 37.29
C ALA H 410 108.59 -29.02 36.70
N LEU H 411 108.93 -29.95 37.59
CA LEU H 411 109.24 -31.32 37.22
C LEU H 411 108.43 -32.27 38.08
N ASN H 412 107.92 -33.33 37.45
CA ASN H 412 107.20 -34.39 38.13
C ASN H 412 108.16 -35.53 38.45
N VAL H 413 108.01 -36.11 39.64
CA VAL H 413 109.04 -36.97 40.22
C VAL H 413 108.80 -38.45 39.93
N GLU H 414 107.97 -38.77 38.96
CA GLU H 414 107.82 -40.17 38.60
C GLU H 414 107.99 -40.44 37.11
N THR H 415 107.67 -39.47 36.25
CA THR H 415 107.82 -39.63 34.82
C THR H 415 108.78 -38.62 34.19
N GLY H 416 108.91 -37.43 34.76
CA GLY H 416 109.81 -36.44 34.19
C GLY H 416 109.27 -35.65 33.03
N ASN H 417 107.96 -35.45 32.96
CA ASN H 417 107.38 -34.57 31.96
C ASN H 417 107.44 -33.13 32.46
N LEU H 418 108.21 -32.31 31.75
CA LEU H 418 108.54 -30.97 32.20
C LEU H 418 107.35 -30.05 31.98
N ASP H 419 106.85 -29.45 33.07
CA ASP H 419 105.70 -28.55 33.01
C ASP H 419 106.20 -27.12 32.93
N VAL H 420 105.58 -26.32 32.06
CA VAL H 420 105.89 -24.90 31.91
C VAL H 420 104.59 -24.14 31.75
N GLY H 421 104.46 -23.04 32.50
CA GLY H 421 103.27 -22.21 32.44
C GLY H 421 103.61 -20.74 32.59
N ASN H 422 102.58 -19.91 32.54
CA ASN H 422 102.80 -18.46 32.62
C ASN H 422 101.64 -17.78 33.32
N LEU H 423 101.91 -16.56 33.78
CA LEU H 423 100.95 -15.71 34.47
C LEU H 423 101.24 -14.27 34.07
N THR H 424 100.25 -13.40 34.31
CA THR H 424 100.45 -11.97 34.09
C THR H 424 100.03 -11.21 35.35
N PHE H 425 100.95 -10.41 35.88
CA PHE H 425 100.62 -9.51 37.00
C PHE H 425 100.18 -8.17 36.44
N ASN H 426 99.06 -7.66 36.96
CA ASN H 426 98.58 -6.33 36.61
C ASN H 426 98.96 -5.38 37.73
N PHE H 427 99.94 -4.53 37.46
CA PHE H 427 100.46 -3.58 38.43
C PHE H 427 99.63 -2.30 38.40
N ARG H 428 99.72 -1.56 39.50
CA ARG H 428 98.69 -0.62 39.94
C ARG H 428 98.64 0.61 39.03
N GLU H 429 97.74 1.56 39.36
CA GLU H 429 97.45 2.67 38.47
C GLU H 429 98.67 3.52 38.20
N ASP H 430 99.20 4.16 39.25
CA ASP H 430 100.26 5.14 39.07
C ASP H 430 100.90 5.50 40.40
N THR H 431 102.21 5.65 40.41
CA THR H 431 102.98 6.13 41.53
C THR H 431 103.78 7.35 41.09
N GLY H 432 104.66 7.82 41.97
CA GLY H 432 105.59 8.85 41.55
C GLY H 432 105.84 9.97 42.53
N THR H 433 107.12 10.29 42.70
CA THR H 433 107.54 11.50 43.39
C THR H 433 107.40 12.66 42.39
N ASP H 434 108.08 13.79 42.63
CA ASP H 434 107.86 14.95 41.79
C ASP H 434 108.50 14.78 40.42
N THR H 435 107.86 13.97 39.57
CA THR H 435 108.16 13.88 38.14
C THR H 435 109.63 13.55 37.89
N ALA H 436 110.18 12.62 38.66
CA ALA H 436 111.54 12.16 38.41
C ALA H 436 111.59 10.81 37.71
N TYR H 437 111.13 9.74 38.37
CA TYR H 437 111.09 8.42 37.76
C TYR H 437 109.85 7.60 38.07
N GLY H 438 109.14 7.85 39.16
CA GLY H 438 108.03 7.02 39.59
C GLY H 438 108.27 6.49 40.99
N SER H 439 107.59 5.40 41.32
CA SER H 439 107.74 4.75 42.61
C SER H 439 107.12 3.36 42.52
N THR H 440 107.39 2.54 43.53
CA THR H 440 106.82 1.20 43.63
C THR H 440 106.86 0.76 45.09
N THR H 441 105.88 -0.06 45.48
CA THR H 441 105.78 -0.55 46.84
C THR H 441 105.91 -2.07 46.84
N GLY H 442 106.78 -2.58 47.71
CA GLY H 442 106.98 -4.01 47.86
C GLY H 442 106.09 -4.60 48.94
N GLY H 443 106.25 -5.90 49.14
CA GLY H 443 105.49 -6.65 50.11
C GLY H 443 105.36 -8.10 49.72
N SER H 444 104.41 -8.77 50.35
CA SER H 444 104.20 -10.20 50.18
C SER H 444 102.72 -10.51 50.28
N PHE H 445 102.27 -11.46 49.46
CA PHE H 445 100.90 -11.94 49.54
C PHE H 445 100.84 -13.35 48.95
N ASP H 446 99.69 -13.99 49.11
CA ASP H 446 99.54 -15.39 48.78
C ASP H 446 98.68 -15.56 47.53
N LEU H 447 98.91 -16.64 46.79
CA LEU H 447 98.25 -16.87 45.52
C LEU H 447 97.63 -18.27 45.47
N LEU H 448 96.43 -18.34 44.89
CA LEU H 448 95.68 -19.58 44.69
C LEU H 448 95.35 -19.74 43.22
N VAL H 449 95.13 -20.99 42.80
CA VAL H 449 94.93 -21.33 41.39
C VAL H 449 93.70 -22.23 41.29
N ALA H 450 93.08 -22.23 40.11
CA ALA H 450 92.03 -23.18 39.78
C ALA H 450 92.07 -23.47 38.29
N GLY H 451 92.49 -24.67 37.93
CA GLY H 451 92.68 -25.04 36.54
C GLY H 451 94.06 -24.64 36.05
N GLY H 452 94.37 -25.06 34.83
CA GLY H 452 95.72 -24.90 34.31
C GLY H 452 95.90 -23.99 33.11
N GLY H 453 94.91 -23.92 32.23
CA GLY H 453 95.07 -23.14 31.01
C GLY H 453 94.58 -23.88 29.77
N GLU H 454 95.30 -23.76 28.65
CA GLU H 454 94.94 -24.48 27.42
C GLU H 454 96.05 -25.47 27.09
N ALA H 455 96.05 -26.58 27.82
CA ALA H 455 96.80 -27.81 27.58
C ALA H 455 96.49 -28.71 28.78
N ALA H 456 96.99 -29.94 28.73
CA ALA H 456 96.86 -30.84 29.86
C ALA H 456 98.20 -30.98 30.58
N THR H 457 98.20 -30.67 31.87
CA THR H 457 99.39 -30.81 32.69
C THR H 457 99.59 -32.27 33.09
N SER H 458 100.77 -32.57 33.64
CA SER H 458 101.06 -33.93 34.04
C SER H 458 100.28 -34.33 35.29
N THR H 459 99.76 -33.35 36.04
CA THR H 459 99.03 -33.61 37.27
C THR H 459 97.56 -33.17 37.17
N THR H 460 97.00 -33.19 35.97
CA THR H 460 95.60 -32.85 35.81
C THR H 460 94.72 -34.08 36.01
N LYS H 461 93.64 -33.92 36.78
CA LYS H 461 92.75 -35.04 37.04
C LYS H 461 91.99 -35.43 35.77
N LEU H 462 91.60 -36.70 35.71
CA LEU H 462 90.95 -37.25 34.52
C LEU H 462 89.51 -36.78 34.37
N LYS H 463 88.94 -36.10 35.37
CA LYS H 463 87.53 -35.73 35.35
C LYS H 463 87.28 -34.35 34.78
N ASP H 464 88.32 -33.65 34.32
CA ASP H 464 88.15 -32.31 33.77
C ASP H 464 88.60 -32.19 32.32
N ILE H 465 88.99 -33.29 31.68
CA ILE H 465 89.33 -33.23 30.25
C ILE H 465 88.05 -33.05 29.46
N SER H 466 88.09 -32.13 28.48
CA SER H 466 86.88 -31.76 27.76
C SER H 466 86.33 -32.92 26.92
N ARG H 467 87.19 -33.87 26.54
CA ARG H 467 86.72 -34.96 25.71
C ARG H 467 85.92 -36.00 26.48
N PHE H 468 86.02 -36.01 27.81
CA PHE H 468 85.37 -37.03 28.62
C PHE H 468 83.95 -36.65 29.04
N THR H 469 83.33 -35.69 28.33
CA THR H 469 81.94 -35.37 28.53
C THR H 469 81.24 -35.37 27.17
N THR H 470 80.03 -35.94 27.14
CA THR H 470 79.29 -36.06 25.90
C THR H 470 78.57 -34.77 25.58
N ASP H 471 77.82 -34.77 24.48
CA ASP H 471 77.10 -33.58 24.06
C ASP H 471 75.94 -33.23 24.99
N ASP H 472 75.48 -34.17 25.79
CA ASP H 472 74.38 -33.93 26.72
C ASP H 472 74.85 -33.51 28.11
N GLY H 473 76.09 -33.03 28.23
CA GLY H 473 76.60 -32.54 29.49
C GLY H 473 76.89 -33.61 30.51
N VAL H 474 76.92 -34.88 30.12
CA VAL H 474 77.14 -35.99 31.05
C VAL H 474 78.56 -36.49 30.88
N ASN H 475 79.33 -36.45 31.96
CA ASN H 475 80.66 -37.03 31.97
C ASN H 475 80.58 -38.53 32.20
N ILE H 476 81.46 -39.27 31.53
CA ILE H 476 81.39 -40.72 31.53
C ILE H 476 81.57 -41.28 32.95
N PHE H 477 82.48 -40.70 33.71
CA PHE H 477 82.83 -41.21 35.03
C PHE H 477 81.77 -40.93 36.09
N ALA H 478 80.60 -40.43 35.71
CA ALA H 478 79.56 -40.15 36.70
C ALA H 478 79.11 -41.42 37.39
N ALA H 479 78.90 -42.50 36.64
CA ALA H 479 78.46 -43.75 37.24
C ALA H 479 79.57 -44.39 38.06
N GLY H 480 80.77 -44.48 37.51
CA GLY H 480 81.86 -45.13 38.19
C GLY H 480 82.96 -45.56 37.25
N PRO H 481 83.77 -46.53 37.68
CA PRO H 481 84.90 -46.97 36.86
C PRO H 481 84.46 -47.58 35.54
N GLN H 482 85.34 -47.48 34.55
CA GLN H 482 85.15 -48.08 33.23
C GLN H 482 86.27 -49.06 32.95
N GLU H 483 86.02 -50.00 32.05
CA GLU H 483 86.95 -51.06 31.72
C GLU H 483 87.57 -50.83 30.34
N LEU H 484 88.84 -51.23 30.21
CA LEU H 484 89.52 -51.18 28.92
C LEU H 484 90.27 -52.48 28.72
N THR H 485 90.14 -53.07 27.53
CA THR H 485 90.75 -54.35 27.20
C THR H 485 91.78 -54.16 26.12
N ILE H 486 92.98 -54.70 26.35
CA ILE H 486 94.07 -54.67 25.38
C ILE H 486 94.28 -56.09 24.87
N PHE H 487 94.23 -56.25 23.56
CA PHE H 487 94.42 -57.54 22.91
C PHE H 487 95.73 -57.53 22.14
N GLY H 488 96.53 -58.59 22.31
CA GLY H 488 97.77 -58.72 21.57
C GLY H 488 98.52 -59.99 21.90
N ASN H 489 99.30 -60.48 20.93
CA ASN H 489 100.16 -61.66 21.12
C ASN H 489 99.33 -62.87 21.58
N GLY H 490 98.12 -62.98 21.06
CA GLY H 490 97.24 -64.06 21.47
C GLY H 490 96.91 -64.03 22.95
N SER H 491 96.75 -62.85 23.53
CA SER H 491 96.45 -62.71 24.94
C SER H 491 95.68 -61.41 25.15
N SER H 492 95.08 -61.27 26.33
CA SER H 492 94.25 -60.12 26.64
C SER H 492 94.56 -59.62 28.05
N ALA H 493 94.32 -58.34 28.26
CA ALA H 493 94.47 -57.73 29.58
C ALA H 493 93.35 -56.73 29.78
N THR H 494 92.99 -56.50 31.05
CA THR H 494 91.91 -55.59 31.40
C THR H 494 92.38 -54.61 32.47
N ILE H 495 92.04 -53.34 32.28
CA ILE H 495 92.39 -52.28 33.23
C ILE H 495 91.14 -51.49 33.58
N TYR H 496 91.19 -50.87 34.77
CA TYR H 496 90.07 -50.12 35.32
C TYR H 496 90.44 -48.64 35.39
N LEU H 497 89.47 -47.77 35.13
CA LEU H 497 89.67 -46.33 35.19
C LEU H 497 88.58 -45.71 36.05
N GLU H 498 88.97 -44.73 36.86
CA GLU H 498 88.02 -44.03 37.72
C GLU H 498 88.22 -42.53 37.58
N GLY H 499 87.41 -41.77 38.31
CA GLY H 499 87.31 -40.34 38.13
C GLY H 499 88.23 -39.48 38.96
N ASP H 500 89.22 -40.05 39.64
CA ASP H 500 90.13 -39.28 40.45
C ASP H 500 91.60 -39.60 40.20
N ASP H 501 91.91 -40.36 39.16
CA ASP H 501 93.31 -40.66 38.87
C ASP H 501 93.91 -39.59 37.96
N THR H 502 95.23 -39.51 37.96
CA THR H 502 95.97 -38.53 37.19
C THR H 502 96.45 -39.13 35.88
N VAL H 503 97.02 -38.27 35.03
CA VAL H 503 97.54 -38.72 33.74
C VAL H 503 98.75 -39.63 33.94
N SER H 504 99.61 -39.27 34.88
CA SER H 504 100.79 -40.09 35.16
C SER H 504 100.39 -41.48 35.67
N GLU H 505 99.36 -41.55 36.51
CA GLU H 505 98.86 -42.84 36.97
C GLU H 505 98.29 -43.65 35.81
N PHE H 506 97.63 -42.98 34.87
CA PHE H 506 97.18 -43.65 33.66
C PHE H 506 98.35 -44.24 32.88
N GLU H 507 99.43 -43.45 32.72
CA GLU H 507 100.61 -43.94 32.03
C GLU H 507 101.21 -45.14 32.74
N THR H 508 101.30 -45.09 34.06
CA THR H 508 101.85 -46.21 34.83
C THR H 508 100.98 -47.46 34.67
N LYS H 509 99.66 -47.30 34.73
CA LYS H 509 98.76 -48.43 34.55
C LYS H 509 98.94 -49.06 33.18
N LEU H 510 98.99 -48.23 32.13
CA LEU H 510 99.15 -48.77 30.79
C LEU H 510 100.51 -49.45 30.62
N SER H 511 101.56 -48.87 31.19
CA SER H 511 102.89 -49.48 31.12
C SER H 511 102.89 -50.85 31.77
N SER H 512 102.31 -50.96 32.98
CA SER H 512 102.25 -52.25 33.65
C SER H 512 101.43 -53.25 32.84
N ALA H 513 100.29 -52.80 32.30
CA ALA H 513 99.44 -53.71 31.53
C ALA H 513 100.15 -54.23 30.29
N ILE H 514 100.83 -53.36 29.56
CA ILE H 514 101.53 -53.79 28.35
C ILE H 514 102.70 -54.68 28.69
N LEU H 515 103.45 -54.35 29.74
CA LEU H 515 104.54 -55.20 30.19
C LEU H 515 104.05 -56.57 30.64
N GLU H 516 102.82 -56.66 31.14
CA GLU H 516 102.28 -57.95 31.56
C GLU H 516 102.05 -58.87 30.37
N LEU H 517 101.64 -58.32 29.23
CA LEU H 517 101.31 -59.14 28.06
C LEU H 517 102.53 -59.85 27.47
N GLY H 518 103.73 -59.37 27.74
CA GLY H 518 104.94 -59.99 27.23
C GLY H 518 105.67 -59.22 26.16
N MET H 519 105.21 -58.01 25.81
CA MET H 519 105.90 -57.18 24.82
C MET H 519 107.13 -56.47 25.38
N GLY H 520 107.38 -56.58 26.68
CA GLY H 520 108.42 -55.79 27.31
C GLY H 520 109.82 -56.21 26.91
N ALA H 521 110.79 -55.46 27.43
CA ALA H 521 112.19 -55.67 27.11
C ALA H 521 112.70 -56.98 27.69
N THR H 522 113.63 -57.61 26.97
CA THR H 522 114.19 -58.88 27.40
C THR H 522 115.12 -58.67 28.60
N ALA H 523 115.48 -59.79 29.24
CA ALA H 523 116.36 -59.78 30.40
C ALA H 523 117.79 -59.94 29.91
N GLY H 524 118.44 -58.82 29.61
CA GLY H 524 119.81 -58.81 29.16
C GLY H 524 120.84 -58.59 30.25
N THR H 525 120.45 -58.73 31.53
CA THR H 525 121.32 -58.46 32.67
C THR H 525 121.93 -57.06 32.58
N SER H 526 121.09 -56.09 32.20
CA SER H 526 121.55 -54.73 31.97
C SER H 526 120.40 -53.76 32.19
N ASP H 527 120.76 -52.49 32.37
CA ASP H 527 119.77 -51.44 32.55
C ASP H 527 119.20 -50.94 31.22
N GLU H 528 119.70 -51.46 30.10
CA GLU H 528 119.05 -51.23 28.80
C GLU H 528 117.57 -51.56 28.88
N ALA H 529 117.26 -52.69 29.52
CA ALA H 529 115.86 -53.07 29.69
C ALA H 529 115.09 -52.06 30.51
N ALA H 530 115.71 -51.52 31.57
CA ALA H 530 115.06 -50.51 32.38
C ALA H 530 114.72 -49.28 31.57
N THR H 531 115.68 -48.77 30.81
CA THR H 531 115.44 -47.58 30.00
C THR H 531 114.39 -47.83 28.92
N VAL H 532 114.49 -48.98 28.24
CA VAL H 532 113.55 -49.29 27.17
C VAL H 532 112.14 -49.43 27.72
N ASN H 533 111.99 -50.12 28.86
CA ASN H 533 110.68 -50.27 29.47
C ASN H 533 110.13 -48.93 29.95
N SER H 534 111.00 -48.04 30.43
CA SER H 534 110.53 -46.72 30.83
C SER H 534 110.14 -45.88 29.62
N ASN H 535 110.68 -46.19 28.44
CA ASN H 535 110.41 -45.40 27.23
C ASN H 535 109.36 -46.04 26.33
N LEU H 536 108.34 -46.68 26.89
CA LEU H 536 107.31 -47.34 26.07
C LEU H 536 106.14 -46.40 25.78
N VAL H 537 105.49 -45.91 26.82
CA VAL H 537 104.33 -45.03 26.69
C VAL H 537 104.74 -43.65 27.16
N ASN H 538 104.48 -42.63 26.35
CA ASN H 538 104.93 -41.29 26.67
C ASN H 538 103.82 -40.28 26.47
N TYR H 539 103.88 -39.21 27.27
CA TYR H 539 103.03 -38.03 27.10
C TYR H 539 103.92 -36.82 26.86
N VAL H 540 103.50 -35.97 25.94
CA VAL H 540 104.27 -34.79 25.53
C VAL H 540 103.75 -33.61 26.33
N SER H 541 104.60 -33.02 27.15
CA SER H 541 104.22 -31.88 27.97
C SER H 541 104.53 -30.58 27.22
N THR H 542 104.45 -29.45 27.93
CA THR H 542 104.62 -28.15 27.28
C THR H 542 106.05 -27.95 26.81
N GLY H 543 107.03 -28.19 27.68
CA GLY H 543 108.41 -27.92 27.36
C GLY H 543 109.20 -29.06 26.76
N ASP H 544 108.57 -30.17 26.43
CA ASP H 544 109.23 -31.35 25.88
C ASP H 544 108.93 -31.50 24.39
N VAL H 545 108.55 -30.42 23.74
CA VAL H 545 108.21 -30.45 22.32
C VAL H 545 109.48 -30.68 21.51
N THR H 546 109.46 -31.70 20.65
CA THR H 546 110.60 -32.03 19.81
C THR H 546 110.21 -31.95 18.35
N ASP H 547 110.85 -31.04 17.62
CA ASP H 547 110.53 -30.76 16.23
C ASP H 547 111.02 -31.90 15.32
N SER H 548 110.30 -32.09 14.23
CA SER H 548 110.70 -32.99 13.14
C SER H 548 110.94 -34.41 13.63
N SER H 549 110.12 -34.84 14.59
CA SER H 549 110.22 -36.18 15.15
C SER H 549 108.83 -36.69 15.43
N ASN H 550 108.75 -37.87 16.06
CA ASN H 550 107.45 -38.47 16.38
C ASN H 550 106.65 -37.64 17.36
N GLU H 551 107.28 -36.79 18.16
CA GLU H 551 106.61 -36.02 19.20
C GLU H 551 106.47 -34.55 18.82
N ALA H 552 106.25 -34.26 17.54
CA ALA H 552 106.13 -32.88 17.09
C ALA H 552 104.86 -32.19 17.59
N LEU H 553 103.88 -32.94 18.08
CA LEU H 553 102.62 -32.41 18.55
C LEU H 553 102.60 -32.38 20.07
N ALA H 554 102.05 -31.31 20.62
CA ALA H 554 101.96 -31.11 22.05
C ALA H 554 100.69 -31.76 22.60
N GLY H 555 100.79 -32.29 23.82
CA GLY H 555 99.64 -32.87 24.49
C GLY H 555 99.05 -34.09 23.81
N THR H 556 99.90 -35.02 23.40
CA THR H 556 99.46 -36.27 22.80
C THR H 556 100.21 -37.45 23.40
N PHE H 557 99.51 -38.58 23.49
CA PHE H 557 100.09 -39.83 23.96
C PHE H 557 100.74 -40.54 22.77
N VAL H 558 101.91 -41.12 23.01
CA VAL H 558 102.62 -41.93 22.03
C VAL H 558 102.81 -43.33 22.61
N ILE H 559 102.38 -44.34 21.87
CA ILE H 559 102.37 -45.73 22.34
C ILE H 559 103.17 -46.56 21.35
N GLN H 560 104.07 -47.39 21.89
CA GLN H 560 104.94 -48.23 21.08
C GLN H 560 105.04 -49.61 21.73
N THR H 561 105.65 -50.54 20.99
CA THR H 561 105.87 -51.89 21.47
C THR H 561 107.31 -52.29 21.19
N ALA H 562 107.80 -53.29 21.93
CA ALA H 562 109.21 -53.66 21.87
C ALA H 562 109.46 -54.96 21.12
N ARG H 563 108.58 -55.36 20.21
CA ARG H 563 108.85 -56.46 19.30
C ARG H 563 108.64 -56.03 17.85
N LEU H 564 109.09 -56.87 16.93
CA LEU H 564 109.10 -56.55 15.51
C LEU H 564 108.13 -57.43 14.74
N GLY H 565 107.46 -56.82 13.76
CA GLY H 565 106.62 -57.59 12.87
C GLY H 565 105.17 -57.63 13.30
N ASP H 566 104.41 -58.54 12.67
CA ASP H 566 102.97 -58.61 12.86
C ASP H 566 102.60 -58.87 14.32
N ASP H 567 103.51 -59.47 15.09
CA ASP H 567 103.24 -59.74 16.50
C ASP H 567 103.06 -58.46 17.32
N SER H 568 103.55 -57.32 16.83
CA SER H 568 103.53 -56.08 17.59
C SER H 568 102.23 -55.30 17.44
N LYS H 569 101.25 -55.86 16.72
CA LYS H 569 99.97 -55.18 16.56
C LYS H 569 99.23 -55.12 17.89
N LEU H 570 98.59 -54.00 18.16
CA LEU H 570 97.81 -53.79 19.37
C LEU H 570 96.35 -53.60 19.02
N SER H 571 95.46 -54.10 19.90
CA SER H 571 94.04 -53.93 19.71
C SER H 571 93.40 -53.40 20.99
N PHE H 572 92.44 -52.50 20.83
CA PHE H 572 91.77 -51.83 21.94
C PHE H 572 90.28 -52.13 21.89
N ILE H 573 89.72 -52.52 23.03
CA ILE H 573 88.30 -52.85 23.15
C ILE H 573 87.74 -52.18 24.40
N GLY H 574 86.49 -51.76 24.33
CA GLY H 574 85.84 -51.15 25.47
C GLY H 574 84.50 -50.58 25.09
N ASP H 575 84.07 -49.58 25.85
CA ASP H 575 82.81 -48.92 25.57
C ASP H 575 82.96 -47.95 24.39
N GLN H 576 81.83 -47.63 23.76
CA GLN H 576 81.86 -46.83 22.54
C GLN H 576 82.32 -45.41 22.82
N ASN H 577 81.76 -44.77 23.84
CA ASN H 577 82.07 -43.36 24.10
C ASN H 577 83.53 -43.17 24.52
N LEU H 578 84.05 -44.05 25.37
CA LEU H 578 85.43 -43.92 25.82
C LEU H 578 86.40 -44.10 24.65
N ILE H 579 86.18 -45.12 23.82
CA ILE H 579 87.06 -45.36 22.69
C ILE H 579 86.98 -44.19 21.70
N ASN H 580 85.77 -43.65 21.50
CA ASN H 580 85.62 -42.48 20.63
C ASN H 580 86.38 -41.29 21.19
N ALA H 581 86.34 -41.11 22.51
CA ALA H 581 87.05 -39.98 23.14
C ALA H 581 88.56 -40.13 23.00
N LEU H 582 89.07 -41.35 23.18
CA LEU H 582 90.51 -41.57 23.01
C LEU H 582 90.94 -41.30 21.57
N SER H 583 90.24 -41.89 20.60
CA SER H 583 90.46 -41.61 19.18
C SER H 583 91.90 -41.90 18.77
N LEU H 584 92.28 -43.16 18.88
CA LEU H 584 93.62 -43.57 18.52
C LEU H 584 93.83 -43.50 17.00
N ALA H 585 95.09 -43.43 16.61
CA ALA H 585 95.46 -43.43 15.20
C ALA H 585 96.84 -44.04 15.06
N THR H 586 97.14 -44.49 13.84
CA THR H 586 98.40 -45.15 13.54
C THR H 586 99.31 -44.20 12.79
N ILE H 587 100.55 -44.07 13.25
CA ILE H 587 101.54 -43.27 12.54
C ILE H 587 102.75 -44.07 12.09
N GLN H 588 102.93 -45.31 12.54
CA GLN H 588 103.99 -46.15 12.00
C GLN H 588 103.57 -47.61 12.04
N GLU H 589 103.93 -48.35 10.99
CA GLU H 589 103.55 -49.74 10.81
C GLU H 589 104.78 -50.63 10.76
N GLY H 590 104.63 -51.85 11.27
CA GLY H 590 105.74 -52.78 11.34
C GLY H 590 105.97 -53.53 10.05
N GLU H 591 107.16 -54.11 9.94
CA GLU H 591 107.53 -54.88 8.77
C GLU H 591 108.37 -56.08 9.20
N ASN H 592 108.40 -57.12 8.37
CA ASN H 592 108.99 -58.38 8.78
C ASN H 592 110.51 -58.34 8.66
N SER H 593 111.15 -59.31 9.30
CA SER H 593 112.59 -59.47 9.33
C SER H 593 113.08 -60.31 8.16
N GLU H 594 114.39 -60.60 8.15
CA GLU H 594 114.97 -61.50 7.16
C GLU H 594 115.92 -62.45 7.84
N THR H 595 115.62 -63.75 7.79
CA THR H 595 116.40 -64.75 8.51
C THR H 595 117.16 -65.61 7.52
N THR H 596 118.47 -65.71 7.70
CA THR H 596 119.33 -66.59 6.92
C THR H 596 119.62 -67.82 7.76
N ILE H 597 119.22 -68.99 7.25
CA ILE H 597 119.31 -70.23 8.00
C ILE H 597 120.12 -71.23 7.19
N LYS H 598 121.09 -71.87 7.84
CA LYS H 598 121.93 -72.89 7.22
C LYS H 598 121.87 -74.16 8.06
N VAL H 599 121.59 -75.30 7.42
CA VAL H 599 121.40 -76.55 8.13
C VAL H 599 122.51 -77.50 7.76
N THR H 600 123.02 -78.25 8.75
CA THR H 600 124.08 -79.22 8.51
C THR H 600 124.00 -80.32 9.55
N ASP H 601 124.65 -81.45 9.24
CA ASP H 601 124.64 -82.58 10.15
C ASP H 601 125.50 -82.30 11.38
N ALA H 602 125.32 -83.12 12.41
CA ALA H 602 125.98 -82.89 13.69
C ALA H 602 127.21 -83.75 13.92
N HIS H 603 127.40 -84.80 13.14
CA HIS H 603 128.59 -85.65 13.35
C HIS H 603 129.58 -85.58 12.20
N THR H 604 129.15 -85.87 10.97
CA THR H 604 130.00 -85.78 9.80
C THR H 604 130.20 -84.35 9.31
N GLY H 605 129.17 -83.51 9.41
CA GLY H 605 129.29 -82.11 9.04
C GLY H 605 128.98 -81.78 7.61
N LYS H 606 128.29 -82.67 6.88
CA LYS H 606 128.01 -82.41 5.47
C LYS H 606 126.85 -81.43 5.33
N PHE H 607 126.96 -80.55 4.32
CA PHE H 607 125.94 -79.53 4.09
C PHE H 607 124.67 -80.14 3.53
N ILE H 608 123.53 -79.50 3.86
CA ILE H 608 122.22 -79.91 3.37
C ILE H 608 121.53 -78.78 2.61
N GLY H 609 121.30 -77.66 3.27
CA GLY H 609 120.56 -76.57 2.66
C GLY H 609 120.68 -75.27 3.42
N SER H 610 120.13 -74.22 2.82
CA SER H 610 120.17 -72.87 3.39
C SER H 610 119.12 -72.02 2.69
N ASP H 611 118.44 -71.18 3.47
CA ASP H 611 117.36 -70.36 2.95
C ASP H 611 117.40 -68.97 3.56
N SER H 612 116.75 -68.03 2.87
CA SER H 612 116.51 -66.68 3.36
C SER H 612 115.00 -66.48 3.44
N VAL H 613 114.47 -66.53 4.66
CA VAL H 613 113.04 -66.54 4.89
C VAL H 613 112.60 -65.18 5.43
N ASN H 614 111.34 -64.84 5.13
CA ASN H 614 110.71 -63.63 5.63
C ASN H 614 109.56 -63.90 6.59
N ASP H 615 109.08 -65.14 6.66
CA ASP H 615 108.06 -65.51 7.64
C ASP H 615 108.63 -66.38 8.76
N SER H 616 109.95 -66.54 8.79
CA SER H 616 110.64 -67.30 9.84
C SER H 616 110.12 -68.74 9.93
N THR H 617 109.82 -69.33 8.77
CA THR H 617 109.42 -70.73 8.68
C THR H 617 110.28 -71.40 7.62
N LEU H 618 110.92 -72.51 7.97
CA LEU H 618 111.77 -73.24 7.04
C LEU H 618 110.96 -74.38 6.43
N ARG H 619 110.71 -74.29 5.13
CA ARG H 619 109.82 -75.22 4.45
C ARG H 619 110.50 -75.84 3.23
N GLY H 620 110.41 -77.16 3.12
CA GLY H 620 110.77 -77.84 1.89
C GLY H 620 112.23 -78.22 1.73
N VAL H 621 113.03 -78.15 2.78
CA VAL H 621 114.41 -78.60 2.74
C VAL H 621 114.57 -79.96 3.42
N ILE H 622 113.89 -80.17 4.54
CA ILE H 622 113.79 -81.48 5.17
C ILE H 622 112.39 -82.01 4.91
N GLN H 623 112.30 -83.20 4.33
CA GLN H 623 111.02 -83.72 3.87
C GLN H 623 110.09 -83.98 5.05
N GLY H 624 108.81 -83.64 4.87
CA GLY H 624 107.80 -83.94 5.86
C GLY H 624 107.93 -83.19 7.17
N VAL H 625 108.73 -82.13 7.21
CA VAL H 625 108.94 -81.36 8.44
C VAL H 625 108.94 -79.88 8.10
N ASP H 626 108.22 -79.09 8.90
CA ASP H 626 108.30 -77.64 8.83
C ASP H 626 108.72 -77.10 10.19
N VAL H 627 109.68 -76.18 10.18
CA VAL H 627 110.28 -75.64 11.39
C VAL H 627 109.90 -74.16 11.50
N LYS H 628 109.46 -73.75 12.68
CA LYS H 628 109.07 -72.38 12.96
C LYS H 628 109.90 -71.89 14.14
N ILE H 629 110.59 -70.76 13.96
CA ILE H 629 111.50 -70.21 14.94
C ILE H 629 110.96 -68.89 15.44
N ASP H 630 111.19 -68.59 16.72
CA ASP H 630 110.68 -67.38 17.33
C ASP H 630 111.30 -66.14 16.69
N SER H 631 110.53 -65.05 16.70
CA SER H 631 111.00 -63.77 16.21
C SER H 631 111.81 -63.00 17.25
N ASP H 632 112.23 -63.66 18.33
CA ASP H 632 113.03 -63.04 19.38
C ASP H 632 114.40 -63.70 19.49
N VAL H 633 115.03 -63.98 18.36
CA VAL H 633 116.32 -64.66 18.32
C VAL H 633 117.36 -63.69 17.75
N GLY H 634 118.43 -63.47 18.51
CA GLY H 634 119.55 -62.69 18.03
C GLY H 634 119.23 -61.26 17.65
N VAL H 635 118.51 -60.55 18.50
CA VAL H 635 118.11 -59.17 18.24
C VAL H 635 118.59 -58.29 19.39
N SER H 636 119.16 -57.14 19.06
CA SER H 636 119.63 -56.17 20.05
C SER H 636 118.79 -54.90 19.95
N ILE H 637 118.36 -54.41 21.11
CA ILE H 637 117.43 -53.28 21.20
C ILE H 637 118.11 -52.16 21.95
N SER H 638 117.90 -50.92 21.48
CA SER H 638 118.48 -49.76 22.15
C SER H 638 117.57 -48.55 21.94
N TRP H 639 117.77 -47.54 22.78
CA TRP H 639 117.00 -46.30 22.76
C TRP H 639 117.89 -45.11 22.42
N ASN H 640 117.35 -44.17 21.65
CA ASN H 640 118.00 -42.90 21.39
C ASN H 640 117.11 -41.78 21.90
N SER H 641 117.65 -40.93 22.77
CA SER H 641 116.90 -39.82 23.35
C SER H 641 116.96 -38.55 22.52
N THR H 642 118.08 -38.29 21.84
CA THR H 642 118.16 -37.09 21.01
C THR H 642 117.25 -37.21 19.80
N LYS H 643 117.14 -38.40 19.23
CA LYS H 643 116.20 -38.67 18.15
C LYS H 643 114.88 -39.22 18.65
N LYS H 644 114.82 -39.66 19.91
CA LYS H 644 113.60 -40.22 20.52
C LYS H 644 113.06 -41.39 19.69
N THR H 645 113.89 -42.42 19.54
CA THR H 645 113.54 -43.54 18.67
C THR H 645 114.09 -44.84 19.24
N MET H 646 113.58 -45.95 18.70
CA MET H 646 114.13 -47.27 18.96
C MET H 646 115.16 -47.61 17.90
N GLU H 647 116.06 -48.54 18.25
CA GLU H 647 117.07 -49.02 17.32
C GLU H 647 117.23 -50.52 17.51
N PHE H 648 116.96 -51.27 16.43
CA PHE H 648 117.13 -52.72 16.42
C PHE H 648 118.33 -53.07 15.57
N SER H 649 119.08 -54.08 15.99
CA SER H 649 120.28 -54.45 15.26
C SER H 649 120.63 -55.91 15.49
N ALA H 650 121.56 -56.40 14.70
CA ALA H 650 122.03 -57.77 14.81
C ALA H 650 122.94 -57.93 16.01
N THR H 651 123.08 -59.17 16.47
CA THR H 651 123.90 -59.45 17.65
C THR H 651 125.38 -59.35 17.33
N GLY H 652 125.81 -59.87 16.18
CA GLY H 652 127.21 -60.00 15.86
C GLY H 652 127.79 -61.37 16.14
N GLU H 653 127.05 -62.23 16.84
CA GLU H 653 127.45 -63.60 17.08
C GLU H 653 126.33 -64.53 16.61
N SER H 654 126.71 -65.67 16.05
CA SER H 654 125.74 -66.61 15.53
C SER H 654 125.11 -67.41 16.66
N GLU H 655 124.00 -68.07 16.34
CA GLU H 655 123.27 -68.91 17.28
C GLU H 655 123.05 -70.30 16.67
N ASP H 656 123.25 -71.34 17.48
CA ASP H 656 123.14 -72.72 17.02
C ASP H 656 122.03 -73.43 17.79
N ILE H 657 121.17 -74.14 17.06
CA ILE H 657 120.07 -74.90 17.62
C ILE H 657 120.16 -76.33 17.10
N LYS H 658 119.83 -77.27 17.98
CA LYS H 658 119.95 -78.69 17.69
C LYS H 658 118.60 -79.37 17.78
N LEU H 659 118.33 -80.27 16.84
CA LEU H 659 117.02 -80.90 16.69
C LEU H 659 117.16 -82.42 16.59
N HIS H 660 116.23 -83.13 17.23
CA HIS H 660 116.22 -84.59 17.24
C HIS H 660 114.91 -85.09 16.63
N LEU H 661 115.01 -86.08 15.74
CA LEU H 661 113.86 -86.53 14.98
C LEU H 661 113.99 -88.01 14.66
N VAL H 662 112.85 -88.70 14.53
CA VAL H 662 112.82 -90.12 14.18
C VAL H 662 111.47 -90.43 13.55
N ASP H 663 111.40 -91.54 12.80
CA ASP H 663 110.19 -91.95 12.12
C ASP H 663 109.46 -93.05 12.89
N ASN H 664 108.13 -93.07 12.77
CA ASN H 664 107.29 -94.03 13.49
C ASN H 664 106.13 -94.56 12.64
N ALA H 665 106.31 -94.70 11.32
CA ALA H 665 105.22 -95.11 10.44
C ALA H 665 104.69 -96.50 10.77
N MET H 666 103.56 -96.88 10.17
CA MET H 666 102.92 -98.16 10.45
C MET H 666 103.16 -99.15 9.32
N GLU H 667 103.49 -100.38 9.68
CA GLU H 667 103.67 -101.48 8.75
C GLU H 667 102.38 -102.29 8.65
N MET H 668 102.25 -103.06 7.58
CA MET H 668 101.08 -103.92 7.40
C MET H 668 101.50 -105.20 6.68
N GLN H 669 101.47 -106.32 7.40
CA GLN H 669 101.67 -107.62 6.76
C GLN H 669 100.43 -108.00 5.98
N ILE H 670 100.61 -108.43 4.72
CA ILE H 670 99.47 -108.68 3.84
C ILE H 670 99.59 -110.03 3.15
N GLY H 671 100.67 -110.75 3.42
CA GLY H 671 100.89 -112.02 2.75
C GLY H 671 101.37 -113.13 3.66
N ALA H 672 101.78 -114.25 3.05
CA ALA H 672 102.27 -115.40 3.79
C ALA H 672 103.77 -115.61 3.59
N ASN H 673 104.50 -114.54 3.26
CA ASN H 673 105.93 -114.64 3.05
C ASN H 673 106.59 -113.39 3.60
N GLU H 674 107.86 -113.52 3.96
CA GLU H 674 108.61 -112.41 4.54
C GLU H 674 108.99 -111.42 3.44
N GLY H 675 108.47 -110.20 3.55
CA GLY H 675 108.88 -109.15 2.63
C GLY H 675 107.78 -108.26 2.09
N GLN H 676 106.57 -108.79 1.90
CA GLN H 676 105.47 -108.03 1.33
C GLN H 676 104.72 -107.31 2.43
N THR H 677 104.74 -105.98 2.38
CA THR H 677 104.07 -105.14 3.38
C THR H 677 103.48 -103.92 2.70
N ILE H 678 102.54 -103.29 3.41
CA ILE H 678 101.94 -102.02 3.00
C ILE H 678 102.26 -100.99 4.08
N LEU H 679 102.71 -99.82 3.67
CA LEU H 679 102.98 -98.75 4.63
C LEU H 679 101.73 -97.91 4.85
N ALA H 680 101.62 -97.34 6.05
CA ALA H 680 100.47 -96.52 6.39
C ALA H 680 100.90 -95.43 7.37
N ASN H 681 100.28 -94.25 7.22
CA ASN H 681 100.58 -93.11 8.08
C ASN H 681 99.38 -92.15 8.09
N ILE H 682 99.33 -91.32 9.13
CA ILE H 682 98.30 -90.31 9.26
C ILE H 682 98.96 -88.97 9.59
N PRO H 683 98.72 -87.91 8.82
CA PRO H 683 99.35 -86.62 9.11
C PRO H 683 98.83 -86.02 10.41
N GLN H 684 99.64 -85.14 10.98
CA GLN H 684 99.29 -84.49 12.24
C GLN H 684 98.30 -83.36 12.00
N VAL H 685 97.25 -83.32 12.83
CA VAL H 685 96.17 -82.35 12.66
C VAL H 685 95.85 -81.71 13.99
N ASP H 686 95.91 -80.38 14.04
CA ASP H 686 95.41 -79.59 15.17
C ASP H 686 95.26 -78.15 14.69
N THR H 687 95.10 -77.23 15.64
CA THR H 687 94.94 -75.82 15.30
C THR H 687 96.18 -75.26 14.60
N THR H 688 97.37 -75.58 15.11
CA THR H 688 98.58 -75.02 14.52
C THR H 688 98.88 -75.64 13.16
N SER H 689 98.52 -76.91 12.98
CA SER H 689 98.64 -77.53 11.66
C SER H 689 97.71 -76.85 10.65
N LEU H 690 96.49 -76.52 11.08
CA LEU H 690 95.56 -75.80 10.24
C LEU H 690 95.87 -74.31 10.18
N GLY H 691 96.72 -73.81 11.07
CA GLY H 691 97.14 -72.41 11.01
C GLY H 691 96.07 -71.39 11.31
N ILE H 692 95.25 -71.64 12.32
CA ILE H 692 94.23 -70.66 12.74
C ILE H 692 94.43 -70.31 14.20
N ASP H 693 95.69 -70.36 14.66
CA ASP H 693 95.99 -70.04 16.05
C ASP H 693 95.70 -68.58 16.38
N ASP H 694 96.03 -67.68 15.46
CA ASP H 694 96.05 -66.25 15.73
C ASP H 694 94.88 -65.55 15.03
N ILE H 695 93.72 -66.18 15.03
CA ILE H 695 92.52 -65.56 14.47
C ILE H 695 91.78 -64.82 15.57
N LEU H 696 91.65 -63.50 15.41
CA LEU H 696 90.97 -62.67 16.38
C LEU H 696 89.82 -61.93 15.71
N MET H 697 88.74 -61.74 16.47
CA MET H 697 87.56 -61.03 15.96
C MET H 697 87.20 -59.97 16.99
N VAL H 698 87.89 -58.84 16.93
CA VAL H 698 87.70 -57.75 17.88
C VAL H 698 87.38 -56.47 17.12
N ASP H 699 88.10 -56.22 16.04
CA ASP H 699 87.90 -55.03 15.20
C ASP H 699 87.46 -55.47 13.81
N GLN H 700 87.06 -54.49 13.01
CA GLN H 700 86.46 -54.77 11.70
C GLN H 700 87.52 -54.77 10.59
N GLU H 701 88.60 -55.53 10.80
CA GLU H 701 89.61 -55.71 9.75
C GLU H 701 90.12 -57.14 9.62
N LEU H 702 89.88 -58.04 10.58
CA LEU H 702 90.44 -59.38 10.55
C LEU H 702 89.49 -60.43 9.98
N ALA H 703 88.23 -60.06 9.72
CA ALA H 703 87.27 -61.03 9.21
C ALA H 703 87.67 -61.58 7.84
N GLN H 704 88.20 -60.72 6.97
CA GLN H 704 88.62 -61.15 5.64
C GLN H 704 89.72 -62.20 5.71
N GLU H 705 90.74 -61.94 6.52
CA GLU H 705 91.81 -62.92 6.71
C GLU H 705 91.26 -64.20 7.34
N SER H 706 90.31 -64.05 8.26
CA SER H 706 89.69 -65.24 8.85
C SER H 706 89.03 -66.11 7.79
N ILE H 707 88.28 -65.48 6.88
CA ILE H 707 87.63 -66.25 5.81
C ILE H 707 88.65 -66.97 4.95
N THR H 708 89.72 -66.25 4.55
CA THR H 708 90.76 -66.88 3.74
C THR H 708 91.36 -68.10 4.45
N LYS H 709 91.79 -67.92 5.71
CA LYS H 709 92.42 -69.00 6.44
C LYS H 709 91.49 -70.19 6.59
N LEU H 710 90.21 -69.92 6.86
CA LEU H 710 89.25 -71.02 7.00
C LEU H 710 89.06 -71.77 5.70
N ASP H 711 89.10 -71.05 4.56
CA ASP H 711 89.00 -71.73 3.27
C ASP H 711 90.16 -72.71 3.06
N LYS H 712 91.39 -72.25 3.29
CA LYS H 712 92.52 -73.18 3.15
C LYS H 712 92.46 -74.32 4.16
N ALA H 713 91.94 -74.06 5.37
CA ALA H 713 91.81 -75.14 6.34
C ALA H 713 90.83 -76.21 5.85
N LEU H 714 89.70 -75.78 5.28
CA LEU H 714 88.75 -76.73 4.71
C LEU H 714 89.40 -77.55 3.60
N GLU H 715 90.20 -76.91 2.75
CA GLU H 715 90.89 -77.64 1.70
C GLU H 715 91.82 -78.72 2.29
N THR H 716 92.56 -78.36 3.34
CA THR H 716 93.46 -79.33 3.96
C THR H 716 92.71 -80.54 4.49
N VAL H 717 91.60 -80.30 5.20
CA VAL H 717 90.83 -81.41 5.76
C VAL H 717 90.30 -82.31 4.64
N SER H 718 89.81 -81.69 3.56
CA SER H 718 89.31 -82.48 2.44
C SER H 718 90.40 -83.36 1.84
N GLY H 719 91.62 -82.82 1.70
CA GLY H 719 92.71 -83.62 1.17
C GLY H 719 93.04 -84.82 2.04
N VAL H 720 93.09 -84.62 3.36
CA VAL H 720 93.39 -85.74 4.24
C VAL H 720 92.31 -86.82 4.14
N ARG H 721 91.04 -86.39 4.10
CA ARG H 721 89.96 -87.37 3.96
C ARG H 721 90.06 -88.14 2.66
N ALA H 722 90.41 -87.46 1.57
CA ALA H 722 90.56 -88.14 0.29
C ALA H 722 91.65 -89.19 0.34
N THR H 723 92.78 -88.87 0.98
CA THR H 723 93.87 -89.87 1.09
C THR H 723 93.40 -91.09 1.86
N ILE H 724 92.71 -90.88 2.99
CA ILE H 724 92.25 -92.02 3.79
C ILE H 724 91.29 -92.88 2.97
N GLY H 725 90.38 -92.25 2.24
CA GLY H 725 89.44 -93.00 1.41
C GLY H 725 90.14 -93.83 0.35
N ALA H 726 91.17 -93.26 -0.29
CA ALA H 726 91.91 -94.01 -1.29
C ALA H 726 92.54 -95.26 -0.68
N GLN H 727 93.17 -95.12 0.49
CA GLN H 727 93.80 -96.27 1.12
C GLN H 727 92.77 -97.34 1.48
N ILE H 728 91.63 -96.95 2.02
CA ILE H 728 90.63 -97.96 2.40
C ILE H 728 90.08 -98.66 1.17
N ASN H 729 89.93 -97.93 0.06
CA ASN H 729 89.49 -98.56 -1.18
C ASN H 729 90.49 -99.61 -1.66
N ARG H 730 91.79 -99.29 -1.62
CA ARG H 730 92.77 -100.27 -2.10
C ARG H 730 92.79 -101.50 -1.20
N LEU H 731 92.64 -101.31 0.12
CA LEU H 731 92.61 -102.47 1.01
C LEU H 731 91.38 -103.34 0.75
N GLU H 732 90.23 -102.71 0.54
CA GLU H 732 89.03 -103.49 0.24
C GLU H 732 89.20 -104.28 -1.05
N TYR H 733 89.82 -103.67 -2.06
CA TYR H 733 90.05 -104.40 -3.30
C TYR H 733 91.02 -105.56 -3.11
N THR H 734 92.07 -105.38 -2.31
CA THR H 734 93.01 -106.49 -2.13
C THR H 734 92.49 -107.56 -1.17
N MET H 735 91.36 -107.32 -0.51
CA MET H 735 90.80 -108.33 0.38
C MET H 735 90.49 -109.65 -0.32
N THR H 736 89.84 -109.59 -1.49
CA THR H 736 89.20 -110.78 -2.07
C THR H 736 90.17 -111.72 -2.79
N GLY H 737 91.28 -111.19 -3.30
CA GLY H 737 92.24 -112.05 -3.97
C GLY H 737 92.80 -113.12 -3.06
N LEU H 738 92.94 -112.81 -1.77
CA LEU H 738 93.40 -113.80 -0.81
C LEU H 738 92.44 -114.96 -0.73
N ASP H 739 91.13 -114.66 -0.68
CA ASP H 739 90.13 -115.74 -0.63
C ASP H 739 90.17 -116.57 -1.91
N THR H 740 90.28 -115.93 -3.07
CA THR H 740 90.33 -116.68 -4.32
C THR H 740 91.53 -117.61 -4.36
N THR H 741 92.71 -117.10 -3.98
CA THR H 741 93.91 -117.91 -3.95
C THR H 741 93.79 -119.03 -2.94
N ARG H 742 93.19 -118.75 -1.78
CA ARG H 742 92.95 -119.79 -0.79
C ARG H 742 92.12 -120.92 -1.37
N GLU H 743 91.01 -120.58 -2.03
CA GLU H 743 90.14 -121.61 -2.58
C GLU H 743 90.87 -122.46 -3.61
N ASN H 744 91.56 -121.80 -4.54
CA ASN H 744 92.27 -122.56 -5.57
C ASN H 744 93.36 -123.45 -4.97
N LEU H 745 94.13 -122.93 -4.01
CA LEU H 745 95.24 -123.68 -3.45
C LEU H 745 94.75 -124.83 -2.57
N THR H 746 93.67 -124.63 -1.82
CA THR H 746 93.15 -125.72 -1.00
C THR H 746 92.44 -126.77 -1.85
N ALA H 747 91.92 -126.38 -3.02
CA ALA H 747 91.44 -127.38 -3.97
C ALA H 747 92.61 -128.18 -4.53
N ALA H 748 93.70 -127.51 -4.87
CA ALA H 748 94.86 -128.21 -5.41
C ALA H 748 95.47 -129.14 -4.37
N GLU H 749 95.55 -128.70 -3.11
CA GLU H 749 96.18 -129.51 -2.07
C GLU H 749 95.39 -130.78 -1.81
N SER H 750 94.06 -130.68 -1.78
CA SER H 750 93.24 -131.84 -1.47
C SER H 750 93.02 -132.71 -2.70
N ARG H 751 94.11 -133.05 -3.38
CA ARG H 751 94.13 -134.11 -4.37
C ARG H 751 95.13 -135.18 -4.00
N ILE H 752 95.79 -135.04 -2.85
CA ILE H 752 96.76 -135.99 -2.32
C ILE H 752 96.31 -136.51 -0.95
N ARG H 753 95.05 -136.26 -0.59
CA ARG H 753 94.56 -136.62 0.74
C ARG H 753 94.20 -138.11 0.82
N ASP H 754 93.24 -138.56 0.01
CA ASP H 754 92.82 -139.94 0.03
C ASP H 754 92.16 -140.29 -1.31
N LEU H 755 92.13 -141.58 -1.61
CA LEU H 755 91.55 -142.06 -2.86
C LEU H 755 90.03 -142.00 -2.79
N ASP H 756 89.39 -142.38 -3.89
CA ASP H 756 87.99 -142.75 -3.84
C ASP H 756 87.85 -144.04 -3.04
N ILE H 757 86.76 -144.15 -2.28
CA ILE H 757 86.62 -145.29 -1.38
C ILE H 757 86.20 -146.54 -2.15
N ALA H 758 85.64 -146.38 -3.36
CA ALA H 758 85.08 -147.51 -4.09
C ALA H 758 86.14 -148.55 -4.43
N ASP H 759 87.25 -148.11 -5.05
CA ASP H 759 88.29 -149.07 -5.41
C ASP H 759 88.95 -149.67 -4.17
N GLU H 760 89.06 -148.87 -3.11
CA GLU H 760 89.63 -149.39 -1.86
C GLU H 760 88.78 -150.53 -1.31
N MET H 761 87.46 -150.35 -1.27
CA MET H 761 86.59 -151.44 -0.82
C MET H 761 86.61 -152.61 -1.79
N ALA H 762 86.76 -152.35 -3.09
CA ALA H 762 86.89 -153.45 -4.04
C ALA H 762 88.10 -154.31 -3.71
N LYS H 763 89.25 -153.67 -3.49
CA LYS H 763 90.47 -154.38 -3.11
C LYS H 763 90.29 -155.09 -1.77
N PHE H 764 89.60 -154.45 -0.83
CA PHE H 764 89.38 -155.04 0.49
C PHE H 764 88.53 -156.31 0.39
N THR H 765 87.43 -156.24 -0.35
CA THR H 765 86.58 -157.42 -0.52
C THR H 765 87.32 -158.53 -1.25
N LYS H 766 88.10 -158.19 -2.27
CA LYS H 766 88.89 -159.23 -2.95
C LYS H 766 89.90 -159.85 -1.99
N ASN H 767 90.49 -159.05 -1.10
CA ASN H 767 91.44 -159.57 -0.13
C ASN H 767 90.78 -160.59 0.79
N GLN H 768 89.62 -160.24 1.37
CA GLN H 768 88.94 -161.20 2.23
C GLN H 768 88.52 -162.44 1.46
N ILE H 769 88.00 -162.27 0.24
CA ILE H 769 87.55 -163.42 -0.54
C ILE H 769 88.71 -164.37 -0.82
N LEU H 770 89.89 -163.81 -1.08
CA LEU H 770 91.06 -164.66 -1.30
C LEU H 770 91.55 -165.30 0.00
N ALA H 771 91.39 -164.61 1.14
CA ALA H 771 91.93 -165.13 2.39
C ALA H 771 91.26 -166.42 2.82
N GLN H 772 89.92 -166.50 2.69
CA GLN H 772 89.23 -167.74 3.04
C GLN H 772 89.62 -168.88 2.12
N SER H 773 89.80 -168.61 0.82
CA SER H 773 90.31 -169.65 -0.07
C SER H 773 91.68 -170.12 0.38
N ASN H 774 92.55 -169.18 0.75
CA ASN H 774 93.90 -169.55 1.20
C ASN H 774 93.84 -170.45 2.43
N ILE H 775 93.02 -170.09 3.42
CA ILE H 775 92.96 -170.89 4.63
C ILE H 775 92.36 -172.27 4.33
N SER H 776 91.41 -172.33 3.40
CA SER H 776 90.83 -173.62 3.03
C SER H 776 91.87 -174.54 2.41
N MET H 777 92.64 -174.03 1.43
CA MET H 777 93.67 -174.87 0.82
C MET H 777 94.76 -175.23 1.82
N LEU H 778 95.10 -174.30 2.72
CA LEU H 778 96.11 -174.62 3.73
C LEU H 778 95.65 -175.76 4.62
N ALA H 779 94.39 -175.71 5.09
CA ALA H 779 93.88 -176.76 5.95
C ALA H 779 93.83 -178.10 5.22
N GLN H 780 93.36 -178.09 3.96
CA GLN H 780 93.27 -179.34 3.21
C GLN H 780 94.66 -179.92 2.95
N ALA H 781 95.63 -179.07 2.62
CA ALA H 781 96.99 -179.54 2.37
C ALA H 781 97.62 -180.11 3.64
N ASN H 782 97.36 -179.50 4.79
CA ASN H 782 97.86 -180.06 6.03
C ASN H 782 97.18 -181.38 6.36
N SER H 783 95.90 -181.51 6.01
CA SER H 783 95.17 -182.75 6.30
C SER H 783 95.64 -183.89 5.40
N LEU H 784 96.04 -183.58 4.17
CA LEU H 784 96.27 -184.63 3.17
C LEU H 784 97.37 -185.63 3.54
N PRO H 785 98.62 -185.22 3.87
CA PRO H 785 99.75 -186.15 3.73
C PRO H 785 99.69 -187.42 4.57
N GLN H 786 99.62 -187.29 5.90
CA GLN H 786 99.84 -188.45 6.76
C GLN H 786 98.65 -189.40 6.80
N MET H 787 97.43 -188.87 6.68
CA MET H 787 96.26 -189.74 6.70
C MET H 787 96.24 -190.65 5.47
N ALA H 788 96.62 -190.12 4.31
CA ALA H 788 96.70 -190.93 3.11
C ALA H 788 97.88 -191.89 3.11
N LEU H 789 98.83 -191.73 4.03
CA LEU H 789 100.00 -192.58 4.10
C LEU H 789 99.90 -193.65 5.18
N SER H 790 99.10 -193.42 6.22
CA SER H 790 99.09 -194.31 7.37
C SER H 790 98.66 -195.73 7.02
N LEU H 791 98.02 -195.93 5.87
CA LEU H 791 97.57 -197.25 5.45
C LEU H 791 98.66 -198.04 4.71
N LEU H 792 99.92 -197.60 4.80
CA LEU H 792 100.98 -198.31 4.10
C LEU H 792 101.20 -199.70 4.67
N GLY H 793 100.96 -199.88 5.96
CA GLY H 793 101.16 -201.16 6.61
C GLY H 793 101.34 -201.03 8.12
N ALA I 2 12.38 -44.67 -26.64
CA ALA I 2 13.82 -44.86 -26.61
C ALA I 2 14.50 -43.66 -25.97
N MET I 3 15.04 -43.86 -24.76
CA MET I 3 15.73 -42.81 -24.04
C MET I 3 17.14 -42.65 -24.59
N TYR I 4 17.64 -41.43 -24.58
CA TYR I 4 18.99 -41.13 -25.04
C TYR I 4 19.72 -40.30 -24.00
N ILE I 5 20.99 -40.02 -24.27
CA ILE I 5 21.78 -39.04 -23.55
C ILE I 5 22.45 -38.16 -24.60
N ASN I 6 22.72 -36.91 -24.25
CA ASN I 6 23.37 -35.94 -25.14
C ASN I 6 22.40 -35.51 -26.25
N THR I 7 21.12 -35.50 -25.93
CA THR I 7 20.05 -35.35 -26.92
C THR I 7 18.97 -34.39 -26.42
N ASN I 8 19.35 -33.36 -25.67
CA ASN I 8 18.39 -32.43 -25.09
C ASN I 8 17.92 -31.43 -26.15
N VAL I 9 16.97 -31.88 -26.97
CA VAL I 9 16.37 -31.00 -27.99
C VAL I 9 15.28 -30.09 -27.44
N PRO I 10 14.43 -30.50 -26.48
CA PRO I 10 13.42 -29.56 -25.98
C PRO I 10 14.05 -28.33 -25.36
N SER I 11 15.22 -28.47 -24.74
CA SER I 11 15.94 -27.31 -24.25
C SER I 11 16.25 -26.35 -25.39
N LEU I 12 16.71 -26.88 -26.53
CA LEU I 12 17.02 -26.02 -27.67
C LEU I 12 15.78 -25.29 -28.17
N THR I 13 14.65 -26.00 -28.29
CA THR I 13 13.44 -25.37 -28.80
C THR I 13 12.93 -24.29 -27.84
N ALA I 14 12.95 -24.60 -26.54
CA ALA I 14 12.53 -23.62 -25.55
C ALA I 14 13.44 -22.39 -25.56
N GLN I 15 14.75 -22.61 -25.75
CA GLN I 15 15.68 -21.49 -25.85
C GLN I 15 15.35 -20.62 -27.04
N ARG I 16 15.05 -21.23 -28.18
CA ARG I 16 14.68 -20.44 -29.36
C ARG I 16 13.44 -19.59 -29.08
N TYR I 17 12.38 -20.22 -28.57
CA TYR I 17 11.13 -19.48 -28.35
C TYR I 17 11.30 -18.38 -27.32
N LEU I 18 12.08 -18.65 -26.27
CA LEU I 18 12.44 -17.61 -25.31
C LEU I 18 13.17 -16.47 -26.01
N GLY I 19 13.99 -16.80 -27.01
CA GLY I 19 14.66 -15.75 -27.77
C GLY I 19 13.68 -14.83 -28.48
N GLU I 20 12.71 -15.40 -29.19
CA GLU I 20 11.73 -14.53 -29.86
C GLU I 20 10.95 -13.70 -28.84
N THR I 21 10.54 -14.33 -27.73
CA THR I 21 9.77 -13.61 -26.73
C THR I 21 10.55 -12.42 -26.18
N ASN I 22 11.81 -12.63 -25.82
CA ASN I 22 12.62 -11.56 -25.26
C ASN I 22 12.88 -10.46 -26.27
N ASN I 23 13.13 -10.82 -27.53
CA ASN I 23 13.35 -9.79 -28.55
C ASN I 23 12.11 -8.93 -28.72
N ALA I 24 10.93 -9.56 -28.76
CA ALA I 24 9.69 -8.79 -28.88
C ALA I 24 9.49 -7.88 -27.68
N VAL I 25 9.79 -8.38 -26.48
CA VAL I 25 9.65 -7.57 -25.27
C VAL I 25 10.55 -6.33 -25.35
N SER I 26 11.80 -6.53 -25.78
CA SER I 26 12.73 -5.42 -25.88
C SER I 26 12.25 -4.39 -26.90
N LYS I 27 11.73 -4.86 -28.03
CA LYS I 27 11.26 -3.93 -29.06
C LYS I 27 10.09 -3.11 -28.56
N SER I 28 9.12 -3.75 -27.89
CA SER I 28 7.98 -3.02 -27.35
C SER I 28 8.40 -2.02 -26.28
N LEU I 29 9.36 -2.42 -25.43
CA LEU I 29 9.89 -1.52 -24.42
C LEU I 29 10.49 -0.28 -25.07
N GLU I 30 11.31 -0.48 -26.11
CA GLU I 30 11.87 0.63 -26.86
C GLU I 30 10.78 1.54 -27.42
N ARG I 31 9.76 0.95 -28.05
CA ARG I 31 8.72 1.77 -28.67
C ARG I 31 7.98 2.61 -27.65
N LEU I 32 7.56 2.00 -26.54
CA LEU I 32 6.75 2.75 -25.59
C LEU I 32 7.59 3.80 -24.87
N SER I 33 8.84 3.47 -24.55
CA SER I 33 9.72 4.45 -23.91
C SER I 33 9.96 5.65 -24.82
N SER I 34 10.18 5.39 -26.12
CA SER I 34 10.34 6.49 -27.07
C SER I 34 9.08 7.32 -27.20
N GLY I 35 7.91 6.68 -27.23
CA GLY I 35 6.69 7.42 -27.44
C GLY I 35 6.45 7.83 -28.87
N LEU I 36 7.20 7.26 -29.81
CA LEU I 36 7.04 7.54 -31.22
C LEU I 36 6.72 6.24 -31.95
N ARG I 37 5.84 6.34 -32.94
CA ARG I 37 5.47 5.16 -33.72
C ARG I 37 6.65 4.63 -34.53
N ILE I 38 7.23 5.48 -35.37
CA ILE I 38 8.15 4.99 -36.39
C ILE I 38 9.48 4.58 -35.77
N ASN I 39 10.22 5.54 -35.22
CA ASN I 39 11.59 5.34 -34.73
C ASN I 39 12.48 4.80 -35.85
N SER I 40 13.79 4.68 -35.58
CA SER I 40 14.75 4.07 -36.49
C SER I 40 14.52 4.46 -37.96
N ALA I 41 14.72 3.50 -38.87
CA ALA I 41 14.35 3.70 -40.26
C ALA I 41 13.77 2.45 -40.92
N SER I 42 13.57 1.37 -40.18
CA SER I 42 13.20 0.09 -40.77
C SER I 42 11.74 -0.29 -40.57
N ASP I 43 11.06 0.26 -39.58
CA ASP I 43 9.71 -0.17 -39.27
C ASP I 43 8.74 0.13 -40.41
N ASP I 44 8.83 1.33 -40.98
CA ASP I 44 8.04 1.70 -42.15
C ASP I 44 8.94 2.43 -43.13
N ALA I 45 8.84 2.07 -44.41
CA ALA I 45 9.68 2.63 -45.44
C ALA I 45 9.09 3.89 -46.08
N SER I 46 7.80 4.16 -45.88
CA SER I 46 7.14 5.27 -46.55
C SER I 46 6.80 6.45 -45.67
N GLY I 47 6.68 6.26 -44.35
CA GLY I 47 6.29 7.35 -43.49
C GLY I 47 7.36 8.41 -43.29
N LEU I 48 8.63 8.06 -43.48
CA LEU I 48 9.72 9.00 -43.22
C LEU I 48 9.62 10.23 -44.12
N ALA I 49 9.48 10.01 -45.42
CA ALA I 49 9.45 11.13 -46.36
C ALA I 49 8.23 12.02 -46.12
N ILE I 50 7.07 11.41 -45.90
CA ILE I 50 5.85 12.18 -45.67
C ILE I 50 6.00 13.02 -44.41
N SER I 51 6.48 12.41 -43.33
CA SER I 51 6.65 13.14 -42.08
C SER I 51 7.64 14.29 -42.24
N GLU I 52 8.75 14.03 -42.92
CA GLU I 52 9.77 15.08 -43.09
C GLU I 52 9.23 16.25 -43.90
N LYS I 53 8.53 15.96 -45.00
CA LYS I 53 7.96 17.03 -45.82
C LYS I 53 6.93 17.83 -45.03
N LEU I 54 6.06 17.15 -44.30
CA LEU I 54 5.03 17.85 -43.54
C LEU I 54 5.65 18.73 -42.46
N ARG I 55 6.68 18.23 -41.77
CA ARG I 55 7.33 19.01 -40.72
C ARG I 55 7.97 20.27 -41.31
N GLY I 56 8.66 20.12 -42.44
CA GLY I 56 9.25 21.27 -43.09
C GLY I 56 8.23 22.31 -43.50
N GLN I 57 7.11 21.86 -44.08
CA GLN I 57 6.08 22.80 -44.47
C GLN I 57 5.47 23.51 -43.26
N ILE I 58 5.29 22.80 -42.14
CA ILE I 58 4.74 23.43 -40.94
C ILE I 58 5.67 24.54 -40.46
N SER I 59 6.97 24.26 -40.40
CA SER I 59 7.91 25.28 -39.95
C SER I 59 7.91 26.50 -40.87
N GLY I 60 7.90 26.26 -42.18
CA GLY I 60 7.84 27.37 -43.12
C GLY I 60 6.59 28.20 -42.95
N LEU I 61 5.45 27.55 -42.72
CA LEU I 61 4.20 28.27 -42.52
C LEU I 61 4.26 29.17 -41.30
N LYS I 62 4.81 28.67 -40.19
CA LYS I 62 4.93 29.52 -39.01
C LYS I 62 5.82 30.73 -39.27
N ARG I 63 6.94 30.50 -39.98
CA ARG I 63 7.82 31.61 -40.31
C ARG I 63 7.09 32.68 -41.12
N ALA I 64 6.34 32.27 -42.14
CA ALA I 64 5.60 33.24 -42.96
C ALA I 64 4.56 33.96 -42.12
N SER I 65 3.93 33.25 -41.18
CA SER I 65 2.91 33.87 -40.33
C SER I 65 3.50 35.03 -39.54
N LEU I 66 4.71 34.84 -39.00
CA LEU I 66 5.36 35.96 -38.31
C LEU I 66 5.76 37.07 -39.28
N ASN I 67 6.23 36.68 -40.47
CA ASN I 67 6.68 37.64 -41.46
C ASN I 67 5.57 38.62 -41.85
N ALA I 68 4.32 38.16 -41.84
CA ALA I 68 3.21 39.04 -42.23
C ALA I 68 3.11 40.26 -41.31
N GLN I 69 3.10 40.04 -39.99
CA GLN I 69 3.04 41.16 -39.05
C GLN I 69 4.27 42.04 -39.16
N ASP I 70 5.44 41.40 -39.28
CA ASP I 70 6.67 42.18 -39.46
C ASP I 70 6.56 43.12 -40.65
N GLY I 71 5.87 42.68 -41.71
CA GLY I 71 5.62 43.57 -42.84
C GLY I 71 4.62 44.68 -42.53
N ILE I 72 3.53 44.35 -41.83
CA ILE I 72 2.41 45.28 -41.69
C ILE I 72 2.77 46.51 -40.85
N SER I 73 3.69 46.35 -39.88
CA SER I 73 4.00 47.47 -39.00
C SER I 73 4.48 48.70 -39.77
N LEU I 74 5.28 48.50 -40.82
CA LEU I 74 5.83 49.61 -41.59
C LEU I 74 4.73 50.43 -42.27
N LEU I 75 3.75 49.75 -42.87
CA LEU I 75 2.64 50.46 -43.49
C LEU I 75 1.87 51.28 -42.46
N GLN I 76 1.71 50.72 -41.25
CA GLN I 76 1.06 51.51 -40.19
C GLN I 76 1.81 52.81 -39.93
N THR I 77 3.14 52.73 -39.79
CA THR I 77 3.92 53.94 -39.51
C THR I 77 3.79 54.97 -40.63
N ALA I 78 3.89 54.52 -41.88
CA ALA I 78 3.77 55.43 -43.01
C ALA I 78 2.42 56.12 -43.03
N GLU I 79 1.35 55.37 -42.73
CA GLU I 79 0.02 55.95 -42.68
C GLU I 79 -0.06 57.06 -41.64
N GLY I 80 0.55 56.84 -40.47
CA GLY I 80 0.54 57.88 -39.45
C GLY I 80 1.21 59.17 -39.93
N GLY I 81 2.39 59.03 -40.53
CA GLY I 81 3.06 60.22 -41.05
C GLY I 81 2.23 60.97 -42.07
N LEU I 82 1.62 60.23 -43.01
CA LEU I 82 0.81 60.87 -44.03
C LEU I 82 -0.39 61.60 -43.41
N GLN I 83 -0.97 61.02 -42.36
CA GLN I 83 -2.07 61.69 -41.67
C GLN I 83 -1.64 63.04 -41.10
N ASN I 84 -0.46 63.09 -40.48
CA ASN I 84 0.02 64.37 -39.96
C ASN I 84 0.17 65.40 -41.07
N ILE I 85 0.75 64.99 -42.21
CA ILE I 85 0.95 65.92 -43.31
C ILE I 85 -0.39 66.47 -43.81
N GLN I 86 -1.38 65.57 -43.99
CA GLN I 86 -2.68 66.00 -44.45
C GLN I 86 -3.33 66.96 -43.45
N ASP I 87 -3.12 66.73 -42.16
CA ASP I 87 -3.70 67.64 -41.16
C ASP I 87 -3.12 69.04 -41.31
N MET I 88 -1.83 69.16 -41.60
CA MET I 88 -1.25 70.49 -41.70
C MET I 88 -1.66 71.22 -42.99
N LEU I 89 -1.89 70.46 -44.06
CA LEU I 89 -2.29 71.10 -45.32
C LEU I 89 -3.57 71.92 -45.16
N GLN I 90 -4.45 71.54 -44.23
CA GLN I 90 -5.70 72.26 -44.06
C GLN I 90 -5.49 73.65 -43.45
N ARG I 91 -4.60 73.76 -42.47
CA ARG I 91 -4.25 75.07 -41.94
C ARG I 91 -3.65 75.92 -43.04
N MET I 92 -2.79 75.33 -43.87
CA MET I 92 -2.27 76.08 -45.01
C MET I 92 -3.40 76.59 -45.90
N ARG I 93 -4.40 75.74 -46.17
CA ARG I 93 -5.50 76.15 -47.04
C ARG I 93 -6.31 77.30 -46.44
N GLU I 94 -6.59 77.24 -45.13
CA GLU I 94 -7.41 78.27 -44.52
C GLU I 94 -6.67 79.61 -44.47
N LEU I 95 -5.37 79.58 -44.20
CA LEU I 95 -4.64 80.85 -44.26
C LEU I 95 -4.52 81.36 -45.68
N ALA I 96 -4.51 80.47 -46.68
CA ALA I 96 -4.51 80.92 -48.06
C ALA I 96 -5.83 81.61 -48.41
N VAL I 97 -6.95 81.06 -47.93
CA VAL I 97 -8.23 81.64 -48.31
C VAL I 97 -8.53 82.92 -47.54
N GLN I 98 -8.03 83.06 -46.30
CA GLN I 98 -8.30 84.29 -45.55
C GLN I 98 -7.69 85.51 -46.23
N ALA I 99 -6.44 85.39 -46.65
CA ALA I 99 -5.79 86.50 -47.35
C ALA I 99 -6.42 86.66 -48.73
N GLY I 100 -6.75 87.90 -49.08
CA GLY I 100 -7.44 88.17 -50.32
C GLY I 100 -8.50 89.24 -50.16
N ASN I 101 -9.07 89.34 -48.97
CA ASN I 101 -9.98 90.44 -48.67
C ASN I 101 -9.21 91.74 -48.75
N GLY I 102 -9.70 92.69 -49.54
CA GLY I 102 -8.95 93.92 -49.64
C GLY I 102 -9.40 94.98 -48.66
N VAL I 103 -8.78 94.98 -47.49
CA VAL I 103 -8.77 96.10 -46.56
C VAL I 103 -7.34 96.21 -46.03
N TYR I 104 -6.58 95.15 -46.24
CA TYR I 104 -5.22 95.03 -45.71
C TYR I 104 -4.24 95.77 -46.59
N THR I 105 -3.19 96.32 -45.98
CA THR I 105 -2.10 96.90 -46.72
C THR I 105 -1.18 95.80 -47.25
N THR I 106 -0.05 96.23 -47.83
CA THR I 106 0.90 95.29 -48.43
C THR I 106 1.93 94.77 -47.43
N ASN I 107 1.74 95.00 -46.13
CA ASN I 107 2.63 94.49 -45.10
C ASN I 107 2.03 93.35 -44.30
N ASP I 108 0.71 93.38 -44.09
CA ASP I 108 0.04 92.25 -43.45
C ASP I 108 0.21 90.97 -44.27
N ARG I 109 0.25 91.10 -45.59
CA ARG I 109 0.39 89.93 -46.44
C ARG I 109 1.80 89.33 -46.32
N ALA I 110 2.82 90.17 -46.14
CA ALA I 110 4.15 89.65 -45.84
C ALA I 110 4.20 89.01 -44.46
N GLU I 111 3.48 89.60 -43.50
CA GLU I 111 3.36 88.98 -42.18
C GLU I 111 2.78 87.58 -42.29
N ILE I 112 1.81 87.38 -43.18
CA ILE I 112 1.27 86.05 -43.43
C ILE I 112 2.29 85.18 -44.16
N GLN I 113 3.01 85.78 -45.11
CA GLN I 113 3.98 85.05 -45.94
C GLN I 113 5.06 84.40 -45.10
N LYS I 114 5.50 85.07 -44.03
CA LYS I 114 6.53 84.48 -43.18
C LYS I 114 6.07 83.16 -42.58
N GLU I 115 4.86 83.14 -42.01
CA GLU I 115 4.31 81.92 -41.46
C GLU I 115 4.08 80.86 -42.53
N VAL I 116 3.67 81.28 -43.73
CA VAL I 116 3.54 80.35 -44.85
C VAL I 116 4.87 79.66 -45.13
N ASP I 117 5.94 80.45 -45.22
CA ASP I 117 7.26 79.91 -45.50
C ASP I 117 7.67 78.90 -44.45
N GLN I 118 7.43 79.22 -43.18
CA GLN I 118 7.93 78.35 -42.12
C GLN I 118 7.11 77.06 -42.04
N LEU I 119 5.81 77.13 -42.35
CA LEU I 119 5.03 75.90 -42.45
C LEU I 119 5.51 75.03 -43.61
N LYS I 120 5.86 75.65 -44.73
CA LYS I 120 6.44 74.88 -45.84
C LYS I 120 7.72 74.18 -45.40
N GLU I 121 8.56 74.89 -44.64
CA GLU I 121 9.77 74.27 -44.10
C GLU I 121 9.44 73.07 -43.23
N GLU I 122 8.41 73.18 -42.40
CA GLU I 122 8.03 72.06 -41.54
C GLU I 122 7.55 70.86 -42.36
N ILE I 123 6.74 71.11 -43.39
CA ILE I 123 6.22 69.98 -44.16
C ILE I 123 7.35 69.29 -44.91
N ASN I 124 8.33 70.05 -45.41
CA ASN I 124 9.51 69.42 -46.01
C ASN I 124 10.30 68.62 -44.99
N ARG I 125 10.46 69.15 -43.78
CA ARG I 125 11.20 68.43 -42.74
C ARG I 125 10.52 67.10 -42.41
N ILE I 126 9.20 67.12 -42.23
CA ILE I 126 8.50 65.88 -41.88
C ILE I 126 8.48 64.92 -43.06
N ALA I 127 8.52 65.44 -44.29
CA ALA I 127 8.67 64.58 -45.45
C ALA I 127 10.02 63.88 -45.44
N SER I 128 11.07 64.60 -45.00
CA SER I 128 12.42 64.08 -45.04
C SER I 128 12.85 63.39 -43.74
N SER I 129 11.97 63.28 -42.76
CA SER I 129 12.35 62.77 -41.45
C SER I 129 11.88 61.36 -41.14
N THR I 130 11.06 60.75 -42.01
CA THR I 130 10.50 59.43 -41.70
C THR I 130 11.60 58.38 -41.66
N GLU I 131 11.42 57.36 -40.81
CA GLU I 131 12.48 56.41 -40.52
C GLU I 131 11.90 55.08 -40.07
N PHE I 132 12.54 53.98 -40.50
CA PHE I 132 12.23 52.65 -39.97
C PHE I 132 13.40 51.73 -40.27
N ASN I 133 14.14 51.34 -39.23
CA ASN I 133 15.24 50.39 -39.34
C ASN I 133 16.27 50.85 -40.38
N THR I 134 16.78 52.07 -40.18
CA THR I 134 17.80 52.66 -41.05
C THR I 134 17.36 52.70 -42.51
N LYS I 135 16.07 52.82 -42.75
CA LYS I 135 15.50 52.88 -44.10
C LYS I 135 14.49 54.02 -44.14
N LYS I 136 14.75 55.01 -44.98
CA LYS I 136 13.82 56.13 -45.13
C LYS I 136 12.74 55.78 -46.15
N LEU I 137 11.49 56.07 -45.81
CA LEU I 137 10.34 55.59 -46.56
C LEU I 137 9.83 56.60 -47.58
N LEU I 138 9.45 57.79 -47.13
CA LEU I 138 8.68 58.70 -47.97
C LEU I 138 9.54 59.39 -49.02
N ASN I 139 10.86 59.39 -48.85
CA ASN I 139 11.72 60.16 -49.75
C ASN I 139 12.10 59.38 -51.01
N GLY I 140 11.11 58.80 -51.70
CA GLY I 140 11.36 58.15 -52.97
C GLY I 140 12.43 57.09 -52.94
N ASP I 141 12.71 56.52 -51.76
CA ASP I 141 13.78 55.55 -51.60
C ASP I 141 13.27 54.12 -51.68
N SER I 142 11.99 53.94 -51.98
CA SER I 142 11.37 52.62 -51.95
C SER I 142 11.15 52.02 -53.34
N THR I 143 11.04 52.83 -54.38
CA THR I 143 10.69 52.33 -55.70
C THR I 143 11.82 52.45 -56.71
N ALA I 144 12.37 53.65 -56.91
CA ALA I 144 13.39 53.88 -57.92
C ALA I 144 14.55 54.66 -57.33
N LEU I 145 15.61 54.80 -58.13
CA LEU I 145 16.80 55.54 -57.69
C LEU I 145 17.48 56.09 -58.95
N TRP I 146 17.58 57.41 -59.03
CA TRP I 146 18.02 58.08 -60.26
C TRP I 146 19.26 58.92 -60.01
N SER I 147 19.88 59.34 -61.11
CA SER I 147 21.09 60.16 -61.08
C SER I 147 21.34 60.69 -62.50
N SER I 148 21.98 61.85 -62.57
CA SER I 148 22.40 62.42 -63.85
C SER I 148 23.62 63.30 -63.61
N ASP I 149 24.09 63.95 -64.67
CA ASP I 149 25.28 64.78 -64.60
C ASP I 149 25.00 66.27 -64.74
N SER I 150 24.09 66.66 -65.63
CA SER I 150 23.75 68.06 -65.77
C SER I 150 23.06 68.56 -64.52
N SER I 151 23.25 69.85 -64.22
CA SER I 151 22.79 70.45 -62.98
C SER I 151 21.44 71.14 -63.14
N ASP I 152 20.71 70.86 -64.21
CA ASP I 152 19.41 71.47 -64.46
C ASP I 152 18.41 70.43 -64.93
N LEU I 153 18.41 69.26 -64.30
CA LEU I 153 17.47 68.20 -64.64
C LEU I 153 16.86 67.69 -63.34
N ASP I 154 15.54 67.56 -63.31
CA ASP I 154 14.83 67.11 -62.12
C ASP I 154 13.99 65.89 -62.46
N VAL I 155 13.97 64.92 -61.54
CA VAL I 155 13.23 63.68 -61.72
C VAL I 155 12.32 63.49 -60.51
N VAL I 156 11.04 63.18 -60.77
CA VAL I 156 10.08 62.88 -59.72
C VAL I 156 9.47 61.52 -59.98
N ILE I 157 9.30 60.74 -58.92
CA ILE I 157 8.92 59.33 -58.99
C ILE I 157 7.49 59.18 -58.50
N LYS I 158 6.68 58.43 -59.24
CA LYS I 158 5.34 58.08 -58.80
C LYS I 158 5.15 56.57 -58.71
N SER I 159 5.53 55.83 -59.74
CA SER I 159 5.36 54.38 -59.80
C SER I 159 6.65 53.72 -60.27
N ALA I 160 6.55 52.44 -60.59
CA ALA I 160 7.71 51.67 -61.03
C ALA I 160 8.21 52.16 -62.37
N VAL I 161 9.54 52.23 -62.51
CA VAL I 161 10.18 52.55 -63.76
C VAL I 161 10.92 51.32 -64.24
N ALA I 162 11.48 51.36 -65.45
CA ALA I 162 11.94 50.12 -66.08
C ALA I 162 13.39 49.79 -65.75
N GLU I 163 14.33 50.54 -66.35
CA GLU I 163 15.77 50.35 -66.15
C GLU I 163 16.62 51.31 -66.97
N GLY I 164 17.94 51.21 -66.80
CA GLY I 164 18.88 51.57 -67.86
C GLY I 164 19.27 53.02 -67.94
N ASN I 165 19.96 53.31 -69.04
CA ASN I 165 20.46 54.64 -69.36
C ASN I 165 19.70 55.19 -70.57
N TYR I 166 19.47 56.49 -70.56
CA TYR I 166 18.73 57.15 -71.63
C TYR I 166 19.44 58.41 -72.08
N ASN I 167 19.22 58.76 -73.35
CA ASN I 167 19.79 59.95 -73.96
C ASN I 167 18.66 60.85 -74.46
N LEU I 168 18.81 62.15 -74.24
CA LEU I 168 17.77 63.12 -74.55
C LEU I 168 18.29 64.17 -75.51
N ASN I 169 17.40 64.61 -76.41
CA ASN I 169 17.71 65.63 -77.40
C ASN I 169 16.65 66.73 -77.32
N VAL I 170 17.11 67.98 -77.33
CA VAL I 170 16.26 69.14 -77.05
C VAL I 170 16.32 70.12 -78.22
N THR I 171 15.15 70.66 -78.58
CA THR I 171 15.03 71.74 -79.55
C THR I 171 14.10 72.80 -78.97
N VAL I 172 14.43 74.07 -79.18
CA VAL I 172 13.79 75.18 -78.46
C VAL I 172 13.18 76.16 -79.45
N ASP I 173 11.99 76.66 -79.11
CA ASP I 173 11.36 77.79 -79.78
C ASP I 173 11.05 78.81 -78.70
N PRO I 174 11.54 80.05 -78.81
CA PRO I 174 11.51 80.97 -77.68
C PRO I 174 10.13 81.55 -77.42
N GLY I 175 10.02 82.22 -76.27
CA GLY I 175 8.78 82.84 -75.86
C GLY I 175 8.86 84.35 -75.74
N LYS I 176 8.25 84.92 -74.71
CA LYS I 176 8.21 86.37 -74.53
C LYS I 176 8.38 86.68 -73.05
N ASN I 177 8.55 87.96 -72.74
CA ASN I 177 8.92 88.40 -71.40
C ASN I 177 7.94 89.45 -70.89
N PHE I 178 8.17 89.89 -69.66
CA PHE I 178 7.36 90.91 -69.00
C PHE I 178 8.11 92.24 -69.01
N VAL I 179 7.41 93.30 -69.40
CA VAL I 179 7.98 94.65 -69.46
C VAL I 179 7.08 95.58 -68.66
N TYR I 180 7.68 96.30 -67.70
CA TYR I 180 6.97 97.18 -66.80
C TYR I 180 7.37 98.64 -67.01
N LYS I 181 6.42 99.53 -66.80
CA LYS I 181 6.59 100.97 -66.95
C LYS I 181 6.12 101.69 -65.70
N SER I 182 6.92 102.66 -65.25
CA SER I 182 6.56 103.52 -64.14
C SER I 182 5.88 104.79 -64.67
N ASP I 183 5.59 105.70 -63.74
CA ASP I 183 4.85 106.92 -64.08
C ASP I 183 5.77 108.14 -64.10
N VAL I 184 5.21 109.25 -64.59
CA VAL I 184 5.99 110.45 -64.83
C VAL I 184 6.30 111.14 -63.50
N MET I 185 7.46 111.77 -63.43
CA MET I 185 7.89 112.53 -62.27
C MET I 185 8.23 113.96 -62.69
N THR I 186 7.80 114.93 -61.90
CA THR I 186 8.00 116.34 -62.21
C THR I 186 8.55 117.06 -61.00
N LEU I 187 9.20 118.19 -61.26
CA LEU I 187 9.84 118.99 -60.23
C LEU I 187 8.81 119.81 -59.46
N ASN I 188 9.19 120.20 -58.24
CA ASN I 188 8.33 121.03 -57.41
C ASN I 188 8.32 122.46 -57.95
N GLU I 189 7.60 123.33 -57.24
CA GLU I 189 7.38 124.70 -57.70
C GLU I 189 8.66 125.52 -57.72
N ASP I 190 9.66 125.18 -56.92
CA ASP I 190 10.86 126.00 -56.78
C ASP I 190 12.13 125.34 -57.29
N ALA I 191 12.04 124.14 -57.85
CA ALA I 191 13.25 123.42 -58.22
C ALA I 191 13.87 123.98 -59.50
N ILE I 192 15.14 123.66 -59.70
CA ILE I 192 15.90 124.03 -60.90
C ILE I 192 16.69 122.82 -61.35
N GLY I 193 16.63 122.51 -62.64
CA GLY I 193 17.34 121.36 -63.20
C GLY I 193 18.16 121.76 -64.42
N ALA I 194 19.21 121.00 -64.69
CA ALA I 194 20.06 121.23 -65.86
C ALA I 194 20.45 119.90 -66.48
N GLU I 195 20.73 119.93 -67.79
CA GLU I 195 21.16 118.73 -68.50
C GLU I 195 21.87 119.14 -69.78
N ILE I 196 22.46 118.15 -70.45
CA ILE I 196 23.09 118.33 -71.75
C ILE I 196 22.17 117.71 -72.80
N VAL I 197 21.76 118.50 -73.78
CA VAL I 197 20.79 118.07 -74.79
C VAL I 197 21.39 118.32 -76.17
N THR I 198 20.91 117.55 -77.15
CA THR I 198 21.37 117.68 -78.53
C THR I 198 20.33 118.42 -79.37
N ALA I 199 20.81 119.30 -80.26
CA ALA I 199 19.93 119.99 -81.19
C ALA I 199 20.73 120.22 -82.47
N GLY I 200 20.60 119.30 -83.42
CA GLY I 200 21.32 119.36 -84.67
C GLY I 200 22.49 118.41 -84.80
N GLY I 201 22.50 117.31 -84.07
CA GLY I 201 23.61 116.38 -84.13
C GLY I 201 24.86 116.83 -83.40
N ASP I 202 24.74 117.77 -82.46
CA ASP I 202 25.90 118.31 -81.77
C ASP I 202 26.43 117.29 -80.77
N VAL I 203 27.25 116.35 -81.26
CA VAL I 203 27.78 115.27 -80.42
C VAL I 203 28.76 115.85 -79.40
N ASN I 204 28.91 115.15 -78.27
CA ASN I 204 29.82 115.60 -77.23
C ASN I 204 31.27 115.29 -77.60
N GLU I 205 32.02 116.33 -77.96
CA GLU I 205 33.43 116.19 -78.29
C GLU I 205 34.34 116.59 -77.14
N THR I 206 33.79 116.79 -75.95
CA THR I 206 34.51 117.32 -74.81
C THR I 206 34.78 116.21 -73.80
N ASN I 207 35.29 116.62 -72.63
CA ASN I 207 35.66 115.70 -71.57
C ASN I 207 34.83 115.94 -70.32
N VAL I 208 33.66 116.56 -70.49
CA VAL I 208 32.78 116.93 -69.39
C VAL I 208 31.66 115.90 -69.29
N GLY I 209 31.54 115.27 -68.13
CA GLY I 209 30.53 114.25 -67.92
C GLY I 209 29.13 114.81 -67.71
N PHE I 210 28.98 115.67 -66.70
CA PHE I 210 27.68 116.18 -66.30
C PHE I 210 27.87 117.34 -65.33
N VAL I 211 26.75 117.89 -64.87
CA VAL I 211 26.74 119.11 -64.05
C VAL I 211 25.92 118.83 -62.79
N THR I 212 26.28 119.49 -61.70
CA THR I 212 25.61 119.32 -60.42
C THR I 212 25.28 120.66 -59.78
N ASP I 213 24.30 120.61 -58.87
CA ASP I 213 23.67 121.62 -58.03
C ASP I 213 23.60 123.01 -58.65
N PRO I 214 22.84 123.19 -59.73
CA PRO I 214 22.52 124.55 -60.16
C PRO I 214 21.67 125.25 -59.12
N ASN I 215 21.86 126.56 -59.01
CA ASN I 215 21.19 127.32 -57.96
C ASN I 215 20.99 128.75 -58.40
N THR I 216 19.73 129.18 -58.44
CA THR I 216 19.35 130.55 -58.73
C THR I 216 19.91 131.02 -60.07
N LEU I 217 19.47 130.34 -61.14
CA LEU I 217 19.92 130.68 -62.48
C LEU I 217 18.77 130.44 -63.46
N ALA I 218 18.20 131.53 -63.98
CA ALA I 218 17.16 131.48 -64.99
C ALA I 218 16.04 130.52 -64.61
N SER I 219 15.61 130.61 -63.35
CA SER I 219 14.58 129.73 -62.83
C SER I 219 13.24 129.88 -63.55
N THR I 220 13.04 130.98 -64.26
CA THR I 220 11.80 131.25 -64.99
C THR I 220 11.96 130.78 -66.43
N GLY I 221 11.92 129.47 -66.62
CA GLY I 221 11.89 128.89 -67.95
C GLY I 221 13.19 128.20 -68.32
N THR I 222 13.19 127.63 -69.51
CA THR I 222 14.31 126.88 -70.08
C THR I 222 15.29 127.84 -70.73
N ALA I 223 16.56 127.73 -70.37
CA ALA I 223 17.61 128.56 -70.94
C ALA I 223 18.64 127.68 -71.64
N TYR I 224 19.09 128.14 -72.80
CA TYR I 224 20.15 127.48 -73.56
C TYR I 224 21.45 128.24 -73.36
N TYR I 225 22.38 127.64 -72.62
CA TYR I 225 23.71 128.20 -72.43
C TYR I 225 24.72 127.41 -73.23
N THR I 226 25.82 128.05 -73.60
CA THR I 226 26.90 127.39 -74.33
C THR I 226 28.17 127.46 -73.48
N VAL I 227 28.76 126.30 -73.23
CA VAL I 227 30.01 126.21 -72.48
C VAL I 227 31.08 125.67 -73.41
N ASP I 228 32.15 126.43 -73.57
CA ASP I 228 33.26 126.06 -74.45
C ASP I 228 34.50 125.83 -73.60
N VAL I 229 35.12 124.66 -73.76
CA VAL I 229 36.30 124.28 -72.99
C VAL I 229 37.44 124.07 -73.98
N THR I 230 38.56 124.75 -73.76
CA THR I 230 39.72 124.59 -74.61
C THR I 230 40.94 124.22 -73.77
N ALA I 231 41.82 123.41 -74.36
CA ALA I 231 43.05 123.00 -73.70
C ALA I 231 44.22 123.90 -74.12
N GLY I 232 44.02 125.20 -74.00
CA GLY I 232 45.07 126.17 -74.26
C GLY I 232 44.72 127.22 -75.30
N ALA I 233 44.69 128.47 -74.87
CA ALA I 233 44.52 129.62 -75.76
C ALA I 233 44.93 130.86 -75.00
N ASP I 234 45.86 131.64 -75.56
CA ASP I 234 46.36 132.81 -74.86
C ASP I 234 45.32 133.92 -74.91
N THR I 235 45.11 134.57 -73.76
CA THR I 235 44.11 135.62 -73.62
C THR I 235 44.79 136.84 -73.01
N LEU I 236 44.54 138.00 -73.58
CA LEU I 236 45.13 139.23 -73.06
C LEU I 236 44.22 139.87 -72.02
N SER I 237 44.74 140.89 -71.34
CA SER I 237 43.92 141.68 -70.45
C SER I 237 42.79 142.34 -71.22
N SER I 238 41.58 142.21 -70.70
CA SER I 238 40.42 142.74 -71.41
C SER I 238 39.34 143.12 -70.41
N VAL I 239 38.69 144.26 -70.67
CA VAL I 239 37.54 144.71 -69.90
C VAL I 239 36.41 144.97 -70.87
N ALA I 240 35.21 144.55 -70.50
CA ALA I 240 34.07 144.67 -71.39
C ALA I 240 32.88 145.24 -70.63
N THR I 241 31.98 145.87 -71.37
CA THR I 241 30.77 146.40 -70.77
C THR I 241 29.60 145.46 -70.99
N MET I 242 29.02 144.99 -69.89
CA MET I 242 27.95 144.00 -69.94
C MET I 242 26.58 144.61 -70.05
N SER I 243 26.18 145.49 -69.13
CA SER I 243 24.83 146.03 -69.21
C SER I 243 24.70 147.32 -68.41
N VAL I 244 23.55 147.97 -68.59
CA VAL I 244 23.22 149.23 -67.92
C VAL I 244 21.79 149.15 -67.39
N TYR I 245 21.50 149.97 -66.38
CA TYR I 245 20.19 149.96 -65.75
C TYR I 245 19.76 151.38 -65.37
N ARG I 246 18.59 151.77 -65.87
CA ARG I 246 18.03 153.11 -65.72
C ARG I 246 16.64 153.03 -65.08
N GLN I 247 16.29 154.05 -64.29
CA GLN I 247 14.94 154.11 -63.72
C GLN I 247 14.02 154.92 -64.61
N ALA I 248 14.30 156.21 -64.75
CA ALA I 248 13.63 157.08 -65.71
C ALA I 248 14.67 157.83 -66.50
N GLY I 249 15.57 158.49 -65.77
CA GLY I 249 16.79 159.15 -66.20
C GLY I 249 16.61 159.96 -67.47
N SER I 250 17.62 159.88 -68.31
CA SER I 250 17.64 160.56 -69.60
C SER I 250 18.65 159.86 -70.48
N ASN I 251 18.96 160.47 -71.63
CA ASN I 251 19.87 159.84 -72.59
C ASN I 251 21.29 159.83 -72.06
N PHE I 252 21.90 158.65 -72.03
CA PHE I 252 23.34 158.53 -71.81
C PHE I 252 23.79 157.17 -72.31
N GLY I 253 24.83 157.18 -73.15
CA GLY I 253 25.27 155.99 -73.84
C GLY I 253 26.08 155.03 -72.99
N SER I 254 27.01 154.34 -73.64
CA SER I 254 27.85 153.33 -73.01
C SER I 254 29.20 153.33 -73.72
N VAL I 255 29.95 152.24 -73.53
CA VAL I 255 31.19 151.89 -74.24
C VAL I 255 32.39 152.43 -73.48
N ALA I 256 33.26 151.54 -73.04
CA ALA I 256 34.43 151.91 -72.26
C ALA I 256 35.70 151.81 -73.08
N THR I 257 36.74 152.49 -72.61
CA THR I 257 38.05 152.50 -73.25
C THR I 257 39.12 152.30 -72.19
N TRP I 258 40.20 151.65 -72.62
CA TRP I 258 41.31 151.20 -71.78
C TRP I 258 42.56 152.04 -72.03
N THR I 259 43.46 152.02 -71.05
CA THR I 259 44.83 152.53 -71.20
C THR I 259 45.78 151.40 -70.85
N THR I 260 46.50 150.92 -71.86
CA THR I 260 47.38 149.78 -71.67
C THR I 260 48.47 150.09 -70.65
N GLY I 261 48.79 149.09 -69.83
CA GLY I 261 49.78 149.20 -68.79
C GLY I 261 49.27 148.89 -67.40
N GLY I 262 47.95 148.86 -67.20
CA GLY I 262 47.39 148.50 -65.92
C GLY I 262 47.40 147.01 -65.68
N THR I 263 47.03 146.64 -64.46
CA THR I 263 46.99 145.25 -64.05
C THR I 263 45.69 144.94 -63.33
N VAL I 264 45.19 143.74 -63.55
CA VAL I 264 43.98 143.24 -62.89
C VAL I 264 44.37 142.07 -62.01
N ALA I 265 43.81 142.06 -60.80
CA ALA I 265 44.13 141.00 -59.84
C ALA I 265 43.71 139.63 -60.35
N ASP I 266 42.42 139.44 -60.59
CA ASP I 266 41.88 138.18 -61.10
C ASP I 266 40.63 138.46 -61.89
N SER I 267 40.25 137.49 -62.73
CA SER I 267 39.04 137.63 -63.53
C SER I 267 37.80 137.64 -62.63
N GLY I 268 36.83 138.46 -62.99
CA GLY I 268 35.65 138.59 -62.16
C GLY I 268 34.63 139.52 -62.77
N TYR I 269 33.69 139.96 -61.94
CA TYR I 269 32.67 140.91 -62.36
C TYR I 269 32.70 142.14 -61.48
N LEU I 270 32.38 143.28 -62.09
CA LEU I 270 32.41 144.58 -61.41
C LEU I 270 31.08 145.29 -61.63
N LEU I 271 30.59 145.92 -60.58
CA LEU I 271 29.32 146.64 -60.62
C LEU I 271 29.55 148.07 -60.10
N ILE I 272 29.10 149.05 -60.88
CA ILE I 272 29.26 150.46 -60.56
C ILE I 272 27.88 151.05 -60.36
N GLU I 273 27.68 151.74 -59.22
CA GLU I 273 26.40 152.30 -58.86
C GLU I 273 26.56 153.76 -58.49
N ALA I 274 25.61 154.59 -58.92
CA ALA I 274 25.71 156.02 -58.72
C ALA I 274 25.22 156.40 -57.32
N GLN I 275 25.50 157.65 -56.94
CA GLN I 275 25.13 158.13 -55.61
C GLN I 275 24.31 159.42 -55.68
N GLU I 276 24.64 160.30 -56.63
CA GLU I 276 23.99 161.60 -56.71
C GLU I 276 23.68 161.92 -58.17
N ASN I 277 22.53 162.56 -58.37
CA ASN I 277 22.11 162.98 -59.70
C ASN I 277 22.89 164.20 -60.18
N PHE I 278 22.91 164.39 -61.50
CA PHE I 278 23.56 165.56 -62.07
C PHE I 278 23.14 165.74 -63.52
N THR I 279 22.81 166.98 -63.87
CA THR I 279 22.50 167.37 -65.24
C THR I 279 23.11 168.74 -65.56
N VAL I 280 24.19 169.11 -64.87
CA VAL I 280 24.83 170.41 -65.03
C VAL I 280 25.93 170.24 -66.06
N SER I 281 25.90 169.13 -66.79
CA SER I 281 26.95 168.77 -67.74
C SER I 281 27.01 169.80 -68.85
N ALA I 282 28.02 170.66 -68.81
CA ALA I 282 28.34 171.58 -69.89
C ALA I 282 29.82 171.62 -70.23
N GLY I 283 30.67 170.95 -69.45
CA GLY I 283 32.10 170.94 -69.65
C GLY I 283 32.84 171.66 -68.52
N THR I 284 33.26 170.90 -67.51
CA THR I 284 33.93 171.43 -66.33
C THR I 284 34.41 170.26 -65.49
N THR I 285 35.58 170.43 -64.85
CA THR I 285 36.08 169.40 -63.96
C THR I 285 35.25 169.34 -62.68
N ALA I 286 35.05 168.13 -62.17
CA ALA I 286 34.27 167.93 -60.95
C ALA I 286 34.59 166.54 -60.40
N ASN I 287 34.09 166.28 -59.19
CA ASN I 287 34.32 165.00 -58.54
C ASN I 287 33.04 164.57 -57.82
N TYR I 288 32.57 163.37 -58.16
CA TYR I 288 31.34 162.80 -57.62
C TYR I 288 31.68 161.45 -57.03
N THR I 289 30.80 160.96 -56.16
CA THR I 289 31.00 159.72 -55.44
C THR I 289 30.21 158.58 -56.08
N PHE I 290 30.79 157.39 -56.04
CA PHE I 290 30.18 156.20 -56.64
C PHE I 290 30.47 155.01 -55.73
N LYS I 291 29.63 153.98 -55.85
CA LYS I 291 29.82 152.73 -55.12
C LYS I 291 30.25 151.64 -56.08
N ALA I 292 31.17 150.78 -55.63
CA ALA I 292 31.73 149.75 -56.48
C ALA I 292 31.68 148.41 -55.75
N THR I 293 31.33 147.36 -56.49
CA THR I 293 31.28 146.01 -55.94
C THR I 293 32.01 145.07 -56.88
N PHE I 294 32.88 144.22 -56.32
CA PHE I 294 33.66 143.27 -57.08
C PHE I 294 33.33 141.86 -56.64
N VAL I 295 33.02 140.98 -57.59
CA VAL I 295 32.65 139.60 -57.34
C VAL I 295 33.66 138.69 -58.03
N ASP I 296 34.23 137.76 -57.27
CA ASP I 296 35.24 136.83 -57.77
C ASP I 296 34.59 135.62 -58.39
N ALA I 297 35.21 135.11 -59.46
CA ALA I 297 34.62 134.04 -60.25
C ALA I 297 35.02 132.64 -59.79
N LYS I 298 35.97 132.52 -58.87
CA LYS I 298 36.42 131.21 -58.41
C LYS I 298 36.07 130.89 -56.97
N THR I 299 35.68 131.87 -56.16
CA THR I 299 35.41 131.64 -54.75
C THR I 299 34.03 132.07 -54.30
N GLY I 300 33.41 133.01 -54.99
CA GLY I 300 32.16 133.59 -54.51
C GLY I 300 32.33 134.75 -53.57
N GLU I 301 33.56 135.24 -53.40
CA GLU I 301 33.81 136.37 -52.51
C GLU I 301 33.26 137.66 -53.11
N LYS I 302 32.79 138.54 -52.22
CA LYS I 302 32.24 139.83 -52.61
C LYS I 302 32.97 140.92 -51.85
N SER I 303 33.32 142.00 -52.55
CA SER I 303 34.01 143.13 -51.94
C SER I 303 33.28 144.41 -52.29
N THR I 304 33.14 145.29 -51.31
CA THR I 304 32.40 146.55 -51.43
C THR I 304 33.38 147.69 -51.17
N TYR I 305 33.28 148.75 -51.96
CA TYR I 305 34.20 149.88 -51.85
C TYR I 305 33.55 151.11 -52.46
N GLU I 306 34.21 152.26 -52.32
CA GLU I 306 33.69 153.52 -52.85
C GLU I 306 34.76 154.23 -53.65
N ILE I 307 34.32 154.96 -54.68
CA ILE I 307 35.23 155.57 -55.65
C ILE I 307 34.72 156.97 -55.97
N GLU I 308 35.54 157.73 -56.70
CA GLU I 308 35.16 159.07 -57.16
C GLU I 308 35.53 159.21 -58.63
N GLY I 309 34.79 160.08 -59.32
CA GLY I 309 35.02 160.31 -60.74
C GLY I 309 34.27 161.52 -61.22
N GLY I 310 34.61 161.99 -62.41
CA GLY I 310 34.01 163.19 -62.95
C GLY I 310 34.21 163.34 -64.43
N ASP I 311 33.31 164.11 -65.05
CA ASP I 311 33.45 164.48 -66.46
C ASP I 311 34.46 165.60 -66.62
N ASP I 312 35.00 165.75 -67.83
CA ASP I 312 36.02 166.76 -68.09
C ASP I 312 35.55 167.86 -69.03
N GLY I 313 35.16 167.54 -70.26
CA GLY I 313 34.58 168.57 -71.10
C GLY I 313 33.30 168.18 -71.81
N ALA I 314 33.10 166.87 -72.01
CA ALA I 314 31.87 166.36 -72.60
C ALA I 314 31.79 164.84 -72.49
N GLY I 315 30.72 164.34 -71.86
CA GLY I 315 30.37 162.93 -71.87
C GLY I 315 31.47 161.91 -71.68
N ASN I 316 32.49 162.25 -70.91
CA ASN I 316 33.60 161.33 -70.63
C ASN I 316 33.70 161.11 -69.14
N LEU I 317 33.54 159.86 -68.71
CA LEU I 317 33.54 159.51 -67.28
C LEU I 317 34.78 158.68 -67.02
N VAL I 318 35.71 159.19 -66.25
CA VAL I 318 37.02 158.60 -66.07
C VAL I 318 37.14 158.07 -64.64
N PHE I 319 37.53 156.80 -64.50
CA PHE I 319 37.59 156.17 -63.18
C PHE I 319 38.96 155.58 -62.92
N ASP I 320 39.25 155.36 -61.63
CA ASP I 320 40.52 154.80 -61.18
C ASP I 320 40.26 153.50 -60.45
N LEU I 321 40.78 152.40 -60.96
CA LEU I 321 40.68 151.13 -60.27
C LEU I 321 41.83 150.88 -59.31
N ALA I 322 42.88 151.70 -59.36
CA ALA I 322 44.01 151.53 -58.46
C ALA I 322 43.63 151.82 -57.02
N ASP I 323 42.55 152.56 -56.81
CA ASP I 323 42.11 152.89 -55.45
C ASP I 323 41.44 151.72 -54.75
N MET I 324 41.04 150.68 -55.48
CA MET I 324 40.34 149.55 -54.87
C MET I 324 41.30 148.70 -54.06
N THR I 325 41.36 148.98 -52.76
CA THR I 325 42.26 148.26 -51.87
C THR I 325 41.78 146.82 -51.69
N GLY I 326 42.61 146.02 -51.02
CA GLY I 326 42.30 144.63 -50.78
C GLY I 326 42.60 143.75 -51.98
N ALA I 327 41.73 143.79 -52.99
CA ALA I 327 41.99 143.01 -54.20
C ALA I 327 43.15 143.60 -55.00
N GLY I 328 43.13 144.90 -55.25
CA GLY I 328 44.25 145.59 -55.85
C GLY I 328 44.24 145.57 -57.36
N PHE I 329 44.17 146.75 -57.97
CA PHE I 329 44.11 146.93 -59.42
C PHE I 329 45.11 148.02 -59.82
N SER I 330 45.01 148.44 -61.08
CA SER I 330 45.81 149.52 -61.66
C SER I 330 45.27 149.78 -63.05
N GLY I 331 45.68 150.91 -63.63
CA GLY I 331 45.21 151.28 -64.95
C GLY I 331 44.05 152.26 -64.90
N GLU I 332 43.34 152.34 -66.02
CA GLU I 332 42.31 153.36 -66.21
C GLU I 332 41.17 152.82 -67.06
N VAL I 333 39.97 153.32 -66.79
CA VAL I 333 38.77 152.98 -67.56
C VAL I 333 37.98 154.25 -67.80
N SER I 334 37.60 154.50 -69.06
CA SER I 334 36.82 155.68 -69.38
C SER I 334 35.56 155.31 -70.14
N ILE I 335 34.41 155.71 -69.62
CA ILE I 335 33.13 155.52 -70.30
C ILE I 335 32.88 156.72 -71.21
N ALA I 336 32.53 156.46 -72.47
CA ALA I 336 32.23 157.52 -73.43
C ALA I 336 30.73 157.75 -73.44
N ILE I 337 30.25 158.51 -72.46
CA ILE I 337 28.82 158.72 -72.30
C ILE I 337 28.25 159.57 -73.43
N GLY I 338 28.88 160.71 -73.69
CA GLY I 338 28.34 161.67 -74.64
C GLY I 338 27.69 162.86 -73.96
N THR I 339 27.59 163.96 -74.70
CA THR I 339 27.05 165.20 -74.17
C THR I 339 25.55 165.04 -73.90
N ASP I 340 24.98 166.02 -73.19
CA ASP I 340 23.60 165.96 -72.72
C ASP I 340 23.37 164.72 -71.84
N ALA I 341 24.28 164.52 -70.90
CA ALA I 341 24.27 163.36 -70.02
C ALA I 341 23.61 163.75 -68.70
N ASN I 342 22.32 163.46 -68.58
CA ASN I 342 21.61 163.63 -67.33
C ASN I 342 21.53 162.29 -66.60
N MET I 343 21.94 162.30 -65.34
CA MET I 343 22.04 161.08 -64.55
C MET I 343 21.19 161.23 -63.28
N GLN I 344 20.31 160.26 -63.05
CA GLN I 344 19.62 160.16 -61.77
C GLN I 344 20.40 159.20 -60.87
N SER I 345 20.15 159.26 -59.57
CA SER I 345 20.85 158.41 -58.61
C SER I 345 20.17 157.05 -58.58
N GLY I 346 20.93 156.00 -58.88
CA GLY I 346 20.41 154.66 -58.95
C GLY I 346 20.69 153.92 -60.25
N ASP I 347 21.20 154.60 -61.28
CA ASP I 347 21.55 153.94 -62.54
C ASP I 347 22.78 153.07 -62.29
N LYS I 348 22.76 151.84 -62.76
CA LYS I 348 23.88 150.93 -62.53
C LYS I 348 24.52 150.49 -63.83
N ILE I 349 25.78 150.08 -63.74
CA ILE I 349 26.52 149.52 -64.87
C ILE I 349 27.21 148.24 -64.42
N LEU I 350 27.11 147.20 -65.25
CA LEU I 350 27.70 145.90 -64.95
C LEU I 350 28.75 145.59 -66.01
N LEU I 351 29.95 145.21 -65.56
CA LEU I 351 31.11 144.97 -66.40
C LEU I 351 31.74 143.64 -66.01
N SER I 352 32.49 143.05 -66.94
CA SER I 352 33.22 141.81 -66.70
C SER I 352 34.70 142.02 -67.02
N THR I 353 35.57 141.35 -66.25
CA THR I 353 37.01 141.51 -66.38
C THR I 353 37.66 140.15 -66.55
N THR I 354 38.50 140.03 -67.58
CA THR I 354 39.23 138.81 -67.89
C THR I 354 40.73 139.04 -67.69
N GLU I 355 41.39 138.10 -67.02
CA GLU I 355 42.80 138.23 -66.68
C GLU I 355 43.68 137.44 -67.64
N ALA I 356 44.84 138.01 -67.98
CA ALA I 356 45.77 137.34 -68.90
C ALA I 356 46.51 136.24 -68.18
N VAL I 357 46.67 135.09 -68.86
CA VAL I 357 47.27 133.90 -68.28
C VAL I 357 48.12 133.22 -69.35
N ASP I 358 49.11 132.45 -68.90
CA ASP I 358 49.99 131.73 -69.81
C ASP I 358 49.19 130.83 -70.75
N THR I 359 48.44 129.87 -70.19
CA THR I 359 47.50 129.02 -70.90
C THR I 359 48.16 128.13 -71.94
N SER I 360 49.43 127.76 -71.75
CA SER I 360 50.06 126.76 -72.62
C SER I 360 51.10 126.02 -71.78
N ALA I 361 50.69 124.94 -71.15
CA ALA I 361 51.55 124.10 -70.33
C ALA I 361 51.64 122.71 -70.94
N THR I 362 52.32 121.80 -70.23
CA THR I 362 52.39 120.42 -70.69
C THR I 362 51.02 119.77 -70.68
N SER I 363 50.32 119.84 -69.54
CA SER I 363 48.95 119.39 -69.38
C SER I 363 48.52 119.70 -67.96
N GLY I 364 47.22 119.57 -67.71
CA GLY I 364 46.71 119.70 -66.35
C GLY I 364 45.60 120.71 -66.15
N GLY I 365 45.46 121.64 -67.09
CA GLY I 365 44.46 122.68 -66.93
C GLY I 365 44.06 123.24 -68.28
N GLY I 366 43.11 124.17 -68.25
CA GLY I 366 42.63 124.76 -69.47
C GLY I 366 41.79 126.00 -69.27
N THR I 367 41.03 126.38 -70.30
CA THR I 367 40.22 127.60 -70.30
C THR I 367 38.75 127.25 -70.53
N ILE I 368 37.90 127.93 -69.76
CA ILE I 368 36.45 127.73 -69.80
C ILE I 368 35.81 129.06 -70.14
N ALA I 369 34.83 129.02 -71.05
CA ALA I 369 34.08 130.20 -71.46
C ALA I 369 32.59 129.88 -71.43
N ILE I 370 31.80 130.85 -70.98
CA ILE I 370 30.35 130.72 -70.87
C ILE I 370 29.71 131.81 -71.71
N SER I 371 28.71 131.43 -72.50
CA SER I 371 27.97 132.39 -73.32
C SER I 371 26.51 131.98 -73.41
N GLY I 372 25.69 132.91 -73.89
CA GLY I 372 24.29 132.61 -74.15
C GLY I 372 23.32 133.18 -73.13
N GLY I 373 22.32 132.39 -72.75
CA GLY I 373 21.33 132.82 -71.80
C GLY I 373 20.21 133.59 -72.45
N PRO I 374 19.09 133.74 -71.74
CA PRO I 374 17.97 134.53 -72.29
C PRO I 374 18.35 135.98 -72.59
N ALA I 375 19.36 136.50 -71.90
CA ALA I 375 19.88 137.84 -72.18
C ALA I 375 20.90 137.84 -73.31
N GLY I 376 21.37 136.68 -73.74
CA GLY I 376 22.30 136.59 -74.86
C GLY I 376 23.61 137.33 -74.60
N THR I 377 24.19 137.13 -73.43
CA THR I 377 25.38 137.86 -73.04
C THR I 377 26.64 137.03 -73.30
N THR I 378 27.79 137.71 -73.28
CA THR I 378 29.09 137.09 -73.44
C THR I 378 29.81 137.12 -72.10
N GLY I 379 30.06 135.95 -71.53
CA GLY I 379 30.58 135.84 -70.19
C GLY I 379 32.09 135.92 -70.13
N ALA I 380 32.61 135.76 -68.91
CA ALA I 380 34.03 135.85 -68.66
C ALA I 380 34.76 134.60 -69.18
N ILE I 381 36.08 134.71 -69.23
CA ILE I 381 36.95 133.62 -69.68
C ILE I 381 37.91 133.29 -68.55
N ILE I 382 37.88 132.03 -68.09
CA ILE I 382 38.66 131.64 -66.93
C ILE I 382 39.70 130.61 -67.34
N SER I 383 40.84 130.63 -66.67
CA SER I 383 41.95 129.72 -66.93
C SER I 383 42.39 129.08 -65.63
N TYR I 384 42.77 127.81 -65.69
CA TYR I 384 43.11 127.04 -64.50
C TYR I 384 44.57 126.60 -64.55
N GLY I 385 45.06 126.16 -63.39
CA GLY I 385 46.44 125.76 -63.22
C GLY I 385 46.71 124.33 -63.62
N ASN I 386 47.98 123.94 -63.53
CA ASN I 386 48.41 122.61 -63.92
C ASN I 386 48.00 121.57 -62.89
N ASN I 387 47.60 120.39 -63.38
CA ASN I 387 47.12 119.29 -62.55
C ASN I 387 45.94 119.71 -61.68
N GLU I 388 45.04 120.53 -62.23
CA GLU I 388 43.89 121.00 -61.49
C GLU I 388 42.55 120.65 -62.14
N LEU I 389 42.56 119.85 -63.21
CA LEU I 389 41.32 119.39 -63.82
C LEU I 389 41.19 117.88 -63.85
N THR I 390 42.27 117.16 -64.15
CA THR I 390 42.20 115.71 -64.36
C THR I 390 43.20 115.01 -63.46
N LYS I 391 42.84 113.81 -63.01
CA LYS I 391 43.69 112.99 -62.17
C LYS I 391 44.03 111.68 -62.87
N VAL I 392 44.70 110.78 -62.16
CA VAL I 392 45.20 109.52 -62.70
C VAL I 392 44.51 108.38 -61.95
N ASP I 393 44.41 107.23 -62.62
CA ASP I 393 43.65 106.10 -62.10
C ASP I 393 44.38 105.44 -60.94
N ASN I 394 43.73 104.41 -60.39
CA ASN I 394 44.26 103.56 -59.33
C ASN I 394 43.98 102.09 -59.65
N GLY I 395 44.21 101.72 -60.90
CA GLY I 395 43.88 100.40 -61.40
C GLY I 395 42.56 100.34 -62.14
N ASP I 396 41.45 100.53 -61.44
CA ASP I 396 40.13 100.52 -62.08
C ASP I 396 39.35 101.79 -61.83
N THR I 397 39.30 102.27 -60.58
CA THR I 397 38.61 103.47 -60.14
C THR I 397 37.09 103.33 -60.21
N THR I 398 36.60 102.22 -60.76
CA THR I 398 35.17 102.02 -61.03
C THR I 398 34.52 103.29 -61.56
N ILE I 399 35.24 103.95 -62.48
CA ILE I 399 34.90 105.26 -63.03
C ILE I 399 35.02 106.31 -61.93
N ASP I 400 35.75 107.39 -62.21
CA ASP I 400 35.96 108.48 -61.27
C ASP I 400 35.39 109.77 -61.86
N TYR I 401 35.42 110.82 -61.05
CA TYR I 401 34.98 112.14 -61.48
C TYR I 401 35.68 113.19 -60.63
N ASN I 402 35.76 114.41 -61.14
CA ASN I 402 36.33 115.53 -60.40
C ASN I 402 35.34 116.69 -60.42
N SER I 403 35.39 117.53 -59.39
CA SER I 403 34.41 118.60 -59.23
C SER I 403 35.07 119.97 -59.40
N VAL I 404 34.40 120.86 -60.12
CA VAL I 404 34.86 122.24 -60.29
C VAL I 404 33.67 123.16 -60.07
N THR I 405 33.86 124.18 -59.24
CA THR I 405 32.80 125.15 -58.93
C THR I 405 32.96 126.39 -59.79
N VAL I 406 31.86 126.85 -60.38
CA VAL I 406 31.86 128.01 -61.25
C VAL I 406 30.73 128.94 -60.82
N TYR I 407 31.05 130.22 -60.63
CA TYR I 407 30.07 131.25 -60.31
C TYR I 407 29.80 132.10 -61.54
N HIS I 408 28.53 132.43 -61.77
CA HIS I 408 28.12 133.26 -62.89
C HIS I 408 27.11 134.29 -62.43
N ALA I 409 27.25 135.52 -62.92
CA ALA I 409 26.42 136.63 -62.49
C ALA I 409 25.66 137.23 -63.67
N ALA I 410 24.54 137.86 -63.36
CA ALA I 410 23.67 138.45 -64.36
C ALA I 410 22.88 139.59 -63.72
N LEU I 411 22.35 140.46 -64.58
CA LEU I 411 21.60 141.63 -64.17
C LEU I 411 20.30 141.71 -64.96
N ASN I 412 19.21 142.04 -64.26
CA ASN I 412 17.90 142.23 -64.88
C ASN I 412 17.69 143.71 -65.18
N VAL I 413 16.80 143.99 -66.12
CA VAL I 413 16.66 145.35 -66.65
C VAL I 413 15.47 146.03 -65.98
N GLU I 414 14.69 145.25 -65.23
CA GLU I 414 13.41 145.73 -64.70
C GLU I 414 13.48 146.10 -63.23
N THR I 415 14.27 145.38 -62.42
CA THR I 415 14.34 145.65 -60.99
C THR I 415 15.71 146.09 -60.51
N GLY I 416 16.77 145.84 -61.28
CA GLY I 416 18.09 146.21 -60.84
C GLY I 416 18.72 145.27 -59.83
N ASN I 417 18.19 144.05 -59.71
CA ASN I 417 18.78 143.05 -58.83
C ASN I 417 19.96 142.37 -59.52
N LEU I 418 20.89 141.87 -58.72
CA LEU I 418 22.05 141.14 -59.21
C LEU I 418 21.90 139.67 -58.83
N ASP I 419 21.97 138.80 -59.82
CA ASP I 419 21.79 137.36 -59.60
C ASP I 419 23.15 136.68 -59.75
N VAL I 420 23.53 135.90 -58.76
CA VAL I 420 24.81 135.19 -58.76
C VAL I 420 24.51 133.72 -58.47
N GLY I 421 24.58 132.88 -59.50
CA GLY I 421 24.38 131.47 -59.36
C GLY I 421 25.68 130.68 -59.49
N ASN I 422 25.60 129.40 -59.17
CA ASN I 422 26.75 128.53 -59.23
C ASN I 422 26.40 127.20 -59.87
N LEU I 423 27.37 126.63 -60.55
CA LEU I 423 27.28 125.28 -61.12
C LEU I 423 28.50 124.50 -60.69
N THR I 424 28.40 123.17 -60.71
CA THR I 424 29.56 122.33 -60.44
C THR I 424 29.74 121.37 -61.61
N PHE I 425 30.77 121.64 -62.42
CA PHE I 425 31.09 120.74 -63.53
C PHE I 425 31.79 119.50 -63.00
N ASN I 426 31.53 118.36 -63.65
CA ASN I 426 32.21 117.11 -63.35
C ASN I 426 33.14 116.80 -64.51
N PHE I 427 34.43 116.68 -64.20
CA PHE I 427 35.44 116.32 -65.17
C PHE I 427 35.71 114.82 -65.12
N ARG I 428 36.15 114.29 -66.25
CA ARG I 428 36.14 112.87 -66.56
C ARG I 428 37.08 112.10 -65.63
N GLU I 429 37.06 110.77 -65.73
CA GLU I 429 37.72 109.88 -64.79
C GLU I 429 39.22 110.09 -64.70
N ASP I 430 39.92 109.80 -65.80
CA ASP I 430 41.39 109.69 -65.75
C ASP I 430 41.97 109.87 -67.15
N THR I 431 43.03 110.66 -67.25
CA THR I 431 43.75 110.89 -68.49
C THR I 431 45.24 110.73 -68.23
N GLY I 432 46.05 111.08 -69.23
CA GLY I 432 47.48 111.20 -68.99
C GLY I 432 48.40 110.41 -69.90
N THR I 433 49.53 111.02 -70.23
CA THR I 433 50.66 110.33 -70.84
C THR I 433 51.41 109.62 -69.71
N ASP I 434 52.64 109.19 -69.93
CA ASP I 434 53.34 108.32 -68.99
C ASP I 434 53.69 109.08 -67.72
N THR I 435 52.70 109.15 -66.82
CA THR I 435 52.91 109.51 -65.41
C THR I 435 53.48 110.92 -65.25
N ALA I 436 53.14 111.85 -66.13
CA ALA I 436 53.73 113.18 -65.98
C ALA I 436 52.79 114.19 -65.33
N TYR I 437 51.70 114.56 -66.01
CA TYR I 437 50.78 115.54 -65.43
C TYR I 437 49.31 115.26 -65.66
N GLY I 438 48.92 114.53 -66.71
CA GLY I 438 47.53 114.35 -67.05
C GLY I 438 47.23 114.68 -68.51
N SER I 439 45.96 114.87 -68.85
CA SER I 439 45.57 115.23 -70.21
C SER I 439 44.13 115.73 -70.17
N THR I 440 43.72 116.38 -71.26
CA THR I 440 42.39 116.96 -71.39
C THR I 440 42.15 117.26 -72.87
N THR I 441 40.88 117.14 -73.28
CA THR I 441 40.46 117.42 -74.65
C THR I 441 39.50 118.60 -74.67
N GLY I 442 39.52 119.34 -75.77
CA GLY I 442 38.70 120.52 -75.95
C GLY I 442 37.35 120.22 -76.56
N GLY I 443 36.60 121.27 -76.86
CA GLY I 443 35.28 121.17 -77.47
C GLY I 443 34.33 122.21 -76.92
N SER I 444 33.05 122.04 -77.28
CA SER I 444 32.00 122.93 -76.86
C SER I 444 30.70 122.14 -76.73
N PHE I 445 29.89 122.50 -75.73
CA PHE I 445 28.64 121.79 -75.50
C PHE I 445 27.58 122.77 -75.04
N ASP I 446 26.32 122.29 -75.07
CA ASP I 446 25.14 123.11 -74.86
C ASP I 446 24.39 122.61 -73.62
N LEU I 447 24.11 123.53 -72.70
CA LEU I 447 23.39 123.25 -71.48
C LEU I 447 21.95 123.72 -71.60
N LEU I 448 21.02 122.87 -71.18
CA LEU I 448 19.60 123.18 -71.10
C LEU I 448 19.20 123.26 -69.64
N VAL I 449 18.63 124.40 -69.25
CA VAL I 449 18.20 124.64 -67.88
C VAL I 449 16.68 124.69 -67.87
N ALA I 450 16.06 123.80 -67.10
CA ALA I 450 14.62 123.69 -67.00
C ALA I 450 14.18 124.04 -65.59
N GLY I 451 13.19 124.90 -65.48
CA GLY I 451 12.66 125.31 -64.19
C GLY I 451 11.62 124.35 -63.67
N GLY I 452 10.87 124.82 -62.67
CA GLY I 452 9.84 124.02 -62.04
C GLY I 452 8.57 123.96 -62.89
N GLY I 453 7.56 123.32 -62.31
CA GLY I 453 6.28 123.17 -62.98
C GLY I 453 6.20 121.92 -63.83
N GLU I 454 7.70 120.30 -66.14
CA GLU I 454 8.97 119.84 -66.71
C GLU I 454 9.43 118.54 -66.06
N ALA I 455 9.84 117.58 -66.88
CA ALA I 455 10.33 116.32 -66.36
C ALA I 455 11.67 116.50 -65.68
N ALA I 456 11.96 115.64 -64.70
CA ALA I 456 13.19 115.75 -63.94
C ALA I 456 14.39 115.29 -64.77
N THR I 457 15.58 115.67 -64.30
CA THR I 457 16.82 115.28 -64.96
C THR I 457 17.42 114.07 -64.26
N SER I 458 18.62 113.67 -64.70
CA SER I 458 19.28 112.50 -64.13
C SER I 458 20.04 112.81 -62.85
N THR I 459 20.22 114.08 -62.50
CA THR I 459 20.93 114.45 -61.28
C THR I 459 20.02 115.09 -60.25
N THR I 460 18.71 114.93 -60.38
CA THR I 460 17.79 115.47 -59.39
C THR I 460 17.82 114.64 -58.12
N LYS I 461 17.77 115.31 -56.98
CA LYS I 461 17.71 114.61 -55.70
C LYS I 461 16.28 114.19 -55.39
N LEU I 462 16.15 113.01 -54.78
CA LEU I 462 14.84 112.38 -54.62
C LEU I 462 13.93 113.11 -53.64
N LYS I 463 14.44 114.08 -52.88
CA LYS I 463 13.62 114.84 -51.95
C LYS I 463 13.00 116.07 -52.59
N ASP I 464 12.99 116.16 -53.91
CA ASP I 464 12.43 117.32 -54.61
C ASP I 464 11.30 116.96 -55.57
N ILE I 465 11.09 115.67 -55.84
CA ILE I 465 10.06 115.26 -56.79
C ILE I 465 8.69 115.58 -56.22
N SER I 466 7.78 116.04 -57.08
CA SER I 466 6.45 116.45 -56.62
C SER I 466 5.63 115.26 -56.13
N ARG I 467 5.86 114.07 -56.68
CA ARG I 467 5.09 112.90 -56.27
C ARG I 467 5.48 112.37 -54.90
N PHE I 468 6.64 112.75 -54.37
CA PHE I 468 7.12 112.20 -53.11
C PHE I 468 6.79 113.07 -51.91
N THR I 469 5.74 113.89 -52.00
CA THR I 469 5.19 114.60 -50.87
C THR I 469 3.71 114.29 -50.74
N THR I 470 3.25 114.07 -49.51
CA THR I 470 1.87 113.69 -49.28
C THR I 470 0.93 114.88 -49.46
N ASP I 471 -0.36 114.64 -49.21
CA ASP I 471 -1.36 115.68 -49.40
C ASP I 471 -1.21 116.82 -48.39
N ASP I 472 -0.79 116.50 -47.17
CA ASP I 472 -0.67 117.50 -46.11
C ASP I 472 0.63 118.27 -46.17
N GLY I 473 1.51 117.95 -47.10
CA GLY I 473 2.81 118.60 -47.18
C GLY I 473 3.91 117.90 -46.43
N VAL I 474 3.70 116.66 -46.01
CA VAL I 474 4.70 115.88 -45.30
C VAL I 474 5.30 114.88 -46.28
N ASN I 475 6.58 115.04 -46.59
CA ASN I 475 7.23 114.16 -47.53
C ASN I 475 7.64 112.86 -46.84
N ILE I 476 7.86 111.83 -47.67
CA ILE I 476 8.10 110.49 -47.16
C ILE I 476 9.46 110.41 -46.44
N PHE I 477 10.47 111.08 -46.99
CA PHE I 477 11.84 110.94 -46.50
C PHE I 477 12.12 111.77 -45.27
N ALA I 478 11.11 112.42 -44.69
CA ALA I 478 11.35 113.23 -43.49
C ALA I 478 11.78 112.34 -42.32
N ALA I 479 11.12 111.20 -42.15
CA ALA I 479 11.42 110.32 -41.02
C ALA I 479 12.78 109.64 -41.17
N GLY I 480 13.16 109.28 -42.38
CA GLY I 480 14.42 108.62 -42.61
C GLY I 480 14.38 107.71 -43.82
N PRO I 481 15.21 106.68 -43.82
CA PRO I 481 15.25 105.77 -44.97
C PRO I 481 13.98 104.97 -45.12
N GLN I 482 13.68 104.62 -46.38
CA GLN I 482 12.59 103.72 -46.71
C GLN I 482 13.16 102.43 -47.31
N GLU I 483 12.33 101.39 -47.30
CA GLU I 483 12.75 100.07 -47.72
C GLU I 483 11.91 99.61 -48.90
N LEU I 484 12.53 98.87 -49.82
CA LEU I 484 11.82 98.29 -50.96
C LEU I 484 12.20 96.83 -51.09
N THR I 485 11.21 95.96 -51.24
CA THR I 485 11.42 94.52 -51.32
C THR I 485 10.98 94.04 -52.68
N ILE I 486 11.81 93.20 -53.30
CA ILE I 486 11.52 92.63 -54.61
C ILE I 486 11.44 91.11 -54.47
N PHE I 487 10.36 90.53 -54.97
CA PHE I 487 10.14 89.09 -54.93
C PHE I 487 10.15 88.54 -56.34
N GLY I 488 10.88 87.45 -56.55
CA GLY I 488 10.95 86.82 -57.86
C GLY I 488 11.85 85.60 -57.90
N ASN I 489 11.53 84.66 -58.80
CA ASN I 489 12.35 83.47 -59.03
C ASN I 489 12.63 82.72 -57.73
N GLY I 490 11.61 82.64 -56.88
CA GLY I 490 11.75 81.96 -55.61
C GLY I 490 12.76 82.60 -54.67
N SER I 491 12.84 83.93 -54.67
CA SER I 491 13.78 84.63 -53.79
C SER I 491 13.25 86.03 -53.52
N SER I 492 13.82 86.66 -52.50
CA SER I 492 13.46 88.02 -52.13
C SER I 492 14.72 88.83 -51.87
N ALA I 493 14.61 90.14 -52.09
CA ALA I 493 15.74 91.04 -51.91
C ALA I 493 15.22 92.37 -51.37
N THR I 494 16.11 93.10 -50.69
CA THR I 494 15.76 94.36 -50.05
C THR I 494 16.76 95.44 -50.43
N ILE I 495 16.25 96.64 -50.71
CA ILE I 495 17.07 97.80 -51.02
C ILE I 495 16.62 98.97 -50.17
N TYR I 496 17.54 99.91 -49.97
CA TYR I 496 17.31 101.07 -49.11
C TYR I 496 17.17 102.32 -49.97
N LEU I 497 16.46 103.31 -49.45
CA LEU I 497 16.35 104.62 -50.09
C LEU I 497 16.52 105.71 -49.04
N GLU I 498 17.42 106.64 -49.30
CA GLU I 498 17.62 107.78 -48.43
C GLU I 498 17.19 109.05 -49.14
N GLY I 499 17.13 110.14 -48.39
CA GLY I 499 16.57 111.38 -48.88
C GLY I 499 17.46 112.19 -49.80
N ASP I 500 18.71 111.79 -50.01
CA ASP I 500 19.64 112.59 -50.81
C ASP I 500 20.11 111.87 -52.08
N ASP I 501 19.57 110.70 -52.39
CA ASP I 501 19.99 109.96 -53.56
C ASP I 501 19.62 110.71 -54.85
N THR I 502 20.40 110.45 -55.89
CA THR I 502 20.10 110.91 -57.24
C THR I 502 19.39 109.80 -58.00
N VAL I 503 18.80 110.17 -59.15
CA VAL I 503 18.02 109.20 -59.92
C VAL I 503 18.93 108.10 -60.46
N SER I 504 20.12 108.46 -60.92
CA SER I 504 21.04 107.47 -61.50
C SER I 504 21.48 106.46 -60.46
N GLU I 505 21.67 106.91 -59.21
CA GLU I 505 22.04 105.98 -58.14
C GLU I 505 20.90 105.01 -57.86
N PHE I 506 19.66 105.49 -57.90
CA PHE I 506 18.52 104.59 -57.74
C PHE I 506 18.46 103.57 -58.87
N GLU I 507 18.72 104.01 -60.11
CA GLU I 507 18.76 103.08 -61.23
C GLU I 507 19.85 102.04 -61.06
N THR I 508 21.04 102.47 -60.61
CA THR I 508 22.14 101.54 -60.41
C THR I 508 21.81 100.52 -59.31
N LYS I 509 21.22 100.98 -58.21
CA LYS I 509 20.84 100.07 -57.14
C LYS I 509 19.80 99.06 -57.61
N LEU I 510 18.82 99.52 -58.39
CA LEU I 510 17.83 98.58 -58.92
C LEU I 510 18.47 97.56 -59.86
N SER I 511 19.41 98.02 -60.70
CA SER I 511 20.10 97.10 -61.60
C SER I 511 20.88 96.05 -60.82
N SER I 512 21.59 96.48 -59.79
CA SER I 512 22.35 95.52 -58.98
C SER I 512 21.42 94.55 -58.26
N ALA I 513 20.31 95.04 -57.72
CA ALA I 513 19.38 94.15 -57.04
C ALA I 513 18.79 93.12 -57.99
N ILE I 514 18.43 93.54 -59.20
CA ILE I 514 17.92 92.60 -60.20
C ILE I 514 18.99 91.58 -60.57
N LEU I 515 20.23 92.04 -60.76
CA LEU I 515 21.32 91.14 -61.07
C LEU I 515 21.61 90.15 -59.95
N GLU I 516 21.30 90.51 -58.70
CA GLU I 516 21.63 89.63 -57.59
C GLU I 516 20.76 88.37 -57.60
N LEU I 517 19.50 88.51 -58.01
CA LEU I 517 18.57 87.38 -57.99
C LEU I 517 18.90 86.34 -59.05
N GLY I 518 19.82 86.64 -59.97
CA GLY I 518 20.13 85.74 -61.07
C GLY I 518 19.39 86.02 -62.36
N MET I 519 18.47 86.99 -62.35
CA MET I 519 17.73 87.32 -63.56
C MET I 519 18.57 88.07 -64.59
N GLY I 520 19.83 88.32 -64.30
CA GLY I 520 20.67 89.12 -65.18
C GLY I 520 21.22 88.31 -66.34
N ALA I 521 22.24 88.89 -66.96
CA ALA I 521 22.89 88.26 -68.11
C ALA I 521 23.46 86.91 -67.73
N THR I 522 23.29 85.93 -68.62
CA THR I 522 23.68 84.56 -68.35
C THR I 522 25.20 84.41 -68.48
N ALA I 523 25.68 83.17 -68.46
CA ALA I 523 27.11 82.94 -68.54
C ALA I 523 27.58 82.93 -69.99
N GLY I 524 27.17 83.94 -70.76
CA GLY I 524 27.75 84.17 -72.06
C GLY I 524 29.06 84.89 -71.88
N THR I 525 29.17 85.62 -70.77
CA THR I 525 30.38 86.30 -70.29
C THR I 525 30.94 87.30 -71.29
N SER I 526 30.21 87.60 -72.37
CA SER I 526 30.72 88.46 -73.42
C SER I 526 30.29 89.91 -73.21
N ASP I 527 30.80 90.79 -74.07
CA ASP I 527 30.35 92.17 -74.06
C ASP I 527 28.85 92.27 -74.34
N GLU I 528 28.30 91.28 -75.04
CA GLU I 528 26.86 91.17 -75.19
C GLU I 528 26.18 91.16 -73.83
N ALA I 529 26.73 90.37 -72.90
CA ALA I 529 26.18 90.31 -71.55
C ALA I 529 26.28 91.65 -70.85
N ALA I 530 27.41 92.35 -71.02
CA ALA I 530 27.57 93.65 -70.38
C ALA I 530 26.54 94.65 -70.90
N THR I 531 26.33 94.67 -72.22
CA THR I 531 25.33 95.57 -72.79
C THR I 531 23.93 95.21 -72.33
N VAL I 532 23.62 93.90 -72.27
CA VAL I 532 22.30 93.47 -71.82
C VAL I 532 22.06 93.90 -70.38
N ASN I 533 23.06 93.73 -69.51
CA ASN I 533 22.93 94.16 -68.12
C ASN I 533 22.77 95.67 -68.03
N SER I 534 23.54 96.41 -68.82
CA SER I 534 23.45 97.86 -68.81
C SER I 534 22.13 98.38 -69.37
N ASN I 535 21.42 97.58 -70.15
CA ASN I 535 20.13 97.98 -70.72
C ASN I 535 18.96 97.30 -70.05
N LEU I 536 19.06 96.99 -68.75
CA LEU I 536 17.98 96.32 -68.04
C LEU I 536 16.99 97.32 -67.43
N VAL I 537 17.48 98.34 -66.75
CA VAL I 537 16.65 99.39 -66.15
C VAL I 537 17.02 100.71 -66.81
N ASN I 538 16.02 101.42 -67.33
CA ASN I 538 16.29 102.62 -68.11
C ASN I 538 15.47 103.80 -67.64
N TYR I 539 16.03 104.99 -67.79
CA TYR I 539 15.37 106.26 -67.54
C TYR I 539 15.41 107.08 -68.82
N VAL I 540 14.30 107.73 -69.15
CA VAL I 540 14.15 108.44 -70.41
C VAL I 540 14.11 109.93 -70.14
N SER I 541 15.05 110.66 -70.75
CA SER I 541 15.14 112.10 -70.58
C SER I 541 14.54 112.81 -71.79
N THR I 542 14.70 114.13 -71.85
CA THR I 542 14.05 114.91 -72.90
C THR I 542 14.66 114.62 -74.27
N GLY I 543 15.98 114.60 -74.37
CA GLY I 543 16.63 114.38 -75.64
C GLY I 543 16.76 112.94 -76.07
N ASP I 544 16.25 112.00 -75.26
CA ASP I 544 16.36 110.57 -75.55
C ASP I 544 15.04 109.97 -75.98
N VAL I 545 14.10 110.80 -76.44
CA VAL I 545 12.75 110.33 -76.77
C VAL I 545 12.81 109.46 -78.02
N THR I 546 12.14 108.31 -77.95
CA THR I 546 11.99 107.42 -79.11
C THR I 546 10.54 107.00 -79.22
N ASP I 547 9.89 107.43 -80.30
CA ASP I 547 8.47 107.20 -80.47
C ASP I 547 8.21 105.78 -80.98
N SER I 548 6.99 105.31 -80.72
CA SER I 548 6.53 103.97 -81.13
C SER I 548 7.42 102.87 -80.56
N SER I 549 7.98 103.09 -79.38
CA SER I 549 8.78 102.09 -78.70
C SER I 549 8.40 102.11 -77.22
N ASN I 550 9.08 101.26 -76.45
CA ASN I 550 8.80 101.21 -75.01
C ASN I 550 9.13 102.52 -74.32
N GLU I 551 10.03 103.33 -74.89
CA GLU I 551 10.48 104.58 -74.29
C GLU I 551 9.80 105.79 -74.92
N ALA I 552 8.52 105.68 -75.29
CA ALA I 552 7.81 106.74 -75.97
C ALA I 552 7.35 107.87 -75.04
N LEU I 553 7.82 107.90 -73.80
CA LEU I 553 7.44 108.93 -72.84
C LEU I 553 8.68 109.42 -72.11
N ALA I 554 8.60 110.65 -71.61
CA ALA I 554 9.70 111.29 -70.90
C ALA I 554 9.50 111.22 -69.39
N GLY I 555 10.61 111.07 -68.68
CA GLY I 555 10.58 111.04 -67.23
C GLY I 555 9.87 109.83 -66.64
N THR I 556 10.14 108.64 -67.18
CA THR I 556 9.57 107.40 -66.68
C THR I 556 10.66 106.35 -66.58
N PHE I 557 10.40 105.33 -65.74
CA PHE I 557 11.33 104.22 -65.57
C PHE I 557 10.82 103.00 -66.33
N VAL I 558 11.71 102.36 -67.07
CA VAL I 558 11.38 101.17 -67.85
C VAL I 558 12.17 100.00 -67.29
N ILE I 559 11.47 98.91 -66.98
CA ILE I 559 12.06 97.74 -66.34
C ILE I 559 11.76 96.52 -67.18
N GLN I 560 12.78 95.71 -67.44
CA GLN I 560 12.65 94.46 -68.16
C GLN I 560 13.39 93.37 -67.40
N THR I 561 13.29 92.13 -67.91
CA THR I 561 14.01 91.00 -67.33
C THR I 561 14.67 90.19 -68.43
N ALA I 562 15.50 89.22 -68.06
CA ALA I 562 16.21 88.41 -69.04
C ALA I 562 15.80 86.94 -69.00
N ARG I 563 14.56 86.64 -68.64
CA ARG I 563 14.01 85.30 -68.69
C ARG I 563 12.59 85.35 -69.24
N LEU I 564 12.16 84.23 -69.79
CA LEU I 564 10.89 84.15 -70.51
C LEU I 564 9.77 83.65 -69.60
N GLY I 565 8.56 84.06 -69.93
CA GLY I 565 7.34 83.53 -69.34
C GLY I 565 7.22 83.74 -67.84
N ASP I 566 6.73 82.69 -67.18
CA ASP I 566 6.37 82.75 -65.77
C ASP I 566 7.54 83.15 -64.88
N ASP I 567 8.77 82.86 -65.31
CA ASP I 567 9.93 83.22 -64.51
C ASP I 567 10.12 84.72 -64.39
N SER I 568 9.59 85.49 -65.33
CA SER I 568 9.87 86.92 -65.41
C SER I 568 8.91 87.78 -64.61
N LYS I 569 7.99 87.19 -63.85
CA LYS I 569 7.06 87.97 -63.06
C LYS I 569 7.76 88.50 -61.81
N LEU I 570 7.69 89.83 -61.62
CA LEU I 570 8.34 90.49 -60.50
C LEU I 570 7.29 91.09 -59.57
N SER I 571 7.53 91.01 -58.27
CA SER I 571 6.61 91.53 -57.27
C SER I 571 7.29 92.57 -56.40
N PHE I 572 6.53 93.60 -56.01
CA PHE I 572 7.06 94.75 -55.29
C PHE I 572 6.36 94.87 -53.94
N ILE I 573 7.13 95.16 -52.89
CA ILE I 573 6.60 95.30 -51.54
C ILE I 573 7.22 96.54 -50.89
N GLY I 574 6.41 97.31 -50.18
CA GLY I 574 6.91 98.46 -49.47
C GLY I 574 5.78 99.16 -48.72
N ASP I 575 6.09 100.35 -48.22
CA ASP I 575 5.09 101.15 -47.56
C ASP I 575 4.03 101.59 -48.56
N GLN I 576 2.82 101.84 -48.07
CA GLN I 576 1.70 102.16 -48.96
C GLN I 576 1.96 103.45 -49.72
N ASN I 577 2.51 104.46 -49.05
CA ASN I 577 2.79 105.73 -49.73
C ASN I 577 3.83 105.54 -50.83
N LEU I 578 4.91 104.81 -50.53
CA LEU I 578 5.95 104.58 -51.53
C LEU I 578 5.42 103.79 -52.72
N ILE I 579 4.63 102.75 -52.46
CA ILE I 579 4.09 101.93 -53.55
C ILE I 579 3.13 102.75 -54.40
N ASN I 580 2.27 103.55 -53.76
CA ASN I 580 1.31 104.36 -54.50
C ASN I 580 2.02 105.43 -55.34
N ALA I 581 3.06 106.06 -54.77
CA ALA I 581 3.78 107.09 -55.51
C ALA I 581 4.58 106.48 -56.66
N LEU I 582 5.07 105.25 -56.48
CA LEU I 582 5.74 104.57 -57.59
C LEU I 582 4.79 104.39 -58.76
N SER I 583 3.55 103.96 -58.50
CA SER I 583 2.49 103.89 -59.50
C SER I 583 2.89 103.02 -60.68
N LEU I 584 3.18 101.76 -60.39
CA LEU I 584 3.65 100.83 -61.40
C LEU I 584 2.50 100.33 -62.27
N ALA I 585 2.84 99.96 -63.49
CA ALA I 585 1.87 99.40 -64.43
C ALA I 585 2.59 98.43 -65.35
N THR I 586 1.82 97.53 -65.95
CA THR I 586 2.34 96.50 -66.83
C THR I 586 2.00 96.85 -68.27
N ILE I 587 3.00 96.82 -69.15
CA ILE I 587 2.78 97.09 -70.56
C ILE I 587 3.06 95.88 -71.45
N GLN I 588 3.85 94.90 -71.00
CA GLN I 588 3.97 93.69 -71.78
C GLN I 588 3.98 92.48 -70.86
N GLU I 589 3.27 91.44 -71.27
CA GLU I 589 3.13 90.19 -70.54
C GLU I 589 3.96 89.10 -71.21
N GLY I 590 4.32 88.09 -70.42
CA GLY I 590 5.22 87.05 -70.86
C GLY I 590 4.52 85.90 -71.57
N GLU I 591 5.31 84.87 -71.88
CA GLU I 591 4.82 83.71 -72.60
C GLU I 591 5.85 82.58 -72.54
N ASN I 592 5.38 81.35 -72.41
CA ASN I 592 6.28 80.21 -72.30
C ASN I 592 6.86 79.83 -73.66
N SER I 593 7.87 78.98 -73.64
CA SER I 593 8.54 78.51 -74.83
C SER I 593 7.92 77.20 -75.31
N GLU I 594 8.47 76.67 -76.39
CA GLU I 594 8.05 75.38 -76.92
C GLU I 594 9.27 74.48 -77.08
N THR I 595 9.20 73.28 -76.51
CA THR I 595 10.34 72.37 -76.49
C THR I 595 9.98 71.08 -77.21
N THR I 596 10.86 70.67 -78.11
CA THR I 596 10.74 69.36 -78.77
C THR I 596 11.79 68.44 -78.15
N ILE I 597 11.33 67.33 -77.58
CA ILE I 597 12.18 66.42 -76.82
C ILE I 597 12.14 65.05 -77.49
N LYS I 598 13.32 64.47 -77.72
CA LYS I 598 13.43 63.13 -78.29
C LYS I 598 14.25 62.26 -77.35
N VAL I 599 13.79 61.04 -77.10
CA VAL I 599 14.44 60.15 -76.14
C VAL I 599 14.89 58.89 -76.86
N THR I 600 16.08 58.40 -76.53
CA THR I 600 16.63 57.20 -77.15
C THR I 600 17.46 56.43 -76.14
N ASP I 601 17.80 55.20 -76.49
CA ASP I 601 18.65 54.36 -75.64
C ASP I 601 20.10 54.80 -75.74
N ALA I 602 20.89 54.42 -74.73
CA ALA I 602 22.28 54.84 -74.65
C ALA I 602 23.28 53.79 -75.12
N HIS I 603 22.83 52.57 -75.38
CA HIS I 603 23.71 51.53 -75.89
C HIS I 603 23.20 50.88 -77.18
N THR I 604 21.95 51.10 -77.56
CA THR I 604 21.41 50.56 -78.80
C THR I 604 21.04 51.67 -79.78
N GLY I 605 20.28 52.67 -79.32
CA GLY I 605 19.87 53.76 -80.17
C GLY I 605 18.46 53.64 -80.72
N LYS I 606 17.69 52.65 -80.29
CA LYS I 606 16.34 52.48 -80.80
C LYS I 606 15.43 53.60 -80.32
N PHE I 607 14.56 54.06 -81.21
CA PHE I 607 13.68 55.17 -80.90
C PHE I 607 12.65 54.78 -79.85
N ILE I 608 12.39 55.68 -78.91
CA ILE I 608 11.43 55.47 -77.83
C ILE I 608 10.28 56.46 -77.91
N GLY I 609 10.59 57.74 -78.13
CA GLY I 609 9.53 58.73 -78.18
C GLY I 609 9.99 60.15 -78.44
N SER I 610 9.04 61.01 -78.81
CA SER I 610 9.29 62.43 -79.02
C SER I 610 8.02 63.20 -78.69
N ASP I 611 8.17 64.36 -78.07
CA ASP I 611 7.05 65.16 -77.60
C ASP I 611 7.31 66.63 -77.86
N SER I 612 6.22 67.40 -77.90
CA SER I 612 6.26 68.85 -78.01
C SER I 612 5.53 69.44 -76.80
N VAL I 613 6.29 70.03 -75.89
CA VAL I 613 5.74 70.51 -74.63
C VAL I 613 5.86 72.02 -74.56
N ASN I 614 5.05 72.62 -73.69
CA ASN I 614 5.07 74.05 -73.42
C ASN I 614 5.39 74.38 -71.98
N ASP I 615 5.13 73.47 -71.06
CA ASP I 615 5.46 73.66 -69.65
C ASP I 615 6.81 73.07 -69.26
N SER I 616 7.56 72.53 -70.23
CA SER I 616 8.92 72.02 -70.01
C SER I 616 8.95 70.93 -68.95
N THR I 617 7.94 70.05 -68.99
CA THR I 617 7.92 68.85 -68.17
C THR I 617 7.53 67.67 -69.06
N LEU I 618 8.44 66.73 -69.24
CA LEU I 618 8.19 65.55 -70.05
C LEU I 618 7.43 64.53 -69.21
N ARG I 619 6.17 64.27 -69.57
CA ARG I 619 5.29 63.44 -68.77
C ARG I 619 4.70 62.33 -69.61
N GLY I 620 4.73 61.12 -69.07
CA GLY I 620 3.99 60.01 -69.65
C GLY I 620 4.65 59.30 -70.82
N VAL I 621 5.98 59.36 -70.93
CA VAL I 621 6.72 58.57 -71.92
C VAL I 621 7.57 57.51 -71.25
N ILE I 622 8.16 57.82 -70.09
CA ILE I 622 8.86 56.86 -69.26
C ILE I 622 7.95 56.49 -68.11
N GLN I 623 7.80 55.20 -67.84
CA GLN I 623 6.80 54.72 -66.91
C GLN I 623 7.12 55.17 -65.49
N GLY I 624 6.16 55.83 -64.84
CA GLY I 624 6.27 56.14 -63.44
C GLY I 624 7.24 57.23 -63.07
N VAL I 625 7.73 58.00 -64.04
CA VAL I 625 8.73 59.04 -63.80
C VAL I 625 8.36 60.27 -64.60
N ASP I 626 8.50 61.45 -63.99
CA ASP I 626 8.34 62.72 -64.69
C ASP I 626 9.63 63.51 -64.61
N VAL I 627 9.93 64.24 -65.68
CA VAL I 627 11.21 64.92 -65.86
C VAL I 627 10.95 66.41 -66.07
N LYS I 628 11.83 67.23 -65.51
CA LYS I 628 11.78 68.68 -65.66
C LYS I 628 13.14 69.18 -66.13
N ILE I 629 13.12 70.03 -67.16
CA ILE I 629 14.34 70.61 -67.73
C ILE I 629 14.22 72.13 -67.66
N ASP I 630 15.31 72.77 -67.25
CA ASP I 630 15.32 74.21 -67.06
C ASP I 630 15.13 74.95 -68.37
N SER I 631 14.57 76.16 -68.28
CA SER I 631 14.20 76.93 -69.46
C SER I 631 15.33 77.81 -69.99
N ASP I 632 16.48 77.86 -69.32
CA ASP I 632 17.60 78.67 -69.78
C ASP I 632 18.60 77.85 -70.57
N VAL I 633 18.14 76.84 -71.29
CA VAL I 633 18.99 75.96 -72.08
C VAL I 633 18.67 76.19 -73.55
N GLY I 634 19.69 76.58 -74.32
CA GLY I 634 19.54 76.72 -75.75
C GLY I 634 18.82 77.98 -76.20
N VAL I 635 19.13 79.11 -75.56
CA VAL I 635 18.56 80.40 -75.93
C VAL I 635 19.69 81.41 -75.98
N SER I 636 19.70 82.23 -77.03
CA SER I 636 20.69 83.29 -77.20
C SER I 636 20.01 84.63 -77.09
N ILE I 637 20.65 85.56 -76.37
CA ILE I 637 20.07 86.85 -76.03
C ILE I 637 20.90 87.94 -76.69
N SER I 638 20.21 88.92 -77.28
CA SER I 638 20.87 90.08 -77.88
C SER I 638 20.00 91.30 -77.67
N TRP I 639 20.60 92.48 -77.87
CA TRP I 639 19.91 93.74 -77.66
C TRP I 639 20.00 94.58 -78.92
N ASN I 640 18.86 95.12 -79.34
CA ASN I 640 18.78 95.99 -80.51
C ASN I 640 18.73 97.44 -80.01
N SER I 641 19.83 98.17 -80.19
CA SER I 641 19.88 99.55 -79.76
C SER I 641 19.10 100.46 -80.71
N THR I 642 19.07 100.13 -81.99
CA THR I 642 18.30 100.91 -82.95
C THR I 642 16.81 100.89 -82.64
N LYS I 643 16.27 99.72 -82.26
CA LYS I 643 14.89 99.62 -81.83
C LYS I 643 14.72 99.63 -80.33
N LYS I 644 15.83 99.68 -79.57
CA LYS I 644 15.78 99.73 -78.10
C LYS I 644 14.96 98.59 -77.53
N THR I 645 15.22 97.37 -77.99
CA THR I 645 14.44 96.21 -77.57
C THR I 645 15.35 95.03 -77.27
N MET I 646 14.78 94.04 -76.59
CA MET I 646 15.46 92.77 -76.38
C MET I 646 15.08 91.82 -77.50
N GLU I 647 16.00 90.91 -77.84
CA GLU I 647 15.75 89.92 -78.87
C GLU I 647 16.28 88.57 -78.43
N PHE I 648 15.50 87.52 -78.68
CA PHE I 648 15.84 86.15 -78.32
C PHE I 648 15.93 85.33 -79.59
N SER I 649 16.78 84.31 -79.59
CA SER I 649 16.90 83.42 -80.72
C SER I 649 17.28 82.03 -80.26
N ALA I 650 17.07 81.04 -81.12
CA ALA I 650 17.46 79.68 -80.83
C ALA I 650 18.97 79.52 -81.03
N THR I 651 19.57 78.68 -80.19
CA THR I 651 21.01 78.44 -80.31
C THR I 651 21.35 77.78 -81.65
N GLY I 652 20.56 76.80 -82.07
CA GLY I 652 20.76 76.15 -83.34
C GLY I 652 21.49 74.83 -83.29
N GLU I 653 22.10 74.49 -82.15
CA GLU I 653 22.85 73.25 -82.00
C GLU I 653 22.26 72.44 -80.86
N SER I 654 22.31 71.12 -81.01
CA SER I 654 21.69 70.20 -80.09
C SER I 654 22.48 70.11 -78.78
N GLU I 655 21.80 69.69 -77.73
CA GLU I 655 22.41 69.43 -76.44
C GLU I 655 22.01 68.03 -75.97
N ASP I 656 22.93 67.34 -75.32
CA ASP I 656 22.71 65.98 -74.86
C ASP I 656 22.82 65.93 -73.34
N ILE I 657 21.83 65.32 -72.70
CA ILE I 657 21.85 65.04 -71.27
C ILE I 657 21.53 63.55 -71.10
N LYS I 658 22.29 62.89 -70.24
CA LYS I 658 22.18 61.45 -70.07
C LYS I 658 21.69 61.13 -68.65
N LEU I 659 20.79 60.16 -68.56
CA LEU I 659 20.08 59.86 -67.32
C LEU I 659 20.29 58.41 -66.93
N HIS I 660 20.66 58.20 -65.67
CA HIS I 660 20.88 56.86 -65.12
C HIS I 660 19.81 56.59 -64.08
N LEU I 661 19.26 55.38 -64.11
CA LEU I 661 18.05 55.08 -63.35
C LEU I 661 17.99 53.59 -63.07
N VAL I 662 17.76 53.22 -61.81
CA VAL I 662 17.79 51.83 -61.38
C VAL I 662 16.57 51.56 -60.50
N ASP I 663 15.96 50.39 -60.71
CA ASP I 663 14.82 49.99 -59.90
C ASP I 663 15.27 49.48 -58.54
N ASN I 664 14.59 49.93 -57.50
CA ASN I 664 14.89 49.52 -56.13
C ASN I 664 13.73 49.80 -55.20
N ALA I 665 11.47 47.86 -55.65
CA ALA I 665 10.37 47.98 -54.71
C ALA I 665 10.69 47.23 -53.42
N MET I 666 9.66 46.87 -52.67
CA MET I 666 9.82 46.03 -51.49
C MET I 666 9.18 44.67 -51.78
N GLU I 667 9.90 43.60 -51.49
CA GLU I 667 9.46 42.25 -51.77
C GLU I 667 9.28 41.51 -50.44
N MET I 668 8.11 40.92 -50.24
CA MET I 668 7.80 40.22 -48.99
C MET I 668 7.45 38.77 -49.30
N GLN I 669 8.16 37.84 -48.65
CA GLN I 669 7.85 36.42 -48.78
C GLN I 669 6.64 36.09 -47.92
N ILE I 670 5.60 35.55 -48.55
CA ILE I 670 4.32 35.36 -47.88
C ILE I 670 3.98 33.88 -47.85
N GLY I 671 4.71 33.07 -48.62
CA GLY I 671 4.47 31.65 -48.71
C GLY I 671 5.64 30.84 -48.17
N ALA I 672 5.46 29.52 -48.25
CA ALA I 672 6.48 28.58 -47.77
C ALA I 672 7.31 28.00 -48.90
N ASN I 673 7.17 28.51 -50.13
CA ASN I 673 7.91 28.02 -51.27
C ASN I 673 8.32 29.20 -52.15
N GLU I 674 8.79 28.89 -53.35
CA GLU I 674 9.23 29.91 -54.28
C GLU I 674 8.05 30.69 -54.83
N GLY I 675 8.33 31.89 -55.32
CA GLY I 675 7.35 32.65 -56.08
C GLY I 675 6.30 33.36 -55.24
N GLN I 676 5.97 32.79 -54.09
CA GLN I 676 4.92 33.36 -53.25
C GLN I 676 5.42 34.64 -52.59
N THR I 677 5.03 35.79 -53.12
CA THR I 677 5.54 37.07 -52.64
C THR I 677 4.52 38.17 -52.89
N ILE I 678 4.73 39.29 -52.20
CA ILE I 678 3.92 40.48 -52.32
C ILE I 678 4.84 41.66 -52.59
N LEU I 679 4.45 42.52 -53.53
CA LEU I 679 5.26 43.65 -53.95
C LEU I 679 4.64 44.94 -53.44
N ALA I 680 5.46 45.80 -52.84
CA ALA I 680 5.00 47.03 -52.22
C ALA I 680 5.79 48.23 -52.74
N ASN I 681 5.08 49.34 -52.95
CA ASN I 681 5.64 50.59 -53.44
C ASN I 681 5.18 51.74 -52.57
N ILE I 682 6.05 52.73 -52.40
CA ILE I 682 5.71 53.97 -51.72
C ILE I 682 6.26 55.14 -52.54
N PRO I 683 5.41 55.96 -53.15
CA PRO I 683 5.91 57.09 -53.94
C PRO I 683 6.48 58.18 -53.06
N GLN I 684 7.27 59.06 -53.69
CA GLN I 684 7.84 60.18 -52.97
C GLN I 684 6.81 61.29 -52.77
N VAL I 685 6.84 61.89 -51.58
CA VAL I 685 5.92 62.97 -51.23
C VAL I 685 6.70 64.11 -50.63
N ASP I 686 6.57 65.30 -51.20
CA ASP I 686 7.22 66.50 -50.71
C ASP I 686 6.56 67.69 -51.39
N THR I 687 7.08 68.89 -51.15
CA THR I 687 6.51 70.08 -51.78
C THR I 687 6.67 70.05 -53.29
N THR I 688 7.81 69.56 -53.77
CA THR I 688 8.03 69.51 -55.21
C THR I 688 7.04 68.57 -55.88
N SER I 689 6.78 67.41 -55.27
CA SER I 689 5.81 66.48 -55.85
C SER I 689 4.41 67.06 -55.87
N LEU I 690 4.02 67.73 -54.77
CA LEU I 690 2.68 68.33 -54.70
C LEU I 690 2.53 69.54 -55.61
N GLY I 691 3.64 70.08 -56.14
CA GLY I 691 3.57 71.22 -57.02
C GLY I 691 3.11 72.51 -56.35
N ILE I 692 3.54 72.74 -55.11
CA ILE I 692 3.20 73.97 -54.41
C ILE I 692 4.46 74.59 -53.84
N ASP I 693 5.61 74.22 -54.41
CA ASP I 693 6.88 74.72 -53.89
C ASP I 693 7.08 76.20 -54.20
N ASP I 694 6.49 76.69 -55.29
CA ASP I 694 6.74 78.06 -55.72
C ASP I 694 5.51 78.94 -55.51
N ILE I 695 4.73 78.66 -54.48
CA ILE I 695 3.50 79.39 -54.21
C ILE I 695 3.84 80.67 -53.46
N LEU I 696 3.20 81.77 -53.83
CA LEU I 696 3.44 83.07 -53.23
C LEU I 696 2.13 83.67 -52.76
N MET I 697 2.22 84.50 -51.71
CA MET I 697 1.08 85.26 -51.18
C MET I 697 1.56 86.69 -50.91
N VAL I 698 1.50 87.53 -51.93
CA VAL I 698 1.99 88.90 -51.80
C VAL I 698 0.92 89.90 -52.24
N ASP I 699 0.47 89.78 -53.48
CA ASP I 699 -0.47 90.73 -54.05
C ASP I 699 -1.87 90.13 -54.11
N GLN I 700 -2.80 90.87 -54.69
CA GLN I 700 -4.19 90.43 -54.79
C GLN I 700 -4.44 89.69 -56.11
N GLU I 701 -3.58 88.73 -56.43
CA GLU I 701 -3.82 87.84 -57.56
C GLU I 701 -3.46 86.38 -57.32
N LEU I 702 -2.61 86.06 -56.35
CA LEU I 702 -2.09 84.70 -56.18
C LEU I 702 -3.01 83.79 -55.38
N ALA I 703 -3.98 84.35 -54.66
CA ALA I 703 -4.77 83.56 -53.74
C ALA I 703 -5.60 82.50 -54.45
N GLN I 704 -6.20 82.83 -55.59
CA GLN I 704 -7.05 81.87 -56.30
C GLN I 704 -6.25 80.67 -56.78
N GLU I 705 -5.08 80.93 -57.38
CA GLU I 705 -4.20 79.85 -57.79
C GLU I 705 -3.76 79.03 -56.59
N SER I 706 -3.48 79.69 -55.47
CA SER I 706 -3.13 78.98 -54.25
C SER I 706 -4.23 78.00 -53.84
N ILE I 707 -5.49 78.46 -53.91
CA ILE I 707 -6.62 77.61 -53.53
C ILE I 707 -6.69 76.39 -54.44
N THR I 708 -6.54 76.60 -55.75
CA THR I 708 -6.62 75.48 -56.69
C THR I 708 -5.50 74.47 -56.42
N LYS I 709 -4.27 74.96 -56.23
CA LYS I 709 -3.16 74.05 -55.97
C LYS I 709 -3.39 73.26 -54.69
N LEU I 710 -3.91 73.92 -53.64
CA LEU I 710 -4.15 73.23 -52.38
C LEU I 710 -5.19 72.14 -52.53
N ASP I 711 -6.25 72.40 -53.29
CA ASP I 711 -7.25 71.36 -53.53
C ASP I 711 -6.63 70.16 -54.23
N LYS I 712 -5.81 70.42 -55.26
CA LYS I 712 -5.18 69.31 -55.97
C LYS I 712 -4.27 68.49 -55.05
N ALA I 713 -3.49 69.17 -54.20
CA ALA I 713 -2.59 68.47 -53.29
C ALA I 713 -3.37 67.61 -52.30
N LEU I 714 -4.48 68.15 -51.76
CA LEU I 714 -5.31 67.38 -50.85
C LEU I 714 -5.80 66.09 -51.51
N GLU I 715 -6.28 66.21 -52.75
CA GLU I 715 -6.77 65.02 -53.45
C GLU I 715 -5.67 63.99 -53.64
N THR I 716 -4.47 64.43 -54.01
CA THR I 716 -3.37 63.49 -54.22
C THR I 716 -3.00 62.76 -52.93
N VAL I 717 -2.93 63.49 -51.81
CA VAL I 717 -2.59 62.85 -50.55
C VAL I 717 -3.65 61.83 -50.15
N SER I 718 -4.93 62.18 -50.37
CA SER I 718 -6.00 61.23 -50.08
C SER I 718 -5.87 59.96 -50.90
N GLY I 719 -5.51 60.10 -52.18
CA GLY I 719 -5.32 58.91 -53.00
C GLY I 719 -4.21 58.01 -52.48
N VAL I 720 -3.08 58.60 -52.08
CA VAL I 720 -1.98 57.80 -51.55
C VAL I 720 -2.43 57.05 -50.30
N ARG I 721 -3.13 57.75 -49.39
CA ARG I 721 -3.61 57.08 -48.18
C ARG I 721 -4.55 55.94 -48.50
N ALA I 722 -5.43 56.12 -49.48
CA ALA I 722 -6.36 55.06 -49.85
C ALA I 722 -5.60 53.82 -50.34
N THR I 723 -4.56 54.03 -51.16
CA THR I 723 -3.78 52.90 -51.64
C THR I 723 -3.14 52.13 -50.49
N ILE I 724 -2.55 52.86 -49.54
CA ILE I 724 -1.91 52.18 -48.41
C ILE I 724 -2.93 51.40 -47.59
N GLY I 725 -4.12 51.98 -47.38
CA GLY I 725 -5.15 51.26 -46.66
C GLY I 725 -5.59 49.99 -47.35
N ALA I 726 -5.75 50.04 -48.67
CA ALA I 726 -6.12 48.84 -49.41
C ALA I 726 -5.07 47.74 -49.23
N GLN I 727 -3.79 48.10 -49.31
CA GLN I 727 -2.75 47.09 -49.18
C GLN I 727 -2.74 46.48 -47.78
N ILE I 728 -2.88 47.31 -46.74
CA ILE I 728 -2.86 46.76 -45.39
C ILE I 728 -4.05 45.85 -45.16
N ASN I 729 -5.22 46.18 -45.73
CA ASN I 729 -6.37 45.28 -45.62
C ASN I 729 -6.11 43.95 -46.31
N ARG I 730 -5.46 43.98 -47.49
CA ARG I 730 -5.13 42.72 -48.15
C ARG I 730 -4.25 41.84 -47.26
N LEU I 731 -3.21 42.44 -46.66
CA LEU I 731 -2.33 41.64 -45.79
C LEU I 731 -3.10 41.07 -44.60
N GLU I 732 -3.97 41.89 -43.99
CA GLU I 732 -4.76 41.42 -42.87
C GLU I 732 -5.60 40.21 -43.25
N TYR I 733 -6.31 40.28 -44.38
CA TYR I 733 -7.11 39.12 -44.80
C TYR I 733 -6.22 37.91 -45.11
N THR I 734 -5.09 38.11 -45.79
CA THR I 734 -4.30 36.96 -46.19
C THR I 734 -3.59 36.29 -45.02
N MET I 735 -3.52 36.95 -43.86
CA MET I 735 -2.84 36.32 -42.72
C MET I 735 -3.51 35.02 -42.25
N THR I 736 -4.84 35.00 -42.12
CA THR I 736 -5.50 33.95 -41.34
C THR I 736 -5.51 32.59 -42.03
N GLY I 737 -5.52 32.56 -43.37
CA GLY I 737 -5.50 31.29 -44.08
C GLY I 737 -4.26 30.47 -43.75
N LEU I 738 -3.13 31.13 -43.54
CA LEU I 738 -1.92 30.42 -43.16
C LEU I 738 -2.09 29.71 -41.82
N ASP I 739 -2.70 30.38 -40.85
CA ASP I 739 -2.94 29.73 -39.56
C ASP I 739 -3.90 28.56 -39.69
N THR I 740 -4.94 28.71 -40.51
CA THR I 740 -5.87 27.60 -40.72
C THR I 740 -5.16 26.39 -41.34
N THR I 741 -4.33 26.65 -42.35
CA THR I 741 -3.57 25.58 -42.98
C THR I 741 -2.58 24.95 -42.00
N ARG I 742 -1.95 25.77 -41.15
CA ARG I 742 -1.10 25.24 -40.10
C ARG I 742 -1.85 24.27 -39.21
N GLU I 743 -3.02 24.68 -38.74
CA GLU I 743 -3.80 23.82 -37.84
C GLU I 743 -4.16 22.50 -38.52
N ASN I 744 -4.64 22.58 -39.77
CA ASN I 744 -5.04 21.36 -40.46
C ASN I 744 -3.84 20.44 -40.69
N LEU I 745 -2.71 20.99 -41.14
CA LEU I 745 -1.56 20.15 -41.43
C LEU I 745 -0.91 19.58 -40.17
N THR I 746 -0.88 20.35 -39.07
CA THR I 746 -0.33 19.79 -37.83
C THR I 746 -1.26 18.76 -37.23
N ALA I 747 -2.57 18.88 -37.46
CA ALA I 747 -3.47 17.79 -37.09
C ALA I 747 -3.21 16.55 -37.94
N ALA I 748 -2.99 16.74 -39.25
CA ALA I 748 -2.74 15.61 -40.13
C ALA I 748 -1.44 14.89 -39.78
N GLU I 749 -0.38 15.65 -39.48
CA GLU I 749 0.91 15.03 -39.23
C GLU I 749 0.94 14.29 -37.90
N SER I 750 0.21 14.78 -36.89
CA SER I 750 0.16 14.11 -35.61
C SER I 750 -0.84 12.97 -35.65
N ARG I 751 -0.70 12.09 -36.63
CA ARG I 751 -1.48 10.86 -36.71
C ARG I 751 -0.60 9.63 -36.80
N ILE I 752 0.71 9.81 -37.00
CA ILE I 752 1.69 8.73 -37.00
C ILE I 752 2.66 8.92 -35.84
N ARG I 753 2.24 9.64 -34.80
CA ARG I 753 3.12 9.92 -33.67
C ARG I 753 3.22 8.70 -32.76
N ASP I 754 2.10 8.25 -32.20
CA ASP I 754 2.09 7.10 -31.31
C ASP I 754 0.68 6.56 -31.21
N LEU I 755 0.58 5.27 -30.89
CA LEU I 755 -0.72 4.64 -30.72
C LEU I 755 -1.35 5.07 -29.40
N ASP I 756 -2.65 4.86 -29.29
CA ASP I 756 -3.31 4.97 -27.99
C ASP I 756 -2.68 3.98 -27.02
N ILE I 757 -2.03 4.49 -25.98
CA ILE I 757 -1.08 3.76 -25.15
C ILE I 757 -1.65 2.46 -24.59
N ALA I 758 -2.99 2.34 -24.59
CA ALA I 758 -3.62 1.17 -23.97
C ALA I 758 -3.21 -0.12 -24.66
N ASP I 759 -3.19 -0.14 -26.00
CA ASP I 759 -2.87 -1.37 -26.71
C ASP I 759 -1.41 -1.73 -26.57
N GLU I 760 -0.52 -0.73 -26.58
CA GLU I 760 0.90 -1.00 -26.32
C GLU I 760 1.09 -1.57 -24.92
N MET I 761 0.39 -1.03 -23.93
CA MET I 761 0.47 -1.56 -22.58
C MET I 761 -0.03 -2.99 -22.50
N ALA I 762 -1.13 -3.28 -23.21
CA ALA I 762 -1.65 -4.65 -23.23
C ALA I 762 -0.67 -5.62 -23.87
N LYS I 763 -0.04 -5.21 -24.97
CA LYS I 763 0.96 -6.06 -25.61
C LYS I 763 2.13 -6.32 -24.67
N PHE I 764 2.59 -5.27 -23.98
CA PHE I 764 3.66 -5.42 -23.01
C PHE I 764 3.29 -6.41 -21.93
N THR I 765 2.07 -6.30 -21.38
CA THR I 765 1.64 -7.21 -20.33
C THR I 765 1.58 -8.64 -20.84
N LYS I 766 1.04 -8.84 -22.05
CA LYS I 766 0.92 -10.18 -22.60
C LYS I 766 2.28 -10.83 -22.78
N ASN I 767 3.24 -10.09 -23.35
CA ASN I 767 4.58 -10.64 -23.56
C ASN I 767 5.26 -10.94 -22.23
N GLN I 768 5.10 -10.03 -21.26
CA GLN I 768 5.71 -10.25 -19.94
C GLN I 768 5.16 -11.50 -19.29
N ILE I 769 3.84 -11.74 -19.42
CA ILE I 769 3.26 -12.96 -18.87
C ILE I 769 3.80 -14.19 -19.57
N LEU I 770 3.91 -14.14 -20.90
CA LEU I 770 4.38 -15.31 -21.65
C LEU I 770 5.82 -15.68 -21.31
N ALA I 771 6.65 -14.69 -21.02
CA ALA I 771 8.07 -14.95 -20.78
C ALA I 771 8.27 -15.90 -19.59
N GLN I 772 7.51 -15.70 -18.51
CA GLN I 772 7.69 -16.51 -17.30
C GLN I 772 7.29 -17.96 -17.55
N SER I 773 6.21 -18.18 -18.32
CA SER I 773 5.83 -19.54 -18.69
C SER I 773 6.93 -20.19 -19.51
N ASN I 774 7.53 -19.45 -20.45
CA ASN I 774 8.65 -20.00 -21.20
C ASN I 774 9.78 -20.41 -20.28
N ILE I 775 10.10 -19.56 -19.30
CA ILE I 775 11.21 -19.86 -18.39
C ILE I 775 10.93 -21.11 -17.58
N SER I 776 9.72 -21.24 -17.04
CA SER I 776 9.39 -22.39 -16.22
C SER I 776 9.44 -23.68 -17.04
N MET I 777 8.90 -23.65 -18.26
CA MET I 777 8.94 -24.83 -19.09
C MET I 777 10.36 -25.21 -19.46
N LEU I 778 11.22 -24.22 -19.72
CA LEU I 778 12.62 -24.52 -19.99
C LEU I 778 13.28 -25.18 -18.79
N ALA I 779 12.98 -24.69 -17.59
CA ALA I 779 13.55 -25.29 -16.39
C ALA I 779 13.16 -26.76 -16.26
N GLN I 780 11.86 -27.06 -16.40
CA GLN I 780 11.44 -28.44 -16.22
C GLN I 780 11.96 -29.32 -17.35
N ALA I 781 12.08 -28.77 -18.55
CA ALA I 781 12.65 -29.50 -19.67
C ALA I 781 14.10 -29.88 -19.39
N ASN I 782 14.87 -28.97 -18.80
CA ASN I 782 16.22 -29.31 -18.38
C ASN I 782 16.21 -30.40 -17.32
N SER I 783 15.28 -30.31 -16.37
CA SER I 783 15.33 -31.21 -15.21
C SER I 783 15.00 -32.65 -15.59
N LEU I 784 13.95 -32.86 -16.39
CA LEU I 784 13.31 -34.17 -16.46
C LEU I 784 14.20 -35.28 -17.02
N PRO I 785 14.63 -35.24 -18.30
CA PRO I 785 15.07 -36.49 -18.96
C PRO I 785 16.36 -37.08 -18.43
N GLN I 786 17.39 -36.25 -18.22
CA GLN I 786 18.65 -36.79 -17.73
C GLN I 786 18.49 -37.43 -16.36
N MET I 787 17.68 -36.80 -15.49
CA MET I 787 17.43 -37.40 -14.19
C MET I 787 16.67 -38.71 -14.32
N ALA I 788 15.74 -38.80 -15.27
CA ALA I 788 15.06 -40.07 -15.51
C ALA I 788 16.05 -41.16 -15.91
N LEU I 789 16.95 -40.84 -16.85
CA LEU I 789 18.00 -41.80 -17.23
C LEU I 789 18.85 -42.21 -16.04
N SER I 790 19.25 -41.24 -15.21
CA SER I 790 20.05 -41.58 -14.05
C SER I 790 19.30 -42.49 -13.11
N LEU I 791 17.98 -42.31 -12.98
CA LEU I 791 17.18 -43.24 -12.19
C LEU I 791 17.20 -44.63 -12.80
N LEU I 792 17.19 -44.72 -14.13
CA LEU I 792 17.25 -46.03 -14.77
C LEU I 792 18.52 -46.78 -14.38
N GLY I 793 19.67 -46.14 -14.53
CA GLY I 793 20.96 -46.79 -14.31
C GLY I 793 21.17 -47.38 -12.93
N ALA J 2 35.69 -97.14 -23.20
CA ALA J 2 36.77 -96.89 -22.25
C ALA J 2 37.12 -95.41 -22.23
N MET J 3 37.16 -94.83 -21.03
CA MET J 3 37.56 -93.44 -20.87
C MET J 3 39.07 -93.31 -20.97
N TYR J 4 39.51 -92.19 -21.54
CA TYR J 4 40.89 -92.00 -21.96
C TYR J 4 41.62 -91.09 -20.98
N ILE J 5 42.86 -90.77 -21.33
CA ILE J 5 43.70 -89.82 -20.61
C ILE J 5 44.31 -88.87 -21.63
N ASN J 6 44.37 -87.58 -21.29
CA ASN J 6 44.94 -86.53 -22.15
C ASN J 6 44.07 -86.26 -23.37
N THR J 7 42.75 -86.36 -23.21
CA THR J 7 41.80 -86.07 -24.27
C THR J 7 40.60 -85.30 -23.72
N ASN J 8 40.86 -84.29 -22.90
CA ASN J 8 39.82 -83.53 -22.23
C ASN J 8 39.20 -82.50 -23.19
N VAL J 9 38.42 -83.02 -24.14
CA VAL J 9 37.75 -82.16 -25.12
C VAL J 9 36.78 -81.16 -24.48
N PRO J 10 35.94 -81.55 -23.51
CA PRO J 10 35.02 -80.56 -22.93
C PRO J 10 35.72 -79.34 -22.35
N SER J 11 36.92 -79.52 -21.82
CA SER J 11 37.70 -78.36 -21.36
C SER J 11 37.98 -77.41 -22.52
N LEU J 12 38.35 -77.95 -23.68
CA LEU J 12 38.60 -77.11 -24.85
C LEU J 12 37.34 -76.36 -25.28
N THR J 13 36.21 -77.06 -25.35
CA THR J 13 34.97 -76.41 -25.78
C THR J 13 34.57 -75.32 -24.79
N ALA J 14 34.68 -75.61 -23.50
CA ALA J 14 34.35 -74.62 -22.47
C ALA J 14 35.28 -73.42 -22.57
N GLN J 15 36.57 -73.65 -22.86
CA GLN J 15 37.49 -72.54 -23.04
C GLN J 15 37.06 -71.65 -24.19
N ARG J 16 36.67 -72.25 -25.31
CA ARG J 16 36.24 -71.46 -26.46
C ARG J 16 35.02 -70.61 -26.12
N TYR J 17 34.01 -71.23 -25.51
CA TYR J 17 32.79 -70.49 -25.20
C TYR J 17 33.04 -69.40 -24.16
N LEU J 18 33.89 -69.69 -23.17
CA LEU J 18 34.25 -68.69 -22.18
C LEU J 18 34.95 -67.49 -22.81
N GLY J 19 35.87 -67.74 -23.75
CA GLY J 19 36.51 -66.65 -24.45
C GLY J 19 35.51 -65.78 -25.19
N GLU J 20 34.55 -66.43 -25.87
CA GLU J 20 33.53 -65.66 -26.57
C GLU J 20 32.71 -64.80 -25.61
N THR J 21 32.30 -65.37 -24.48
CA THR J 21 31.49 -64.63 -23.52
C THR J 21 32.26 -63.43 -22.97
N ASN J 22 33.53 -63.64 -22.63
CA ASN J 22 34.34 -62.55 -22.11
C ASN J 22 34.51 -61.44 -23.15
N ASN J 23 34.71 -61.81 -24.42
CA ASN J 23 34.83 -60.81 -25.47
C ASN J 23 33.56 -59.97 -25.58
N ALA J 24 32.40 -60.65 -25.54
CA ALA J 24 31.14 -59.93 -25.62
C ALA J 24 30.96 -58.97 -24.45
N VAL J 25 31.30 -59.42 -23.24
CA VAL J 25 31.22 -58.54 -22.08
C VAL J 25 32.11 -57.32 -22.27
N SER J 26 33.31 -57.54 -22.79
CA SER J 26 34.27 -56.45 -22.95
C SER J 26 33.73 -55.40 -23.92
N LYS J 27 33.22 -55.83 -25.08
CA LYS J 27 32.67 -54.85 -26.02
C LYS J 27 31.46 -54.12 -25.43
N SER J 28 30.58 -54.83 -24.72
CA SER J 28 29.44 -54.16 -24.12
C SER J 28 29.88 -53.09 -23.13
N LEU J 29 30.84 -53.42 -22.27
CA LEU J 29 31.31 -52.46 -21.27
C LEU J 29 31.95 -51.26 -21.94
N GLU J 30 32.80 -51.48 -22.95
CA GLU J 30 33.46 -50.36 -23.60
C GLU J 30 32.44 -49.46 -24.29
N ARG J 31 31.46 -50.05 -24.97
CA ARG J 31 30.43 -49.25 -25.62
C ARG J 31 29.66 -48.41 -24.61
N LEU J 32 29.23 -49.02 -23.51
CA LEU J 32 28.43 -48.28 -22.54
C LEU J 32 29.26 -47.17 -21.88
N SER J 33 30.52 -47.47 -21.54
CA SER J 33 31.36 -46.45 -20.91
C SER J 33 31.63 -45.30 -21.84
N SER J 34 31.89 -45.58 -23.12
CA SER J 34 32.09 -44.50 -24.08
C SER J 34 30.82 -43.68 -24.26
N GLY J 35 29.67 -44.34 -24.28
CA GLY J 35 28.44 -43.63 -24.57
C GLY J 35 28.23 -43.33 -26.03
N LEU J 36 28.93 -44.04 -26.91
CA LEU J 36 28.79 -43.85 -28.35
C LEU J 36 28.50 -45.20 -29.00
N ARG J 37 27.58 -45.18 -29.97
CA ARG J 37 27.20 -46.42 -30.67
C ARG J 37 28.35 -46.95 -31.51
N ILE J 38 28.95 -46.09 -32.33
CA ILE J 38 29.84 -46.57 -33.38
C ILE J 38 31.25 -46.79 -32.85
N ASN J 39 31.93 -45.71 -32.45
CA ASN J 39 33.34 -45.74 -32.10
C ASN J 39 34.18 -46.37 -33.22
N SER J 40 35.46 -46.63 -32.94
CA SER J 40 36.35 -47.40 -33.80
C SER J 40 36.19 -47.04 -35.27
N ALA J 41 36.36 -48.03 -36.15
CA ALA J 41 35.99 -47.89 -37.54
C ALA J 41 35.33 -49.15 -38.11
N SER J 42 35.22 -50.22 -37.34
CA SER J 42 34.74 -51.50 -37.85
C SER J 42 33.34 -51.86 -37.40
N ASP J 43 32.80 -51.18 -36.38
CA ASP J 43 31.44 -51.47 -35.95
C ASP J 43 30.43 -51.13 -37.04
N ASP J 44 30.64 -50.01 -37.73
CA ASP J 44 29.84 -49.63 -38.88
C ASP J 44 30.77 -49.05 -39.94
N ALA J 45 30.37 -49.19 -41.20
CA ALA J 45 31.15 -48.70 -42.32
C ALA J 45 30.51 -47.51 -43.03
N SER J 46 29.25 -47.20 -42.70
CA SER J 46 28.52 -46.15 -43.41
C SER J 46 28.23 -44.92 -42.56
N GLY J 47 28.22 -45.05 -41.23
CA GLY J 47 27.88 -43.91 -40.38
C GLY J 47 28.97 -42.87 -40.27
N LEU J 48 30.22 -43.24 -40.52
CA LEU J 48 31.34 -42.32 -40.31
C LEU J 48 31.25 -41.11 -41.23
N ALA J 49 31.07 -41.33 -42.53
CA ALA J 49 31.04 -40.23 -43.48
C ALA J 49 29.85 -39.32 -43.21
N ILE J 50 28.69 -39.89 -42.93
CA ILE J 50 27.50 -39.09 -42.65
C ILE J 50 27.72 -38.24 -41.41
N SER J 51 28.27 -38.84 -40.36
CA SER J 51 28.53 -38.09 -39.13
C SER J 51 29.50 -36.95 -39.37
N GLU J 52 30.58 -37.21 -40.11
CA GLU J 52 31.56 -36.16 -40.38
C GLU J 52 30.94 -35.01 -41.16
N LYS J 53 30.17 -35.35 -42.21
CA LYS J 53 29.54 -34.30 -43.01
C LYS J 53 28.58 -33.47 -42.17
N LEU J 54 27.77 -34.13 -41.33
CA LEU J 54 26.78 -33.40 -40.56
C LEU J 54 27.43 -32.52 -39.50
N ARG J 55 28.50 -33.00 -38.86
CA ARG J 55 29.20 -32.16 -37.88
C ARG J 55 29.80 -30.93 -38.57
N GLY J 56 30.37 -31.11 -39.76
CA GLY J 56 30.90 -29.96 -40.48
C GLY J 56 29.82 -28.94 -40.79
N GLN J 57 28.66 -29.41 -41.27
CA GLN J 57 27.58 -28.48 -41.58
C GLN J 57 27.08 -27.76 -40.34
N ILE J 58 26.97 -28.46 -39.21
CA ILE J 58 26.50 -27.83 -37.98
C ILE J 58 27.44 -26.70 -37.56
N SER J 59 28.75 -26.97 -37.59
CA SER J 59 29.71 -25.94 -37.22
C SER J 59 29.62 -24.74 -38.16
N GLY J 60 29.51 -25.00 -39.46
CA GLY J 60 29.37 -23.89 -40.41
C GLY J 60 28.13 -23.04 -40.13
N LEU J 61 27.01 -23.69 -39.82
CA LEU J 61 25.79 -22.96 -39.52
C LEU J 61 25.97 -22.06 -38.31
N LYS J 62 26.61 -22.57 -37.26
CA LYS J 62 26.84 -21.75 -36.07
C LYS J 62 27.70 -20.52 -36.41
N ARG J 63 28.76 -20.73 -37.19
CA ARG J 63 29.63 -19.61 -37.54
C ARG J 63 28.87 -18.54 -38.33
N ALA J 64 28.06 -18.97 -39.31
CA ALA J 64 27.28 -18.01 -40.08
C ALA J 64 26.29 -17.25 -39.20
N SER J 65 25.70 -17.96 -38.23
CA SER J 65 24.77 -17.31 -37.30
C SER J 65 25.44 -16.17 -36.55
N LEU J 66 26.67 -16.38 -36.09
CA LEU J 66 27.39 -15.28 -35.45
C LEU J 66 27.69 -14.14 -36.44
N ASN J 67 28.12 -14.51 -37.65
CA ASN J 67 28.53 -13.52 -38.65
C ASN J 67 27.40 -12.55 -38.97
N ALA J 68 26.16 -13.02 -39.01
CA ALA J 68 25.06 -12.15 -39.42
C ALA J 68 24.86 -10.98 -38.45
N GLN J 69 24.86 -11.25 -37.15
CA GLN J 69 24.74 -10.18 -36.17
C GLN J 69 25.94 -9.24 -36.23
N ASP J 70 27.14 -9.83 -36.37
CA ASP J 70 28.33 -9.01 -36.56
C ASP J 70 28.12 -8.01 -37.68
N GLY J 71 27.46 -8.44 -38.76
CA GLY J 71 27.16 -7.52 -39.85
C GLY J 71 26.12 -6.47 -39.50
N ILE J 72 25.05 -6.87 -38.81
CA ILE J 72 23.92 -5.95 -38.64
C ILE J 72 24.28 -4.74 -37.79
N SER J 73 25.23 -4.90 -36.85
CA SER J 73 25.60 -3.75 -36.01
C SER J 73 26.05 -2.55 -36.85
N LEU J 74 26.79 -2.80 -37.93
CA LEU J 74 27.35 -1.73 -38.75
C LEU J 74 26.24 -0.88 -39.38
N LEU J 75 25.24 -1.53 -39.95
CA LEU J 75 24.13 -0.80 -40.55
C LEU J 75 23.37 0.00 -39.51
N GLN J 76 23.24 -0.55 -38.29
CA GLN J 76 22.60 0.23 -37.23
C GLN J 76 23.34 1.55 -37.00
N THR J 77 24.67 1.48 -36.88
CA THR J 77 25.45 2.69 -36.63
C THR J 77 25.30 3.70 -37.77
N ALA J 78 25.39 3.21 -39.01
CA ALA J 78 25.26 4.11 -40.17
C ALA J 78 23.90 4.81 -40.18
N GLU J 79 22.84 4.06 -39.85
CA GLU J 79 21.51 4.66 -39.82
C GLU J 79 21.43 5.77 -38.77
N GLY J 80 22.02 5.53 -37.59
CA GLY J 80 22.01 6.59 -36.58
C GLY J 80 22.66 7.87 -37.06
N GLY J 81 23.86 7.75 -37.65
CA GLY J 81 24.53 8.93 -38.16
C GLY J 81 23.71 9.66 -39.22
N LEU J 82 23.11 8.90 -40.14
CA LEU J 82 22.33 9.52 -41.20
C LEU J 82 21.10 10.23 -40.64
N GLN J 83 20.51 9.67 -39.58
CA GLN J 83 19.39 10.34 -38.93
C GLN J 83 19.82 11.69 -38.36
N ASN J 84 20.99 11.74 -37.73
CA ASN J 84 21.48 13.03 -37.23
C ASN J 84 21.62 14.05 -38.35
N ILE J 85 22.22 13.62 -39.48
CA ILE J 85 22.40 14.55 -40.61
C ILE J 85 21.04 15.05 -41.12
N GLN J 86 20.08 14.13 -41.24
CA GLN J 86 18.75 14.52 -41.71
C GLN J 86 18.10 15.53 -40.79
N ASP J 87 18.24 15.34 -39.48
CA ASP J 87 17.66 16.30 -38.54
C ASP J 87 18.31 17.68 -38.69
N MET J 88 19.62 17.71 -38.94
CA MET J 88 20.30 19.01 -39.10
C MET J 88 19.81 19.76 -40.34
N LEU J 89 19.64 19.05 -41.45
CA LEU J 89 19.29 19.72 -42.70
C LEU J 89 17.97 20.49 -42.58
N GLN J 90 17.04 20.01 -41.74
CA GLN J 90 15.75 20.68 -41.64
C GLN J 90 15.87 22.02 -40.94
N ARG J 91 16.68 22.10 -39.88
CA ARG J 91 16.96 23.40 -39.26
C ARG J 91 17.62 24.33 -40.25
N MET J 92 18.53 23.80 -41.08
CA MET J 92 19.13 24.64 -42.12
C MET J 92 18.06 25.20 -43.06
N ARG J 93 17.11 24.36 -43.47
CA ARG J 93 16.04 24.82 -44.36
C ARG J 93 15.19 25.90 -43.69
N GLU J 94 14.84 25.70 -42.42
CA GLU J 94 14.00 26.67 -41.73
C GLU J 94 14.69 28.02 -41.61
N LEU J 95 15.97 28.01 -41.27
CA LEU J 95 16.65 29.31 -41.18
C LEU J 95 16.87 29.91 -42.56
N ALA J 96 16.99 29.09 -43.61
CA ALA J 96 17.08 29.63 -44.96
C ALA J 96 15.79 30.35 -45.35
N VAL J 97 14.65 29.76 -45.01
CA VAL J 97 13.38 30.42 -45.36
C VAL J 97 13.12 31.60 -44.43
N GLN J 98 13.78 31.66 -43.28
CA GLN J 98 13.71 32.85 -42.43
C GLN J 98 14.03 34.12 -43.22
N ALA J 99 15.13 34.11 -43.96
CA ALA J 99 15.51 35.26 -44.76
C ALA J 99 14.69 35.32 -46.04
N GLY J 100 14.46 36.53 -46.53
CA GLY J 100 13.72 36.71 -47.76
C GLY J 100 12.82 37.94 -47.77
N ASN J 101 12.42 38.40 -46.59
CA ASN J 101 11.63 39.62 -46.51
C ASN J 101 12.52 40.84 -46.67
N GLY J 102 11.94 41.91 -47.23
CA GLY J 102 12.67 43.15 -47.16
C GLY J 102 12.23 44.00 -45.99
N VAL J 103 12.87 43.78 -44.84
CA VAL J 103 12.83 44.68 -43.70
C VAL J 103 14.27 44.75 -43.20
N TYR J 104 15.08 43.79 -43.63
CA TYR J 104 16.43 43.59 -43.12
C TYR J 104 17.43 44.34 -44.00
N THR J 105 18.47 44.84 -43.35
CA THR J 105 19.56 45.53 -44.05
C THR J 105 20.52 44.50 -44.65
N THR J 106 21.67 44.98 -45.12
CA THR J 106 22.65 44.10 -45.74
C THR J 106 23.55 43.39 -44.73
N ASN J 107 23.46 43.71 -43.45
CA ASN J 107 24.28 43.09 -42.43
C ASN J 107 23.60 41.91 -41.75
N ASP J 108 22.28 41.95 -41.59
CA ASP J 108 21.56 40.85 -40.95
C ASP J 108 21.67 39.57 -41.77
N ARG J 109 21.64 39.71 -43.10
CA ARG J 109 21.76 38.54 -43.96
C ARG J 109 23.12 37.87 -43.79
N ALA J 110 24.19 38.65 -43.72
CA ALA J 110 25.51 38.09 -43.45
C ALA J 110 25.58 37.49 -42.05
N GLU J 111 24.86 38.09 -41.10
CA GLU J 111 24.78 37.52 -39.76
C GLU J 111 24.17 36.12 -39.78
N ILE J 112 23.12 35.93 -40.58
CA ILE J 112 22.58 34.58 -40.76
C ILE J 112 23.60 33.69 -41.49
N GLN J 113 24.31 34.28 -42.46
CA GLN J 113 25.23 33.54 -43.31
C GLN J 113 26.35 32.91 -42.51
N LYS J 114 26.89 33.63 -41.51
CA LYS J 114 28.02 33.08 -40.77
C LYS J 114 27.63 31.79 -40.04
N GLU J 115 26.45 31.78 -39.42
CA GLU J 115 26.02 30.59 -38.72
C GLU J 115 25.67 29.48 -39.71
N VAL J 116 25.13 29.83 -40.88
CA VAL J 116 24.87 28.81 -41.90
C VAL J 116 26.18 28.14 -42.30
N ASP J 117 27.23 28.93 -42.48
CA ASP J 117 28.55 28.38 -42.83
C ASP J 117 29.07 27.49 -41.71
N GLN J 118 28.90 27.90 -40.46
CA GLN J 118 29.41 27.10 -39.34
C GLN J 118 28.67 25.76 -39.27
N LEU J 119 27.36 25.78 -39.53
CA LEU J 119 26.59 24.54 -39.59
C LEU J 119 27.07 23.64 -40.71
N LYS J 120 27.42 24.23 -41.86
CA LYS J 120 27.98 23.43 -42.95
C LYS J 120 29.28 22.76 -42.52
N GLU J 121 30.10 23.47 -41.76
CA GLU J 121 31.32 22.86 -41.23
C GLU J 121 30.99 21.68 -40.32
N GLU J 122 29.97 21.84 -39.48
CA GLU J 122 29.55 20.72 -38.62
C GLU J 122 29.11 19.52 -39.44
N ILE J 123 28.37 19.75 -40.51
CA ILE J 123 27.88 18.62 -41.30
C ILE J 123 29.03 17.94 -42.03
N ASN J 124 30.05 18.70 -42.46
CA ASN J 124 31.24 18.07 -43.00
C ASN J 124 31.93 17.19 -41.97
N ARG J 125 32.04 17.69 -40.74
CA ARG J 125 32.71 16.91 -39.70
C ARG J 125 31.96 15.61 -39.43
N ILE J 126 30.63 15.68 -39.33
CA ILE J 126 29.88 14.46 -39.06
C ILE J 126 29.90 13.53 -40.26
N ALA J 127 30.02 14.07 -41.47
CA ALA J 127 30.15 13.22 -42.65
C ALA J 127 31.47 12.47 -42.63
N SER J 128 32.53 13.11 -42.16
CA SER J 128 33.85 12.47 -42.16
C SER J 128 34.25 11.86 -40.82
N SER J 129 33.33 11.77 -39.86
CA SER J 129 33.68 11.31 -38.52
C SER J 129 33.27 9.88 -38.21
N THR J 130 32.34 9.29 -38.98
CA THR J 130 31.83 7.97 -38.64
C THR J 130 32.95 6.93 -38.71
N GLU J 131 32.86 5.92 -37.85
CA GLU J 131 33.98 5.01 -37.63
C GLU J 131 33.49 3.70 -37.03
N PHE J 132 34.09 2.59 -37.47
CA PHE J 132 33.82 1.28 -36.88
C PHE J 132 35.00 0.37 -37.20
N ASN J 133 35.74 -0.03 -36.17
CA ASN J 133 36.89 -0.93 -36.31
C ASN J 133 37.89 -0.39 -37.32
N THR J 134 38.16 0.92 -37.23
CA THR J 134 39.14 1.61 -38.06
C THR J 134 38.87 1.43 -39.56
N LYS J 135 37.60 1.36 -39.95
CA LYS J 135 37.21 1.31 -41.36
C LYS J 135 36.19 2.42 -41.60
N LYS J 136 36.53 3.35 -42.47
CA LYS J 136 35.68 4.51 -42.73
C LYS J 136 34.45 4.09 -43.54
N LEU J 137 33.28 4.59 -43.13
CA LEU J 137 32.02 4.14 -43.70
C LEU J 137 31.43 5.12 -44.71
N LEU J 138 31.13 6.35 -44.27
CA LEU J 138 30.33 7.25 -45.09
C LEU J 138 31.15 8.00 -46.13
N ASN J 139 32.48 7.97 -46.01
CA ASN J 139 33.30 8.74 -46.94
C ASN J 139 33.59 7.92 -48.20
N GLY J 140 32.55 7.35 -48.79
CA GLY J 140 32.69 6.62 -50.04
C GLY J 140 33.74 5.53 -50.06
N ASP J 141 34.23 5.13 -48.89
CA ASP J 141 35.30 4.14 -48.79
C ASP J 141 34.78 2.72 -48.67
N SER J 142 33.46 2.53 -48.74
CA SER J 142 32.87 1.21 -48.69
C SER J 142 32.42 0.67 -50.04
N THR J 143 32.48 1.46 -51.11
CA THR J 143 32.06 1.02 -52.43
C THR J 143 33.21 1.07 -53.44
N ALA J 144 33.88 2.22 -53.59
CA ALA J 144 34.87 2.39 -54.63
C ALA J 144 36.02 3.27 -54.12
N LEU J 145 36.93 3.57 -55.04
CA LEU J 145 38.13 4.34 -54.74
C LEU J 145 38.70 4.87 -56.04
N TRP J 146 38.93 6.17 -56.11
CA TRP J 146 39.36 6.81 -57.35
C TRP J 146 40.52 7.75 -57.09
N SER J 147 41.29 8.02 -58.15
CA SER J 147 42.39 8.96 -58.08
C SER J 147 42.79 9.35 -59.50
N SER J 148 43.14 10.62 -59.68
CA SER J 148 43.58 11.13 -60.97
C SER J 148 44.74 12.09 -60.75
N ASP J 149 45.38 12.47 -61.85
CA ASP J 149 46.56 13.34 -61.78
C ASP J 149 46.22 14.81 -61.95
N SER J 150 45.29 15.16 -62.82
CA SER J 150 44.94 16.57 -63.00
C SER J 150 44.05 17.04 -61.86
N SER J 151 44.33 18.24 -61.37
CA SER J 151 43.66 18.79 -60.21
C SER J 151 42.40 19.59 -60.55
N ASP J 152 41.79 19.30 -61.70
CA ASP J 152 40.57 19.97 -62.12
C ASP J 152 39.54 18.96 -62.61
N LEU J 153 39.54 17.79 -61.98
CA LEU J 153 38.58 16.74 -62.30
C LEU J 153 38.15 16.10 -60.99
N ASP J 154 36.87 16.23 -60.66
CA ASP J 154 36.33 15.71 -59.42
C ASP J 154 35.42 14.53 -59.70
N VAL J 155 35.43 13.57 -58.78
CA VAL J 155 34.64 12.35 -58.90
C VAL J 155 33.78 12.20 -57.66
N VAL J 156 32.49 11.98 -57.86
CA VAL J 156 31.58 11.69 -56.75
C VAL J 156 30.94 10.33 -56.98
N ILE J 157 30.93 9.53 -55.92
CA ILE J 157 30.53 8.12 -55.96
C ILE J 157 29.06 8.02 -55.60
N LYS J 158 28.29 7.28 -56.40
CA LYS J 158 26.88 7.05 -56.13
C LYS J 158 26.57 5.57 -55.96
N SER J 159 27.04 4.71 -56.86
CA SER J 159 26.78 3.28 -56.77
C SER J 159 27.99 2.47 -57.23
N ALA J 160 27.77 1.19 -57.49
CA ALA J 160 28.87 0.30 -57.88
C ALA J 160 29.51 0.76 -59.19
N VAL J 161 30.83 0.65 -59.26
CA VAL J 161 31.60 0.98 -60.44
C VAL J 161 32.19 -0.32 -60.99
N ALA J 162 32.80 -0.25 -62.18
CA ALA J 162 33.40 -1.48 -62.68
C ALA J 162 34.89 -1.58 -62.41
N GLU J 163 35.72 -0.81 -63.15
CA GLU J 163 37.18 -0.88 -63.10
C GLU J 163 37.82 0.11 -64.06
N GLY J 164 39.15 0.18 -64.04
CA GLY J 164 39.93 0.51 -65.21
C GLY J 164 40.49 1.93 -65.20
N ASN J 165 41.28 2.19 -66.25
CA ASN J 165 41.89 3.48 -66.50
C ASN J 165 41.29 4.09 -67.75
N TYR J 166 40.85 5.35 -67.64
CA TYR J 166 40.08 5.99 -68.69
C TYR J 166 40.81 7.23 -69.20
N ASN J 167 40.68 7.47 -70.50
CA ASN J 167 41.30 8.59 -71.18
C ASN J 167 40.20 9.46 -71.79
N LEU J 168 40.28 10.76 -71.53
CA LEU J 168 39.22 11.69 -71.89
C LEU J 168 39.73 12.75 -72.86
N ASN J 169 38.87 13.14 -73.80
CA ASN J 169 39.15 14.17 -74.78
C ASN J 169 38.09 15.25 -74.66
N VAL J 170 38.53 16.51 -74.57
CA VAL J 170 37.67 17.62 -74.21
C VAL J 170 37.74 18.70 -75.29
N THR J 171 36.58 19.20 -75.70
CA THR J 171 36.47 20.36 -76.58
C THR J 171 35.47 21.33 -75.98
N VAL J 172 35.75 22.62 -76.09
CA VAL J 172 34.98 23.66 -75.40
C VAL J 172 34.51 24.70 -76.40
N ASP J 173 33.29 25.20 -76.17
CA ASP J 173 32.74 26.35 -76.89
C ASP J 173 32.32 27.38 -75.85
N PRO J 174 32.93 28.56 -75.81
CA PRO J 174 32.73 29.49 -74.69
C PRO J 174 31.41 30.24 -74.80
N GLY J 175 31.11 30.98 -73.73
CA GLY J 175 29.88 31.76 -73.63
C GLY J 175 30.10 33.24 -73.37
N LYS J 176 29.51 33.75 -72.28
CA LYS J 176 29.54 35.17 -71.96
C LYS J 176 29.68 35.34 -70.46
N ASN J 177 29.75 36.61 -70.01
CA ASN J 177 29.96 36.90 -68.59
C ASN J 177 29.07 38.02 -68.08
N PHE J 178 29.35 38.50 -66.88
CA PHE J 178 28.55 39.52 -66.21
C PHE J 178 29.29 40.85 -66.21
N VAL J 179 28.57 41.93 -66.55
CA VAL J 179 29.16 43.27 -66.60
C VAL J 179 28.25 44.22 -65.81
N TYR J 180 28.85 44.95 -64.87
CA TYR J 180 28.14 45.89 -63.99
C TYR J 180 28.58 47.32 -64.26
N LYS J 181 27.69 48.27 -63.97
CA LYS J 181 27.93 49.69 -64.14
C LYS J 181 27.39 50.46 -62.95
N SER J 182 28.16 51.45 -62.49
CA SER J 182 27.83 52.26 -61.32
C SER J 182 27.14 53.55 -61.74
N ASP J 183 26.97 54.46 -60.78
CA ASP J 183 26.24 55.71 -60.99
C ASP J 183 27.16 56.81 -61.53
N VAL J 184 26.62 58.02 -61.59
CA VAL J 184 27.35 59.19 -62.04
C VAL J 184 27.69 60.04 -60.81
N MET J 185 28.94 60.51 -60.75
CA MET J 185 29.45 61.26 -59.61
C MET J 185 29.68 62.71 -60.01
N THR J 186 29.23 63.64 -59.16
CA THR J 186 29.37 65.05 -59.43
C THR J 186 29.78 65.76 -58.14
N LEU J 187 30.50 66.87 -58.29
CA LEU J 187 31.04 67.62 -57.17
C LEU J 187 29.95 68.45 -56.49
N ASN J 188 30.21 68.80 -55.23
CA ASN J 188 29.31 69.67 -54.49
C ASN J 188 29.35 71.09 -55.07
N GLU J 189 28.35 71.88 -54.69
CA GLU J 189 28.26 73.27 -55.12
C GLU J 189 29.29 74.17 -54.45
N ASP J 190 29.77 73.79 -53.27
CA ASP J 190 30.72 74.64 -52.55
C ASP J 190 32.04 74.76 -53.29
N ALA J 191 32.45 73.71 -54.00
CA ALA J 191 33.71 73.72 -54.74
C ALA J 191 33.57 74.51 -56.04
N ILE J 192 34.57 74.39 -56.92
CA ILE J 192 34.61 75.02 -58.24
C ILE J 192 34.83 76.52 -58.11
N GLY J 193 35.74 77.06 -58.93
CA GLY J 193 36.00 78.49 -58.95
C GLY J 193 37.47 78.81 -59.05
N ALA J 194 37.83 79.66 -60.01
CA ALA J 194 39.21 80.12 -60.15
C ALA J 194 39.35 81.52 -59.56
N GLU J 195 40.58 81.85 -59.15
CA GLU J 195 40.82 83.15 -58.52
C GLU J 195 42.32 83.44 -58.65
N ILE J 196 42.70 84.70 -58.44
CA ILE J 196 44.07 85.16 -58.67
C ILE J 196 44.72 85.50 -57.34
N VAL J 197 45.87 84.88 -57.07
CA VAL J 197 46.56 85.03 -55.80
C VAL J 197 47.93 85.66 -56.05
N THR J 198 48.54 86.14 -54.97
CA THR J 198 49.90 86.69 -54.95
C THR J 198 50.65 86.01 -53.80
N ALA J 199 51.25 84.85 -54.10
CA ALA J 199 52.01 84.07 -53.12
C ALA J 199 53.49 84.05 -53.45
N GLY J 200 53.85 83.60 -54.66
CA GLY J 200 55.24 83.67 -55.08
C GLY J 200 55.73 85.10 -55.24
N GLY J 201 54.86 85.98 -55.74
CA GLY J 201 55.17 87.39 -55.85
C GLY J 201 55.34 87.88 -57.28
N ASP J 202 54.31 88.51 -57.81
CA ASP J 202 54.36 89.16 -59.12
C ASP J 202 53.13 90.02 -59.27
N VAL J 203 53.29 91.14 -59.96
CA VAL J 203 52.22 92.11 -60.11
C VAL J 203 51.67 92.01 -61.53
N ASN J 204 50.39 92.37 -61.69
CA ASN J 204 49.68 92.21 -62.94
C ASN J 204 50.21 93.23 -63.95
N GLU J 205 50.89 92.73 -64.98
CA GLU J 205 51.40 93.58 -66.06
C GLU J 205 50.47 93.64 -67.25
N THR J 206 49.29 93.02 -67.18
CA THR J 206 48.38 92.93 -68.30
C THR J 206 46.96 93.28 -67.85
N ASN J 207 46.00 93.05 -68.74
CA ASN J 207 44.64 93.55 -68.53
C ASN J 207 43.60 92.44 -68.51
N VAL J 208 43.90 91.32 -67.86
CA VAL J 208 42.95 90.22 -67.72
C VAL J 208 42.17 90.43 -66.44
N GLY J 209 40.85 90.54 -66.57
CA GLY J 209 40.00 90.85 -65.43
C GLY J 209 39.76 89.69 -64.49
N PHE J 210 39.31 88.56 -65.04
CA PHE J 210 38.93 87.42 -64.21
C PHE J 210 38.74 86.20 -65.11
N VAL J 211 38.50 85.06 -64.47
CA VAL J 211 38.33 83.78 -65.14
C VAL J 211 37.09 83.12 -64.57
N THR J 212 36.33 82.44 -65.44
CA THR J 212 35.03 81.90 -65.07
C THR J 212 34.87 80.49 -65.60
N ASP J 213 33.77 79.87 -65.15
CA ASP J 213 33.26 78.50 -65.32
C ASP J 213 34.37 77.48 -65.54
N PRO J 214 35.19 77.21 -64.53
CA PRO J 214 36.10 76.06 -64.61
C PRO J 214 35.31 74.76 -64.53
N ASN J 215 35.60 73.85 -65.45
CA ASN J 215 34.85 72.60 -65.53
C ASN J 215 35.82 71.49 -65.91
N THR J 216 36.00 70.54 -64.99
CA THR J 216 36.82 69.34 -65.20
C THR J 216 38.27 69.68 -65.56
N LEU J 217 38.79 70.74 -64.96
CA LEU J 217 40.14 71.22 -65.22
C LEU J 217 41.17 70.66 -64.24
N ALA J 218 40.93 69.46 -63.70
CA ALA J 218 41.60 68.94 -62.50
C ALA J 218 41.20 69.81 -61.32
N SER J 219 41.97 69.76 -60.23
CA SER J 219 41.52 70.43 -59.02
C SER J 219 42.69 70.70 -58.08
N THR J 220 42.35 71.08 -56.85
CA THR J 220 43.21 71.27 -55.68
C THR J 220 44.09 72.50 -55.77
N GLY J 221 44.19 73.11 -56.94
CA GLY J 221 44.69 74.47 -57.10
C GLY J 221 45.90 74.87 -56.29
N THR J 222 46.70 73.91 -55.84
CA THR J 222 47.83 74.23 -54.96
C THR J 222 49.14 74.38 -55.71
N ALA J 223 49.39 73.53 -56.71
CA ALA J 223 50.43 73.79 -57.70
C ALA J 223 49.88 74.83 -58.66
N TYR J 224 50.34 76.07 -58.51
CA TYR J 224 49.71 77.20 -59.17
C TYR J 224 49.87 77.10 -60.68
N TYR J 225 49.16 77.98 -61.41
CA TYR J 225 49.20 77.94 -62.86
C TYR J 225 49.72 79.26 -63.40
N THR J 226 50.52 79.18 -64.46
CA THR J 226 51.13 80.32 -65.12
C THR J 226 50.50 80.48 -66.50
N VAL J 227 50.02 81.68 -66.79
CA VAL J 227 49.06 81.91 -67.87
C VAL J 227 49.56 82.95 -68.87
N ASP J 228 50.85 82.90 -69.20
CA ASP J 228 51.52 83.98 -69.93
C ASP J 228 50.72 84.46 -71.13
N VAL J 229 50.55 85.77 -71.23
CA VAL J 229 49.83 86.40 -72.34
C VAL J 229 50.82 87.34 -73.00
N THR J 230 51.02 87.18 -74.31
CA THR J 230 51.95 88.02 -75.04
C THR J 230 51.22 88.79 -76.14
N ALA J 231 51.72 89.98 -76.43
CA ALA J 231 51.13 90.84 -77.46
C ALA J 231 51.82 90.65 -78.80
N GLY J 232 51.85 89.42 -79.30
CA GLY J 232 52.42 89.14 -80.60
C GLY J 232 53.89 88.79 -80.56
N ALA J 233 54.23 87.57 -80.97
CA ALA J 233 55.60 87.11 -81.03
C ALA J 233 55.70 85.91 -81.96
N ASP J 234 56.68 85.91 -82.85
CA ASP J 234 56.76 84.89 -83.90
C ASP J 234 56.80 83.50 -83.28
N THR J 235 56.04 82.58 -83.89
CA THR J 235 55.91 81.22 -83.39
C THR J 235 56.46 80.26 -84.44
N LEU J 236 57.18 79.24 -83.98
CA LEU J 236 57.78 78.27 -84.86
C LEU J 236 57.19 76.88 -84.63
N SER J 237 57.23 76.06 -85.67
CA SER J 237 56.71 74.70 -85.59
C SER J 237 57.55 73.88 -84.63
N SER J 238 56.88 73.12 -83.76
CA SER J 238 57.57 72.30 -82.78
C SER J 238 56.61 71.26 -82.22
N VAL J 239 57.18 70.22 -81.62
CA VAL J 239 56.42 69.22 -80.89
C VAL J 239 57.24 68.82 -79.66
N ALA J 240 56.53 68.60 -78.55
CA ALA J 240 57.18 68.25 -77.29
C ALA J 240 56.48 67.04 -76.69
N THR J 241 57.27 66.15 -76.11
CA THR J 241 56.72 64.96 -75.46
C THR J 241 56.22 65.34 -74.08
N MET J 242 54.89 65.39 -73.92
CA MET J 242 54.32 65.79 -72.63
C MET J 242 54.42 64.69 -71.59
N SER J 243 53.94 63.49 -71.91
CA SER J 243 53.94 62.46 -70.87
C SER J 243 53.94 61.06 -71.49
N VAL J 244 54.28 60.08 -70.66
CA VAL J 244 54.36 58.68 -71.03
C VAL J 244 53.72 57.85 -69.92
N TYR J 245 53.32 56.63 -70.26
CA TYR J 245 52.68 55.76 -69.28
C TYR J 245 52.91 54.29 -69.63
N ARG J 246 53.44 53.54 -68.66
CA ARG J 246 53.64 52.10 -68.77
C ARG J 246 52.97 51.44 -67.57
N GLN J 247 52.67 50.14 -67.71
CA GLN J 247 52.02 49.42 -66.61
C GLN J 247 53.07 48.74 -65.74
N ALA J 248 53.70 47.69 -66.26
CA ALA J 248 54.94 47.18 -65.73
C ALA J 248 55.94 47.10 -66.88
N GLY J 249 55.50 46.46 -67.97
CA GLY J 249 56.22 46.38 -69.22
C GLY J 249 57.71 46.16 -69.13
N SER J 250 58.45 46.91 -69.94
CA SER J 250 59.90 46.91 -69.92
C SER J 250 60.37 48.30 -70.29
N ASN J 251 61.62 48.59 -70.00
CA ASN J 251 62.14 49.94 -70.19
C ASN J 251 62.11 50.35 -71.65
N PHE J 252 61.59 51.54 -71.92
CA PHE J 252 61.67 52.14 -73.23
C PHE J 252 61.71 53.66 -73.09
N GLY J 253 62.61 54.30 -73.83
CA GLY J 253 62.87 55.72 -73.66
C GLY J 253 61.91 56.61 -74.41
N SER J 254 62.29 57.88 -74.55
CA SER J 254 61.49 58.89 -75.21
C SER J 254 62.42 59.87 -75.88
N VAL J 255 61.86 61.04 -76.24
CA VAL J 255 62.48 62.15 -76.99
C VAL J 255 62.11 62.02 -78.46
N ALA J 256 61.44 63.02 -78.99
CA ALA J 256 60.91 63.03 -80.35
C ALA J 256 61.65 64.05 -81.20
N THR J 257 61.79 63.73 -82.48
CA THR J 257 62.47 64.60 -83.43
C THR J 257 61.65 64.72 -84.71
N TRP J 258 61.71 65.91 -85.30
CA TRP J 258 61.09 66.22 -86.58
C TRP J 258 61.99 65.84 -87.75
N THR J 259 61.45 65.99 -88.95
CA THR J 259 62.22 66.14 -90.17
C THR J 259 61.70 67.38 -90.87
N THR J 260 62.55 68.40 -90.98
CA THR J 260 62.09 69.71 -91.41
C THR J 260 61.51 69.65 -92.82
N GLY J 261 60.45 70.42 -93.04
CA GLY J 261 59.72 70.45 -94.30
C GLY J 261 58.23 70.30 -94.14
N GLY J 262 57.78 69.58 -93.11
CA GLY J 262 56.38 69.39 -92.88
C GLY J 262 55.71 70.61 -92.28
N THR J 263 54.37 70.57 -92.26
CA THR J 263 53.56 71.66 -91.74
C THR J 263 52.44 71.10 -90.87
N VAL J 264 51.95 71.94 -89.97
CA VAL J 264 50.89 71.56 -89.03
C VAL J 264 49.63 72.36 -89.38
N ALA J 265 48.48 71.84 -88.95
CA ALA J 265 47.21 72.50 -89.24
C ALA J 265 46.85 73.50 -88.14
N ASP J 266 46.76 73.04 -86.89
CA ASP J 266 46.44 73.89 -85.77
C ASP J 266 47.15 73.38 -84.53
N SER J 267 47.27 74.24 -83.51
CA SER J 267 47.80 73.80 -82.24
C SER J 267 46.88 72.77 -81.60
N GLY J 268 47.46 71.73 -81.01
CA GLY J 268 46.60 70.68 -80.47
C GLY J 268 47.26 69.65 -79.59
N TYR J 269 46.46 68.67 -79.12
CA TYR J 269 46.96 67.58 -78.30
C TYR J 269 46.82 66.27 -79.04
N LEU J 270 47.84 65.43 -78.93
CA LEU J 270 47.91 64.15 -79.62
C LEU J 270 48.15 63.04 -78.61
N LEU J 271 47.45 61.92 -78.78
CA LEU J 271 47.60 60.77 -77.91
C LEU J 271 47.86 59.54 -78.77
N ILE J 272 48.89 58.78 -78.40
CA ILE J 272 49.32 57.61 -79.17
C ILE J 272 49.26 56.40 -78.26
N GLU J 273 48.63 55.33 -78.75
CA GLU J 273 48.42 54.10 -78.01
C GLU J 273 48.89 52.92 -78.84
N ALA J 274 49.71 52.06 -78.23
CA ALA J 274 50.19 50.88 -78.93
C ALA J 274 49.11 49.79 -78.92
N GLN J 275 49.33 48.76 -79.73
CA GLN J 275 48.32 47.73 -79.92
C GLN J 275 48.77 46.31 -79.60
N GLU J 276 50.01 45.93 -79.89
CA GLU J 276 50.49 44.59 -79.56
C GLU J 276 51.90 44.70 -78.99
N ASN J 277 52.55 43.55 -78.84
CA ASN J 277 53.83 43.45 -78.14
C ASN J 277 54.95 43.16 -79.13
N PHE J 278 56.15 43.63 -78.82
CA PHE J 278 57.33 43.29 -79.62
C PHE J 278 58.59 43.57 -78.80
N THR J 279 59.49 42.58 -78.77
CA THR J 279 60.75 42.70 -78.05
C THR J 279 61.91 42.07 -78.81
N VAL J 280 61.73 41.83 -80.11
CA VAL J 280 62.71 41.06 -80.88
C VAL J 280 63.56 42.05 -81.66
N SER J 281 63.58 43.29 -81.22
CA SER J 281 64.32 44.36 -81.89
C SER J 281 65.81 44.10 -81.79
N ALA J 282 66.40 43.66 -82.91
CA ALA J 282 67.84 43.51 -83.02
C ALA J 282 68.39 44.11 -84.31
N GLY J 283 67.53 44.67 -85.16
CA GLY J 283 67.89 45.26 -86.43
C GLY J 283 67.34 44.46 -87.59
N THR J 284 66.16 44.86 -88.07
CA THR J 284 65.46 44.24 -89.19
C THR J 284 64.19 45.05 -89.44
N THR J 285 63.67 45.04 -90.67
CA THR J 285 62.43 45.76 -90.95
C THR J 285 61.27 45.16 -90.16
N ALA J 286 60.34 46.02 -89.77
CA ALA J 286 59.19 45.60 -88.98
C ALA J 286 58.07 46.62 -89.16
N ASN J 287 56.87 46.23 -88.77
CA ASN J 287 55.71 47.09 -88.90
C ASN J 287 54.63 46.62 -87.93
N TYR J 288 53.96 47.58 -87.29
CA TYR J 288 52.96 47.29 -86.28
C TYR J 288 51.93 48.40 -86.27
N THR J 289 50.80 48.15 -85.59
CA THR J 289 49.64 49.03 -85.61
C THR J 289 49.51 49.81 -84.31
N PHE J 290 48.88 50.99 -84.41
CA PHE J 290 48.68 51.87 -83.28
C PHE J 290 47.39 52.65 -83.46
N LYS J 291 46.90 53.21 -82.36
CA LYS J 291 45.75 54.11 -82.36
C LYS J 291 46.22 55.52 -82.08
N ALA J 292 45.62 56.50 -82.77
CA ALA J 292 45.97 57.90 -82.57
C ALA J 292 44.70 58.69 -82.33
N THR J 293 44.77 59.66 -81.41
CA THR J 293 43.65 60.52 -81.09
C THR J 293 44.11 61.97 -81.08
N PHE J 294 43.34 62.84 -81.74
CA PHE J 294 43.66 64.26 -81.84
C PHE J 294 42.54 65.07 -81.19
N VAL J 295 42.95 66.06 -80.39
CA VAL J 295 42.03 67.01 -79.76
C VAL J 295 42.50 68.41 -80.12
N ASP J 296 41.57 69.24 -80.58
CA ASP J 296 41.86 70.63 -80.89
C ASP J 296 41.98 71.42 -79.59
N ALA J 297 42.89 72.39 -79.57
CA ALA J 297 43.06 73.24 -78.41
C ALA J 297 42.12 74.45 -78.42
N LYS J 298 41.40 74.66 -79.51
CA LYS J 298 40.53 75.83 -79.66
C LYS J 298 39.05 75.50 -79.75
N THR J 299 38.67 74.49 -80.53
CA THR J 299 37.28 74.14 -80.73
C THR J 299 36.82 72.97 -79.88
N GLY J 300 37.68 72.00 -79.61
CA GLY J 300 37.33 70.88 -78.77
C GLY J 300 36.87 69.63 -79.49
N GLU J 301 36.86 69.63 -80.81
CA GLU J 301 36.46 68.44 -81.55
C GLU J 301 37.51 67.34 -81.38
N LYS J 302 37.06 66.09 -81.51
CA LYS J 302 37.88 64.93 -81.21
C LYS J 302 37.90 64.00 -82.42
N SER J 303 39.09 63.52 -82.80
CA SER J 303 39.22 62.61 -83.93
C SER J 303 40.07 61.41 -83.52
N THR J 304 39.77 60.27 -84.13
CA THR J 304 40.47 59.01 -83.85
C THR J 304 40.84 58.38 -85.18
N TYR J 305 42.00 57.74 -85.26
CA TYR J 305 42.42 57.12 -86.50
C TYR J 305 43.38 55.97 -86.20
N GLU J 306 43.55 55.10 -87.20
CA GLU J 306 44.37 53.89 -87.11
C GLU J 306 45.65 54.11 -87.90
N ILE J 307 46.81 53.93 -87.25
CA ILE J 307 48.08 54.29 -87.85
C ILE J 307 49.03 53.10 -87.74
N GLU J 308 50.16 53.18 -88.44
CA GLU J 308 51.15 52.12 -88.44
C GLU J 308 52.54 52.72 -88.30
N GLY J 309 53.46 51.91 -87.78
CA GLY J 309 54.84 52.37 -87.60
C GLY J 309 55.78 51.19 -87.52
N GLY J 310 57.04 51.46 -87.86
CA GLY J 310 58.05 50.41 -87.89
C GLY J 310 59.43 50.88 -87.48
N ASP J 311 60.20 49.96 -86.94
CA ASP J 311 61.59 50.19 -86.56
C ASP J 311 62.46 50.25 -87.83
N ASP J 312 63.64 50.84 -87.68
CA ASP J 312 64.59 50.90 -88.78
C ASP J 312 65.85 50.08 -88.53
N GLY J 313 66.64 50.39 -87.50
CA GLY J 313 67.69 49.48 -87.11
C GLY J 313 67.80 49.23 -85.62
N ALA J 314 67.35 50.19 -84.82
CA ALA J 314 67.40 50.07 -83.36
C ALA J 314 66.70 51.28 -82.76
N GLY J 315 65.85 51.02 -81.76
CA GLY J 315 65.28 52.03 -80.90
C GLY J 315 64.77 53.30 -81.54
N ASN J 316 64.39 53.24 -82.81
CA ASN J 316 63.82 54.38 -83.51
C ASN J 316 62.45 53.96 -84.04
N LEU J 317 61.44 54.78 -83.76
CA LEU J 317 60.08 54.51 -84.24
C LEU J 317 59.60 55.72 -85.03
N VAL J 318 59.24 55.49 -86.29
CA VAL J 318 58.84 56.56 -87.21
C VAL J 318 57.33 56.47 -87.41
N PHE J 319 56.63 57.57 -87.12
CA PHE J 319 55.20 57.66 -87.38
C PHE J 319 54.93 58.68 -88.48
N ASP J 320 54.13 58.25 -89.46
CA ASP J 320 53.81 59.06 -90.62
C ASP J 320 52.45 59.71 -90.39
N LEU J 321 52.41 61.04 -90.41
CA LEU J 321 51.21 61.79 -90.07
C LEU J 321 50.44 62.27 -91.29
N ALA J 322 50.79 61.79 -92.48
CA ALA J 322 49.98 62.10 -93.66
C ALA J 322 48.62 61.44 -93.58
N ASP J 323 48.55 60.27 -92.95
CA ASP J 323 47.31 59.51 -92.80
C ASP J 323 46.36 60.12 -91.76
N MET J 324 46.80 61.13 -91.01
CA MET J 324 45.89 61.82 -90.09
C MET J 324 44.86 62.60 -90.90
N THR J 325 43.82 61.93 -91.33
CA THR J 325 42.82 62.54 -92.18
C THR J 325 42.02 63.59 -91.41
N GLY J 326 41.26 64.38 -92.14
CA GLY J 326 40.44 65.42 -91.56
C GLY J 326 41.19 66.71 -91.26
N ALA J 327 42.04 66.68 -90.24
CA ALA J 327 42.77 67.88 -89.85
C ALA J 327 43.78 68.31 -90.91
N GLY J 328 44.57 67.38 -91.41
CA GLY J 328 45.55 67.69 -92.43
C GLY J 328 46.91 68.01 -91.86
N PHE J 329 47.87 67.09 -92.03
CA PHE J 329 49.22 67.24 -91.51
C PHE J 329 50.23 66.91 -92.61
N SER J 330 51.50 66.82 -92.23
CA SER J 330 52.57 66.47 -93.14
C SER J 330 53.78 66.05 -92.31
N GLY J 331 54.79 65.55 -93.00
CA GLY J 331 56.05 65.22 -92.36
C GLY J 331 56.00 63.91 -91.59
N GLU J 332 56.99 63.76 -90.72
CA GLU J 332 57.21 62.56 -89.92
C GLU J 332 57.42 62.94 -88.46
N VAL J 333 57.55 61.93 -87.61
CA VAL J 333 57.98 62.13 -86.23
C VAL J 333 58.71 60.86 -85.78
N SER J 334 59.87 61.05 -85.16
CA SER J 334 60.69 59.92 -84.75
C SER J 334 60.85 59.91 -83.24
N ILE J 335 60.46 58.81 -82.61
CA ILE J 335 60.66 58.61 -81.18
C ILE J 335 61.93 57.79 -81.01
N ALA J 336 62.85 58.30 -80.19
CA ALA J 336 64.15 57.67 -80.00
C ALA J 336 64.11 56.88 -78.70
N ILE J 337 64.03 55.56 -78.82
CA ILE J 337 63.93 54.69 -77.65
C ILE J 337 65.30 54.13 -77.26
N GLY J 338 66.05 53.63 -78.23
CA GLY J 338 67.31 52.97 -77.97
C GLY J 338 67.18 51.46 -77.99
N THR J 339 68.34 50.79 -77.90
CA THR J 339 68.38 49.33 -77.98
C THR J 339 67.75 48.72 -76.74
N ASP J 340 67.29 47.48 -76.87
CA ASP J 340 66.56 46.75 -75.83
C ASP J 340 65.25 47.44 -75.48
N ALA J 341 64.38 47.52 -76.49
CA ALA J 341 63.04 48.09 -76.33
C ALA J 341 62.02 46.97 -76.42
N ASN J 342 61.35 46.68 -75.31
CA ASN J 342 60.28 45.70 -75.26
C ASN J 342 58.97 46.43 -75.00
N MET J 343 58.04 46.35 -75.93
CA MET J 343 56.80 47.10 -75.86
C MET J 343 55.63 46.15 -75.68
N GLN J 344 54.85 46.38 -74.61
CA GLN J 344 53.59 45.67 -74.38
C GLN J 344 52.48 46.38 -75.14
N SER J 345 51.24 45.99 -74.86
CA SER J 345 50.07 46.69 -75.39
C SER J 345 49.36 47.38 -74.23
N GLY J 346 49.21 48.70 -74.34
CA GLY J 346 48.59 49.46 -73.27
C GLY J 346 49.32 50.74 -72.92
N ASP J 347 50.62 50.80 -73.23
CA ASP J 347 51.40 51.99 -72.92
C ASP J 347 50.92 53.18 -73.75
N LYS J 348 51.01 54.37 -73.17
CA LYS J 348 50.41 55.57 -73.76
C LYS J 348 51.44 56.69 -73.82
N ILE J 349 51.29 57.55 -74.84
CA ILE J 349 52.13 58.75 -74.97
C ILE J 349 51.24 59.94 -75.29
N LEU J 350 51.54 61.08 -74.68
CA LEU J 350 50.79 62.32 -74.89
C LEU J 350 51.74 63.43 -75.33
N LEU J 351 51.37 64.12 -76.41
CA LEU J 351 52.19 65.12 -77.08
C LEU J 351 51.36 66.38 -77.33
N SER J 352 52.05 67.50 -77.52
CA SER J 352 51.43 68.78 -77.84
C SER J 352 52.07 69.38 -79.08
N THR J 353 51.28 70.05 -79.91
CA THR J 353 51.73 70.58 -81.20
C THR J 353 51.36 72.04 -81.36
N THR J 354 52.18 72.76 -82.12
CA THR J 354 52.17 74.21 -82.24
C THR J 354 52.03 74.61 -83.72
N GLU J 355 51.38 75.76 -83.94
CA GLU J 355 51.14 76.29 -85.27
C GLU J 355 52.01 77.51 -85.55
N ALA J 356 52.28 77.74 -86.83
CA ALA J 356 53.02 78.92 -87.26
C ALA J 356 52.07 80.08 -87.53
N VAL J 357 52.35 81.23 -86.91
CA VAL J 357 51.52 82.43 -87.02
C VAL J 357 52.44 83.63 -87.19
N ASP J 358 51.94 84.65 -87.90
CA ASP J 358 52.75 85.84 -88.17
C ASP J 358 52.94 86.68 -86.92
N THR J 359 51.86 86.94 -86.19
CA THR J 359 51.87 87.62 -84.88
C THR J 359 52.54 88.98 -84.91
N SER J 360 52.60 89.64 -86.07
CA SER J 360 53.20 90.98 -86.15
C SER J 360 52.25 91.86 -86.95
N ALA J 361 51.30 92.47 -86.24
CA ALA J 361 50.26 93.30 -86.85
C ALA J 361 50.32 94.71 -86.28
N THR J 362 49.50 95.59 -86.83
CA THR J 362 49.39 96.95 -86.30
C THR J 362 48.88 96.92 -84.86
N SER J 363 47.86 96.10 -84.60
CA SER J 363 47.28 95.90 -83.27
C SER J 363 46.24 94.79 -83.40
N GLY J 364 45.63 94.45 -82.27
CA GLY J 364 44.47 93.57 -82.32
C GLY J 364 44.38 92.45 -81.30
N GLY J 365 45.51 91.88 -80.89
CA GLY J 365 45.46 90.76 -79.97
C GLY J 365 46.84 90.21 -79.69
N GLY J 366 46.89 88.92 -79.38
CA GLY J 366 48.13 88.26 -79.06
C GLY J 366 48.03 86.76 -78.93
N THR J 367 48.89 86.20 -78.06
CA THR J 367 49.05 84.77 -77.89
C THR J 367 48.98 84.39 -76.41
N ILE J 368 48.60 83.14 -76.16
CA ILE J 368 48.37 82.61 -74.83
C ILE J 368 49.19 81.33 -74.66
N ALA J 369 49.85 81.21 -73.50
CA ALA J 369 50.61 80.02 -73.14
C ALA J 369 50.33 79.63 -71.70
N ILE J 370 50.10 78.34 -71.48
CA ILE J 370 49.78 77.79 -70.16
C ILE J 370 50.92 76.88 -69.72
N SER J 371 51.33 77.02 -68.47
CA SER J 371 52.41 76.20 -67.92
C SER J 371 52.20 76.04 -66.42
N GLY J 372 52.92 75.09 -65.84
CA GLY J 372 52.87 74.86 -64.42
C GLY J 372 51.99 73.68 -64.04
N GLY J 373 51.45 73.70 -62.83
CA GLY J 373 50.57 72.66 -62.37
C GLY J 373 51.29 71.54 -61.64
N PRO J 374 50.53 70.58 -61.13
CA PRO J 374 51.16 69.45 -60.42
C PRO J 374 52.14 68.66 -61.28
N ALA J 375 51.85 68.49 -62.57
CA ALA J 375 52.73 67.73 -63.44
C ALA J 375 53.87 68.56 -64.02
N GLY J 376 53.82 69.88 -63.90
CA GLY J 376 54.87 70.73 -64.44
C GLY J 376 55.03 70.62 -65.93
N THR J 377 53.91 70.60 -66.65
CA THR J 377 53.95 70.43 -68.09
C THR J 377 54.42 71.70 -68.78
N THR J 378 54.96 71.53 -69.98
CA THR J 378 55.31 72.63 -70.87
C THR J 378 54.23 72.70 -71.95
N GLY J 379 53.25 73.58 -71.75
CA GLY J 379 52.08 73.62 -72.59
C GLY J 379 52.36 74.20 -73.96
N ALA J 380 51.30 74.30 -74.75
CA ALA J 380 51.37 74.80 -76.11
C ALA J 380 51.08 76.29 -76.16
N ILE J 381 51.22 76.87 -77.35
CA ILE J 381 51.00 78.29 -77.60
C ILE J 381 49.84 78.43 -78.58
N ILE J 382 48.94 79.38 -78.31
CA ILE J 382 47.85 79.67 -79.23
C ILE J 382 47.89 81.16 -79.56
N SER J 383 47.46 81.49 -80.77
CA SER J 383 47.54 82.85 -81.26
C SER J 383 46.19 83.30 -81.79
N TYR J 384 45.95 84.61 -81.75
CA TYR J 384 44.69 85.20 -82.15
C TYR J 384 44.92 86.35 -83.13
N GLY J 385 43.89 86.66 -83.92
CA GLY J 385 43.99 87.64 -84.98
C GLY J 385 43.62 89.06 -84.54
N ASN J 386 43.25 89.86 -85.52
CA ASN J 386 43.00 91.28 -85.30
C ASN J 386 41.69 91.54 -84.57
N ASN J 387 41.75 92.39 -83.54
CA ASN J 387 40.58 92.86 -82.81
C ASN J 387 39.71 91.71 -82.33
N GLU J 388 40.35 90.66 -81.83
CA GLU J 388 39.65 89.53 -81.25
C GLU J 388 39.78 89.45 -79.73
N LEU J 389 40.45 90.40 -79.11
CA LEU J 389 40.70 90.38 -77.67
C LEU J 389 40.05 91.53 -76.93
N THR J 390 40.26 92.77 -77.37
CA THR J 390 39.70 93.94 -76.70
C THR J 390 39.03 94.82 -77.75
N LYS J 391 37.84 95.32 -77.42
CA LYS J 391 37.01 96.09 -78.35
C LYS J 391 37.21 97.58 -78.13
N VAL J 392 36.37 98.39 -78.77
CA VAL J 392 36.48 99.84 -78.82
C VAL J 392 35.44 100.45 -77.89
N ASP J 393 35.71 101.67 -77.43
CA ASP J 393 34.80 102.37 -76.52
C ASP J 393 33.54 102.82 -77.26
N ASN J 394 32.48 103.01 -76.48
CA ASN J 394 31.17 103.45 -76.98
C ASN J 394 30.62 104.56 -76.10
N GLY J 395 31.47 105.55 -75.81
CA GLY J 395 31.13 106.62 -74.90
C GLY J 395 31.64 106.42 -73.49
N ASP J 396 31.03 105.51 -72.73
CA ASP J 396 31.55 105.22 -71.40
C ASP J 396 31.74 103.73 -71.20
N THR J 397 30.89 102.93 -71.85
CA THR J 397 30.94 101.46 -71.89
C THR J 397 30.54 100.84 -70.56
N THR J 398 30.40 101.66 -69.52
CA THR J 398 30.15 101.19 -68.14
C THR J 398 30.98 99.95 -67.83
N ILE J 399 32.24 99.98 -68.29
CA ILE J 399 33.18 98.86 -68.22
C ILE J 399 32.68 97.69 -69.08
N ASP J 400 33.55 97.20 -69.96
CA ASP J 400 33.25 96.10 -70.85
C ASP J 400 34.08 94.89 -70.45
N TYR J 401 33.76 93.75 -71.05
CA TYR J 401 34.52 92.51 -70.83
C TYR J 401 34.33 91.60 -72.02
N ASN J 402 35.43 91.27 -72.68
CA ASN J 402 35.42 90.32 -73.79
C ASN J 402 35.66 88.91 -73.27
N SER J 403 35.40 87.92 -74.12
CA SER J 403 35.41 86.52 -73.68
C SER J 403 36.32 85.66 -74.55
N VAL J 404 37.04 84.74 -73.90
CA VAL J 404 37.82 83.71 -74.58
C VAL J 404 37.64 82.41 -73.83
N THR J 405 37.41 81.32 -74.57
CA THR J 405 37.26 79.99 -73.99
C THR J 405 38.51 79.16 -74.29
N VAL J 406 38.99 78.44 -73.30
CA VAL J 406 40.24 77.67 -73.41
C VAL J 406 39.99 76.25 -72.92
N TYR J 407 40.47 75.28 -73.68
CA TYR J 407 40.49 73.88 -73.27
C TYR J 407 41.89 73.47 -72.86
N HIS J 408 41.96 72.52 -71.93
CA HIS J 408 43.22 72.05 -71.39
C HIS J 408 43.15 70.55 -71.18
N ALA J 409 44.26 69.86 -71.47
CA ALA J 409 44.30 68.40 -71.43
C ALA J 409 45.44 67.92 -70.54
N ALA J 410 45.24 66.77 -69.94
CA ALA J 410 46.23 66.18 -69.03
C ALA J 410 46.11 64.66 -69.06
N LEU J 411 47.19 64.00 -68.66
CA LEU J 411 47.27 62.55 -68.63
C LEU J 411 47.80 62.10 -67.27
N ASN J 412 47.21 61.03 -66.75
CA ASN J 412 47.57 60.48 -65.46
C ASN J 412 48.51 59.29 -65.65
N VAL J 413 49.38 59.07 -64.67
CA VAL J 413 50.42 58.04 -64.76
C VAL J 413 50.10 56.83 -63.90
N GLU J 414 48.85 56.66 -63.50
CA GLU J 414 48.44 55.43 -62.82
C GLU J 414 47.21 54.80 -63.45
N THR J 415 46.33 55.59 -64.07
CA THR J 415 45.13 55.07 -64.69
C THR J 415 45.08 55.24 -66.20
N GLY J 416 45.83 56.19 -66.76
CA GLY J 416 45.83 56.40 -68.20
C GLY J 416 44.56 56.99 -68.76
N ASN J 417 43.71 57.57 -67.92
CA ASN J 417 42.53 58.27 -68.40
C ASN J 417 42.88 59.72 -68.75
N LEU J 418 42.43 60.15 -69.91
CA LEU J 418 42.74 61.48 -70.43
C LEU J 418 41.72 62.48 -69.88
N ASP J 419 42.20 63.56 -69.27
CA ASP J 419 41.34 64.54 -68.64
C ASP J 419 41.34 65.82 -69.48
N VAL J 420 40.15 66.35 -69.74
CA VAL J 420 39.98 67.58 -70.52
C VAL J 420 39.06 68.51 -69.76
N GLY J 421 39.50 69.76 -69.57
CA GLY J 421 38.72 70.77 -68.89
C GLY J 421 38.73 72.07 -69.68
N ASN J 422 38.02 73.06 -69.15
CA ASN J 422 37.92 74.33 -69.84
C ASN J 422 37.82 75.48 -68.85
N LEU J 423 38.12 76.68 -69.35
CA LEU J 423 38.12 77.91 -68.58
C LEU J 423 37.66 79.04 -69.50
N THR J 424 37.26 80.16 -68.89
CA THR J 424 36.89 81.35 -69.65
C THR J 424 37.68 82.54 -69.14
N PHE J 425 38.58 83.07 -69.97
CA PHE J 425 39.23 84.34 -69.68
C PHE J 425 38.32 85.49 -70.07
N ASN J 426 38.27 86.53 -69.24
CA ASN J 426 37.54 87.75 -69.56
C ASN J 426 38.56 88.89 -69.70
N PHE J 427 38.50 89.57 -70.83
CA PHE J 427 39.47 90.60 -71.18
C PHE J 427 38.88 91.99 -70.92
N ARG J 428 39.79 92.95 -70.74
CA ARG J 428 39.52 94.28 -70.22
C ARG J 428 38.52 95.02 -71.11
N GLU J 429 38.04 96.17 -70.60
CA GLU J 429 36.95 96.90 -71.24
C GLU J 429 37.26 97.33 -72.67
N ASP J 430 38.27 98.19 -72.88
CA ASP J 430 38.53 98.67 -74.23
C ASP J 430 39.88 99.38 -74.36
N THR J 431 40.52 99.18 -75.51
CA THR J 431 41.73 99.87 -75.91
C THR J 431 41.49 100.56 -77.24
N GLY J 432 42.56 101.08 -77.84
CA GLY J 432 42.44 101.59 -79.20
C GLY J 432 43.40 102.68 -79.61
N THR J 433 43.90 102.58 -80.85
CA THR J 433 44.60 103.67 -81.50
C THR J 433 43.53 104.60 -82.07
N ASP J 434 43.88 105.48 -83.01
CA ASP J 434 42.91 106.43 -83.53
C ASP J 434 41.89 105.72 -84.43
N THR J 435 40.96 105.00 -83.81
CA THR J 435 39.79 104.44 -84.46
C THR J 435 40.19 103.47 -85.58
N ALA J 436 41.28 102.73 -85.38
CA ALA J 436 41.71 101.77 -86.40
C ALA J 436 41.37 100.33 -86.05
N TYR J 437 42.00 99.77 -85.01
CA TYR J 437 41.75 98.37 -84.66
C TYR J 437 41.66 98.07 -83.16
N GLY J 438 42.33 98.82 -82.28
CA GLY J 438 42.37 98.48 -80.87
C GLY J 438 43.79 98.34 -80.39
N SER J 439 43.97 97.60 -79.30
CA SER J 439 45.27 97.33 -78.69
C SER J 439 45.07 96.32 -77.56
N THR J 440 46.18 95.88 -76.97
CA THR J 440 46.13 94.93 -75.87
C THR J 440 47.45 95.04 -75.10
N THR J 441 47.44 94.56 -73.86
CA THR J 441 48.60 94.59 -72.99
C THR J 441 49.06 93.17 -72.66
N GLY J 442 50.38 92.97 -72.60
CA GLY J 442 50.95 91.68 -72.32
C GLY J 442 51.63 91.60 -70.96
N GLY J 443 51.90 90.37 -70.54
CA GLY J 443 52.54 90.09 -69.27
C GLY J 443 52.28 88.66 -68.82
N SER J 444 52.36 88.46 -67.51
CA SER J 444 52.16 87.15 -66.92
C SER J 444 51.67 87.31 -65.49
N PHE J 445 50.89 86.33 -65.02
CA PHE J 445 50.44 86.32 -63.64
C PHE J 445 50.16 84.89 -63.21
N ASP J 446 49.68 84.74 -61.98
CA ASP J 446 49.46 83.45 -61.36
C ASP J 446 47.97 83.19 -61.15
N LEU J 447 47.59 81.92 -61.17
CA LEU J 447 46.20 81.54 -61.03
C LEU J 447 46.04 80.33 -60.12
N LEU J 448 44.95 80.32 -59.34
CA LEU J 448 44.58 79.25 -58.44
C LEU J 448 43.18 78.76 -58.75
N VAL J 449 42.94 77.47 -58.49
CA VAL J 449 41.68 76.81 -58.83
C VAL J 449 41.16 76.09 -57.59
N ALA J 450 39.84 75.98 -57.48
CA ALA J 450 39.23 75.14 -56.48
C ALA J 450 38.11 74.35 -57.14
N GLY J 451 38.03 73.06 -56.81
CA GLY J 451 37.04 72.20 -57.42
C GLY J 451 37.33 71.95 -58.89
N GLY J 452 36.56 71.04 -59.46
CA GLY J 452 36.79 70.64 -60.84
C GLY J 452 35.75 71.14 -61.84
N GLY J 453 34.48 71.09 -61.47
CA GLY J 453 33.41 71.43 -62.40
C GLY J 453 32.17 70.59 -62.19
N GLU J 454 31.69 69.92 -63.25
CA GLU J 454 30.61 68.94 -63.12
C GLU J 454 31.11 67.62 -63.72
N ALA J 455 31.88 66.89 -62.93
CA ALA J 455 32.39 65.55 -63.19
C ALA J 455 33.28 65.22 -62.00
N ALA J 456 33.79 64.00 -61.99
CA ALA J 456 34.85 63.61 -61.08
C ALA J 456 36.16 63.52 -61.85
N THR J 457 37.18 64.22 -61.38
CA THR J 457 38.51 64.09 -61.96
C THR J 457 39.17 62.82 -61.44
N SER J 458 40.27 62.43 -62.11
CA SER J 458 41.00 61.26 -61.67
C SER J 458 41.66 61.48 -60.30
N THR J 459 41.76 62.72 -59.86
CA THR J 459 42.38 63.07 -58.59
C THR J 459 41.40 63.64 -57.58
N THR J 460 40.11 63.36 -57.78
CA THR J 460 39.10 63.92 -56.89
C THR J 460 39.15 63.26 -55.52
N LYS J 461 39.15 64.09 -54.47
CA LYS J 461 39.03 63.57 -53.13
C LYS J 461 37.63 63.03 -52.90
N LEU J 462 37.56 61.85 -52.27
CA LEU J 462 36.29 61.14 -52.14
C LEU J 462 35.34 61.80 -51.15
N LYS J 463 35.78 62.80 -50.40
CA LYS J 463 34.91 63.55 -49.51
C LYS J 463 34.27 64.75 -50.21
N ASP J 464 34.38 64.83 -51.53
CA ASP J 464 33.85 65.95 -52.30
C ASP J 464 32.70 65.56 -53.22
N ILE J 465 32.27 64.30 -53.20
CA ILE J 465 31.23 63.86 -54.12
C ILE J 465 29.86 64.11 -53.50
N SER J 466 28.94 64.63 -54.32
CA SER J 466 27.59 64.92 -53.83
C SER J 466 26.84 63.65 -53.44
N ARG J 467 27.27 62.49 -53.94
CA ARG J 467 26.61 61.24 -53.61
C ARG J 467 26.92 60.75 -52.20
N PHE J 468 28.10 61.06 -51.66
CA PHE J 468 28.51 60.54 -50.38
C PHE J 468 28.12 61.44 -49.20
N THR J 469 27.02 62.18 -49.34
CA THR J 469 26.48 62.97 -48.25
C THR J 469 25.01 62.65 -48.06
N THR J 470 24.55 62.72 -46.82
CA THR J 470 23.16 62.43 -46.50
C THR J 470 22.29 63.64 -46.82
N ASP J 471 20.98 63.47 -46.64
CA ASP J 471 20.06 64.59 -46.83
C ASP J 471 20.01 65.48 -45.59
N ASP J 472 20.52 65.01 -44.45
CA ASP J 472 20.59 65.81 -43.24
C ASP J 472 21.89 66.59 -43.13
N GLY J 473 22.78 66.48 -44.12
CA GLY J 473 23.97 67.30 -44.17
C GLY J 473 25.21 66.72 -43.54
N VAL J 474 25.20 65.44 -43.17
CA VAL J 474 26.37 64.79 -42.60
C VAL J 474 26.87 63.76 -43.61
N ASN J 475 28.16 63.82 -43.92
CA ASN J 475 28.75 62.90 -44.89
C ASN J 475 29.13 61.58 -44.22
N ILE J 476 29.27 60.55 -45.06
CA ILE J 476 29.49 59.20 -44.56
C ILE J 476 30.86 59.09 -43.88
N PHE J 477 31.88 59.71 -44.45
CA PHE J 477 33.25 59.53 -44.00
C PHE J 477 33.62 60.38 -42.79
N ALA J 478 32.69 61.18 -42.28
CA ALA J 478 33.01 62.03 -41.13
C ALA J 478 33.38 61.21 -39.90
N ALA J 479 32.62 60.17 -39.61
CA ALA J 479 32.86 59.38 -38.40
C ALA J 479 34.15 58.59 -38.51
N GLY J 480 34.36 57.90 -39.63
CA GLY J 480 35.53 57.08 -39.79
C GLY J 480 35.50 56.27 -41.07
N PRO J 481 36.43 55.32 -41.19
CA PRO J 481 36.50 54.50 -42.41
C PRO J 481 35.28 53.61 -42.56
N GLN J 482 34.99 53.26 -43.81
CA GLN J 482 33.88 52.37 -44.14
C GLN J 482 34.42 51.07 -44.73
N GLU J 483 33.62 50.02 -44.60
CA GLU J 483 34.03 48.68 -45.00
C GLU J 483 33.21 48.21 -46.19
N LEU J 484 33.86 47.45 -47.07
CA LEU J 484 33.18 46.89 -48.23
C LEU J 484 33.59 45.43 -48.38
N THR J 485 32.61 44.54 -48.45
CA THR J 485 32.84 43.11 -48.54
C THR J 485 32.39 42.61 -49.90
N ILE J 486 33.26 41.89 -50.58
CA ILE J 486 33.00 41.34 -51.90
C ILE J 486 32.91 39.83 -51.77
N PHE J 487 31.78 39.26 -52.20
CA PHE J 487 31.55 37.82 -52.17
C PHE J 487 31.55 37.27 -53.58
N GLY J 488 32.28 36.18 -53.80
CA GLY J 488 32.30 35.50 -55.07
C GLY J 488 33.10 34.22 -55.02
N ASN J 489 32.73 33.25 -55.86
CA ASN J 489 33.45 31.97 -55.96
C ASN J 489 33.50 31.26 -54.61
N GLY J 490 32.45 31.43 -53.82
CA GLY J 490 32.42 30.85 -52.49
C GLY J 490 33.50 31.39 -51.57
N SER J 491 33.84 32.67 -51.70
CA SER J 491 34.87 33.28 -50.87
C SER J 491 34.52 34.76 -50.70
N SER J 492 35.22 35.40 -49.76
CA SER J 492 34.93 36.79 -49.42
C SER J 492 36.22 37.57 -49.29
N ALA J 493 36.11 38.89 -49.47
CA ALA J 493 37.23 39.80 -49.30
C ALA J 493 36.72 41.11 -48.72
N THR J 494 37.62 41.84 -48.07
CA THR J 494 37.25 43.07 -47.38
C THR J 494 38.21 44.20 -47.77
N ILE J 495 37.65 45.37 -48.05
CA ILE J 495 38.43 46.56 -48.35
C ILE J 495 37.91 47.71 -47.48
N TYR J 496 38.77 48.72 -47.32
CA TYR J 496 38.55 49.81 -46.38
C TYR J 496 38.61 51.14 -47.13
N LEU J 497 37.78 52.09 -46.71
CA LEU J 497 37.75 53.42 -47.30
C LEU J 497 37.94 54.48 -46.23
N GLU J 498 38.94 55.34 -46.42
CA GLU J 498 39.14 56.52 -45.60
C GLU J 498 38.68 57.73 -46.38
N GLY J 499 38.54 58.86 -45.68
CA GLY J 499 37.94 60.04 -46.25
C GLY J 499 38.77 60.85 -47.20
N ASP J 500 40.05 60.51 -47.38
CA ASP J 500 40.93 61.28 -48.26
C ASP J 500 41.50 60.48 -49.41
N ASP J 501 40.96 59.30 -49.70
CA ASP J 501 41.41 58.56 -50.87
C ASP J 501 40.89 59.22 -52.15
N THR J 502 41.50 58.85 -53.26
CA THR J 502 41.10 59.34 -54.57
C THR J 502 40.37 58.26 -55.35
N VAL J 503 39.85 58.65 -56.52
CA VAL J 503 39.17 57.70 -57.39
C VAL J 503 40.14 56.64 -57.89
N SER J 504 41.35 57.06 -58.27
CA SER J 504 42.35 56.12 -58.74
C SER J 504 42.72 55.11 -57.66
N GLU J 505 42.84 55.56 -56.42
CA GLU J 505 43.16 54.65 -55.33
C GLU J 505 42.02 53.66 -55.11
N PHE J 506 40.78 54.11 -55.24
CA PHE J 506 39.64 53.20 -55.13
C PHE J 506 39.68 52.15 -56.23
N GLU J 507 39.97 52.56 -57.47
CA GLU J 507 40.06 51.61 -58.57
C GLU J 507 41.17 50.60 -58.32
N THR J 508 42.34 51.05 -57.86
CA THR J 508 43.44 50.14 -57.60
C THR J 508 43.11 49.17 -56.48
N LYS J 509 42.46 49.65 -55.41
CA LYS J 509 42.07 48.78 -54.31
C LYS J 509 41.07 47.73 -54.77
N LEU J 510 40.10 48.14 -55.60
CA LEU J 510 39.13 47.17 -56.13
C LEU J 510 39.82 46.14 -57.01
N SER J 511 40.78 46.57 -57.83
CA SER J 511 41.51 45.64 -58.68
C SER J 511 42.27 44.63 -57.84
N SER J 512 42.93 45.09 -56.77
CA SER J 512 43.65 44.19 -55.88
C SER J 512 42.69 43.20 -55.22
N ALA J 513 41.55 43.69 -54.75
CA ALA J 513 40.58 42.82 -54.09
C ALA J 513 40.04 41.75 -55.05
N ILE J 514 39.72 42.15 -56.28
CA ILE J 514 39.20 41.19 -57.26
C ILE J 514 40.26 40.16 -57.63
N LEU J 515 41.51 40.62 -57.82
CA LEU J 515 42.58 39.70 -58.19
C LEU J 515 42.94 38.76 -57.04
N GLU J 516 42.71 39.16 -55.79
CA GLU J 516 43.02 38.28 -54.68
C GLU J 516 42.14 37.04 -54.68
N LEU J 517 40.87 37.19 -55.04
CA LEU J 517 39.93 36.08 -55.00
C LEU J 517 40.23 35.00 -56.03
N GLY J 518 41.02 35.31 -57.05
CA GLY J 518 41.34 34.36 -58.09
C GLY J 518 40.52 34.48 -59.36
N MET J 519 39.75 35.55 -59.52
CA MET J 519 38.97 35.75 -60.74
C MET J 519 39.79 36.33 -61.88
N GLY J 520 41.05 36.67 -61.66
CA GLY J 520 41.84 37.38 -62.64
C GLY J 520 42.33 36.49 -63.77
N ALA J 521 43.25 37.05 -64.55
CA ALA J 521 43.77 36.37 -65.73
C ALA J 521 44.63 35.18 -65.35
N THR J 522 44.59 34.15 -66.19
CA THR J 522 45.38 32.95 -65.98
C THR J 522 46.87 33.23 -66.21
N ALA J 523 47.69 32.27 -65.80
CA ALA J 523 49.13 32.36 -66.00
C ALA J 523 49.45 31.90 -67.43
N GLY J 524 49.39 32.85 -68.36
CA GLY J 524 49.67 32.57 -69.75
C GLY J 524 51.10 32.80 -70.18
N THR J 525 51.98 33.20 -69.25
CA THR J 525 53.40 33.48 -69.55
C THR J 525 53.54 34.49 -70.67
N SER J 526 52.66 35.49 -70.69
CA SER J 526 52.70 36.54 -71.69
C SER J 526 51.93 37.75 -71.15
N ASP J 527 52.10 38.88 -71.85
CA ASP J 527 51.55 40.14 -71.38
C ASP J 527 50.04 40.22 -71.51
N GLU J 528 49.39 39.22 -72.12
CA GLU J 528 47.94 39.13 -72.11
C GLU J 528 47.41 39.25 -70.70
N ALA J 529 48.08 38.58 -69.75
CA ALA J 529 47.65 38.65 -68.35
C ALA J 529 47.72 40.07 -67.82
N ALA J 530 48.80 40.78 -68.12
CA ALA J 530 48.94 42.15 -67.65
C ALA J 530 47.86 43.05 -68.22
N THR J 531 47.60 42.94 -69.52
CA THR J 531 46.57 43.77 -70.14
C THR J 531 45.19 43.46 -69.56
N VAL J 532 44.87 42.17 -69.43
CA VAL J 532 43.56 41.78 -68.93
C VAL J 532 43.38 42.25 -67.49
N ASN J 533 44.41 42.08 -66.67
CA ASN J 533 44.35 42.54 -65.29
C ASN J 533 44.17 44.06 -65.22
N SER J 534 44.85 44.79 -66.10
CA SER J 534 44.68 46.24 -66.12
C SER J 534 43.27 46.64 -66.55
N ASN J 535 42.65 45.87 -67.44
CA ASN J 535 41.37 46.25 -68.04
C ASN J 535 40.17 45.64 -67.33
N LEU J 536 40.26 45.34 -66.04
CA LEU J 536 39.11 44.78 -65.31
C LEU J 536 38.16 45.87 -64.85
N VAL J 537 38.62 46.75 -63.97
CA VAL J 537 37.83 47.85 -63.43
C VAL J 537 38.23 49.12 -64.17
N ASN J 538 37.25 49.87 -64.66
CA ASN J 538 37.55 51.06 -65.41
C ASN J 538 36.71 52.23 -64.94
N TYR J 539 37.28 53.42 -65.05
CA TYR J 539 36.59 54.68 -64.80
C TYR J 539 36.78 55.56 -66.03
N VAL J 540 35.69 56.12 -66.53
CA VAL J 540 35.68 56.85 -67.80
C VAL J 540 35.78 58.33 -67.49
N SER J 541 36.77 58.99 -68.08
CA SER J 541 36.97 60.41 -67.88
C SER J 541 36.28 61.19 -69.01
N THR J 542 36.46 62.52 -69.01
CA THR J 542 35.81 63.34 -70.02
C THR J 542 36.34 63.05 -71.41
N GLY J 543 37.65 62.88 -71.54
CA GLY J 543 38.28 62.67 -72.83
C GLY J 543 38.28 61.25 -73.35
N ASP J 544 37.66 60.31 -72.66
CA ASP J 544 37.68 58.90 -73.05
C ASP J 544 36.27 58.37 -73.32
N VAL J 545 35.39 59.23 -73.82
CA VAL J 545 34.02 58.83 -74.13
C VAL J 545 34.00 58.13 -75.49
N THR J 546 33.39 56.95 -75.53
CA THR J 546 33.26 56.18 -76.76
C THR J 546 31.80 55.85 -77.01
N ASP J 547 31.33 56.11 -78.22
CA ASP J 547 29.92 56.00 -78.55
C ASP J 547 29.54 54.55 -78.87
N SER J 548 28.30 54.22 -78.53
CA SER J 548 27.72 52.90 -78.81
C SER J 548 28.58 51.78 -78.24
N SER J 549 29.12 52.01 -77.05
CA SER J 549 29.94 51.03 -76.37
C SER J 549 29.45 50.90 -74.93
N ASN J 550 30.11 50.03 -74.17
CA ASN J 550 29.77 49.89 -72.76
C ASN J 550 30.14 51.13 -71.95
N GLU J 551 30.98 52.01 -72.48
CA GLU J 551 31.35 53.24 -71.80
C GLU J 551 30.91 54.48 -72.57
N ALA J 552 29.65 54.52 -72.99
CA ALA J 552 29.10 55.71 -73.64
C ALA J 552 28.78 56.82 -72.64
N LEU J 553 29.04 56.59 -71.35
CA LEU J 553 28.74 57.56 -70.31
C LEU J 553 30.02 57.94 -69.59
N ALA J 554 30.08 59.19 -69.13
CA ALA J 554 31.24 59.72 -68.44
C ALA J 554 31.00 59.74 -66.94
N GLY J 555 32.09 59.61 -66.18
CA GLY J 555 32.01 59.62 -64.73
C GLY J 555 31.32 58.41 -64.13
N THR J 556 31.56 57.23 -64.72
CA THR J 556 30.96 55.99 -64.26
C THR J 556 32.03 54.92 -64.09
N PHE J 557 31.77 54.02 -63.15
CA PHE J 557 32.62 52.86 -62.91
C PHE J 557 32.05 51.66 -63.65
N VAL J 558 32.90 50.96 -64.39
CA VAL J 558 32.52 49.75 -65.11
C VAL J 558 33.31 48.59 -64.52
N ILE J 559 32.60 47.52 -64.15
CA ILE J 559 33.19 46.38 -63.46
C ILE J 559 32.92 45.13 -64.27
N GLN J 560 33.99 44.35 -64.51
CA GLN J 560 33.90 43.07 -65.20
C GLN J 560 34.64 42.02 -64.40
N THR J 561 34.50 40.77 -64.82
CA THR J 561 35.25 39.65 -64.28
C THR J 561 35.76 38.80 -65.44
N ALA J 562 36.83 38.05 -65.18
CA ALA J 562 37.52 37.32 -66.23
C ALA J 562 37.06 35.87 -66.36
N ARG J 563 36.02 35.47 -65.63
CA ARG J 563 35.48 34.13 -65.73
C ARG J 563 34.12 34.16 -66.44
N LEU J 564 33.62 32.98 -66.76
CA LEU J 564 32.39 32.83 -67.53
C LEU J 564 31.32 32.13 -66.73
N GLY J 565 30.07 32.46 -67.04
CA GLY J 565 28.94 31.79 -66.43
C GLY J 565 28.68 32.21 -65.00
N ASP J 566 28.00 31.33 -64.26
CA ASP J 566 27.64 31.63 -62.87
C ASP J 566 28.86 31.88 -62.01
N ASP J 567 30.04 31.40 -62.44
CA ASP J 567 31.26 31.64 -61.70
C ASP J 567 31.61 33.12 -61.62
N SER J 568 31.08 33.94 -62.52
CA SER J 568 31.47 35.33 -62.64
C SER J 568 30.56 36.29 -61.89
N LYS J 569 29.58 35.79 -61.16
CA LYS J 569 28.65 36.66 -60.44
C LYS J 569 29.27 37.14 -59.14
N LEU J 570 29.20 38.44 -58.89
CA LEU J 570 29.76 39.05 -57.70
C LEU J 570 28.66 39.66 -56.84
N SER J 571 28.89 39.68 -55.53
CA SER J 571 27.94 40.24 -54.58
C SER J 571 28.64 41.25 -53.69
N PHE J 572 27.93 42.34 -53.38
CA PHE J 572 28.48 43.47 -52.63
C PHE J 572 27.76 43.59 -51.29
N ILE J 573 28.52 43.82 -50.22
CA ILE J 573 27.98 43.95 -48.88
C ILE J 573 28.63 45.12 -48.19
N GLY J 574 27.85 45.89 -47.44
CA GLY J 574 28.39 46.98 -46.67
C GLY J 574 27.29 47.64 -45.86
N ASP J 575 27.61 48.82 -45.32
CA ASP J 575 26.61 49.62 -44.65
C ASP J 575 25.54 50.06 -45.66
N GLN J 576 24.31 50.20 -45.17
CA GLN J 576 23.20 50.49 -46.06
C GLN J 576 23.41 51.80 -46.81
N ASN J 577 23.89 52.82 -46.11
CA ASN J 577 24.09 54.12 -46.74
C ASN J 577 25.14 54.05 -47.86
N LEU J 578 26.26 53.36 -47.60
CA LEU J 578 27.33 53.28 -48.60
C LEU J 578 26.87 52.50 -49.83
N ILE J 579 26.24 51.35 -49.64
CA ILE J 579 25.78 50.56 -50.77
C ILE J 579 24.71 51.31 -51.56
N ASN J 580 23.81 51.98 -50.84
CA ASN J 580 22.77 52.76 -51.52
C ASN J 580 23.39 53.90 -52.33
N ALA J 581 24.42 54.56 -51.78
CA ALA J 581 25.10 55.62 -52.53
C ALA J 581 25.79 55.08 -53.77
N LEU J 582 26.48 53.94 -53.64
CA LEU J 582 27.15 53.36 -54.81
C LEU J 582 26.14 53.01 -55.90
N SER J 583 25.07 52.31 -55.53
CA SER J 583 23.94 52.08 -56.43
C SER J 583 24.38 51.40 -57.72
N LEU J 584 24.92 50.19 -57.58
CA LEU J 584 25.35 49.43 -58.75
C LEU J 584 24.14 48.88 -59.49
N ALA J 585 24.38 48.45 -60.73
CA ALA J 585 23.35 47.89 -61.58
C ALA J 585 23.97 46.91 -62.55
N THR J 586 23.13 46.07 -63.12
CA THR J 586 23.56 45.01 -64.04
C THR J 586 23.20 45.39 -65.46
N ILE J 587 24.19 45.34 -66.36
CA ILE J 587 23.94 45.56 -67.77
C ILE J 587 24.24 44.35 -68.64
N GLN J 588 25.09 43.41 -68.20
CA GLN J 588 25.26 42.18 -68.96
C GLN J 588 25.26 40.98 -68.03
N GLU J 589 24.64 39.89 -68.50
CA GLU J 589 24.50 38.66 -67.74
C GLU J 589 25.21 37.52 -68.46
N GLY J 590 25.74 36.58 -67.68
CA GLY J 590 26.57 35.54 -68.23
C GLY J 590 25.81 34.34 -68.76
N GLU J 591 26.53 33.51 -69.51
CA GLU J 591 26.00 32.27 -70.08
C GLU J 591 27.00 31.15 -69.82
N ASN J 592 26.52 29.92 -69.81
CA ASN J 592 27.42 28.80 -69.63
C ASN J 592 27.93 28.31 -70.99
N SER J 593 28.98 27.50 -70.94
CA SER J 593 29.65 27.03 -72.15
C SER J 593 29.08 25.70 -72.61
N GLU J 594 29.59 25.22 -73.73
CA GLU J 594 29.19 23.92 -74.29
C GLU J 594 30.42 23.02 -74.35
N THR J 595 30.35 21.88 -73.68
CA THR J 595 31.49 20.98 -73.55
C THR J 595 31.19 19.68 -74.29
N THR J 596 32.11 19.27 -75.15
CA THR J 596 32.04 17.99 -75.86
C THR J 596 33.11 17.08 -75.29
N ILE J 597 32.70 15.92 -74.78
CA ILE J 597 33.58 15.01 -74.07
C ILE J 597 33.52 13.65 -74.75
N LYS J 598 34.69 13.06 -74.99
CA LYS J 598 34.78 11.70 -75.53
C LYS J 598 35.62 10.88 -74.57
N VAL J 599 35.21 9.64 -74.30
CA VAL J 599 35.90 8.77 -73.36
C VAL J 599 36.31 7.49 -74.07
N THR J 600 37.56 7.09 -73.88
CA THR J 600 38.07 5.85 -74.48
C THR J 600 39.02 5.18 -73.48
N ASP J 601 39.17 3.88 -73.64
CA ASP J 601 40.01 3.13 -72.72
C ASP J 601 41.49 3.45 -72.96
N ALA J 602 42.28 3.31 -71.90
CA ALA J 602 43.68 3.73 -71.92
C ALA J 602 44.63 2.64 -72.39
N HIS J 603 44.16 1.43 -72.61
CA HIS J 603 45.05 0.36 -73.05
C HIS J 603 44.67 -0.23 -74.39
N THR J 604 43.38 -0.40 -74.66
CA THR J 604 42.93 -1.00 -75.92
C THR J 604 42.38 0.04 -76.90
N GLY J 605 41.71 1.07 -76.39
CA GLY J 605 41.19 2.13 -77.24
C GLY J 605 39.79 1.94 -77.76
N LYS J 606 39.01 1.03 -77.17
CA LYS J 606 37.63 0.85 -77.59
C LYS J 606 36.79 2.05 -77.17
N PHE J 607 35.94 2.50 -78.08
CA PHE J 607 35.06 3.63 -77.79
C PHE J 607 34.08 3.26 -76.67
N ILE J 608 33.78 4.25 -75.81
CA ILE J 608 32.88 4.07 -74.69
C ILE J 608 31.70 5.02 -74.76
N GLY J 609 31.96 6.31 -74.89
CA GLY J 609 30.89 7.28 -74.94
C GLY J 609 31.37 8.64 -75.40
N SER J 610 30.40 9.42 -75.87
CA SER J 610 30.60 10.81 -76.24
C SER J 610 29.37 11.60 -75.83
N ASP J 611 29.58 12.82 -75.34
CA ASP J 611 28.49 13.59 -74.77
C ASP J 611 28.69 15.08 -75.04
N SER J 612 27.59 15.81 -75.09
CA SER J 612 27.58 17.26 -75.24
C SER J 612 26.78 17.85 -74.10
N VAL J 613 27.46 18.50 -73.16
CA VAL J 613 26.84 18.99 -71.94
C VAL J 613 26.96 20.51 -71.90
N ASN J 614 26.16 21.12 -71.03
CA ASN J 614 26.17 22.56 -70.84
C ASN J 614 26.39 22.99 -69.40
N ASP J 615 26.25 22.08 -68.44
CA ASP J 615 26.58 22.36 -67.05
C ASP J 615 27.92 21.76 -66.64
N SER J 616 28.67 21.24 -67.60
CA SER J 616 30.02 20.70 -67.36
C SER J 616 30.00 19.57 -66.33
N THR J 617 29.07 18.64 -66.49
CA THR J 617 28.95 17.47 -65.61
C THR J 617 28.71 16.24 -66.48
N LEU J 618 29.76 15.44 -66.68
CA LEU J 618 29.62 14.19 -67.41
C LEU J 618 29.10 13.12 -66.44
N ARG J 619 27.86 12.69 -66.65
CA ARG J 619 27.23 11.71 -65.79
C ARG J 619 26.40 10.74 -66.62
N GLY J 620 26.27 9.51 -66.12
CA GLY J 620 25.42 8.53 -66.75
C GLY J 620 26.06 7.73 -67.86
N VAL J 621 27.32 8.00 -68.19
CA VAL J 621 28.05 7.21 -69.18
C VAL J 621 29.01 6.23 -68.52
N ILE J 622 29.48 6.55 -67.32
CA ILE J 622 30.22 5.63 -66.47
C ILE J 622 29.38 5.37 -65.24
N GLN J 623 28.96 4.12 -65.05
CA GLN J 623 27.91 3.82 -64.08
C GLN J 623 28.42 3.97 -62.65
N GLY J 624 27.63 4.64 -61.82
CA GLY J 624 27.94 4.78 -60.41
C GLY J 624 28.87 5.92 -60.07
N VAL J 625 29.28 6.72 -61.04
CA VAL J 625 30.24 7.80 -60.83
C VAL J 625 29.78 9.03 -61.60
N ASP J 626 29.91 10.20 -60.98
CA ASP J 626 29.71 11.46 -61.66
C ASP J 626 31.03 12.22 -61.71
N VAL J 627 31.38 12.72 -62.90
CA VAL J 627 32.63 13.40 -63.16
C VAL J 627 32.35 14.88 -63.36
N LYS J 628 33.19 15.73 -62.80
CA LYS J 628 33.02 17.18 -62.82
C LYS J 628 34.31 17.80 -63.35
N ILE J 629 34.19 18.63 -64.37
CA ILE J 629 35.32 19.34 -64.97
C ILE J 629 35.06 20.83 -64.87
N ASP J 630 36.06 21.58 -64.40
CA ASP J 630 35.91 23.02 -64.26
C ASP J 630 35.85 23.69 -65.62
N SER J 631 35.24 24.88 -65.66
CA SER J 631 35.07 25.61 -66.90
C SER J 631 36.28 26.43 -67.29
N ASP J 632 37.44 26.20 -66.66
CA ASP J 632 38.67 26.93 -66.99
C ASP J 632 39.62 26.06 -67.79
N VAL J 633 39.08 25.24 -68.70
CA VAL J 633 39.88 24.36 -69.54
C VAL J 633 39.61 24.73 -71.00
N GLY J 634 40.69 24.95 -71.76
CA GLY J 634 40.56 25.25 -73.17
C GLY J 634 39.92 26.57 -73.49
N VAL J 635 40.31 27.63 -72.77
CA VAL J 635 39.79 28.98 -73.00
C VAL J 635 40.96 29.94 -73.10
N SER J 636 40.95 30.77 -74.14
CA SER J 636 41.93 31.83 -74.33
C SER J 636 41.22 33.17 -74.38
N ILE J 637 41.79 34.17 -73.72
CA ILE J 637 41.14 35.45 -73.49
C ILE J 637 41.99 36.56 -74.09
N SER J 638 41.34 37.49 -74.78
CA SER J 638 42.01 38.64 -75.35
C SER J 638 41.19 39.90 -75.07
N TRP J 639 41.86 41.04 -75.13
CA TRP J 639 41.23 42.34 -74.94
C TRP J 639 41.19 43.10 -76.26
N ASN J 640 40.06 43.76 -76.51
CA ASN J 640 39.87 44.57 -77.71
C ASN J 640 39.70 46.02 -77.29
N SER J 641 40.75 46.81 -77.51
CA SER J 641 40.71 48.24 -77.19
C SER J 641 39.94 49.06 -78.22
N THR J 642 39.84 48.57 -79.46
CA THR J 642 39.06 49.29 -80.47
C THR J 642 37.59 49.33 -80.09
N LYS J 643 37.06 48.24 -79.56
CA LYS J 643 35.67 48.16 -79.14
C LYS J 643 35.51 48.02 -77.63
N LYS J 644 36.62 48.00 -76.89
CA LYS J 644 36.61 48.06 -75.42
C LYS J 644 35.87 46.86 -74.82
N THR J 645 36.23 45.66 -75.27
CA THR J 645 35.53 44.45 -74.84
C THR J 645 36.53 43.33 -74.59
N MET J 646 36.00 42.21 -74.10
CA MET J 646 36.75 40.98 -74.00
C MET J 646 36.37 40.06 -75.16
N GLU J 647 37.27 39.13 -75.48
CA GLU J 647 37.02 38.09 -76.46
C GLU J 647 37.50 36.76 -75.91
N PHE J 648 36.65 35.74 -76.02
CA PHE J 648 36.97 34.40 -75.59
C PHE J 648 37.03 33.47 -76.79
N SER J 649 37.95 32.52 -76.75
CA SER J 649 38.14 31.65 -77.89
C SER J 649 38.63 30.29 -77.44
N ALA J 650 38.44 29.29 -78.30
CA ALA J 650 38.95 27.96 -78.06
C ALA J 650 40.46 27.92 -78.26
N THR J 651 41.12 27.01 -77.55
CA THR J 651 42.57 26.88 -77.66
C THR J 651 42.98 26.47 -79.07
N GLY J 652 42.24 25.55 -79.67
CA GLY J 652 42.58 25.01 -80.98
C GLY J 652 43.16 23.61 -80.94
N GLU J 653 43.56 23.13 -79.77
CA GLU J 653 44.08 21.77 -79.61
C GLU J 653 43.47 21.17 -78.35
N SER J 654 43.16 19.87 -78.43
CA SER J 654 42.38 19.23 -77.39
C SER J 654 43.24 18.96 -76.15
N GLU J 655 42.56 18.62 -75.06
CA GLU J 655 43.20 18.27 -73.79
C GLU J 655 42.95 16.80 -73.49
N ASP J 656 43.90 16.18 -72.80
CA ASP J 656 43.80 14.78 -72.39
C ASP J 656 43.92 14.69 -70.87
N ILE J 657 42.99 13.95 -70.26
CA ILE J 657 43.02 13.70 -68.82
C ILE J 657 42.88 12.19 -68.60
N LYS J 658 43.44 11.73 -67.50
CA LYS J 658 43.46 10.31 -67.17
C LYS J 658 42.89 10.10 -65.77
N LEU J 659 42.06 9.06 -65.62
CA LEU J 659 41.38 8.79 -64.37
C LEU J 659 41.57 7.33 -63.99
N HIS J 660 41.74 7.09 -62.69
CA HIS J 660 41.96 5.74 -62.16
C HIS J 660 40.82 5.40 -61.21
N LEU J 661 40.20 4.25 -61.43
CA LEU J 661 38.99 3.85 -60.70
C LEU J 661 39.11 2.39 -60.30
N VAL J 662 38.66 2.07 -59.08
CA VAL J 662 38.69 0.71 -58.56
C VAL J 662 37.54 0.56 -57.58
N ASP J 663 37.13 -0.68 -57.31
CA ASP J 663 35.99 -0.95 -56.45
C ASP J 663 36.43 -1.59 -55.13
N ASN J 664 35.69 -1.26 -54.06
CA ASN J 664 35.96 -1.75 -52.72
C ASN J 664 34.67 -2.14 -52.00
N ALA J 665 33.77 -2.85 -52.67
CA ALA J 665 32.46 -3.18 -52.10
C ALA J 665 32.59 -4.07 -50.87
N MET J 666 31.48 -4.28 -50.17
CA MET J 666 31.47 -5.04 -48.93
C MET J 666 30.87 -6.42 -49.17
N GLU J 667 31.62 -7.44 -48.79
CA GLU J 667 31.19 -8.84 -48.90
C GLU J 667 30.58 -9.29 -47.58
N MET J 668 29.66 -10.25 -47.68
CA MET J 668 29.00 -10.78 -46.49
C MET J 668 28.86 -12.29 -46.64
N GLN J 669 29.57 -13.04 -45.80
CA GLN J 669 29.38 -14.48 -45.76
C GLN J 669 28.15 -14.81 -44.94
N ILE J 670 27.18 -15.48 -45.56
CA ILE J 670 25.88 -15.69 -44.93
C ILE J 670 25.52 -17.17 -44.96
N GLY J 671 26.44 -18.00 -45.43
CA GLY J 671 26.16 -19.43 -45.56
C GLY J 671 27.28 -20.31 -45.05
N ALA J 672 27.10 -21.63 -45.19
CA ALA J 672 28.08 -22.60 -44.69
C ALA J 672 28.79 -23.32 -45.82
N ASN J 673 28.80 -22.74 -47.02
CA ASN J 673 29.46 -23.34 -48.16
C ASN J 673 29.98 -22.22 -49.06
N GLU J 674 30.86 -22.61 -49.99
CA GLU J 674 31.44 -21.66 -50.93
C GLU J 674 30.38 -21.18 -51.91
N GLY J 675 30.09 -19.88 -51.89
CA GLY J 675 29.29 -19.30 -52.96
C GLY J 675 28.18 -18.34 -52.56
N GLN J 676 27.51 -18.60 -51.44
CA GLN J 676 26.36 -17.78 -51.05
C GLN J 676 26.85 -16.61 -50.19
N THR J 677 26.78 -15.41 -50.75
CA THR J 677 27.21 -14.20 -50.08
C THR J 677 26.24 -13.08 -50.38
N ILE J 678 26.41 -11.97 -49.66
CA ILE J 678 25.54 -10.80 -49.78
C ILE J 678 26.44 -9.60 -50.07
N LEU J 679 26.04 -8.80 -51.06
CA LEU J 679 26.73 -7.55 -51.34
C LEU J 679 26.18 -6.43 -50.47
N ALA J 680 27.06 -5.52 -50.07
CA ALA J 680 26.65 -4.34 -49.31
C ALA J 680 27.53 -3.16 -49.70
N ASN J 681 26.90 -1.99 -49.84
CA ASN J 681 27.61 -0.78 -50.23
C ASN J 681 26.87 0.42 -49.67
N ILE J 682 27.64 1.40 -49.18
CA ILE J 682 27.10 2.61 -48.58
C ILE J 682 27.44 3.78 -49.49
N PRO J 683 26.45 4.47 -50.06
CA PRO J 683 26.75 5.58 -50.97
C PRO J 683 27.46 6.72 -50.25
N GLN J 684 28.28 7.44 -51.02
CA GLN J 684 29.06 8.55 -50.47
C GLN J 684 28.17 9.77 -50.25
N VAL J 685 28.24 10.35 -49.06
CA VAL J 685 27.40 11.49 -48.67
C VAL J 685 28.26 12.58 -48.09
N ASP J 686 28.13 13.79 -48.63
CA ASP J 686 28.75 14.99 -48.08
C ASP J 686 27.97 16.19 -48.59
N THR J 687 28.52 17.39 -48.37
CA THR J 687 27.90 18.59 -48.93
C THR J 687 27.96 18.58 -50.46
N THR J 688 29.08 18.13 -51.02
CA THR J 688 29.23 18.16 -52.47
C THR J 688 28.24 17.23 -53.15
N SER J 689 28.04 16.03 -52.60
CA SER J 689 27.08 15.11 -53.17
C SER J 689 25.66 15.66 -53.08
N LEU J 690 25.35 16.34 -51.98
CA LEU J 690 24.05 17.00 -51.84
C LEU J 690 23.95 18.27 -52.67
N GLY J 691 25.06 18.75 -53.24
CA GLY J 691 25.03 19.91 -54.11
C GLY J 691 24.67 21.22 -53.45
N ILE J 692 25.20 21.48 -52.26
CA ILE J 692 24.92 22.72 -51.56
C ILE J 692 26.22 23.41 -51.16
N ASP J 693 27.28 23.19 -51.94
CA ASP J 693 28.56 23.82 -51.64
C ASP J 693 28.49 25.33 -51.82
N ASP J 694 27.85 25.79 -52.88
CA ASP J 694 27.84 27.20 -53.27
C ASP J 694 26.55 27.90 -52.87
N ILE J 695 26.00 27.53 -51.72
CA ILE J 695 24.79 28.18 -51.21
C ILE J 695 25.19 29.46 -50.49
N LEU J 696 24.62 30.58 -50.94
CA LEU J 696 24.89 31.88 -50.35
C LEU J 696 23.60 32.53 -49.91
N MET J 697 23.64 33.20 -48.76
CA MET J 697 22.50 33.97 -48.24
C MET J 697 23.00 35.39 -48.02
N VAL J 698 23.03 36.16 -49.09
CA VAL J 698 23.64 37.49 -49.06
C VAL J 698 22.63 38.55 -49.47
N ASP J 699 21.91 38.29 -50.56
CA ASP J 699 20.93 39.21 -51.11
C ASP J 699 19.56 38.53 -51.16
N GLN J 700 18.56 39.29 -51.61
CA GLN J 700 17.19 38.78 -51.67
C GLN J 700 16.90 38.15 -53.04
N GLU J 701 17.79 37.25 -53.47
CA GLU J 701 17.54 36.46 -54.68
C GLU J 701 17.97 35.01 -54.57
N LEU J 702 18.89 34.65 -53.68
CA LEU J 702 19.40 33.29 -53.61
C LEU J 702 18.57 32.38 -52.71
N ALA J 703 17.63 32.94 -51.94
CA ALA J 703 16.85 32.13 -51.01
C ALA J 703 16.00 31.10 -51.72
N GLN J 704 15.44 31.44 -52.89
CA GLN J 704 14.57 30.51 -53.61
C GLN J 704 15.36 29.30 -54.11
N GLU J 705 16.50 29.56 -54.76
CA GLU J 705 17.37 28.47 -55.18
C GLU J 705 17.81 27.65 -53.97
N SER J 706 18.08 28.32 -52.85
CA SER J 706 18.47 27.63 -51.63
C SER J 706 17.39 26.64 -51.20
N ILE J 707 16.13 27.07 -51.21
CA ILE J 707 15.04 26.20 -50.80
C ILE J 707 14.93 25.01 -51.74
N THR J 708 15.07 25.25 -53.05
CA THR J 708 15.00 24.14 -54.01
C THR J 708 16.10 23.10 -53.74
N LYS J 709 17.34 23.57 -53.58
CA LYS J 709 18.44 22.65 -53.33
C LYS J 709 18.24 21.88 -52.04
N LEU J 710 17.75 22.57 -51.00
CA LEU J 710 17.52 21.91 -49.72
C LEU J 710 16.48 20.81 -49.84
N ASP J 711 15.40 21.07 -50.58
CA ASP J 711 14.38 20.04 -50.78
C ASP J 711 14.97 18.82 -51.46
N LYS J 712 15.76 19.04 -52.53
CA LYS J 712 16.33 17.92 -53.25
C LYS J 712 17.27 17.10 -52.37
N ALA J 713 18.09 17.79 -51.57
CA ALA J 713 19.00 17.08 -50.67
C ALA J 713 18.21 16.26 -49.64
N LEU J 714 17.11 16.82 -49.13
CA LEU J 714 16.30 16.09 -48.16
C LEU J 714 15.76 14.81 -48.77
N GLU J 715 15.26 14.87 -50.02
CA GLU J 715 14.76 13.66 -50.66
C GLU J 715 15.88 12.63 -50.84
N THR J 716 17.09 13.07 -51.20
CA THR J 716 18.19 12.13 -51.35
C THR J 716 18.50 11.41 -50.03
N VAL J 717 18.55 12.16 -48.93
CA VAL J 717 18.84 11.55 -47.63
C VAL J 717 17.76 10.53 -47.28
N SER J 718 16.49 10.89 -47.52
CA SER J 718 15.41 9.95 -47.21
C SER J 718 15.55 8.66 -48.01
N GLY J 719 15.88 8.77 -49.29
CA GLY J 719 16.05 7.56 -50.10
C GLY J 719 17.15 6.66 -49.60
N VAL J 720 18.29 7.25 -49.23
CA VAL J 720 19.40 6.42 -48.73
C VAL J 720 19.01 5.72 -47.43
N ARG J 721 18.32 6.43 -46.53
CA ARG J 721 17.84 5.80 -45.31
C ARG J 721 16.90 4.63 -45.62
N ALA J 722 16.03 4.81 -46.61
CA ALA J 722 15.12 3.73 -46.98
C ALA J 722 15.87 2.49 -47.44
N THR J 723 16.92 2.68 -48.24
CA THR J 723 17.72 1.55 -48.69
C THR J 723 18.35 0.81 -47.50
N ILE J 724 18.91 1.56 -46.55
CA ILE J 724 19.51 0.93 -45.38
C ILE J 724 18.48 0.11 -44.61
N GLY J 725 17.28 0.67 -44.41
CA GLY J 725 16.24 -0.07 -43.71
C GLY J 725 15.84 -1.34 -44.43
N ALA J 726 15.75 -1.28 -45.76
CA ALA J 726 15.40 -2.48 -46.52
C ALA J 726 16.41 -3.59 -46.30
N GLN J 727 17.70 -3.25 -46.38
CA GLN J 727 18.72 -4.29 -46.19
C GLN J 727 18.66 -4.87 -44.77
N ILE J 728 18.50 -4.02 -43.76
CA ILE J 728 18.50 -4.54 -42.39
C ILE J 728 17.30 -5.46 -42.17
N ASN J 729 16.14 -5.11 -42.73
CA ASN J 729 14.99 -6.00 -42.58
C ASN J 729 15.20 -7.33 -43.28
N ARG J 730 15.81 -7.30 -44.47
CA ARG J 730 16.07 -8.57 -45.17
C ARG J 730 16.98 -9.48 -44.33
N LEU J 731 18.03 -8.90 -43.75
CA LEU J 731 18.92 -9.72 -42.92
C LEU J 731 18.20 -10.25 -41.68
N GLU J 732 17.34 -9.42 -41.08
CA GLU J 732 16.61 -9.89 -39.92
C GLU J 732 15.71 -11.07 -40.29
N TYR J 733 15.06 -11.02 -41.45
CA TYR J 733 14.29 -12.17 -41.91
C TYR J 733 15.16 -13.39 -42.14
N THR J 734 16.33 -13.22 -42.75
CA THR J 734 17.15 -14.42 -43.01
C THR J 734 17.78 -14.98 -41.74
N MET J 735 17.68 -14.27 -40.61
CA MET J 735 18.17 -14.80 -39.33
C MET J 735 17.62 -16.19 -39.00
N THR J 736 16.30 -16.36 -39.02
CA THR J 736 15.67 -17.47 -38.30
C THR J 736 15.81 -18.83 -39.01
N GLY J 737 15.81 -18.84 -40.34
CA GLY J 737 15.89 -20.10 -41.06
C GLY J 737 17.15 -20.88 -40.74
N LEU J 738 18.26 -20.17 -40.52
CA LEU J 738 19.51 -20.84 -40.16
C LEU J 738 19.36 -21.60 -38.85
N ASP J 739 18.74 -20.97 -37.84
CA ASP J 739 18.54 -21.64 -36.56
C ASP J 739 17.58 -22.82 -36.69
N THR J 740 16.53 -22.68 -37.49
CA THR J 740 15.61 -23.80 -37.68
C THR J 740 16.32 -24.98 -38.33
N THR J 741 17.14 -24.70 -39.34
CA THR J 741 17.91 -25.76 -39.99
C THR J 741 18.90 -26.39 -39.02
N ARG J 742 19.53 -25.58 -38.17
CA ARG J 742 20.42 -26.11 -37.15
C ARG J 742 19.68 -27.06 -36.23
N GLU J 743 18.48 -26.67 -35.80
CA GLU J 743 17.67 -27.53 -34.93
C GLU J 743 17.40 -28.86 -35.60
N ASN J 744 16.91 -28.82 -36.85
CA ASN J 744 16.56 -30.06 -37.54
C ASN J 744 17.77 -30.95 -37.75
N LEU J 745 18.89 -30.38 -38.17
CA LEU J 745 20.08 -31.19 -38.43
C LEU J 745 20.69 -31.75 -37.15
N THR J 746 20.72 -30.96 -36.07
CA THR J 746 21.28 -31.48 -34.83
C THR J 746 20.36 -32.53 -34.20
N ALA J 747 19.06 -32.46 -34.49
CA ALA J 747 18.17 -33.52 -34.06
C ALA J 747 18.39 -34.80 -34.88
N ALA J 748 18.50 -34.65 -36.21
CA ALA J 748 18.66 -35.81 -37.07
C ALA J 748 19.99 -36.51 -36.83
N GLU J 749 21.07 -35.74 -36.70
CA GLU J 749 22.39 -36.34 -36.54
C GLU J 749 22.49 -37.14 -35.26
N SER J 750 21.91 -36.63 -34.17
CA SER J 750 22.02 -37.31 -32.90
C SER J 750 20.98 -38.41 -32.78
N ARG J 751 20.93 -39.28 -33.79
CA ARG J 751 20.16 -40.51 -33.73
C ARG J 751 21.04 -41.73 -34.01
N ILE J 752 22.33 -41.53 -34.25
CA ILE J 752 23.30 -42.59 -34.45
C ILE J 752 24.43 -42.48 -33.43
N ARG J 753 24.14 -41.91 -32.27
CA ARG J 753 25.19 -41.66 -31.28
C ARG J 753 25.22 -42.76 -30.22
N ASP J 754 24.11 -43.00 -29.54
CA ASP J 754 24.06 -44.08 -28.57
C ASP J 754 22.68 -44.72 -28.58
N LEU J 755 22.63 -45.97 -28.16
CA LEU J 755 21.36 -46.67 -28.05
C LEU J 755 20.61 -46.20 -26.80
N ASP J 756 19.47 -46.82 -26.53
CA ASP J 756 18.87 -46.71 -25.21
C ASP J 756 19.80 -47.37 -24.20
N ILE J 757 19.85 -46.81 -22.99
CA ILE J 757 20.63 -47.45 -21.94
C ILE J 757 20.00 -48.78 -21.54
N ALA J 758 18.70 -48.93 -21.77
CA ALA J 758 17.98 -50.09 -21.24
C ALA J 758 18.47 -51.38 -21.87
N ASP J 759 18.52 -51.45 -23.20
CA ASP J 759 18.87 -52.71 -23.85
C ASP J 759 20.36 -53.03 -23.68
N GLU J 760 21.21 -52.00 -23.67
CA GLU J 760 22.62 -52.24 -23.39
C GLU J 760 22.82 -52.80 -21.98
N MET J 761 22.13 -52.23 -20.99
CA MET J 761 22.20 -52.75 -19.63
C MET J 761 21.67 -54.18 -19.57
N ALA J 762 20.60 -54.46 -20.32
CA ALA J 762 20.06 -55.81 -20.36
C ALA J 762 21.10 -56.79 -20.89
N LYS J 763 21.72 -56.46 -22.02
CA LYS J 763 22.75 -57.34 -22.60
C LYS J 763 23.89 -57.54 -21.62
N PHE J 764 24.32 -56.46 -20.96
CA PHE J 764 25.38 -56.55 -19.95
C PHE J 764 25.02 -57.55 -18.87
N THR J 765 23.81 -57.42 -18.30
CA THR J 765 23.40 -58.33 -17.23
C THR J 765 23.31 -59.77 -17.73
N LYS J 766 22.79 -59.97 -18.94
CA LYS J 766 22.59 -61.33 -19.44
C LYS J 766 23.93 -62.04 -19.63
N ASN J 767 24.89 -61.33 -20.25
CA ASN J 767 26.22 -61.92 -20.41
C ASN J 767 26.90 -62.15 -19.07
N GLN J 768 26.73 -61.22 -18.13
CA GLN J 768 27.30 -61.40 -16.79
C GLN J 768 26.77 -62.67 -16.13
N ILE J 769 25.46 -62.92 -16.28
CA ILE J 769 24.87 -64.12 -15.69
C ILE J 769 25.42 -65.37 -16.38
N LEU J 770 25.51 -65.35 -17.71
CA LEU J 770 25.88 -66.57 -18.43
C LEU J 770 27.36 -66.94 -18.24
N ALA J 771 28.22 -65.94 -18.04
CA ALA J 771 29.65 -66.22 -17.87
C ALA J 771 29.90 -67.09 -16.63
N GLN J 772 29.17 -66.83 -15.55
CA GLN J 772 29.37 -67.60 -14.33
C GLN J 772 29.01 -69.07 -14.51
N SER J 773 27.92 -69.35 -15.23
CA SER J 773 27.58 -70.73 -15.55
C SER J 773 28.65 -71.38 -16.39
N ASN J 774 29.17 -70.65 -17.39
CA ASN J 774 30.31 -71.17 -18.16
C ASN J 774 31.46 -71.58 -17.26
N ILE J 775 31.82 -70.69 -16.32
CA ILE J 775 32.98 -70.94 -15.46
C ILE J 775 32.74 -72.16 -14.57
N SER J 776 31.54 -72.25 -14.00
CA SER J 776 31.23 -73.36 -13.11
C SER J 776 31.28 -74.69 -13.85
N MET J 777 30.71 -74.73 -15.06
CA MET J 777 30.75 -75.97 -15.83
C MET J 777 32.17 -76.32 -16.25
N LEU J 778 32.98 -75.31 -16.57
CA LEU J 778 34.39 -75.56 -16.87
C LEU J 778 35.09 -76.20 -15.67
N ALA J 779 34.83 -75.67 -14.47
CA ALA J 779 35.47 -76.22 -13.28
C ALA J 779 35.06 -77.68 -13.06
N GLN J 780 33.77 -77.97 -13.16
CA GLN J 780 33.32 -79.33 -12.92
C GLN J 780 33.85 -80.29 -14.00
N ALA J 781 33.87 -79.85 -15.25
CA ALA J 781 34.42 -80.68 -16.32
C ALA J 781 35.90 -80.95 -16.10
N ASN J 782 36.65 -79.94 -15.65
CA ASN J 782 38.06 -80.15 -15.35
C ASN J 782 38.23 -81.18 -14.23
N SER J 783 37.40 -81.09 -13.19
CA SER J 783 37.54 -82.02 -12.08
C SER J 783 37.09 -83.43 -12.46
N LEU J 784 36.27 -83.54 -13.51
CA LEU J 784 35.69 -84.84 -13.86
C LEU J 784 36.71 -85.94 -14.15
N PRO J 785 37.55 -85.85 -15.21
CA PRO J 785 38.12 -87.07 -15.81
C PRO J 785 38.96 -87.96 -14.90
N GLN J 786 40.06 -87.44 -14.34
CA GLN J 786 41.02 -88.32 -13.69
C GLN J 786 40.54 -88.80 -12.32
N MET J 787 39.69 -88.03 -11.64
CA MET J 787 39.19 -88.46 -10.34
C MET J 787 38.32 -89.70 -10.48
N ALA J 788 37.53 -89.77 -11.55
CA ALA J 788 36.67 -90.93 -11.79
C ALA J 788 37.42 -92.10 -12.42
N LEU J 789 38.70 -91.93 -12.75
CA LEU J 789 39.49 -92.99 -13.37
C LEU J 789 40.58 -93.55 -12.48
N SER J 790 41.10 -92.77 -11.54
CA SER J 790 42.25 -93.21 -10.75
C SER J 790 41.92 -94.41 -9.86
N LEU J 791 40.64 -94.72 -9.66
CA LEU J 791 40.25 -95.85 -8.83
C LEU J 791 40.07 -97.14 -9.63
N LEU J 792 40.30 -97.09 -10.95
CA LEU J 792 40.22 -98.30 -11.75
C LEU J 792 41.32 -99.29 -11.40
N GLY J 793 42.46 -98.79 -10.93
CA GLY J 793 43.56 -99.66 -10.54
C GLY J 793 44.87 -98.91 -10.36
N ALA K 2 32.19 -148.62 1.59
CA ALA K 2 32.92 -149.27 0.50
C ALA K 2 33.91 -148.31 -0.14
N MET K 3 35.16 -148.76 -0.27
CA MET K 3 36.23 -147.93 -0.81
C MET K 3 36.59 -148.43 -2.20
N TYR K 4 36.41 -147.57 -3.21
CA TYR K 4 36.66 -147.90 -4.61
C TYR K 4 37.76 -147.01 -5.15
N ILE K 5 37.99 -147.08 -6.46
CA ILE K 5 38.99 -146.27 -7.15
C ILE K 5 38.29 -145.47 -8.24
N ASN K 6 38.63 -144.18 -8.32
CA ASN K 6 38.05 -143.26 -9.31
C ASN K 6 36.53 -143.39 -9.39
N THR K 7 35.88 -143.20 -8.24
CA THR K 7 34.43 -143.16 -8.12
C THR K 7 34.02 -141.92 -7.32
N ASN K 8 34.67 -140.80 -7.61
CA ASN K 8 34.49 -139.57 -6.84
C ASN K 8 33.18 -138.89 -7.23
N VAL K 9 32.08 -139.55 -6.89
CA VAL K 9 30.75 -138.96 -7.13
C VAL K 9 30.46 -137.77 -6.23
N PRO K 10 30.95 -137.68 -4.98
CA PRO K 10 30.77 -136.41 -4.25
C PRO K 10 31.40 -135.24 -4.97
N SER K 11 32.53 -135.47 -5.65
CA SER K 11 33.12 -134.42 -6.46
C SER K 11 32.18 -133.98 -7.56
N LEU K 12 31.52 -134.93 -8.22
CA LEU K 12 30.57 -134.58 -9.27
C LEU K 12 29.40 -133.76 -8.73
N THR K 13 28.86 -134.17 -7.57
CA THR K 13 27.76 -133.42 -6.98
C THR K 13 28.19 -132.00 -6.61
N ALA K 14 29.37 -131.86 -6.01
CA ALA K 14 29.86 -130.55 -5.65
C ALA K 14 30.09 -129.68 -6.88
N GLN K 15 30.62 -130.28 -7.96
CA GLN K 15 30.83 -129.55 -9.19
C GLN K 15 29.51 -129.05 -9.76
N ARG K 16 28.47 -129.89 -9.74
CA ARG K 16 27.16 -129.46 -10.23
C ARG K 16 26.62 -128.29 -9.40
N TYR K 17 26.66 -128.43 -8.07
CA TYR K 17 26.16 -127.37 -7.20
C TYR K 17 26.90 -126.07 -7.46
N LEU K 18 28.22 -126.14 -7.58
CA LEU K 18 29.01 -124.97 -7.91
C LEU K 18 28.61 -124.40 -9.27
N GLY K 19 28.20 -125.27 -10.20
CA GLY K 19 27.74 -124.80 -11.50
C GLY K 19 26.54 -123.88 -11.38
N GLU K 20 25.49 -124.33 -10.69
CA GLU K 20 24.33 -123.44 -10.51
C GLU K 20 24.69 -122.20 -9.69
N THR K 21 25.56 -122.34 -8.69
CA THR K 21 25.94 -121.17 -7.90
C THR K 21 26.61 -120.11 -8.77
N ASN K 22 27.54 -120.54 -9.63
CA ASN K 22 28.22 -119.60 -10.52
C ASN K 22 27.24 -118.98 -11.52
N ASN K 23 26.29 -119.79 -12.03
CA ASN K 23 25.29 -119.22 -12.93
C ASN K 23 24.49 -118.12 -12.23
N ALA K 24 24.06 -118.36 -10.99
CA ALA K 24 23.31 -117.36 -10.25
C ALA K 24 24.14 -116.11 -10.02
N VAL K 25 25.41 -116.28 -9.68
CA VAL K 25 26.29 -115.12 -9.45
C VAL K 25 26.38 -114.28 -10.72
N SER K 26 26.61 -114.94 -11.86
CA SER K 26 26.76 -114.22 -13.12
C SER K 26 25.49 -113.47 -13.48
N LYS K 27 24.32 -114.12 -13.33
CA LYS K 27 23.08 -113.45 -13.65
C LYS K 27 22.83 -112.25 -12.74
N SER K 28 23.13 -112.39 -11.44
CA SER K 28 22.93 -111.28 -10.53
C SER K 28 23.84 -110.10 -10.90
N LEU K 29 25.10 -110.39 -11.22
CA LEU K 29 26.02 -109.32 -11.61
C LEU K 29 25.55 -108.63 -12.88
N GLU K 30 25.10 -109.41 -13.86
CA GLU K 30 24.59 -108.83 -15.10
C GLU K 30 23.42 -107.90 -14.84
N ARG K 31 22.42 -108.38 -14.08
CA ARG K 31 21.23 -107.57 -13.83
C ARG K 31 21.59 -106.29 -13.09
N LEU K 32 22.41 -106.40 -12.04
CA LEU K 32 22.68 -105.22 -11.22
C LEU K 32 23.55 -104.22 -11.97
N SER K 33 24.51 -104.70 -12.78
CA SER K 33 25.31 -103.80 -13.58
C SER K 33 24.45 -103.09 -14.62
N SER K 34 23.51 -103.81 -15.24
CA SER K 34 22.61 -103.17 -16.19
C SER K 34 21.72 -102.13 -15.53
N GLY K 35 21.23 -102.41 -14.32
CA GLY K 35 20.31 -101.50 -13.69
C GLY K 35 18.91 -101.54 -14.25
N LEU K 36 18.55 -102.62 -14.95
CA LEU K 36 17.23 -102.79 -15.52
C LEU K 36 16.62 -104.09 -15.03
N ARG K 37 15.28 -104.09 -14.90
CA ARG K 37 14.57 -105.28 -14.47
C ARG K 37 14.68 -106.40 -15.49
N ILE K 38 14.16 -106.16 -16.69
CA ILE K 38 13.89 -107.26 -17.61
C ILE K 38 15.16 -107.71 -18.34
N ASN K 39 15.75 -106.83 -19.14
CA ASN K 39 16.83 -107.18 -20.07
C ASN K 39 16.41 -108.31 -21.00
N SER K 40 17.33 -108.72 -21.88
CA SER K 40 17.16 -109.87 -22.76
C SER K 40 15.76 -109.99 -23.34
N ALA K 41 15.27 -111.22 -23.46
CA ALA K 41 13.87 -111.45 -23.79
C ALA K 41 13.27 -112.65 -23.07
N SER K 42 14.02 -113.32 -22.18
CA SER K 42 13.65 -114.63 -21.70
C SER K 42 12.96 -114.64 -20.34
N ASP K 43 13.26 -113.67 -19.47
CA ASP K 43 12.72 -113.74 -18.11
C ASP K 43 11.21 -113.55 -18.10
N ASP K 44 10.70 -112.59 -18.88
CA ASP K 44 9.27 -112.30 -18.93
C ASP K 44 8.87 -112.01 -20.36
N ALA K 45 7.72 -112.54 -20.77
CA ALA K 45 7.17 -112.29 -22.10
C ALA K 45 6.00 -111.32 -22.09
N SER K 46 5.69 -110.72 -20.94
CA SER K 46 4.54 -109.84 -20.82
C SER K 46 4.88 -108.37 -20.64
N GLY K 47 5.98 -108.04 -19.98
CA GLY K 47 6.33 -106.64 -19.77
C GLY K 47 6.88 -105.94 -20.99
N LEU K 48 7.42 -106.69 -21.94
CA LEU K 48 8.06 -106.08 -23.10
C LEU K 48 7.07 -105.26 -23.92
N ALA K 49 5.93 -105.86 -24.29
CA ALA K 49 4.98 -105.18 -25.15
C ALA K 49 4.40 -103.94 -24.48
N ILE K 50 4.01 -104.06 -23.21
CA ILE K 50 3.43 -102.92 -22.52
C ILE K 50 4.46 -101.81 -22.36
N SER K 51 5.71 -102.17 -22.06
CA SER K 51 6.76 -101.16 -21.95
C SER K 51 6.96 -100.43 -23.27
N GLU K 52 6.99 -101.16 -24.38
CA GLU K 52 7.17 -100.52 -25.69
C GLU K 52 6.00 -99.58 -26.01
N LYS K 53 4.77 -100.02 -25.75
CA LYS K 53 3.61 -99.17 -26.01
C LYS K 53 3.67 -97.90 -25.17
N LEU K 54 4.03 -98.03 -23.89
CA LEU K 54 4.11 -96.86 -23.02
C LEU K 54 5.20 -95.90 -23.50
N ARG K 55 6.34 -96.43 -23.94
CA ARG K 55 7.42 -95.57 -24.43
C ARG K 55 6.97 -94.79 -25.66
N GLY K 56 6.29 -95.47 -26.59
CA GLY K 56 5.76 -94.79 -27.76
C GLY K 56 4.78 -93.69 -27.40
N GLN K 57 3.88 -93.97 -26.44
CA GLN K 57 2.93 -92.96 -26.01
C GLN K 57 3.63 -91.76 -25.38
N ILE K 58 4.68 -92.00 -24.59
CA ILE K 58 5.42 -90.90 -23.99
C ILE K 58 6.04 -90.00 -25.06
N SER K 59 6.66 -90.62 -26.07
CA SER K 59 7.25 -89.85 -27.16
C SER K 59 6.20 -89.00 -27.86
N GLY K 60 5.05 -89.61 -28.18
CA GLY K 60 3.99 -88.86 -28.84
C GLY K 60 3.49 -87.69 -28.00
N LEU K 61 3.35 -87.91 -26.68
CA LEU K 61 2.89 -86.86 -25.80
C LEU K 61 3.86 -85.66 -25.81
N LYS K 62 5.16 -85.93 -25.72
CA LYS K 62 6.12 -84.83 -25.74
C LYS K 62 6.07 -84.07 -27.06
N ARG K 63 5.96 -84.80 -28.17
CA ARG K 63 5.88 -84.13 -29.46
C ARG K 63 4.66 -83.20 -29.54
N ALA K 64 3.49 -83.70 -29.12
CA ALA K 64 2.30 -82.86 -29.14
C ALA K 64 2.46 -81.65 -28.22
N SER K 65 3.13 -81.85 -27.08
CA SER K 65 3.34 -80.76 -26.14
C SER K 65 4.09 -79.61 -26.80
N LEU K 66 5.13 -79.93 -27.58
CA LEU K 66 5.82 -78.87 -28.31
C LEU K 66 4.93 -78.26 -29.40
N ASN K 67 4.21 -79.14 -30.13
CA ASN K 67 3.41 -78.71 -31.27
C ASN K 67 2.41 -77.64 -30.85
N ALA K 68 1.89 -77.71 -29.63
CA ALA K 68 0.91 -76.73 -29.18
C ALA K 68 1.46 -75.29 -29.28
N GLN K 69 2.66 -75.05 -28.73
CA GLN K 69 3.19 -73.70 -28.71
C GLN K 69 3.63 -73.26 -30.11
N ASP K 70 4.21 -74.20 -30.89
CA ASP K 70 4.48 -73.84 -32.28
C ASP K 70 3.21 -73.42 -33.00
N GLY K 71 2.06 -73.95 -32.59
CA GLY K 71 0.81 -73.46 -33.12
C GLY K 71 0.43 -72.07 -32.62
N ILE K 72 0.61 -71.82 -31.31
CA ILE K 72 0.05 -70.62 -30.70
C ILE K 72 0.76 -69.34 -31.18
N SER K 73 2.04 -69.45 -31.57
CA SER K 73 2.77 -68.23 -31.94
C SER K 73 2.11 -67.49 -33.11
N LEU K 74 1.60 -68.24 -34.09
CA LEU K 74 0.98 -67.64 -35.27
C LEU K 74 -0.24 -66.81 -34.89
N LEU K 75 -1.08 -67.35 -33.99
CA LEU K 75 -2.25 -66.61 -33.56
C LEU K 75 -1.86 -65.32 -32.85
N GLN K 76 -0.78 -65.36 -32.05
CA GLN K 76 -0.32 -64.12 -31.43
C GLN K 76 0.04 -63.06 -32.47
N THR K 77 0.76 -63.48 -33.52
CA THR K 77 1.12 -62.53 -34.58
C THR K 77 -0.11 -61.92 -35.24
N ALA K 78 -1.09 -62.75 -35.58
CA ALA K 78 -2.31 -62.26 -36.21
C ALA K 78 -3.02 -61.25 -35.31
N GLU K 79 -3.06 -61.54 -34.01
CA GLU K 79 -3.70 -60.62 -33.06
C GLU K 79 -3.03 -59.25 -33.09
N GLY K 80 -1.70 -59.23 -33.11
CA GLY K 80 -1.00 -57.95 -33.18
C GLY K 80 -1.36 -57.14 -34.42
N GLY K 81 -1.36 -57.82 -35.57
CA GLY K 81 -1.72 -57.13 -36.81
C GLY K 81 -3.13 -56.53 -36.75
N LEU K 82 -4.08 -57.32 -36.23
CA LEU K 82 -5.45 -56.84 -36.14
C LEU K 82 -5.55 -55.64 -35.21
N GLN K 83 -4.79 -55.65 -34.10
CA GLN K 83 -4.74 -54.49 -33.22
C GLN K 83 -4.34 -53.24 -33.98
N ASN K 84 -3.27 -53.32 -34.78
CA ASN K 84 -2.83 -52.12 -35.50
C ASN K 84 -3.89 -51.62 -36.47
N ILE K 85 -4.51 -52.53 -37.21
CA ILE K 85 -5.52 -52.12 -38.19
C ILE K 85 -6.71 -51.43 -37.49
N GLN K 86 -7.18 -52.02 -36.39
CA GLN K 86 -8.28 -51.41 -35.65
C GLN K 86 -7.90 -50.03 -35.15
N ASP K 87 -6.65 -49.85 -34.71
CA ASP K 87 -6.22 -48.54 -34.24
C ASP K 87 -6.31 -47.50 -35.34
N MET K 88 -5.91 -47.86 -36.57
CA MET K 88 -5.99 -46.89 -37.66
C MET K 88 -7.43 -46.53 -38.03
N LEU K 89 -8.35 -47.51 -37.95
CA LEU K 89 -9.71 -47.27 -38.40
C LEU K 89 -10.40 -46.14 -37.62
N GLN K 90 -10.13 -46.05 -36.31
CA GLN K 90 -10.78 -45.03 -35.50
C GLN K 90 -10.33 -43.62 -35.88
N ARG K 91 -9.04 -43.45 -36.18
CA ARG K 91 -8.57 -42.16 -36.68
C ARG K 91 -9.26 -41.81 -38.00
N MET K 92 -9.43 -42.81 -38.88
CA MET K 92 -10.20 -42.54 -40.09
C MET K 92 -11.61 -42.08 -39.76
N ARG K 93 -12.25 -42.71 -38.78
CA ARG K 93 -13.61 -42.33 -38.41
C ARG K 93 -13.67 -40.90 -37.88
N GLU K 94 -12.71 -40.52 -37.04
CA GLU K 94 -12.74 -39.17 -36.47
C GLU K 94 -12.50 -38.12 -37.55
N LEU K 95 -11.57 -38.39 -38.47
CA LEU K 95 -11.37 -37.46 -39.58
C LEU K 95 -12.60 -37.38 -40.48
N ALA K 96 -13.35 -38.47 -40.60
CA ALA K 96 -14.59 -38.41 -41.38
C ALA K 96 -15.64 -37.57 -40.67
N VAL K 97 -15.77 -37.75 -39.35
CA VAL K 97 -16.84 -37.05 -38.63
C VAL K 97 -16.52 -35.56 -38.46
N GLN K 98 -15.24 -35.18 -38.52
CA GLN K 98 -14.92 -33.76 -38.47
C GLN K 98 -15.56 -33.03 -39.66
N ALA K 99 -15.39 -33.56 -40.86
CA ALA K 99 -16.04 -32.99 -42.03
C ALA K 99 -17.55 -33.13 -41.91
N GLY K 100 -18.26 -32.06 -42.23
CA GLY K 100 -19.71 -32.06 -42.12
C GLY K 100 -20.27 -30.79 -41.54
N ASN K 101 -19.54 -30.17 -40.62
CA ASN K 101 -19.91 -28.85 -40.15
C ASN K 101 -19.65 -27.83 -41.25
N GLY K 102 -20.72 -27.21 -41.76
CA GLY K 102 -20.53 -26.45 -42.99
C GLY K 102 -20.11 -25.01 -42.80
N VAL K 103 -18.79 -24.80 -42.83
CA VAL K 103 -18.19 -23.49 -43.00
C VAL K 103 -17.06 -23.65 -44.01
N TYR K 104 -16.72 -24.91 -44.29
CA TYR K 104 -15.55 -25.25 -45.09
C TYR K 104 -15.89 -25.15 -46.58
N THR K 105 -14.94 -24.61 -47.35
CA THR K 105 -15.11 -24.52 -48.79
C THR K 105 -14.95 -25.89 -49.44
N THR K 106 -14.97 -25.91 -50.77
CA THR K 106 -14.87 -27.14 -51.54
C THR K 106 -13.44 -27.52 -51.91
N ASN K 107 -12.44 -26.99 -51.20
CA ASN K 107 -11.04 -27.31 -51.47
C ASN K 107 -10.36 -28.03 -50.32
N ASP K 108 -10.57 -27.57 -49.09
CA ASP K 108 -10.02 -28.27 -47.94
C ASP K 108 -10.66 -29.63 -47.75
N ARG K 109 -11.87 -29.82 -48.29
CA ARG K 109 -12.47 -31.15 -48.28
C ARG K 109 -11.67 -32.13 -49.14
N ALA K 110 -11.23 -31.69 -50.33
CA ALA K 110 -10.34 -32.51 -51.13
C ALA K 110 -9.00 -32.68 -50.45
N GLU K 111 -8.54 -31.64 -49.74
CA GLU K 111 -7.32 -31.76 -48.94
C GLU K 111 -7.45 -32.90 -47.92
N ILE K 112 -8.60 -33.00 -47.25
CA ILE K 112 -8.83 -34.09 -46.32
C ILE K 112 -8.91 -35.43 -47.06
N GLN K 113 -9.55 -35.43 -48.23
CA GLN K 113 -9.67 -36.65 -49.03
C GLN K 113 -8.31 -37.22 -49.39
N LYS K 114 -7.33 -36.35 -49.62
CA LYS K 114 -5.97 -36.83 -49.90
C LYS K 114 -5.44 -37.70 -48.76
N GLU K 115 -5.53 -37.19 -47.53
CA GLU K 115 -5.05 -37.96 -46.38
C GLU K 115 -5.87 -39.22 -46.17
N VAL K 116 -7.18 -39.16 -46.42
CA VAL K 116 -8.01 -40.35 -46.28
C VAL K 116 -7.56 -41.44 -47.23
N ASP K 117 -7.34 -41.08 -48.51
CA ASP K 117 -6.87 -42.05 -49.50
C ASP K 117 -5.51 -42.61 -49.11
N GLN K 118 -4.64 -41.76 -48.58
CA GLN K 118 -3.29 -42.23 -48.25
C GLN K 118 -3.34 -43.19 -47.06
N LEU K 119 -4.20 -42.91 -46.08
CA LEU K 119 -4.41 -43.85 -44.98
C LEU K 119 -5.01 -45.16 -45.47
N LYS K 120 -5.91 -45.08 -46.45
CA LYS K 120 -6.50 -46.30 -47.00
C LYS K 120 -5.45 -47.18 -47.68
N GLU K 121 -4.55 -46.57 -48.45
CA GLU K 121 -3.51 -47.39 -49.08
C GLU K 121 -2.54 -47.92 -48.03
N GLU K 122 -2.34 -47.19 -46.94
CA GLU K 122 -1.56 -47.74 -45.82
C GLU K 122 -2.24 -48.98 -45.24
N ILE K 123 -3.56 -48.93 -45.04
CA ILE K 123 -4.25 -50.08 -44.45
C ILE K 123 -4.22 -51.27 -45.41
N ASN K 124 -4.29 -51.00 -46.72
CA ASN K 124 -4.14 -52.10 -47.68
C ASN K 124 -2.76 -52.71 -47.61
N ARG K 125 -1.71 -51.88 -47.49
CA ARG K 125 -0.36 -52.40 -47.37
C ARG K 125 -0.19 -53.27 -46.13
N ILE K 126 -0.72 -52.81 -44.99
CA ILE K 126 -0.56 -53.60 -43.77
C ILE K 126 -1.40 -54.87 -43.85
N ALA K 127 -2.53 -54.84 -44.57
CA ALA K 127 -3.29 -56.06 -44.79
C ALA K 127 -2.51 -57.06 -45.63
N SER K 128 -1.77 -56.57 -46.62
CA SER K 128 -1.06 -57.47 -47.53
C SER K 128 0.38 -57.75 -47.12
N SER K 129 0.84 -57.23 -45.98
CA SER K 129 2.25 -57.35 -45.61
C SER K 129 2.54 -58.41 -44.55
N THR K 130 1.52 -59.00 -43.92
CA THR K 130 1.76 -59.93 -42.83
C THR K 130 2.43 -61.21 -43.34
N GLU K 131 3.38 -61.73 -42.56
CA GLU K 131 4.19 -62.86 -42.99
C GLU K 131 4.59 -63.71 -41.79
N PHE K 132 4.67 -65.02 -42.00
CA PHE K 132 5.25 -65.94 -41.01
C PHE K 132 5.66 -67.20 -41.75
N ASN K 133 6.97 -67.47 -41.78
CA ASN K 133 7.52 -68.69 -42.37
C ASN K 133 7.03 -68.87 -43.81
N THR K 134 7.09 -67.78 -44.58
CA THR K 134 6.62 -67.75 -45.97
C THR K 134 5.17 -68.21 -46.09
N LYS K 135 4.33 -67.82 -45.13
CA LYS K 135 2.91 -68.12 -45.14
C LYS K 135 2.15 -66.85 -44.80
N LYS K 136 1.44 -66.29 -45.78
CA LYS K 136 0.69 -65.06 -45.57
C LYS K 136 -0.67 -65.40 -44.98
N LEU K 137 -1.02 -64.75 -43.87
CA LEU K 137 -2.18 -65.12 -43.08
C LEU K 137 -3.41 -64.31 -43.43
N LEU K 138 -3.34 -62.98 -43.30
CA LEU K 138 -4.54 -62.16 -43.39
C LEU K 138 -5.06 -62.05 -44.82
N ASN K 139 -4.21 -62.31 -45.81
CA ASN K 139 -4.63 -62.12 -47.20
C ASN K 139 -5.30 -63.38 -47.74
N GLY K 140 -6.28 -63.90 -47.01
CA GLY K 140 -7.13 -64.98 -47.51
C GLY K 140 -6.40 -66.20 -48.02
N ASP K 141 -5.19 -66.46 -47.51
CA ASP K 141 -4.38 -67.57 -47.99
C ASP K 141 -4.40 -68.75 -47.03
N SER K 142 -5.27 -68.72 -46.03
CA SER K 142 -5.33 -69.79 -45.03
C SER K 142 -6.55 -70.67 -45.14
N THR K 143 -7.58 -70.24 -45.88
CA THR K 143 -8.84 -70.98 -45.96
C THR K 143 -9.13 -71.47 -47.37
N ALA K 144 -9.17 -70.59 -48.35
CA ALA K 144 -9.64 -70.95 -49.69
C ALA K 144 -8.64 -70.49 -50.75
N LEU K 145 -8.92 -70.86 -51.99
CA LEU K 145 -8.10 -70.43 -53.12
C LEU K 145 -9.00 -70.44 -54.35
N TRP K 146 -9.25 -69.26 -54.91
CA TRP K 146 -10.24 -69.10 -55.97
C TRP K 146 -9.60 -68.57 -57.24
N SER K 147 -10.29 -68.77 -58.36
CA SER K 147 -9.85 -68.28 -59.65
C SER K 147 -11.02 -68.29 -60.63
N SER K 148 -10.93 -67.43 -61.64
CA SER K 148 -11.93 -67.36 -62.69
C SER K 148 -11.26 -66.89 -63.97
N ASP K 149 -12.00 -66.94 -65.08
CA ASP K 149 -11.44 -66.58 -66.38
C ASP K 149 -11.89 -65.21 -66.87
N SER K 150 -13.17 -64.87 -66.71
CA SER K 150 -13.61 -63.53 -67.06
C SER K 150 -13.07 -62.53 -66.03
N SER K 151 -12.80 -61.31 -66.52
CA SER K 151 -12.14 -60.30 -65.71
C SER K 151 -13.14 -59.34 -65.05
N ASP K 152 -14.36 -59.80 -64.79
CA ASP K 152 -15.36 -58.99 -64.13
C ASP K 152 -16.09 -59.79 -63.06
N LEU K 153 -15.34 -60.57 -62.29
CA LEU K 153 -15.92 -61.40 -61.23
C LEU K 153 -15.01 -61.35 -60.01
N ASP K 154 -15.54 -60.87 -58.90
CA ASP K 154 -14.79 -60.76 -57.66
C ASP K 154 -15.33 -61.74 -56.64
N VAL K 155 -14.44 -62.31 -55.83
CA VAL K 155 -14.80 -63.30 -54.82
C VAL K 155 -14.20 -62.88 -53.49
N VAL K 156 -15.02 -62.85 -52.45
CA VAL K 156 -14.55 -62.58 -51.10
C VAL K 156 -14.86 -63.78 -50.22
N ILE K 157 -13.87 -64.22 -49.45
CA ILE K 157 -13.95 -65.41 -48.62
C ILE K 157 -14.15 -64.97 -47.18
N LYS K 158 -15.17 -65.53 -46.53
CA LYS K 158 -15.42 -65.27 -45.11
C LYS K 158 -15.27 -66.52 -44.26
N SER K 159 -15.92 -67.60 -44.63
CA SER K 159 -15.91 -68.86 -43.89
C SER K 159 -15.38 -69.97 -44.81
N ALA K 160 -15.48 -71.20 -44.32
CA ALA K 160 -15.00 -72.35 -45.07
C ALA K 160 -15.76 -72.49 -46.40
N VAL K 161 -15.05 -72.94 -47.43
CA VAL K 161 -15.63 -73.16 -48.74
C VAL K 161 -15.80 -74.66 -48.93
N ALA K 162 -16.54 -75.06 -49.96
CA ALA K 162 -16.85 -76.48 -50.10
C ALA K 162 -15.88 -77.20 -51.02
N GLU K 163 -15.99 -76.97 -52.35
CA GLU K 163 -15.11 -77.49 -53.39
C GLU K 163 -15.55 -77.09 -54.78
N GLY K 164 -14.78 -77.51 -55.79
CA GLY K 164 -15.32 -77.77 -57.12
C GLY K 164 -15.45 -76.58 -58.03
N ASN K 165 -16.05 -76.86 -59.19
CA ASN K 165 -16.31 -75.91 -60.25
C ASN K 165 -17.80 -75.60 -60.31
N TYR K 166 -18.12 -74.38 -60.73
CA TYR K 166 -19.50 -73.95 -60.85
C TYR K 166 -19.68 -73.12 -62.11
N ASN K 167 -20.90 -73.16 -62.66
CA ASN K 167 -21.27 -72.40 -63.84
C ASN K 167 -22.42 -71.47 -63.50
N LEU K 168 -22.33 -70.23 -63.98
CA LEU K 168 -23.27 -69.19 -63.63
C LEU K 168 -24.07 -68.75 -64.86
N ASN K 169 -25.35 -68.49 -64.66
CA ASN K 169 -26.23 -68.01 -65.72
C ASN K 169 -26.91 -66.74 -65.22
N VAL K 170 -26.87 -65.69 -66.03
CA VAL K 170 -27.24 -64.34 -65.60
C VAL K 170 -28.32 -63.79 -66.52
N THR K 171 -29.27 -63.07 -65.93
CA THR K 171 -30.27 -62.29 -66.66
C THR K 171 -30.41 -60.94 -65.97
N VAL K 172 -30.50 -59.87 -66.75
CA VAL K 172 -30.40 -58.51 -66.23
C VAL K 172 -31.62 -57.71 -66.66
N ASP K 173 -32.15 -56.89 -65.74
CA ASP K 173 -33.21 -55.93 -66.03
C ASP K 173 -32.67 -54.56 -65.64
N PRO K 174 -32.64 -53.59 -66.56
CA PRO K 174 -31.89 -52.36 -66.32
C PRO K 174 -32.65 -51.35 -65.47
N GLY K 175 -31.98 -50.23 -65.22
CA GLY K 175 -32.55 -49.13 -64.47
C GLY K 175 -32.42 -47.80 -65.18
N LYS K 176 -32.14 -46.73 -64.42
CA LYS K 176 -32.00 -45.40 -64.99
C LYS K 176 -30.66 -44.81 -64.56
N ASN K 177 -30.37 -43.60 -65.06
CA ASN K 177 -29.11 -42.93 -64.80
C ASN K 177 -29.38 -41.52 -64.30
N PHE K 178 -28.29 -40.82 -63.96
CA PHE K 178 -28.36 -39.46 -63.45
C PHE K 178 -28.25 -38.47 -64.60
N VAL K 179 -29.08 -37.42 -64.56
CA VAL K 179 -29.05 -36.36 -65.57
C VAL K 179 -28.92 -35.03 -64.86
N TYR K 180 -27.86 -34.28 -65.20
CA TYR K 180 -27.54 -33.00 -64.57
C TYR K 180 -27.79 -31.85 -65.54
N LYS K 181 -28.30 -30.75 -64.99
CA LYS K 181 -28.61 -29.56 -65.76
C LYS K 181 -27.91 -28.36 -65.15
N SER K 182 -27.31 -27.53 -66.00
CA SER K 182 -26.70 -26.28 -65.58
C SER K 182 -27.70 -25.15 -65.73
N ASP K 183 -27.22 -23.92 -65.55
CA ASP K 183 -28.09 -22.75 -65.55
C ASP K 183 -27.91 -21.93 -66.82
N VAL K 184 -28.78 -20.92 -66.95
CA VAL K 184 -28.84 -20.13 -68.18
C VAL K 184 -27.65 -19.17 -68.26
N MET K 185 -27.16 -18.95 -69.47
CA MET K 185 -26.03 -18.06 -69.72
C MET K 185 -26.47 -16.95 -70.66
N THR K 186 -26.09 -15.72 -70.33
CA THR K 186 -26.44 -14.55 -71.13
C THR K 186 -25.21 -13.69 -71.34
N LEU K 187 -25.33 -12.74 -72.27
CA LEU K 187 -24.22 -11.90 -72.69
C LEU K 187 -24.13 -10.61 -71.88
N ASN K 188 -23.02 -9.91 -72.06
CA ASN K 188 -22.77 -8.66 -71.38
C ASN K 188 -23.60 -7.54 -72.00
N GLU K 189 -23.38 -6.32 -71.50
CA GLU K 189 -24.23 -5.18 -71.87
C GLU K 189 -23.95 -4.65 -73.27
N ASP K 190 -22.77 -4.90 -73.82
CA ASP K 190 -22.40 -4.29 -75.10
C ASP K 190 -21.83 -5.29 -76.10
N ALA K 191 -21.92 -6.58 -75.86
CA ALA K 191 -21.35 -7.55 -76.79
C ALA K 191 -22.29 -7.76 -77.99
N ILE K 192 -21.86 -8.63 -78.89
CA ILE K 192 -22.61 -8.98 -80.09
C ILE K 192 -22.54 -10.48 -80.30
N GLY K 193 -23.62 -11.09 -80.75
CA GLY K 193 -23.67 -12.51 -81.06
C GLY K 193 -24.26 -12.76 -82.44
N ALA K 194 -23.74 -13.76 -83.13
CA ALA K 194 -24.25 -14.17 -84.44
C ALA K 194 -24.44 -15.67 -84.45
N GLU K 195 -25.45 -16.13 -85.19
CA GLU K 195 -25.77 -17.56 -85.18
C GLU K 195 -26.50 -17.93 -86.47
N ILE K 196 -26.37 -19.19 -86.86
CA ILE K 196 -27.14 -19.78 -87.94
C ILE K 196 -28.48 -20.20 -87.36
N VAL K 197 -29.57 -19.62 -87.87
CA VAL K 197 -30.92 -19.91 -87.40
C VAL K 197 -31.80 -20.22 -88.60
N THR K 198 -32.79 -21.07 -88.40
CA THR K 198 -33.70 -21.49 -89.45
C THR K 198 -35.11 -20.99 -89.17
N ALA K 199 -35.83 -20.62 -90.23
CA ALA K 199 -37.22 -20.21 -90.11
C ALA K 199 -37.91 -20.49 -91.45
N GLY K 200 -38.64 -21.59 -91.51
CA GLY K 200 -39.32 -21.99 -92.73
C GLY K 200 -38.74 -23.19 -93.43
N GLY K 201 -38.00 -24.05 -92.73
CA GLY K 201 -37.41 -25.20 -93.37
C GLY K 201 -36.17 -24.91 -94.20
N ASP K 202 -35.53 -23.77 -93.97
CA ASP K 202 -34.34 -23.40 -94.75
C ASP K 202 -33.13 -24.21 -94.29
N VAL K 203 -32.92 -25.39 -94.89
CA VAL K 203 -31.82 -26.26 -94.52
C VAL K 203 -30.53 -25.78 -95.18
N ASN K 204 -29.39 -26.07 -94.55
CA ASN K 204 -28.11 -25.63 -95.07
C ASN K 204 -27.75 -26.36 -96.36
N GLU K 205 -27.82 -25.65 -97.48
CA GLU K 205 -27.35 -26.18 -98.75
C GLU K 205 -25.96 -25.72 -99.12
N THR K 206 -25.27 -25.04 -98.21
CA THR K 206 -24.00 -24.37 -98.49
C THR K 206 -22.85 -25.19 -97.91
N ASN K 207 -21.64 -24.63 -98.05
CA ASN K 207 -20.40 -25.26 -97.60
C ASN K 207 -19.73 -24.42 -96.51
N VAL K 208 -20.55 -23.74 -95.71
CA VAL K 208 -20.07 -22.80 -94.70
C VAL K 208 -20.21 -23.45 -93.34
N GLY K 209 -19.11 -23.45 -92.58
CA GLY K 209 -19.12 -23.98 -91.23
C GLY K 209 -19.86 -23.10 -90.24
N PHE K 210 -19.38 -21.88 -90.05
CA PHE K 210 -19.93 -20.98 -89.03
C PHE K 210 -19.44 -19.56 -89.31
N VAL K 211 -19.84 -18.63 -88.45
CA VAL K 211 -19.48 -17.23 -88.56
C VAL K 211 -18.97 -16.75 -87.22
N THR K 212 -17.92 -15.93 -87.23
CA THR K 212 -17.26 -15.48 -86.02
C THR K 212 -16.92 -13.99 -86.08
N ASP K 213 -16.56 -13.46 -84.90
CA ASP K 213 -16.13 -12.10 -84.63
C ASP K 213 -17.16 -11.09 -85.13
N PRO K 214 -18.36 -11.05 -84.54
CA PRO K 214 -19.32 -10.01 -84.93
C PRO K 214 -19.04 -8.71 -84.20
N ASN K 215 -18.56 -7.72 -84.95
CA ASN K 215 -18.17 -6.46 -84.34
C ASN K 215 -18.85 -5.32 -85.11
N THR K 216 -19.35 -4.35 -84.35
CA THR K 216 -19.95 -3.12 -84.89
C THR K 216 -20.92 -3.43 -86.02
N LEU K 217 -21.93 -4.23 -85.71
CA LEU K 217 -22.94 -4.62 -86.68
C LEU K 217 -24.22 -5.00 -85.95
N ALA K 218 -25.24 -4.14 -86.07
CA ALA K 218 -26.58 -4.40 -85.54
C ALA K 218 -26.53 -4.78 -84.06
N SER K 219 -25.66 -4.07 -83.32
CA SER K 219 -25.58 -4.30 -81.88
C SER K 219 -26.84 -3.88 -81.15
N THR K 220 -27.75 -3.17 -81.83
CA THR K 220 -29.06 -2.80 -81.29
C THR K 220 -30.12 -3.54 -82.11
N GLY K 221 -30.59 -4.66 -81.58
CA GLY K 221 -31.66 -5.42 -82.20
C GLY K 221 -31.17 -6.76 -82.71
N THR K 222 -32.14 -7.66 -82.88
CA THR K 222 -31.91 -8.98 -83.44
C THR K 222 -32.27 -8.93 -84.92
N ALA K 223 -31.26 -9.05 -85.78
CA ALA K 223 -31.40 -8.75 -87.20
C ALA K 223 -31.23 -10.00 -88.03
N TYR K 224 -31.95 -10.05 -89.16
CA TYR K 224 -31.88 -11.15 -90.11
C TYR K 224 -31.08 -10.69 -91.33
N TYR K 225 -30.02 -11.41 -91.66
CA TYR K 225 -29.22 -11.13 -92.84
C TYR K 225 -29.18 -12.36 -93.74
N THR K 226 -29.06 -12.14 -95.04
CA THR K 226 -28.99 -13.21 -96.01
C THR K 226 -27.60 -13.20 -96.65
N VAL K 227 -26.91 -14.34 -96.59
CA VAL K 227 -25.60 -14.50 -97.19
C VAL K 227 -25.74 -15.48 -98.35
N ASP K 228 -25.34 -15.05 -99.54
CA ASP K 228 -25.44 -15.85 -100.76
C ASP K 228 -24.04 -16.13 -101.27
N VAL K 229 -23.67 -17.42 -101.31
CA VAL K 229 -22.37 -17.84 -101.80
C VAL K 229 -22.62 -18.72 -103.02
N THR K 230 -22.19 -18.26 -104.19
CA THR K 230 -22.46 -18.95 -105.44
C THR K 230 -21.15 -19.40 -106.07
N ALA K 231 -21.22 -20.49 -106.83
CA ALA K 231 -20.05 -21.11 -107.45
C ALA K 231 -19.78 -20.52 -108.84
N GLY K 232 -19.63 -19.21 -108.91
CA GLY K 232 -19.24 -18.56 -110.14
C GLY K 232 -20.38 -18.17 -111.06
N ALA K 233 -20.42 -16.90 -111.46
CA ALA K 233 -21.41 -16.39 -112.40
C ALA K 233 -20.91 -15.04 -112.90
N ASP K 234 -20.88 -14.88 -114.22
CA ASP K 234 -20.34 -13.65 -114.82
C ASP K 234 -21.09 -12.43 -114.31
N THR K 235 -20.33 -11.41 -113.92
CA THR K 235 -20.89 -10.21 -113.28
C THR K 235 -20.45 -8.99 -114.06
N LEU K 236 -21.36 -8.03 -114.20
CA LEU K 236 -21.05 -6.75 -114.83
C LEU K 236 -20.94 -5.65 -113.78
N SER K 237 -19.98 -4.76 -113.99
CA SER K 237 -19.76 -3.67 -113.04
C SER K 237 -20.97 -2.74 -112.98
N SER K 238 -21.23 -2.21 -111.79
CA SER K 238 -22.34 -1.29 -111.59
C SER K 238 -22.15 -0.53 -110.29
N VAL K 239 -22.81 0.63 -110.21
CA VAL K 239 -22.94 1.38 -108.97
C VAL K 239 -24.41 1.76 -108.83
N ALA K 240 -24.91 1.71 -107.60
CA ALA K 240 -26.32 1.98 -107.34
C ALA K 240 -26.45 2.82 -106.10
N THR K 241 -27.63 3.42 -105.93
CA THR K 241 -27.88 4.28 -104.79
C THR K 241 -28.17 3.44 -103.54
N MET K 242 -27.36 3.64 -102.51
CA MET K 242 -27.53 2.93 -101.25
C MET K 242 -28.34 3.72 -100.24
N SER K 243 -27.99 4.98 -99.99
CA SER K 243 -28.78 5.77 -99.04
C SER K 243 -28.47 7.25 -99.19
N VAL K 244 -29.33 8.06 -98.57
CA VAL K 244 -29.21 9.52 -98.53
C VAL K 244 -29.45 9.98 -97.09
N TYR K 245 -28.95 11.18 -96.77
CA TYR K 245 -29.12 11.71 -95.43
C TYR K 245 -29.20 13.23 -95.50
N ARG K 246 -30.14 13.80 -94.75
CA ARG K 246 -30.41 15.24 -94.76
C ARG K 246 -30.61 15.75 -93.34
N GLN K 247 -30.36 17.06 -93.15
CA GLN K 247 -30.59 17.68 -91.84
C GLN K 247 -31.98 18.30 -91.77
N ALA K 248 -32.21 19.33 -92.58
CA ALA K 248 -33.54 19.86 -92.84
C ALA K 248 -33.70 19.95 -94.35
N GLY K 249 -32.69 20.54 -94.99
CA GLY K 249 -32.46 20.58 -96.41
C GLY K 249 -33.67 21.05 -97.19
N SER K 250 -33.68 20.69 -98.46
CA SER K 250 -34.79 20.96 -99.34
C SER K 250 -34.84 19.84 -100.37
N ASN K 251 -35.96 19.76 -101.09
CA ASN K 251 -36.21 18.60 -101.94
C ASN K 251 -35.16 18.49 -103.04
N PHE K 252 -34.51 17.33 -103.11
CA PHE K 252 -33.60 17.01 -104.20
C PHE K 252 -33.56 15.49 -104.33
N GLY K 253 -33.67 15.01 -105.57
CA GLY K 253 -33.88 13.60 -105.83
C GLY K 253 -32.66 12.73 -105.60
N SER K 254 -32.66 11.57 -106.23
CA SER K 254 -31.61 10.58 -106.07
C SER K 254 -31.47 9.82 -107.39
N VAL K 255 -30.62 8.78 -107.37
CA VAL K 255 -30.45 7.79 -108.43
C VAL K 255 -29.37 8.26 -109.39
N ALA K 256 -28.34 7.45 -109.56
CA ALA K 256 -27.23 7.82 -110.43
C ALA K 256 -27.34 7.13 -111.79
N THR K 257 -26.56 7.64 -112.74
CA THR K 257 -26.51 7.10 -114.09
C THR K 257 -25.05 7.01 -114.54
N TRP K 258 -24.79 6.03 -115.40
CA TRP K 258 -23.47 5.69 -115.90
C TRP K 258 -23.23 6.25 -117.30
N THR K 259 -22.04 5.92 -117.84
CA THR K 259 -21.76 5.98 -119.27
C THR K 259 -21.07 4.67 -119.64
N THR K 260 -21.54 4.04 -120.71
CA THR K 260 -21.04 2.73 -121.09
C THR K 260 -19.56 2.80 -121.48
N GLY K 261 -18.80 1.79 -121.04
CA GLY K 261 -17.40 1.64 -121.35
C GLY K 261 -16.46 1.96 -120.22
N GLY K 262 -16.98 2.36 -119.06
CA GLY K 262 -16.14 2.70 -117.92
C GLY K 262 -15.49 1.48 -117.29
N THR K 263 -14.47 1.75 -116.48
CA THR K 263 -13.74 0.71 -115.78
C THR K 263 -13.58 1.10 -114.31
N VAL K 264 -13.80 0.12 -113.43
CA VAL K 264 -13.69 0.31 -111.99
C VAL K 264 -12.57 -0.59 -111.49
N ALA K 265 -11.96 -0.19 -110.38
CA ALA K 265 -10.82 -0.93 -109.82
C ALA K 265 -11.26 -2.10 -108.96
N ASP K 266 -12.13 -1.86 -107.99
CA ASP K 266 -12.49 -2.90 -107.02
C ASP K 266 -13.86 -2.61 -106.44
N SER K 267 -14.44 -3.65 -105.85
CA SER K 267 -15.74 -3.52 -105.19
C SER K 267 -15.58 -2.84 -103.84
N GLY K 268 -16.59 -2.05 -103.46
CA GLY K 268 -16.53 -1.37 -102.18
C GLY K 268 -17.67 -0.39 -102.03
N TYR K 269 -17.51 0.51 -101.06
CA TYR K 269 -18.51 1.53 -100.76
C TYR K 269 -17.93 2.91 -101.02
N LEU K 270 -18.77 3.81 -101.51
CA LEU K 270 -18.38 5.17 -101.85
C LEU K 270 -19.31 6.15 -101.13
N LEU K 271 -18.74 7.22 -100.59
CA LEU K 271 -19.48 8.19 -99.81
C LEU K 271 -19.16 9.59 -100.33
N ILE K 272 -20.20 10.36 -100.61
CA ILE K 272 -20.07 11.70 -101.18
C ILE K 272 -20.74 12.69 -100.25
N GLU K 273 -20.03 13.76 -99.90
CA GLU K 273 -20.51 14.80 -99.01
C GLU K 273 -20.33 16.16 -99.65
N ALA K 274 -21.34 17.01 -99.50
CA ALA K 274 -21.28 18.37 -100.02
C ALA K 274 -20.41 19.24 -99.12
N GLN K 275 -20.20 20.48 -99.56
CA GLN K 275 -19.30 21.38 -98.86
C GLN K 275 -19.98 22.68 -98.46
N GLU K 276 -20.90 23.17 -99.28
CA GLU K 276 -21.51 24.47 -99.04
C GLU K 276 -22.99 24.43 -99.43
N ASN K 277 -23.66 25.56 -99.24
CA ASN K 277 -25.09 25.64 -99.48
C ASN K 277 -25.37 26.46 -100.73
N PHE K 278 -26.31 25.98 -101.54
CA PHE K 278 -26.65 26.70 -102.76
C PHE K 278 -28.06 26.36 -103.21
N THR K 279 -28.80 27.39 -103.63
CA THR K 279 -30.16 27.24 -104.13
C THR K 279 -30.39 28.10 -105.37
N VAL K 280 -29.38 28.23 -106.23
CA VAL K 280 -29.46 29.11 -107.40
C VAL K 280 -29.70 28.24 -108.63
N SER K 281 -30.40 27.13 -108.45
CA SER K 281 -30.66 26.17 -109.51
C SER K 281 -31.70 26.73 -110.47
N ALA K 282 -31.22 27.36 -111.55
CA ALA K 282 -32.07 27.81 -112.64
C ALA K 282 -31.55 27.43 -114.02
N GLY K 283 -30.34 26.89 -114.12
CA GLY K 283 -29.75 26.48 -115.38
C GLY K 283 -28.58 27.36 -115.77
N THR K 284 -27.37 26.90 -115.45
CA THR K 284 -26.13 27.61 -115.74
C THR K 284 -24.97 26.71 -115.34
N THR K 285 -23.88 26.78 -116.09
CA THR K 285 -22.66 26.04 -115.73
C THR K 285 -22.15 26.50 -114.37
N ALA K 286 -21.78 25.55 -113.53
CA ALA K 286 -21.33 25.88 -112.17
C ALA K 286 -20.39 24.78 -111.69
N ASN K 287 -19.63 25.11 -110.64
CA ASN K 287 -18.73 24.15 -110.00
C ASN K 287 -18.76 24.35 -108.49
N TYR K 288 -18.53 23.27 -107.76
CA TYR K 288 -18.56 23.27 -106.30
C TYR K 288 -17.69 22.12 -105.82
N THR K 289 -17.21 22.26 -104.59
CA THR K 289 -16.33 21.28 -103.96
C THR K 289 -17.13 20.23 -103.21
N PHE K 290 -16.54 19.04 -103.09
CA PHE K 290 -17.17 17.92 -102.42
C PHE K 290 -16.06 17.05 -101.81
N LYS K 291 -16.43 16.27 -100.81
CA LYS K 291 -15.52 15.31 -100.21
C LYS K 291 -15.97 13.89 -100.55
N ALA K 292 -15.01 13.05 -100.93
CA ALA K 292 -15.30 11.68 -101.32
C ALA K 292 -14.48 10.73 -100.45
N THR K 293 -15.11 9.64 -100.03
CA THR K 293 -14.44 8.66 -99.18
C THR K 293 -14.79 7.26 -99.69
N PHE K 294 -13.78 6.42 -99.84
CA PHE K 294 -13.95 5.09 -100.40
C PHE K 294 -13.47 4.04 -99.40
N VAL K 295 -14.25 2.97 -99.27
CA VAL K 295 -13.93 1.84 -98.40
C VAL K 295 -13.85 0.58 -99.25
N ASP K 296 -12.74 -0.13 -99.16
CA ASP K 296 -12.55 -1.36 -99.91
C ASP K 296 -13.28 -2.50 -99.24
N ALA K 297 -13.69 -3.49 -100.06
CA ALA K 297 -14.52 -4.57 -99.57
C ALA K 297 -13.72 -5.79 -99.15
N LYS K 298 -12.39 -5.79 -99.31
CA LYS K 298 -11.59 -6.95 -98.97
C LYS K 298 -10.50 -6.67 -97.94
N THR K 299 -10.14 -5.42 -97.70
CA THR K 299 -9.10 -5.08 -96.73
C THR K 299 -9.59 -4.19 -95.61
N GLY K 300 -10.45 -3.22 -95.89
CA GLY K 300 -10.89 -2.28 -94.89
C GLY K 300 -10.20 -0.94 -94.93
N GLU K 301 -9.30 -0.71 -95.89
CA GLU K 301 -8.63 0.58 -96.00
C GLU K 301 -9.61 1.67 -96.40
N LYS K 302 -9.33 2.88 -95.93
CA LYS K 302 -10.22 4.02 -96.11
C LYS K 302 -9.47 5.14 -96.82
N SER K 303 -10.02 5.63 -97.93
CA SER K 303 -9.38 6.68 -98.70
C SER K 303 -10.25 7.92 -98.70
N THR K 304 -9.62 9.09 -98.57
CA THR K 304 -10.33 10.35 -98.41
C THR K 304 -9.75 11.38 -99.37
N TYR K 305 -10.53 11.75 -100.38
CA TYR K 305 -10.10 12.69 -101.41
C TYR K 305 -11.09 13.84 -101.53
N GLU K 306 -10.70 14.85 -102.29
CA GLU K 306 -11.55 15.97 -102.65
C GLU K 306 -11.91 15.87 -104.12
N ILE K 307 -13.10 16.39 -104.47
CA ILE K 307 -13.62 16.29 -105.82
C ILE K 307 -14.43 17.55 -106.10
N GLU K 308 -14.75 17.79 -107.37
CA GLU K 308 -15.53 18.96 -107.75
C GLU K 308 -16.54 18.59 -108.83
N GLY K 309 -17.67 19.28 -108.80
CA GLY K 309 -18.73 19.09 -109.78
C GLY K 309 -19.78 20.16 -109.59
N GLY K 310 -20.67 20.28 -110.57
CA GLY K 310 -21.65 21.35 -110.52
C GLY K 310 -22.91 21.03 -111.28
N ASP K 311 -24.02 21.61 -110.82
CA ASP K 311 -25.27 21.57 -111.56
C ASP K 311 -25.12 22.35 -112.86
N ASP K 312 -25.70 21.82 -113.94
CA ASP K 312 -25.41 22.34 -115.27
C ASP K 312 -26.60 23.01 -115.93
N GLY K 313 -27.71 22.30 -116.17
CA GLY K 313 -28.87 22.98 -116.69
C GLY K 313 -30.17 22.69 -116.00
N ALA K 314 -30.27 21.51 -115.39
CA ALA K 314 -31.43 21.14 -114.58
C ALA K 314 -31.18 19.86 -113.80
N GLY K 315 -31.30 19.93 -112.48
CA GLY K 315 -31.26 18.77 -111.60
C GLY K 315 -30.28 17.66 -111.94
N ASN K 316 -29.06 18.01 -112.29
CA ASN K 316 -28.03 17.02 -112.61
C ASN K 316 -26.75 17.35 -111.86
N LEU K 317 -26.12 16.32 -111.30
CA LEU K 317 -24.86 16.45 -110.59
C LEU K 317 -23.86 15.49 -111.24
N VAL K 318 -22.92 16.01 -112.03
CA VAL K 318 -21.99 15.21 -112.79
C VAL K 318 -20.65 15.17 -112.06
N PHE K 319 -20.12 13.97 -111.86
CA PHE K 319 -18.82 13.77 -111.23
C PHE K 319 -17.93 12.94 -112.14
N ASP K 320 -16.66 12.82 -111.76
CA ASP K 320 -15.68 12.01 -112.46
C ASP K 320 -14.86 11.24 -111.44
N LEU K 321 -14.73 9.93 -111.63
CA LEU K 321 -13.92 9.11 -110.75
C LEU K 321 -12.47 9.00 -111.20
N ALA K 322 -12.13 9.55 -112.37
CA ALA K 322 -10.75 9.54 -112.82
C ALA K 322 -9.86 10.40 -111.94
N ASP K 323 -10.43 11.43 -111.31
CA ASP K 323 -9.67 12.28 -110.41
C ASP K 323 -9.18 11.55 -109.17
N MET K 324 -9.70 10.36 -108.90
CA MET K 324 -9.29 9.58 -107.73
C MET K 324 -7.90 9.00 -107.98
N THR K 325 -6.87 9.71 -107.54
CA THR K 325 -5.50 9.26 -107.73
C THR K 325 -5.22 8.04 -106.86
N GLY K 326 -4.14 7.33 -107.19
CA GLY K 326 -3.74 6.17 -106.44
C GLY K 326 -4.58 4.93 -106.73
N ALA K 327 -5.86 4.96 -106.34
CA ALA K 327 -6.72 3.81 -106.59
C ALA K 327 -6.99 3.62 -108.08
N GLY K 328 -7.42 4.67 -108.76
CA GLY K 328 -7.60 4.63 -110.20
C GLY K 328 -8.96 4.11 -110.63
N PHE K 329 -9.72 4.96 -111.33
CA PHE K 329 -11.01 4.60 -111.90
C PHE K 329 -11.14 5.28 -113.25
N SER K 330 -12.35 5.26 -113.81
CA SER K 330 -12.63 5.87 -115.10
C SER K 330 -14.15 6.01 -115.22
N GLY K 331 -14.58 6.48 -116.40
CA GLY K 331 -15.99 6.60 -116.69
C GLY K 331 -16.62 7.82 -116.05
N GLU K 332 -17.95 7.83 -116.09
CA GLU K 332 -18.76 8.92 -115.55
C GLU K 332 -19.64 8.44 -114.42
N VAL K 333 -20.29 9.40 -113.77
CA VAL K 333 -21.37 9.15 -112.83
C VAL K 333 -22.17 10.45 -112.69
N SER K 334 -23.49 10.33 -112.70
CA SER K 334 -24.32 11.53 -112.62
C SER K 334 -25.56 11.27 -111.79
N ILE K 335 -25.73 12.08 -110.74
CA ILE K 335 -26.94 12.04 -109.93
C ILE K 335 -28.04 12.79 -110.69
N ALA K 336 -29.16 12.11 -110.92
CA ALA K 336 -30.33 12.72 -111.57
C ALA K 336 -31.18 13.34 -110.46
N ILE K 337 -30.93 14.62 -110.18
CA ILE K 337 -31.52 15.25 -109.01
C ILE K 337 -32.95 15.67 -109.29
N GLY K 338 -33.15 16.54 -110.27
CA GLY K 338 -34.43 17.17 -110.50
C GLY K 338 -34.42 18.65 -110.14
N THR K 339 -35.40 19.37 -110.68
CA THR K 339 -35.46 20.82 -110.56
C THR K 339 -35.76 21.23 -109.11
N ASP K 340 -35.38 22.46 -108.78
CA ASP K 340 -35.62 23.06 -107.46
C ASP K 340 -34.84 22.31 -106.38
N ALA K 341 -33.55 22.15 -106.60
CA ALA K 341 -32.66 21.40 -105.71
C ALA K 341 -31.83 22.38 -104.88
N ASN K 342 -32.37 22.82 -103.75
CA ASN K 342 -31.62 23.58 -102.77
C ASN K 342 -30.82 22.61 -101.91
N MET K 343 -29.51 22.87 -101.81
CA MET K 343 -28.60 21.94 -101.14
C MET K 343 -27.97 22.62 -99.93
N GLN K 344 -28.13 21.99 -98.77
CA GLN K 344 -27.45 22.37 -97.55
C GLN K 344 -26.10 21.66 -97.48
N SER K 345 -25.32 21.92 -96.44
CA SER K 345 -24.05 21.25 -96.22
C SER K 345 -24.24 20.16 -95.18
N GLY K 346 -23.83 18.94 -95.52
CA GLY K 346 -24.02 17.79 -94.66
C GLY K 346 -24.99 16.76 -95.20
N ASP K 347 -25.65 17.02 -96.32
CA ASP K 347 -26.59 16.07 -96.92
C ASP K 347 -25.79 15.01 -97.65
N LYS K 348 -25.63 13.84 -97.04
CA LYS K 348 -24.72 12.83 -97.52
C LYS K 348 -25.40 11.88 -98.50
N ILE K 349 -24.60 11.31 -99.41
CA ILE K 349 -25.07 10.27 -100.32
C ILE K 349 -24.09 9.10 -100.25
N LEU K 350 -24.63 7.89 -100.19
CA LEU K 350 -23.83 6.68 -100.05
C LEU K 350 -24.21 5.70 -101.16
N LEU K 351 -23.18 5.18 -101.86
CA LEU K 351 -23.33 4.29 -103.00
C LEU K 351 -22.42 3.09 -102.81
N SER K 352 -22.62 2.06 -103.64
CA SER K 352 -21.80 0.86 -103.61
C SER K 352 -21.40 0.46 -105.03
N THR K 353 -20.15 0.03 -105.20
CA THR K 353 -19.61 -0.32 -106.49
C THR K 353 -19.19 -1.79 -106.49
N THR K 354 -19.46 -2.49 -107.59
CA THR K 354 -19.13 -3.90 -107.74
C THR K 354 -18.27 -4.10 -108.99
N GLU K 355 -17.24 -4.93 -108.86
CA GLU K 355 -16.29 -5.17 -109.94
C GLU K 355 -16.74 -6.34 -110.82
N ALA K 356 -16.49 -6.23 -112.13
CA ALA K 356 -16.74 -7.33 -113.04
C ALA K 356 -15.55 -8.28 -113.06
N VAL K 357 -15.83 -9.57 -112.89
CA VAL K 357 -14.80 -10.61 -112.86
C VAL K 357 -15.25 -11.76 -113.76
N ASP K 358 -14.30 -12.58 -114.18
CA ASP K 358 -14.62 -13.72 -115.04
C ASP K 358 -15.54 -14.70 -114.34
N THR K 359 -15.18 -15.12 -113.13
CA THR K 359 -16.01 -15.95 -112.25
C THR K 359 -16.52 -17.23 -112.91
N SER K 360 -15.70 -17.86 -113.74
CA SER K 360 -16.03 -19.20 -114.25
C SER K 360 -14.71 -19.94 -114.48
N ALA K 361 -14.28 -20.68 -113.48
CA ALA K 361 -12.98 -21.35 -113.50
C ALA K 361 -13.18 -22.87 -113.42
N THR K 362 -12.06 -23.58 -113.39
CA THR K 362 -12.12 -25.04 -113.20
C THR K 362 -12.74 -25.37 -111.85
N SER K 363 -12.20 -24.78 -110.78
CA SER K 363 -12.73 -24.85 -109.42
C SER K 363 -11.83 -23.97 -108.55
N GLY K 364 -12.34 -23.64 -107.36
CA GLY K 364 -11.51 -22.94 -106.40
C GLY K 364 -12.17 -21.81 -105.63
N GLY K 365 -13.26 -21.25 -106.15
CA GLY K 365 -13.89 -20.14 -105.46
C GLY K 365 -15.13 -19.66 -106.22
N GLY K 366 -15.72 -18.60 -105.69
CA GLY K 366 -16.93 -18.06 -106.28
C GLY K 366 -17.25 -16.65 -105.84
N THR K 367 -18.54 -16.37 -105.65
CA THR K 367 -19.00 -15.02 -105.32
C THR K 367 -19.76 -15.01 -104.01
N ILE K 368 -19.61 -13.91 -103.28
CA ILE K 368 -20.24 -13.70 -101.98
C ILE K 368 -21.07 -12.42 -102.05
N ALA K 369 -22.32 -12.51 -101.58
CA ALA K 369 -23.23 -11.37 -101.55
C ALA K 369 -23.93 -11.30 -100.20
N ILE K 370 -24.20 -10.07 -99.76
CA ILE K 370 -24.84 -9.80 -98.48
C ILE K 370 -26.10 -8.99 -98.75
N SER K 371 -27.21 -9.39 -98.12
CA SER K 371 -28.46 -8.66 -98.26
C SER K 371 -29.22 -8.67 -96.94
N GLY K 372 -30.23 -7.80 -96.85
CA GLY K 372 -31.07 -7.75 -95.67
C GLY K 372 -30.91 -6.48 -94.86
N GLY K 373 -30.82 -6.62 -93.54
CA GLY K 373 -30.60 -5.49 -92.67
C GLY K 373 -31.90 -4.87 -92.20
N PRO K 374 -31.87 -4.25 -91.02
CA PRO K 374 -33.07 -3.55 -90.53
C PRO K 374 -33.51 -2.42 -91.44
N ALA K 375 -32.60 -1.87 -92.23
CA ALA K 375 -32.94 -0.84 -93.21
C ALA K 375 -33.42 -1.43 -94.53
N GLY K 376 -33.28 -2.74 -94.72
CA GLY K 376 -33.76 -3.39 -95.93
C GLY K 376 -33.08 -2.93 -97.20
N THR K 377 -31.75 -2.86 -97.17
CA THR K 377 -30.98 -2.42 -98.32
C THR K 377 -30.36 -3.62 -99.04
N THR K 378 -29.85 -3.36 -100.25
CA THR K 378 -29.21 -4.39 -101.06
C THR K 378 -27.70 -4.15 -101.05
N GLY K 379 -26.94 -5.23 -100.88
CA GLY K 379 -25.50 -5.12 -100.72
C GLY K 379 -24.73 -5.37 -102.02
N ALA K 380 -23.42 -5.20 -101.91
CA ALA K 380 -22.51 -5.35 -103.05
C ALA K 380 -22.17 -6.83 -103.27
N ILE K 381 -21.31 -7.07 -104.25
CA ILE K 381 -20.91 -8.42 -104.66
C ILE K 381 -19.39 -8.49 -104.64
N ILE K 382 -18.85 -9.55 -104.04
CA ILE K 382 -17.41 -9.76 -104.03
C ILE K 382 -17.12 -11.11 -104.68
N SER K 383 -15.92 -11.23 -105.26
CA SER K 383 -15.53 -12.44 -106.00
C SER K 383 -14.15 -12.88 -105.58
N TYR K 384 -13.94 -14.19 -105.55
CA TYR K 384 -12.68 -14.79 -105.14
C TYR K 384 -12.15 -15.71 -106.24
N GLY K 385 -10.85 -15.97 -106.18
CA GLY K 385 -10.16 -16.72 -107.21
C GLY K 385 -10.03 -18.21 -106.91
N ASN K 386 -9.06 -18.83 -107.58
CA ASN K 386 -8.87 -20.27 -107.50
C ASN K 386 -8.15 -20.67 -106.22
N ASN K 387 -8.58 -21.78 -105.63
CA ASN K 387 -8.00 -22.35 -104.41
C ASN K 387 -7.91 -21.31 -103.30
N GLU K 388 -8.98 -20.54 -103.11
CA GLU K 388 -9.05 -19.55 -102.05
C GLU K 388 -10.14 -19.85 -101.02
N LEU K 389 -10.94 -20.90 -101.24
CA LEU K 389 -12.05 -21.23 -100.37
C LEU K 389 -11.91 -22.59 -99.71
N THR K 390 -11.42 -23.59 -100.44
CA THR K 390 -11.31 -24.95 -99.93
C THR K 390 -9.93 -25.50 -100.23
N LYS K 391 -9.31 -26.09 -99.21
CA LYS K 391 -8.01 -26.74 -99.36
C LYS K 391 -8.22 -28.27 -99.37
N VAL K 392 -7.12 -29.02 -99.37
CA VAL K 392 -7.15 -30.47 -99.53
C VAL K 392 -6.72 -31.11 -98.23
N ASP K 393 -7.17 -32.35 -98.01
CA ASP K 393 -6.93 -33.05 -96.76
C ASP K 393 -5.49 -33.57 -96.70
N ASN K 394 -5.10 -34.02 -95.50
CA ASN K 394 -3.77 -34.56 -95.22
C ASN K 394 -3.89 -35.87 -94.45
N GLY K 395 -4.76 -36.75 -94.92
CA GLY K 395 -5.04 -38.01 -94.26
C GLY K 395 -6.34 -38.00 -93.46
N ASP K 396 -6.41 -37.27 -92.35
CA ASP K 396 -7.67 -37.15 -91.62
C ASP K 396 -8.07 -35.71 -91.35
N THR K 397 -7.11 -34.85 -91.01
CA THR K 397 -7.27 -33.42 -90.77
C THR K 397 -8.03 -33.14 -89.47
N THR K 398 -8.57 -34.18 -88.85
CA THR K 398 -9.46 -34.05 -87.69
C THR K 398 -10.39 -32.85 -87.84
N ILE K 399 -10.96 -32.72 -89.04
CA ILE K 399 -11.80 -31.60 -89.47
C ILE K 399 -10.98 -30.32 -89.55
N ASP K 400 -11.10 -29.59 -90.64
CA ASP K 400 -10.37 -28.36 -90.88
C ASP K 400 -11.35 -27.25 -91.24
N TYR K 401 -10.85 -26.02 -91.23
CA TYR K 401 -11.67 -24.86 -91.57
C TYR K 401 -10.76 -23.76 -92.10
N ASN K 402 -11.32 -22.85 -92.88
CA ASN K 402 -10.60 -21.67 -93.35
C ASN K 402 -11.40 -20.41 -93.05
N SER K 403 -10.71 -19.36 -92.60
CA SER K 403 -11.36 -18.13 -92.17
C SER K 403 -11.22 -17.05 -93.23
N VAL K 404 -12.30 -16.29 -93.43
CA VAL K 404 -12.34 -15.20 -94.39
C VAL K 404 -12.99 -14.00 -93.72
N THR K 405 -12.32 -12.84 -93.78
CA THR K 405 -12.83 -11.60 -93.22
C THR K 405 -13.53 -10.80 -94.30
N VAL K 406 -14.76 -10.38 -94.04
CA VAL K 406 -15.57 -9.65 -95.01
C VAL K 406 -16.13 -8.41 -94.34
N TYR K 407 -15.92 -7.25 -94.96
CA TYR K 407 -16.28 -5.97 -94.38
C TYR K 407 -17.53 -5.42 -95.04
N HIS K 408 -18.49 -4.99 -94.20
CA HIS K 408 -19.71 -4.34 -94.68
C HIS K 408 -19.98 -3.11 -93.83
N ALA K 409 -20.53 -2.08 -94.46
CA ALA K 409 -20.76 -0.79 -93.81
C ALA K 409 -22.20 -0.34 -93.99
N ALA K 410 -22.64 0.55 -93.11
CA ALA K 410 -24.01 1.02 -93.09
C ALA K 410 -24.05 2.48 -92.68
N LEU K 411 -25.15 3.14 -93.04
CA LEU K 411 -25.38 4.55 -92.76
C LEU K 411 -26.77 4.74 -92.17
N ASN K 412 -26.85 5.52 -91.10
CA ASN K 412 -28.10 5.80 -90.42
C ASN K 412 -28.60 7.18 -90.83
N VAL K 413 -29.92 7.38 -90.80
CA VAL K 413 -30.54 8.54 -91.42
C VAL K 413 -30.81 9.64 -90.39
N GLU K 414 -30.18 9.57 -89.22
CA GLU K 414 -30.40 10.56 -88.18
C GLU K 414 -29.14 11.38 -87.90
N THR K 415 -28.02 10.73 -87.61
CA THR K 415 -26.80 11.43 -87.23
C THR K 415 -25.75 11.47 -88.34
N GLY K 416 -25.97 10.75 -89.43
CA GLY K 416 -24.98 10.71 -90.50
C GLY K 416 -23.67 10.07 -90.12
N ASN K 417 -23.70 8.98 -89.36
CA ASN K 417 -22.48 8.28 -89.02
C ASN K 417 -22.31 7.06 -89.91
N LEU K 418 -21.10 6.51 -89.91
CA LEU K 418 -20.75 5.36 -90.75
C LEU K 418 -20.34 4.20 -89.85
N ASP K 419 -21.03 3.06 -90.00
CA ASP K 419 -20.78 1.87 -89.19
C ASP K 419 -20.17 0.81 -90.08
N VAL K 420 -18.86 0.61 -89.96
CA VAL K 420 -18.12 -0.31 -90.83
C VAL K 420 -17.72 -1.51 -89.97
N GLY K 421 -18.49 -2.60 -90.04
CA GLY K 421 -18.20 -3.80 -89.31
C GLY K 421 -17.70 -4.92 -90.22
N ASN K 422 -17.29 -6.02 -89.57
CA ASN K 422 -16.78 -7.17 -90.32
C ASN K 422 -17.40 -8.45 -89.78
N LEU K 423 -17.46 -9.45 -90.67
CA LEU K 423 -17.82 -10.82 -90.32
C LEU K 423 -16.65 -11.71 -90.66
N THR K 424 -16.60 -12.90 -90.04
CA THR K 424 -15.59 -13.89 -90.37
C THR K 424 -16.31 -15.18 -90.73
N PHE K 425 -16.39 -15.46 -92.03
CA PHE K 425 -16.96 -16.73 -92.47
C PHE K 425 -15.92 -17.82 -92.36
N ASN K 426 -16.34 -19.00 -91.92
CA ASN K 426 -15.46 -20.15 -91.78
C ASN K 426 -15.96 -21.25 -92.71
N PHE K 427 -15.22 -21.50 -93.78
CA PHE K 427 -15.57 -22.52 -94.75
C PHE K 427 -14.97 -23.86 -94.35
N ARG K 428 -15.54 -24.93 -94.91
CA ARG K 428 -15.39 -26.27 -94.37
C ARG K 428 -14.03 -26.88 -94.72
N GLU K 429 -13.92 -28.19 -94.51
CA GLU K 429 -12.64 -28.89 -94.49
C GLU K 429 -12.01 -29.05 -95.86
N ASP K 430 -12.63 -29.84 -96.73
CA ASP K 430 -11.95 -30.28 -97.95
C ASP K 430 -12.98 -30.71 -98.97
N THR K 431 -12.69 -30.44 -100.24
CA THR K 431 -13.45 -30.87 -101.40
C THR K 431 -12.46 -31.26 -102.50
N GLY K 432 -12.95 -31.34 -103.74
CA GLY K 432 -12.04 -31.44 -104.86
C GLY K 432 -12.38 -32.44 -105.94
N THR K 433 -11.98 -32.11 -107.17
CA THR K 433 -11.95 -33.06 -108.27
C THR K 433 -10.66 -33.88 -108.12
N ASP K 434 -10.15 -34.45 -109.22
CA ASP K 434 -8.97 -35.32 -109.15
C ASP K 434 -7.72 -34.45 -108.98
N THR K 435 -7.57 -33.91 -107.77
CA THR K 435 -6.34 -33.23 -107.31
C THR K 435 -5.91 -32.14 -108.30
N ALA K 436 -6.85 -31.38 -108.84
CA ALA K 436 -6.48 -30.31 -109.75
C ALA K 436 -6.48 -28.94 -109.07
N TYR K 437 -7.64 -28.49 -108.62
CA TYR K 437 -7.74 -27.19 -107.95
C TYR K 437 -8.61 -27.18 -106.71
N GLY K 438 -9.56 -28.10 -106.55
CA GLY K 438 -10.48 -28.07 -105.43
C GLY K 438 -11.93 -28.19 -105.88
N SER K 439 -12.86 -27.73 -105.03
CA SER K 439 -14.29 -27.72 -105.34
C SER K 439 -14.99 -26.93 -104.24
N THR K 440 -16.24 -26.54 -104.53
CA THR K 440 -17.06 -25.81 -103.58
C THR K 440 -18.52 -25.97 -103.99
N THR K 441 -19.42 -25.81 -103.03
CA THR K 441 -20.86 -25.85 -103.28
C THR K 441 -21.46 -24.50 -102.96
N GLY K 442 -22.56 -24.17 -103.64
CA GLY K 442 -23.22 -22.88 -103.51
C GLY K 442 -24.47 -22.94 -102.67
N GLY K 443 -25.22 -21.84 -102.67
CA GLY K 443 -26.45 -21.70 -101.93
C GLY K 443 -26.53 -20.35 -101.23
N SER K 444 -27.47 -20.26 -100.29
CA SER K 444 -27.67 -19.08 -99.47
C SER K 444 -28.25 -19.49 -98.13
N PHE K 445 -27.87 -18.76 -97.09
CA PHE K 445 -28.37 -19.06 -95.75
C PHE K 445 -28.68 -17.76 -95.02
N ASP K 446 -29.37 -17.91 -93.89
CA ASP K 446 -29.88 -16.80 -93.10
C ASP K 446 -29.16 -16.75 -91.76
N LEU K 447 -28.55 -15.61 -91.47
CA LEU K 447 -27.83 -15.38 -90.23
C LEU K 447 -28.65 -14.48 -89.33
N LEU K 448 -28.61 -14.75 -88.02
CA LEU K 448 -29.32 -13.98 -87.03
C LEU K 448 -28.33 -13.33 -86.08
N VAL K 449 -28.48 -12.02 -85.87
CA VAL K 449 -27.64 -11.26 -84.98
C VAL K 449 -28.44 -10.93 -83.73
N ALA K 450 -28.00 -11.47 -82.59
CA ALA K 450 -28.60 -11.21 -81.29
C ALA K 450 -27.62 -10.39 -80.46
N GLY K 451 -28.09 -9.24 -79.98
CA GLY K 451 -27.25 -8.31 -79.27
C GLY K 451 -26.96 -8.75 -77.86
N GLY K 452 -26.36 -7.83 -77.10
CA GLY K 452 -25.99 -8.10 -75.72
C GLY K 452 -27.10 -7.75 -74.74
N GLY K 453 -26.97 -8.28 -73.54
CA GLY K 453 -27.94 -8.06 -72.48
C GLY K 453 -29.14 -8.98 -72.56
N GLU K 454 -30.13 -11.67 -74.29
CA GLU K 454 -30.24 -12.62 -75.39
C GLU K 454 -29.57 -13.95 -75.05
N ALA K 455 -30.03 -15.03 -75.68
CA ALA K 455 -29.39 -16.31 -75.50
C ALA K 455 -28.00 -16.32 -76.14
N ALA K 456 -27.08 -17.06 -75.55
CA ALA K 456 -25.72 -17.09 -76.04
C ALA K 456 -25.63 -17.88 -77.34
N THR K 457 -24.62 -17.55 -78.15
CA THR K 457 -24.35 -18.27 -79.39
C THR K 457 -23.28 -19.33 -79.14
N SER K 458 -23.07 -20.19 -80.14
CA SER K 458 -22.15 -21.31 -79.98
C SER K 458 -20.69 -20.90 -80.09
N THR K 459 -20.38 -19.70 -80.58
CA THR K 459 -19.01 -19.25 -80.75
C THR K 459 -18.64 -18.11 -79.82
N THR K 460 -19.42 -17.87 -78.77
CA THR K 460 -19.13 -16.77 -77.86
C THR K 460 -17.86 -17.02 -77.06
N LYS K 461 -17.04 -15.98 -76.94
CA LYS K 461 -15.88 -16.07 -76.06
C LYS K 461 -16.31 -16.00 -74.60
N LEU K 462 -15.74 -16.88 -73.78
CA LEU K 462 -16.21 -17.10 -72.42
C LEU K 462 -16.03 -15.89 -71.50
N LYS K 463 -15.25 -14.89 -71.90
CA LYS K 463 -15.04 -13.72 -71.04
C LYS K 463 -16.19 -12.73 -71.12
N ASP K 464 -17.18 -12.95 -71.99
CA ASP K 464 -18.30 -12.04 -72.14
C ASP K 464 -19.55 -12.48 -71.40
N ILE K 465 -19.59 -13.72 -70.89
CA ILE K 465 -20.77 -14.21 -70.20
C ILE K 465 -20.98 -13.43 -68.92
N SER K 466 -22.23 -13.05 -68.64
CA SER K 466 -22.52 -12.17 -67.52
C SER K 466 -22.30 -12.85 -66.17
N ARG K 467 -22.30 -14.18 -66.13
CA ARG K 467 -22.14 -14.88 -64.86
C ARG K 467 -20.69 -14.98 -64.41
N PHE K 468 -19.73 -14.71 -65.28
CA PHE K 468 -18.32 -14.88 -64.95
C PHE K 468 -17.67 -13.63 -64.37
N THR K 469 -18.47 -12.66 -63.94
CA THR K 469 -17.97 -11.49 -63.23
C THR K 469 -18.67 -11.39 -61.89
N THR K 470 -17.91 -11.06 -60.85
CA THR K 470 -18.43 -11.05 -59.49
C THR K 470 -19.12 -9.72 -59.20
N ASP K 471 -19.46 -9.52 -57.92
CA ASP K 471 -20.17 -8.32 -57.51
C ASP K 471 -19.36 -7.06 -57.73
N ASP K 472 -18.07 -7.09 -57.42
CA ASP K 472 -17.21 -5.92 -57.52
C ASP K 472 -16.87 -5.55 -58.96
N GLY K 473 -16.99 -6.48 -59.89
CA GLY K 473 -16.75 -6.17 -61.29
C GLY K 473 -15.50 -6.75 -61.91
N VAL K 474 -14.82 -7.67 -61.23
CA VAL K 474 -13.64 -8.33 -61.79
C VAL K 474 -14.05 -9.70 -62.30
N ASN K 475 -13.59 -10.07 -63.49
CA ASN K 475 -13.87 -11.38 -64.02
C ASN K 475 -12.89 -12.41 -63.45
N ILE K 476 -13.35 -13.67 -63.40
CA ILE K 476 -12.56 -14.72 -62.79
C ILE K 476 -11.28 -14.98 -63.58
N PHE K 477 -11.35 -14.87 -64.91
CA PHE K 477 -10.22 -15.19 -65.77
C PHE K 477 -9.18 -14.09 -65.82
N ALA K 478 -9.27 -13.08 -64.96
CA ALA K 478 -8.27 -12.01 -64.95
C ALA K 478 -6.91 -12.55 -64.51
N ALA K 479 -6.90 -13.41 -63.48
CA ALA K 479 -5.64 -13.93 -62.96
C ALA K 479 -5.00 -14.92 -63.92
N GLY K 480 -5.77 -15.84 -64.48
CA GLY K 480 -5.25 -16.84 -65.37
C GLY K 480 -6.19 -18.02 -65.53
N PRO K 481 -5.71 -19.10 -66.13
CA PRO K 481 -6.55 -20.28 -66.30
C PRO K 481 -6.94 -20.89 -64.96
N GLN K 482 -8.17 -21.40 -64.91
CA GLN K 482 -8.71 -22.07 -63.74
C GLN K 482 -8.75 -23.57 -63.97
N GLU K 483 -8.95 -24.32 -62.90
CA GLU K 483 -8.94 -25.78 -62.94
C GLU K 483 -10.27 -26.32 -62.42
N LEU K 484 -10.72 -27.42 -63.03
CA LEU K 484 -11.95 -28.08 -62.62
C LEU K 484 -11.67 -29.56 -62.47
N THR K 485 -12.13 -30.16 -61.37
CA THR K 485 -11.89 -31.56 -61.07
C THR K 485 -13.21 -32.32 -61.09
N ILE K 486 -13.23 -33.45 -61.79
CA ILE K 486 -14.39 -34.31 -61.87
C ILE K 486 -14.07 -35.60 -61.12
N PHE K 487 -14.93 -35.97 -60.18
CA PHE K 487 -14.79 -37.18 -59.38
C PHE K 487 -15.94 -38.13 -59.71
N GLY K 488 -15.60 -39.41 -59.89
CA GLY K 488 -16.58 -40.44 -60.16
C GLY K 488 -15.93 -41.77 -60.46
N ASN K 489 -16.65 -42.86 -60.20
CA ASN K 489 -16.17 -44.21 -60.45
C ASN K 489 -14.84 -44.46 -59.73
N GLY K 490 -14.71 -43.89 -58.54
CA GLY K 490 -13.50 -44.06 -57.77
C GLY K 490 -12.27 -43.42 -58.39
N SER K 491 -12.46 -42.44 -59.26
CA SER K 491 -11.34 -41.80 -59.94
C SER K 491 -11.62 -40.31 -60.06
N SER K 492 -10.61 -39.57 -60.51
CA SER K 492 -10.74 -38.13 -60.69
C SER K 492 -9.95 -37.70 -61.92
N ALA K 493 -10.37 -36.56 -62.47
CA ALA K 493 -9.72 -36.01 -63.65
C ALA K 493 -9.76 -34.49 -63.57
N THR K 494 -8.87 -33.84 -64.32
CA THR K 494 -8.71 -32.39 -64.28
C THR K 494 -8.84 -31.81 -65.67
N ILE K 495 -9.55 -30.68 -65.78
CA ILE K 495 -9.63 -29.92 -67.01
C ILE K 495 -9.27 -28.48 -66.71
N TYR K 496 -8.80 -27.79 -67.74
CA TYR K 496 -8.26 -26.44 -67.61
C TYR K 496 -9.09 -25.48 -68.45
N LEU K 497 -9.48 -24.36 -67.85
CA LEU K 497 -10.28 -23.35 -68.52
C LEU K 497 -9.46 -22.08 -68.68
N GLU K 498 -9.38 -21.58 -69.91
CA GLU K 498 -8.71 -20.32 -70.19
C GLU K 498 -9.76 -19.29 -70.59
N GLY K 499 -9.36 -18.02 -70.50
CA GLY K 499 -10.28 -16.93 -70.74
C GLY K 499 -10.62 -16.63 -72.18
N ASP K 500 -10.09 -17.39 -73.13
CA ASP K 500 -10.32 -17.13 -74.54
C ASP K 500 -11.11 -18.23 -75.24
N ASP K 501 -11.41 -19.33 -74.54
CA ASP K 501 -12.14 -20.43 -75.16
C ASP K 501 -13.57 -20.03 -75.50
N THR K 502 -14.14 -20.71 -76.48
CA THR K 502 -15.55 -20.63 -76.81
C THR K 502 -16.29 -21.76 -76.11
N VAL K 503 -17.61 -21.76 -76.23
CA VAL K 503 -18.42 -22.78 -75.59
C VAL K 503 -18.13 -24.16 -76.19
N SER K 504 -17.89 -24.21 -77.50
CA SER K 504 -17.69 -25.48 -78.18
C SER K 504 -16.45 -26.21 -77.66
N GLU K 505 -15.35 -25.49 -77.47
CA GLU K 505 -14.14 -26.13 -76.96
C GLU K 505 -14.34 -26.58 -75.51
N PHE K 506 -15.09 -25.82 -74.73
CA PHE K 506 -15.45 -26.25 -73.38
C PHE K 506 -16.21 -27.57 -73.41
N GLU K 507 -17.19 -27.68 -74.31
CA GLU K 507 -17.97 -28.90 -74.43
C GLU K 507 -17.11 -30.08 -74.88
N THR K 508 -16.23 -29.84 -75.85
CA THR K 508 -15.36 -30.91 -76.32
C THR K 508 -14.40 -31.38 -75.23
N LYS K 509 -13.85 -30.44 -74.46
CA LYS K 509 -12.98 -30.81 -73.35
C LYS K 509 -13.75 -31.64 -72.32
N LEU K 510 -14.98 -31.23 -72.01
CA LEU K 510 -15.79 -32.01 -71.07
C LEU K 510 -16.05 -33.41 -71.60
N SER K 511 -16.36 -33.53 -72.89
CA SER K 511 -16.61 -34.85 -73.48
C SER K 511 -15.38 -35.73 -73.39
N SER K 512 -14.22 -35.19 -73.75
CA SER K 512 -12.98 -35.97 -73.69
C SER K 512 -12.66 -36.38 -72.26
N ALA K 513 -12.81 -35.47 -71.30
CA ALA K 513 -12.53 -35.80 -69.91
C ALA K 513 -13.46 -36.88 -69.39
N ILE K 514 -14.75 -36.80 -69.72
CA ILE K 514 -15.70 -37.82 -69.30
C ILE K 514 -15.33 -39.16 -69.92
N LEU K 515 -14.97 -39.16 -71.21
CA LEU K 515 -14.60 -40.40 -71.87
C LEU K 515 -13.31 -41.00 -71.31
N GLU K 516 -12.44 -40.18 -70.73
CA GLU K 516 -11.20 -40.71 -70.16
C GLU K 516 -11.48 -41.63 -68.99
N LEU K 517 -12.46 -41.28 -68.15
CA LEU K 517 -12.72 -42.03 -66.92
C LEU K 517 -13.31 -43.42 -67.20
N GLY K 518 -13.70 -43.70 -68.44
CA GLY K 518 -14.35 -44.95 -68.77
C GLY K 518 -15.86 -44.92 -68.72
N MET K 519 -16.46 -43.80 -68.32
CA MET K 519 -17.91 -43.70 -68.27
C MET K 519 -18.53 -43.66 -69.66
N GLY K 520 -17.72 -43.56 -70.71
CA GLY K 520 -18.23 -43.53 -72.06
C GLY K 520 -18.77 -44.88 -72.50
N ALA K 521 -19.27 -44.89 -73.73
CA ALA K 521 -19.85 -46.11 -74.29
C ALA K 521 -18.81 -47.21 -74.36
N THR K 522 -19.26 -48.45 -74.16
CA THR K 522 -18.35 -49.59 -74.07
C THR K 522 -17.88 -49.99 -75.47
N ALA K 523 -17.19 -51.13 -75.56
CA ALA K 523 -16.62 -51.57 -76.83
C ALA K 523 -17.66 -52.24 -77.71
N GLY K 524 -18.79 -51.56 -77.94
CA GLY K 524 -19.70 -51.99 -78.98
C GLY K 524 -19.11 -51.63 -80.32
N THR K 525 -18.32 -50.56 -80.33
CA THR K 525 -17.46 -50.12 -81.43
C THR K 525 -18.23 -49.78 -82.71
N SER K 526 -19.56 -49.79 -82.67
CA SER K 526 -20.35 -49.47 -83.85
C SER K 526 -20.60 -47.96 -83.90
N ASP K 527 -21.22 -47.52 -85.00
CA ASP K 527 -21.64 -46.13 -85.10
C ASP K 527 -22.60 -45.75 -83.98
N GLU K 528 -23.28 -46.75 -83.41
CA GLU K 528 -24.10 -46.54 -82.22
C GLU K 528 -23.28 -45.90 -81.10
N ALA K 529 -22.12 -46.49 -80.81
CA ALA K 529 -21.28 -45.99 -79.73
C ALA K 529 -20.76 -44.60 -80.03
N ALA K 530 -20.35 -44.34 -81.27
CA ALA K 530 -19.85 -43.02 -81.63
C ALA K 530 -20.93 -41.96 -81.48
N THR K 531 -22.14 -42.25 -81.95
CA THR K 531 -23.23 -41.30 -81.81
C THR K 531 -23.57 -41.06 -80.35
N VAL K 532 -23.63 -42.13 -79.55
CA VAL K 532 -23.95 -41.97 -78.14
C VAL K 532 -22.89 -41.14 -77.43
N ASN K 533 -21.62 -41.40 -77.73
CA ASN K 533 -20.54 -40.64 -77.12
C ASN K 533 -20.61 -39.17 -77.52
N SER K 534 -20.86 -38.91 -78.81
CA SER K 534 -20.96 -37.53 -79.26
C SER K 534 -22.19 -36.82 -78.69
N ASN K 535 -23.21 -37.56 -78.28
CA ASN K 535 -24.41 -36.98 -77.70
C ASN K 535 -24.42 -37.07 -76.18
N LEU K 536 -23.25 -36.94 -75.53
CA LEU K 536 -23.17 -37.00 -74.08
C LEU K 536 -23.41 -35.64 -73.43
N VAL K 537 -22.59 -34.65 -73.79
CA VAL K 537 -22.72 -33.29 -73.27
C VAL K 537 -23.36 -32.44 -74.35
N ASN K 538 -24.44 -31.75 -73.99
CA ASN K 538 -25.23 -31.04 -75.00
C ASN K 538 -25.56 -29.63 -74.55
N TYR K 539 -25.71 -28.75 -75.53
CA TYR K 539 -26.11 -27.36 -75.33
C TYR K 539 -27.30 -27.07 -76.23
N VAL K 540 -28.30 -26.37 -75.69
CA VAL K 540 -29.50 -26.04 -76.43
C VAL K 540 -29.41 -24.59 -76.88
N SER K 541 -29.36 -24.37 -78.19
CA SER K 541 -29.28 -23.03 -78.74
C SER K 541 -30.69 -22.52 -79.01
N THR K 542 -30.79 -21.30 -79.55
CA THR K 542 -32.09 -20.70 -79.82
C THR K 542 -32.86 -21.49 -80.86
N GLY K 543 -32.18 -21.96 -81.90
CA GLY K 543 -32.82 -22.67 -82.98
C GLY K 543 -32.99 -24.16 -82.79
N ASP K 544 -32.81 -24.68 -81.58
CA ASP K 544 -32.92 -26.12 -81.33
C ASP K 544 -33.73 -26.43 -80.08
N VAL K 545 -34.67 -25.56 -79.71
CA VAL K 545 -35.49 -25.76 -78.51
C VAL K 545 -36.44 -26.91 -78.75
N THR K 546 -36.55 -27.81 -77.77
CA THR K 546 -37.50 -28.93 -77.82
C THR K 546 -38.25 -28.98 -76.50
N ASP K 547 -39.56 -29.15 -76.57
CA ASP K 547 -40.42 -29.02 -75.40
C ASP K 547 -40.66 -30.37 -74.73
N SER K 548 -41.18 -30.31 -73.50
CA SER K 548 -41.58 -31.48 -72.73
C SER K 548 -40.47 -32.51 -72.62
N SER K 549 -39.22 -32.06 -72.54
CA SER K 549 -38.09 -32.97 -72.50
C SER K 549 -36.97 -32.32 -71.69
N ASN K 550 -35.81 -32.97 -71.70
CA ASN K 550 -34.69 -32.49 -70.89
C ASN K 550 -34.07 -31.23 -71.48
N GLU K 551 -34.29 -30.97 -72.77
CA GLU K 551 -33.77 -29.79 -73.46
C GLU K 551 -34.84 -28.71 -73.61
N ALA K 552 -35.71 -28.57 -72.62
CA ALA K 552 -36.82 -27.63 -72.67
C ALA K 552 -36.40 -26.18 -72.47
N LEU K 553 -35.15 -25.92 -72.08
CA LEU K 553 -34.68 -24.58 -71.80
C LEU K 553 -33.48 -24.27 -72.68
N ALA K 554 -33.38 -23.01 -73.10
CA ALA K 554 -32.31 -22.56 -73.98
C ALA K 554 -31.16 -22.00 -73.17
N GLY K 555 -29.95 -22.15 -73.71
CA GLY K 555 -28.75 -21.64 -73.05
C GLY K 555 -28.40 -22.36 -71.76
N THR K 556 -28.57 -23.69 -71.73
CA THR K 556 -28.26 -24.49 -70.56
C THR K 556 -27.44 -25.71 -70.99
N PHE K 557 -26.63 -26.21 -70.08
CA PHE K 557 -25.81 -27.39 -70.34
C PHE K 557 -26.51 -28.64 -69.80
N VAL K 558 -26.55 -29.68 -70.61
CA VAL K 558 -27.11 -30.96 -70.22
C VAL K 558 -25.98 -31.98 -70.19
N ILE K 559 -25.82 -32.65 -69.04
CA ILE K 559 -24.72 -33.58 -68.82
C ILE K 559 -25.30 -34.91 -68.36
N GLN K 560 -24.80 -36.01 -68.92
CA GLN K 560 -25.30 -37.34 -68.63
C GLN K 560 -24.11 -38.28 -68.47
N THR K 561 -24.41 -39.56 -68.28
CA THR K 561 -23.39 -40.60 -68.24
C THR K 561 -23.88 -41.79 -69.06
N ALA K 562 -23.17 -42.93 -68.99
CA ALA K 562 -23.58 -44.13 -69.70
C ALA K 562 -23.66 -45.34 -68.78
N ARG K 563 -23.59 -45.14 -67.47
CA ARG K 563 -23.73 -46.22 -66.50
C ARG K 563 -24.97 -46.02 -65.66
N LEU K 564 -25.34 -47.05 -64.91
CA LEU K 564 -26.57 -47.05 -64.14
C LEU K 564 -26.28 -47.01 -62.65
N GLY K 565 -27.22 -46.44 -61.89
CA GLY K 565 -27.20 -46.50 -60.45
C GLY K 565 -26.08 -45.72 -59.80
N ASP K 566 -25.63 -46.26 -58.66
CA ASP K 566 -24.67 -45.57 -57.80
C ASP K 566 -23.36 -45.25 -58.52
N ASP K 567 -23.00 -46.02 -59.55
CA ASP K 567 -21.74 -45.78 -60.24
C ASP K 567 -21.83 -44.63 -61.23
N SER K 568 -23.02 -44.07 -61.45
CA SER K 568 -23.20 -42.98 -62.40
C SER K 568 -23.20 -41.60 -61.74
N LYS K 569 -22.92 -41.51 -60.44
CA LYS K 569 -22.93 -40.23 -59.76
C LYS K 569 -21.67 -39.43 -60.11
N LEU K 570 -21.85 -38.15 -60.40
CA LEU K 570 -20.77 -37.26 -60.78
C LEU K 570 -20.59 -36.17 -59.75
N SER K 571 -19.34 -35.84 -59.41
CA SER K 571 -19.04 -34.81 -58.44
C SER K 571 -18.06 -33.80 -59.05
N PHE K 572 -18.25 -32.52 -58.72
CA PHE K 572 -17.45 -31.44 -59.25
C PHE K 572 -16.72 -30.73 -58.13
N ILE K 573 -15.46 -30.38 -58.36
CA ILE K 573 -14.65 -29.62 -57.41
C ILE K 573 -13.96 -28.48 -58.13
N GLY K 574 -13.91 -27.33 -57.48
CA GLY K 574 -13.25 -26.17 -58.04
C GLY K 574 -13.33 -25.01 -57.07
N ASP K 575 -12.95 -23.84 -57.55
CA ASP K 575 -13.00 -22.65 -56.72
C ASP K 575 -14.45 -22.29 -56.42
N GLN K 576 -14.65 -21.55 -55.32
CA GLN K 576 -15.99 -21.20 -54.88
C GLN K 576 -16.73 -20.38 -55.95
N ASN K 577 -16.06 -19.38 -56.51
CA ASN K 577 -16.70 -18.50 -57.47
C ASN K 577 -17.12 -19.24 -58.73
N LEU K 578 -16.21 -20.06 -59.28
CA LEU K 578 -16.53 -20.80 -60.49
C LEU K 578 -17.65 -21.81 -60.26
N ILE K 579 -17.62 -22.50 -59.11
CA ILE K 579 -18.66 -23.48 -58.81
C ILE K 579 -20.01 -22.79 -58.66
N ASN K 580 -20.04 -21.64 -57.99
CA ASN K 580 -21.29 -20.89 -57.86
C ASN K 580 -21.77 -20.39 -59.22
N ALA K 581 -20.85 -19.94 -60.07
CA ALA K 581 -21.24 -19.42 -61.38
C ALA K 581 -21.81 -20.51 -62.26
N LEU K 582 -21.21 -21.70 -62.23
CA LEU K 582 -21.75 -22.82 -63.02
C LEU K 582 -23.15 -23.20 -62.52
N SER K 583 -23.33 -23.24 -61.21
CA SER K 583 -24.66 -23.35 -60.59
C SER K 583 -25.40 -24.60 -61.08
N LEU K 584 -24.82 -25.76 -60.77
CA LEU K 584 -25.37 -27.02 -61.23
C LEU K 584 -26.55 -27.46 -60.37
N ALA K 585 -27.49 -28.16 -60.99
CA ALA K 585 -28.63 -28.74 -60.30
C ALA K 585 -28.99 -30.04 -60.99
N THR K 586 -29.66 -30.92 -60.25
CA THR K 586 -30.00 -32.26 -60.72
C THR K 586 -31.44 -32.27 -61.23
N ILE K 587 -31.65 -32.89 -62.39
CA ILE K 587 -32.99 -33.09 -62.91
C ILE K 587 -33.38 -34.55 -62.98
N GLN K 588 -32.44 -35.49 -62.97
CA GLN K 588 -32.82 -36.89 -62.87
C GLN K 588 -31.86 -37.64 -61.97
N GLU K 589 -32.42 -38.48 -61.11
CA GLU K 589 -31.68 -39.32 -60.19
C GLU K 589 -31.67 -40.76 -60.70
N GLY K 590 -30.62 -41.49 -60.31
CA GLY K 590 -30.36 -42.80 -60.86
C GLY K 590 -31.21 -43.90 -60.24
N GLU K 591 -30.92 -45.13 -60.65
CA GLU K 591 -31.65 -46.31 -60.22
C GLU K 591 -30.85 -47.57 -60.52
N ASN K 592 -30.79 -48.51 -59.57
CA ASN K 592 -30.04 -49.73 -59.76
C ASN K 592 -30.80 -50.69 -60.66
N SER K 593 -30.20 -51.85 -60.88
CA SER K 593 -30.74 -52.87 -61.77
C SER K 593 -31.29 -54.04 -60.96
N GLU K 594 -31.77 -55.06 -61.67
CA GLU K 594 -32.29 -56.28 -61.07
C GLU K 594 -31.65 -57.48 -61.77
N THR K 595 -31.11 -58.41 -60.99
CA THR K 595 -30.32 -59.50 -61.55
C THR K 595 -30.88 -60.83 -61.10
N THR K 596 -31.07 -61.74 -62.05
CA THR K 596 -31.46 -63.12 -61.76
C THR K 596 -30.27 -64.02 -62.09
N ILE K 597 -29.84 -64.79 -61.10
CA ILE K 597 -28.63 -65.60 -61.20
C ILE K 597 -28.97 -67.03 -60.84
N LYS K 598 -28.50 -67.98 -61.66
CA LYS K 598 -28.65 -69.40 -61.38
C LYS K 598 -27.30 -70.09 -61.48
N VAL K 599 -26.96 -70.90 -60.48
CA VAL K 599 -25.67 -71.56 -60.40
C VAL K 599 -25.86 -73.07 -60.47
N THR K 600 -25.02 -73.73 -61.26
CA THR K 600 -25.12 -75.18 -61.44
C THR K 600 -23.72 -75.78 -61.45
N ASP K 601 -23.66 -77.10 -61.33
CA ASP K 601 -22.39 -77.81 -61.36
C ASP K 601 -21.86 -77.89 -62.79
N ALA K 602 -20.54 -78.01 -62.92
CA ALA K 602 -19.89 -77.93 -64.22
C ALA K 602 -19.63 -79.27 -64.88
N HIS K 603 -19.91 -80.39 -64.21
CA HIS K 603 -19.70 -81.71 -64.79
C HIS K 603 -20.95 -82.57 -64.87
N THR K 604 -21.90 -82.39 -63.96
CA THR K 604 -23.12 -83.21 -63.95
C THR K 604 -24.35 -82.37 -64.24
N GLY K 605 -24.46 -81.18 -63.66
CA GLY K 605 -25.56 -80.27 -63.94
C GLY K 605 -26.62 -80.17 -62.87
N LYS K 606 -26.39 -80.73 -61.68
CA LYS K 606 -27.37 -80.60 -60.60
C LYS K 606 -27.55 -79.14 -60.21
N PHE K 607 -28.81 -78.70 -60.18
CA PHE K 607 -29.11 -77.34 -59.75
C PHE K 607 -28.72 -77.14 -58.30
N ILE K 608 -28.11 -76.00 -58.01
CA ILE K 608 -27.60 -75.68 -56.69
C ILE K 608 -28.32 -74.48 -56.08
N GLY K 609 -28.54 -73.43 -56.87
CA GLY K 609 -29.22 -72.27 -56.34
C GLY K 609 -29.62 -71.22 -57.36
N SER K 610 -30.60 -70.40 -56.99
CA SER K 610 -31.06 -69.28 -57.81
C SER K 610 -31.35 -68.11 -56.89
N ASP K 611 -31.21 -66.90 -57.41
CA ASP K 611 -31.41 -65.69 -56.61
C ASP K 611 -31.78 -64.52 -57.51
N SER K 612 -32.46 -63.56 -56.90
CA SER K 612 -32.82 -62.29 -57.54
C SER K 612 -32.35 -61.16 -56.64
N VAL K 613 -31.34 -60.42 -57.09
CA VAL K 613 -30.71 -59.38 -56.29
C VAL K 613 -30.91 -58.02 -56.95
N ASN K 614 -30.71 -56.98 -56.15
CA ASN K 614 -30.78 -55.59 -56.61
C ASN K 614 -29.44 -54.89 -56.69
N ASP K 615 -28.58 -55.09 -55.69
CA ASP K 615 -27.27 -54.46 -55.65
C ASP K 615 -26.19 -55.32 -56.30
N SER K 616 -26.58 -56.42 -56.96
CA SER K 616 -25.67 -57.25 -57.75
C SER K 616 -24.58 -57.89 -56.88
N THR K 617 -25.01 -58.48 -55.76
CA THR K 617 -24.13 -59.26 -54.89
C THR K 617 -24.83 -60.59 -54.60
N LEU K 618 -24.18 -61.69 -54.96
CA LEU K 618 -24.72 -63.02 -54.70
C LEU K 618 -24.21 -63.50 -53.34
N ARG K 619 -25.10 -63.60 -52.36
CA ARG K 619 -24.73 -63.86 -50.98
C ARG K 619 -25.52 -65.03 -50.43
N GLY K 620 -24.81 -65.96 -49.77
CA GLY K 620 -25.45 -66.97 -48.97
C GLY K 620 -26.07 -68.14 -49.70
N VAL K 621 -25.64 -68.40 -50.94
CA VAL K 621 -26.04 -69.59 -51.66
C VAL K 621 -24.90 -70.59 -51.79
N ILE K 622 -23.70 -70.12 -52.12
CA ILE K 622 -22.48 -70.91 -52.04
C ILE K 622 -21.92 -70.75 -50.64
N GLN K 623 -21.53 -71.87 -50.03
CA GLN K 623 -21.14 -71.86 -48.62
C GLN K 623 -19.83 -71.09 -48.41
N GLY K 624 -19.93 -69.96 -47.71
CA GLY K 624 -18.74 -69.26 -47.26
C GLY K 624 -18.10 -68.31 -48.25
N VAL K 625 -18.80 -67.95 -49.32
CA VAL K 625 -18.25 -67.08 -50.35
C VAL K 625 -19.28 -66.03 -50.71
N ASP K 626 -18.82 -64.80 -50.97
CA ASP K 626 -19.66 -63.79 -51.59
C ASP K 626 -19.07 -63.39 -52.93
N VAL K 627 -19.94 -63.28 -53.93
CA VAL K 627 -19.55 -63.07 -55.32
C VAL K 627 -20.07 -61.73 -55.79
N LYS K 628 -19.21 -60.99 -56.48
CA LYS K 628 -19.52 -59.66 -56.98
C LYS K 628 -19.36 -59.65 -58.49
N ILE K 629 -20.33 -59.05 -59.19
CA ILE K 629 -20.34 -59.02 -60.65
C ILE K 629 -20.47 -57.57 -61.10
N ASP K 630 -19.86 -57.26 -62.24
CA ASP K 630 -19.90 -55.92 -62.79
C ASP K 630 -21.30 -55.54 -63.22
N SER K 631 -21.57 -54.23 -63.25
CA SER K 631 -22.89 -53.72 -63.60
C SER K 631 -23.06 -53.49 -65.10
N ASP K 632 -22.01 -53.68 -65.89
CA ASP K 632 -22.06 -53.44 -67.33
C ASP K 632 -22.10 -54.75 -68.11
N VAL K 633 -22.84 -55.74 -67.60
CA VAL K 633 -22.87 -57.08 -68.18
C VAL K 633 -24.14 -57.21 -69.01
N GLY K 634 -23.96 -57.39 -70.32
CA GLY K 634 -25.06 -57.72 -71.20
C GLY K 634 -26.19 -56.71 -71.28
N VAL K 635 -25.86 -55.44 -71.48
CA VAL K 635 -26.85 -54.38 -71.63
C VAL K 635 -26.53 -53.60 -72.89
N SER K 636 -27.55 -53.30 -73.70
CA SER K 636 -27.38 -52.61 -74.96
C SER K 636 -27.86 -51.17 -74.81
N ILE K 637 -27.12 -50.24 -75.40
CA ILE K 637 -27.40 -48.81 -75.30
C ILE K 637 -27.71 -48.27 -76.69
N SER K 638 -28.71 -47.39 -76.76
CA SER K 638 -29.05 -46.72 -78.00
C SER K 638 -29.52 -45.30 -77.68
N TRP K 639 -29.55 -44.46 -78.72
CA TRP K 639 -29.87 -43.05 -78.58
C TRP K 639 -31.11 -42.72 -79.39
N ASN K 640 -31.94 -41.81 -78.88
CA ASN K 640 -33.16 -41.38 -79.54
C ASN K 640 -33.07 -39.88 -79.78
N SER K 641 -32.85 -39.49 -81.04
CA SER K 641 -32.73 -38.09 -81.40
C SER K 641 -34.08 -37.40 -81.44
N THR K 642 -35.12 -38.10 -81.88
CA THR K 642 -36.45 -37.52 -81.93
C THR K 642 -36.96 -37.13 -80.55
N LYS K 643 -36.53 -37.84 -79.50
CA LYS K 643 -36.84 -37.47 -78.12
C LYS K 643 -35.61 -37.04 -77.35
N LYS K 644 -34.42 -37.10 -77.96
CA LYS K 644 -33.18 -36.58 -77.37
C LYS K 644 -32.87 -37.22 -76.03
N THR K 645 -33.02 -38.54 -75.95
CA THR K 645 -32.77 -39.27 -74.71
C THR K 645 -32.07 -40.60 -75.01
N MET K 646 -31.32 -41.07 -74.02
CA MET K 646 -30.71 -42.38 -74.12
C MET K 646 -31.70 -43.45 -73.70
N GLU K 647 -31.49 -44.68 -74.20
CA GLU K 647 -32.33 -45.80 -73.82
C GLU K 647 -31.50 -47.06 -73.71
N PHE K 648 -31.78 -47.84 -72.66
CA PHE K 648 -31.11 -49.10 -72.41
C PHE K 648 -32.05 -50.24 -72.74
N SER K 649 -31.50 -51.42 -72.98
CA SER K 649 -32.29 -52.60 -73.27
C SER K 649 -31.50 -53.85 -72.95
N ALA K 650 -32.22 -54.97 -72.84
CA ALA K 650 -31.58 -56.26 -72.60
C ALA K 650 -31.00 -56.80 -73.91
N THR K 651 -29.93 -57.59 -73.77
CA THR K 651 -29.27 -58.14 -74.96
C THR K 651 -30.12 -59.22 -75.61
N GLY K 652 -30.71 -60.10 -74.81
CA GLY K 652 -31.52 -61.20 -75.31
C GLY K 652 -30.85 -62.55 -75.28
N GLU K 653 -29.57 -62.62 -74.93
CA GLU K 653 -28.84 -63.87 -74.82
C GLU K 653 -28.18 -63.95 -73.46
N SER K 654 -28.06 -65.18 -72.95
CA SER K 654 -27.49 -65.41 -71.65
C SER K 654 -25.96 -65.32 -71.71
N GLU K 655 -25.35 -65.22 -70.53
CA GLU K 655 -23.91 -65.09 -70.40
C GLU K 655 -23.40 -66.10 -69.37
N ASP K 656 -22.30 -66.76 -69.70
CA ASP K 656 -21.74 -67.83 -68.89
C ASP K 656 -20.37 -67.42 -68.35
N ILE K 657 -20.19 -67.58 -67.04
CA ILE K 657 -18.89 -67.41 -66.40
C ILE K 657 -18.63 -68.65 -65.55
N LYS K 658 -17.40 -69.15 -65.58
CA LYS K 658 -17.04 -70.37 -64.87
C LYS K 658 -16.04 -70.05 -63.77
N LEU K 659 -16.25 -70.69 -62.61
CA LEU K 659 -15.52 -70.38 -61.39
C LEU K 659 -14.85 -71.61 -60.84
N HIS K 660 -13.61 -71.45 -60.39
CA HIS K 660 -12.84 -72.54 -59.80
C HIS K 660 -12.48 -72.18 -58.36
N LEU K 661 -12.65 -73.14 -57.46
CA LEU K 661 -12.47 -72.88 -56.03
C LEU K 661 -11.96 -74.15 -55.37
N VAL K 662 -10.91 -74.03 -54.56
CA VAL K 662 -10.29 -75.16 -53.89
C VAL K 662 -10.05 -74.81 -52.42
N ASP K 663 -10.24 -75.79 -51.56
CA ASP K 663 -10.03 -75.59 -50.13
C ASP K 663 -8.56 -75.72 -49.76
N ASN K 664 -8.08 -74.79 -48.95
CA ASN K 664 -6.70 -74.81 -48.47
C ASN K 664 -6.54 -74.02 -47.18
N ALA K 665 -8.25 -75.82 -45.14
CA ALA K 665 -8.30 -75.17 -43.83
C ALA K 665 -6.96 -75.31 -43.12
N MET K 666 -6.94 -75.05 -41.80
CA MET K 666 -5.73 -75.18 -41.01
C MET K 666 -5.89 -76.40 -40.09
N GLU K 667 -4.99 -77.37 -40.22
CA GLU K 667 -5.05 -78.60 -39.42
C GLU K 667 -3.80 -78.66 -38.53
N MET K 668 -4.02 -78.88 -37.24
CA MET K 668 -2.92 -79.00 -36.28
C MET K 668 -3.06 -80.32 -35.53
N GLN K 669 -1.97 -81.07 -35.45
CA GLN K 669 -1.94 -82.28 -34.65
C GLN K 669 -1.79 -81.92 -33.17
N ILE K 670 -2.64 -82.49 -32.33
CA ILE K 670 -2.68 -82.12 -30.92
C ILE K 670 -2.54 -83.35 -30.05
N GLY K 671 -2.67 -84.54 -30.65
CA GLY K 671 -2.64 -85.78 -29.93
C GLY K 671 -1.53 -86.70 -30.41
N ALA K 672 -1.45 -87.86 -29.76
CA ALA K 672 -0.46 -88.88 -30.07
C ALA K 672 -1.03 -89.99 -30.94
N ASN K 673 -2.26 -89.85 -31.43
CA ASN K 673 -2.90 -90.88 -32.26
C ASN K 673 -3.66 -90.20 -33.38
N GLU K 674 -4.49 -90.98 -34.07
CA GLU K 674 -5.15 -90.52 -35.27
C GLU K 674 -6.44 -89.76 -34.93
N GLY K 675 -6.88 -88.94 -35.88
CA GLY K 675 -8.15 -88.25 -35.76
C GLY K 675 -8.12 -87.02 -34.87
N GLN K 676 -7.24 -87.03 -33.87
CA GLN K 676 -7.18 -85.95 -32.90
C GLN K 676 -6.46 -84.73 -33.48
N THR K 677 -7.21 -83.91 -34.21
CA THR K 677 -6.67 -82.74 -34.88
C THR K 677 -7.59 -81.55 -34.63
N ILE K 678 -7.04 -80.35 -34.83
CA ILE K 678 -7.75 -79.10 -34.60
C ILE K 678 -7.77 -78.30 -35.89
N LEU K 679 -8.94 -77.76 -36.23
CA LEU K 679 -9.11 -76.94 -37.43
C LEU K 679 -9.24 -75.47 -37.07
N ALA K 680 -8.47 -74.65 -37.77
CA ALA K 680 -8.46 -73.20 -37.58
C ALA K 680 -8.55 -72.51 -38.92
N ASN K 681 -9.22 -71.34 -38.94
CA ASN K 681 -9.39 -70.54 -40.14
C ASN K 681 -9.16 -69.08 -39.82
N ILE K 682 -8.70 -68.32 -40.81
CA ILE K 682 -8.51 -66.88 -40.69
C ILE K 682 -9.21 -66.19 -41.84
N PRO K 683 -10.30 -65.47 -41.60
CA PRO K 683 -11.01 -64.82 -42.71
C PRO K 683 -10.19 -63.73 -43.36
N GLN K 684 -10.48 -63.48 -44.64
CA GLN K 684 -9.73 -62.49 -45.40
C GLN K 684 -10.22 -61.09 -45.06
N VAL K 685 -9.28 -60.16 -44.91
CA VAL K 685 -9.60 -58.78 -44.53
C VAL K 685 -8.82 -57.83 -45.43
N ASP K 686 -9.53 -56.91 -46.07
CA ASP K 686 -8.92 -55.79 -46.78
C ASP K 686 -9.97 -54.69 -46.87
N THR K 687 -9.70 -53.68 -47.70
CA THR K 687 -10.68 -52.61 -47.90
C THR K 687 -11.94 -53.13 -48.58
N THR K 688 -11.79 -54.03 -49.55
CA THR K 688 -12.94 -54.56 -50.27
C THR K 688 -13.83 -55.40 -49.34
N SER K 689 -13.23 -56.22 -48.50
CA SER K 689 -14.03 -57.04 -47.58
C SER K 689 -14.73 -56.17 -46.54
N LEU K 690 -14.04 -55.16 -46.02
CA LEU K 690 -14.63 -54.28 -45.02
C LEU K 690 -15.71 -53.37 -45.59
N GLY K 691 -15.84 -53.28 -46.91
CA GLY K 691 -16.86 -52.46 -47.52
C GLY K 691 -16.66 -50.97 -47.33
N ILE K 692 -15.41 -50.50 -47.41
CA ILE K 692 -15.13 -49.07 -47.37
C ILE K 692 -14.25 -48.73 -48.56
N ASP K 693 -14.30 -49.57 -49.59
CA ASP K 693 -13.46 -49.36 -50.78
C ASP K 693 -13.88 -48.12 -51.56
N ASP K 694 -15.17 -47.79 -51.54
CA ASP K 694 -15.68 -46.72 -52.39
C ASP K 694 -16.19 -45.56 -51.55
N ILE K 695 -15.43 -45.20 -50.52
CA ILE K 695 -15.79 -44.10 -49.63
C ILE K 695 -15.25 -42.79 -50.21
N LEU K 696 -16.11 -41.79 -50.27
CA LEU K 696 -15.74 -40.47 -50.78
C LEU K 696 -16.19 -39.40 -49.79
N MET K 697 -15.38 -38.34 -49.70
CA MET K 697 -15.71 -37.14 -48.92
C MET K 697 -15.36 -35.92 -49.77
N VAL K 698 -16.35 -35.42 -50.50
CA VAL K 698 -16.16 -34.28 -51.39
C VAL K 698 -17.14 -33.18 -51.00
N ASP K 699 -18.41 -33.53 -50.91
CA ASP K 699 -19.48 -32.57 -50.65
C ASP K 699 -20.10 -32.83 -49.28
N GLN K 700 -21.16 -32.09 -48.98
CA GLN K 700 -21.86 -32.20 -47.69
C GLN K 700 -22.97 -33.24 -47.75
N GLU K 701 -22.67 -34.45 -48.22
CA GLU K 701 -23.68 -35.51 -48.22
C GLU K 701 -23.15 -36.89 -47.85
N LEU K 702 -21.87 -37.20 -48.03
CA LEU K 702 -21.37 -38.56 -47.90
C LEU K 702 -20.89 -38.92 -46.50
N ALA K 703 -20.79 -37.94 -45.60
CA ALA K 703 -20.22 -38.19 -44.27
C ALA K 703 -21.05 -39.20 -43.49
N GLN K 704 -22.38 -39.12 -43.57
CA GLN K 704 -23.24 -40.03 -42.82
C GLN K 704 -23.04 -41.47 -43.27
N GLU K 705 -23.01 -41.69 -44.59
CA GLU K 705 -22.75 -43.02 -45.12
C GLU K 705 -21.38 -43.51 -44.68
N SER K 706 -20.39 -42.62 -44.69
CA SER K 706 -19.06 -42.98 -44.22
C SER K 706 -19.11 -43.47 -42.77
N ILE K 707 -19.84 -42.75 -41.92
CA ILE K 707 -19.93 -43.12 -40.51
C ILE K 707 -20.55 -44.49 -40.35
N THR K 708 -21.63 -44.75 -41.09
CA THR K 708 -22.30 -46.05 -40.99
C THR K 708 -21.36 -47.18 -41.42
N LYS K 709 -20.69 -47.01 -42.56
CA LYS K 709 -19.78 -48.05 -43.03
C LYS K 709 -18.65 -48.29 -42.03
N LEU K 710 -18.10 -47.22 -41.46
CA LEU K 710 -17.00 -47.36 -40.51
C LEU K 710 -17.44 -48.10 -39.26
N ASP K 711 -18.66 -47.81 -38.77
CA ASP K 711 -19.16 -48.54 -37.60
C ASP K 711 -19.30 -50.03 -37.90
N LYS K 712 -19.82 -50.35 -39.08
CA LYS K 712 -19.94 -51.76 -39.45
C LYS K 712 -18.57 -52.44 -39.51
N ALA K 713 -17.57 -51.75 -40.08
CA ALA K 713 -16.23 -52.32 -40.16
C ALA K 713 -15.64 -52.56 -38.77
N LEU K 714 -15.85 -51.62 -37.84
CA LEU K 714 -15.37 -51.79 -36.48
C LEU K 714 -15.99 -53.03 -35.84
N GLU K 715 -17.29 -53.22 -36.04
CA GLU K 715 -17.95 -54.40 -35.50
C GLU K 715 -17.35 -55.68 -36.06
N THR K 716 -17.08 -55.70 -37.37
CA THR K 716 -16.50 -56.90 -37.99
C THR K 716 -15.13 -57.21 -37.40
N VAL K 717 -14.29 -56.18 -37.23
CA VAL K 717 -12.96 -56.40 -36.68
C VAL K 717 -13.04 -56.95 -35.26
N SER K 718 -13.94 -56.39 -34.44
CA SER K 718 -14.11 -56.90 -33.09
C SER K 718 -14.52 -58.38 -33.10
N GLY K 719 -15.42 -58.76 -34.00
CA GLY K 719 -15.83 -60.15 -34.07
C GLY K 719 -14.68 -61.09 -34.40
N VAL K 720 -13.86 -60.70 -35.38
CA VAL K 720 -12.72 -61.55 -35.75
C VAL K 720 -11.77 -61.71 -34.57
N ARG K 721 -11.48 -60.61 -33.87
CA ARG K 721 -10.57 -60.70 -32.73
C ARG K 721 -11.15 -61.59 -31.63
N ALA K 722 -12.46 -61.51 -31.40
CA ALA K 722 -13.08 -62.37 -30.39
C ALA K 722 -12.94 -63.84 -30.75
N THR K 723 -13.14 -64.18 -32.03
CA THR K 723 -12.95 -65.56 -32.46
C THR K 723 -11.53 -66.05 -32.17
N ILE K 724 -10.54 -65.23 -32.53
CA ILE K 724 -9.15 -65.65 -32.32
C ILE K 724 -8.87 -65.84 -30.82
N GLY K 725 -9.36 -64.92 -29.99
CA GLY K 725 -9.15 -65.05 -28.55
C GLY K 725 -9.76 -66.31 -27.98
N ALA K 726 -10.98 -66.65 -28.42
CA ALA K 726 -11.61 -67.87 -27.95
C ALA K 726 -10.77 -69.10 -28.31
N GLN K 727 -10.27 -69.15 -29.55
CA GLN K 727 -9.47 -70.30 -29.96
C GLN K 727 -8.20 -70.40 -29.12
N ILE K 728 -7.52 -69.29 -28.88
CA ILE K 728 -6.26 -69.35 -28.15
C ILE K 728 -6.50 -69.77 -26.69
N ASN K 729 -7.61 -69.31 -26.10
CA ASN K 729 -7.92 -69.75 -24.74
C ASN K 729 -8.21 -71.25 -24.68
N ARG K 730 -8.91 -71.77 -25.70
CA ARG K 730 -9.17 -73.21 -25.74
C ARG K 730 -7.86 -73.99 -25.79
N LEU K 731 -6.93 -73.56 -26.63
CA LEU K 731 -5.65 -74.26 -26.72
C LEU K 731 -4.88 -74.17 -25.41
N GLU K 732 -4.90 -73.01 -24.76
CA GLU K 732 -4.19 -72.86 -23.49
C GLU K 732 -4.77 -73.81 -22.44
N TYR K 733 -6.09 -73.94 -22.40
CA TYR K 733 -6.70 -74.91 -21.49
C TYR K 733 -6.28 -76.34 -21.82
N THR K 734 -6.29 -76.71 -23.10
CA THR K 734 -6.01 -78.11 -23.41
C THR K 734 -4.54 -78.47 -23.27
N MET K 735 -3.64 -77.48 -23.12
CA MET K 735 -2.22 -77.81 -23.02
C MET K 735 -1.87 -78.64 -21.78
N THR K 736 -2.32 -78.25 -20.59
CA THR K 736 -1.77 -78.79 -19.35
C THR K 736 -2.20 -80.23 -19.07
N GLY K 737 -3.34 -80.66 -19.61
CA GLY K 737 -3.76 -82.03 -19.43
C GLY K 737 -2.75 -83.02 -19.99
N LEU K 738 -2.09 -82.65 -21.09
CA LEU K 738 -1.05 -83.51 -21.66
C LEU K 738 0.12 -83.66 -20.71
N ASP K 739 0.51 -82.57 -20.02
CA ASP K 739 1.59 -82.67 -19.05
C ASP K 739 1.20 -83.58 -17.88
N THR K 740 -0.03 -83.43 -17.39
CA THR K 740 -0.49 -84.30 -16.30
C THR K 740 -0.49 -85.77 -16.74
N THR K 741 -0.97 -86.04 -17.95
CA THR K 741 -0.99 -87.39 -18.46
C THR K 741 0.42 -87.96 -18.63
N ARG K 742 1.35 -87.15 -19.13
CA ARG K 742 2.73 -87.60 -19.25
C ARG K 742 3.32 -87.95 -17.90
N GLU K 743 3.07 -87.11 -16.90
CA GLU K 743 3.56 -87.40 -15.56
C GLU K 743 3.00 -88.72 -15.04
N ASN K 744 1.69 -88.92 -15.17
CA ASN K 744 1.09 -90.14 -14.64
C ASN K 744 1.61 -91.38 -15.38
N LEU K 745 1.70 -91.33 -16.71
CA LEU K 745 2.16 -92.49 -17.47
C LEU K 745 3.65 -92.76 -17.28
N THR K 746 4.47 -91.73 -17.12
CA THR K 746 5.88 -91.98 -16.85
C THR K 746 6.10 -92.48 -15.43
N ALA K 747 5.21 -92.13 -14.50
CA ALA K 747 5.26 -92.75 -13.18
C ALA K 747 4.85 -94.21 -13.25
N ALA K 748 3.83 -94.53 -14.06
CA ALA K 748 3.41 -95.91 -14.21
C ALA K 748 4.49 -96.76 -14.88
N GLU K 749 5.13 -96.22 -15.91
CA GLU K 749 6.19 -96.95 -16.61
C GLU K 749 7.37 -97.23 -15.70
N SER K 750 7.77 -96.25 -14.88
CA SER K 750 8.91 -96.45 -13.99
C SER K 750 8.49 -97.23 -12.75
N ARG K 751 7.85 -98.37 -12.95
CA ARG K 751 7.57 -99.33 -11.91
C ARG K 751 8.19 -100.68 -12.19
N ILE K 752 8.71 -100.89 -13.40
CA ILE K 752 9.40 -102.11 -13.80
C ILE K 752 10.84 -101.79 -14.23
N ARG K 753 11.43 -100.75 -13.64
CA ARG K 753 12.77 -100.34 -14.03
C ARG K 753 13.83 -101.22 -13.37
N ASP K 754 13.90 -101.20 -12.04
CA ASP K 754 14.86 -102.00 -11.31
C ASP K 754 14.36 -102.19 -9.90
N LEU K 755 14.83 -103.26 -9.26
CA LEU K 755 14.46 -103.52 -7.88
C LEU K 755 15.08 -102.47 -6.97
N ASP K 756 14.43 -102.23 -5.84
CA ASP K 756 15.07 -101.45 -4.78
C ASP K 756 16.38 -102.14 -4.41
N ILE K 757 17.49 -101.43 -4.65
CA ILE K 757 18.82 -102.03 -4.76
C ILE K 757 19.17 -102.93 -3.58
N ALA K 758 18.46 -102.76 -2.46
CA ALA K 758 18.80 -103.50 -1.25
C ALA K 758 18.69 -105.01 -1.47
N ASP K 759 17.60 -105.47 -2.09
CA ASP K 759 17.40 -106.91 -2.25
C ASP K 759 18.37 -107.49 -3.28
N GLU K 760 18.66 -106.75 -4.34
CA GLU K 760 19.65 -107.21 -5.31
C GLU K 760 21.03 -107.32 -4.67
N MET K 761 21.40 -106.34 -3.84
CA MET K 761 22.67 -106.41 -3.12
C MET K 761 22.68 -107.61 -2.16
N ALA K 762 21.57 -107.87 -1.48
CA ALA K 762 21.51 -109.01 -0.58
C ALA K 762 21.68 -110.32 -1.35
N LYS K 763 21.02 -110.43 -2.51
CA LYS K 763 21.13 -111.64 -3.33
C LYS K 763 22.57 -111.86 -3.79
N PHE K 764 23.20 -110.80 -4.33
CA PHE K 764 24.59 -110.90 -4.75
C PHE K 764 25.49 -111.30 -3.59
N THR K 765 25.30 -110.65 -2.43
CA THR K 765 26.11 -110.95 -1.27
C THR K 765 25.97 -112.41 -0.87
N LYS K 766 24.74 -112.92 -0.84
CA LYS K 766 24.51 -114.28 -0.34
C LYS K 766 25.05 -115.32 -1.31
N ASN K 767 24.94 -115.05 -2.61
CA ASN K 767 25.55 -115.96 -3.58
C ASN K 767 27.07 -116.02 -3.41
N GLN K 768 27.70 -114.84 -3.31
CA GLN K 768 29.14 -114.79 -3.03
C GLN K 768 29.45 -115.49 -1.71
N ILE K 769 28.52 -115.43 -0.77
CA ILE K 769 28.65 -116.10 0.52
C ILE K 769 28.78 -117.60 0.35
N LEU K 770 27.86 -118.20 -0.41
CA LEU K 770 27.80 -119.66 -0.45
C LEU K 770 28.83 -120.24 -1.40
N ALA K 771 29.39 -119.40 -2.30
CA ALA K 771 30.39 -119.89 -3.25
C ALA K 771 31.65 -120.44 -2.56
N GLN K 772 32.18 -119.72 -1.56
CA GLN K 772 33.43 -120.18 -0.93
C GLN K 772 33.22 -121.52 -0.23
N SER K 773 32.08 -121.70 0.42
CA SER K 773 31.80 -122.99 1.03
C SER K 773 31.76 -124.09 -0.01
N ASN K 774 31.13 -123.83 -1.16
CA ASN K 774 31.16 -124.82 -2.24
C ASN K 774 32.58 -125.21 -2.57
N ILE K 775 33.45 -124.22 -2.80
CA ILE K 775 34.79 -124.49 -3.29
C ILE K 775 35.60 -125.26 -2.25
N SER K 776 35.51 -124.84 -0.98
CA SER K 776 36.29 -125.52 0.06
C SER K 776 35.85 -126.96 0.24
N MET K 777 34.53 -127.20 0.24
CA MET K 777 34.05 -128.57 0.38
C MET K 777 34.47 -129.42 -0.81
N LEU K 778 34.45 -128.85 -2.02
CA LEU K 778 34.89 -129.60 -3.19
C LEU K 778 36.36 -129.97 -3.08
N ALA K 779 37.20 -129.04 -2.64
CA ALA K 779 38.63 -129.32 -2.50
C ALA K 779 38.86 -130.44 -1.49
N GLN K 780 38.18 -130.37 -0.34
CA GLN K 780 38.37 -131.42 0.66
C GLN K 780 37.87 -132.77 0.17
N ALA K 781 36.74 -132.78 -0.55
CA ALA K 781 36.21 -134.02 -1.10
C ALA K 781 37.18 -134.64 -2.09
N ASN K 782 37.84 -133.82 -2.90
CA ASN K 782 38.89 -134.34 -3.76
C ASN K 782 40.06 -134.89 -2.93
N SER K 783 40.40 -134.21 -1.83
CA SER K 783 41.57 -134.59 -1.04
C SER K 783 41.41 -135.98 -0.43
N LEU K 784 40.26 -136.26 0.17
CA LEU K 784 40.11 -137.47 0.99
C LEU K 784 40.42 -138.78 0.26
N PRO K 785 39.67 -139.18 -0.78
CA PRO K 785 39.61 -140.62 -1.11
C PRO K 785 40.93 -141.25 -1.52
N GLN K 786 41.65 -140.65 -2.47
CA GLN K 786 42.88 -141.28 -2.95
C GLN K 786 43.93 -141.38 -1.84
N MET K 787 44.07 -140.32 -1.04
CA MET K 787 45.03 -140.36 0.05
C MET K 787 44.66 -141.43 1.08
N ALA K 788 43.37 -141.51 1.45
CA ALA K 788 42.95 -142.52 2.41
C ALA K 788 43.22 -143.92 1.88
N LEU K 789 42.89 -144.16 0.61
CA LEU K 789 43.06 -145.48 0.04
C LEU K 789 44.53 -145.86 -0.09
N SER K 790 45.38 -144.91 -0.49
CA SER K 790 46.81 -145.19 -0.56
C SER K 790 47.38 -145.48 0.83
N LEU K 791 46.90 -144.78 1.85
CA LEU K 791 47.30 -145.11 3.21
C LEU K 791 46.88 -146.52 3.58
N LEU K 792 45.67 -146.92 3.19
CA LEU K 792 45.22 -148.29 3.44
C LEU K 792 46.11 -149.30 2.71
N GLY K 793 46.48 -149.00 1.47
CA GLY K 793 47.28 -149.91 0.66
C GLY K 793 48.69 -150.11 1.18
N ALA L 2 54.82 -201.81 4.37
CA ALA L 2 56.25 -201.83 4.04
C ALA L 2 56.59 -200.71 3.07
N MET L 3 57.70 -200.03 3.33
CA MET L 3 58.16 -198.93 2.49
C MET L 3 58.61 -199.45 1.13
N TYR L 4 58.26 -198.70 0.09
CA TYR L 4 58.57 -199.06 -1.29
C TYR L 4 59.47 -197.98 -1.90
N ILE L 5 59.71 -198.11 -3.21
CA ILE L 5 60.59 -197.21 -3.93
C ILE L 5 59.82 -196.62 -5.10
N ASN L 6 59.99 -195.31 -5.31
CA ASN L 6 59.33 -194.57 -6.39
C ASN L 6 57.82 -194.61 -6.26
N THR L 7 57.33 -194.44 -5.02
CA THR L 7 55.90 -194.47 -4.73
C THR L 7 55.53 -193.34 -3.79
N ASN L 8 56.02 -192.13 -4.05
CA ASN L 8 55.78 -190.97 -3.20
C ASN L 8 54.50 -190.25 -3.66
N VAL L 9 53.38 -190.95 -3.47
CA VAL L 9 52.08 -190.37 -3.81
C VAL L 9 51.81 -189.06 -3.06
N PRO L 10 52.12 -188.94 -1.76
CA PRO L 10 51.93 -187.63 -1.09
C PRO L 10 52.68 -186.51 -1.78
N SER L 11 53.82 -186.80 -2.40
CA SER L 11 54.52 -185.77 -3.19
C SER L 11 53.65 -185.30 -4.36
N LEU L 12 52.98 -186.24 -5.04
CA LEU L 12 52.08 -185.85 -6.12
C LEU L 12 50.92 -185.02 -5.61
N THR L 13 50.33 -185.42 -4.48
CA THR L 13 49.22 -184.65 -3.92
C THR L 13 49.66 -183.24 -3.56
N ALA L 14 50.84 -183.11 -2.94
CA ALA L 14 51.35 -181.81 -2.58
C ALA L 14 51.66 -180.98 -3.82
N GLN L 15 52.16 -181.61 -4.88
CA GLN L 15 52.40 -180.89 -6.13
C GLN L 15 51.11 -180.34 -6.71
N ARG L 16 50.04 -181.14 -6.67
CA ARG L 16 48.73 -180.65 -7.11
C ARG L 16 48.29 -179.46 -6.28
N TYR L 17 48.46 -179.54 -4.96
CA TYR L 17 48.05 -178.46 -4.08
C TYR L 17 48.87 -177.19 -4.37
N LEU L 18 50.17 -177.34 -4.59
CA LEU L 18 51.01 -176.21 -4.95
C LEU L 18 50.58 -175.59 -6.27
N GLY L 19 50.24 -176.40 -7.26
CA GLY L 19 49.76 -175.86 -8.52
C GLY L 19 48.50 -175.03 -8.34
N GLU L 20 47.54 -175.55 -7.58
CA GLU L 20 46.32 -174.79 -7.31
C GLU L 20 46.62 -173.49 -6.57
N THR L 21 47.47 -173.54 -5.55
CA THR L 21 47.81 -172.34 -4.80
C THR L 21 48.48 -171.30 -5.68
N ASN L 22 49.40 -171.73 -6.54
CA ASN L 22 50.08 -170.81 -7.44
C ASN L 22 49.10 -170.18 -8.43
N ASN L 23 48.16 -170.96 -8.95
CA ASN L 23 47.16 -170.41 -9.84
C ASN L 23 46.31 -169.34 -9.13
N ALA L 24 45.91 -169.64 -7.89
CA ALA L 24 45.12 -168.67 -7.13
C ALA L 24 45.92 -167.39 -6.87
N VAL L 25 47.19 -167.52 -6.51
CA VAL L 25 48.03 -166.36 -6.24
C VAL L 25 48.19 -165.52 -7.50
N SER L 26 48.43 -166.17 -8.64
CA SER L 26 48.59 -165.44 -9.90
C SER L 26 47.31 -164.69 -10.27
N LYS L 27 46.15 -165.35 -10.10
CA LYS L 27 44.89 -164.68 -10.41
C LYS L 27 44.67 -163.47 -9.51
N SER L 28 44.94 -163.63 -8.21
CA SER L 28 44.76 -162.51 -7.29
C SER L 28 45.69 -161.35 -7.63
N LEU L 29 46.94 -161.65 -7.94
CA LEU L 29 47.90 -160.59 -8.29
C LEU L 29 47.48 -159.88 -9.56
N GLU L 30 47.03 -160.63 -10.58
CA GLU L 30 46.59 -160.01 -11.82
C GLU L 30 45.39 -159.10 -11.59
N ARG L 31 44.41 -159.57 -10.80
CA ARG L 31 43.24 -158.74 -10.53
C ARG L 31 43.60 -157.49 -9.74
N LEU L 32 44.51 -157.62 -8.76
CA LEU L 32 44.93 -156.45 -8.00
C LEU L 32 45.66 -155.44 -8.88
N SER L 33 46.52 -155.93 -9.77
CA SER L 33 47.26 -155.03 -10.66
C SER L 33 46.32 -154.33 -11.62
N SER L 34 45.35 -155.05 -12.19
CA SER L 34 44.44 -154.44 -13.15
C SER L 34 43.49 -153.45 -12.48
N GLY L 35 42.99 -153.80 -11.29
CA GLY L 35 42.03 -152.95 -10.61
C GLY L 35 40.60 -153.11 -11.08
N LEU L 36 40.28 -154.23 -11.74
CA LEU L 36 38.93 -154.48 -12.24
C LEU L 36 38.45 -155.83 -11.74
N ARG L 37 37.12 -155.98 -11.65
CA ARG L 37 36.54 -157.24 -11.20
C ARG L 37 36.57 -158.29 -12.30
N ILE L 38 35.86 -158.04 -13.40
CA ILE L 38 35.62 -159.09 -14.39
C ILE L 38 36.82 -159.24 -15.31
N ASN L 39 37.12 -158.19 -16.09
CA ASN L 39 38.15 -158.24 -17.12
C ASN L 39 37.91 -159.41 -18.06
N SER L 40 38.92 -159.74 -18.88
CA SER L 40 38.91 -160.92 -19.74
C SER L 40 37.56 -161.17 -20.40
N ALA L 41 37.14 -162.43 -20.47
CA ALA L 41 35.81 -162.77 -20.95
C ALA L 41 35.14 -163.91 -20.17
N SER L 42 35.81 -164.48 -19.17
CA SER L 42 35.34 -165.71 -18.54
C SER L 42 34.92 -165.54 -17.09
N ASP L 43 35.31 -164.45 -16.43
CA ASP L 43 34.96 -164.28 -15.01
C ASP L 43 33.45 -164.17 -14.83
N ASP L 44 32.78 -163.43 -15.71
CA ASP L 44 31.33 -163.29 -15.67
C ASP L 44 30.80 -163.15 -17.09
N ALA L 45 29.65 -163.77 -17.35
CA ALA L 45 28.97 -163.66 -18.63
C ALA L 45 27.79 -162.70 -18.60
N SER L 46 27.62 -161.95 -17.51
CA SER L 46 26.46 -161.09 -17.34
C SER L 46 26.78 -159.60 -17.29
N GLY L 47 27.85 -159.20 -16.60
CA GLY L 47 28.13 -157.78 -16.42
C GLY L 47 28.59 -157.06 -17.67
N LEU L 48 29.08 -157.79 -18.67
CA LEU L 48 29.71 -157.15 -19.83
C LEU L 48 28.69 -156.34 -20.62
N ALA L 49 27.54 -156.92 -20.94
CA ALA L 49 26.54 -156.22 -21.75
C ALA L 49 26.01 -154.99 -21.02
N ILE L 50 25.70 -155.14 -19.73
CA ILE L 50 25.20 -154.01 -18.95
C ILE L 50 26.24 -152.90 -18.90
N SER L 51 27.50 -153.27 -18.66
CA SER L 51 28.56 -152.27 -18.58
C SER L 51 28.72 -151.53 -19.90
N GLU L 52 28.75 -152.25 -21.02
CA GLU L 52 28.94 -151.61 -22.31
C GLU L 52 27.76 -150.69 -22.65
N LYS L 53 26.54 -151.15 -22.38
CA LYS L 53 25.37 -150.33 -22.67
C LYS L 53 25.38 -149.05 -21.84
N LEU L 54 25.72 -149.16 -20.55
CA LEU L 54 25.75 -147.98 -19.70
C LEU L 54 26.86 -147.01 -20.13
N ARG L 55 28.01 -147.55 -20.53
CA ARG L 55 29.10 -146.69 -21.00
C ARG L 55 28.68 -145.91 -22.25
N GLY L 56 28.07 -146.60 -23.21
CA GLY L 56 27.60 -145.93 -24.41
C GLY L 56 26.57 -144.86 -24.11
N GLN L 57 25.65 -145.15 -23.19
CA GLN L 57 24.65 -144.15 -22.83
C GLN L 57 25.27 -142.95 -22.14
N ILE L 58 26.28 -143.17 -21.29
CA ILE L 58 26.96 -142.06 -20.63
C ILE L 58 27.58 -141.13 -21.67
N SER L 59 28.26 -141.73 -22.65
CA SER L 59 28.82 -140.91 -23.73
C SER L 59 27.74 -140.14 -24.47
N GLY L 60 26.60 -140.78 -24.73
CA GLY L 60 25.52 -140.10 -25.42
C GLY L 60 24.99 -138.89 -24.67
N LEU L 61 24.79 -139.03 -23.35
CA LEU L 61 24.33 -137.88 -22.57
C LEU L 61 25.37 -136.76 -22.54
N LYS L 62 26.66 -137.10 -22.47
CA LYS L 62 27.67 -136.05 -22.54
C LYS L 62 27.58 -135.27 -23.86
N ARG L 63 27.44 -136.00 -24.97
CA ARG L 63 27.33 -135.35 -26.27
C ARG L 63 26.11 -134.45 -26.35
N ALA L 64 24.96 -134.93 -25.85
CA ALA L 64 23.75 -134.12 -25.87
C ALA L 64 23.91 -132.86 -25.02
N SER L 65 24.56 -133.00 -23.86
CA SER L 65 24.79 -131.86 -22.98
C SER L 65 25.60 -130.77 -23.69
N LEU L 66 26.62 -131.18 -24.44
CA LEU L 66 27.36 -130.18 -25.23
C LEU L 66 26.49 -129.55 -26.32
N ASN L 67 25.71 -130.39 -27.02
CA ASN L 67 24.90 -129.90 -28.13
C ASN L 67 23.88 -128.86 -27.70
N ALA L 68 23.39 -128.96 -26.45
CA ALA L 68 22.39 -128.00 -25.99
C ALA L 68 22.93 -126.56 -26.00
N GLN L 69 24.09 -126.34 -25.39
CA GLN L 69 24.67 -124.99 -25.39
C GLN L 69 25.10 -124.57 -26.78
N ASP L 70 25.60 -125.53 -27.57
CA ASP L 70 25.87 -125.25 -28.98
C ASP L 70 24.64 -124.65 -29.66
N GLY L 71 23.46 -125.18 -29.34
CA GLY L 71 22.24 -124.59 -29.87
C GLY L 71 21.93 -123.22 -29.29
N ILE L 72 22.14 -123.04 -27.98
CA ILE L 72 21.65 -121.83 -27.31
C ILE L 72 22.39 -120.58 -27.79
N SER L 73 23.66 -120.70 -28.19
CA SER L 73 24.42 -119.51 -28.57
C SER L 73 23.79 -118.77 -29.75
N LEU L 74 23.36 -119.52 -30.77
CA LEU L 74 22.75 -118.93 -31.96
C LEU L 74 21.48 -118.16 -31.59
N LEU L 75 20.68 -118.73 -30.70
CA LEU L 75 19.43 -118.09 -30.29
C LEU L 75 19.72 -116.76 -29.62
N GLN L 76 20.74 -116.73 -28.76
CA GLN L 76 21.10 -115.46 -28.12
C GLN L 76 21.52 -114.41 -29.15
N THR L 77 22.29 -114.83 -30.16
CA THR L 77 22.71 -113.89 -31.20
C THR L 77 21.50 -113.29 -31.91
N ALA L 78 20.54 -114.14 -32.29
CA ALA L 78 19.34 -113.65 -32.96
C ALA L 78 18.58 -112.68 -32.06
N GLU L 79 18.51 -112.97 -30.76
CA GLU L 79 17.84 -112.07 -29.84
C GLU L 79 18.47 -110.69 -29.85
N GLY L 80 19.81 -110.64 -29.83
CA GLY L 80 20.48 -109.34 -29.87
C GLY L 80 20.16 -108.56 -31.13
N GLY L 81 20.19 -109.23 -32.28
CA GLY L 81 19.86 -108.54 -33.52
C GLY L 81 18.46 -107.96 -33.53
N LEU L 82 17.47 -108.76 -33.09
CA LEU L 82 16.10 -108.27 -33.03
C LEU L 82 15.97 -107.11 -32.06
N GLN L 83 16.72 -107.14 -30.96
CA GLN L 83 16.68 -106.01 -30.03
C GLN L 83 17.14 -104.72 -30.71
N ASN L 84 18.23 -104.78 -31.48
CA ASN L 84 18.71 -103.58 -32.16
C ASN L 84 17.65 -103.05 -33.15
N ILE L 85 17.05 -103.95 -33.92
CA ILE L 85 16.04 -103.52 -34.90
C ILE L 85 14.86 -102.85 -34.19
N GLN L 86 14.38 -103.47 -33.10
CA GLN L 86 13.27 -102.89 -32.36
C GLN L 86 13.64 -101.54 -31.78
N ASP L 87 14.91 -101.36 -31.41
CA ASP L 87 15.35 -100.05 -30.93
C ASP L 87 15.18 -99.00 -32.02
N MET L 88 15.61 -99.31 -33.25
CA MET L 88 15.51 -98.30 -34.32
C MET L 88 14.06 -97.98 -34.68
N LEU L 89 13.18 -98.98 -34.56
CA LEU L 89 11.79 -98.77 -34.96
C LEU L 89 11.13 -97.61 -34.21
N GLN L 90 11.39 -97.50 -32.90
CA GLN L 90 10.71 -96.47 -32.11
C GLN L 90 11.18 -95.07 -32.48
N ARG L 91 12.47 -94.91 -32.78
CA ARG L 91 12.94 -93.62 -33.26
C ARG L 91 12.27 -93.24 -34.57
N MET L 92 12.12 -94.21 -35.48
CA MET L 92 11.40 -93.89 -36.71
C MET L 92 9.95 -93.49 -36.42
N ARG L 93 9.30 -94.17 -35.47
CA ARG L 93 7.92 -93.81 -35.13
C ARG L 93 7.82 -92.40 -34.55
N GLU L 94 8.73 -92.05 -33.64
CA GLU L 94 8.68 -90.72 -33.04
C GLU L 94 8.94 -89.64 -34.09
N LEU L 95 9.89 -89.87 -34.98
CA LEU L 95 10.13 -88.87 -36.00
C LEU L 95 8.99 -88.81 -37.02
N ALA L 96 8.26 -89.91 -37.20
CA ALA L 96 7.07 -89.87 -38.05
C ALA L 96 5.97 -89.01 -37.42
N VAL L 97 5.74 -89.18 -36.11
CA VAL L 97 4.73 -88.35 -35.47
C VAL L 97 5.20 -86.90 -35.32
N GLN L 98 6.52 -86.66 -35.43
CA GLN L 98 7.02 -85.29 -35.50
C GLN L 98 6.31 -84.49 -36.58
N ALA L 99 6.24 -85.03 -37.79
CA ALA L 99 5.56 -84.35 -38.87
C ALA L 99 4.05 -84.49 -38.74
N GLY L 100 3.33 -83.54 -39.33
CA GLY L 100 1.89 -83.55 -39.29
C GLY L 100 1.31 -82.16 -39.11
N ASN L 101 2.04 -81.29 -38.43
CA ASN L 101 1.63 -79.91 -38.24
C ASN L 101 1.84 -79.09 -39.49
N GLY L 102 1.04 -78.03 -39.64
CA GLY L 102 1.41 -77.02 -40.59
C GLY L 102 2.10 -75.84 -39.92
N VAL L 103 3.42 -75.89 -39.86
CA VAL L 103 4.27 -74.74 -39.66
C VAL L 103 5.39 -74.90 -40.68
N TYR L 104 5.46 -76.08 -41.26
CA TYR L 104 6.53 -76.48 -42.16
C TYR L 104 6.09 -76.30 -43.61
N THR L 105 6.99 -75.78 -44.45
CA THR L 105 6.70 -75.68 -45.87
C THR L 105 6.86 -77.06 -46.50
N THR L 106 6.83 -77.12 -47.83
CA THR L 106 6.95 -78.39 -48.52
C THR L 106 8.38 -78.91 -48.58
N ASN L 107 9.34 -78.17 -48.03
CA ASN L 107 10.74 -78.58 -48.04
C ASN L 107 11.17 -79.28 -46.75
N ASP L 108 10.58 -78.90 -45.61
CA ASP L 108 10.92 -79.53 -44.34
C ASP L 108 10.52 -81.00 -44.34
N ARG L 109 9.37 -81.32 -44.93
CA ARG L 109 8.93 -82.71 -45.02
C ARG L 109 9.90 -83.54 -45.85
N ALA L 110 10.40 -82.97 -46.95
CA ALA L 110 11.39 -83.67 -47.77
C ALA L 110 12.70 -83.86 -47.01
N GLU L 111 13.12 -82.83 -46.27
CA GLU L 111 14.33 -82.95 -45.44
C GLU L 111 14.18 -84.08 -44.42
N ILE L 112 12.98 -84.24 -43.85
CA ILE L 112 12.71 -85.36 -42.97
C ILE L 112 12.77 -86.68 -43.73
N GLN L 113 12.16 -86.72 -44.92
CA GLN L 113 12.04 -87.94 -45.68
C GLN L 113 13.40 -88.49 -46.10
N LYS L 114 14.35 -87.59 -46.36
CA LYS L 114 15.69 -88.04 -46.78
C LYS L 114 16.33 -88.93 -45.71
N GLU L 115 16.39 -88.44 -44.47
CA GLU L 115 17.01 -89.22 -43.41
C GLU L 115 16.13 -90.40 -43.00
N VAL L 116 14.81 -90.32 -43.17
CA VAL L 116 13.98 -91.49 -42.94
C VAL L 116 14.32 -92.60 -43.94
N ASP L 117 14.54 -92.24 -45.21
CA ASP L 117 14.97 -93.22 -46.19
C ASP L 117 16.34 -93.80 -45.83
N GLN L 118 17.23 -92.94 -45.32
CA GLN L 118 18.52 -93.44 -44.84
C GLN L 118 18.32 -94.49 -43.74
N LEU L 119 17.42 -94.22 -42.80
CA LEU L 119 17.14 -95.17 -41.73
C LEU L 119 16.55 -96.46 -42.27
N LYS L 120 15.70 -96.37 -43.28
CA LYS L 120 15.16 -97.57 -43.91
C LYS L 120 16.27 -98.42 -44.52
N GLU L 121 17.21 -97.78 -45.21
CA GLU L 121 18.34 -98.52 -45.76
C GLU L 121 19.17 -99.16 -44.66
N GLU L 122 19.38 -98.43 -43.56
CA GLU L 122 20.16 -98.98 -42.46
C GLU L 122 19.47 -100.19 -41.85
N ILE L 123 18.15 -100.14 -41.67
CA ILE L 123 17.44 -101.25 -41.08
C ILE L 123 17.44 -102.46 -42.01
N ASN L 124 17.35 -102.22 -43.33
CA ASN L 124 17.49 -103.34 -44.26
C ASN L 124 18.87 -103.96 -44.18
N ARG L 125 19.91 -103.12 -44.06
CA ARG L 125 21.27 -103.64 -43.94
C ARG L 125 21.43 -104.48 -42.69
N ILE L 126 20.91 -104.00 -41.55
CA ILE L 126 21.07 -104.77 -40.31
C ILE L 126 20.22 -106.04 -40.35
N ALA L 127 19.10 -106.02 -41.07
CA ALA L 127 18.32 -107.24 -41.26
C ALA L 127 19.10 -108.26 -42.08
N SER L 128 19.82 -107.80 -43.11
CA SER L 128 20.54 -108.71 -43.99
C SER L 128 21.99 -108.93 -43.57
N SER L 129 22.42 -108.43 -42.41
CA SER L 129 23.82 -108.52 -42.00
C SER L 129 24.12 -109.65 -41.03
N THR L 130 23.10 -110.21 -40.35
CA THR L 130 23.36 -111.22 -39.34
C THR L 130 23.93 -112.50 -39.96
N GLU L 131 24.83 -113.15 -39.22
CA GLU L 131 25.56 -114.30 -39.75
C GLU L 131 26.09 -115.13 -38.59
N PHE L 132 26.16 -116.45 -38.81
CA PHE L 132 26.74 -117.37 -37.83
C PHE L 132 27.22 -118.61 -38.57
N ASN L 133 28.54 -118.80 -38.61
CA ASN L 133 29.16 -119.95 -39.28
C ASN L 133 28.71 -120.05 -40.74
N THR L 134 28.74 -118.91 -41.43
CA THR L 134 28.42 -118.80 -42.85
C THR L 134 27.01 -119.29 -43.18
N LYS L 135 26.10 -119.20 -42.22
CA LYS L 135 24.69 -119.58 -42.42
C LYS L 135 23.83 -118.40 -41.95
N LYS L 136 23.12 -117.78 -42.88
CA LYS L 136 22.32 -116.61 -42.55
C LYS L 136 21.04 -117.02 -41.83
N LEU L 137 20.65 -116.22 -40.83
CA LEU L 137 19.53 -116.55 -39.96
C LEU L 137 18.24 -115.83 -40.35
N LEU L 138 18.28 -114.50 -40.39
CA LEU L 138 17.05 -113.72 -40.47
C LEU L 138 16.47 -113.65 -41.87
N ASN L 139 17.29 -113.78 -42.91
CA ASN L 139 16.78 -113.58 -44.25
C ASN L 139 16.12 -114.83 -44.81
N GLY L 140 15.20 -115.41 -44.03
CA GLY L 140 14.43 -116.54 -44.49
C GLY L 140 15.24 -117.73 -44.92
N ASP L 141 16.41 -117.92 -44.34
CA ASP L 141 17.30 -119.02 -44.70
C ASP L 141 17.30 -120.13 -43.66
N SER L 142 16.37 -120.08 -42.70
CA SER L 142 16.26 -121.11 -41.68
C SER L 142 14.93 -121.85 -41.68
N THR L 143 13.93 -121.38 -42.44
CA THR L 143 12.61 -122.02 -42.47
C THR L 143 12.27 -122.56 -43.86
N ALA L 144 12.33 -121.74 -44.89
CA ALA L 144 11.86 -122.12 -46.21
C ALA L 144 12.83 -121.65 -47.28
N LEU L 145 12.65 -122.19 -48.48
CA LEU L 145 13.42 -121.78 -49.65
C LEU L 145 12.47 -121.78 -50.83
N TRP L 146 12.25 -120.61 -51.43
CA TRP L 146 11.22 -120.45 -52.46
C TRP L 146 11.82 -119.81 -53.71
N SER L 147 11.18 -120.06 -54.84
CA SER L 147 11.58 -119.47 -56.10
C SER L 147 10.40 -119.52 -57.06
N SER L 148 10.38 -118.58 -58.00
CA SER L 148 9.33 -118.51 -59.01
C SER L 148 9.95 -118.15 -60.35
N ASP L 149 9.17 -118.35 -61.41
CA ASP L 149 9.65 -118.10 -62.77
C ASP L 149 9.27 -116.73 -63.29
N SER L 150 8.04 -116.28 -63.07
CA SER L 150 7.64 -114.94 -63.45
C SER L 150 8.29 -113.91 -62.52
N SER L 151 8.49 -112.70 -63.04
CA SER L 151 9.15 -111.65 -62.29
C SER L 151 8.18 -110.62 -61.71
N ASP L 152 6.98 -111.04 -61.35
CA ASP L 152 5.96 -110.16 -60.79
C ASP L 152 5.24 -110.83 -59.62
N LEU L 153 5.88 -111.83 -59.02
CA LEU L 153 5.28 -112.58 -57.94
C LEU L 153 6.25 -112.62 -56.78
N ASP L 154 5.76 -112.25 -55.60
CA ASP L 154 6.58 -112.18 -54.39
C ASP L 154 6.02 -113.14 -53.34
N VAL L 155 6.89 -113.61 -52.46
CA VAL L 155 6.52 -114.55 -51.42
C VAL L 155 7.13 -114.11 -50.10
N VAL L 156 6.32 -114.06 -49.04
CA VAL L 156 6.78 -113.76 -47.70
C VAL L 156 6.51 -114.97 -46.80
N ILE L 157 7.51 -115.32 -45.99
CA ILE L 157 7.50 -116.53 -45.19
C ILE L 157 7.15 -116.16 -43.76
N LYS L 158 6.16 -116.84 -43.18
CA LYS L 158 5.81 -116.67 -41.78
C LYS L 158 6.04 -117.94 -40.97
N SER L 159 5.46 -119.06 -41.39
CA SER L 159 5.56 -120.31 -40.65
C SER L 159 5.92 -121.47 -41.59
N ALA L 160 5.84 -122.69 -41.08
CA ALA L 160 6.26 -123.86 -41.85
C ALA L 160 5.50 -123.98 -43.17
N VAL L 161 6.24 -124.26 -44.24
CA VAL L 161 5.69 -124.51 -45.55
C VAL L 161 5.65 -126.01 -45.77
N ALA L 162 4.90 -126.45 -46.78
CA ALA L 162 4.81 -127.90 -46.93
C ALA L 162 5.81 -128.47 -47.91
N GLU L 163 5.58 -128.30 -49.22
CA GLU L 163 6.39 -128.94 -50.26
C GLU L 163 5.99 -128.48 -51.66
N GLY L 164 6.73 -128.96 -52.66
CA GLY L 164 6.22 -129.21 -53.99
C GLY L 164 6.09 -127.96 -54.86
N ASN L 165 5.53 -128.19 -56.04
CA ASN L 165 5.27 -127.16 -57.03
C ASN L 165 3.78 -126.82 -57.02
N TYR L 166 3.44 -125.68 -57.63
CA TYR L 166 2.06 -125.24 -57.74
C TYR L 166 1.83 -124.49 -59.04
N ASN L 167 0.60 -124.53 -59.52
CA ASN L 167 0.18 -123.82 -60.72
C ASN L 167 -0.99 -122.91 -60.37
N LEU L 168 -0.91 -121.66 -60.81
CA LEU L 168 -1.87 -120.63 -60.43
C LEU L 168 -2.67 -120.15 -61.63
N ASN L 169 -3.93 -119.81 -61.39
CA ASN L 169 -4.84 -119.28 -62.39
C ASN L 169 -5.39 -117.96 -61.87
N VAL L 170 -5.30 -116.91 -62.68
CA VAL L 170 -5.56 -115.55 -62.24
C VAL L 170 -6.65 -114.93 -63.12
N THR L 171 -7.64 -114.32 -62.49
CA THR L 171 -8.66 -113.55 -63.18
C THR L 171 -8.81 -112.21 -62.48
N VAL L 172 -8.91 -111.13 -63.26
CA VAL L 172 -8.86 -109.77 -62.74
C VAL L 172 -10.09 -109.00 -63.22
N ASP L 173 -10.64 -108.18 -62.34
CA ASP L 173 -11.69 -107.22 -62.66
C ASP L 173 -11.21 -105.83 -62.23
N PRO L 174 -11.04 -104.88 -63.15
CA PRO L 174 -10.30 -103.66 -62.83
C PRO L 174 -11.12 -102.67 -62.01
N GLY L 175 -10.41 -101.67 -61.48
CA GLY L 175 -11.03 -100.58 -60.74
C GLY L 175 -11.01 -99.27 -61.50
N LYS L 176 -10.45 -98.22 -60.90
CA LYS L 176 -10.40 -96.90 -61.51
C LYS L 176 -9.02 -96.31 -61.28
N ASN L 177 -8.83 -95.06 -61.74
CA ASN L 177 -7.56 -94.37 -61.59
C ASN L 177 -7.75 -92.97 -61.02
N PHE L 178 -6.65 -92.23 -60.84
CA PHE L 178 -6.68 -90.89 -60.27
C PHE L 178 -6.65 -89.85 -61.37
N VAL L 179 -7.48 -88.82 -61.25
CA VAL L 179 -7.54 -87.73 -62.22
C VAL L 179 -7.49 -86.41 -61.47
N TYR L 180 -6.52 -85.56 -61.83
CA TYR L 180 -6.30 -84.26 -61.22
C TYR L 180 -6.56 -83.14 -62.22
N LYS L 181 -6.92 -81.98 -61.70
CA LYS L 181 -7.20 -80.79 -62.50
C LYS L 181 -6.50 -79.58 -61.90
N SER L 182 -5.97 -78.72 -62.77
CA SER L 182 -5.26 -77.51 -62.36
C SER L 182 -6.19 -76.31 -62.39
N ASP L 183 -5.62 -75.12 -62.21
CA ASP L 183 -6.38 -73.88 -62.15
C ASP L 183 -6.47 -73.23 -63.52
N VAL L 184 -7.00 -72.01 -63.55
CA VAL L 184 -7.18 -71.25 -64.77
C VAL L 184 -6.04 -70.25 -64.92
N MET L 185 -5.62 -70.01 -66.16
CA MET L 185 -4.52 -69.11 -66.45
C MET L 185 -5.04 -67.90 -67.22
N THR L 186 -4.48 -66.73 -66.93
CA THR L 186 -4.97 -65.49 -67.50
C THR L 186 -3.78 -64.61 -67.87
N LEU L 187 -3.96 -63.80 -68.91
CA LEU L 187 -2.92 -62.93 -69.42
C LEU L 187 -2.85 -61.63 -68.63
N ASN L 188 -1.64 -61.08 -68.55
CA ASN L 188 -1.43 -59.82 -67.85
C ASN L 188 -1.96 -58.65 -68.68
N GLU L 189 -2.14 -57.52 -68.01
CA GLU L 189 -2.72 -56.33 -68.62
C GLU L 189 -1.76 -55.64 -69.58
N ASP L 190 -0.45 -55.74 -69.36
CA ASP L 190 0.51 -55.03 -70.21
C ASP L 190 0.46 -55.55 -71.64
N ALA L 191 0.13 -56.82 -71.83
CA ALA L 191 0.00 -57.39 -73.17
C ALA L 191 -1.34 -57.02 -73.78
N ILE L 192 -1.71 -57.71 -74.87
CA ILE L 192 -2.99 -57.54 -75.56
C ILE L 192 -3.03 -56.21 -76.30
N GLY L 193 -3.40 -56.25 -77.57
CA GLY L 193 -3.50 -55.06 -78.38
C GLY L 193 -2.89 -55.19 -79.76
N ALA L 194 -3.66 -54.90 -80.80
CA ALA L 194 -3.17 -54.93 -82.16
C ALA L 194 -3.07 -53.52 -82.73
N GLU L 195 -2.18 -53.36 -83.70
CA GLU L 195 -1.92 -52.03 -84.25
C GLU L 195 -1.32 -52.18 -85.64
N ILE L 196 -1.09 -51.05 -86.29
CA ILE L 196 -0.59 -50.98 -87.66
C ILE L 196 0.77 -50.30 -87.65
N VAL L 197 1.77 -51.00 -88.18
CA VAL L 197 3.14 -50.50 -88.23
C VAL L 197 3.63 -50.54 -89.67
N THR L 198 4.75 -49.85 -89.91
CA THR L 198 5.39 -49.79 -91.22
C THR L 198 6.87 -50.07 -91.03
N ALA L 199 7.25 -51.34 -91.10
CA ALA L 199 8.65 -51.75 -91.02
C ALA L 199 9.16 -52.29 -92.35
N GLY L 200 8.45 -53.25 -92.94
CA GLY L 200 8.81 -53.71 -94.27
C GLY L 200 8.59 -52.65 -95.32
N GLY L 201 7.56 -51.82 -95.14
CA GLY L 201 7.32 -50.70 -96.02
C GLY L 201 6.13 -50.86 -96.94
N ASP L 202 5.02 -50.23 -96.56
CA ASP L 202 3.84 -50.17 -97.42
C ASP L 202 3.01 -48.96 -96.99
N VAL L 203 2.14 -48.53 -97.90
CA VAL L 203 1.31 -47.34 -97.70
C VAL L 203 -0.12 -47.81 -97.45
N ASN L 204 -0.90 -46.99 -96.76
CA ASN L 204 -2.30 -47.28 -96.50
C ASN L 204 -3.11 -46.83 -97.70
N GLU L 205 -3.56 -47.77 -98.53
CA GLU L 205 -4.38 -47.43 -99.69
C GLU L 205 -5.87 -47.52 -99.40
N THR L 206 -6.27 -47.90 -98.20
CA THR L 206 -7.67 -48.20 -97.91
C THR L 206 -8.16 -47.33 -96.75
N ASN L 207 -9.38 -47.65 -96.29
CA ASN L 207 -10.08 -46.81 -95.33
C ASN L 207 -10.41 -47.55 -94.05
N VAL L 208 -9.41 -48.20 -93.44
CA VAL L 208 -9.56 -48.85 -92.15
C VAL L 208 -8.96 -47.94 -91.09
N GLY L 209 -9.74 -47.63 -90.06
CA GLY L 209 -9.27 -46.76 -89.00
C GLY L 209 -8.30 -47.45 -88.07
N PHE L 210 -8.75 -48.51 -87.40
CA PHE L 210 -7.92 -49.29 -86.50
C PHE L 210 -8.66 -50.59 -86.17
N VAL L 211 -8.06 -51.38 -85.28
CA VAL L 211 -8.58 -52.67 -84.89
C VAL L 211 -8.57 -52.75 -83.38
N THR L 212 -9.48 -53.57 -82.83
CA THR L 212 -9.65 -53.67 -81.39
C THR L 212 -10.04 -55.08 -81.01
N ASP L 213 -10.21 -55.27 -79.68
CA ASP L 213 -10.41 -56.46 -78.87
C ASP L 213 -9.77 -57.71 -79.46
N PRO L 214 -8.43 -57.76 -79.53
CA PRO L 214 -7.78 -59.02 -79.87
C PRO L 214 -7.85 -60.00 -78.71
N ASN L 215 -8.57 -61.10 -78.93
CA ASN L 215 -8.77 -62.09 -77.88
C ASN L 215 -8.51 -63.48 -78.46
N THR L 216 -7.51 -64.17 -77.91
CA THR L 216 -7.19 -65.56 -78.27
C THR L 216 -6.83 -65.71 -79.74
N LEU L 217 -6.29 -64.65 -80.34
CA LEU L 217 -5.92 -64.62 -81.75
C LEU L 217 -4.51 -65.13 -82.01
N ALA L 218 -4.00 -66.01 -81.14
CA ALA L 218 -2.57 -66.31 -81.01
C ALA L 218 -1.86 -65.06 -80.48
N SER L 219 -0.54 -65.00 -80.59
CA SER L 219 0.19 -63.96 -79.88
C SER L 219 1.54 -63.72 -80.55
N THR L 220 2.38 -62.95 -79.83
CA THR L 220 3.79 -62.66 -80.12
C THR L 220 4.00 -61.71 -81.28
N GLY L 221 2.95 -61.45 -82.05
CA GLY L 221 2.96 -60.38 -83.05
C GLY L 221 4.22 -60.25 -83.89
N THR L 222 4.99 -61.32 -84.01
CA THR L 222 6.31 -61.24 -84.63
C THR L 222 6.27 -61.53 -86.13
N ALA L 223 5.71 -62.66 -86.53
CA ALA L 223 5.39 -62.91 -87.93
C ALA L 223 4.05 -62.23 -88.20
N TYR L 224 4.12 -61.04 -88.80
CA TYR L 224 2.97 -60.15 -88.84
C TYR L 224 1.88 -60.73 -89.74
N TYR L 225 0.75 -60.01 -89.83
CA TYR L 225 -0.42 -60.58 -90.49
C TYR L 225 -0.92 -59.66 -91.59
N THR L 226 -1.45 -60.28 -92.66
CA THR L 226 -1.97 -59.57 -93.82
C THR L 226 -3.48 -59.72 -93.85
N VAL L 227 -4.20 -58.61 -93.97
CA VAL L 227 -5.65 -58.58 -93.88
C VAL L 227 -6.23 -57.94 -95.14
N ASP L 228 -5.67 -58.29 -96.29
CA ASP L 228 -5.97 -57.64 -97.57
C ASP L 228 -7.47 -57.43 -97.77
N VAL L 229 -7.86 -56.17 -97.98
CA VAL L 229 -9.26 -55.79 -98.13
C VAL L 229 -9.46 -55.40 -99.59
N THR L 230 -10.22 -56.20 -100.33
CA THR L 230 -10.51 -55.90 -101.73
C THR L 230 -11.93 -55.37 -101.87
N ALA L 231 -12.11 -54.42 -102.78
CA ALA L 231 -13.41 -53.79 -102.99
C ALA L 231 -14.21 -54.50 -104.07
N GLY L 232 -14.36 -55.80 -103.94
CA GLY L 232 -15.19 -56.56 -104.87
C GLY L 232 -14.44 -57.18 -106.03
N ALA L 233 -14.40 -58.50 -106.07
CA ALA L 233 -13.74 -59.23 -107.15
C ALA L 233 -14.29 -60.66 -107.19
N ASP L 234 -14.47 -61.22 -108.38
CA ASP L 234 -15.18 -62.48 -108.52
C ASP L 234 -14.47 -63.59 -107.76
N THR L 235 -15.26 -64.48 -107.15
CA THR L 235 -14.74 -65.55 -106.31
C THR L 235 -15.30 -66.88 -106.81
N LEU L 236 -14.52 -67.95 -106.64
CA LEU L 236 -14.92 -69.28 -107.07
C LEU L 236 -14.86 -70.25 -105.90
N SER L 237 -15.55 -71.38 -106.07
CA SER L 237 -15.57 -72.42 -105.03
C SER L 237 -14.22 -73.12 -104.97
N SER L 238 -13.70 -73.30 -103.76
CA SER L 238 -12.40 -73.96 -103.57
C SER L 238 -12.20 -74.30 -102.11
N VAL L 239 -11.23 -75.17 -101.86
CA VAL L 239 -10.78 -75.51 -100.52
C VAL L 239 -9.26 -75.52 -100.55
N ALA L 240 -8.64 -75.26 -99.40
CA ALA L 240 -7.19 -75.19 -99.32
C ALA L 240 -6.70 -76.00 -98.12
N THR L 241 -5.66 -76.79 -98.35
CA THR L 241 -5.04 -77.56 -97.28
C THR L 241 -4.18 -76.65 -96.42
N MET L 242 -4.57 -76.47 -95.16
CA MET L 242 -3.80 -75.62 -94.26
C MET L 242 -2.65 -76.36 -93.61
N SER L 243 -2.94 -77.43 -92.87
CA SER L 243 -1.85 -78.05 -92.11
C SER L 243 -2.22 -79.48 -91.71
N VAL L 244 -1.25 -80.17 -91.11
CA VAL L 244 -1.39 -81.55 -90.66
C VAL L 244 -0.72 -81.69 -89.29
N TYR L 245 -0.90 -82.87 -88.70
CA TYR L 245 -0.29 -83.17 -87.41
C TYR L 245 -0.17 -84.68 -87.23
N ARG L 246 1.05 -85.13 -86.94
CA ARG L 246 1.35 -86.52 -86.62
C ARG L 246 2.19 -86.54 -85.34
N GLN L 247 2.19 -87.68 -84.64
CA GLN L 247 3.00 -87.77 -83.42
C GLN L 247 4.35 -88.40 -83.71
N ALA L 248 4.34 -89.70 -84.02
CA ALA L 248 5.47 -90.36 -84.66
C ALA L 248 4.96 -91.05 -85.92
N GLY L 249 3.89 -91.82 -85.76
CA GLY L 249 3.14 -92.44 -86.83
C GLY L 249 3.96 -93.02 -87.97
N SER L 250 3.56 -92.67 -89.19
CA SER L 250 4.24 -93.08 -90.40
C SER L 250 3.94 -92.05 -91.48
N ASN L 251 4.32 -92.37 -92.71
CA ASN L 251 4.26 -91.38 -93.78
C ASN L 251 2.87 -91.28 -94.38
N PHE L 252 2.44 -90.04 -94.62
CA PHE L 252 1.31 -89.73 -95.49
C PHE L 252 1.36 -88.27 -95.92
N GLY L 253 1.01 -88.01 -97.17
CA GLY L 253 1.12 -86.68 -97.74
C GLY L 253 -0.01 -85.76 -97.34
N SER L 254 -0.33 -84.85 -98.24
CA SER L 254 -1.37 -83.84 -98.05
C SER L 254 -2.12 -83.68 -99.37
N VAL L 255 -2.88 -82.59 -99.48
CA VAL L 255 -3.49 -82.11 -100.72
C VAL L 255 -4.83 -82.82 -100.98
N ALA L 256 -5.89 -82.02 -101.03
CA ALA L 256 -7.24 -82.48 -101.33
C ALA L 256 -7.66 -81.97 -102.70
N THR L 257 -8.54 -82.73 -103.34
CA THR L 257 -9.08 -82.38 -104.65
C THR L 257 -10.59 -82.48 -104.61
N TRP L 258 -11.24 -81.53 -105.31
CA TRP L 258 -12.69 -81.46 -105.37
C TRP L 258 -13.25 -82.45 -106.39
N THR L 259 -14.58 -82.50 -106.44
CA THR L 259 -15.32 -83.04 -107.57
C THR L 259 -16.33 -81.98 -108.00
N THR L 260 -16.24 -81.56 -109.26
CA THR L 260 -17.06 -80.45 -109.73
C THR L 260 -18.54 -80.81 -109.67
N GLY L 261 -19.37 -79.80 -109.37
CA GLY L 261 -20.80 -79.98 -109.20
C GLY L 261 -21.27 -79.70 -107.79
N GLY L 262 -20.42 -79.95 -106.80
CA GLY L 262 -20.77 -79.70 -105.42
C GLY L 262 -20.90 -78.21 -105.13
N THR L 263 -21.69 -77.92 -104.09
CA THR L 263 -21.91 -76.55 -103.65
C THR L 263 -21.62 -76.45 -102.16
N VAL L 264 -20.97 -75.35 -101.79
CA VAL L 264 -20.58 -75.07 -100.41
C VAL L 264 -21.63 -74.18 -99.78
N ALA L 265 -21.81 -74.31 -98.47
CA ALA L 265 -22.75 -73.48 -97.75
C ALA L 265 -22.11 -72.17 -97.30
N ASP L 266 -21.05 -72.25 -96.51
CA ASP L 266 -20.40 -71.06 -95.97
C ASP L 266 -18.91 -71.30 -95.86
N SER L 267 -18.14 -70.22 -95.97
CA SER L 267 -16.69 -70.29 -95.79
C SER L 267 -16.34 -70.56 -94.34
N GLY L 268 -15.19 -71.18 -94.11
CA GLY L 268 -14.77 -71.44 -92.74
C GLY L 268 -13.54 -72.31 -92.57
N TYR L 269 -13.37 -72.88 -91.39
CA TYR L 269 -12.27 -73.78 -91.09
C TYR L 269 -12.81 -75.18 -90.81
N LEU L 270 -12.11 -76.19 -91.30
CA LEU L 270 -12.53 -77.57 -91.21
C LEU L 270 -11.40 -78.40 -90.63
N LEU L 271 -11.75 -79.40 -89.82
CA LEU L 271 -10.76 -80.23 -89.14
C LEU L 271 -11.17 -81.69 -89.24
N ILE L 272 -10.22 -82.54 -89.58
CA ILE L 272 -10.42 -83.97 -89.81
C ILE L 272 -9.58 -84.73 -88.79
N GLU L 273 -10.22 -85.65 -88.08
CA GLU L 273 -9.63 -86.43 -86.99
C GLU L 273 -9.74 -87.91 -87.31
N ALA L 274 -8.60 -88.58 -87.42
CA ALA L 274 -8.59 -90.02 -87.57
C ALA L 274 -8.87 -90.69 -86.22
N GLN L 275 -9.27 -91.96 -86.27
CA GLN L 275 -9.71 -92.67 -85.06
C GLN L 275 -9.04 -94.01 -84.81
N GLU L 276 -8.48 -94.68 -85.82
CA GLU L 276 -7.88 -95.99 -85.59
C GLU L 276 -6.64 -96.12 -86.47
N ASN L 277 -6.12 -97.35 -86.57
CA ASN L 277 -4.87 -97.63 -87.26
C ASN L 277 -5.14 -98.53 -88.46
N PHE L 278 -4.32 -98.38 -89.51
CA PHE L 278 -4.38 -99.31 -90.63
C PHE L 278 -3.10 -99.18 -91.45
N THR L 279 -2.51 -100.33 -91.81
CA THR L 279 -1.25 -100.36 -92.54
C THR L 279 -1.22 -101.44 -93.61
N VAL L 280 -2.40 -101.90 -94.07
CA VAL L 280 -2.44 -103.05 -94.97
C VAL L 280 -3.01 -102.58 -96.31
N SER L 281 -2.66 -101.36 -96.70
CA SER L 281 -3.15 -100.78 -97.95
C SER L 281 -2.27 -101.25 -99.10
N ALA L 282 -2.78 -102.21 -99.88
CA ALA L 282 -2.13 -102.63 -101.11
C ALA L 282 -3.11 -102.72 -102.28
N GLY L 283 -4.32 -102.21 -102.12
CA GLY L 283 -5.38 -102.26 -103.11
C GLY L 283 -6.50 -103.18 -102.65
N THR L 284 -7.51 -102.58 -102.03
CA THR L 284 -8.65 -103.30 -101.46
C THR L 284 -9.67 -102.29 -100.95
N THR L 285 -10.96 -102.55 -101.12
CA THR L 285 -11.97 -101.67 -100.56
C THR L 285 -12.15 -101.94 -99.07
N ALA L 286 -12.54 -100.90 -98.35
CA ALA L 286 -12.72 -101.00 -96.90
C ALA L 286 -13.58 -99.84 -96.44
N ASN L 287 -13.65 -99.68 -95.12
CA ASN L 287 -14.41 -98.58 -94.53
C ASN L 287 -13.89 -98.30 -93.13
N TYR L 288 -13.88 -97.02 -92.76
CA TYR L 288 -13.36 -96.57 -91.48
C TYR L 288 -14.18 -95.37 -91.03
N THR L 289 -14.11 -95.07 -89.73
CA THR L 289 -14.87 -93.98 -89.14
C THR L 289 -13.94 -92.83 -88.74
N PHE L 290 -14.38 -91.61 -89.08
CA PHE L 290 -13.58 -90.41 -88.87
C PHE L 290 -14.45 -89.34 -88.23
N LYS L 291 -13.80 -88.38 -87.57
CA LYS L 291 -14.47 -87.28 -86.89
C LYS L 291 -14.22 -85.99 -87.66
N ALA L 292 -15.25 -85.15 -87.76
CA ALA L 292 -15.14 -83.88 -88.48
C ALA L 292 -15.61 -82.74 -87.57
N THR L 293 -14.91 -81.62 -87.63
CA THR L 293 -15.26 -80.43 -86.86
C THR L 293 -15.22 -79.22 -87.78
N PHE L 294 -16.24 -78.36 -87.67
CA PHE L 294 -16.33 -77.18 -88.51
C PHE L 294 -16.49 -75.93 -87.65
N VAL L 295 -15.77 -74.87 -88.00
CA VAL L 295 -15.87 -73.57 -87.36
C VAL L 295 -16.19 -72.53 -88.42
N ASP L 296 -17.25 -71.76 -88.21
CA ASP L 296 -17.62 -70.69 -89.11
C ASP L 296 -16.70 -69.49 -88.91
N ALA L 297 -16.34 -68.83 -90.01
CA ALA L 297 -15.41 -67.71 -89.95
C ALA L 297 -16.08 -66.39 -89.56
N LYS L 298 -17.42 -66.34 -89.59
CA LYS L 298 -18.14 -65.10 -89.33
C LYS L 298 -18.91 -65.08 -88.02
N THR L 299 -19.73 -66.11 -87.75
CA THR L 299 -20.61 -66.08 -86.59
C THR L 299 -20.14 -66.93 -85.42
N GLY L 300 -19.24 -67.89 -85.66
CA GLY L 300 -18.51 -68.51 -84.56
C GLY L 300 -19.10 -69.77 -83.97
N GLU L 301 -20.13 -70.35 -84.56
CA GLU L 301 -20.62 -71.63 -84.06
C GLU L 301 -19.62 -72.74 -84.37
N LYS L 302 -19.67 -73.78 -83.55
CA LYS L 302 -18.80 -74.95 -83.70
C LYS L 302 -19.69 -76.17 -83.89
N SER L 303 -19.37 -76.98 -84.91
CA SER L 303 -20.15 -78.17 -85.19
C SER L 303 -19.24 -79.38 -85.25
N THR L 304 -19.79 -80.54 -84.92
CA THR L 304 -19.03 -81.78 -84.80
C THR L 304 -19.87 -82.94 -85.32
N TYR L 305 -19.33 -83.67 -86.29
CA TYR L 305 -20.05 -84.75 -86.94
C TYR L 305 -19.15 -85.97 -87.11
N GLU L 306 -19.77 -87.07 -87.51
CA GLU L 306 -19.09 -88.32 -87.79
C GLU L 306 -19.20 -88.61 -89.29
N ILE L 307 -18.19 -89.27 -89.85
CA ILE L 307 -18.15 -89.57 -91.28
C ILE L 307 -17.44 -90.90 -91.47
N GLU L 308 -17.48 -91.43 -92.69
CA GLU L 308 -16.79 -92.65 -93.03
C GLU L 308 -15.89 -92.41 -94.23
N GLY L 309 -14.88 -93.26 -94.35
CA GLY L 309 -13.92 -93.15 -95.45
C GLY L 309 -13.45 -94.52 -95.87
N GLY L 310 -12.79 -94.56 -97.02
CA GLY L 310 -12.30 -95.83 -97.53
C GLY L 310 -11.15 -95.66 -98.49
N ASP L 311 -10.27 -96.66 -98.49
CA ASP L 311 -9.18 -96.78 -99.43
C ASP L 311 -9.60 -97.68 -100.59
N ASP L 312 -9.14 -97.35 -101.80
CA ASP L 312 -9.63 -98.02 -103.00
C ASP L 312 -8.57 -98.88 -103.67
N GLY L 313 -7.48 -98.30 -104.16
CA GLY L 313 -6.39 -99.12 -104.64
C GLY L 313 -5.03 -98.69 -104.13
N ALA L 314 -4.90 -97.41 -103.80
CA ALA L 314 -3.71 -96.85 -103.18
C ALA L 314 -3.97 -95.42 -102.80
N GLY L 315 -3.46 -95.03 -101.62
CA GLY L 315 -3.28 -93.64 -101.24
C GLY L 315 -4.36 -92.64 -101.56
N ASN L 316 -5.61 -93.08 -101.69
CA ASN L 316 -6.73 -92.19 -101.91
C ASN L 316 -7.66 -92.27 -100.72
N LEU L 317 -8.00 -91.12 -100.14
CA LEU L 317 -8.88 -91.06 -98.98
C LEU L 317 -10.06 -90.17 -99.34
N VAL L 318 -11.20 -90.77 -99.65
CA VAL L 318 -12.34 -90.06 -100.21
C VAL L 318 -13.37 -89.82 -99.11
N PHE L 319 -13.90 -88.61 -99.04
CA PHE L 319 -14.94 -88.23 -98.10
C PHE L 319 -16.20 -87.82 -98.85
N ASP L 320 -17.34 -88.08 -98.23
CA ASP L 320 -18.64 -87.63 -98.72
C ASP L 320 -19.15 -86.56 -97.77
N LEU L 321 -19.51 -85.40 -98.32
CA LEU L 321 -20.00 -84.27 -97.53
C LEU L 321 -21.51 -84.32 -97.33
N ALA L 322 -22.14 -85.49 -97.52
CA ALA L 322 -23.58 -85.59 -97.38
C ALA L 322 -24.01 -85.51 -95.92
N ASP L 323 -23.27 -86.16 -95.01
CA ASP L 323 -23.66 -86.20 -93.61
C ASP L 323 -23.44 -84.88 -92.88
N MET L 324 -23.02 -83.83 -93.58
CA MET L 324 -22.86 -82.52 -92.96
C MET L 324 -24.23 -81.88 -92.76
N THR L 325 -24.98 -82.38 -91.78
CA THR L 325 -26.33 -81.90 -91.55
C THR L 325 -26.32 -80.50 -90.94
N GLY L 326 -27.49 -79.89 -90.87
CA GLY L 326 -27.62 -78.55 -90.34
C GLY L 326 -27.14 -77.50 -91.33
N ALA L 327 -25.84 -77.50 -91.60
CA ALA L 327 -25.29 -76.58 -92.58
C ALA L 327 -25.64 -77.01 -94.00
N GLY L 328 -25.18 -78.20 -94.39
CA GLY L 328 -25.50 -78.74 -95.70
C GLY L 328 -24.42 -78.50 -96.74
N PHE L 329 -23.72 -79.56 -97.14
CA PHE L 329 -22.69 -79.49 -98.16
C PHE L 329 -23.03 -80.45 -99.28
N SER L 330 -22.16 -80.50 -100.29
CA SER L 330 -22.36 -81.37 -101.43
C SER L 330 -21.00 -81.61 -102.10
N GLY L 331 -20.99 -82.56 -103.03
CA GLY L 331 -19.77 -82.93 -103.70
C GLY L 331 -18.92 -83.89 -102.87
N GLU L 332 -17.71 -84.13 -103.36
CA GLU L 332 -16.77 -85.05 -102.74
C GLU L 332 -15.48 -84.31 -102.43
N VAL L 333 -14.52 -85.04 -101.85
CA VAL L 333 -13.18 -84.53 -101.63
C VAL L 333 -12.25 -85.72 -101.48
N SER L 334 -11.12 -85.68 -102.17
CA SER L 334 -10.17 -86.77 -102.16
C SER L 334 -8.83 -86.28 -101.63
N ILE L 335 -8.33 -86.93 -100.58
CA ILE L 335 -7.02 -86.67 -100.02
C ILE L 335 -6.02 -87.58 -100.74
N ALA L 336 -4.94 -86.99 -101.25
CA ALA L 336 -3.95 -87.72 -102.04
C ALA L 336 -2.81 -88.13 -101.11
N ILE L 337 -2.71 -89.43 -100.87
CA ILE L 337 -1.73 -89.95 -99.93
C ILE L 337 -0.59 -90.67 -100.63
N GLY L 338 -0.91 -91.55 -101.57
CA GLY L 338 0.08 -92.44 -102.16
C GLY L 338 0.16 -93.76 -101.42
N THR L 339 0.77 -94.74 -102.08
CA THR L 339 0.80 -96.11 -101.59
C THR L 339 1.53 -96.19 -100.25
N ASP L 340 1.21 -97.22 -99.47
CA ASP L 340 1.85 -97.50 -98.19
C ASP L 340 1.63 -96.38 -97.18
N ALA L 341 0.37 -96.22 -96.78
CA ALA L 341 -0.01 -95.29 -95.73
C ALA L 341 -0.32 -96.08 -94.46
N ASN L 342 0.55 -95.94 -93.46
CA ASN L 342 0.35 -96.55 -92.14
C ASN L 342 -0.17 -95.49 -91.19
N MET L 343 -1.45 -95.57 -90.86
CA MET L 343 -2.13 -94.53 -90.11
C MET L 343 -2.37 -94.94 -88.67
N GLN L 344 -1.92 -94.11 -87.74
CA GLN L 344 -2.23 -94.25 -86.32
C GLN L 344 -3.52 -93.51 -86.01
N SER L 345 -3.84 -93.39 -84.72
CA SER L 345 -5.02 -92.66 -84.27
C SER L 345 -4.58 -91.42 -83.53
N GLY L 346 -5.06 -90.26 -83.97
CA GLY L 346 -4.71 -89.00 -83.34
C GLY L 346 -4.24 -87.94 -84.30
N ASP L 347 -3.77 -88.35 -85.48
CA ASP L 347 -3.30 -87.41 -86.47
C ASP L 347 -4.44 -86.52 -86.94
N LYS L 348 -4.12 -85.26 -87.23
CA LYS L 348 -5.15 -84.26 -87.56
C LYS L 348 -4.83 -83.58 -88.88
N ILE L 349 -5.87 -83.11 -89.57
CA ILE L 349 -5.71 -82.35 -90.80
C ILE L 349 -6.63 -81.13 -90.75
N LEU L 350 -6.10 -79.96 -91.15
CA LEU L 350 -6.84 -78.72 -91.08
C LEU L 350 -6.91 -78.08 -92.46
N LEU L 351 -8.14 -77.68 -92.84
CA LEU L 351 -8.51 -77.17 -94.16
C LEU L 351 -9.23 -75.83 -94.00
N SER L 352 -9.22 -75.06 -95.09
CA SER L 352 -9.96 -73.80 -95.16
C SER L 352 -10.89 -73.81 -96.37
N THR L 353 -12.12 -73.35 -96.18
CA THR L 353 -13.17 -73.44 -97.18
C THR L 353 -13.69 -72.06 -97.55
N THR L 354 -14.08 -71.89 -98.82
CA THR L 354 -14.47 -70.62 -99.40
C THR L 354 -15.80 -70.77 -100.13
N GLU L 355 -16.56 -69.67 -100.20
CA GLU L 355 -17.87 -69.63 -100.84
C GLU L 355 -17.81 -68.77 -102.10
N ALA L 356 -18.69 -69.09 -103.05
CA ALA L 356 -18.78 -68.32 -104.28
C ALA L 356 -19.75 -67.15 -104.12
N VAL L 357 -19.30 -65.95 -104.51
CA VAL L 357 -20.07 -64.72 -104.36
C VAL L 357 -19.87 -63.85 -105.59
N ASP L 358 -20.94 -63.17 -106.00
CA ASP L 358 -20.88 -62.34 -107.22
C ASP L 358 -19.91 -61.18 -107.06
N THR L 359 -19.96 -60.49 -105.92
CA THR L 359 -19.02 -59.44 -105.55
C THR L 359 -18.97 -58.29 -106.55
N SER L 360 -20.10 -57.93 -107.15
CA SER L 360 -20.13 -56.79 -108.07
C SER L 360 -21.54 -56.21 -108.08
N ALA L 361 -21.74 -55.14 -107.33
CA ALA L 361 -22.99 -54.39 -107.28
C ALA L 361 -22.70 -52.94 -107.66
N THR L 362 -23.71 -52.08 -107.50
CA THR L 362 -23.48 -50.65 -107.70
C THR L 362 -22.46 -50.12 -106.71
N SER L 363 -22.59 -50.50 -105.44
CA SER L 363 -21.62 -50.25 -104.38
C SER L 363 -22.17 -50.92 -103.12
N GLY L 364 -21.34 -50.98 -102.09
CA GLY L 364 -21.84 -51.41 -100.80
C GLY L 364 -20.98 -52.34 -99.95
N GLY L 365 -20.07 -53.08 -100.55
CA GLY L 365 -19.28 -54.02 -99.77
C GLY L 365 -18.12 -54.59 -100.57
N GLY L 366 -17.42 -55.53 -99.95
CA GLY L 366 -16.26 -56.14 -100.56
C GLY L 366 -15.85 -57.39 -99.82
N THR L 367 -14.60 -57.80 -100.04
CA THR L 367 -14.07 -59.06 -99.51
C THR L 367 -12.80 -58.80 -98.70
N ILE L 368 -12.51 -59.72 -97.79
CA ILE L 368 -11.35 -59.64 -96.91
C ILE L 368 -10.64 -61.00 -96.92
N ALA L 369 -9.30 -60.95 -96.91
CA ALA L 369 -8.47 -62.14 -96.93
C ALA L 369 -7.36 -62.00 -95.90
N ILE L 370 -7.31 -62.93 -94.96
CA ILE L 370 -6.32 -62.93 -93.88
C ILE L 370 -5.31 -64.05 -94.13
N SER L 371 -4.03 -63.72 -94.03
CA SER L 371 -2.95 -64.68 -94.23
C SER L 371 -1.74 -64.24 -93.42
N GLY L 372 -0.73 -65.10 -93.40
CA GLY L 372 0.52 -64.79 -92.72
C GLY L 372 0.73 -65.58 -91.44
N GLY L 373 1.51 -65.00 -90.52
CA GLY L 373 1.78 -65.64 -89.25
C GLY L 373 2.99 -66.54 -89.30
N PRO L 374 3.36 -67.11 -88.15
CA PRO L 374 4.55 -67.98 -88.11
C PRO L 374 4.47 -69.16 -89.05
N ALA L 375 3.27 -69.68 -89.31
CA ALA L 375 3.08 -70.77 -90.25
C ALA L 375 2.75 -70.29 -91.66
N GLY L 376 2.37 -69.02 -91.82
CA GLY L 376 2.09 -68.47 -93.13
C GLY L 376 0.94 -69.15 -93.84
N THR L 377 -0.17 -69.33 -93.14
CA THR L 377 -1.33 -69.99 -93.74
C THR L 377 -1.92 -69.13 -94.86
N THR L 378 -2.24 -69.78 -95.97
CA THR L 378 -2.96 -69.16 -97.08
C THR L 378 -4.44 -69.35 -96.81
N GLY L 379 -5.00 -68.47 -95.96
CA GLY L 379 -6.33 -68.64 -95.45
C GLY L 379 -7.41 -68.37 -96.47
N ALA L 380 -8.65 -68.55 -96.03
CA ALA L 380 -9.82 -68.35 -96.87
C ALA L 380 -10.17 -66.87 -96.96
N ILE L 381 -11.16 -66.57 -97.79
CA ILE L 381 -11.61 -65.20 -98.02
C ILE L 381 -13.08 -65.13 -97.68
N ILE L 382 -13.53 -63.94 -97.26
CA ILE L 382 -14.93 -63.74 -96.90
C ILE L 382 -15.42 -62.47 -97.59
N SER L 383 -16.74 -62.35 -97.71
CA SER L 383 -17.35 -61.26 -98.46
C SER L 383 -18.55 -60.71 -97.68
N TYR L 384 -18.89 -59.46 -97.98
CA TYR L 384 -19.98 -58.76 -97.32
C TYR L 384 -20.93 -58.17 -98.34
N GLY L 385 -22.13 -57.81 -97.88
CA GLY L 385 -23.19 -57.32 -98.73
C GLY L 385 -23.16 -55.81 -98.91
N ASN L 386 -24.29 -55.28 -99.38
CA ASN L 386 -24.38 -53.88 -99.72
C ASN L 386 -24.61 -53.03 -98.47
N ASN L 387 -23.95 -51.86 -98.44
CA ASN L 387 -24.07 -50.88 -97.36
C ASN L 387 -23.82 -51.53 -96.00
N GLU L 388 -22.73 -52.28 -95.90
CA GLU L 388 -22.35 -52.93 -94.66
C GLU L 388 -20.99 -52.48 -94.12
N LEU L 389 -20.19 -51.80 -94.94
CA LEU L 389 -18.86 -51.38 -94.53
C LEU L 389 -18.74 -49.88 -94.32
N THR L 390 -19.36 -49.08 -95.20
CA THR L 390 -19.24 -47.63 -95.14
C THR L 390 -20.63 -47.00 -95.07
N LYS L 391 -20.77 -46.04 -94.17
CA LYS L 391 -22.05 -45.37 -93.95
C LYS L 391 -22.04 -44.06 -94.75
N VAL L 392 -23.04 -43.21 -94.56
CA VAL L 392 -23.20 -41.98 -95.32
C VAL L 392 -23.24 -40.81 -94.34
N ASP L 393 -22.87 -39.62 -94.83
CA ASP L 393 -22.75 -38.45 -93.98
C ASP L 393 -24.12 -37.98 -93.47
N ASN L 394 -24.09 -37.31 -92.33
CA ASN L 394 -25.27 -36.72 -91.71
C ASN L 394 -24.98 -35.28 -91.29
N GLY L 395 -24.37 -34.52 -92.21
CA GLY L 395 -23.94 -33.17 -91.94
C GLY L 395 -22.46 -33.06 -91.60
N ASP L 396 -22.04 -33.58 -90.45
CA ASP L 396 -20.62 -33.58 -90.12
C ASP L 396 -20.15 -34.95 -89.65
N THR L 397 -21.05 -35.70 -89.00
CA THR L 397 -20.85 -37.06 -88.50
C THR L 397 -19.91 -37.10 -87.30
N THR L 398 -19.28 -35.98 -86.98
CA THR L 398 -18.30 -35.88 -85.89
C THR L 398 -17.35 -37.07 -85.88
N ILE L 399 -17.00 -37.53 -87.10
CA ILE L 399 -16.22 -38.74 -87.33
C ILE L 399 -17.02 -39.97 -86.92
N ASP L 400 -16.99 -41.01 -87.76
CA ASP L 400 -17.77 -42.22 -87.54
C ASP L 400 -16.88 -43.44 -87.73
N TYR L 401 -17.38 -44.59 -87.29
CA TYR L 401 -16.66 -45.85 -87.45
C TYR L 401 -17.65 -47.00 -87.48
N ASN L 402 -17.48 -47.89 -88.46
CA ASN L 402 -18.26 -49.12 -88.55
C ASN L 402 -17.48 -50.28 -87.93
N SER L 403 -18.18 -51.36 -87.62
CA SER L 403 -17.57 -52.48 -86.92
C SER L 403 -17.72 -53.76 -87.72
N VAL L 404 -16.65 -54.55 -87.76
CA VAL L 404 -16.68 -55.88 -88.36
C VAL L 404 -15.93 -56.84 -87.44
N THR L 405 -16.58 -57.96 -87.12
CA THR L 405 -15.98 -59.00 -86.29
C THR L 405 -15.40 -60.08 -87.16
N VAL L 406 -14.15 -60.47 -86.90
CA VAL L 406 -13.44 -61.47 -87.68
C VAL L 406 -12.87 -62.52 -86.75
N TYR L 407 -13.16 -63.79 -87.04
CA TYR L 407 -12.61 -64.91 -86.30
C TYR L 407 -11.55 -65.62 -87.12
N HIS L 408 -10.51 -66.07 -86.43
CA HIS L 408 -9.36 -66.73 -87.05
C HIS L 408 -9.04 -68.01 -86.29
N ALA L 409 -8.55 -69.01 -87.01
CA ALA L 409 -8.23 -70.30 -86.42
C ALA L 409 -6.82 -70.72 -86.82
N ALA L 410 -6.18 -71.48 -85.94
CA ALA L 410 -4.83 -71.97 -86.16
C ALA L 410 -4.65 -73.32 -85.49
N LEU L 411 -3.71 -74.10 -86.02
CA LEU L 411 -3.39 -75.42 -85.51
C LEU L 411 -1.90 -75.50 -85.22
N ASN L 412 -1.57 -76.27 -84.18
CA ASN L 412 -0.19 -76.47 -83.77
C ASN L 412 0.22 -77.91 -84.03
N VAL L 413 1.48 -78.10 -84.44
CA VAL L 413 1.98 -79.39 -84.87
C VAL L 413 2.70 -80.13 -83.76
N GLU L 414 2.49 -79.75 -82.52
CA GLU L 414 3.15 -80.44 -81.42
C GLU L 414 2.17 -81.08 -80.45
N THR L 415 1.08 -80.39 -80.10
CA THR L 415 0.11 -80.90 -79.14
C THR L 415 -1.27 -81.13 -79.71
N GLY L 416 -1.58 -80.60 -80.89
CA GLY L 416 -2.90 -80.78 -81.45
C GLY L 416 -3.97 -79.88 -80.85
N ASN L 417 -3.59 -78.89 -80.06
CA ASN L 417 -4.55 -77.94 -79.54
C ASN L 417 -4.83 -76.87 -80.58
N LEU L 418 -6.10 -76.75 -80.96
CA LEU L 418 -6.52 -75.80 -81.99
C LEU L 418 -6.95 -74.50 -81.31
N ASP L 419 -6.54 -73.38 -81.87
CA ASP L 419 -6.81 -72.07 -81.26
C ASP L 419 -7.70 -71.24 -82.19
N VAL L 420 -8.59 -70.45 -81.59
CA VAL L 420 -9.49 -69.58 -82.33
C VAL L 420 -9.56 -68.24 -81.61
N GLY L 421 -9.47 -67.15 -82.37
CA GLY L 421 -9.51 -65.82 -81.82
C GLY L 421 -10.41 -64.89 -82.62
N ASN L 422 -10.61 -63.69 -82.08
CA ASN L 422 -11.48 -62.72 -82.70
C ASN L 422 -10.83 -61.34 -82.69
N LEU L 423 -11.28 -60.51 -83.63
CA LEU L 423 -10.81 -59.13 -83.78
C LEU L 423 -11.98 -58.29 -84.27
N THR L 424 -11.87 -56.98 -84.09
CA THR L 424 -12.91 -56.05 -84.55
C THR L 424 -12.27 -54.91 -85.31
N PHE L 425 -12.55 -54.82 -86.61
CA PHE L 425 -12.12 -53.69 -87.41
C PHE L 425 -13.11 -52.54 -87.29
N ASN L 426 -12.59 -51.32 -87.20
CA ASN L 426 -13.39 -50.11 -87.19
C ASN L 426 -13.15 -49.37 -88.51
N PHE L 427 -14.09 -49.51 -89.44
CA PHE L 427 -14.00 -48.96 -90.78
C PHE L 427 -14.39 -47.48 -90.77
N ARG L 428 -14.04 -46.81 -91.87
CA ARG L 428 -13.96 -45.36 -91.99
C ARG L 428 -15.32 -44.70 -91.75
N GLU L 429 -15.29 -43.37 -91.62
CA GLU L 429 -16.44 -42.56 -91.27
C GLU L 429 -17.59 -42.74 -92.25
N ASP L 430 -17.39 -42.30 -93.50
CA ASP L 430 -18.48 -42.24 -94.47
C ASP L 430 -18.00 -42.02 -95.89
N THR L 431 -18.49 -42.82 -96.83
CA THR L 431 -18.29 -42.65 -98.25
C THR L 431 -19.65 -42.49 -98.92
N GLY L 432 -19.66 -42.46 -100.26
CA GLY L 432 -20.93 -42.44 -100.95
C GLY L 432 -20.96 -41.80 -102.32
N THR L 433 -21.72 -42.41 -103.21
CA THR L 433 -22.06 -41.84 -104.51
C THR L 433 -23.29 -40.95 -104.30
N ASP L 434 -23.98 -40.56 -105.36
CA ASP L 434 -25.08 -39.62 -105.24
C ASP L 434 -26.26 -40.22 -104.49
N THR L 435 -26.05 -40.51 -103.21
CA THR L 435 -27.10 -40.97 -102.30
C THR L 435 -27.82 -42.19 -102.85
N ALA L 436 -27.07 -43.13 -103.44
CA ALA L 436 -27.64 -44.37 -103.93
C ALA L 436 -27.38 -45.55 -103.00
N TYR L 437 -26.11 -45.93 -102.83
CA TYR L 437 -25.77 -47.04 -101.93
C TYR L 437 -24.52 -46.84 -101.09
N GLY L 438 -23.58 -45.98 -101.49
CA GLY L 438 -22.34 -45.80 -100.76
C GLY L 438 -21.14 -46.01 -101.67
N SER L 439 -20.01 -46.37 -101.07
CA SER L 439 -18.78 -46.61 -101.81
C SER L 439 -17.85 -47.45 -100.95
N THR L 440 -16.82 -48.00 -101.59
CA THR L 440 -15.84 -48.84 -100.91
C THR L 440 -14.52 -48.75 -101.66
N THR L 441 -13.42 -48.85 -100.90
CA THR L 441 -12.06 -48.75 -101.45
C THR L 441 -11.23 -49.91 -100.94
N GLY L 442 -10.35 -50.44 -101.79
CA GLY L 442 -9.49 -51.55 -101.45
C GLY L 442 -8.11 -51.12 -100.99
N GLY L 443 -7.30 -52.13 -100.67
CA GLY L 443 -5.95 -51.94 -100.19
C GLY L 443 -5.48 -53.15 -99.42
N SER L 444 -4.25 -53.05 -98.89
CA SER L 444 -3.66 -54.09 -98.07
C SER L 444 -2.67 -53.44 -97.13
N PHE L 445 -2.58 -53.96 -95.91
CA PHE L 445 -1.69 -53.39 -94.91
C PHE L 445 -1.29 -54.48 -93.94
N ASP L 446 -0.18 -54.24 -93.22
CA ASP L 446 0.36 -55.20 -92.29
C ASP L 446 -0.14 -54.91 -90.87
N LEU L 447 -0.34 -55.97 -90.09
CA LEU L 447 -0.90 -55.85 -88.75
C LEU L 447 0.01 -56.54 -87.75
N LEU L 448 0.22 -55.88 -86.61
CA LEU L 448 1.03 -56.36 -85.50
C LEU L 448 0.15 -56.60 -84.28
N VAL L 449 0.53 -57.59 -83.47
CA VAL L 449 -0.23 -57.98 -82.29
C VAL L 449 0.71 -57.98 -81.09
N ALA L 450 0.14 -57.78 -79.90
CA ALA L 450 0.87 -57.93 -78.65
C ALA L 450 -0.07 -58.54 -77.61
N GLY L 451 0.28 -59.73 -77.16
CA GLY L 451 -0.59 -60.48 -76.27
C GLY L 451 -1.66 -61.23 -77.04
N GLY L 452 -2.49 -61.95 -76.28
CA GLY L 452 -3.49 -62.81 -76.89
C GLY L 452 -4.93 -62.45 -76.61
N GLY L 453 -5.20 -61.86 -75.44
CA GLY L 453 -6.56 -61.57 -75.03
C GLY L 453 -6.79 -61.89 -73.57
N GLU L 454 -7.94 -62.50 -73.24
CA GLU L 454 -8.21 -62.99 -71.89
C GLU L 454 -8.40 -64.50 -71.98
N ALA L 455 -7.28 -65.20 -72.12
CA ALA L 455 -7.15 -66.66 -72.12
C ALA L 455 -5.67 -66.93 -72.34
N ALA L 456 -5.30 -68.21 -72.28
CA ALA L 456 -3.93 -68.62 -72.54
C ALA L 456 -3.87 -69.42 -73.83
N THR L 457 -3.06 -68.95 -74.78
CA THR L 457 -2.84 -69.66 -76.03
C THR L 457 -1.75 -70.71 -75.84
N SER L 458 -1.66 -71.64 -76.80
CA SER L 458 -0.68 -72.71 -76.69
C SER L 458 0.74 -72.21 -76.92
N THR L 459 0.89 -70.98 -77.40
CA THR L 459 2.19 -70.37 -77.65
C THR L 459 2.42 -69.15 -76.76
N THR L 460 2.04 -69.23 -75.49
CA THR L 460 2.16 -68.09 -74.60
C THR L 460 3.32 -68.26 -73.63
N LYS L 461 4.09 -67.20 -73.44
CA LYS L 461 5.22 -67.23 -72.51
C LYS L 461 4.72 -67.43 -71.08
N LEU L 462 5.47 -68.23 -70.32
CA LEU L 462 5.08 -68.49 -68.93
C LEU L 462 5.26 -67.27 -68.04
N LYS L 463 6.01 -66.27 -68.46
CA LYS L 463 6.20 -65.06 -67.68
C LYS L 463 5.12 -64.03 -67.90
N ASP L 464 4.13 -64.34 -68.75
CA ASP L 464 3.02 -63.45 -69.01
C ASP L 464 1.72 -63.91 -68.35
N ILE L 465 1.79 -64.86 -67.41
CA ILE L 465 0.59 -65.32 -66.73
C ILE L 465 0.42 -64.56 -65.42
N SER L 466 -0.80 -64.13 -65.13
CA SER L 466 -1.06 -63.34 -63.94
C SER L 466 -0.79 -64.13 -62.66
N ARG L 467 -0.99 -65.45 -62.70
CA ARG L 467 -0.80 -66.28 -61.50
C ARG L 467 0.66 -66.36 -61.06
N PHE L 468 1.62 -65.99 -61.91
CA PHE L 468 3.03 -66.17 -61.59
C PHE L 468 3.69 -64.90 -61.05
N THR L 469 2.93 -64.06 -60.36
CA THR L 469 3.48 -62.91 -59.64
C THR L 469 2.68 -62.70 -58.36
N THR L 470 3.37 -62.31 -57.31
CA THR L 470 2.74 -62.16 -56.00
C THR L 470 2.03 -60.81 -55.91
N ASP L 471 1.56 -60.48 -54.70
CA ASP L 471 0.85 -59.23 -54.50
C ASP L 471 1.77 -58.02 -54.51
N ASP L 472 3.08 -58.23 -54.40
CA ASP L 472 4.04 -57.13 -54.33
C ASP L 472 4.66 -56.78 -55.68
N GLY L 473 4.23 -57.43 -56.76
CA GLY L 473 4.70 -57.09 -58.09
C GLY L 473 6.02 -57.70 -58.52
N VAL L 474 6.52 -58.72 -57.82
CA VAL L 474 7.73 -59.42 -58.24
C VAL L 474 7.34 -60.81 -58.72
N ASN L 475 7.75 -61.14 -59.95
CA ASN L 475 7.45 -62.45 -60.50
C ASN L 475 8.45 -63.49 -60.00
N ILE L 476 8.03 -64.75 -60.06
CA ILE L 476 8.81 -65.84 -59.48
C ILE L 476 10.08 -66.09 -60.29
N PHE L 477 9.98 -66.02 -61.62
CA PHE L 477 11.07 -66.41 -62.50
C PHE L 477 12.18 -65.37 -62.58
N ALA L 478 12.09 -64.25 -61.85
CA ALA L 478 13.12 -63.23 -61.93
C ALA L 478 14.48 -63.76 -61.44
N ALA L 479 14.47 -64.54 -60.36
CA ALA L 479 15.73 -64.98 -59.77
C ALA L 479 16.41 -66.05 -60.64
N GLY L 480 15.64 -67.03 -61.11
CA GLY L 480 16.21 -68.10 -61.88
C GLY L 480 15.23 -69.24 -62.13
N PRO L 481 15.73 -70.35 -62.66
CA PRO L 481 14.85 -71.49 -62.92
C PRO L 481 14.28 -72.06 -61.64
N GLN L 482 13.07 -72.59 -61.75
CA GLN L 482 12.36 -73.20 -60.64
C GLN L 482 12.45 -74.72 -60.75
N GLU L 483 12.39 -75.39 -59.60
CA GLU L 483 12.53 -76.83 -59.52
C GLU L 483 11.22 -77.47 -59.05
N LEU L 484 10.79 -78.51 -59.74
CA LEU L 484 9.56 -79.20 -59.38
C LEU L 484 9.83 -80.69 -59.30
N THR L 485 9.42 -81.32 -58.20
CA THR L 485 9.65 -82.73 -57.94
C THR L 485 8.32 -83.46 -57.93
N ILE L 486 8.29 -84.62 -58.58
CA ILE L 486 7.11 -85.47 -58.62
C ILE L 486 7.45 -86.77 -57.93
N PHE L 487 6.63 -87.15 -56.94
CA PHE L 487 6.82 -88.37 -56.17
C PHE L 487 5.69 -89.33 -56.46
N GLY L 488 6.04 -90.59 -56.76
CA GLY L 488 5.04 -91.59 -57.04
C GLY L 488 5.63 -92.91 -57.47
N ASN L 489 4.81 -93.97 -57.40
CA ASN L 489 5.23 -95.32 -57.81
C ASN L 489 6.45 -95.78 -57.00
N GLY L 490 6.60 -95.22 -55.80
CA GLY L 490 7.78 -95.49 -55.00
C GLY L 490 9.06 -94.96 -55.60
N SER L 491 9.03 -93.75 -56.17
CA SER L 491 10.20 -93.15 -56.77
C SER L 491 9.96 -91.65 -56.91
N SER L 492 10.97 -90.95 -57.42
CA SER L 492 10.91 -89.50 -57.55
C SER L 492 11.51 -89.06 -58.88
N ALA L 493 11.10 -87.88 -59.34
CA ALA L 493 11.62 -87.29 -60.56
C ALA L 493 11.67 -85.78 -60.39
N THR L 494 12.54 -85.14 -61.16
CA THR L 494 12.82 -83.71 -61.02
C THR L 494 12.82 -83.04 -62.37
N ILE L 495 12.21 -81.84 -62.45
CA ILE L 495 12.23 -81.03 -63.66
C ILE L 495 12.54 -79.59 -63.31
N TYR L 496 13.08 -78.87 -64.29
CA TYR L 496 13.44 -77.46 -64.17
C TYR L 496 12.60 -76.64 -65.13
N LEU L 497 12.23 -75.44 -64.70
CA LEU L 497 11.44 -74.52 -65.48
C LEU L 497 12.16 -73.19 -65.62
N GLU L 498 12.13 -72.61 -66.82
CA GLU L 498 12.76 -71.32 -67.09
C GLU L 498 11.67 -70.33 -67.50
N GLY L 499 12.05 -69.06 -67.53
CA GLY L 499 11.13 -68.00 -67.90
C GLY L 499 10.90 -67.82 -69.38
N ASP L 500 11.56 -68.60 -70.23
CA ASP L 500 11.36 -68.52 -71.67
C ASP L 500 10.44 -69.62 -72.21
N ASP L 501 10.00 -70.55 -71.36
CA ASP L 501 9.18 -71.66 -71.83
C ASP L 501 7.76 -71.23 -72.15
N THR L 502 7.04 -72.10 -72.86
CA THR L 502 5.61 -71.95 -73.10
C THR L 502 4.84 -73.16 -72.56
N VAL L 503 3.53 -73.14 -72.80
CA VAL L 503 2.66 -74.21 -72.28
C VAL L 503 3.03 -75.55 -72.90
N SER L 504 3.34 -75.56 -74.20
CA SER L 504 3.41 -76.81 -74.93
C SER L 504 4.57 -77.68 -74.48
N GLU L 505 5.78 -77.12 -74.43
CA GLU L 505 6.91 -77.92 -73.95
C GLU L 505 6.86 -78.13 -72.44
N PHE L 506 6.11 -77.31 -71.70
CA PHE L 506 5.78 -77.70 -70.34
C PHE L 506 4.99 -79.00 -70.30
N GLU L 507 3.97 -79.11 -71.15
CA GLU L 507 3.22 -80.37 -71.24
C GLU L 507 4.13 -81.52 -71.65
N THR L 508 5.01 -81.27 -72.62
CA THR L 508 5.91 -82.33 -73.06
C THR L 508 6.85 -82.76 -71.93
N LYS L 509 7.36 -81.81 -71.16
CA LYS L 509 8.23 -82.13 -70.04
C LYS L 509 7.50 -82.97 -69.00
N LEU L 510 6.27 -82.58 -68.67
CA LEU L 510 5.51 -83.34 -67.68
C LEU L 510 5.21 -84.75 -68.20
N SER L 511 4.88 -84.88 -69.48
CA SER L 511 4.62 -86.20 -70.06
C SER L 511 5.85 -87.08 -70.00
N SER L 512 7.02 -86.53 -70.35
CA SER L 512 8.26 -87.30 -70.28
C SER L 512 8.57 -87.70 -68.84
N ALA L 513 8.39 -86.77 -67.89
CA ALA L 513 8.67 -87.08 -66.49
C ALA L 513 7.78 -88.20 -65.97
N ILE L 514 6.49 -88.16 -66.31
CA ILE L 514 5.59 -89.22 -65.88
C ILE L 514 5.95 -90.53 -66.57
N LEU L 515 6.39 -90.46 -67.83
CA LEU L 515 6.80 -91.67 -68.54
C LEU L 515 8.05 -92.30 -67.94
N GLU L 516 8.95 -91.49 -67.37
CA GLU L 516 10.16 -92.06 -66.78
C GLU L 516 9.82 -92.87 -65.54
N LEU L 517 8.81 -92.45 -64.78
CA LEU L 517 8.45 -93.12 -63.53
C LEU L 517 7.90 -94.52 -63.74
N GLY L 518 7.57 -94.89 -64.97
CA GLY L 518 7.01 -96.18 -65.26
C GLY L 518 5.50 -96.26 -65.26
N MET L 519 4.80 -95.12 -65.17
CA MET L 519 3.35 -95.12 -65.19
C MET L 519 2.78 -95.14 -66.60
N GLY L 520 3.62 -95.17 -67.62
CA GLY L 520 3.17 -95.05 -68.99
C GLY L 520 2.49 -96.32 -69.49
N ALA L 521 2.20 -96.30 -70.79
CA ALA L 521 1.48 -97.39 -71.42
C ALA L 521 2.33 -98.66 -71.48
N THR L 522 1.66 -99.80 -71.46
CA THR L 522 2.35 -101.09 -71.52
C THR L 522 2.95 -101.31 -72.92
N ALA L 523 3.96 -102.18 -72.96
CA ALA L 523 4.62 -102.54 -74.21
C ALA L 523 3.75 -103.56 -74.93
N GLY L 524 2.85 -103.07 -75.78
CA GLY L 524 1.94 -103.92 -76.51
C GLY L 524 2.28 -104.14 -77.97
N THR L 525 3.46 -103.71 -78.42
CA THR L 525 3.88 -103.83 -79.82
C THR L 525 2.84 -103.22 -80.77
N SER L 526 2.29 -102.07 -80.38
CA SER L 526 1.21 -101.45 -81.11
C SER L 526 1.20 -99.95 -80.84
N ASP L 527 0.40 -99.23 -81.64
CA ASP L 527 0.30 -97.79 -81.49
C ASP L 527 -0.70 -97.37 -80.41
N GLU L 528 -1.37 -98.33 -79.78
CA GLU L 528 -2.18 -98.02 -78.61
C GLU L 528 -1.35 -97.29 -77.57
N ALA L 529 -0.11 -97.75 -77.36
CA ALA L 529 0.79 -97.09 -76.43
C ALA L 529 1.09 -95.67 -76.89
N ALA L 530 1.30 -95.47 -78.19
CA ALA L 530 1.57 -94.13 -78.70
C ALA L 530 0.42 -93.18 -78.41
N THR L 531 -0.81 -93.61 -78.72
CA THR L 531 -1.96 -92.76 -78.47
C THR L 531 -2.16 -92.48 -76.99
N VAL L 532 -2.01 -93.53 -76.16
CA VAL L 532 -2.22 -93.35 -74.72
C VAL L 532 -1.19 -92.37 -74.15
N ASN L 533 0.08 -92.54 -74.53
CA ASN L 533 1.11 -91.62 -74.07
C ASN L 533 0.89 -90.21 -74.59
N SER L 534 0.35 -90.09 -75.80
CA SER L 534 0.03 -88.76 -76.33
C SER L 534 -1.06 -88.08 -75.52
N ASN L 535 -2.07 -88.83 -75.08
CA ASN L 535 -3.24 -88.26 -74.42
C ASN L 535 -3.21 -88.47 -72.91
N LEU L 536 -2.06 -88.35 -72.25
CA LEU L 536 -1.99 -88.52 -70.80
C LEU L 536 -2.32 -87.21 -70.07
N VAL L 537 -1.50 -86.19 -70.26
CA VAL L 537 -1.67 -84.89 -69.60
C VAL L 537 -1.96 -83.86 -70.67
N ASN L 538 -3.06 -83.11 -70.50
CA ASN L 538 -3.59 -82.31 -71.60
C ASN L 538 -3.94 -80.90 -71.13
N TYR L 539 -3.90 -79.97 -72.09
CA TYR L 539 -4.33 -78.60 -71.92
C TYR L 539 -5.55 -78.35 -72.81
N VAL L 540 -6.51 -77.61 -72.29
CA VAL L 540 -7.75 -77.32 -73.01
C VAL L 540 -7.63 -75.94 -73.61
N SER L 541 -7.67 -75.86 -74.95
CA SER L 541 -7.63 -74.59 -75.63
C SER L 541 -9.05 -74.01 -75.70
N THR L 542 -9.20 -72.88 -76.40
CA THR L 542 -10.50 -72.22 -76.44
C THR L 542 -11.49 -72.96 -77.33
N GLY L 543 -11.02 -73.46 -78.47
CA GLY L 543 -11.92 -74.03 -79.46
C GLY L 543 -12.34 -75.47 -79.25
N ASP L 544 -11.71 -76.21 -78.34
CA ASP L 544 -12.02 -77.61 -78.12
C ASP L 544 -12.66 -77.83 -76.75
N VAL L 545 -13.53 -76.91 -76.34
CA VAL L 545 -14.26 -77.06 -75.09
C VAL L 545 -15.31 -78.15 -75.25
N THR L 546 -15.32 -79.11 -74.33
CA THR L 546 -16.26 -80.22 -74.37
C THR L 546 -17.14 -80.19 -73.13
N ASP L 547 -18.45 -80.24 -73.34
CA ASP L 547 -19.41 -80.05 -72.27
C ASP L 547 -19.69 -81.37 -71.54
N SER L 548 -19.95 -81.24 -70.24
CA SER L 548 -20.42 -82.34 -69.39
C SER L 548 -19.38 -83.48 -69.32
N SER L 549 -18.12 -83.12 -69.52
CA SER L 549 -17.04 -84.10 -69.44
C SER L 549 -15.92 -83.51 -68.60
N ASN L 550 -14.78 -84.21 -68.57
CA ASN L 550 -13.65 -83.75 -67.78
C ASN L 550 -13.03 -82.47 -68.33
N GLU L 551 -13.31 -82.12 -69.58
CA GLU L 551 -12.73 -80.95 -70.23
C GLU L 551 -13.73 -79.82 -70.40
N ALA L 552 -14.60 -79.61 -69.41
CA ALA L 552 -15.60 -78.56 -69.48
C ALA L 552 -15.04 -77.17 -69.27
N LEU L 553 -13.82 -77.06 -68.75
CA LEU L 553 -13.22 -75.77 -68.45
C LEU L 553 -11.99 -75.55 -69.32
N ALA L 554 -11.85 -74.34 -69.84
CA ALA L 554 -10.73 -73.96 -70.69
C ALA L 554 -9.63 -73.34 -69.85
N GLY L 555 -8.40 -73.41 -70.35
CA GLY L 555 -7.26 -72.87 -69.65
C GLY L 555 -6.91 -73.61 -68.37
N THR L 556 -7.08 -74.93 -68.38
CA THR L 556 -6.75 -75.77 -67.24
C THR L 556 -6.00 -77.00 -67.71
N PHE L 557 -5.24 -77.59 -66.79
CA PHE L 557 -4.48 -78.81 -67.06
C PHE L 557 -5.24 -80.00 -66.51
N VAL L 558 -5.29 -81.08 -67.28
CA VAL L 558 -5.90 -82.34 -66.86
C VAL L 558 -4.79 -83.39 -66.81
N ILE L 559 -4.65 -84.05 -65.65
CA ILE L 559 -3.59 -85.03 -65.43
C ILE L 559 -4.22 -86.37 -65.13
N GLN L 560 -3.81 -87.39 -65.89
CA GLN L 560 -4.28 -88.76 -65.72
C GLN L 560 -3.08 -89.70 -65.76
N THR L 561 -3.26 -90.87 -65.15
CA THR L 561 -2.22 -91.90 -65.12
C THR L 561 -2.79 -93.20 -65.67
N ALA L 562 -1.89 -94.06 -66.15
CA ALA L 562 -2.29 -95.28 -66.84
C ALA L 562 -2.29 -96.51 -65.94
N ARG L 563 -2.12 -96.34 -64.63
CA ARG L 563 -2.22 -97.44 -63.69
C ARG L 563 -3.40 -97.21 -62.73
N LEU L 564 -3.80 -98.27 -62.05
CA LEU L 564 -5.00 -98.24 -61.24
C LEU L 564 -4.67 -98.39 -59.76
N GLY L 565 -5.66 -98.03 -58.93
CA GLY L 565 -5.55 -98.21 -57.50
C GLY L 565 -4.61 -97.21 -56.84
N ASP L 566 -4.18 -97.55 -55.63
CA ASP L 566 -3.29 -96.68 -54.86
C ASP L 566 -1.96 -96.48 -55.57
N ASP L 567 -1.64 -97.33 -56.54
CA ASP L 567 -0.43 -97.15 -57.33
C ASP L 567 -0.46 -95.87 -58.15
N SER L 568 -1.65 -95.28 -58.36
CA SER L 568 -1.79 -94.16 -59.28
C SER L 568 -1.82 -92.81 -58.57
N LYS L 569 -1.55 -92.76 -57.27
CA LYS L 569 -1.51 -91.48 -56.56
C LYS L 569 -0.21 -90.75 -56.87
N LEU L 570 -0.32 -89.47 -57.21
CA LEU L 570 0.83 -88.63 -57.52
C LEU L 570 0.95 -87.51 -56.50
N SER L 571 2.19 -87.20 -56.13
CA SER L 571 2.47 -86.14 -55.17
C SER L 571 3.40 -85.11 -55.78
N PHE L 572 3.14 -83.84 -55.48
CA PHE L 572 3.88 -82.72 -56.03
C PHE L 572 4.64 -82.00 -54.92
N ILE L 573 5.92 -81.74 -55.15
CA ILE L 573 6.78 -81.09 -54.17
C ILE L 573 7.53 -79.95 -54.87
N GLY L 574 7.70 -78.83 -54.17
CA GLY L 574 8.45 -77.72 -54.72
C GLY L 574 8.35 -76.51 -53.83
N ASP L 575 8.69 -75.36 -54.40
CA ASP L 575 8.64 -74.11 -53.66
C ASP L 575 7.20 -73.70 -53.39
N GLN L 576 7.02 -72.92 -52.32
CA GLN L 576 5.67 -72.57 -51.88
C GLN L 576 4.93 -71.76 -52.92
N ASN L 577 5.59 -70.76 -53.52
CA ASN L 577 4.90 -69.88 -54.46
C ASN L 577 4.47 -70.63 -55.71
N LEU L 578 5.35 -71.47 -56.26
CA LEU L 578 5.00 -72.21 -57.47
C LEU L 578 3.87 -73.20 -57.21
N ILE L 579 3.93 -73.90 -56.07
CA ILE L 579 2.88 -74.86 -55.74
C ILE L 579 1.56 -74.15 -55.53
N ASN L 580 1.59 -73.00 -54.85
CA ASN L 580 0.36 -72.23 -54.64
C ASN L 580 -0.21 -71.74 -55.96
N ALA L 581 0.65 -71.30 -56.88
CA ALA L 581 0.19 -70.85 -58.18
C ALA L 581 -0.44 -72.00 -58.97
N LEU L 582 0.20 -73.17 -58.96
CA LEU L 582 -0.38 -74.33 -59.64
C LEU L 582 -1.72 -74.71 -59.05
N SER L 583 -1.76 -74.91 -57.73
CA SER L 583 -3.00 -75.12 -56.98
C SER L 583 -3.81 -76.28 -57.55
N LEU L 584 -3.22 -77.47 -57.52
CA LEU L 584 -3.89 -78.64 -58.03
C LEU L 584 -5.04 -79.06 -57.13
N ALA L 585 -5.96 -79.83 -57.70
CA ALA L 585 -7.12 -80.31 -56.97
C ALA L 585 -7.47 -81.70 -57.46
N THR L 586 -8.21 -82.44 -56.64
CA THR L 586 -8.59 -83.81 -56.94
C THR L 586 -10.02 -83.85 -57.43
N ILE L 587 -10.23 -84.45 -58.61
CA ILE L 587 -11.57 -84.66 -59.12
C ILE L 587 -11.93 -86.12 -59.28
N GLN L 588 -10.96 -87.02 -59.45
CA GLN L 588 -11.26 -88.45 -59.44
C GLN L 588 -10.21 -89.18 -58.62
N GLU L 589 -10.68 -90.09 -57.77
CA GLU L 589 -9.82 -90.92 -56.94
C GLU L 589 -9.96 -92.37 -57.37
N GLY L 590 -8.83 -93.08 -57.37
CA GLY L 590 -8.80 -94.44 -57.90
C GLY L 590 -9.45 -95.45 -56.98
N GLU L 591 -9.67 -96.63 -57.54
CA GLU L 591 -10.22 -97.77 -56.81
C GLU L 591 -9.37 -98.99 -57.10
N ASN L 592 -9.38 -99.95 -56.17
CA ASN L 592 -8.63 -101.17 -56.35
C ASN L 592 -9.41 -102.14 -57.25
N SER L 593 -8.80 -103.29 -57.49
CA SER L 593 -9.37 -104.31 -58.37
C SER L 593 -9.84 -105.51 -57.57
N GLU L 594 -10.47 -106.45 -58.29
CA GLU L 594 -10.95 -107.70 -57.71
C GLU L 594 -10.22 -108.85 -58.37
N THR L 595 -9.64 -109.73 -57.54
CA THR L 595 -8.77 -110.80 -58.01
C THR L 595 -9.35 -112.15 -57.61
N THR L 596 -9.46 -113.05 -58.58
CA THR L 596 -9.87 -114.43 -58.34
C THR L 596 -8.70 -115.35 -58.67
N ILE L 597 -8.32 -116.18 -57.70
CA ILE L 597 -7.12 -117.00 -57.78
C ILE L 597 -7.51 -118.46 -57.56
N LYS L 598 -7.01 -119.34 -58.42
CA LYS L 598 -7.26 -120.77 -58.33
C LYS L 598 -5.95 -121.52 -58.45
N VAL L 599 -5.58 -122.27 -57.41
CA VAL L 599 -4.29 -122.93 -57.36
C VAL L 599 -4.53 -124.44 -57.43
N THR L 600 -3.66 -125.14 -58.16
CA THR L 600 -3.75 -126.59 -58.31
C THR L 600 -2.34 -127.17 -58.41
N ASP L 601 -2.23 -128.46 -58.10
CA ASP L 601 -0.93 -129.12 -58.16
C ASP L 601 -0.48 -129.29 -59.59
N ALA L 602 0.83 -129.33 -59.79
CA ALA L 602 1.42 -129.29 -61.12
C ALA L 602 1.82 -130.65 -61.66
N HIS L 603 1.63 -131.72 -60.91
CA HIS L 603 1.98 -133.04 -61.42
C HIS L 603 0.84 -134.04 -61.32
N THR L 604 -0.15 -133.78 -60.46
CA THR L 604 -1.38 -134.56 -60.43
C THR L 604 -2.59 -133.76 -60.86
N GLY L 605 -2.77 -132.57 -60.30
CA GLY L 605 -3.80 -131.66 -60.75
C GLY L 605 -5.01 -131.54 -59.84
N LYS L 606 -5.01 -132.15 -58.67
CA LYS L 606 -6.16 -132.04 -57.79
C LYS L 606 -6.22 -130.67 -57.14
N PHE L 607 -7.44 -130.22 -56.85
CA PHE L 607 -7.67 -128.87 -56.36
C PHE L 607 -7.08 -128.67 -54.97
N ILE L 608 -6.61 -127.45 -54.71
CA ILE L 608 -6.08 -127.07 -53.40
C ILE L 608 -6.81 -125.88 -52.82
N GLY L 609 -6.79 -124.74 -53.52
CA GLY L 609 -7.37 -123.53 -52.97
C GLY L 609 -7.91 -122.63 -54.06
N SER L 610 -8.89 -121.83 -53.68
CA SER L 610 -9.44 -120.79 -54.53
C SER L 610 -9.92 -119.64 -53.66
N ASP L 611 -9.60 -118.42 -54.07
CA ASP L 611 -9.85 -117.24 -53.25
C ASP L 611 -10.23 -116.06 -54.12
N SER L 612 -10.87 -115.06 -53.50
CA SER L 612 -11.22 -113.80 -54.14
C SER L 612 -10.93 -112.67 -53.19
N VAL L 613 -10.12 -111.71 -53.62
CA VAL L 613 -9.65 -110.64 -52.78
C VAL L 613 -9.76 -109.30 -53.51
N ASN L 614 -9.53 -108.22 -52.76
CA ASN L 614 -9.56 -106.87 -53.31
C ASN L 614 -8.20 -106.17 -53.30
N ASP L 615 -7.26 -106.60 -52.46
CA ASP L 615 -5.97 -105.96 -52.34
C ASP L 615 -4.86 -106.72 -53.06
N SER L 616 -5.22 -107.71 -53.87
CA SER L 616 -4.25 -108.49 -54.64
C SER L 616 -3.22 -109.18 -53.74
N THR L 617 -3.69 -109.66 -52.59
CA THR L 617 -2.85 -110.40 -51.65
C THR L 617 -3.50 -111.76 -51.40
N LEU L 618 -2.73 -112.83 -51.55
CA LEU L 618 -3.23 -114.18 -51.29
C LEU L 618 -2.72 -114.62 -49.92
N ARG L 619 -3.61 -114.67 -48.94
CA ARG L 619 -3.24 -114.92 -47.56
C ARG L 619 -4.00 -116.11 -47.00
N GLY L 620 -3.27 -117.01 -46.33
CA GLY L 620 -3.88 -118.03 -45.51
C GLY L 620 -4.41 -119.25 -46.22
N VAL L 621 -4.10 -119.43 -47.50
CA VAL L 621 -4.51 -120.61 -48.23
C VAL L 621 -3.38 -121.63 -48.34
N ILE L 622 -2.14 -121.16 -48.43
CA ILE L 622 -0.96 -122.02 -48.36
C ILE L 622 -0.29 -121.75 -47.03
N GLN L 623 -0.05 -122.81 -46.26
CA GLN L 623 0.41 -122.66 -44.88
C GLN L 623 1.82 -122.10 -44.84
N GLY L 624 2.01 -121.02 -44.09
CA GLY L 624 3.33 -120.46 -43.88
C GLY L 624 3.79 -119.45 -44.90
N VAL L 625 3.00 -119.17 -45.92
CA VAL L 625 3.41 -118.30 -47.01
C VAL L 625 2.27 -117.35 -47.36
N ASP L 626 2.61 -116.08 -47.59
CA ASP L 626 1.70 -115.12 -48.18
C ASP L 626 2.27 -114.64 -49.50
N VAL L 627 1.42 -114.50 -50.51
CA VAL L 627 1.86 -114.29 -51.89
C VAL L 627 1.39 -112.91 -52.34
N LYS L 628 2.30 -112.17 -52.98
CA LYS L 628 2.02 -110.87 -53.57
C LYS L 628 2.00 -111.03 -55.09
N ILE L 629 0.90 -110.60 -55.71
CA ILE L 629 0.76 -110.63 -57.16
C ILE L 629 0.56 -109.21 -57.66
N ASP L 630 1.25 -108.87 -58.75
CA ASP L 630 1.33 -107.48 -59.19
C ASP L 630 -0.02 -106.97 -59.67
N SER L 631 -0.14 -105.65 -59.76
CA SER L 631 -1.38 -105.00 -60.15
C SER L 631 -1.46 -104.69 -61.64
N ASP L 632 -0.46 -105.06 -62.43
CA ASP L 632 -0.45 -104.79 -63.86
C ASP L 632 -0.51 -106.08 -64.67
N VAL L 633 -1.37 -107.01 -64.27
CA VAL L 633 -1.50 -108.30 -64.94
C VAL L 633 -2.88 -108.36 -65.59
N GLY L 634 -2.92 -108.72 -66.87
CA GLY L 634 -4.16 -108.94 -67.57
C GLY L 634 -5.07 -107.73 -67.70
N VAL L 635 -4.50 -106.58 -68.03
CA VAL L 635 -5.26 -105.34 -68.20
C VAL L 635 -4.92 -104.74 -69.55
N SER L 636 -5.94 -104.40 -70.32
CA SER L 636 -5.77 -103.72 -71.60
C SER L 636 -6.31 -102.31 -71.50
N ILE L 637 -5.55 -101.36 -72.03
CA ILE L 637 -5.85 -99.94 -71.89
C ILE L 637 -6.22 -99.38 -73.26
N SER L 638 -7.30 -98.60 -73.31
CA SER L 638 -7.74 -97.97 -74.53
C SER L 638 -8.16 -96.54 -74.24
N TRP L 639 -8.14 -95.71 -75.27
CA TRP L 639 -8.48 -94.29 -75.17
C TRP L 639 -9.68 -93.98 -76.03
N ASN L 640 -10.66 -93.28 -75.43
CA ASN L 640 -11.85 -92.85 -76.14
C ASN L 640 -11.79 -91.33 -76.30
N SER L 641 -11.44 -90.87 -77.50
CA SER L 641 -11.41 -89.45 -77.79
C SER L 641 -12.81 -88.84 -77.92
N THR L 642 -13.80 -89.65 -78.29
CA THR L 642 -15.17 -89.13 -78.39
C THR L 642 -15.69 -88.69 -77.03
N LYS L 643 -15.48 -89.51 -75.99
CA LYS L 643 -15.79 -89.12 -74.63
C LYS L 643 -14.59 -88.62 -73.85
N LYS L 644 -13.38 -88.68 -74.45
CA LYS L 644 -12.17 -88.13 -73.84
C LYS L 644 -11.87 -88.79 -72.49
N THR L 645 -11.90 -90.12 -72.48
CA THR L 645 -11.72 -90.88 -71.25
C THR L 645 -10.83 -92.09 -71.49
N MET L 646 -10.37 -92.67 -70.39
CA MET L 646 -9.68 -93.95 -70.41
C MET L 646 -10.69 -95.09 -70.34
N GLU L 647 -10.28 -96.26 -70.82
CA GLU L 647 -11.04 -97.48 -70.64
C GLU L 647 -10.08 -98.62 -70.32
N PHE L 648 -10.31 -99.29 -69.20
CA PHE L 648 -9.52 -100.44 -68.81
C PHE L 648 -10.39 -101.69 -68.92
N SER L 649 -9.84 -102.74 -69.50
CA SER L 649 -10.64 -103.91 -69.81
C SER L 649 -9.85 -105.18 -69.53
N ALA L 650 -10.58 -106.26 -69.32
CA ALA L 650 -9.98 -107.56 -69.11
C ALA L 650 -9.45 -108.12 -70.43
N THR L 651 -8.38 -108.91 -70.32
CA THR L 651 -7.75 -109.47 -71.51
C THR L 651 -8.67 -110.45 -72.22
N GLY L 652 -9.35 -111.30 -71.47
CA GLY L 652 -10.17 -112.35 -72.04
C GLY L 652 -9.53 -113.72 -72.01
N GLU L 653 -8.27 -113.83 -71.58
CA GLU L 653 -7.57 -115.09 -71.50
C GLU L 653 -6.89 -115.20 -70.15
N SER L 654 -6.54 -116.42 -69.77
CA SER L 654 -6.01 -116.67 -68.44
C SER L 654 -4.48 -116.53 -68.41
N GLU L 655 -3.94 -116.46 -67.20
CA GLU L 655 -2.50 -116.39 -66.97
C GLU L 655 -2.10 -117.50 -66.00
N ASP L 656 -0.93 -118.08 -66.24
CA ASP L 656 -0.43 -119.18 -65.41
C ASP L 656 0.98 -118.87 -64.94
N ILE L 657 1.22 -119.05 -63.64
CA ILE L 657 2.55 -118.92 -63.06
C ILE L 657 2.80 -120.17 -62.22
N LYS L 658 4.08 -120.51 -62.07
CA LYS L 658 4.48 -121.71 -61.35
C LYS L 658 5.44 -121.35 -60.23
N LEU L 659 5.29 -122.02 -59.09
CA LEU L 659 6.03 -121.69 -57.88
C LEU L 659 6.68 -122.94 -57.32
N HIS L 660 7.93 -122.80 -56.87
CA HIS L 660 8.69 -123.91 -56.31
C HIS L 660 9.09 -123.58 -54.88
N LEU L 661 8.96 -124.55 -53.99
CA LEU L 661 9.11 -124.30 -52.56
C LEU L 661 9.66 -125.55 -51.88
N VAL L 662 10.50 -125.36 -50.87
CA VAL L 662 11.07 -126.47 -50.12
C VAL L 662 11.33 -126.00 -48.68
N ASP L 663 11.41 -126.96 -47.76
CA ASP L 663 11.59 -126.67 -46.35
C ASP L 663 13.06 -126.80 -45.94
N ASN L 664 13.49 -125.93 -45.02
CA ASN L 664 14.86 -125.90 -44.56
C ASN L 664 14.94 -125.68 -43.04
N ALA L 665 13.98 -126.23 -42.29
CA ALA L 665 13.89 -126.01 -40.86
C ALA L 665 15.14 -126.46 -40.11
N MET L 666 15.26 -126.05 -38.85
CA MET L 666 16.45 -126.32 -38.05
C MET L 666 16.17 -127.43 -37.06
N GLU L 667 17.09 -128.40 -36.98
CA GLU L 667 16.99 -129.52 -36.06
C GLU L 667 18.05 -129.41 -34.97
N MET L 668 17.74 -129.98 -33.80
CA MET L 668 18.69 -130.01 -32.70
C MET L 668 18.61 -131.37 -32.02
N GLN L 669 19.72 -132.10 -32.01
CA GLN L 669 19.78 -133.36 -31.28
C GLN L 669 19.87 -133.08 -29.79
N ILE L 670 18.96 -133.69 -29.03
CA ILE L 670 18.87 -133.42 -27.60
C ILE L 670 18.82 -134.73 -26.82
N GLY L 671 19.11 -135.84 -27.51
CA GLY L 671 19.04 -137.14 -26.86
C GLY L 671 20.19 -138.07 -27.20
N ALA L 672 20.27 -139.20 -26.49
CA ALA L 672 21.30 -140.20 -26.71
C ALA L 672 20.79 -141.41 -27.47
N ASN L 673 19.61 -141.29 -28.08
CA ASN L 673 19.03 -142.38 -28.85
C ASN L 673 18.30 -141.80 -30.05
N GLU L 674 18.09 -142.65 -31.05
CA GLU L 674 17.44 -142.21 -32.28
C GLU L 674 15.97 -141.91 -32.01
N GLY L 675 15.54 -140.70 -32.36
CA GLY L 675 14.13 -140.38 -32.31
C GLY L 675 13.75 -139.04 -31.70
N GLN L 676 14.49 -138.60 -30.68
CA GLN L 676 14.16 -137.38 -29.96
C GLN L 676 14.98 -136.22 -30.49
N THR L 677 14.30 -135.19 -30.98
CA THR L 677 14.94 -133.99 -31.50
C THR L 677 14.11 -132.78 -31.07
N ILE L 678 14.66 -131.60 -31.31
CA ILE L 678 13.98 -130.34 -31.05
C ILE L 678 13.96 -129.55 -32.36
N LEU L 679 12.78 -129.09 -32.76
CA LEU L 679 12.66 -128.29 -33.96
C LEU L 679 12.80 -126.81 -33.62
N ALA L 680 13.32 -126.05 -34.59
CA ALA L 680 13.49 -124.61 -34.42
C ALA L 680 13.46 -123.93 -35.77
N ASN L 681 12.82 -122.76 -35.82
CA ASN L 681 12.78 -121.94 -37.01
C ASN L 681 12.75 -120.47 -36.61
N ILE L 682 13.22 -119.61 -37.52
CA ILE L 682 13.28 -118.17 -37.29
C ILE L 682 12.50 -117.48 -38.39
N PRO L 683 11.35 -116.86 -38.09
CA PRO L 683 10.58 -116.19 -39.14
C PRO L 683 11.37 -115.06 -39.78
N GLN L 684 11.19 -114.91 -41.09
CA GLN L 684 11.94 -113.92 -41.84
C GLN L 684 11.46 -112.52 -41.49
N VAL L 685 12.40 -111.60 -41.33
CA VAL L 685 12.11 -110.22 -40.94
C VAL L 685 12.82 -109.28 -41.89
N ASP L 686 12.07 -108.35 -42.49
CA ASP L 686 12.63 -107.28 -43.30
C ASP L 686 11.59 -106.17 -43.39
N THR L 687 11.88 -105.16 -44.21
CA THR L 687 10.91 -104.08 -44.41
C THR L 687 9.68 -104.58 -45.16
N THR L 688 9.88 -105.56 -46.05
CA THR L 688 8.75 -106.10 -46.82
C THR L 688 7.75 -106.82 -45.91
N SER L 689 8.25 -107.61 -44.97
CA SER L 689 7.37 -108.38 -44.10
C SER L 689 6.53 -107.46 -43.20
N LEU L 690 7.16 -106.44 -42.64
CA LEU L 690 6.43 -105.48 -41.80
C LEU L 690 5.49 -104.58 -42.59
N GLY L 691 5.61 -104.57 -43.92
CA GLY L 691 4.71 -103.78 -44.75
C GLY L 691 4.85 -102.28 -44.60
N ILE L 692 6.09 -101.78 -44.53
CA ILE L 692 6.34 -100.34 -44.46
C ILE L 692 7.19 -99.94 -45.65
N ASP L 693 7.08 -100.70 -46.75
CA ASP L 693 7.87 -100.41 -47.94
C ASP L 693 7.45 -99.09 -48.58
N ASP L 694 6.16 -98.79 -48.58
CA ASP L 694 5.60 -97.67 -49.33
C ASP L 694 5.17 -96.58 -48.35
N ILE L 695 6.03 -96.31 -47.38
CA ILE L 695 5.78 -95.24 -46.41
C ILE L 695 6.30 -93.93 -46.98
N LEU L 696 5.42 -92.93 -47.06
CA LEU L 696 5.76 -91.61 -47.58
C LEU L 696 5.28 -90.53 -46.62
N MET L 697 6.09 -89.47 -46.48
CA MET L 697 5.68 -88.25 -45.77
C MET L 697 6.09 -87.06 -46.64
N VAL L 698 5.22 -86.69 -47.56
CA VAL L 698 5.45 -85.56 -48.46
C VAL L 698 4.33 -84.55 -48.26
N ASP L 699 3.11 -85.03 -48.07
CA ASP L 699 1.95 -84.21 -47.83
C ASP L 699 1.38 -84.50 -46.44
N GLN L 700 0.33 -83.77 -46.07
CA GLN L 700 -0.30 -83.92 -44.76
C GLN L 700 -1.44 -84.94 -44.81
N GLU L 701 -1.17 -86.13 -45.34
CA GLU L 701 -2.18 -87.18 -45.43
C GLU L 701 -1.70 -88.58 -45.09
N LEU L 702 -0.39 -88.83 -45.03
CA LEU L 702 0.11 -90.19 -44.89
C LEU L 702 0.68 -90.49 -43.50
N ALA L 703 0.85 -89.49 -42.65
CA ALA L 703 1.46 -89.70 -41.34
C ALA L 703 0.62 -90.62 -40.46
N GLN L 704 -0.71 -90.54 -40.58
CA GLN L 704 -1.59 -91.40 -39.79
C GLN L 704 -1.37 -92.87 -40.15
N GLU L 705 -1.39 -93.17 -41.45
CA GLU L 705 -1.11 -94.54 -41.89
C GLU L 705 0.28 -94.98 -41.46
N SER L 706 1.24 -94.05 -41.49
CA SER L 706 2.59 -94.35 -41.02
C SER L 706 2.58 -94.79 -39.56
N ILE L 707 1.84 -94.05 -38.72
CA ILE L 707 1.77 -94.40 -37.30
C ILE L 707 1.16 -95.78 -37.12
N THR L 708 0.07 -96.07 -37.85
CA THR L 708 -0.56 -97.39 -37.72
C THR L 708 0.39 -98.51 -38.12
N LYS L 709 1.10 -98.33 -39.25
CA LYS L 709 2.04 -99.34 -39.70
C LYS L 709 3.15 -99.55 -38.69
N LEU L 710 3.66 -98.46 -38.12
CA LEU L 710 4.73 -98.57 -37.13
C LEU L 710 4.25 -99.32 -35.88
N ASP L 711 3.02 -99.06 -35.44
CA ASP L 711 2.49 -99.76 -34.28
C ASP L 711 2.40 -101.26 -34.54
N LYS L 712 1.84 -101.65 -35.68
CA LYS L 712 1.70 -103.08 -35.94
C LYS L 712 3.06 -103.76 -36.18
N ALA L 713 4.02 -103.02 -36.74
CA ALA L 713 5.37 -103.58 -36.87
C ALA L 713 5.99 -103.84 -35.51
N LEU L 714 5.82 -102.90 -34.57
CA LEU L 714 6.31 -103.13 -33.22
C LEU L 714 5.66 -104.35 -32.59
N GLU L 715 4.35 -104.52 -32.82
CA GLU L 715 3.65 -105.70 -32.31
C GLU L 715 4.25 -106.99 -32.86
N THR L 716 4.53 -107.01 -34.16
CA THR L 716 5.11 -108.22 -34.76
C THR L 716 6.48 -108.54 -34.17
N VAL L 717 7.32 -107.52 -34.00
CA VAL L 717 8.65 -107.75 -33.42
C VAL L 717 8.54 -108.28 -32.00
N SER L 718 7.61 -107.71 -31.20
CA SER L 718 7.41 -108.19 -29.85
C SER L 718 6.99 -109.65 -29.83
N GLY L 719 6.09 -110.03 -30.74
CA GLY L 719 5.68 -111.43 -30.82
C GLY L 719 6.83 -112.36 -31.13
N VAL L 720 7.68 -111.97 -32.09
CA VAL L 720 8.84 -112.81 -32.43
C VAL L 720 9.75 -112.98 -31.22
N ARG L 721 10.04 -111.88 -30.51
CA ARG L 721 10.92 -111.98 -29.35
C ARG L 721 10.31 -112.85 -28.25
N ALA L 722 8.99 -112.77 -28.06
CA ALA L 722 8.35 -113.63 -27.08
C ALA L 722 8.52 -115.11 -27.44
N THR L 723 8.35 -115.44 -28.72
CA THR L 723 8.52 -116.82 -29.15
C THR L 723 9.93 -117.32 -28.88
N ILE L 724 10.94 -116.51 -29.23
CA ILE L 724 12.32 -116.95 -29.05
C ILE L 724 12.65 -117.11 -27.57
N GLY L 725 12.14 -116.21 -26.73
CA GLY L 725 12.34 -116.36 -25.30
C GLY L 725 11.72 -117.63 -24.76
N ALA L 726 10.53 -117.99 -25.24
CA ALA L 726 9.90 -119.24 -24.82
C ALA L 726 10.78 -120.43 -25.18
N GLN L 727 11.30 -120.46 -26.41
CA GLN L 727 12.14 -121.59 -26.80
C GLN L 727 13.39 -121.68 -25.92
N ILE L 728 14.04 -120.54 -25.66
CA ILE L 728 15.28 -120.59 -24.90
C ILE L 728 15.02 -121.03 -23.46
N ASN L 729 13.88 -120.62 -22.89
CA ASN L 729 13.54 -121.06 -21.53
C ASN L 729 13.30 -122.57 -21.50
N ARG L 730 12.60 -123.11 -22.50
CA ARG L 730 12.38 -124.55 -22.52
C ARG L 730 13.69 -125.31 -22.64
N LEU L 731 14.61 -124.84 -23.48
CA LEU L 731 15.90 -125.51 -23.59
C LEU L 731 16.68 -125.43 -22.28
N GLU L 732 16.63 -124.28 -21.61
CA GLU L 732 17.34 -124.15 -20.33
C GLU L 732 16.78 -125.12 -19.31
N TYR L 733 15.45 -125.26 -19.25
CA TYR L 733 14.87 -126.25 -18.32
C TYR L 733 15.29 -127.68 -18.68
N THR L 734 15.33 -128.02 -19.96
CA THR L 734 15.71 -129.39 -20.28
C THR L 734 17.20 -129.66 -20.14
N MET L 735 18.01 -128.60 -19.93
CA MET L 735 19.45 -128.78 -19.74
C MET L 735 19.77 -129.72 -18.57
N THR L 736 19.22 -129.45 -17.38
CA THR L 736 19.77 -130.01 -16.15
C THR L 736 19.48 -131.50 -15.95
N GLY L 737 18.38 -131.99 -16.53
CA GLY L 737 18.04 -133.39 -16.39
C GLY L 737 19.11 -134.30 -16.94
N LEU L 738 19.78 -133.89 -18.02
CA LEU L 738 20.85 -134.68 -18.59
C LEU L 738 21.98 -134.88 -17.59
N ASP L 739 22.38 -133.80 -16.90
CA ASP L 739 23.45 -133.91 -15.91
C ASP L 739 23.03 -134.76 -14.72
N THR L 740 21.79 -134.59 -14.26
CA THR L 740 21.33 -135.40 -13.13
C THR L 740 21.33 -136.89 -13.50
N THR L 741 20.84 -137.21 -14.69
CA THR L 741 20.84 -138.60 -15.15
C THR L 741 22.25 -139.12 -15.33
N ARG L 742 23.17 -138.26 -15.80
CA ARG L 742 24.58 -138.65 -15.89
C ARG L 742 25.11 -139.06 -14.53
N GLU L 743 24.85 -138.24 -13.50
CA GLU L 743 25.34 -138.56 -12.17
C GLU L 743 24.76 -139.88 -11.67
N ASN L 744 23.45 -140.06 -11.84
CA ASN L 744 22.83 -141.29 -11.33
C ASN L 744 23.33 -142.52 -12.06
N LEU L 745 23.50 -142.43 -13.38
CA LEU L 745 23.97 -143.59 -14.14
C LEU L 745 25.44 -143.88 -13.90
N THR L 746 26.27 -142.85 -13.70
CA THR L 746 27.67 -143.12 -13.37
C THR L 746 27.82 -143.65 -11.96
N ALA L 747 26.86 -143.35 -11.07
CA ALA L 747 26.83 -144.01 -9.78
C ALA L 747 26.40 -145.47 -9.91
N ALA L 748 25.42 -145.74 -10.77
CA ALA L 748 24.95 -147.10 -10.96
C ALA L 748 26.00 -147.99 -11.60
N GLU L 749 26.65 -147.50 -12.66
CA GLU L 749 27.63 -148.32 -13.36
C GLU L 749 28.85 -148.59 -12.48
N SER L 750 29.24 -147.63 -11.65
CA SER L 750 30.41 -147.80 -10.81
C SER L 750 30.05 -148.61 -9.57
N ARG L 751 29.43 -149.77 -9.78
CA ARG L 751 29.17 -150.74 -8.73
C ARG L 751 29.63 -152.13 -9.12
N ILE L 752 30.14 -152.30 -10.35
CA ILE L 752 30.68 -153.56 -10.83
C ILE L 752 32.13 -153.36 -11.29
N ARG L 753 32.82 -152.37 -10.72
CA ARG L 753 34.17 -152.05 -11.18
C ARG L 753 35.24 -152.81 -10.40
N ASP L 754 35.28 -152.61 -9.08
CA ASP L 754 36.26 -153.29 -8.25
C ASP L 754 35.76 -153.33 -6.82
N LEU L 755 36.11 -154.41 -6.12
CA LEU L 755 35.72 -154.57 -4.72
C LEU L 755 36.54 -153.62 -3.84
N ASP L 756 36.20 -153.58 -2.55
CA ASP L 756 37.00 -152.86 -1.58
C ASP L 756 38.37 -153.54 -1.48
N ILE L 757 39.43 -152.74 -1.35
CA ILE L 757 40.77 -153.33 -1.39
C ILE L 757 41.02 -154.34 -0.29
N ALA L 758 40.35 -154.19 0.85
CA ALA L 758 40.69 -154.98 2.03
C ALA L 758 40.49 -156.47 1.79
N ASP L 759 39.43 -156.86 1.07
CA ASP L 759 39.19 -158.30 0.91
C ASP L 759 40.22 -158.96 0.01
N GLU L 760 40.62 -158.32 -1.10
CA GLU L 760 41.66 -158.93 -1.91
C GLU L 760 43.03 -158.86 -1.23
N MET L 761 43.27 -157.83 -0.41
CA MET L 761 44.51 -157.88 0.38
C MET L 761 44.47 -159.05 1.38
N ALA L 762 43.31 -159.29 1.99
CA ALA L 762 43.18 -160.42 2.91
C ALA L 762 43.40 -161.74 2.19
N LYS L 763 42.81 -161.88 0.99
CA LYS L 763 43.03 -163.09 0.20
C LYS L 763 44.49 -163.24 -0.16
N PHE L 764 45.15 -162.13 -0.53
CA PHE L 764 46.55 -162.17 -0.90
C PHE L 764 47.42 -162.65 0.24
N THR L 765 47.21 -162.08 1.44
CA THR L 765 48.04 -162.47 2.58
C THR L 765 47.74 -163.91 3.00
N LYS L 766 46.47 -164.34 2.93
CA LYS L 766 46.15 -165.72 3.25
C LYS L 766 46.85 -166.68 2.30
N ASN L 767 46.76 -166.43 0.99
CA ASN L 767 47.38 -167.32 0.02
C ASN L 767 48.90 -167.31 0.16
N GLN L 768 49.50 -166.13 0.40
CA GLN L 768 50.94 -166.03 0.51
C GLN L 768 51.44 -166.76 1.76
N ILE L 769 50.68 -166.70 2.86
CA ILE L 769 51.07 -167.43 4.06
C ILE L 769 50.92 -168.93 3.84
N LEU L 770 49.86 -169.34 3.13
CA LEU L 770 49.63 -170.77 2.92
C LEU L 770 50.65 -171.38 1.97
N ALA L 771 51.19 -170.59 1.03
CA ALA L 771 52.14 -171.11 0.06
C ALA L 771 53.43 -171.58 0.71
N GLN L 772 53.95 -170.81 1.68
CA GLN L 772 55.21 -171.21 2.32
C GLN L 772 55.05 -172.47 3.14
N SER L 773 53.90 -172.62 3.83
CA SER L 773 53.63 -173.87 4.51
C SER L 773 53.58 -175.03 3.52
N ASN L 774 52.96 -174.81 2.36
CA ASN L 774 52.92 -175.84 1.33
C ASN L 774 54.33 -176.26 0.91
N ILE L 775 55.20 -175.29 0.62
CA ILE L 775 56.51 -175.63 0.08
C ILE L 775 57.37 -176.30 1.16
N SER L 776 57.24 -175.84 2.41
CA SER L 776 57.98 -176.48 3.50
C SER L 776 57.55 -177.92 3.69
N MET L 777 56.24 -178.18 3.69
CA MET L 777 55.75 -179.55 3.85
C MET L 777 56.18 -180.40 2.66
N LEU L 778 56.17 -179.84 1.45
CA LEU L 778 56.65 -180.58 0.28
C LEU L 778 58.11 -180.96 0.42
N ALA L 779 58.95 -180.02 0.86
CA ALA L 779 60.37 -180.32 1.03
C ALA L 779 60.57 -181.43 2.05
N GLN L 780 59.87 -181.34 3.19
CA GLN L 780 59.99 -182.37 4.20
C GLN L 780 59.52 -183.72 3.68
N ALA L 781 58.41 -183.74 2.92
CA ALA L 781 57.89 -184.99 2.39
C ALA L 781 58.86 -185.63 1.40
N ASN L 782 59.47 -184.84 0.53
CA ASN L 782 60.45 -185.39 -0.40
C ASN L 782 61.69 -185.90 0.34
N SER L 783 62.12 -185.18 1.38
CA SER L 783 63.30 -185.61 2.11
C SER L 783 63.05 -186.87 2.93
N LEU L 784 61.80 -187.11 3.32
CA LEU L 784 61.48 -188.19 4.25
C LEU L 784 61.88 -189.58 3.75
N PRO L 785 61.35 -190.08 2.62
CA PRO L 785 61.34 -191.55 2.39
C PRO L 785 62.70 -192.23 2.36
N GLN L 786 63.57 -191.82 1.44
CA GLN L 786 64.76 -192.60 1.13
C GLN L 786 65.78 -192.53 2.27
N MET L 787 65.86 -191.39 2.95
CA MET L 787 66.87 -191.22 4.00
C MET L 787 66.65 -192.19 5.15
N ALA L 788 65.40 -192.37 5.57
CA ALA L 788 65.11 -193.29 6.68
C ALA L 788 65.08 -194.75 6.24
N LEU L 789 65.03 -195.03 4.94
CA LEU L 789 64.98 -196.39 4.43
C LEU L 789 66.34 -196.95 4.05
N SER L 790 67.27 -196.09 3.64
CA SER L 790 68.56 -196.57 3.13
C SER L 790 69.36 -197.36 4.16
N LEU L 791 69.04 -197.23 5.45
CA LEU L 791 69.69 -197.97 6.51
C LEU L 791 69.21 -199.42 6.60
N LEU L 792 68.46 -199.90 5.60
CA LEU L 792 67.95 -201.27 5.64
C LEU L 792 69.08 -202.28 5.56
N GLY L 793 70.19 -201.91 4.93
CA GLY L 793 71.32 -202.81 4.78
C GLY L 793 72.00 -202.70 3.43
N ALA M 2 17.52 -14.27 -25.60
CA ALA M 2 18.96 -14.34 -25.32
C ALA M 2 19.31 -13.47 -24.12
N MET M 3 19.55 -14.12 -22.98
CA MET M 3 19.77 -13.45 -21.72
C MET M 3 21.26 -13.40 -21.38
N TYR M 4 21.74 -12.20 -21.07
CA TYR M 4 23.12 -11.94 -20.70
C TYR M 4 23.13 -11.35 -19.29
N ILE M 5 24.30 -10.87 -18.87
CA ILE M 5 24.44 -10.15 -17.62
C ILE M 5 25.03 -8.77 -17.92
N ASN M 6 24.39 -7.74 -17.38
CA ASN M 6 24.88 -6.36 -17.46
C ASN M 6 25.11 -5.93 -18.91
N THR M 7 24.02 -5.94 -19.69
CA THR M 7 24.01 -5.53 -21.10
C THR M 7 22.78 -4.69 -21.38
N ASN M 8 22.30 -3.98 -20.36
CA ASN M 8 20.98 -3.34 -20.36
C ASN M 8 21.02 -2.05 -21.18
N VAL M 9 20.91 -2.22 -22.52
CA VAL M 9 20.80 -1.07 -23.40
C VAL M 9 19.47 -0.35 -23.30
N PRO M 10 18.33 -0.99 -22.99
CA PRO M 10 17.10 -0.20 -22.77
C PRO M 10 17.26 0.83 -21.67
N SER M 11 18.03 0.51 -20.63
CA SER M 11 18.32 1.50 -19.60
C SER M 11 19.04 2.71 -20.19
N LEU M 12 20.01 2.46 -21.08
CA LEU M 12 20.73 3.56 -21.70
C LEU M 12 19.80 4.43 -22.55
N THR M 13 18.94 3.80 -23.34
CA THR M 13 18.02 4.57 -24.19
C THR M 13 17.06 5.40 -23.33
N ALA M 14 16.53 4.79 -22.26
CA ALA M 14 15.65 5.51 -21.36
C ALA M 14 16.38 6.68 -20.70
N GLN M 15 17.64 6.48 -20.33
CA GLN M 15 18.43 7.56 -19.75
C GLN M 15 18.58 8.71 -20.74
N ARG M 16 18.85 8.39 -22.01
CA ARG M 16 18.98 9.43 -23.03
C ARG M 16 17.69 10.25 -23.16
N TYR M 17 16.56 9.55 -23.27
CA TYR M 17 15.29 10.25 -23.45
C TYR M 17 14.94 11.07 -22.21
N LEU M 18 15.22 10.54 -21.02
CA LEU M 18 14.99 11.30 -19.79
C LEU M 18 15.83 12.55 -19.74
N GLY M 19 17.10 12.46 -20.15
CA GLY M 19 17.94 13.64 -20.19
C GLY M 19 17.41 14.70 -21.12
N GLU M 20 16.98 14.28 -22.32
CA GLU M 20 16.41 15.24 -23.25
C GLU M 20 15.17 15.92 -22.68
N THR M 21 14.29 15.12 -22.05
CA THR M 21 13.08 15.69 -21.47
C THR M 21 13.40 16.69 -20.37
N ASN M 22 14.38 16.36 -19.52
CA ASN M 22 14.76 17.27 -18.44
C ASN M 22 15.32 18.57 -18.98
N ASN M 23 16.15 18.49 -20.03
CA ASN M 23 16.68 19.71 -20.64
C ASN M 23 15.55 20.58 -21.19
N ALA M 24 14.59 19.96 -21.88
CA ALA M 24 13.46 20.73 -22.41
C ALA M 24 12.66 21.39 -21.28
N VAL M 25 12.44 20.66 -20.18
CA VAL M 25 11.69 21.22 -19.06
C VAL M 25 12.44 22.42 -18.48
N SER M 26 13.75 22.30 -18.31
CA SER M 26 14.53 23.39 -17.74
C SER M 26 14.46 24.64 -18.62
N LYS M 27 14.63 24.48 -19.93
CA LYS M 27 14.61 25.65 -20.80
C LYS M 27 13.22 26.28 -20.84
N SER M 28 12.17 25.46 -20.85
CA SER M 28 10.81 25.99 -20.84
C SER M 28 10.55 26.78 -19.56
N LEU M 29 10.96 26.24 -18.41
CA LEU M 29 10.75 26.95 -17.15
C LEU M 29 11.52 28.26 -17.11
N GLU M 30 12.76 28.26 -17.63
CA GLU M 30 13.53 29.50 -17.66
C GLU M 30 12.83 30.55 -18.51
N ARG M 31 12.34 30.15 -19.69
CA ARG M 31 11.63 31.08 -20.56
C ARG M 31 10.40 31.64 -19.88
N LEU M 32 9.62 30.77 -19.22
CA LEU M 32 8.41 31.24 -18.56
C LEU M 32 8.73 32.20 -17.42
N SER M 33 9.75 31.89 -16.62
CA SER M 33 10.11 32.76 -15.50
C SER M 33 10.61 34.10 -15.99
N SER M 34 11.43 34.10 -17.05
CA SER M 34 11.92 35.37 -17.59
C SER M 34 10.79 36.20 -18.18
N GLY M 35 9.85 35.57 -18.88
CA GLY M 35 8.82 36.33 -19.54
C GLY M 35 9.27 37.05 -20.78
N LEU M 36 10.39 36.62 -21.36
CA LEU M 36 10.92 37.18 -22.60
C LEU M 36 11.07 36.07 -23.61
N ARG M 37 10.96 36.42 -24.89
CA ARG M 37 11.06 35.40 -25.93
C ARG M 37 12.51 35.00 -26.17
N ILE M 38 13.39 35.99 -26.33
CA ILE M 38 14.75 35.71 -26.80
C ILE M 38 15.62 35.20 -25.67
N ASN M 39 15.90 36.06 -24.68
CA ASN M 39 16.88 35.79 -23.65
C ASN M 39 18.23 35.44 -24.28
N SER M 40 19.22 35.07 -23.44
CA SER M 40 20.52 34.59 -23.88
C SER M 40 21.06 35.35 -25.09
N ALA M 41 21.67 34.63 -26.03
CA ALA M 41 22.02 35.20 -27.32
C ALA M 41 21.81 34.26 -28.50
N SER M 42 21.36 33.03 -28.27
CA SER M 42 21.47 31.98 -29.28
C SER M 42 20.15 31.64 -29.97
N ASP M 43 19.01 32.02 -29.41
CA ASP M 43 17.74 31.59 -30.00
C ASP M 43 17.54 32.21 -31.39
N ASP M 44 17.92 33.47 -31.57
CA ASP M 44 17.92 34.10 -32.88
C ASP M 44 19.10 35.06 -32.97
N ALA M 45 19.77 35.05 -34.13
CA ALA M 45 20.93 35.89 -34.36
C ALA M 45 20.59 37.24 -34.94
N SER M 46 19.33 37.48 -35.33
CA SER M 46 18.93 38.75 -35.92
C SER M 46 17.98 39.56 -35.08
N GLY M 47 17.30 38.96 -34.09
CA GLY M 47 16.41 39.71 -33.24
C GLY M 47 17.10 40.70 -32.32
N LEU M 48 18.31 40.38 -31.86
CA LEU M 48 18.99 41.22 -30.89
C LEU M 48 19.28 42.60 -31.45
N ALA M 49 19.85 42.66 -32.65
CA ALA M 49 20.24 43.95 -33.22
C ALA M 49 19.03 44.83 -33.51
N ILE M 50 17.99 44.24 -34.11
CA ILE M 50 16.77 44.99 -34.41
C ILE M 50 16.15 45.51 -33.11
N SER M 51 16.09 44.66 -32.09
CA SER M 51 15.52 45.06 -30.82
C SER M 51 16.30 46.22 -30.19
N GLU M 52 17.63 46.11 -30.19
CA GLU M 52 18.45 47.18 -29.60
C GLU M 52 18.26 48.49 -30.35
N LYS M 53 18.25 48.44 -31.68
CA LYS M 53 18.08 49.66 -32.46
C LYS M 53 16.72 50.30 -32.18
N LEU M 54 15.66 49.49 -32.11
CA LEU M 54 14.33 50.04 -31.84
C LEU M 54 14.26 50.66 -30.45
N ARG M 55 14.85 50.00 -29.45
CA ARG M 55 14.85 50.56 -28.09
C ARG M 55 15.57 51.90 -28.06
N GLY M 56 16.73 51.97 -28.71
CA GLY M 56 17.48 53.22 -28.74
C GLY M 56 16.70 54.34 -29.39
N GLN M 57 16.03 54.05 -30.52
CA GLN M 57 15.23 55.08 -31.15
C GLN M 57 14.07 55.52 -30.28
N ILE M 58 13.46 54.59 -29.54
CA ILE M 58 12.38 54.96 -28.61
C ILE M 58 12.89 55.96 -27.57
N SER M 59 14.06 55.66 -26.98
CA SER M 59 14.61 56.56 -25.98
C SER M 59 14.90 57.95 -26.56
N GLY M 60 15.49 57.99 -27.76
CA GLY M 60 15.76 59.27 -28.38
C GLY M 60 14.50 60.08 -28.63
N LEU M 61 13.44 59.41 -29.08
CA LEU M 61 12.19 60.10 -29.34
C LEU M 61 11.60 60.68 -28.06
N LYS M 62 11.67 59.94 -26.95
CA LYS M 62 11.17 60.47 -25.69
C LYS M 62 11.96 61.71 -25.26
N ARG M 63 13.28 61.67 -25.43
CA ARG M 63 14.09 62.84 -25.07
C ARG M 63 13.69 64.06 -25.90
N ALA M 64 13.50 63.88 -27.21
CA ALA M 64 13.07 64.99 -28.04
C ALA M 64 11.71 65.52 -27.60
N SER M 65 10.81 64.62 -27.20
CA SER M 65 9.51 65.02 -26.70
C SER M 65 9.65 66.00 -25.54
N LEU M 66 10.51 65.67 -24.57
CA LEU M 66 10.71 66.59 -23.45
C LEU M 66 11.34 67.91 -23.92
N ASN M 67 12.32 67.81 -24.82
CA ASN M 67 13.06 68.99 -25.26
C ASN M 67 12.15 70.03 -25.91
N ALA M 68 11.10 69.57 -26.60
CA ALA M 68 10.22 70.52 -27.29
C ALA M 68 9.54 71.49 -26.32
N GLN M 69 8.94 70.97 -25.25
CA GLN M 69 8.28 71.84 -24.27
C GLN M 69 9.30 72.70 -23.55
N ASP M 70 10.46 72.11 -23.20
CA ASP M 70 11.51 72.92 -22.60
C ASP M 70 11.87 74.10 -23.50
N GLY M 71 11.84 73.90 -24.82
CA GLY M 71 12.09 74.99 -25.74
C GLY M 71 10.97 76.03 -25.77
N ILE M 72 9.71 75.58 -25.73
CA ILE M 72 8.59 76.51 -25.96
C ILE M 72 8.44 77.50 -24.81
N SER M 73 8.79 77.09 -23.58
CA SER M 73 8.60 77.99 -22.43
C SER M 73 9.34 79.31 -22.62
N LEU M 74 10.56 79.25 -23.16
CA LEU M 74 11.39 80.46 -23.31
C LEU M 74 10.75 81.47 -24.26
N LEU M 75 10.22 80.99 -25.39
CA LEU M 75 9.52 81.87 -26.31
C LEU M 75 8.30 82.50 -25.66
N GLN M 76 7.61 81.73 -24.81
CA GLN M 76 6.48 82.32 -24.08
C GLN M 76 6.93 83.52 -23.24
N THR M 77 8.03 83.35 -22.51
CA THR M 77 8.52 84.45 -21.67
C THR M 77 8.88 85.68 -22.51
N ALA M 78 9.57 85.46 -23.64
CA ALA M 78 9.93 86.59 -24.51
C ALA M 78 8.69 87.30 -25.03
N GLU M 79 7.65 86.55 -25.38
CA GLU M 79 6.40 87.15 -25.84
C GLU M 79 5.79 88.05 -24.76
N GLY M 80 5.81 87.59 -23.51
CA GLY M 80 5.30 88.42 -22.44
C GLY M 80 6.03 89.75 -22.33
N GLY M 81 7.36 89.69 -22.37
CA GLY M 81 8.13 90.94 -22.30
C GLY M 81 7.79 91.89 -23.44
N LEU M 82 7.70 91.36 -24.66
CA LEU M 82 7.37 92.20 -25.80
C LEU M 82 5.99 92.82 -25.65
N GLN M 83 5.04 92.07 -25.09
CA GLN M 83 3.71 92.62 -24.82
C GLN M 83 3.79 93.83 -23.90
N ASN M 84 4.56 93.72 -22.82
CA ASN M 84 4.65 94.86 -21.91
C ASN M 84 5.24 96.09 -22.60
N ILE M 85 6.30 95.89 -23.38
CA ILE M 85 6.91 97.04 -24.07
C ILE M 85 5.93 97.69 -25.03
N GLN M 86 5.21 96.89 -25.81
CA GLN M 86 4.23 97.44 -26.74
C GLN M 86 3.14 98.20 -25.99
N ASP M 87 2.73 97.70 -24.82
CA ASP M 87 1.72 98.41 -24.03
C ASP M 87 2.21 99.79 -23.64
N MET M 88 3.47 99.90 -23.19
CA MET M 88 3.96 101.22 -22.78
C MET M 88 4.06 102.20 -23.95
N LEU M 89 4.46 101.71 -25.13
CA LEU M 89 4.64 102.61 -26.27
C LEU M 89 3.36 103.36 -26.61
N GLN M 90 2.20 102.73 -26.44
CA GLN M 90 0.94 103.37 -26.79
C GLN M 90 0.63 104.56 -25.87
N ARG M 91 0.86 104.41 -24.57
CA ARG M 91 0.69 105.53 -23.65
C ARG M 91 1.65 106.66 -23.99
N MET M 92 2.89 106.30 -24.36
CA MET M 92 3.81 107.34 -24.81
C MET M 92 3.25 108.08 -26.03
N ARG M 93 2.66 107.35 -26.96
CA ARG M 93 2.06 107.98 -28.14
C ARG M 93 0.94 108.94 -27.78
N GLU M 94 0.06 108.52 -26.86
CA GLU M 94 -1.05 109.39 -26.48
C GLU M 94 -0.55 110.65 -25.80
N LEU M 95 0.42 110.51 -24.90
CA LEU M 95 0.97 111.70 -24.26
C LEU M 95 1.67 112.62 -25.26
N ALA M 96 2.35 112.05 -26.26
CA ALA M 96 2.98 112.88 -27.29
C ALA M 96 1.95 113.63 -28.11
N VAL M 97 0.85 112.97 -28.48
CA VAL M 97 -0.14 113.63 -29.32
C VAL M 97 -0.96 114.66 -28.53
N GLN M 98 -1.03 114.52 -27.21
CA GLN M 98 -1.70 115.56 -26.42
C GLN M 98 -1.08 116.93 -26.65
N ALA M 99 0.24 117.02 -26.54
CA ALA M 99 0.94 118.28 -26.77
C ALA M 99 0.87 118.65 -28.24
N GLY M 100 0.62 119.93 -28.52
CA GLY M 100 0.50 120.41 -29.87
C GLY M 100 -0.61 121.42 -30.04
N ASN M 101 -1.68 121.29 -29.25
CA ASN M 101 -2.67 122.35 -29.17
C ASN M 101 -2.05 123.57 -28.53
N GLY M 102 -1.89 124.64 -29.29
CA GLY M 102 -1.11 125.74 -28.76
C GLY M 102 -1.92 126.71 -27.93
N VAL M 103 -1.93 126.48 -26.62
CA VAL M 103 -2.44 127.43 -25.64
C VAL M 103 -1.49 127.41 -24.45
N TYR M 104 -0.61 126.41 -24.42
CA TYR M 104 0.23 126.15 -23.26
C TYR M 104 1.51 126.96 -23.33
N THR M 105 2.01 127.37 -22.15
CA THR M 105 3.31 128.02 -22.06
C THR M 105 4.41 126.97 -22.18
N THR M 106 5.66 127.42 -22.03
CA THR M 106 6.81 126.54 -22.14
C THR M 106 7.15 125.84 -20.83
N ASN M 107 6.22 125.77 -19.89
CA ASN M 107 6.40 125.05 -18.63
C ASN M 107 5.66 123.72 -18.59
N ASP M 108 4.41 123.70 -19.04
CA ASP M 108 3.64 122.46 -19.07
C ASP M 108 4.31 121.42 -19.95
N ARG M 109 4.93 121.86 -21.05
CA ARG M 109 5.60 120.93 -21.95
C ARG M 109 6.81 120.28 -21.27
N ALA M 110 7.54 121.04 -20.45
CA ALA M 110 8.62 120.45 -19.67
C ALA M 110 8.07 119.49 -18.62
N GLU M 111 6.94 119.84 -18.00
CA GLU M 111 6.31 118.92 -17.06
C GLU M 111 5.96 117.59 -17.73
N ILE M 112 5.50 117.64 -18.97
CA ILE M 112 5.23 116.43 -19.73
C ILE M 112 6.52 115.71 -20.10
N GLN M 113 7.56 116.47 -20.43
CA GLN M 113 8.86 115.90 -20.78
C GLN M 113 9.43 115.06 -19.65
N LYS M 114 9.22 115.49 -18.41
CA LYS M 114 9.73 114.72 -17.27
C LYS M 114 9.12 113.31 -17.23
N GLU M 115 7.81 113.21 -17.41
CA GLU M 115 7.16 111.90 -17.43
C GLU M 115 7.60 111.09 -18.65
N VAL M 116 7.80 111.75 -19.79
CA VAL M 116 8.30 111.06 -20.97
C VAL M 116 9.66 110.42 -20.67
N ASP M 117 10.54 111.18 -20.01
CA ASP M 117 11.87 110.68 -19.68
C ASP M 117 11.78 109.49 -18.72
N GLN M 118 10.90 109.58 -17.72
CA GLN M 118 10.75 108.46 -16.80
C GLN M 118 10.24 107.21 -17.51
N LEU M 119 9.29 107.37 -18.44
CA LEU M 119 8.79 106.23 -19.20
C LEU M 119 9.89 105.61 -20.06
N LYS M 120 10.74 106.45 -20.65
CA LYS M 120 11.86 105.92 -21.43
C LYS M 120 12.81 105.12 -20.54
N GLU M 121 13.09 105.61 -19.34
CA GLU M 121 13.94 104.86 -18.43
C GLU M 121 13.31 103.53 -18.08
N GLU M 122 11.99 103.51 -17.85
CA GLU M 122 11.32 102.27 -17.51
C GLU M 122 11.38 101.27 -18.67
N ILE M 123 11.21 101.75 -19.90
CA ILE M 123 11.27 100.83 -21.04
C ILE M 123 12.69 100.28 -21.21
N ASN M 124 13.71 101.10 -20.94
CA ASN M 124 15.07 100.58 -20.96
C ASN M 124 15.27 99.51 -19.89
N ARG M 125 14.73 99.74 -18.68
CA ARG M 125 14.87 98.77 -17.61
C ARG M 125 14.20 97.45 -17.97
N ILE M 126 12.99 97.51 -18.51
CA ILE M 126 12.28 96.28 -18.84
C ILE M 126 12.97 95.58 -20.01
N ALA M 127 13.60 96.34 -20.91
CA ALA M 127 14.40 95.71 -21.96
C ALA M 127 15.60 94.98 -21.39
N SER M 128 16.26 95.57 -20.39
CA SER M 128 17.50 95.03 -19.87
C SER M 128 17.33 94.09 -18.69
N SER M 129 16.10 93.81 -18.26
CA SER M 129 15.88 93.00 -17.07
C SER M 129 15.33 91.60 -17.36
N THR M 130 15.04 91.27 -18.62
CA THR M 130 14.50 89.95 -18.92
C THR M 130 15.53 88.87 -18.61
N GLU M 131 15.07 87.72 -18.13
CA GLU M 131 15.96 86.72 -17.58
C GLU M 131 15.35 85.33 -17.72
N PHE M 132 16.21 84.33 -17.96
CA PHE M 132 15.79 82.93 -17.94
C PHE M 132 17.04 82.06 -17.84
N ASN M 133 17.18 81.35 -16.71
CA ASN M 133 18.29 80.42 -16.50
C ASN M 133 19.64 81.07 -16.79
N THR M 134 19.81 82.29 -16.25
CA THR M 134 21.01 83.09 -16.45
C THR M 134 21.31 83.30 -17.93
N LYS M 135 20.27 83.50 -18.73
CA LYS M 135 20.41 83.84 -20.15
C LYS M 135 19.54 85.07 -20.42
N LYS M 136 20.19 86.20 -20.70
CA LYS M 136 19.46 87.41 -21.03
C LYS M 136 19.12 87.41 -22.53
N LEU M 137 17.83 87.54 -22.82
CA LEU M 137 17.31 87.28 -24.16
C LEU M 137 17.26 88.54 -25.03
N LEU M 138 16.52 89.55 -24.60
CA LEU M 138 16.23 90.68 -25.48
C LEU M 138 17.42 91.60 -25.64
N ASN M 139 18.46 91.45 -24.82
CA ASN M 139 19.59 92.36 -24.87
C ASN M 139 20.63 91.92 -25.88
N GLY M 140 20.20 91.59 -27.09
CA GLY M 140 21.13 91.26 -28.16
C GLY M 140 22.14 90.19 -27.83
N ASP M 141 21.81 89.29 -26.90
CA ASP M 141 22.72 88.25 -26.45
C ASP M 141 22.29 86.87 -26.94
N SER M 142 21.44 86.82 -27.95
CA SER M 142 20.98 85.54 -28.51
C SER M 142 21.43 85.31 -29.94
N THR M 143 21.85 86.37 -30.65
CA THR M 143 22.21 86.25 -32.05
C THR M 143 23.71 86.46 -32.29
N ALA M 144 24.26 87.58 -31.88
CA ALA M 144 25.65 87.91 -32.16
C ALA M 144 26.34 88.45 -30.92
N LEU M 145 27.59 88.87 -31.09
CA LEU M 145 28.35 89.46 -29.99
C LEU M 145 29.49 90.27 -30.61
N TRP M 146 29.49 91.57 -30.35
CA TRP M 146 30.37 92.51 -31.03
C TRP M 146 31.21 93.30 -30.03
N SER M 147 32.38 93.73 -30.51
CA SER M 147 33.28 94.55 -29.70
C SER M 147 34.23 95.29 -30.64
N SER M 148 34.50 96.55 -30.30
CA SER M 148 35.37 97.41 -31.10
C SER M 148 36.16 98.31 -30.18
N ASP M 149 37.22 98.91 -30.73
CA ASP M 149 38.16 99.69 -29.93
C ASP M 149 37.81 101.18 -29.86
N SER M 150 37.44 101.80 -30.98
CA SER M 150 37.15 103.22 -30.98
C SER M 150 35.84 103.50 -30.26
N SER M 151 35.81 104.62 -29.53
CA SER M 151 34.69 104.97 -28.66
C SER M 151 33.63 105.78 -29.39
N ASP M 152 33.63 105.77 -30.71
CA ASP M 152 32.65 106.51 -31.51
C ASP M 152 32.10 105.62 -32.61
N LEU M 153 31.74 104.38 -32.26
CA LEU M 153 31.15 103.46 -33.22
C LEU M 153 30.12 102.63 -32.48
N ASP M 154 28.91 102.57 -33.03
CA ASP M 154 27.82 101.80 -32.44
C ASP M 154 27.40 100.70 -33.38
N VAL M 155 26.92 99.59 -32.82
CA VAL M 155 26.51 98.43 -33.60
C VAL M 155 25.11 98.03 -33.17
N VAL M 156 24.21 97.87 -34.13
CA VAL M 156 22.86 97.38 -33.87
C VAL M 156 22.63 96.12 -34.68
N ILE M 157 22.09 95.09 -34.02
CA ILE M 157 21.90 93.76 -34.58
C ILE M 157 20.44 93.57 -34.93
N LYS M 158 20.18 93.04 -36.12
CA LYS M 158 18.83 92.73 -36.55
C LYS M 158 18.64 91.25 -36.88
N SER M 159 19.55 90.67 -37.66
CA SER M 159 19.45 89.29 -38.11
C SER M 159 20.81 88.61 -37.98
N ALA M 160 20.91 87.42 -38.54
CA ALA M 160 22.13 86.63 -38.43
C ALA M 160 23.29 87.33 -39.11
N VAL M 161 24.43 87.41 -38.42
CA VAL M 161 25.64 87.97 -38.97
C VAL M 161 26.65 86.84 -39.12
N ALA M 162 27.61 87.02 -40.03
CA ALA M 162 28.45 85.89 -40.43
C ALA M 162 29.61 85.63 -39.48
N GLU M 163 30.65 86.47 -39.52
CA GLU M 163 31.90 86.25 -38.79
C GLU M 163 32.91 87.38 -38.97
N GLY M 164 34.06 87.25 -38.30
CA GLY M 164 35.30 87.85 -38.75
C GLY M 164 35.63 89.22 -38.19
N ASN M 165 36.77 89.72 -38.64
CA ASN M 165 37.26 91.05 -38.33
C ASN M 165 37.22 91.91 -39.59
N TYR M 166 37.16 93.22 -39.41
CA TYR M 166 36.99 94.14 -40.52
C TYR M 166 37.79 95.42 -40.30
N ASN M 167 38.09 96.11 -41.39
CA ASN M 167 38.76 97.40 -41.37
C ASN M 167 37.95 98.40 -42.18
N LEU M 168 37.74 99.59 -41.59
CA LEU M 168 36.92 100.61 -42.18
C LEU M 168 37.76 101.84 -42.52
N ASN M 169 37.42 102.47 -43.65
CA ASN M 169 38.10 103.66 -44.13
C ASN M 169 37.05 104.74 -44.32
N VAL M 170 37.30 105.93 -43.75
CA VAL M 170 36.31 106.99 -43.66
C VAL M 170 36.83 108.25 -44.32
N THR M 171 35.96 108.91 -45.10
CA THR M 171 36.27 110.19 -45.72
C THR M 171 35.07 111.11 -45.54
N VAL M 172 35.31 112.38 -45.26
CA VAL M 172 34.29 113.30 -44.79
C VAL M 172 34.19 114.51 -45.72
N ASP M 173 32.95 114.95 -45.97
CA ASP M 173 32.67 116.23 -46.62
C ASP M 173 31.71 116.97 -45.72
N PRO M 174 32.05 118.16 -45.23
CA PRO M 174 31.27 118.80 -44.17
C PRO M 174 30.06 119.55 -44.74
N GLY M 175 29.21 119.99 -43.82
CA GLY M 175 28.03 120.77 -44.17
C GLY M 175 28.05 122.15 -43.55
N LYS M 176 27.05 122.44 -42.70
CA LYS M 176 26.95 123.74 -42.05
C LYS M 176 26.34 123.54 -40.67
N ASN M 177 25.91 124.65 -40.06
CA ASN M 177 25.31 124.63 -38.74
C ASN M 177 24.15 125.61 -38.68
N PHE M 178 23.64 125.82 -37.47
CA PHE M 178 22.55 126.75 -37.22
C PHE M 178 23.11 128.05 -36.65
N VAL M 179 22.65 129.18 -37.18
CA VAL M 179 23.06 130.48 -36.70
C VAL M 179 21.83 131.23 -36.23
N TYR M 180 21.85 131.68 -34.97
CA TYR M 180 20.74 132.37 -34.33
C TYR M 180 21.10 133.82 -34.06
N LYS M 181 20.10 134.68 -34.20
CA LYS M 181 20.23 136.11 -33.90
C LYS M 181 19.15 136.52 -32.92
N SER M 182 19.50 137.38 -31.97
CA SER M 182 18.53 138.00 -31.09
C SER M 182 18.01 139.29 -31.71
N ASP M 183 17.14 139.97 -30.97
CA ASP M 183 16.57 141.23 -31.42
C ASP M 183 17.16 142.39 -30.64
N VAL M 184 16.73 143.61 -31.02
CA VAL M 184 17.39 144.82 -30.56
C VAL M 184 17.07 145.08 -29.10
N MET M 185 17.97 145.82 -28.43
CA MET M 185 17.76 146.28 -27.07
C MET M 185 18.14 147.74 -26.97
N THR M 186 17.30 148.53 -26.31
CA THR M 186 17.53 149.97 -26.16
C THR M 186 17.39 150.33 -24.68
N LEU M 187 17.87 151.52 -24.35
CA LEU M 187 17.94 151.99 -22.98
C LEU M 187 16.59 152.59 -22.55
N ASN M 188 16.52 152.95 -21.27
CA ASN M 188 15.31 153.53 -20.72
C ASN M 188 15.15 154.98 -21.18
N GLU M 189 14.11 155.63 -20.67
CA GLU M 189 13.84 157.02 -21.04
C GLU M 189 14.85 157.99 -20.43
N ASP M 190 15.48 157.63 -19.31
CA ASP M 190 16.38 158.51 -18.60
C ASP M 190 17.79 157.96 -18.46
N ALA M 191 18.19 157.00 -19.28
CA ALA M 191 19.43 156.29 -19.06
C ALA M 191 20.64 157.14 -19.46
N ILE M 192 21.81 156.68 -19.02
CA ILE M 192 23.10 157.27 -19.38
C ILE M 192 24.00 156.16 -19.87
N GLY M 193 24.62 156.35 -21.03
CA GLY M 193 25.48 155.34 -21.63
C GLY M 193 26.86 155.92 -21.94
N ALA M 194 27.90 155.18 -21.59
CA ALA M 194 29.27 155.56 -21.87
C ALA M 194 30.00 154.38 -22.51
N GLU M 195 30.82 154.66 -23.52
CA GLU M 195 31.54 153.58 -24.18
C GLU M 195 32.78 154.15 -24.87
N ILE M 196 33.64 153.24 -25.35
CA ILE M 196 34.83 153.60 -26.08
C ILE M 196 34.56 153.30 -27.56
N VAL M 197 34.76 154.31 -28.41
CA VAL M 197 34.53 154.19 -29.85
C VAL M 197 35.74 154.77 -30.56
N THR M 198 35.96 154.35 -31.81
CA THR M 198 37.09 154.80 -32.61
C THR M 198 36.62 155.73 -33.72
N ALA M 199 37.50 156.65 -34.11
CA ALA M 199 37.19 157.58 -35.20
C ALA M 199 38.52 157.93 -35.87
N GLY M 200 38.82 157.26 -36.98
CA GLY M 200 40.07 157.45 -37.68
C GLY M 200 41.11 156.38 -37.44
N GLY M 201 40.76 155.28 -36.76
CA GLY M 201 41.75 154.27 -36.42
C GLY M 201 42.58 154.57 -35.20
N ASP M 202 42.06 155.35 -34.25
CA ASP M 202 42.80 155.67 -33.05
C ASP M 202 42.82 154.46 -32.11
N VAL M 203 43.62 153.45 -32.46
CA VAL M 203 43.68 152.21 -31.71
C VAL M 203 44.13 152.47 -30.28
N ASN M 204 43.76 151.58 -29.36
CA ASN M 204 44.02 151.78 -27.95
C ASN M 204 45.50 151.67 -27.63
N GLU M 205 46.14 152.81 -27.33
CA GLU M 205 47.52 152.85 -26.92
C GLU M 205 47.69 152.81 -25.40
N THR M 206 46.59 152.76 -24.66
CA THR M 206 46.59 152.96 -23.22
C THR M 206 46.47 151.62 -22.50
N ASN M 207 46.36 151.70 -21.17
CA ASN M 207 46.25 150.54 -20.30
C ASN M 207 44.93 150.58 -19.52
N VAL M 208 43.96 151.35 -20.02
CA VAL M 208 42.68 151.53 -19.38
C VAL M 208 41.69 150.53 -19.99
N GLY M 209 41.09 149.70 -19.13
CA GLY M 209 40.13 148.72 -19.59
C GLY M 209 38.86 149.36 -20.11
N PHE M 210 38.05 149.93 -19.22
CA PHE M 210 36.85 150.65 -19.61
C PHE M 210 36.39 151.49 -18.42
N VAL M 211 35.18 152.03 -18.52
CA VAL M 211 34.63 152.97 -17.56
C VAL M 211 33.28 152.46 -17.09
N THR M 212 32.99 152.68 -15.81
CA THR M 212 31.74 152.27 -15.20
C THR M 212 31.06 153.47 -14.53
N ASP M 213 29.81 153.22 -14.12
CA ASP M 213 28.80 154.09 -13.52
C ASP M 213 28.85 155.54 -14.00
N PRO M 214 28.60 155.80 -15.28
CA PRO M 214 28.40 157.19 -15.70
C PRO M 214 27.14 157.75 -15.07
N ASN M 215 27.31 158.88 -14.36
CA ASN M 215 26.22 159.44 -13.59
C ASN M 215 26.25 160.95 -13.69
N THR M 216 25.09 161.55 -13.97
CA THR M 216 24.90 163.00 -14.01
C THR M 216 25.99 163.69 -14.84
N LEU M 217 26.12 163.23 -16.09
CA LEU M 217 27.13 163.77 -16.99
C LEU M 217 26.57 163.80 -18.40
N ALA M 218 26.15 164.98 -18.84
CA ALA M 218 25.69 165.20 -20.21
C ALA M 218 24.59 164.21 -20.61
N SER M 219 23.51 164.21 -19.82
CA SER M 219 22.38 163.35 -20.13
C SER M 219 21.68 163.76 -21.42
N THR M 220 21.96 164.95 -21.96
CA THR M 220 21.37 165.44 -23.19
C THR M 220 22.45 165.45 -24.28
N GLY M 221 22.42 164.44 -25.13
CA GLY M 221 23.28 164.40 -26.30
C GLY M 221 24.45 163.45 -26.12
N THR M 222 25.07 163.11 -27.25
CA THR M 222 26.25 162.27 -27.30
C THR M 222 27.48 163.18 -27.31
N ALA M 223 28.38 162.96 -26.35
CA ALA M 223 29.54 163.80 -26.18
C ALA M 223 30.82 163.01 -26.43
N TYR M 224 31.78 163.66 -27.08
CA TYR M 224 33.11 163.11 -27.29
C TYR M 224 34.06 163.73 -26.29
N TYR M 225 34.66 162.91 -25.43
CA TYR M 225 35.59 163.39 -24.42
C TYR M 225 36.98 162.84 -24.67
N THR M 226 38.00 163.65 -24.37
CA THR M 226 39.39 163.24 -24.51
C THR M 226 39.96 162.99 -23.12
N VAL M 227 40.41 161.76 -22.86
CA VAL M 227 41.00 161.39 -21.59
C VAL M 227 42.43 160.95 -21.86
N ASP M 228 43.38 161.69 -21.30
CA ASP M 228 44.81 161.42 -21.48
C ASP M 228 45.38 160.87 -20.19
N VAL M 229 46.09 159.75 -20.27
CA VAL M 229 46.80 159.18 -19.14
C VAL M 229 48.28 159.21 -19.48
N THR M 230 49.07 159.85 -18.63
CA THR M 230 50.49 160.00 -18.85
C THR M 230 51.26 159.45 -17.66
N ALA M 231 52.46 158.93 -17.92
CA ALA M 231 53.30 158.37 -16.88
C ALA M 231 54.11 159.45 -16.17
N GLY M 232 53.42 160.48 -15.69
CA GLY M 232 54.07 161.55 -14.96
C GLY M 232 54.49 162.73 -15.83
N ALA M 233 54.29 163.94 -15.32
CA ALA M 233 54.69 165.16 -16.02
C ALA M 233 54.72 166.30 -15.01
N ASP M 234 55.84 167.02 -14.96
CA ASP M 234 56.00 168.08 -13.97
C ASP M 234 54.97 169.17 -14.21
N THR M 235 54.27 169.56 -13.14
CA THR M 235 53.16 170.51 -13.22
C THR M 235 53.31 171.55 -12.14
N LEU M 236 53.20 172.82 -12.51
CA LEU M 236 53.21 173.91 -11.56
C LEU M 236 51.78 174.30 -11.19
N SER M 237 51.63 174.96 -10.05
CA SER M 237 50.33 175.45 -9.62
C SER M 237 49.81 176.47 -10.62
N SER M 238 48.52 176.36 -10.95
CA SER M 238 47.94 177.19 -12.00
C SER M 238 46.48 177.46 -11.70
N VAL M 239 45.97 178.53 -12.29
CA VAL M 239 44.56 178.90 -12.21
C VAL M 239 44.09 179.24 -13.62
N ALA M 240 42.86 178.88 -13.93
CA ALA M 240 42.32 179.16 -15.26
C ALA M 240 40.80 179.31 -15.18
N THR M 241 40.31 180.41 -15.74
CA THR M 241 38.87 180.64 -15.81
C THR M 241 38.23 179.69 -16.81
N MET M 242 37.10 179.10 -16.42
CA MET M 242 36.42 178.14 -17.27
C MET M 242 35.11 178.67 -17.83
N SER M 243 34.23 179.22 -16.98
CA SER M 243 32.99 179.76 -17.52
C SER M 243 32.39 180.77 -16.55
N VAL M 244 31.41 181.53 -17.07
CA VAL M 244 30.66 182.51 -16.30
C VAL M 244 29.20 182.46 -16.74
N TYR M 245 28.33 183.08 -15.92
CA TYR M 245 26.92 183.19 -16.25
C TYR M 245 26.37 184.53 -15.77
N ARG M 246 25.55 185.14 -16.62
CA ARG M 246 24.89 186.42 -16.38
C ARG M 246 23.41 186.27 -16.68
N GLN M 247 22.58 187.07 -16.00
CA GLN M 247 21.13 187.00 -16.22
C GLN M 247 20.70 188.04 -17.25
N ALA M 248 20.82 189.32 -16.89
CA ALA M 248 20.71 190.41 -17.85
C ALA M 248 21.97 191.26 -17.76
N GLY M 249 22.32 191.64 -16.54
CA GLY M 249 23.50 192.36 -16.10
C GLY M 249 23.92 193.46 -17.05
N SER M 250 25.23 193.60 -17.20
CA SER M 250 25.83 194.57 -18.10
C SER M 250 27.19 194.04 -18.53
N ASN M 251 27.98 194.89 -19.16
CA ASN M 251 29.26 194.46 -19.69
C ASN M 251 30.31 194.37 -18.59
N PHE M 252 31.07 193.28 -18.59
CA PHE M 252 32.28 193.17 -17.77
C PHE M 252 33.07 191.97 -18.27
N GLY M 253 34.39 192.11 -18.32
CA GLY M 253 35.26 191.10 -18.89
C GLY M 253 35.48 189.91 -17.99
N SER M 254 36.65 189.30 -18.12
CA SER M 254 36.97 188.07 -17.41
C SER M 254 38.49 187.98 -17.29
N VAL M 255 38.96 186.80 -16.87
CA VAL M 255 40.36 186.36 -16.84
C VAL M 255 40.97 186.65 -15.48
N ALA M 256 41.43 185.61 -14.80
CA ALA M 256 42.07 185.75 -13.50
C ALA M 256 43.59 185.83 -13.64
N THR M 257 44.22 186.43 -12.64
CA THR M 257 45.66 186.59 -12.60
C THR M 257 46.18 186.20 -11.23
N TRP M 258 47.31 185.50 -11.24
CA TRP M 258 48.06 185.06 -10.06
C TRP M 258 48.95 186.16 -9.52
N THR M 259 49.65 185.82 -8.43
CA THR M 259 50.86 186.50 -7.99
C THR M 259 51.83 185.44 -7.53
N THR M 260 53.08 185.53 -8.00
CA THR M 260 54.07 184.49 -7.70
C THR M 260 54.32 184.39 -6.20
N GLY M 261 54.28 183.15 -5.69
CA GLY M 261 54.52 182.87 -4.29
C GLY M 261 53.39 182.11 -3.61
N GLY M 262 52.22 182.03 -4.25
CA GLY M 262 51.09 181.36 -3.65
C GLY M 262 51.20 179.85 -3.67
N THR M 263 50.35 179.21 -2.87
CA THR M 263 50.31 177.77 -2.74
C THR M 263 48.87 177.28 -2.85
N VAL M 264 48.72 176.06 -3.36
CA VAL M 264 47.41 175.44 -3.54
C VAL M 264 47.36 174.17 -2.72
N ALA M 265 46.19 173.87 -2.16
CA ALA M 265 46.01 172.66 -1.36
C ALA M 265 45.81 171.43 -2.23
N ASP M 266 44.74 171.40 -3.03
CA ASP M 266 44.44 170.28 -3.91
C ASP M 266 43.70 170.78 -5.13
N SER M 267 43.74 169.98 -6.20
CA SER M 267 43.01 170.29 -7.41
C SER M 267 41.51 170.15 -7.18
N GLY M 268 40.73 170.97 -7.88
CA GLY M 268 39.29 170.93 -7.68
C GLY M 268 38.60 171.99 -8.51
N TYR M 269 37.41 172.40 -8.06
CA TYR M 269 36.64 173.42 -8.74
C TYR M 269 36.06 174.42 -7.76
N LEU M 270 36.03 175.69 -8.20
CA LEU M 270 35.58 176.82 -7.39
C LEU M 270 34.47 177.56 -8.12
N LEU M 271 33.39 177.84 -7.41
CA LEU M 271 32.32 178.68 -7.94
C LEU M 271 32.19 179.92 -7.08
N ILE M 272 32.12 181.08 -7.73
CA ILE M 272 32.02 182.38 -7.08
C ILE M 272 30.70 183.02 -7.49
N GLU M 273 29.95 183.52 -6.50
CA GLU M 273 28.62 184.06 -6.68
C GLU M 273 28.49 185.42 -6.00
N ALA M 274 27.85 186.35 -6.69
CA ALA M 274 27.65 187.69 -6.17
C ALA M 274 26.49 187.73 -5.18
N GLN M 275 26.35 188.86 -4.49
CA GLN M 275 25.29 189.00 -3.50
C GLN M 275 24.43 190.23 -3.74
N GLU M 276 25.04 191.33 -4.19
CA GLU M 276 24.34 192.60 -4.27
C GLU M 276 24.72 193.31 -5.58
N ASN M 277 23.76 194.04 -6.13
CA ASN M 277 23.99 194.76 -7.38
C ASN M 277 24.77 196.04 -7.11
N PHE M 278 25.54 196.47 -8.11
CA PHE M 278 26.22 197.76 -7.99
C PHE M 278 26.66 198.25 -9.36
N THR M 279 26.57 199.58 -9.55
CA THR M 279 26.99 200.25 -10.77
C THR M 279 27.76 201.53 -10.47
N VAL M 280 28.56 201.52 -9.41
CA VAL M 280 29.24 202.72 -8.92
C VAL M 280 30.71 202.60 -9.27
N SER M 281 31.02 201.89 -10.35
CA SER M 281 32.41 201.66 -10.76
C SER M 281 32.96 202.96 -11.35
N ALA M 282 33.55 203.79 -10.49
CA ALA M 282 34.18 205.03 -10.90
C ALA M 282 35.54 205.27 -10.25
N GLY M 283 35.91 204.49 -9.24
CA GLY M 283 37.18 204.63 -8.57
C GLY M 283 37.05 205.17 -7.15
N THR M 284 37.03 204.26 -6.19
CA THR M 284 36.92 204.56 -4.76
C THR M 284 37.08 203.25 -4.01
N THR M 285 37.77 203.28 -2.87
CA THR M 285 37.89 202.09 -2.05
C THR M 285 36.51 201.60 -1.63
N ALA M 286 36.28 200.29 -1.74
CA ALA M 286 34.97 199.72 -1.49
C ALA M 286 35.11 198.24 -1.18
N ASN M 287 34.08 197.68 -0.58
CA ASN M 287 34.05 196.27 -0.23
C ASN M 287 32.71 195.67 -0.63
N TYR M 288 32.76 194.46 -1.17
CA TYR M 288 31.56 193.72 -1.52
C TYR M 288 31.73 192.26 -1.11
N THR M 289 30.61 191.63 -0.78
CA THR M 289 30.59 190.27 -0.26
C THR M 289 30.20 189.29 -1.37
N PHE M 290 30.82 188.12 -1.34
CA PHE M 290 30.58 187.08 -2.32
C PHE M 290 30.50 185.74 -1.59
N LYS M 291 29.90 184.76 -2.26
CA LYS M 291 29.90 183.38 -1.79
C LYS M 291 30.80 182.55 -2.67
N ALA M 292 31.44 181.55 -2.07
CA ALA M 292 32.32 180.65 -2.81
C ALA M 292 32.00 179.22 -2.42
N THR M 293 32.18 178.30 -3.37
CA THR M 293 32.04 176.89 -3.06
C THR M 293 33.18 176.12 -3.69
N PHE M 294 33.68 175.13 -2.93
CA PHE M 294 34.78 174.26 -3.31
C PHE M 294 34.29 172.85 -3.50
N VAL M 295 34.73 172.21 -4.57
CA VAL M 295 34.49 170.79 -4.81
C VAL M 295 35.83 170.12 -5.07
N ASP M 296 36.15 169.11 -4.27
CA ASP M 296 37.39 168.35 -4.41
C ASP M 296 37.31 167.47 -5.66
N ALA M 297 38.49 167.19 -6.23
CA ALA M 297 38.55 166.38 -7.44
C ALA M 297 38.70 164.89 -7.16
N LYS M 298 38.87 164.49 -5.90
CA LYS M 298 39.02 163.08 -5.56
C LYS M 298 38.00 162.57 -4.56
N THR M 299 37.20 163.44 -3.94
CA THR M 299 36.17 163.01 -3.02
C THR M 299 34.76 163.42 -3.45
N GLY M 300 34.64 164.50 -4.22
CA GLY M 300 33.33 165.00 -4.61
C GLY M 300 32.64 165.83 -3.55
N GLU M 301 33.28 166.03 -2.40
CA GLU M 301 32.67 166.80 -1.33
C GLU M 301 32.53 168.27 -1.73
N LYS M 302 31.55 168.94 -1.13
CA LYS M 302 31.29 170.35 -1.40
C LYS M 302 31.37 171.13 -0.09
N SER M 303 32.04 172.29 -0.14
CA SER M 303 32.14 173.18 1.00
C SER M 303 31.75 174.59 0.58
N THR M 304 31.00 175.28 1.44
CA THR M 304 30.45 176.60 1.13
C THR M 304 31.01 177.62 2.10
N TYR M 305 31.62 178.67 1.57
CA TYR M 305 32.29 179.70 2.36
C TYR M 305 31.83 181.08 1.92
N GLU M 306 32.07 182.06 2.78
CA GLU M 306 31.81 183.47 2.50
C GLU M 306 33.13 184.20 2.33
N ILE M 307 33.18 185.12 1.37
CA ILE M 307 34.40 185.87 1.07
C ILE M 307 34.02 187.33 0.82
N GLU M 308 35.02 188.20 0.81
CA GLU M 308 34.83 189.60 0.47
C GLU M 308 35.98 190.07 -0.41
N GLY M 309 35.68 191.05 -1.26
CA GLY M 309 36.66 191.60 -2.18
C GLY M 309 36.33 193.05 -2.45
N GLY M 310 37.05 193.63 -3.39
CA GLY M 310 36.81 195.02 -3.75
C GLY M 310 37.48 195.42 -5.04
N ASP M 311 36.83 196.33 -5.76
CA ASP M 311 37.48 197.06 -6.85
C ASP M 311 38.28 198.22 -6.28
N ASP M 312 39.36 198.58 -6.97
CA ASP M 312 40.29 199.58 -6.44
C ASP M 312 40.24 200.89 -7.20
N GLY M 313 40.53 200.90 -8.50
CA GLY M 313 40.33 202.12 -9.27
C GLY M 313 39.60 201.91 -10.58
N ALA M 314 39.70 200.71 -11.14
CA ALA M 314 39.03 200.39 -12.40
C ALA M 314 39.17 198.91 -12.74
N GLY M 315 38.07 198.27 -13.12
CA GLY M 315 38.07 196.96 -13.73
C GLY M 315 38.97 195.89 -13.15
N ASN M 316 39.21 195.91 -11.85
CA ASN M 316 40.03 194.91 -11.19
C ASN M 316 39.36 194.47 -9.90
N LEU M 317 38.99 193.20 -9.83
CA LEU M 317 38.33 192.63 -8.65
C LEU M 317 39.31 191.66 -7.99
N VAL M 318 39.82 192.03 -6.82
CA VAL M 318 40.87 191.28 -6.14
C VAL M 318 40.27 190.55 -4.95
N PHE M 319 40.59 189.26 -4.82
CA PHE M 319 40.20 188.47 -3.67
C PHE M 319 41.44 187.94 -2.96
N ASP M 320 41.21 187.32 -1.79
CA ASP M 320 42.25 186.67 -1.03
C ASP M 320 41.77 185.29 -0.62
N LEU M 321 42.50 184.25 -1.00
CA LEU M 321 42.12 182.88 -0.66
C LEU M 321 42.60 182.46 0.72
N ALA M 322 43.29 183.34 1.45
CA ALA M 322 43.76 182.99 2.79
C ALA M 322 42.60 182.81 3.77
N ASP M 323 41.42 183.34 3.44
CA ASP M 323 40.28 183.20 4.33
C ASP M 323 39.62 181.83 4.23
N MET M 324 40.08 180.98 3.32
CA MET M 324 39.53 179.62 3.23
C MET M 324 40.02 178.77 4.38
N THR M 325 39.25 178.74 5.47
CA THR M 325 39.60 177.95 6.64
C THR M 325 39.42 176.46 6.34
N GLY M 326 40.07 175.63 7.16
CA GLY M 326 39.99 174.19 7.01
C GLY M 326 40.82 173.67 5.85
N ALA M 327 40.41 173.99 4.62
CA ALA M 327 41.17 173.56 3.45
C ALA M 327 42.51 174.29 3.36
N GLY M 328 42.50 175.60 3.56
CA GLY M 328 43.72 176.38 3.53
C GLY M 328 44.19 176.72 2.13
N PHE M 329 44.59 177.98 1.94
CA PHE M 329 45.11 178.45 0.66
C PHE M 329 46.06 179.61 0.94
N SER M 330 46.59 180.21 -0.12
CA SER M 330 47.51 181.32 0.01
C SER M 330 47.52 182.11 -1.28
N GLY M 331 48.17 183.27 -1.25
CA GLY M 331 48.28 184.12 -2.42
C GLY M 331 47.01 184.90 -2.68
N GLU M 332 47.09 185.78 -3.67
CA GLU M 332 45.96 186.58 -4.10
C GLU M 332 45.63 186.30 -5.55
N VAL M 333 44.41 186.68 -5.94
CA VAL M 333 43.91 186.45 -7.29
C VAL M 333 43.14 187.69 -7.72
N SER M 334 43.29 188.08 -8.99
CA SER M 334 42.62 189.28 -9.46
C SER M 334 41.94 189.03 -10.80
N ILE M 335 40.63 189.29 -10.84
CA ILE M 335 39.86 189.23 -12.08
C ILE M 335 39.99 190.57 -12.80
N ALA M 336 40.41 190.53 -14.06
CA ALA M 336 40.54 191.74 -14.88
C ALA M 336 39.18 192.04 -15.49
N ILE M 337 38.42 192.90 -14.82
CA ILE M 337 37.04 193.17 -15.25
C ILE M 337 37.01 194.05 -16.49
N GLY M 338 37.53 195.26 -16.37
CA GLY M 338 37.27 196.31 -17.33
C GLY M 338 36.29 197.34 -16.79
N THR M 339 36.39 198.55 -17.32
CA THR M 339 35.63 199.67 -16.79
C THR M 339 34.13 199.49 -17.04
N ASP M 340 33.34 200.40 -16.46
CA ASP M 340 31.88 200.33 -16.48
C ASP M 340 31.40 198.97 -15.98
N ALA M 341 31.92 198.56 -14.83
CA ALA M 341 31.64 197.26 -14.24
C ALA M 341 30.32 197.34 -13.47
N ASN M 342 29.23 197.08 -14.16
CA ASN M 342 27.91 197.01 -13.55
C ASN M 342 27.53 195.56 -13.31
N MET M 343 27.30 195.21 -12.04
CA MET M 343 27.07 193.83 -11.65
C MET M 343 25.68 193.68 -11.07
N GLN M 344 24.87 192.84 -11.72
CA GLN M 344 23.64 192.33 -11.12
C GLN M 344 23.99 191.13 -10.26
N SER M 345 23.20 190.89 -9.21
CA SER M 345 23.43 189.78 -8.30
C SER M 345 22.88 188.51 -8.95
N GLY M 346 23.66 187.44 -8.90
CA GLY M 346 23.29 186.17 -9.50
C GLY M 346 24.24 185.67 -10.56
N ASP M 347 25.25 186.44 -10.95
CA ASP M 347 26.20 186.03 -11.98
C ASP M 347 27.20 185.07 -11.37
N LYS M 348 27.30 183.87 -11.93
CA LYS M 348 28.25 182.88 -11.44
C LYS M 348 29.56 182.95 -12.20
N ILE M 349 30.63 182.50 -11.55
CA ILE M 349 31.93 182.32 -12.18
C ILE M 349 32.49 180.98 -11.72
N LEU M 350 32.64 180.03 -12.65
CA LEU M 350 33.08 178.69 -12.31
C LEU M 350 34.47 178.47 -12.91
N LEU M 351 35.36 177.90 -12.09
CA LEU M 351 36.78 177.86 -12.35
C LEU M 351 37.35 176.53 -11.89
N SER M 352 38.43 176.10 -12.54
CA SER M 352 39.11 174.85 -12.23
C SER M 352 40.49 175.14 -11.66
N THR M 353 40.88 174.36 -10.65
CA THR M 353 42.13 174.58 -9.92
C THR M 353 42.99 173.34 -9.98
N THR M 354 44.30 173.55 -10.16
CA THR M 354 45.27 172.47 -10.35
C THR M 354 46.26 172.48 -9.20
N GLU M 355 46.69 171.28 -8.80
CA GLU M 355 47.68 171.13 -7.73
C GLU M 355 49.03 170.73 -8.31
N ALA M 356 50.09 171.39 -7.83
CA ALA M 356 51.43 171.06 -8.26
C ALA M 356 51.96 169.85 -7.51
N VAL M 357 52.42 168.84 -8.25
CA VAL M 357 52.92 167.59 -7.68
C VAL M 357 54.22 167.23 -8.39
N ASP M 358 55.06 166.48 -7.70
CA ASP M 358 56.32 166.03 -8.28
C ASP M 358 56.08 165.22 -9.54
N THR M 359 55.12 164.28 -9.49
CA THR M 359 54.70 163.47 -10.63
C THR M 359 55.86 162.72 -11.27
N SER M 360 56.83 162.26 -10.48
CA SER M 360 57.95 161.50 -11.01
C SER M 360 58.49 160.61 -9.89
N ALA M 361 58.15 159.33 -9.93
CA ALA M 361 58.60 158.35 -8.96
C ALA M 361 59.25 157.18 -9.69
N THR M 362 59.62 156.14 -8.93
CA THR M 362 60.19 154.94 -9.54
C THR M 362 59.19 154.32 -10.51
N SER M 363 57.96 154.10 -10.05
CA SER M 363 56.82 153.66 -10.85
C SER M 363 55.62 153.60 -9.91
N GLY M 364 54.43 153.40 -10.51
CA GLY M 364 53.24 153.22 -9.71
C GLY M 364 52.01 153.95 -10.21
N GLY M 365 52.19 155.08 -10.88
CA GLY M 365 51.05 155.84 -11.34
C GLY M 365 51.48 157.10 -12.07
N GLY M 366 50.49 157.89 -12.48
CA GLY M 366 50.76 159.10 -13.22
C GLY M 366 49.64 160.13 -13.20
N THR M 367 49.43 160.79 -14.33
CA THR M 367 48.52 161.91 -14.44
C THR M 367 47.35 161.55 -15.37
N ILE M 368 46.16 161.94 -14.94
CA ILE M 368 44.94 161.79 -15.73
C ILE M 368 44.37 163.17 -16.01
N ALA M 369 44.05 163.42 -17.28
CA ALA M 369 43.46 164.68 -17.70
C ALA M 369 42.21 164.39 -18.51
N ILE M 370 41.14 165.14 -18.23
CA ILE M 370 39.87 164.99 -18.92
C ILE M 370 39.50 166.33 -19.54
N SER M 371 39.21 166.33 -20.84
CA SER M 371 38.83 167.54 -21.55
C SER M 371 37.70 167.22 -22.53
N GLY M 372 37.02 168.28 -22.97
CA GLY M 372 35.95 168.12 -23.93
C GLY M 372 34.66 168.82 -23.53
N GLY M 373 33.53 168.20 -23.87
CA GLY M 373 32.23 168.76 -23.54
C GLY M 373 31.62 169.50 -24.71
N PRO M 374 30.28 169.49 -24.80
CA PRO M 374 29.62 170.28 -25.84
C PRO M 374 29.83 171.77 -25.69
N ALA M 375 30.38 172.22 -24.57
CA ALA M 375 30.78 173.60 -24.39
C ALA M 375 32.25 173.84 -24.69
N GLY M 376 33.06 172.79 -24.78
CA GLY M 376 34.45 172.92 -25.16
C GLY M 376 35.31 173.65 -24.15
N THR M 377 35.52 173.05 -22.98
CA THR M 377 36.26 173.70 -21.91
C THR M 377 37.58 172.97 -21.65
N THR M 378 38.45 173.63 -20.89
CA THR M 378 39.73 173.08 -20.46
C THR M 378 39.64 172.69 -19.00
N GLY M 379 39.63 171.39 -18.73
CA GLY M 379 39.47 170.89 -17.38
C GLY M 379 40.77 170.83 -16.60
N ALA M 380 40.64 170.42 -15.34
CA ALA M 380 41.80 170.27 -14.46
C ALA M 380 42.48 168.92 -14.71
N ILE M 381 43.67 168.78 -14.14
CA ILE M 381 44.49 167.58 -14.31
C ILE M 381 44.80 167.03 -12.92
N ILE M 382 44.80 165.71 -12.78
CA ILE M 382 44.96 165.06 -11.48
C ILE M 382 46.15 164.13 -11.56
N SER M 383 46.81 163.92 -10.43
CA SER M 383 47.97 163.03 -10.36
C SER M 383 47.79 162.06 -9.20
N TYR M 384 48.24 160.82 -9.41
CA TYR M 384 48.11 159.75 -8.45
C TYR M 384 49.49 159.24 -8.05
N GLY M 385 49.56 158.65 -6.86
CA GLY M 385 50.82 158.23 -6.26
C GLY M 385 51.26 156.85 -6.68
N ASN M 386 52.07 156.24 -5.82
CA ASN M 386 52.70 154.96 -6.14
C ASN M 386 51.79 153.79 -5.78
N ASN M 387 51.78 152.77 -6.63
CA ASN M 387 50.98 151.55 -6.45
C ASN M 387 49.49 151.84 -6.35
N GLU M 388 49.08 153.05 -6.75
CA GLU M 388 47.68 153.43 -6.76
C GLU M 388 47.01 153.15 -8.09
N LEU M 389 47.73 152.56 -9.04
CA LEU M 389 47.21 152.29 -10.38
C LEU M 389 47.17 150.81 -10.70
N THR M 390 48.26 150.08 -10.45
CA THR M 390 48.38 148.69 -10.87
C THR M 390 48.89 147.84 -9.71
N LYS M 391 48.31 146.66 -9.54
CA LYS M 391 48.76 145.67 -8.59
C LYS M 391 49.54 144.57 -9.31
N VAL M 392 49.89 143.53 -8.57
CA VAL M 392 50.72 142.43 -9.06
C VAL M 392 49.87 141.17 -9.15
N ASP M 393 50.28 140.25 -10.01
CA ASP M 393 49.51 139.03 -10.24
C ASP M 393 49.76 138.02 -9.12
N ASN M 394 48.96 136.95 -9.15
CA ASN M 394 49.01 135.86 -8.16
C ASN M 394 49.00 134.51 -8.87
N GLY M 395 49.85 134.39 -9.88
CA GLY M 395 49.86 133.22 -10.75
C GLY M 395 49.12 133.43 -12.06
N ASP M 396 47.80 133.59 -12.02
CA ASP M 396 47.04 133.89 -13.23
C ASP M 396 46.10 135.07 -13.06
N THR M 397 45.47 135.21 -11.89
CA THR M 397 44.51 136.24 -11.53
C THR M 397 43.21 136.14 -12.32
N THR M 398 43.15 135.23 -13.29
CA THR M 398 42.01 135.06 -14.17
C THR M 398 41.50 136.41 -14.66
N ILE M 399 42.45 137.30 -14.96
CA ILE M 399 42.23 138.71 -15.29
C ILE M 399 41.67 139.43 -14.07
N ASP M 400 42.33 140.51 -13.67
CA ASP M 400 41.91 141.29 -12.50
C ASP M 400 41.94 142.77 -12.84
N TYR M 401 40.99 143.51 -12.28
CA TYR M 401 40.84 144.93 -12.58
C TYR M 401 40.79 145.71 -11.28
N ASN M 402 41.12 147.00 -11.36
CA ASN M 402 41.02 147.89 -10.21
C ASN M 402 40.24 149.13 -10.60
N SER M 403 39.55 149.72 -9.64
CA SER M 403 38.62 150.81 -9.90
C SER M 403 39.09 152.12 -9.27
N VAL M 404 38.89 153.22 -10.00
CA VAL M 404 39.16 154.57 -9.49
C VAL M 404 37.98 155.46 -9.87
N THR M 405 37.44 156.17 -8.88
CA THR M 405 36.31 157.07 -9.10
C THR M 405 36.82 158.50 -9.28
N VAL M 406 36.37 159.17 -10.33
CA VAL M 406 36.76 160.54 -10.63
C VAL M 406 35.50 161.39 -10.75
N TYR M 407 35.58 162.62 -10.26
CA TYR M 407 34.45 163.55 -10.27
C TYR M 407 34.79 164.78 -11.11
N HIS M 408 33.82 165.19 -11.94
CA HIS M 408 33.98 166.34 -12.81
C HIS M 408 32.74 167.22 -12.71
N ALA M 409 32.95 168.53 -12.85
CA ALA M 409 31.88 169.51 -12.69
C ALA M 409 31.58 170.18 -14.02
N ALA M 410 30.32 170.58 -14.18
CA ALA M 410 29.86 171.17 -15.43
C ALA M 410 28.89 172.30 -15.13
N LEU M 411 29.01 173.37 -15.93
CA LEU M 411 28.15 174.53 -15.84
C LEU M 411 27.56 174.84 -17.20
N ASN M 412 26.28 175.18 -17.23
CA ASN M 412 25.61 175.60 -18.45
C ASN M 412 25.22 177.07 -18.30
N VAL M 413 25.09 177.76 -19.43
CA VAL M 413 25.06 179.23 -19.43
C VAL M 413 23.65 179.77 -19.53
N GLU M 414 22.65 178.95 -19.16
CA GLU M 414 21.26 179.38 -19.20
C GLU M 414 20.62 179.43 -17.81
N THR M 415 20.70 178.34 -17.06
CA THR M 415 20.03 178.26 -15.76
C THR M 415 20.95 178.53 -14.58
N GLY M 416 22.27 178.54 -14.80
CA GLY M 416 23.19 178.78 -13.71
C GLY M 416 23.24 177.69 -12.67
N ASN M 417 22.85 176.47 -13.02
CA ASN M 417 22.96 175.34 -12.11
C ASN M 417 24.23 174.55 -12.41
N LEU M 418 24.68 173.79 -11.41
CA LEU M 418 25.96 173.09 -11.46
C LEU M 418 25.72 171.59 -11.42
N ASP M 419 26.45 170.85 -12.26
CA ASP M 419 26.34 169.39 -12.33
C ASP M 419 27.64 168.79 -11.80
N VAL M 420 27.53 167.86 -10.86
CA VAL M 420 28.67 167.14 -10.32
C VAL M 420 28.50 165.68 -10.71
N GLY M 421 29.20 165.25 -11.77
CA GLY M 421 29.12 163.89 -12.24
C GLY M 421 30.39 163.12 -11.93
N ASN M 422 30.30 161.80 -12.08
CA ASN M 422 31.46 160.95 -11.80
C ASN M 422 31.57 159.84 -12.85
N LEU M 423 32.80 159.43 -13.09
CA LEU M 423 33.13 158.25 -13.88
C LEU M 423 33.94 157.30 -13.01
N THR M 424 34.04 156.05 -13.43
CA THR M 424 34.91 155.10 -12.75
C THR M 424 35.81 154.41 -13.77
N PHE M 425 37.07 154.80 -13.79
CA PHE M 425 38.03 154.13 -14.68
C PHE M 425 38.46 152.80 -14.08
N ASN M 426 38.64 151.80 -14.92
CA ASN M 426 39.13 150.50 -14.50
C ASN M 426 40.49 150.25 -15.15
N PHE M 427 41.46 149.82 -14.36
CA PHE M 427 42.81 149.57 -14.81
C PHE M 427 43.14 148.08 -14.74
N ARG M 428 44.01 147.65 -15.64
CA ARG M 428 44.15 146.25 -16.02
C ARG M 428 44.97 145.46 -15.01
N GLU M 429 45.29 144.21 -15.37
CA GLU M 429 45.71 143.19 -14.42
C GLU M 429 47.04 143.45 -13.73
N ASP M 430 48.15 143.39 -14.46
CA ASP M 430 49.45 143.28 -13.80
C ASP M 430 50.53 143.90 -14.65
N THR M 431 51.33 144.76 -14.02
CA THR M 431 52.57 145.32 -14.55
C THR M 431 53.61 145.28 -13.44
N GLY M 432 54.86 145.60 -13.78
CA GLY M 432 55.86 145.70 -12.74
C GLY M 432 57.31 145.49 -13.11
N THR M 433 58.18 146.15 -12.35
CA THR M 433 59.62 145.88 -12.37
C THR M 433 59.86 144.67 -11.48
N ASP M 434 61.10 144.44 -11.06
CA ASP M 434 61.43 143.27 -10.25
C ASP M 434 60.93 143.48 -8.82
N THR M 435 59.62 143.28 -8.66
CA THR M 435 58.95 143.25 -7.35
C THR M 435 59.20 144.54 -6.55
N ALA M 436 59.29 145.68 -7.24
CA ALA M 436 59.55 146.92 -6.50
C ALA M 436 58.29 147.77 -6.31
N TYR M 437 57.70 148.25 -7.41
CA TYR M 437 56.52 149.10 -7.30
C TYR M 437 55.38 148.76 -8.25
N GLY M 438 55.65 148.18 -9.43
CA GLY M 438 54.64 148.05 -10.46
C GLY M 438 55.01 148.84 -11.69
N SER M 439 54.04 149.12 -12.56
CA SER M 439 54.28 149.90 -13.77
C SER M 439 52.92 150.30 -14.35
N THR M 440 52.96 151.21 -15.33
CA THR M 440 51.77 151.68 -16.03
C THR M 440 52.23 152.35 -17.31
N THR M 441 51.38 152.28 -18.34
CA THR M 441 51.66 152.85 -19.65
C THR M 441 50.82 154.11 -19.87
N GLY M 442 51.16 154.86 -20.90
CA GLY M 442 50.50 156.11 -21.23
C GLY M 442 49.70 156.04 -22.51
N GLY M 443 49.21 157.21 -22.93
CA GLY M 443 48.40 157.35 -24.12
C GLY M 443 47.23 158.28 -23.90
N SER M 444 46.35 158.33 -24.90
CA SER M 444 45.15 159.15 -24.84
C SER M 444 44.03 158.45 -25.61
N PHE M 445 42.83 158.47 -25.05
CA PHE M 445 41.70 157.80 -25.68
C PHE M 445 40.48 158.72 -25.69
N ASP M 446 39.49 158.31 -26.48
CA ASP M 446 38.30 159.12 -26.74
C ASP M 446 37.07 158.34 -26.27
N LEU M 447 36.20 159.03 -25.53
CA LEU M 447 35.00 158.43 -24.95
C LEU M 447 33.77 158.98 -25.68
N LEU M 448 32.81 158.10 -25.94
CA LEU M 448 31.52 158.47 -26.51
C LEU M 448 30.43 158.27 -25.47
N VAL M 449 29.70 159.33 -25.16
CA VAL M 449 28.62 159.29 -24.18
C VAL M 449 27.30 159.48 -24.92
N ALA M 450 26.47 158.44 -24.94
CA ALA M 450 25.18 158.44 -25.60
C ALA M 450 24.07 158.46 -24.56
N GLY M 451 23.03 159.24 -24.83
CA GLY M 451 21.91 159.36 -23.93
C GLY M 451 20.95 158.18 -24.06
N GLY M 452 19.86 158.28 -23.29
CA GLY M 452 18.85 157.25 -23.28
C GLY M 452 17.85 157.40 -24.41
N GLY M 453 16.83 156.53 -24.37
CA GLY M 453 15.79 156.54 -25.37
C GLY M 453 16.21 155.88 -26.68
N GLU M 454 18.90 154.68 -28.40
CA GLU M 454 20.33 154.50 -28.58
C GLU M 454 20.75 153.08 -28.24
N ALA M 455 21.83 152.61 -28.84
CA ALA M 455 22.31 151.26 -28.59
C ALA M 455 22.86 151.12 -27.17
N ALA M 456 22.56 150.00 -26.53
CA ALA M 456 23.06 149.75 -25.20
C ALA M 456 24.57 149.46 -25.24
N THR M 457 25.24 149.79 -24.14
CA THR M 457 26.68 149.59 -24.04
C THR M 457 26.98 148.21 -23.45
N SER M 458 28.27 147.91 -23.33
CA SER M 458 28.70 146.61 -22.80
C SER M 458 28.83 146.60 -21.29
N THR M 459 28.59 147.72 -20.62
CA THR M 459 28.63 147.81 -19.16
C THR M 459 27.28 148.16 -18.57
N THR M 460 26.19 147.99 -19.32
CA THR M 460 24.88 148.37 -18.83
C THR M 460 24.30 147.28 -17.93
N LYS M 461 23.67 147.70 -16.84
CA LYS M 461 22.99 146.77 -15.96
C LYS M 461 21.71 146.26 -16.59
N LEU M 462 21.39 145.00 -16.34
CA LEU M 462 20.24 144.35 -16.97
C LEU M 462 18.90 144.89 -16.49
N LYS M 463 18.87 145.61 -15.37
CA LYS M 463 17.63 146.20 -14.87
C LYS M 463 17.35 147.57 -15.49
N ASP M 464 17.94 147.88 -16.63
CA ASP M 464 17.75 149.16 -17.30
C ASP M 464 17.27 149.01 -18.74
N ILE M 465 17.40 147.84 -19.34
CA ILE M 465 16.95 147.63 -20.71
C ILE M 465 15.43 147.76 -20.75
N SER M 466 14.93 148.46 -21.77
CA SER M 466 13.49 148.74 -21.84
C SER M 466 12.69 147.50 -22.22
N ARG M 467 13.33 146.48 -22.80
CA ARG M 467 12.61 145.27 -23.16
C ARG M 467 12.24 144.41 -21.95
N PHE M 468 12.86 144.63 -20.80
CA PHE M 468 12.63 143.79 -19.63
C PHE M 468 11.63 144.39 -18.65
N THR M 469 10.77 145.29 -19.10
CA THR M 469 9.68 145.82 -18.28
C THR M 469 8.35 145.54 -18.97
N THR M 470 7.34 145.23 -18.18
CA THR M 470 6.05 144.81 -18.70
C THR M 470 5.22 146.02 -19.14
N ASP M 471 4.00 145.75 -19.60
CA ASP M 471 3.12 146.81 -20.06
C ASP M 471 2.62 147.67 -18.91
N ASP M 472 2.41 147.08 -17.74
CA ASP M 472 1.88 147.79 -16.58
C ASP M 472 2.96 148.58 -15.85
N GLY M 473 4.21 148.51 -16.30
CA GLY M 473 5.30 149.21 -15.65
C GLY M 473 6.02 148.41 -14.58
N VAL M 474 5.84 147.09 -14.55
CA VAL M 474 6.48 146.24 -13.55
C VAL M 474 7.63 145.51 -14.24
N ASN M 475 8.84 145.71 -13.73
CA ASN M 475 10.00 145.00 -14.24
C ASN M 475 10.01 143.57 -13.73
N ILE M 476 10.58 142.67 -14.54
CA ILE M 476 10.57 141.25 -14.21
C ILE M 476 11.48 140.97 -13.02
N PHE M 477 12.63 141.62 -12.96
CA PHE M 477 13.66 141.31 -11.97
C PHE M 477 13.38 141.93 -10.60
N ALA M 478 12.22 142.58 -10.41
CA ALA M 478 11.91 143.16 -9.10
C ALA M 478 11.76 142.07 -8.04
N ALA M 479 11.09 140.97 -8.38
CA ALA M 479 10.83 139.93 -7.41
C ALA M 479 12.08 139.14 -7.03
N GLY M 480 12.86 138.71 -8.03
CA GLY M 480 14.02 137.89 -7.76
C GLY M 480 14.61 137.27 -9.02
N PRO M 481 15.55 136.34 -8.83
CA PRO M 481 16.24 135.75 -9.98
C PRO M 481 15.32 134.88 -10.83
N GLN M 482 15.64 134.81 -12.12
CA GLN M 482 14.92 133.99 -13.08
C GLN M 482 15.80 132.85 -13.56
N GLU M 483 15.17 131.90 -14.25
CA GLU M 483 15.83 130.68 -14.70
C GLU M 483 15.74 130.56 -16.22
N LEU M 484 16.83 130.13 -16.85
CA LEU M 484 16.84 129.83 -18.27
C LEU M 484 17.44 128.45 -18.48
N THR M 485 16.77 127.62 -19.28
CA THR M 485 17.20 126.27 -19.53
C THR M 485 17.50 126.11 -21.02
N ILE M 486 18.64 125.50 -21.32
CA ILE M 486 19.06 125.26 -22.69
C ILE M 486 19.10 123.75 -22.92
N PHE M 487 18.44 123.29 -23.98
CA PHE M 487 18.41 121.89 -24.35
C PHE M 487 19.18 121.70 -25.66
N GLY M 488 20.11 120.76 -25.65
CA GLY M 488 20.88 120.45 -26.84
C GLY M 488 21.75 119.22 -26.67
N ASN M 489 22.02 118.52 -27.77
CA ASN M 489 22.87 117.34 -27.77
C ASN M 489 22.41 116.31 -26.74
N GLY M 490 21.09 116.15 -26.63
CA GLY M 490 20.54 115.22 -25.66
C GLY M 490 20.87 115.53 -24.23
N SER M 491 20.98 116.82 -23.88
CA SER M 491 21.33 117.22 -22.53
C SER M 491 20.73 118.59 -22.26
N SER M 492 20.74 118.98 -20.98
CA SER M 492 20.17 120.25 -20.57
C SER M 492 21.12 120.97 -19.64
N ALA M 493 21.02 122.30 -19.65
CA ALA M 493 21.82 123.15 -18.78
C ALA M 493 20.93 124.26 -18.24
N THR M 494 21.29 124.78 -17.07
CA THR M 494 20.48 125.77 -16.38
C THR M 494 21.35 126.95 -15.98
N ILE M 495 20.82 128.16 -16.15
CA ILE M 495 21.48 129.38 -15.72
C ILE M 495 20.47 130.24 -14.95
N TYR M 496 21.00 131.04 -14.02
CA TYR M 496 20.22 131.91 -13.17
C TYR M 496 20.57 133.35 -13.47
N LEU M 497 19.55 134.22 -13.47
CA LEU M 497 19.71 135.63 -13.82
C LEU M 497 19.23 136.50 -12.68
N GLU M 498 20.06 137.48 -12.31
CA GLU M 498 19.73 138.44 -11.27
C GLU M 498 19.79 139.85 -11.85
N GLY M 499 19.47 140.83 -11.01
CA GLY M 499 19.42 142.20 -11.46
C GLY M 499 20.74 142.95 -11.49
N ASP M 500 21.74 142.50 -10.73
CA ASP M 500 23.03 143.17 -10.67
C ASP M 500 23.88 142.97 -11.93
N ASP M 501 23.66 141.87 -12.67
CA ASP M 501 24.58 141.47 -13.72
C ASP M 501 24.56 142.47 -14.88
N THR M 502 25.62 142.43 -15.68
CA THR M 502 25.77 143.24 -16.87
C THR M 502 25.68 142.35 -18.12
N VAL M 503 25.82 142.98 -19.29
CA VAL M 503 25.66 142.25 -20.54
C VAL M 503 26.81 141.27 -20.74
N SER M 504 28.04 141.71 -20.51
CA SER M 504 29.20 140.84 -20.73
C SER M 504 29.19 139.65 -19.79
N GLU M 505 28.68 139.85 -18.56
CA GLU M 505 28.54 138.74 -17.64
C GLU M 505 27.53 137.72 -18.17
N PHE M 506 26.43 138.18 -18.76
CA PHE M 506 25.48 137.27 -19.39
C PHE M 506 26.13 136.52 -20.55
N GLU M 507 26.95 137.23 -21.35
CA GLU M 507 27.67 136.58 -22.43
C GLU M 507 28.59 135.47 -21.90
N THR M 508 29.35 135.76 -20.84
CA THR M 508 30.25 134.76 -20.28
C THR M 508 29.48 133.58 -19.71
N LYS M 509 28.36 133.84 -19.04
CA LYS M 509 27.55 132.75 -18.49
C LYS M 509 27.01 131.85 -19.60
N LEU M 510 26.51 132.46 -20.67
CA LEU M 510 26.01 131.68 -21.79
C LEU M 510 27.13 130.87 -22.44
N SER M 511 28.32 131.48 -22.58
CA SER M 511 29.46 130.76 -23.16
C SER M 511 29.81 129.54 -22.32
N SER M 512 29.87 129.71 -21.00
CA SER M 512 30.19 128.58 -20.13
C SER M 512 29.12 127.50 -20.22
N ALA M 513 27.84 127.89 -20.21
CA ALA M 513 26.75 126.91 -20.29
C ALA M 513 26.80 126.14 -21.60
N ILE M 514 27.07 126.84 -22.71
CA ILE M 514 27.13 126.17 -24.01
C ILE M 514 28.32 125.22 -24.07
N LEU M 515 29.50 125.68 -23.63
CA LEU M 515 30.68 124.84 -23.68
C LEU M 515 30.57 123.62 -22.79
N GLU M 516 29.86 123.72 -21.66
CA GLU M 516 29.72 122.57 -20.78
C GLU M 516 28.96 121.44 -21.46
N LEU M 517 28.07 121.78 -22.40
CA LEU M 517 27.25 120.77 -23.06
C LEU M 517 28.06 119.92 -24.04
N GLY M 518 29.29 120.31 -24.34
CA GLY M 518 30.13 119.56 -25.26
C GLY M 518 30.06 120.00 -26.71
N MET M 519 29.23 121.00 -27.03
CA MET M 519 29.16 121.49 -28.41
C MET M 519 30.38 122.32 -28.79
N GLY M 520 31.22 122.69 -27.84
CA GLY M 520 32.31 123.59 -28.09
C GLY M 520 33.47 122.92 -28.82
N ALA M 521 34.56 123.66 -28.91
CA ALA M 521 35.76 123.18 -29.59
C ALA M 521 36.27 121.90 -28.93
N THR M 522 36.58 120.91 -29.77
CA THR M 522 37.00 119.60 -29.28
C THR M 522 38.47 119.65 -28.87
N ALA M 523 39.06 118.48 -28.66
CA ALA M 523 40.42 118.40 -28.15
C ALA M 523 41.45 118.67 -29.24
N GLY M 524 41.28 119.78 -29.96
CA GLY M 524 42.35 120.29 -30.80
C GLY M 524 43.38 120.93 -29.89
N THR M 525 42.91 121.49 -28.78
CA THR M 525 43.69 122.01 -27.67
C THR M 525 44.66 123.12 -28.07
N SER M 526 44.55 123.65 -29.29
CA SER M 526 45.43 124.70 -29.76
C SER M 526 44.74 126.06 -29.68
N ASP M 527 45.46 127.09 -30.14
CA ASP M 527 44.89 128.43 -30.16
C ASP M 527 43.67 128.51 -31.08
N GLU M 528 43.56 127.59 -32.03
CA GLU M 528 42.33 127.46 -32.81
C GLU M 528 41.15 127.28 -31.87
N ALA M 529 41.30 126.35 -30.92
CA ALA M 529 40.23 126.10 -29.96
C ALA M 529 39.96 127.32 -29.09
N ALA M 530 41.02 128.03 -28.70
CA ALA M 530 40.84 129.22 -27.87
C ALA M 530 40.03 130.28 -28.60
N THR M 531 40.39 130.55 -29.86
CA THR M 531 39.64 131.54 -30.64
C THR M 531 38.20 131.09 -30.88
N VAL M 532 38.01 129.80 -31.19
CA VAL M 532 36.66 129.30 -31.44
C VAL M 532 35.80 129.42 -30.20
N ASN M 533 36.35 129.05 -29.03
CA ASN M 533 35.61 129.17 -27.79
C ASN M 533 35.30 130.63 -27.48
N SER M 534 36.27 131.52 -27.70
CA SER M 534 36.04 132.93 -27.42
C SER M 534 35.05 133.59 -28.37
N ASN M 535 34.87 133.05 -29.58
CA ASN M 535 33.99 133.66 -30.57
C ASN M 535 32.74 132.82 -30.84
N LEU M 536 32.13 132.22 -29.82
CA LEU M 536 30.88 131.50 -30.00
C LEU M 536 29.67 132.41 -29.80
N VAL M 537 29.69 133.23 -28.75
CA VAL M 537 28.63 134.18 -28.47
C VAL M 537 29.18 135.58 -28.69
N ASN M 538 28.45 136.40 -29.45
CA ASN M 538 28.93 137.74 -29.76
C ASN M 538 27.86 138.79 -29.53
N TYR M 539 28.29 139.95 -29.04
CA TYR M 539 27.46 141.14 -28.90
C TYR M 539 28.07 142.24 -29.75
N VAL M 540 27.23 142.97 -30.48
CA VAL M 540 27.68 143.95 -31.46
C VAL M 540 27.58 145.34 -30.84
N SER M 541 28.69 146.06 -30.84
CA SER M 541 28.72 147.42 -30.32
C SER M 541 28.55 148.41 -31.48
N THR M 542 28.62 149.71 -31.17
CA THR M 542 28.42 150.72 -32.21
C THR M 542 29.59 150.77 -33.18
N GLY M 543 30.82 150.64 -32.65
CA GLY M 543 32.00 150.70 -33.48
C GLY M 543 32.45 149.41 -34.09
N ASP M 544 31.67 148.34 -33.96
CA ASP M 544 32.01 147.02 -34.50
C ASP M 544 31.04 146.57 -35.58
N VAL M 545 30.26 147.48 -36.13
CA VAL M 545 29.26 147.12 -37.13
C VAL M 545 29.96 146.75 -38.43
N THR M 546 29.59 145.60 -38.99
CA THR M 546 30.15 145.15 -40.25
C THR M 546 29.01 144.72 -41.17
N ASP M 547 28.84 145.42 -42.28
CA ASP M 547 27.77 145.13 -43.22
C ASP M 547 28.06 143.84 -44.00
N SER M 548 27.04 143.36 -44.69
CA SER M 548 27.12 142.17 -45.53
C SER M 548 27.56 140.94 -44.75
N SER M 549 27.27 140.92 -43.44
CA SER M 549 27.69 139.82 -42.60
C SER M 549 26.63 139.60 -41.53
N ASN M 550 26.92 138.68 -40.60
CA ASN M 550 25.96 138.33 -39.56
C ASN M 550 25.74 139.46 -38.57
N GLU M 551 26.79 140.23 -38.26
CA GLU M 551 26.74 141.27 -37.25
C GLU M 551 26.42 142.64 -37.84
N ALA M 552 25.65 142.69 -38.93
CA ALA M 552 25.30 143.94 -39.59
C ALA M 552 24.30 144.78 -38.81
N LEU M 553 23.97 144.38 -37.58
CA LEU M 553 23.03 145.12 -36.75
C LEU M 553 23.66 145.36 -35.39
N ALA M 554 23.31 146.49 -34.78
CA ALA M 554 23.86 146.90 -33.49
C ALA M 554 22.92 146.48 -32.36
N GLY M 555 23.51 146.04 -31.26
CA GLY M 555 22.73 145.64 -30.09
C GLY M 555 21.92 144.38 -30.29
N THR M 556 22.48 143.39 -30.98
CA THR M 556 21.82 142.10 -31.17
C THR M 556 22.83 140.98 -30.96
N PHE M 557 22.44 139.98 -30.18
CA PHE M 557 23.29 138.83 -29.91
C PHE M 557 23.38 137.90 -31.11
N VAL M 558 24.55 137.32 -31.32
CA VAL M 558 24.78 136.31 -32.34
C VAL M 558 25.23 135.03 -31.65
N ILE M 559 24.55 133.92 -31.93
CA ILE M 559 24.81 132.65 -31.29
C ILE M 559 25.06 131.60 -32.36
N GLN M 560 26.14 130.84 -32.20
CA GLN M 560 26.49 129.75 -33.09
C GLN M 560 26.95 128.56 -32.27
N THR M 561 27.22 127.44 -32.95
CA THR M 561 27.79 126.27 -32.31
C THR M 561 28.89 125.70 -33.18
N ALA M 562 29.64 124.73 -32.67
CA ALA M 562 30.76 124.16 -33.42
C ALA M 562 30.45 122.79 -34.00
N ARG M 563 29.19 122.38 -34.03
CA ARG M 563 28.78 121.09 -34.55
C ARG M 563 27.92 121.26 -35.79
N LEU M 564 27.78 120.19 -36.55
CA LEU M 564 27.12 120.21 -37.84
C LEU M 564 25.75 119.55 -37.78
N GLY M 565 24.88 119.96 -38.69
CA GLY M 565 23.61 119.30 -38.90
C GLY M 565 22.64 119.45 -37.73
N ASP M 566 21.74 118.47 -37.63
CA ASP M 566 20.72 118.47 -36.60
C ASP M 566 21.30 118.48 -35.20
N ASP M 567 22.56 118.04 -35.04
CA ASP M 567 23.20 118.08 -33.73
C ASP M 567 23.40 119.51 -33.23
N SER M 568 23.34 120.50 -34.11
CA SER M 568 23.51 121.89 -33.73
C SER M 568 22.19 122.60 -33.44
N LYS M 569 21.07 121.88 -33.47
CA LYS M 569 19.79 122.50 -33.15
C LYS M 569 19.71 122.76 -31.66
N LEU M 570 19.26 123.96 -31.29
CA LEU M 570 19.21 124.39 -29.90
C LEU M 570 17.76 124.64 -29.48
N SER M 571 17.49 124.44 -28.20
CA SER M 571 16.16 124.67 -27.63
C SER M 571 16.25 125.53 -26.39
N PHE M 572 15.31 126.46 -26.23
CA PHE M 572 15.29 127.41 -25.13
C PHE M 572 14.02 127.21 -24.32
N ILE M 573 14.15 127.24 -22.99
CA ILE M 573 13.03 127.02 -22.07
C ILE M 573 13.12 128.03 -20.94
N GLY M 574 11.96 128.55 -20.54
CA GLY M 574 11.91 129.47 -19.41
C GLY M 574 10.52 130.04 -19.25
N ASP M 575 10.44 131.12 -18.48
CA ASP M 575 9.17 131.79 -18.27
C ASP M 575 8.74 132.50 -19.56
N GLN M 576 7.43 132.66 -19.71
CA GLN M 576 6.89 133.19 -20.96
C GLN M 576 7.36 134.62 -21.22
N ASN M 577 7.35 135.46 -20.18
CA ASN M 577 7.72 136.86 -20.36
C ASN M 577 9.18 137.00 -20.77
N LEU M 578 10.07 136.25 -20.12
CA LEU M 578 11.49 136.33 -20.47
C LEU M 578 11.74 135.83 -21.88
N ILE M 579 11.10 134.73 -22.28
CA ILE M 579 11.30 134.18 -23.62
C ILE M 579 10.77 135.14 -24.67
N ASN M 580 9.62 135.76 -24.41
CA ASN M 580 9.10 136.74 -25.35
C ASN M 580 10.01 137.96 -25.44
N ALA M 581 10.56 138.39 -24.31
CA ALA M 581 11.47 139.53 -24.32
C ALA M 581 12.73 139.22 -25.12
N LEU M 582 13.27 138.01 -24.99
CA LEU M 582 14.45 137.64 -25.74
C LEU M 582 14.15 137.60 -27.23
N SER M 583 13.07 136.93 -27.62
CA SER M 583 12.54 136.97 -28.98
C SER M 583 13.61 136.53 -29.99
N LEU M 584 14.03 135.27 -29.85
CA LEU M 584 15.06 134.74 -30.73
C LEU M 584 14.47 134.40 -32.10
N ALA M 585 15.35 134.34 -33.09
CA ALA M 585 14.95 134.01 -34.45
C ALA M 585 16.11 133.27 -35.12
N THR M 586 15.78 132.56 -36.20
CA THR M 586 16.76 131.76 -36.93
C THR M 586 17.18 132.51 -38.19
N ILE M 587 18.48 132.68 -38.37
CA ILE M 587 19.01 133.28 -39.59
C ILE M 587 19.73 132.28 -40.47
N GLN M 588 20.28 131.20 -39.91
CA GLN M 588 20.82 130.15 -40.77
C GLN M 588 20.41 128.79 -40.23
N GLU M 589 20.01 127.91 -41.16
CA GLU M 589 19.60 126.55 -40.87
C GLU M 589 20.76 125.59 -41.07
N GLY M 590 20.62 124.39 -40.51
CA GLY M 590 21.69 123.40 -40.55
C GLY M 590 21.79 122.71 -41.89
N GLU M 591 22.71 121.73 -41.93
CA GLU M 591 22.99 120.96 -43.14
C GLU M 591 23.79 119.71 -42.78
N ASN M 592 23.37 118.57 -43.31
CA ASN M 592 24.03 117.32 -42.99
C ASN M 592 25.32 117.18 -43.80
N SER M 593 26.17 116.25 -43.36
CA SER M 593 27.45 116.00 -44.00
C SER M 593 27.35 114.79 -44.93
N GLU M 594 28.44 114.50 -45.63
CA GLU M 594 28.49 113.39 -46.56
C GLU M 594 29.70 112.53 -46.21
N THR M 595 29.51 111.22 -46.16
CA THR M 595 30.56 110.31 -45.70
C THR M 595 30.77 109.22 -46.73
N THR M 596 32.02 109.00 -47.11
CA THR M 596 32.42 107.88 -47.95
C THR M 596 33.08 106.83 -47.08
N ILE M 597 32.55 105.60 -47.13
CA ILE M 597 33.00 104.52 -46.27
C ILE M 597 33.40 103.35 -47.15
N LYS M 598 34.58 102.79 -46.90
CA LYS M 598 35.06 101.61 -47.61
C LYS M 598 35.48 100.54 -46.60
N VAL M 599 34.99 99.32 -46.78
CA VAL M 599 35.25 98.25 -45.84
C VAL M 599 36.07 97.16 -46.52
N THR M 600 37.08 96.66 -45.80
CA THR M 600 37.96 95.63 -46.34
C THR M 600 38.29 94.64 -45.23
N ASP M 601 38.71 93.44 -45.63
CA ASP M 601 39.00 92.37 -44.68
C ASP M 601 40.27 92.68 -43.90
N ALA M 602 40.43 92.02 -42.76
CA ALA M 602 41.52 92.32 -41.83
C ALA M 602 42.77 91.50 -42.06
N HIS M 603 42.68 90.37 -42.79
CA HIS M 603 43.85 89.51 -43.01
C HIS M 603 44.21 89.33 -44.47
N THR M 604 43.27 89.47 -45.40
CA THR M 604 43.55 89.35 -46.82
C THR M 604 43.52 90.72 -47.51
N GLY M 605 42.47 91.50 -47.30
CA GLY M 605 42.32 92.78 -47.95
C GLY M 605 41.34 92.80 -49.09
N LYS M 606 40.59 91.72 -49.30
CA LYS M 606 39.62 91.69 -50.38
C LYS M 606 38.52 92.73 -50.16
N PHE M 607 38.11 93.37 -51.26
CA PHE M 607 37.08 94.38 -51.18
C PHE M 607 35.73 93.75 -50.84
N ILE M 608 35.02 94.37 -49.89
CA ILE M 608 33.70 93.92 -49.48
C ILE M 608 32.62 94.91 -49.90
N GLY M 609 32.82 96.19 -49.59
CA GLY M 609 31.83 97.18 -49.96
C GLY M 609 32.27 98.62 -49.79
N SER M 610 31.52 99.53 -50.41
CA SER M 610 31.73 100.96 -50.29
C SER M 610 30.39 101.65 -50.36
N ASP M 611 30.26 102.78 -49.67
CA ASP M 611 29.00 103.49 -49.60
C ASP M 611 29.23 104.99 -49.43
N SER M 612 28.23 105.76 -49.82
CA SER M 612 28.21 107.21 -49.66
C SER M 612 26.91 107.58 -48.97
N VAL M 613 27.01 107.96 -47.70
CA VAL M 613 25.85 108.17 -46.85
C VAL M 613 25.80 109.62 -46.39
N ASN M 614 24.65 110.00 -45.85
CA ASN M 614 24.39 111.38 -45.43
C ASN M 614 23.98 111.51 -43.97
N ASP M 615 23.43 110.45 -43.37
CA ASP M 615 23.12 110.43 -41.95
C ASP M 615 24.19 109.70 -41.14
N SER M 616 25.32 109.37 -41.76
CA SER M 616 26.46 108.72 -41.11
C SER M 616 26.06 107.35 -40.53
N THR M 617 25.31 106.59 -41.33
CA THR M 617 24.86 105.26 -40.94
C THR M 617 25.22 104.30 -42.07
N LEU M 618 25.84 103.18 -41.73
CA LEU M 618 26.17 102.15 -42.71
C LEU M 618 25.09 101.07 -42.63
N ARG M 619 24.31 100.93 -43.69
CA ARG M 619 23.16 100.04 -43.66
C ARG M 619 23.25 99.02 -44.79
N GLY M 620 23.15 97.75 -44.43
CA GLY M 620 23.01 96.69 -45.41
C GLY M 620 24.19 96.43 -46.31
N VAL M 621 25.41 96.41 -45.77
CA VAL M 621 26.56 95.85 -46.47
C VAL M 621 27.14 94.65 -45.73
N ILE M 622 27.17 94.69 -44.41
CA ILE M 622 27.44 93.53 -43.57
C ILE M 622 26.10 92.88 -43.25
N GLN M 623 26.03 91.56 -43.37
CA GLN M 623 24.75 90.86 -43.25
C GLN M 623 24.17 91.03 -41.86
N GLY M 624 23.07 91.78 -41.76
CA GLY M 624 22.29 91.82 -40.53
C GLY M 624 22.81 92.72 -39.44
N VAL M 625 23.72 93.66 -39.74
CA VAL M 625 24.27 94.56 -38.75
C VAL M 625 24.32 95.97 -39.33
N ASP M 626 23.93 96.96 -38.53
CA ASP M 626 24.07 98.36 -38.93
C ASP M 626 25.03 99.06 -37.99
N VAL M 627 25.79 100.00 -38.53
CA VAL M 627 26.89 100.66 -37.83
C VAL M 627 26.61 102.16 -37.76
N LYS M 628 26.75 102.72 -36.57
CA LYS M 628 26.56 104.15 -36.31
C LYS M 628 27.96 104.78 -36.18
N ILE M 629 28.20 105.84 -36.95
CA ILE M 629 29.47 106.55 -36.86
C ILE M 629 29.20 108.01 -36.50
N ASP M 630 29.94 108.49 -35.51
CA ASP M 630 29.82 109.86 -35.06
C ASP M 630 30.31 110.82 -36.13
N SER M 631 29.75 112.03 -36.12
CA SER M 631 30.09 113.05 -37.09
C SER M 631 31.26 113.93 -36.66
N ASP M 632 31.92 113.60 -35.55
CA ASP M 632 33.03 114.38 -35.03
C ASP M 632 34.38 113.75 -35.37
N VAL M 633 34.48 113.16 -36.55
CA VAL M 633 35.71 112.53 -37.02
C VAL M 633 36.04 113.12 -38.38
N GLY M 634 37.24 113.68 -38.51
CA GLY M 634 37.71 114.17 -39.79
C GLY M 634 37.23 115.56 -40.15
N VAL M 635 37.26 116.48 -39.20
CA VAL M 635 36.86 117.87 -39.42
C VAL M 635 37.88 118.78 -38.77
N SER M 636 38.23 119.86 -39.46
CA SER M 636 39.12 120.89 -38.92
C SER M 636 38.39 122.22 -38.95
N ILE M 637 38.52 122.98 -37.87
CA ILE M 637 37.73 124.18 -37.63
C ILE M 637 38.65 125.39 -37.55
N SER M 638 38.21 126.49 -38.14
CA SER M 638 38.96 127.75 -38.08
C SER M 638 37.98 128.90 -38.01
N TRP M 639 38.50 130.09 -37.72
CA TRP M 639 37.69 131.29 -37.58
C TRP M 639 38.32 132.42 -38.36
N ASN M 640 37.53 133.06 -39.23
CA ASN M 640 37.97 134.18 -40.06
C ASN M 640 37.40 135.45 -39.49
N SER M 641 38.27 136.33 -38.99
CA SER M 641 37.85 137.60 -38.42
C SER M 641 37.49 138.62 -39.50
N THR M 642 38.17 138.57 -40.64
CA THR M 642 37.87 139.48 -41.73
C THR M 642 36.44 139.37 -42.22
N LYS M 643 35.91 138.15 -42.30
CA LYS M 643 34.50 137.94 -42.61
C LYS M 643 33.68 137.58 -41.37
N LYS M 644 34.33 137.36 -40.22
CA LYS M 644 33.66 137.07 -38.97
C LYS M 644 32.80 135.80 -39.06
N THR M 645 33.36 134.75 -39.64
CA THR M 645 32.64 133.49 -39.82
C THR M 645 33.52 132.31 -39.46
N MET M 646 32.89 131.22 -39.05
CA MET M 646 33.62 129.98 -38.85
C MET M 646 33.77 129.26 -40.19
N GLU M 647 34.77 128.38 -40.24
CA GLU M 647 35.05 127.60 -41.44
C GLU M 647 35.35 126.16 -41.04
N PHE M 648 34.76 125.23 -41.77
CA PHE M 648 34.99 123.80 -41.60
C PHE M 648 35.71 123.28 -42.83
N SER M 649 36.64 122.35 -42.63
CA SER M 649 37.40 121.79 -43.72
C SER M 649 37.72 120.33 -43.45
N ALA M 650 38.02 119.60 -44.52
CA ALA M 650 38.40 118.20 -44.39
C ALA M 650 39.81 118.10 -43.80
N THR M 651 40.01 117.07 -42.98
CA THR M 651 41.32 116.84 -42.39
C THR M 651 42.37 116.53 -43.45
N GLY M 652 41.96 115.79 -44.49
CA GLY M 652 42.84 115.46 -45.59
C GLY M 652 43.57 114.15 -45.44
N GLU M 653 43.40 113.44 -44.32
CA GLU M 653 44.03 112.16 -44.10
C GLU M 653 42.97 111.15 -43.68
N SER M 654 43.14 109.92 -44.14
CA SER M 654 42.17 108.87 -43.91
C SER M 654 42.19 108.41 -42.46
N GLU M 655 41.09 107.79 -42.04
CA GLU M 655 40.95 107.25 -40.69
C GLU M 655 40.66 105.76 -40.80
N ASP M 656 41.16 105.00 -39.81
CA ASP M 656 41.02 103.55 -39.79
C ASP M 656 40.41 103.12 -38.47
N ILE M 657 39.33 102.34 -38.53
CA ILE M 657 38.68 101.77 -37.37
C ILE M 657 38.50 100.28 -37.62
N LYS M 658 38.50 99.49 -36.55
CA LYS M 658 38.42 98.04 -36.67
C LYS M 658 37.27 97.52 -35.80
N LEU M 659 36.68 96.41 -36.24
CA LEU M 659 35.49 95.86 -35.61
C LEU M 659 35.62 94.36 -35.49
N HIS M 660 35.23 93.83 -34.33
CA HIS M 660 35.25 92.40 -34.05
C HIS M 660 33.83 91.93 -33.78
N LEU M 661 33.50 90.76 -34.33
CA LEU M 661 32.10 90.36 -34.44
C LEU M 661 32.02 88.84 -34.55
N VAL M 662 31.38 88.20 -33.58
CA VAL M 662 31.34 86.74 -33.49
C VAL M 662 29.88 86.29 -33.35
N ASP M 663 29.53 85.23 -34.07
CA ASP M 663 28.17 84.70 -34.02
C ASP M 663 27.96 83.89 -32.74
N ASN M 664 26.83 84.14 -32.08
CA ASN M 664 26.46 83.41 -30.88
C ASN M 664 24.98 83.59 -30.56
N ALA M 665 23.65 81.61 -32.67
CA ALA M 665 22.22 81.68 -32.43
C ALA M 665 21.81 80.63 -31.41
N MET M 666 20.52 80.28 -31.40
CA MET M 666 19.97 79.34 -30.43
C MET M 666 19.56 78.08 -31.19
N GLU M 667 20.28 76.98 -30.96
CA GLU M 667 20.05 75.74 -31.68
C GLU M 667 19.37 74.74 -30.76
N MET M 668 18.26 74.18 -31.21
CA MET M 668 17.47 73.24 -30.42
C MET M 668 17.41 71.88 -31.13
N GLN M 669 17.77 70.83 -30.40
CA GLN M 669 17.65 69.48 -30.92
C GLN M 669 16.19 69.08 -30.99
N ILE M 670 15.80 68.44 -32.09
CA ILE M 670 14.39 68.12 -32.32
C ILE M 670 14.23 66.64 -32.66
N GLY M 671 15.33 65.99 -33.04
CA GLY M 671 15.30 64.61 -33.49
C GLY M 671 16.15 63.70 -32.64
N ALA M 672 16.21 62.44 -33.08
CA ALA M 672 17.00 61.41 -32.42
C ALA M 672 18.24 61.04 -33.20
N ASN M 673 18.63 61.84 -34.20
CA ASN M 673 19.81 61.57 -35.00
C ASN M 673 20.54 62.88 -35.24
N GLU M 674 21.60 62.81 -36.04
CA GLU M 674 22.44 63.97 -36.30
C GLU M 674 21.73 64.93 -37.25
N GLY M 675 22.17 66.19 -37.22
CA GLY M 675 21.73 67.17 -38.19
C GLY M 675 20.35 67.75 -37.92
N GLN M 676 19.48 66.96 -37.29
CA GLN M 676 18.10 67.37 -37.07
C GLN M 676 18.02 68.40 -35.94
N THR M 677 18.16 69.67 -36.29
CA THR M 677 18.09 70.76 -35.33
C THR M 677 17.29 71.91 -35.92
N ILE M 678 16.80 72.78 -35.05
CA ILE M 678 16.02 73.94 -35.44
C ILE M 678 16.66 75.19 -34.84
N LEU M 679 16.79 76.24 -35.65
CA LEU M 679 17.50 77.44 -35.27
C LEU M 679 16.50 78.54 -34.92
N ALA M 680 16.77 79.25 -33.83
CA ALA M 680 15.95 80.38 -33.40
C ALA M 680 16.86 81.51 -32.95
N ASN M 681 16.37 82.74 -33.09
CA ASN M 681 17.13 83.93 -32.73
C ASN M 681 16.18 85.01 -32.24
N ILE M 682 16.70 85.92 -31.42
CA ILE M 682 15.92 87.02 -30.87
C ILE M 682 16.64 88.33 -31.16
N PRO M 683 16.08 89.20 -31.99
CA PRO M 683 16.78 90.45 -32.34
C PRO M 683 16.83 91.43 -31.16
N GLN M 684 17.65 92.45 -31.32
CA GLN M 684 17.83 93.47 -30.30
C GLN M 684 16.63 94.41 -30.25
N VAL M 685 16.20 94.75 -29.04
CA VAL M 685 15.10 95.68 -28.83
C VAL M 685 15.43 96.58 -27.66
N ASP M 686 15.52 97.88 -27.91
CA ASP M 686 15.71 98.91 -26.89
C ASP M 686 15.38 100.25 -27.50
N THR M 687 15.65 101.34 -26.77
CA THR M 687 15.37 102.67 -27.27
C THR M 687 16.22 103.00 -28.50
N THR M 688 17.51 102.62 -28.46
CA THR M 688 18.38 102.92 -29.59
C THR M 688 17.96 102.18 -30.85
N SER M 689 17.59 100.90 -30.71
CA SER M 689 17.14 100.14 -31.88
C SER M 689 15.80 100.66 -32.39
N LEU M 690 14.94 101.15 -31.49
CA LEU M 690 13.66 101.71 -31.90
C LEU M 690 13.78 103.12 -32.47
N GLY M 691 14.95 103.76 -32.32
CA GLY M 691 15.18 105.06 -32.90
C GLY M 691 14.41 106.21 -32.28
N ILE M 692 14.07 106.10 -30.99
CA ILE M 692 13.39 107.19 -30.29
C ILE M 692 14.25 107.62 -29.10
N ASP M 693 15.56 107.42 -29.22
CA ASP M 693 16.47 107.82 -28.14
C ASP M 693 16.49 109.33 -27.95
N ASP M 694 16.46 110.08 -29.05
CA ASP M 694 16.67 111.52 -28.99
C ASP M 694 15.41 112.33 -29.26
N ILE M 695 14.27 111.83 -28.81
CA ILE M 695 13.00 112.52 -29.01
C ILE M 695 12.78 113.51 -27.87
N LEU M 696 12.46 114.75 -28.23
CA LEU M 696 12.24 115.82 -27.27
C LEU M 696 10.89 116.46 -27.52
N MET M 697 10.22 116.88 -26.45
CA MET M 697 8.90 117.52 -26.52
C MET M 697 8.97 118.79 -25.69
N VAL M 698 9.49 119.86 -26.30
CA VAL M 698 9.72 121.12 -25.59
C VAL M 698 8.96 122.26 -26.26
N ASP M 699 9.04 122.35 -27.58
CA ASP M 699 8.44 123.44 -28.33
C ASP M 699 7.35 122.91 -29.26
N GLN M 700 6.69 123.83 -29.95
CA GLN M 700 5.61 123.48 -30.87
C GLN M 700 6.14 123.12 -32.25
N GLU M 701 7.13 122.22 -32.31
CA GLU M 701 7.63 121.73 -33.58
C GLU M 701 7.96 120.24 -33.62
N LEU M 702 8.23 119.59 -32.49
CA LEU M 702 8.75 118.23 -32.51
C LEU M 702 7.66 117.16 -32.42
N ALA M 703 6.41 117.57 -32.18
CA ALA M 703 5.34 116.59 -32.00
C ALA M 703 5.10 115.76 -33.26
N GLN M 704 5.22 116.38 -34.43
CA GLN M 704 4.97 115.66 -35.68
C GLN M 704 6.00 114.55 -35.90
N GLU M 705 7.28 114.89 -35.74
CA GLU M 705 8.32 113.88 -35.80
C GLU M 705 8.10 112.80 -34.74
N SER M 706 7.63 113.21 -33.55
CA SER M 706 7.34 112.23 -32.52
C SER M 706 6.28 111.23 -32.99
N ILE M 707 5.22 111.73 -33.62
CA ILE M 707 4.15 110.86 -34.11
C ILE M 707 4.70 109.87 -35.12
N THR M 708 5.49 110.36 -36.07
CA THR M 708 6.03 109.47 -37.10
C THR M 708 6.92 108.38 -36.50
N LYS M 709 7.82 108.77 -35.59
CA LYS M 709 8.72 107.80 -34.98
C LYS M 709 7.95 106.77 -34.18
N LEU M 710 6.91 107.21 -33.44
CA LEU M 710 6.13 106.27 -32.64
C LEU M 710 5.40 105.27 -33.53
N ASP M 711 4.86 105.73 -34.66
CA ASP M 711 4.21 104.82 -35.60
C ASP M 711 5.19 103.76 -36.08
N LYS M 712 6.39 104.19 -36.49
CA LYS M 712 7.37 103.22 -37.00
C LYS M 712 7.77 102.22 -35.91
N ALA M 713 7.94 102.69 -34.68
CA ALA M 713 8.31 101.79 -33.58
C ALA M 713 7.22 100.74 -33.33
N LEU M 714 5.96 101.18 -33.34
CA LEU M 714 4.86 100.23 -33.16
C LEU M 714 4.89 99.17 -34.24
N GLU M 715 5.12 99.57 -35.49
CA GLU M 715 5.18 98.61 -36.59
C GLU M 715 6.28 97.57 -36.36
N THR M 716 7.46 98.04 -35.95
CA THR M 716 8.58 97.13 -35.74
C THR M 716 8.27 96.12 -34.64
N VAL M 717 7.70 96.58 -33.53
CA VAL M 717 7.38 95.67 -32.43
C VAL M 717 6.36 94.63 -32.87
N SER M 718 5.35 95.05 -33.64
CA SER M 718 4.37 94.10 -34.14
C SER M 718 5.01 93.03 -35.02
N GLY M 719 5.94 93.44 -35.89
CA GLY M 719 6.62 92.46 -36.72
C GLY M 719 7.39 91.42 -35.92
N VAL M 720 8.11 91.88 -34.88
CA VAL M 720 8.86 90.94 -34.05
C VAL M 720 7.92 89.94 -33.38
N ARG M 721 6.80 90.44 -32.85
CA ARG M 721 5.84 89.53 -32.21
C ARG M 721 5.29 88.52 -33.21
N ALA M 722 5.01 88.95 -34.44
CA ALA M 722 4.50 88.02 -35.44
C ALA M 722 5.51 86.91 -35.72
N THR M 723 6.79 87.25 -35.83
CA THR M 723 7.82 86.22 -36.04
C THR M 723 7.83 85.21 -34.91
N ILE M 724 7.77 85.70 -33.66
CA ILE M 724 7.78 84.79 -32.51
C ILE M 724 6.57 83.85 -32.56
N GLY M 725 5.40 84.39 -32.89
CA GLY M 725 4.21 83.56 -32.98
C GLY M 725 4.33 82.47 -34.04
N ALA M 726 4.90 82.82 -35.19
CA ALA M 726 5.10 81.82 -36.23
C ALA M 726 5.99 80.68 -35.73
N GLN M 727 7.10 81.02 -35.07
CA GLN M 727 8.00 79.98 -34.58
C GLN M 727 7.30 79.08 -33.54
N ILE M 728 6.53 79.68 -32.64
CA ILE M 728 5.91 78.87 -31.58
C ILE M 728 4.85 77.94 -32.18
N ASN M 729 4.08 78.41 -33.16
CA ASN M 729 3.13 77.52 -33.82
C ASN M 729 3.85 76.38 -34.54
N ARG M 730 5.01 76.68 -35.13
CA ARG M 730 5.81 75.63 -35.76
C ARG M 730 6.17 74.52 -34.78
N LEU M 731 6.72 74.90 -33.62
CA LEU M 731 7.13 73.89 -32.64
C LEU M 731 5.91 73.10 -32.15
N GLU M 732 4.79 73.78 -31.90
CA GLU M 732 3.61 73.09 -31.43
C GLU M 732 3.13 72.06 -32.44
N TYR M 733 3.11 72.42 -33.73
CA TYR M 733 2.75 71.43 -34.74
C TYR M 733 3.72 70.25 -34.77
N THR M 734 5.03 70.53 -34.73
CA THR M 734 5.97 69.42 -34.89
C THR M 734 6.05 68.52 -33.66
N MET M 735 5.44 68.92 -32.54
CA MET M 735 5.51 68.07 -31.34
C MET M 735 4.81 66.72 -31.53
N THR M 736 3.63 66.68 -32.16
CA THR M 736 2.75 65.51 -32.09
C THR M 736 3.24 64.32 -32.91
N GLY M 737 3.94 64.57 -34.02
CA GLY M 737 4.44 63.47 -34.83
C GLY M 737 5.39 62.57 -34.08
N LEU M 738 6.16 63.15 -33.15
CA LEU M 738 7.05 62.35 -32.31
C LEU M 738 6.27 61.36 -31.47
N ASP M 739 5.16 61.82 -30.87
CA ASP M 739 4.33 60.91 -30.08
C ASP M 739 3.74 59.80 -30.94
N THR M 740 3.26 60.16 -32.14
CA THR M 740 2.71 59.15 -33.03
C THR M 740 3.76 58.10 -33.39
N THR M 741 4.97 58.56 -33.72
CA THR M 741 6.06 57.64 -34.06
C THR M 741 6.43 56.76 -32.87
N ARG M 742 6.47 57.34 -31.66
CA ARG M 742 6.74 56.54 -30.47
C ARG M 742 5.70 55.44 -30.31
N GLU M 743 4.43 55.80 -30.44
CA GLU M 743 3.37 54.79 -30.29
C GLU M 743 3.55 53.66 -31.29
N ASN M 744 3.71 54.00 -32.58
CA ASN M 744 3.81 52.96 -33.59
C ASN M 744 5.06 52.11 -33.42
N LEU M 745 6.19 52.74 -33.07
CA LEU M 745 7.44 52.01 -32.93
C LEU M 745 7.45 51.12 -31.70
N THR M 746 6.86 51.57 -30.59
CA THR M 746 6.80 50.70 -29.42
C THR M 746 5.77 49.58 -29.61
N ALA M 747 4.75 49.82 -30.44
CA ALA M 747 3.88 48.72 -30.83
C ALA M 747 4.63 47.69 -31.67
N ALA M 748 5.45 48.17 -32.61
CA ALA M 748 6.22 47.25 -33.45
C ALA M 748 7.24 46.47 -32.63
N GLU M 749 7.91 47.12 -31.68
CA GLU M 749 8.94 46.44 -30.91
C GLU M 749 8.35 45.33 -30.03
N SER M 750 7.21 45.58 -29.39
CA SER M 750 6.64 44.58 -28.50
C SER M 750 5.83 43.55 -29.28
N ARG M 751 6.43 43.00 -30.33
CA ARG M 751 5.94 41.79 -30.97
C ARG M 751 6.95 40.66 -30.90
N ILE M 752 8.10 40.88 -30.26
CA ILE M 752 9.10 39.88 -29.98
C ILE M 752 9.33 39.77 -28.47
N ARG M 753 8.41 40.33 -27.69
CA ARG M 753 8.57 40.35 -26.23
C ARG M 753 8.46 38.95 -25.65
N ASP M 754 7.31 38.32 -25.82
CA ASP M 754 7.11 36.96 -25.36
C ASP M 754 5.86 36.39 -26.04
N LEU M 755 5.81 35.05 -26.09
CA LEU M 755 4.65 34.39 -26.65
C LEU M 755 3.44 34.57 -25.73
N ASP M 756 2.25 34.48 -26.32
CA ASP M 756 1.05 34.34 -25.51
C ASP M 756 1.18 33.11 -24.63
N ILE M 757 0.87 33.26 -23.35
CA ILE M 757 1.23 32.30 -22.31
C ILE M 757 0.63 30.92 -22.59
N ALA M 758 -0.39 30.86 -23.45
CA ALA M 758 -1.14 29.63 -23.64
C ALA M 758 -0.27 28.50 -24.19
N ASP M 759 0.54 28.78 -25.22
CA ASP M 759 1.28 27.70 -25.86
C ASP M 759 2.47 27.26 -25.00
N GLU M 760 3.12 28.20 -24.31
CA GLU M 760 4.14 27.84 -23.35
C GLU M 760 3.56 26.97 -22.24
N MET M 761 2.36 27.32 -21.76
CA MET M 761 1.69 26.51 -20.75
C MET M 761 1.40 25.10 -21.27
N ALA M 762 0.92 25.00 -22.51
CA ALA M 762 0.60 23.69 -23.07
C ALA M 762 1.86 22.83 -23.20
N LYS M 763 2.95 23.42 -23.68
CA LYS M 763 4.19 22.68 -23.81
C LYS M 763 4.72 22.23 -22.45
N PHE M 764 4.63 23.12 -21.45
CA PHE M 764 5.04 22.76 -20.10
C PHE M 764 4.22 21.60 -19.56
N THR M 765 2.91 21.63 -19.76
CA THR M 765 2.05 20.56 -19.28
C THR M 765 2.38 19.24 -19.97
N LYS M 766 2.63 19.30 -21.29
CA LYS M 766 2.97 18.09 -22.03
C LYS M 766 4.27 17.48 -21.52
N ASN M 767 5.28 18.32 -21.29
CA ASN M 767 6.55 17.82 -20.76
C ASN M 767 6.36 17.20 -19.38
N GLN M 768 5.56 17.85 -18.52
CA GLN M 768 5.31 17.32 -17.19
C GLN M 768 4.62 15.97 -17.26
N ILE M 769 3.68 15.80 -18.20
CA ILE M 769 3.00 14.52 -18.35
C ILE M 769 3.98 13.44 -18.81
N LEU M 770 4.87 13.78 -19.75
CA LEU M 770 5.69 12.76 -20.39
C LEU M 770 6.86 12.32 -19.51
N ALA M 771 7.36 13.22 -18.65
CA ALA M 771 8.51 12.88 -17.81
C ALA M 771 8.22 11.72 -16.86
N GLN M 772 7.02 11.71 -16.27
CA GLN M 772 6.68 10.65 -15.32
C GLN M 772 6.63 9.29 -16.00
N SER M 773 6.08 9.23 -17.22
CA SER M 773 6.11 7.99 -17.98
C SER M 773 7.54 7.54 -18.26
N ASN M 774 8.42 8.50 -18.61
CA ASN M 774 9.83 8.13 -18.80
C ASN M 774 10.39 7.48 -17.55
N ILE M 775 10.15 8.09 -16.39
CA ILE M 775 10.73 7.58 -15.13
C ILE M 775 10.21 6.18 -14.82
N SER M 776 8.90 5.98 -14.95
CA SER M 776 8.31 4.67 -14.64
C SER M 776 8.86 3.60 -15.58
N MET M 777 8.98 3.92 -16.86
CA MET M 777 9.46 2.93 -17.81
C MET M 777 10.93 2.60 -17.57
N LEU M 778 11.73 3.61 -17.19
CA LEU M 778 13.11 3.35 -16.81
C LEU M 778 13.18 2.42 -15.61
N ALA M 779 12.32 2.64 -14.61
CA ALA M 779 12.31 1.78 -13.44
C ALA M 779 12.01 0.34 -13.82
N GLN M 780 10.98 0.12 -14.64
CA GLN M 780 10.62 -1.24 -15.03
C GLN M 780 11.74 -1.90 -15.84
N ALA M 781 12.36 -1.12 -16.74
CA ALA M 781 13.44 -1.67 -17.56
C ALA M 781 14.62 -2.10 -16.71
N ASN M 782 14.96 -1.31 -15.68
CA ASN M 782 16.00 -1.75 -14.75
C ASN M 782 15.56 -2.97 -13.96
N SER M 783 14.28 -3.06 -13.61
CA SER M 783 13.81 -4.14 -12.76
C SER M 783 13.92 -5.50 -13.45
N LEU M 784 13.48 -5.56 -14.71
CA LEU M 784 13.23 -6.87 -15.32
C LEU M 784 14.45 -7.79 -15.41
N PRO M 785 15.62 -7.35 -15.91
CA PRO M 785 16.61 -8.34 -16.40
C PRO M 785 17.22 -9.22 -15.32
N GLN M 786 17.75 -8.61 -14.26
CA GLN M 786 18.38 -9.38 -13.20
C GLN M 786 17.40 -10.34 -12.55
N MET M 787 16.17 -9.89 -12.30
CA MET M 787 15.18 -10.76 -11.69
C MET M 787 14.87 -11.96 -12.58
N ALA M 788 14.62 -11.73 -13.86
CA ALA M 788 14.31 -12.84 -14.75
C ALA M 788 15.49 -13.82 -14.84
N LEU M 789 16.70 -13.29 -14.99
CA LEU M 789 17.86 -14.16 -15.13
C LEU M 789 18.10 -14.98 -13.88
N SER M 790 18.05 -14.34 -12.70
CA SER M 790 18.24 -15.08 -11.46
C SER M 790 17.12 -16.08 -11.23
N LEU M 791 15.92 -15.81 -11.74
CA LEU M 791 14.88 -16.83 -11.73
C LEU M 791 15.30 -18.02 -12.56
N LEU M 792 15.92 -17.79 -13.72
CA LEU M 792 16.40 -18.91 -14.53
C LEU M 792 17.49 -19.68 -13.80
N GLY M 793 18.40 -18.97 -13.14
CA GLY M 793 19.53 -19.61 -12.48
C GLY M 793 19.19 -20.53 -11.34
N ALA N 2 40.59 -67.24 -23.39
CA ALA N 2 40.94 -67.35 -21.98
C ALA N 2 41.11 -65.96 -21.37
N MET N 3 41.17 -65.91 -20.04
CA MET N 3 41.35 -64.66 -19.32
C MET N 3 42.74 -64.59 -18.71
N TYR N 4 43.21 -63.37 -18.49
CA TYR N 4 44.57 -63.10 -18.04
C TYR N 4 44.56 -62.40 -16.68
N ILE N 5 45.75 -61.98 -16.25
CA ILE N 5 45.93 -61.21 -15.02
C ILE N 5 46.85 -60.03 -15.33
N ASN N 6 46.51 -58.86 -14.78
CA ASN N 6 47.29 -57.63 -14.95
C ASN N 6 47.25 -57.12 -16.38
N THR N 7 46.07 -57.20 -17.02
CA THR N 7 45.84 -56.66 -18.35
C THR N 7 44.48 -55.98 -18.41
N ASN N 8 44.15 -55.20 -17.39
CA ASN N 8 42.81 -54.61 -17.25
C ASN N 8 42.70 -53.36 -18.13
N VAL N 9 42.52 -53.62 -19.43
CA VAL N 9 42.36 -52.53 -20.41
C VAL N 9 41.11 -51.68 -20.16
N PRO N 10 39.93 -52.27 -19.90
CA PRO N 10 38.73 -51.43 -19.72
C PRO N 10 38.88 -50.38 -18.64
N SER N 11 39.64 -50.68 -17.58
CA SER N 11 39.92 -49.68 -16.56
C SER N 11 40.66 -48.50 -17.16
N LEU N 12 41.63 -48.76 -18.04
CA LEU N 12 42.36 -47.68 -18.70
C LEU N 12 41.44 -46.84 -19.57
N THR N 13 40.55 -47.49 -20.34
CA THR N 13 39.62 -46.74 -21.17
C THR N 13 38.71 -45.85 -20.33
N ALA N 14 38.17 -46.41 -19.24
CA ALA N 14 37.31 -45.64 -18.35
C ALA N 14 38.07 -44.47 -17.73
N GLN N 15 39.35 -44.68 -17.40
CA GLN N 15 40.16 -43.61 -16.83
C GLN N 15 40.33 -42.46 -17.83
N ARG N 16 40.60 -42.81 -19.09
CA ARG N 16 40.73 -41.77 -20.12
C ARG N 16 39.44 -40.95 -20.23
N TYR N 17 38.30 -41.63 -20.33
CA TYR N 17 37.04 -40.92 -20.50
C TYR N 17 36.70 -40.09 -19.27
N LEU N 18 36.99 -40.61 -18.07
CA LEU N 18 36.74 -39.87 -16.84
C LEU N 18 37.58 -38.60 -16.76
N GLY N 19 38.87 -38.69 -17.14
CA GLY N 19 39.70 -37.50 -17.15
C GLY N 19 39.19 -36.45 -18.11
N GLU N 20 38.77 -36.88 -19.30
CA GLU N 20 38.20 -35.93 -20.26
C GLU N 20 36.95 -35.25 -19.69
N THR N 21 36.07 -36.03 -19.07
CA THR N 21 34.85 -35.46 -18.50
C THR N 21 35.18 -34.45 -17.40
N ASN N 22 36.15 -34.79 -16.55
CA ASN N 22 36.54 -33.86 -15.48
C ASN N 22 37.06 -32.55 -16.05
N ASN N 23 37.89 -32.62 -17.10
CA ASN N 23 38.41 -31.40 -17.70
C ASN N 23 37.29 -30.54 -18.26
N ALA N 24 36.33 -31.17 -18.95
CA ALA N 24 35.20 -30.42 -19.51
C ALA N 24 34.38 -29.76 -18.41
N VAL N 25 34.13 -30.49 -17.33
CA VAL N 25 33.35 -29.94 -16.22
C VAL N 25 34.06 -28.73 -15.62
N SER N 26 35.38 -28.83 -15.44
CA SER N 26 36.13 -27.72 -14.87
C SER N 26 36.05 -26.48 -15.76
N LYS N 27 36.20 -26.68 -17.07
CA LYS N 27 36.09 -25.56 -18.00
C LYS N 27 34.72 -24.89 -17.91
N SER N 28 33.65 -25.70 -17.94
CA SER N 28 32.31 -25.13 -17.91
C SER N 28 32.05 -24.39 -16.60
N LEU N 29 32.50 -24.95 -15.48
CA LEU N 29 32.30 -24.30 -14.19
C LEU N 29 33.03 -22.97 -14.12
N GLU N 30 34.27 -22.93 -14.62
CA GLU N 30 35.02 -21.68 -14.60
C GLU N 30 34.33 -20.63 -15.46
N ARG N 31 33.86 -21.02 -16.65
CA ARG N 31 33.17 -20.05 -17.51
C ARG N 31 31.91 -19.52 -16.84
N LEU N 32 31.11 -20.41 -16.23
CA LEU N 32 29.89 -19.95 -15.58
C LEU N 32 30.19 -19.02 -14.42
N SER N 33 31.21 -19.34 -13.63
CA SER N 33 31.56 -18.46 -12.51
C SER N 33 32.02 -17.10 -13.01
N SER N 34 32.84 -17.08 -14.07
CA SER N 34 33.37 -15.81 -14.57
C SER N 34 32.27 -14.95 -15.17
N GLY N 35 31.36 -15.54 -15.94
CA GLY N 35 30.38 -14.75 -16.66
C GLY N 35 30.91 -14.13 -17.93
N LEU N 36 32.09 -14.56 -18.39
CA LEU N 36 32.66 -14.12 -19.65
C LEU N 36 32.95 -15.34 -20.51
N ARG N 37 32.63 -15.26 -21.80
CA ARG N 37 32.80 -16.41 -22.68
C ARG N 37 34.27 -16.77 -22.88
N ILE N 38 35.09 -15.77 -23.21
CA ILE N 38 36.43 -16.07 -23.70
C ILE N 38 37.38 -16.40 -22.55
N ASN N 39 37.64 -15.41 -21.70
CA ASN N 39 38.65 -15.51 -20.64
C ASN N 39 40.00 -15.92 -21.22
N SER N 40 40.96 -16.22 -20.34
CA SER N 40 42.28 -16.71 -20.73
C SER N 40 42.85 -15.94 -21.93
N ALA N 41 43.52 -16.67 -22.83
CA ALA N 41 43.88 -16.11 -24.12
C ALA N 41 43.75 -17.12 -25.26
N SER N 42 43.39 -18.36 -24.99
CA SER N 42 43.43 -19.42 -25.98
C SER N 42 42.05 -19.85 -26.48
N ASP N 43 40.98 -19.22 -26.01
CA ASP N 43 39.65 -19.61 -26.46
C ASP N 43 39.39 -19.15 -27.89
N ASP N 44 39.60 -17.86 -28.16
CA ASP N 44 39.45 -17.31 -29.49
C ASP N 44 40.56 -16.29 -29.72
N ALA N 45 41.21 -16.36 -30.89
CA ALA N 45 42.31 -15.48 -31.22
C ALA N 45 41.90 -14.25 -32.01
N SER N 46 40.60 -14.07 -32.28
CA SER N 46 40.14 -12.97 -33.12
C SER N 46 39.32 -11.93 -32.36
N GLY N 47 38.55 -12.34 -31.35
CA GLY N 47 37.72 -11.40 -30.63
C GLY N 47 38.47 -10.47 -29.70
N LEU N 48 39.68 -10.86 -29.28
CA LEU N 48 40.41 -10.09 -28.28
C LEU N 48 40.75 -8.70 -28.78
N ALA N 49 41.35 -8.59 -29.96
CA ALA N 49 41.77 -7.29 -30.48
C ALA N 49 40.56 -6.38 -30.72
N ILE N 50 39.49 -6.95 -31.29
CA ILE N 50 38.28 -6.17 -31.54
C ILE N 50 37.72 -5.64 -30.22
N SER N 51 37.67 -6.49 -29.20
CA SER N 51 37.17 -6.07 -27.90
C SER N 51 38.02 -4.95 -27.32
N GLU N 52 39.34 -5.10 -27.38
CA GLU N 52 40.24 -4.08 -26.83
C GLU N 52 40.01 -2.73 -27.52
N LYS N 53 39.97 -2.75 -28.85
CA LYS N 53 39.77 -1.50 -29.59
C LYS N 53 38.44 -0.85 -29.24
N LEU N 54 37.37 -1.65 -29.18
CA LEU N 54 36.06 -1.09 -28.87
C LEU N 54 36.01 -0.50 -27.47
N ARG N 55 36.62 -1.18 -26.50
CA ARG N 55 36.63 -0.66 -25.14
C ARG N 55 37.35 0.68 -25.06
N GLY N 56 38.53 0.76 -25.71
CA GLY N 56 39.25 2.02 -25.73
C GLY N 56 38.44 3.14 -26.36
N GLN N 57 37.76 2.85 -27.48
CA GLN N 57 36.95 3.87 -28.12
C GLN N 57 35.80 4.32 -27.24
N ILE N 58 35.18 3.39 -26.51
CA ILE N 58 34.08 3.75 -25.61
C ILE N 58 34.57 4.73 -24.54
N SER N 59 35.71 4.42 -23.93
CA SER N 59 36.24 5.32 -22.89
C SER N 59 36.56 6.69 -23.45
N GLY N 60 37.18 6.73 -24.64
CA GLY N 60 37.45 8.02 -25.27
C GLY N 60 36.20 8.83 -25.52
N LEU N 61 35.13 8.17 -25.97
CA LEU N 61 33.88 8.86 -26.23
C LEU N 61 33.31 9.47 -24.96
N LYS N 62 33.38 8.72 -23.85
CA LYS N 62 32.91 9.27 -22.57
C LYS N 62 33.69 10.54 -22.21
N ARG N 63 35.02 10.50 -22.36
CA ARG N 63 35.82 11.67 -21.99
C ARG N 63 35.47 12.87 -22.86
N ALA N 64 35.28 12.66 -24.16
CA ALA N 64 34.89 13.76 -25.05
C ALA N 64 33.54 14.34 -24.65
N SER N 65 32.60 13.47 -24.28
CA SER N 65 31.29 13.94 -23.84
C SER N 65 31.40 14.87 -22.64
N LEU N 66 32.30 14.54 -21.70
CA LEU N 66 32.51 15.46 -20.57
C LEU N 66 33.11 16.78 -21.04
N ASN N 67 34.13 16.71 -21.91
CA ASN N 67 34.81 17.91 -22.37
C ASN N 67 33.87 18.90 -23.03
N ALA N 68 32.84 18.41 -23.72
CA ALA N 68 31.93 19.33 -24.43
C ALA N 68 31.24 20.30 -23.47
N GLN N 69 30.62 19.78 -22.40
CA GLN N 69 29.95 20.65 -21.42
C GLN N 69 30.96 21.55 -20.72
N ASP N 70 32.13 20.99 -20.36
CA ASP N 70 33.17 21.83 -19.78
C ASP N 70 33.47 23.02 -20.70
N GLY N 71 33.45 22.80 -22.01
CA GLY N 71 33.64 23.91 -22.94
C GLY N 71 32.49 24.91 -22.94
N ILE N 72 31.25 24.42 -22.91
CA ILE N 72 30.10 25.31 -23.12
C ILE N 72 29.93 26.32 -21.98
N SER N 73 30.31 25.93 -20.75
CA SER N 73 30.10 26.85 -19.62
C SER N 73 30.81 28.20 -19.84
N LEU N 74 32.01 28.16 -20.43
CA LEU N 74 32.80 29.38 -20.61
C LEU N 74 32.10 30.36 -21.53
N LEU N 75 31.54 29.86 -22.63
CA LEU N 75 30.80 30.72 -23.55
C LEU N 75 29.59 31.33 -22.86
N GLN N 76 28.92 30.56 -22.00
CA GLN N 76 27.82 31.14 -21.23
C GLN N 76 28.28 32.34 -20.42
N THR N 77 29.41 32.20 -19.72
CA THR N 77 29.93 33.31 -18.91
C THR N 77 30.24 34.54 -19.77
N ALA N 78 30.89 34.33 -20.91
CA ALA N 78 31.22 35.45 -21.79
C ALA N 78 29.97 36.17 -22.26
N GLU N 79 28.92 35.40 -22.60
CA GLU N 79 27.67 36.02 -23.04
C GLU N 79 27.08 36.90 -21.94
N GLY N 80 27.10 36.42 -20.70
CA GLY N 80 26.57 37.24 -19.61
C GLY N 80 27.29 38.56 -19.47
N GLY N 81 28.63 38.52 -19.49
CA GLY N 81 29.39 39.77 -19.38
C GLY N 81 29.08 40.74 -20.52
N LEU N 82 29.05 40.22 -21.74
CA LEU N 82 28.77 41.09 -22.89
C LEU N 82 27.37 41.70 -22.80
N GLN N 83 26.41 40.94 -22.26
CA GLN N 83 25.07 41.48 -22.10
C GLN N 83 25.06 42.65 -21.14
N ASN N 84 25.79 42.54 -20.02
CA ASN N 84 25.86 43.68 -19.10
C ASN N 84 26.45 44.91 -19.80
N ILE N 85 27.55 44.74 -20.53
CA ILE N 85 28.18 45.87 -21.21
C ILE N 85 27.22 46.51 -22.20
N GLN N 86 26.53 45.68 -22.99
CA GLN N 86 25.61 46.21 -24.00
C GLN N 86 24.46 46.95 -23.34
N ASP N 87 23.98 46.47 -22.20
CA ASP N 87 22.92 47.20 -21.50
C ASP N 87 23.39 48.58 -21.10
N MET N 88 24.63 48.70 -20.62
CA MET N 88 25.07 50.01 -20.13
C MET N 88 25.33 51.00 -21.27
N LEU N 89 25.84 50.52 -22.41
CA LEU N 89 26.14 51.44 -23.51
C LEU N 89 24.88 52.15 -24.03
N GLN N 90 23.74 51.47 -23.99
CA GLN N 90 22.51 52.11 -24.44
C GLN N 90 22.12 53.29 -23.56
N ARG N 91 22.27 53.14 -22.24
CA ARG N 91 22.05 54.27 -21.33
C ARG N 91 23.04 55.39 -21.61
N MET N 92 24.28 55.04 -21.96
CA MET N 92 25.23 56.05 -22.39
C MET N 92 24.68 56.87 -23.56
N ARG N 93 24.16 56.19 -24.58
CA ARG N 93 23.61 56.90 -25.73
C ARG N 93 22.40 57.76 -25.34
N GLU N 94 21.53 57.21 -24.49
CA GLU N 94 20.36 57.94 -24.03
C GLU N 94 20.77 59.25 -23.35
N LEU N 95 21.71 59.18 -22.43
CA LEU N 95 22.11 60.39 -21.72
C LEU N 95 22.94 61.31 -22.61
N ALA N 96 23.57 60.78 -23.66
CA ALA N 96 24.25 61.64 -24.61
C ALA N 96 23.25 62.46 -25.42
N VAL N 97 22.15 61.84 -25.84
CA VAL N 97 21.16 62.59 -26.60
C VAL N 97 20.32 63.49 -25.68
N GLN N 98 20.32 63.21 -24.37
CA GLN N 98 19.72 64.13 -23.41
C GLN N 98 20.24 65.55 -23.61
N ALA N 99 21.56 65.73 -23.51
CA ALA N 99 22.16 67.03 -23.77
C ALA N 99 22.15 67.33 -25.27
N GLY N 100 22.11 68.62 -25.59
CA GLY N 100 22.06 69.02 -26.98
C GLY N 100 21.17 70.22 -27.21
N ASN N 101 20.32 70.53 -26.24
CA ASN N 101 19.44 71.68 -26.33
C ASN N 101 20.20 72.94 -25.94
N GLY N 102 19.82 74.07 -26.54
CA GLY N 102 20.28 75.30 -25.95
C GLY N 102 19.24 75.84 -24.99
N VAL N 103 19.31 75.38 -23.75
CA VAL N 103 18.62 75.98 -22.60
C VAL N 103 19.65 76.00 -21.49
N TYR N 104 20.72 75.24 -21.68
CA TYR N 104 21.67 74.87 -20.64
C TYR N 104 22.92 75.74 -20.70
N THR N 105 23.44 76.08 -19.53
CA THR N 105 24.72 76.76 -19.42
C THR N 105 25.84 75.72 -19.51
N THR N 106 27.07 76.15 -19.21
CA THR N 106 28.24 75.29 -19.36
C THR N 106 28.47 74.38 -18.16
N ASN N 107 27.92 74.71 -16.99
CA ASN N 107 28.16 73.95 -15.77
C ASN N 107 27.48 72.59 -15.75
N ASP N 108 26.21 72.53 -16.17
CA ASP N 108 25.49 71.25 -16.15
C ASP N 108 26.06 70.25 -17.13
N ARG N 109 26.67 70.74 -18.21
CA ARG N 109 27.36 69.83 -19.12
C ARG N 109 28.52 69.13 -18.43
N ALA N 110 29.30 69.87 -17.64
CA ALA N 110 30.36 69.25 -16.85
C ALA N 110 29.78 68.30 -15.81
N GLU N 111 28.67 68.70 -15.19
CA GLU N 111 28.01 67.81 -14.23
C GLU N 111 27.64 66.48 -14.86
N ILE N 112 27.13 66.50 -16.09
CA ILE N 112 26.85 65.26 -16.81
C ILE N 112 28.15 64.52 -17.17
N GLN N 113 29.19 65.29 -17.51
CA GLN N 113 30.46 64.70 -17.92
C GLN N 113 31.06 63.86 -16.80
N LYS N 114 30.90 64.29 -15.54
CA LYS N 114 31.44 63.53 -14.42
C LYS N 114 30.89 62.11 -14.39
N GLU N 115 29.57 61.97 -14.44
CA GLU N 115 28.97 60.64 -14.38
C GLU N 115 29.22 59.86 -15.67
N VAL N 116 29.36 60.54 -16.81
CA VAL N 116 29.76 59.83 -18.03
C VAL N 116 31.12 59.19 -17.86
N ASP N 117 32.07 59.95 -17.30
CA ASP N 117 33.40 59.40 -17.05
C ASP N 117 33.35 58.25 -16.07
N GLN N 118 32.52 58.37 -15.03
CA GLN N 118 32.41 57.28 -14.06
C GLN N 118 31.88 56.01 -14.71
N LEU N 119 30.88 56.15 -15.59
CA LEU N 119 30.37 54.99 -16.31
C LEU N 119 31.44 54.37 -17.21
N LYS N 120 32.27 55.21 -17.83
CA LYS N 120 33.38 54.69 -18.63
C LYS N 120 34.36 53.89 -17.76
N GLU N 121 34.67 54.39 -16.57
CA GLU N 121 35.54 53.64 -15.68
C GLU N 121 34.91 52.30 -15.30
N GLU N 122 33.60 52.30 -15.07
CA GLU N 122 32.92 51.03 -14.75
C GLU N 122 33.02 50.05 -15.91
N ILE N 123 32.82 50.51 -17.14
CA ILE N 123 32.88 49.59 -18.27
C ILE N 123 34.29 49.06 -18.45
N ASN N 124 35.31 49.88 -18.19
CA ASN N 124 36.68 49.38 -18.24
C ASN N 124 36.92 48.33 -17.15
N ARG N 125 36.39 48.56 -15.96
CA ARG N 125 36.53 47.59 -14.88
C ARG N 125 35.92 46.25 -15.25
N ILE N 126 34.69 46.27 -15.77
CA ILE N 126 34.02 45.02 -16.13
C ILE N 126 34.71 44.36 -17.30
N ALA N 127 35.29 45.15 -18.21
CA ALA N 127 36.08 44.55 -19.29
C ALA N 127 37.31 43.85 -18.75
N SER N 128 37.92 44.41 -17.70
CA SER N 128 39.18 43.87 -17.19
C SER N 128 39.01 42.96 -15.97
N SER N 129 37.79 42.55 -15.63
CA SER N 129 37.61 41.71 -14.45
C SER N 129 37.07 40.30 -14.74
N THR N 130 36.69 39.99 -15.97
CA THR N 130 36.14 38.66 -16.25
C THR N 130 37.19 37.58 -16.02
N GLU N 131 36.74 36.42 -15.54
CA GLU N 131 37.66 35.42 -15.02
C GLU N 131 37.03 34.04 -15.06
N PHE N 132 37.83 33.02 -15.35
CA PHE N 132 37.39 31.63 -15.30
C PHE N 132 38.62 30.74 -15.20
N ASN N 133 38.73 30.00 -14.09
CA ASN N 133 39.85 29.08 -13.86
C ASN N 133 41.18 29.80 -14.00
N THR N 134 41.29 30.97 -13.36
CA THR N 134 42.50 31.80 -13.38
C THR N 134 42.94 32.16 -14.79
N LYS N 135 41.98 32.39 -15.70
CA LYS N 135 42.28 32.75 -17.08
C LYS N 135 41.33 33.87 -17.50
N LYS N 136 41.89 35.03 -17.82
CA LYS N 136 41.08 36.17 -18.25
C LYS N 136 40.71 36.03 -19.72
N LEU N 137 39.46 36.38 -20.03
CA LEU N 137 38.86 36.07 -21.33
C LEU N 137 38.87 37.25 -22.30
N LEU N 138 38.23 38.35 -21.92
CA LEU N 138 37.86 39.37 -22.90
C LEU N 138 39.05 40.21 -23.36
N ASN N 139 40.02 40.46 -22.48
CA ASN N 139 41.08 41.41 -22.80
C ASN N 139 42.18 40.80 -23.66
N GLY N 140 41.80 40.17 -24.76
CA GLY N 140 42.77 39.73 -25.75
C GLY N 140 43.73 38.66 -25.28
N ASP N 141 43.40 37.97 -24.18
CA ASP N 141 44.22 36.88 -23.68
C ASP N 141 43.79 35.53 -24.24
N SER N 142 42.93 35.52 -25.25
CA SER N 142 42.45 34.28 -25.84
C SER N 142 42.83 34.09 -27.30
N THR N 143 43.31 35.13 -27.99
CA THR N 143 43.64 35.04 -29.41
C THR N 143 45.12 35.29 -29.68
N ALA N 144 45.68 36.36 -29.12
CA ALA N 144 47.05 36.76 -29.44
C ALA N 144 47.73 37.31 -28.19
N LEU N 145 48.99 37.72 -28.38
CA LEU N 145 49.78 38.30 -27.30
C LEU N 145 50.92 39.09 -27.94
N TRP N 146 51.00 40.37 -27.63
CA TRP N 146 51.91 41.26 -28.33
C TRP N 146 52.74 42.07 -27.33
N SER N 147 53.90 42.53 -27.79
CA SER N 147 54.76 43.42 -27.02
C SER N 147 55.68 44.15 -27.97
N SER N 148 56.06 45.36 -27.58
CA SER N 148 56.96 46.18 -28.39
C SER N 148 57.80 47.05 -27.47
N ASP N 149 58.90 47.57 -28.01
CA ASP N 149 59.86 48.34 -27.23
C ASP N 149 59.51 49.82 -27.15
N SER N 150 59.07 50.42 -28.24
CA SER N 150 58.68 51.82 -28.21
C SER N 150 57.41 52.00 -27.37
N SER N 151 57.36 53.08 -26.61
CA SER N 151 56.25 53.33 -25.71
C SER N 151 55.14 54.15 -26.35
N ASP N 152 55.11 54.22 -27.68
CA ASP N 152 54.14 55.05 -28.40
C ASP N 152 53.57 54.29 -29.59
N LEU N 153 53.21 53.03 -29.38
CA LEU N 153 52.63 52.22 -30.43
C LEU N 153 51.54 51.35 -29.82
N ASP N 154 50.32 51.43 -30.36
CA ASP N 154 49.18 50.73 -29.82
C ASP N 154 48.74 49.61 -30.75
N VAL N 155 48.14 48.57 -30.17
CA VAL N 155 47.70 47.40 -30.91
C VAL N 155 46.29 47.05 -30.46
N VAL N 156 45.39 46.83 -31.42
CA VAL N 156 44.06 46.31 -31.13
C VAL N 156 43.85 45.02 -31.90
N ILE N 157 43.34 44.00 -31.21
CA ILE N 157 43.23 42.65 -31.74
C ILE N 157 41.81 42.45 -32.27
N LYS N 158 41.69 41.93 -33.49
CA LYS N 158 40.41 41.61 -34.08
C LYS N 158 40.26 40.11 -34.38
N SER N 159 41.23 39.52 -35.07
CA SER N 159 41.13 38.11 -35.45
C SER N 159 42.48 37.42 -35.33
N ALA N 160 42.61 36.25 -35.95
CA ALA N 160 43.84 35.48 -35.88
C ALA N 160 45.01 36.25 -36.49
N VAL N 161 46.18 36.11 -35.87
CA VAL N 161 47.41 36.74 -36.33
C VAL N 161 48.33 35.65 -36.84
N ALA N 162 49.44 36.06 -37.46
CA ALA N 162 50.26 35.03 -38.09
C ALA N 162 51.36 34.51 -37.18
N GLU N 163 52.42 35.32 -36.95
CA GLU N 163 53.53 35.02 -36.04
C GLU N 163 54.61 36.09 -36.07
N GLY N 164 55.60 35.94 -35.19
CA GLY N 164 56.94 36.42 -35.43
C GLY N 164 57.15 37.89 -35.10
N ASN N 165 58.29 38.40 -35.59
CA ASN N 165 58.75 39.76 -35.36
C ASN N 165 58.69 40.54 -36.66
N TYR N 166 58.43 41.84 -36.56
CA TYR N 166 58.25 42.70 -37.72
C TYR N 166 59.01 44.00 -37.55
N ASN N 167 59.36 44.62 -38.68
CA ASN N 167 60.04 45.91 -38.70
C ASN N 167 59.24 46.89 -39.54
N LEU N 168 59.08 48.11 -39.03
CA LEU N 168 58.28 49.14 -39.67
C LEU N 168 59.15 50.35 -39.99
N ASN N 169 58.84 51.00 -41.11
CA ASN N 169 59.52 52.21 -41.54
C ASN N 169 58.47 53.28 -41.82
N VAL N 170 58.70 54.49 -41.30
CA VAL N 170 57.68 55.54 -41.27
C VAL N 170 58.24 56.79 -41.95
N THR N 171 57.40 57.41 -42.78
CA THR N 171 57.71 58.70 -43.40
C THR N 171 56.50 59.61 -43.20
N VAL N 172 56.74 60.90 -43.00
CA VAL N 172 55.72 61.84 -42.57
C VAL N 172 55.65 63.02 -43.55
N ASP N 173 54.46 63.60 -43.66
CA ASP N 173 54.21 64.86 -44.37
C ASP N 173 53.24 65.67 -43.53
N PRO N 174 53.64 66.84 -43.03
CA PRO N 174 52.89 67.48 -41.94
C PRO N 174 51.59 68.14 -42.40
N GLY N 175 50.87 68.67 -41.41
CA GLY N 175 49.58 69.31 -41.63
C GLY N 175 49.49 70.70 -41.03
N LYS N 176 48.40 70.99 -40.31
CA LYS N 176 48.14 72.31 -39.78
C LYS N 176 47.55 72.19 -38.38
N ASN N 177 47.26 73.35 -37.76
CA ASN N 177 46.78 73.39 -36.38
C ASN N 177 45.57 74.31 -36.22
N PHE N 178 45.15 74.52 -34.98
CA PHE N 178 44.02 75.38 -34.65
C PHE N 178 44.52 76.68 -34.03
N VAL N 179 43.96 77.80 -34.47
CA VAL N 179 44.37 79.12 -34.00
C VAL N 179 43.13 79.88 -33.54
N TYR N 180 43.16 80.36 -32.29
CA TYR N 180 42.06 81.09 -31.66
C TYR N 180 42.44 82.53 -31.35
N LYS N 181 41.43 83.40 -31.38
CA LYS N 181 41.60 84.83 -31.14
C LYS N 181 40.49 85.35 -30.23
N SER N 182 40.84 86.25 -29.32
CA SER N 182 39.91 86.81 -28.35
C SER N 182 39.37 88.16 -28.85
N ASP N 183 38.66 88.87 -27.96
CA ASP N 183 38.04 90.14 -28.30
C ASP N 183 39.02 91.30 -28.12
N VAL N 184 38.47 92.51 -28.17
CA VAL N 184 39.22 93.75 -27.94
C VAL N 184 38.85 94.29 -26.57
N MET N 185 39.87 94.69 -25.80
CA MET N 185 39.69 95.10 -24.42
C MET N 185 39.90 96.60 -24.29
N THR N 186 39.08 97.24 -23.45
CA THR N 186 39.11 98.69 -23.33
C THR N 186 38.91 99.06 -21.86
N LEU N 187 39.49 100.19 -21.46
CA LEU N 187 39.39 100.69 -20.10
C LEU N 187 38.03 101.34 -19.85
N ASN N 188 37.69 101.48 -18.58
CA ASN N 188 36.48 102.20 -18.19
C ASN N 188 36.74 103.70 -18.20
N GLU N 189 35.65 104.46 -18.11
CA GLU N 189 35.70 105.91 -18.20
C GLU N 189 36.25 106.57 -16.94
N ASP N 190 36.03 105.98 -15.76
CA ASP N 190 36.45 106.62 -14.52
C ASP N 190 37.95 106.85 -14.47
N ALA N 191 38.73 105.97 -15.09
CA ALA N 191 40.18 106.11 -15.12
C ALA N 191 40.59 107.11 -16.19
N ILE N 192 41.89 107.14 -16.51
CA ILE N 192 42.46 107.97 -17.56
C ILE N 192 42.49 109.43 -17.13
N GLY N 193 43.64 110.08 -17.32
CA GLY N 193 43.79 111.48 -16.98
C GLY N 193 45.13 111.81 -16.35
N ALA N 194 45.81 112.81 -16.89
CA ALA N 194 47.03 113.32 -16.30
C ALA N 194 46.69 114.40 -15.28
N GLU N 195 47.62 114.66 -14.36
CA GLU N 195 47.30 115.52 -13.23
C GLU N 195 48.62 115.94 -12.56
N ILE N 196 48.55 117.05 -11.83
CA ILE N 196 49.72 117.67 -11.22
C ILE N 196 49.50 117.80 -9.72
N VAL N 197 50.41 117.23 -8.93
CA VAL N 197 50.42 117.36 -7.49
C VAL N 197 51.79 117.84 -7.04
N THR N 198 51.88 118.20 -5.76
CA THR N 198 53.13 118.55 -5.10
C THR N 198 53.26 117.62 -3.89
N ALA N 199 53.83 116.43 -4.11
CA ALA N 199 54.02 115.44 -3.07
C ALA N 199 55.46 115.37 -2.61
N GLY N 200 56.39 115.15 -3.55
CA GLY N 200 57.80 115.17 -3.18
C GLY N 200 58.26 116.54 -2.72
N GLY N 201 57.58 117.58 -3.16
CA GLY N 201 57.87 118.94 -2.74
C GLY N 201 58.63 119.74 -3.77
N ASP N 202 57.92 120.59 -4.51
CA ASP N 202 58.52 121.52 -5.45
C ASP N 202 57.47 122.57 -5.80
N VAL N 203 57.93 123.62 -6.49
CA VAL N 203 57.07 124.74 -6.87
C VAL N 203 57.14 124.88 -8.39
N ASN N 204 56.13 125.53 -8.97
CA ASN N 204 56.04 125.71 -10.41
C ASN N 204 56.96 126.86 -10.82
N GLU N 205 58.01 126.54 -11.56
CA GLU N 205 58.93 127.53 -12.11
C GLU N 205 58.80 127.70 -13.62
N THR N 206 57.79 127.11 -14.24
CA THR N 206 57.64 127.11 -15.69
C THR N 206 56.25 127.60 -16.08
N ASN N 207 56.01 127.67 -17.39
CA ASN N 207 54.77 128.21 -17.92
C ASN N 207 53.88 127.12 -18.51
N VAL N 208 53.89 125.93 -17.92
CA VAL N 208 53.02 124.84 -18.36
C VAL N 208 51.61 125.14 -17.88
N GLY N 209 50.64 125.07 -18.78
CA GLY N 209 49.26 125.23 -18.37
C GLY N 209 48.76 124.00 -17.65
N PHE N 210 48.60 122.90 -18.40
CA PHE N 210 48.14 121.61 -17.91
C PHE N 210 48.47 120.57 -18.96
N VAL N 211 47.97 119.34 -18.75
CA VAL N 211 48.21 118.22 -19.64
C VAL N 211 46.86 117.60 -19.99
N THR N 212 46.73 117.15 -21.23
CA THR N 212 45.48 116.62 -21.75
C THR N 212 45.73 115.39 -22.60
N ASP N 213 44.66 114.58 -22.73
CA ASP N 213 44.56 113.43 -23.61
C ASP N 213 45.67 112.40 -23.38
N PRO N 214 45.67 111.71 -22.24
CA PRO N 214 46.58 110.57 -22.08
C PRO N 214 46.05 109.33 -22.78
N ASN N 215 46.87 108.78 -23.67
CA ASN N 215 46.45 107.61 -24.44
C ASN N 215 47.60 106.62 -24.47
N THR N 216 47.41 105.48 -23.80
CA THR N 216 48.36 104.35 -23.82
C THR N 216 49.73 104.75 -23.29
N LEU N 217 49.75 105.68 -22.32
CA LEU N 217 50.99 106.19 -21.74
C LEU N 217 51.46 105.37 -20.55
N ALA N 218 51.10 104.08 -20.49
CA ALA N 218 51.19 103.24 -19.30
C ALA N 218 50.19 103.75 -18.27
N SER N 219 50.31 103.31 -17.01
CA SER N 219 49.26 103.58 -16.04
C SER N 219 49.79 103.41 -14.63
N THR N 220 48.86 103.38 -13.67
CA THR N 220 49.04 103.18 -12.24
C THR N 220 49.62 104.40 -11.54
N GLY N 221 50.13 105.36 -12.32
CA GLY N 221 50.33 106.73 -11.87
C GLY N 221 50.91 106.97 -10.49
N THR N 222 51.61 106.00 -9.92
CA THR N 222 52.18 106.17 -8.59
C THR N 222 53.65 106.52 -8.62
N ALA N 223 54.45 105.83 -9.44
CA ALA N 223 55.81 106.24 -9.74
C ALA N 223 55.71 107.53 -10.56
N TYR N 224 56.14 108.63 -9.98
CA TYR N 224 55.90 109.94 -10.57
C TYR N 224 56.80 110.15 -11.78
N TYR N 225 56.46 111.14 -12.61
CA TYR N 225 57.17 111.34 -13.86
C TYR N 225 57.75 112.75 -13.93
N THR N 226 58.91 112.86 -14.59
CA THR N 226 59.66 114.11 -14.71
C THR N 226 59.64 114.56 -16.16
N VAL N 227 59.23 115.81 -16.38
CA VAL N 227 58.93 116.34 -17.71
C VAL N 227 59.73 117.60 -18.02
N ASP N 228 61.01 117.62 -17.60
CA ASP N 228 61.86 118.82 -17.64
C ASP N 228 61.65 119.61 -18.93
N VAL N 229 61.36 120.91 -18.78
CA VAL N 229 61.11 121.79 -19.91
C VAL N 229 62.06 122.98 -19.81
N THR N 230 63.21 122.87 -20.47
CA THR N 230 64.23 123.91 -20.41
C THR N 230 64.03 124.91 -21.54
N ALA N 231 64.43 126.16 -21.30
CA ALA N 231 64.33 127.22 -22.31
C ALA N 231 65.62 127.38 -23.09
N GLY N 232 66.08 126.31 -23.73
CA GLY N 232 67.24 126.39 -24.59
C GLY N 232 68.54 126.03 -23.92
N ALA N 233 69.23 125.01 -24.45
CA ALA N 233 70.53 124.60 -23.95
C ALA N 233 71.22 123.71 -24.98
N ASP N 234 72.53 123.85 -25.13
CA ASP N 234 73.26 123.11 -26.15
C ASP N 234 73.12 121.61 -25.94
N THR N 235 72.96 120.88 -27.05
CA THR N 235 72.70 119.45 -27.02
C THR N 235 73.76 118.74 -27.84
N LEU N 236 74.25 117.60 -27.33
CA LEU N 236 75.24 116.80 -28.02
C LEU N 236 74.65 115.46 -28.44
N SER N 237 75.20 114.89 -29.50
CA SER N 237 74.78 113.57 -29.96
C SER N 237 75.20 112.52 -28.94
N SER N 238 74.34 111.52 -28.73
CA SER N 238 74.60 110.50 -27.75
C SER N 238 73.59 109.37 -27.90
N VAL N 239 73.76 108.33 -27.09
CA VAL N 239 72.81 107.24 -26.97
C VAL N 239 72.87 106.73 -25.54
N ALA N 240 71.74 106.22 -25.04
CA ALA N 240 71.65 105.74 -23.68
C ALA N 240 70.95 104.39 -23.66
N THR N 241 71.53 103.45 -22.90
CA THR N 241 70.96 102.12 -22.77
C THR N 241 69.67 102.20 -21.95
N MET N 242 68.55 101.85 -22.58
CA MET N 242 67.27 101.85 -21.88
C MET N 242 67.05 100.56 -21.12
N SER N 243 66.99 99.41 -21.81
CA SER N 243 66.73 98.17 -21.09
C SER N 243 67.03 96.96 -21.97
N VAL N 244 66.97 95.79 -21.33
CA VAL N 244 67.22 94.50 -21.97
C VAL N 244 66.24 93.49 -21.38
N TYR N 245 65.89 92.47 -22.18
CA TYR N 245 64.95 91.46 -21.76
C TYR N 245 65.45 90.08 -22.18
N ARG N 246 65.42 89.14 -21.25
CA ARG N 246 65.82 87.75 -21.49
C ARG N 246 64.74 86.83 -20.95
N GLN N 247 64.64 85.62 -21.51
CA GLN N 247 63.61 84.68 -21.08
C GLN N 247 64.16 83.72 -20.03
N ALA N 248 65.04 82.82 -20.45
CA ALA N 248 65.87 82.06 -19.51
C ALA N 248 67.33 82.23 -19.89
N GLY N 249 67.62 82.00 -21.17
CA GLY N 249 68.91 82.22 -21.78
C GLY N 249 70.15 81.92 -20.96
N SER N 250 71.10 82.83 -21.02
CA SER N 250 72.34 82.74 -20.27
C SER N 250 72.84 84.15 -19.99
N ASN N 251 73.85 84.26 -19.15
CA ASN N 251 74.28 85.56 -18.66
C ASN N 251 74.98 86.36 -19.75
N PHE N 252 74.62 87.65 -19.84
CA PHE N 252 75.32 88.59 -20.68
C PHE N 252 75.01 90.02 -20.24
N GLY N 253 76.01 90.90 -20.29
CA GLY N 253 75.86 92.26 -19.81
C GLY N 253 75.22 93.20 -20.82
N SER N 254 75.64 94.45 -20.77
CA SER N 254 75.05 95.52 -21.57
C SER N 254 76.13 96.56 -21.85
N VAL N 255 75.69 97.76 -22.23
CA VAL N 255 76.49 98.98 -22.39
C VAL N 255 77.02 99.08 -23.82
N ALA N 256 76.56 100.10 -24.53
CA ALA N 256 76.98 100.40 -25.89
C ALA N 256 77.87 101.63 -25.91
N THR N 257 78.69 101.73 -26.94
CA THR N 257 79.62 102.84 -27.09
C THR N 257 79.64 103.30 -28.54
N TRP N 258 79.94 104.58 -28.72
CA TRP N 258 80.02 105.23 -30.01
C TRP N 258 81.41 105.12 -30.62
N THR N 259 81.50 105.48 -31.90
CA THR N 259 82.73 105.87 -32.55
C THR N 259 82.50 107.23 -33.19
N THR N 260 83.41 108.17 -32.93
CA THR N 260 83.19 109.54 -33.36
C THR N 260 83.13 109.62 -34.88
N GLY N 261 82.34 110.57 -35.38
CA GLY N 261 82.14 110.80 -36.79
C GLY N 261 80.72 110.54 -37.26
N GLY N 262 79.99 109.68 -36.57
CA GLY N 262 78.63 109.34 -36.96
C GLY N 262 77.65 110.45 -36.69
N THR N 263 76.56 110.42 -37.44
CA THR N 263 75.50 111.41 -37.33
C THR N 263 74.16 110.71 -37.13
N VAL N 264 73.29 111.35 -36.36
CA VAL N 264 71.94 110.86 -36.10
C VAL N 264 70.96 111.72 -36.88
N ALA N 265 69.86 111.11 -37.33
CA ALA N 265 68.85 111.84 -38.07
C ALA N 265 67.94 112.62 -37.13
N ASP N 266 67.22 111.92 -36.27
CA ASP N 266 66.33 112.56 -35.30
C ASP N 266 66.27 111.71 -34.03
N SER N 267 65.97 112.37 -32.91
CA SER N 267 65.87 111.66 -31.63
C SER N 267 64.71 110.68 -31.66
N GLY N 268 64.87 109.56 -30.97
CA GLY N 268 63.83 108.55 -30.95
C GLY N 268 64.11 107.35 -30.06
N TYR N 269 63.50 106.22 -30.35
CA TYR N 269 63.74 104.99 -29.63
C TYR N 269 64.05 103.86 -30.61
N LEU N 270 65.13 103.13 -30.34
CA LEU N 270 65.61 102.07 -31.21
C LEU N 270 65.46 100.75 -30.46
N LEU N 271 65.11 99.69 -31.18
CA LEU N 271 64.68 98.46 -30.55
C LEU N 271 65.19 97.26 -31.36
N ILE N 272 66.08 96.47 -30.78
CA ILE N 272 66.83 95.45 -31.51
C ILE N 272 66.46 94.06 -31.02
N GLU N 273 66.25 93.14 -31.97
CA GLU N 273 65.81 91.77 -31.71
C GLU N 273 66.74 90.79 -32.41
N ALA N 274 67.08 89.70 -31.72
CA ALA N 274 67.89 88.63 -32.30
C ALA N 274 66.99 87.57 -32.94
N GLN N 275 67.63 86.63 -33.66
CA GLN N 275 66.88 85.59 -34.35
C GLN N 275 67.41 84.18 -34.16
N GLU N 276 68.65 83.98 -33.73
CA GLU N 276 69.19 82.64 -33.57
C GLU N 276 70.05 82.59 -32.30
N ASN N 277 70.80 81.52 -32.15
CA ASN N 277 71.54 81.22 -30.93
C ASN N 277 73.01 81.01 -31.24
N PHE N 278 73.87 81.36 -30.28
CA PHE N 278 75.30 81.13 -30.46
C PHE N 278 76.00 81.21 -29.11
N THR N 279 76.89 80.24 -28.86
CA THR N 279 77.65 80.17 -27.62
C THR N 279 79.09 79.71 -27.86
N VAL N 280 79.59 79.87 -29.09
CA VAL N 280 80.87 79.29 -29.47
C VAL N 280 81.93 80.40 -29.40
N SER N 281 81.63 81.45 -28.63
CA SER N 281 82.48 82.63 -28.56
C SER N 281 83.73 82.33 -27.76
N ALA N 282 84.85 82.11 -28.47
CA ALA N 282 86.17 82.05 -27.86
C ALA N 282 87.17 82.94 -28.57
N GLY N 283 86.71 83.82 -29.47
CA GLY N 283 87.55 84.62 -30.32
C GLY N 283 87.48 84.11 -31.75
N THR N 284 86.60 84.69 -32.56
CA THR N 284 86.32 84.18 -33.90
C THR N 284 85.47 85.18 -34.69
N THR N 285 85.84 85.42 -35.94
CA THR N 285 84.99 86.24 -36.81
C THR N 285 83.73 85.48 -37.19
N ALA N 286 82.63 86.21 -37.32
CA ALA N 286 81.35 85.58 -37.59
C ALA N 286 80.38 86.63 -38.14
N ASN N 287 79.14 86.20 -38.35
CA ASN N 287 78.08 87.08 -38.84
C ASN N 287 76.73 86.51 -38.46
N TYR N 288 75.82 87.39 -38.06
CA TYR N 288 74.48 86.98 -37.65
C TYR N 288 73.49 88.07 -38.04
N THR N 289 72.22 87.70 -38.11
CA THR N 289 71.15 88.60 -38.49
C THR N 289 70.53 89.26 -37.27
N PHE N 290 69.91 90.42 -37.47
CA PHE N 290 69.29 91.17 -36.39
C PHE N 290 68.19 92.03 -36.99
N LYS N 291 67.19 92.36 -36.16
CA LYS N 291 66.10 93.22 -36.59
C LYS N 291 66.05 94.48 -35.74
N ALA N 292 65.59 95.57 -36.35
CA ALA N 292 65.49 96.84 -35.65
C ALA N 292 64.14 97.49 -35.93
N THR N 293 63.56 98.07 -34.89
CA THR N 293 62.35 98.87 -34.98
C THR N 293 62.63 100.23 -34.36
N PHE N 294 62.28 101.29 -35.08
CA PHE N 294 62.50 102.65 -34.64
C PHE N 294 61.16 103.36 -34.46
N VAL N 295 61.02 104.05 -33.33
CA VAL N 295 59.83 104.83 -33.00
C VAL N 295 60.27 106.28 -32.85
N ASP N 296 59.64 107.17 -33.62
CA ASP N 296 59.96 108.59 -33.59
C ASP N 296 59.34 109.25 -32.36
N ALA N 297 60.01 110.28 -31.85
CA ALA N 297 59.53 110.98 -30.68
C ALA N 297 58.67 112.20 -31.01
N LYS N 298 58.55 112.55 -32.29
CA LYS N 298 57.78 113.71 -32.69
C LYS N 298 56.52 113.38 -33.48
N THR N 299 56.61 112.47 -34.46
CA THR N 299 55.47 112.10 -35.28
C THR N 299 54.84 110.77 -34.90
N GLY N 300 55.56 109.91 -34.19
CA GLY N 300 55.06 108.60 -33.83
C GLY N 300 55.24 107.54 -34.89
N GLU N 301 55.96 107.84 -35.97
CA GLU N 301 56.14 106.88 -37.04
C GLU N 301 56.97 105.70 -36.57
N LYS N 302 56.73 104.54 -37.18
CA LYS N 302 57.39 103.29 -36.81
C LYS N 302 58.01 102.67 -38.05
N SER N 303 59.28 102.29 -37.93
CA SER N 303 60.03 101.73 -39.06
C SER N 303 60.70 100.42 -38.66
N THR N 304 60.78 99.48 -39.59
CA THR N 304 61.31 98.15 -39.35
C THR N 304 62.35 97.81 -40.41
N TYR N 305 63.53 97.36 -39.96
CA TYR N 305 64.65 97.07 -40.85
C TYR N 305 65.42 95.84 -40.37
N GLU N 306 66.29 95.34 -41.25
CA GLU N 306 67.16 94.20 -40.96
C GLU N 306 68.62 94.62 -41.06
N ILE N 307 69.45 94.01 -40.21
CA ILE N 307 70.85 94.40 -40.02
C ILE N 307 71.66 93.11 -39.86
N GLU N 308 72.98 93.22 -40.06
CA GLU N 308 73.89 92.13 -39.74
C GLU N 308 74.90 92.63 -38.71
N GLY N 309 75.38 91.68 -37.90
CA GLY N 309 76.35 92.00 -36.87
C GLY N 309 77.36 90.89 -36.73
N GLY N 310 78.45 91.18 -36.00
CA GLY N 310 79.53 90.23 -35.88
C GLY N 310 80.28 90.35 -34.57
N ASP N 311 80.82 89.21 -34.13
CA ASP N 311 81.73 89.11 -33.00
C ASP N 311 83.16 88.91 -33.52
N ASP N 312 84.12 89.50 -32.81
CA ASP N 312 85.50 89.48 -33.29
C ASP N 312 86.45 88.69 -32.41
N GLY N 313 86.69 89.11 -31.17
CA GLY N 313 87.60 88.33 -30.34
C GLY N 313 87.17 88.04 -28.92
N ALA N 314 86.32 88.89 -28.34
CA ALA N 314 85.82 88.66 -26.99
C ALA N 314 84.64 89.57 -26.73
N GLY N 315 83.45 88.98 -26.61
CA GLY N 315 82.24 89.67 -26.22
C GLY N 315 82.02 91.07 -26.75
N ASN N 316 82.34 91.30 -28.03
CA ASN N 316 82.11 92.57 -28.67
C ASN N 316 81.07 92.37 -29.78
N LEU N 317 80.17 93.33 -29.93
CA LEU N 317 79.13 93.25 -30.93
C LEU N 317 79.03 94.60 -31.64
N VAL N 318 79.61 94.72 -32.81
CA VAL N 318 79.66 95.96 -33.56
C VAL N 318 78.62 95.91 -34.66
N PHE N 319 77.70 96.86 -34.66
CA PHE N 319 76.63 96.93 -35.64
C PHE N 319 76.92 97.98 -36.70
N ASP N 320 76.16 97.88 -37.80
CA ASP N 320 76.26 98.83 -38.92
C ASP N 320 74.93 99.54 -39.04
N LEU N 321 74.96 100.87 -38.98
CA LEU N 321 73.75 101.68 -39.05
C LEU N 321 73.45 102.17 -40.46
N ALA N 322 74.25 101.75 -41.45
CA ALA N 322 74.02 102.20 -42.82
C ALA N 322 72.73 101.62 -43.40
N ASP N 323 72.18 100.59 -42.78
CA ASP N 323 70.95 99.97 -43.24
C ASP N 323 69.70 100.67 -42.73
N MET N 324 69.85 101.76 -41.97
CA MET N 324 68.71 102.58 -41.61
C MET N 324 68.30 103.43 -42.80
N THR N 325 67.67 102.81 -43.79
CA THR N 325 67.26 103.53 -44.97
C THR N 325 66.09 104.46 -44.66
N GLY N 326 65.89 105.43 -45.54
CA GLY N 326 64.84 106.42 -45.35
C GLY N 326 65.18 107.45 -44.30
N ALA N 327 65.44 106.99 -43.06
CA ALA N 327 65.87 107.91 -42.02
C ALA N 327 67.30 108.38 -42.26
N GLY N 328 68.23 107.45 -42.41
CA GLY N 328 69.60 107.78 -42.74
C GLY N 328 70.47 108.01 -41.52
N PHE N 329 71.53 107.21 -41.37
CA PHE N 329 72.43 107.30 -40.22
C PHE N 329 73.88 107.23 -40.72
N SER N 330 74.81 107.43 -39.79
CA SER N 330 76.23 107.24 -40.04
C SER N 330 76.89 106.86 -38.72
N GLY N 331 78.06 106.24 -38.84
CA GLY N 331 78.76 105.76 -37.66
C GLY N 331 78.33 104.37 -37.25
N GLU N 332 78.97 103.87 -36.21
CA GLU N 332 78.77 102.51 -35.72
C GLU N 332 78.24 102.53 -34.30
N VAL N 333 78.13 101.33 -33.72
CA VAL N 333 77.78 101.17 -32.31
C VAL N 333 78.36 99.85 -31.85
N SER N 334 78.91 99.83 -30.64
CA SER N 334 79.59 98.67 -30.11
C SER N 334 79.01 98.27 -28.77
N ILE N 335 78.41 97.08 -28.71
CA ILE N 335 77.90 96.51 -27.47
C ILE N 335 79.04 95.74 -26.81
N ALA N 336 79.28 96.01 -25.53
CA ALA N 336 80.32 95.32 -24.76
C ALA N 336 79.64 94.19 -24.00
N ILE N 337 79.75 92.97 -24.52
CA ILE N 337 79.08 91.82 -23.93
C ILE N 337 80.00 91.07 -22.98
N GLY N 338 81.23 90.81 -23.39
CA GLY N 338 82.14 90.00 -22.62
C GLY N 338 82.11 88.53 -23.03
N THR N 339 83.20 87.84 -22.74
CA THR N 339 83.33 86.44 -23.10
C THR N 339 82.33 85.59 -22.32
N ASP N 340 82.03 84.40 -22.85
CA ASP N 340 81.06 83.48 -22.28
C ASP N 340 79.63 84.03 -22.40
N ALA N 341 79.29 84.41 -23.63
CA ALA N 341 77.97 84.94 -23.95
C ALA N 341 77.21 83.90 -24.77
N ASN N 342 76.35 83.13 -24.11
CA ASN N 342 75.48 82.16 -24.78
C ASN N 342 74.14 82.80 -25.04
N MET N 343 73.80 83.00 -26.31
CA MET N 343 72.65 83.78 -26.73
C MET N 343 71.57 82.89 -27.34
N GLN N 344 70.36 83.01 -26.79
CA GLN N 344 69.17 82.37 -27.33
C GLN N 344 68.55 83.29 -28.38
N SER N 345 67.43 82.88 -28.98
CA SER N 345 66.69 83.70 -29.92
C SER N 345 65.47 84.27 -29.20
N GLY N 346 65.49 85.58 -28.95
CA GLY N 346 64.40 86.21 -28.25
C GLY N 346 64.83 87.31 -27.31
N ASP N 347 66.09 87.29 -26.88
CA ASP N 347 66.59 88.35 -26.03
C ASP N 347 66.57 89.67 -26.78
N LYS N 348 66.10 90.72 -26.11
CA LYS N 348 65.65 91.95 -26.76
C LYS N 348 66.35 93.12 -26.09
N ILE N 349 66.65 94.17 -26.87
CA ILE N 349 67.37 95.32 -26.35
C ILE N 349 66.66 96.60 -26.80
N LEU N 350 66.61 97.60 -25.92
CA LEU N 350 65.96 98.87 -26.23
C LEU N 350 66.87 100.03 -25.84
N LEU N 351 67.01 100.99 -26.75
CA LEU N 351 67.88 102.16 -26.65
C LEU N 351 67.08 103.42 -26.93
N SER N 352 67.60 104.55 -26.46
CA SER N 352 67.06 105.87 -26.75
C SER N 352 68.11 106.71 -27.45
N THR N 353 67.69 107.47 -28.47
CA THR N 353 68.59 108.20 -29.35
C THR N 353 68.32 109.69 -29.30
N THR N 354 69.39 110.48 -29.40
CA THR N 354 69.38 111.92 -29.18
C THR N 354 69.94 112.65 -30.40
N GLU N 355 69.42 113.86 -30.64
CA GLU N 355 69.85 114.71 -31.73
C GLU N 355 70.44 116.01 -31.19
N ALA N 356 71.35 116.61 -31.96
CA ALA N 356 71.99 117.85 -31.55
C ALA N 356 71.40 119.04 -32.31
N VAL N 357 71.14 120.12 -31.58
CA VAL N 357 70.54 121.33 -32.14
C VAL N 357 71.32 122.53 -31.59
N ASP N 358 71.25 123.64 -32.32
CA ASP N 358 71.92 124.87 -31.88
C ASP N 358 71.39 125.32 -30.53
N THR N 359 70.06 125.41 -30.40
CA THR N 359 69.37 125.76 -29.16
C THR N 359 69.85 127.07 -28.56
N SER N 360 70.29 128.02 -29.39
CA SER N 360 70.71 129.33 -28.90
C SER N 360 70.18 130.36 -29.89
N ALA N 361 68.98 130.86 -29.63
CA ALA N 361 68.30 131.81 -30.50
C ALA N 361 67.93 133.05 -29.69
N THR N 362 67.36 134.04 -30.39
CA THR N 362 66.88 135.22 -29.70
C THR N 362 65.73 134.87 -28.75
N SER N 363 64.77 134.09 -29.21
CA SER N 363 63.68 133.55 -28.42
C SER N 363 62.85 132.65 -29.33
N GLY N 364 61.87 131.96 -28.73
CA GLY N 364 60.96 131.16 -29.52
C GLY N 364 60.59 129.79 -28.96
N GLY N 365 61.50 129.14 -28.25
CA GLY N 365 61.21 127.81 -27.74
C GLY N 365 62.36 127.25 -26.93
N GLY N 366 62.28 125.96 -26.66
CA GLY N 366 63.28 125.28 -25.85
C GLY N 366 63.32 123.78 -26.07
N THR N 367 63.72 123.05 -25.03
CA THR N 367 63.94 121.61 -25.10
C THR N 367 63.14 120.90 -24.02
N ILE N 368 62.82 119.63 -24.29
CA ILE N 368 61.98 118.81 -23.43
C ILE N 368 62.70 117.50 -23.15
N ALA N 369 62.61 117.02 -21.90
CA ALA N 369 63.23 115.78 -21.48
C ALA N 369 62.30 115.04 -20.51
N ILE N 370 61.97 113.80 -20.86
CA ILE N 370 61.05 112.98 -20.08
C ILE N 370 61.84 111.85 -19.43
N SER N 371 61.57 111.61 -18.15
CA SER N 371 62.28 110.57 -17.41
C SER N 371 61.41 110.12 -16.23
N GLY N 372 61.83 109.02 -15.61
CA GLY N 372 61.15 108.50 -14.44
C GLY N 372 60.47 107.18 -14.68
N GLY N 373 59.34 106.95 -14.00
CA GLY N 373 58.54 105.77 -14.22
C GLY N 373 58.81 104.67 -13.21
N PRO N 374 58.02 103.59 -13.28
CA PRO N 374 58.23 102.47 -12.34
C PRO N 374 59.60 101.84 -12.46
N ALA N 375 60.20 101.88 -13.65
CA ALA N 375 61.56 101.38 -13.85
C ALA N 375 62.62 102.47 -13.71
N GLY N 376 62.22 103.72 -13.45
CA GLY N 376 63.15 104.81 -13.33
C GLY N 376 63.89 105.11 -14.62
N THR N 377 63.15 105.13 -15.73
CA THR N 377 63.76 105.35 -17.03
C THR N 377 64.28 106.78 -17.16
N THR N 378 65.44 106.90 -17.82
CA THR N 378 66.00 108.20 -18.19
C THR N 378 66.09 108.23 -19.72
N GLY N 379 65.04 108.76 -20.35
CA GLY N 379 64.89 108.68 -21.79
C GLY N 379 65.66 109.75 -22.53
N ALA N 380 65.27 109.95 -23.79
CA ALA N 380 65.94 110.88 -24.68
C ALA N 380 65.38 112.30 -24.49
N ILE N 381 65.92 113.22 -25.29
CA ILE N 381 65.58 114.64 -25.21
C ILE N 381 65.23 115.12 -26.61
N ILE N 382 64.44 116.20 -26.69
CA ILE N 382 64.09 116.81 -27.96
C ILE N 382 64.20 118.32 -27.82
N SER N 383 64.34 119.00 -28.95
CA SER N 383 64.47 120.45 -28.98
C SER N 383 63.58 121.03 -30.07
N TYR N 384 63.13 122.27 -29.85
CA TYR N 384 62.23 122.97 -30.75
C TYR N 384 62.83 124.31 -31.14
N GLY N 385 62.37 124.83 -32.28
CA GLY N 385 62.96 126.02 -32.87
C GLY N 385 62.22 127.30 -32.51
N ASN N 386 62.27 128.25 -33.46
CA ASN N 386 61.74 129.58 -33.22
C ASN N 386 60.24 129.64 -33.48
N ASN N 387 59.53 130.34 -32.59
CA ASN N 387 58.08 130.51 -32.69
C ASN N 387 57.38 129.15 -32.80
N GLU N 388 57.67 128.27 -31.83
CA GLU N 388 57.08 126.94 -31.80
C GLU N 388 56.51 126.57 -30.44
N LEU N 389 56.63 127.43 -29.43
CA LEU N 389 56.10 127.16 -28.10
C LEU N 389 55.04 128.16 -27.66
N THR N 390 55.29 129.46 -27.80
CA THR N 390 54.40 130.49 -27.26
C THR N 390 54.01 131.46 -28.36
N LYS N 391 52.79 132.00 -28.26
CA LYS N 391 52.30 132.98 -29.21
C LYS N 391 52.25 134.36 -28.54
N VAL N 392 51.75 135.36 -29.27
CA VAL N 392 51.86 136.75 -28.89
C VAL N 392 50.50 137.27 -28.42
N ASP N 393 50.53 138.30 -27.59
CA ASP N 393 49.30 138.93 -27.13
C ASP N 393 48.63 139.69 -28.26
N ASN N 394 47.30 139.79 -28.17
CA ASN N 394 46.48 140.42 -29.20
C ASN N 394 45.48 141.39 -28.55
N GLY N 395 45.98 142.21 -27.64
CA GLY N 395 45.16 143.13 -26.87
C GLY N 395 44.79 142.61 -25.49
N ASP N 396 44.00 141.54 -25.42
CA ASP N 396 43.66 140.94 -24.13
C ASP N 396 43.87 139.43 -24.17
N THR N 397 43.66 138.84 -25.34
CA THR N 397 43.83 137.42 -25.67
C THR N 397 42.75 136.54 -25.06
N THR N 398 41.93 137.10 -24.18
CA THR N 398 40.95 136.34 -23.41
C THR N 398 41.52 135.00 -22.95
N ILE N 399 42.79 135.04 -22.51
CA ILE N 399 43.59 133.88 -22.16
C ILE N 399 43.90 133.06 -23.40
N ASP N 400 45.16 132.66 -23.56
CA ASP N 400 45.60 131.85 -24.69
C ASP N 400 46.21 130.56 -24.19
N TYR N 401 45.98 129.48 -24.93
CA TYR N 401 46.57 128.18 -24.60
C TYR N 401 47.17 127.60 -25.87
N ASN N 402 48.42 127.14 -25.79
CA ASN N 402 49.06 126.46 -26.90
C ASN N 402 49.17 124.97 -26.58
N SER N 403 49.51 124.17 -27.59
CA SER N 403 49.57 122.72 -27.40
C SER N 403 50.74 122.10 -28.15
N VAL N 404 51.30 121.05 -27.56
CA VAL N 404 52.35 120.24 -28.17
C VAL N 404 52.06 118.77 -27.88
N THR N 405 52.35 117.90 -28.85
CA THR N 405 52.15 116.46 -28.73
C THR N 405 53.47 115.78 -28.45
N VAL N 406 53.48 114.86 -27.48
CA VAL N 406 54.69 114.17 -27.06
C VAL N 406 54.41 112.69 -26.91
N TYR N 407 55.28 111.86 -27.50
CA TYR N 407 55.20 110.41 -27.37
C TYR N 407 56.16 109.91 -26.30
N HIS N 408 55.85 108.76 -25.74
CA HIS N 408 56.65 108.11 -24.72
C HIS N 408 56.62 106.61 -24.92
N ALA N 409 57.73 105.96 -24.60
CA ALA N 409 57.91 104.53 -24.84
C ALA N 409 58.33 103.83 -23.56
N ALA N 410 58.00 102.54 -23.48
CA ALA N 410 58.33 101.74 -22.31
C ALA N 410 58.48 100.28 -22.71
N LEU N 411 59.27 99.55 -21.93
CA LEU N 411 59.50 98.13 -22.13
C LEU N 411 59.33 97.39 -20.81
N ASN N 412 58.60 96.28 -20.86
CA ASN N 412 58.34 95.47 -19.68
C ASN N 412 59.37 94.34 -19.60
N VAL N 413 59.66 93.91 -18.37
CA VAL N 413 60.76 92.98 -18.12
C VAL N 413 60.30 91.55 -17.97
N GLU N 414 59.09 91.21 -18.44
CA GLU N 414 58.66 89.82 -18.40
C GLU N 414 58.19 89.31 -19.76
N THR N 415 57.64 90.18 -20.60
CA THR N 415 57.08 89.76 -21.88
C THR N 415 57.72 90.42 -23.09
N GLY N 416 58.50 91.49 -22.91
CA GLY N 416 59.07 92.19 -24.03
C GLY N 416 58.08 92.90 -24.91
N ASN N 417 57.09 93.58 -24.32
CA ASN N 417 56.10 94.31 -25.09
C ASN N 417 56.42 95.80 -25.09
N LEU N 418 56.50 96.37 -26.29
CA LEU N 418 56.83 97.78 -26.48
C LEU N 418 55.56 98.61 -26.31
N ASP N 419 55.47 99.35 -25.21
CA ASP N 419 54.33 100.21 -24.93
C ASP N 419 54.63 101.61 -25.43
N VAL N 420 53.67 102.22 -26.14
CA VAL N 420 53.84 103.55 -26.71
C VAL N 420 52.59 104.37 -26.40
N GLY N 421 52.80 105.59 -25.91
CA GLY N 421 51.70 106.48 -25.61
C GLY N 421 52.02 107.90 -26.04
N ASN N 422 51.03 108.78 -25.88
CA ASN N 422 51.22 110.18 -26.21
C ASN N 422 50.36 111.07 -25.32
N LEU N 423 50.76 112.33 -25.24
CA LEU N 423 50.16 113.32 -24.37
C LEU N 423 50.17 114.67 -25.08
N THR N 424 49.38 115.60 -24.55
CA THR N 424 49.34 116.96 -25.09
C THR N 424 49.59 117.94 -23.95
N PHE N 425 50.74 118.63 -24.00
CA PHE N 425 50.97 119.73 -23.07
C PHE N 425 50.33 120.99 -23.61
N ASN N 426 49.60 121.70 -22.74
CA ASN N 426 49.08 123.02 -23.08
C ASN N 426 49.85 124.07 -22.30
N PHE N 427 50.25 125.12 -22.99
CA PHE N 427 51.20 126.10 -22.49
C PHE N 427 50.59 127.50 -22.46
N ARG N 428 51.29 128.40 -21.76
CA ARG N 428 50.82 129.66 -21.20
C ARG N 428 50.30 130.60 -22.28
N GLU N 429 49.64 131.66 -21.81
CA GLU N 429 48.95 132.64 -22.66
C GLU N 429 49.87 133.33 -23.64
N ASP N 430 50.81 134.13 -23.14
CA ASP N 430 51.55 135.03 -24.00
C ASP N 430 52.83 135.57 -23.36
N THR N 431 53.95 135.40 -24.06
CA THR N 431 55.23 135.95 -23.67
C THR N 431 55.75 136.84 -24.80
N GLY N 432 56.97 137.36 -24.61
CA GLY N 432 57.60 138.10 -25.68
C GLY N 432 58.10 139.47 -25.31
N THR N 433 59.15 139.92 -26.01
CA THR N 433 59.65 141.28 -25.88
C THR N 433 58.74 142.18 -26.73
N ASP N 434 59.12 143.44 -26.92
CA ASP N 434 58.28 144.35 -27.69
C ASP N 434 58.31 143.98 -29.17
N THR N 435 57.57 142.93 -29.53
CA THR N 435 57.27 142.59 -30.92
C THR N 435 58.54 142.16 -31.68
N ALA N 436 59.34 141.28 -31.08
CA ALA N 436 60.41 140.64 -31.84
C ALA N 436 60.09 139.20 -32.23
N TYR N 437 60.12 138.27 -31.27
CA TYR N 437 59.86 136.86 -31.56
C TYR N 437 59.04 136.11 -30.51
N GLY N 438 59.00 136.53 -29.25
CA GLY N 438 58.37 135.76 -28.20
C GLY N 438 59.32 135.57 -27.03
N SER N 439 59.02 134.58 -26.19
CA SER N 439 59.85 134.26 -25.03
C SER N 439 59.40 132.92 -24.47
N THR N 440 60.28 132.29 -23.69
CA THR N 440 60.00 130.98 -23.10
C THR N 440 60.80 130.85 -21.81
N THR N 441 60.28 130.04 -20.88
CA THR N 441 60.91 129.78 -19.60
C THR N 441 60.93 128.28 -19.32
N GLY N 442 62.04 127.81 -18.74
CA GLY N 442 62.19 126.41 -18.38
C GLY N 442 61.75 126.11 -16.97
N GLY N 443 62.09 124.90 -16.51
CA GLY N 443 61.76 124.44 -15.19
C GLY N 443 61.57 122.94 -15.16
N SER N 444 61.22 122.43 -13.98
CA SER N 444 60.99 121.02 -13.75
C SER N 444 59.85 120.87 -12.75
N PHE N 445 58.96 119.92 -13.01
CA PHE N 445 57.85 119.66 -12.10
C PHE N 445 57.42 118.21 -12.22
N ASP N 446 56.67 117.75 -11.23
CA ASP N 446 56.24 116.37 -11.13
C ASP N 446 54.90 116.17 -11.83
N LEU N 447 54.70 114.96 -12.38
CA LEU N 447 53.45 114.63 -13.06
C LEU N 447 52.96 113.26 -12.59
N LEU N 448 51.63 113.14 -12.50
CA LEU N 448 50.93 111.93 -12.08
C LEU N 448 49.87 111.57 -13.10
N VAL N 449 49.51 110.29 -13.16
CA VAL N 449 48.56 109.78 -14.15
C VAL N 449 47.56 108.87 -13.45
N ALA N 450 46.39 108.71 -14.07
CA ALA N 450 45.41 107.71 -13.64
C ALA N 450 44.75 107.12 -14.88
N GLY N 451 44.98 105.83 -15.11
CA GLY N 451 44.49 105.19 -16.31
C GLY N 451 45.40 105.44 -17.50
N GLY N 452 45.09 104.78 -18.60
CA GLY N 452 45.98 104.82 -19.75
C GLY N 452 45.46 105.44 -21.02
N GLY N 453 44.15 105.34 -21.28
CA GLY N 453 43.59 105.89 -22.49
C GLY N 453 42.54 104.99 -23.13
N GLU N 454 42.71 104.69 -24.42
CA GLU N 454 41.84 103.75 -25.14
C GLU N 454 42.72 102.64 -25.73
N ALA N 455 43.03 101.67 -24.86
CA ALA N 455 43.75 100.44 -25.14
C ALA N 455 43.90 99.75 -23.79
N ALA N 456 44.48 98.55 -23.79
CA ALA N 456 44.89 97.90 -22.57
C ALA N 456 46.39 97.67 -22.58
N THR N 457 47.10 98.33 -21.67
CA THR N 457 48.53 98.13 -21.53
C THR N 457 48.80 96.80 -20.85
N SER N 458 50.04 96.33 -20.98
CA SER N 458 50.41 95.05 -20.37
C SER N 458 50.42 95.14 -18.85
N THR N 459 50.37 96.35 -18.29
CA THR N 459 50.35 96.56 -16.85
C THR N 459 48.99 97.03 -16.37
N THR N 460 47.95 96.81 -17.16
CA THR N 460 46.61 97.21 -16.76
C THR N 460 46.04 96.22 -15.75
N LYS N 461 45.33 96.75 -14.76
CA LYS N 461 44.68 95.92 -13.76
C LYS N 461 43.39 95.34 -14.32
N LEU N 462 43.14 94.06 -14.01
CA LEU N 462 41.99 93.37 -14.60
C LEU N 462 40.65 93.90 -14.11
N LYS N 463 40.59 94.48 -12.91
CA LYS N 463 39.33 94.93 -12.34
C LYS N 463 38.84 96.24 -12.93
N ASP N 464 39.50 96.75 -13.96
CA ASP N 464 39.13 98.02 -14.58
C ASP N 464 38.76 97.88 -16.05
N ILE N 465 38.85 96.69 -16.62
CA ILE N 465 38.48 96.50 -18.02
C ILE N 465 36.95 96.59 -18.14
N SER N 466 36.49 97.29 -19.18
CA SER N 466 35.05 97.53 -19.33
C SER N 466 34.27 96.25 -19.58
N ARG N 467 34.90 95.25 -20.20
CA ARG N 467 34.21 94.01 -20.52
C ARG N 467 33.87 93.15 -19.31
N PHE N 468 34.57 93.34 -18.19
CA PHE N 468 34.43 92.46 -17.04
C PHE N 468 33.40 92.94 -16.03
N THR N 469 32.59 93.94 -16.38
CA THR N 469 31.48 94.38 -15.56
C THR N 469 30.19 94.26 -16.36
N THR N 470 29.16 93.74 -15.70
CA THR N 470 27.89 93.45 -16.36
C THR N 470 27.12 94.73 -16.64
N ASP N 471 25.99 94.58 -17.32
CA ASP N 471 25.16 95.73 -17.67
C ASP N 471 24.49 96.37 -16.45
N ASP N 472 24.36 95.63 -15.36
CA ASP N 472 23.75 96.15 -14.14
C ASP N 472 24.73 96.88 -13.25
N GLY N 473 26.01 96.93 -13.63
CA GLY N 473 27.01 97.64 -12.87
C GLY N 473 27.70 96.83 -11.79
N VAL N 474 27.60 95.51 -11.83
CA VAL N 474 28.26 94.64 -10.86
C VAL N 474 29.32 93.84 -11.58
N ASN N 475 30.59 94.06 -11.22
CA ASN N 475 31.68 93.31 -11.81
C ASN N 475 31.79 91.93 -11.19
N ILE N 476 32.30 90.98 -11.98
CA ILE N 476 32.34 89.59 -11.55
C ILE N 476 33.35 89.40 -10.42
N PHE N 477 34.49 90.09 -10.51
CA PHE N 477 35.59 89.90 -9.56
C PHE N 477 35.29 90.44 -8.16
N ALA N 478 34.20 91.19 -7.99
CA ALA N 478 33.90 91.77 -6.68
C ALA N 478 33.64 90.68 -5.64
N ALA N 479 32.89 89.65 -6.02
CA ALA N 479 32.52 88.62 -5.04
C ALA N 479 33.72 87.80 -4.61
N GLY N 480 34.52 87.33 -5.56
CA GLY N 480 35.66 86.49 -5.25
C GLY N 480 36.29 85.89 -6.48
N PRO N 481 37.23 84.98 -6.28
CA PRO N 481 37.94 84.37 -7.43
C PRO N 481 37.00 83.52 -8.27
N GLN N 482 37.31 83.47 -9.57
CA GLN N 482 36.59 82.64 -10.52
C GLN N 482 37.49 81.55 -11.06
N GLU N 483 36.86 80.53 -11.65
CA GLU N 483 37.56 79.35 -12.14
C GLU N 483 37.47 79.27 -13.66
N LEU N 484 38.53 78.75 -14.27
CA LEU N 484 38.52 78.48 -15.70
C LEU N 484 39.13 77.11 -15.95
N THR N 485 38.44 76.28 -16.72
CA THR N 485 38.86 74.91 -16.99
C THR N 485 39.19 74.78 -18.47
N ILE N 486 40.33 74.17 -18.76
CA ILE N 486 40.78 73.94 -20.13
C ILE N 486 40.76 72.44 -20.37
N PHE N 487 40.07 72.03 -21.43
CA PHE N 487 39.98 70.63 -21.82
C PHE N 487 40.69 70.44 -23.16
N GLY N 488 41.57 69.44 -23.21
CA GLY N 488 42.31 69.17 -24.43
C GLY N 488 43.13 67.88 -24.39
N ASN N 489 43.24 67.22 -25.54
CA ASN N 489 44.03 66.00 -25.69
C ASN N 489 43.67 64.96 -24.63
N GLY N 490 42.38 64.85 -24.34
CA GLY N 490 41.93 63.94 -23.31
C GLY N 490 42.46 64.24 -21.93
N SER N 491 42.48 65.52 -21.55
CA SER N 491 42.98 65.94 -20.24
C SER N 491 42.35 67.27 -19.87
N SER N 492 42.45 67.61 -18.59
CA SER N 492 41.81 68.81 -18.06
C SER N 492 42.77 69.55 -17.13
N ALA N 493 42.63 70.87 -17.11
CA ALA N 493 43.42 71.71 -16.22
C ALA N 493 42.53 72.84 -15.70
N THR N 494 42.90 73.38 -14.54
CA THR N 494 42.11 74.40 -13.87
C THR N 494 42.99 75.56 -13.46
N ILE N 495 42.48 76.79 -13.63
CA ILE N 495 43.16 78.00 -13.19
C ILE N 495 42.18 78.89 -12.44
N TYR N 496 42.72 79.73 -11.58
CA TYR N 496 41.95 80.67 -10.78
C TYR N 496 42.28 82.10 -11.18
N LEU N 497 41.29 82.98 -11.10
CA LEU N 497 41.46 84.40 -11.40
C LEU N 497 40.85 85.21 -10.27
N GLU N 498 41.43 86.37 -9.97
CA GLU N 498 40.96 87.20 -8.87
C GLU N 498 40.83 88.64 -9.36
N GLY N 499 40.39 89.51 -8.44
CA GLY N 499 40.15 90.90 -8.78
C GLY N 499 41.32 91.84 -8.71
N ASP N 500 42.51 91.36 -8.35
CA ASP N 500 43.71 92.19 -8.28
C ASP N 500 44.66 91.99 -9.46
N ASP N 501 44.29 91.14 -10.43
CA ASP N 501 45.19 90.61 -11.45
C ASP N 501 45.59 91.66 -12.48
N THR N 502 46.68 91.36 -13.19
CA THR N 502 47.13 92.05 -14.40
C THR N 502 47.15 91.09 -15.59
N VAL N 503 47.46 91.66 -16.77
CA VAL N 503 47.37 90.89 -18.00
C VAL N 503 48.56 89.96 -18.16
N SER N 504 49.77 90.44 -17.85
CA SER N 504 50.95 89.62 -18.11
C SER N 504 50.95 88.34 -17.26
N GLU N 505 50.53 88.44 -16.00
CA GLU N 505 50.43 87.23 -15.20
C GLU N 505 49.30 86.33 -15.69
N PHE N 506 48.26 86.91 -16.32
CA PHE N 506 47.27 86.07 -16.98
C PHE N 506 47.90 85.27 -18.12
N GLU N 507 48.70 85.93 -18.96
CA GLU N 507 49.42 85.23 -20.02
C GLU N 507 50.27 84.11 -19.46
N THR N 508 51.01 84.40 -18.39
CA THR N 508 51.88 83.41 -17.79
C THR N 508 51.08 82.21 -17.25
N LYS N 509 49.97 82.48 -16.58
CA LYS N 509 49.17 81.39 -16.01
C LYS N 509 48.58 80.52 -17.11
N LEU N 510 48.08 81.14 -18.18
CA LEU N 510 47.55 80.36 -19.29
C LEU N 510 48.65 79.50 -19.93
N SER N 511 49.85 80.06 -20.08
CA SER N 511 50.96 79.30 -20.65
C SER N 511 51.29 78.10 -19.78
N SER N 512 51.33 78.29 -18.45
CA SER N 512 51.63 77.19 -17.55
C SER N 512 50.55 76.12 -17.62
N ALA N 513 49.28 76.52 -17.66
CA ALA N 513 48.19 75.55 -17.73
C ALA N 513 48.26 74.75 -19.03
N ILE N 514 48.50 75.43 -20.16
CA ILE N 514 48.59 74.74 -21.44
C ILE N 514 49.78 73.79 -21.45
N LEU N 515 50.92 74.22 -20.93
CA LEU N 515 52.10 73.36 -20.87
C LEU N 515 51.89 72.15 -19.97
N GLU N 516 51.13 72.29 -18.89
CA GLU N 516 50.86 71.15 -18.01
C GLU N 516 50.09 70.07 -18.74
N LEU N 517 49.31 70.43 -19.76
CA LEU N 517 48.52 69.46 -20.50
C LEU N 517 49.36 68.56 -21.38
N GLY N 518 50.63 68.89 -21.60
CA GLY N 518 51.48 68.13 -22.48
C GLY N 518 51.41 68.53 -23.93
N MET N 519 50.89 69.72 -24.24
CA MET N 519 50.75 70.18 -25.61
C MET N 519 51.92 71.01 -26.11
N GLY N 520 52.89 71.29 -25.26
CA GLY N 520 53.94 72.26 -25.58
C GLY N 520 55.06 71.68 -26.41
N ALA N 521 56.17 72.42 -26.40
CA ALA N 521 57.33 72.06 -27.21
C ALA N 521 58.07 70.88 -26.59
N THR N 522 58.43 69.91 -27.42
CA THR N 522 59.12 68.72 -26.96
C THR N 522 60.54 69.04 -26.52
N ALA N 523 61.19 68.04 -25.93
CA ALA N 523 62.56 68.18 -25.44
C ALA N 523 63.51 67.85 -26.58
N GLY N 524 63.92 68.87 -27.33
CA GLY N 524 64.90 68.74 -28.37
C GLY N 524 66.31 69.10 -27.95
N THR N 525 66.53 69.32 -26.64
CA THR N 525 67.84 69.73 -26.11
C THR N 525 68.33 71.01 -26.80
N SER N 526 67.40 71.89 -27.15
CA SER N 526 67.74 73.12 -27.83
C SER N 526 66.80 74.22 -27.35
N ASP N 527 67.31 75.46 -27.40
CA ASP N 527 66.51 76.63 -27.03
C ASP N 527 65.42 76.93 -28.06
N GLU N 528 65.40 76.19 -29.17
CA GLU N 528 64.28 76.24 -30.09
C GLU N 528 62.96 76.02 -29.35
N ALA N 529 62.94 74.98 -28.49
CA ALA N 529 61.77 74.71 -27.68
C ALA N 529 61.48 75.84 -26.71
N ALA N 530 62.52 76.49 -26.19
CA ALA N 530 62.31 77.62 -25.29
C ALA N 530 61.59 78.76 -26.00
N THR N 531 62.03 79.09 -27.22
CA THR N 531 61.36 80.13 -27.99
C THR N 531 59.93 79.73 -28.31
N VAL N 532 59.72 78.47 -28.72
CA VAL N 532 58.37 78.03 -29.07
C VAL N 532 57.46 78.10 -27.86
N ASN N 533 57.94 77.67 -26.70
CA ASN N 533 57.14 77.72 -25.47
C ASN N 533 56.84 79.15 -25.07
N SER N 534 57.79 80.06 -25.28
CA SER N 534 57.54 81.46 -25.00
C SER N 534 56.47 82.04 -25.92
N ASN N 535 56.42 81.60 -27.17
CA ASN N 535 55.51 82.16 -28.17
C ASN N 535 54.20 81.40 -28.29
N LEU N 536 53.68 80.83 -27.20
CA LEU N 536 52.40 80.11 -27.26
C LEU N 536 51.21 81.06 -27.19
N VAL N 537 51.05 81.75 -26.06
CA VAL N 537 49.96 82.70 -25.85
C VAL N 537 50.52 84.10 -25.97
N ASN N 538 49.88 84.95 -26.77
CA ASN N 538 50.44 86.27 -27.02
C ASN N 538 49.37 87.35 -26.97
N TYR N 539 49.81 88.56 -26.64
CA TYR N 539 49.00 89.75 -26.58
C TYR N 539 49.64 90.84 -27.41
N VAL N 540 48.82 91.73 -27.98
CA VAL N 540 49.28 92.74 -28.93
C VAL N 540 49.16 94.10 -28.26
N SER N 541 50.24 94.88 -28.27
CA SER N 541 50.26 96.21 -27.68
C SER N 541 50.14 97.27 -28.78
N THR N 542 50.30 98.54 -28.40
CA THR N 542 50.08 99.62 -29.35
C THR N 542 51.13 99.63 -30.45
N GLY N 543 52.41 99.59 -30.09
CA GLY N 543 53.46 99.60 -31.07
C GLY N 543 53.83 98.26 -31.65
N ASP N 544 53.20 97.19 -31.19
CA ASP N 544 53.51 95.83 -31.61
C ASP N 544 52.55 95.36 -32.70
N VAL N 545 51.94 96.30 -33.39
CA VAL N 545 50.97 95.96 -34.43
C VAL N 545 51.71 95.56 -35.70
N THR N 546 51.47 94.34 -36.14
CA THR N 546 52.07 93.82 -37.38
C THR N 546 50.95 93.54 -38.38
N ASP N 547 51.09 94.11 -39.56
CA ASP N 547 50.02 94.10 -40.54
C ASP N 547 50.03 92.81 -41.38
N SER N 548 48.87 92.49 -41.93
CA SER N 548 48.69 91.37 -42.86
C SER N 548 49.17 90.06 -42.25
N SER N 549 48.82 89.84 -40.99
CA SER N 549 49.17 88.61 -40.30
C SER N 549 48.08 88.31 -39.28
N ASN N 550 48.34 87.32 -38.42
CA ASN N 550 47.38 86.97 -37.38
C ASN N 550 47.28 88.03 -36.30
N GLU N 551 48.22 88.98 -36.25
CA GLU N 551 48.25 90.02 -35.23
C GLU N 551 47.90 91.39 -35.80
N ALA N 552 46.98 91.45 -36.75
CA ALA N 552 46.57 92.69 -37.37
C ALA N 552 45.75 93.58 -36.45
N LEU N 553 45.30 93.07 -35.30
CA LEU N 553 44.45 93.81 -34.39
C LEU N 553 45.16 93.98 -33.05
N ALA N 554 44.97 95.16 -32.46
CA ALA N 554 45.54 95.48 -31.16
C ALA N 554 44.56 95.13 -30.05
N GLY N 555 45.08 94.85 -28.87
CA GLY N 555 44.26 94.50 -27.73
C GLY N 555 43.53 93.18 -27.89
N THR N 556 44.21 92.19 -28.45
CA THR N 556 43.62 90.87 -28.67
C THR N 556 44.58 89.78 -28.20
N PHE N 557 44.01 88.69 -27.73
CA PHE N 557 44.76 87.52 -27.29
C PHE N 557 44.78 86.50 -28.42
N VAL N 558 45.97 85.98 -28.71
CA VAL N 558 46.16 84.97 -29.76
C VAL N 558 46.67 83.71 -29.09
N ILE N 559 45.99 82.59 -29.37
CA ILE N 559 46.29 81.30 -28.74
C ILE N 559 46.50 80.25 -29.82
N GLN N 560 47.63 79.54 -29.73
CA GLN N 560 47.92 78.41 -30.60
C GLN N 560 48.46 77.27 -29.75
N THR N 561 48.56 76.09 -30.36
CA THR N 561 49.12 74.92 -29.71
C THR N 561 50.11 74.25 -30.67
N ALA N 562 50.98 73.41 -30.09
CA ALA N 562 52.13 72.89 -30.82
C ALA N 562 51.87 71.52 -31.46
N ARG N 563 50.66 71.00 -31.38
CA ARG N 563 50.34 69.73 -32.02
C ARG N 563 49.42 69.94 -33.21
N LEU N 564 49.26 68.89 -34.00
CA LEU N 564 48.55 68.97 -35.28
C LEU N 564 47.22 68.24 -35.21
N GLY N 565 46.32 68.63 -36.12
CA GLY N 565 45.07 67.92 -36.31
C GLY N 565 44.12 68.02 -35.14
N ASP N 566 43.30 66.99 -34.98
CA ASP N 566 42.28 66.98 -33.93
C ASP N 566 42.91 67.07 -32.55
N ASP N 567 44.20 66.73 -32.44
CA ASP N 567 44.88 66.83 -31.15
C ASP N 567 44.97 68.27 -30.66
N SER N 568 44.84 69.25 -31.56
CA SER N 568 45.00 70.65 -31.21
C SER N 568 43.66 71.36 -30.98
N LYS N 569 42.61 70.64 -30.64
CA LYS N 569 41.32 71.26 -30.34
C LYS N 569 41.20 71.51 -28.84
N LEU N 570 40.87 72.74 -28.47
CA LEU N 570 40.78 73.15 -27.07
C LEU N 570 39.35 73.54 -26.73
N SER N 571 38.97 73.28 -25.47
CA SER N 571 37.65 73.62 -24.98
C SER N 571 37.75 74.40 -23.68
N PHE N 572 36.88 75.39 -23.53
CA PHE N 572 36.91 76.32 -22.41
C PHE N 572 35.64 76.15 -21.58
N ILE N 573 35.80 76.03 -20.27
CA ILE N 573 34.69 75.81 -19.35
C ILE N 573 34.76 76.83 -18.23
N GLY N 574 33.62 77.37 -17.83
CA GLY N 574 33.59 78.31 -16.74
C GLY N 574 32.20 78.92 -16.59
N ASP N 575 32.16 80.03 -15.87
CA ASP N 575 30.90 80.73 -15.65
C ASP N 575 30.40 81.35 -16.94
N GLN N 576 29.07 81.49 -17.04
CA GLN N 576 28.47 82.01 -18.26
C GLN N 576 28.90 83.45 -18.54
N ASN N 577 28.89 84.29 -17.50
CA ASN N 577 29.28 85.69 -17.68
C ASN N 577 30.73 85.81 -18.09
N LEU N 578 31.63 85.05 -17.44
CA LEU N 578 33.04 85.12 -17.78
C LEU N 578 33.31 84.64 -19.20
N ILE N 579 32.66 83.54 -19.60
CA ILE N 579 32.86 83.02 -20.95
C ILE N 579 32.32 84.00 -21.98
N ASN N 580 31.15 84.59 -21.73
CA ASN N 580 30.59 85.56 -22.67
C ASN N 580 31.46 86.80 -22.77
N ALA N 581 32.01 87.26 -21.65
CA ALA N 581 32.89 88.43 -21.68
C ALA N 581 34.20 88.11 -22.40
N LEU N 582 34.72 86.90 -22.23
CA LEU N 582 35.93 86.51 -22.94
C LEU N 582 35.69 86.48 -24.45
N SER N 583 34.64 85.78 -24.87
CA SER N 583 34.17 85.80 -26.25
C SER N 583 35.28 85.36 -27.22
N LEU N 584 35.73 84.11 -27.04
CA LEU N 584 36.76 83.58 -27.90
C LEU N 584 36.18 83.23 -29.27
N ALA N 585 37.05 83.24 -30.28
CA ALA N 585 36.65 82.96 -31.65
C ALA N 585 37.75 82.16 -32.32
N THR N 586 37.37 81.43 -33.37
CA THR N 586 38.29 80.56 -34.10
C THR N 586 38.61 81.17 -35.46
N ILE N 587 39.90 81.33 -35.74
CA ILE N 587 40.34 81.84 -37.03
C ILE N 587 41.14 80.84 -37.83
N GLN N 588 41.56 79.72 -37.25
CA GLN N 588 42.17 78.66 -38.07
C GLN N 588 41.84 77.29 -37.50
N GLU N 589 41.67 76.33 -38.41
CA GLU N 589 41.31 74.96 -38.07
C GLU N 589 42.40 74.01 -38.56
N GLY N 590 42.61 72.95 -37.79
CA GLY N 590 43.70 72.04 -38.05
C GLY N 590 43.44 71.06 -39.19
N GLU N 591 44.51 70.41 -39.62
CA GLU N 591 44.46 69.41 -40.69
C GLU N 591 45.30 68.21 -40.27
N ASN N 592 44.96 67.04 -40.82
CA ASN N 592 45.70 65.83 -40.52
C ASN N 592 46.97 65.76 -41.35
N SER N 593 47.83 64.80 -41.01
CA SER N 593 49.09 64.57 -41.71
C SER N 593 48.95 63.42 -42.70
N GLU N 594 50.02 63.17 -43.44
CA GLU N 594 50.08 62.07 -44.39
C GLU N 594 51.27 61.18 -44.05
N THR N 595 51.01 59.93 -43.71
CA THR N 595 52.04 59.02 -43.24
C THR N 595 52.17 57.86 -44.19
N THR N 596 53.41 57.45 -44.47
CA THR N 596 53.69 56.27 -45.28
C THR N 596 54.37 55.24 -44.40
N ILE N 597 53.81 54.03 -44.38
CA ILE N 597 54.28 52.95 -43.53
C ILE N 597 54.67 51.77 -44.41
N LYS N 598 55.85 51.20 -44.17
CA LYS N 598 56.33 50.04 -44.89
C LYS N 598 56.74 48.97 -43.88
N VAL N 599 56.24 47.74 -44.08
CA VAL N 599 56.45 46.66 -43.12
C VAL N 599 57.29 45.59 -43.79
N THR N 600 58.22 45.00 -43.03
CA THR N 600 59.10 43.95 -43.54
C THR N 600 59.42 42.98 -42.42
N ASP N 601 59.89 41.80 -42.80
CA ASP N 601 60.23 40.77 -41.84
C ASP N 601 61.55 41.10 -41.15
N ALA N 602 61.70 40.59 -39.91
CA ALA N 602 62.75 41.05 -39.02
C ALA N 602 64.04 40.24 -39.11
N HIS N 603 64.06 39.13 -39.83
CA HIS N 603 65.30 38.38 -39.92
C HIS N 603 65.76 38.13 -41.35
N THR N 604 64.83 37.88 -42.27
CA THR N 604 65.17 37.72 -43.68
C THR N 604 65.03 39.02 -44.46
N GLY N 605 63.92 39.72 -44.32
CA GLY N 605 63.73 41.01 -44.93
C GLY N 605 62.86 41.04 -46.17
N LYS N 606 62.08 39.99 -46.44
CA LYS N 606 61.21 40.02 -47.60
C LYS N 606 60.06 41.00 -47.39
N PHE N 607 59.52 41.50 -48.50
CA PHE N 607 58.48 42.51 -48.44
C PHE N 607 57.16 41.91 -47.99
N ILE N 608 56.37 42.70 -47.27
CA ILE N 608 55.05 42.30 -46.78
C ILE N 608 53.97 43.26 -47.23
N GLY N 609 54.14 44.55 -46.96
CA GLY N 609 53.13 45.52 -47.32
C GLY N 609 53.63 46.94 -47.15
N SER N 610 52.91 47.86 -47.79
CA SER N 610 53.19 49.29 -47.71
C SER N 610 51.90 50.05 -47.95
N ASP N 611 51.65 51.05 -47.10
CA ASP N 611 50.39 51.80 -47.16
C ASP N 611 50.63 53.27 -46.87
N SER N 612 49.65 54.09 -47.22
CA SER N 612 49.61 55.51 -46.88
C SER N 612 48.33 55.80 -46.13
N VAL N 613 48.45 56.53 -45.03
CA VAL N 613 47.32 56.79 -44.15
C VAL N 613 47.25 58.29 -43.85
N ASN N 614 46.05 58.73 -43.47
CA ASN N 614 45.81 60.10 -43.05
C ASN N 614 45.36 60.21 -41.60
N ASP N 615 44.78 59.16 -41.03
CA ASP N 615 44.44 59.12 -39.61
C ASP N 615 45.53 58.46 -38.78
N SER N 616 46.64 58.08 -39.40
CA SER N 616 47.78 57.46 -38.70
C SER N 616 47.37 56.18 -37.99
N THR N 617 46.59 55.34 -38.67
CA THR N 617 46.18 54.04 -38.16
C THR N 617 46.42 53.00 -39.24
N LEU N 618 47.47 52.21 -39.09
CA LEU N 618 47.77 51.14 -40.04
C LEU N 618 46.90 49.93 -39.72
N ARG N 619 46.13 49.48 -40.71
CA ARG N 619 45.27 48.32 -40.55
C ARG N 619 44.92 47.73 -41.91
N GLY N 620 44.55 46.45 -41.91
CA GLY N 620 44.22 45.77 -43.15
C GLY N 620 45.38 45.10 -43.85
N VAL N 621 46.58 45.20 -43.30
CA VAL N 621 47.76 44.58 -43.90
C VAL N 621 48.30 43.44 -43.03
N ILE N 622 48.27 43.60 -41.71
CA ILE N 622 48.67 42.54 -40.79
C ILE N 622 47.41 41.86 -40.28
N GLN N 623 47.39 40.54 -40.33
CA GLN N 623 46.18 39.79 -40.04
C GLN N 623 45.81 39.92 -38.56
N GLY N 624 44.57 40.34 -38.30
CA GLY N 624 44.03 40.29 -36.96
C GLY N 624 44.46 41.38 -36.02
N VAL N 625 45.28 42.32 -36.48
CA VAL N 625 45.81 43.37 -35.63
C VAL N 625 45.75 44.70 -36.37
N ASP N 626 45.28 45.74 -35.68
CA ASP N 626 45.39 47.11 -36.16
C ASP N 626 46.38 47.86 -35.28
N VAL N 627 47.29 48.59 -35.92
CA VAL N 627 48.41 49.25 -35.26
C VAL N 627 48.17 50.75 -35.29
N LYS N 628 48.50 51.42 -34.19
CA LYS N 628 48.24 52.85 -34.01
C LYS N 628 49.56 53.54 -33.67
N ILE N 629 49.85 54.62 -34.39
CA ILE N 629 51.05 55.42 -34.19
C ILE N 629 50.63 56.86 -33.91
N ASP N 630 51.23 57.47 -32.89
CA ASP N 630 50.91 58.84 -32.56
C ASP N 630 51.54 59.80 -33.56
N SER N 631 50.87 60.92 -33.78
CA SER N 631 51.25 61.87 -34.83
C SER N 631 52.37 62.81 -34.40
N ASP N 632 53.06 62.55 -33.29
CA ASP N 632 54.16 63.38 -32.84
C ASP N 632 55.51 62.73 -33.10
N VAL N 633 55.64 62.01 -34.21
CA VAL N 633 56.87 61.33 -34.58
C VAL N 633 57.35 61.88 -35.91
N GLY N 634 58.63 62.23 -35.97
CA GLY N 634 59.23 62.72 -37.20
C GLY N 634 58.71 64.07 -37.67
N VAL N 635 58.54 65.00 -36.72
CA VAL N 635 58.15 66.37 -37.04
C VAL N 635 59.00 67.31 -36.19
N SER N 636 59.51 68.36 -36.82
CA SER N 636 60.29 69.39 -36.15
C SER N 636 59.60 70.73 -36.27
N ILE N 637 59.76 71.57 -35.25
CA ILE N 637 58.99 72.79 -35.10
C ILE N 637 59.93 73.99 -35.15
N SER N 638 59.43 75.11 -35.66
CA SER N 638 60.19 76.36 -35.65
C SER N 638 59.21 77.53 -35.59
N TRP N 639 59.71 78.64 -35.06
CA TRP N 639 58.91 79.85 -34.87
C TRP N 639 59.49 80.97 -35.73
N ASN N 640 58.64 81.58 -36.56
CA ASN N 640 59.07 82.63 -37.46
C ASN N 640 58.46 83.95 -36.99
N SER N 641 59.30 84.81 -36.43
CA SER N 641 58.84 86.11 -35.95
C SER N 641 58.76 87.16 -37.04
N THR N 642 59.33 86.88 -38.22
CA THR N 642 59.19 87.82 -39.33
C THR N 642 57.77 87.78 -39.90
N LYS N 643 57.19 86.58 -39.97
CA LYS N 643 55.79 86.42 -40.33
C LYS N 643 54.90 86.13 -39.12
N LYS N 644 55.50 85.92 -37.95
CA LYS N 644 54.77 85.60 -36.72
C LYS N 644 53.89 84.36 -36.89
N THR N 645 54.49 83.31 -37.45
CA THR N 645 53.78 82.06 -37.68
C THR N 645 54.64 80.90 -37.17
N MET N 646 54.06 79.71 -37.22
CA MET N 646 54.79 78.50 -36.92
C MET N 646 55.15 77.78 -38.22
N GLU N 647 56.15 76.90 -38.13
CA GLU N 647 56.54 76.06 -39.26
C GLU N 647 56.81 74.65 -38.76
N PHE N 648 56.23 73.67 -39.44
CA PHE N 648 56.50 72.26 -39.18
C PHE N 648 57.25 71.68 -40.37
N SER N 649 58.20 70.80 -40.09
CA SER N 649 59.02 70.24 -41.14
C SER N 649 59.32 68.78 -40.85
N ALA N 650 59.65 68.05 -41.91
CA ALA N 650 60.06 66.66 -41.77
C ALA N 650 61.46 66.58 -41.19
N THR N 651 61.69 65.56 -40.38
CA THR N 651 63.00 65.42 -39.73
C THR N 651 64.09 65.11 -40.74
N GLY N 652 63.76 64.36 -41.79
CA GLY N 652 64.72 63.99 -42.82
C GLY N 652 65.24 62.58 -42.70
N GLU N 653 64.89 61.85 -41.65
CA GLU N 653 65.30 60.47 -41.48
C GLU N 653 64.07 59.62 -41.18
N SER N 654 64.09 58.38 -41.66
CA SER N 654 63.02 57.45 -41.37
C SER N 654 63.24 56.80 -40.00
N GLU N 655 62.13 56.41 -39.38
CA GLU N 655 62.15 55.83 -38.03
C GLU N 655 61.83 54.35 -38.12
N ASP N 656 62.49 53.57 -37.26
CA ASP N 656 62.32 52.11 -37.22
C ASP N 656 61.77 51.70 -35.87
N ILE N 657 60.65 50.96 -35.89
CA ILE N 657 60.06 50.38 -34.70
C ILE N 657 59.84 48.90 -34.97
N LYS N 658 59.99 48.10 -33.91
CA LYS N 658 59.91 46.66 -34.02
C LYS N 658 58.79 46.14 -33.14
N LEU N 659 58.07 45.12 -33.62
CA LEU N 659 56.91 44.59 -32.95
C LEU N 659 57.03 43.08 -32.82
N HIS N 660 56.64 42.56 -31.65
CA HIS N 660 56.69 41.14 -31.36
C HIS N 660 55.27 40.65 -31.12
N LEU N 661 54.90 39.58 -31.83
CA LEU N 661 53.53 39.09 -31.84
C LEU N 661 53.52 37.57 -31.82
N VAL N 662 52.68 36.98 -30.96
CA VAL N 662 52.58 35.54 -30.84
C VAL N 662 51.10 35.17 -30.69
N ASP N 663 50.78 33.92 -30.98
CA ASP N 663 49.41 33.44 -30.98
C ASP N 663 49.11 32.67 -29.69
N ASN N 664 47.89 32.85 -29.18
CA ASN N 664 47.45 32.18 -27.96
C ASN N 664 46.02 31.66 -28.10
N ALA N 665 45.68 31.04 -29.22
CA ALA N 665 44.32 30.59 -29.49
C ALA N 665 43.89 29.47 -28.55
N MET N 666 42.62 29.08 -28.62
CA MET N 666 42.07 28.07 -27.73
C MET N 666 41.72 26.82 -28.52
N GLU N 667 42.10 25.66 -28.00
CA GLU N 667 41.77 24.37 -28.60
C GLU N 667 40.74 23.64 -27.75
N MET N 668 39.90 22.84 -28.41
CA MET N 668 38.93 22.02 -27.71
C MET N 668 38.89 20.63 -28.33
N GLN N 669 39.09 19.62 -27.51
CA GLN N 669 39.08 18.23 -27.98
C GLN N 669 37.67 17.69 -28.00
N ILE N 670 37.23 17.20 -29.16
CA ILE N 670 35.83 16.83 -29.37
C ILE N 670 35.72 15.36 -29.75
N GLY N 671 36.84 14.71 -30.03
CA GLY N 671 36.79 13.34 -30.49
C GLY N 671 37.56 12.37 -29.63
N ALA N 672 37.69 11.13 -30.10
CA ALA N 672 38.43 10.09 -29.38
C ALA N 672 39.62 9.59 -30.20
N ASN N 673 40.07 10.38 -31.18
CA ASN N 673 41.22 10.01 -31.99
C ASN N 673 42.05 11.25 -32.24
N GLU N 674 43.34 11.03 -32.52
CA GLU N 674 44.25 12.13 -32.80
C GLU N 674 43.90 12.77 -34.14
N GLY N 675 43.55 14.05 -34.11
CA GLY N 675 43.31 14.76 -35.36
C GLY N 675 42.16 15.75 -35.38
N GLN N 676 41.17 15.58 -34.50
CA GLN N 676 39.99 16.45 -34.51
C GLN N 676 40.02 17.38 -33.31
N THR N 677 39.94 18.68 -33.58
CA THR N 677 39.84 19.71 -32.56
C THR N 677 39.00 20.85 -33.10
N ILE N 678 38.45 21.65 -32.19
CA ILE N 678 37.69 22.84 -32.56
C ILE N 678 38.44 24.06 -32.04
N LEU N 679 38.59 25.07 -32.89
CA LEU N 679 39.25 26.31 -32.52
C LEU N 679 38.26 27.27 -31.86
N ALA N 680 38.77 28.00 -30.86
CA ALA N 680 37.98 28.99 -30.15
C ALA N 680 38.84 30.21 -29.87
N ASN N 681 38.27 31.39 -30.10
CA ASN N 681 38.95 32.65 -29.86
C ASN N 681 37.90 33.72 -29.61
N ILE N 682 38.22 34.64 -28.69
CA ILE N 682 37.31 35.71 -28.28
C ILE N 682 37.96 37.05 -28.62
N PRO N 683 37.37 37.86 -29.49
CA PRO N 683 38.00 39.14 -29.84
C PRO N 683 38.06 40.07 -28.64
N GLN N 684 39.08 40.93 -28.64
CA GLN N 684 39.31 41.81 -27.51
C GLN N 684 38.35 42.99 -27.55
N VAL N 685 37.73 43.28 -26.41
CA VAL N 685 36.72 44.32 -26.29
C VAL N 685 37.08 45.24 -25.13
N ASP N 686 37.18 46.53 -25.41
CA ASP N 686 37.37 47.54 -24.37
C ASP N 686 36.88 48.88 -24.94
N THR N 687 37.14 49.96 -24.20
CA THR N 687 36.80 51.29 -24.69
C THR N 687 37.61 51.64 -25.92
N THR N 688 38.90 51.30 -25.93
CA THR N 688 39.75 51.64 -27.06
C THR N 688 39.31 50.91 -28.34
N SER N 689 38.95 49.64 -28.22
CA SER N 689 38.48 48.90 -29.38
C SER N 689 37.18 49.48 -29.91
N LEU N 690 36.29 49.93 -29.01
CA LEU N 690 35.08 50.61 -29.41
C LEU N 690 35.31 52.04 -29.86
N GLY N 691 36.50 52.59 -29.61
CA GLY N 691 36.84 53.92 -30.09
C GLY N 691 36.07 55.05 -29.45
N ILE N 692 35.84 54.99 -28.14
CA ILE N 692 35.12 56.06 -27.44
C ILE N 692 35.95 56.54 -26.26
N ASP N 693 37.27 56.41 -26.36
CA ASP N 693 38.13 56.90 -25.29
C ASP N 693 38.03 58.41 -25.12
N ASP N 694 38.03 59.14 -26.23
CA ASP N 694 38.08 60.59 -26.23
C ASP N 694 36.69 61.21 -26.40
N ILE N 695 35.67 60.54 -25.89
CA ILE N 695 34.32 61.07 -25.93
C ILE N 695 34.20 62.18 -24.90
N LEU N 696 33.55 63.28 -25.29
CA LEU N 696 33.49 64.46 -24.44
C LEU N 696 32.20 65.22 -24.73
N MET N 697 31.58 65.76 -23.67
CA MET N 697 30.35 66.54 -23.77
C MET N 697 30.54 67.83 -22.96
N VAL N 698 31.15 68.83 -23.60
CA VAL N 698 31.44 70.11 -22.96
C VAL N 698 30.78 71.26 -23.71
N ASP N 699 30.83 71.22 -25.05
CA ASP N 699 30.23 72.25 -25.88
C ASP N 699 29.17 71.63 -26.78
N GLN N 700 28.38 72.50 -27.41
CA GLN N 700 27.27 72.04 -28.26
C GLN N 700 27.77 71.75 -29.68
N GLU N 701 28.80 70.91 -29.77
CA GLU N 701 29.31 70.47 -31.06
C GLU N 701 29.68 69.00 -31.12
N LEU N 702 29.87 68.30 -30.00
CA LEU N 702 30.36 66.92 -30.02
C LEU N 702 29.25 65.87 -29.94
N ALA N 703 28.00 66.29 -29.73
CA ALA N 703 26.92 65.33 -29.53
C ALA N 703 26.66 64.48 -30.76
N GLN N 704 26.70 65.08 -31.96
CA GLN N 704 26.41 64.34 -33.18
C GLN N 704 27.45 63.26 -33.42
N GLU N 705 28.73 63.61 -33.30
CA GLU N 705 29.79 62.63 -33.42
C GLU N 705 29.65 61.56 -32.36
N SER N 706 29.25 61.96 -31.15
CA SER N 706 29.03 61.00 -30.07
C SER N 706 27.98 59.97 -30.45
N ILE N 707 26.86 60.43 -31.04
CA ILE N 707 25.80 59.51 -31.43
C ILE N 707 26.29 58.55 -32.51
N THR N 708 27.02 59.07 -33.51
CA THR N 708 27.56 58.19 -34.54
C THR N 708 28.45 57.10 -33.93
N LYS N 709 29.37 57.51 -33.06
CA LYS N 709 30.31 56.56 -32.47
C LYS N 709 29.57 55.52 -31.64
N LEU N 710 28.55 55.94 -30.90
CA LEU N 710 27.81 55.02 -30.06
C LEU N 710 27.03 54.01 -30.89
N ASP N 711 26.48 54.44 -32.03
CA ASP N 711 25.81 53.51 -32.92
C ASP N 711 26.78 52.45 -33.44
N LYS N 712 27.99 52.90 -33.83
CA LYS N 712 28.99 51.94 -34.31
C LYS N 712 29.37 50.94 -33.21
N ALA N 713 29.54 51.44 -31.97
CA ALA N 713 29.88 50.54 -30.87
C ALA N 713 28.79 49.51 -30.64
N LEU N 714 27.52 49.95 -30.67
CA LEU N 714 26.41 49.03 -30.48
C LEU N 714 26.43 47.91 -31.53
N GLU N 715 26.58 48.27 -32.80
CA GLU N 715 26.55 47.24 -33.83
C GLU N 715 27.73 46.27 -33.70
N THR N 716 28.90 46.78 -33.34
CA THR N 716 30.05 45.87 -33.17
C THR N 716 29.81 44.88 -32.02
N VAL N 717 29.30 45.36 -30.88
CA VAL N 717 29.07 44.46 -29.76
C VAL N 717 28.01 43.41 -30.11
N SER N 718 26.97 43.83 -30.83
CA SER N 718 25.94 42.88 -31.25
C SER N 718 26.54 41.80 -32.14
N GLY N 719 27.43 42.19 -33.06
CA GLY N 719 28.07 41.18 -33.90
C GLY N 719 28.88 40.17 -33.10
N VAL N 720 29.63 40.64 -32.11
CA VAL N 720 30.40 39.73 -31.27
C VAL N 720 29.49 38.72 -30.57
N ARG N 721 28.41 39.23 -29.96
CA ARG N 721 27.48 38.33 -29.27
C ARG N 721 26.89 37.30 -30.21
N ALA N 722 26.55 37.71 -31.44
CA ALA N 722 25.97 36.78 -32.40
C ALA N 722 26.94 35.69 -32.78
N THR N 723 28.22 36.03 -32.96
CA THR N 723 29.23 35.01 -33.24
C THR N 723 29.29 33.98 -32.11
N ILE N 724 29.30 34.45 -30.86
CA ILE N 724 29.33 33.52 -29.73
C ILE N 724 28.11 32.61 -29.76
N GLY N 725 26.95 33.17 -30.08
CA GLY N 725 25.73 32.36 -30.14
C GLY N 725 25.80 31.28 -31.20
N ALA N 726 26.35 31.62 -32.37
CA ALA N 726 26.50 30.62 -33.43
C ALA N 726 27.39 29.47 -32.97
N GLN N 727 28.49 29.80 -32.29
CA GLN N 727 29.39 28.74 -31.82
C GLN N 727 28.70 27.85 -30.79
N ILE N 728 27.95 28.44 -29.86
CA ILE N 728 27.31 27.62 -28.83
C ILE N 728 26.25 26.72 -29.46
N ASN N 729 25.53 27.21 -30.47
CA ASN N 729 24.56 26.37 -31.17
C ASN N 729 25.24 25.18 -31.83
N ARG N 730 26.36 25.40 -32.52
CA ARG N 730 27.03 24.28 -33.16
C ARG N 730 27.46 23.24 -32.12
N LEU N 731 28.00 23.70 -30.99
CA LEU N 731 28.44 22.75 -29.95
C LEU N 731 27.26 21.93 -29.41
N GLU N 732 26.13 22.59 -29.13
CA GLU N 732 24.97 21.85 -28.65
C GLU N 732 24.52 20.81 -29.67
N TYR N 733 24.51 21.15 -30.95
CA TYR N 733 24.15 20.14 -31.95
C TYR N 733 25.15 18.99 -31.99
N THR N 734 26.45 19.28 -31.91
CA THR N 734 27.42 18.20 -32.05
C THR N 734 27.51 17.33 -30.81
N MET N 735 26.90 17.73 -29.69
CA MET N 735 26.98 16.94 -28.46
C MET N 735 26.35 15.54 -28.63
N THR N 736 25.19 15.46 -29.27
CA THR N 736 24.33 14.26 -29.18
C THR N 736 24.86 13.07 -29.98
N GLY N 737 25.53 13.32 -31.10
CA GLY N 737 26.02 12.22 -31.91
C GLY N 737 27.01 11.33 -31.16
N LEU N 738 27.78 11.93 -30.24
CA LEU N 738 28.72 11.15 -29.45
C LEU N 738 27.98 10.12 -28.58
N ASP N 739 26.88 10.54 -27.95
CA ASP N 739 26.10 9.61 -27.14
C ASP N 739 25.46 8.52 -28.00
N THR N 740 24.94 8.90 -29.18
CA THR N 740 24.35 7.89 -30.06
C THR N 740 25.39 6.85 -30.47
N THR N 741 26.59 7.31 -30.82
CA THR N 741 27.69 6.40 -31.15
C THR N 741 28.07 5.53 -29.96
N ARG N 742 28.07 6.12 -28.76
CA ARG N 742 28.38 5.34 -27.56
C ARG N 742 27.40 4.18 -27.40
N GLU N 743 26.11 4.45 -27.52
CA GLU N 743 25.13 3.38 -27.36
C GLU N 743 25.28 2.33 -28.44
N ASN N 744 25.50 2.76 -29.69
CA ASN N 744 25.62 1.78 -30.76
C ASN N 744 26.83 0.86 -30.57
N LEU N 745 27.99 1.43 -30.22
CA LEU N 745 29.15 0.58 -30.03
C LEU N 745 29.11 -0.21 -28.73
N THR N 746 28.42 0.27 -27.70
CA THR N 746 28.27 -0.55 -26.51
C THR N 746 27.30 -1.70 -26.74
N ALA N 747 26.34 -1.52 -27.65
CA ALA N 747 25.50 -2.65 -28.06
C ALA N 747 26.29 -3.64 -28.91
N ALA N 748 27.11 -3.13 -29.83
CA ALA N 748 27.86 -4.02 -30.73
C ALA N 748 28.93 -4.80 -29.97
N GLU N 749 29.64 -4.13 -29.04
CA GLU N 749 30.75 -4.77 -28.36
C GLU N 749 30.29 -5.89 -27.45
N SER N 750 29.28 -5.63 -26.62
CA SER N 750 28.83 -6.65 -25.69
C SER N 750 27.80 -7.56 -26.37
N ARG N 751 28.12 -8.01 -27.56
CA ARG N 751 27.53 -9.21 -28.14
C ARG N 751 28.53 -10.35 -28.09
N ILE N 752 29.73 -10.10 -27.58
CA ILE N 752 30.86 -11.01 -27.53
C ILE N 752 31.33 -11.21 -26.10
N ARG N 753 30.44 -11.02 -25.12
CA ARG N 753 30.83 -11.15 -23.72
C ARG N 753 30.58 -12.56 -23.20
N ASP N 754 29.33 -13.02 -23.25
CA ASP N 754 28.99 -14.33 -22.72
C ASP N 754 27.78 -14.87 -23.47
N LEU N 755 27.63 -16.19 -23.44
CA LEU N 755 26.47 -16.83 -24.03
C LEU N 755 25.24 -16.59 -23.15
N ASP N 756 24.11 -17.14 -23.58
CA ASP N 756 22.98 -17.25 -22.68
C ASP N 756 23.33 -18.21 -21.56
N ILE N 757 22.78 -17.96 -20.36
CA ILE N 757 23.07 -18.85 -19.25
C ILE N 757 22.37 -20.19 -19.43
N ALA N 758 21.37 -20.25 -20.30
CA ALA N 758 20.58 -21.47 -20.46
C ALA N 758 21.43 -22.61 -21.01
N ASP N 759 22.16 -22.37 -22.09
CA ASP N 759 22.94 -23.44 -22.68
C ASP N 759 24.11 -23.84 -21.79
N GLU N 760 24.71 -22.88 -21.08
CA GLU N 760 25.76 -23.22 -20.13
C GLU N 760 25.23 -24.13 -19.03
N MET N 761 24.03 -23.82 -18.51
CA MET N 761 23.39 -24.70 -17.53
C MET N 761 23.13 -26.07 -18.12
N ALA N 762 22.69 -26.12 -19.38
CA ALA N 762 22.38 -27.40 -20.01
C ALA N 762 23.63 -28.28 -20.12
N LYS N 763 24.72 -27.71 -20.62
CA LYS N 763 25.97 -28.47 -20.70
C LYS N 763 26.45 -28.89 -19.32
N PHE N 764 26.33 -28.00 -18.32
CA PHE N 764 26.79 -28.36 -16.99
C PHE N 764 26.02 -29.56 -16.45
N THR N 765 24.69 -29.53 -16.55
CA THR N 765 23.88 -30.65 -16.07
C THR N 765 24.20 -31.93 -16.85
N LYS N 766 24.34 -31.82 -18.16
CA LYS N 766 24.70 -32.95 -19.01
C LYS N 766 25.99 -33.62 -18.55
N ASN N 767 27.06 -32.83 -18.41
CA ASN N 767 28.35 -33.42 -18.05
C ASN N 767 28.34 -33.96 -16.63
N GLN N 768 27.68 -33.25 -15.71
CA GLN N 768 27.64 -33.70 -14.33
C GLN N 768 26.88 -35.01 -14.20
N ILE N 769 25.83 -35.20 -15.00
CA ILE N 769 25.06 -36.44 -14.89
C ILE N 769 25.79 -37.58 -15.60
N LEU N 770 26.61 -37.26 -16.60
CA LEU N 770 27.36 -38.32 -17.28
C LEU N 770 28.56 -38.79 -16.45
N ALA N 771 29.12 -37.91 -15.60
CA ALA N 771 30.26 -38.29 -14.78
C ALA N 771 29.92 -39.42 -13.82
N GLN N 772 28.72 -39.39 -13.24
CA GLN N 772 28.33 -40.45 -12.31
C GLN N 772 28.26 -41.82 -13.00
N SER N 773 27.73 -41.85 -14.23
CA SER N 773 27.74 -43.09 -14.99
C SER N 773 29.16 -43.58 -15.23
N ASN N 774 30.07 -42.66 -15.58
CA ASN N 774 31.47 -43.05 -15.73
C ASN N 774 31.99 -43.70 -14.46
N ILE N 775 31.73 -43.08 -13.31
CA ILE N 775 32.27 -43.58 -12.04
C ILE N 775 31.71 -44.98 -11.73
N SER N 776 30.40 -45.15 -11.92
CA SER N 776 29.79 -46.44 -11.63
C SER N 776 30.34 -47.54 -12.53
N MET N 777 30.47 -47.25 -13.82
CA MET N 777 30.99 -48.26 -14.74
C MET N 777 32.45 -48.60 -14.42
N LEU N 778 33.23 -47.59 -14.04
CA LEU N 778 34.61 -47.85 -13.63
C LEU N 778 34.66 -48.75 -12.40
N ALA N 779 33.75 -48.50 -11.44
CA ALA N 779 33.72 -49.33 -10.24
C ALA N 779 33.40 -50.78 -10.58
N GLN N 780 32.41 -51.00 -11.45
CA GLN N 780 32.07 -52.37 -11.84
C GLN N 780 33.22 -53.03 -12.61
N ALA N 781 33.89 -52.26 -13.47
CA ALA N 781 35.01 -52.80 -14.23
C ALA N 781 36.15 -53.23 -13.31
N ASN N 782 36.44 -52.44 -12.28
CA ASN N 782 37.45 -52.86 -11.31
C ASN N 782 36.98 -54.05 -10.50
N SER N 783 35.67 -54.14 -10.26
CA SER N 783 35.15 -55.25 -9.46
C SER N 783 35.27 -56.58 -10.20
N LEU N 784 35.06 -56.58 -11.51
CA LEU N 784 34.91 -57.85 -12.23
C LEU N 784 36.15 -58.75 -12.22
N PRO N 785 37.37 -58.26 -12.56
CA PRO N 785 38.42 -59.19 -13.02
C PRO N 785 38.84 -60.29 -12.06
N GLN N 786 39.34 -59.94 -10.88
CA GLN N 786 39.96 -60.96 -10.02
C GLN N 786 38.92 -61.80 -9.28
N MET N 787 37.76 -61.22 -8.97
CA MET N 787 36.71 -61.99 -8.31
C MET N 787 36.21 -63.10 -9.23
N ALA N 788 36.27 -62.88 -10.55
CA ALA N 788 35.82 -63.87 -11.51
C ALA N 788 36.84 -64.96 -11.77
N LEU N 789 38.10 -64.78 -11.36
CA LEU N 789 39.12 -65.79 -11.55
C LEU N 789 39.55 -66.47 -10.27
N SER N 790 39.23 -65.89 -9.11
CA SER N 790 39.62 -66.49 -7.84
C SER N 790 38.98 -67.87 -7.62
N LEU N 791 37.83 -68.13 -8.23
CA LEU N 791 37.13 -69.39 -8.02
C LEU N 791 37.48 -70.44 -9.08
N LEU N 792 38.39 -70.12 -10.00
CA LEU N 792 38.91 -71.15 -10.90
C LEU N 792 39.67 -72.22 -10.14
N GLY N 793 40.47 -71.82 -9.16
CA GLY N 793 41.26 -72.75 -8.37
C GLY N 793 42.48 -72.11 -7.76
N ALA O 2 -0.40 -69.18 13.14
CA ALA O 2 -0.54 -69.91 11.89
C ALA O 2 -0.13 -69.05 10.70
N MET O 3 0.93 -69.46 10.02
CA MET O 3 1.49 -68.72 8.89
C MET O 3 1.18 -69.45 7.60
N TYR O 4 0.59 -68.73 6.64
CA TYR O 4 0.13 -69.32 5.40
C TYR O 4 0.81 -68.62 4.22
N ILE O 5 0.39 -68.98 3.00
CA ILE O 5 0.90 -68.37 1.78
C ILE O 5 -0.26 -67.76 1.02
N ASN O 6 -0.12 -66.49 0.65
CA ASN O 6 -1.12 -65.76 -0.13
C ASN O 6 -2.51 -65.85 0.52
N THR O 7 -2.60 -65.36 1.75
CA THR O 7 -3.82 -65.36 2.55
C THR O 7 -4.01 -64.02 3.24
N ASN O 8 -3.57 -62.95 2.57
CA ASN O 8 -3.47 -61.62 3.16
C ASN O 8 -4.85 -60.96 3.23
N VAL O 9 -5.67 -61.45 4.18
CA VAL O 9 -6.96 -60.82 4.45
C VAL O 9 -6.81 -59.36 4.87
N PRO O 10 -5.85 -58.98 5.73
CA PRO O 10 -5.72 -57.54 6.05
C PRO O 10 -5.52 -56.66 4.84
N SER O 11 -4.89 -57.16 3.79
CA SER O 11 -4.81 -56.39 2.55
C SER O 11 -6.19 -56.11 1.98
N LEU O 12 -7.07 -57.12 2.01
CA LEU O 12 -8.44 -56.91 1.52
C LEU O 12 -9.17 -55.89 2.38
N THR O 13 -9.03 -55.98 3.70
CA THR O 13 -9.68 -55.00 4.57
C THR O 13 -9.19 -53.59 4.29
N ALA O 14 -7.87 -53.43 4.13
CA ALA O 14 -7.31 -52.12 3.85
C ALA O 14 -7.78 -51.61 2.49
N GLN O 15 -7.88 -52.50 1.49
CA GLN O 15 -8.38 -52.09 0.19
C GLN O 15 -9.80 -51.56 0.30
N ARG O 16 -10.67 -52.26 1.03
CA ARG O 16 -12.04 -51.79 1.20
C ARG O 16 -12.06 -50.41 1.86
N TYR O 17 -11.35 -50.26 2.98
CA TYR O 17 -11.37 -48.99 3.71
C TYR O 17 -10.82 -47.85 2.85
N LEU O 18 -9.76 -48.12 2.08
CA LEU O 18 -9.23 -47.14 1.15
C LEU O 18 -10.27 -46.77 0.10
N GLY O 19 -11.10 -47.75 -0.30
CA GLY O 19 -12.18 -47.43 -1.23
C GLY O 19 -13.16 -46.41 -0.66
N GLU O 20 -13.61 -46.63 0.58
CA GLU O 20 -14.52 -45.63 1.16
C GLU O 20 -13.83 -44.27 1.29
N THR O 21 -12.57 -44.27 1.71
CA THR O 21 -11.87 -42.99 1.87
C THR O 21 -11.78 -42.23 0.54
N ASN O 22 -11.41 -42.93 -0.53
CA ASN O 22 -11.29 -42.29 -1.83
C ASN O 22 -12.63 -41.74 -2.30
N ASN O 23 -13.70 -42.52 -2.15
CA ASN O 23 -15.00 -42.03 -2.59
C ASN O 23 -15.44 -40.80 -1.81
N ALA O 24 -15.21 -40.81 -0.49
CA ALA O 24 -15.56 -39.64 0.31
C ALA O 24 -14.78 -38.41 -0.12
N VAL O 25 -13.49 -38.57 -0.38
CA VAL O 25 -12.67 -37.44 -0.82
C VAL O 25 -13.19 -36.89 -2.15
N SER O 26 -13.53 -37.79 -3.08
CA SER O 26 -14.02 -37.35 -4.38
C SER O 26 -15.32 -36.57 -4.24
N LYS O 27 -16.25 -37.06 -3.42
CA LYS O 27 -17.51 -36.36 -3.25
C LYS O 27 -17.30 -34.99 -2.61
N SER O 28 -16.42 -34.91 -1.61
CA SER O 28 -16.13 -33.61 -1.00
C SER O 28 -15.54 -32.64 -2.01
N LEU O 29 -14.63 -33.13 -2.85
CA LEU O 29 -14.04 -32.28 -3.87
C LEU O 29 -15.09 -31.77 -4.85
N GLU O 30 -16.01 -32.64 -5.27
CA GLU O 30 -17.06 -32.23 -6.19
C GLU O 30 -17.94 -31.15 -5.56
N ARG O 31 -18.34 -31.35 -4.30
CA ARG O 31 -19.17 -30.35 -3.63
C ARG O 31 -18.44 -29.02 -3.52
N LEU O 32 -17.16 -29.05 -3.13
CA LEU O 32 -16.42 -27.81 -2.96
C LEU O 32 -16.24 -27.08 -4.29
N SER O 33 -15.96 -27.83 -5.36
CA SER O 33 -15.76 -27.20 -6.66
C SER O 33 -17.07 -26.59 -7.17
N SER O 34 -18.18 -27.30 -7.00
CA SER O 34 -19.45 -26.78 -7.50
C SER O 34 -19.93 -25.59 -6.69
N GLY O 35 -19.79 -25.64 -5.37
CA GLY O 35 -20.31 -24.55 -4.55
C GLY O 35 -21.78 -24.62 -4.28
N LEU O 36 -22.40 -25.79 -4.48
CA LEU O 36 -23.82 -25.97 -4.23
C LEU O 36 -24.00 -27.12 -3.24
N ARG O 37 -25.09 -27.06 -2.47
CA ARG O 37 -25.34 -28.11 -1.49
C ARG O 37 -25.86 -29.38 -2.14
N ILE O 38 -27.03 -29.30 -2.77
CA ILE O 38 -27.72 -30.51 -3.21
C ILE O 38 -26.97 -31.15 -4.36
N ASN O 39 -26.90 -30.45 -5.51
CA ASN O 39 -26.31 -30.97 -6.73
C ASN O 39 -27.02 -32.26 -7.17
N SER O 40 -26.62 -32.80 -8.32
CA SER O 40 -27.17 -34.06 -8.84
C SER O 40 -28.68 -34.17 -8.60
N ALA O 41 -29.14 -35.35 -8.20
CA ALA O 41 -30.52 -35.49 -7.77
C ALA O 41 -30.69 -36.39 -6.55
N SER O 42 -29.61 -36.96 -6.00
CA SER O 42 -29.72 -37.99 -4.99
C SER O 42 -29.38 -37.52 -3.58
N ASP O 43 -28.72 -36.37 -3.44
CA ASP O 43 -28.32 -35.92 -2.11
C ASP O 43 -29.53 -35.61 -1.24
N ASP O 44 -30.54 -34.95 -1.81
CA ASP O 44 -31.78 -34.65 -1.12
C ASP O 44 -32.93 -34.73 -2.11
N ALA O 45 -34.03 -35.37 -1.69
CA ALA O 45 -35.18 -35.56 -2.56
C ALA O 45 -36.25 -34.50 -2.37
N SER O 46 -36.17 -33.71 -1.31
CA SER O 46 -37.20 -32.71 -1.01
C SER O 46 -36.80 -31.29 -1.32
N GLY O 47 -35.49 -30.99 -1.36
CA GLY O 47 -35.06 -29.63 -1.67
C GLY O 47 -35.30 -29.20 -3.09
N LEU O 48 -35.32 -30.15 -4.04
CA LEU O 48 -35.44 -29.79 -5.44
C LEU O 48 -36.75 -29.07 -5.73
N ALA O 49 -37.87 -29.60 -5.23
CA ALA O 49 -39.17 -29.03 -5.55
C ALA O 49 -39.31 -27.63 -4.95
N ILE O 50 -38.99 -27.47 -3.67
CA ILE O 50 -39.08 -26.17 -3.02
C ILE O 50 -38.18 -25.16 -3.73
N SER O 51 -36.95 -25.59 -4.04
CA SER O 51 -36.02 -24.69 -4.71
C SER O 51 -36.57 -24.23 -6.06
N GLU O 52 -37.07 -25.16 -6.87
CA GLU O 52 -37.56 -24.80 -8.20
C GLU O 52 -38.76 -23.86 -8.11
N LYS O 53 -39.68 -24.14 -7.16
CA LYS O 53 -40.83 -23.27 -6.98
C LYS O 53 -40.39 -21.85 -6.62
N LEU O 54 -39.43 -21.74 -5.69
CA LEU O 54 -38.97 -20.42 -5.28
C LEU O 54 -38.31 -19.67 -6.43
N ARG O 55 -37.47 -20.36 -7.21
CA ARG O 55 -36.79 -19.70 -8.32
C ARG O 55 -37.78 -19.17 -9.35
N GLY O 56 -38.78 -20.00 -9.70
CA GLY O 56 -39.81 -19.53 -10.62
C GLY O 56 -40.55 -18.31 -10.09
N GLN O 57 -40.91 -18.33 -8.81
CA GLN O 57 -41.59 -17.19 -8.23
C GLN O 57 -40.74 -15.92 -8.32
N ILE O 58 -39.43 -16.05 -8.06
CA ILE O 58 -38.55 -14.88 -8.10
C ILE O 58 -38.49 -14.29 -9.51
N SER O 59 -38.37 -15.15 -10.52
CA SER O 59 -38.34 -14.64 -11.89
C SER O 59 -39.63 -13.90 -12.23
N GLY O 60 -40.78 -14.49 -11.88
CA GLY O 60 -42.03 -13.79 -12.10
C GLY O 60 -42.07 -12.44 -11.41
N LEU O 61 -41.44 -12.36 -10.23
CA LEU O 61 -41.50 -11.10 -9.47
C LEU O 61 -40.69 -10.00 -10.15
N LYS O 62 -39.47 -10.31 -10.62
CA LYS O 62 -38.80 -9.38 -11.53
C LYS O 62 -39.70 -8.93 -12.67
N ARG O 63 -40.36 -9.87 -13.35
CA ARG O 63 -41.07 -9.44 -14.54
C ARG O 63 -42.20 -8.47 -14.19
N ALA O 64 -42.98 -8.80 -13.16
CA ALA O 64 -44.06 -7.89 -12.73
C ALA O 64 -43.51 -6.53 -12.27
N SER O 65 -42.35 -6.56 -11.60
CA SER O 65 -41.74 -5.32 -11.12
C SER O 65 -41.41 -4.38 -12.27
N LEU O 66 -40.89 -4.93 -13.37
CA LEU O 66 -40.62 -4.08 -14.54
C LEU O 66 -41.92 -3.61 -15.19
N ASN O 67 -42.92 -4.50 -15.24
CA ASN O 67 -44.18 -4.14 -15.89
C ASN O 67 -44.86 -2.98 -15.18
N ALA O 68 -44.60 -2.80 -13.88
CA ALA O 68 -45.22 -1.69 -13.14
C ALA O 68 -44.83 -0.34 -13.74
N GLN O 69 -43.53 -0.09 -13.90
CA GLN O 69 -43.09 1.18 -14.49
C GLN O 69 -43.51 1.27 -15.96
N ASP O 70 -43.44 0.12 -16.66
CA ASP O 70 -43.94 0.08 -18.04
C ASP O 70 -45.36 0.62 -18.12
N GLY O 71 -46.19 0.30 -17.13
CA GLY O 71 -47.53 0.86 -17.08
C GLY O 71 -47.56 2.33 -16.72
N ILE O 72 -46.73 2.75 -15.75
CA ILE O 72 -46.87 4.10 -15.20
C ILE O 72 -46.53 5.18 -16.23
N SER O 73 -45.61 4.88 -17.16
CA SER O 73 -45.20 5.92 -18.12
C SER O 73 -46.37 6.44 -18.96
N LEU O 74 -47.25 5.52 -19.39
CA LEU O 74 -48.37 5.90 -20.24
C LEU O 74 -49.29 6.90 -19.54
N LEU O 75 -49.60 6.63 -18.27
CA LEU O 75 -50.47 7.52 -17.51
C LEU O 75 -49.82 8.89 -17.35
N GLN O 76 -48.51 8.93 -17.14
CA GLN O 76 -47.84 10.23 -17.06
C GLN O 76 -48.01 11.03 -18.35
N THR O 77 -47.82 10.37 -19.50
CA THR O 77 -47.99 11.07 -20.78
C THR O 77 -49.40 11.61 -20.95
N ALA O 78 -50.41 10.79 -20.63
CA ALA O 78 -51.79 11.24 -20.76
C ALA O 78 -52.06 12.44 -19.86
N GLU O 79 -51.51 12.42 -18.64
CA GLU O 79 -51.67 13.56 -17.73
C GLU O 79 -51.12 14.83 -18.35
N GLY O 80 -49.94 14.74 -18.96
CA GLY O 80 -49.36 15.93 -19.59
C GLY O 80 -50.25 16.51 -20.68
N GLY O 81 -50.76 15.65 -21.56
CA GLY O 81 -51.63 16.12 -22.62
C GLY O 81 -52.89 16.80 -22.08
N LEU O 82 -53.51 16.17 -21.08
CA LEU O 82 -54.72 16.75 -20.50
C LEU O 82 -54.44 18.08 -19.84
N GLN O 83 -53.25 18.23 -19.23
CA GLN O 83 -52.88 19.51 -18.65
C GLN O 83 -52.79 20.60 -19.72
N ASN O 84 -52.22 20.28 -20.88
CA ASN O 84 -52.19 21.27 -21.96
C ASN O 84 -53.59 21.69 -22.37
N ILE O 85 -54.50 20.72 -22.52
CA ILE O 85 -55.87 21.06 -22.90
C ILE O 85 -56.51 21.96 -21.84
N GLN O 86 -56.30 21.62 -20.56
CA GLN O 86 -56.80 22.44 -19.46
C GLN O 86 -56.28 23.87 -19.57
N ASP O 87 -55.01 24.03 -19.92
CA ASP O 87 -54.45 25.37 -20.07
C ASP O 87 -55.21 26.15 -21.14
N MET O 88 -55.47 25.53 -22.29
CA MET O 88 -56.16 26.26 -23.36
C MET O 88 -57.59 26.65 -22.98
N LEU O 89 -58.29 25.78 -22.24
CA LEU O 89 -59.71 26.03 -21.98
C LEU O 89 -59.94 27.32 -21.20
N GLN O 90 -59.09 27.59 -20.20
CA GLN O 90 -59.30 28.78 -19.37
C GLN O 90 -59.06 30.07 -20.15
N ARG O 91 -58.07 30.07 -21.06
CA ARG O 91 -57.90 31.22 -21.95
C ARG O 91 -59.14 31.43 -22.79
N MET O 92 -59.72 30.34 -23.32
CA MET O 92 -60.95 30.50 -24.11
C MET O 92 -62.08 31.06 -23.24
N ARG O 93 -62.15 30.65 -21.97
CA ARG O 93 -63.19 31.16 -21.08
C ARG O 93 -63.03 32.66 -20.82
N GLU O 94 -61.80 33.11 -20.54
CA GLU O 94 -61.58 34.53 -20.28
C GLU O 94 -61.86 35.35 -21.53
N LEU O 95 -61.44 34.85 -22.69
CA LEU O 95 -61.78 35.51 -23.94
C LEU O 95 -63.29 35.54 -24.16
N ALA O 96 -64.01 34.54 -23.66
CA ALA O 96 -65.47 34.54 -23.79
C ALA O 96 -66.09 35.61 -22.91
N VAL O 97 -65.64 35.72 -21.66
CA VAL O 97 -66.23 36.72 -20.77
C VAL O 97 -65.87 38.13 -21.20
N GLN O 98 -64.73 38.31 -21.87
CA GLN O 98 -64.41 39.63 -22.41
C GLN O 98 -65.46 40.11 -23.39
N ALA O 99 -65.79 39.28 -24.39
CA ALA O 99 -66.80 39.65 -25.36
C ALA O 99 -68.18 39.62 -24.72
N GLY O 100 -68.93 40.71 -24.88
CA GLY O 100 -70.23 40.82 -24.27
C GLY O 100 -70.58 42.20 -23.76
N ASN O 101 -69.57 43.02 -23.44
CA ASN O 101 -69.83 44.41 -23.12
C ASN O 101 -70.32 45.13 -24.36
N GLY O 102 -71.50 45.75 -24.29
CA GLY O 102 -72.04 46.32 -25.50
C GLY O 102 -71.59 47.74 -25.75
N VAL O 103 -70.47 47.86 -26.45
CA VAL O 103 -70.03 49.09 -27.12
C VAL O 103 -69.47 48.66 -28.46
N TYR O 104 -69.26 47.36 -28.59
CA TYR O 104 -68.60 46.77 -29.76
C TYR O 104 -69.59 46.58 -30.90
N THR O 105 -69.11 46.76 -32.12
CA THR O 105 -69.94 46.64 -33.31
C THR O 105 -70.15 45.17 -33.66
N THR O 106 -70.72 44.94 -34.85
CA THR O 106 -71.04 43.61 -35.33
C THR O 106 -69.94 42.99 -36.20
N ASN O 107 -68.70 43.47 -36.10
CA ASN O 107 -67.58 42.95 -36.88
C ASN O 107 -66.40 42.51 -36.03
N ASP O 108 -66.11 43.25 -34.96
CA ASP O 108 -65.09 42.78 -34.02
C ASP O 108 -65.50 41.50 -33.33
N ARG O 109 -66.81 41.27 -33.17
CA ARG O 109 -67.26 39.97 -32.68
C ARG O 109 -66.91 38.87 -33.66
N ALA O 110 -67.02 39.15 -34.96
CA ALA O 110 -66.63 38.16 -35.97
C ALA O 110 -65.12 37.90 -35.94
N GLU O 111 -64.32 38.96 -35.77
CA GLU O 111 -62.88 38.74 -35.72
C GLU O 111 -62.47 38.00 -34.46
N ILE O 112 -63.26 38.12 -33.39
CA ILE O 112 -63.08 37.24 -32.24
C ILE O 112 -63.42 35.80 -32.61
N GLN O 113 -64.56 35.61 -33.30
CA GLN O 113 -65.02 34.27 -33.66
C GLN O 113 -63.99 33.53 -34.49
N LYS O 114 -63.28 34.24 -35.37
CA LYS O 114 -62.29 33.58 -36.23
C LYS O 114 -61.22 32.87 -35.39
N GLU O 115 -60.60 33.59 -34.45
CA GLU O 115 -59.55 32.98 -33.65
C GLU O 115 -60.11 32.00 -32.62
N VAL O 116 -61.36 32.18 -32.19
CA VAL O 116 -62.00 31.16 -31.36
C VAL O 116 -62.08 29.84 -32.12
N ASP O 117 -62.52 29.90 -33.37
CA ASP O 117 -62.63 28.69 -34.17
C ASP O 117 -61.26 28.08 -34.45
N GLN O 118 -60.24 28.93 -34.64
CA GLN O 118 -58.88 28.41 -34.82
C GLN O 118 -58.42 27.66 -33.57
N LEU O 119 -58.69 28.21 -32.38
CA LEU O 119 -58.35 27.51 -31.16
C LEU O 119 -59.10 26.18 -31.05
N LYS O 120 -60.35 26.15 -31.53
CA LYS O 120 -61.09 24.89 -31.54
C LYS O 120 -60.42 23.85 -32.45
N GLU O 121 -59.94 24.28 -33.62
CA GLU O 121 -59.18 23.37 -34.47
C GLU O 121 -57.95 22.86 -33.75
N GLU O 122 -57.26 23.74 -33.02
CA GLU O 122 -56.06 23.32 -32.30
C GLU O 122 -56.40 22.27 -31.24
N ILE O 123 -57.50 22.46 -30.51
CA ILE O 123 -57.85 21.50 -29.48
C ILE O 123 -58.26 20.17 -30.09
N ASN O 124 -58.91 20.19 -31.25
CA ASN O 124 -59.18 18.95 -31.96
C ASN O 124 -57.89 18.23 -32.35
N ARG O 125 -56.92 18.98 -32.87
CA ARG O 125 -55.66 18.36 -33.27
C ARG O 125 -54.94 17.74 -32.08
N ILE O 126 -54.88 18.47 -30.96
CA ILE O 126 -54.17 17.94 -29.80
C ILE O 126 -54.91 16.74 -29.23
N ALA O 127 -56.25 16.74 -29.31
CA ALA O 127 -56.99 15.55 -28.89
C ALA O 127 -56.65 14.35 -29.75
N SER O 128 -56.56 14.55 -31.07
CA SER O 128 -56.39 13.44 -31.99
C SER O 128 -54.94 13.10 -32.29
N SER O 129 -53.97 13.78 -31.67
CA SER O 129 -52.57 13.58 -32.01
C SER O 129 -51.75 12.86 -30.94
N THR O 130 -52.28 12.66 -29.74
CA THR O 130 -51.51 11.99 -28.69
C THR O 130 -51.25 10.54 -29.08
N GLU O 131 -50.05 10.05 -28.78
CA GLU O 131 -49.57 8.82 -29.38
C GLU O 131 -48.65 8.08 -28.42
N PHE O 132 -48.73 6.75 -28.42
CA PHE O 132 -47.80 5.92 -27.66
C PHE O 132 -47.75 4.53 -28.27
N ASN O 133 -46.67 4.23 -28.98
CA ASN O 133 -46.40 2.89 -29.51
C ASN O 133 -47.54 2.39 -30.39
N THR O 134 -47.83 3.15 -31.45
CA THR O 134 -48.89 2.83 -32.41
C THR O 134 -50.23 2.59 -31.72
N LYS O 135 -50.46 3.26 -30.60
CA LYS O 135 -51.69 3.13 -29.81
C LYS O 135 -52.12 4.51 -29.35
N LYS O 136 -52.98 5.16 -30.12
CA LYS O 136 -53.53 6.44 -29.73
C LYS O 136 -54.45 6.28 -28.52
N LEU O 137 -54.35 7.20 -27.58
CA LEU O 137 -54.99 7.05 -26.27
C LEU O 137 -56.35 7.73 -26.18
N LEU O 138 -56.40 9.03 -26.46
CA LEU O 138 -57.57 9.82 -26.06
C LEU O 138 -58.71 9.73 -27.07
N ASN O 139 -58.48 9.15 -28.25
CA ASN O 139 -59.51 9.13 -29.27
C ASN O 139 -60.46 7.95 -29.12
N GLY O 140 -61.01 7.79 -27.92
CA GLY O 140 -61.99 6.74 -27.69
C GLY O 140 -61.51 5.35 -28.03
N ASP O 141 -60.20 5.15 -28.11
CA ASP O 141 -59.62 3.87 -28.49
C ASP O 141 -58.99 3.16 -27.30
N SER O 142 -59.25 3.63 -26.09
CA SER O 142 -58.72 3.00 -24.88
C SER O 142 -59.75 2.14 -24.16
N THR O 143 -61.03 2.32 -24.44
CA THR O 143 -62.08 1.57 -23.77
C THR O 143 -62.87 0.67 -24.72
N ALA O 144 -63.48 1.23 -25.77
CA ALA O 144 -64.41 0.48 -26.60
C ALA O 144 -64.10 0.68 -28.08
N LEU O 145 -64.99 0.16 -28.92
CA LEU O 145 -64.85 0.29 -30.37
C LEU O 145 -66.23 0.05 -30.98
N TRP O 146 -66.72 1.02 -31.76
CA TRP O 146 -68.09 1.01 -32.23
C TRP O 146 -68.16 1.29 -33.73
N SER O 147 -69.29 0.90 -34.32
CA SER O 147 -69.58 1.14 -35.73
C SER O 147 -71.04 0.85 -35.99
N SER O 148 -71.63 1.65 -36.88
CA SER O 148 -73.01 1.47 -37.32
C SER O 148 -73.12 1.90 -38.77
N ASP O 149 -74.27 1.60 -39.39
CA ASP O 149 -74.44 1.81 -40.82
C ASP O 149 -75.09 3.15 -41.17
N SER O 150 -76.18 3.52 -40.49
CA SER O 150 -76.82 4.79 -40.79
C SER O 150 -75.91 5.96 -40.39
N SER O 151 -75.95 7.00 -41.21
CA SER O 151 -75.01 8.12 -41.10
C SER O 151 -75.54 9.25 -40.23
N ASP O 152 -76.56 8.98 -39.42
CA ASP O 152 -77.13 10.00 -38.54
C ASP O 152 -77.30 9.46 -37.12
N LEU O 153 -76.28 8.78 -36.62
CA LEU O 153 -76.30 8.26 -35.25
C LEU O 153 -74.87 8.30 -34.73
N ASP O 154 -74.66 9.01 -33.62
CA ASP O 154 -73.32 9.23 -33.09
C ASP O 154 -73.21 8.60 -31.70
N VAL O 155 -71.98 8.24 -31.32
CA VAL O 155 -71.72 7.55 -30.07
C VAL O 155 -70.61 8.28 -29.32
N VAL O 156 -70.82 8.51 -28.03
CA VAL O 156 -69.80 9.08 -27.16
C VAL O 156 -69.56 8.12 -26.01
N ILE O 157 -68.29 7.87 -25.70
CA ILE O 157 -67.87 6.87 -24.73
C ILE O 157 -67.43 7.57 -23.45
N LYS O 158 -67.95 7.11 -22.31
CA LYS O 158 -67.46 7.55 -21.02
C LYS O 158 -66.91 6.42 -20.17
N SER O 159 -67.64 5.32 -20.06
CA SER O 159 -67.26 4.19 -19.21
C SER O 159 -67.19 2.92 -20.05
N ALA O 160 -66.90 1.81 -19.38
CA ALA O 160 -66.79 0.53 -20.07
C ALA O 160 -68.16 0.04 -20.53
N VAL O 161 -68.25 -0.35 -21.79
CA VAL O 161 -69.47 -0.93 -22.34
C VAL O 161 -69.29 -2.43 -22.38
N ALA O 162 -70.39 -3.17 -22.52
CA ALA O 162 -70.32 -4.62 -22.35
C ALA O 162 -70.08 -5.35 -23.67
N GLU O 163 -71.10 -5.39 -24.54
CA GLU O 163 -71.07 -6.16 -25.78
C GLU O 163 -72.33 -5.98 -26.63
N GLY O 164 -72.35 -6.63 -27.79
CA GLY O 164 -73.60 -6.97 -28.46
C GLY O 164 -73.99 -6.07 -29.61
N ASN O 165 -75.06 -6.49 -30.28
CA ASN O 165 -75.73 -5.74 -31.33
C ASN O 165 -77.06 -5.23 -30.80
N TYR O 166 -77.36 -3.97 -31.11
CA TYR O 166 -78.55 -3.33 -30.61
C TYR O 166 -79.39 -2.81 -31.76
N ASN O 167 -80.70 -2.99 -31.64
CA ASN O 167 -81.67 -2.51 -32.62
C ASN O 167 -82.55 -1.45 -31.97
N LEU O 168 -82.70 -0.33 -32.64
CA LEU O 168 -83.39 0.84 -32.09
C LEU O 168 -84.66 1.12 -32.88
N ASN O 169 -85.70 1.53 -32.16
CA ASN O 169 -86.97 1.89 -32.75
C ASN O 169 -87.34 3.29 -32.27
N VAL O 170 -87.65 4.18 -33.21
CA VAL O 170 -87.79 5.60 -32.94
C VAL O 170 -89.16 6.07 -33.38
N THR O 171 -89.80 6.91 -32.56
CA THR O 171 -91.03 7.58 -32.92
C THR O 171 -90.91 9.04 -32.53
N VAL O 172 -91.46 9.94 -33.37
CA VAL O 172 -91.20 11.36 -33.28
C VAL O 172 -92.50 12.14 -33.21
N ASP O 173 -92.51 13.18 -32.39
CA ASP O 173 -93.58 14.18 -32.36
C ASP O 173 -92.93 15.54 -32.63
N PRO O 174 -93.26 16.21 -33.72
CA PRO O 174 -92.51 17.41 -34.11
C PRO O 174 -92.94 18.65 -33.34
N GLY O 175 -92.14 19.70 -33.49
CA GLY O 175 -92.39 20.96 -32.80
C GLY O 175 -92.58 22.15 -33.72
N LYS O 176 -91.89 23.24 -33.44
CA LYS O 176 -92.05 24.49 -34.20
C LYS O 176 -90.68 24.99 -34.65
N ASN O 177 -90.69 26.01 -35.49
CA ASN O 177 -89.48 26.61 -36.03
C ASN O 177 -89.46 28.11 -35.71
N PHE O 178 -88.47 28.80 -36.29
CA PHE O 178 -88.31 30.24 -36.12
C PHE O 178 -88.90 30.98 -37.31
N VAL O 179 -89.60 32.08 -37.04
CA VAL O 179 -90.15 32.94 -38.07
C VAL O 179 -89.76 34.38 -37.76
N TYR O 180 -89.05 35.02 -38.69
CA TYR O 180 -88.57 36.39 -38.57
C TYR O 180 -89.31 37.30 -39.53
N LYS O 181 -89.50 38.55 -39.10
CA LYS O 181 -90.17 39.56 -39.91
C LYS O 181 -89.31 40.81 -39.99
N SER O 182 -89.22 41.38 -41.19
CA SER O 182 -88.49 42.62 -41.42
C SER O 182 -89.46 43.79 -41.43
N ASP O 183 -88.90 44.99 -41.58
CA ASP O 183 -89.67 46.22 -41.46
C ASP O 183 -90.16 46.71 -42.81
N VAL O 184 -90.81 47.88 -42.79
CA VAL O 184 -91.51 48.39 -43.96
C VAL O 184 -90.57 49.20 -44.83
N MET O 185 -90.71 49.04 -46.15
CA MET O 185 -89.99 49.83 -47.13
C MET O 185 -90.95 50.76 -47.84
N THR O 186 -90.54 52.02 -48.01
CA THR O 186 -91.36 53.02 -48.70
C THR O 186 -90.50 53.75 -49.72
N LEU O 187 -91.17 54.41 -50.66
CA LEU O 187 -90.51 55.12 -51.74
C LEU O 187 -90.13 56.53 -51.33
N ASN O 188 -89.13 57.07 -52.01
CA ASN O 188 -88.66 58.42 -51.73
C ASN O 188 -89.63 59.44 -52.30
N GLU O 189 -89.27 60.72 -52.19
CA GLU O 189 -90.17 61.81 -52.53
C GLU O 189 -90.46 61.90 -54.03
N ASP O 190 -89.55 61.44 -54.89
CA ASP O 190 -89.68 61.64 -56.32
C ASP O 190 -89.89 60.36 -57.11
N ALA O 191 -89.77 59.18 -56.49
CA ALA O 191 -89.80 57.94 -57.24
C ALA O 191 -91.20 57.64 -57.76
N ILE O 192 -91.26 56.72 -58.72
CA ILE O 192 -92.51 56.26 -59.32
C ILE O 192 -92.51 54.74 -59.30
N GLY O 193 -93.59 54.14 -58.83
CA GLY O 193 -93.71 52.69 -58.74
C GLY O 193 -94.82 52.18 -59.64
N ALA O 194 -94.56 51.07 -60.33
CA ALA O 194 -95.54 50.44 -61.19
C ALA O 194 -95.73 48.99 -60.77
N GLU O 195 -96.96 48.51 -60.86
CA GLU O 195 -97.26 47.14 -60.44
C GLU O 195 -98.54 46.69 -61.13
N ILE O 196 -98.75 45.38 -61.15
CA ILE O 196 -100.03 44.79 -61.56
C ILE O 196 -100.77 44.45 -60.28
N VAL O 197 -101.85 45.20 -60.01
CA VAL O 197 -102.65 45.01 -58.80
C VAL O 197 -104.05 44.62 -59.22
N THR O 198 -104.61 43.61 -58.56
CA THR O 198 -105.89 43.05 -58.92
C THR O 198 -107.01 43.66 -58.09
N ALA O 199 -108.18 43.82 -58.72
CA ALA O 199 -109.36 44.31 -58.01
C ALA O 199 -110.58 43.76 -58.75
N GLY O 200 -111.18 42.70 -58.21
CA GLY O 200 -112.35 42.10 -58.79
C GLY O 200 -112.10 40.81 -59.55
N GLY O 201 -111.05 40.07 -59.23
CA GLY O 201 -110.77 38.83 -59.93
C GLY O 201 -110.25 39.00 -61.33
N ASP O 202 -109.61 40.12 -61.65
CA ASP O 202 -109.04 40.34 -62.98
C ASP O 202 -107.76 39.53 -63.12
N VAL O 203 -107.88 38.21 -63.23
CA VAL O 203 -106.72 37.32 -63.27
C VAL O 203 -106.04 37.42 -64.63
N ASN O 204 -104.79 36.97 -64.69
CA ASN O 204 -103.97 37.12 -65.89
C ASN O 204 -104.44 36.23 -67.03
N GLU O 205 -105.14 36.81 -68.01
CA GLU O 205 -105.45 36.11 -69.25
C GLU O 205 -104.40 36.32 -70.32
N THR O 206 -103.35 37.10 -70.04
CA THR O 206 -102.39 37.51 -71.03
C THR O 206 -101.05 36.81 -70.78
N ASN O 207 -100.05 37.18 -71.57
CA ASN O 207 -98.76 36.52 -71.58
C ASN O 207 -97.63 37.51 -71.33
N VAL O 208 -97.90 38.52 -70.52
CA VAL O 208 -96.94 39.58 -70.21
C VAL O 208 -96.39 39.34 -68.80
N GLY O 209 -95.07 39.29 -68.68
CA GLY O 209 -94.44 39.09 -67.39
C GLY O 209 -94.72 40.21 -66.41
N PHE O 210 -94.18 41.40 -66.68
CA PHE O 210 -94.36 42.54 -65.79
C PHE O 210 -93.89 43.79 -66.52
N VAL O 211 -93.84 44.91 -65.80
CA VAL O 211 -93.50 46.21 -66.36
C VAL O 211 -92.28 46.74 -65.63
N THR O 212 -91.39 47.41 -66.37
CA THR O 212 -90.17 47.96 -65.81
C THR O 212 -89.99 49.42 -66.22
N ASP O 213 -89.13 50.10 -65.46
CA ASP O 213 -88.67 51.49 -65.49
C ASP O 213 -89.73 52.46 -66.01
N PRO O 214 -90.85 52.61 -65.31
CA PRO O 214 -91.76 53.71 -65.63
C PRO O 214 -91.08 55.04 -65.35
N ASN O 215 -91.38 56.02 -66.19
CA ASN O 215 -90.70 57.30 -66.09
C ASN O 215 -91.63 58.40 -66.58
N THR O 216 -91.74 59.47 -65.79
CA THR O 216 -92.51 60.66 -66.15
C THR O 216 -93.92 60.30 -66.61
N LEU O 217 -94.68 59.72 -65.69
CA LEU O 217 -96.09 59.42 -65.95
C LEU O 217 -96.86 59.50 -64.65
N ALA O 218 -97.88 60.35 -64.62
CA ALA O 218 -98.88 60.40 -63.55
C ALA O 218 -98.24 60.28 -62.16
N SER O 219 -97.13 60.99 -61.98
CA SER O 219 -96.37 60.88 -60.74
C SER O 219 -97.19 61.30 -59.52
N THR O 220 -98.32 61.97 -59.71
CA THR O 220 -99.20 62.40 -58.64
C THR O 220 -100.44 61.49 -58.64
N GLY O 221 -100.50 60.60 -57.66
CA GLY O 221 -101.68 59.79 -57.45
C GLY O 221 -101.45 58.33 -57.83
N THR O 222 -102.42 57.50 -57.45
CA THR O 222 -102.45 56.10 -57.79
C THR O 222 -103.31 55.93 -59.03
N ALA O 223 -102.67 55.60 -60.15
CA ALA O 223 -103.32 55.61 -61.45
C ALA O 223 -103.67 54.18 -61.86
N TYR O 224 -104.91 54.02 -62.35
CA TYR O 224 -105.40 52.77 -62.90
C TYR O 224 -105.35 52.88 -64.42
N TYR O 225 -104.63 51.97 -65.06
CA TYR O 225 -104.50 51.93 -66.51
C TYR O 225 -104.96 50.58 -67.02
N THR O 226 -105.56 50.58 -68.21
CA THR O 226 -105.97 49.35 -68.87
C THR O 226 -105.09 49.15 -70.10
N VAL O 227 -104.41 48.01 -70.16
CA VAL O 227 -103.55 47.68 -71.29
C VAL O 227 -104.15 46.48 -71.99
N ASP O 228 -104.42 46.62 -73.28
CA ASP O 228 -105.09 45.61 -74.08
C ASP O 228 -104.09 45.07 -75.10
N VAL O 229 -103.85 43.76 -75.08
CA VAL O 229 -102.98 43.11 -76.05
C VAL O 229 -103.83 42.10 -76.80
N THR O 230 -103.85 42.21 -78.12
CA THR O 230 -104.70 41.36 -78.94
C THR O 230 -103.89 40.67 -80.03
N ALA O 231 -104.32 39.47 -80.38
CA ALA O 231 -103.64 38.67 -81.41
C ALA O 231 -104.11 39.07 -82.81
N GLY O 232 -103.90 40.34 -83.16
CA GLY O 232 -104.22 40.82 -84.49
C GLY O 232 -105.66 41.25 -84.67
N ALA O 233 -105.83 42.45 -85.23
CA ALA O 233 -107.16 42.98 -85.54
C ALA O 233 -106.99 44.11 -86.55
N ASP O 234 -107.63 43.96 -87.72
CA ASP O 234 -107.48 44.94 -88.78
C ASP O 234 -108.06 46.28 -88.33
N THR O 235 -107.30 47.35 -88.55
CA THR O 235 -107.66 48.69 -88.10
C THR O 235 -107.48 49.66 -89.25
N LEU O 236 -108.50 50.46 -89.53
CA LEU O 236 -108.44 51.45 -90.59
C LEU O 236 -107.87 52.77 -90.07
N SER O 237 -107.25 53.51 -90.98
CA SER O 237 -106.59 54.76 -90.60
C SER O 237 -107.61 55.78 -90.11
N SER O 238 -107.26 56.49 -89.05
CA SER O 238 -108.15 57.49 -88.46
C SER O 238 -107.36 58.37 -87.50
N VAL O 239 -107.97 59.48 -87.11
CA VAL O 239 -107.41 60.39 -86.13
C VAL O 239 -108.50 60.69 -85.10
N ALA O 240 -108.10 60.80 -83.84
CA ALA O 240 -109.05 61.02 -82.77
C ALA O 240 -108.62 62.22 -81.96
N THR O 241 -109.59 63.06 -81.61
CA THR O 241 -109.30 64.26 -80.83
C THR O 241 -109.36 63.97 -79.35
N MET O 242 -108.24 64.15 -78.65
CA MET O 242 -108.26 64.05 -77.20
C MET O 242 -108.49 65.40 -76.53
N SER O 243 -107.61 66.38 -76.74
CA SER O 243 -107.62 67.45 -75.77
C SER O 243 -107.43 68.82 -76.40
N VAL O 244 -107.93 69.84 -75.70
CA VAL O 244 -107.73 71.24 -76.03
C VAL O 244 -107.37 71.99 -74.77
N TYR O 245 -106.79 73.17 -74.96
CA TYR O 245 -106.31 73.97 -73.83
C TYR O 245 -106.40 75.44 -74.16
N ARG O 246 -106.89 76.22 -73.20
CA ARG O 246 -107.09 77.66 -73.31
C ARG O 246 -106.49 78.35 -72.10
N GLN O 247 -106.03 79.59 -72.30
CA GLN O 247 -105.50 80.37 -71.17
C GLN O 247 -106.61 81.25 -70.61
N ALA O 248 -107.10 82.19 -71.41
CA ALA O 248 -108.31 82.92 -71.11
C ALA O 248 -109.28 82.73 -72.27
N GLY O 249 -108.79 82.96 -73.47
CA GLY O 249 -109.38 82.68 -74.76
C GLY O 249 -110.83 83.11 -74.85
N SER O 250 -111.58 82.38 -75.68
CA SER O 250 -113.01 82.57 -75.83
C SER O 250 -113.60 81.24 -76.30
N ASN O 251 -114.85 81.28 -76.77
CA ASN O 251 -115.53 80.05 -77.15
C ASN O 251 -115.07 79.58 -78.53
N PHE O 252 -114.71 78.30 -78.62
CA PHE O 252 -114.46 77.65 -79.90
C PHE O 252 -114.54 76.14 -79.70
N GLY O 253 -115.32 75.48 -80.55
CA GLY O 253 -115.60 74.06 -80.38
C GLY O 253 -114.52 73.16 -80.95
N SER O 254 -114.90 71.91 -81.20
CA SER O 254 -113.96 70.88 -81.65
C SER O 254 -114.72 69.90 -82.54
N VAL O 255 -114.09 68.74 -82.78
CA VAL O 255 -114.51 67.62 -83.62
C VAL O 255 -113.71 67.65 -84.92
N ALA O 256 -112.91 66.62 -85.14
CA ALA O 256 -112.09 66.54 -86.33
C ALA O 256 -112.69 65.56 -87.33
N THR O 257 -112.59 65.92 -88.61
CA THR O 257 -113.14 65.12 -89.68
C THR O 257 -112.09 64.88 -90.76
N TRP O 258 -112.19 63.72 -91.40
CA TRP O 258 -111.29 63.27 -92.44
C TRP O 258 -111.82 63.63 -93.83
N THR O 259 -110.97 63.41 -94.82
CA THR O 259 -111.35 63.30 -96.22
C THR O 259 -110.69 62.05 -96.76
N THR O 260 -111.47 60.99 -96.95
CA THR O 260 -110.91 59.68 -97.22
C THR O 260 -110.10 59.68 -98.52
N GLY O 261 -108.94 59.03 -98.47
CA GLY O 261 -108.04 58.95 -99.60
C GLY O 261 -106.58 59.17 -99.24
N GLY O 262 -106.30 59.82 -98.12
CA GLY O 262 -104.93 60.05 -97.69
C GLY O 262 -104.28 58.82 -97.09
N THR O 263 -102.99 58.95 -96.82
CA THR O 263 -102.20 57.88 -96.24
C THR O 263 -101.40 58.42 -95.05
N VAL O 264 -101.31 57.61 -94.00
CA VAL O 264 -100.59 57.95 -92.79
C VAL O 264 -99.34 57.08 -92.72
N ALA O 265 -98.31 57.59 -92.04
CA ALA O 265 -97.04 56.88 -91.92
C ALA O 265 -97.04 55.91 -90.74
N ASP O 266 -97.27 56.42 -89.53
CA ASP O 266 -97.27 55.58 -88.34
C ASP O 266 -98.04 56.28 -87.22
N SER O 267 -98.39 55.49 -86.21
CA SER O 267 -99.16 56.02 -85.09
C SER O 267 -98.31 56.94 -84.23
N GLY O 268 -98.96 57.89 -83.57
CA GLY O 268 -98.24 58.80 -82.70
C GLY O 268 -99.12 59.91 -82.18
N TYR O 269 -98.50 60.90 -81.56
CA TYR O 269 -99.22 62.06 -81.02
C TYR O 269 -98.87 63.30 -81.80
N LEU O 270 -99.89 64.08 -82.15
CA LEU O 270 -99.78 65.31 -82.91
C LEU O 270 -100.19 66.47 -82.03
N LEU O 271 -99.43 67.56 -82.10
CA LEU O 271 -99.55 68.67 -81.16
C LEU O 271 -99.57 69.97 -81.95
N ILE O 272 -100.69 70.68 -81.92
CA ILE O 272 -100.87 71.87 -82.75
C ILE O 272 -101.01 73.10 -81.85
N GLU O 273 -100.20 74.12 -82.13
CA GLU O 273 -100.15 75.34 -81.34
C GLU O 273 -100.41 76.54 -82.22
N ALA O 274 -101.29 77.42 -81.76
CA ALA O 274 -101.50 78.71 -82.40
C ALA O 274 -100.46 79.71 -81.93
N GLN O 275 -100.37 80.84 -82.64
CA GLN O 275 -99.34 81.82 -82.34
C GLN O 275 -99.86 83.25 -82.27
N GLU O 276 -101.05 83.50 -82.82
CA GLU O 276 -101.59 84.86 -82.86
C GLU O 276 -103.08 84.83 -82.60
N ASN O 277 -103.63 86.01 -82.26
CA ASN O 277 -105.04 86.14 -81.97
C ASN O 277 -105.83 86.59 -83.19
N PHE O 278 -107.12 86.24 -83.21
CA PHE O 278 -108.07 86.76 -84.19
C PHE O 278 -109.48 86.40 -83.76
N THR O 279 -110.41 87.34 -83.99
CA THR O 279 -111.82 87.17 -83.70
C THR O 279 -112.69 87.77 -84.80
N VAL O 280 -112.18 87.85 -86.03
CA VAL O 280 -112.83 88.60 -87.10
C VAL O 280 -113.53 87.60 -88.02
N SER O 281 -113.88 86.44 -87.47
CA SER O 281 -114.52 85.39 -88.25
C SER O 281 -115.90 85.85 -88.70
N ALA O 282 -116.03 86.16 -89.99
CA ALA O 282 -117.30 86.52 -90.60
C ALA O 282 -117.58 85.78 -91.91
N GLY O 283 -116.56 85.17 -92.52
CA GLY O 283 -116.67 84.44 -93.77
C GLY O 283 -115.94 85.14 -94.89
N THR O 284 -114.69 84.72 -95.11
CA THR O 284 -113.77 85.27 -96.10
C THR O 284 -112.50 84.43 -96.06
N THR O 285 -111.84 84.29 -97.19
CA THR O 285 -110.57 83.59 -97.21
C THR O 285 -109.57 84.26 -96.27
N ALA O 286 -108.91 83.46 -95.44
CA ALA O 286 -107.96 83.96 -94.47
C ALA O 286 -106.91 82.89 -94.24
N ASN O 287 -105.72 83.33 -93.83
CA ASN O 287 -104.60 82.41 -93.69
C ASN O 287 -103.77 82.81 -92.48
N TYR O 288 -103.43 81.81 -91.66
CA TYR O 288 -102.78 82.00 -90.37
C TYR O 288 -101.78 80.86 -90.18
N THR O 289 -100.84 81.07 -89.27
CA THR O 289 -99.73 80.15 -89.07
C THR O 289 -99.89 79.36 -87.77
N PHE O 290 -99.33 78.16 -87.76
CA PHE O 290 -99.36 77.29 -86.59
C PHE O 290 -98.03 76.55 -86.48
N LYS O 291 -97.72 76.10 -85.28
CA LYS O 291 -96.61 75.16 -85.07
C LYS O 291 -97.16 73.77 -84.80
N ALA O 292 -96.41 72.76 -85.24
CA ALA O 292 -96.83 71.37 -85.12
C ALA O 292 -95.68 70.54 -84.57
N THR O 293 -96.02 69.58 -83.72
CA THR O 293 -95.04 68.69 -83.11
C THR O 293 -95.54 67.26 -83.18
N PHE O 294 -94.67 66.35 -83.60
CA PHE O 294 -95.02 64.93 -83.72
C PHE O 294 -94.13 64.16 -82.75
N VAL O 295 -94.76 63.35 -81.89
CA VAL O 295 -94.07 62.46 -80.98
C VAL O 295 -94.41 61.03 -81.37
N ASP O 296 -93.39 60.22 -81.60
CA ASP O 296 -93.56 58.85 -82.05
C ASP O 296 -93.87 57.92 -80.87
N ALA O 297 -94.63 56.87 -81.15
CA ALA O 297 -94.97 55.88 -80.15
C ALA O 297 -94.04 54.68 -80.16
N LYS O 298 -93.06 54.65 -81.07
CA LYS O 298 -92.11 53.54 -81.15
C LYS O 298 -90.70 53.91 -80.70
N THR O 299 -90.27 55.15 -80.88
CA THR O 299 -88.93 55.57 -80.51
C THR O 299 -88.90 56.71 -79.51
N GLY O 300 -89.92 57.56 -79.50
CA GLY O 300 -89.93 58.72 -78.63
C GLY O 300 -89.37 59.99 -79.24
N GLU O 301 -89.15 60.00 -80.55
CA GLU O 301 -88.61 61.19 -81.21
C GLU O 301 -89.61 62.33 -81.19
N LYS O 302 -89.09 63.55 -81.21
CA LYS O 302 -89.89 64.76 -81.28
C LYS O 302 -89.49 65.52 -82.54
N SER O 303 -90.48 65.83 -83.38
CA SER O 303 -90.23 66.56 -84.62
C SER O 303 -91.07 67.82 -84.65
N THR O 304 -90.46 68.93 -85.08
CA THR O 304 -91.08 70.25 -85.01
C THR O 304 -91.18 70.84 -86.41
N TYR O 305 -92.37 71.30 -86.79
CA TYR O 305 -92.63 71.85 -88.10
C TYR O 305 -93.55 73.07 -87.99
N GLU O 306 -93.68 73.78 -89.10
CA GLU O 306 -94.56 74.94 -89.22
C GLU O 306 -95.60 74.67 -90.30
N ILE O 307 -96.84 75.12 -90.06
CA ILE O 307 -97.95 74.80 -90.94
C ILE O 307 -98.83 76.03 -91.11
N GLU O 308 -99.70 75.98 -92.12
CA GLU O 308 -100.56 77.10 -92.49
C GLU O 308 -102.00 76.60 -92.60
N GLY O 309 -102.95 77.47 -92.22
CA GLY O 309 -104.35 77.09 -92.32
C GLY O 309 -105.24 78.28 -92.09
N GLY O 310 -106.52 78.12 -92.43
CA GLY O 310 -107.45 79.24 -92.31
C GLY O 310 -108.89 78.80 -92.36
N ASP O 311 -109.75 79.61 -91.76
CA ASP O 311 -111.20 79.42 -91.87
C ASP O 311 -111.67 79.77 -93.27
N ASP O 312 -112.83 79.25 -93.65
CA ASP O 312 -113.35 79.47 -95.00
C ASP O 312 -114.61 80.32 -95.01
N GLY O 313 -115.70 79.88 -94.39
CA GLY O 313 -116.84 80.75 -94.24
C GLY O 313 -117.43 80.79 -92.85
N ALA O 314 -117.22 79.72 -92.08
CA ALA O 314 -117.72 79.63 -90.72
C ALA O 314 -117.19 78.38 -90.02
N GLY O 315 -116.58 78.57 -88.85
CA GLY O 315 -116.22 77.49 -87.95
C GLY O 315 -115.60 76.24 -88.55
N ASN O 316 -114.82 76.40 -89.62
CA ASN O 316 -114.14 75.28 -90.24
C ASN O 316 -112.68 75.63 -90.44
N LEU O 317 -111.79 74.87 -89.80
CA LEU O 317 -110.35 75.07 -89.87
C LEU O 317 -109.76 73.87 -90.62
N VAL O 318 -109.41 74.08 -91.88
CA VAL O 318 -108.88 73.01 -92.73
C VAL O 318 -107.37 73.10 -92.73
N PHE O 319 -106.71 72.00 -92.38
CA PHE O 319 -105.26 71.93 -92.34
C PHE O 319 -104.73 71.05 -93.46
N ASP O 320 -103.41 71.07 -93.65
CA ASP O 320 -102.76 70.34 -94.73
C ASP O 320 -101.58 69.59 -94.17
N LEU O 321 -101.66 68.26 -94.18
CA LEU O 321 -100.52 67.42 -93.78
C LEU O 321 -99.60 67.10 -94.95
N ALA O 322 -99.89 67.63 -96.14
CA ALA O 322 -98.98 67.45 -97.28
C ALA O 322 -97.66 68.17 -97.06
N ASP O 323 -97.63 69.14 -96.14
CA ASP O 323 -96.42 69.88 -95.85
C ASP O 323 -95.57 69.22 -94.77
N MET O 324 -96.03 68.12 -94.19
CA MET O 324 -95.26 67.42 -93.16
C MET O 324 -94.08 66.71 -93.81
N THR O 325 -92.94 67.37 -93.86
CA THR O 325 -91.78 66.80 -94.54
C THR O 325 -91.09 65.78 -93.65
N GLY O 326 -90.19 65.01 -94.26
CA GLY O 326 -89.43 64.01 -93.54
C GLY O 326 -90.25 62.79 -93.21
N ALA O 327 -91.21 62.94 -92.28
CA ALA O 327 -92.12 61.85 -91.98
C ALA O 327 -93.01 61.52 -93.17
N GLY O 328 -93.54 62.54 -93.84
CA GLY O 328 -94.38 62.35 -95.00
C GLY O 328 -95.82 62.07 -94.62
N PHE O 329 -96.75 62.79 -95.24
CA PHE O 329 -98.18 62.62 -94.98
C PHE O 329 -98.96 63.15 -96.19
N SER O 330 -100.25 62.83 -96.23
CA SER O 330 -101.10 63.22 -97.35
C SER O 330 -102.49 63.47 -96.81
N GLY O 331 -103.42 63.71 -97.74
CA GLY O 331 -104.81 63.91 -97.37
C GLY O 331 -105.08 65.27 -96.75
N GLU O 332 -106.08 65.30 -95.88
CA GLU O 332 -106.54 66.51 -95.22
C GLU O 332 -106.90 66.22 -93.77
N VAL O 333 -107.37 67.27 -93.10
CA VAL O 333 -107.95 67.18 -91.76
C VAL O 333 -108.71 68.47 -91.51
N SER O 334 -109.87 68.38 -90.85
CA SER O 334 -110.67 69.56 -90.63
C SER O 334 -111.14 69.61 -89.18
N ILE O 335 -111.13 70.80 -88.60
CA ILE O 335 -111.68 71.03 -87.27
C ILE O 335 -112.98 71.81 -87.41
N ALA O 336 -114.05 71.30 -86.79
CA ALA O 336 -115.35 71.98 -86.80
C ALA O 336 -115.42 72.87 -85.57
N ILE O 337 -115.07 74.15 -85.75
CA ILE O 337 -114.95 75.05 -84.62
C ILE O 337 -116.31 75.61 -84.21
N GLY O 338 -116.96 76.33 -85.12
CA GLY O 338 -118.20 77.00 -84.83
C GLY O 338 -118.12 78.50 -85.06
N THR O 339 -119.29 79.12 -85.17
CA THR O 339 -119.39 80.54 -85.41
C THR O 339 -118.84 81.33 -84.23
N ASP O 340 -118.34 82.54 -84.51
CA ASP O 340 -117.69 83.40 -83.50
C ASP O 340 -116.48 82.70 -82.89
N ALA O 341 -115.53 82.36 -83.76
CA ALA O 341 -114.33 81.62 -83.36
C ALA O 341 -113.25 82.64 -82.99
N ASN O 342 -113.16 82.96 -81.72
CA ASN O 342 -112.13 83.83 -81.18
C ASN O 342 -110.99 83.00 -80.63
N MET O 343 -109.78 83.25 -81.13
CA MET O 343 -108.61 82.50 -80.68
C MET O 343 -107.51 83.47 -80.26
N GLN O 344 -107.06 83.34 -79.01
CA GLN O 344 -105.90 84.07 -78.53
C GLN O 344 -104.65 83.25 -78.86
N SER O 345 -103.48 83.84 -78.64
CA SER O 345 -102.21 83.17 -78.92
C SER O 345 -101.89 82.24 -77.76
N GLY O 346 -101.87 80.93 -78.04
CA GLY O 346 -101.60 79.92 -77.03
C GLY O 346 -102.62 78.80 -76.97
N ASP O 347 -103.65 78.81 -77.82
CA ASP O 347 -104.65 77.74 -77.82
C ASP O 347 -103.99 76.45 -78.27
N LYS O 348 -104.20 75.38 -77.51
CA LYS O 348 -103.43 74.16 -77.64
C LYS O 348 -104.35 73.00 -78.04
N ILE O 349 -103.93 72.21 -79.02
CA ILE O 349 -104.74 71.09 -79.50
C ILE O 349 -103.88 69.83 -79.53
N LEU O 350 -104.42 68.73 -79.01
CA LEU O 350 -103.71 67.46 -78.91
C LEU O 350 -104.53 66.35 -79.54
N LEU O 351 -103.94 65.70 -80.56
CA LEU O 351 -104.54 64.65 -81.37
C LEU O 351 -103.66 63.41 -81.33
N SER O 352 -104.24 62.27 -81.69
CA SER O 352 -103.51 61.02 -81.86
C SER O 352 -103.83 60.42 -83.22
N THR O 353 -102.82 59.83 -83.86
CA THR O 353 -102.97 59.25 -85.19
C THR O 353 -102.65 57.77 -85.13
N THR O 354 -103.48 56.96 -85.78
CA THR O 354 -103.30 55.52 -85.87
C THR O 354 -102.91 55.14 -87.29
N GLU O 355 -102.32 53.95 -87.44
CA GLU O 355 -101.78 53.52 -88.72
C GLU O 355 -102.48 52.24 -89.20
N ALA O 356 -102.72 52.16 -90.51
CA ALA O 356 -103.28 50.96 -91.09
C ALA O 356 -102.23 49.87 -91.17
N VAL O 357 -102.56 48.69 -90.65
CA VAL O 357 -101.67 47.53 -90.65
C VAL O 357 -102.50 46.30 -90.97
N ASP O 358 -101.86 45.32 -91.63
CA ASP O 358 -102.54 44.09 -91.98
C ASP O 358 -103.02 43.35 -90.74
N THR O 359 -102.15 43.21 -89.74
CA THR O 359 -102.47 42.65 -88.43
C THR O 359 -103.00 41.24 -88.50
N SER O 360 -102.58 40.44 -89.47
CA SER O 360 -102.99 39.04 -89.53
C SER O 360 -101.91 38.27 -90.29
N ALA O 361 -101.03 37.60 -89.55
CA ALA O 361 -99.97 36.77 -90.10
C ALA O 361 -100.12 35.36 -89.56
N THR O 362 -99.16 34.49 -89.92
CA THR O 362 -99.16 33.13 -89.38
C THR O 362 -99.02 33.15 -87.87
N SER O 363 -98.02 33.87 -87.35
CA SER O 363 -97.80 34.10 -85.93
C SER O 363 -96.60 35.02 -85.80
N GLY O 364 -96.48 35.66 -84.64
CA GLY O 364 -95.32 36.50 -84.39
C GLY O 364 -95.56 37.80 -83.64
N GLY O 365 -96.78 38.31 -83.66
CA GLY O 365 -97.05 39.57 -83.00
C GLY O 365 -98.52 39.91 -83.01
N GLY O 366 -98.82 41.09 -82.46
CA GLY O 366 -100.20 41.56 -82.38
C GLY O 366 -100.30 43.05 -82.11
N THR O 367 -101.33 43.48 -81.39
CA THR O 367 -101.61 44.89 -81.17
C THR O 367 -101.63 45.21 -79.68
N ILE O 368 -101.11 46.38 -79.36
CA ILE O 368 -101.00 46.89 -77.99
C ILE O 368 -101.75 48.22 -77.91
N ALA O 369 -102.58 48.38 -76.88
CA ALA O 369 -103.33 49.60 -76.66
C ALA O 369 -103.27 49.98 -75.19
N ILE O 370 -103.24 51.29 -74.93
CA ILE O 370 -103.18 51.84 -73.58
C ILE O 370 -104.36 52.79 -73.40
N SER O 371 -105.12 52.61 -72.31
CA SER O 371 -106.29 53.42 -72.04
C SER O 371 -106.37 53.74 -70.55
N GLY O 372 -107.09 54.81 -70.23
CA GLY O 372 -107.35 55.15 -68.85
C GLY O 372 -106.76 56.48 -68.39
N GLY O 373 -106.32 56.54 -67.13
CA GLY O 373 -105.71 57.73 -66.59
C GLY O 373 -106.69 58.61 -65.84
N PRO O 374 -106.15 59.48 -64.97
CA PRO O 374 -107.03 60.43 -64.27
C PRO O 374 -107.73 61.41 -65.21
N ALA O 375 -107.28 61.54 -66.45
CA ALA O 375 -107.99 62.32 -67.46
C ALA O 375 -108.98 61.49 -68.26
N GLY O 376 -108.98 60.16 -68.09
CA GLY O 376 -109.92 59.30 -68.77
C GLY O 376 -109.79 59.33 -70.28
N THR O 377 -108.56 59.22 -70.78
CA THR O 377 -108.30 59.37 -72.20
C THR O 377 -108.39 58.03 -72.92
N THR O 378 -108.41 58.10 -74.26
CA THR O 378 -108.40 56.93 -75.13
C THR O 378 -107.16 57.00 -76.01
N GLY O 379 -106.15 56.20 -75.68
CA GLY O 379 -104.88 56.23 -76.38
C GLY O 379 -104.94 55.55 -77.74
N ALA O 380 -103.85 55.73 -78.49
CA ALA O 380 -103.73 55.12 -79.81
C ALA O 380 -103.41 53.64 -79.68
N ILE O 381 -103.29 52.97 -80.84
CA ILE O 381 -103.08 51.54 -80.91
C ILE O 381 -101.84 51.28 -81.77
N ILE O 382 -101.04 50.29 -81.39
CA ILE O 382 -99.80 49.96 -82.06
C ILE O 382 -99.88 48.51 -82.53
N SER O 383 -99.35 48.25 -83.72
CA SER O 383 -99.32 46.91 -84.28
C SER O 383 -97.88 46.49 -84.53
N TYR O 384 -97.60 45.21 -84.28
CA TYR O 384 -96.25 44.66 -84.42
C TYR O 384 -96.27 43.49 -85.38
N GLY O 385 -95.11 43.18 -85.95
CA GLY O 385 -94.97 42.19 -86.99
C GLY O 385 -94.53 40.83 -86.49
N ASN O 386 -94.02 40.03 -87.42
CA ASN O 386 -93.63 38.66 -87.12
C ASN O 386 -92.37 38.59 -86.29
N ASN O 387 -92.33 37.63 -85.36
CA ASN O 387 -91.16 37.36 -84.52
C ASN O 387 -90.74 38.60 -83.74
N GLU O 388 -91.69 39.43 -83.32
CA GLU O 388 -91.38 40.62 -82.54
C GLU O 388 -91.79 40.51 -81.09
N LEU O 389 -92.50 39.46 -80.70
CA LEU O 389 -93.02 39.32 -79.35
C LEU O 389 -92.47 38.12 -78.61
N THR O 390 -92.48 36.93 -79.24
CA THR O 390 -92.12 35.69 -78.56
C THR O 390 -91.04 34.96 -79.34
N LYS O 391 -90.03 34.47 -78.62
CA LYS O 391 -88.94 33.70 -79.19
C LYS O 391 -89.13 32.22 -78.89
N VAL O 392 -88.12 31.41 -79.21
CA VAL O 392 -88.16 29.96 -79.04
C VAL O 392 -87.16 29.58 -77.96
N ASP O 393 -87.45 28.48 -77.26
CA ASP O 393 -86.62 28.04 -76.15
C ASP O 393 -85.30 27.45 -76.65
N ASN O 394 -84.40 27.20 -75.70
CA ASN O 394 -83.08 26.64 -75.96
C ASN O 394 -82.77 25.51 -74.98
N GLY O 395 -83.74 24.61 -74.82
CA GLY O 395 -83.63 23.51 -73.87
C GLY O 395 -84.34 23.75 -72.55
N ASP O 396 -83.87 24.68 -71.73
CA ASP O 396 -84.56 25.02 -70.49
C ASP O 396 -84.79 26.51 -70.33
N THR O 397 -83.82 27.33 -70.74
CA THR O 397 -83.88 28.79 -70.79
C THR O 397 -83.85 29.42 -69.40
N THR O 398 -83.95 28.59 -68.35
CA THR O 398 -84.13 29.05 -66.97
C THR O 398 -85.05 30.27 -66.92
N ILE O 399 -86.16 30.17 -67.66
CA ILE O 399 -87.15 31.25 -67.84
C ILE O 399 -86.53 32.37 -68.66
N ASP O 400 -87.27 32.85 -69.67
CA ASP O 400 -86.82 33.94 -70.53
C ASP O 400 -87.80 35.09 -70.47
N TYR O 401 -87.37 36.23 -71.01
CA TYR O 401 -88.19 37.42 -71.09
C TYR O 401 -87.72 38.25 -72.28
N ASN O 402 -88.60 39.12 -72.79
CA ASN O 402 -88.20 40.08 -73.81
C ASN O 402 -88.89 41.42 -73.54
N SER O 403 -88.13 42.50 -73.72
CA SER O 403 -88.56 43.84 -73.30
C SER O 403 -88.90 44.71 -74.50
N VAL O 404 -89.97 45.49 -74.36
CA VAL O 404 -90.42 46.42 -75.39
C VAL O 404 -90.70 47.77 -74.73
N THR O 405 -90.10 48.83 -75.27
CA THR O 405 -90.30 50.19 -74.78
C THR O 405 -91.53 50.80 -75.43
N VAL O 406 -92.36 51.47 -74.63
CA VAL O 406 -93.59 52.08 -75.11
C VAL O 406 -93.69 53.50 -74.53
N TYR O 407 -93.84 54.48 -75.41
CA TYR O 407 -93.98 55.88 -75.02
C TYR O 407 -95.43 56.32 -75.16
N HIS O 408 -95.91 57.07 -74.17
CA HIS O 408 -97.25 57.64 -74.17
C HIS O 408 -97.17 59.09 -73.71
N ALA O 409 -98.02 59.94 -74.29
CA ALA O 409 -98.01 61.37 -74.02
C ALA O 409 -99.31 61.81 -73.39
N ALA O 410 -99.23 62.92 -72.65
CA ALA O 410 -100.39 63.47 -71.95
C ALA O 410 -100.25 64.98 -71.87
N LEU O 411 -101.39 65.65 -71.73
CA LEU O 411 -101.50 67.10 -71.67
C LEU O 411 -102.28 67.51 -70.44
N ASN O 412 -101.81 68.58 -69.78
CA ASN O 412 -102.48 69.15 -68.62
C ASN O 412 -103.15 70.46 -69.03
N VAL O 413 -104.33 70.71 -68.48
CA VAL O 413 -105.19 71.80 -68.95
C VAL O 413 -104.94 73.08 -68.18
N GLU O 414 -103.85 73.13 -67.41
CA GLU O 414 -103.56 74.28 -66.57
C GLU O 414 -102.33 75.06 -67.03
N THR O 415 -101.21 74.38 -67.28
CA THR O 415 -99.97 75.06 -67.65
C THR O 415 -99.58 74.88 -69.10
N GLY O 416 -100.23 73.95 -69.82
CA GLY O 416 -99.86 73.71 -71.19
C GLY O 416 -98.63 72.85 -71.38
N ASN O 417 -98.17 72.18 -70.34
CA ASN O 417 -97.01 71.30 -70.44
C ASN O 417 -97.40 69.98 -71.10
N LEU O 418 -96.43 69.38 -71.79
CA LEU O 418 -96.58 68.09 -72.41
C LEU O 418 -95.72 67.09 -71.65
N ASP O 419 -96.29 65.93 -71.32
CA ASP O 419 -95.56 64.92 -70.56
C ASP O 419 -95.55 63.64 -71.37
N VAL O 420 -94.36 63.23 -71.82
CA VAL O 420 -94.18 62.02 -72.62
C VAL O 420 -93.36 61.06 -71.77
N GLY O 421 -94.01 60.00 -71.27
CA GLY O 421 -93.34 58.99 -70.48
C GLY O 421 -93.21 57.68 -71.21
N ASN O 422 -92.47 56.75 -70.59
CA ASN O 422 -92.23 55.45 -71.20
C ASN O 422 -92.34 54.35 -70.16
N LEU O 423 -92.68 53.16 -70.65
CA LEU O 423 -92.70 51.93 -69.87
C LEU O 423 -91.93 50.86 -70.64
N THR O 424 -91.61 49.77 -69.96
CA THR O 424 -90.99 48.62 -70.63
C THR O 424 -91.78 47.37 -70.29
N PHE O 425 -92.59 46.89 -71.23
CA PHE O 425 -93.33 45.66 -71.02
C PHE O 425 -92.45 44.47 -71.31
N ASN O 426 -92.50 43.47 -70.41
CA ASN O 426 -91.71 42.26 -70.55
C ASN O 426 -92.65 41.10 -70.84
N PHE O 427 -92.46 40.46 -71.98
CA PHE O 427 -93.25 39.31 -72.38
C PHE O 427 -92.48 38.02 -72.06
N ARG O 428 -93.23 36.94 -71.91
CA ARG O 428 -92.78 35.73 -71.24
C ARG O 428 -91.93 34.86 -72.15
N GLU O 429 -91.70 33.62 -71.71
CA GLU O 429 -90.57 32.80 -72.11
C GLU O 429 -90.60 32.37 -73.57
N ASP O 430 -91.62 31.61 -73.97
CA ASP O 430 -91.56 30.93 -75.26
C ASP O 430 -92.95 30.45 -75.65
N THR O 431 -93.25 30.53 -76.94
CA THR O 431 -94.42 29.92 -77.57
C THR O 431 -93.97 29.19 -78.83
N GLY O 432 -94.92 28.81 -79.68
CA GLY O 432 -94.55 28.33 -81.00
C GLY O 432 -95.33 27.17 -81.58
N THR O 433 -95.63 27.27 -82.87
CA THR O 433 -96.08 26.14 -83.67
C THR O 433 -94.83 25.36 -84.09
N ASP O 434 -94.95 24.45 -85.06
CA ASP O 434 -93.84 23.59 -85.45
C ASP O 434 -92.75 24.40 -86.16
N THR O 435 -92.01 25.16 -85.35
CA THR O 435 -90.73 25.77 -85.74
C THR O 435 -90.90 26.71 -86.94
N ALA O 436 -92.03 27.43 -87.02
CA ALA O 436 -92.18 28.37 -88.13
C ALA O 436 -91.93 29.82 -87.71
N TYR O 437 -92.80 30.36 -86.84
CA TYR O 437 -92.66 31.76 -86.43
C TYR O 437 -92.88 32.02 -84.95
N GLY O 438 -93.60 31.17 -84.22
CA GLY O 438 -93.92 31.43 -82.83
C GLY O 438 -95.41 31.41 -82.54
N SER O 439 -95.82 32.12 -81.50
CA SER O 439 -97.22 32.26 -81.11
C SER O 439 -97.31 33.26 -79.96
N THR O 440 -98.53 33.66 -79.62
CA THR O 440 -98.79 34.55 -78.49
C THR O 440 -100.27 34.47 -78.16
N THR O 441 -100.61 34.75 -76.90
CA THR O 441 -101.98 34.80 -76.44
C THR O 441 -102.35 36.22 -76.05
N GLY O 442 -103.63 36.55 -76.16
CA GLY O 442 -104.13 37.90 -75.95
C GLY O 442 -104.91 38.04 -74.67
N GLY O 443 -105.57 39.20 -74.53
CA GLY O 443 -106.34 39.56 -73.36
C GLY O 443 -106.10 41.01 -72.98
N SER O 444 -106.40 41.30 -71.71
CA SER O 444 -106.22 42.63 -71.15
C SER O 444 -105.70 42.50 -69.72
N PHE O 445 -105.11 43.58 -69.22
CA PHE O 445 -104.70 43.61 -67.82
C PHE O 445 -104.72 45.05 -67.30
N ASP O 446 -104.60 45.16 -65.99
CA ASP O 446 -104.70 46.44 -65.28
C ASP O 446 -103.35 46.76 -64.66
N LEU O 447 -102.98 48.04 -64.73
CA LEU O 447 -101.73 48.55 -64.19
C LEU O 447 -102.03 49.59 -63.13
N LEU O 448 -101.31 49.51 -62.00
CA LEU O 448 -101.43 50.47 -60.91
C LEU O 448 -100.11 51.20 -60.76
N VAL O 449 -100.16 52.52 -60.82
CA VAL O 449 -98.98 53.37 -60.68
C VAL O 449 -99.12 54.15 -59.37
N ALA O 450 -98.25 53.84 -58.42
CA ALA O 450 -98.24 54.48 -57.12
C ALA O 450 -97.08 55.45 -57.03
N GLY O 451 -97.35 56.66 -56.55
CA GLY O 451 -96.33 57.68 -56.44
C GLY O 451 -95.43 57.46 -55.23
N GLY O 452 -94.58 58.46 -54.98
CA GLY O 452 -93.67 58.42 -53.86
C GLY O 452 -94.32 58.77 -52.55
N GLY O 453 -93.55 58.61 -51.48
CA GLY O 453 -94.03 58.91 -50.14
C GLY O 453 -95.10 57.95 -49.66
N GLU O 454 -95.90 54.86 -49.25
CA GLU O 454 -96.32 54.01 -50.36
C GLU O 454 -95.49 52.73 -50.37
N ALA O 455 -96.18 51.58 -50.38
CA ALA O 455 -95.49 50.30 -50.37
C ALA O 455 -94.72 50.11 -51.69
N ALA O 456 -93.51 49.57 -51.57
CA ALA O 456 -92.66 49.38 -52.74
C ALA O 456 -93.21 48.27 -53.64
N THR O 457 -92.89 48.36 -54.92
CA THR O 457 -93.30 47.36 -55.90
C THR O 457 -92.18 46.35 -56.13
N SER O 458 -92.48 45.32 -56.91
CA SER O 458 -91.55 44.23 -57.11
C SER O 458 -90.39 44.58 -58.05
N THR O 459 -90.46 45.70 -58.76
CA THR O 459 -89.43 46.09 -59.72
C THR O 459 -88.73 47.38 -59.32
N THR O 460 -88.75 47.76 -58.05
CA THR O 460 -88.11 49.01 -57.65
C THR O 460 -86.64 48.78 -57.32
N LYS O 461 -85.81 49.74 -57.68
CA LYS O 461 -84.37 49.62 -57.47
C LYS O 461 -84.02 49.90 -56.01
N LEU O 462 -82.97 49.23 -55.53
CA LEU O 462 -82.57 49.29 -54.13
C LEU O 462 -81.99 50.64 -53.72
N LYS O 463 -81.67 51.52 -54.66
CA LYS O 463 -81.11 52.83 -54.32
C LYS O 463 -82.17 53.89 -54.10
N ASP O 464 -83.45 53.53 -54.15
CA ASP O 464 -84.53 54.49 -53.93
C ASP O 464 -85.39 54.16 -52.72
N ILE O 465 -85.11 53.06 -52.01
CA ILE O 465 -85.82 52.77 -50.78
C ILE O 465 -85.43 53.79 -49.72
N SER O 466 -86.44 54.29 -49.00
CA SER O 466 -86.22 55.43 -48.12
C SER O 466 -85.35 55.09 -46.92
N ARG O 467 -85.21 53.81 -46.59
CA ARG O 467 -84.42 53.42 -45.42
C ARG O 467 -82.93 53.29 -45.70
N PHE O 468 -82.52 53.29 -46.97
CA PHE O 468 -81.14 52.99 -47.32
C PHE O 468 -80.29 54.25 -47.50
N THR O 469 -80.79 55.42 -47.12
CA THR O 469 -80.01 56.64 -47.10
C THR O 469 -79.88 57.12 -45.67
N THR O 470 -78.70 57.64 -45.31
CA THR O 470 -78.42 58.05 -43.95
C THR O 470 -79.09 59.38 -43.64
N ASP O 471 -78.84 59.89 -42.42
CA ASP O 471 -79.43 61.15 -42.02
C ASP O 471 -78.72 62.34 -42.66
N ASP O 472 -77.49 62.15 -43.12
CA ASP O 472 -76.71 63.22 -43.74
C ASP O 472 -76.88 63.30 -45.25
N GLY O 473 -77.64 62.39 -45.85
CA GLY O 473 -77.93 62.46 -47.26
C GLY O 473 -77.02 61.64 -48.16
N VAL O 474 -76.17 60.80 -47.61
CA VAL O 474 -75.30 59.92 -48.39
C VAL O 474 -75.82 58.50 -48.27
N ASN O 475 -75.98 57.83 -49.41
CA ASN O 475 -76.52 56.48 -49.41
C ASN O 475 -75.42 55.45 -49.13
N ILE O 476 -75.86 54.26 -48.72
CA ILE O 476 -74.92 53.21 -48.36
C ILE O 476 -74.18 52.70 -49.60
N PHE O 477 -74.88 52.62 -50.74
CA PHE O 477 -74.35 52.00 -51.95
C PHE O 477 -73.48 52.95 -52.78
N ALA O 478 -73.05 54.07 -52.21
CA ALA O 478 -72.21 55.00 -52.97
C ALA O 478 -70.84 54.42 -53.25
N ALA O 479 -70.20 53.85 -52.23
CA ALA O 479 -68.83 53.34 -52.39
C ALA O 479 -68.78 52.09 -53.24
N GLY O 480 -69.76 51.20 -53.10
CA GLY O 480 -69.75 49.96 -53.84
C GLY O 480 -70.62 48.91 -53.18
N PRO O 481 -70.42 47.65 -53.56
CA PRO O 481 -71.23 46.58 -52.99
C PRO O 481 -70.97 46.40 -51.50
N GLN O 482 -72.01 45.96 -50.80
CA GLN O 482 -71.94 45.65 -49.38
C GLN O 482 -71.96 44.15 -49.17
N GLU O 483 -71.54 43.73 -47.98
CA GLU O 483 -71.40 42.32 -47.64
C GLU O 483 -72.35 41.95 -46.51
N LEU O 484 -73.00 40.81 -46.65
CA LEU O 484 -73.89 40.30 -45.61
C LEU O 484 -73.53 38.84 -45.33
N THR O 485 -73.49 38.47 -44.06
CA THR O 485 -73.12 37.13 -43.64
C THR O 485 -74.28 36.49 -42.89
N ILE O 486 -74.61 35.26 -43.28
CA ILE O 486 -75.68 34.48 -42.66
C ILE O 486 -75.05 33.26 -41.99
N PHE O 487 -75.30 33.11 -40.69
CA PHE O 487 -74.78 32.02 -39.89
C PHE O 487 -75.91 31.09 -39.47
N GLY O 488 -75.67 29.79 -39.59
CA GLY O 488 -76.65 28.80 -39.19
C GLY O 488 -76.16 27.38 -39.36
N ASN O 489 -76.66 26.47 -38.52
CA ASN O 489 -76.33 25.05 -38.59
C ASN O 489 -74.80 24.82 -38.58
N GLY O 490 -74.11 25.67 -37.83
CA GLY O 490 -72.66 25.58 -37.77
C GLY O 490 -71.96 25.87 -39.08
N SER O 491 -72.45 26.85 -39.84
CA SER O 491 -71.83 27.22 -41.11
C SER O 491 -72.19 28.67 -41.43
N SER O 492 -71.47 29.23 -42.40
CA SER O 492 -71.66 30.63 -42.77
C SER O 492 -71.72 30.76 -44.28
N ALA O 493 -72.44 31.78 -44.73
CA ALA O 493 -72.52 32.13 -46.14
C ALA O 493 -72.42 33.65 -46.27
N THR O 494 -71.85 34.08 -47.38
CA THR O 494 -71.63 35.50 -47.63
C THR O 494 -72.26 35.90 -48.96
N ILE O 495 -73.00 37.02 -48.94
CA ILE O 495 -73.66 37.54 -50.13
C ILE O 495 -73.25 38.99 -50.32
N TYR O 496 -73.31 39.44 -51.57
CA TYR O 496 -72.89 40.78 -51.97
C TYR O 496 -74.08 41.52 -52.57
N LEU O 497 -74.23 42.79 -52.18
CA LEU O 497 -75.34 43.62 -52.62
C LEU O 497 -74.81 44.81 -53.40
N GLU O 498 -75.46 45.10 -54.52
CA GLU O 498 -75.12 46.26 -55.34
C GLU O 498 -76.35 47.14 -55.54
N GLY O 499 -76.15 48.27 -56.20
CA GLY O 499 -77.16 49.29 -56.29
C GLY O 499 -78.16 49.20 -57.41
N ASP O 500 -77.97 48.33 -58.38
CA ASP O 500 -78.90 48.23 -59.51
C ASP O 500 -79.86 47.05 -59.41
N ASP O 501 -79.86 46.32 -58.29
CA ASP O 501 -80.78 45.20 -58.12
C ASP O 501 -82.14 45.71 -57.64
N THR O 502 -83.16 44.89 -57.90
CA THR O 502 -84.49 45.11 -57.36
C THR O 502 -84.77 44.07 -56.28
N VAL O 503 -86.01 44.09 -55.78
CA VAL O 503 -86.37 43.24 -54.64
C VAL O 503 -86.37 41.77 -55.03
N SER O 504 -86.87 41.46 -56.22
CA SER O 504 -86.99 40.06 -56.62
C SER O 504 -85.62 39.39 -56.73
N GLU O 505 -84.63 40.08 -57.30
CA GLU O 505 -83.29 39.50 -57.34
C GLU O 505 -82.73 39.30 -55.95
N PHE O 506 -83.02 40.23 -55.03
CA PHE O 506 -82.57 40.10 -53.65
C PHE O 506 -83.16 38.86 -52.98
N GLU O 507 -84.46 38.62 -53.15
CA GLU O 507 -85.07 37.46 -52.52
C GLU O 507 -84.59 36.18 -53.18
N THR O 508 -84.34 36.19 -54.49
CA THR O 508 -83.75 35.03 -55.14
C THR O 508 -82.36 34.72 -54.59
N LYS O 509 -81.53 35.75 -54.43
CA LYS O 509 -80.21 35.57 -53.85
C LYS O 509 -80.30 34.99 -52.45
N LEU O 510 -81.21 35.54 -51.64
CA LEU O 510 -81.36 35.05 -50.27
C LEU O 510 -81.85 33.61 -50.24
N SER O 511 -82.77 33.25 -51.14
CA SER O 511 -83.24 31.87 -51.21
C SER O 511 -82.11 30.92 -51.56
N SER O 512 -81.30 31.27 -52.56
CA SER O 512 -80.17 30.43 -52.92
C SER O 512 -79.19 30.32 -51.75
N ALA O 513 -78.91 31.43 -51.08
CA ALA O 513 -77.95 31.42 -49.98
C ALA O 513 -78.43 30.53 -48.83
N ILE O 514 -79.70 30.65 -48.46
CA ILE O 514 -80.22 29.83 -47.36
C ILE O 514 -80.29 28.38 -47.78
N LEU O 515 -80.54 28.12 -49.07
CA LEU O 515 -80.54 26.74 -49.55
C LEU O 515 -79.16 26.12 -49.52
N GLU O 516 -78.10 26.92 -49.67
CA GLU O 516 -76.75 26.36 -49.70
C GLU O 516 -76.38 25.73 -48.38
N LEU O 517 -76.79 26.34 -47.26
CA LEU O 517 -76.33 25.88 -45.94
C LEU O 517 -76.91 24.54 -45.55
N GLY O 518 -77.89 24.03 -46.29
CA GLY O 518 -78.52 22.76 -45.96
C GLY O 518 -79.78 22.89 -45.13
N MET O 519 -80.32 24.09 -44.97
CA MET O 519 -81.56 24.26 -44.21
C MET O 519 -82.80 24.14 -45.09
N GLY O 520 -82.63 23.90 -46.38
CA GLY O 520 -83.74 23.81 -47.29
C GLY O 520 -84.45 22.47 -47.21
N ALA O 521 -85.40 22.29 -48.13
CA ALA O 521 -86.17 21.06 -48.19
C ALA O 521 -85.25 19.88 -48.51
N THR O 522 -85.52 18.74 -47.88
CA THR O 522 -84.65 17.58 -47.99
C THR O 522 -84.90 16.87 -49.33
N ALA O 523 -84.32 15.68 -49.47
CA ALA O 523 -84.43 14.92 -50.71
C ALA O 523 -85.72 14.09 -50.72
N GLY O 524 -86.86 14.75 -50.53
CA GLY O 524 -88.13 14.11 -50.80
C GLY O 524 -88.30 13.97 -52.30
N THR O 525 -87.56 14.82 -53.03
CA THR O 525 -87.36 14.77 -54.48
C THR O 525 -88.62 15.13 -55.26
N SER O 526 -89.76 15.27 -54.62
CA SER O 526 -91.01 15.54 -55.31
C SER O 526 -91.26 17.05 -55.37
N ASP O 527 -92.40 17.41 -55.99
CA ASP O 527 -92.76 18.81 -56.11
C ASP O 527 -92.96 19.47 -54.76
N GLU O 528 -93.20 18.67 -53.72
CA GLU O 528 -93.28 19.21 -52.36
C GLU O 528 -92.03 19.99 -52.01
N ALA O 529 -90.86 19.41 -52.31
CA ALA O 529 -89.60 20.08 -52.03
C ALA O 529 -89.47 21.37 -52.82
N ALA O 530 -89.87 21.34 -54.10
CA ALA O 530 -89.77 22.54 -54.93
C ALA O 530 -90.64 23.66 -54.37
N THR O 531 -91.88 23.34 -54.02
CA THR O 531 -92.78 24.36 -53.48
C THR O 531 -92.29 24.89 -52.14
N VAL O 532 -91.83 24.00 -51.26
CA VAL O 532 -91.36 24.43 -49.94
C VAL O 532 -90.14 25.32 -50.08
N ASN O 533 -89.20 24.94 -50.94
CA ASN O 533 -88.02 25.77 -51.18
C ASN O 533 -88.42 27.11 -51.78
N SER O 534 -89.40 27.11 -52.68
CA SER O 534 -89.87 28.36 -53.27
C SER O 534 -90.52 29.30 -52.26
N ASN O 535 -91.19 28.76 -51.24
CA ASN O 535 -91.92 29.58 -50.27
C ASN O 535 -91.14 29.81 -48.97
N LEU O 536 -89.83 30.01 -49.06
CA LEU O 536 -89.04 30.27 -47.85
C LEU O 536 -89.03 31.76 -47.48
N VAL O 537 -88.47 32.60 -48.34
CA VAL O 537 -88.40 34.04 -48.12
C VAL O 537 -89.48 34.70 -48.97
N ASN O 538 -90.28 35.56 -48.35
CA ASN O 538 -91.42 36.14 -49.05
C ASN O 538 -91.48 37.65 -48.87
N TYR O 539 -91.90 38.34 -49.93
CA TYR O 539 -92.17 39.77 -49.91
C TYR O 539 -93.64 39.97 -50.24
N VAL O 540 -94.31 40.80 -49.44
CA VAL O 540 -95.76 41.00 -49.54
C VAL O 540 -96.03 42.31 -50.25
N SER O 541 -96.67 42.24 -51.41
CA SER O 541 -97.10 43.44 -52.11
C SER O 541 -98.47 43.87 -51.56
N THR O 542 -99.01 44.96 -52.09
CA THR O 542 -100.25 45.50 -51.55
C THR O 542 -101.45 44.63 -51.93
N GLY O 543 -101.34 43.90 -53.04
CA GLY O 543 -102.44 43.07 -53.49
C GLY O 543 -102.49 41.67 -52.93
N ASP O 544 -101.53 41.29 -52.07
CA ASP O 544 -101.44 39.95 -51.52
C ASP O 544 -101.57 39.94 -50.00
N VAL O 545 -102.33 40.86 -49.43
CA VAL O 545 -102.46 40.96 -47.98
C VAL O 545 -103.43 39.89 -47.50
N THR O 546 -103.03 39.17 -46.45
CA THR O 546 -103.88 38.16 -45.82
C THR O 546 -103.99 38.47 -44.34
N ASP O 547 -105.21 38.67 -43.86
CA ASP O 547 -105.44 39.14 -42.51
C ASP O 547 -105.32 38.00 -41.49
N SER O 548 -105.04 38.38 -40.25
CA SER O 548 -104.97 37.45 -39.12
C SER O 548 -103.94 36.34 -39.35
N SER O 549 -102.81 36.68 -39.95
CA SER O 549 -101.76 35.70 -40.21
C SER O 549 -100.42 36.42 -40.24
N ASN O 550 -99.39 35.69 -40.72
CA ASN O 550 -98.06 36.26 -40.77
C ASN O 550 -97.97 37.43 -41.74
N GLU O 551 -98.65 37.34 -42.89
CA GLU O 551 -98.53 38.32 -43.96
C GLU O 551 -99.61 39.38 -43.90
N ALA O 552 -100.04 39.76 -42.71
CA ALA O 552 -101.06 40.80 -42.54
C ALA O 552 -100.49 42.20 -42.70
N LEU O 553 -99.29 42.35 -43.22
CA LEU O 553 -98.66 43.65 -43.39
C LEU O 553 -98.09 43.75 -44.80
N ALA O 554 -97.97 44.98 -45.28
CA ALA O 554 -97.47 45.24 -46.61
C ALA O 554 -96.03 45.74 -46.56
N GLY O 555 -95.27 45.39 -47.59
CA GLY O 555 -93.89 45.88 -47.72
C GLY O 555 -92.95 45.39 -46.65
N THR O 556 -93.08 44.14 -46.23
CA THR O 556 -92.20 43.54 -45.25
C THR O 556 -91.73 42.17 -45.74
N PHE O 557 -90.55 41.77 -45.28
CA PHE O 557 -90.00 40.46 -45.62
C PHE O 557 -90.33 39.46 -44.53
N VAL O 558 -90.65 38.24 -44.94
CA VAL O 558 -90.88 37.13 -44.04
C VAL O 558 -89.83 36.07 -44.31
N ILE O 559 -89.11 35.66 -43.25
CA ILE O 559 -87.99 34.75 -43.36
C ILE O 559 -88.23 33.56 -42.44
N GLN O 560 -88.03 32.35 -42.97
CA GLN O 560 -88.21 31.13 -42.21
C GLN O 560 -87.13 30.13 -42.63
N THR O 561 -87.14 28.96 -42.00
CA THR O 561 -86.28 27.85 -42.40
C THR O 561 -87.11 26.59 -42.53
N ALA O 562 -86.48 25.47 -42.86
CA ALA O 562 -87.20 24.21 -43.00
C ALA O 562 -86.76 23.17 -41.97
N ARG O 563 -86.09 23.59 -40.91
CA ARG O 563 -85.71 22.71 -39.81
C ARG O 563 -86.47 23.09 -38.55
N LEU O 564 -86.26 22.30 -37.50
CA LEU O 564 -86.93 22.49 -36.23
C LEU O 564 -85.92 22.70 -35.11
N GLY O 565 -86.36 23.34 -34.04
CA GLY O 565 -85.53 23.52 -32.87
C GLY O 565 -84.45 24.56 -33.04
N ASP O 566 -83.48 24.52 -32.11
CA ASP O 566 -82.42 25.51 -32.06
C ASP O 566 -81.59 25.55 -33.34
N ASP O 567 -81.61 24.48 -34.13
CA ASP O 567 -80.88 24.48 -35.40
C ASP O 567 -81.43 25.51 -36.37
N SER O 568 -82.65 26.00 -36.15
CA SER O 568 -83.27 26.96 -37.05
C SER O 568 -82.96 28.40 -36.68
N LYS O 569 -82.09 28.65 -35.70
CA LYS O 569 -81.72 30.00 -35.34
C LYS O 569 -80.77 30.58 -36.38
N LEU O 570 -81.25 31.56 -37.14
CA LEU O 570 -80.46 32.24 -38.15
C LEU O 570 -79.83 33.49 -37.55
N SER O 571 -78.57 33.73 -37.89
CA SER O 571 -77.83 34.88 -37.38
C SER O 571 -77.34 35.74 -38.53
N PHE O 572 -77.34 37.06 -38.34
CA PHE O 572 -76.98 38.02 -39.37
C PHE O 572 -75.79 38.85 -38.93
N ILE O 573 -74.84 39.05 -39.85
CA ILE O 573 -73.67 39.89 -39.61
C ILE O 573 -73.51 40.85 -40.78
N GLY O 574 -73.19 42.10 -40.46
CA GLY O 574 -72.94 43.09 -41.50
C GLY O 574 -72.55 44.41 -40.87
N ASP O 575 -72.41 45.42 -41.72
CA ASP O 575 -72.10 46.76 -41.23
C ASP O 575 -73.29 47.30 -40.44
N GLN O 576 -73.00 48.23 -39.53
CA GLN O 576 -74.01 48.72 -38.61
C GLN O 576 -75.15 49.41 -39.35
N ASN O 577 -74.83 50.16 -40.41
CA ASN O 577 -75.86 50.93 -41.11
C ASN O 577 -76.85 50.02 -41.82
N LEU O 578 -76.35 49.04 -42.59
CA LEU O 578 -77.24 48.14 -43.32
C LEU O 578 -78.05 47.27 -42.36
N ILE O 579 -77.42 46.75 -41.31
CA ILE O 579 -78.12 45.93 -40.33
C ILE O 579 -79.21 46.74 -39.65
N ASN O 580 -78.91 47.99 -39.29
CA ASN O 580 -79.91 48.86 -38.68
C ASN O 580 -81.06 49.13 -39.65
N ALA O 581 -80.74 49.35 -40.92
CA ALA O 581 -81.76 49.64 -41.91
C ALA O 581 -82.69 48.45 -42.12
N LEU O 582 -82.14 47.24 -42.18
CA LEU O 582 -82.98 46.06 -42.40
C LEU O 582 -83.95 45.86 -41.25
N SER O 583 -83.48 46.01 -40.00
CA SER O 583 -84.34 46.09 -38.82
C SER O 583 -85.23 44.85 -38.69
N LEU O 584 -84.59 43.70 -38.51
CA LEU O 584 -85.30 42.44 -38.37
C LEU O 584 -85.93 42.32 -36.99
N ALA O 585 -86.89 41.41 -36.88
CA ALA O 585 -87.57 41.15 -35.62
C ALA O 585 -88.09 39.72 -35.64
N THR O 586 -88.38 39.19 -34.46
CA THR O 586 -88.83 37.82 -34.30
C THR O 586 -90.31 37.78 -33.98
N ILE O 587 -91.07 36.99 -34.74
CA ILE O 587 -92.48 36.77 -34.46
C ILE O 587 -92.78 35.34 -34.03
N GLN O 588 -91.92 34.38 -34.37
CA GLN O 588 -92.09 33.03 -33.85
C GLN O 588 -90.75 32.47 -33.45
N GLU O 589 -90.71 31.82 -32.28
CA GLU O 589 -89.48 31.37 -31.67
C GLU O 589 -89.39 29.85 -31.73
N GLY O 590 -88.24 29.33 -31.29
CA GLY O 590 -87.90 27.93 -31.48
C GLY O 590 -88.54 27.00 -30.47
N GLU O 591 -88.54 25.72 -30.82
CA GLU O 591 -89.10 24.67 -29.98
C GLU O 591 -88.62 23.31 -30.45
N ASN O 592 -88.23 22.44 -29.52
CA ASN O 592 -87.73 21.13 -29.89
C ASN O 592 -88.86 20.14 -30.11
N SER O 593 -88.50 18.91 -30.42
CA SER O 593 -89.45 17.84 -30.64
C SER O 593 -89.43 16.86 -29.46
N GLU O 594 -90.21 15.80 -29.56
CA GLU O 594 -90.27 14.77 -28.54
C GLU O 594 -90.03 13.40 -29.18
N THR O 595 -89.17 12.60 -28.59
CA THR O 595 -88.76 11.33 -29.17
C THR O 595 -89.04 10.20 -28.21
N THR O 596 -89.58 9.10 -28.73
CA THR O 596 -89.77 7.86 -27.97
C THR O 596 -88.88 6.80 -28.58
N ILE O 597 -88.04 6.18 -27.75
CA ILE O 597 -87.00 5.26 -28.19
C ILE O 597 -87.18 3.93 -27.47
N LYS O 598 -87.14 2.84 -28.23
CA LYS O 598 -87.25 1.48 -27.71
C LYS O 598 -86.09 0.66 -28.23
N VAL O 599 -85.31 0.07 -27.33
CA VAL O 599 -84.11 -0.67 -27.72
C VAL O 599 -84.32 -2.15 -27.44
N THR O 600 -83.96 -2.99 -28.40
CA THR O 600 -84.11 -4.43 -28.29
C THR O 600 -82.94 -5.12 -28.95
N ASP O 601 -82.67 -6.36 -28.54
CA ASP O 601 -81.52 -7.09 -29.03
C ASP O 601 -81.78 -7.68 -30.41
N ALA O 602 -80.71 -7.87 -31.18
CA ALA O 602 -80.82 -8.19 -32.59
C ALA O 602 -80.92 -9.68 -32.88
N HIS O 603 -80.62 -10.55 -31.93
CA HIS O 603 -80.72 -11.99 -32.14
C HIS O 603 -81.70 -12.69 -31.23
N THR O 604 -82.07 -12.09 -30.10
CA THR O 604 -83.03 -12.68 -29.18
C THR O 604 -84.36 -11.93 -29.18
N GLY O 605 -84.31 -10.60 -29.21
CA GLY O 605 -85.51 -9.79 -29.17
C GLY O 605 -86.01 -9.47 -27.78
N LYS O 606 -85.24 -9.81 -26.74
CA LYS O 606 -85.68 -9.50 -25.38
C LYS O 606 -85.59 -7.99 -25.13
N PHE O 607 -86.54 -7.49 -24.35
CA PHE O 607 -86.60 -6.07 -24.06
C PHE O 607 -85.40 -5.64 -23.22
N ILE O 608 -84.85 -4.47 -23.54
CA ILE O 608 -83.72 -3.90 -22.82
C ILE O 608 -84.10 -2.57 -22.17
N GLY O 609 -84.70 -1.66 -22.93
CA GLY O 609 -85.05 -0.36 -22.37
C GLY O 609 -85.85 0.54 -23.29
N SER O 610 -86.37 1.62 -22.72
CA SER O 610 -87.16 2.60 -23.45
C SER O 610 -86.95 3.96 -22.82
N ASP O 611 -87.21 5.02 -23.58
CA ASP O 611 -87.02 6.38 -23.10
C ASP O 611 -87.90 7.35 -23.86
N SER O 612 -88.19 8.47 -23.21
CA SER O 612 -88.90 9.59 -23.82
C SER O 612 -88.04 10.84 -23.60
N VAL O 613 -87.42 11.32 -24.67
CA VAL O 613 -86.42 12.38 -24.58
C VAL O 613 -86.89 13.59 -25.36
N ASN O 614 -86.26 14.73 -25.06
CA ASN O 614 -86.54 15.99 -25.72
C ASN O 614 -85.40 16.47 -26.61
N ASP O 615 -84.16 16.32 -26.17
CA ASP O 615 -83.00 16.77 -26.92
C ASP O 615 -82.36 15.68 -27.76
N SER O 616 -83.02 14.53 -27.90
CA SER O 616 -82.58 13.45 -28.79
C SER O 616 -81.21 12.92 -28.38
N THR O 617 -81.03 12.67 -27.08
CA THR O 617 -79.83 12.04 -26.55
C THR O 617 -80.26 10.86 -25.68
N LEU O 618 -79.92 9.66 -26.11
CA LEU O 618 -80.24 8.44 -25.36
C LEU O 618 -79.13 8.19 -24.34
N ARG O 619 -79.40 8.49 -23.07
CA ARG O 619 -78.38 8.49 -22.03
C ARG O 619 -78.80 7.61 -20.87
N GLY O 620 -77.88 6.76 -20.43
CA GLY O 620 -78.08 5.99 -19.22
C GLY O 620 -78.90 4.73 -19.35
N VAL O 621 -79.00 4.15 -20.55
CA VAL O 621 -79.67 2.87 -20.75
C VAL O 621 -78.70 1.79 -21.21
N ILE O 622 -77.78 2.13 -22.10
CA ILE O 622 -76.69 1.24 -22.50
C ILE O 622 -75.46 1.65 -21.71
N GLN O 623 -74.85 0.68 -21.03
CA GLN O 623 -73.83 0.98 -20.02
C GLN O 623 -72.61 1.64 -20.65
N GLY O 624 -72.29 2.84 -20.19
CA GLY O 624 -71.04 3.49 -20.57
C GLY O 624 -71.02 4.15 -21.93
N VAL O 625 -72.17 4.25 -22.60
CA VAL O 625 -72.24 4.81 -23.95
C VAL O 625 -73.45 5.71 -24.03
N ASP O 626 -73.28 6.88 -24.67
CA ASP O 626 -74.39 7.76 -24.97
C ASP O 626 -74.56 7.88 -26.48
N VAL O 627 -75.81 7.80 -26.92
CA VAL O 627 -76.15 7.74 -28.34
C VAL O 627 -76.94 8.99 -28.72
N LYS O 628 -76.55 9.60 -29.84
CA LYS O 628 -77.19 10.80 -30.35
C LYS O 628 -77.87 10.48 -31.68
N ILE O 629 -79.12 10.88 -31.81
CA ILE O 629 -79.91 10.68 -33.02
C ILE O 629 -80.22 12.05 -33.62
N ASP O 630 -80.12 12.13 -34.95
CA ASP O 630 -80.29 13.40 -35.64
C ASP O 630 -81.71 13.93 -35.44
N SER O 631 -81.83 15.26 -35.47
CA SER O 631 -83.09 15.94 -35.19
C SER O 631 -84.11 15.84 -36.32
N ASP O 632 -83.67 15.59 -37.55
CA ASP O 632 -84.56 15.59 -38.71
C ASP O 632 -84.96 14.19 -39.13
N VAL O 633 -85.19 13.30 -38.19
CA VAL O 633 -85.53 11.92 -38.48
C VAL O 633 -87.05 11.77 -38.37
N GLY O 634 -87.68 11.30 -39.44
CA GLY O 634 -89.08 10.95 -39.41
C GLY O 634 -90.06 12.09 -39.31
N VAL O 635 -89.97 13.06 -40.22
CA VAL O 635 -90.87 14.20 -40.26
C VAL O 635 -91.28 14.46 -41.72
N SER O 636 -92.57 14.70 -41.94
CA SER O 636 -93.08 15.05 -43.26
C SER O 636 -93.49 16.52 -43.24
N ILE O 637 -93.16 17.22 -44.32
CA ILE O 637 -93.33 18.67 -44.40
C ILE O 637 -94.28 19.01 -45.54
N SER O 638 -95.20 19.92 -45.29
CA SER O 638 -96.14 20.40 -46.29
C SER O 638 -96.36 21.90 -46.11
N TRP O 639 -97.07 22.49 -47.05
CA TRP O 639 -97.27 23.94 -47.10
C TRP O 639 -98.75 24.24 -47.26
N ASN O 640 -99.28 25.13 -46.43
CA ASN O 640 -100.69 25.50 -46.45
C ASN O 640 -100.80 26.87 -47.11
N SER O 641 -101.40 26.89 -48.31
CA SER O 641 -101.53 28.13 -49.06
C SER O 641 -102.81 28.88 -48.69
N THR O 642 -103.85 28.16 -48.27
CA THR O 642 -105.06 28.83 -47.81
C THR O 642 -104.82 29.62 -46.54
N LYS O 643 -103.88 29.18 -45.69
CA LYS O 643 -103.50 29.91 -44.49
C LYS O 643 -102.09 30.48 -44.61
N LYS O 644 -101.30 30.02 -45.58
CA LYS O 644 -99.94 30.53 -45.82
C LYS O 644 -99.02 30.24 -44.64
N THR O 645 -98.90 28.98 -44.27
CA THR O 645 -98.00 28.56 -43.19
C THR O 645 -97.32 27.26 -43.56
N MET O 646 -96.39 26.84 -42.70
CA MET O 646 -95.73 25.55 -42.86
C MET O 646 -96.41 24.51 -41.98
N GLU O 647 -96.27 23.25 -42.37
CA GLU O 647 -96.92 22.16 -41.65
C GLU O 647 -95.97 21.00 -41.50
N PHE O 648 -95.88 20.47 -40.28
CA PHE O 648 -95.04 19.32 -39.98
C PHE O 648 -95.92 18.22 -39.41
N SER O 649 -95.67 16.98 -39.83
CA SER O 649 -96.50 15.85 -39.42
C SER O 649 -95.64 14.61 -39.26
N ALA O 650 -96.18 13.64 -38.52
CA ALA O 650 -95.50 12.38 -38.31
C ALA O 650 -95.54 11.53 -39.58
N THR O 651 -94.44 10.79 -39.81
CA THR O 651 -94.37 9.95 -41.00
C THR O 651 -95.34 8.78 -40.89
N GLY O 652 -95.56 8.28 -39.69
CA GLY O 652 -96.48 7.17 -39.45
C GLY O 652 -95.83 5.81 -39.40
N GLU O 653 -94.61 5.68 -39.89
CA GLU O 653 -93.86 4.42 -39.82
C GLU O 653 -92.65 4.61 -38.92
N SER O 654 -92.30 3.55 -38.20
CA SER O 654 -91.12 3.56 -37.36
C SER O 654 -89.87 3.33 -38.20
N GLU O 655 -88.72 3.57 -37.59
CA GLU O 655 -87.43 3.40 -38.25
C GLU O 655 -86.55 2.49 -37.41
N ASP O 656 -85.61 1.83 -38.08
CA ASP O 656 -84.70 0.88 -37.44
C ASP O 656 -83.26 1.29 -37.72
N ILE O 657 -82.45 1.34 -36.68
CA ILE O 657 -81.02 1.58 -36.79
C ILE O 657 -80.30 0.48 -36.03
N LYS O 658 -79.27 -0.09 -36.64
CA LYS O 658 -78.51 -1.18 -36.05
C LYS O 658 -77.14 -0.69 -35.62
N LEU O 659 -76.76 -1.04 -34.40
CA LEU O 659 -75.54 -0.53 -33.77
C LEU O 659 -74.65 -1.70 -33.37
N HIS O 660 -73.36 -1.57 -33.65
CA HIS O 660 -72.37 -2.57 -33.31
C HIS O 660 -71.35 -1.97 -32.37
N LEU O 661 -71.01 -2.70 -31.32
CA LEU O 661 -70.27 -2.14 -30.20
C LEU O 661 -69.55 -3.26 -29.46
N VAL O 662 -68.22 -3.14 -29.35
CA VAL O 662 -67.40 -4.20 -28.79
C VAL O 662 -66.37 -3.58 -27.83
N ASP O 663 -66.09 -4.28 -26.74
CA ASP O 663 -65.14 -3.80 -25.76
C ASP O 663 -63.71 -3.98 -26.26
N ASN O 664 -62.87 -2.98 -26.00
CA ASN O 664 -61.46 -3.03 -26.35
C ASN O 664 -60.58 -2.76 -25.14
N ALA O 665 -60.54 -3.28 -22.06
CA ALA O 665 -59.77 -2.08 -21.77
C ALA O 665 -58.29 -2.37 -21.84
N MET O 666 -57.54 -1.85 -20.87
CA MET O 666 -56.10 -2.06 -20.78
C MET O 666 -55.83 -3.03 -19.64
N GLU O 667 -55.16 -4.14 -19.96
CA GLU O 667 -54.91 -5.21 -19.01
C GLU O 667 -53.44 -5.18 -18.61
N MET O 668 -53.17 -5.11 -17.31
CA MET O 668 -51.81 -5.07 -16.80
C MET O 668 -51.56 -6.26 -15.88
N GLN O 669 -50.51 -7.02 -16.16
CA GLN O 669 -50.10 -8.11 -15.29
C GLN O 669 -49.30 -7.54 -14.11
N ILE O 670 -49.74 -7.84 -12.89
CA ILE O 670 -49.15 -7.23 -11.71
C ILE O 670 -48.65 -8.30 -10.74
N GLY O 671 -49.09 -9.54 -10.94
CA GLY O 671 -48.74 -10.62 -10.05
C GLY O 671 -47.84 -11.65 -10.71
N ALA O 672 -47.32 -12.54 -9.88
CA ALA O 672 -46.46 -13.63 -10.34
C ALA O 672 -47.25 -14.88 -10.70
N ASN O 673 -48.57 -14.85 -10.51
CA ASN O 673 -49.43 -15.97 -10.88
C ASN O 673 -50.58 -15.44 -11.72
N GLU O 674 -51.52 -16.33 -12.04
CA GLU O 674 -52.62 -15.99 -12.92
C GLU O 674 -53.64 -15.12 -12.19
N GLY O 675 -54.42 -14.37 -12.97
CA GLY O 675 -55.52 -13.61 -12.44
C GLY O 675 -55.15 -12.30 -11.79
N GLN O 676 -53.95 -12.21 -11.24
CA GLN O 676 -53.53 -11.00 -10.54
C GLN O 676 -53.21 -9.90 -11.55
N THR O 677 -54.22 -9.11 -11.93
CA THR O 677 -54.05 -8.08 -12.94
C THR O 677 -54.79 -6.82 -12.53
N ILE O 678 -54.62 -5.78 -13.34
CA ILE O 678 -55.21 -4.47 -13.10
C ILE O 678 -55.82 -3.95 -14.40
N LEU O 679 -57.00 -3.36 -14.31
CA LEU O 679 -57.69 -2.79 -15.45
C LEU O 679 -57.47 -1.28 -15.50
N ALA O 680 -57.26 -0.75 -16.70
CA ALA O 680 -57.08 0.68 -16.90
C ALA O 680 -57.90 1.13 -18.10
N ASN O 681 -58.57 2.27 -17.96
CA ASN O 681 -59.38 2.86 -19.02
C ASN O 681 -59.21 4.37 -19.05
N ILE O 682 -59.47 4.95 -20.22
CA ILE O 682 -59.41 6.41 -20.41
C ILE O 682 -60.58 6.84 -21.29
N PRO O 683 -61.50 7.66 -20.78
CA PRO O 683 -62.65 8.07 -21.58
C PRO O 683 -62.25 8.99 -22.73
N GLN O 684 -63.13 9.04 -23.73
CA GLN O 684 -62.89 9.87 -24.92
C GLN O 684 -62.98 11.35 -24.58
N VAL O 685 -62.07 12.14 -25.13
CA VAL O 685 -62.05 13.59 -24.94
C VAL O 685 -61.86 14.26 -26.29
N ASP O 686 -62.75 15.19 -26.60
CA ASP O 686 -62.64 16.05 -27.79
C ASP O 686 -63.63 17.20 -27.62
N THR O 687 -63.84 17.97 -28.68
CA THR O 687 -64.83 19.04 -28.63
C THR O 687 -66.24 18.48 -28.41
N THR O 688 -66.57 17.37 -29.08
CA THR O 688 -67.92 16.83 -28.98
C THR O 688 -68.21 16.31 -27.57
N SER O 689 -67.24 15.65 -26.94
CA SER O 689 -67.46 15.10 -25.61
C SER O 689 -67.72 16.21 -24.59
N LEU O 690 -66.97 17.31 -24.67
CA LEU O 690 -67.15 18.41 -23.74
C LEU O 690 -68.45 19.18 -23.95
N GLY O 691 -69.15 18.92 -25.05
CA GLY O 691 -70.37 19.66 -25.36
C GLY O 691 -70.15 21.12 -25.67
N ILE O 692 -69.04 21.45 -26.34
CA ILE O 692 -68.76 22.81 -26.75
C ILE O 692 -68.52 22.82 -28.26
N ASP O 693 -69.09 21.82 -28.95
CA ASP O 693 -68.82 21.64 -30.37
C ASP O 693 -69.46 22.76 -31.20
N ASP O 694 -70.59 23.29 -30.76
CA ASP O 694 -71.34 24.23 -31.58
C ASP O 694 -71.61 25.53 -30.84
N ILE O 695 -70.58 26.11 -30.22
CA ILE O 695 -70.72 27.39 -29.53
C ILE O 695 -70.33 28.51 -30.48
N LEU O 696 -71.21 29.51 -30.60
CA LEU O 696 -71.02 30.63 -31.51
C LEU O 696 -70.91 31.93 -30.72
N MET O 697 -70.29 32.93 -31.34
CA MET O 697 -70.15 34.26 -30.75
C MET O 697 -70.40 35.30 -31.86
N VAL O 698 -71.66 35.65 -32.04
CA VAL O 698 -72.04 36.63 -33.05
C VAL O 698 -72.84 37.75 -32.42
N ASP O 699 -73.90 37.40 -31.72
CA ASP O 699 -74.84 38.37 -31.16
C ASP O 699 -74.60 38.53 -29.66
N GLN O 700 -75.28 39.52 -29.08
CA GLN O 700 -75.17 39.78 -27.65
C GLN O 700 -76.16 38.95 -26.85
N GLU O 701 -76.18 37.64 -27.10
CA GLU O 701 -77.01 36.73 -26.33
C GLU O 701 -76.37 35.40 -25.98
N LEU O 702 -75.36 34.92 -26.72
CA LEU O 702 -74.85 33.57 -26.55
C LEU O 702 -73.66 33.48 -25.61
N ALA O 703 -73.14 34.62 -25.13
CA ALA O 703 -71.98 34.60 -24.25
C ALA O 703 -72.27 33.87 -22.94
N GLN O 704 -73.47 34.04 -22.39
CA GLN O 704 -73.81 33.37 -21.14
C GLN O 704 -73.84 31.85 -21.32
N GLU O 705 -74.44 31.39 -22.42
CA GLU O 705 -74.41 29.97 -22.74
C GLU O 705 -72.98 29.46 -22.84
N SER O 706 -72.13 30.22 -23.54
CA SER O 706 -70.73 29.81 -23.67
C SER O 706 -70.07 29.68 -22.30
N ILE O 707 -70.31 30.65 -21.42
CA ILE O 707 -69.68 30.62 -20.10
C ILE O 707 -70.10 29.37 -19.34
N THR O 708 -71.40 29.08 -19.32
CA THR O 708 -71.89 27.93 -18.57
C THR O 708 -71.31 26.63 -19.11
N LYS O 709 -71.37 26.45 -20.44
CA LYS O 709 -70.87 25.21 -21.03
C LYS O 709 -69.37 25.06 -20.79
N LEU O 710 -68.61 26.16 -20.89
CA LEU O 710 -67.18 26.09 -20.65
C LEU O 710 -66.87 25.68 -19.22
N ASP O 711 -67.61 26.22 -18.25
CA ASP O 711 -67.36 25.85 -16.86
C ASP O 711 -67.64 24.36 -16.62
N LYS O 712 -68.72 23.87 -17.22
CA LYS O 712 -69.03 22.44 -17.06
C LYS O 712 -67.95 21.57 -17.68
N ALA O 713 -67.44 21.97 -18.86
CA ALA O 713 -66.36 21.22 -19.49
C ALA O 713 -65.11 21.23 -18.62
N LEU O 714 -64.82 22.36 -17.99
CA LEU O 714 -63.68 22.43 -17.07
C LEU O 714 -63.84 21.41 -15.94
N GLU O 715 -65.05 21.33 -15.38
CA GLU O 715 -65.31 20.35 -14.32
C GLU O 715 -65.06 18.93 -14.80
N THR O 716 -65.53 18.61 -16.02
CA THR O 716 -65.35 17.27 -16.56
C THR O 716 -63.86 16.92 -16.71
N VAL O 717 -63.08 17.86 -17.24
CA VAL O 717 -61.65 17.61 -17.42
C VAL O 717 -60.97 17.39 -16.08
N SER O 718 -61.35 18.18 -15.07
CA SER O 718 -60.79 17.99 -13.73
C SER O 718 -61.09 16.60 -13.20
N GLY O 719 -62.33 16.12 -13.41
CA GLY O 719 -62.68 14.78 -12.96
C GLY O 719 -61.84 13.70 -13.61
N VAL O 720 -61.62 13.81 -14.93
CA VAL O 720 -60.81 12.82 -15.63
C VAL O 720 -59.39 12.80 -15.07
N ARG O 721 -58.80 13.99 -14.88
CA ARG O 721 -57.44 14.04 -14.34
C ARG O 721 -57.38 13.45 -12.94
N ALA O 722 -58.40 13.68 -12.12
CA ALA O 722 -58.42 13.11 -10.78
C ALA O 722 -58.44 11.59 -10.82
N THR O 723 -59.22 11.00 -11.73
CA THR O 723 -59.24 9.55 -11.88
C THR O 723 -57.85 9.01 -12.22
N ILE O 724 -57.18 9.66 -13.18
CA ILE O 724 -55.85 9.20 -13.59
C ILE O 724 -54.88 9.27 -12.41
N GLY O 725 -54.92 10.38 -11.65
CA GLY O 725 -54.03 10.51 -10.51
C GLY O 725 -54.29 9.45 -9.45
N ALA O 726 -55.56 9.13 -9.19
CA ALA O 726 -55.88 8.09 -8.23
C ALA O 726 -55.27 6.75 -8.64
N GLN O 727 -55.41 6.40 -9.93
CA GLN O 727 -54.84 5.13 -10.39
C GLN O 727 -53.32 5.12 -10.25
N ILE O 728 -52.66 6.23 -10.58
CA ILE O 728 -51.20 6.24 -10.50
C ILE O 728 -50.73 6.11 -9.05
N ASN O 729 -51.46 6.73 -8.11
CA ASN O 729 -51.08 6.58 -6.70
C ASN O 729 -51.27 5.14 -6.23
N ARG O 730 -52.36 4.49 -6.63
CA ARG O 730 -52.57 3.10 -6.26
C ARG O 730 -51.45 2.22 -6.79
N LEU O 731 -51.04 2.43 -8.04
CA LEU O 731 -49.95 1.62 -8.60
C LEU O 731 -48.64 1.88 -7.85
N GLU O 732 -48.37 3.13 -7.49
CA GLU O 732 -47.14 3.44 -6.77
C GLU O 732 -47.11 2.73 -5.43
N TYR O 733 -48.22 2.73 -4.69
CA TYR O 733 -48.25 1.98 -3.44
C TYR O 733 -48.09 0.48 -3.67
N THR O 734 -48.73 -0.07 -4.70
CA THR O 734 -48.62 -1.53 -4.85
C THR O 734 -47.26 -1.97 -5.37
N MET O 735 -46.42 -1.04 -5.85
CA MET O 735 -45.11 -1.45 -6.38
C MET O 735 -44.20 -2.08 -5.32
N THR O 736 -44.04 -1.46 -4.16
CA THR O 736 -42.94 -1.81 -3.25
C THR O 736 -43.11 -3.19 -2.60
N GLY O 737 -44.34 -3.67 -2.49
CA GLY O 737 -44.56 -4.98 -1.89
C GLY O 737 -43.87 -6.09 -2.65
N LEU O 738 -43.80 -5.97 -3.97
CA LEU O 738 -43.08 -6.95 -4.78
C LEU O 738 -41.61 -7.01 -4.38
N ASP O 739 -40.96 -5.86 -4.19
CA ASP O 739 -39.56 -5.87 -3.81
C ASP O 739 -39.36 -6.44 -2.41
N THR O 740 -40.24 -6.09 -1.48
CA THR O 740 -40.12 -6.64 -0.12
C THR O 740 -40.28 -8.16 -0.14
N THR O 741 -41.27 -8.65 -0.86
CA THR O 741 -41.49 -10.08 -0.98
C THR O 741 -40.31 -10.76 -1.67
N ARG O 742 -39.75 -10.13 -2.70
CA ARG O 742 -38.56 -10.71 -3.32
C ARG O 742 -37.41 -10.85 -2.35
N GLU O 743 -37.13 -9.80 -1.58
CA GLU O 743 -36.03 -9.85 -0.63
C GLU O 743 -36.22 -10.98 0.37
N ASN O 744 -37.43 -11.08 0.92
CA ASN O 744 -37.71 -12.14 1.88
C ASN O 744 -37.53 -13.52 1.25
N LEU O 745 -38.13 -13.74 0.09
CA LEU O 745 -38.06 -15.06 -0.53
C LEU O 745 -36.66 -15.42 -1.01
N THR O 746 -35.89 -14.48 -1.56
CA THR O 746 -34.55 -14.80 -2.01
C THR O 746 -33.60 -15.01 -0.84
N ALA O 747 -33.88 -14.36 0.31
CA ALA O 747 -33.16 -14.72 1.52
C ALA O 747 -33.52 -16.13 1.96
N ALA O 748 -34.81 -16.49 1.85
CA ALA O 748 -35.23 -17.83 2.24
C ALA O 748 -34.59 -18.91 1.37
N GLU O 749 -34.54 -18.67 0.05
CA GLU O 749 -33.97 -19.67 -0.84
C GLU O 749 -32.45 -19.76 -0.67
N SER O 750 -31.79 -18.65 -0.34
CA SER O 750 -30.36 -18.68 -0.12
C SER O 750 -30.06 -19.14 1.31
N ARG O 751 -30.68 -20.25 1.70
CA ARG O 751 -30.33 -20.97 2.91
C ARG O 751 -30.10 -22.45 2.65
N ILE O 752 -30.22 -22.88 1.40
CA ILE O 752 -29.88 -24.23 0.96
C ILE O 752 -28.84 -24.16 -0.16
N ARG O 753 -28.05 -23.08 -0.19
CA ARG O 753 -27.09 -22.88 -1.26
C ARG O 753 -25.83 -23.70 -1.03
N ASP O 754 -25.12 -23.43 0.06
CA ASP O 754 -23.90 -24.17 0.37
C ASP O 754 -23.62 -24.03 1.86
N LEU O 755 -22.93 -25.02 2.41
CA LEU O 755 -22.55 -24.98 3.80
C LEU O 755 -21.51 -23.89 4.04
N ASP O 756 -21.45 -23.41 5.27
CA ASP O 756 -20.34 -22.57 5.69
C ASP O 756 -19.03 -23.32 5.45
N ILE O 757 -18.16 -22.74 4.62
CA ILE O 757 -17.04 -23.43 3.99
C ILE O 757 -16.10 -24.04 5.03
N ALA O 758 -16.13 -23.52 6.25
CA ALA O 758 -15.19 -24.00 7.27
C ALA O 758 -15.38 -25.48 7.57
N ASP O 759 -16.63 -25.93 7.72
CA ASP O 759 -16.88 -27.34 8.00
C ASP O 759 -16.47 -28.22 6.82
N GLU O 760 -16.73 -27.79 5.60
CA GLU O 760 -16.31 -28.54 4.43
C GLU O 760 -14.79 -28.66 4.39
N MET O 761 -14.08 -27.58 4.68
CA MET O 761 -12.61 -27.60 4.71
C MET O 761 -12.10 -28.54 5.79
N ALA O 762 -12.78 -28.56 6.95
CA ALA O 762 -12.40 -29.48 8.02
C ALA O 762 -12.57 -30.94 7.60
N LYS O 763 -13.70 -31.26 6.96
CA LYS O 763 -13.91 -32.63 6.49
C LYS O 763 -12.85 -33.02 5.49
N PHE O 764 -12.53 -32.11 4.56
CA PHE O 764 -11.50 -32.38 3.56
C PHE O 764 -10.15 -32.62 4.22
N THR O 765 -9.79 -31.80 5.21
CA THR O 765 -8.50 -31.96 5.88
C THR O 765 -8.42 -33.30 6.60
N LYS O 766 -9.48 -33.67 7.31
CA LYS O 766 -9.46 -34.92 8.06
C LYS O 766 -9.34 -36.11 7.11
N ASN O 767 -10.10 -36.10 6.01
CA ASN O 767 -10.02 -37.20 5.04
C ASN O 767 -8.63 -37.30 4.43
N GLN O 768 -8.05 -36.16 4.03
CA GLN O 768 -6.74 -36.18 3.41
C GLN O 768 -5.67 -36.68 4.38
N ILE O 769 -5.79 -36.31 5.66
CA ILE O 769 -4.84 -36.79 6.66
C ILE O 769 -4.96 -38.29 6.83
N LEU O 770 -6.19 -38.81 6.87
CA LEU O 770 -6.39 -40.23 7.14
C LEU O 770 -5.98 -41.12 5.96
N ALA O 771 -6.05 -40.58 4.73
CA ALA O 771 -5.69 -41.38 3.56
C ALA O 771 -4.23 -41.86 3.60
N GLN O 772 -3.31 -40.99 3.99
CA GLN O 772 -1.90 -41.36 4.01
C GLN O 772 -1.62 -42.47 5.02
N SER O 773 -2.28 -42.41 6.18
CA SER O 773 -2.14 -43.48 7.15
C SER O 773 -2.64 -44.79 6.59
N ASN O 774 -3.78 -44.76 5.88
CA ASN O 774 -4.24 -45.98 5.21
C ASN O 774 -3.18 -46.53 4.27
N ILE O 775 -2.58 -45.64 3.48
CA ILE O 775 -1.60 -46.09 2.49
C ILE O 775 -0.41 -46.77 3.17
N SER O 776 0.10 -46.14 4.23
CA SER O 776 1.27 -46.69 4.92
C SER O 776 0.96 -48.05 5.54
N MET O 777 -0.21 -48.15 6.19
CA MET O 777 -0.58 -49.43 6.80
C MET O 777 -0.72 -50.52 5.75
N LEU O 778 -1.32 -50.19 4.60
CA LEU O 778 -1.45 -51.17 3.52
C LEU O 778 -0.08 -51.62 3.03
N ALA O 779 0.86 -50.68 2.90
CA ALA O 779 2.20 -51.04 2.44
C ALA O 779 2.86 -52.02 3.41
N GLN O 780 2.80 -51.73 4.70
CA GLN O 780 3.44 -52.63 5.67
C GLN O 780 2.74 -53.99 5.70
N ALA O 781 1.42 -54.01 5.59
CA ALA O 781 0.68 -55.27 5.57
C ALA O 781 1.09 -56.12 4.38
N ASN O 782 1.24 -55.51 3.20
CA ASN O 782 1.74 -56.25 2.05
C ASN O 782 3.16 -56.75 2.29
N SER O 783 3.99 -55.95 2.96
CA SER O 783 5.39 -56.32 3.16
C SER O 783 5.53 -57.56 4.03
N LEU O 784 4.80 -57.63 5.15
CA LEU O 784 5.15 -58.57 6.21
C LEU O 784 5.14 -60.04 5.79
N PRO O 785 4.08 -60.58 5.17
CA PRO O 785 3.90 -62.05 5.23
C PRO O 785 4.90 -62.85 4.40
N GLN O 786 5.06 -62.50 3.12
CA GLN O 786 6.03 -63.19 2.26
C GLN O 786 7.41 -63.20 2.88
N MET O 787 7.87 -62.03 3.35
CA MET O 787 9.22 -61.94 3.92
C MET O 787 9.35 -62.83 5.15
N ALA O 788 8.41 -62.73 6.09
CA ALA O 788 8.53 -63.49 7.32
C ALA O 788 8.52 -65.00 7.04
N LEU O 789 7.57 -65.45 6.22
CA LEU O 789 7.44 -66.89 6.00
C LEU O 789 8.62 -67.44 5.21
N SER O 790 9.05 -66.71 4.16
CA SER O 790 10.23 -67.16 3.42
C SER O 790 11.47 -67.16 4.30
N LEU O 791 11.53 -66.27 5.29
CA LEU O 791 12.59 -66.37 6.28
C LEU O 791 12.48 -67.66 7.06
N LEU O 792 11.25 -68.05 7.44
CA LEU O 792 11.08 -69.32 8.14
C LEU O 792 11.46 -70.50 7.26
N GLY O 793 11.08 -70.46 5.99
CA GLY O 793 11.29 -71.56 5.07
C GLY O 793 12.74 -71.96 4.85
N ALA P 2 21.02 -121.93 15.64
CA ALA P 2 22.28 -122.01 14.94
C ALA P 2 22.31 -121.06 13.75
N MET P 3 23.51 -120.76 13.26
CA MET P 3 23.68 -119.94 12.08
C MET P 3 23.15 -120.68 10.85
N TYR P 4 22.37 -119.98 10.05
CA TYR P 4 21.79 -120.53 8.82
C TYR P 4 22.29 -119.75 7.61
N ILE P 5 21.86 -120.20 6.43
CA ILE P 5 22.09 -119.52 5.16
C ILE P 5 20.75 -119.47 4.44
N ASN P 6 20.55 -118.43 3.62
CA ASN P 6 19.35 -118.25 2.80
C ASN P 6 18.16 -117.79 3.64
N THR P 7 18.43 -117.27 4.84
CA THR P 7 17.38 -116.89 5.78
C THR P 7 17.71 -115.57 6.48
N ASN P 8 18.07 -114.54 5.71
CA ASN P 8 18.40 -113.22 6.28
C ASN P 8 17.11 -112.40 6.42
N VAL P 9 16.36 -112.72 7.48
CA VAL P 9 15.08 -112.04 7.73
C VAL P 9 15.24 -110.55 8.04
N PRO P 10 16.18 -110.12 8.89
CA PRO P 10 16.28 -108.68 9.17
C PRO P 10 16.48 -107.84 7.94
N SER P 11 17.08 -108.38 6.89
CA SER P 11 17.15 -107.68 5.62
C SER P 11 15.76 -107.32 5.11
N LEU P 12 14.85 -108.29 5.08
CA LEU P 12 13.48 -108.03 4.62
C LEU P 12 12.77 -107.05 5.54
N THR P 13 12.96 -107.18 6.85
CA THR P 13 12.32 -106.26 7.78
C THR P 13 12.77 -104.82 7.54
N ALA P 14 14.08 -104.61 7.44
CA ALA P 14 14.61 -103.27 7.18
C ALA P 14 14.16 -102.75 5.84
N GLN P 15 14.06 -103.63 4.83
CA GLN P 15 13.57 -103.21 3.52
C GLN P 15 12.15 -102.67 3.62
N ARG P 16 11.27 -103.38 4.34
CA ARG P 16 9.89 -102.92 4.48
C ARG P 16 9.85 -101.57 5.18
N TYR P 17 10.59 -101.43 6.29
CA TYR P 17 10.54 -100.18 7.06
C TYR P 17 11.06 -99.01 6.23
N LEU P 18 12.17 -99.22 5.52
CA LEU P 18 12.69 -98.19 4.62
C LEU P 18 11.67 -97.85 3.53
N GLY P 19 10.91 -98.85 3.08
CA GLY P 19 9.89 -98.58 2.07
C GLY P 19 8.84 -97.59 2.56
N GLU P 20 8.29 -97.84 3.75
CA GLU P 20 7.25 -96.90 4.19
C GLU P 20 7.85 -95.53 4.53
N THR P 21 9.09 -95.51 5.05
CA THR P 21 9.71 -94.22 5.34
C THR P 21 9.89 -93.40 4.06
N ASN P 22 10.34 -94.06 2.99
CA ASN P 22 10.53 -93.35 1.72
C ASN P 22 9.19 -92.87 1.15
N ASN P 23 8.15 -93.68 1.28
CA ASN P 23 6.84 -93.25 0.80
C ASN P 23 6.35 -92.01 1.56
N ALA P 24 6.55 -92.00 2.87
CA ALA P 24 6.16 -90.82 3.66
C ALA P 24 6.96 -89.59 3.23
N VAL P 25 8.27 -89.77 2.98
CA VAL P 25 9.09 -88.64 2.52
C VAL P 25 8.56 -88.10 1.21
N SER P 26 8.20 -88.99 0.29
CA SER P 26 7.69 -88.55 -1.01
C SER P 26 6.39 -87.77 -0.86
N LYS P 27 5.48 -88.26 -0.01
CA LYS P 27 4.23 -87.54 0.21
C LYS P 27 4.48 -86.15 0.79
N SER P 28 5.37 -86.05 1.78
CA SER P 28 5.65 -84.75 2.38
C SER P 28 6.25 -83.79 1.36
N LEU P 29 7.18 -84.29 0.53
CA LEU P 29 7.79 -83.43 -0.48
C LEU P 29 6.77 -82.94 -1.48
N GLU P 30 5.88 -83.82 -1.95
CA GLU P 30 4.87 -83.40 -2.91
C GLU P 30 3.94 -82.37 -2.30
N ARG P 31 3.51 -82.59 -1.04
CA ARG P 31 2.61 -81.64 -0.39
C ARG P 31 3.27 -80.27 -0.26
N LEU P 32 4.52 -80.22 0.19
CA LEU P 32 5.19 -78.94 0.37
C LEU P 32 5.40 -78.24 -0.97
N SER P 33 5.78 -79.00 -2.00
CA SER P 33 5.99 -78.39 -3.32
C SER P 33 4.69 -77.81 -3.87
N SER P 34 3.58 -78.55 -3.74
CA SER P 34 2.31 -78.05 -4.25
C SER P 34 1.82 -76.85 -3.45
N GLY P 35 2.07 -76.85 -2.14
CA GLY P 35 1.59 -75.77 -1.31
C GLY P 35 0.13 -75.85 -0.94
N LEU P 36 -0.48 -77.02 -1.07
CA LEU P 36 -1.86 -77.25 -0.68
C LEU P 36 -1.93 -78.50 0.20
N ARG P 37 -2.96 -78.56 1.05
CA ARG P 37 -3.18 -79.76 1.86
C ARG P 37 -3.66 -80.91 0.99
N ILE P 38 -4.81 -80.75 0.36
CA ILE P 38 -5.55 -81.90 -0.15
C ILE P 38 -4.92 -82.42 -1.43
N ASN P 39 -4.92 -81.63 -2.50
CA ASN P 39 -4.58 -82.10 -3.84
C ASN P 39 -5.39 -83.35 -4.17
N SER P 40 -4.98 -84.09 -5.19
CA SER P 40 -5.50 -85.43 -5.48
C SER P 40 -7.00 -85.55 -5.30
N ALA P 41 -7.46 -86.70 -4.79
CA ALA P 41 -8.83 -86.84 -4.33
C ALA P 41 -8.96 -87.65 -3.06
N SER P 42 -7.87 -88.19 -2.50
CA SER P 42 -7.95 -89.18 -1.44
C SER P 42 -7.48 -88.66 -0.09
N ASP P 43 -6.81 -87.51 -0.02
CA ASP P 43 -6.39 -86.99 1.28
C ASP P 43 -7.59 -86.62 2.14
N ASP P 44 -8.64 -86.09 1.52
CA ASP P 44 -9.91 -85.82 2.19
C ASP P 44 -11.02 -85.81 1.17
N ALA P 45 -12.16 -86.38 1.51
CA ALA P 45 -13.28 -86.48 0.59
C ALA P 45 -14.37 -85.45 0.85
N SER P 46 -14.43 -84.88 2.05
CA SER P 46 -15.46 -83.91 2.41
C SER P 46 -15.11 -82.48 2.05
N GLY P 47 -13.82 -82.13 2.02
CA GLY P 47 -13.43 -80.77 1.73
C GLY P 47 -13.57 -80.37 0.27
N LEU P 48 -13.58 -81.34 -0.64
CA LEU P 48 -13.60 -81.03 -2.06
C LEU P 48 -14.88 -80.30 -2.46
N ALA P 49 -16.03 -80.86 -2.07
CA ALA P 49 -17.31 -80.25 -2.46
C ALA P 49 -17.48 -78.88 -1.81
N ILE P 50 -17.07 -78.75 -0.55
CA ILE P 50 -17.14 -77.46 0.14
C ILE P 50 -16.30 -76.42 -0.60
N SER P 51 -15.07 -76.79 -0.98
CA SER P 51 -14.20 -75.86 -1.69
C SER P 51 -14.80 -75.46 -3.04
N GLU P 52 -15.38 -76.43 -3.75
CA GLU P 52 -15.98 -76.13 -5.05
C GLU P 52 -17.14 -75.14 -4.89
N LYS P 53 -18.02 -75.39 -3.92
CA LYS P 53 -19.14 -74.49 -3.70
C LYS P 53 -18.67 -73.09 -3.34
N LEU P 54 -17.67 -73.01 -2.45
CA LEU P 54 -17.18 -71.71 -2.01
C LEU P 54 -16.55 -70.93 -3.15
N ARG P 55 -15.74 -71.60 -3.99
CA ARG P 55 -15.10 -70.89 -5.10
C ARG P 55 -16.14 -70.40 -6.11
N GLY P 56 -17.15 -71.22 -6.39
CA GLY P 56 -18.22 -70.77 -7.27
C GLY P 56 -18.93 -69.55 -6.74
N GLN P 57 -19.25 -69.56 -5.44
CA GLN P 57 -19.91 -68.40 -4.83
C GLN P 57 -19.03 -67.16 -4.89
N ILE P 58 -17.73 -67.31 -4.67
CA ILE P 58 -16.82 -66.17 -4.70
C ILE P 58 -16.79 -65.54 -6.09
N SER P 59 -16.72 -66.39 -7.13
CA SER P 59 -16.74 -65.88 -8.49
C SER P 59 -18.03 -65.12 -8.78
N GLY P 60 -19.17 -65.69 -8.36
CA GLY P 60 -20.43 -64.98 -8.53
C GLY P 60 -20.45 -63.63 -7.83
N LEU P 61 -19.86 -63.57 -6.63
CA LEU P 61 -19.81 -62.31 -5.90
C LEU P 61 -19.01 -61.26 -6.65
N LYS P 62 -17.87 -61.65 -7.22
CA LYS P 62 -17.08 -60.69 -8.00
C LYS P 62 -17.88 -60.17 -9.20
N ARG P 63 -18.58 -61.08 -9.89
CA ARG P 63 -19.38 -60.66 -11.04
C ARG P 63 -20.44 -59.64 -10.64
N ALA P 64 -21.15 -59.91 -9.54
CA ALA P 64 -22.17 -58.96 -9.09
C ALA P 64 -21.55 -57.62 -8.70
N SER P 65 -20.36 -57.67 -8.09
CA SER P 65 -19.68 -56.44 -7.71
C SER P 65 -19.41 -55.55 -8.91
N LEU P 66 -18.97 -56.14 -10.02
CA LEU P 66 -18.80 -55.34 -11.23
C LEU P 66 -20.14 -54.83 -11.77
N ASN P 67 -21.16 -55.71 -11.76
CA ASN P 67 -22.45 -55.37 -12.35
C ASN P 67 -23.08 -54.16 -11.68
N ALA P 68 -22.86 -53.97 -10.38
CA ALA P 68 -23.50 -52.85 -9.68
C ALA P 68 -23.09 -51.50 -10.26
N GLN P 69 -21.79 -51.25 -10.37
CA GLN P 69 -21.32 -49.99 -10.92
C GLN P 69 -21.70 -49.85 -12.40
N ASP P 70 -21.60 -50.98 -13.14
CA ASP P 70 -22.05 -50.95 -14.53
C ASP P 70 -23.48 -50.45 -14.64
N GLY P 71 -24.33 -50.85 -13.68
CA GLY P 71 -25.70 -50.34 -13.66
C GLY P 71 -25.79 -48.88 -13.30
N ILE P 72 -24.99 -48.44 -12.31
CA ILE P 72 -25.16 -47.08 -11.78
C ILE P 72 -24.84 -46.01 -12.83
N SER P 73 -23.92 -46.31 -13.76
CA SER P 73 -23.51 -45.29 -14.74
C SER P 73 -24.70 -44.78 -15.56
N LEU P 74 -25.58 -45.69 -15.99
CA LEU P 74 -26.70 -45.33 -16.85
C LEU P 74 -27.64 -44.35 -16.16
N LEU P 75 -27.95 -44.61 -14.89
CA LEU P 75 -28.81 -43.72 -14.13
C LEU P 75 -28.18 -42.34 -13.99
N GLN P 76 -26.87 -42.28 -13.77
CA GLN P 76 -26.23 -40.97 -13.69
C GLN P 76 -26.40 -40.19 -15.00
N THR P 77 -26.23 -40.87 -16.14
CA THR P 77 -26.39 -40.19 -17.43
C THR P 77 -27.81 -39.65 -17.60
N ALA P 78 -28.81 -40.48 -17.29
CA ALA P 78 -30.19 -40.04 -17.43
C ALA P 78 -30.49 -38.84 -16.52
N GLU P 79 -29.94 -38.85 -15.31
CA GLU P 79 -30.12 -37.72 -14.41
C GLU P 79 -29.56 -36.44 -14.99
N GLY P 80 -28.37 -36.51 -15.60
CA GLY P 80 -27.81 -35.31 -16.22
C GLY P 80 -28.70 -34.75 -17.32
N GLY P 81 -29.20 -35.63 -18.19
CA GLY P 81 -30.09 -35.17 -19.25
C GLY P 81 -31.34 -34.50 -18.71
N LEU P 82 -31.97 -35.12 -17.70
CA LEU P 82 -33.18 -34.53 -17.13
C LEU P 82 -32.89 -33.20 -16.47
N GLN P 83 -31.71 -33.04 -15.87
CA GLN P 83 -31.34 -31.75 -15.30
C GLN P 83 -31.29 -30.67 -16.37
N ASN P 84 -30.70 -30.99 -17.52
CA ASN P 84 -30.63 -29.99 -18.59
C ASN P 84 -32.04 -29.60 -19.05
N ILE P 85 -32.93 -30.58 -19.21
CA ILE P 85 -34.31 -30.26 -19.61
C ILE P 85 -34.99 -29.35 -18.59
N GLN P 86 -34.83 -29.67 -17.30
CA GLN P 86 -35.42 -28.85 -16.25
C GLN P 86 -34.86 -27.44 -16.28
N ASP P 87 -33.58 -27.30 -16.63
CA ASP P 87 -33.01 -25.96 -16.76
C ASP P 87 -33.69 -25.17 -17.86
N MET P 88 -33.95 -25.79 -19.01
CA MET P 88 -34.59 -25.04 -20.10
C MET P 88 -36.02 -24.62 -19.75
N LEU P 89 -36.76 -25.49 -19.06
CA LEU P 89 -38.18 -25.20 -18.83
C LEU P 89 -38.38 -23.92 -18.01
N GLN P 90 -37.42 -23.59 -17.14
CA GLN P 90 -37.59 -22.41 -16.30
C GLN P 90 -37.44 -21.12 -17.10
N ARG P 91 -36.49 -21.09 -18.03
CA ARG P 91 -36.41 -19.95 -18.95
C ARG P 91 -37.68 -19.86 -19.79
N MET P 92 -38.25 -21.00 -20.16
CA MET P 92 -39.54 -20.96 -20.84
C MET P 92 -40.60 -20.27 -19.98
N ARG P 93 -40.63 -20.61 -18.68
CA ARG P 93 -41.63 -20.00 -17.79
C ARG P 93 -41.42 -18.50 -17.65
N GLU P 94 -40.16 -18.08 -17.51
CA GLU P 94 -39.88 -16.64 -17.37
C GLU P 94 -40.29 -15.88 -18.63
N LEU P 95 -39.94 -16.41 -19.79
CA LEU P 95 -40.38 -15.73 -21.02
C LEU P 95 -41.89 -15.81 -21.19
N ALA P 96 -42.54 -16.80 -20.58
CA ALA P 96 -44.00 -16.84 -20.60
C ALA P 96 -44.60 -15.70 -19.80
N VAL P 97 -44.12 -15.50 -18.57
CA VAL P 97 -44.63 -14.41 -17.76
C VAL P 97 -44.22 -13.06 -18.35
N GLN P 98 -43.19 -13.03 -19.19
CA GLN P 98 -42.85 -11.80 -19.90
C GLN P 98 -44.04 -11.26 -20.68
N ALA P 99 -44.51 -12.01 -21.67
CA ALA P 99 -45.66 -11.60 -22.46
C ALA P 99 -46.94 -11.76 -21.65
N GLY P 100 -47.86 -10.82 -21.86
CA GLY P 100 -49.10 -10.79 -21.12
C GLY P 100 -49.46 -9.39 -20.67
N ASN P 101 -48.52 -8.48 -20.88
CA ASN P 101 -48.73 -7.07 -20.57
C ASN P 101 -49.38 -6.37 -21.76
N GLY P 102 -50.29 -5.44 -21.48
CA GLY P 102 -50.75 -4.64 -22.59
C GLY P 102 -49.99 -3.35 -22.73
N VAL P 103 -48.89 -3.39 -23.47
CA VAL P 103 -48.24 -2.21 -24.03
C VAL P 103 -47.85 -2.60 -25.45
N TYR P 104 -47.85 -3.90 -25.71
CA TYR P 104 -47.23 -4.49 -26.88
C TYR P 104 -48.25 -4.71 -27.99
N THR P 105 -47.82 -4.52 -29.23
CA THR P 105 -48.64 -4.78 -30.40
C THR P 105 -48.60 -6.28 -30.72
N THR P 106 -49.17 -6.66 -31.86
CA THR P 106 -49.23 -8.06 -32.25
C THR P 106 -47.97 -8.55 -32.95
N ASN P 107 -46.97 -7.69 -33.15
CA ASN P 107 -45.70 -8.09 -33.75
C ASN P 107 -44.65 -8.49 -32.73
N ASP P 108 -44.65 -7.84 -31.56
CA ASP P 108 -43.72 -8.23 -30.51
C ASP P 108 -44.00 -9.65 -30.02
N ARG P 109 -45.29 -9.99 -29.89
CA ARG P 109 -45.65 -11.35 -29.48
C ARG P 109 -45.24 -12.38 -30.52
N ALA P 110 -45.31 -12.02 -31.81
CA ALA P 110 -44.81 -12.92 -32.85
C ALA P 110 -43.30 -13.09 -32.75
N GLU P 111 -42.59 -12.00 -32.48
CA GLU P 111 -41.14 -12.08 -32.26
C GLU P 111 -40.82 -13.01 -31.09
N ILE P 112 -41.61 -12.96 -30.03
CA ILE P 112 -41.43 -13.90 -28.91
C ILE P 112 -41.75 -15.32 -29.35
N GLN P 113 -42.81 -15.48 -30.16
CA GLN P 113 -43.30 -16.80 -30.54
C GLN P 113 -42.27 -17.57 -31.35
N LYS P 114 -41.56 -16.87 -32.25
CA LYS P 114 -40.55 -17.56 -33.06
C LYS P 114 -39.49 -18.22 -32.17
N GLU P 115 -38.96 -17.46 -31.21
CA GLU P 115 -37.92 -18.01 -30.35
C GLU P 115 -38.48 -19.07 -29.40
N VAL P 116 -39.74 -18.93 -28.98
CA VAL P 116 -40.35 -19.97 -28.16
C VAL P 116 -40.45 -21.27 -28.95
N ASP P 117 -40.85 -21.19 -30.22
CA ASP P 117 -40.93 -22.39 -31.05
C ASP P 117 -39.55 -23.01 -31.24
N GLN P 118 -38.52 -22.18 -31.43
CA GLN P 118 -37.17 -22.71 -31.56
C GLN P 118 -36.74 -23.45 -30.28
N LEU P 119 -37.08 -22.88 -29.11
CA LEU P 119 -36.76 -23.55 -27.86
C LEU P 119 -37.47 -24.89 -27.74
N LYS P 120 -38.74 -24.94 -28.15
CA LYS P 120 -39.47 -26.20 -28.13
C LYS P 120 -38.82 -27.23 -29.05
N GLU P 121 -38.37 -26.81 -30.22
CA GLU P 121 -37.67 -27.73 -31.12
C GLU P 121 -36.40 -28.25 -30.48
N GLU P 122 -35.64 -27.38 -29.81
CA GLU P 122 -34.42 -27.81 -29.14
C GLU P 122 -34.73 -28.82 -28.03
N ILE P 123 -35.79 -28.58 -27.25
CA ILE P 123 -36.11 -29.50 -26.17
C ILE P 123 -36.55 -30.86 -26.73
N ASN P 124 -37.25 -30.85 -27.87
CA ASN P 124 -37.59 -32.12 -28.51
C ASN P 124 -36.35 -32.85 -28.98
N ARG P 125 -35.39 -32.12 -29.54
CA ARG P 125 -34.14 -32.75 -29.98
C ARG P 125 -33.40 -33.37 -28.81
N ILE P 126 -33.29 -32.66 -27.69
CA ILE P 126 -32.58 -33.22 -26.55
C ILE P 126 -33.36 -34.38 -25.94
N ALA P 127 -34.68 -34.36 -26.05
CA ALA P 127 -35.47 -35.52 -25.61
C ALA P 127 -35.18 -36.74 -26.47
N SER P 128 -34.99 -36.55 -27.76
CA SER P 128 -34.81 -37.67 -28.68
C SER P 128 -33.35 -37.98 -28.98
N SER P 129 -32.39 -37.31 -28.32
CA SER P 129 -30.98 -37.48 -28.67
C SER P 129 -30.17 -38.30 -27.67
N THR P 130 -30.72 -38.60 -26.49
CA THR P 130 -29.95 -39.33 -25.48
C THR P 130 -29.65 -40.75 -25.95
N GLU P 131 -28.47 -41.25 -25.56
CA GLU P 131 -27.95 -42.49 -26.12
C GLU P 131 -27.02 -43.18 -25.13
N PHE P 132 -27.05 -44.52 -25.12
CA PHE P 132 -26.09 -45.30 -24.35
C PHE P 132 -26.00 -46.69 -24.98
N ASN P 133 -24.87 -46.97 -25.62
CA ASN P 133 -24.59 -48.29 -26.20
C ASN P 133 -25.70 -48.74 -27.14
N THR P 134 -26.07 -47.85 -28.07
CA THR P 134 -27.09 -48.12 -29.08
C THR P 134 -28.41 -48.56 -28.43
N LYS P 135 -28.79 -47.89 -27.35
CA LYS P 135 -30.04 -48.17 -26.64
C LYS P 135 -30.60 -46.83 -26.14
N LYS P 136 -31.54 -46.28 -26.89
CA LYS P 136 -32.13 -44.99 -26.52
C LYS P 136 -32.92 -45.12 -25.22
N LEU P 137 -32.78 -44.11 -24.37
CA LEU P 137 -33.30 -44.17 -23.01
C LEU P 137 -34.63 -43.45 -22.84
N LEU P 138 -34.66 -42.15 -23.14
CA LEU P 138 -35.79 -41.33 -22.73
C LEU P 138 -37.01 -41.47 -23.63
N ASN P 139 -36.83 -42.00 -24.85
CA ASN P 139 -37.93 -42.08 -25.79
C ASN P 139 -38.72 -43.39 -25.64
N GLY P 140 -39.08 -43.74 -24.41
CA GLY P 140 -40.00 -44.84 -24.16
C GLY P 140 -39.55 -46.17 -24.70
N ASP P 141 -38.26 -46.37 -24.92
CA ASP P 141 -37.73 -47.64 -25.41
C ASP P 141 -37.15 -48.48 -24.28
N SER P 142 -37.33 -48.06 -23.03
CA SER P 142 -36.87 -48.84 -21.89
C SER P 142 -37.98 -49.47 -21.08
N THR P 143 -39.25 -49.15 -21.35
CA THR P 143 -40.37 -49.73 -20.62
C THR P 143 -41.27 -50.58 -21.52
N ALA P 144 -41.77 -50.02 -22.63
CA ALA P 144 -42.78 -50.69 -23.42
C ALA P 144 -42.53 -50.47 -24.91
N LEU P 145 -43.46 -50.98 -25.71
CA LEU P 145 -43.41 -50.88 -27.17
C LEU P 145 -44.82 -51.09 -27.68
N TRP P 146 -45.36 -50.09 -28.36
CA TRP P 146 -46.75 -50.10 -28.80
C TRP P 146 -46.84 -49.82 -30.29
N SER P 147 -47.94 -50.28 -30.89
CA SER P 147 -48.20 -50.07 -32.30
C SER P 147 -49.70 -50.21 -32.57
N SER P 148 -50.17 -49.50 -33.60
CA SER P 148 -51.56 -49.56 -34.00
C SER P 148 -51.66 -49.22 -35.48
N ASP P 149 -52.79 -49.59 -36.09
CA ASP P 149 -53.00 -49.39 -37.51
C ASP P 149 -53.76 -48.10 -37.84
N SER P 150 -54.76 -47.74 -37.06
CA SER P 150 -55.49 -46.51 -37.29
C SER P 150 -54.56 -45.32 -37.08
N SER P 151 -54.62 -44.35 -38.01
CA SER P 151 -53.70 -43.23 -38.03
C SER P 151 -54.22 -42.02 -37.26
N ASP P 152 -55.10 -42.22 -36.29
CA ASP P 152 -55.62 -41.16 -35.44
C ASP P 152 -55.65 -41.60 -33.99
N LEU P 153 -54.62 -42.33 -33.58
CA LEU P 153 -54.52 -42.84 -32.22
C LEU P 153 -53.12 -42.58 -31.70
N ASP P 154 -53.02 -42.04 -30.49
CA ASP P 154 -51.74 -41.78 -29.85
C ASP P 154 -51.67 -42.54 -28.54
N VAL P 155 -50.46 -42.94 -28.15
CA VAL P 155 -50.26 -43.67 -26.91
C VAL P 155 -49.11 -43.03 -26.15
N VAL P 156 -49.31 -42.76 -24.87
CA VAL P 156 -48.28 -42.21 -24.00
C VAL P 156 -48.10 -43.12 -22.79
N ILE P 157 -46.83 -43.35 -22.43
CA ILE P 157 -46.45 -44.37 -21.45
C ILE P 157 -45.99 -43.69 -20.18
N LYS P 158 -46.50 -44.18 -19.04
CA LYS P 158 -46.10 -43.68 -17.73
C LYS P 158 -45.38 -44.74 -16.90
N SER P 159 -46.00 -45.90 -16.71
CA SER P 159 -45.44 -46.94 -15.86
C SER P 159 -45.43 -48.28 -16.57
N ALA P 160 -45.17 -49.35 -15.83
CA ALA P 160 -45.12 -50.69 -16.41
C ALA P 160 -46.46 -51.07 -17.03
N VAL P 161 -46.39 -51.67 -18.21
CA VAL P 161 -47.57 -52.17 -18.91
C VAL P 161 -47.59 -53.68 -18.76
N ALA P 162 -48.74 -54.29 -19.07
CA ALA P 162 -48.77 -55.74 -18.92
C ALA P 162 -48.47 -56.47 -20.22
N GLU P 163 -49.42 -56.48 -21.16
CA GLU P 163 -49.35 -57.26 -22.40
C GLU P 163 -50.56 -57.02 -23.29
N GLY P 164 -50.59 -57.69 -24.44
CA GLY P 164 -51.83 -58.08 -25.07
C GLY P 164 -52.19 -57.25 -26.29
N ASN P 165 -53.19 -57.77 -27.00
CA ASN P 165 -53.86 -57.07 -28.10
C ASN P 165 -55.26 -56.70 -27.64
N TYR P 166 -55.72 -55.51 -28.01
CA TYR P 166 -56.96 -54.97 -27.50
C TYR P 166 -57.87 -54.52 -28.63
N ASN P 167 -59.18 -54.50 -28.33
CA ASN P 167 -60.20 -54.01 -29.24
C ASN P 167 -61.00 -52.93 -28.53
N LEU P 168 -61.20 -51.81 -29.22
CA LEU P 168 -61.83 -50.63 -28.64
C LEU P 168 -63.08 -50.25 -29.42
N ASN P 169 -64.14 -49.92 -28.70
CA ASN P 169 -65.41 -49.52 -29.28
C ASN P 169 -65.73 -48.11 -28.80
N VAL P 170 -66.08 -47.22 -29.73
CA VAL P 170 -66.21 -45.79 -29.45
C VAL P 170 -67.57 -45.30 -29.94
N THR P 171 -68.22 -44.48 -29.10
CA THR P 171 -69.47 -43.83 -29.44
C THR P 171 -69.36 -42.36 -29.06
N VAL P 172 -69.94 -41.48 -29.87
CA VAL P 172 -69.70 -40.04 -29.77
C VAL P 172 -71.03 -39.31 -29.53
N ASP P 173 -70.95 -38.18 -28.83
CA ASP P 173 -72.06 -37.25 -28.65
C ASP P 173 -71.52 -35.85 -28.90
N PRO P 174 -72.00 -35.14 -29.92
CA PRO P 174 -71.30 -33.95 -30.41
C PRO P 174 -71.42 -32.74 -29.50
N GLY P 175 -70.62 -31.73 -29.82
CA GLY P 175 -70.60 -30.47 -29.09
C GLY P 175 -70.94 -29.27 -29.96
N LYS P 176 -70.18 -28.18 -29.81
CA LYS P 176 -70.46 -26.92 -30.51
C LYS P 176 -69.14 -26.34 -31.03
N ASN P 177 -69.26 -25.27 -31.82
CA ASN P 177 -68.09 -24.62 -32.41
C ASN P 177 -68.10 -23.11 -32.19
N PHE P 178 -67.17 -22.41 -32.82
CA PHE P 178 -67.01 -20.96 -32.66
C PHE P 178 -67.54 -20.24 -33.89
N VAL P 179 -68.19 -19.10 -33.66
CA VAL P 179 -68.69 -18.24 -34.73
C VAL P 179 -68.31 -16.81 -34.41
N TYR P 180 -67.57 -16.17 -35.34
CA TYR P 180 -67.13 -14.79 -35.23
C TYR P 180 -67.86 -13.91 -36.24
N LYS P 181 -68.02 -12.64 -35.87
CA LYS P 181 -68.70 -11.65 -36.70
C LYS P 181 -67.87 -10.38 -36.78
N SER P 182 -67.86 -9.77 -37.96
CA SER P 182 -67.07 -8.57 -38.24
C SER P 182 -67.95 -7.33 -38.16
N ASP P 183 -67.37 -6.17 -38.46
CA ASP P 183 -68.05 -4.89 -38.30
C ASP P 183 -68.83 -4.51 -39.55
N VAL P 184 -69.43 -3.32 -39.50
CA VAL P 184 -70.14 -2.71 -40.62
C VAL P 184 -69.14 -1.95 -41.47
N MET P 185 -69.36 -1.93 -42.77
CA MET P 185 -68.50 -1.21 -43.71
C MET P 185 -69.33 -0.21 -44.49
N THR P 186 -68.71 0.93 -44.82
CA THR P 186 -69.43 2.07 -45.37
C THR P 186 -68.53 2.78 -46.37
N LEU P 187 -69.16 3.39 -47.37
CA LEU P 187 -68.48 4.10 -48.45
C LEU P 187 -68.07 5.49 -48.02
N ASN P 188 -66.99 5.99 -48.63
CA ASN P 188 -66.55 7.35 -48.38
C ASN P 188 -67.43 8.33 -49.15
N GLU P 189 -67.36 9.60 -48.74
CA GLU P 189 -68.27 10.62 -49.24
C GLU P 189 -67.87 11.20 -50.59
N ASP P 190 -66.65 10.93 -51.06
CA ASP P 190 -66.26 11.42 -52.38
C ASP P 190 -67.08 10.74 -53.48
N ALA P 191 -67.40 9.47 -53.30
CA ALA P 191 -68.17 8.72 -54.28
C ALA P 191 -69.67 8.95 -54.09
N ILE P 192 -70.49 8.08 -54.69
CA ILE P 192 -71.95 8.12 -54.62
C ILE P 192 -72.47 9.26 -55.48
N GLY P 193 -73.41 8.96 -56.38
CA GLY P 193 -73.96 9.96 -57.27
C GLY P 193 -74.13 9.45 -58.70
N ALA P 194 -75.32 9.63 -59.25
CA ALA P 194 -75.59 9.26 -60.63
C ALA P 194 -75.61 10.50 -61.52
N GLU P 195 -75.05 10.34 -62.72
CA GLU P 195 -74.87 11.47 -63.62
C GLU P 195 -75.17 11.03 -65.05
N ILE P 196 -75.17 11.99 -65.95
CA ILE P 196 -75.45 11.78 -67.36
C ILE P 196 -74.21 12.17 -68.16
N VAL P 197 -73.76 11.29 -69.04
CA VAL P 197 -72.58 11.51 -69.86
C VAL P 197 -72.95 11.34 -71.32
N THR P 198 -72.17 11.97 -72.19
CA THR P 198 -72.35 11.91 -73.63
C THR P 198 -71.01 11.49 -74.25
N ALA P 199 -70.78 10.19 -74.31
CA ALA P 199 -69.59 9.63 -74.96
C ALA P 199 -69.97 8.73 -76.14
N GLY P 200 -70.87 7.78 -75.92
CA GLY P 200 -71.29 6.91 -77.01
C GLY P 200 -72.06 7.65 -78.08
N GLY P 201 -72.95 8.56 -77.68
CA GLY P 201 -73.65 9.41 -78.62
C GLY P 201 -75.14 9.20 -78.68
N ASP P 202 -75.89 10.16 -78.13
CA ASP P 202 -77.34 10.20 -78.27
C ASP P 202 -77.81 11.58 -77.83
N VAL P 203 -79.03 11.93 -78.22
CA VAL P 203 -79.63 13.21 -77.87
C VAL P 203 -80.82 12.94 -76.96
N ASN P 204 -81.02 13.83 -76.00
CA ASN P 204 -82.07 13.68 -75.00
C ASN P 204 -83.42 13.95 -75.66
N GLU P 205 -84.16 12.89 -75.98
CA GLU P 205 -85.50 13.03 -76.54
C GLU P 205 -86.58 13.07 -75.48
N THR P 206 -86.23 12.89 -74.22
CA THR P 206 -87.21 12.80 -73.14
C THR P 206 -87.05 14.00 -72.20
N ASN P 207 -87.80 13.98 -71.10
CA ASN P 207 -87.91 15.12 -70.22
C ASN P 207 -87.43 14.79 -68.80
N VAL P 208 -86.31 14.10 -68.68
CA VAL P 208 -85.73 13.74 -67.39
C VAL P 208 -84.75 14.83 -66.99
N GLY P 209 -84.99 15.45 -65.84
CA GLY P 209 -84.10 16.48 -65.34
C GLY P 209 -82.75 15.94 -64.93
N PHE P 210 -82.75 15.04 -63.95
CA PHE P 210 -81.53 14.42 -63.46
C PHE P 210 -81.90 13.21 -62.60
N VAL P 211 -80.89 12.66 -61.94
CA VAL P 211 -81.06 11.47 -61.11
C VAL P 211 -80.47 11.79 -59.74
N THR P 212 -81.08 11.24 -58.70
CA THR P 212 -80.73 11.59 -57.33
C THR P 212 -80.74 10.34 -56.46
N ASP P 213 -79.86 10.36 -55.44
CA ASP P 213 -79.83 9.39 -54.36
C ASP P 213 -79.70 7.95 -54.83
N PRO P 214 -78.59 7.59 -55.47
CA PRO P 214 -78.29 6.16 -55.61
C PRO P 214 -77.89 5.56 -54.28
N ASN P 215 -78.24 4.30 -54.07
CA ASN P 215 -77.89 3.63 -52.82
C ASN P 215 -77.87 2.12 -53.08
N THR P 216 -76.66 1.54 -53.02
CA THR P 216 -76.45 0.09 -53.13
C THR P 216 -76.93 -0.47 -54.46
N LEU P 217 -76.79 0.32 -55.53
CA LEU P 217 -77.23 -0.06 -56.87
C LEU P 217 -76.13 -0.75 -57.68
N ALA P 218 -75.18 -1.39 -57.01
CA ALA P 218 -73.87 -1.75 -57.57
C ALA P 218 -73.07 -0.48 -57.80
N SER P 219 -72.01 -0.54 -58.59
CA SER P 219 -71.05 0.56 -58.62
C SER P 219 -70.20 0.49 -59.89
N THR P 220 -69.11 1.26 -59.88
CA THR P 220 -68.04 1.36 -60.87
C THR P 220 -68.45 2.13 -62.12
N GLY P 221 -69.73 2.40 -62.29
CA GLY P 221 -70.21 3.42 -63.20
C GLY P 221 -69.59 3.50 -64.59
N THR P 222 -68.96 2.42 -65.05
CA THR P 222 -68.31 2.43 -66.36
C THR P 222 -69.08 1.62 -67.40
N ALA P 223 -69.68 0.50 -66.99
CA ALA P 223 -70.65 -0.20 -67.81
C ALA P 223 -71.96 0.58 -67.72
N TYR P 224 -72.21 1.42 -68.71
CA TYR P 224 -73.28 2.40 -68.64
C TYR P 224 -74.65 1.71 -68.58
N TYR P 225 -75.66 2.50 -68.25
CA TYR P 225 -77.01 1.96 -68.07
C TYR P 225 -77.97 2.60 -69.06
N THR P 226 -78.87 1.79 -69.60
CA THR P 226 -79.88 2.22 -70.55
C THR P 226 -81.21 2.32 -69.82
N VAL P 227 -81.83 3.49 -69.89
CA VAL P 227 -82.94 3.86 -69.01
C VAL P 227 -84.19 4.23 -69.80
N ASP P 228 -84.46 3.48 -70.87
CA ASP P 228 -85.45 3.89 -71.86
C ASP P 228 -86.81 4.18 -71.24
N VAL P 229 -87.49 5.19 -71.77
CA VAL P 229 -88.82 5.59 -71.30
C VAL P 229 -89.71 5.74 -72.52
N THR P 230 -90.87 5.13 -72.50
CA THR P 230 -91.85 5.24 -73.57
C THR P 230 -93.17 5.79 -73.04
N ALA P 231 -93.91 6.47 -73.93
CA ALA P 231 -95.21 7.01 -73.59
C ALA P 231 -96.35 6.07 -73.97
N GLY P 232 -96.27 4.81 -73.54
CA GLY P 232 -97.38 3.89 -73.73
C GLY P 232 -97.34 3.06 -74.99
N ALA P 233 -97.31 1.73 -74.83
CA ALA P 233 -97.39 0.79 -75.95
C ALA P 233 -97.77 -0.58 -75.41
N ASP P 234 -98.61 -1.31 -76.14
CA ASP P 234 -99.16 -2.56 -75.63
C ASP P 234 -98.07 -3.56 -75.25
N THR P 235 -98.26 -4.23 -74.12
CA THR P 235 -97.26 -5.15 -73.58
C THR P 235 -97.94 -6.47 -73.26
N LEU P 236 -97.22 -7.57 -73.46
CA LEU P 236 -97.72 -8.89 -73.12
C LEU P 236 -96.83 -9.52 -72.03
N SER P 237 -97.46 -10.31 -71.17
CA SER P 237 -96.75 -10.92 -70.06
C SER P 237 -95.69 -11.90 -70.54
N SER P 238 -94.54 -11.92 -69.87
CA SER P 238 -93.45 -12.81 -70.21
C SER P 238 -92.46 -12.86 -69.05
N VAL P 239 -91.60 -13.88 -69.08
CA VAL P 239 -90.52 -14.01 -68.12
C VAL P 239 -89.24 -14.26 -68.89
N ALA P 240 -88.10 -13.95 -68.26
CA ALA P 240 -86.81 -14.06 -68.93
C ALA P 240 -85.85 -14.88 -68.09
N THR P 241 -85.13 -15.78 -68.75
CA THR P 241 -84.04 -16.51 -68.10
C THR P 241 -82.83 -15.60 -68.04
N MET P 242 -82.56 -15.03 -66.86
CA MET P 242 -81.62 -13.92 -66.80
C MET P 242 -80.23 -14.35 -66.34
N SER P 243 -80.12 -15.16 -65.29
CA SER P 243 -78.78 -15.56 -64.85
C SER P 243 -78.87 -16.86 -64.06
N VAL P 244 -77.72 -17.54 -63.96
CA VAL P 244 -77.56 -18.78 -63.20
C VAL P 244 -76.26 -18.71 -62.43
N TYR P 245 -76.11 -19.64 -61.48
CA TYR P 245 -74.91 -19.68 -60.64
C TYR P 245 -74.64 -21.10 -60.18
N ARG P 246 -73.39 -21.52 -60.34
CA ARG P 246 -72.92 -22.85 -59.95
C ARG P 246 -71.60 -22.70 -59.20
N GLN P 247 -71.33 -23.63 -58.29
CA GLN P 247 -70.06 -23.59 -57.54
C GLN P 247 -69.03 -24.48 -58.22
N ALA P 248 -69.25 -25.80 -58.18
CA ALA P 248 -68.52 -26.73 -59.01
C ALA P 248 -69.51 -27.57 -59.79
N GLY P 249 -70.46 -28.16 -59.06
CA GLY P 249 -71.61 -28.88 -59.60
C GLY P 249 -71.36 -29.73 -60.83
N SER P 250 -72.26 -29.61 -61.79
CA SER P 250 -72.15 -30.27 -63.08
C SER P 250 -73.02 -29.49 -64.07
N ASN P 251 -72.96 -29.88 -65.33
CA ASN P 251 -73.69 -29.16 -66.36
C ASN P 251 -75.20 -29.32 -66.20
N PHE P 252 -75.92 -28.22 -66.41
CA PHE P 252 -77.37 -28.27 -66.56
C PHE P 252 -77.83 -27.05 -67.36
N GLY P 253 -78.80 -27.25 -68.23
CA GLY P 253 -79.18 -26.24 -69.21
C GLY P 253 -79.98 -25.09 -68.64
N SER P 254 -80.50 -24.26 -69.53
CA SER P 254 -81.27 -23.08 -69.16
C SER P 254 -82.43 -22.95 -70.14
N VAL P 255 -83.06 -21.77 -70.16
CA VAL P 255 -84.17 -21.40 -71.03
C VAL P 255 -85.48 -21.88 -70.42
N ALA P 256 -86.38 -20.94 -70.14
CA ALA P 256 -87.68 -21.22 -69.56
C ALA P 256 -88.77 -20.96 -70.59
N THR P 257 -89.85 -21.74 -70.49
CA THR P 257 -90.98 -21.63 -71.41
C THR P 257 -92.28 -21.54 -70.61
N TRP P 258 -93.25 -20.84 -71.21
CA TRP P 258 -94.57 -20.59 -70.64
C TRP P 258 -95.61 -21.56 -71.20
N THR P 259 -96.83 -21.41 -70.68
CA THR P 259 -98.05 -21.88 -71.33
C THR P 259 -99.09 -20.76 -71.21
N THR P 260 -99.85 -20.54 -72.28
CA THR P 260 -100.86 -19.50 -72.25
C THR P 260 -101.99 -19.87 -71.29
N GLY P 261 -102.47 -18.86 -70.56
CA GLY P 261 -103.55 -19.01 -69.58
C GLY P 261 -103.21 -18.46 -68.21
N GLY P 262 -101.96 -18.59 -67.79
CA GLY P 262 -101.55 -18.08 -66.50
C GLY P 262 -101.48 -16.57 -66.47
N THR P 263 -101.40 -16.03 -65.26
CA THR P 263 -101.28 -14.60 -65.05
C THR P 263 -100.18 -14.31 -64.04
N VAL P 264 -99.65 -13.09 -64.12
CA VAL P 264 -98.59 -12.63 -63.23
C VAL P 264 -99.12 -11.46 -62.41
N ALA P 265 -98.67 -11.38 -61.16
CA ALA P 265 -99.21 -10.37 -60.25
C ALA P 265 -98.59 -9.00 -60.50
N ASP P 266 -97.26 -8.93 -60.57
CA ASP P 266 -96.59 -7.66 -60.74
C ASP P 266 -95.23 -7.89 -61.39
N SER P 267 -94.69 -6.84 -62.00
CA SER P 267 -93.32 -6.88 -62.51
C SER P 267 -92.34 -6.84 -61.33
N GLY P 268 -91.32 -7.69 -61.39
CA GLY P 268 -90.35 -7.76 -60.32
C GLY P 268 -89.21 -8.71 -60.58
N TYR P 269 -88.48 -9.09 -59.53
CA TYR P 269 -87.37 -10.01 -59.67
C TYR P 269 -87.65 -11.26 -58.85
N LEU P 270 -87.32 -12.41 -59.43
CA LEU P 270 -87.59 -13.71 -58.83
C LEU P 270 -86.30 -14.51 -58.78
N LEU P 271 -86.13 -15.30 -57.72
CA LEU P 271 -84.92 -16.09 -57.56
C LEU P 271 -85.27 -17.46 -57.00
N ILE P 272 -84.65 -18.49 -57.53
CA ILE P 272 -84.92 -19.86 -57.15
C ILE P 272 -83.61 -20.52 -56.73
N GLU P 273 -83.60 -21.08 -55.52
CA GLU P 273 -82.44 -21.80 -55.04
C GLU P 273 -82.86 -23.20 -54.60
N ALA P 274 -82.06 -24.18 -55.00
CA ALA P 274 -82.30 -25.57 -54.68
C ALA P 274 -81.76 -25.89 -53.29
N GLN P 275 -81.94 -27.14 -52.87
CA GLN P 275 -81.59 -27.58 -51.54
C GLN P 275 -80.80 -28.89 -51.47
N GLU P 276 -80.93 -29.78 -52.45
CA GLU P 276 -80.27 -31.08 -52.35
C GLU P 276 -79.69 -31.45 -53.71
N ASN P 277 -79.28 -32.71 -53.84
CA ASN P 277 -78.51 -33.20 -54.98
C ASN P 277 -79.35 -34.19 -55.78
N PHE P 278 -78.92 -34.46 -57.02
CA PHE P 278 -79.50 -35.56 -57.79
C PHE P 278 -78.61 -35.84 -58.99
N THR P 279 -78.31 -37.12 -59.23
CA THR P 279 -77.47 -37.54 -60.36
C THR P 279 -77.98 -38.82 -61.02
N VAL P 280 -79.28 -39.11 -60.93
CA VAL P 280 -79.80 -40.39 -61.39
C VAL P 280 -80.87 -40.13 -62.46
N SER P 281 -80.66 -39.09 -63.28
CA SER P 281 -81.64 -38.71 -64.28
C SER P 281 -81.53 -39.61 -65.50
N ALA P 282 -82.52 -40.49 -65.68
CA ALA P 282 -82.63 -41.32 -66.88
C ALA P 282 -84.06 -41.43 -67.39
N GLY P 283 -85.00 -40.70 -66.80
CA GLY P 283 -86.41 -40.78 -67.15
C GLY P 283 -87.21 -41.42 -66.03
N THR P 284 -87.79 -40.60 -65.16
CA THR P 284 -88.48 -41.07 -63.96
C THR P 284 -89.20 -39.91 -63.29
N THR P 285 -90.41 -40.15 -62.78
CA THR P 285 -91.09 -39.14 -61.99
C THR P 285 -90.47 -39.05 -60.60
N ALA P 286 -90.38 -37.83 -60.08
CA ALA P 286 -89.73 -37.58 -58.81
C ALA P 286 -90.17 -36.22 -58.29
N ASN P 287 -89.71 -35.90 -57.08
CA ASN P 287 -90.05 -34.63 -56.44
C ASN P 287 -88.87 -34.14 -55.63
N TYR P 288 -88.67 -32.82 -55.67
CA TYR P 288 -87.55 -32.17 -55.01
C TYR P 288 -88.00 -30.80 -54.55
N THR P 289 -87.26 -30.23 -53.61
CA THR P 289 -87.64 -28.99 -52.95
C THR P 289 -86.80 -27.82 -53.42
N PHE P 290 -87.39 -26.63 -53.32
CA PHE P 290 -86.78 -25.39 -53.74
C PHE P 290 -87.30 -24.27 -52.87
N LYS P 291 -86.52 -23.21 -52.76
CA LYS P 291 -86.97 -21.96 -52.17
C LYS P 291 -87.08 -20.91 -53.26
N ALA P 292 -88.15 -20.12 -53.19
CA ALA P 292 -88.42 -19.06 -54.15
C ALA P 292 -88.52 -17.73 -53.41
N THR P 293 -87.69 -16.77 -53.81
CA THR P 293 -87.67 -15.45 -53.18
C THR P 293 -88.05 -14.41 -54.23
N PHE P 294 -89.03 -13.57 -53.91
CA PHE P 294 -89.48 -12.52 -54.81
C PHE P 294 -89.19 -11.16 -54.21
N VAL P 295 -88.70 -10.26 -55.04
CA VAL P 295 -88.49 -8.85 -54.69
C VAL P 295 -89.36 -8.01 -55.60
N ASP P 296 -90.18 -7.15 -55.01
CA ASP P 296 -91.08 -6.29 -55.77
C ASP P 296 -90.31 -5.12 -56.36
N ALA P 297 -90.66 -4.73 -57.59
CA ALA P 297 -89.93 -3.69 -58.29
C ALA P 297 -90.44 -2.29 -57.97
N LYS P 298 -91.46 -2.16 -57.14
CA LYS P 298 -92.06 -0.86 -56.89
C LYS P 298 -91.95 -0.37 -55.46
N THR P 299 -92.27 -1.22 -54.47
CA THR P 299 -92.29 -0.78 -53.08
C THR P 299 -91.23 -1.46 -52.21
N GLY P 300 -90.43 -2.36 -52.78
CA GLY P 300 -89.38 -3.00 -52.02
C GLY P 300 -89.83 -4.15 -51.14
N GLU P 301 -90.93 -4.81 -51.48
CA GLU P 301 -91.40 -5.94 -50.68
C GLU P 301 -90.65 -7.21 -51.07
N LYS P 302 -90.30 -8.01 -50.06
CA LYS P 302 -89.56 -9.23 -50.25
C LYS P 302 -90.31 -10.38 -49.59
N SER P 303 -90.46 -11.48 -50.33
CA SER P 303 -91.13 -12.68 -49.83
C SER P 303 -90.27 -13.90 -50.09
N THR P 304 -90.39 -14.90 -49.21
CA THR P 304 -89.60 -16.12 -49.28
C THR P 304 -90.50 -17.32 -49.02
N TYR P 305 -90.56 -18.25 -49.99
CA TYR P 305 -91.55 -19.30 -50.01
C TYR P 305 -90.89 -20.64 -50.33
N GLU P 306 -91.65 -21.71 -50.13
CA GLU P 306 -91.25 -23.08 -50.43
C GLU P 306 -92.03 -23.60 -51.63
N ILE P 307 -91.34 -24.28 -52.54
CA ILE P 307 -91.97 -24.88 -53.72
C ILE P 307 -91.33 -26.24 -53.98
N GLU P 308 -91.96 -27.01 -54.86
CA GLU P 308 -91.47 -28.34 -55.22
C GLU P 308 -91.55 -28.50 -56.73
N GLY P 309 -90.75 -29.43 -57.26
CA GLY P 309 -90.74 -29.69 -58.68
C GLY P 309 -90.24 -31.10 -58.97
N GLY P 310 -90.32 -31.48 -60.24
CA GLY P 310 -89.88 -32.81 -60.62
C GLY P 310 -89.54 -32.92 -62.10
N ASP P 311 -88.73 -33.94 -62.41
CA ASP P 311 -88.38 -34.30 -63.77
C ASP P 311 -89.37 -35.34 -64.29
N ASP P 312 -89.58 -35.33 -65.61
CA ASP P 312 -90.58 -36.19 -66.22
C ASP P 312 -89.98 -37.29 -67.08
N GLY P 313 -89.24 -36.94 -68.14
CA GLY P 313 -88.52 -37.96 -68.88
C GLY P 313 -87.08 -37.61 -69.18
N ALA P 314 -86.79 -36.31 -69.24
CA ALA P 314 -85.42 -35.84 -69.47
C ALA P 314 -85.37 -34.34 -69.26
N GLY P 315 -84.45 -33.90 -68.41
CA GLY P 315 -84.03 -32.51 -68.33
C GLY P 315 -85.09 -31.43 -68.40
N ASN P 316 -86.31 -31.72 -67.96
CA ASN P 316 -87.38 -30.74 -67.94
C ASN P 316 -87.87 -30.58 -66.51
N LEU P 317 -87.77 -29.37 -65.98
CA LEU P 317 -88.22 -29.07 -64.62
C LEU P 317 -89.38 -28.09 -64.72
N VAL P 318 -90.59 -28.58 -64.48
CA VAL P 318 -91.79 -27.77 -64.58
C VAL P 318 -92.19 -27.34 -63.17
N PHE P 319 -92.16 -26.05 -62.92
CA PHE P 319 -92.57 -25.49 -61.64
C PHE P 319 -94.01 -24.99 -61.72
N ASP P 320 -94.71 -25.09 -60.59
CA ASP P 320 -96.05 -24.56 -60.46
C ASP P 320 -95.98 -23.31 -59.60
N LEU P 321 -96.58 -22.22 -60.07
CA LEU P 321 -96.53 -20.95 -59.37
C LEU P 321 -97.75 -20.74 -58.46
N ALA P 322 -98.58 -21.76 -58.30
CA ALA P 322 -99.72 -21.64 -57.39
C ALA P 322 -99.27 -21.46 -55.94
N ASP P 323 -98.09 -21.97 -55.59
CA ASP P 323 -97.59 -21.87 -54.22
C ASP P 323 -97.17 -20.46 -53.85
N MET P 324 -97.17 -19.52 -54.79
CA MET P 324 -96.85 -18.13 -54.50
C MET P 324 -98.01 -17.45 -53.78
N THR P 325 -98.25 -17.83 -52.53
CA THR P 325 -99.33 -17.26 -51.74
C THR P 325 -99.11 -15.76 -51.53
N GLY P 326 -100.16 -15.09 -51.05
CA GLY P 326 -100.07 -13.67 -50.80
C GLY P 326 -100.06 -12.86 -52.08
N ALA P 327 -99.08 -13.10 -52.95
CA ALA P 327 -99.07 -12.46 -54.25
C ALA P 327 -100.04 -13.13 -55.21
N GLY P 328 -99.81 -14.41 -55.50
CA GLY P 328 -100.72 -15.16 -56.35
C GLY P 328 -100.35 -15.14 -57.80
N PHE P 329 -99.97 -16.30 -58.34
CA PHE P 329 -99.64 -16.48 -59.75
C PHE P 329 -100.50 -17.61 -60.31
N SER P 330 -100.24 -17.97 -61.56
CA SER P 330 -100.91 -19.08 -62.23
C SER P 330 -100.04 -19.54 -63.39
N GLY P 331 -100.55 -20.51 -64.13
CA GLY P 331 -99.79 -21.09 -65.22
C GLY P 331 -98.63 -21.91 -64.68
N GLU P 332 -97.69 -22.21 -65.58
CA GLU P 332 -96.49 -22.94 -65.21
C GLU P 332 -95.29 -22.36 -65.96
N VAL P 333 -94.11 -22.63 -65.42
CA VAL P 333 -92.85 -22.29 -66.09
C VAL P 333 -92.04 -23.58 -66.19
N SER P 334 -91.33 -23.73 -67.30
CA SER P 334 -90.55 -24.95 -67.52
C SER P 334 -89.11 -24.58 -67.81
N ILE P 335 -88.19 -25.15 -67.03
CA ILE P 335 -86.76 -24.99 -67.27
C ILE P 335 -86.30 -26.18 -68.11
N ALA P 336 -85.69 -25.88 -69.27
CA ALA P 336 -85.26 -26.92 -70.21
C ALA P 336 -83.78 -27.23 -69.95
N ILE P 337 -83.54 -28.25 -69.13
CA ILE P 337 -82.18 -28.62 -68.77
C ILE P 337 -81.56 -29.56 -69.80
N GLY P 338 -82.32 -30.55 -70.23
CA GLY P 338 -81.81 -31.56 -71.14
C GLY P 338 -81.31 -32.80 -70.40
N THR P 339 -81.21 -33.90 -71.15
CA THR P 339 -80.81 -35.18 -70.59
C THR P 339 -79.46 -35.07 -69.90
N ASP P 340 -79.21 -36.00 -68.96
CA ASP P 340 -77.99 -36.02 -68.15
C ASP P 340 -77.88 -34.74 -67.31
N ALA P 341 -78.82 -34.59 -66.38
CA ALA P 341 -78.87 -33.44 -65.49
C ALA P 341 -78.39 -33.86 -64.11
N ASN P 342 -77.30 -33.25 -63.65
CA ASN P 342 -76.80 -33.44 -62.29
C ASN P 342 -76.92 -32.12 -61.55
N MET P 343 -77.47 -32.17 -60.34
CA MET P 343 -77.75 -30.97 -59.58
C MET P 343 -77.13 -31.06 -58.19
N GLN P 344 -76.39 -30.02 -57.81
CA GLN P 344 -75.87 -29.87 -56.45
C GLN P 344 -76.77 -28.91 -55.67
N SER P 345 -76.43 -28.70 -54.39
CA SER P 345 -77.17 -27.81 -53.52
C SER P 345 -76.43 -26.48 -53.43
N GLY P 346 -77.10 -25.41 -53.86
CA GLY P 346 -76.49 -24.09 -53.82
C GLY P 346 -76.52 -23.39 -55.17
N ASP P 347 -76.82 -24.13 -56.23
CA ASP P 347 -76.92 -23.53 -57.55
C ASP P 347 -78.16 -22.66 -57.63
N LYS P 348 -77.99 -21.43 -58.11
CA LYS P 348 -79.02 -20.40 -58.03
C LYS P 348 -79.49 -20.02 -59.43
N ILE P 349 -80.74 -19.57 -59.53
CA ILE P 349 -81.31 -19.09 -60.79
C ILE P 349 -82.03 -17.78 -60.53
N LEU P 350 -81.81 -16.79 -61.39
CA LEU P 350 -82.41 -15.47 -61.23
C LEU P 350 -83.14 -15.06 -62.51
N LEU P 351 -84.39 -14.61 -62.34
CA LEU P 351 -85.29 -14.30 -63.43
C LEU P 351 -85.98 -12.97 -63.16
N SER P 352 -86.57 -12.39 -64.20
CA SER P 352 -87.32 -11.15 -64.10
C SER P 352 -88.72 -11.34 -64.66
N THR P 353 -89.71 -10.76 -63.99
CA THR P 353 -91.12 -10.92 -64.35
C THR P 353 -91.71 -9.60 -64.79
N THR P 354 -92.57 -9.66 -65.82
CA THR P 354 -93.14 -8.48 -66.46
C THR P 354 -94.66 -8.51 -66.32
N GLU P 355 -95.24 -7.35 -65.99
CA GLU P 355 -96.67 -7.18 -65.82
C GLU P 355 -97.28 -6.54 -67.06
N ALA P 356 -98.52 -6.91 -67.36
CA ALA P 356 -99.25 -6.34 -68.48
C ALA P 356 -100.03 -5.11 -68.05
N VAL P 357 -99.97 -4.06 -68.87
CA VAL P 357 -100.63 -2.80 -68.59
C VAL P 357 -101.30 -2.32 -69.88
N ASP P 358 -102.40 -1.58 -69.74
CA ASP P 358 -103.13 -1.09 -70.91
C ASP P 358 -102.25 -0.18 -71.76
N THR P 359 -101.52 0.72 -71.11
CA THR P 359 -100.56 1.61 -71.76
C THR P 359 -101.18 2.42 -72.90
N SER P 360 -102.48 2.70 -72.82
CA SER P 360 -103.17 3.40 -73.91
C SER P 360 -104.25 4.27 -73.28
N ALA P 361 -103.95 5.54 -73.10
CA ALA P 361 -104.89 6.54 -72.62
C ALA P 361 -104.75 7.82 -73.44
N THR P 362 -105.55 8.83 -73.09
CA THR P 362 -105.43 10.11 -73.76
C THR P 362 -104.05 10.73 -73.52
N SER P 363 -103.59 10.68 -72.28
CA SER P 363 -102.27 11.16 -71.88
C SER P 363 -102.10 10.82 -70.40
N GLY P 364 -100.89 11.04 -69.89
CA GLY P 364 -100.65 10.93 -68.46
C GLY P 364 -99.39 10.21 -68.00
N GLY P 365 -98.93 9.21 -68.74
CA GLY P 365 -97.75 8.47 -68.31
C GLY P 365 -97.43 7.33 -69.26
N GLY P 366 -96.41 6.57 -68.88
CA GLY P 366 -95.93 5.47 -69.71
C GLY P 366 -95.10 4.45 -68.96
N THR P 367 -94.08 3.94 -69.63
CA THR P 367 -93.28 2.81 -69.14
C THR P 367 -91.80 3.19 -69.09
N ILE P 368 -91.09 2.53 -68.18
CA ILE P 368 -89.66 2.71 -67.98
C ILE P 368 -88.98 1.35 -67.96
N ALA P 369 -87.84 1.24 -68.65
CA ALA P 369 -87.05 0.01 -68.69
C ALA P 369 -85.58 0.34 -68.41
N ILE P 370 -85.02 -0.34 -67.41
CA ILE P 370 -83.61 -0.27 -67.07
C ILE P 370 -82.92 -1.53 -67.57
N SER P 371 -81.78 -1.35 -68.22
CA SER P 371 -81.02 -2.46 -68.77
C SER P 371 -79.54 -2.09 -68.82
N GLY P 372 -78.70 -3.09 -69.03
CA GLY P 372 -77.27 -2.85 -69.16
C GLY P 372 -76.44 -3.40 -68.03
N GLY P 373 -75.42 -2.66 -67.61
CA GLY P 373 -74.56 -3.06 -66.53
C GLY P 373 -73.40 -3.91 -67.00
N PRO P 374 -72.48 -4.22 -66.08
CA PRO P 374 -71.33 -5.07 -66.45
C PRO P 374 -71.75 -6.43 -67.00
N ALA P 375 -72.84 -6.99 -66.51
CA ALA P 375 -73.34 -8.27 -67.02
C ALA P 375 -74.22 -8.10 -68.26
N GLY P 376 -74.57 -6.87 -68.61
CA GLY P 376 -75.36 -6.62 -69.80
C GLY P 376 -76.74 -7.26 -69.78
N THR P 377 -77.45 -7.14 -68.66
CA THR P 377 -78.77 -7.71 -68.54
C THR P 377 -79.78 -6.92 -69.35
N THR P 378 -80.78 -7.63 -69.87
CA THR P 378 -81.95 -7.02 -70.50
C THR P 378 -83.04 -6.94 -69.44
N GLY P 379 -83.09 -5.81 -68.72
CA GLY P 379 -83.91 -5.68 -67.55
C GLY P 379 -85.39 -5.62 -67.88
N ALA P 380 -86.19 -5.49 -66.81
CA ALA P 380 -87.65 -5.55 -66.91
C ALA P 380 -88.24 -4.21 -67.33
N ILE P 381 -89.57 -4.22 -67.47
CA ILE P 381 -90.35 -3.04 -67.84
C ILE P 381 -91.37 -2.77 -66.74
N ILE P 382 -91.58 -1.49 -66.43
CA ILE P 382 -92.62 -1.09 -65.48
C ILE P 382 -93.45 0.01 -66.14
N SER P 383 -94.70 0.11 -65.71
CA SER P 383 -95.63 1.06 -66.32
C SER P 383 -96.42 1.77 -65.23
N TYR P 384 -96.82 3.01 -65.53
CA TYR P 384 -97.55 3.86 -64.61
C TYR P 384 -98.86 4.31 -65.23
N GLY P 385 -99.73 4.89 -64.39
CA GLY P 385 -101.03 5.34 -64.81
C GLY P 385 -101.05 6.80 -65.22
N ASN P 386 -102.27 7.33 -65.33
CA ASN P 386 -102.47 8.68 -65.84
C ASN P 386 -102.01 9.72 -64.81
N ASN P 387 -101.36 10.77 -65.32
CA ASN P 387 -100.93 11.92 -64.50
C ASN P 387 -100.06 11.48 -63.34
N GLU P 388 -99.21 10.48 -63.58
CA GLU P 388 -98.33 9.96 -62.55
C GLU P 388 -96.86 10.28 -62.78
N LEU P 389 -96.52 11.01 -63.85
CA LEU P 389 -95.15 11.39 -64.13
C LEU P 389 -94.96 12.89 -64.20
N THR P 390 -95.90 13.61 -64.82
CA THR P 390 -95.78 15.04 -65.04
C THR P 390 -96.97 15.76 -64.45
N LYS P 391 -96.72 16.85 -63.74
CA LYS P 391 -97.77 17.65 -63.12
C LYS P 391 -98.12 18.83 -64.03
N VAL P 392 -98.96 19.73 -63.54
CA VAL P 392 -99.48 20.83 -64.34
C VAL P 392 -98.95 22.15 -63.80
N ASP P 393 -99.09 23.20 -64.60
CA ASP P 393 -98.57 24.51 -64.24
C ASP P 393 -99.50 25.22 -63.25
N ASN P 394 -98.91 26.12 -62.46
CA ASN P 394 -99.62 26.88 -61.44
C ASN P 394 -99.22 28.36 -61.50
N GLY P 395 -99.24 28.91 -62.71
CA GLY P 395 -98.89 30.31 -62.94
C GLY P 395 -97.48 30.53 -63.46
N ASP P 396 -96.46 30.22 -62.65
CA ASP P 396 -95.09 30.30 -63.16
C ASP P 396 -94.34 29.02 -62.80
N THR P 397 -94.77 28.38 -61.71
CA THR P 397 -94.28 27.09 -61.21
C THR P 397 -92.90 27.20 -60.58
N THR P 398 -92.26 28.37 -60.72
CA THR P 398 -90.87 28.57 -60.29
C THR P 398 -90.01 27.38 -60.68
N ILE P 399 -90.35 26.79 -61.82
CA ILE P 399 -89.85 25.48 -62.26
C ILE P 399 -90.32 24.40 -61.28
N ASP P 400 -90.96 23.36 -61.79
CA ASP P 400 -91.43 22.24 -60.99
C ASP P 400 -90.56 21.04 -61.28
N TYR P 401 -90.73 19.99 -60.49
CA TYR P 401 -89.96 18.76 -60.67
C TYR P 401 -90.67 17.62 -59.96
N ASN P 402 -91.13 16.63 -60.72
CA ASN P 402 -91.68 15.42 -60.13
C ASN P 402 -90.57 14.41 -59.90
N SER P 403 -90.89 13.31 -59.24
CA SER P 403 -89.88 12.29 -58.98
C SER P 403 -90.47 10.90 -58.97
N VAL P 404 -89.59 9.90 -59.11
CA VAL P 404 -89.98 8.50 -59.10
C VAL P 404 -88.81 7.67 -58.56
N THR P 405 -89.13 6.72 -57.69
CA THR P 405 -88.14 5.80 -57.14
C THR P 405 -88.16 4.51 -57.95
N VAL P 406 -86.97 3.95 -58.18
CA VAL P 406 -86.80 2.73 -58.95
C VAL P 406 -85.83 1.82 -58.23
N TYR P 407 -86.19 0.54 -58.11
CA TYR P 407 -85.34 -0.46 -57.48
C TYR P 407 -84.74 -1.37 -58.53
N HIS P 408 -83.57 -1.92 -58.22
CA HIS P 408 -82.81 -2.72 -59.16
C HIS P 408 -82.09 -3.84 -58.43
N ALA P 409 -81.88 -4.96 -59.13
CA ALA P 409 -81.25 -6.14 -58.57
C ALA P 409 -80.19 -6.68 -59.51
N ALA P 410 -79.19 -7.34 -58.93
CA ALA P 410 -78.07 -7.89 -59.69
C ALA P 410 -77.54 -9.13 -58.97
N LEU P 411 -76.77 -9.93 -59.70
CA LEU P 411 -76.30 -11.23 -59.23
C LEU P 411 -74.81 -11.36 -59.45
N ASN P 412 -74.15 -12.04 -58.53
CA ASN P 412 -72.73 -12.38 -58.63
C ASN P 412 -72.59 -13.85 -59.03
N VAL P 413 -71.58 -14.13 -59.86
CA VAL P 413 -71.38 -15.46 -60.40
C VAL P 413 -70.38 -16.28 -59.59
N GLU P 414 -69.93 -15.78 -58.46
CA GLU P 414 -69.00 -16.55 -57.67
C GLU P 414 -69.49 -16.79 -56.25
N THR P 415 -70.13 -15.79 -55.62
CA THR P 415 -70.70 -15.94 -54.29
C THR P 415 -72.22 -16.06 -54.30
N GLY P 416 -72.91 -15.43 -55.24
CA GLY P 416 -74.35 -15.58 -55.34
C GLY P 416 -75.15 -14.76 -54.36
N ASN P 417 -74.63 -13.62 -53.91
CA ASN P 417 -75.41 -12.70 -53.08
C ASN P 417 -76.15 -11.71 -53.95
N LEU P 418 -77.45 -11.58 -53.73
CA LEU P 418 -78.31 -10.69 -54.49
C LEU P 418 -78.04 -9.25 -54.06
N ASP P 419 -77.86 -8.36 -55.04
CA ASP P 419 -77.62 -6.94 -54.78
C ASP P 419 -78.87 -6.16 -55.16
N VAL P 420 -79.33 -5.31 -54.25
CA VAL P 420 -80.54 -4.52 -54.47
C VAL P 420 -80.22 -3.06 -54.15
N GLY P 421 -80.59 -2.16 -55.08
CA GLY P 421 -80.36 -0.74 -54.92
C GLY P 421 -81.52 0.07 -55.42
N ASN P 422 -81.43 1.38 -55.23
CA ASN P 422 -82.51 2.27 -55.61
C ASN P 422 -81.96 3.55 -56.22
N LEU P 423 -82.85 4.24 -56.96
CA LEU P 423 -82.55 5.50 -57.61
C LEU P 423 -83.80 6.36 -57.57
N THR P 424 -83.63 7.66 -57.80
CA THR P 424 -84.75 8.57 -57.91
C THR P 424 -84.58 9.40 -59.18
N PHE P 425 -85.34 9.07 -60.21
CA PHE P 425 -85.35 9.89 -61.41
C PHE P 425 -86.24 11.11 -61.18
N ASN P 426 -85.81 12.25 -61.71
CA ASN P 426 -86.56 13.49 -61.57
C ASN P 426 -87.15 13.81 -62.94
N PHE P 427 -88.45 14.11 -62.96
CA PHE P 427 -89.18 14.27 -64.21
C PHE P 427 -89.77 15.68 -64.32
N ARG P 428 -90.31 15.95 -65.50
CA ARG P 428 -90.38 17.28 -66.10
C ARG P 428 -91.14 18.27 -65.22
N GLU P 429 -90.94 19.56 -65.52
CA GLU P 429 -91.57 20.67 -64.82
C GLU P 429 -93.08 20.63 -64.94
N ASP P 430 -93.60 20.84 -66.15
CA ASP P 430 -95.05 20.88 -66.35
C ASP P 430 -95.41 20.71 -67.82
N THR P 431 -96.25 19.72 -68.12
CA THR P 431 -96.81 19.51 -69.44
C THR P 431 -98.32 19.72 -69.38
N GLY P 432 -98.96 19.70 -70.54
CA GLY P 432 -100.41 19.73 -70.55
C GLY P 432 -101.08 20.09 -71.86
N THR P 433 -102.16 19.37 -72.16
CA THR P 433 -103.08 19.74 -73.22
C THR P 433 -104.10 20.70 -72.63
N ASP P 434 -105.25 20.88 -73.26
CA ASP P 434 -106.26 21.79 -72.74
C ASP P 434 -106.91 21.21 -71.50
N THR P 435 -106.13 21.09 -70.43
CA THR P 435 -106.62 20.74 -69.09
C THR P 435 -107.43 19.44 -69.10
N ALA P 436 -106.89 18.40 -69.73
CA ALA P 436 -107.52 17.08 -69.68
C ALA P 436 -106.81 16.15 -68.71
N TYR P 437 -105.55 15.78 -68.99
CA TYR P 437 -104.74 15.01 -68.07
C TYR P 437 -103.29 15.45 -67.96
N GLY P 438 -102.71 16.11 -68.97
CA GLY P 438 -101.31 16.43 -69.01
C GLY P 438 -100.67 15.87 -70.26
N SER P 439 -99.36 15.65 -70.19
CA SER P 439 -98.62 15.06 -71.30
C SER P 439 -97.27 14.59 -70.78
N THR P 440 -96.57 13.80 -71.60
CA THR P 440 -95.24 13.31 -71.26
C THR P 440 -94.49 13.02 -72.54
N THR P 441 -93.18 13.20 -72.50
CA THR P 441 -92.30 12.93 -73.64
C THR P 441 -91.24 11.92 -73.23
N GLY P 442 -91.05 10.90 -74.06
CA GLY P 442 -90.10 9.84 -73.78
C GLY P 442 -88.94 9.80 -74.76
N GLY P 443 -88.15 8.74 -74.64
CA GLY P 443 -86.99 8.51 -75.48
C GLY P 443 -86.03 7.54 -74.82
N SER P 444 -84.75 7.71 -75.16
CA SER P 444 -83.70 6.85 -74.62
C SER P 444 -82.48 7.71 -74.31
N PHE P 445 -81.86 7.44 -73.16
CA PHE P 445 -80.64 8.14 -72.80
C PHE P 445 -79.81 7.25 -71.88
N ASP P 446 -78.58 7.68 -71.64
CA ASP P 446 -77.58 6.85 -70.98
C ASP P 446 -77.27 7.39 -69.58
N LEU P 447 -76.93 6.48 -68.67
CA LEU P 447 -76.72 6.83 -67.27
C LEU P 447 -75.38 6.29 -66.78
N LEU P 448 -74.69 7.08 -65.97
CA LEU P 448 -73.43 6.72 -65.35
C LEU P 448 -73.56 6.83 -63.83
N VAL P 449 -72.75 6.05 -63.11
CA VAL P 449 -72.83 5.97 -61.66
C VAL P 449 -71.44 6.25 -61.09
N ALA P 450 -71.41 6.70 -59.84
CA ALA P 450 -70.17 6.80 -59.09
C ALA P 450 -70.45 6.46 -57.64
N GLY P 451 -69.77 5.46 -57.12
CA GLY P 451 -70.07 4.95 -55.79
C GLY P 451 -71.34 4.13 -55.78
N GLY P 452 -71.67 3.64 -54.60
CA GLY P 452 -72.80 2.74 -54.46
C GLY P 452 -73.94 3.25 -53.61
N GLY P 453 -73.64 4.04 -52.59
CA GLY P 453 -74.67 4.51 -51.67
C GLY P 453 -74.22 4.50 -50.23
N GLU P 454 -75.04 3.96 -49.31
CA GLU P 454 -74.65 3.80 -47.91
C GLU P 454 -74.79 2.33 -47.56
N ALA P 455 -73.81 1.54 -48.00
CA ALA P 455 -73.56 0.15 -47.64
C ALA P 455 -72.36 -0.27 -48.47
N ALA P 456 -71.90 -1.50 -48.24
CA ALA P 456 -70.82 -2.07 -49.03
C ALA P 456 -71.39 -3.07 -50.02
N THR P 457 -71.25 -2.78 -51.31
CA THR P 457 -71.70 -3.68 -52.36
C THR P 457 -70.61 -4.72 -52.65
N SER P 458 -71.01 -5.77 -53.39
CA SER P 458 -70.12 -6.91 -53.57
C SER P 458 -68.89 -6.56 -54.40
N THR P 459 -69.03 -5.66 -55.38
CA THR P 459 -67.94 -5.34 -56.29
C THR P 459 -67.29 -3.99 -55.96
N THR P 460 -67.38 -3.56 -54.71
CA THR P 460 -66.71 -2.34 -54.29
C THR P 460 -65.24 -2.61 -54.03
N LYS P 461 -64.40 -1.62 -54.33
CA LYS P 461 -62.96 -1.78 -54.13
C LYS P 461 -62.57 -1.40 -52.71
N LEU P 462 -61.49 -2.02 -52.24
CA LEU P 462 -61.06 -1.84 -50.86
C LEU P 462 -60.49 -0.46 -50.57
N LYS P 463 -60.27 0.35 -51.59
CA LYS P 463 -59.74 1.70 -51.42
C LYS P 463 -60.85 2.72 -51.12
N ASP P 464 -62.09 2.27 -51.01
CA ASP P 464 -63.22 3.17 -50.83
C ASP P 464 -63.94 2.97 -49.51
N ILE P 465 -63.57 1.95 -48.73
CA ILE P 465 -64.24 1.71 -47.45
C ILE P 465 -63.81 2.77 -46.44
N SER P 466 -64.79 3.38 -45.78
CA SER P 466 -64.51 4.48 -44.86
C SER P 466 -63.73 4.02 -43.64
N ARG P 467 -63.87 2.75 -43.25
CA ARG P 467 -63.15 2.26 -42.07
C ARG P 467 -61.65 2.12 -42.32
N PHE P 468 -61.24 2.04 -43.59
CA PHE P 468 -59.84 1.75 -43.93
C PHE P 468 -59.01 3.01 -44.13
N THR P 469 -59.39 4.12 -43.52
CA THR P 469 -58.60 5.34 -43.55
C THR P 469 -58.35 5.81 -42.12
N THR P 470 -57.16 6.34 -41.88
CA THR P 470 -56.79 6.83 -40.57
C THR P 470 -57.45 8.17 -40.30
N ASP P 471 -57.39 8.61 -39.04
CA ASP P 471 -57.92 9.92 -38.68
C ASP P 471 -57.09 11.05 -39.28
N ASP P 472 -55.91 10.76 -39.81
CA ASP P 472 -55.06 11.75 -40.44
C ASP P 472 -55.22 11.79 -41.96
N GLY P 473 -56.18 11.04 -42.50
CA GLY P 473 -56.47 11.09 -43.92
C GLY P 473 -55.60 10.24 -44.81
N VAL P 474 -54.78 9.37 -44.24
CA VAL P 474 -53.90 8.49 -45.01
C VAL P 474 -54.47 7.08 -44.97
N ASN P 475 -54.84 6.55 -46.13
CA ASN P 475 -55.37 5.20 -46.21
C ASN P 475 -54.24 4.18 -46.03
N ILE P 476 -54.62 3.02 -45.51
CA ILE P 476 -53.63 2.00 -45.16
C ILE P 476 -52.97 1.42 -46.41
N PHE P 477 -53.74 1.28 -47.49
CA PHE P 477 -53.26 0.60 -48.69
C PHE P 477 -52.43 1.48 -49.60
N ALA P 478 -52.23 2.76 -49.25
CA ALA P 478 -51.42 3.63 -50.09
C ALA P 478 -49.98 3.15 -50.15
N ALA P 479 -49.43 2.71 -49.02
CA ALA P 479 -48.02 2.31 -48.98
C ALA P 479 -47.79 1.05 -49.81
N GLY P 480 -48.62 0.03 -49.62
CA GLY P 480 -48.45 -1.23 -50.33
C GLY P 480 -49.32 -2.32 -49.76
N PRO P 481 -49.12 -3.55 -50.23
CA PRO P 481 -49.92 -4.67 -49.72
C PRO P 481 -49.65 -4.93 -48.25
N GLN P 482 -50.68 -5.38 -47.55
CA GLN P 482 -50.62 -5.61 -46.11
C GLN P 482 -50.62 -7.11 -45.82
N GLU P 483 -50.15 -7.45 -44.62
CA GLU P 483 -49.96 -8.82 -44.19
C GLU P 483 -51.08 -9.23 -43.24
N LEU P 484 -51.51 -10.48 -43.34
CA LEU P 484 -52.46 -11.01 -42.37
C LEU P 484 -52.10 -12.45 -42.06
N THR P 485 -51.82 -12.74 -40.78
CA THR P 485 -51.43 -14.06 -40.32
C THR P 485 -52.59 -14.68 -39.57
N ILE P 486 -52.92 -15.92 -39.93
CA ILE P 486 -54.00 -16.68 -39.31
C ILE P 486 -53.38 -17.82 -38.53
N PHE P 487 -53.71 -17.93 -37.26
CA PHE P 487 -53.23 -19.01 -36.40
C PHE P 487 -54.39 -19.92 -36.04
N GLY P 488 -54.19 -21.23 -36.17
CA GLY P 488 -55.24 -22.17 -35.83
C GLY P 488 -54.80 -23.62 -35.86
N ASN P 489 -55.31 -24.41 -34.91
CA ASN P 489 -55.07 -25.85 -34.85
C ASN P 489 -53.58 -26.17 -34.91
N GLY P 490 -52.79 -25.38 -34.18
CA GLY P 490 -51.35 -25.56 -34.19
C GLY P 490 -50.71 -25.38 -35.54
N SER P 491 -51.15 -24.38 -36.32
CA SER P 491 -50.57 -24.11 -37.63
C SER P 491 -50.80 -22.64 -37.95
N SER P 492 -50.07 -22.14 -38.94
CA SER P 492 -50.07 -20.73 -39.27
C SER P 492 -50.22 -20.53 -40.78
N ALA P 493 -50.71 -19.36 -41.16
CA ALA P 493 -50.91 -19.02 -42.56
C ALA P 493 -50.70 -17.52 -42.75
N THR P 494 -50.33 -17.15 -43.97
CA THR P 494 -50.12 -15.74 -44.32
C THR P 494 -50.87 -15.43 -45.60
N ILE P 495 -51.54 -14.27 -45.63
CA ILE P 495 -52.21 -13.77 -46.81
C ILE P 495 -51.86 -12.31 -47.01
N TYR P 496 -52.00 -11.85 -48.25
CA TYR P 496 -51.61 -10.52 -48.68
C TYR P 496 -52.83 -9.77 -49.18
N LEU P 497 -52.93 -8.50 -48.79
CA LEU P 497 -54.04 -7.66 -49.22
C LEU P 497 -53.53 -6.51 -50.07
N GLU P 498 -54.17 -6.28 -51.20
CA GLU P 498 -53.82 -5.19 -52.09
C GLU P 498 -55.00 -4.22 -52.16
N GLY P 499 -54.75 -3.04 -52.71
CA GLY P 499 -55.74 -2.00 -52.80
C GLY P 499 -56.73 -2.14 -53.92
N ASP P 500 -56.62 -3.19 -54.73
CA ASP P 500 -57.53 -3.40 -55.85
C ASP P 500 -58.50 -4.57 -55.63
N ASP P 501 -58.44 -5.24 -54.48
CA ASP P 501 -59.31 -6.38 -54.24
C ASP P 501 -60.75 -5.95 -54.04
N THR P 502 -61.67 -6.77 -54.52
CA THR P 502 -63.08 -6.63 -54.23
C THR P 502 -63.44 -7.50 -53.02
N VAL P 503 -64.67 -7.34 -52.54
CA VAL P 503 -65.09 -8.09 -51.36
C VAL P 503 -65.18 -9.58 -51.67
N SER P 504 -65.61 -9.93 -52.89
CA SER P 504 -65.74 -11.34 -53.25
C SER P 504 -64.37 -12.02 -53.36
N GLU P 505 -63.39 -11.31 -53.92
CA GLU P 505 -62.05 -11.89 -54.01
C GLU P 505 -61.45 -12.07 -52.62
N PHE P 506 -61.71 -11.12 -51.72
CA PHE P 506 -61.30 -11.28 -50.32
C PHE P 506 -61.98 -12.50 -49.70
N GLU P 507 -63.26 -12.70 -50.00
CA GLU P 507 -63.98 -13.87 -49.50
C GLU P 507 -63.31 -15.16 -49.98
N THR P 508 -63.01 -15.24 -51.27
CA THR P 508 -62.38 -16.44 -51.82
C THR P 508 -61.00 -16.67 -51.23
N LYS P 509 -60.22 -15.60 -51.07
CA LYS P 509 -58.90 -15.72 -50.47
C LYS P 509 -58.99 -16.24 -49.05
N LEU P 510 -59.92 -15.71 -48.26
CA LEU P 510 -60.09 -16.17 -46.89
C LEU P 510 -60.53 -17.63 -46.85
N SER P 511 -61.44 -18.01 -47.76
CA SER P 511 -61.89 -19.40 -47.81
C SER P 511 -60.73 -20.34 -48.08
N SER P 512 -59.89 -20.01 -49.06
CA SER P 512 -58.75 -20.87 -49.37
C SER P 512 -57.74 -20.89 -48.23
N ALA P 513 -57.50 -19.74 -47.59
CA ALA P 513 -56.54 -19.68 -46.50
C ALA P 513 -56.98 -20.55 -45.33
N ILE P 514 -58.27 -20.53 -45.02
CA ILE P 514 -58.78 -21.45 -44.01
C ILE P 514 -58.66 -22.89 -44.48
N LEU P 515 -59.01 -23.16 -45.75
CA LEU P 515 -59.01 -24.54 -46.25
C LEU P 515 -57.64 -25.19 -46.21
N GLU P 516 -56.57 -24.44 -46.43
CA GLU P 516 -55.24 -25.05 -46.45
C GLU P 516 -54.87 -25.58 -45.07
N LEU P 517 -55.35 -24.93 -44.01
CA LEU P 517 -55.07 -25.38 -42.66
C LEU P 517 -55.65 -26.76 -42.37
N GLY P 518 -56.73 -27.13 -43.06
CA GLY P 518 -57.39 -28.39 -42.81
C GLY P 518 -58.68 -28.30 -42.02
N MET P 519 -59.14 -27.10 -41.67
CA MET P 519 -60.40 -26.95 -40.97
C MET P 519 -61.61 -27.26 -41.86
N GLY P 520 -61.43 -27.43 -43.16
CA GLY P 520 -62.53 -27.61 -44.06
C GLY P 520 -63.17 -28.98 -43.95
N ALA P 521 -64.20 -29.19 -44.77
CA ALA P 521 -64.94 -30.44 -44.76
C ALA P 521 -64.11 -31.57 -45.34
N THR P 522 -64.19 -32.74 -44.68
CA THR P 522 -63.48 -33.92 -45.14
C THR P 522 -64.09 -34.43 -46.45
N ALA P 523 -63.32 -35.25 -47.15
CA ALA P 523 -63.73 -35.81 -48.43
C ALA P 523 -64.62 -37.02 -48.17
N GLY P 524 -65.89 -36.76 -47.87
CA GLY P 524 -66.86 -37.81 -47.66
C GLY P 524 -67.43 -38.41 -48.92
N THR P 525 -66.76 -38.21 -50.07
CA THR P 525 -67.24 -38.68 -51.37
C THR P 525 -68.65 -38.18 -51.65
N SER P 526 -68.92 -36.93 -51.28
CA SER P 526 -70.25 -36.37 -51.40
C SER P 526 -70.15 -34.86 -51.61
N ASP P 527 -71.13 -34.32 -52.34
CA ASP P 527 -71.20 -32.88 -52.55
C ASP P 527 -71.56 -32.12 -51.29
N GLU P 528 -71.90 -32.83 -50.21
CA GLU P 528 -72.03 -32.19 -48.90
C GLU P 528 -70.79 -31.37 -48.58
N ALA P 529 -69.62 -31.93 -48.88
CA ALA P 529 -68.37 -31.21 -48.64
C ALA P 529 -68.31 -29.93 -49.48
N ALA P 530 -68.74 -30.00 -50.74
CA ALA P 530 -68.74 -28.81 -51.58
C ALA P 530 -69.64 -27.72 -51.01
N THR P 531 -70.86 -28.11 -50.60
CA THR P 531 -71.78 -27.14 -50.03
C THR P 531 -71.24 -26.54 -48.74
N VAL P 532 -70.67 -27.38 -47.88
CA VAL P 532 -70.13 -26.92 -46.60
C VAL P 532 -68.98 -25.95 -46.82
N ASN P 533 -68.07 -26.29 -47.74
CA ASN P 533 -66.96 -25.41 -48.05
C ASN P 533 -67.46 -24.10 -48.63
N SER P 534 -68.51 -24.14 -49.46
CA SER P 534 -69.08 -22.91 -49.98
C SER P 534 -69.65 -22.03 -48.88
N ASN P 535 -70.31 -22.64 -47.89
CA ASN P 535 -71.01 -21.91 -46.84
C ASN P 535 -70.12 -21.60 -45.63
N LEU P 536 -68.80 -21.56 -45.81
CA LEU P 536 -67.88 -21.39 -44.67
C LEU P 536 -67.80 -19.94 -44.21
N VAL P 537 -67.25 -19.07 -45.05
CA VAL P 537 -67.06 -17.66 -44.73
C VAL P 537 -68.02 -16.85 -45.58
N ASN P 538 -68.82 -16.00 -44.95
CA ASN P 538 -69.95 -15.39 -45.65
C ASN P 538 -69.97 -13.89 -45.45
N TYR P 539 -70.53 -13.20 -46.43
CA TYR P 539 -70.82 -11.78 -46.37
C TYR P 539 -72.32 -11.57 -46.51
N VAL P 540 -72.87 -10.69 -45.67
CA VAL P 540 -74.31 -10.41 -45.67
C VAL P 540 -74.55 -9.21 -46.57
N SER P 541 -75.31 -9.42 -47.63
CA SER P 541 -75.58 -8.36 -48.59
C SER P 541 -76.88 -7.65 -48.22
N THR P 542 -77.20 -6.57 -48.94
CA THR P 542 -78.40 -5.81 -48.64
C THR P 542 -79.66 -6.63 -48.91
N GLY P 543 -79.69 -7.35 -50.03
CA GLY P 543 -80.85 -8.12 -50.41
C GLY P 543 -80.93 -9.52 -49.85
N ASP P 544 -80.07 -9.86 -48.88
CA ASP P 544 -80.04 -11.19 -48.29
C ASP P 544 -80.01 -11.10 -46.77
N VAL P 545 -80.89 -10.29 -46.20
CA VAL P 545 -80.96 -10.12 -44.75
C VAL P 545 -81.95 -11.13 -44.19
N THR P 546 -81.51 -11.92 -43.21
CA THR P 546 -82.34 -12.91 -42.56
C THR P 546 -82.57 -12.51 -41.11
N ASP P 547 -83.84 -12.41 -40.73
CA ASP P 547 -84.20 -11.93 -39.41
C ASP P 547 -84.19 -13.06 -38.39
N SER P 548 -83.87 -12.70 -37.14
CA SER P 548 -83.83 -13.64 -36.02
C SER P 548 -82.91 -14.82 -36.31
N SER P 549 -81.72 -14.52 -36.81
CA SER P 549 -80.72 -15.53 -37.11
C SER P 549 -79.34 -14.89 -37.00
N ASN P 550 -78.33 -15.62 -37.48
CA ASN P 550 -76.96 -15.10 -37.43
C ASN P 550 -76.70 -14.03 -38.49
N GLU P 551 -77.63 -13.84 -39.43
CA GLU P 551 -77.44 -12.89 -40.52
C GLU P 551 -78.46 -11.76 -40.48
N ALA P 552 -78.73 -11.22 -39.30
CA ALA P 552 -79.66 -10.11 -39.17
C ALA P 552 -78.98 -8.76 -39.38
N LEU P 553 -77.67 -8.73 -39.52
CA LEU P 553 -76.91 -7.49 -39.70
C LEU P 553 -76.30 -7.48 -41.09
N ALA P 554 -76.58 -6.42 -41.84
CA ALA P 554 -76.10 -6.28 -43.21
C ALA P 554 -74.74 -5.62 -43.23
N GLY P 555 -73.95 -5.93 -44.26
CA GLY P 555 -72.62 -5.37 -44.40
C GLY P 555 -71.64 -5.84 -43.35
N THR P 556 -71.70 -7.12 -43.01
CA THR P 556 -70.78 -7.73 -42.05
C THR P 556 -70.32 -9.08 -42.58
N PHE P 557 -69.23 -9.57 -42.00
CA PHE P 557 -68.68 -10.87 -42.35
C PHE P 557 -68.92 -11.86 -41.23
N VAL P 558 -69.22 -13.11 -41.60
CA VAL P 558 -69.41 -14.19 -40.65
C VAL P 558 -68.34 -15.24 -40.92
N ILE P 559 -67.63 -15.64 -39.87
CA ILE P 559 -66.50 -16.57 -39.98
C ILE P 559 -66.76 -17.75 -39.05
N GLN P 560 -66.60 -18.96 -39.59
CA GLN P 560 -66.81 -20.19 -38.84
C GLN P 560 -65.74 -21.20 -39.21
N THR P 561 -65.76 -22.34 -38.53
CA THR P 561 -64.90 -23.46 -38.84
C THR P 561 -65.71 -24.75 -38.76
N ALA P 562 -65.17 -25.82 -39.33
CA ALA P 562 -65.87 -27.09 -39.40
C ALA P 562 -65.32 -28.13 -38.42
N ARG P 563 -64.66 -27.71 -37.36
CA ARG P 563 -64.22 -28.60 -36.30
C ARG P 563 -64.75 -28.13 -34.95
N LEU P 564 -64.81 -29.05 -34.00
CA LEU P 564 -65.45 -28.81 -32.72
C LEU P 564 -64.43 -28.54 -31.62
N GLY P 565 -64.90 -27.88 -30.56
CA GLY P 565 -64.12 -27.70 -29.37
C GLY P 565 -62.98 -26.69 -29.50
N ASP P 566 -61.98 -26.87 -28.65
CA ASP P 566 -60.86 -25.92 -28.60
C ASP P 566 -60.11 -25.85 -29.92
N ASP P 567 -60.21 -26.88 -30.75
CA ASP P 567 -59.56 -26.85 -32.05
C ASP P 567 -60.11 -25.74 -32.94
N SER P 568 -61.32 -25.25 -32.67
CA SER P 568 -61.95 -24.25 -33.51
C SER P 568 -61.67 -22.82 -33.05
N LYS P 569 -60.63 -22.61 -32.25
CA LYS P 569 -60.23 -21.26 -31.87
C LYS P 569 -59.28 -20.69 -32.91
N LEU P 570 -59.72 -19.65 -33.61
CA LEU P 570 -58.92 -18.96 -34.62
C LEU P 570 -58.35 -17.68 -34.04
N SER P 571 -57.12 -17.34 -34.46
CA SER P 571 -56.46 -16.12 -34.03
C SER P 571 -55.97 -15.33 -35.23
N PHE P 572 -56.05 -14.01 -35.14
CA PHE P 572 -55.67 -13.11 -36.21
C PHE P 572 -54.53 -12.22 -35.74
N ILE P 573 -53.48 -12.11 -36.56
CA ILE P 573 -52.30 -11.33 -36.25
C ILE P 573 -51.97 -10.45 -37.46
N GLY P 574 -51.49 -9.24 -37.19
CA GLY P 574 -51.11 -8.36 -38.28
C GLY P 574 -50.81 -6.97 -37.75
N ASP P 575 -50.86 -6.00 -38.66
CA ASP P 575 -50.66 -4.61 -38.30
C ASP P 575 -51.78 -4.15 -37.36
N GLN P 576 -51.43 -3.25 -36.44
CA GLN P 576 -52.38 -2.83 -35.42
C GLN P 576 -53.58 -2.13 -36.03
N ASN P 577 -53.35 -1.26 -37.02
CA ASN P 577 -54.45 -0.47 -37.57
C ASN P 577 -55.40 -1.34 -38.39
N LEU P 578 -54.87 -2.35 -39.09
CA LEU P 578 -55.74 -3.25 -39.85
C LEU P 578 -56.66 -4.04 -38.92
N ILE P 579 -56.11 -4.57 -37.83
CA ILE P 579 -56.92 -5.30 -36.86
C ILE P 579 -57.92 -4.36 -36.21
N ASN P 580 -57.51 -3.13 -35.92
CA ASN P 580 -58.42 -2.15 -35.33
C ASN P 580 -59.59 -1.87 -36.26
N ALA P 581 -59.32 -1.73 -37.56
CA ALA P 581 -60.38 -1.48 -38.53
C ALA P 581 -61.31 -2.69 -38.65
N LEU P 582 -60.74 -3.90 -38.70
CA LEU P 582 -61.56 -5.10 -38.87
C LEU P 582 -62.50 -5.30 -37.69
N SER P 583 -61.95 -5.26 -36.47
CA SER P 583 -62.75 -5.25 -35.23
C SER P 583 -63.66 -6.48 -35.13
N LEU P 584 -63.03 -7.66 -35.05
CA LEU P 584 -63.79 -8.89 -34.92
C LEU P 584 -64.47 -8.96 -33.56
N ALA P 585 -65.42 -9.88 -33.46
CA ALA P 585 -66.18 -10.10 -32.22
C ALA P 585 -66.61 -11.55 -32.15
N THR P 586 -66.95 -11.99 -30.94
CA THR P 586 -67.34 -13.37 -30.70
C THR P 586 -68.83 -13.43 -30.41
N ILE P 587 -69.54 -14.26 -31.18
CA ILE P 587 -70.96 -14.49 -30.92
C ILE P 587 -71.29 -15.95 -30.63
N GLN P 588 -70.43 -16.90 -31.00
CA GLN P 588 -70.62 -18.27 -30.56
C GLN P 588 -69.28 -18.87 -30.15
N GLU P 589 -69.31 -19.68 -29.10
CA GLU P 589 -68.13 -20.35 -28.57
C GLU P 589 -68.36 -21.85 -28.54
N GLY P 590 -67.29 -22.61 -28.76
CA GLY P 590 -67.40 -24.05 -28.88
C GLY P 590 -67.34 -24.77 -27.55
N GLU P 591 -67.91 -25.97 -27.55
CA GLU P 591 -67.93 -26.83 -26.37
C GLU P 591 -67.52 -28.24 -26.80
N ASN P 592 -67.01 -29.01 -25.85
CA ASN P 592 -66.47 -30.33 -26.16
C ASN P 592 -67.58 -31.37 -26.25
N SER P 593 -67.20 -32.56 -26.70
CA SER P 593 -68.11 -33.67 -26.92
C SER P 593 -68.04 -34.66 -25.76
N GLU P 594 -68.81 -35.73 -25.88
CA GLU P 594 -68.80 -36.81 -24.89
C GLU P 594 -68.54 -38.13 -25.60
N THR P 595 -67.62 -38.93 -25.05
CA THR P 595 -67.20 -40.17 -25.68
C THR P 595 -67.44 -41.34 -24.73
N THR P 596 -68.02 -42.41 -25.25
CA THR P 596 -68.18 -43.66 -24.53
C THR P 596 -67.27 -44.71 -25.16
N ILE P 597 -66.43 -45.32 -24.35
CA ILE P 597 -65.40 -46.24 -24.85
C ILE P 597 -65.50 -47.54 -24.08
N LYS P 598 -65.47 -48.66 -24.80
CA LYS P 598 -65.52 -50.00 -24.23
C LYS P 598 -64.33 -50.79 -24.74
N VAL P 599 -63.61 -51.45 -23.84
CA VAL P 599 -62.41 -52.20 -24.21
C VAL P 599 -62.65 -53.68 -23.97
N THR P 600 -62.31 -54.50 -24.96
CA THR P 600 -62.45 -55.95 -24.86
C THR P 600 -61.21 -56.61 -25.45
N ASP P 601 -60.91 -57.81 -24.95
CA ASP P 601 -59.74 -58.53 -25.42
C ASP P 601 -60.00 -59.07 -26.83
N ALA P 602 -58.92 -59.09 -27.63
CA ALA P 602 -59.05 -59.36 -29.06
C ALA P 602 -59.01 -60.84 -29.40
N HIS P 603 -58.80 -61.72 -28.44
CA HIS P 603 -58.80 -63.14 -28.77
C HIS P 603 -59.93 -63.91 -28.10
N THR P 604 -60.06 -63.82 -26.77
CA THR P 604 -61.14 -64.49 -26.06
C THR P 604 -62.43 -63.72 -26.08
N GLY P 605 -62.45 -62.48 -25.59
CA GLY P 605 -63.62 -61.66 -25.61
C GLY P 605 -64.17 -61.23 -24.27
N LYS P 606 -63.34 -61.19 -23.23
CA LYS P 606 -63.83 -60.81 -21.91
C LYS P 606 -63.83 -59.29 -21.76
N PHE P 607 -64.74 -58.80 -20.93
CA PHE P 607 -64.87 -57.37 -20.69
C PHE P 607 -63.77 -56.90 -19.74
N ILE P 608 -63.22 -55.71 -20.01
CA ILE P 608 -62.14 -55.13 -19.22
C ILE P 608 -62.55 -53.81 -18.59
N GLY P 609 -63.13 -52.92 -19.38
CA GLY P 609 -63.53 -51.63 -18.85
C GLY P 609 -64.41 -50.86 -19.82
N SER P 610 -65.15 -49.93 -19.25
CA SER P 610 -65.97 -48.98 -19.99
C SER P 610 -65.82 -47.62 -19.34
N ASP P 611 -65.92 -46.57 -20.15
CA ASP P 611 -65.68 -45.22 -19.66
C ASP P 611 -66.51 -44.21 -20.45
N SER P 612 -66.79 -43.09 -19.80
CA SER P 612 -67.42 -41.93 -20.43
C SER P 612 -66.60 -40.70 -20.09
N VAL P 613 -66.04 -40.07 -21.12
CA VAL P 613 -65.12 -38.96 -20.95
C VAL P 613 -65.59 -37.79 -21.78
N ASN P 614 -64.96 -36.62 -21.55
CA ASN P 614 -65.31 -35.40 -22.25
C ASN P 614 -64.16 -34.80 -23.04
N ASP P 615 -62.92 -34.97 -22.61
CA ASP P 615 -61.77 -34.44 -23.33
C ASP P 615 -61.13 -35.47 -24.26
N SER P 616 -61.81 -36.60 -24.48
CA SER P 616 -61.32 -37.66 -25.38
C SER P 616 -59.98 -38.21 -24.90
N THR P 617 -59.94 -38.68 -23.65
CA THR P 617 -58.73 -39.26 -23.07
C THR P 617 -59.13 -40.55 -22.35
N LEU P 618 -59.06 -41.67 -23.07
CA LEU P 618 -59.25 -42.98 -22.44
C LEU P 618 -58.00 -43.32 -21.65
N ARG P 619 -58.05 -43.11 -20.34
CA ARG P 619 -56.89 -43.35 -19.49
C ARG P 619 -57.35 -43.71 -18.09
N GLY P 620 -56.48 -44.40 -17.36
CA GLY P 620 -56.84 -44.94 -16.06
C GLY P 620 -57.51 -46.29 -16.11
N VAL P 621 -57.67 -46.87 -17.31
CA VAL P 621 -58.22 -48.21 -17.45
C VAL P 621 -57.15 -49.21 -17.85
N ILE P 622 -56.20 -48.81 -18.70
CA ILE P 622 -55.03 -49.61 -19.01
C ILE P 622 -53.87 -49.06 -18.20
N GLN P 623 -53.30 -49.88 -17.33
CA GLN P 623 -52.27 -49.40 -16.41
C GLN P 623 -51.01 -49.01 -17.18
N GLY P 624 -50.51 -47.82 -16.92
CA GLY P 624 -49.29 -47.34 -17.54
C GLY P 624 -49.44 -46.78 -18.94
N VAL P 625 -50.67 -46.63 -19.43
CA VAL P 625 -50.92 -46.16 -20.79
C VAL P 625 -52.07 -45.17 -20.80
N ASP P 626 -51.89 -44.06 -21.50
CA ASP P 626 -52.98 -43.15 -21.83
C ASP P 626 -53.13 -43.11 -23.35
N VAL P 627 -54.36 -43.16 -23.82
CA VAL P 627 -54.68 -43.26 -25.25
C VAL P 627 -55.39 -41.99 -25.68
N LYS P 628 -54.88 -41.38 -26.74
CA LYS P 628 -55.45 -40.17 -27.32
C LYS P 628 -56.21 -40.54 -28.59
N ILE P 629 -57.47 -40.14 -28.65
CA ILE P 629 -58.32 -40.35 -29.81
C ILE P 629 -58.66 -38.98 -30.39
N ASP P 630 -58.53 -38.85 -31.71
CA ASP P 630 -58.73 -37.56 -32.35
C ASP P 630 -60.19 -37.13 -32.26
N SER P 631 -60.41 -35.81 -32.37
CA SER P 631 -61.71 -35.22 -32.12
C SER P 631 -62.66 -35.33 -33.31
N ASP P 632 -62.21 -35.83 -34.46
CA ASP P 632 -63.03 -35.89 -35.66
C ASP P 632 -63.34 -37.32 -36.08
N VAL P 633 -63.67 -38.19 -35.12
CA VAL P 633 -63.98 -39.59 -35.39
C VAL P 633 -65.48 -39.79 -35.24
N GLY P 634 -66.11 -40.34 -36.27
CA GLY P 634 -67.52 -40.70 -36.22
C GLY P 634 -68.50 -39.56 -36.05
N VAL P 635 -68.31 -38.47 -36.80
CA VAL P 635 -69.23 -37.34 -36.82
C VAL P 635 -69.46 -36.94 -38.27
N SER P 636 -70.71 -36.67 -38.62
CA SER P 636 -71.07 -36.22 -39.95
C SER P 636 -71.60 -34.79 -39.90
N ILE P 637 -71.48 -34.08 -41.01
CA ILE P 637 -71.78 -32.65 -41.07
C ILE P 637 -72.82 -32.41 -42.16
N SER P 638 -73.73 -31.46 -41.91
CA SER P 638 -74.71 -31.07 -42.89
C SER P 638 -74.96 -29.57 -42.77
N TRP P 639 -75.47 -28.98 -43.84
CA TRP P 639 -75.75 -27.54 -43.90
C TRP P 639 -77.24 -27.30 -44.03
N ASN P 640 -77.75 -26.29 -43.33
CA ASN P 640 -79.15 -25.91 -43.41
C ASN P 640 -79.24 -24.47 -43.90
N SER P 641 -79.98 -24.26 -44.99
CA SER P 641 -80.07 -22.95 -45.61
C SER P 641 -81.22 -22.11 -45.08
N THR P 642 -82.34 -22.74 -44.69
CA THR P 642 -83.46 -21.97 -44.15
C THR P 642 -83.06 -21.26 -42.86
N LYS P 643 -82.15 -21.85 -42.11
CA LYS P 643 -81.64 -21.26 -40.87
C LYS P 643 -80.22 -20.74 -41.01
N LYS P 644 -79.51 -21.12 -42.10
CA LYS P 644 -78.13 -20.70 -42.34
C LYS P 644 -77.20 -21.18 -41.23
N THR P 645 -77.23 -22.48 -40.96
CA THR P 645 -76.47 -23.04 -39.84
C THR P 645 -75.85 -24.37 -40.22
N MET P 646 -74.90 -24.79 -39.39
CA MET P 646 -74.31 -26.11 -39.49
C MET P 646 -75.07 -27.08 -38.58
N GLU P 647 -75.06 -28.36 -38.94
CA GLU P 647 -75.67 -29.39 -38.11
C GLU P 647 -74.73 -30.59 -38.06
N PHE P 648 -74.34 -30.97 -36.85
CA PHE P 648 -73.50 -32.14 -36.62
C PHE P 648 -74.38 -33.30 -36.22
N SER P 649 -74.04 -34.50 -36.69
CA SER P 649 -74.87 -35.67 -36.44
C SER P 649 -73.98 -36.87 -36.15
N ALA P 650 -74.52 -37.77 -35.33
CA ALA P 650 -73.86 -39.04 -35.07
C ALA P 650 -73.95 -39.94 -36.31
N THR P 651 -72.85 -40.62 -36.60
CA THR P 651 -72.80 -41.43 -37.82
C THR P 651 -73.78 -42.59 -37.75
N GLY P 652 -73.87 -43.26 -36.60
CA GLY P 652 -74.79 -44.35 -36.40
C GLY P 652 -74.18 -45.73 -36.46
N GLU P 653 -72.93 -45.85 -36.92
CA GLU P 653 -72.23 -47.12 -36.93
C GLU P 653 -70.94 -46.96 -36.14
N SER P 654 -70.76 -47.83 -35.16
CA SER P 654 -69.62 -47.72 -34.26
C SER P 654 -68.33 -48.09 -34.99
N GLU P 655 -67.21 -47.61 -34.46
CA GLU P 655 -65.90 -47.79 -35.07
C GLU P 655 -65.07 -48.76 -34.24
N ASP P 656 -64.19 -49.51 -34.91
CA ASP P 656 -63.35 -50.50 -34.27
C ASP P 656 -61.89 -50.15 -34.50
N ILE P 657 -61.10 -50.18 -33.42
CA ILE P 657 -59.67 -49.93 -33.48
C ILE P 657 -58.95 -51.07 -32.78
N LYS P 658 -57.69 -51.28 -33.14
CA LYS P 658 -56.88 -52.36 -32.59
C LYS P 658 -55.55 -51.80 -32.11
N LEU P 659 -55.03 -52.36 -31.04
CA LEU P 659 -53.81 -51.87 -30.40
C LEU P 659 -52.94 -53.04 -29.95
N HIS P 660 -51.63 -52.90 -30.14
CA HIS P 660 -50.66 -53.91 -29.77
C HIS P 660 -49.66 -53.31 -28.79
N LEU P 661 -49.43 -54.01 -27.68
CA LEU P 661 -48.61 -53.48 -26.59
C LEU P 661 -47.77 -54.60 -26.00
N VAL P 662 -46.46 -54.36 -25.84
CA VAL P 662 -45.54 -55.32 -25.26
C VAL P 662 -44.58 -54.56 -24.36
N ASP P 663 -43.87 -55.29 -23.51
CA ASP P 663 -43.00 -54.69 -22.51
C ASP P 663 -41.52 -54.88 -22.87
N ASN P 664 -40.70 -53.89 -22.46
CA ASN P 664 -39.26 -53.92 -22.69
C ASN P 664 -38.48 -53.46 -21.46
N ALA P 665 -38.85 -53.94 -20.27
CA ALA P 665 -38.25 -53.49 -19.02
C ALA P 665 -36.77 -53.82 -18.93
N MET P 666 -36.09 -53.33 -17.91
CA MET P 666 -34.66 -53.55 -17.72
C MET P 666 -34.42 -54.45 -16.53
N GLU P 667 -33.62 -55.50 -16.73
CA GLU P 667 -33.25 -56.43 -15.68
C GLU P 667 -31.82 -56.16 -15.20
N MET P 668 -31.58 -56.40 -13.92
CA MET P 668 -30.26 -56.21 -13.33
C MET P 668 -29.95 -57.38 -12.43
N GLN P 669 -28.92 -58.15 -12.78
CA GLN P 669 -28.49 -59.27 -11.94
C GLN P 669 -27.68 -58.73 -10.76
N ILE P 670 -28.13 -59.02 -9.55
CA ILE P 670 -27.55 -58.41 -8.37
C ILE P 670 -27.11 -59.49 -7.38
N GLY P 671 -27.11 -60.75 -7.84
CA GLY P 671 -26.73 -61.83 -6.95
C GLY P 671 -25.89 -62.90 -7.61
N ALA P 672 -25.58 -63.96 -6.85
CA ALA P 672 -24.75 -65.06 -7.34
C ALA P 672 -25.53 -66.36 -7.48
N ASN P 673 -26.86 -66.28 -7.44
CA ASN P 673 -27.69 -67.47 -7.60
C ASN P 673 -28.93 -67.09 -8.40
N GLU P 674 -29.55 -68.10 -8.99
CA GLU P 674 -30.73 -67.90 -9.82
C GLU P 674 -31.87 -67.32 -8.99
N GLY P 675 -32.30 -66.11 -9.33
CA GLY P 675 -33.54 -65.60 -8.77
C GLY P 675 -33.56 -64.16 -8.29
N GLN P 676 -32.46 -63.65 -7.76
CA GLN P 676 -32.44 -62.32 -7.19
C GLN P 676 -32.01 -61.31 -8.26
N THR P 677 -32.88 -60.32 -8.50
CA THR P 677 -32.62 -59.31 -9.52
C THR P 677 -33.24 -57.99 -9.09
N ILE P 678 -33.05 -56.98 -9.93
CA ILE P 678 -33.62 -55.65 -9.73
C ILE P 678 -34.22 -55.20 -11.06
N LEU P 679 -35.42 -54.62 -11.00
CA LEU P 679 -36.06 -54.13 -12.20
C LEU P 679 -35.89 -52.62 -12.35
N ALA P 680 -35.79 -52.18 -13.60
CA ALA P 680 -35.56 -50.77 -13.90
C ALA P 680 -36.43 -50.34 -15.07
N ASN P 681 -37.05 -49.17 -14.92
CA ASN P 681 -37.89 -48.56 -15.94
C ASN P 681 -37.72 -47.05 -15.89
N ILE P 682 -37.85 -46.40 -17.04
CA ILE P 682 -37.73 -44.95 -17.15
C ILE P 682 -38.92 -44.43 -17.94
N PRO P 683 -39.78 -43.59 -17.35
CA PRO P 683 -40.97 -43.13 -18.07
C PRO P 683 -40.61 -42.30 -19.29
N GLN P 684 -41.49 -42.36 -20.29
CA GLN P 684 -41.26 -41.63 -21.54
C GLN P 684 -41.55 -40.15 -21.34
N VAL P 685 -40.60 -39.31 -21.74
CA VAL P 685 -40.66 -37.87 -21.51
C VAL P 685 -40.35 -37.13 -22.79
N ASP P 686 -41.27 -36.26 -23.21
CA ASP P 686 -41.05 -35.34 -24.32
C ASP P 686 -42.08 -34.22 -24.21
N THR P 687 -42.20 -33.42 -25.27
CA THR P 687 -43.19 -32.35 -25.27
C THR P 687 -44.61 -32.89 -25.16
N THR P 688 -44.91 -33.97 -25.87
CA THR P 688 -46.24 -34.56 -25.82
C THR P 688 -46.55 -35.09 -24.43
N SER P 689 -45.58 -35.75 -23.80
CA SER P 689 -45.78 -36.27 -22.45
C SER P 689 -46.04 -35.15 -21.46
N LEU P 690 -45.28 -34.05 -21.58
CA LEU P 690 -45.50 -32.88 -20.73
C LEU P 690 -46.78 -32.14 -21.09
N GLY P 691 -47.38 -32.43 -22.23
CA GLY P 691 -48.64 -31.82 -22.60
C GLY P 691 -48.58 -30.33 -22.88
N ILE P 692 -47.52 -29.87 -23.56
CA ILE P 692 -47.40 -28.46 -23.91
C ILE P 692 -47.22 -28.34 -25.43
N ASP P 693 -47.80 -29.28 -26.18
CA ASP P 693 -47.65 -29.27 -27.63
C ASP P 693 -48.30 -28.04 -28.26
N ASP P 694 -49.49 -27.65 -27.78
CA ASP P 694 -50.29 -26.62 -28.41
C ASP P 694 -50.29 -25.33 -27.59
N ILE P 695 -49.14 -24.97 -27.04
CA ILE P 695 -48.99 -23.70 -26.35
C ILE P 695 -48.81 -22.60 -27.39
N LEU P 696 -49.54 -21.49 -27.22
CA LEU P 696 -49.56 -20.43 -28.20
C LEU P 696 -49.40 -19.08 -27.51
N MET P 697 -48.72 -18.16 -28.18
CA MET P 697 -48.52 -16.80 -27.66
C MET P 697 -48.78 -15.83 -28.81
N VAL P 698 -50.06 -15.47 -28.98
CA VAL P 698 -50.45 -14.54 -30.03
C VAL P 698 -51.26 -13.39 -29.44
N ASP P 699 -52.20 -13.71 -28.56
CA ASP P 699 -53.06 -12.72 -27.92
C ASP P 699 -52.80 -12.71 -26.42
N GLN P 700 -53.36 -11.71 -25.75
CA GLN P 700 -53.19 -11.55 -24.30
C GLN P 700 -54.24 -12.32 -23.53
N GLU P 701 -54.35 -13.63 -23.82
CA GLU P 701 -55.28 -14.49 -23.11
C GLU P 701 -54.76 -15.90 -22.85
N LEU P 702 -53.64 -16.31 -23.44
CA LEU P 702 -53.13 -17.66 -23.29
C LEU P 702 -52.00 -17.78 -22.27
N ALA P 703 -51.42 -16.66 -21.84
CA ALA P 703 -50.27 -16.71 -20.95
C ALA P 703 -50.60 -17.33 -19.60
N GLN P 704 -51.81 -17.09 -19.08
CA GLN P 704 -52.17 -17.63 -17.77
C GLN P 704 -52.24 -19.15 -17.80
N GLU P 705 -52.93 -19.70 -18.81
CA GLU P 705 -52.97 -21.15 -18.98
C GLU P 705 -51.56 -21.69 -19.21
N SER P 706 -50.73 -20.92 -19.92
CA SER P 706 -49.33 -21.32 -20.13
C SER P 706 -48.61 -21.49 -18.80
N ILE P 707 -48.77 -20.52 -17.89
CA ILE P 707 -48.10 -20.58 -16.60
C ILE P 707 -48.58 -21.78 -15.80
N THR P 708 -49.89 -22.02 -15.80
CA THR P 708 -50.41 -23.19 -15.09
C THR P 708 -49.80 -24.48 -15.63
N LYS P 709 -49.80 -24.64 -16.95
CA LYS P 709 -49.26 -25.85 -17.56
C LYS P 709 -47.78 -26.02 -17.26
N LEU P 710 -47.04 -24.90 -17.26
CA LEU P 710 -45.61 -24.96 -16.95
C LEU P 710 -45.37 -25.43 -15.52
N ASP P 711 -46.17 -24.94 -14.58
CA ASP P 711 -46.06 -25.40 -13.20
C ASP P 711 -46.26 -26.91 -13.11
N LYS P 712 -47.30 -27.40 -13.78
CA LYS P 712 -47.58 -28.83 -13.74
C LYS P 712 -46.43 -29.66 -14.33
N ALA P 713 -45.89 -29.20 -15.48
CA ALA P 713 -44.79 -29.92 -16.10
C ALA P 713 -43.56 -29.94 -15.20
N LEU P 714 -43.27 -28.82 -14.55
CA LEU P 714 -42.10 -28.75 -13.68
C LEU P 714 -42.22 -29.73 -12.52
N GLU P 715 -43.40 -29.79 -11.89
CA GLU P 715 -43.54 -30.72 -10.77
C GLU P 715 -43.43 -32.17 -11.23
N THR P 716 -43.95 -32.48 -12.42
CA THR P 716 -43.80 -33.84 -12.95
C THR P 716 -42.33 -34.21 -13.15
N VAL P 717 -41.56 -33.30 -13.75
CA VAL P 717 -40.15 -33.59 -14.01
C VAL P 717 -39.38 -33.76 -12.70
N SER P 718 -39.70 -32.93 -11.70
CA SER P 718 -39.06 -33.08 -10.40
C SER P 718 -39.34 -34.46 -9.81
N GLY P 719 -40.59 -34.92 -9.91
CA GLY P 719 -40.91 -36.25 -9.41
C GLY P 719 -40.10 -37.34 -10.09
N VAL P 720 -39.96 -37.26 -11.42
CA VAL P 720 -39.19 -38.28 -12.14
C VAL P 720 -37.74 -38.30 -11.66
N ARG P 721 -37.13 -37.11 -11.57
CA ARG P 721 -35.73 -37.05 -11.16
C ARG P 721 -35.53 -37.63 -9.76
N ALA P 722 -36.44 -37.31 -8.83
CA ALA P 722 -36.28 -37.80 -7.47
C ALA P 722 -36.46 -39.32 -7.40
N THR P 723 -37.32 -39.87 -8.26
CA THR P 723 -37.41 -41.33 -8.34
C THR P 723 -36.07 -41.94 -8.76
N ILE P 724 -35.44 -41.37 -9.79
CA ILE P 724 -34.13 -41.86 -10.21
C ILE P 724 -33.13 -41.79 -9.05
N GLY P 725 -33.18 -40.70 -8.29
CA GLY P 725 -32.29 -40.58 -7.13
C GLY P 725 -32.51 -41.67 -6.10
N ALA P 726 -33.78 -42.01 -5.84
CA ALA P 726 -34.06 -43.11 -4.91
C ALA P 726 -33.44 -44.41 -5.40
N GLN P 727 -33.59 -44.70 -6.70
CA GLN P 727 -32.95 -45.89 -7.26
C GLN P 727 -31.45 -45.92 -7.01
N ILE P 728 -30.78 -44.80 -7.30
CA ILE P 728 -29.32 -44.77 -7.20
C ILE P 728 -28.89 -44.93 -5.74
N ASN P 729 -29.65 -44.34 -4.80
CA ASN P 729 -29.31 -44.52 -3.39
C ASN P 729 -29.43 -45.97 -2.95
N ARG P 730 -30.50 -46.65 -3.38
CA ARG P 730 -30.62 -48.07 -3.04
C ARG P 730 -29.42 -48.86 -3.58
N LEU P 731 -29.03 -48.61 -4.83
CA LEU P 731 -27.92 -49.38 -5.39
C LEU P 731 -26.61 -49.09 -4.64
N GLU P 732 -26.37 -47.83 -4.29
CA GLU P 732 -25.17 -47.49 -3.53
C GLU P 732 -25.14 -48.21 -2.20
N TYR P 733 -26.27 -48.25 -1.48
CA TYR P 733 -26.30 -48.99 -0.22
C TYR P 733 -26.08 -50.49 -0.43
N THR P 734 -26.63 -51.07 -1.49
CA THR P 734 -26.51 -52.52 -1.62
C THR P 734 -25.15 -52.96 -2.16
N MET P 735 -24.32 -52.04 -2.65
CA MET P 735 -23.05 -52.45 -3.25
C MET P 735 -22.08 -53.05 -2.22
N THR P 736 -22.03 -52.49 -1.00
CA THR P 736 -20.95 -52.82 -0.08
C THR P 736 -21.10 -54.18 0.61
N GLY P 737 -22.32 -54.62 0.86
CA GLY P 737 -22.53 -55.90 1.52
C GLY P 737 -21.95 -57.06 0.72
N LEU P 738 -21.94 -56.92 -0.61
CA LEU P 738 -21.33 -57.96 -1.46
C LEU P 738 -19.86 -58.15 -1.11
N ASP P 739 -19.12 -57.05 -0.97
CA ASP P 739 -17.70 -57.15 -0.64
C ASP P 739 -17.49 -57.63 0.78
N THR P 740 -18.37 -57.22 1.71
CA THR P 740 -18.25 -57.73 3.08
C THR P 740 -18.41 -59.24 3.12
N THR P 741 -19.44 -59.75 2.43
CA THR P 741 -19.64 -61.19 2.36
C THR P 741 -18.49 -61.88 1.63
N ARG P 742 -17.93 -61.23 0.61
CA ARG P 742 -16.78 -61.79 -0.09
C ARG P 742 -15.60 -61.96 0.86
N GLU P 743 -15.31 -60.94 1.67
CA GLU P 743 -14.21 -61.05 2.62
C GLU P 743 -14.47 -62.17 3.61
N ASN P 744 -15.68 -62.26 4.15
CA ASN P 744 -15.97 -63.29 5.14
C ASN P 744 -15.84 -64.69 4.53
N LEU P 745 -16.36 -64.90 3.33
CA LEU P 745 -16.27 -66.21 2.70
C LEU P 745 -14.86 -66.56 2.29
N THR P 746 -14.08 -65.60 1.78
CA THR P 746 -12.71 -65.91 1.42
C THR P 746 -11.83 -66.13 2.63
N ALA P 747 -12.20 -65.56 3.79
CA ALA P 747 -11.51 -65.89 5.02
C ALA P 747 -11.89 -67.29 5.51
N ALA P 748 -13.17 -67.64 5.41
CA ALA P 748 -13.61 -68.96 5.83
C ALA P 748 -13.00 -70.06 4.97
N GLU P 749 -12.93 -69.83 3.65
CA GLU P 749 -12.38 -70.85 2.76
C GLU P 749 -10.90 -71.05 2.99
N SER P 750 -10.17 -69.99 3.32
CA SER P 750 -8.73 -70.08 3.46
C SER P 750 -8.34 -70.63 4.82
N ARG P 751 -8.90 -71.78 5.18
CA ARG P 751 -8.47 -72.53 6.35
C ARG P 751 -8.28 -74.00 6.03
N ILE P 752 -8.46 -74.41 4.78
CA ILE P 752 -8.35 -75.79 4.34
C ILE P 752 -7.34 -75.90 3.19
N ARG P 753 -6.53 -74.87 2.97
CA ARG P 753 -5.64 -74.87 1.82
C ARG P 753 -4.33 -75.59 2.11
N ASP P 754 -3.57 -75.15 3.11
CA ASP P 754 -2.30 -75.79 3.44
C ASP P 754 -2.03 -75.60 4.92
N LEU P 755 -1.22 -76.51 5.47
CA LEU P 755 -0.82 -76.40 6.86
C LEU P 755 0.20 -75.27 7.03
N ASP P 756 0.55 -75.01 8.29
CA ASP P 756 1.68 -74.13 8.57
C ASP P 756 2.97 -74.79 8.09
N ILE P 757 3.92 -73.97 7.63
CA ILE P 757 5.17 -74.53 7.12
C ILE P 757 5.99 -75.16 8.23
N ALA P 758 5.77 -74.74 9.48
CA ALA P 758 6.63 -75.18 10.59
C ALA P 758 6.52 -76.68 10.82
N ASP P 759 5.29 -77.20 10.98
CA ASP P 759 5.14 -78.61 11.28
C ASP P 759 5.45 -79.49 10.08
N GLU P 760 5.15 -79.01 8.87
CA GLU P 760 5.56 -79.74 7.68
C GLU P 760 7.08 -79.85 7.60
N MET P 761 7.79 -78.77 7.91
CA MET P 761 9.25 -78.81 7.95
C MET P 761 9.74 -79.79 9.01
N ALA P 762 9.08 -79.79 10.17
CA ALA P 762 9.47 -80.71 11.24
C ALA P 762 9.30 -82.16 10.79
N LYS P 763 8.17 -82.47 10.14
CA LYS P 763 7.94 -83.81 9.63
C LYS P 763 9.00 -84.21 8.62
N PHE P 764 9.31 -83.29 7.70
CA PHE P 764 10.32 -83.57 6.68
C PHE P 764 11.67 -83.87 7.31
N THR P 765 12.09 -83.04 8.28
CA THR P 765 13.37 -83.24 8.93
C THR P 765 13.41 -84.57 9.69
N LYS P 766 12.33 -84.88 10.41
CA LYS P 766 12.29 -86.13 11.17
C LYS P 766 12.39 -87.34 10.26
N ASN P 767 11.65 -87.34 9.14
CA ASN P 767 11.71 -88.45 8.21
C ASN P 767 13.10 -88.58 7.59
N GLN P 768 13.70 -87.44 7.23
CA GLN P 768 15.04 -87.46 6.65
C GLN P 768 16.04 -88.04 7.64
N ILE P 769 15.92 -87.69 8.92
CA ILE P 769 16.83 -88.22 9.93
C ILE P 769 16.64 -89.73 10.07
N LEU P 770 15.38 -90.20 10.09
CA LEU P 770 15.12 -91.63 10.28
C LEU P 770 15.65 -92.47 9.12
N ALA P 771 15.52 -91.97 7.89
CA ALA P 771 15.86 -92.79 6.72
C ALA P 771 17.33 -93.21 6.73
N GLN P 772 18.23 -92.29 7.09
CA GLN P 772 19.66 -92.60 7.06
C GLN P 772 20.03 -93.67 8.09
N SER P 773 19.44 -93.59 9.29
CA SER P 773 19.66 -94.64 10.28
C SER P 773 19.16 -95.98 9.77
N ASN P 774 17.99 -95.98 9.12
CA ASN P 774 17.49 -97.22 8.53
C ASN P 774 18.48 -97.78 7.52
N ILE P 775 19.05 -96.92 6.67
CA ILE P 775 19.98 -97.38 5.64
C ILE P 775 21.24 -97.98 6.28
N SER P 776 21.79 -97.31 7.30
CA SER P 776 22.99 -97.81 7.95
C SER P 776 22.74 -99.15 8.63
N MET P 777 21.60 -99.28 9.32
CA MET P 777 21.27 -100.55 9.96
C MET P 777 21.10 -101.66 8.94
N LEU P 778 20.47 -101.35 7.81
CA LEU P 778 20.33 -102.33 6.74
C LEU P 778 21.68 -102.78 6.22
N ALA P 779 22.61 -101.83 6.04
CA ALA P 779 23.95 -102.19 5.56
C ALA P 779 24.65 -103.13 6.52
N GLN P 780 24.60 -102.82 7.83
CA GLN P 780 25.29 -103.68 8.79
C GLN P 780 24.62 -105.04 8.89
N ALA P 781 23.29 -105.08 8.74
CA ALA P 781 22.59 -106.36 8.74
C ALA P 781 23.01 -107.21 7.54
N ASN P 782 23.15 -106.60 6.37
CA ASN P 782 23.67 -107.34 5.23
C ASN P 782 25.11 -107.79 5.46
N SER P 783 25.86 -107.03 6.25
CA SER P 783 27.26 -107.39 6.50
C SER P 783 27.36 -108.61 7.42
N LEU P 784 26.46 -108.73 8.41
CA LEU P 784 26.65 -109.71 9.47
C LEU P 784 26.71 -111.17 9.03
N PRO P 785 25.83 -111.68 8.10
CA PRO P 785 25.55 -113.12 8.08
C PRO P 785 26.74 -114.10 8.01
N GLN P 786 27.60 -114.04 7.00
CA GLN P 786 28.68 -115.03 6.98
C GLN P 786 29.95 -114.48 7.60
N MET P 787 30.14 -113.16 7.62
CA MET P 787 31.39 -112.61 8.14
C MET P 787 31.64 -113.06 9.58
N ALA P 788 30.65 -113.70 10.20
CA ALA P 788 30.84 -114.42 11.45
C ALA P 788 30.66 -115.93 11.31
N LEU P 789 30.51 -116.45 10.10
CA LEU P 789 30.26 -117.87 9.87
C LEU P 789 31.33 -118.56 9.03
N SER P 790 32.06 -117.77 8.23
CA SER P 790 33.01 -118.32 7.27
C SER P 790 34.11 -119.14 7.94
N LEU P 791 34.48 -118.80 9.16
CA LEU P 791 35.57 -119.47 9.85
C LEU P 791 35.11 -120.72 10.60
N LEU P 792 33.81 -121.03 10.55
CA LEU P 792 33.33 -122.31 11.06
C LEU P 792 33.91 -123.47 10.26
N GLY P 793 33.93 -123.35 8.94
CA GLY P 793 34.50 -124.39 8.09
C GLY P 793 35.01 -123.85 6.77
N ALA Q 2 39.39 -138.68 31.10
CA ALA Q 2 39.00 -139.88 30.37
C ALA Q 2 38.72 -139.55 28.91
N MET Q 3 39.47 -140.21 28.01
CA MET Q 3 39.38 -139.93 26.58
C MET Q 3 38.39 -140.89 25.93
N TYR Q 4 37.33 -140.32 25.34
CA TYR Q 4 36.31 -141.09 24.66
C TYR Q 4 36.24 -140.66 23.19
N ILE Q 5 35.24 -141.16 22.47
CA ILE Q 5 35.06 -140.87 21.06
C ILE Q 5 33.66 -140.30 20.86
N ASN Q 6 33.58 -139.17 20.16
CA ASN Q 6 32.31 -138.51 19.87
C ASN Q 6 31.52 -138.22 21.14
N THR Q 7 32.16 -137.52 22.07
CA THR Q 7 31.59 -137.19 23.37
C THR Q 7 31.79 -135.71 23.68
N ASN Q 8 31.79 -134.89 22.63
CA ASN Q 8 32.17 -133.49 22.74
C ASN Q 8 31.02 -132.67 23.33
N VAL Q 9 30.85 -132.82 24.65
CA VAL Q 9 29.86 -131.99 25.37
C VAL Q 9 30.26 -130.53 25.47
N PRO Q 10 31.55 -130.14 25.46
CA PRO Q 10 31.85 -128.70 25.36
C PRO Q 10 31.26 -128.07 24.11
N SER Q 11 31.21 -128.81 22.98
CA SER Q 11 30.55 -128.32 21.78
C SER Q 11 29.06 -128.13 22.00
N LEU Q 12 28.43 -129.01 22.76
CA LEU Q 12 27.02 -128.81 23.07
C LEU Q 12 26.80 -127.51 23.85
N THR Q 13 27.59 -127.29 24.90
CA THR Q 13 27.49 -126.03 25.64
C THR Q 13 27.74 -124.85 24.71
N ALA Q 14 28.65 -125.04 23.76
CA ALA Q 14 29.05 -123.97 22.85
C ALA Q 14 27.92 -123.55 21.92
N GLN Q 15 27.23 -124.52 21.28
CA GLN Q 15 26.12 -124.11 20.42
C GLN Q 15 24.93 -123.61 21.23
N ARG Q 16 24.71 -124.13 22.45
CA ARG Q 16 23.60 -123.59 23.22
C ARG Q 16 23.82 -122.09 23.51
N TYR Q 17 25.01 -121.75 24.01
CA TYR Q 17 25.34 -120.35 24.29
C TYR Q 17 25.32 -119.50 23.02
N LEU Q 18 25.88 -120.04 21.92
CA LEU Q 18 25.93 -119.30 20.68
C LEU Q 18 24.52 -119.01 20.15
N GLY Q 19 23.62 -119.99 20.24
CA GLY Q 19 22.26 -119.78 19.79
C GLY Q 19 21.55 -118.71 20.60
N GLU Q 20 21.74 -118.75 21.92
CA GLU Q 20 21.15 -117.71 22.76
C GLU Q 20 21.65 -116.32 22.35
N THR Q 21 22.97 -116.20 22.14
CA THR Q 21 23.54 -114.92 21.74
C THR Q 21 23.00 -114.47 20.39
N ASN Q 22 22.89 -115.39 19.44
CA ASN Q 22 22.36 -115.04 18.12
C ASN Q 22 20.94 -114.53 18.20
N ASN Q 23 20.09 -115.20 19.00
CA ASN Q 23 18.72 -114.72 19.15
C ASN Q 23 18.68 -113.33 19.78
N ALA Q 24 19.52 -113.10 20.80
CA ALA Q 24 19.56 -111.79 21.42
C ALA Q 24 19.96 -110.72 20.41
N VAL Q 25 20.96 -111.02 19.58
CA VAL Q 25 21.38 -110.07 18.54
C VAL Q 25 20.25 -109.79 17.58
N SER Q 26 19.49 -110.82 17.19
CA SER Q 26 18.37 -110.64 16.28
C SER Q 26 17.34 -109.67 16.86
N LYS Q 27 16.94 -109.89 18.12
CA LYS Q 27 15.96 -108.99 18.73
C LYS Q 27 16.51 -107.57 18.85
N SER Q 28 17.78 -107.41 19.23
CA SER Q 28 18.35 -106.08 19.34
C SER Q 28 18.33 -105.35 18.01
N LEU Q 29 18.71 -106.05 16.93
CA LEU Q 29 18.70 -105.41 15.62
C LEU Q 29 17.29 -105.07 15.19
N GLU Q 30 16.32 -105.92 15.53
CA GLU Q 30 14.92 -105.60 15.22
C GLU Q 30 14.48 -104.33 15.93
N ARG Q 31 14.83 -104.19 17.21
CA ARG Q 31 14.45 -102.99 17.94
C ARG Q 31 15.10 -101.74 17.34
N LEU Q 32 16.40 -101.82 17.01
CA LEU Q 32 17.07 -100.67 16.42
C LEU Q 32 16.46 -100.30 15.07
N SER Q 33 16.15 -101.29 14.24
CA SER Q 33 15.55 -101.00 12.94
C SER Q 33 14.18 -100.37 13.10
N SER Q 34 13.35 -100.90 14.01
CA SER Q 34 12.00 -100.39 14.18
C SER Q 34 12.00 -98.97 14.76
N GLY Q 35 12.87 -98.70 15.73
CA GLY Q 35 12.83 -97.41 16.38
C GLY Q 35 11.70 -97.25 17.37
N LEU Q 36 11.12 -98.35 17.83
CA LEU Q 36 10.09 -98.33 18.85
C LEU Q 36 10.47 -99.30 19.96
N ARG Q 37 9.92 -99.07 21.16
CA ARG Q 37 10.21 -99.97 22.27
C ARG Q 37 9.57 -101.34 22.08
N ILE Q 38 8.24 -101.38 22.01
CA ILE Q 38 7.53 -102.64 22.19
C ILE Q 38 7.56 -103.46 20.91
N ASN Q 39 6.90 -102.96 19.86
CA ASN Q 39 6.62 -103.73 18.65
C ASN Q 39 5.85 -105.00 19.00
N SER Q 40 5.55 -105.83 18.00
CA SER Q 40 4.82 -107.07 18.19
C SER Q 40 3.68 -106.92 19.21
N ALA Q 41 3.53 -107.91 20.09
CA ALA Q 41 2.64 -107.75 21.23
C ALA Q 41 3.18 -108.35 22.52
N SER Q 42 4.37 -108.96 22.50
CA SER Q 42 4.80 -109.80 23.62
C SER Q 42 5.88 -109.17 24.49
N ASP Q 43 6.33 -107.95 24.20
CA ASP Q 43 7.31 -107.31 25.07
C ASP Q 43 6.66 -106.88 26.38
N ASP Q 44 5.48 -106.28 26.30
CA ASP Q 44 4.67 -105.97 27.47
C ASP Q 44 3.19 -106.10 27.12
N ALA Q 45 2.36 -106.39 28.11
CA ALA Q 45 0.93 -106.55 27.91
C ALA Q 45 0.12 -105.39 28.46
N SER Q 46 0.76 -104.41 29.10
CA SER Q 46 0.05 -103.30 29.71
C SER Q 46 0.18 -101.99 28.94
N GLY Q 47 1.29 -101.77 28.23
CA GLY Q 47 1.46 -100.53 27.50
C GLY Q 47 0.61 -100.41 26.25
N LEU Q 48 0.18 -101.55 25.69
CA LEU Q 48 -0.54 -101.52 24.42
C LEU Q 48 -1.89 -100.81 24.54
N ALA Q 49 -2.69 -101.21 25.53
CA ALA Q 49 -4.02 -100.63 25.69
C ALA Q 49 -3.93 -99.14 26.04
N ILE Q 50 -3.03 -98.78 26.95
CA ILE Q 50 -2.86 -97.38 27.34
C ILE Q 50 -2.44 -96.57 26.12
N SER Q 51 -1.49 -97.09 25.35
CA SER Q 51 -1.02 -96.40 24.15
C SER Q 51 -2.15 -96.20 23.15
N GLU Q 52 -2.97 -97.23 22.92
CA GLU Q 52 -4.05 -97.11 21.95
C GLU Q 52 -5.09 -96.09 22.40
N LYS Q 53 -5.43 -96.10 23.69
CA LYS Q 53 -6.38 -95.11 24.21
C LYS Q 53 -5.83 -93.70 24.03
N LEU Q 54 -4.55 -93.50 24.34
CA LEU Q 54 -3.95 -92.18 24.20
C LEU Q 54 -3.94 -91.73 22.73
N ARG Q 55 -3.63 -92.65 21.81
CA ARG Q 55 -3.64 -92.33 20.39
C ARG Q 55 -5.02 -91.85 19.95
N GLY Q 56 -6.05 -92.60 20.34
CA GLY Q 56 -7.41 -92.20 19.97
C GLY Q 56 -7.78 -90.84 20.52
N GLN Q 57 -7.45 -90.59 21.78
CA GLN Q 57 -7.78 -89.29 22.36
C GLN Q 57 -7.05 -88.15 21.65
N ILE Q 58 -5.79 -88.37 21.27
CA ILE Q 58 -5.03 -87.34 20.55
C ILE Q 58 -5.71 -87.01 19.23
N SER Q 59 -6.10 -88.05 18.47
CA SER Q 59 -6.75 -87.80 17.19
C SER Q 59 -8.06 -87.04 17.37
N GLY Q 60 -8.86 -87.43 18.36
CA GLY Q 60 -10.11 -86.71 18.62
C GLY Q 60 -9.88 -85.26 18.98
N LEU Q 61 -8.85 -84.99 19.77
CA LEU Q 61 -8.55 -83.60 20.14
C LEU Q 61 -8.18 -82.77 18.93
N LYS Q 62 -7.37 -83.33 18.01
CA LYS Q 62 -7.05 -82.60 16.79
C LYS Q 62 -8.30 -82.30 15.98
N ARG Q 63 -9.20 -83.28 15.86
CA ARG Q 63 -10.44 -83.05 15.12
C ARG Q 63 -11.24 -81.91 15.72
N ALA Q 64 -11.40 -81.91 17.05
CA ALA Q 64 -12.14 -80.82 17.71
C ALA Q 64 -11.47 -79.47 17.46
N SER Q 65 -10.13 -79.46 17.48
CA SER Q 65 -9.39 -78.22 17.24
C SER Q 65 -9.76 -77.61 15.89
N LEU Q 66 -9.82 -78.43 14.85
CA LEU Q 66 -10.23 -77.89 13.54
C LEU Q 66 -11.71 -77.48 13.54
N ASN Q 67 -12.56 -78.30 14.16
CA ASN Q 67 -13.99 -78.06 14.12
C ASN Q 67 -14.36 -76.71 14.75
N ALA Q 68 -13.58 -76.24 15.72
CA ALA Q 68 -13.93 -74.99 16.39
C ALA Q 68 -13.91 -73.80 15.41
N GLN Q 69 -12.81 -73.63 14.66
CA GLN Q 69 -12.76 -72.55 13.68
C GLN Q 69 -13.80 -72.75 12.59
N ASP Q 70 -13.96 -74.01 12.15
CA ASP Q 70 -15.00 -74.30 11.17
C ASP Q 70 -16.35 -73.77 11.64
N GLY Q 71 -16.61 -73.86 12.94
CA GLY Q 71 -17.84 -73.29 13.47
C GLY Q 71 -17.83 -71.77 13.51
N ILE Q 72 -16.70 -71.17 13.90
CA ILE Q 72 -16.68 -69.73 14.20
C ILE Q 72 -16.93 -68.87 12.95
N SER Q 73 -16.57 -69.40 11.77
CA SER Q 73 -16.73 -68.60 10.55
C SER Q 73 -18.18 -68.16 10.34
N LEU Q 74 -19.13 -69.05 10.62
CA LEU Q 74 -20.55 -68.74 10.45
C LEU Q 74 -20.99 -67.54 11.29
N LEU Q 75 -20.63 -67.53 12.57
CA LEU Q 75 -21.02 -66.42 13.43
C LEU Q 75 -20.41 -65.12 12.94
N GLN Q 76 -19.17 -65.17 12.44
CA GLN Q 76 -18.57 -63.94 11.90
C GLN Q 76 -19.40 -63.41 10.72
N THR Q 77 -19.82 -64.29 9.82
CA THR Q 77 -20.62 -63.84 8.68
C THR Q 77 -21.95 -63.23 9.12
N ALA Q 78 -22.61 -63.86 10.10
CA ALA Q 78 -23.87 -63.32 10.60
C ALA Q 78 -23.66 -61.93 11.20
N GLU Q 79 -22.55 -61.73 11.91
CA GLU Q 79 -22.24 -60.42 12.47
C GLU Q 79 -22.12 -59.38 11.37
N GLY Q 80 -21.45 -59.72 10.27
CA GLY Q 80 -21.33 -58.77 9.16
C GLY Q 80 -22.68 -58.34 8.61
N GLY Q 81 -23.56 -59.32 8.36
CA GLY Q 81 -24.89 -58.98 7.85
C GLY Q 81 -25.66 -58.08 8.81
N LEU Q 82 -25.59 -58.40 10.10
CA LEU Q 82 -26.29 -57.58 11.10
C LEU Q 82 -25.75 -56.15 11.10
N GLN Q 83 -24.44 -55.99 10.94
CA GLN Q 83 -23.87 -54.65 10.88
C GLN Q 83 -24.42 -53.86 9.71
N ASN Q 84 -24.55 -54.50 8.55
CA ASN Q 84 -25.12 -53.77 7.40
C ASN Q 84 -26.54 -53.30 7.68
N ILE Q 85 -27.37 -54.19 8.25
CA ILE Q 85 -28.76 -53.80 8.54
C ILE Q 85 -28.79 -52.64 9.53
N GLN Q 86 -27.94 -52.70 10.56
CA GLN Q 86 -27.87 -51.63 11.54
C GLN Q 86 -27.46 -50.32 10.89
N ASP Q 87 -26.58 -50.37 9.89
CA ASP Q 87 -26.20 -49.14 9.19
C ASP Q 87 -27.39 -48.54 8.46
N MET Q 88 -28.22 -49.37 7.83
CA MET Q 88 -29.36 -48.82 7.10
C MET Q 88 -30.42 -48.19 8.02
N LEU Q 89 -30.63 -48.79 9.20
CA LEU Q 89 -31.72 -48.34 10.06
C LEU Q 89 -31.57 -46.88 10.48
N GLN Q 90 -30.33 -46.42 10.71
CA GLN Q 90 -30.14 -45.05 11.20
C GLN Q 90 -30.46 -44.02 10.12
N ARG Q 91 -30.11 -44.30 8.87
CA ARG Q 91 -30.53 -43.43 7.78
C ARG Q 91 -32.05 -43.39 7.69
N MET Q 92 -32.71 -44.54 7.86
CA MET Q 92 -34.17 -44.53 7.89
C MET Q 92 -34.69 -43.62 9.00
N ARG Q 93 -34.07 -43.69 10.18
CA ARG Q 93 -34.53 -42.85 11.30
C ARG Q 93 -34.36 -41.37 11.01
N GLU Q 94 -33.22 -40.97 10.45
CA GLU Q 94 -33.01 -39.56 10.15
C GLU Q 94 -33.98 -39.07 9.09
N LEU Q 95 -34.22 -39.88 8.05
CA LEU Q 95 -35.22 -39.51 7.06
C LEU Q 95 -36.61 -39.36 7.69
N ALA Q 96 -36.98 -40.25 8.60
CA ALA Q 96 -38.29 -40.13 9.26
C ALA Q 96 -38.37 -38.85 10.07
N VAL Q 97 -37.31 -38.52 10.82
CA VAL Q 97 -37.37 -37.34 11.67
C VAL Q 97 -37.31 -36.04 10.87
N GLN Q 98 -36.79 -36.09 9.63
CA GLN Q 98 -36.81 -34.89 8.79
C GLN Q 98 -38.24 -34.39 8.58
N ALA Q 99 -39.12 -35.27 8.13
CA ALA Q 99 -40.52 -34.90 7.94
C ALA Q 99 -41.22 -34.77 9.29
N GLY Q 100 -42.08 -33.77 9.42
CA GLY Q 100 -42.68 -33.45 10.69
C GLY Q 100 -42.78 -31.95 10.88
N ASN Q 101 -41.86 -31.22 10.26
CA ASN Q 101 -41.97 -29.77 10.21
C ASN Q 101 -42.93 -29.38 9.10
N GLY Q 102 -43.92 -28.54 9.43
CA GLY Q 102 -44.90 -28.22 8.43
C GLY Q 102 -44.57 -26.97 7.63
N VAL Q 103 -43.90 -27.17 6.49
CA VAL Q 103 -43.74 -26.16 5.45
C VAL Q 103 -43.95 -26.87 4.13
N TYR Q 104 -43.96 -28.20 4.18
CA TYR Q 104 -44.11 -29.03 3.00
C TYR Q 104 -45.59 -29.32 2.75
N THR Q 105 -45.97 -29.31 1.49
CA THR Q 105 -47.32 -29.72 1.12
C THR Q 105 -47.44 -31.24 1.21
N THR Q 106 -48.61 -31.75 0.81
CA THR Q 106 -48.92 -33.17 0.90
C THR Q 106 -48.33 -33.98 -0.24
N ASN Q 107 -47.40 -33.42 -1.01
CA ASN Q 107 -46.72 -34.13 -2.09
C ASN Q 107 -45.29 -34.53 -1.74
N ASP Q 108 -44.59 -33.66 -1.00
CA ASP Q 108 -43.24 -33.98 -0.54
C ASP Q 108 -43.22 -35.23 0.31
N ARG Q 109 -44.27 -35.45 1.11
CA ARG Q 109 -44.30 -36.59 2.00
C ARG Q 109 -44.50 -37.90 1.22
N ALA Q 110 -45.31 -37.87 0.17
CA ALA Q 110 -45.39 -39.03 -0.71
C ALA Q 110 -44.06 -39.28 -1.41
N GLU Q 111 -43.38 -38.19 -1.81
CA GLU Q 111 -42.06 -38.35 -2.42
C GLU Q 111 -41.10 -39.04 -1.46
N ILE Q 112 -41.12 -38.65 -0.19
CA ILE Q 112 -40.29 -39.29 0.83
C ILE Q 112 -40.70 -40.75 1.00
N GLN Q 113 -42.01 -41.01 0.96
CA GLN Q 113 -42.52 -42.37 1.12
C GLN Q 113 -41.98 -43.30 0.05
N LYS Q 114 -41.78 -42.81 -1.17
CA LYS Q 114 -41.24 -43.66 -2.23
C LYS Q 114 -39.86 -44.19 -1.85
N GLU Q 115 -38.97 -43.30 -1.42
CA GLU Q 115 -37.62 -43.72 -1.02
C GLU Q 115 -37.66 -44.61 0.21
N VAL Q 116 -38.57 -44.33 1.15
CA VAL Q 116 -38.71 -45.18 2.33
C VAL Q 116 -39.10 -46.60 1.92
N ASP Q 117 -40.03 -46.71 0.98
CA ASP Q 117 -40.43 -48.01 0.47
C ASP Q 117 -39.26 -48.75 -0.18
N GLN Q 118 -38.45 -48.02 -0.96
CA GLN Q 118 -37.29 -48.68 -1.57
C GLN Q 118 -36.30 -49.18 -0.52
N LEU Q 119 -36.08 -48.39 0.53
CA LEU Q 119 -35.18 -48.83 1.61
C LEU Q 119 -35.74 -50.07 2.30
N LYS Q 120 -37.05 -50.11 2.52
CA LYS Q 120 -37.68 -51.29 3.09
C LYS Q 120 -37.47 -52.52 2.22
N GLU Q 121 -37.63 -52.36 0.91
CA GLU Q 121 -37.39 -53.48 0.00
C GLU Q 121 -35.95 -53.95 0.06
N GLU Q 122 -35.00 -53.02 0.15
CA GLU Q 122 -33.60 -53.40 0.23
C GLU Q 122 -33.32 -54.19 1.50
N ILE Q 123 -33.85 -53.74 2.64
CA ILE Q 123 -33.60 -54.45 3.89
C ILE Q 123 -34.24 -55.83 3.86
N ASN Q 124 -35.42 -55.96 3.22
CA ASN Q 124 -36.02 -57.27 3.08
C ASN Q 124 -35.15 -58.19 2.22
N ARG Q 125 -34.59 -57.66 1.12
CA ARG Q 125 -33.73 -58.46 0.27
C ARG Q 125 -32.49 -58.95 1.02
N ILE Q 126 -31.84 -58.04 1.76
CA ILE Q 126 -30.63 -58.45 2.48
C ILE Q 126 -30.98 -59.45 3.58
N ALA Q 127 -32.17 -59.32 4.18
CA ALA Q 127 -32.59 -60.31 5.17
C ALA Q 127 -32.80 -61.68 4.52
N SER Q 128 -33.34 -61.71 3.30
CA SER Q 128 -33.71 -62.96 2.65
C SER Q 128 -32.63 -63.50 1.72
N SER Q 129 -31.45 -62.88 1.66
CA SER Q 129 -30.43 -63.31 0.70
C SER Q 129 -29.18 -63.90 1.33
N THR Q 130 -29.04 -63.85 2.65
CA THR Q 130 -27.81 -64.32 3.29
C THR Q 130 -27.65 -65.83 3.08
N GLU Q 131 -26.39 -66.27 3.00
CA GLU Q 131 -26.10 -67.62 2.53
C GLU Q 131 -24.77 -68.10 3.09
N PHE Q 132 -24.69 -69.41 3.38
CA PHE Q 132 -23.42 -70.07 3.64
C PHE Q 132 -23.61 -71.57 3.48
N ASN Q 133 -22.96 -72.17 2.48
CA ASN Q 133 -23.01 -73.61 2.25
C ASN Q 133 -24.44 -74.10 2.11
N THR Q 134 -25.22 -73.38 1.31
CA THR Q 134 -26.63 -73.68 1.06
C THR Q 134 -27.45 -73.72 2.35
N LYS Q 135 -27.02 -72.98 3.36
CA LYS Q 135 -27.73 -72.87 4.63
C LYS Q 135 -28.08 -71.40 4.85
N LYS Q 136 -29.36 -71.08 4.80
CA LYS Q 136 -29.81 -69.72 5.07
C LYS Q 136 -29.90 -69.48 6.56
N LEU Q 137 -29.31 -68.38 7.02
CA LEU Q 137 -29.09 -68.14 8.44
C LEU Q 137 -30.21 -67.32 9.09
N LEU Q 138 -30.47 -66.12 8.57
CA LEU Q 138 -31.37 -65.20 9.26
C LEU Q 138 -32.83 -65.52 8.96
N ASN Q 139 -33.11 -66.34 7.95
CA ASN Q 139 -34.49 -66.57 7.55
C ASN Q 139 -35.13 -67.67 8.39
N GLY Q 140 -35.05 -67.54 9.71
CA GLY Q 140 -35.73 -68.44 10.62
C GLY Q 140 -35.46 -69.92 10.40
N ASP Q 141 -34.41 -70.24 9.66
CA ASP Q 141 -34.08 -71.63 9.33
C ASP Q 141 -33.06 -72.19 10.31
N SER Q 142 -32.64 -71.40 11.28
CA SER Q 142 -31.63 -71.83 12.24
C SER Q 142 -32.19 -72.30 13.56
N THR Q 143 -33.45 -72.00 13.86
CA THR Q 143 -34.04 -72.38 15.14
C THR Q 143 -35.22 -73.32 14.99
N ALA Q 144 -36.23 -72.96 14.22
CA ALA Q 144 -37.47 -73.72 14.15
C ALA Q 144 -37.95 -73.83 12.70
N LEU Q 145 -39.12 -74.44 12.52
CA LEU Q 145 -39.70 -74.62 11.19
C LEU Q 145 -41.19 -74.86 11.38
N TRP Q 146 -42.02 -73.99 10.79
CA TRP Q 146 -43.45 -73.96 11.09
C TRP Q 146 -44.28 -73.97 9.82
N SER Q 147 -45.52 -74.40 9.95
CA SER Q 147 -46.50 -74.40 8.87
C SER Q 147 -47.88 -74.63 9.46
N SER Q 148 -48.89 -74.00 8.85
CA SER Q 148 -50.28 -74.13 9.29
C SER Q 148 -51.17 -74.24 8.07
N ASP Q 149 -52.48 -74.38 8.32
CA ASP Q 149 -53.45 -74.58 7.25
C ASP Q 149 -54.26 -73.32 6.93
N SER Q 150 -54.55 -72.49 7.92
CA SER Q 150 -55.31 -71.27 7.66
C SER Q 150 -54.44 -70.25 6.94
N SER Q 151 -55.11 -69.31 6.26
CA SER Q 151 -54.44 -68.27 5.50
C SER Q 151 -54.47 -66.92 6.22
N ASP Q 152 -54.77 -66.92 7.52
CA ASP Q 152 -54.85 -65.69 8.30
C ASP Q 152 -54.15 -65.85 9.64
N LEU Q 153 -53.01 -66.53 9.64
CA LEU Q 153 -52.25 -66.76 10.87
C LEU Q 153 -50.78 -66.57 10.55
N ASP Q 154 -50.11 -65.71 11.32
CA ASP Q 154 -48.71 -65.40 11.11
C ASP Q 154 -47.90 -65.84 12.33
N VAL Q 155 -46.69 -66.32 12.10
CA VAL Q 155 -45.82 -66.84 13.15
C VAL Q 155 -44.46 -66.18 13.03
N VAL Q 156 -43.95 -65.67 14.14
CA VAL Q 156 -42.59 -65.11 14.20
C VAL Q 156 -41.83 -65.83 15.30
N ILE Q 157 -40.57 -66.20 15.00
CA ILE Q 157 -39.72 -66.99 15.88
C ILE Q 157 -38.81 -66.05 16.65
N LYS Q 158 -38.72 -66.27 17.96
CA LYS Q 158 -37.81 -65.52 18.81
C LYS Q 158 -36.71 -66.39 19.41
N SER Q 159 -37.08 -67.47 20.07
CA SER Q 159 -36.12 -68.37 20.72
C SER Q 159 -36.51 -69.82 20.45
N ALA Q 160 -35.86 -70.73 21.17
CA ALA Q 160 -36.12 -72.16 20.99
C ALA Q 160 -37.56 -72.48 21.35
N VAL Q 161 -38.22 -73.24 20.47
CA VAL Q 161 -39.59 -73.68 20.71
C VAL Q 161 -39.54 -75.16 21.05
N ALA Q 162 -40.65 -75.67 21.61
CA ALA Q 162 -40.61 -77.03 22.18
C ALA Q 162 -40.84 -78.11 21.14
N GLU Q 163 -42.09 -78.29 20.69
CA GLU Q 163 -42.50 -79.32 19.74
C GLU Q 163 -43.99 -79.28 19.43
N GLY Q 164 -44.44 -80.18 18.56
CA GLY Q 164 -45.81 -80.68 18.60
C GLY Q 164 -46.81 -79.90 17.79
N ASN Q 165 -48.03 -80.44 17.81
CA ASN Q 165 -49.19 -79.87 17.14
C ASN Q 165 -50.17 -79.31 18.18
N TYR Q 166 -50.72 -78.15 17.87
CA TYR Q 166 -51.57 -77.44 18.81
C TYR Q 166 -52.92 -77.13 18.17
N ASN Q 167 -53.94 -77.01 19.03
CA ASN Q 167 -55.28 -76.62 18.62
C ASN Q 167 -55.70 -75.36 19.37
N LEU Q 168 -56.19 -74.39 18.62
CA LEU Q 168 -56.50 -73.07 19.17
C LEU Q 168 -57.98 -72.77 19.02
N ASN Q 169 -58.56 -72.18 20.07
CA ASN Q 169 -59.96 -71.81 20.10
C ASN Q 169 -60.05 -70.31 20.33
N VAL Q 170 -60.84 -69.63 19.51
CA VAL Q 170 -60.91 -68.17 19.46
C VAL Q 170 -62.34 -67.72 19.70
N THR Q 171 -62.50 -66.66 20.49
CA THR Q 171 -63.78 -65.98 20.70
C THR Q 171 -63.54 -64.49 20.59
N VAL Q 172 -64.49 -63.77 20.00
CA VAL Q 172 -64.29 -62.39 19.59
C VAL Q 172 -65.31 -61.48 20.30
N ASP Q 173 -64.88 -60.27 20.61
CA ASP Q 173 -65.74 -59.20 21.09
C ASP Q 173 -65.43 -57.96 20.26
N PRO Q 174 -66.40 -57.40 19.55
CA PRO Q 174 -66.11 -56.41 18.52
C PRO Q 174 -65.82 -55.02 19.10
N GLY Q 175 -65.29 -54.16 18.23
CA GLY Q 175 -65.03 -52.77 18.56
C GLY Q 175 -65.81 -51.82 17.69
N LYS Q 176 -65.15 -50.76 17.20
CA LYS Q 176 -65.81 -49.78 16.35
C LYS Q 176 -64.83 -49.31 15.28
N ASN Q 177 -65.31 -48.43 14.40
CA ASN Q 177 -64.55 -48.00 13.23
C ASN Q 177 -64.50 -46.47 13.17
N PHE Q 178 -63.91 -45.97 12.09
CA PHE Q 178 -63.75 -44.53 11.86
C PHE Q 178 -64.84 -44.03 10.94
N VAL Q 179 -65.41 -42.87 11.27
CA VAL Q 179 -66.45 -42.24 10.46
C VAL Q 179 -66.02 -40.80 10.17
N TYR Q 180 -65.97 -40.44 8.87
CA TYR Q 180 -65.55 -39.15 8.40
C TYR Q 180 -66.70 -38.39 7.76
N LYS Q 181 -66.68 -37.07 7.93
CA LYS Q 181 -67.67 -36.16 7.36
C LYS Q 181 -66.98 -35.07 6.57
N SER Q 182 -67.49 -34.80 5.38
CA SER Q 182 -67.05 -33.67 4.56
C SER Q 182 -67.95 -32.47 4.84
N ASP Q 183 -67.61 -31.35 4.21
CA ASP Q 183 -68.25 -30.08 4.53
C ASP Q 183 -69.35 -29.73 3.53
N VAL Q 184 -70.06 -28.65 3.82
CA VAL Q 184 -71.23 -28.27 3.04
C VAL Q 184 -70.81 -27.70 1.70
N MET Q 185 -71.51 -28.11 0.64
CA MET Q 185 -71.27 -27.65 -0.71
C MET Q 185 -72.51 -26.92 -1.22
N THR Q 186 -72.30 -25.73 -1.80
CA THR Q 186 -73.39 -24.91 -2.29
C THR Q 186 -73.14 -24.57 -3.75
N LEU Q 187 -74.05 -23.77 -4.31
CA LEU Q 187 -74.02 -23.38 -5.71
C LEU Q 187 -73.50 -21.95 -5.87
N ASN Q 188 -73.18 -21.62 -7.12
CA ASN Q 188 -72.70 -20.29 -7.44
C ASN Q 188 -73.86 -19.31 -7.59
N GLU Q 189 -73.55 -18.11 -8.07
CA GLU Q 189 -74.56 -17.07 -8.23
C GLU Q 189 -75.47 -17.32 -9.42
N ASP Q 190 -75.01 -18.04 -10.43
CA ASP Q 190 -75.77 -18.25 -11.66
C ASP Q 190 -76.21 -19.69 -11.86
N ALA Q 191 -76.22 -20.51 -10.81
CA ALA Q 191 -76.55 -21.92 -10.97
C ALA Q 191 -78.06 -22.13 -10.88
N ILE Q 192 -78.51 -23.23 -11.47
CA ILE Q 192 -79.88 -23.71 -11.35
C ILE Q 192 -79.83 -25.21 -11.09
N GLY Q 193 -80.56 -25.66 -10.07
CA GLY Q 193 -80.59 -27.07 -9.71
C GLY Q 193 -82.02 -27.58 -9.61
N ALA Q 194 -82.20 -28.86 -9.95
CA ALA Q 194 -83.51 -29.50 -9.88
C ALA Q 194 -83.41 -30.78 -9.08
N GLU Q 195 -84.50 -31.14 -8.41
CA GLU Q 195 -84.50 -32.38 -7.63
C GLU Q 195 -85.93 -32.93 -7.58
N ILE Q 196 -86.02 -34.22 -7.27
CA ILE Q 196 -87.29 -34.89 -7.07
C ILE Q 196 -87.53 -34.95 -5.56
N VAL Q 197 -88.47 -34.13 -5.09
CA VAL Q 197 -88.74 -33.99 -3.66
C VAL Q 197 -90.18 -34.37 -3.38
N THR Q 198 -90.40 -35.07 -2.27
CA THR Q 198 -91.72 -35.48 -1.84
C THR Q 198 -92.12 -34.72 -0.59
N ALA Q 199 -93.44 -34.50 -0.44
CA ALA Q 199 -93.96 -33.79 0.73
C ALA Q 199 -95.33 -34.39 1.05
N GLY Q 200 -95.35 -35.35 1.96
CA GLY Q 200 -96.58 -36.00 2.36
C GLY Q 200 -96.75 -37.44 1.91
N GLY Q 201 -95.65 -38.17 1.69
CA GLY Q 201 -95.76 -39.54 1.23
C GLY Q 201 -96.08 -39.69 -0.24
N ASP Q 202 -95.92 -38.63 -1.04
CA ASP Q 202 -96.19 -38.70 -2.46
C ASP Q 202 -95.08 -39.48 -3.16
N VAL Q 203 -95.24 -40.80 -3.24
CA VAL Q 203 -94.18 -41.69 -3.71
C VAL Q 203 -94.04 -41.61 -5.22
N ASN Q 204 -92.88 -42.01 -5.74
CA ASN Q 204 -92.65 -42.05 -7.18
C ASN Q 204 -93.30 -43.28 -7.77
N GLU Q 205 -94.55 -43.15 -8.22
CA GLU Q 205 -95.29 -44.25 -8.83
C GLU Q 205 -94.95 -44.45 -10.29
N THR Q 206 -93.90 -43.83 -10.78
CA THR Q 206 -93.62 -43.74 -12.21
C THR Q 206 -92.35 -44.51 -12.56
N ASN Q 207 -91.89 -44.35 -13.78
CA ASN Q 207 -90.79 -45.09 -14.36
C ASN Q 207 -89.66 -44.16 -14.78
N VAL Q 208 -89.54 -43.02 -14.10
CA VAL Q 208 -88.55 -41.98 -14.44
C VAL Q 208 -87.50 -41.95 -13.35
N GLY Q 209 -86.23 -42.03 -13.75
CA GLY Q 209 -85.13 -41.99 -12.82
C GLY Q 209 -84.89 -40.61 -12.22
N PHE Q 210 -84.62 -39.63 -13.08
CA PHE Q 210 -84.28 -38.29 -12.63
C PHE Q 210 -84.30 -37.34 -13.82
N VAL Q 211 -83.94 -36.08 -13.58
CA VAL Q 211 -84.03 -35.00 -14.55
C VAL Q 211 -82.65 -34.34 -14.65
N THR Q 212 -82.37 -33.74 -15.79
CA THR Q 212 -81.05 -33.20 -16.09
C THR Q 212 -81.19 -31.86 -16.82
N ASP Q 213 -80.13 -31.04 -16.67
CA ASP Q 213 -79.80 -29.72 -17.19
C ASP Q 213 -81.00 -28.80 -17.41
N PRO Q 214 -81.69 -28.40 -16.34
CA PRO Q 214 -82.61 -27.27 -16.45
C PRO Q 214 -81.84 -26.01 -16.79
N ASN Q 215 -82.47 -25.15 -17.58
CA ASN Q 215 -81.76 -23.98 -18.09
C ASN Q 215 -82.81 -22.92 -18.38
N THR Q 216 -82.66 -21.75 -17.75
CA THR Q 216 -83.66 -20.66 -17.80
C THR Q 216 -85.05 -21.17 -17.43
N LEU Q 217 -85.19 -21.58 -16.18
CA LEU Q 217 -86.49 -22.00 -15.65
C LEU Q 217 -86.62 -21.53 -14.22
N ALA Q 218 -87.24 -20.36 -14.04
CA ALA Q 218 -87.50 -19.79 -12.71
C ALA Q 218 -86.25 -19.79 -11.84
N SER Q 219 -85.19 -19.14 -12.35
CA SER Q 219 -83.92 -19.08 -11.64
C SER Q 219 -84.00 -18.34 -10.32
N THR Q 220 -85.07 -17.57 -10.09
CA THR Q 220 -85.24 -16.80 -8.86
C THR Q 220 -86.18 -17.56 -7.93
N GLY Q 221 -85.60 -18.35 -7.04
CA GLY Q 221 -86.33 -19.00 -5.98
C GLY Q 221 -86.50 -20.49 -6.20
N THR Q 222 -87.10 -21.13 -5.21
CA THR Q 222 -87.41 -22.56 -5.23
C THR Q 222 -88.85 -22.72 -5.71
N ALA Q 223 -89.04 -23.44 -6.81
CA ALA Q 223 -90.34 -23.57 -7.44
C ALA Q 223 -90.80 -25.01 -7.47
N TYR Q 224 -92.11 -25.20 -7.35
CA TYR Q 224 -92.74 -26.52 -7.34
C TYR Q 224 -93.48 -26.73 -8.65
N TYR Q 225 -93.17 -27.83 -9.34
CA TYR Q 225 -93.85 -28.18 -10.58
C TYR Q 225 -94.38 -29.60 -10.49
N THR Q 226 -95.50 -29.84 -11.18
CA THR Q 226 -96.12 -31.15 -11.22
C THR Q 226 -95.95 -31.73 -12.62
N VAL Q 227 -95.41 -32.94 -12.70
CA VAL Q 227 -95.20 -33.63 -13.97
C VAL Q 227 -96.04 -34.90 -13.96
N ASP Q 228 -96.94 -35.03 -14.93
CA ASP Q 228 -97.81 -36.19 -15.05
C ASP Q 228 -97.42 -36.98 -16.29
N VAL Q 229 -97.19 -38.27 -16.11
CA VAL Q 229 -96.86 -39.18 -17.21
C VAL Q 229 -97.94 -40.23 -17.28
N THR Q 230 -98.67 -40.29 -18.40
CA THR Q 230 -99.75 -41.25 -18.57
C THR Q 230 -99.49 -42.12 -19.78
N ALA Q 231 -99.86 -43.39 -19.66
CA ALA Q 231 -99.65 -44.37 -20.73
C ALA Q 231 -100.90 -44.55 -21.58
N GLY Q 232 -101.41 -43.46 -22.15
CA GLY Q 232 -102.51 -43.55 -23.10
C GLY Q 232 -103.83 -42.99 -22.62
N ALA Q 233 -104.29 -41.91 -23.26
CA ALA Q 233 -105.60 -41.33 -23.01
C ALA Q 233 -105.89 -40.34 -24.13
N ASP Q 234 -107.07 -40.46 -24.74
CA ASP Q 234 -107.39 -39.62 -25.89
C ASP Q 234 -107.43 -38.14 -25.50
N THR Q 235 -106.88 -37.30 -26.37
CA THR Q 235 -106.75 -35.86 -26.12
C THR Q 235 -107.21 -35.09 -27.34
N LEU Q 236 -108.20 -34.21 -27.14
CA LEU Q 236 -108.73 -33.39 -28.22
C LEU Q 236 -107.80 -32.21 -28.51
N SER Q 237 -107.90 -31.71 -29.74
CA SER Q 237 -107.25 -30.44 -30.07
C SER Q 237 -107.94 -29.29 -29.34
N SER Q 238 -107.13 -28.37 -28.83
CA SER Q 238 -107.66 -27.21 -28.12
C SER Q 238 -106.59 -26.14 -28.02
N VAL Q 239 -107.04 -24.88 -28.01
CA VAL Q 239 -106.18 -23.75 -27.72
C VAL Q 239 -106.69 -23.13 -26.42
N ALA Q 240 -105.79 -22.49 -25.69
CA ALA Q 240 -106.16 -21.87 -24.42
C ALA Q 240 -105.38 -20.58 -24.24
N THR Q 241 -105.97 -19.66 -23.49
CA THR Q 241 -105.30 -18.41 -23.20
C THR Q 241 -104.45 -18.54 -21.94
N MET Q 242 -103.14 -18.34 -22.10
CA MET Q 242 -102.22 -18.39 -20.98
C MET Q 242 -102.05 -17.04 -20.28
N SER Q 243 -101.62 -16.02 -21.00
CA SER Q 243 -101.22 -14.82 -20.28
C SER Q 243 -101.47 -13.57 -21.12
N VAL Q 244 -101.53 -12.43 -20.42
CA VAL Q 244 -101.74 -11.12 -21.02
C VAL Q 244 -100.76 -10.15 -20.37
N TYR Q 245 -100.40 -9.10 -21.10
CA TYR Q 245 -99.47 -8.11 -20.59
C TYR Q 245 -99.85 -6.72 -21.09
N ARG Q 246 -99.81 -5.75 -20.18
CA ARG Q 246 -100.10 -4.35 -20.48
C ARG Q 246 -99.02 -3.47 -19.86
N GLN Q 247 -98.82 -2.29 -20.46
CA GLN Q 247 -97.85 -1.32 -19.94
C GLN Q 247 -98.58 -0.34 -19.03
N ALA Q 248 -99.51 0.42 -19.59
CA ALA Q 248 -100.48 1.20 -18.83
C ALA Q 248 -101.86 0.87 -19.39
N GLY Q 249 -101.95 0.81 -20.71
CA GLY Q 249 -103.06 0.34 -21.52
C GLY Q 249 -104.39 0.84 -21.03
N SER Q 250 -105.40 -0.01 -21.21
CA SER Q 250 -106.73 0.23 -20.67
C SER Q 250 -107.43 -1.12 -20.56
N ASN Q 251 -108.71 -1.08 -20.19
CA ASN Q 251 -109.44 -2.31 -19.92
C ASN Q 251 -109.74 -3.06 -21.21
N PHE Q 252 -109.26 -4.30 -21.30
CA PHE Q 252 -109.65 -5.21 -22.36
C PHE Q 252 -109.45 -6.63 -21.84
N GLY Q 253 -110.46 -7.47 -22.01
CA GLY Q 253 -110.52 -8.77 -21.36
C GLY Q 253 -109.70 -9.84 -22.06
N SER Q 254 -110.24 -11.05 -22.06
CA SER Q 254 -109.56 -12.23 -22.58
C SER Q 254 -110.61 -13.25 -22.98
N VAL Q 255 -110.16 -14.49 -23.21
CA VAL Q 255 -110.96 -15.68 -23.48
C VAL Q 255 -111.06 -15.88 -24.99
N ALA Q 256 -110.50 -16.97 -25.49
CA ALA Q 256 -110.56 -17.29 -26.90
C ALA Q 256 -111.56 -18.41 -27.15
N THR Q 257 -112.22 -18.34 -28.30
CA THR Q 257 -113.21 -19.35 -28.69
C THR Q 257 -112.89 -19.86 -30.09
N TRP Q 258 -113.19 -21.15 -30.30
CA TRP Q 258 -112.86 -21.86 -31.52
C TRP Q 258 -113.98 -21.80 -32.55
N THR Q 259 -113.74 -22.45 -33.68
CA THR Q 259 -114.77 -22.85 -34.63
C THR Q 259 -114.54 -24.31 -34.95
N THR Q 260 -115.56 -25.14 -34.75
CA THR Q 260 -115.41 -26.58 -34.90
C THR Q 260 -114.97 -26.95 -36.31
N GLY Q 261 -113.97 -27.84 -36.38
CA GLY Q 261 -113.44 -28.33 -37.64
C GLY Q 261 -112.02 -27.94 -37.92
N GLY Q 262 -111.39 -27.14 -37.06
CA GLY Q 262 -110.02 -26.73 -37.26
C GLY Q 262 -109.04 -27.87 -37.07
N THR Q 263 -107.89 -27.73 -37.73
CA THR Q 263 -106.81 -28.71 -37.64
C THR Q 263 -105.56 -28.05 -37.09
N VAL Q 264 -104.92 -28.72 -36.14
CA VAL Q 264 -103.77 -28.20 -35.43
C VAL Q 264 -102.52 -28.95 -35.89
N ALA Q 265 -101.43 -28.22 -36.06
CA ALA Q 265 -100.18 -28.81 -36.51
C ALA Q 265 -99.53 -29.63 -35.39
N ASP Q 266 -99.20 -28.99 -34.28
CA ASP Q 266 -98.56 -29.66 -33.15
C ASP Q 266 -98.71 -28.80 -31.91
N SER Q 267 -98.49 -29.42 -30.76
CA SER Q 267 -98.58 -28.69 -29.49
C SER Q 267 -97.43 -27.70 -29.37
N GLY Q 268 -97.76 -26.47 -28.98
CA GLY Q 268 -96.74 -25.45 -28.88
C GLY Q 268 -97.28 -24.20 -28.21
N TYR Q 269 -96.48 -23.13 -28.30
CA TYR Q 269 -96.87 -21.84 -27.73
C TYR Q 269 -96.87 -20.78 -28.81
N LEU Q 270 -97.83 -19.87 -28.72
CA LEU Q 270 -98.05 -18.83 -29.71
C LEU Q 270 -98.12 -17.47 -29.02
N LEU Q 271 -97.51 -16.46 -29.64
CA LEU Q 271 -97.46 -15.11 -29.08
C LEU Q 271 -98.03 -14.15 -30.10
N ILE Q 272 -98.93 -13.28 -29.63
CA ILE Q 272 -99.57 -12.26 -30.45
C ILE Q 272 -99.23 -10.91 -29.85
N GLU Q 273 -98.65 -10.04 -30.68
CA GLU Q 273 -98.13 -8.75 -30.24
C GLU Q 273 -98.69 -7.65 -31.13
N ALA Q 274 -99.01 -6.51 -30.52
CA ALA Q 274 -99.72 -5.44 -31.20
C ALA Q 274 -98.78 -4.63 -32.07
N GLN Q 275 -99.38 -3.82 -32.95
CA GLN Q 275 -98.62 -2.98 -33.88
C GLN Q 275 -99.04 -1.52 -33.78
N GLU Q 276 -100.32 -1.26 -33.54
CA GLU Q 276 -100.84 0.10 -33.55
C GLU Q 276 -101.98 0.22 -32.56
N ASN Q 277 -102.24 1.45 -32.13
CA ASN Q 277 -103.18 1.73 -31.05
C ASN Q 277 -104.54 2.12 -31.60
N PHE Q 278 -105.58 1.85 -30.83
CA PHE Q 278 -106.92 2.26 -31.23
C PHE Q 278 -107.89 2.13 -30.07
N THR Q 279 -108.81 3.09 -29.97
CA THR Q 279 -109.88 3.07 -28.98
C THR Q 279 -111.20 3.54 -29.58
N VAL Q 280 -111.41 3.27 -30.87
CA VAL Q 280 -112.53 3.84 -31.62
C VAL Q 280 -113.61 2.76 -31.73
N SER Q 281 -113.58 1.81 -30.79
CA SER Q 281 -114.51 0.69 -30.80
C SER Q 281 -115.92 1.17 -30.51
N ALA Q 282 -116.73 1.32 -31.57
CA ALA Q 282 -118.15 1.63 -31.44
C ALA Q 282 -119.04 0.84 -32.39
N GLY Q 283 -118.47 -0.08 -33.18
CA GLY Q 283 -119.22 -0.89 -34.11
C GLY Q 283 -118.95 -0.50 -35.55
N THR Q 284 -118.01 -1.21 -36.18
CA THR Q 284 -117.60 -0.95 -37.56
C THR Q 284 -116.66 -2.07 -38.00
N THR Q 285 -116.81 -2.52 -39.25
CA THR Q 285 -115.85 -3.45 -39.82
C THR Q 285 -114.54 -2.73 -40.09
N ALA Q 286 -113.43 -3.34 -39.68
CA ALA Q 286 -112.12 -2.70 -39.79
C ALA Q 286 -111.04 -3.76 -39.73
N ASN Q 287 -109.79 -3.30 -39.86
CA ASN Q 287 -108.64 -4.19 -39.84
C ASN Q 287 -107.45 -3.47 -39.23
N TYR Q 288 -106.63 -4.23 -38.50
CA TYR Q 288 -105.39 -3.73 -37.94
C TYR Q 288 -104.38 -4.87 -37.93
N THR Q 289 -103.12 -4.52 -37.66
CA THR Q 289 -101.99 -5.40 -37.85
C THR Q 289 -101.49 -5.97 -36.53
N PHE Q 290 -100.93 -7.17 -36.60
CA PHE Q 290 -100.36 -7.86 -35.46
C PHE Q 290 -99.13 -8.62 -35.92
N LYS Q 291 -98.25 -8.95 -34.97
CA LYS Q 291 -97.15 -9.88 -35.22
C LYS Q 291 -97.38 -11.16 -34.42
N ALA Q 292 -97.11 -12.29 -35.06
CA ALA Q 292 -97.33 -13.60 -34.46
C ALA Q 292 -96.03 -14.37 -34.45
N THR Q 293 -95.82 -15.15 -33.38
CA THR Q 293 -94.62 -15.95 -33.27
C THR Q 293 -94.95 -17.30 -32.65
N PHE Q 294 -94.39 -18.37 -33.20
CA PHE Q 294 -94.70 -19.72 -32.77
C PHE Q 294 -93.42 -20.40 -32.30
N VAL Q 295 -93.52 -21.14 -31.20
CA VAL Q 295 -92.43 -21.94 -30.65
C VAL Q 295 -92.95 -23.34 -30.38
N ASP Q 296 -92.17 -24.35 -30.77
CA ASP Q 296 -92.57 -25.74 -30.61
C ASP Q 296 -92.15 -26.27 -29.25
N ALA Q 297 -92.72 -27.43 -28.88
CA ALA Q 297 -92.44 -28.02 -27.57
C ALA Q 297 -91.50 -29.21 -27.63
N LYS Q 298 -91.09 -29.65 -28.83
CA LYS Q 298 -90.20 -30.81 -28.94
C LYS Q 298 -88.84 -30.48 -29.53
N THR Q 299 -88.72 -29.42 -30.32
CA THR Q 299 -87.42 -29.01 -30.87
C THR Q 299 -87.06 -27.58 -30.54
N GLY Q 300 -88.02 -26.74 -30.21
CA GLY Q 300 -87.74 -25.39 -29.74
C GLY Q 300 -87.53 -24.35 -30.82
N GLU Q 301 -87.86 -24.66 -32.07
CA GLU Q 301 -87.67 -23.67 -33.13
C GLU Q 301 -88.66 -22.51 -32.97
N LYS Q 302 -88.37 -21.42 -33.66
CA LYS Q 302 -89.13 -20.18 -33.53
C LYS Q 302 -89.43 -19.63 -34.91
N SER Q 303 -90.69 -19.26 -35.14
CA SER Q 303 -91.12 -18.72 -36.43
C SER Q 303 -91.88 -17.41 -36.20
N THR Q 304 -91.65 -16.44 -37.09
CA THR Q 304 -92.21 -15.10 -36.95
C THR Q 304 -92.94 -14.70 -38.23
N TYR Q 305 -94.18 -14.24 -38.10
CA TYR Q 305 -95.04 -13.87 -39.21
C TYR Q 305 -95.81 -12.59 -38.88
N GLU Q 306 -96.37 -11.98 -39.93
CA GLU Q 306 -97.29 -10.86 -39.81
C GLU Q 306 -98.71 -11.36 -40.02
N ILE Q 307 -99.67 -10.70 -39.36
CA ILE Q 307 -101.07 -11.10 -39.45
C ILE Q 307 -101.94 -9.85 -39.28
N GLU Q 308 -103.23 -10.01 -39.56
CA GLU Q 308 -104.18 -8.92 -39.36
C GLU Q 308 -105.46 -9.46 -38.73
N GLY Q 309 -106.16 -8.58 -38.02
CA GLY Q 309 -107.43 -8.93 -37.39
C GLY Q 309 -108.29 -7.70 -37.25
N GLY Q 310 -109.58 -7.93 -37.03
CA GLY Q 310 -110.53 -6.82 -37.00
C GLY Q 310 -111.72 -7.09 -36.13
N ASP Q 311 -112.24 -6.01 -35.54
CA ASP Q 311 -113.51 -6.07 -34.82
C ASP Q 311 -114.67 -5.92 -35.79
N ASP Q 312 -115.82 -6.50 -35.43
CA ASP Q 312 -116.96 -6.54 -36.33
C ASP Q 312 -118.12 -5.68 -35.86
N GLY Q 313 -118.68 -5.95 -34.68
CA GLY Q 313 -119.70 -5.08 -34.16
C GLY Q 313 -119.51 -4.67 -32.72
N ALA Q 314 -118.80 -5.50 -31.95
CA ALA Q 314 -118.53 -5.19 -30.55
C ALA Q 314 -117.52 -6.16 -29.94
N GLY Q 315 -116.45 -5.61 -29.37
CA GLY Q 315 -115.53 -6.31 -28.48
C GLY Q 315 -115.10 -7.72 -28.86
N ASN Q 316 -114.98 -8.01 -30.16
CA ASN Q 316 -114.53 -9.31 -30.61
C ASN Q 316 -113.45 -9.14 -31.67
N LEU Q 317 -112.38 -9.91 -31.54
CA LEU Q 317 -111.24 -9.84 -32.46
C LEU Q 317 -111.07 -11.22 -33.09
N VAL Q 318 -111.39 -11.34 -34.37
CA VAL Q 318 -111.34 -12.62 -35.08
C VAL Q 318 -110.05 -12.66 -35.89
N PHE Q 319 -109.31 -13.77 -35.76
CA PHE Q 319 -108.06 -13.95 -36.49
C PHE Q 319 -108.19 -15.11 -37.48
N ASP Q 320 -107.17 -15.24 -38.32
CA ASP Q 320 -107.10 -16.32 -39.32
C ASP Q 320 -105.78 -17.04 -39.13
N LEU Q 321 -105.84 -18.27 -38.65
CA LEU Q 321 -104.65 -19.10 -38.49
C LEU Q 321 -104.17 -19.70 -39.80
N ALA Q 322 -104.92 -19.52 -40.89
CA ALA Q 322 -104.54 -20.10 -42.17
C ALA Q 322 -103.25 -19.49 -42.72
N ASP Q 323 -102.93 -18.26 -42.33
CA ASP Q 323 -101.76 -17.58 -42.89
C ASP Q 323 -100.46 -17.95 -42.20
N MET Q 324 -100.47 -18.93 -41.30
CA MET Q 324 -99.24 -19.43 -40.72
C MET Q 324 -98.53 -20.32 -41.72
N THR Q 325 -97.93 -19.72 -42.75
CA THR Q 325 -97.37 -20.48 -43.86
C THR Q 325 -96.20 -21.35 -43.38
N GLY Q 326 -95.94 -22.40 -44.14
CA GLY Q 326 -94.92 -23.36 -43.75
C GLY Q 326 -95.39 -24.27 -42.62
N ALA Q 327 -95.74 -23.68 -41.48
CA ALA Q 327 -96.29 -24.47 -40.38
C ALA Q 327 -97.69 -24.97 -40.71
N GLY Q 328 -98.64 -24.05 -40.83
CA GLY Q 328 -99.96 -24.38 -41.35
C GLY Q 328 -100.99 -24.78 -40.31
N PHE Q 329 -102.06 -24.00 -40.18
CA PHE Q 329 -103.21 -24.37 -39.36
C PHE Q 329 -104.46 -24.24 -40.21
N SER Q 330 -105.61 -24.41 -39.56
CA SER Q 330 -106.91 -24.21 -40.17
C SER Q 330 -107.84 -23.71 -39.07
N GLY Q 331 -109.05 -23.32 -39.47
CA GLY Q 331 -110.04 -22.85 -38.52
C GLY Q 331 -109.81 -21.41 -38.12
N GLU Q 332 -110.74 -20.91 -37.30
CA GLU Q 332 -110.75 -19.53 -36.84
C GLU Q 332 -110.39 -19.48 -35.36
N VAL Q 333 -110.35 -18.25 -34.84
CA VAL Q 333 -110.16 -18.01 -33.41
C VAL Q 333 -110.71 -16.63 -33.10
N SER Q 334 -111.43 -16.52 -31.97
CA SER Q 334 -112.05 -15.26 -31.60
C SER Q 334 -111.66 -14.89 -30.18
N ILE Q 335 -111.01 -13.73 -30.04
CA ILE Q 335 -110.69 -13.18 -28.72
C ILE Q 335 -111.85 -12.30 -28.28
N ALA Q 336 -112.40 -12.58 -27.10
CA ALA Q 336 -113.53 -11.82 -26.57
C ALA Q 336 -112.98 -10.65 -25.77
N ILE Q 337 -112.91 -9.48 -26.42
CA ILE Q 337 -112.30 -8.31 -25.78
C ILE Q 337 -113.32 -7.57 -24.93
N GLY Q 338 -114.38 -7.07 -25.56
CA GLY Q 338 -115.39 -6.32 -24.86
C GLY Q 338 -115.51 -4.88 -25.36
N THR Q 339 -116.65 -4.28 -25.05
CA THR Q 339 -116.92 -2.90 -25.46
C THR Q 339 -116.10 -1.93 -24.61
N ASP Q 340 -115.78 -0.77 -25.19
CA ASP Q 340 -114.92 0.23 -24.56
C ASP Q 340 -113.55 -0.35 -24.25
N ALA Q 341 -112.86 -0.81 -25.29
CA ALA Q 341 -111.55 -1.43 -25.16
C ALA Q 341 -110.54 -0.55 -25.89
N ASN Q 342 -109.57 -0.02 -25.15
CA ASN Q 342 -108.48 0.76 -25.72
C ASN Q 342 -107.24 -0.12 -25.82
N MET Q 343 -106.68 -0.21 -27.03
CA MET Q 343 -105.57 -1.09 -27.32
C MET Q 343 -104.33 -0.25 -27.58
N GLN Q 344 -103.35 -0.37 -26.69
CA GLN Q 344 -102.10 0.35 -26.79
C GLN Q 344 -101.04 -0.53 -27.45
N SER Q 345 -99.84 0.03 -27.66
CA SER Q 345 -98.74 -0.67 -28.31
C SER Q 345 -97.92 -1.40 -27.24
N GLY Q 346 -97.94 -2.72 -27.30
CA GLY Q 346 -97.15 -3.55 -26.39
C GLY Q 346 -97.97 -4.54 -25.59
N ASP Q 347 -99.29 -4.41 -25.52
CA ASP Q 347 -100.10 -5.35 -24.77
C ASP Q 347 -100.10 -6.68 -25.51
N LYS Q 348 -99.50 -7.69 -24.90
CA LYS Q 348 -99.26 -8.96 -25.57
C LYS Q 348 -100.19 -10.04 -25.03
N ILE Q 349 -100.45 -11.05 -25.87
CA ILE Q 349 -101.25 -12.20 -25.47
C ILE Q 349 -100.48 -13.47 -25.82
N LEU Q 350 -100.39 -14.39 -24.86
CA LEU Q 350 -99.69 -15.65 -25.04
C LEU Q 350 -100.69 -16.80 -24.88
N LEU Q 351 -100.71 -17.69 -25.87
CA LEU Q 351 -101.63 -18.81 -25.94
C LEU Q 351 -100.85 -20.12 -26.07
N SER Q 352 -101.49 -21.22 -25.72
CA SER Q 352 -100.92 -22.55 -25.86
C SER Q 352 -101.84 -23.42 -26.72
N THR Q 353 -101.24 -24.31 -27.52
CA THR Q 353 -101.97 -25.17 -28.42
C THR Q 353 -101.59 -26.63 -28.16
N THR Q 354 -102.56 -27.53 -28.29
CA THR Q 354 -102.36 -28.95 -28.06
C THR Q 354 -102.74 -29.74 -29.30
N GLU Q 355 -102.07 -30.86 -29.52
CA GLU Q 355 -102.29 -31.70 -30.69
C GLU Q 355 -103.15 -32.91 -30.33
N ALA Q 356 -104.14 -33.22 -31.17
CA ALA Q 356 -104.95 -34.41 -30.97
C ALA Q 356 -104.23 -35.64 -31.49
N VAL Q 357 -104.18 -36.70 -30.68
CA VAL Q 357 -103.43 -37.90 -31.01
C VAL Q 357 -104.27 -39.10 -30.57
N ASP Q 358 -104.10 -40.23 -31.28
CA ASP Q 358 -104.76 -41.47 -30.90
C ASP Q 358 -104.42 -41.84 -29.46
N THR Q 359 -103.13 -41.88 -29.14
CA THR Q 359 -102.63 -42.21 -27.80
C THR Q 359 -103.14 -43.56 -27.30
N SER Q 360 -103.31 -44.53 -28.20
CA SER Q 360 -103.78 -45.86 -27.80
C SER Q 360 -103.23 -46.86 -28.82
N ALA Q 361 -102.19 -47.57 -28.42
CA ALA Q 361 -101.55 -48.59 -29.25
C ALA Q 361 -101.25 -49.80 -28.38
N THR Q 362 -100.48 -50.74 -28.94
CA THR Q 362 -100.15 -51.96 -28.20
C THR Q 362 -99.33 -51.63 -26.97
N SER Q 363 -98.24 -50.89 -27.13
CA SER Q 363 -97.38 -50.41 -26.06
C SER Q 363 -96.31 -49.53 -26.68
N GLY Q 364 -95.62 -48.77 -25.83
CA GLY Q 364 -94.48 -48.00 -26.30
C GLY Q 364 -94.31 -46.61 -25.71
N GLY Q 365 -95.38 -45.98 -25.25
CA GLY Q 365 -95.26 -44.65 -24.70
C GLY Q 365 -96.62 -44.02 -24.45
N GLY Q 366 -96.60 -42.72 -24.19
CA GLY Q 366 -97.83 -42.01 -23.88
C GLY Q 366 -97.71 -40.49 -23.90
N THR Q 367 -98.33 -39.84 -22.92
CA THR Q 367 -98.45 -38.40 -22.86
C THR Q 367 -97.80 -37.85 -21.60
N ILE Q 368 -97.27 -36.63 -21.73
CA ILE Q 368 -96.56 -35.94 -20.66
C ILE Q 368 -97.21 -34.57 -20.46
N ALA Q 369 -97.38 -34.17 -19.21
CA ALA Q 369 -97.98 -32.89 -18.87
C ALA Q 369 -97.15 -32.20 -17.80
N ILE Q 370 -96.96 -30.89 -17.95
CA ILE Q 370 -96.23 -30.05 -17.00
C ILE Q 370 -97.17 -28.96 -16.52
N SER Q 371 -97.32 -28.83 -15.20
CA SER Q 371 -98.25 -27.87 -14.63
C SER Q 371 -97.67 -27.26 -13.36
N GLY Q 372 -98.29 -26.16 -12.94
CA GLY Q 372 -97.91 -25.49 -11.71
C GLY Q 372 -97.14 -24.21 -11.93
N GLY Q 373 -96.03 -24.05 -11.20
CA GLY Q 373 -95.16 -22.91 -11.38
C GLY Q 373 -95.60 -21.70 -10.59
N PRO Q 374 -94.67 -20.77 -10.36
CA PRO Q 374 -95.04 -19.52 -9.66
C PRO Q 374 -96.03 -18.68 -10.42
N ALA Q 375 -96.18 -18.90 -11.73
CA ALA Q 375 -97.16 -18.19 -12.53
C ALA Q 375 -98.57 -18.76 -12.38
N GLY Q 376 -98.71 -19.95 -11.80
CA GLY Q 376 -100.00 -20.55 -11.57
C GLY Q 376 -100.77 -20.83 -12.86
N THR Q 377 -100.05 -21.19 -13.91
CA THR Q 377 -100.66 -21.46 -15.20
C THR Q 377 -100.79 -22.96 -15.43
N THR Q 378 -101.59 -23.32 -16.43
CA THR Q 378 -101.76 -24.70 -16.86
C THR Q 378 -101.07 -24.88 -18.20
N GLY Q 379 -100.08 -25.78 -18.25
CA GLY Q 379 -99.28 -25.96 -19.44
C GLY Q 379 -99.95 -26.85 -20.46
N ALA Q 380 -99.25 -27.03 -21.59
CA ALA Q 380 -99.73 -27.88 -22.66
C ALA Q 380 -99.42 -29.34 -22.36
N ILE Q 381 -99.96 -30.23 -23.21
CA ILE Q 381 -99.77 -31.67 -23.08
C ILE Q 381 -99.08 -32.16 -24.34
N ILE Q 382 -98.10 -33.05 -24.18
CA ILE Q 382 -97.32 -33.56 -25.30
C ILE Q 382 -97.56 -35.06 -25.41
N SER Q 383 -97.42 -35.58 -26.62
CA SER Q 383 -97.69 -36.99 -26.90
C SER Q 383 -96.51 -37.60 -27.66
N TYR Q 384 -96.26 -38.87 -27.39
CA TYR Q 384 -95.14 -39.59 -27.99
C TYR Q 384 -95.62 -40.88 -28.61
N GLY Q 385 -94.88 -41.34 -29.62
CA GLY Q 385 -95.21 -42.53 -30.36
C GLY Q 385 -94.68 -43.81 -29.71
N ASN Q 386 -94.78 -44.91 -30.46
CA ASN Q 386 -94.38 -46.21 -29.96
C ASN Q 386 -92.86 -46.29 -29.80
N ASN Q 387 -92.44 -46.93 -28.70
CA ASN Q 387 -91.02 -47.19 -28.43
C ASN Q 387 -90.19 -45.91 -28.37
N GLU Q 388 -90.80 -44.80 -27.97
CA GLU Q 388 -90.07 -43.54 -27.84
C GLU Q 388 -89.75 -43.18 -26.40
N LEU Q 389 -90.05 -44.07 -25.45
CA LEU Q 389 -89.81 -43.77 -24.04
C LEU Q 389 -88.83 -44.73 -23.39
N THR Q 390 -89.00 -46.03 -23.60
CA THR Q 390 -88.20 -47.05 -22.94
C THR Q 390 -87.65 -48.02 -23.98
N LYS Q 391 -86.54 -48.67 -23.64
CA LYS Q 391 -85.90 -49.63 -24.53
C LYS Q 391 -85.82 -51.00 -23.85
N VAL Q 392 -85.16 -51.94 -24.51
CA VAL Q 392 -85.08 -53.32 -24.07
C VAL Q 392 -83.69 -53.60 -23.53
N ASP Q 393 -83.56 -54.71 -22.81
CA ASP Q 393 -82.29 -55.09 -22.22
C ASP Q 393 -81.49 -56.00 -23.16
N ASN Q 394 -80.21 -56.15 -22.84
CA ASN Q 394 -79.26 -56.97 -23.61
C ASN Q 394 -78.56 -57.96 -22.69
N GLY Q 395 -79.34 -58.61 -21.83
CA GLY Q 395 -78.79 -59.48 -20.80
C GLY Q 395 -78.73 -58.81 -19.45
N ASP Q 396 -77.85 -57.83 -19.29
CA ASP Q 396 -77.74 -57.09 -18.02
C ASP Q 396 -78.00 -55.60 -18.19
N THR Q 397 -77.34 -54.98 -19.17
CA THR Q 397 -77.37 -53.54 -19.48
C THR Q 397 -76.70 -52.70 -18.40
N THR Q 398 -76.32 -53.33 -17.29
CA THR Q 398 -75.75 -52.65 -16.13
C THR Q 398 -76.42 -51.29 -15.91
N ILE Q 399 -77.76 -51.32 -15.90
CA ILE Q 399 -78.62 -50.14 -15.82
C ILE Q 399 -78.50 -49.32 -17.10
N ASP Q 400 -79.63 -49.10 -17.76
CA ASP Q 400 -79.69 -48.27 -18.97
C ASP Q 400 -80.65 -47.11 -18.74
N TYR Q 401 -80.61 -46.15 -19.66
CA TYR Q 401 -81.50 -45.00 -19.58
C TYR Q 401 -81.69 -44.41 -20.97
N ASN Q 402 -82.78 -43.65 -21.14
CA ASN Q 402 -83.07 -42.92 -22.36
C ASN Q 402 -83.25 -41.45 -22.03
N SER Q 403 -82.88 -40.57 -22.97
CA SER Q 403 -82.93 -39.13 -22.75
C SER Q 403 -84.05 -38.50 -23.57
N VAL Q 404 -84.84 -37.65 -22.92
CA VAL Q 404 -85.94 -36.96 -23.58
C VAL Q 404 -85.82 -35.47 -23.28
N THR Q 405 -85.79 -34.65 -24.32
CA THR Q 405 -85.71 -33.20 -24.19
C THR Q 405 -87.10 -32.60 -24.35
N VAL Q 406 -87.50 -31.74 -23.40
CA VAL Q 406 -88.80 -31.10 -23.44
C VAL Q 406 -88.62 -29.62 -23.17
N TYR Q 407 -89.13 -28.79 -24.08
CA TYR Q 407 -89.12 -27.34 -23.93
C TYR Q 407 -90.37 -26.89 -23.18
N HIS Q 408 -90.24 -25.78 -22.46
CA HIS Q 408 -91.37 -25.15 -21.79
C HIS Q 408 -91.16 -23.64 -21.78
N ALA Q 409 -92.25 -22.89 -21.98
CA ALA Q 409 -92.16 -21.45 -22.11
C ALA Q 409 -93.04 -20.75 -21.08
N ALA Q 410 -92.67 -19.51 -20.79
CA ALA Q 410 -93.36 -18.68 -19.82
C ALA Q 410 -93.21 -17.21 -20.21
N LEU Q 411 -94.11 -16.39 -19.68
CA LEU Q 411 -94.12 -14.96 -19.95
C LEU Q 411 -94.26 -14.19 -18.65
N ASN Q 412 -93.44 -13.15 -18.50
CA ASN Q 412 -93.49 -12.26 -17.34
C ASN Q 412 -94.44 -11.11 -17.63
N VAL Q 413 -95.07 -10.59 -16.57
CA VAL Q 413 -96.13 -9.60 -16.74
C VAL Q 413 -95.60 -8.19 -16.53
N GLU Q 414 -94.28 -8.05 -16.35
CA GLU Q 414 -93.70 -6.77 -15.98
C GLU Q 414 -92.83 -6.16 -17.08
N THR Q 415 -92.07 -6.96 -17.82
CA THR Q 415 -91.13 -6.42 -18.79
C THR Q 415 -91.45 -6.78 -20.23
N GLY Q 416 -92.22 -7.84 -20.46
CA GLY Q 416 -92.50 -8.26 -21.82
C GLY Q 416 -91.45 -9.14 -22.45
N ASN Q 417 -90.70 -9.90 -21.65
CA ASN Q 417 -89.73 -10.85 -22.17
C ASN Q 417 -90.32 -12.26 -22.13
N LEU Q 418 -89.75 -13.14 -22.95
CA LEU Q 418 -90.21 -14.50 -23.08
C LEU Q 418 -89.14 -15.45 -22.58
N ASP Q 419 -89.52 -16.40 -21.73
CA ASP Q 419 -88.62 -17.40 -21.18
C ASP Q 419 -88.90 -18.72 -21.86
N VAL Q 420 -87.84 -19.37 -22.36
CA VAL Q 420 -87.95 -20.67 -23.02
C VAL Q 420 -86.85 -21.56 -22.44
N GLY Q 421 -87.22 -22.47 -21.55
CA GLY Q 421 -86.27 -23.37 -20.94
C GLY Q 421 -86.49 -24.82 -21.35
N ASN Q 422 -85.58 -25.67 -20.90
CA ASN Q 422 -85.63 -27.09 -21.25
C ASN Q 422 -85.40 -27.96 -20.02
N LEU Q 423 -86.02 -29.13 -20.02
CA LEU Q 423 -85.75 -30.19 -19.07
C LEU Q 423 -85.43 -31.46 -19.85
N THR Q 424 -84.48 -32.26 -19.35
CA THR Q 424 -84.21 -33.55 -19.97
C THR Q 424 -84.56 -34.64 -18.96
N PHE Q 425 -85.63 -35.37 -19.23
CA PHE Q 425 -85.99 -36.51 -18.40
C PHE Q 425 -85.16 -37.71 -18.79
N ASN Q 426 -84.77 -38.51 -17.79
CA ASN Q 426 -84.10 -39.78 -18.03
C ASN Q 426 -85.13 -40.88 -17.73
N PHE Q 427 -85.47 -41.65 -18.75
CA PHE Q 427 -86.44 -42.72 -18.61
C PHE Q 427 -85.72 -44.06 -18.39
N ARG Q 428 -86.32 -44.89 -17.55
CA ARG Q 428 -85.61 -45.98 -16.86
C ARG Q 428 -85.23 -47.12 -17.80
N GLU Q 429 -84.69 -48.19 -17.19
CA GLU Q 429 -83.85 -49.19 -17.82
C GLU Q 429 -84.54 -50.03 -18.88
N ASP Q 430 -85.46 -50.90 -18.48
CA ASP Q 430 -86.00 -51.90 -19.39
C ASP Q 430 -87.31 -52.43 -18.83
N THR Q 431 -88.31 -52.56 -19.69
CA THR Q 431 -89.60 -53.16 -19.39
C THR Q 431 -90.07 -53.95 -20.61
N GLY Q 432 -91.34 -54.37 -20.60
CA GLY Q 432 -91.92 -54.92 -21.79
C GLY Q 432 -92.74 -56.19 -21.63
N THR Q 433 -93.70 -56.38 -22.54
CA THR Q 433 -94.39 -57.66 -22.67
C THR Q 433 -93.46 -58.58 -23.46
N ASP Q 434 -93.99 -59.66 -24.05
CA ASP Q 434 -93.14 -60.66 -24.71
C ASP Q 434 -92.67 -60.11 -26.06
N THR Q 435 -91.58 -59.34 -26.00
CA THR Q 435 -90.79 -58.96 -27.17
C THR Q 435 -91.63 -58.20 -28.20
N ALA Q 436 -92.66 -57.48 -27.77
CA ALA Q 436 -93.50 -56.83 -28.76
C ALA Q 436 -93.09 -55.40 -29.05
N TYR Q 437 -93.27 -54.48 -28.09
CA TYR Q 437 -92.86 -53.09 -28.31
C TYR Q 437 -92.22 -52.41 -27.10
N GLY Q 438 -92.47 -52.86 -25.88
CA GLY Q 438 -92.00 -52.16 -24.69
C GLY Q 438 -93.08 -52.01 -23.64
N SER Q 439 -92.83 -51.22 -22.60
CA SER Q 439 -93.81 -51.00 -21.54
C SER Q 439 -93.33 -49.85 -20.68
N THR Q 440 -94.26 -49.27 -19.92
CA THR Q 440 -93.99 -48.18 -18.98
C THR Q 440 -95.21 -48.02 -18.08
N THR Q 441 -94.98 -47.56 -16.86
CA THR Q 441 -96.05 -47.29 -15.91
C THR Q 441 -96.26 -45.78 -15.81
N GLY Q 442 -97.42 -45.38 -15.31
CA GLY Q 442 -97.81 -43.99 -15.23
C GLY Q 442 -97.83 -43.47 -13.82
N GLY Q 443 -98.18 -42.19 -13.68
CA GLY Q 443 -98.25 -41.53 -12.39
C GLY Q 443 -97.98 -40.04 -12.52
N SER Q 444 -97.68 -39.43 -11.38
CA SER Q 444 -97.36 -38.00 -11.31
C SER Q 444 -96.36 -37.78 -10.19
N PHE Q 445 -95.40 -36.88 -10.44
CA PHE Q 445 -94.39 -36.59 -9.45
C PHE Q 445 -94.11 -35.10 -9.41
N ASP Q 446 -93.29 -34.71 -8.44
CA ASP Q 446 -93.10 -33.32 -8.04
C ASP Q 446 -91.65 -32.91 -8.24
N LEU Q 447 -91.42 -31.88 -9.06
CA LEU Q 447 -90.10 -31.31 -9.27
C LEU Q 447 -89.93 -30.08 -8.39
N LEU Q 448 -88.81 -30.03 -7.67
CA LEU Q 448 -88.44 -28.87 -6.89
C LEU Q 448 -87.19 -28.25 -7.48
N VAL Q 449 -87.31 -27.01 -7.93
CA VAL Q 449 -86.20 -26.28 -8.54
C VAL Q 449 -85.62 -25.35 -7.48
N ALA Q 450 -84.38 -25.62 -7.09
CA ALA Q 450 -83.64 -24.78 -6.14
C ALA Q 450 -82.59 -23.98 -6.91
N GLY Q 451 -82.56 -22.68 -6.66
CA GLY Q 451 -81.67 -21.80 -7.38
C GLY Q 451 -80.28 -21.77 -6.79
N GLY Q 452 -79.45 -20.89 -7.33
CA GLY Q 452 -78.08 -20.73 -6.89
C GLY Q 452 -77.96 -19.74 -5.73
N GLY Q 453 -76.77 -19.73 -5.14
CA GLY Q 453 -76.48 -18.85 -4.02
C GLY Q 453 -77.01 -19.37 -2.70
N GLU Q 454 -77.68 -22.40 -1.23
CA GLU Q 454 -78.65 -23.47 -1.42
C GLU Q 454 -77.95 -24.81 -1.58
N ALA Q 455 -78.60 -25.88 -1.13
CA ALA Q 455 -78.01 -27.20 -1.23
C ALA Q 455 -77.94 -27.67 -2.67
N ALA Q 456 -76.81 -28.27 -3.04
CA ALA Q 456 -76.65 -28.80 -4.39
C ALA Q 456 -77.45 -30.09 -4.55
N THR Q 457 -77.72 -30.44 -5.80
CA THR Q 457 -78.52 -31.62 -6.10
C THR Q 457 -77.62 -32.73 -6.65
N SER Q 458 -78.25 -33.85 -7.03
CA SER Q 458 -77.52 -35.04 -7.43
C SER Q 458 -76.99 -34.98 -8.86
N THR Q 459 -77.43 -34.01 -9.66
CA THR Q 459 -77.01 -33.90 -11.06
C THR Q 459 -76.20 -32.65 -11.32
N THR Q 460 -75.70 -31.98 -10.29
CA THR Q 460 -74.92 -30.77 -10.49
C THR Q 460 -73.50 -31.11 -10.93
N LYS Q 461 -73.04 -30.42 -11.97
CA LYS Q 461 -71.68 -30.62 -12.45
C LYS Q 461 -70.67 -30.03 -11.47
N LEU Q 462 -69.52 -30.68 -11.37
CA LEU Q 462 -68.49 -30.32 -10.40
C LEU Q 462 -67.83 -28.98 -10.70
N LYS Q 463 -67.94 -28.46 -11.92
CA LYS Q 463 -67.28 -27.21 -12.29
C LYS Q 463 -68.04 -25.98 -11.80
N ASP Q 464 -69.14 -26.17 -11.08
CA ASP Q 464 -70.01 -25.06 -10.69
C ASP Q 464 -70.01 -24.83 -9.18
N ILE Q 465 -69.56 -25.80 -8.39
CA ILE Q 465 -69.62 -25.68 -6.94
C ILE Q 465 -68.74 -24.52 -6.49
N SER Q 466 -69.21 -23.78 -5.47
CA SER Q 466 -68.50 -22.59 -5.01
C SER Q 466 -67.16 -22.94 -4.36
N ARG Q 467 -67.05 -24.11 -3.73
CA ARG Q 467 -65.82 -24.46 -3.04
C ARG Q 467 -64.70 -24.88 -3.99
N PHE Q 468 -64.97 -25.01 -5.29
CA PHE Q 468 -63.95 -25.42 -6.24
C PHE Q 468 -63.42 -24.28 -7.08
N THR Q 469 -63.47 -23.05 -6.58
CA THR Q 469 -62.83 -21.91 -7.21
C THR Q 469 -61.96 -21.18 -6.19
N THR Q 470 -60.81 -20.71 -6.64
CA THR Q 470 -59.88 -20.03 -5.74
C THR Q 470 -60.34 -18.60 -5.47
N ASP Q 471 -59.56 -17.90 -4.65
CA ASP Q 471 -59.88 -16.50 -4.35
C ASP Q 471 -59.78 -15.62 -5.58
N ASP Q 472 -58.93 -15.99 -6.53
CA ASP Q 472 -58.73 -15.22 -7.75
C ASP Q 472 -59.68 -15.59 -8.87
N GLY Q 473 -60.63 -16.50 -8.62
CA GLY Q 473 -61.63 -16.84 -9.61
C GLY Q 473 -61.20 -17.84 -10.66
N VAL Q 474 -60.13 -18.59 -10.41
CA VAL Q 474 -59.67 -19.61 -11.35
C VAL Q 474 -59.97 -20.97 -10.74
N ASN Q 475 -60.85 -21.73 -11.39
CA ASN Q 475 -61.22 -23.04 -10.89
C ASN Q 475 -60.09 -24.05 -11.14
N ILE Q 476 -60.06 -25.08 -10.28
CA ILE Q 476 -58.98 -26.05 -10.34
C ILE Q 476 -59.01 -26.84 -11.63
N PHE Q 477 -60.20 -27.11 -12.16
CA PHE Q 477 -60.37 -27.94 -13.35
C PHE Q 477 -60.04 -27.20 -14.63
N ALA Q 478 -59.58 -25.96 -14.56
CA ALA Q 478 -59.27 -25.21 -15.79
C ALA Q 478 -58.08 -25.83 -16.52
N ALA Q 479 -56.99 -26.10 -15.79
CA ALA Q 479 -55.79 -26.64 -16.42
C ALA Q 479 -56.00 -28.06 -16.91
N GLY Q 480 -56.61 -28.92 -16.10
CA GLY Q 480 -56.83 -30.30 -16.48
C GLY Q 480 -57.38 -31.12 -15.34
N PRO Q 481 -57.56 -32.42 -15.57
CA PRO Q 481 -58.08 -33.31 -14.53
C PRO Q 481 -57.10 -33.43 -13.37
N GLN Q 482 -57.66 -33.70 -12.19
CA GLN Q 482 -56.91 -33.72 -10.95
C GLN Q 482 -56.76 -35.14 -10.44
N GLU Q 483 -55.68 -35.36 -9.68
CA GLU Q 483 -55.37 -36.64 -9.08
C GLU Q 483 -55.93 -36.71 -7.66
N LEU Q 484 -56.16 -37.92 -7.17
CA LEU Q 484 -56.41 -38.14 -5.76
C LEU Q 484 -55.88 -39.52 -5.37
N THR Q 485 -55.01 -39.57 -4.37
CA THR Q 485 -54.41 -40.81 -3.90
C THR Q 485 -54.94 -41.13 -2.51
N ILE Q 486 -55.33 -42.38 -2.32
CA ILE Q 486 -55.89 -42.84 -1.04
C ILE Q 486 -54.98 -43.95 -0.52
N PHE Q 487 -54.55 -43.81 0.74
CA PHE Q 487 -53.71 -44.79 1.40
C PHE Q 487 -54.50 -45.47 2.52
N GLY Q 488 -54.39 -46.80 2.59
CA GLY Q 488 -55.02 -47.57 3.63
C GLY Q 488 -54.74 -49.06 3.52
N ASN Q 489 -54.76 -49.76 4.64
CA ASN Q 489 -54.58 -51.22 4.68
C ASN Q 489 -53.27 -51.63 4.01
N GLY Q 490 -52.24 -50.80 4.16
CA GLY Q 490 -50.97 -51.07 3.52
C GLY Q 490 -51.03 -51.07 2.01
N SER Q 491 -51.84 -50.21 1.41
CA SER Q 491 -51.97 -50.13 -0.04
C SER Q 491 -52.42 -48.73 -0.42
N SER Q 492 -52.31 -48.44 -1.71
CA SER Q 492 -52.65 -47.12 -2.22
C SER Q 492 -53.45 -47.27 -3.52
N ALA Q 493 -54.25 -46.24 -3.79
CA ALA Q 493 -55.05 -46.19 -5.01
C ALA Q 493 -55.06 -44.76 -5.54
N THR Q 494 -55.30 -44.64 -6.84
CA THR Q 494 -55.28 -43.34 -7.51
C THR Q 494 -56.51 -43.20 -8.38
N ILE Q 495 -57.18 -42.05 -8.27
CA ILE Q 495 -58.35 -41.75 -9.09
C ILE Q 495 -58.14 -40.39 -9.78
N TYR Q 496 -58.80 -40.23 -10.92
CA TYR Q 496 -58.74 -39.01 -11.72
C TYR Q 496 -60.12 -38.36 -11.75
N LEU Q 497 -60.15 -37.05 -11.51
CA LEU Q 497 -61.38 -36.27 -11.53
C LEU Q 497 -61.33 -35.30 -12.69
N GLU Q 498 -62.41 -35.24 -13.47
CA GLU Q 498 -62.54 -34.27 -14.54
C GLU Q 498 -63.67 -33.31 -14.19
N GLY Q 499 -63.55 -32.08 -14.68
CA GLY Q 499 -64.45 -31.01 -14.32
C GLY Q 499 -65.84 -31.06 -14.93
N ASP Q 500 -66.31 -32.23 -15.38
CA ASP Q 500 -67.63 -32.32 -15.97
C ASP Q 500 -68.52 -33.36 -15.32
N ASP Q 501 -67.97 -34.27 -14.52
CA ASP Q 501 -68.78 -35.31 -13.89
C ASP Q 501 -69.62 -34.72 -12.77
N THR Q 502 -70.73 -35.40 -12.48
CA THR Q 502 -71.66 -35.01 -11.42
C THR Q 502 -71.30 -35.73 -10.12
N VAL Q 503 -72.03 -35.37 -9.06
CA VAL Q 503 -71.70 -35.85 -7.72
C VAL Q 503 -71.88 -37.36 -7.61
N SER Q 504 -72.93 -37.90 -8.23
CA SER Q 504 -73.20 -39.33 -8.13
C SER Q 504 -72.06 -40.14 -8.75
N GLU Q 505 -71.50 -39.66 -9.86
CA GLU Q 505 -70.33 -40.32 -10.44
C GLU Q 505 -69.15 -40.28 -9.48
N PHE Q 506 -68.97 -39.16 -8.76
CA PHE Q 506 -67.92 -39.08 -7.75
C PHE Q 506 -68.12 -40.14 -6.67
N GLU Q 507 -69.36 -40.28 -6.18
CA GLU Q 507 -69.63 -41.28 -5.16
C GLU Q 507 -69.37 -42.69 -5.67
N THR Q 508 -69.80 -42.98 -6.89
CA THR Q 508 -69.59 -44.31 -7.46
C THR Q 508 -68.11 -44.61 -7.62
N LYS Q 509 -67.34 -43.64 -8.14
CA LYS Q 509 -65.91 -43.84 -8.30
C LYS Q 509 -65.22 -44.07 -6.97
N LEU Q 510 -65.58 -43.28 -5.95
CA LEU Q 510 -64.96 -43.46 -4.65
C LEU Q 510 -65.31 -44.80 -4.04
N SER Q 511 -66.57 -45.24 -4.20
CA SER Q 511 -66.97 -46.54 -3.66
C SER Q 511 -66.20 -47.67 -4.34
N SER Q 512 -66.08 -47.61 -5.67
CA SER Q 512 -65.34 -48.65 -6.38
C SER Q 512 -63.87 -48.65 -5.97
N ALA Q 513 -63.27 -47.47 -5.84
CA ALA Q 513 -61.86 -47.38 -5.45
C ALA Q 513 -61.64 -47.95 -4.06
N ILE Q 514 -62.55 -47.64 -3.12
CA ILE Q 514 -62.44 -48.17 -1.76
C ILE Q 514 -62.59 -49.68 -1.77
N LEU Q 515 -63.56 -50.19 -2.53
CA LEU Q 515 -63.75 -51.64 -2.60
C LEU Q 515 -62.57 -52.35 -3.26
N GLU Q 516 -61.82 -51.65 -4.12
CA GLU Q 516 -60.64 -52.26 -4.72
C GLU Q 516 -59.58 -52.58 -3.67
N LEU Q 517 -59.46 -51.73 -2.64
CA LEU Q 517 -58.49 -51.98 -1.58
C LEU Q 517 -58.85 -53.19 -0.73
N GLY Q 518 -60.07 -53.70 -0.84
CA GLY Q 518 -60.52 -54.84 -0.05
C GLY Q 518 -61.13 -54.48 1.28
N MET Q 519 -61.23 -53.19 1.62
CA MET Q 519 -61.83 -52.78 2.88
C MET Q 519 -63.31 -53.10 2.96
N GLY Q 520 -63.96 -53.35 1.82
CA GLY Q 520 -65.40 -53.53 1.80
C GLY Q 520 -65.82 -54.86 2.40
N ALA Q 521 -67.11 -55.15 2.24
CA ALA Q 521 -67.68 -56.38 2.77
C ALA Q 521 -67.00 -57.59 2.15
N THR Q 522 -66.74 -58.59 2.98
CA THR Q 522 -65.98 -59.76 2.56
C THR Q 522 -66.88 -60.70 1.76
N ALA Q 523 -66.38 -61.90 1.48
CA ALA Q 523 -67.10 -62.83 0.60
C ALA Q 523 -68.23 -63.54 1.35
N GLY Q 524 -69.07 -62.79 2.05
CA GLY Q 524 -70.32 -63.35 2.53
C GLY Q 524 -71.25 -63.51 1.36
N THR Q 525 -71.04 -62.70 0.33
CA THR Q 525 -71.69 -62.77 -0.97
C THR Q 525 -73.21 -62.71 -0.89
N SER Q 526 -73.77 -62.22 0.21
CA SER Q 526 -75.21 -62.10 0.37
C SER Q 526 -75.66 -60.70 0.01
N ASP Q 527 -76.99 -60.51 0.00
CA ASP Q 527 -77.55 -59.18 -0.21
C ASP Q 527 -77.11 -58.22 0.90
N GLU Q 528 -76.81 -58.76 2.09
CA GLU Q 528 -76.20 -57.96 3.14
C GLU Q 528 -74.94 -57.28 2.64
N ALA Q 529 -74.09 -58.05 1.95
CA ALA Q 529 -72.84 -57.50 1.43
C ALA Q 529 -73.10 -56.43 0.37
N ALA Q 530 -74.08 -56.66 -0.51
CA ALA Q 530 -74.39 -55.68 -1.54
C ALA Q 530 -74.88 -54.37 -0.92
N THR Q 531 -75.78 -54.46 0.06
CA THR Q 531 -76.28 -53.27 0.72
C THR Q 531 -75.18 -52.54 1.47
N VAL Q 532 -74.33 -53.28 2.18
CA VAL Q 532 -73.23 -52.65 2.92
C VAL Q 532 -72.28 -51.95 1.96
N ASN Q 533 -71.96 -52.60 0.85
CA ASN Q 533 -71.07 -52.00 -0.16
C ASN Q 533 -71.69 -50.73 -0.72
N SER Q 534 -73.00 -50.76 -1.00
CA SER Q 534 -73.66 -49.59 -1.57
C SER Q 534 -73.77 -48.44 -0.57
N ASN Q 535 -73.86 -48.72 0.72
CA ASN Q 535 -74.02 -47.69 1.75
C ASN Q 535 -72.70 -47.27 2.37
N LEU Q 536 -71.59 -47.38 1.63
CA LEU Q 536 -70.28 -47.02 2.17
C LEU Q 536 -70.03 -45.52 2.11
N VAL Q 537 -70.26 -44.91 0.95
CA VAL Q 537 -70.11 -43.48 0.75
C VAL Q 537 -71.48 -42.89 0.45
N ASN Q 538 -71.90 -41.91 1.26
CA ASN Q 538 -73.26 -41.40 1.15
C ASN Q 538 -73.27 -39.90 0.95
N TYR Q 539 -74.20 -39.44 0.10
CA TYR Q 539 -74.49 -38.03 -0.09
C TYR Q 539 -75.92 -37.77 0.37
N VAL Q 540 -76.10 -36.74 1.19
CA VAL Q 540 -77.40 -36.45 1.80
C VAL Q 540 -78.00 -35.25 1.08
N SER Q 541 -79.20 -35.42 0.55
CA SER Q 541 -79.89 -34.35 -0.14
C SER Q 541 -80.84 -33.65 0.83
N THR Q 542 -81.53 -32.61 0.36
CA THR Q 542 -82.45 -31.88 1.22
C THR Q 542 -83.62 -32.76 1.67
N GLY Q 543 -84.12 -33.60 0.77
CA GLY Q 543 -85.23 -34.47 1.08
C GLY Q 543 -84.90 -35.79 1.73
N ASP Q 544 -83.69 -35.94 2.26
CA ASP Q 544 -83.26 -37.19 2.89
C ASP Q 544 -82.52 -36.97 4.20
N VAL Q 545 -82.73 -35.83 4.85
CA VAL Q 545 -82.07 -35.53 6.11
C VAL Q 545 -82.76 -36.28 7.23
N THR Q 546 -81.98 -36.79 8.18
CA THR Q 546 -82.51 -37.49 9.34
C THR Q 546 -81.96 -36.84 10.61
N ASP Q 547 -82.84 -36.45 11.50
CA ASP Q 547 -82.45 -35.77 12.73
C ASP Q 547 -81.84 -36.77 13.72
N SER Q 548 -80.89 -36.27 14.52
CA SER Q 548 -80.18 -37.05 15.52
C SER Q 548 -79.52 -38.28 14.91
N SER Q 549 -78.88 -38.11 13.76
CA SER Q 549 -78.16 -39.19 13.11
C SER Q 549 -76.85 -38.64 12.57
N ASN Q 550 -76.03 -39.52 11.99
CA ASN Q 550 -74.80 -39.08 11.36
C ASN Q 550 -75.06 -38.13 10.20
N GLU Q 551 -76.23 -38.23 9.59
CA GLU Q 551 -76.60 -37.45 8.41
C GLU Q 551 -77.51 -36.27 8.73
N ALA Q 552 -77.30 -35.63 9.88
CA ALA Q 552 -78.12 -34.51 10.28
C ALA Q 552 -77.74 -33.19 9.61
N LEU Q 553 -76.81 -33.24 8.65
CA LEU Q 553 -76.39 -32.05 7.92
C LEU Q 553 -76.66 -32.27 6.44
N ALA Q 554 -77.04 -31.18 5.75
CA ALA Q 554 -77.46 -31.24 4.37
C ALA Q 554 -76.27 -31.07 3.42
N GLY Q 555 -76.26 -31.88 2.37
CA GLY Q 555 -75.28 -31.74 1.31
C GLY Q 555 -73.85 -32.02 1.72
N THR Q 556 -73.62 -33.05 2.53
CA THR Q 556 -72.29 -33.43 2.95
C THR Q 556 -72.03 -34.88 2.59
N PHE Q 557 -70.76 -35.23 2.43
CA PHE Q 557 -70.37 -36.61 2.17
C PHE Q 557 -70.03 -37.32 3.48
N VAL Q 558 -70.60 -38.51 3.65
CA VAL Q 558 -70.33 -39.33 4.83
C VAL Q 558 -69.56 -40.57 4.35
N ILE Q 559 -68.44 -40.85 5.01
CA ILE Q 559 -67.54 -41.92 4.59
C ILE Q 559 -67.27 -42.82 5.78
N GLN Q 560 -67.41 -44.13 5.56
CA GLN Q 560 -67.15 -45.15 6.57
C GLN Q 560 -66.39 -46.29 5.92
N THR Q 561 -65.97 -47.26 6.74
CA THR Q 561 -65.31 -48.45 6.23
C THR Q 561 -65.94 -49.69 6.83
N ALA Q 562 -65.42 -50.87 6.50
CA ALA Q 562 -66.00 -52.12 6.97
C ALA Q 562 -65.02 -52.97 7.76
N ARG Q 563 -64.09 -52.35 8.49
CA ARG Q 563 -63.19 -53.06 9.39
C ARG Q 563 -63.08 -52.31 10.71
N LEU Q 564 -62.53 -53.00 11.71
CA LEU Q 564 -62.44 -52.49 13.06
C LEU Q 564 -61.03 -52.02 13.38
N GLY Q 565 -60.94 -51.10 14.33
CA GLY Q 565 -59.65 -50.66 14.84
C GLY Q 565 -58.80 -49.91 13.83
N ASP Q 566 -57.49 -49.99 14.07
CA ASP Q 566 -56.53 -49.25 13.26
C ASP Q 566 -56.59 -49.62 11.79
N ASP Q 567 -57.14 -50.78 11.45
CA ASP Q 567 -57.28 -51.17 10.05
C ASP Q 567 -58.20 -50.24 9.28
N SER Q 568 -59.05 -49.47 9.97
CA SER Q 568 -60.05 -48.64 9.31
C SER Q 568 -59.61 -47.20 9.12
N LYS Q 569 -58.32 -46.90 9.28
CA LYS Q 569 -57.85 -45.53 9.09
C LYS Q 569 -57.57 -45.28 7.60
N LEU Q 570 -58.04 -44.13 7.11
CA LEU Q 570 -57.84 -43.71 5.73
C LEU Q 570 -56.96 -42.47 5.69
N SER Q 571 -56.14 -42.37 4.64
CA SER Q 571 -55.32 -41.19 4.42
C SER Q 571 -55.49 -40.67 3.00
N PHE Q 572 -55.49 -39.35 2.85
CA PHE Q 572 -55.81 -38.68 1.60
C PHE Q 572 -54.62 -37.84 1.15
N ILE Q 573 -54.28 -37.91 -0.13
CA ILE Q 573 -53.16 -37.18 -0.71
C ILE Q 573 -53.60 -36.56 -2.03
N GLY Q 574 -53.20 -35.31 -2.24
CA GLY Q 574 -53.54 -34.63 -3.47
C GLY Q 574 -52.96 -33.22 -3.48
N ASP Q 575 -53.51 -32.39 -4.36
CA ASP Q 575 -53.08 -31.00 -4.44
C ASP Q 575 -53.53 -30.24 -3.18
N GLN Q 576 -52.78 -29.19 -2.86
CA GLN Q 576 -53.09 -28.39 -1.68
C GLN Q 576 -54.48 -27.76 -1.79
N ASN Q 577 -54.79 -27.17 -2.94
CA ASN Q 577 -56.07 -26.50 -3.09
C ASN Q 577 -57.23 -27.47 -3.02
N LEU Q 578 -57.10 -28.62 -3.69
CA LEU Q 578 -58.17 -29.62 -3.69
C LEU Q 578 -58.40 -30.19 -2.29
N ILE Q 579 -57.31 -30.54 -1.59
CA ILE Q 579 -57.44 -31.09 -0.25
C ILE Q 579 -58.05 -30.06 0.69
N ASN Q 580 -57.62 -28.80 0.59
CA ASN Q 580 -58.18 -27.76 1.44
C ASN Q 580 -59.65 -27.51 1.12
N ALA Q 581 -60.03 -27.61 -0.16
CA ALA Q 581 -61.43 -27.41 -0.54
C ALA Q 581 -62.30 -28.53 -0.03
N LEU Q 582 -61.81 -29.78 -0.07
CA LEU Q 582 -62.61 -30.89 0.45
C LEU Q 582 -62.87 -30.72 1.94
N SER Q 583 -61.83 -30.37 2.71
CA SER Q 583 -61.97 -30.04 4.13
C SER Q 583 -62.61 -31.18 4.91
N LEU Q 584 -61.93 -32.31 4.93
CA LEU Q 584 -62.41 -33.48 5.63
C LEU Q 584 -62.33 -33.29 7.14
N ALA Q 585 -63.19 -34.00 7.86
CA ALA Q 585 -63.24 -33.91 9.32
C ALA Q 585 -63.67 -35.26 9.86
N THR Q 586 -63.37 -35.47 11.14
CA THR Q 586 -63.63 -36.74 11.81
C THR Q 586 -64.78 -36.57 12.79
N ILE Q 587 -65.76 -37.49 12.72
CA ILE Q 587 -66.84 -37.53 13.68
C ILE Q 587 -66.87 -38.82 14.48
N GLN Q 588 -66.14 -39.85 14.07
CA GLN Q 588 -65.99 -41.02 14.93
C GLN Q 588 -64.61 -41.65 14.73
N GLU Q 589 -64.05 -42.15 15.82
CA GLU Q 589 -62.75 -42.81 15.83
C GLU Q 589 -62.92 -44.27 16.19
N GLY Q 590 -62.02 -45.10 15.65
CA GLY Q 590 -62.11 -46.53 15.81
C GLY Q 590 -61.66 -47.03 17.17
N GLU Q 591 -62.05 -48.25 17.48
CA GLU Q 591 -61.66 -48.93 18.72
C GLU Q 591 -61.26 -50.36 18.41
N ASN Q 592 -60.43 -50.96 19.27
CA ASN Q 592 -59.93 -52.30 19.03
C ASN Q 592 -60.90 -53.35 19.60
N SER Q 593 -60.61 -54.61 19.29
CA SER Q 593 -61.45 -55.72 19.69
C SER Q 593 -60.83 -56.45 20.88
N GLU Q 594 -61.61 -57.36 21.47
CA GLU Q 594 -61.15 -58.19 22.57
C GLU Q 594 -61.17 -59.64 22.13
N THR Q 595 -60.03 -60.32 22.25
CA THR Q 595 -59.92 -61.69 21.78
C THR Q 595 -59.66 -62.62 22.95
N THR Q 596 -60.48 -63.65 23.09
CA THR Q 596 -60.27 -64.70 24.08
C THR Q 596 -59.71 -65.92 23.35
N ILE Q 597 -58.53 -66.36 23.78
CA ILE Q 597 -57.81 -67.43 23.11
C ILE Q 597 -57.52 -68.53 24.11
N LYS Q 598 -57.82 -69.77 23.73
CA LYS Q 598 -57.48 -70.95 24.53
C LYS Q 598 -56.68 -71.91 23.66
N VAL Q 599 -55.65 -72.53 24.23
CA VAL Q 599 -54.79 -73.45 23.50
C VAL Q 599 -54.83 -74.80 24.19
N THR Q 600 -54.95 -75.86 23.39
CA THR Q 600 -55.02 -77.23 23.91
C THR Q 600 -54.27 -78.16 22.95
N ASP Q 601 -53.85 -79.30 23.48
CA ASP Q 601 -53.10 -80.27 22.67
C ASP Q 601 -54.01 -80.92 21.64
N ALA Q 602 -53.39 -81.40 20.56
CA ALA Q 602 -54.14 -81.92 19.43
C ALA Q 602 -54.38 -83.43 19.50
N HIS Q 603 -53.75 -84.14 20.43
CA HIS Q 603 -53.94 -85.58 20.54
C HIS Q 603 -54.47 -86.04 21.89
N THR Q 604 -54.14 -85.35 22.98
CA THR Q 604 -54.62 -85.72 24.30
C THR Q 604 -55.64 -84.73 24.84
N GLY Q 605 -55.51 -83.45 24.51
CA GLY Q 605 -56.45 -82.43 24.95
C GLY Q 605 -56.09 -81.76 26.25
N LYS Q 606 -54.88 -81.97 26.77
CA LYS Q 606 -54.48 -81.34 28.02
C LYS Q 606 -54.42 -79.82 27.86
N PHE Q 607 -54.93 -79.12 28.85
CA PHE Q 607 -54.92 -77.66 28.83
C PHE Q 607 -53.49 -77.14 28.89
N ILE Q 608 -53.23 -76.05 28.17
CA ILE Q 608 -51.92 -75.40 28.15
C ILE Q 608 -52.01 -73.96 28.65
N GLY Q 609 -52.92 -73.17 28.06
CA GLY Q 609 -53.07 -71.80 28.48
C GLY Q 609 -54.23 -71.07 27.83
N SER Q 610 -54.54 -69.89 28.37
CA SER Q 610 -55.61 -69.04 27.83
C SER Q 610 -55.27 -67.59 28.12
N ASP Q 611 -55.85 -66.68 27.35
CA ASP Q 611 -55.57 -65.26 27.49
C ASP Q 611 -56.69 -64.43 26.89
N SER Q 612 -56.75 -63.17 27.31
CA SER Q 612 -57.65 -62.17 26.76
C SER Q 612 -56.80 -60.99 26.31
N VAL Q 613 -56.64 -60.84 25.00
CA VAL Q 613 -55.76 -59.83 24.43
C VAL Q 613 -56.57 -58.78 23.70
N ASN Q 614 -55.89 -57.68 23.35
CA ASN Q 614 -56.52 -56.54 22.71
C ASN Q 614 -56.08 -56.34 21.27
N ASP Q 615 -54.79 -56.47 20.97
CA ASP Q 615 -54.26 -56.31 19.62
C ASP Q 615 -54.22 -57.61 18.84
N SER Q 616 -54.78 -58.69 19.40
CA SER Q 616 -54.88 -59.98 18.72
C SER Q 616 -53.50 -60.56 18.42
N THR Q 617 -52.60 -60.44 19.40
CA THR Q 617 -51.26 -61.02 19.32
C THR Q 617 -51.06 -61.94 20.52
N LEU Q 618 -50.99 -63.25 20.26
CA LEU Q 618 -50.80 -64.23 21.33
C LEU Q 618 -49.31 -64.31 21.65
N ARG Q 619 -48.95 -63.95 22.87
CA ARG Q 619 -47.55 -63.83 23.27
C ARG Q 619 -47.34 -64.46 24.64
N GLY Q 620 -46.22 -65.16 24.80
CA GLY Q 620 -45.80 -65.61 26.11
C GLY Q 620 -46.49 -66.84 26.65
N VAL Q 621 -47.18 -67.60 25.81
CA VAL Q 621 -47.78 -68.86 26.22
C VAL Q 621 -47.10 -70.06 25.57
N ILE Q 622 -46.69 -69.93 24.30
CA ILE Q 622 -45.87 -70.92 23.63
C ILE Q 622 -44.44 -70.40 23.61
N GLN Q 623 -43.49 -71.24 24.02
CA GLN Q 623 -42.13 -70.79 24.26
C GLN Q 623 -41.44 -70.41 22.95
N GLY Q 624 -41.13 -69.13 22.80
CA GLY Q 624 -40.28 -68.67 21.72
C GLY Q 624 -40.96 -68.39 20.41
N VAL Q 625 -42.29 -68.30 20.38
CA VAL Q 625 -43.03 -68.06 19.15
C VAL Q 625 -44.15 -67.07 19.45
N ASP Q 626 -44.31 -66.08 18.57
CA ASP Q 626 -45.44 -65.15 18.64
C ASP Q 626 -46.35 -65.37 17.45
N VAL Q 627 -47.67 -65.38 17.73
CA VAL Q 627 -48.69 -65.68 16.74
C VAL Q 627 -49.58 -64.46 16.55
N LYS Q 628 -49.89 -64.16 15.30
CA LYS Q 628 -50.75 -63.05 14.92
C LYS Q 628 -51.98 -63.59 14.20
N ILE Q 629 -53.16 -63.19 14.68
CA ILE Q 629 -54.43 -63.65 14.13
C ILE Q 629 -55.18 -62.44 13.59
N ASP Q 630 -55.69 -62.58 12.36
CA ASP Q 630 -56.31 -61.47 11.66
C ASP Q 630 -57.62 -61.07 12.33
N SER Q 631 -58.03 -59.83 12.09
CA SER Q 631 -59.18 -59.25 12.77
C SER Q 631 -60.50 -59.42 12.02
N ASP Q 632 -60.50 -60.11 10.88
CA ASP Q 632 -61.72 -60.35 10.13
C ASP Q 632 -62.32 -61.72 10.44
N VAL Q 633 -62.11 -62.22 11.65
CA VAL Q 633 -62.54 -63.56 12.04
C VAL Q 633 -63.63 -63.41 13.09
N GLY Q 634 -64.74 -64.12 12.90
CA GLY Q 634 -65.80 -64.17 13.89
C GLY Q 634 -66.56 -62.88 14.07
N VAL Q 635 -66.87 -62.20 12.96
CA VAL Q 635 -67.63 -60.96 12.98
C VAL Q 635 -68.71 -61.03 11.91
N SER Q 636 -69.90 -60.57 12.24
CA SER Q 636 -71.01 -60.45 11.29
C SER Q 636 -71.45 -59.00 11.23
N ILE Q 637 -71.69 -58.51 10.01
CA ILE Q 637 -71.99 -57.11 9.77
C ILE Q 637 -73.41 -56.99 9.22
N SER Q 638 -74.15 -56.02 9.74
CA SER Q 638 -75.49 -55.71 9.27
C SER Q 638 -75.63 -54.21 9.09
N TRP Q 639 -76.68 -53.80 8.39
CA TRP Q 639 -76.94 -52.39 8.11
C TRP Q 639 -78.33 -52.03 8.62
N ASN Q 640 -78.43 -50.92 9.36
CA ASN Q 640 -79.70 -50.44 9.88
C ASN Q 640 -80.02 -49.11 9.21
N SER Q 641 -81.08 -49.09 8.40
CA SER Q 641 -81.44 -47.87 7.69
C SER Q 641 -82.37 -46.99 8.52
N THR Q 642 -83.07 -47.57 9.49
CA THR Q 642 -83.90 -46.76 10.39
C THR Q 642 -83.07 -45.78 11.18
N LYS Q 643 -81.81 -46.13 11.49
CA LYS Q 643 -80.87 -45.21 12.13
C LYS Q 643 -79.68 -44.90 11.22
N LYS Q 644 -79.52 -45.64 10.12
CA LYS Q 644 -78.43 -45.45 9.16
C LYS Q 644 -77.06 -45.67 9.81
N THR Q 645 -76.84 -46.87 10.34
CA THR Q 645 -75.56 -47.24 10.92
C THR Q 645 -75.19 -48.67 10.55
N MET Q 646 -73.88 -48.90 10.44
CA MET Q 646 -73.38 -50.26 10.41
C MET Q 646 -73.46 -50.87 11.80
N GLU Q 647 -73.60 -52.19 11.86
CA GLU Q 647 -73.73 -52.89 13.13
C GLU Q 647 -72.86 -54.14 13.08
N PHE Q 648 -72.12 -54.37 14.15
CA PHE Q 648 -71.19 -55.49 14.25
C PHE Q 648 -71.64 -56.41 15.36
N SER Q 649 -71.59 -57.71 15.11
CA SER Q 649 -72.03 -58.70 16.09
C SER Q 649 -71.12 -59.91 16.05
N ALA Q 650 -71.11 -60.66 17.14
CA ALA Q 650 -70.36 -61.90 17.18
C ALA Q 650 -71.04 -62.95 16.32
N THR Q 651 -70.25 -63.84 15.73
CA THR Q 651 -70.80 -64.86 14.84
C THR Q 651 -71.66 -65.85 15.62
N GLY Q 652 -71.27 -66.18 16.84
CA GLY Q 652 -71.99 -67.12 17.66
C GLY Q 652 -71.44 -68.53 17.66
N GLU Q 653 -70.41 -68.80 16.87
CA GLU Q 653 -69.78 -70.11 16.82
C GLU Q 653 -68.27 -69.95 16.97
N SER Q 654 -67.66 -70.94 17.61
CA SER Q 654 -66.21 -70.95 17.78
C SER Q 654 -65.54 -71.44 16.51
N GLU Q 655 -64.27 -71.09 16.35
CA GLU Q 655 -63.48 -71.48 15.20
C GLU Q 655 -62.20 -72.15 15.67
N ASP Q 656 -61.71 -73.09 14.87
CA ASP Q 656 -60.52 -73.86 15.21
C ASP Q 656 -59.50 -73.74 14.11
N ILE Q 657 -58.26 -73.46 14.49
CA ILE Q 657 -57.12 -73.44 13.58
C ILE Q 657 -56.02 -74.28 14.20
N LYS Q 658 -55.30 -75.03 13.36
CA LYS Q 658 -54.30 -75.97 13.83
C LYS Q 658 -52.92 -75.58 13.31
N LEU Q 659 -51.92 -75.72 14.16
CA LEU Q 659 -50.57 -75.24 13.87
C LEU Q 659 -49.58 -76.39 14.01
N HIS Q 660 -48.68 -76.49 13.03
CA HIS Q 660 -47.60 -77.47 13.03
C HIS Q 660 -46.27 -76.77 13.18
N LEU Q 661 -45.43 -77.28 14.07
CA LEU Q 661 -44.21 -76.60 14.46
C LEU Q 661 -43.19 -77.63 14.91
N VAL Q 662 -41.98 -77.57 14.34
CA VAL Q 662 -40.94 -78.55 14.60
C VAL Q 662 -39.61 -77.84 14.84
N ASP Q 663 -38.85 -78.32 15.80
CA ASP Q 663 -37.50 -77.81 16.04
C ASP Q 663 -36.58 -78.21 14.90
N ASN Q 664 -35.62 -77.33 14.61
CA ASN Q 664 -34.66 -77.59 13.53
C ASN Q 664 -33.31 -76.95 13.86
N ALA Q 665 -32.13 -76.18 16.60
CA ALA Q 665 -30.97 -75.36 16.90
C ALA Q 665 -29.79 -75.77 16.05
N MET Q 666 -28.60 -75.29 16.40
CA MET Q 666 -27.37 -75.66 15.73
C MET Q 666 -26.43 -76.29 16.76
N GLU Q 667 -26.05 -77.55 16.53
CA GLU Q 667 -25.24 -78.30 17.47
C GLU Q 667 -23.82 -78.41 16.92
N MET Q 668 -22.83 -78.11 17.75
CA MET Q 668 -21.42 -78.20 17.37
C MET Q 668 -20.68 -79.09 18.35
N GLN Q 669 -20.02 -80.12 17.83
CA GLN Q 669 -19.19 -80.99 18.64
C GLN Q 669 -17.91 -80.26 19.04
N ILE Q 670 -17.56 -80.31 20.32
CA ILE Q 670 -16.43 -79.55 20.83
C ILE Q 670 -15.49 -80.45 21.63
N GLY Q 671 -15.95 -81.65 21.97
CA GLY Q 671 -15.19 -82.58 22.77
C GLY Q 671 -14.77 -83.81 21.99
N ALA Q 672 -14.02 -84.66 22.68
CA ALA Q 672 -13.57 -85.94 22.13
C ALA Q 672 -14.42 -87.11 22.59
N ASN Q 673 -15.53 -86.84 23.27
CA ASN Q 673 -16.44 -87.87 23.75
C ASN Q 673 -17.87 -87.41 23.54
N GLU Q 674 -18.81 -88.16 24.12
CA GLU Q 674 -20.21 -87.87 23.95
C GLU Q 674 -20.67 -86.77 24.91
N GLY Q 675 -21.80 -86.14 24.58
CA GLY Q 675 -22.39 -85.14 25.43
C GLY Q 675 -21.75 -83.77 25.33
N GLN Q 676 -20.47 -83.73 24.94
CA GLN Q 676 -19.75 -82.48 24.84
C GLN Q 676 -20.14 -81.74 23.57
N THR Q 677 -21.18 -80.90 23.66
CA THR Q 677 -21.69 -80.17 22.52
C THR Q 677 -22.04 -78.75 22.92
N ILE Q 678 -22.08 -77.87 21.92
CA ILE Q 678 -22.43 -76.47 22.11
C ILE Q 678 -23.65 -76.17 21.25
N LEU Q 679 -24.65 -75.52 21.84
CA LEU Q 679 -25.90 -75.20 21.17
C LEU Q 679 -25.91 -73.72 20.79
N ALA Q 680 -26.32 -73.43 19.57
CA ALA Q 680 -26.36 -72.07 19.06
C ALA Q 680 -27.72 -71.81 18.41
N ASN Q 681 -28.21 -70.59 18.59
CA ASN Q 681 -29.49 -70.16 18.03
C ASN Q 681 -29.32 -68.81 17.35
N ILE Q 682 -30.12 -68.58 16.32
CA ILE Q 682 -30.17 -67.29 15.65
C ILE Q 682 -31.64 -66.92 15.42
N PRO Q 683 -32.15 -65.87 16.06
CA PRO Q 683 -33.56 -65.51 15.89
C PRO Q 683 -33.84 -65.02 14.47
N GLN Q 684 -35.11 -65.07 14.10
CA GLN Q 684 -35.51 -64.64 12.77
C GLN Q 684 -35.73 -63.14 12.74
N VAL Q 685 -35.03 -62.47 11.84
CA VAL Q 685 -34.98 -61.00 11.81
C VAL Q 685 -35.32 -60.51 10.42
N ASP Q 686 -36.34 -59.67 10.33
CA ASP Q 686 -36.68 -58.92 9.12
C ASP Q 686 -37.66 -57.83 9.55
N THR Q 687 -38.33 -57.20 8.57
CA THR Q 687 -39.27 -56.13 8.89
C THR Q 687 -40.42 -56.63 9.76
N THR Q 688 -40.95 -57.80 9.43
CA THR Q 688 -42.12 -58.31 10.16
C THR Q 688 -41.79 -58.57 11.64
N SER Q 689 -40.65 -59.20 11.91
CA SER Q 689 -40.25 -59.43 13.29
C SER Q 689 -39.99 -58.12 14.02
N LEU Q 690 -39.37 -57.16 13.34
CA LEU Q 690 -39.11 -55.85 13.94
C LEU Q 690 -40.37 -55.03 14.12
N GLY Q 691 -41.48 -55.42 13.48
CA GLY Q 691 -42.73 -54.71 13.64
C GLY Q 691 -42.75 -53.30 13.09
N ILE Q 692 -42.11 -53.08 11.94
CA ILE Q 692 -42.11 -51.76 11.31
C ILE Q 692 -42.68 -51.87 9.90
N ASP Q 693 -43.59 -52.84 9.71
CA ASP Q 693 -44.18 -53.05 8.39
C ASP Q 693 -45.04 -51.87 7.95
N ASP Q 694 -45.83 -51.31 8.87
CA ASP Q 694 -46.87 -50.35 8.49
C ASP Q 694 -46.50 -48.92 8.87
N ILE Q 695 -45.24 -48.56 8.70
CA ILE Q 695 -44.81 -47.18 8.86
C ILE Q 695 -45.27 -46.38 7.65
N LEU Q 696 -46.05 -45.34 7.89
CA LEU Q 696 -46.57 -44.48 6.85
C LEU Q 696 -46.12 -43.05 7.09
N MET Q 697 -45.70 -42.38 6.02
CA MET Q 697 -45.22 -41.00 6.09
C MET Q 697 -45.98 -40.19 5.04
N VAL Q 698 -47.24 -39.88 5.34
CA VAL Q 698 -48.11 -39.19 4.41
C VAL Q 698 -48.67 -37.91 5.04
N ASP Q 699 -49.12 -37.99 6.29
CA ASP Q 699 -49.72 -36.87 6.98
C ASP Q 699 -48.77 -36.35 8.07
N GLN Q 700 -49.15 -35.24 8.68
CA GLN Q 700 -48.37 -34.63 9.76
C GLN Q 700 -48.76 -35.20 11.13
N GLU Q 701 -48.78 -36.53 11.24
CA GLU Q 701 -49.06 -37.16 12.53
C GLU Q 701 -48.25 -38.39 12.85
N LEU Q 702 -47.70 -39.12 11.87
CA LEU Q 702 -47.14 -40.45 12.12
C LEU Q 702 -45.67 -40.42 12.50
N ALA Q 703 -45.02 -39.26 12.42
CA ALA Q 703 -43.58 -39.19 12.62
C ALA Q 703 -43.16 -39.64 14.02
N GLN Q 704 -43.92 -39.24 15.04
CA GLN Q 704 -43.55 -39.57 16.42
C GLN Q 704 -43.59 -41.07 16.66
N GLU Q 705 -44.67 -41.72 16.22
CA GLU Q 705 -44.78 -43.16 16.35
C GLU Q 705 -43.67 -43.86 15.57
N SER Q 706 -43.36 -43.34 14.38
CA SER Q 706 -42.27 -43.89 13.60
C SER Q 706 -40.96 -43.82 14.37
N ILE Q 707 -40.68 -42.68 15.02
CA ILE Q 707 -39.44 -42.52 15.77
C ILE Q 707 -39.36 -43.53 16.90
N THR Q 708 -40.46 -43.69 17.65
CA THR Q 708 -40.45 -44.63 18.77
C THR Q 708 -40.19 -46.05 18.28
N LYS Q 709 -40.89 -46.46 17.23
CA LYS Q 709 -40.72 -47.82 16.71
C LYS Q 709 -39.31 -48.05 16.20
N LEU Q 710 -38.71 -47.05 15.56
CA LEU Q 710 -37.34 -47.18 15.08
C LEU Q 710 -36.37 -47.34 16.24
N ASP Q 711 -36.58 -46.58 17.32
CA ASP Q 711 -35.73 -46.73 18.50
C ASP Q 711 -35.80 -48.16 19.05
N LYS Q 712 -37.02 -48.70 19.14
CA LYS Q 712 -37.17 -50.06 19.64
C LYS Q 712 -36.47 -51.08 18.74
N ALA Q 713 -36.58 -50.89 17.41
CA ALA Q 713 -35.90 -51.79 16.49
C ALA Q 713 -34.38 -51.72 16.67
N LEU Q 714 -33.85 -50.51 16.87
CA LEU Q 714 -32.42 -50.37 17.11
C LEU Q 714 -32.00 -51.16 18.35
N GLU Q 715 -32.80 -51.05 19.41
CA GLU Q 715 -32.49 -51.79 20.64
C GLU Q 715 -32.47 -53.30 20.38
N THR Q 716 -33.45 -53.80 19.62
CA THR Q 716 -33.49 -55.23 19.33
C THR Q 716 -32.24 -55.69 18.58
N VAL Q 717 -31.84 -54.93 17.56
CA VAL Q 717 -30.67 -55.32 16.78
C VAL Q 717 -29.42 -55.33 17.65
N SER Q 718 -29.30 -54.33 18.53
CA SER Q 718 -28.14 -54.27 19.42
C SER Q 718 -28.10 -55.49 20.34
N GLY Q 719 -29.25 -55.90 20.88
CA GLY Q 719 -29.28 -57.08 21.72
C GLY Q 719 -28.84 -58.34 21.00
N VAL Q 720 -29.32 -58.52 19.77
CA VAL Q 720 -28.93 -59.71 18.99
C VAL Q 720 -27.42 -59.72 18.78
N ARG Q 721 -26.85 -58.58 18.38
CA ARG Q 721 -25.42 -58.52 18.16
C ARG Q 721 -24.64 -58.84 19.43
N ALA Q 722 -25.11 -58.33 20.57
CA ALA Q 722 -24.42 -58.61 21.83
C ALA Q 722 -24.41 -60.10 22.14
N THR Q 723 -25.54 -60.78 21.93
CA THR Q 723 -25.59 -62.22 22.20
C THR Q 723 -24.61 -62.98 21.30
N ILE Q 724 -24.57 -62.61 20.02
CA ILE Q 724 -23.65 -63.29 19.10
C ILE Q 724 -22.21 -63.09 19.54
N GLY Q 725 -21.86 -61.86 19.94
CA GLY Q 725 -20.51 -61.60 20.40
C GLY Q 725 -20.16 -62.40 21.65
N ALA Q 726 -21.11 -62.57 22.56
CA ALA Q 726 -20.86 -63.38 23.74
C ALA Q 726 -20.53 -64.82 23.35
N GLN Q 727 -21.31 -65.39 22.43
CA GLN Q 727 -21.03 -66.77 22.02
C GLN Q 727 -19.66 -66.89 21.36
N ILE Q 728 -19.29 -65.92 20.51
CA ILE Q 728 -18.01 -66.04 19.83
C ILE Q 728 -16.85 -65.92 20.81
N ASN Q 729 -17.00 -65.08 21.84
CA ASN Q 729 -15.97 -64.99 22.87
C ASN Q 729 -15.84 -66.31 23.62
N ARG Q 730 -16.96 -66.94 23.96
CA ARG Q 730 -16.90 -68.22 24.66
C ARG Q 730 -16.17 -69.28 23.83
N LEU Q 731 -16.46 -69.34 22.52
CA LEU Q 731 -15.79 -70.31 21.66
C LEU Q 731 -14.29 -70.01 21.56
N GLU Q 732 -13.94 -68.72 21.46
CA GLU Q 732 -12.54 -68.34 21.38
C GLU Q 732 -11.78 -68.80 22.63
N TYR Q 733 -12.36 -68.61 23.81
CA TYR Q 733 -11.68 -69.08 25.03
C TYR Q 733 -11.64 -70.61 25.10
N THR Q 734 -12.68 -71.29 24.63
CA THR Q 734 -12.62 -72.75 24.73
C THR Q 734 -11.67 -73.38 23.72
N MET Q 735 -11.18 -72.60 22.73
CA MET Q 735 -10.19 -73.14 21.79
C MET Q 735 -8.90 -73.61 22.45
N THR Q 736 -8.28 -72.78 23.30
CA THR Q 736 -6.87 -72.97 23.66
C THR Q 736 -6.63 -74.17 24.58
N GLY Q 737 -7.61 -74.50 25.44
CA GLY Q 737 -7.43 -75.61 26.35
C GLY Q 737 -7.20 -76.93 25.63
N LEU Q 738 -7.87 -77.12 24.50
CA LEU Q 738 -7.67 -78.35 23.73
C LEU Q 738 -6.23 -78.48 23.25
N ASP Q 739 -5.64 -77.39 22.76
CA ASP Q 739 -4.26 -77.45 22.29
C ASP Q 739 -3.29 -77.66 23.45
N THR Q 740 -3.57 -77.03 24.59
CA THR Q 740 -2.71 -77.25 25.76
C THR Q 740 -2.75 -78.71 26.20
N THR Q 741 -3.95 -79.31 26.24
CA THR Q 741 -4.08 -80.71 26.59
C THR Q 741 -3.41 -81.60 25.54
N ARG Q 742 -3.50 -81.22 24.27
CA ARG Q 742 -2.81 -81.97 23.23
C ARG Q 742 -1.30 -81.98 23.47
N GLU Q 743 -0.73 -80.81 23.75
CA GLU Q 743 0.69 -80.73 24.05
C GLU Q 743 1.05 -81.66 25.20
N ASN Q 744 0.35 -81.54 26.32
CA ASN Q 744 0.71 -82.31 27.51
C ASN Q 744 0.54 -83.81 27.28
N LEU Q 745 -0.54 -84.21 26.61
CA LEU Q 745 -0.82 -85.63 26.43
C LEU Q 745 0.08 -86.27 25.38
N THR Q 746 0.41 -85.55 24.31
CA THR Q 746 1.34 -86.10 23.33
C THR Q 746 2.77 -86.12 23.87
N ALA Q 747 3.08 -85.24 24.83
CA ALA Q 747 4.35 -85.37 25.55
C ALA Q 747 4.34 -86.59 26.45
N ALA Q 748 3.23 -86.83 27.14
CA ALA Q 748 3.14 -87.99 28.03
C ALA Q 748 3.21 -89.29 27.25
N GLU Q 749 2.53 -89.37 26.11
CA GLU Q 749 2.54 -90.61 25.33
C GLU Q 749 3.91 -90.87 24.72
N SER Q 750 4.63 -89.81 24.34
CA SER Q 750 5.95 -89.99 23.75
C SER Q 750 6.98 -90.20 24.85
N ARG Q 751 6.70 -91.13 25.75
CA ARG Q 751 7.66 -91.63 26.74
C ARG Q 751 7.81 -93.13 26.66
N ILE Q 752 6.90 -93.82 25.98
CA ILE Q 752 7.00 -95.24 25.69
C ILE Q 752 7.31 -95.45 24.20
N ARG Q 753 7.94 -94.45 23.58
CA ARG Q 753 8.23 -94.53 22.15
C ARG Q 753 9.48 -95.36 21.90
N ASP Q 754 10.62 -94.92 22.40
CA ASP Q 754 11.88 -95.61 22.21
C ASP Q 754 12.87 -95.13 23.26
N LEU Q 755 13.76 -96.03 23.65
CA LEU Q 755 14.79 -95.69 24.61
C LEU Q 755 15.81 -94.75 23.97
N ASP Q 756 16.55 -94.03 24.82
CA ASP Q 756 17.67 -93.25 24.33
C ASP Q 756 18.64 -94.17 23.60
N ILE Q 757 19.03 -93.79 22.38
CA ILE Q 757 19.74 -94.66 21.45
C ILE Q 757 21.02 -95.22 22.08
N ALA Q 758 21.54 -94.54 23.10
CA ALA Q 758 22.84 -94.89 23.65
C ALA Q 758 22.87 -96.32 24.19
N ASP Q 759 21.88 -96.69 25.00
CA ASP Q 759 21.97 -97.98 25.69
C ASP Q 759 21.68 -99.15 24.75
N GLU Q 760 20.72 -99.02 23.82
CA GLU Q 760 20.53 -100.12 22.88
C GLU Q 760 21.71 -100.22 21.93
N MET Q 761 22.30 -99.09 21.56
CA MET Q 761 23.50 -99.13 20.73
C MET Q 761 24.64 -99.85 21.45
N ALA Q 762 24.81 -99.56 22.74
CA ALA Q 762 25.82 -100.25 23.54
C ALA Q 762 25.52 -101.75 23.62
N LYS Q 763 24.25 -102.11 23.80
CA LYS Q 763 23.88 -103.53 23.86
C LYS Q 763 24.19 -104.24 22.55
N PHE Q 764 23.85 -103.61 21.42
CA PHE Q 764 24.17 -104.18 20.11
C PHE Q 764 25.66 -104.37 19.95
N THR Q 765 26.43 -103.32 20.25
CA THR Q 765 27.89 -103.41 20.15
C THR Q 765 28.41 -104.55 21.01
N LYS Q 766 27.94 -104.64 22.25
CA LYS Q 766 28.50 -105.59 23.22
C LYS Q 766 28.13 -107.03 22.85
N ASN Q 767 26.93 -107.24 22.32
CA ASN Q 767 26.57 -108.59 21.89
C ASN Q 767 27.38 -109.01 20.67
N GLN Q 768 27.60 -108.08 19.73
CA GLN Q 768 28.51 -108.37 18.62
C GLN Q 768 29.92 -108.62 19.15
N ILE Q 769 30.26 -108.01 20.28
CA ILE Q 769 31.54 -108.25 20.94
C ILE Q 769 31.65 -109.70 21.39
N LEU Q 770 30.62 -110.21 22.07
CA LEU Q 770 30.73 -111.50 22.72
C LEU Q 770 30.53 -112.67 21.74
N ALA Q 771 29.83 -112.42 20.64
CA ALA Q 771 29.54 -113.50 19.69
C ALA Q 771 30.84 -114.10 19.11
N GLN Q 772 31.78 -113.24 18.72
CA GLN Q 772 33.00 -113.74 18.09
C GLN Q 772 33.85 -114.57 19.04
N SER Q 773 33.89 -114.17 20.32
CA SER Q 773 34.58 -114.98 21.32
C SER Q 773 33.94 -116.36 21.44
N ASN Q 774 32.60 -116.41 21.47
CA ASN Q 774 31.93 -117.71 21.48
C ASN Q 774 32.34 -118.55 20.28
N ILE Q 775 32.36 -117.93 19.10
CA ILE Q 775 32.63 -118.69 17.87
C ILE Q 775 34.06 -119.25 17.89
N SER Q 776 35.02 -118.42 18.31
CA SER Q 776 36.41 -118.87 18.37
C SER Q 776 36.56 -120.03 19.35
N MET Q 777 35.94 -119.91 20.52
CA MET Q 777 36.03 -120.99 21.50
C MET Q 777 35.41 -122.27 20.97
N LEU Q 778 34.28 -122.15 20.26
CA LEU Q 778 33.68 -123.32 19.63
C LEU Q 778 34.62 -123.97 18.63
N ALA Q 779 35.29 -123.15 17.81
CA ALA Q 779 36.20 -123.71 16.81
C ALA Q 779 37.33 -124.48 17.47
N GLN Q 780 37.91 -123.93 18.54
CA GLN Q 780 38.97 -124.63 19.25
C GLN Q 780 38.47 -125.93 19.87
N ALA Q 781 37.27 -125.89 20.46
CA ALA Q 781 36.70 -127.08 21.09
C ALA Q 781 36.47 -128.18 20.06
N ASN Q 782 36.00 -127.82 18.88
CA ASN Q 782 35.86 -128.80 17.81
C ASN Q 782 37.22 -129.37 17.41
N SER Q 783 38.23 -128.51 17.31
CA SER Q 783 39.55 -128.94 16.84
C SER Q 783 40.18 -129.95 17.79
N LEU Q 784 40.04 -129.72 19.11
CA LEU Q 784 40.86 -130.45 20.08
C LEU Q 784 40.72 -131.97 20.04
N PRO Q 785 39.54 -132.56 20.30
CA PRO Q 785 39.53 -133.95 20.79
C PRO Q 785 39.95 -135.00 19.78
N GLN Q 786 39.45 -134.92 18.54
CA GLN Q 786 39.78 -135.95 17.56
C GLN Q 786 41.28 -135.97 17.27
N MET Q 787 41.88 -134.79 17.12
CA MET Q 787 43.33 -134.74 16.88
C MET Q 787 44.10 -135.26 18.08
N ALA Q 788 43.68 -134.91 19.30
CA ALA Q 788 44.37 -135.42 20.48
C ALA Q 788 44.32 -136.94 20.54
N LEU Q 789 43.14 -137.52 20.33
CA LEU Q 789 43.01 -138.96 20.40
C LEU Q 789 43.77 -139.66 19.29
N SER Q 790 43.74 -139.09 18.07
CA SER Q 790 44.50 -139.67 16.97
C SER Q 790 45.99 -139.66 17.26
N LEU Q 791 46.49 -138.58 17.87
CA LEU Q 791 47.89 -138.57 18.30
C LEU Q 791 48.15 -139.66 19.33
N LEU Q 792 47.21 -139.86 20.27
CA LEU Q 792 47.40 -140.90 21.27
C LEU Q 792 47.46 -142.28 20.63
N GLY Q 793 46.59 -142.54 19.68
CA GLY Q 793 46.51 -143.85 19.04
C GLY Q 793 47.77 -144.27 18.28
N ALA R 2 60.98 -191.95 34.56
CA ALA R 2 61.64 -192.33 33.33
C ALA R 2 61.03 -191.62 32.13
N MET R 3 61.73 -191.66 30.99
CA MET R 3 61.23 -191.06 29.78
C MET R 3 60.32 -192.03 29.02
N TYR R 4 59.29 -191.48 28.40
CA TYR R 4 58.26 -192.25 27.72
C TYR R 4 58.08 -191.70 26.30
N ILE R 5 57.05 -192.19 25.63
CA ILE R 5 56.71 -191.74 24.28
C ILE R 5 55.24 -191.34 24.26
N ASN R 6 54.91 -190.38 23.38
CA ASN R 6 53.54 -189.90 23.20
C ASN R 6 52.93 -189.42 24.52
N THR R 7 53.73 -188.73 25.33
CA THR R 7 53.31 -188.31 26.67
C THR R 7 53.75 -186.88 26.96
N ASN R 8 53.54 -185.98 26.00
CA ASN R 8 53.94 -184.58 26.15
C ASN R 8 52.77 -183.75 26.68
N VAL R 9 52.49 -183.93 27.97
CA VAL R 9 51.42 -183.16 28.63
C VAL R 9 51.71 -181.66 28.63
N PRO R 10 52.92 -181.19 28.96
CA PRO R 10 53.15 -179.73 28.93
C PRO R 10 52.88 -179.10 27.57
N SER R 11 53.07 -179.85 26.48
CA SER R 11 52.69 -179.33 25.16
C SER R 11 51.19 -179.09 25.08
N LEU R 12 50.39 -180.01 25.62
CA LEU R 12 48.95 -179.81 25.66
C LEU R 12 48.58 -178.60 26.52
N THR R 13 49.26 -178.44 27.65
CA THR R 13 49.01 -177.26 28.50
C THR R 13 49.32 -175.97 27.75
N ALA R 14 50.44 -175.95 27.02
CA ALA R 14 50.80 -174.78 26.23
C ALA R 14 49.78 -174.52 25.13
N GLN R 15 49.27 -175.58 24.51
CA GLN R 15 48.21 -175.41 23.52
C GLN R 15 46.99 -174.76 24.13
N ARG R 16 46.59 -175.22 25.32
CA ARG R 16 45.46 -174.61 26.03
C ARG R 16 45.71 -173.13 26.29
N TYR R 17 46.89 -172.81 26.84
CA TYR R 17 47.22 -171.43 27.19
C TYR R 17 47.20 -170.54 25.95
N LEU R 18 47.75 -171.03 24.84
CA LEU R 18 47.68 -170.30 23.58
C LEU R 18 46.24 -170.10 23.15
N GLY R 19 45.38 -171.08 23.41
CA GLY R 19 43.96 -170.90 23.13
C GLY R 19 43.36 -169.71 23.88
N GLU R 20 43.56 -169.65 25.20
CA GLU R 20 43.00 -168.51 25.92
C GLU R 20 43.63 -167.19 25.47
N THR R 21 44.94 -167.19 25.20
CA THR R 21 45.59 -165.95 24.78
C THR R 21 45.01 -165.45 23.45
N ASN R 22 44.81 -166.37 22.50
CA ASN R 22 44.24 -165.98 21.22
C ASN R 22 42.80 -165.48 21.38
N ASN R 23 42.02 -166.13 22.24
CA ASN R 23 40.66 -165.65 22.48
C ASN R 23 40.68 -164.23 23.04
N ALA R 24 41.55 -163.96 24.00
CA ALA R 24 41.64 -162.62 24.57
C ALA R 24 42.05 -161.59 23.52
N VAL R 25 43.02 -161.95 22.67
CA VAL R 25 43.45 -161.06 21.60
C VAL R 25 42.29 -160.74 20.68
N SER R 26 41.52 -161.77 20.30
CA SER R 26 40.39 -161.56 19.40
C SER R 26 39.37 -160.61 20.02
N LYS R 27 38.96 -160.87 21.27
CA LYS R 27 37.95 -160.04 21.90
C LYS R 27 38.41 -158.59 22.00
N SER R 28 39.66 -158.38 22.43
CA SER R 28 40.18 -157.02 22.50
C SER R 28 40.18 -156.35 21.14
N LEU R 29 40.54 -157.11 20.10
CA LEU R 29 40.60 -156.53 18.75
C LEU R 29 39.21 -156.09 18.28
N GLU R 30 38.19 -156.93 18.46
CA GLU R 30 36.87 -156.51 18.03
C GLU R 30 36.36 -155.34 18.88
N ARG R 31 36.71 -155.32 20.18
CA ARG R 31 36.31 -154.19 21.00
C ARG R 31 36.91 -152.89 20.47
N LEU R 32 38.21 -152.90 20.17
CA LEU R 32 38.86 -151.71 19.63
C LEU R 32 38.26 -151.31 18.29
N SER R 33 38.00 -152.29 17.42
CA SER R 33 37.45 -151.97 16.10
C SER R 33 36.06 -151.35 16.21
N SER R 34 35.21 -151.91 17.07
CA SER R 34 33.85 -151.41 17.18
C SER R 34 33.80 -150.05 17.86
N GLY R 35 34.60 -149.85 18.91
CA GLY R 35 34.51 -148.63 19.68
C GLY R 35 33.34 -148.58 20.64
N LEU R 36 32.78 -149.73 21.01
CA LEU R 36 31.73 -149.84 22.03
C LEU R 36 32.14 -150.94 23.01
N ARG R 37 31.93 -150.70 24.30
CA ARG R 37 32.29 -151.72 25.28
C ARG R 37 31.45 -152.98 25.08
N ILE R 38 30.14 -152.81 25.17
CA ILE R 38 29.28 -153.97 25.42
C ILE R 38 29.07 -154.78 24.15
N ASN R 39 28.47 -154.18 23.13
CA ASN R 39 28.14 -154.88 21.89
C ASN R 39 27.41 -156.18 22.19
N SER R 40 27.40 -157.12 21.25
CA SER R 40 26.95 -158.49 21.47
C SER R 40 25.66 -158.56 22.28
N ALA R 41 25.54 -159.58 23.15
CA ALA R 41 24.47 -159.61 24.13
C ALA R 41 24.90 -160.14 25.49
N SER R 42 26.15 -160.56 25.66
CA SER R 42 26.56 -161.29 26.85
C SER R 42 27.62 -160.58 27.69
N ASP R 43 28.22 -159.50 27.18
CA ASP R 43 29.23 -158.80 27.98
C ASP R 43 28.61 -158.20 29.23
N ASP R 44 27.42 -157.62 29.12
CA ASP R 44 26.69 -157.10 30.26
C ASP R 44 25.20 -157.25 30.00
N ALA R 45 24.45 -157.57 31.05
CA ALA R 45 23.00 -157.74 30.95
C ALA R 45 22.22 -156.61 31.62
N SER R 46 22.90 -155.55 32.05
CA SER R 46 22.26 -154.45 32.76
C SER R 46 22.24 -153.14 31.99
N GLY R 47 23.31 -152.80 31.27
CA GLY R 47 23.38 -151.53 30.59
C GLY R 47 22.51 -151.43 29.35
N LEU R 48 22.09 -152.56 28.79
CA LEU R 48 21.36 -152.55 27.53
C LEU R 48 20.02 -151.81 27.67
N ALA R 49 19.24 -152.15 28.69
CA ALA R 49 17.93 -151.53 28.87
C ALA R 49 18.06 -150.03 29.13
N ILE R 50 19.02 -149.65 29.97
CA ILE R 50 19.25 -148.24 30.26
C ILE R 50 19.61 -147.49 28.99
N SER R 51 20.50 -148.07 28.18
CA SER R 51 20.90 -147.43 26.94
C SER R 51 19.71 -147.25 26.01
N GLU R 52 18.89 -148.30 25.84
CA GLU R 52 17.73 -148.19 24.96
C GLU R 52 16.78 -147.09 25.44
N LYS R 53 16.50 -147.07 26.74
CA LYS R 53 15.61 -146.06 27.30
C LYS R 53 16.14 -144.66 27.04
N LEU R 54 17.43 -144.45 27.27
CA LEU R 54 18.00 -143.11 27.12
C LEU R 54 18.00 -142.67 25.66
N ARG R 55 18.29 -143.59 24.73
CA ARG R 55 18.23 -143.24 23.31
C ARG R 55 16.82 -142.83 22.90
N GLY R 56 15.81 -143.59 23.35
CA GLY R 56 14.44 -143.23 23.06
C GLY R 56 14.07 -141.86 23.61
N GLN R 57 14.50 -141.58 24.85
CA GLN R 57 14.24 -140.28 25.44
C GLN R 57 14.89 -139.16 24.64
N ILE R 58 16.12 -139.36 24.18
CA ILE R 58 16.82 -138.33 23.40
C ILE R 58 16.04 -138.03 22.12
N SER R 59 15.60 -139.09 21.42
CA SER R 59 14.84 -138.87 20.19
C SER R 59 13.55 -138.10 20.45
N GLY R 60 12.83 -138.48 21.50
CA GLY R 60 11.61 -137.76 21.82
C GLY R 60 11.85 -136.30 22.14
N LEU R 61 12.93 -136.01 22.88
CA LEU R 61 13.22 -134.62 23.24
C LEU R 61 13.56 -133.80 21.99
N LYS R 62 14.29 -134.39 21.04
CA LYS R 62 14.55 -133.68 19.78
C LYS R 62 13.24 -133.36 19.05
N ARG R 63 12.34 -134.33 18.99
CA ARG R 63 11.07 -134.09 18.30
C ARG R 63 10.29 -132.96 18.95
N ALA R 64 10.24 -132.94 20.29
CA ALA R 64 9.54 -131.86 20.98
C ALA R 64 10.20 -130.51 20.72
N SER R 65 11.54 -130.49 20.69
CA SER R 65 12.25 -129.24 20.41
C SER R 65 11.86 -128.67 19.06
N LEU R 66 11.75 -129.52 18.04
CA LEU R 66 11.29 -129.03 16.73
C LEU R 66 9.84 -128.54 16.80
N ASN R 67 8.98 -129.32 17.47
CA ASN R 67 7.56 -128.97 17.53
C ASN R 67 7.33 -127.61 18.14
N ALA R 68 8.20 -127.18 19.07
CA ALA R 68 8.00 -125.89 19.73
C ALA R 68 7.98 -124.74 18.72
N GLN R 69 9.02 -124.63 17.90
CA GLN R 69 9.08 -123.55 16.91
C GLN R 69 8.00 -123.74 15.84
N ASP R 70 7.75 -125.00 15.45
CA ASP R 70 6.66 -125.26 14.53
C ASP R 70 5.36 -124.64 15.02
N GLY R 71 5.12 -124.71 16.33
CA GLY R 71 3.94 -124.07 16.90
C GLY R 71 4.04 -122.56 16.94
N ILE R 72 5.22 -122.02 17.29
CA ILE R 72 5.32 -120.58 17.54
C ILE R 72 5.06 -119.75 16.28
N SER R 73 5.43 -120.28 15.11
CA SER R 73 5.27 -119.50 13.88
C SER R 73 3.81 -119.10 13.65
N LEU R 74 2.89 -120.02 13.92
CA LEU R 74 1.46 -119.78 13.65
C LEU R 74 0.94 -118.61 14.49
N LEU R 75 1.28 -118.60 15.78
CA LEU R 75 0.85 -117.52 16.65
C LEU R 75 1.43 -116.19 16.21
N GLN R 76 2.68 -116.19 15.73
CA GLN R 76 3.24 -114.93 15.22
C GLN R 76 2.43 -114.40 14.04
N THR R 77 2.04 -115.30 13.12
CA THR R 77 1.23 -114.87 11.98
C THR R 77 -0.10 -114.27 12.42
N ALA R 78 -0.77 -114.94 13.36
CA ALA R 78 -2.05 -114.42 13.86
C ALA R 78 -1.87 -113.04 14.50
N GLU R 79 -0.76 -112.86 15.23
CA GLU R 79 -0.49 -111.56 15.83
C GLU R 79 -0.35 -110.47 14.77
N GLY R 80 0.34 -110.78 13.68
CA GLY R 80 0.48 -109.79 12.61
C GLY R 80 -0.87 -109.37 12.04
N GLY R 81 -1.72 -110.35 11.74
CA GLY R 81 -3.05 -110.03 11.24
C GLY R 81 -3.84 -109.17 12.21
N LEU R 82 -3.78 -109.51 13.50
CA LEU R 82 -4.48 -108.72 14.50
C LEU R 82 -3.97 -107.29 14.55
N GLN R 83 -2.66 -107.11 14.39
CA GLN R 83 -2.10 -105.75 14.38
C GLN R 83 -2.65 -104.94 13.23
N ASN R 84 -2.74 -105.53 12.03
CA ASN R 84 -3.31 -104.80 10.91
C ASN R 84 -4.75 -104.37 11.18
N ILE R 85 -5.57 -105.30 11.69
CA ILE R 85 -6.97 -104.97 11.96
C ILE R 85 -7.08 -103.86 13.00
N GLN R 86 -6.27 -103.94 14.06
CA GLN R 86 -6.29 -102.92 15.10
C GLN R 86 -5.92 -101.55 14.55
N ASP R 87 -4.92 -101.51 13.66
CA ASP R 87 -4.53 -100.23 13.09
C ASP R 87 -5.67 -99.62 12.27
N MET R 88 -6.41 -100.45 11.52
CA MET R 88 -7.49 -99.88 10.72
C MET R 88 -8.66 -99.39 11.58
N LEU R 89 -8.94 -100.09 12.69
CA LEU R 89 -10.05 -99.68 13.54
C LEU R 89 -9.90 -98.24 14.02
N GLN R 90 -8.67 -97.80 14.28
CA GLN R 90 -8.46 -96.45 14.79
C GLN R 90 -8.76 -95.40 13.73
N ARG R 91 -8.38 -95.66 12.49
CA ARG R 91 -8.76 -94.76 11.40
C ARG R 91 -10.27 -94.69 11.26
N MET R 92 -10.95 -95.83 11.43
CA MET R 92 -12.40 -95.80 11.37
C MET R 92 -12.99 -94.92 12.47
N ARG R 93 -12.44 -95.03 13.69
CA ARG R 93 -12.90 -94.18 14.78
C ARG R 93 -12.65 -92.70 14.49
N GLU R 94 -11.48 -92.40 13.91
CA GLU R 94 -11.15 -91.02 13.56
C GLU R 94 -12.15 -90.46 12.55
N LEU R 95 -12.43 -91.21 11.49
CA LEU R 95 -13.36 -90.72 10.49
C LEU R 95 -14.78 -90.66 11.03
N ALA R 96 -15.12 -91.49 12.02
CA ALA R 96 -16.44 -91.40 12.64
C ALA R 96 -16.57 -90.14 13.46
N VAL R 97 -15.53 -89.79 14.24
CA VAL R 97 -15.61 -88.58 15.06
C VAL R 97 -15.46 -87.34 14.19
N GLN R 98 -14.96 -87.48 12.96
CA GLN R 98 -14.98 -86.36 12.02
C GLN R 98 -16.37 -85.76 11.88
N ALA R 99 -17.37 -86.61 11.63
CA ALA R 99 -18.74 -86.16 11.51
C ALA R 99 -19.36 -85.91 12.89
N GLY R 100 -20.28 -84.97 12.94
CA GLY R 100 -20.94 -84.64 14.19
C GLY R 100 -21.17 -83.15 14.35
N ASN R 101 -20.46 -82.35 13.57
CA ASN R 101 -20.65 -80.91 13.57
C ASN R 101 -21.80 -80.53 12.63
N GLY R 102 -22.57 -79.52 13.03
CA GLY R 102 -23.56 -79.05 12.09
C GLY R 102 -23.06 -77.89 11.27
N VAL R 103 -22.44 -78.19 10.14
CA VAL R 103 -22.14 -77.21 9.08
C VAL R 103 -22.45 -77.87 7.76
N TYR R 104 -22.59 -79.19 7.77
CA TYR R 104 -22.65 -80.00 6.55
C TYR R 104 -24.10 -80.28 6.17
N THR R 105 -24.30 -80.52 4.88
CA THR R 105 -25.57 -81.04 4.40
C THR R 105 -25.57 -82.56 4.52
N THR R 106 -26.64 -83.21 4.07
CA THR R 106 -26.75 -84.66 4.19
C THR R 106 -25.90 -85.42 3.18
N ASN R 107 -25.54 -84.81 2.07
CA ASN R 107 -24.75 -85.47 1.03
C ASN R 107 -23.31 -85.74 1.45
N ASP R 108 -22.70 -84.83 2.21
CA ASP R 108 -21.33 -85.04 2.67
C ASP R 108 -21.23 -86.26 3.58
N ARG R 109 -22.21 -86.42 4.48
CA ARG R 109 -22.20 -87.56 5.38
C ARG R 109 -22.37 -88.86 4.62
N ALA R 110 -23.20 -88.85 3.56
CA ALA R 110 -23.30 -90.02 2.70
C ALA R 110 -21.98 -90.32 2.00
N GLU R 111 -21.30 -89.27 1.53
CA GLU R 111 -19.99 -89.45 0.91
C GLU R 111 -19.00 -90.11 1.87
N ILE R 112 -19.02 -89.70 3.14
CA ILE R 112 -18.15 -90.34 4.13
C ILE R 112 -18.61 -91.77 4.39
N GLN R 113 -19.93 -91.99 4.40
CA GLN R 113 -20.49 -93.32 4.66
C GLN R 113 -20.04 -94.32 3.60
N LYS R 114 -19.87 -93.86 2.35
CA LYS R 114 -19.41 -94.77 1.31
C LYS R 114 -18.03 -95.36 1.63
N GLU R 115 -17.10 -94.50 2.05
CA GLU R 115 -15.78 -95.00 2.38
C GLU R 115 -15.79 -95.81 3.67
N VAL R 116 -16.68 -95.47 4.60
CA VAL R 116 -16.82 -96.31 5.80
C VAL R 116 -17.28 -97.72 5.42
N ASP R 117 -18.25 -97.80 4.50
CA ASP R 117 -18.71 -99.09 4.02
C ASP R 117 -17.59 -99.86 3.33
N GLN R 118 -16.77 -99.18 2.52
CA GLN R 118 -15.67 -99.87 1.86
C GLN R 118 -14.67 -100.42 2.87
N LEU R 119 -14.37 -99.64 3.92
CA LEU R 119 -13.48 -100.12 4.96
C LEU R 119 -14.08 -101.31 5.69
N LYS R 120 -15.39 -101.30 5.91
CA LYS R 120 -16.06 -102.44 6.54
C LYS R 120 -15.91 -103.70 5.69
N GLU R 121 -16.11 -103.58 4.37
CA GLU R 121 -15.95 -104.74 3.50
C GLU R 121 -14.51 -105.24 3.53
N GLU R 122 -13.54 -104.32 3.52
CA GLU R 122 -12.14 -104.73 3.54
C GLU R 122 -11.79 -105.44 4.84
N ILE R 123 -12.31 -104.95 5.98
CA ILE R 123 -12.01 -105.61 7.25
C ILE R 123 -12.65 -106.99 7.30
N ASN R 124 -13.84 -107.15 6.71
CA ASN R 124 -14.42 -108.48 6.62
C ASN R 124 -13.54 -109.40 5.78
N ARG R 125 -13.01 -108.90 4.67
CA ARG R 125 -12.14 -109.71 3.83
C ARG R 125 -10.88 -110.12 4.56
N ILE R 126 -10.26 -109.18 5.28
CA ILE R 126 -9.03 -109.51 5.99
C ILE R 126 -9.31 -110.47 7.15
N ALA R 127 -10.50 -110.40 7.73
CA ALA R 127 -10.89 -111.40 8.71
C ALA R 127 -11.01 -112.78 8.09
N SER R 128 -11.55 -112.85 6.87
CA SER R 128 -11.81 -114.13 6.24
C SER R 128 -10.69 -114.63 5.33
N SER R 129 -9.56 -113.92 5.26
CA SER R 129 -8.54 -114.23 4.26
C SER R 129 -7.30 -114.92 4.81
N THR R 130 -7.14 -115.04 6.13
CA THR R 130 -5.92 -115.61 6.69
C THR R 130 -5.80 -117.08 6.30
N GLU R 131 -4.56 -117.60 6.33
CA GLU R 131 -4.31 -118.95 5.85
C GLU R 131 -2.98 -119.46 6.41
N PHE R 132 -2.95 -120.74 6.76
CA PHE R 132 -1.72 -121.40 7.17
C PHE R 132 -1.91 -122.91 7.02
N ASN R 133 -1.18 -123.51 6.07
CA ASN R 133 -1.26 -124.95 5.81
C ASN R 133 -2.70 -125.39 5.56
N THR R 134 -3.43 -124.54 4.82
CA THR R 134 -4.83 -124.78 4.48
C THR R 134 -5.72 -124.94 5.71
N LYS R 135 -5.33 -124.36 6.84
CA LYS R 135 -6.13 -124.39 8.07
C LYS R 135 -6.40 -122.94 8.47
N LYS R 136 -7.63 -122.49 8.25
CA LYS R 136 -8.02 -121.14 8.58
C LYS R 136 -7.93 -120.89 10.07
N LEU R 137 -7.57 -119.66 10.45
CA LEU R 137 -7.24 -119.31 11.82
C LEU R 137 -8.31 -118.45 12.50
N LEU R 138 -8.67 -117.32 11.88
CA LEU R 138 -9.34 -116.25 12.61
C LEU R 138 -10.86 -116.44 12.68
N ASN R 139 -11.47 -117.12 11.72
CA ASN R 139 -12.92 -117.23 11.74
C ASN R 139 -13.40 -118.39 12.62
N GLY R 140 -12.89 -118.47 13.84
CA GLY R 140 -13.35 -119.48 14.78
C GLY R 140 -13.14 -120.91 14.33
N ASP R 141 -12.07 -121.16 13.56
CA ASP R 141 -11.76 -122.51 13.10
C ASP R 141 -10.75 -123.19 14.02
N SER R 142 -10.36 -122.51 15.09
CA SER R 142 -9.44 -123.09 16.06
C SER R 142 -10.10 -123.41 17.40
N THR R 143 -11.39 -123.13 17.57
CA THR R 143 -12.09 -123.39 18.81
C THR R 143 -13.21 -124.40 18.63
N ALA R 144 -14.14 -124.18 17.71
CA ALA R 144 -15.33 -125.01 17.60
C ALA R 144 -15.84 -125.03 16.16
N LEU R 145 -17.04 -125.60 16.01
CA LEU R 145 -17.68 -125.75 14.71
C LEU R 145 -19.17 -125.97 14.98
N TRP R 146 -20.02 -125.13 14.41
CA TRP R 146 -21.43 -125.16 14.75
C TRP R 146 -22.29 -125.13 13.49
N SER R 147 -23.51 -125.63 13.63
CA SER R 147 -24.49 -125.64 12.55
C SER R 147 -25.89 -125.70 13.16
N SER R 148 -26.84 -125.08 12.47
CA SER R 148 -28.23 -125.04 12.93
C SER R 148 -29.16 -125.07 11.72
N ASP R 149 -30.41 -125.41 11.98
CA ASP R 149 -31.40 -125.61 10.93
C ASP R 149 -32.23 -124.37 10.63
N SER R 150 -32.65 -123.63 11.66
CA SER R 150 -33.46 -122.44 11.43
C SER R 150 -32.63 -121.34 10.75
N SER R 151 -33.31 -120.48 10.00
CA SER R 151 -32.65 -119.50 9.16
C SER R 151 -32.57 -118.11 9.79
N ASP R 152 -32.90 -117.98 11.07
CA ASP R 152 -32.87 -116.69 11.75
C ASP R 152 -32.22 -116.84 13.13
N LEU R 153 -31.12 -117.58 13.18
CA LEU R 153 -30.37 -117.75 14.43
C LEU R 153 -28.91 -117.51 14.13
N ASP R 154 -28.23 -116.77 15.02
CA ASP R 154 -26.83 -116.45 14.85
C ASP R 154 -26.05 -116.91 16.08
N VAL R 155 -24.83 -117.40 15.85
CA VAL R 155 -23.96 -117.91 16.90
C VAL R 155 -22.59 -117.27 16.74
N VAL R 156 -22.07 -116.71 17.83
CA VAL R 156 -20.71 -116.18 17.86
C VAL R 156 -19.93 -116.85 18.98
N ILE R 157 -18.65 -117.11 18.73
CA ILE R 157 -17.82 -117.93 19.59
C ILE R 157 -16.87 -117.03 20.37
N LYS R 158 -16.82 -117.22 21.68
CA LYS R 158 -15.88 -116.51 22.53
C LYS R 158 -14.83 -117.44 23.16
N SER R 159 -15.26 -118.48 23.87
CA SER R 159 -14.32 -119.36 24.55
C SER R 159 -14.64 -120.82 24.27
N ALA R 160 -14.06 -121.72 25.06
CA ALA R 160 -14.24 -123.14 24.85
C ALA R 160 -15.71 -123.55 24.99
N VAL R 161 -16.18 -124.35 24.04
CA VAL R 161 -17.54 -124.86 24.01
C VAL R 161 -17.50 -126.28 24.57
N ALA R 162 -18.67 -126.79 24.97
CA ALA R 162 -18.64 -128.12 25.56
C ALA R 162 -18.90 -129.22 24.54
N GLU R 163 -20.15 -129.36 24.07
CA GLU R 163 -20.59 -130.35 23.10
C GLU R 163 -22.09 -130.27 22.84
N GLY R 164 -22.58 -131.10 21.92
CA GLY R 164 -23.93 -131.65 22.00
C GLY R 164 -24.95 -130.92 21.14
N ASN R 165 -26.13 -131.54 21.10
CA ASN R 165 -27.31 -131.02 20.42
C ASN R 165 -28.26 -130.44 21.45
N TYR R 166 -28.75 -129.23 21.20
CA TYR R 166 -29.56 -128.50 22.16
C TYR R 166 -30.92 -128.15 21.57
N ASN R 167 -31.92 -128.09 22.45
CA ASN R 167 -33.28 -127.68 22.10
C ASN R 167 -33.63 -126.43 22.89
N LEU R 168 -34.11 -125.41 22.18
CA LEU R 168 -34.39 -124.11 22.76
C LEU R 168 -35.88 -123.80 22.69
N ASN R 169 -36.38 -123.12 23.73
CA ASN R 169 -37.78 -122.78 23.87
C ASN R 169 -37.91 -121.28 24.04
N VAL R 170 -38.79 -120.67 23.26
CA VAL R 170 -38.91 -119.22 23.13
C VAL R 170 -40.30 -118.78 23.55
N THR R 171 -40.37 -117.68 24.32
CA THR R 171 -41.62 -117.02 24.64
C THR R 171 -41.41 -115.52 24.47
N VAL R 172 -42.40 -114.84 23.88
CA VAL R 172 -42.24 -113.48 23.39
C VAL R 172 -43.30 -112.57 24.00
N ASP R 173 -42.89 -111.36 24.34
CA ASP R 173 -43.80 -110.27 24.71
C ASP R 173 -43.49 -109.07 23.83
N PRO R 174 -44.39 -108.66 22.95
CA PRO R 174 -44.06 -107.66 21.92
C PRO R 174 -44.00 -106.25 22.50
N GLY R 175 -43.46 -105.35 21.68
CA GLY R 175 -43.29 -103.96 22.05
C GLY R 175 -44.08 -102.98 21.21
N LYS R 176 -43.41 -101.97 20.66
CA LYS R 176 -44.06 -100.90 19.92
C LYS R 176 -43.19 -100.49 18.75
N ASN R 177 -43.67 -99.54 17.95
CA ASN R 177 -42.93 -99.10 16.76
C ASN R 177 -42.88 -97.59 16.62
N PHE R 178 -42.23 -97.10 15.58
CA PHE R 178 -42.05 -95.68 15.32
C PHE R 178 -43.18 -95.15 14.45
N VAL R 179 -43.60 -93.92 14.72
CA VAL R 179 -44.64 -93.25 13.94
C VAL R 179 -44.15 -91.85 13.62
N TYR R 180 -44.13 -91.51 12.32
CA TYR R 180 -43.69 -90.21 11.81
C TYR R 180 -44.86 -89.49 11.15
N LYS R 181 -44.79 -88.16 11.17
CA LYS R 181 -45.82 -87.30 10.63
C LYS R 181 -45.22 -86.16 9.84
N SER R 182 -45.81 -85.85 8.69
CA SER R 182 -45.38 -84.77 7.83
C SER R 182 -46.12 -83.48 8.16
N ASP R 183 -45.99 -82.48 7.28
CA ASP R 183 -46.55 -81.16 7.53
C ASP R 183 -47.88 -80.97 6.81
N VAL R 184 -48.40 -79.76 6.88
CA VAL R 184 -49.65 -79.38 6.22
C VAL R 184 -49.30 -78.65 4.93
N MET R 185 -49.99 -79.03 3.85
CA MET R 185 -49.70 -78.52 2.52
C MET R 185 -50.81 -77.58 2.07
N THR R 186 -50.42 -76.51 1.38
CA THR R 186 -51.37 -75.49 0.95
C THR R 186 -51.07 -75.13 -0.49
N LEU R 187 -52.11 -74.65 -1.19
CA LEU R 187 -52.02 -74.31 -2.60
C LEU R 187 -51.54 -72.88 -2.80
N ASN R 188 -50.95 -72.63 -3.96
CA ASN R 188 -50.51 -71.29 -4.30
C ASN R 188 -51.72 -70.38 -4.54
N GLU R 189 -51.48 -69.07 -4.43
CA GLU R 189 -52.53 -68.08 -4.62
C GLU R 189 -52.90 -67.88 -6.08
N ASP R 190 -52.05 -68.31 -7.02
CA ASP R 190 -52.38 -68.19 -8.43
C ASP R 190 -53.51 -69.13 -8.82
N ALA R 191 -53.63 -70.26 -8.13
CA ALA R 191 -54.69 -71.22 -8.40
C ALA R 191 -56.00 -70.77 -7.76
N ILE R 192 -56.96 -71.70 -7.67
CA ILE R 192 -58.26 -71.48 -7.03
C ILE R 192 -59.14 -70.58 -7.89
N GLY R 193 -60.39 -70.99 -8.09
CA GLY R 193 -61.36 -70.21 -8.83
C GLY R 193 -62.26 -71.00 -9.75
N ALA R 194 -63.57 -70.82 -9.58
CA ALA R 194 -64.55 -71.38 -10.51
C ALA R 194 -64.95 -70.32 -11.52
N GLU R 195 -65.31 -70.76 -12.72
CA GLU R 195 -65.55 -69.79 -13.79
C GLU R 195 -66.46 -70.42 -14.82
N ILE R 196 -67.07 -69.58 -15.65
CA ILE R 196 -68.06 -70.00 -16.64
C ILE R 196 -67.48 -69.82 -18.03
N VAL R 197 -67.30 -70.93 -18.75
CA VAL R 197 -66.72 -70.91 -20.09
C VAL R 197 -67.82 -71.17 -21.10
N THR R 198 -67.48 -70.96 -22.38
CA THR R 198 -68.32 -71.32 -23.51
C THR R 198 -67.45 -72.16 -24.44
N ALA R 199 -67.32 -73.44 -24.13
CA ALA R 199 -66.51 -74.36 -24.91
C ALA R 199 -67.32 -75.55 -25.42
N GLY R 200 -68.05 -76.23 -24.54
CA GLY R 200 -68.91 -77.31 -24.99
C GLY R 200 -70.06 -76.82 -25.84
N GLY R 201 -70.59 -75.64 -25.52
CA GLY R 201 -71.62 -75.02 -26.32
C GLY R 201 -72.99 -75.07 -25.68
N ASP R 202 -73.37 -73.98 -25.01
CA ASP R 202 -74.69 -73.80 -24.42
C ASP R 202 -74.77 -72.39 -23.89
N VAL R 203 -75.98 -71.82 -23.95
CA VAL R 203 -76.20 -70.43 -23.56
C VAL R 203 -76.90 -70.43 -22.21
N ASN R 204 -76.73 -69.35 -21.46
CA ASN R 204 -77.26 -69.23 -20.11
C ASN R 204 -78.78 -69.11 -20.19
N GLU R 205 -79.47 -70.24 -20.02
CA GLU R 205 -80.93 -70.24 -19.94
C GLU R 205 -81.44 -69.95 -18.54
N THR R 206 -80.56 -69.80 -17.56
CA THR R 206 -80.94 -69.61 -16.17
C THR R 206 -80.41 -68.27 -15.67
N ASN R 207 -80.56 -68.03 -14.36
CA ASN R 207 -80.28 -66.72 -13.79
C ASN R 207 -79.20 -66.77 -12.73
N VAL R 208 -78.07 -67.42 -13.03
CA VAL R 208 -76.95 -67.55 -12.10
C VAL R 208 -75.93 -66.47 -12.42
N GLY R 209 -75.60 -65.64 -11.43
CA GLY R 209 -74.61 -64.60 -11.60
C GLY R 209 -73.20 -65.11 -11.70
N PHE R 210 -72.72 -65.77 -10.65
CA PHE R 210 -71.37 -66.30 -10.60
C PHE R 210 -71.26 -67.23 -9.39
N VAL R 211 -70.05 -67.75 -9.19
CA VAL R 211 -69.75 -68.70 -8.12
C VAL R 211 -68.49 -68.24 -7.41
N THR R 212 -68.49 -68.36 -6.09
CA THR R 212 -67.34 -67.99 -5.28
C THR R 212 -67.01 -69.11 -4.31
N ASP R 213 -65.87 -68.94 -3.63
CA ASP R 213 -65.33 -69.85 -2.63
C ASP R 213 -65.21 -71.27 -3.19
N PRO R 214 -64.30 -71.52 -4.14
CA PRO R 214 -63.97 -72.91 -4.46
C PRO R 214 -62.90 -73.43 -3.53
N ASN R 215 -63.24 -74.45 -2.76
CA ASN R 215 -62.36 -74.92 -1.69
C ASN R 215 -62.45 -76.44 -1.62
N THR R 216 -61.39 -77.12 -2.05
CA THR R 216 -61.24 -78.58 -1.96
C THR R 216 -62.30 -79.32 -2.77
N LEU R 217 -62.66 -78.76 -3.92
CA LEU R 217 -63.69 -79.33 -4.78
C LEU R 217 -63.11 -80.21 -5.89
N ALA R 218 -61.99 -80.89 -5.60
CA ALA R 218 -61.14 -81.52 -6.60
C ALA R 218 -60.49 -80.45 -7.45
N SER R 219 -59.98 -80.82 -8.63
CA SER R 219 -59.14 -79.89 -9.39
C SER R 219 -59.07 -80.36 -10.84
N THR R 220 -58.16 -79.73 -11.59
CA THR R 220 -57.82 -79.98 -12.99
C THR R 220 -58.88 -79.45 -13.95
N GLY R 221 -60.06 -79.10 -13.43
CA GLY R 221 -61.03 -78.29 -14.13
C GLY R 221 -61.29 -78.60 -15.60
N THR R 222 -60.98 -79.81 -16.04
CA THR R 222 -61.11 -80.16 -17.45
C THR R 222 -62.40 -80.89 -17.77
N ALA R 223 -62.73 -81.93 -17.01
CA ALA R 223 -64.04 -82.57 -17.10
C ALA R 223 -65.06 -81.59 -16.53
N TYR R 224 -65.80 -80.93 -17.41
CA TYR R 224 -66.66 -79.82 -17.01
C TYR R 224 -67.78 -80.32 -16.09
N TYR R 225 -68.45 -79.37 -15.43
CA TYR R 225 -69.46 -79.70 -14.44
C TYR R 225 -70.83 -79.20 -14.88
N THR R 226 -71.86 -80.00 -14.55
CA THR R 226 -73.24 -79.71 -14.88
C THR R 226 -74.00 -79.39 -13.60
N VAL R 227 -74.64 -78.22 -13.57
CA VAL R 227 -75.17 -77.62 -12.35
C VAL R 227 -76.67 -77.33 -12.49
N ASP R 228 -77.40 -78.26 -13.09
CA ASP R 228 -78.82 -78.07 -13.44
C ASP R 228 -79.60 -77.35 -12.33
N VAL R 229 -80.28 -76.27 -12.71
CA VAL R 229 -81.11 -75.51 -11.79
C VAL R 229 -82.54 -75.58 -12.33
N THR R 230 -83.31 -76.54 -11.85
CA THR R 230 -84.67 -76.74 -12.35
C THR R 230 -85.68 -76.00 -11.49
N ALA R 231 -86.67 -75.40 -12.14
CA ALA R 231 -87.66 -74.58 -11.46
C ALA R 231 -88.91 -75.37 -11.08
N GLY R 232 -88.73 -76.42 -10.29
CA GLY R 232 -89.86 -77.16 -9.78
C GLY R 232 -90.26 -78.38 -10.59
N ALA R 233 -90.11 -79.56 -9.99
CA ALA R 233 -90.50 -80.82 -10.60
C ALA R 233 -90.54 -81.91 -9.52
N ASP R 234 -91.59 -82.72 -9.53
CA ASP R 234 -91.79 -83.69 -8.45
C ASP R 234 -90.61 -84.67 -8.38
N THR R 235 -90.21 -85.01 -7.16
CA THR R 235 -89.04 -85.85 -6.92
C THR R 235 -89.47 -87.08 -6.15
N LEU R 236 -88.83 -88.21 -6.44
CA LEU R 236 -89.16 -89.48 -5.81
C LEU R 236 -87.96 -90.00 -5.02
N SER R 237 -88.25 -90.94 -4.11
CA SER R 237 -87.18 -91.57 -3.34
C SER R 237 -86.53 -92.68 -4.15
N SER R 238 -85.20 -92.65 -4.21
CA SER R 238 -84.46 -93.62 -5.00
C SER R 238 -83.00 -93.62 -4.56
N VAL R 239 -82.22 -94.53 -5.14
CA VAL R 239 -80.80 -94.64 -4.87
C VAL R 239 -80.08 -95.08 -6.13
N ALA R 240 -78.85 -94.60 -6.30
CA ALA R 240 -78.00 -95.00 -7.40
C ALA R 240 -76.59 -95.22 -6.88
N THR R 241 -75.96 -96.29 -7.35
CA THR R 241 -74.61 -96.63 -6.90
C THR R 241 -73.62 -95.66 -7.54
N MET R 242 -72.88 -94.93 -6.72
CA MET R 242 -71.90 -93.99 -7.24
C MET R 242 -70.56 -94.66 -7.55
N SER R 243 -69.95 -95.34 -6.57
CA SER R 243 -68.65 -95.90 -6.87
C SER R 243 -68.30 -97.04 -5.92
N VAL R 244 -67.28 -97.81 -6.30
CA VAL R 244 -66.76 -98.93 -5.52
C VAL R 244 -65.24 -98.85 -5.58
N TYR R 245 -64.59 -99.45 -4.59
CA TYR R 245 -63.13 -99.42 -4.52
C TYR R 245 -62.61 -100.72 -3.92
N ARG R 246 -61.70 -101.35 -4.65
CA ARG R 246 -61.03 -102.59 -4.25
C ARG R 246 -59.53 -102.42 -4.43
N GLN R 247 -58.76 -103.10 -3.59
CA GLN R 247 -57.29 -103.00 -3.68
C GLN R 247 -56.74 -104.14 -4.53
N ALA R 248 -56.89 -105.38 -4.06
CA ALA R 248 -56.60 -106.54 -4.88
C ALA R 248 -57.81 -107.47 -4.88
N GLY R 249 -58.28 -107.82 -3.69
CA GLY R 249 -59.48 -108.61 -3.47
C GLY R 249 -59.71 -109.74 -4.43
N SER R 250 -60.93 -109.80 -4.94
CA SER R 250 -61.32 -110.71 -6.01
C SER R 250 -62.56 -110.13 -6.66
N ASN R 251 -63.17 -110.88 -7.57
CA ASN R 251 -64.32 -110.36 -8.27
C ASN R 251 -65.57 -110.39 -7.39
N PHE R 252 -66.19 -109.23 -7.24
CA PHE R 252 -67.52 -109.16 -6.65
C PHE R 252 -68.25 -107.94 -7.20
N GLY R 253 -69.49 -108.13 -7.66
CA GLY R 253 -70.21 -107.11 -8.40
C GLY R 253 -70.75 -106.00 -7.53
N SER R 254 -71.78 -105.32 -8.06
CA SER R 254 -72.36 -104.15 -7.42
C SER R 254 -73.84 -104.10 -7.79
N VAL R 255 -74.45 -102.92 -7.58
CA VAL R 255 -75.85 -102.60 -7.87
C VAL R 255 -76.73 -102.95 -6.68
N ALA R 256 -77.41 -101.94 -6.14
CA ALA R 256 -78.28 -102.08 -4.98
C ALA R 256 -79.72 -101.73 -5.36
N THR R 257 -80.65 -102.32 -4.62
CA THR R 257 -82.07 -102.12 -4.87
C THR R 257 -82.79 -101.83 -3.55
N TRP R 258 -83.91 -101.11 -3.66
CA TRP R 258 -84.75 -100.72 -2.55
C TRP R 258 -85.78 -101.79 -2.21
N THR R 259 -86.46 -101.57 -1.09
CA THR R 259 -87.76 -102.16 -0.80
C THR R 259 -88.70 -101.03 -0.45
N THR R 260 -89.82 -100.94 -1.17
CA THR R 260 -90.69 -99.78 -1.03
C THR R 260 -91.33 -99.75 0.35
N GLY R 261 -91.67 -98.54 0.80
CA GLY R 261 -92.26 -98.31 2.11
C GLY R 261 -91.39 -97.46 3.02
N GLY R 262 -90.08 -97.58 2.91
CA GLY R 262 -89.18 -96.80 3.73
C GLY R 262 -89.13 -95.34 3.30
N THR R 263 -88.66 -94.51 4.22
CA THR R 263 -88.55 -93.07 3.97
C THR R 263 -87.13 -92.60 4.29
N VAL R 264 -86.74 -91.51 3.65
CA VAL R 264 -85.42 -90.91 3.82
C VAL R 264 -85.60 -89.57 4.52
N ALA R 265 -84.58 -89.18 5.28
CA ALA R 265 -84.63 -87.89 5.96
C ALA R 265 -84.20 -86.75 5.02
N ASP R 266 -82.94 -86.74 4.62
CA ASP R 266 -82.38 -85.68 3.78
C ASP R 266 -81.56 -86.29 2.66
N SER R 267 -81.37 -85.52 1.59
CA SER R 267 -80.48 -85.93 0.52
C SER R 267 -79.02 -85.73 0.92
N GLY R 268 -78.15 -86.65 0.50
CA GLY R 268 -76.76 -86.53 0.88
C GLY R 268 -75.85 -87.63 0.34
N TYR R 269 -74.70 -87.83 0.99
CA TYR R 269 -73.74 -88.85 0.58
C TYR R 269 -73.60 -89.89 1.67
N LEU R 270 -73.41 -91.15 1.27
CA LEU R 270 -73.34 -92.27 2.18
C LEU R 270 -72.14 -93.15 1.82
N LEU R 271 -71.50 -93.71 2.84
CA LEU R 271 -70.24 -94.42 2.69
C LEU R 271 -70.31 -95.72 3.50
N ILE R 272 -70.01 -96.84 2.84
CA ILE R 272 -70.05 -98.15 3.46
C ILE R 272 -68.65 -98.76 3.39
N GLU R 273 -68.15 -99.25 4.52
CA GLU R 273 -66.81 -99.77 4.64
C GLU R 273 -66.85 -101.15 5.26
N ALA R 274 -66.08 -102.09 4.70
CA ALA R 274 -65.99 -103.43 5.24
C ALA R 274 -64.99 -103.48 6.39
N GLN R 275 -64.95 -104.62 7.08
CA GLN R 275 -64.03 -104.81 8.20
C GLN R 275 -63.26 -106.11 8.16
N GLU R 276 -63.77 -107.17 7.53
CA GLU R 276 -63.08 -108.46 7.53
C GLU R 276 -63.25 -109.11 6.16
N ASN R 277 -62.83 -110.38 6.07
CA ASN R 277 -62.82 -111.11 4.81
C ASN R 277 -63.68 -112.36 4.93
N PHE R 278 -64.41 -112.69 3.87
CA PHE R 278 -65.16 -113.94 3.84
C PHE R 278 -65.35 -114.40 2.40
N THR R 279 -65.17 -115.70 2.17
CA THR R 279 -65.29 -116.30 0.85
C THR R 279 -66.00 -117.64 0.89
N VAL R 280 -66.86 -117.86 1.90
CA VAL R 280 -67.47 -119.16 2.11
C VAL R 280 -68.94 -119.07 1.71
N SER R 281 -69.23 -118.15 0.80
CA SER R 281 -70.61 -117.91 0.37
C SER R 281 -71.05 -119.01 -0.58
N ALA R 282 -71.93 -119.90 -0.09
CA ALA R 282 -72.59 -120.90 -0.93
C ALA R 282 -74.06 -121.04 -0.59
N GLY R 283 -74.59 -120.21 0.30
CA GLY R 283 -75.95 -120.29 0.77
C GLY R 283 -76.00 -120.74 2.22
N THR R 284 -76.05 -119.77 3.14
CA THR R 284 -76.02 -120.05 4.57
C THR R 284 -76.28 -118.76 5.33
N THR R 285 -77.02 -118.84 6.43
CA THR R 285 -77.19 -117.66 7.28
C THR R 285 -75.89 -117.30 7.95
N ALA R 286 -75.65 -115.99 8.07
CA ALA R 286 -74.37 -115.49 8.60
C ALA R 286 -74.57 -114.09 9.13
N ASN R 287 -73.45 -113.44 9.44
CA ASN R 287 -73.45 -112.08 9.97
C ASN R 287 -72.04 -111.52 9.88
N TYR R 288 -71.93 -110.25 9.50
CA TYR R 288 -70.65 -109.56 9.44
C TYR R 288 -70.89 -108.08 9.73
N THR R 289 -69.81 -107.39 10.09
CA THR R 289 -69.89 -106.00 10.53
C THR R 289 -69.41 -105.05 9.44
N PHE R 290 -69.88 -103.81 9.52
CA PHE R 290 -69.52 -102.78 8.56
C PHE R 290 -69.57 -101.41 9.24
N LYS R 291 -68.85 -100.46 8.66
CA LYS R 291 -68.87 -99.07 9.10
C LYS R 291 -69.70 -98.24 8.13
N ALA R 292 -70.45 -97.29 8.66
CA ALA R 292 -71.26 -96.38 7.85
C ALA R 292 -70.86 -94.95 8.18
N THR R 293 -70.73 -94.12 7.14
CA THR R 293 -70.43 -92.72 7.29
C THR R 293 -71.40 -91.90 6.44
N PHE R 294 -72.06 -90.93 7.06
CA PHE R 294 -73.04 -90.10 6.35
C PHE R 294 -72.56 -88.66 6.33
N VAL R 295 -72.74 -88.01 5.18
CA VAL R 295 -72.42 -86.60 4.98
C VAL R 295 -73.67 -85.90 4.48
N ASP R 296 -74.12 -84.88 5.23
CA ASP R 296 -75.23 -84.04 4.80
C ASP R 296 -74.74 -83.10 3.71
N ALA R 297 -75.61 -82.84 2.74
CA ALA R 297 -75.22 -82.07 1.56
C ALA R 297 -75.08 -80.58 1.83
N LYS R 298 -75.99 -79.98 2.60
CA LYS R 298 -76.04 -78.54 2.75
C LYS R 298 -75.34 -78.01 4.00
N THR R 299 -75.40 -78.75 5.11
CA THR R 299 -74.82 -78.29 6.37
C THR R 299 -73.36 -78.72 6.57
N GLY R 300 -72.91 -79.78 5.92
CA GLY R 300 -71.57 -80.27 6.11
C GLY R 300 -71.38 -81.20 7.29
N GLU R 301 -72.48 -81.66 7.90
CA GLU R 301 -72.38 -82.55 9.05
C GLU R 301 -71.77 -83.89 8.64
N LYS R 302 -71.11 -84.53 9.60
CA LYS R 302 -70.46 -85.81 9.40
C LYS R 302 -70.85 -86.75 10.53
N SER R 303 -71.30 -87.96 10.18
CA SER R 303 -71.69 -88.94 11.19
C SER R 303 -71.06 -90.29 10.87
N THR R 304 -70.70 -91.02 11.93
CA THR R 304 -70.00 -92.30 11.81
C THR R 304 -70.66 -93.31 12.74
N TYR R 305 -71.25 -94.35 12.16
CA TYR R 305 -71.96 -95.39 12.90
C TYR R 305 -71.46 -96.76 12.47
N GLU R 306 -71.99 -97.78 13.13
CA GLU R 306 -71.67 -99.18 12.83
C GLU R 306 -72.96 -99.91 12.45
N ILE R 307 -72.84 -100.89 11.56
CA ILE R 307 -73.99 -101.63 11.04
C ILE R 307 -73.59 -103.08 10.84
N GLU R 308 -74.58 -103.95 10.62
CA GLU R 308 -74.35 -105.35 10.33
C GLU R 308 -75.01 -105.72 9.01
N GLY R 309 -74.48 -106.76 8.39
CA GLY R 309 -75.01 -107.27 7.14
C GLY R 309 -74.89 -108.77 7.06
N GLY R 310 -75.56 -109.36 6.08
CA GLY R 310 -75.55 -110.80 5.92
C GLY R 310 -75.96 -111.23 4.54
N ASP R 311 -75.47 -112.41 4.14
CA ASP R 311 -75.85 -113.06 2.91
C ASP R 311 -76.96 -114.09 3.18
N ASP R 312 -77.75 -114.38 2.15
CA ASP R 312 -78.87 -115.28 2.31
C ASP R 312 -78.71 -116.59 1.55
N GLY R 313 -78.59 -116.55 0.23
CA GLY R 313 -78.29 -117.76 -0.50
C GLY R 313 -77.19 -117.64 -1.52
N ALA R 314 -76.95 -116.43 -2.02
CA ALA R 314 -75.91 -116.17 -3.00
C ALA R 314 -75.78 -114.67 -3.21
N GLY R 315 -74.56 -114.16 -3.04
CA GLY R 315 -74.17 -112.81 -3.40
C GLY R 315 -75.16 -111.70 -3.17
N ASN R 316 -75.93 -111.78 -2.09
CA ASN R 316 -76.93 -110.76 -1.77
C ASN R 316 -76.68 -110.27 -0.35
N LEU R 317 -76.47 -108.97 -0.20
CA LEU R 317 -76.19 -108.35 1.08
C LEU R 317 -77.40 -107.50 1.47
N VAL R 318 -78.03 -107.84 2.58
CA VAL R 318 -79.21 -107.13 3.07
C VAL R 318 -78.79 -106.24 4.22
N PHE R 319 -78.89 -104.92 4.03
CA PHE R 319 -78.57 -103.98 5.09
C PHE R 319 -79.84 -103.40 5.71
N ASP R 320 -79.80 -103.24 7.03
CA ASP R 320 -80.90 -102.66 7.78
C ASP R 320 -80.52 -101.22 8.14
N LEU R 321 -81.42 -100.29 7.85
CA LEU R 321 -81.15 -98.87 8.06
C LEU R 321 -81.63 -98.37 9.41
N ALA R 322 -82.09 -99.27 10.29
CA ALA R 322 -82.64 -98.85 11.57
C ALA R 322 -81.57 -98.22 12.47
N ASP R 323 -80.37 -98.79 12.51
CA ASP R 323 -79.34 -98.36 13.45
C ASP R 323 -78.84 -96.95 13.18
N MET R 324 -79.13 -96.36 12.03
CA MET R 324 -78.67 -95.01 11.73
C MET R 324 -79.46 -93.99 12.54
N THR R 325 -79.02 -93.73 13.77
CA THR R 325 -79.71 -92.82 14.66
C THR R 325 -79.48 -91.38 14.25
N GLY R 326 -80.13 -90.46 14.96
CA GLY R 326 -79.96 -89.04 14.72
C GLY R 326 -80.70 -88.55 13.49
N ALA R 327 -80.25 -88.97 12.31
CA ALA R 327 -80.92 -88.57 11.08
C ALA R 327 -82.22 -89.36 10.87
N GLY R 328 -82.12 -90.68 10.86
CA GLY R 328 -83.29 -91.53 10.78
C GLY R 328 -83.68 -91.91 9.36
N PHE R 329 -83.60 -93.20 9.06
CA PHE R 329 -84.03 -93.75 7.78
C PHE R 329 -85.02 -94.87 8.04
N SER R 330 -85.40 -95.57 6.97
CA SER R 330 -86.28 -96.72 7.08
C SER R 330 -86.13 -97.56 5.82
N GLY R 331 -86.70 -98.76 5.86
CA GLY R 331 -86.63 -99.67 4.74
C GLY R 331 -85.35 -100.47 4.73
N GLU R 332 -85.18 -101.24 3.65
CA GLU R 332 -84.04 -102.11 3.47
C GLU R 332 -83.24 -101.66 2.25
N VAL R 333 -82.11 -102.34 2.02
CA VAL R 333 -81.33 -102.14 0.81
C VAL R 333 -80.58 -103.44 0.53
N SER R 334 -80.57 -103.84 -0.74
CA SER R 334 -80.01 -105.12 -1.14
C SER R 334 -78.91 -104.92 -2.18
N ILE R 335 -77.70 -105.34 -1.84
CA ILE R 335 -76.57 -105.35 -2.77
C ILE R 335 -76.59 -106.69 -3.49
N ALA R 336 -76.56 -106.66 -4.82
CA ALA R 336 -76.63 -107.88 -5.62
C ALA R 336 -75.25 -108.15 -6.21
N ILE R 337 -74.51 -109.05 -5.56
CA ILE R 337 -73.18 -109.42 -6.02
C ILE R 337 -73.20 -110.65 -6.91
N GLY R 338 -73.93 -111.69 -6.49
CA GLY R 338 -73.96 -112.94 -7.21
C GLY R 338 -73.09 -114.00 -6.55
N THR R 339 -73.30 -115.24 -6.99
CA THR R 339 -72.62 -116.39 -6.41
C THR R 339 -71.10 -116.25 -6.55
N ASP R 340 -70.37 -116.86 -5.61
CA ASP R 340 -68.91 -116.80 -5.55
C ASP R 340 -68.43 -115.37 -5.33
N ALA R 341 -68.77 -114.83 -4.16
CA ALA R 341 -68.33 -113.51 -3.74
C ALA R 341 -67.24 -113.67 -2.68
N ASN R 342 -66.04 -113.21 -3.00
CA ASN R 342 -64.92 -113.20 -2.07
C ASN R 342 -64.68 -111.76 -1.65
N MET R 343 -64.75 -111.50 -0.34
CA MET R 343 -64.80 -110.14 0.17
C MET R 343 -63.60 -109.90 1.08
N GLN R 344 -62.76 -108.94 0.72
CA GLN R 344 -61.64 -108.56 1.54
C GLN R 344 -62.02 -107.41 2.47
N SER R 345 -61.12 -107.04 3.38
CA SER R 345 -61.32 -105.96 4.32
C SER R 345 -60.68 -104.69 3.78
N GLY R 346 -61.49 -103.67 3.50
CA GLY R 346 -60.96 -102.42 3.03
C GLY R 346 -61.70 -101.82 1.84
N ASP R 347 -62.42 -102.67 1.10
CA ASP R 347 -63.13 -102.20 -0.07
C ASP R 347 -64.27 -101.27 0.33
N LYS R 348 -64.44 -100.19 -0.42
CA LYS R 348 -65.36 -99.12 -0.07
C LYS R 348 -66.49 -99.03 -1.08
N ILE R 349 -67.67 -98.61 -0.62
CA ILE R 349 -68.81 -98.35 -1.49
C ILE R 349 -69.35 -96.96 -1.19
N LEU R 350 -69.56 -96.16 -2.23
CA LEU R 350 -70.06 -94.80 -2.08
C LEU R 350 -71.37 -94.65 -2.82
N LEU R 351 -72.37 -94.11 -2.11
CA LEU R 351 -73.75 -93.97 -2.56
C LEU R 351 -74.21 -92.53 -2.39
N SER R 352 -75.23 -92.17 -3.16
CA SER R 352 -75.91 -90.89 -3.03
C SER R 352 -77.37 -91.12 -2.67
N THR R 353 -77.95 -90.21 -1.90
CA THR R 353 -79.31 -90.35 -1.41
C THR R 353 -80.14 -89.11 -1.74
N THR R 354 -81.40 -89.34 -2.08
CA THR R 354 -82.30 -88.31 -2.57
C THR R 354 -83.56 -88.27 -1.70
N GLU R 355 -84.14 -87.07 -1.59
CA GLU R 355 -85.34 -86.85 -0.80
C GLU R 355 -86.50 -86.43 -1.70
N ALA R 356 -87.71 -86.79 -1.29
CA ALA R 356 -88.91 -86.43 -2.05
C ALA R 356 -89.50 -85.12 -1.54
N VAL R 357 -89.73 -84.19 -2.46
CA VAL R 357 -90.26 -82.87 -2.12
C VAL R 357 -91.40 -82.55 -3.08
N ASP R 358 -92.32 -81.69 -2.63
CA ASP R 358 -93.43 -81.28 -3.47
C ASP R 358 -92.95 -80.51 -4.69
N THR R 359 -92.09 -79.50 -4.47
CA THR R 359 -91.51 -78.68 -5.53
C THR R 359 -92.53 -77.98 -6.40
N SER R 360 -93.80 -77.96 -5.99
CA SER R 360 -94.85 -77.29 -6.76
C SER R 360 -95.59 -76.36 -5.82
N ALA R 361 -95.06 -75.15 -5.66
CA ALA R 361 -95.67 -74.09 -4.87
C ALA R 361 -96.11 -72.98 -5.81
N THR R 362 -96.61 -71.89 -5.23
CA THR R 362 -96.91 -70.72 -6.04
C THR R 362 -95.64 -70.17 -6.69
N SER R 363 -94.58 -70.04 -5.91
CA SER R 363 -93.22 -69.73 -6.37
C SER R 363 -92.33 -69.73 -5.13
N GLY R 364 -91.03 -69.58 -5.36
CA GLY R 364 -90.13 -69.36 -4.24
C GLY R 364 -88.79 -70.07 -4.24
N GLY R 365 -88.66 -71.16 -4.98
CA GLY R 365 -87.42 -71.93 -4.93
C GLY R 365 -87.28 -72.85 -6.13
N GLY R 366 -86.30 -73.72 -6.05
CA GLY R 366 -86.01 -74.65 -7.13
C GLY R 366 -85.16 -75.81 -6.64
N THR R 367 -84.71 -76.63 -7.59
CA THR R 367 -83.89 -77.79 -7.29
C THR R 367 -82.55 -77.69 -8.03
N ILE R 368 -81.50 -78.18 -7.37
CA ILE R 368 -80.15 -78.13 -7.87
C ILE R 368 -79.63 -79.55 -8.06
N ALA R 369 -78.97 -79.79 -9.19
CA ALA R 369 -78.44 -81.11 -9.52
C ALA R 369 -77.04 -80.97 -10.07
N ILE R 370 -76.08 -81.64 -9.42
CA ILE R 370 -74.68 -81.61 -9.80
C ILE R 370 -74.30 -82.95 -10.43
N SER R 371 -73.66 -82.89 -11.59
CA SER R 371 -73.27 -84.10 -12.31
C SER R 371 -72.03 -83.81 -13.15
N GLY R 372 -71.38 -84.89 -13.59
CA GLY R 372 -70.21 -84.79 -14.44
C GLY R 372 -68.93 -85.21 -13.77
N GLY R 373 -67.80 -84.68 -14.23
CA GLY R 373 -66.53 -84.89 -13.58
C GLY R 373 -65.66 -85.93 -14.25
N PRO R 374 -64.40 -86.02 -13.80
CA PRO R 374 -63.49 -87.03 -14.36
C PRO R 374 -63.99 -88.45 -14.17
N ALA R 375 -64.74 -88.71 -13.10
CA ALA R 375 -65.37 -90.01 -12.89
C ALA R 375 -66.76 -90.08 -13.51
N GLY R 376 -67.26 -88.99 -14.06
CA GLY R 376 -68.57 -88.97 -14.69
C GLY R 376 -69.69 -89.35 -13.76
N THR R 377 -69.69 -88.77 -12.56
CA THR R 377 -70.70 -89.12 -11.57
C THR R 377 -72.01 -88.38 -11.83
N THR R 378 -73.11 -89.01 -11.43
CA THR R 378 -74.43 -88.39 -11.45
C THR R 378 -74.85 -88.19 -10.00
N GLY R 379 -74.60 -87.00 -9.47
CA GLY R 379 -74.75 -86.73 -8.06
C GLY R 379 -76.21 -86.60 -7.64
N ALA R 380 -76.39 -86.11 -6.41
CA ALA R 380 -77.71 -85.99 -5.81
C ALA R 380 -78.41 -84.71 -6.28
N ILE R 381 -79.70 -84.63 -5.97
CA ILE R 381 -80.52 -83.47 -6.28
C ILE R 381 -81.11 -82.94 -4.99
N ILE R 382 -81.16 -81.62 -4.85
CA ILE R 382 -81.65 -80.97 -3.64
C ILE R 382 -82.74 -79.98 -4.02
N SER R 383 -83.63 -79.71 -3.07
CA SER R 383 -84.78 -78.84 -3.31
C SER R 383 -84.83 -77.76 -2.23
N TYR R 384 -85.30 -76.59 -2.62
CA TYR R 384 -85.41 -75.46 -1.71
C TYR R 384 -86.87 -75.03 -1.56
N GLY R 385 -87.10 -74.12 -0.61
CA GLY R 385 -88.45 -73.75 -0.21
C GLY R 385 -88.96 -72.51 -0.91
N ASN R 386 -89.50 -71.59 -0.10
CA ASN R 386 -90.18 -70.42 -0.62
C ASN R 386 -89.36 -69.16 -0.37
N ASN R 387 -89.20 -68.36 -1.43
CA ASN R 387 -88.41 -67.13 -1.37
C ASN R 387 -87.01 -67.39 -0.84
N GLU R 388 -86.41 -68.48 -1.30
CA GLU R 388 -85.08 -68.88 -0.85
C GLU R 388 -84.03 -68.81 -1.95
N LEU R 389 -84.38 -68.33 -3.14
CA LEU R 389 -83.41 -68.14 -4.22
C LEU R 389 -83.27 -66.70 -4.66
N THR R 390 -84.38 -66.00 -4.91
CA THR R 390 -84.35 -64.64 -5.42
C THR R 390 -85.23 -63.76 -4.54
N LYS R 391 -84.75 -62.54 -4.27
CA LYS R 391 -85.46 -61.60 -3.41
C LYS R 391 -86.26 -60.63 -4.27
N VAL R 392 -86.78 -59.57 -3.65
CA VAL R 392 -87.70 -58.64 -4.28
C VAL R 392 -87.05 -57.26 -4.35
N ASP R 393 -87.54 -56.43 -5.27
CA ASP R 393 -86.94 -55.13 -5.52
C ASP R 393 -87.19 -54.17 -4.36
N ASN R 394 -86.34 -53.14 -4.28
CA ASN R 394 -86.43 -52.09 -3.27
C ASN R 394 -86.22 -50.73 -3.93
N GLY R 395 -86.84 -50.53 -5.08
CA GLY R 395 -86.65 -49.33 -5.87
C GLY R 395 -85.67 -49.47 -7.02
N ASP R 396 -84.39 -49.68 -6.71
CA ASP R 396 -83.41 -49.91 -7.77
C ASP R 396 -82.57 -51.15 -7.48
N THR R 397 -82.37 -51.43 -6.19
CA THR R 397 -81.64 -52.58 -5.65
C THR R 397 -80.14 -52.48 -5.87
N THR R 398 -79.70 -51.48 -6.66
CA THR R 398 -78.30 -51.30 -7.02
C THR R 398 -77.63 -52.63 -7.38
N ILE R 399 -78.40 -53.48 -8.06
CA ILE R 399 -78.04 -54.86 -8.39
C ILE R 399 -77.91 -55.68 -7.11
N ASP R 400 -78.45 -56.90 -7.13
CA ASP R 400 -78.49 -57.76 -5.95
C ASP R 400 -77.98 -59.14 -6.32
N TYR R 401 -77.66 -59.92 -5.29
CA TYR R 401 -77.26 -61.30 -5.44
C TYR R 401 -77.55 -62.05 -4.15
N ASN R 402 -78.11 -63.25 -4.28
CA ASN R 402 -78.31 -64.13 -3.13
C ASN R 402 -77.27 -65.25 -3.15
N SER R 403 -77.04 -65.86 -1.99
CA SER R 403 -75.97 -66.83 -1.85
C SER R 403 -76.49 -68.18 -1.37
N VAL R 404 -75.97 -69.25 -1.97
CA VAL R 404 -76.30 -70.61 -1.57
C VAL R 404 -75.04 -71.45 -1.55
N THR R 405 -74.81 -72.18 -0.46
CA THR R 405 -73.62 -73.00 -0.30
C THR R 405 -73.93 -74.44 -0.71
N VAL R 406 -72.96 -75.08 -1.37
CA VAL R 406 -73.11 -76.45 -1.86
C VAL R 406 -71.85 -77.23 -1.55
N TYR R 407 -72.02 -78.43 -1.02
CA TYR R 407 -70.92 -79.34 -0.73
C TYR R 407 -71.00 -80.57 -1.63
N HIS R 408 -69.85 -80.97 -2.15
CA HIS R 408 -69.75 -82.10 -3.08
C HIS R 408 -68.59 -83.00 -2.68
N ALA R 409 -68.80 -84.31 -2.81
CA ALA R 409 -67.83 -85.30 -2.38
C ALA R 409 -67.50 -86.25 -3.53
N ALA R 410 -66.24 -86.69 -3.57
CA ALA R 410 -65.75 -87.60 -4.58
C ALA R 410 -64.89 -88.67 -3.91
N LEU R 411 -64.80 -89.82 -4.56
CA LEU R 411 -64.05 -90.96 -4.04
C LEU R 411 -62.97 -91.37 -5.04
N ASN R 412 -61.78 -91.66 -4.52
CA ASN R 412 -60.64 -92.07 -5.32
C ASN R 412 -60.63 -93.59 -5.47
N VAL R 413 -59.98 -94.06 -6.54
CA VAL R 413 -60.10 -95.46 -6.97
C VAL R 413 -58.90 -96.30 -6.55
N GLU R 414 -57.91 -95.71 -5.89
CA GLU R 414 -56.78 -96.57 -5.56
C GLU R 414 -56.41 -96.57 -4.09
N THR R 415 -56.62 -95.45 -3.37
CA THR R 415 -56.60 -95.47 -1.91
C THR R 415 -57.97 -95.28 -1.29
N GLY R 416 -58.98 -94.87 -2.06
CA GLY R 416 -60.30 -94.67 -1.50
C GLY R 416 -60.40 -93.60 -0.45
N ASN R 417 -59.70 -92.48 -0.63
CA ASN R 417 -59.80 -91.35 0.29
C ASN R 417 -60.81 -90.34 -0.24
N LEU R 418 -61.76 -89.97 0.60
CA LEU R 418 -62.88 -89.12 0.20
C LEU R 418 -62.43 -87.66 0.18
N ASP R 419 -62.89 -86.93 -0.83
CA ASP R 419 -62.57 -85.51 -0.99
C ASP R 419 -63.87 -84.71 -0.96
N VAL R 420 -63.88 -83.64 -0.17
CA VAL R 420 -65.08 -82.84 0.05
C VAL R 420 -64.76 -81.39 -0.24
N GLY R 421 -65.60 -80.74 -1.06
CA GLY R 421 -65.42 -79.35 -1.42
C GLY R 421 -66.73 -78.58 -1.34
N ASN R 422 -66.60 -77.26 -1.37
CA ASN R 422 -67.78 -76.40 -1.26
C ASN R 422 -67.69 -75.25 -2.25
N LEU R 423 -68.85 -74.70 -2.57
CA LEU R 423 -68.99 -73.57 -3.49
C LEU R 423 -70.15 -72.71 -3.01
N THR R 424 -70.21 -71.49 -3.54
CA THR R 424 -71.31 -70.57 -3.24
C THR R 424 -71.83 -70.00 -4.54
N PHE R 425 -73.07 -70.34 -4.88
CA PHE R 425 -73.73 -69.76 -6.04
C PHE R 425 -74.36 -68.42 -5.66
N ASN R 426 -74.25 -67.45 -6.56
CA ASN R 426 -74.95 -66.18 -6.44
C ASN R 426 -76.11 -66.18 -7.44
N PHE R 427 -77.31 -66.00 -6.92
CA PHE R 427 -78.54 -66.04 -7.70
C PHE R 427 -79.11 -64.63 -7.88
N ARG R 428 -80.06 -64.54 -8.81
CA ARG R 428 -80.43 -63.32 -9.52
C ARG R 428 -80.82 -62.19 -8.56
N GLU R 429 -80.77 -60.97 -9.09
CA GLU R 429 -81.00 -59.74 -8.35
C GLU R 429 -82.34 -59.71 -7.65
N ASP R 430 -83.42 -59.69 -8.43
CA ASP R 430 -84.76 -59.56 -7.86
C ASP R 430 -85.85 -60.00 -8.84
N THR R 431 -86.65 -60.98 -8.43
CA THR R 431 -87.77 -61.48 -9.21
C THR R 431 -89.06 -61.28 -8.42
N GLY R 432 -90.17 -61.77 -8.97
CA GLY R 432 -91.42 -61.70 -8.26
C GLY R 432 -92.65 -61.42 -9.12
N THR R 433 -93.77 -61.99 -8.72
CA THR R 433 -95.06 -61.70 -9.32
C THR R 433 -95.55 -60.38 -8.71
N ASP R 434 -96.82 -60.06 -8.87
CA ASP R 434 -97.34 -58.80 -8.33
C ASP R 434 -97.37 -58.86 -6.80
N THR R 435 -96.18 -58.76 -6.19
CA THR R 435 -96.02 -58.73 -4.74
C THR R 435 -96.68 -59.95 -4.08
N ALA R 436 -96.47 -61.13 -4.67
CA ALA R 436 -97.00 -62.34 -4.05
C ALA R 436 -95.93 -63.16 -3.34
N TYR R 437 -95.02 -63.80 -4.08
CA TYR R 437 -94.04 -64.70 -3.46
C TYR R 437 -92.63 -64.66 -4.04
N GLY R 438 -92.43 -64.27 -5.30
CA GLY R 438 -91.12 -64.35 -5.92
C GLY R 438 -91.20 -65.09 -7.25
N SER R 439 -90.03 -65.40 -7.81
CA SER R 439 -89.93 -66.12 -9.08
C SER R 439 -88.51 -66.63 -9.24
N THR R 440 -88.35 -67.59 -10.15
CA THR R 440 -87.06 -68.20 -10.43
C THR R 440 -87.08 -68.74 -11.85
N THR R 441 -85.89 -68.97 -12.42
CA THR R 441 -85.74 -69.47 -13.78
C THR R 441 -84.98 -70.79 -13.76
N GLY R 442 -85.43 -71.74 -14.59
CA GLY R 442 -84.80 -73.03 -14.70
C GLY R 442 -83.98 -73.17 -15.98
N GLY R 443 -83.04 -74.11 -15.94
CA GLY R 443 -82.16 -74.38 -17.05
C GLY R 443 -80.92 -75.13 -16.59
N SER R 444 -79.88 -75.07 -17.43
CA SER R 444 -78.64 -75.77 -17.18
C SER R 444 -77.51 -75.02 -17.87
N PHE R 445 -76.33 -75.05 -17.26
CA PHE R 445 -75.14 -74.50 -17.92
C PHE R 445 -73.92 -75.27 -17.45
N ASP R 446 -72.77 -74.85 -17.96
CA ASP R 446 -71.52 -75.56 -17.73
C ASP R 446 -70.59 -74.76 -16.84
N LEU R 447 -69.80 -75.46 -16.03
CA LEU R 447 -68.88 -74.82 -15.10
C LEU R 447 -67.47 -75.41 -15.22
N LEU R 448 -66.47 -74.55 -15.09
CA LEU R 448 -65.06 -74.93 -15.13
C LEU R 448 -64.39 -74.57 -13.81
N VAL R 449 -63.38 -75.35 -13.44
CA VAL R 449 -62.71 -75.22 -12.16
C VAL R 449 -61.23 -74.97 -12.39
N ALA R 450 -60.61 -74.27 -11.44
CA ALA R 450 -59.16 -74.12 -11.43
C ALA R 450 -58.68 -74.11 -9.98
N GLY R 451 -57.62 -74.86 -9.71
CA GLY R 451 -57.13 -75.00 -8.35
C GLY R 451 -58.08 -75.83 -7.50
N GLY R 452 -57.75 -75.94 -6.22
CA GLY R 452 -58.58 -76.70 -5.31
C GLY R 452 -59.21 -75.90 -4.18
N GLY R 453 -58.49 -74.89 -3.68
CA GLY R 453 -58.98 -74.14 -2.53
C GLY R 453 -57.89 -73.89 -1.50
N GLU R 454 -58.20 -74.09 -0.21
CA GLU R 454 -57.19 -74.00 0.84
C GLU R 454 -57.14 -75.35 1.54
N ALA R 455 -56.49 -76.31 0.88
CA ALA R 455 -56.07 -77.61 1.38
C ALA R 455 -55.43 -78.31 0.19
N ALA R 456 -54.88 -79.49 0.42
CA ALA R 456 -54.34 -80.30 -0.66
C ALA R 456 -55.30 -81.44 -0.96
N THR R 457 -55.78 -81.50 -2.19
CA THR R 457 -56.65 -82.57 -2.63
C THR R 457 -55.83 -83.82 -2.98
N SER R 458 -56.52 -84.95 -3.11
CA SER R 458 -55.84 -86.20 -3.40
C SER R 458 -55.24 -86.21 -4.80
N THR R 459 -55.79 -85.44 -5.72
CA THR R 459 -55.33 -85.39 -7.10
C THR R 459 -54.64 -84.06 -7.42
N THR R 460 -54.09 -83.40 -6.41
CA THR R 460 -53.40 -82.14 -6.64
C THR R 460 -52.04 -82.38 -7.27
N LYS R 461 -51.66 -81.51 -8.20
CA LYS R 461 -50.36 -81.62 -8.85
C LYS R 461 -49.25 -81.20 -7.89
N LEU R 462 -48.14 -81.93 -7.94
CA LEU R 462 -47.04 -81.71 -7.00
C LEU R 462 -46.31 -80.39 -7.23
N LYS R 463 -46.51 -79.73 -8.36
CA LYS R 463 -45.86 -78.47 -8.66
C LYS R 463 -46.66 -77.27 -8.19
N ASP R 464 -47.81 -77.49 -7.56
CA ASP R 464 -48.67 -76.41 -7.09
C ASP R 464 -48.64 -76.25 -5.58
N ILE R 465 -47.93 -77.11 -4.86
CA ILE R 465 -47.87 -77.00 -3.40
C ILE R 465 -46.99 -75.81 -3.03
N SER R 466 -47.48 -74.98 -2.10
CA SER R 466 -46.76 -73.77 -1.72
C SER R 466 -45.46 -74.09 -0.98
N ARG R 467 -45.40 -75.23 -0.31
CA ARG R 467 -44.19 -75.59 0.43
C ARG R 467 -43.03 -75.98 -0.47
N PHE R 468 -43.27 -76.28 -1.74
CA PHE R 468 -42.22 -76.74 -2.64
C PHE R 468 -41.62 -75.62 -3.48
N THR R 469 -41.60 -74.40 -2.96
CA THR R 469 -40.92 -73.29 -3.60
C THR R 469 -40.10 -72.53 -2.57
N THR R 470 -38.98 -71.96 -3.01
CA THR R 470 -38.10 -71.24 -2.12
C THR R 470 -38.59 -69.81 -1.93
N ASP R 471 -37.86 -69.03 -1.13
CA ASP R 471 -38.25 -67.65 -0.87
C ASP R 471 -37.92 -66.73 -2.03
N ASP R 472 -37.07 -67.16 -2.95
CA ASP R 472 -36.65 -66.33 -4.07
C ASP R 472 -37.55 -66.49 -5.30
N GLY R 473 -38.60 -67.29 -5.19
CA GLY R 473 -39.57 -67.40 -6.27
C GLY R 473 -39.33 -68.51 -7.27
N VAL R 474 -38.28 -69.31 -7.09
CA VAL R 474 -37.96 -70.39 -8.02
C VAL R 474 -38.42 -71.71 -7.39
N ASN R 475 -39.11 -72.53 -8.19
CA ASN R 475 -39.53 -73.84 -7.72
C ASN R 475 -38.43 -74.87 -7.94
N ILE R 476 -38.41 -75.87 -7.07
CA ILE R 476 -37.34 -76.87 -7.10
C ILE R 476 -37.42 -77.72 -8.36
N PHE R 477 -38.63 -78.13 -8.75
CA PHE R 477 -38.82 -79.07 -9.85
C PHE R 477 -38.61 -78.44 -11.22
N ALA R 478 -38.39 -77.13 -11.30
CA ALA R 478 -38.18 -76.49 -12.59
C ALA R 478 -36.94 -77.05 -13.30
N ALA R 479 -35.88 -77.32 -12.53
CA ALA R 479 -34.66 -77.83 -13.14
C ALA R 479 -34.86 -79.25 -13.65
N GLY R 480 -35.46 -80.12 -12.85
CA GLY R 480 -35.64 -81.51 -13.23
C GLY R 480 -36.04 -82.38 -12.05
N PRO R 481 -36.02 -83.70 -12.25
CA PRO R 481 -36.42 -84.61 -11.18
C PRO R 481 -35.43 -84.59 -10.03
N GLN R 482 -35.92 -84.96 -8.85
CA GLN R 482 -35.11 -84.99 -7.63
C GLN R 482 -34.98 -86.41 -7.11
N GLU R 483 -33.97 -86.62 -6.28
CA GLU R 483 -33.67 -87.92 -5.68
C GLU R 483 -33.98 -87.90 -4.19
N LEU R 484 -34.50 -89.02 -3.69
CA LEU R 484 -34.73 -89.20 -2.26
C LEU R 484 -34.21 -90.56 -1.84
N THR R 485 -33.48 -90.60 -0.73
CA THR R 485 -32.86 -91.82 -0.25
C THR R 485 -33.44 -92.18 1.11
N ILE R 486 -33.72 -93.46 1.32
CA ILE R 486 -34.25 -93.97 2.58
C ILE R 486 -33.30 -95.04 3.09
N PHE R 487 -32.93 -94.92 4.36
CA PHE R 487 -32.01 -95.84 5.01
C PHE R 487 -32.72 -96.55 6.16
N GLY R 488 -32.50 -97.86 6.27
CA GLY R 488 -33.09 -98.62 7.34
C GLY R 488 -32.76 -100.09 7.29
N ASN R 489 -32.60 -100.71 8.47
CA ASN R 489 -32.34 -102.14 8.61
C ASN R 489 -31.18 -102.59 7.71
N GLY R 490 -30.12 -101.77 7.69
CA GLY R 490 -28.95 -102.08 6.89
C GLY R 490 -29.23 -102.16 5.40
N SER R 491 -30.10 -101.30 4.90
CA SER R 491 -30.39 -101.26 3.46
C SER R 491 -30.81 -99.86 3.09
N SER R 492 -30.67 -99.52 1.81
CA SER R 492 -30.99 -98.20 1.31
C SER R 492 -31.78 -98.30 0.03
N ALA R 493 -32.58 -97.27 -0.23
CA ALA R 493 -33.40 -97.22 -1.44
C ALA R 493 -33.43 -95.80 -1.96
N THR R 494 -33.64 -95.66 -3.26
CA THR R 494 -33.65 -94.36 -3.93
C THR R 494 -34.88 -94.25 -4.81
N ILE R 495 -35.57 -93.10 -4.72
CA ILE R 495 -36.74 -92.82 -5.53
C ILE R 495 -36.55 -91.49 -6.23
N TYR R 496 -37.25 -91.33 -7.35
CA TYR R 496 -37.17 -90.14 -8.18
C TYR R 496 -38.52 -89.44 -8.19
N LEU R 497 -38.48 -88.12 -8.03
CA LEU R 497 -39.68 -87.29 -8.01
C LEU R 497 -39.67 -86.35 -9.21
N GLU R 498 -40.77 -86.33 -9.95
CA GLU R 498 -40.94 -85.48 -11.13
C GLU R 498 -42.10 -84.53 -10.89
N GLY R 499 -42.17 -83.49 -11.71
CA GLY R 499 -43.18 -82.47 -11.57
C GLY R 499 -44.55 -82.81 -12.13
N ASP R 500 -44.72 -84.00 -12.70
CA ASP R 500 -46.00 -84.43 -13.25
C ASP R 500 -46.79 -85.34 -12.31
N ASP R 501 -46.29 -85.59 -11.10
CA ASP R 501 -46.94 -86.54 -10.21
C ASP R 501 -48.01 -85.86 -9.35
N THR R 502 -48.80 -86.70 -8.69
CA THR R 502 -49.77 -86.25 -7.70
C THR R 502 -49.44 -86.86 -6.34
N VAL R 503 -50.21 -86.46 -5.33
CA VAL R 503 -50.01 -86.97 -3.98
C VAL R 503 -50.27 -88.48 -3.94
N SER R 504 -51.29 -88.94 -4.65
CA SER R 504 -51.61 -90.36 -4.68
C SER R 504 -50.45 -91.18 -5.23
N GLU R 505 -49.87 -90.73 -6.34
CA GLU R 505 -48.75 -91.47 -6.94
C GLU R 505 -47.54 -91.44 -6.03
N PHE R 506 -47.32 -90.32 -5.34
CA PHE R 506 -46.23 -90.24 -4.37
C PHE R 506 -46.42 -91.26 -3.25
N GLU R 507 -47.64 -91.36 -2.72
CA GLU R 507 -47.90 -92.33 -1.66
C GLU R 507 -47.68 -93.76 -2.14
N THR R 508 -48.16 -94.07 -3.35
CA THR R 508 -47.96 -95.41 -3.90
C THR R 508 -46.47 -95.70 -4.09
N LYS R 509 -45.72 -94.73 -4.60
CA LYS R 509 -44.29 -94.92 -4.82
C LYS R 509 -43.56 -95.17 -3.51
N LEU R 510 -43.90 -94.41 -2.47
CA LEU R 510 -43.26 -94.61 -1.17
C LEU R 510 -43.64 -95.97 -0.58
N SER R 511 -44.88 -96.40 -0.79
CA SER R 511 -45.30 -97.72 -0.32
C SER R 511 -44.46 -98.81 -0.99
N SER R 512 -44.30 -98.71 -2.31
CA SER R 512 -43.49 -99.71 -3.02
C SER R 512 -42.04 -99.67 -2.55
N ALA R 513 -41.49 -98.47 -2.35
CA ALA R 513 -40.12 -98.36 -1.89
C ALA R 513 -39.93 -99.00 -0.53
N ILE R 514 -40.87 -98.77 0.40
CA ILE R 514 -40.77 -99.38 1.72
C ILE R 514 -40.91 -100.89 1.64
N LEU R 515 -41.86 -101.38 0.82
CA LEU R 515 -42.00 -102.82 0.66
C LEU R 515 -40.78 -103.47 0.03
N GLU R 516 -39.99 -102.73 -0.76
CA GLU R 516 -38.79 -103.31 -1.34
C GLU R 516 -37.78 -103.66 -0.25
N LEU R 517 -37.65 -102.81 0.77
CA LEU R 517 -36.66 -103.00 1.82
C LEU R 517 -36.89 -104.27 2.65
N GLY R 518 -38.10 -104.82 2.63
CA GLY R 518 -38.42 -105.97 3.43
C GLY R 518 -39.05 -105.69 4.78
N MET R 519 -39.49 -104.45 5.01
CA MET R 519 -40.08 -104.09 6.29
C MET R 519 -41.57 -104.36 6.36
N GLY R 520 -42.19 -104.86 5.30
CA GLY R 520 -43.62 -105.01 5.23
C GLY R 520 -44.12 -106.26 5.94
N ALA R 521 -45.40 -106.52 5.75
CA ALA R 521 -46.04 -107.67 6.38
C ALA R 521 -45.61 -108.97 5.70
N THR R 522 -45.27 -109.96 6.52
CA THR R 522 -44.84 -111.24 6.01
C THR R 522 -46.03 -112.00 5.39
N ALA R 523 -45.70 -112.99 4.57
CA ALA R 523 -46.70 -113.79 3.87
C ALA R 523 -47.36 -114.73 4.87
N GLY R 524 -48.50 -114.30 5.40
CA GLY R 524 -49.31 -115.11 6.27
C GLY R 524 -50.42 -115.88 5.56
N THR R 525 -50.41 -115.91 4.23
CA THR R 525 -51.45 -116.54 3.42
C THR R 525 -52.83 -115.96 3.76
N SER R 526 -52.87 -114.66 4.03
CA SER R 526 -54.11 -114.00 4.40
C SER R 526 -54.11 -112.58 3.83
N ASP R 527 -55.31 -112.04 3.65
CA ASP R 527 -55.47 -110.66 3.19
C ASP R 527 -55.16 -109.66 4.29
N GLU R 528 -54.95 -110.14 5.51
CA GLU R 528 -54.34 -109.33 6.56
C GLU R 528 -53.16 -108.53 6.02
N ALA R 529 -52.27 -109.21 5.30
CA ALA R 529 -51.09 -108.56 4.75
C ALA R 529 -51.46 -107.49 3.74
N ALA R 530 -52.44 -107.78 2.88
CA ALA R 530 -52.87 -106.79 1.89
C ALA R 530 -53.39 -105.52 2.56
N THR R 531 -54.26 -105.69 3.55
CA THR R 531 -54.80 -104.53 4.26
C THR R 531 -53.71 -103.75 4.98
N VAL R 532 -52.82 -104.46 5.67
CA VAL R 532 -51.75 -103.79 6.43
C VAL R 532 -50.83 -103.04 5.48
N ASN R 533 -50.45 -103.68 4.37
CA ASN R 533 -49.58 -103.04 3.40
C ASN R 533 -50.24 -101.81 2.79
N SER R 534 -51.54 -101.88 2.50
CA SER R 534 -52.24 -100.70 2.01
C SER R 534 -52.28 -99.59 3.05
N ASN R 535 -52.34 -99.95 4.33
CA ASN R 535 -52.47 -98.98 5.41
C ASN R 535 -51.13 -98.58 6.02
N LEU R 536 -50.02 -98.77 5.30
CA LEU R 536 -48.70 -98.42 5.84
C LEU R 536 -48.48 -96.91 5.84
N VAL R 537 -48.50 -96.30 4.65
CA VAL R 537 -48.31 -94.86 4.50
C VAL R 537 -49.65 -94.27 4.08
N ASN R 538 -50.10 -93.24 4.79
CA ASN R 538 -51.44 -92.73 4.56
C ASN R 538 -51.41 -91.21 4.38
N TYR R 539 -52.39 -90.73 3.62
CA TYR R 539 -52.63 -89.32 3.41
C TYR R 539 -54.00 -88.96 3.92
N VAL R 540 -54.09 -87.87 4.67
CA VAL R 540 -55.34 -87.46 5.32
C VAL R 540 -55.94 -86.32 4.50
N SER R 541 -57.09 -86.56 3.91
CA SER R 541 -57.80 -85.53 3.15
C SER R 541 -58.77 -84.81 4.09
N THR R 542 -59.66 -84.00 3.50
CA THR R 542 -60.58 -83.20 4.31
C THR R 542 -61.60 -84.07 5.03
N GLY R 543 -62.11 -85.11 4.36
CA GLY R 543 -63.23 -85.87 4.86
C GLY R 543 -62.93 -87.07 5.74
N ASP R 544 -61.68 -87.30 6.13
CA ASP R 544 -61.32 -88.46 6.95
C ASP R 544 -60.54 -88.05 8.19
N VAL R 545 -60.94 -86.95 8.82
CA VAL R 545 -60.31 -86.53 10.07
C VAL R 545 -60.90 -87.32 11.22
N THR R 546 -60.04 -88.01 11.97
CA THR R 546 -60.45 -88.76 13.15
C THR R 546 -59.88 -88.09 14.38
N ASP R 547 -60.77 -87.69 15.29
CA ASP R 547 -60.39 -86.91 16.45
C ASP R 547 -59.75 -87.78 17.52
N SER R 548 -58.78 -87.20 18.23
CA SER R 548 -58.07 -87.86 19.32
C SER R 548 -57.43 -89.17 18.86
N SER R 549 -56.79 -89.12 17.69
CA SER R 549 -56.08 -90.27 17.15
C SER R 549 -54.89 -89.78 16.36
N ASN R 550 -54.26 -90.69 15.62
CA ASN R 550 -53.08 -90.33 14.83
C ASN R 550 -53.42 -89.41 13.67
N GLU R 551 -54.64 -89.46 13.15
CA GLU R 551 -55.04 -88.72 11.96
C GLU R 551 -55.82 -87.46 12.30
N ALA R 552 -55.47 -86.80 13.39
CA ALA R 552 -56.20 -85.61 13.84
C ALA R 552 -55.92 -84.38 13.00
N LEU R 553 -54.96 -84.42 12.09
CA LEU R 553 -54.59 -83.27 11.29
C LEU R 553 -54.82 -83.58 9.81
N ALA R 554 -55.31 -82.57 9.09
CA ALA R 554 -55.65 -82.71 7.68
C ALA R 554 -54.45 -82.34 6.82
N GLY R 555 -54.36 -82.96 5.64
CA GLY R 555 -53.31 -82.67 4.69
C GLY R 555 -51.92 -83.00 5.18
N THR R 556 -51.79 -84.15 5.85
CA THR R 556 -50.50 -84.61 6.37
C THR R 556 -50.27 -86.06 5.96
N PHE R 557 -49.00 -86.43 5.92
CA PHE R 557 -48.60 -87.80 5.64
C PHE R 557 -48.29 -88.51 6.95
N VAL R 558 -48.88 -89.69 7.14
CA VAL R 558 -48.62 -90.52 8.31
C VAL R 558 -47.81 -91.72 7.85
N ILE R 559 -46.67 -91.96 8.50
CA ILE R 559 -45.73 -92.98 8.11
C ILE R 559 -45.48 -93.92 9.28
N GLN R 560 -45.62 -95.22 9.04
CA GLN R 560 -45.35 -96.26 10.03
C GLN R 560 -44.65 -97.43 9.35
N THR R 561 -44.03 -98.28 10.16
CA THR R 561 -43.40 -99.50 9.68
C THR R 561 -43.94 -100.68 10.49
N ALA R 562 -43.65 -101.88 10.01
CA ALA R 562 -44.27 -103.09 10.55
C ALA R 562 -43.33 -103.91 11.43
N ARG R 563 -42.23 -103.35 11.91
CA ARG R 563 -41.32 -104.07 12.79
C ARG R 563 -41.38 -103.50 14.20
N LEU R 564 -40.58 -104.08 15.09
CA LEU R 564 -40.57 -103.72 16.50
C LEU R 564 -39.20 -103.19 16.90
N GLY R 565 -39.22 -102.20 17.79
CA GLY R 565 -37.99 -101.71 18.39
C GLY R 565 -37.14 -100.89 17.43
N ASP R 566 -35.86 -100.76 17.80
CA ASP R 566 -34.95 -99.90 17.05
C ASP R 566 -34.77 -100.35 15.61
N ASP R 567 -35.08 -101.62 15.32
CA ASP R 567 -34.98 -102.09 13.94
C ASP R 567 -35.96 -101.37 13.02
N SER R 568 -36.97 -100.71 13.57
CA SER R 568 -37.93 -99.96 12.78
C SER R 568 -37.55 -98.49 12.64
N LYS R 569 -36.25 -98.18 12.72
CA LYS R 569 -35.80 -96.79 12.62
C LYS R 569 -35.54 -96.43 11.16
N LEU R 570 -36.12 -95.32 10.71
CA LEU R 570 -35.96 -94.85 9.35
C LEU R 570 -35.08 -93.60 9.32
N SER R 571 -34.37 -93.44 8.21
CA SER R 571 -33.56 -92.25 7.97
C SER R 571 -33.82 -91.72 6.56
N PHE R 572 -33.91 -90.41 6.43
CA PHE R 572 -34.24 -89.75 5.18
C PHE R 572 -33.07 -88.88 4.73
N ILE R 573 -32.72 -88.99 3.45
CA ILE R 573 -31.58 -88.27 2.89
C ILE R 573 -32.01 -87.63 1.57
N GLY R 574 -31.55 -86.40 1.34
CA GLY R 574 -31.84 -85.74 0.09
C GLY R 574 -31.23 -84.35 0.08
N ASP R 575 -31.67 -83.54 -0.88
CA ASP R 575 -31.23 -82.16 -0.93
C ASP R 575 -31.76 -81.38 0.27
N GLN R 576 -31.02 -80.34 0.66
CA GLN R 576 -31.40 -79.56 1.83
C GLN R 576 -32.76 -78.91 1.66
N ASN R 577 -33.02 -78.35 0.48
CA ASN R 577 -34.30 -77.67 0.25
C ASN R 577 -35.47 -78.64 0.30
N LEU R 578 -35.33 -79.80 -0.34
CA LEU R 578 -36.43 -80.77 -0.35
C LEU R 578 -36.70 -81.30 1.05
N ILE R 579 -35.65 -81.65 1.80
CA ILE R 579 -35.84 -82.15 3.16
C ILE R 579 -36.46 -81.07 4.04
N ASN R 580 -36.03 -79.82 3.85
CA ASN R 580 -36.62 -78.72 4.61
C ASN R 580 -38.10 -78.56 4.28
N ALA R 581 -38.46 -78.70 3.00
CA ALA R 581 -39.86 -78.60 2.61
C ALA R 581 -40.69 -79.74 3.22
N LEU R 582 -40.16 -80.96 3.21
CA LEU R 582 -40.91 -82.08 3.77
C LEU R 582 -41.11 -81.89 5.27
N SER R 583 -40.05 -81.57 6.00
CA SER R 583 -40.12 -81.21 7.41
C SER R 583 -40.76 -82.33 8.25
N LEU R 584 -40.10 -83.47 8.26
CA LEU R 584 -40.61 -84.61 9.02
C LEU R 584 -40.44 -84.36 10.52
N ALA R 585 -41.25 -85.06 11.30
CA ALA R 585 -41.21 -84.98 12.76
C ALA R 585 -41.60 -86.33 13.33
N THR R 586 -41.20 -86.55 14.58
CA THR R 586 -41.43 -87.83 15.25
C THR R 586 -42.52 -87.67 16.30
N ILE R 587 -43.53 -88.54 16.24
CA ILE R 587 -44.58 -88.56 17.25
C ILE R 587 -44.66 -89.86 18.01
N GLN R 588 -44.03 -90.94 17.55
CA GLN R 588 -43.92 -92.14 18.37
C GLN R 588 -42.58 -92.81 18.14
N GLU R 589 -42.00 -93.32 19.23
CA GLU R 589 -40.70 -93.98 19.21
C GLU R 589 -40.81 -95.37 19.79
N GLY R 590 -39.96 -96.28 19.30
CA GLY R 590 -40.16 -97.70 19.49
C GLY R 590 -39.86 -98.22 20.89
N GLU R 591 -40.36 -99.43 21.14
CA GLU R 591 -40.11 -100.18 22.36
C GLU R 591 -39.67 -101.59 22.01
N ASN R 592 -38.72 -102.12 22.78
CA ASN R 592 -38.22 -103.44 22.51
C ASN R 592 -39.09 -104.50 23.18
N SER R 593 -38.98 -105.73 22.71
CA SER R 593 -39.72 -106.87 23.23
C SER R 593 -39.01 -107.46 24.44
N GLU R 594 -39.68 -108.40 25.09
CA GLU R 594 -39.10 -109.14 26.20
C GLU R 594 -39.23 -110.63 25.93
N THR R 595 -38.12 -111.36 26.03
CA THR R 595 -38.07 -112.75 25.59
C THR R 595 -37.65 -113.63 26.76
N THR R 596 -38.35 -114.76 26.92
CA THR R 596 -38.01 -115.77 27.90
C THR R 596 -37.55 -117.03 27.17
N ILE R 597 -36.37 -117.52 27.51
CA ILE R 597 -35.72 -118.60 26.78
C ILE R 597 -35.39 -119.71 27.77
N LYS R 598 -35.66 -120.96 27.38
CA LYS R 598 -35.37 -122.12 28.21
C LYS R 598 -34.67 -123.17 27.36
N VAL R 599 -33.59 -123.75 27.88
CA VAL R 599 -32.78 -124.69 27.11
C VAL R 599 -32.84 -126.07 27.76
N THR R 600 -33.02 -127.10 26.93
CA THR R 600 -33.02 -128.48 27.39
C THR R 600 -32.40 -129.36 26.31
N ASP R 601 -31.81 -130.48 26.75
CA ASP R 601 -31.18 -131.39 25.82
C ASP R 601 -32.23 -132.13 25.00
N ALA R 602 -31.82 -132.54 23.80
CA ALA R 602 -32.71 -133.22 22.87
C ALA R 602 -32.69 -134.74 23.01
N HIS R 603 -31.85 -135.28 23.89
CA HIS R 603 -31.79 -136.73 24.08
C HIS R 603 -32.33 -137.17 25.44
N THR R 604 -31.81 -136.62 26.53
CA THR R 604 -32.26 -136.98 27.87
C THR R 604 -33.32 -136.03 28.42
N GLY R 605 -33.16 -134.73 28.18
CA GLY R 605 -34.15 -133.75 28.59
C GLY R 605 -33.93 -133.11 29.94
N LYS R 606 -32.77 -133.31 30.56
CA LYS R 606 -32.49 -132.66 31.83
C LYS R 606 -32.32 -131.15 31.62
N PHE R 607 -32.91 -130.37 32.52
CA PHE R 607 -32.90 -128.92 32.40
C PHE R 607 -31.49 -128.37 32.56
N ILE R 608 -31.20 -127.27 31.86
CA ILE R 608 -29.89 -126.64 31.87
C ILE R 608 -29.97 -125.18 32.32
N GLY R 609 -30.78 -124.37 31.65
CA GLY R 609 -30.80 -122.96 31.95
C GLY R 609 -32.04 -122.28 31.42
N SER R 610 -32.31 -121.10 31.97
CA SER R 610 -33.42 -120.25 31.57
C SER R 610 -33.00 -118.79 31.76
N ASP R 611 -33.58 -117.91 30.95
CA ASP R 611 -33.22 -116.50 30.98
C ASP R 611 -34.40 -115.64 30.53
N SER R 612 -34.38 -114.39 30.97
CA SER R 612 -35.31 -113.36 30.51
C SER R 612 -34.51 -112.15 30.08
N VAL R 613 -34.68 -111.74 28.82
CA VAL R 613 -33.84 -110.72 28.22
C VAL R 613 -34.71 -109.71 27.48
N ASN R 614 -34.10 -108.55 27.17
CA ASN R 614 -34.75 -107.48 26.44
C ASN R 614 -34.29 -107.35 24.99
N ASP R 615 -33.01 -107.56 24.70
CA ASP R 615 -32.45 -107.34 23.37
C ASP R 615 -32.32 -108.62 22.56
N SER R 616 -32.95 -109.71 22.99
CA SER R 616 -32.99 -110.97 22.24
C SER R 616 -31.59 -111.55 22.05
N THR R 617 -30.78 -111.49 23.10
CA THR R 617 -29.44 -112.06 23.09
C THR R 617 -29.32 -113.04 24.24
N LEU R 618 -28.94 -114.28 23.94
CA LEU R 618 -28.78 -115.32 24.96
C LEU R 618 -27.31 -115.41 25.32
N ARG R 619 -26.94 -114.88 26.49
CA ARG R 619 -25.56 -114.77 26.90
C ARG R 619 -25.38 -115.27 28.31
N GLY R 620 -24.38 -116.13 28.51
CA GLY R 620 -24.01 -116.57 29.85
C GLY R 620 -24.70 -117.81 30.35
N VAL R 621 -25.30 -118.62 29.47
CA VAL R 621 -25.92 -119.88 29.87
C VAL R 621 -25.20 -121.07 29.25
N ILE R 622 -24.87 -121.01 27.97
CA ILE R 622 -24.07 -122.02 27.30
C ILE R 622 -22.62 -121.55 27.32
N GLN R 623 -21.71 -122.42 27.72
CA GLN R 623 -20.34 -122.03 28.01
C GLN R 623 -19.63 -121.59 26.73
N GLY R 624 -19.41 -120.27 26.61
CA GLY R 624 -18.54 -119.75 25.57
C GLY R 624 -19.18 -119.48 24.23
N VAL R 625 -20.50 -119.35 24.17
CA VAL R 625 -21.20 -119.09 22.92
C VAL R 625 -22.29 -118.06 23.17
N ASP R 626 -22.41 -117.08 22.28
CA ASP R 626 -23.50 -116.12 22.33
C ASP R 626 -24.45 -116.39 21.17
N VAL R 627 -25.75 -116.37 21.46
CA VAL R 627 -26.79 -116.70 20.50
C VAL R 627 -27.66 -115.45 20.30
N LYS R 628 -27.99 -115.18 19.04
CA LYS R 628 -28.80 -114.02 18.67
C LYS R 628 -30.01 -114.53 17.88
N ILE R 629 -31.20 -114.20 18.38
CA ILE R 629 -32.46 -114.59 17.76
C ILE R 629 -33.10 -113.35 17.17
N ASP R 630 -33.63 -113.49 15.94
CA ASP R 630 -34.25 -112.36 15.26
C ASP R 630 -35.45 -111.86 16.03
N SER R 631 -35.71 -110.56 15.91
CA SER R 631 -36.79 -109.91 16.64
C SER R 631 -38.15 -110.08 15.97
N ASP R 632 -38.28 -110.99 15.01
CA ASP R 632 -39.53 -111.21 14.30
C ASP R 632 -40.03 -112.64 14.43
N VAL R 633 -39.99 -113.21 15.62
CA VAL R 633 -40.47 -114.57 15.87
C VAL R 633 -41.65 -114.52 16.82
N GLY R 634 -42.75 -115.18 16.43
CA GLY R 634 -43.90 -115.30 17.28
C GLY R 634 -44.66 -114.00 17.56
N VAL R 635 -44.88 -113.20 16.52
CA VAL R 635 -45.65 -111.96 16.63
C VAL R 635 -46.64 -111.90 15.48
N SER R 636 -47.91 -111.64 15.80
CA SER R 636 -48.97 -111.50 14.80
C SER R 636 -49.44 -110.05 14.78
N ILE R 637 -49.80 -109.58 13.59
CA ILE R 637 -50.11 -108.18 13.36
C ILE R 637 -51.56 -108.04 12.91
N SER R 638 -52.26 -107.06 13.45
CA SER R 638 -53.63 -106.76 13.03
C SER R 638 -53.78 -105.26 12.87
N TRP R 639 -54.76 -104.86 12.07
CA TRP R 639 -55.06 -103.46 11.83
C TRP R 639 -56.47 -103.15 12.31
N ASN R 640 -56.61 -102.08 13.09
CA ASN R 640 -57.90 -101.62 13.58
C ASN R 640 -58.21 -100.28 12.95
N SER R 641 -59.15 -100.27 12.00
CA SER R 641 -59.56 -99.03 11.36
C SER R 641 -60.43 -98.15 12.25
N THR R 642 -61.11 -98.74 13.24
CA THR R 642 -61.91 -97.95 14.17
C THR R 642 -61.02 -97.00 14.97
N LYS R 643 -59.89 -97.50 15.47
CA LYS R 643 -58.88 -96.65 16.11
C LYS R 643 -57.75 -96.27 15.16
N LYS R 644 -57.72 -96.82 13.95
CA LYS R 644 -56.67 -96.55 12.96
C LYS R 644 -55.28 -96.80 13.53
N THR R 645 -55.13 -97.97 14.16
CA THR R 645 -53.86 -98.34 14.78
C THR R 645 -53.47 -99.75 14.38
N MET R 646 -52.21 -100.08 14.66
CA MET R 646 -51.72 -101.44 14.45
C MET R 646 -51.50 -102.11 15.79
N GLU R 647 -52.02 -103.34 15.92
CA GLU R 647 -51.91 -104.10 17.15
C GLU R 647 -51.01 -105.30 16.93
N PHE R 648 -50.00 -105.44 17.77
CA PHE R 648 -49.14 -106.62 17.78
C PHE R 648 -49.60 -107.54 18.92
N SER R 649 -49.44 -108.84 18.71
CA SER R 649 -49.87 -109.80 19.72
C SER R 649 -49.04 -111.06 19.62
N ALA R 650 -49.06 -111.84 20.69
CA ALA R 650 -48.38 -113.12 20.70
C ALA R 650 -49.22 -114.16 19.97
N THR R 651 -48.54 -115.04 19.23
CA THR R 651 -49.26 -116.04 18.45
C THR R 651 -49.93 -117.07 19.36
N GLY R 652 -49.32 -117.36 20.50
CA GLY R 652 -49.88 -118.29 21.46
C GLY R 652 -49.28 -119.68 21.42
N GLU R 653 -48.32 -119.94 20.53
CA GLU R 653 -47.67 -121.23 20.43
C GLU R 653 -46.17 -121.05 20.51
N SER R 654 -45.52 -121.96 21.23
CA SER R 654 -44.07 -121.90 21.39
C SER R 654 -43.38 -122.39 20.11
N GLU R 655 -42.14 -121.93 19.94
CA GLU R 655 -41.29 -122.33 18.82
C GLU R 655 -40.03 -122.97 19.37
N ASP R 656 -39.57 -124.03 18.72
CA ASP R 656 -38.39 -124.77 19.16
C ASP R 656 -37.34 -124.74 18.05
N ILE R 657 -36.11 -124.43 18.43
CA ILE R 657 -34.98 -124.40 17.50
C ILE R 657 -33.92 -125.37 18.00
N LYS R 658 -33.23 -126.00 17.06
CA LYS R 658 -32.26 -127.04 17.37
C LYS R 658 -30.87 -126.61 16.88
N LEU R 659 -29.89 -126.72 17.77
CA LEU R 659 -28.55 -126.20 17.53
C LEU R 659 -27.52 -127.30 17.77
N HIS R 660 -26.53 -127.37 16.88
CA HIS R 660 -25.49 -128.39 16.92
C HIS R 660 -24.13 -127.71 17.06
N LEU R 661 -23.34 -128.16 18.03
CA LEU R 661 -22.06 -127.54 18.35
C LEU R 661 -21.04 -128.63 18.68
N VAL R 662 -19.84 -128.51 18.11
CA VAL R 662 -18.77 -129.47 18.35
C VAL R 662 -17.47 -128.69 18.52
N ASP R 663 -16.47 -129.33 19.13
CA ASP R 663 -15.21 -128.69 19.47
C ASP R 663 -14.13 -128.96 18.43
N ASN R 664 -13.25 -127.97 18.24
CA ASN R 664 -12.16 -128.06 17.28
C ASN R 664 -10.86 -127.45 17.81
N ALA R 665 -10.64 -127.54 19.12
CA ALA R 665 -9.48 -126.90 19.76
C ALA R 665 -8.17 -127.45 19.22
N MET R 666 -7.07 -126.74 19.47
CA MET R 666 -5.77 -127.07 18.90
C MET R 666 -4.85 -127.67 19.97
N GLU R 667 -4.28 -128.83 19.65
CA GLU R 667 -3.37 -129.52 20.55
C GLU R 667 -1.92 -129.29 20.12
N MET R 668 -1.01 -129.33 21.10
CA MET R 668 0.42 -129.27 20.82
C MET R 668 1.15 -130.22 21.74
N GLN R 669 1.92 -131.15 21.16
CA GLN R 669 2.83 -131.98 21.94
C GLN R 669 4.03 -131.17 22.39
N ILE R 670 4.35 -131.25 23.68
CA ILE R 670 5.45 -130.45 24.24
C ILE R 670 6.38 -131.34 25.06
N GLY R 671 6.24 -132.65 24.93
CA GLY R 671 7.05 -133.55 25.70
C GLY R 671 7.50 -134.80 24.97
N ALA R 672 8.10 -135.74 25.70
CA ALA R 672 8.60 -136.99 25.13
C ALA R 672 7.89 -138.20 25.73
N ASN R 673 6.73 -138.00 26.36
CA ASN R 673 5.98 -139.08 26.95
C ASN R 673 4.50 -138.77 26.82
N GLU R 674 3.68 -139.80 26.94
CA GLU R 674 2.23 -139.65 26.82
C GLU R 674 1.68 -138.87 28.01
N GLY R 675 0.97 -137.79 27.72
CA GLY R 675 0.26 -137.08 28.77
C GLY R 675 0.39 -135.58 28.77
N GLN R 676 1.54 -135.04 28.37
CA GLN R 676 1.81 -133.61 28.42
C GLN R 676 1.47 -132.98 27.08
N THR R 677 0.42 -132.16 27.05
CA THR R 677 0.03 -131.42 25.87
C THR R 677 -0.38 -130.02 26.30
N ILE R 678 -0.26 -129.07 25.38
CA ILE R 678 -0.68 -127.69 25.63
C ILE R 678 -1.77 -127.33 24.64
N LEU R 679 -2.78 -126.61 25.13
CA LEU R 679 -3.99 -126.34 24.35
C LEU R 679 -3.97 -124.89 23.85
N ALA R 680 -4.47 -124.71 22.63
CA ALA R 680 -4.54 -123.39 22.02
C ALA R 680 -5.87 -123.22 21.32
N ASN R 681 -6.45 -122.03 21.47
CA ASN R 681 -7.70 -121.67 20.82
C ASN R 681 -7.70 -120.18 20.55
N ILE R 682 -8.02 -119.80 19.31
CA ILE R 682 -8.06 -118.41 18.89
C ILE R 682 -9.52 -118.02 18.68
N PRO R 683 -10.06 -117.07 19.43
CA PRO R 683 -11.49 -116.77 19.33
C PRO R 683 -11.87 -116.20 17.97
N GLN R 684 -13.13 -116.38 17.61
CA GLN R 684 -13.62 -115.91 16.31
C GLN R 684 -13.73 -114.39 16.30
N VAL R 685 -13.20 -113.78 15.25
CA VAL R 685 -13.14 -112.33 15.14
C VAL R 685 -13.64 -111.90 13.77
N ASP R 686 -14.64 -111.03 13.75
CA ASP R 686 -15.12 -110.40 12.52
C ASP R 686 -15.89 -109.15 12.92
N THR R 687 -16.61 -108.58 11.95
CA THR R 687 -17.44 -107.41 12.24
C THR R 687 -18.55 -107.74 13.24
N THR R 688 -19.18 -108.91 13.08
CA THR R 688 -20.29 -109.28 13.94
C THR R 688 -19.85 -109.47 15.38
N SER R 689 -18.74 -110.18 15.60
CA SER R 689 -18.26 -110.41 16.96
C SER R 689 -17.85 -109.10 17.63
N LEU R 690 -17.30 -108.16 16.86
CA LEU R 690 -16.97 -106.85 17.37
C LEU R 690 -18.19 -105.96 17.54
N GLY R 691 -19.34 -106.35 17.01
CA GLY R 691 -20.57 -105.60 17.19
C GLY R 691 -20.61 -104.25 16.54
N ILE R 692 -20.12 -104.13 15.30
CA ILE R 692 -20.18 -102.87 14.57
C ILE R 692 -20.83 -103.10 13.22
N ASP R 693 -21.71 -104.10 13.14
CA ASP R 693 -22.40 -104.38 11.88
C ASP R 693 -23.32 -103.24 11.47
N ASP R 694 -24.06 -102.68 12.44
CA ASP R 694 -25.17 -101.77 12.17
C ASP R 694 -24.77 -100.32 12.40
N ILE R 695 -23.54 -99.96 12.07
CA ILE R 695 -23.08 -98.58 12.25
C ILE R 695 -23.56 -97.75 11.07
N LEU R 696 -24.15 -96.59 11.37
CA LEU R 696 -24.62 -95.66 10.36
C LEU R 696 -24.07 -94.28 10.64
N MET R 697 -23.77 -93.54 9.57
CA MET R 697 -23.38 -92.13 9.67
C MET R 697 -24.12 -91.38 8.57
N VAL R 698 -25.36 -91.00 8.86
CA VAL R 698 -26.20 -90.26 7.93
C VAL R 698 -26.70 -88.96 8.57
N ASP R 699 -27.12 -89.03 9.83
CA ASP R 699 -27.66 -87.90 10.57
C ASP R 699 -26.73 -87.55 11.73
N GLN R 700 -27.05 -86.44 12.40
CA GLN R 700 -26.26 -85.97 13.53
C GLN R 700 -26.79 -86.56 14.85
N GLU R 701 -26.94 -87.88 14.88
CA GLU R 701 -27.34 -88.57 16.10
C GLU R 701 -26.61 -89.87 16.35
N LEU R 702 -25.96 -90.47 15.35
CA LEU R 702 -25.33 -91.77 15.48
C LEU R 702 -23.88 -91.70 15.95
N ALA R 703 -23.25 -90.52 15.88
CA ALA R 703 -21.81 -90.42 16.16
C ALA R 703 -21.47 -90.81 17.59
N GLN R 704 -22.36 -90.54 18.55
CA GLN R 704 -22.06 -90.78 19.95
C GLN R 704 -21.89 -92.27 20.24
N GLU R 705 -22.94 -93.05 19.96
CA GLU R 705 -22.84 -94.49 20.13
C GLU R 705 -21.83 -95.10 19.16
N SER R 706 -21.59 -94.44 18.02
CA SER R 706 -20.49 -94.87 17.16
C SER R 706 -19.17 -94.86 17.91
N ILE R 707 -18.86 -93.74 18.56
CA ILE R 707 -17.62 -93.64 19.32
C ILE R 707 -17.57 -94.68 20.42
N THR R 708 -18.67 -94.85 21.16
CA THR R 708 -18.68 -95.82 22.25
C THR R 708 -18.38 -97.23 21.76
N LYS R 709 -19.09 -97.67 20.72
CA LYS R 709 -18.91 -99.04 20.24
C LYS R 709 -17.53 -99.25 19.65
N LEU R 710 -17.01 -98.24 18.94
CA LEU R 710 -15.66 -98.37 18.39
C LEU R 710 -14.63 -98.50 19.51
N ASP R 711 -14.79 -97.72 20.57
CA ASP R 711 -13.90 -97.88 21.73
C ASP R 711 -13.94 -99.30 22.26
N LYS R 712 -15.16 -99.82 22.48
CA LYS R 712 -15.31 -101.16 23.05
C LYS R 712 -14.64 -102.21 22.18
N ALA R 713 -14.79 -102.10 20.85
CA ALA R 713 -14.10 -103.02 19.95
C ALA R 713 -12.59 -102.90 20.11
N LEU R 714 -12.09 -101.68 20.33
CA LEU R 714 -10.66 -101.51 20.56
C LEU R 714 -10.19 -102.29 21.78
N GLU R 715 -10.92 -102.19 22.91
CA GLU R 715 -10.46 -102.96 24.08
C GLU R 715 -10.53 -104.46 23.81
N THR R 716 -11.55 -104.92 23.06
CA THR R 716 -11.63 -106.34 22.76
C THR R 716 -10.41 -106.83 21.99
N VAL R 717 -10.00 -106.07 20.96
CA VAL R 717 -8.84 -106.46 20.17
C VAL R 717 -7.58 -106.46 21.04
N SER R 718 -7.44 -105.46 21.91
CA SER R 718 -6.28 -105.42 22.78
C SER R 718 -6.21 -106.64 23.68
N GLY R 719 -7.37 -107.06 24.23
CA GLY R 719 -7.38 -108.25 25.07
C GLY R 719 -6.94 -109.50 24.33
N VAL R 720 -7.43 -109.66 23.09
CA VAL R 720 -7.03 -110.83 22.30
C VAL R 720 -5.51 -110.83 22.08
N ARG R 721 -4.96 -109.66 21.74
CA ARG R 721 -3.52 -109.58 21.53
C ARG R 721 -2.75 -109.93 22.80
N ALA R 722 -3.24 -109.47 23.95
CA ALA R 722 -2.56 -109.79 25.21
C ALA R 722 -2.56 -111.29 25.48
N THR R 723 -3.68 -111.97 25.20
CA THR R 723 -3.72 -113.42 25.37
C THR R 723 -2.68 -114.11 24.49
N ILE R 724 -2.60 -113.72 23.22
CA ILE R 724 -1.62 -114.32 22.32
C ILE R 724 -0.20 -114.12 22.85
N GLY R 725 0.09 -112.90 23.32
CA GLY R 725 1.42 -112.63 23.85
C GLY R 725 1.76 -113.49 25.06
N ALA R 726 0.79 -113.68 25.96
CA ALA R 726 1.03 -114.52 27.11
C ALA R 726 1.38 -115.94 26.70
N GLN R 727 0.61 -116.50 25.75
CA GLN R 727 0.90 -117.86 25.30
C GLN R 727 2.29 -117.97 24.67
N ILE R 728 2.67 -116.99 23.84
CA ILE R 728 3.96 -117.08 23.18
C ILE R 728 5.09 -116.97 24.19
N ASN R 729 4.93 -116.14 25.23
CA ASN R 729 5.96 -116.04 26.26
C ASN R 729 6.11 -117.36 27.02
N ARG R 730 4.99 -118.01 27.35
CA ARG R 730 5.09 -119.30 28.04
C ARG R 730 5.82 -120.32 27.19
N LEU R 731 5.51 -120.38 25.89
CA LEU R 731 6.19 -121.34 25.03
C LEU R 731 7.69 -121.02 24.93
N GLU R 732 8.03 -119.73 24.82
CA GLU R 732 9.44 -119.35 24.74
C GLU R 732 10.19 -119.79 25.99
N TYR R 733 9.60 -119.59 27.17
CA TYR R 733 10.25 -120.08 28.38
C TYR R 733 10.38 -121.60 28.40
N THR R 734 9.34 -122.33 27.99
CA THR R 734 9.46 -123.78 28.07
C THR R 734 10.42 -124.34 27.03
N MET R 735 10.85 -123.53 26.05
CA MET R 735 11.78 -124.02 25.04
C MET R 735 13.11 -124.50 25.64
N THR R 736 13.70 -123.72 26.55
CA THR R 736 15.11 -123.90 26.91
C THR R 736 15.37 -125.11 27.80
N GLY R 737 14.43 -125.42 28.70
CA GLY R 737 14.63 -126.54 29.60
C GLY R 737 14.78 -127.86 28.88
N LEU R 738 14.08 -128.02 27.75
CA LEU R 738 14.21 -129.23 26.95
C LEU R 738 15.66 -129.43 26.52
N ASP R 739 16.29 -128.39 25.98
CA ASP R 739 17.67 -128.52 25.52
C ASP R 739 18.63 -128.71 26.69
N THR R 740 18.38 -128.04 27.81
CA THR R 740 19.27 -128.23 28.97
C THR R 740 19.23 -129.67 29.46
N THR R 741 18.02 -130.22 29.59
CA THR R 741 17.88 -131.61 30.01
C THR R 741 18.47 -132.56 28.96
N ARG R 742 18.32 -132.22 27.68
CA ARG R 742 18.94 -133.01 26.62
C ARG R 742 20.45 -133.09 26.81
N GLU R 743 21.09 -131.93 27.01
CA GLU R 743 22.54 -131.92 27.17
C GLU R 743 22.96 -132.73 28.38
N ASN R 744 22.32 -132.51 29.53
CA ASN R 744 22.73 -133.23 30.73
C ASN R 744 22.51 -134.74 30.58
N LEU R 745 21.37 -135.14 30.01
CA LEU R 745 21.09 -136.56 29.85
C LEU R 745 22.03 -137.22 28.85
N THR R 746 22.34 -136.56 27.73
CA THR R 746 23.23 -137.16 26.75
C THR R 746 24.68 -137.16 27.23
N ALA R 747 25.02 -136.25 28.15
CA ALA R 747 26.34 -136.32 28.77
C ALA R 747 26.42 -137.47 29.76
N ALA R 748 25.36 -137.67 30.55
CA ALA R 748 25.33 -138.78 31.51
C ALA R 748 25.32 -140.12 30.78
N GLU R 749 24.56 -140.21 29.68
CA GLU R 749 24.49 -141.46 28.94
C GLU R 749 25.84 -141.85 28.36
N SER R 750 26.57 -140.89 27.80
CA SER R 750 27.82 -141.24 27.15
C SER R 750 28.93 -141.42 28.17
N ARG R 751 28.67 -142.19 29.23
CA ARG R 751 29.70 -142.81 30.04
C ARG R 751 29.63 -144.32 29.95
N ILE R 752 28.79 -144.83 29.05
CA ILE R 752 28.46 -146.24 28.85
C ILE R 752 28.92 -146.73 27.47
N ARG R 753 29.44 -145.83 26.64
CA ARG R 753 29.77 -146.19 25.25
C ARG R 753 31.08 -146.96 25.14
N ASP R 754 32.17 -146.38 25.63
CA ASP R 754 33.49 -146.95 25.43
C ASP R 754 34.43 -146.47 26.53
N LEU R 755 35.41 -147.31 26.84
CA LEU R 755 36.49 -146.96 27.76
C LEU R 755 37.40 -145.89 27.16
N ASP R 756 38.46 -145.59 27.89
CA ASP R 756 39.59 -144.87 27.32
C ASP R 756 40.34 -145.79 26.36
N ILE R 757 40.88 -145.20 25.29
CA ILE R 757 41.65 -145.99 24.33
C ILE R 757 42.97 -146.44 24.93
N ALA R 758 43.45 -145.74 25.97
CA ALA R 758 44.80 -146.00 26.49
C ALA R 758 44.90 -147.40 27.08
N ASP R 759 44.00 -147.75 28.00
CA ASP R 759 44.12 -149.04 28.67
C ASP R 759 43.68 -150.18 27.75
N GLU R 760 42.75 -149.94 26.83
CA GLU R 760 42.45 -150.94 25.82
C GLU R 760 43.69 -151.26 24.97
N MET R 761 44.40 -150.21 24.54
CA MET R 761 45.64 -150.42 23.79
C MET R 761 46.69 -151.11 24.63
N ALA R 762 46.76 -150.78 25.92
CA ALA R 762 47.74 -151.42 26.80
C ALA R 762 47.46 -152.91 26.95
N LYS R 763 46.19 -153.28 27.13
CA LYS R 763 45.84 -154.70 27.22
C LYS R 763 46.12 -155.40 25.89
N PHE R 764 45.83 -154.75 24.78
CA PHE R 764 46.15 -155.31 23.47
C PHE R 764 47.64 -155.59 23.34
N THR R 765 48.47 -154.61 23.72
CA THR R 765 49.92 -154.78 23.62
C THR R 765 50.41 -155.88 24.54
N LYS R 766 49.86 -155.97 25.76
CA LYS R 766 50.26 -157.04 26.68
C LYS R 766 49.92 -158.41 26.11
N ASN R 767 48.73 -158.55 25.53
CA ASN R 767 48.36 -159.82 24.90
C ASN R 767 49.31 -160.16 23.76
N GLN R 768 49.61 -159.19 22.89
CA GLN R 768 50.58 -159.43 21.82
C GLN R 768 51.91 -159.88 22.38
N ILE R 769 52.40 -159.22 23.43
CA ILE R 769 53.71 -159.54 23.98
C ILE R 769 53.72 -160.97 24.51
N LEU R 770 52.68 -161.38 25.23
CA LEU R 770 52.65 -162.73 25.77
C LEU R 770 52.51 -163.78 24.66
N ALA R 771 51.93 -163.41 23.52
CA ALA R 771 51.71 -164.37 22.45
C ALA R 771 53.00 -165.01 21.97
N GLN R 772 54.01 -164.20 21.62
CA GLN R 772 55.24 -164.77 21.07
C GLN R 772 55.98 -165.61 22.10
N SER R 773 55.99 -165.20 23.36
CA SER R 773 56.63 -166.00 24.40
C SER R 773 55.97 -167.36 24.53
N ASN R 774 54.63 -167.38 24.52
CA ASN R 774 53.92 -168.66 24.59
C ASN R 774 54.25 -169.53 23.39
N ILE R 775 54.27 -168.93 22.19
CA ILE R 775 54.58 -169.69 20.98
C ILE R 775 55.98 -170.28 21.04
N SER R 776 56.95 -169.47 21.48
CA SER R 776 58.33 -169.94 21.54
C SER R 776 58.50 -171.07 22.53
N MET R 777 57.88 -170.94 23.72
CA MET R 777 58.04 -172.01 24.70
C MET R 777 57.32 -173.27 24.26
N LEU R 778 56.19 -173.12 23.56
CA LEU R 778 55.51 -174.29 23.00
C LEU R 778 56.41 -174.99 21.98
N ALA R 779 57.07 -174.22 21.11
CA ALA R 779 57.95 -174.81 20.10
C ALA R 779 59.11 -175.54 20.76
N GLN R 780 59.72 -174.92 21.78
CA GLN R 780 60.83 -175.56 22.47
C GLN R 780 60.39 -176.85 23.15
N ALA R 781 59.23 -176.83 23.82
CA ALA R 781 58.72 -178.03 24.47
C ALA R 781 58.43 -179.12 23.46
N ASN R 782 57.85 -178.77 22.31
CA ASN R 782 57.56 -179.77 21.28
C ASN R 782 58.84 -180.37 20.73
N SER R 783 59.89 -179.55 20.56
CA SER R 783 61.14 -180.07 20.03
C SER R 783 61.89 -180.89 21.08
N LEU R 784 61.56 -180.69 22.36
CA LEU R 784 62.27 -181.37 23.44
C LEU R 784 62.27 -182.89 23.32
N PRO R 785 61.12 -183.59 23.38
CA PRO R 785 61.13 -185.02 23.75
C PRO R 785 61.95 -185.95 22.86
N GLN R 786 61.60 -186.04 21.57
CA GLN R 786 62.13 -187.13 20.75
C GLN R 786 63.61 -186.97 20.44
N MET R 787 64.07 -185.75 20.18
CA MET R 787 65.48 -185.53 19.87
C MET R 787 66.35 -185.89 21.05
N ALA R 788 65.90 -185.58 22.26
CA ALA R 788 66.67 -185.87 23.47
C ALA R 788 66.64 -187.35 23.85
N LEU R 789 65.67 -188.12 23.38
CA LEU R 789 65.58 -189.53 23.76
C LEU R 789 66.05 -190.48 22.67
N SER R 790 66.17 -190.03 21.42
CA SER R 790 66.65 -190.91 20.36
C SER R 790 68.07 -191.38 20.59
N LEU R 791 68.82 -190.73 21.47
CA LEU R 791 70.22 -191.05 21.71
C LEU R 791 70.41 -192.22 22.67
N LEU R 792 69.34 -192.86 23.12
CA LEU R 792 69.47 -194.00 24.02
C LEU R 792 70.14 -195.18 23.34
N GLY R 793 69.93 -195.34 22.03
CA GLY R 793 70.53 -196.44 21.30
C GLY R 793 69.87 -196.71 19.96
N ALA S 2 20.00 -53.73 32.13
CA ALA S 2 19.05 -54.83 31.98
C ALA S 2 18.16 -54.61 30.77
N MET S 3 18.03 -55.64 29.93
CA MET S 3 17.27 -55.57 28.69
C MET S 3 16.13 -56.59 28.73
N TYR S 4 14.91 -56.12 28.47
CA TYR S 4 13.70 -56.94 28.57
C TYR S 4 12.91 -56.87 27.28
N ILE S 5 11.70 -57.42 27.33
CA ILE S 5 10.77 -57.46 26.19
C ILE S 5 9.49 -56.75 26.59
N ASN S 6 9.08 -55.78 25.78
CA ASN S 6 7.82 -55.05 25.99
C ASN S 6 7.73 -54.49 27.41
N THR S 7 8.70 -53.65 27.76
CA THR S 7 8.79 -53.03 29.08
C THR S 7 9.03 -51.53 28.93
N ASN S 8 8.35 -50.91 27.97
CA ASN S 8 8.61 -49.52 27.58
C ASN S 8 7.96 -48.55 28.58
N VAL S 9 8.55 -48.51 29.78
CA VAL S 9 8.15 -47.49 30.75
C VAL S 9 8.38 -46.07 30.23
N PRO S 10 9.51 -45.75 29.58
CA PRO S 10 9.65 -44.40 29.01
C PRO S 10 8.56 -44.03 28.04
N SER S 11 8.03 -45.01 27.29
CA SER S 11 6.89 -44.74 26.42
C SER S 11 5.69 -44.28 27.23
N LEU S 12 5.44 -44.93 28.38
CA LEU S 12 4.35 -44.50 29.26
C LEU S 12 4.57 -43.08 29.77
N THR S 13 5.81 -42.77 30.17
CA THR S 13 6.11 -41.41 30.64
C THR S 13 5.82 -40.39 29.56
N ALA S 14 6.31 -40.66 28.34
CA ALA S 14 6.09 -39.73 27.23
C ALA S 14 4.60 -39.58 26.91
N GLN S 15 3.86 -40.69 26.95
CA GLN S 15 2.42 -40.63 26.69
C GLN S 15 1.72 -39.73 27.70
N ARG S 16 2.05 -39.91 28.99
CA ARG S 16 1.42 -39.08 30.01
C ARG S 16 1.72 -37.61 29.78
N TYR S 17 3.01 -37.28 29.60
CA TYR S 17 3.40 -35.88 29.46
C TYR S 17 2.79 -35.26 28.22
N LEU S 18 2.71 -36.02 27.13
CA LEU S 18 2.01 -35.55 25.93
C LEU S 18 0.54 -35.30 26.23
N GLY S 19 -0.05 -36.12 27.10
CA GLY S 19 -1.43 -35.86 27.50
C GLY S 19 -1.60 -34.50 28.17
N GLU S 20 -0.75 -34.19 29.15
CA GLU S 20 -0.89 -32.87 29.78
C GLU S 20 -0.65 -31.75 28.77
N THR S 21 0.35 -31.91 27.91
CA THR S 21 0.65 -30.85 26.94
C THR S 21 -0.54 -30.60 26.01
N ASN S 22 -1.15 -31.66 25.49
CA ASN S 22 -2.28 -31.50 24.59
C ASN S 22 -3.47 -30.87 25.31
N ASN S 23 -3.71 -31.27 26.56
CA ASN S 23 -4.82 -30.69 27.30
C ASN S 23 -4.62 -29.18 27.50
N ALA S 24 -3.39 -28.78 27.86
CA ALA S 24 -3.10 -27.37 28.03
C ALA S 24 -3.28 -26.60 26.72
N VAL S 25 -2.83 -27.18 25.60
CA VAL S 25 -2.99 -26.53 24.30
C VAL S 25 -4.47 -26.33 24.01
N SER S 26 -5.30 -27.35 24.28
CA SER S 26 -6.72 -27.24 24.01
C SER S 26 -7.36 -26.12 24.83
N LYS S 27 -7.05 -26.07 26.13
CA LYS S 27 -7.62 -25.00 26.95
C LYS S 27 -7.19 -23.61 26.47
N SER S 28 -5.91 -23.46 26.13
CA SER S 28 -5.43 -22.16 25.68
C SER S 28 -6.12 -21.73 24.38
N LEU S 29 -6.26 -22.65 23.44
CA LEU S 29 -6.94 -22.32 22.19
C LEU S 29 -8.40 -21.97 22.42
N GLU S 30 -9.06 -22.68 23.34
CA GLU S 30 -10.46 -22.37 23.63
C GLU S 30 -10.61 -20.97 24.20
N ARG S 31 -9.74 -20.62 25.17
CA ARG S 31 -9.79 -19.27 25.72
C ARG S 31 -9.54 -18.21 24.66
N LEU S 32 -8.51 -18.41 23.83
CA LEU S 32 -8.17 -17.39 22.83
C LEU S 32 -9.30 -17.24 21.81
N SER S 33 -9.90 -18.33 21.38
CA SER S 33 -11.01 -18.25 20.43
C SER S 33 -12.22 -17.56 21.06
N SER S 34 -12.55 -17.90 22.31
CA SER S 34 -13.73 -17.31 22.92
C SER S 34 -13.55 -15.82 23.20
N GLY S 35 -12.34 -15.41 23.59
CA GLY S 35 -12.14 -14.02 23.94
C GLY S 35 -12.67 -13.63 25.29
N LEU S 36 -12.92 -14.61 26.17
CA LEU S 36 -13.38 -14.37 27.52
C LEU S 36 -12.41 -15.03 28.49
N ARG S 37 -12.23 -14.41 29.66
CA ARG S 37 -11.37 -15.00 30.67
C ARG S 37 -12.01 -16.27 31.26
N ILE S 38 -13.17 -16.12 31.89
CA ILE S 38 -13.69 -17.20 32.73
C ILE S 38 -14.19 -18.35 31.88
N ASN S 39 -15.25 -18.11 31.10
CA ASN S 39 -15.98 -19.15 30.38
C ASN S 39 -16.46 -20.23 31.34
N SER S 40 -17.19 -21.23 30.83
CA SER S 40 -17.71 -22.33 31.64
C SER S 40 -18.22 -21.87 33.00
N ALA S 41 -17.93 -22.64 34.04
CA ALA S 41 -18.18 -22.18 35.40
C ALA S 41 -17.09 -22.55 36.39
N SER S 42 -16.05 -23.27 35.98
CA SER S 42 -15.09 -23.84 36.91
C SER S 42 -13.77 -23.08 36.99
N ASP S 43 -13.50 -22.17 36.06
CA ASP S 43 -12.22 -21.46 36.07
C ASP S 43 -12.11 -20.54 37.29
N ASP S 44 -13.16 -19.77 37.56
CA ASP S 44 -13.19 -18.90 38.74
C ASP S 44 -14.55 -19.07 39.41
N ALA S 45 -14.54 -19.07 40.74
CA ALA S 45 -15.74 -19.36 41.52
C ALA S 45 -16.43 -18.11 42.06
N SER S 46 -15.74 -16.97 42.09
CA SER S 46 -16.31 -15.76 42.68
C SER S 46 -16.56 -14.64 41.67
N GLY S 47 -15.92 -14.68 40.49
CA GLY S 47 -16.15 -13.64 39.50
C GLY S 47 -17.49 -13.72 38.81
N LEU S 48 -18.11 -14.90 38.78
CA LEU S 48 -19.36 -15.07 38.04
C LEU S 48 -20.48 -14.22 38.65
N ALA S 49 -20.68 -14.31 39.97
CA ALA S 49 -21.75 -13.57 40.61
C ALA S 49 -21.54 -12.07 40.47
N ILE S 50 -20.31 -11.60 40.69
CA ILE S 50 -20.01 -10.18 40.57
C ILE S 50 -20.30 -9.71 39.14
N SER S 51 -19.85 -10.48 38.16
CA SER S 51 -20.06 -10.10 36.76
C SER S 51 -21.54 -10.03 36.43
N GLU S 52 -22.31 -11.03 36.87
CA GLU S 52 -23.75 -11.05 36.57
C GLU S 52 -24.47 -9.87 37.21
N LYS S 53 -24.15 -9.58 38.48
CA LYS S 53 -24.76 -8.45 39.16
C LYS S 53 -24.42 -7.14 38.45
N LEU S 54 -23.16 -6.97 38.04
CA LEU S 54 -22.76 -5.76 37.35
C LEU S 54 -23.48 -5.61 36.02
N ARG S 55 -23.63 -6.71 35.26
CA ARG S 55 -24.36 -6.66 34.00
C ARG S 55 -25.79 -6.19 34.22
N GLY S 56 -26.47 -6.79 35.21
CA GLY S 56 -27.84 -6.39 35.49
C GLY S 56 -27.96 -4.93 35.86
N GLN S 57 -27.07 -4.45 36.72
CA GLN S 57 -27.14 -3.05 37.13
C GLN S 57 -26.85 -2.11 35.97
N ILE S 58 -25.95 -2.51 35.06
CA ILE S 58 -25.68 -1.69 33.88
C ILE S 58 -26.94 -1.54 33.04
N SER S 59 -27.64 -2.66 32.81
CA SER S 59 -28.87 -2.60 32.03
C SER S 59 -29.90 -1.70 32.70
N GLY S 60 -30.07 -1.83 34.01
CA GLY S 60 -31.00 -0.98 34.72
C GLY S 60 -30.67 0.49 34.62
N LEU S 61 -29.37 0.82 34.72
CA LEU S 61 -28.96 2.21 34.61
C LEU S 61 -29.30 2.79 33.25
N LYS S 62 -29.03 2.04 32.17
CA LYS S 62 -29.39 2.54 30.84
C LYS S 62 -30.89 2.75 30.70
N ARG S 63 -31.68 1.82 31.24
CA ARG S 63 -33.13 1.97 31.16
C ARG S 63 -33.61 3.24 31.86
N ALA S 64 -33.09 3.49 33.07
CA ALA S 64 -33.48 4.71 33.79
C ALA S 64 -33.06 5.96 33.02
N SER S 65 -31.87 5.91 32.41
CA SER S 65 -31.38 7.05 31.62
C SER S 65 -32.38 7.41 30.52
N LEU S 66 -32.87 6.41 29.80
CA LEU S 66 -33.86 6.71 28.75
C LEU S 66 -35.17 7.21 29.35
N ASN S 67 -35.61 6.60 30.46
CA ASN S 67 -36.89 6.96 31.06
C ASN S 67 -36.95 8.42 31.48
N ALA S 68 -35.81 8.99 31.89
CA ALA S 68 -35.84 10.38 32.35
C ALA S 68 -36.24 11.36 31.24
N GLN S 69 -35.63 11.23 30.05
CA GLN S 69 -36.01 12.08 28.93
C GLN S 69 -37.45 11.81 28.50
N ASP S 70 -37.81 10.52 28.49
CA ASP S 70 -39.20 10.17 28.19
C ASP S 70 -40.13 10.99 29.09
N GLY S 71 -39.77 11.13 30.36
CA GLY S 71 -40.57 11.95 31.26
C GLY S 71 -40.54 13.43 30.92
N ILE S 72 -39.36 13.96 30.59
CA ILE S 72 -39.22 15.41 30.43
C ILE S 72 -40.08 15.95 29.28
N SER S 73 -40.34 15.12 28.27
CA SER S 73 -41.13 15.60 27.12
C SER S 73 -42.52 16.11 27.54
N LEU S 74 -43.16 15.41 28.47
CA LEU S 74 -44.50 15.77 28.91
C LEU S 74 -44.54 17.16 29.53
N LEU S 75 -43.60 17.45 30.42
CA LEU S 75 -43.55 18.75 31.06
C LEU S 75 -43.26 19.84 30.05
N GLN S 76 -42.45 19.54 29.03
CA GLN S 76 -42.25 20.53 27.97
C GLN S 76 -43.57 20.91 27.30
N THR S 77 -44.37 19.91 26.94
CA THR S 77 -45.65 20.18 26.28
C THR S 77 -46.57 21.01 27.18
N ALA S 78 -46.65 20.64 28.46
CA ALA S 78 -47.51 21.39 29.38
C ALA S 78 -47.05 22.84 29.50
N GLU S 79 -45.74 23.07 29.56
CA GLU S 79 -45.22 24.43 29.63
C GLU S 79 -45.66 25.26 28.43
N GLY S 80 -45.58 24.67 27.23
CA GLY S 80 -46.04 25.39 26.05
C GLY S 80 -47.50 25.81 26.15
N GLY S 81 -48.35 24.87 26.55
CA GLY S 81 -49.77 25.20 26.70
C GLY S 81 -50.01 26.34 27.68
N LEU S 82 -49.37 26.26 28.84
CA LEU S 82 -49.56 27.31 29.85
C LEU S 82 -49.07 28.66 29.35
N GLN S 83 -47.97 28.67 28.58
CA GLN S 83 -47.49 29.94 28.05
C GLN S 83 -48.52 30.57 27.12
N ASN S 84 -49.16 29.77 26.26
CA ASN S 84 -50.20 30.33 25.40
C ASN S 84 -51.36 30.91 26.21
N ILE S 85 -51.79 30.18 27.25
CA ILE S 85 -52.92 30.66 28.06
C ILE S 85 -52.56 31.99 28.72
N GLN S 86 -51.36 32.08 29.31
CA GLN S 86 -50.95 33.33 29.95
C GLN S 86 -50.85 34.46 28.93
N ASP S 87 -50.47 34.14 27.69
CA ASP S 87 -50.45 35.17 26.66
C ASP S 87 -51.84 35.74 26.42
N MET S 88 -52.87 34.89 26.39
CA MET S 88 -54.22 35.42 26.19
C MET S 88 -54.72 36.23 27.39
N LEU S 89 -54.31 35.86 28.60
CA LEU S 89 -54.81 36.54 29.79
C LEU S 89 -54.50 38.04 29.76
N GLN S 90 -53.36 38.43 29.19
CA GLN S 90 -53.00 39.84 29.17
C GLN S 90 -53.92 40.66 28.27
N ARG S 91 -54.27 40.12 27.10
CA ARG S 91 -55.24 40.80 26.25
C ARG S 91 -56.58 40.92 26.95
N MET S 92 -56.99 39.88 27.68
CA MET S 92 -58.22 40.00 28.47
C MET S 92 -58.12 41.15 29.47
N ARG S 93 -56.99 41.26 30.16
CA ARG S 93 -56.83 42.34 31.14
C ARG S 93 -56.87 43.72 30.48
N GLU S 94 -56.22 43.87 29.33
CA GLU S 94 -56.20 45.17 28.66
C GLU S 94 -57.59 45.55 28.17
N LEU S 95 -58.32 44.59 27.61
CA LEU S 95 -59.69 44.90 27.20
C LEU S 95 -60.58 45.21 28.39
N ALA S 96 -60.31 44.61 29.55
CA ALA S 96 -61.03 44.96 30.77
C ALA S 96 -60.74 46.39 31.19
N VAL S 97 -59.48 46.82 31.11
CA VAL S 97 -59.13 48.15 31.59
C VAL S 97 -59.56 49.22 30.59
N GLN S 98 -59.74 48.87 29.32
CA GLN S 98 -60.25 49.85 28.35
C GLN S 98 -61.62 50.37 28.76
N ALA S 99 -62.54 49.46 29.03
CA ALA S 99 -63.88 49.86 29.48
C ALA S 99 -63.80 50.44 30.88
N GLY S 100 -64.52 51.53 31.10
CA GLY S 100 -64.48 52.20 32.39
C GLY S 100 -64.50 53.71 32.27
N ASN S 101 -63.93 54.23 31.19
CA ASN S 101 -64.03 55.67 30.92
C ASN S 101 -65.44 55.99 30.44
N GLY S 102 -66.08 56.97 31.05
CA GLY S 102 -67.46 57.22 30.69
C GLY S 102 -67.65 58.27 29.62
N VAL S 103 -67.70 57.82 28.37
CA VAL S 103 -68.21 58.59 27.25
C VAL S 103 -69.05 57.64 26.41
N TYR S 104 -68.93 56.35 26.72
CA TYR S 104 -69.53 55.28 25.93
C TYR S 104 -70.97 55.06 26.34
N THR S 105 -71.81 54.73 25.36
CA THR S 105 -73.18 54.33 25.64
C THR S 105 -73.20 52.89 26.16
N THR S 106 -74.41 52.36 26.34
CA THR S 106 -74.60 51.02 26.89
C THR S 106 -74.54 49.91 25.84
N ASN S 107 -74.34 50.26 24.57
CA ASN S 107 -74.27 49.27 23.49
C ASN S 107 -72.85 48.89 23.13
N ASP S 108 -71.92 49.84 23.16
CA ASP S 108 -70.51 49.53 22.91
C ASP S 108 -69.98 48.55 23.94
N ARG S 109 -70.48 48.61 25.17
CA ARG S 109 -70.03 47.69 26.22
C ARG S 109 -70.47 46.27 25.91
N ALA S 110 -71.68 46.09 25.37
CA ALA S 110 -72.10 44.77 24.92
C ALA S 110 -71.27 44.32 23.72
N GLU S 111 -70.93 45.26 22.83
CA GLU S 111 -70.05 44.94 21.71
C GLU S 111 -68.72 44.39 22.21
N ILE S 112 -68.20 44.94 23.31
CA ILE S 112 -66.97 44.42 23.91
C ILE S 112 -67.21 43.07 24.57
N GLN S 113 -68.37 42.93 25.23
CA GLN S 113 -68.70 41.70 25.94
C GLN S 113 -68.75 40.51 24.99
N LYS S 114 -69.14 40.74 23.74
CA LYS S 114 -69.13 39.65 22.75
C LYS S 114 -67.73 39.05 22.61
N GLU S 115 -66.73 39.91 22.42
CA GLU S 115 -65.37 39.42 22.23
C GLU S 115 -64.82 38.81 23.50
N VAL S 116 -65.17 39.37 24.66
CA VAL S 116 -64.75 38.77 25.92
C VAL S 116 -65.32 37.36 26.05
N ASP S 117 -66.59 37.18 25.67
CA ASP S 117 -67.22 35.87 25.72
C ASP S 117 -66.49 34.88 24.80
N GLN S 118 -66.17 35.30 23.57
CA GLN S 118 -65.45 34.40 22.66
C GLN S 118 -64.08 34.03 23.22
N LEU S 119 -63.38 34.99 23.84
CA LEU S 119 -62.09 34.70 24.42
C LEU S 119 -62.19 33.70 25.56
N LYS S 120 -63.22 33.85 26.40
CA LYS S 120 -63.43 32.89 27.49
C LYS S 120 -63.70 31.49 26.93
N GLU S 121 -64.49 31.40 25.87
CA GLU S 121 -64.74 30.10 25.25
C GLU S 121 -63.45 29.49 24.73
N GLU S 122 -62.61 30.29 24.09
CA GLU S 122 -61.35 29.79 23.56
C GLU S 122 -60.43 29.33 24.68
N ILE S 123 -60.41 30.05 25.80
CA ILE S 123 -59.54 29.64 26.91
C ILE S 123 -60.03 28.34 27.51
N ASN S 124 -61.36 28.14 27.57
CA ASN S 124 -61.88 26.83 27.97
C ASN S 124 -61.43 25.74 27.00
N ARG S 125 -61.47 26.03 25.71
CA ARG S 125 -61.08 25.02 24.72
C ARG S 125 -59.62 24.63 24.88
N ILE S 126 -58.73 25.61 25.05
CA ILE S 126 -57.31 25.29 25.19
C ILE S 126 -57.05 24.59 26.53
N ALA S 127 -57.86 24.90 27.56
CA ALA S 127 -57.75 24.16 28.81
C ALA S 127 -58.13 22.69 28.60
N SER S 128 -59.12 22.44 27.76
CA SER S 128 -59.64 21.08 27.58
C SER S 128 -59.01 20.35 26.38
N SER S 129 -58.02 20.93 25.71
CA SER S 129 -57.50 20.33 24.48
C SER S 129 -56.13 19.67 24.62
N THR S 130 -55.40 19.90 25.71
CA THR S 130 -54.04 19.37 25.82
C THR S 130 -54.05 17.84 25.83
N GLU S 131 -53.04 17.24 25.20
CA GLU S 131 -53.08 15.81 24.93
C GLU S 131 -51.67 15.26 24.81
N PHE S 132 -51.46 14.07 25.37
CA PHE S 132 -50.22 13.31 25.19
C PHE S 132 -50.54 11.83 25.41
N ASN S 133 -50.54 11.07 24.32
CA ASN S 133 -50.77 9.63 24.37
C ASN S 133 -52.03 9.28 25.16
N THR S 134 -53.13 9.93 24.77
CA THR S 134 -54.45 9.71 25.37
C THR S 134 -54.45 10.01 26.88
N LYS S 135 -53.57 10.91 27.32
CA LYS S 135 -53.55 11.38 28.69
C LYS S 135 -53.78 12.89 28.69
N LYS S 136 -54.97 13.30 29.11
CA LYS S 136 -55.25 14.72 29.28
C LYS S 136 -54.52 15.20 30.53
N LEU S 137 -53.75 16.29 30.39
CA LEU S 137 -52.85 16.74 31.44
C LEU S 137 -53.46 17.80 32.33
N LEU S 138 -53.95 18.89 31.74
CA LEU S 138 -54.28 20.07 32.53
C LEU S 138 -55.59 19.93 33.30
N ASN S 139 -56.56 19.19 32.76
CA ASN S 139 -57.90 19.18 33.35
C ASN S 139 -58.01 18.24 34.53
N GLY S 140 -57.08 18.36 35.48
CA GLY S 140 -57.20 17.67 36.76
C GLY S 140 -57.27 16.16 36.67
N ASP S 141 -56.83 15.58 35.57
CA ASP S 141 -56.84 14.13 35.41
C ASP S 141 -55.48 13.50 35.71
N SER S 142 -54.53 14.30 36.19
CA SER S 142 -53.24 13.79 36.60
C SER S 142 -53.04 13.78 38.11
N THR S 143 -54.00 14.31 38.88
CA THR S 143 -53.87 14.41 40.32
C THR S 143 -54.89 13.54 41.06
N ALA S 144 -56.18 13.73 40.81
CA ALA S 144 -57.22 13.07 41.58
C ALA S 144 -58.41 12.76 40.69
N LEU S 145 -59.45 12.17 41.30
CA LEU S 145 -60.67 11.84 40.58
C LEU S 145 -61.81 11.85 41.58
N TRP S 146 -62.84 12.66 41.32
CA TRP S 146 -63.94 12.86 42.24
C TRP S 146 -65.26 12.51 41.57
N SER S 147 -66.27 12.25 42.41
CA SER S 147 -67.62 11.97 41.95
C SER S 147 -68.58 12.18 43.11
N SER S 148 -69.76 12.70 42.80
CA SER S 148 -70.80 12.92 43.80
C SER S 148 -72.14 12.57 43.20
N ASP S 149 -73.20 12.71 43.98
CA ASP S 149 -74.53 12.34 43.53
C ASP S 149 -75.48 13.53 43.38
N SER S 150 -75.64 14.34 44.42
CA SER S 150 -76.52 15.49 44.32
C SER S 150 -75.95 16.52 43.34
N SER S 151 -76.85 17.18 42.61
CA SER S 151 -76.48 18.00 41.47
C SER S 151 -76.20 19.45 41.83
N ASP S 152 -75.77 19.71 43.06
CA ASP S 152 -75.45 21.07 43.48
C ASP S 152 -74.18 21.09 44.33
N LEU S 153 -73.16 20.34 43.92
CA LEU S 153 -71.90 20.31 44.65
C LEU S 153 -70.77 20.35 43.63
N ASP S 154 -69.84 21.29 43.79
CA ASP S 154 -68.69 21.43 42.91
C ASP S 154 -67.42 21.15 43.68
N VAL S 155 -66.44 20.54 43.00
CA VAL S 155 -65.16 20.19 43.59
C VAL S 155 -64.05 20.73 42.70
N VAL S 156 -63.10 21.45 43.29
CA VAL S 156 -61.92 21.95 42.57
C VAL S 156 -60.67 21.43 43.26
N ILE S 157 -59.69 21.04 42.46
CA ILE S 157 -58.50 20.33 42.92
C ILE S 157 -57.31 21.27 42.85
N LYS S 158 -56.54 21.33 43.94
CA LYS S 158 -55.31 22.11 43.97
C LYS S 158 -54.08 21.24 44.19
N SER S 159 -54.07 20.42 45.23
CA SER S 159 -52.91 19.65 45.64
C SER S 159 -53.27 18.16 45.74
N ALA S 160 -52.32 17.38 46.25
CA ALA S 160 -52.55 15.95 46.45
C ALA S 160 -53.64 15.72 47.48
N VAL S 161 -54.59 14.85 47.15
CA VAL S 161 -55.70 14.55 48.03
C VAL S 161 -55.44 13.19 48.66
N ALA S 162 -56.21 12.86 49.72
CA ALA S 162 -55.85 11.70 50.55
C ALA S 162 -56.56 10.42 50.10
N GLU S 163 -57.87 10.31 50.36
CA GLU S 163 -58.70 9.17 49.97
C GLU S 163 -60.14 9.27 50.47
N GLY S 164 -60.97 8.30 50.08
CA GLY S 164 -62.12 7.90 50.87
C GLY S 164 -63.45 8.54 50.51
N ASN S 165 -64.47 8.08 51.21
CA ASN S 165 -65.83 8.59 51.12
C ASN S 165 -66.14 9.46 52.33
N TYR S 166 -66.65 10.65 52.08
CA TYR S 166 -66.97 11.60 53.13
C TYR S 166 -68.45 11.94 53.09
N ASN S 167 -69.00 12.19 54.27
CA ASN S 167 -70.40 12.58 54.44
C ASN S 167 -70.45 14.01 54.97
N LEU S 168 -71.30 14.83 54.34
CA LEU S 168 -71.38 16.25 54.61
C LEU S 168 -72.73 16.60 55.22
N ASN S 169 -72.71 17.56 56.15
CA ASN S 169 -73.91 18.04 56.82
C ASN S 169 -73.90 19.56 56.78
N VAL S 170 -75.06 20.14 56.47
CA VAL S 170 -75.17 21.56 56.15
C VAL S 170 -76.26 22.19 57.02
N THR S 171 -75.99 23.40 57.51
CA THR S 171 -76.96 24.21 58.23
C THR S 171 -76.90 25.63 57.68
N VAL S 172 -78.06 26.27 57.54
CA VAL S 172 -78.20 27.49 56.76
C VAL S 172 -78.72 28.62 57.64
N ASP S 173 -78.20 29.82 57.41
CA ASP S 173 -78.70 31.06 58.03
C ASP S 173 -78.96 32.05 56.91
N PRO S 174 -80.20 32.49 56.72
CA PRO S 174 -80.55 33.24 55.51
C PRO S 174 -80.11 34.70 55.57
N GLY S 175 -80.27 35.38 54.42
CA GLY S 175 -79.90 36.77 54.28
C GLY S 175 -80.99 37.64 53.68
N LYS S 176 -80.64 38.43 52.67
CA LYS S 176 -81.55 39.39 52.06
C LYS S 176 -81.24 39.50 50.58
N ASN S 177 -82.09 40.22 49.85
CA ASN S 177 -82.01 40.30 48.40
C ASN S 177 -82.02 41.76 47.95
N PHE S 178 -82.15 41.96 46.64
CA PHE S 178 -82.17 43.28 46.02
C PHE S 178 -83.61 43.69 45.70
N VAL S 179 -83.95 44.92 46.05
CA VAL S 179 -85.27 45.49 45.76
C VAL S 179 -85.07 46.78 44.97
N TYR S 180 -85.66 46.85 43.77
CA TYR S 180 -85.49 47.96 42.85
C TYR S 180 -86.80 48.69 42.63
N LYS S 181 -86.70 50.00 42.45
CA LYS S 181 -87.84 50.89 42.26
C LYS S 181 -87.62 51.76 41.04
N SER S 182 -88.69 51.97 40.28
CA SER S 182 -88.70 52.83 39.10
C SER S 182 -89.47 54.11 39.42
N ASP S 183 -89.38 55.07 38.49
CA ASP S 183 -89.84 56.42 38.73
C ASP S 183 -91.31 56.61 38.35
N VAL S 184 -91.86 57.73 38.79
CA VAL S 184 -93.28 58.00 38.62
C VAL S 184 -93.59 58.33 37.16
N MET S 185 -94.75 57.87 36.70
CA MET S 185 -95.20 58.09 35.33
C MET S 185 -96.57 58.76 35.34
N THR S 186 -96.76 59.72 34.42
CA THR S 186 -98.00 60.47 34.32
C THR S 186 -98.41 60.58 32.86
N LEU S 187 -99.54 61.24 32.63
CA LEU S 187 -100.18 61.30 31.31
C LEU S 187 -99.85 62.60 30.59
N ASN S 188 -100.28 62.65 29.33
CA ASN S 188 -100.03 63.80 28.47
C ASN S 188 -101.08 64.89 28.72
N GLU S 189 -101.10 65.87 27.81
CA GLU S 189 -101.99 67.02 27.96
C GLU S 189 -103.40 66.74 27.47
N ASP S 190 -103.61 65.67 26.71
CA ASP S 190 -104.93 65.35 26.17
C ASP S 190 -105.43 63.97 26.57
N ALA S 191 -104.81 63.33 27.56
CA ALA S 191 -105.13 61.95 27.86
C ALA S 191 -106.37 61.85 28.75
N ILE S 192 -106.98 60.67 28.73
CA ILE S 192 -108.10 60.33 29.61
C ILE S 192 -107.87 58.91 30.10
N GLY S 193 -107.99 58.70 31.41
CA GLY S 193 -107.82 57.38 32.01
C GLY S 193 -108.96 57.07 32.96
N ALA S 194 -109.22 55.79 33.16
CA ALA S 194 -110.27 55.34 34.06
C ALA S 194 -109.78 54.14 34.85
N GLU S 195 -110.35 53.97 36.05
CA GLU S 195 -109.98 52.83 36.89
C GLU S 195 -111.12 52.53 37.84
N ILE S 196 -111.03 51.38 38.50
CA ILE S 196 -111.96 50.99 39.55
C ILE S 196 -111.25 51.16 40.88
N VAL S 197 -111.73 52.11 41.69
CA VAL S 197 -111.11 52.44 42.97
C VAL S 197 -112.18 52.33 44.04
N THR S 198 -111.76 51.98 45.26
CA THR S 198 -112.67 51.77 46.37
C THR S 198 -112.64 52.95 47.33
N ALA S 199 -113.81 53.30 47.87
CA ALA S 199 -113.90 54.34 48.90
C ALA S 199 -115.12 54.00 49.75
N GLY S 200 -114.89 53.36 50.89
CA GLY S 200 -115.96 52.91 51.75
C GLY S 200 -116.25 51.42 51.69
N GLY S 201 -115.28 50.60 51.34
CA GLY S 201 -115.52 49.17 51.23
C GLY S 201 -116.33 48.74 50.03
N ASP S 202 -116.35 49.52 48.96
CA ASP S 202 -117.12 49.18 47.78
C ASP S 202 -116.43 48.06 47.01
N VAL S 203 -116.54 46.83 47.51
CA VAL S 203 -115.84 45.69 46.93
C VAL S 203 -116.52 45.27 45.64
N ASN S 204 -115.82 44.48 44.82
CA ASN S 204 -116.37 44.00 43.56
C ASN S 204 -117.41 42.92 43.80
N GLU S 205 -118.68 43.32 43.82
CA GLU S 205 -119.78 42.37 43.94
C GLU S 205 -120.26 41.85 42.60
N THR S 206 -119.62 42.25 41.51
CA THR S 206 -120.09 41.98 40.16
C THR S 206 -119.09 41.07 39.43
N ASN S 207 -119.30 40.93 38.13
CA ASN S 207 -118.52 40.02 37.30
C ASN S 207 -117.82 40.77 36.17
N VAL S 208 -117.39 42.01 36.45
CA VAL S 208 -116.76 42.87 35.45
C VAL S 208 -115.28 42.94 35.76
N GLY S 209 -114.45 42.60 34.76
CA GLY S 209 -113.01 42.66 34.92
C GLY S 209 -112.51 44.08 35.04
N PHE S 210 -112.65 44.87 33.98
CA PHE S 210 -112.22 46.26 33.98
C PHE S 210 -112.84 46.98 32.79
N VAL S 211 -112.41 48.22 32.56
CA VAL S 211 -112.96 49.09 31.53
C VAL S 211 -111.80 49.56 30.65
N THR S 212 -112.11 49.85 29.39
CA THR S 212 -111.11 50.27 28.42
C THR S 212 -111.65 51.41 27.54
N ASP S 213 -110.70 52.12 26.93
CA ASP S 213 -110.84 53.19 25.94
C ASP S 213 -111.90 54.27 26.20
N PRO S 214 -111.93 54.87 27.39
CA PRO S 214 -112.81 56.02 27.58
C PRO S 214 -112.38 57.18 26.71
N ASN S 215 -113.37 57.92 26.19
CA ASN S 215 -113.08 59.02 25.27
C ASN S 215 -114.03 60.18 25.56
N THR S 216 -113.44 61.38 25.60
CA THR S 216 -114.15 62.66 25.76
C THR S 216 -115.33 62.55 26.73
N LEU S 217 -115.02 62.11 27.94
CA LEU S 217 -116.02 61.95 28.99
C LEU S 217 -115.49 62.57 30.27
N ALA S 218 -115.92 63.80 30.56
CA ALA S 218 -115.53 64.53 31.77
C ALA S 218 -114.01 64.58 31.90
N SER S 219 -113.35 64.99 30.80
CA SER S 219 -111.90 64.99 30.75
C SER S 219 -111.26 65.97 31.73
N THR S 220 -112.02 66.90 32.28
CA THR S 220 -111.51 67.93 33.19
C THR S 220 -111.78 67.48 34.62
N GLY S 221 -110.79 66.85 35.24
CA GLY S 221 -110.85 66.49 36.64
C GLY S 221 -111.23 65.03 36.83
N THR S 222 -111.23 64.63 38.10
CA THR S 222 -111.63 63.29 38.51
C THR S 222 -113.15 63.21 38.57
N ALA S 223 -113.70 62.09 38.12
CA ALA S 223 -115.14 61.89 38.10
C ALA S 223 -115.49 60.55 38.72
N TYR S 224 -116.47 60.57 39.63
CA TYR S 224 -117.02 59.37 40.24
C TYR S 224 -118.30 58.98 39.50
N TYR S 225 -118.34 57.76 38.99
CA TYR S 225 -119.51 57.25 38.29
C TYR S 225 -119.96 55.93 38.91
N THR S 226 -121.28 55.76 39.02
CA THR S 226 -121.88 54.52 39.50
C THR S 226 -122.38 53.74 38.30
N VAL S 227 -121.90 52.50 38.16
CA VAL S 227 -122.34 51.61 37.10
C VAL S 227 -123.05 50.44 37.75
N ASP S 228 -124.34 50.30 37.43
CA ASP S 228 -125.19 49.24 37.97
C ASP S 228 -125.33 48.16 36.92
N VAL S 229 -124.99 46.92 37.28
CA VAL S 229 -125.08 45.79 36.38
C VAL S 229 -125.92 44.73 37.07
N THR S 230 -127.17 44.59 36.65
CA THR S 230 -128.11 43.66 37.28
C THR S 230 -128.41 42.51 36.32
N ALA S 231 -128.72 41.36 36.89
CA ALA S 231 -128.93 40.14 36.10
C ALA S 231 -130.37 40.01 35.60
N GLY S 232 -130.90 41.08 35.02
CA GLY S 232 -132.21 41.03 34.42
C GLY S 232 -133.35 41.35 35.38
N ALA S 233 -134.18 42.32 35.01
CA ALA S 233 -135.34 42.70 35.80
C ALA S 233 -136.24 43.55 34.92
N ASP S 234 -137.53 43.22 34.88
CA ASP S 234 -138.42 43.86 33.92
C ASP S 234 -138.47 45.38 34.12
N THR S 235 -138.44 46.09 32.99
CA THR S 235 -138.43 47.55 32.97
C THR S 235 -139.54 48.04 32.05
N LEU S 236 -140.21 49.11 32.46
CA LEU S 236 -141.32 49.63 31.68
C LEU S 236 -140.88 50.85 30.86
N SER S 237 -141.67 51.16 29.84
CA SER S 237 -141.39 52.31 28.98
C SER S 237 -141.44 53.59 29.78
N SER S 238 -140.49 54.49 29.50
CA SER S 238 -140.44 55.77 30.20
C SER S 238 -139.61 56.76 29.41
N VAL S 239 -139.82 58.04 29.70
CA VAL S 239 -138.99 59.11 29.18
C VAL S 239 -138.78 60.12 30.31
N ALA S 240 -137.58 60.70 30.35
CA ALA S 240 -137.23 61.60 31.45
C ALA S 240 -136.40 62.75 30.90
N THR S 241 -136.46 63.88 31.60
CA THR S 241 -135.68 65.04 31.21
C THR S 241 -134.34 65.06 31.92
N MET S 242 -133.28 65.28 31.14
CA MET S 242 -131.96 65.53 31.71
C MET S 242 -131.69 67.01 31.91
N SER S 243 -131.79 67.83 30.88
CA SER S 243 -131.29 69.19 31.07
C SER S 243 -131.90 70.18 30.08
N VAL S 244 -131.63 71.46 30.34
CA VAL S 244 -132.04 72.57 29.50
C VAL S 244 -130.87 73.51 29.33
N TYR S 245 -130.96 74.37 28.31
CA TYR S 245 -129.90 75.33 28.02
C TYR S 245 -130.48 76.59 27.42
N ARG S 246 -130.04 77.75 27.93
CA ARG S 246 -130.47 79.06 27.48
C ARG S 246 -129.26 79.93 27.19
N GLN S 247 -129.49 81.03 26.48
CA GLN S 247 -128.44 82.04 26.28
C GLN S 247 -128.57 83.14 27.32
N ALA S 248 -129.67 83.89 27.26
CA ALA S 248 -130.10 84.78 28.33
C ALA S 248 -131.57 84.52 28.58
N GLY S 249 -132.31 84.27 27.50
CA GLY S 249 -133.69 83.83 27.39
C GLY S 249 -134.62 84.53 28.35
N SER S 250 -135.59 83.76 28.84
CA SER S 250 -136.58 84.23 29.79
C SER S 250 -137.11 83.02 30.55
N ASN S 251 -138.23 83.19 31.23
CA ASN S 251 -138.75 82.14 32.10
C ASN S 251 -139.40 81.03 31.28
N PHE S 252 -138.93 79.80 31.49
CA PHE S 252 -139.66 78.62 31.04
C PHE S 252 -139.14 77.42 31.83
N GLY S 253 -140.05 76.63 32.37
CA GLY S 253 -139.70 75.49 33.20
C GLY S 253 -139.40 74.25 32.42
N SER S 254 -139.72 73.10 33.01
CA SER S 254 -139.48 71.80 32.41
C SER S 254 -140.57 70.85 32.88
N VAL S 255 -140.32 69.54 32.69
CA VAL S 255 -141.12 68.39 33.11
C VAL S 255 -141.90 67.85 31.93
N ALA S 256 -141.59 66.61 31.54
CA ALA S 256 -142.28 65.96 30.44
C ALA S 256 -143.40 65.07 30.96
N THR S 257 -144.39 64.85 30.11
CA THR S 257 -145.55 64.05 30.46
C THR S 257 -145.95 63.17 29.27
N TRP S 258 -146.30 61.93 29.58
CA TRP S 258 -146.71 60.95 28.59
C TRP S 258 -148.20 61.06 28.26
N THR S 259 -148.61 60.30 27.25
CA THR S 259 -149.98 59.83 27.09
C THR S 259 -149.90 58.32 26.93
N THR S 260 -150.34 57.60 27.96
CA THR S 260 -150.04 56.17 28.05
C THR S 260 -150.57 55.41 26.84
N GLY S 261 -149.74 54.50 26.34
CA GLY S 261 -150.06 53.66 25.20
C GLY S 261 -149.08 53.74 24.05
N GLY S 262 -148.08 54.63 24.13
CA GLY S 262 -147.11 54.76 23.07
C GLY S 262 -146.08 53.64 23.06
N THR S 263 -145.34 53.57 21.96
CA THR S 263 -144.28 52.59 21.79
C THR S 263 -142.97 53.28 21.44
N VAL S 264 -141.88 52.78 22.01
CA VAL S 264 -140.54 53.28 21.74
C VAL S 264 -139.78 52.22 20.97
N ALA S 265 -138.93 52.67 20.05
CA ALA S 265 -138.12 51.74 19.25
C ALA S 265 -136.91 51.24 20.05
N ASP S 266 -136.02 52.14 20.45
CA ASP S 266 -134.81 51.77 21.16
C ASP S 266 -134.45 52.86 22.15
N SER S 267 -133.80 52.46 23.24
CA SER S 267 -133.35 53.42 24.23
C SER S 267 -132.27 54.32 23.65
N GLY S 268 -132.29 55.59 24.03
CA GLY S 268 -131.33 56.53 23.47
C GLY S 268 -131.49 57.91 24.05
N TYR S 269 -130.81 58.87 23.42
CA TYR S 269 -130.86 60.26 23.87
C TYR S 269 -131.50 61.12 22.79
N LEU S 270 -132.39 62.01 23.22
CA LEU S 270 -133.14 62.86 22.32
C LEU S 270 -132.86 64.32 22.66
N LEU S 271 -132.67 65.14 21.64
CA LEU S 271 -132.36 66.55 21.81
C LEU S 271 -133.34 67.38 20.99
N ILE S 272 -133.94 68.38 21.63
CA ILE S 272 -134.95 69.22 21.00
C ILE S 272 -134.45 70.65 20.99
N GLU S 273 -134.47 71.28 19.81
CA GLU S 273 -133.93 72.62 19.62
C GLU S 273 -134.91 73.45 18.80
N ALA S 274 -135.07 74.72 19.17
CA ALA S 274 -136.04 75.57 18.51
C ALA S 274 -135.41 76.31 17.33
N GLN S 275 -136.25 77.03 16.59
CA GLN S 275 -135.75 77.77 15.42
C GLN S 275 -136.10 79.25 15.52
N GLU S 276 -137.32 79.58 15.96
CA GLU S 276 -137.78 80.95 15.90
C GLU S 276 -138.22 81.41 17.29
N ASN S 277 -138.00 82.70 17.54
CA ASN S 277 -138.34 83.32 18.82
C ASN S 277 -139.84 83.54 18.92
N PHE S 278 -140.38 83.44 20.14
CA PHE S 278 -141.79 83.72 20.35
C PHE S 278 -142.09 83.90 21.83
N THR S 279 -142.94 84.88 22.14
CA THR S 279 -143.37 85.17 23.49
C THR S 279 -144.86 85.51 23.53
N VAL S 280 -145.63 84.95 22.61
CA VAL S 280 -147.00 85.40 22.36
C VAL S 280 -147.96 84.47 23.09
N SER S 281 -147.46 83.81 24.13
CA SER S 281 -148.26 82.85 24.88
C SER S 281 -149.34 83.59 25.66
N ALA S 282 -150.56 83.61 25.12
CA ALA S 282 -151.73 84.16 25.79
C ALA S 282 -152.94 83.25 25.73
N GLY S 283 -152.90 82.17 24.96
CA GLY S 283 -153.98 81.22 24.79
C GLY S 283 -154.54 81.27 23.38
N THR S 284 -154.05 80.38 22.53
CA THR S 284 -154.42 80.31 21.12
C THR S 284 -153.77 79.07 20.52
N THR S 285 -154.53 78.33 19.71
CA THR S 285 -153.91 77.26 18.92
C THR S 285 -152.89 77.85 17.97
N ALA S 286 -151.70 77.24 17.92
CA ALA S 286 -150.59 77.82 17.17
C ALA S 286 -149.68 76.71 16.69
N ASN S 287 -148.66 77.11 15.93
CA ASN S 287 -147.75 76.17 15.31
C ASN S 287 -146.35 76.78 15.24
N TYR S 288 -145.34 75.95 15.50
CA TYR S 288 -143.95 76.35 15.49
C TYR S 288 -143.09 75.14 15.15
N THR S 289 -141.86 75.40 14.75
CA THR S 289 -140.97 74.39 14.21
C THR S 289 -139.82 74.10 15.17
N PHE S 290 -139.27 72.88 15.05
CA PHE S 290 -138.20 72.41 15.91
C PHE S 290 -137.32 71.45 15.13
N LYS S 291 -136.09 71.28 15.60
CA LYS S 291 -135.23 70.19 15.16
C LYS S 291 -135.07 69.17 16.29
N ALA S 292 -135.16 67.89 15.92
CA ALA S 292 -135.00 66.80 16.86
C ALA S 292 -133.83 65.94 16.42
N THR S 293 -132.95 65.60 17.37
CA THR S 293 -131.79 64.78 17.09
C THR S 293 -131.80 63.57 18.01
N PHE S 294 -131.61 62.39 17.43
CA PHE S 294 -131.61 61.14 18.18
C PHE S 294 -130.22 60.51 18.10
N VAL S 295 -129.68 60.13 19.24
CA VAL S 295 -128.42 59.41 19.34
C VAL S 295 -128.70 58.06 19.98
N ASP S 296 -128.34 56.99 19.28
CA ASP S 296 -128.54 55.63 19.76
C ASP S 296 -127.54 55.31 20.86
N ALA S 297 -127.89 54.36 21.71
CA ALA S 297 -127.07 54.04 22.86
C ALA S 297 -126.16 52.83 22.63
N LYS S 298 -126.45 52.00 21.65
CA LYS S 298 -125.66 50.81 21.40
C LYS S 298 -124.78 50.88 20.16
N THR S 299 -124.99 51.84 19.27
CA THR S 299 -124.23 51.95 18.04
C THR S 299 -123.46 53.26 17.90
N GLY S 300 -124.04 54.38 18.33
CA GLY S 300 -123.41 55.67 18.17
C GLY S 300 -123.84 56.46 16.95
N GLU S 301 -124.85 55.98 16.22
CA GLU S 301 -125.34 56.70 15.06
C GLU S 301 -126.22 57.88 15.49
N LYS S 302 -126.37 58.84 14.58
CA LYS S 302 -127.14 60.06 14.83
C LYS S 302 -128.15 60.26 13.70
N SER S 303 -129.38 60.60 14.07
CA SER S 303 -130.42 60.89 13.10
C SER S 303 -131.04 62.25 13.42
N THR S 304 -131.35 63.01 12.38
CA THR S 304 -131.87 64.36 12.53
C THR S 304 -133.19 64.49 11.78
N TYR S 305 -134.19 65.06 12.44
CA TYR S 305 -135.50 65.29 11.85
C TYR S 305 -135.98 66.70 12.15
N GLU S 306 -136.95 67.17 11.38
CA GLU S 306 -137.64 68.41 11.63
C GLU S 306 -139.06 68.13 12.07
N ILE S 307 -139.54 68.87 13.07
CA ILE S 307 -140.77 68.54 13.77
C ILE S 307 -141.58 69.82 13.94
N GLU S 308 -142.90 69.66 14.04
CA GLU S 308 -143.79 70.77 14.32
C GLU S 308 -144.56 70.50 15.61
N GLY S 309 -144.70 71.55 16.42
CA GLY S 309 -145.46 71.49 17.66
C GLY S 309 -145.85 72.89 18.03
N GLY S 310 -146.71 73.01 19.03
CA GLY S 310 -147.21 74.33 19.40
C GLY S 310 -147.76 74.40 20.80
N ASP S 311 -147.78 75.62 21.33
CA ASP S 311 -148.53 75.93 22.55
C ASP S 311 -150.02 75.88 22.26
N ASP S 312 -150.80 75.46 23.25
CA ASP S 312 -152.22 75.23 23.04
C ASP S 312 -153.11 76.23 23.76
N GLY S 313 -153.07 76.30 25.09
CA GLY S 313 -153.78 77.35 25.77
C GLY S 313 -152.98 78.08 26.83
N ALA S 314 -151.98 77.41 27.40
CA ALA S 314 -151.06 78.01 28.35
C ALA S 314 -149.93 77.05 28.70
N GLY S 315 -148.70 77.54 28.66
CA GLY S 315 -147.53 76.83 29.19
C GLY S 315 -147.42 75.35 28.91
N ASN S 316 -147.94 74.90 27.77
CA ASN S 316 -147.85 73.50 27.39
C ASN S 316 -147.36 73.41 25.96
N LEU S 317 -146.34 72.58 25.74
CA LEU S 317 -145.81 72.33 24.39
C LEU S 317 -146.00 70.85 24.08
N VAL S 318 -146.88 70.55 23.13
CA VAL S 318 -147.21 69.18 22.76
C VAL S 318 -146.42 68.82 21.50
N PHE S 319 -145.66 67.73 21.56
CA PHE S 319 -144.85 67.26 20.46
C PHE S 319 -145.22 65.82 20.11
N ASP S 320 -144.90 65.43 18.88
CA ASP S 320 -145.25 64.10 18.38
C ASP S 320 -143.99 63.36 17.96
N LEU S 321 -143.84 62.13 18.44
CA LEU S 321 -142.76 61.26 18.01
C LEU S 321 -143.17 60.35 16.86
N ALA S 322 -144.45 60.37 16.47
CA ALA S 322 -144.90 59.56 15.35
C ALA S 322 -144.26 60.00 14.04
N ASP S 323 -143.83 61.26 13.96
CA ASP S 323 -143.19 61.75 12.74
C ASP S 323 -141.75 61.27 12.60
N MET S 324 -141.25 60.46 13.54
CA MET S 324 -139.94 59.85 13.40
C MET S 324 -139.98 58.75 12.34
N THR S 325 -139.64 59.09 11.11
CA THR S 325 -139.60 58.11 10.05
C THR S 325 -138.36 57.23 10.19
N GLY S 326 -138.42 56.04 9.60
CA GLY S 326 -137.29 55.12 9.63
C GLY S 326 -137.14 54.39 10.94
N ALA S 327 -136.84 55.12 12.02
CA ALA S 327 -136.71 54.49 13.33
C ALA S 327 -138.06 54.04 13.86
N GLY S 328 -139.00 54.96 14.02
CA GLY S 328 -140.36 54.62 14.38
C GLY S 328 -140.66 54.68 15.86
N PHE S 329 -141.46 55.66 16.26
CA PHE S 329 -141.96 55.79 17.62
C PHE S 329 -143.48 55.85 17.56
N SER S 330 -144.11 56.12 18.70
CA SER S 330 -145.55 56.32 18.76
C SER S 330 -145.87 57.02 20.08
N GLY S 331 -147.12 57.43 20.22
CA GLY S 331 -147.57 58.12 21.40
C GLY S 331 -147.31 59.62 21.34
N GLU S 332 -147.81 60.31 22.37
CA GLU S 332 -147.69 61.75 22.50
C GLU S 332 -146.67 62.08 23.59
N VAL S 333 -146.33 63.36 23.67
CA VAL S 333 -145.47 63.88 24.73
C VAL S 333 -145.78 65.36 24.91
N SER S 334 -145.79 65.82 26.15
CA SER S 334 -146.08 67.22 26.42
C SER S 334 -145.14 67.76 27.48
N ILE S 335 -144.50 68.89 27.19
CA ILE S 335 -143.68 69.60 28.16
C ILE S 335 -144.58 70.59 28.88
N ALA S 336 -144.60 70.53 30.21
CA ALA S 336 -145.47 71.38 31.02
C ALA S 336 -144.66 72.55 31.56
N ILE S 337 -144.67 73.65 30.82
CA ILE S 337 -143.85 74.80 31.19
C ILE S 337 -144.56 75.69 32.20
N GLY S 338 -145.72 76.22 31.83
CA GLY S 338 -146.41 77.20 32.64
C GLY S 338 -146.52 78.55 31.92
N THR S 339 -147.41 79.39 32.45
CA THR S 339 -147.72 80.65 31.82
C THR S 339 -146.51 81.58 31.84
N ASP S 340 -146.51 82.55 30.92
CA ASP S 340 -145.39 83.48 30.73
C ASP S 340 -144.11 82.73 30.35
N ALA S 341 -144.15 82.08 29.20
CA ALA S 341 -143.02 81.32 28.67
C ALA S 341 -142.53 81.97 27.39
N ASN S 342 -141.66 82.97 27.53
CA ASN S 342 -140.94 83.53 26.40
C ASN S 342 -139.86 82.54 25.97
N MET S 343 -139.61 82.46 24.68
CA MET S 343 -138.77 81.41 24.12
C MET S 343 -137.88 81.99 23.04
N GLN S 344 -136.58 82.08 23.33
CA GLN S 344 -135.62 82.53 22.34
C GLN S 344 -135.17 81.34 21.49
N SER S 345 -134.45 81.62 20.42
CA SER S 345 -133.99 80.59 19.49
C SER S 345 -132.70 79.97 20.01
N GLY S 346 -132.64 78.65 20.02
CA GLY S 346 -131.44 77.93 20.43
C GLY S 346 -131.50 77.30 21.79
N ASP S 347 -132.46 77.68 22.64
CA ASP S 347 -132.58 77.08 23.96
C ASP S 347 -132.94 75.60 23.80
N LYS S 348 -132.08 74.72 24.31
CA LYS S 348 -132.18 73.31 24.02
C LYS S 348 -132.72 72.53 25.21
N ILE S 349 -133.36 71.39 24.91
CA ILE S 349 -133.83 70.46 25.93
C ILE S 349 -133.28 69.07 25.61
N LEU S 350 -132.71 68.41 26.62
CA LEU S 350 -132.11 67.09 26.47
C LEU S 350 -132.87 66.09 27.32
N LEU S 351 -133.38 65.04 26.66
CA LEU S 351 -134.20 63.99 27.25
C LEU S 351 -133.58 62.64 26.95
N SER S 352 -134.04 61.61 27.65
CA SER S 352 -133.59 60.24 27.46
C SER S 352 -134.78 59.29 27.39
N THR S 353 -134.67 58.26 26.56
CA THR S 353 -135.75 57.32 26.33
C THR S 353 -135.28 55.90 26.67
N THR S 354 -136.12 55.17 27.39
CA THR S 354 -135.82 53.82 27.86
C THR S 354 -136.76 52.83 27.18
N GLU S 355 -136.21 51.67 26.77
CA GLU S 355 -136.98 50.65 26.07
C GLU S 355 -137.40 49.55 27.02
N ALA S 356 -138.67 49.16 26.94
CA ALA S 356 -139.19 48.11 27.81
C ALA S 356 -138.90 46.73 27.23
N VAL S 357 -138.39 45.82 28.06
CA VAL S 357 -138.06 44.46 27.65
C VAL S 357 -138.46 43.53 28.79
N ASP S 358 -138.69 42.26 28.44
CA ASP S 358 -139.03 41.26 29.46
C ASP S 358 -137.90 41.08 30.46
N THR S 359 -136.69 40.82 29.96
CA THR S 359 -135.47 40.72 30.76
C THR S 359 -135.57 39.69 31.88
N SER S 360 -136.41 38.66 31.71
CA SER S 360 -136.49 37.59 32.70
C SER S 360 -136.35 36.28 31.95
N ALA S 361 -135.11 35.87 31.73
CA ALA S 361 -134.78 34.69 30.95
C ALA S 361 -134.14 33.63 31.86
N THR S 362 -133.84 32.47 31.27
CA THR S 362 -133.17 31.41 32.03
C THR S 362 -131.83 31.89 32.55
N SER S 363 -130.98 32.43 31.66
CA SER S 363 -129.72 33.06 32.00
C SER S 363 -129.11 33.60 30.71
N GLY S 364 -128.20 34.55 30.85
CA GLY S 364 -127.45 35.03 29.70
C GLY S 364 -127.16 36.51 29.61
N GLY S 365 -127.90 37.34 30.36
CA GLY S 365 -127.67 38.76 30.26
C GLY S 365 -128.49 39.52 31.27
N GLY S 366 -128.35 40.85 31.23
CA GLY S 366 -129.06 41.73 32.15
C GLY S 366 -129.11 43.18 31.73
N THR S 367 -129.13 44.07 32.72
CA THR S 367 -129.30 45.50 32.52
C THR S 367 -128.07 46.25 33.02
N ILE S 368 -127.69 47.27 32.26
CA ILE S 368 -126.56 48.13 32.56
C ILE S 368 -127.07 49.56 32.66
N ALA S 369 -126.62 50.28 33.69
CA ALA S 369 -126.97 51.69 33.88
C ALA S 369 -125.75 52.46 34.35
N ILE S 370 -125.66 53.72 33.92
CA ILE S 370 -124.56 54.61 34.27
C ILE S 370 -125.15 55.89 34.83
N SER S 371 -124.68 56.29 36.01
CA SER S 371 -125.15 57.52 36.64
C SER S 371 -123.99 58.22 37.35
N GLY S 372 -124.19 59.49 37.66
CA GLY S 372 -123.23 60.24 38.45
C GLY S 372 -122.54 61.37 37.71
N GLY S 373 -121.26 61.57 37.98
CA GLY S 373 -120.48 62.59 37.33
C GLY S 373 -120.70 63.96 37.94
N PRO S 374 -119.88 64.94 37.51
CA PRO S 374 -120.07 66.32 38.01
C PRO S 374 -121.44 66.88 37.69
N ALA S 375 -122.08 66.42 36.61
CA ALA S 375 -123.45 66.83 36.29
C ALA S 375 -124.48 66.16 37.17
N GLY S 376 -124.19 64.98 37.70
CA GLY S 376 -125.09 64.30 38.62
C GLY S 376 -126.47 64.02 38.06
N THR S 377 -126.52 63.48 36.84
CA THR S 377 -127.79 63.18 36.19
C THR S 377 -128.12 61.69 36.32
N THR S 378 -129.26 61.31 35.75
CA THR S 378 -129.69 59.92 35.70
C THR S 378 -129.80 59.51 34.24
N GLY S 379 -128.91 58.60 33.82
CA GLY S 379 -128.84 58.20 32.43
C GLY S 379 -129.87 57.15 32.06
N ALA S 380 -129.71 56.60 30.87
CA ALA S 380 -130.61 55.60 30.34
C ALA S 380 -130.26 54.22 30.89
N ILE S 381 -131.15 53.26 30.62
CA ILE S 381 -130.99 51.87 31.06
C ILE S 381 -130.95 51.01 29.80
N ILE S 382 -129.96 50.11 29.73
CA ILE S 382 -129.76 49.29 28.54
C ILE S 382 -129.89 47.83 28.92
N SER S 383 -130.54 47.05 28.06
CA SER S 383 -130.79 45.65 28.33
C SER S 383 -130.17 44.77 27.26
N TYR S 384 -129.69 43.60 27.67
CA TYR S 384 -129.08 42.63 26.78
C TYR S 384 -129.77 41.27 26.96
N GLY S 385 -129.65 40.45 25.92
CA GLY S 385 -130.35 39.18 25.86
C GLY S 385 -129.55 38.02 26.42
N ASN S 386 -129.78 36.84 25.84
CA ASN S 386 -129.14 35.62 26.31
C ASN S 386 -127.79 35.39 25.66
N ASN S 387 -126.79 35.13 26.48
CA ASN S 387 -125.43 34.74 26.05
C ASN S 387 -124.77 35.82 25.19
N GLU S 388 -124.99 37.08 25.51
CA GLU S 388 -124.10 38.15 25.07
C GLU S 388 -123.25 38.71 26.19
N LEU S 389 -123.22 38.04 27.34
CA LEU S 389 -122.51 38.52 28.52
C LEU S 389 -121.37 37.61 28.92
N THR S 390 -121.61 36.30 29.01
CA THR S 390 -120.60 35.34 29.44
C THR S 390 -120.59 34.16 28.49
N LYS S 391 -119.40 33.71 28.12
CA LYS S 391 -119.21 32.60 27.21
C LYS S 391 -118.82 31.36 28.01
N VAL S 392 -118.54 30.26 27.32
CA VAL S 392 -118.22 28.98 27.94
C VAL S 392 -116.73 28.72 27.77
N ASP S 393 -116.17 27.94 28.70
CA ASP S 393 -114.75 27.64 28.66
C ASP S 393 -114.46 26.59 27.59
N ASN S 394 -113.15 26.40 27.35
CA ASN S 394 -112.64 25.42 26.39
C ASN S 394 -111.52 24.60 27.04
N GLY S 395 -111.76 24.14 28.26
CA GLY S 395 -110.76 23.47 29.07
C GLY S 395 -110.12 24.38 30.08
N ASP S 396 -109.34 25.36 29.64
CA ASP S 396 -108.78 26.36 30.54
C ASP S 396 -108.97 27.78 30.04
N THR S 397 -108.97 27.97 28.72
CA THR S 397 -109.07 29.26 28.04
C THR S 397 -107.86 30.14 28.28
N THR S 398 -106.93 29.68 29.13
CA THR S 398 -105.83 30.49 29.63
C THR S 398 -106.34 31.89 30.00
N ILE S 399 -107.52 31.91 30.62
CA ILE S 399 -108.28 33.11 30.92
C ILE S 399 -108.73 33.78 29.62
N ASP S 400 -110.03 34.01 29.50
CA ASP S 400 -110.60 34.70 28.35
C ASP S 400 -111.39 35.91 28.83
N TYR S 401 -111.85 36.72 27.89
CA TYR S 401 -112.61 37.91 28.23
C TYR S 401 -113.46 38.31 27.02
N ASN S 402 -114.46 39.16 27.27
CA ASN S 402 -115.30 39.69 26.21
C ASN S 402 -115.45 41.21 26.39
N SER S 403 -115.69 41.91 25.28
CA SER S 403 -115.75 43.37 25.30
C SER S 403 -117.13 43.85 24.88
N VAL S 404 -117.59 44.94 25.52
CA VAL S 404 -118.87 45.56 25.21
C VAL S 404 -118.67 47.07 25.17
N THR S 405 -119.17 47.72 24.11
CA THR S 405 -119.04 49.16 23.93
C THR S 405 -120.36 49.84 24.21
N VAL S 406 -120.31 50.93 24.99
CA VAL S 406 -121.51 51.67 25.38
C VAL S 406 -121.22 53.16 25.21
N TYR S 407 -122.19 53.89 24.64
CA TYR S 407 -122.06 55.32 24.39
C TYR S 407 -122.97 56.10 25.33
N HIS S 408 -122.51 57.27 25.76
CA HIS S 408 -123.25 58.13 26.68
C HIS S 408 -123.07 59.58 26.28
N ALA S 409 -124.13 60.37 26.45
CA ALA S 409 -124.15 61.76 26.01
C ALA S 409 -124.29 62.72 27.17
N ALA S 410 -123.85 63.96 26.95
CA ALA S 410 -123.87 65.01 27.96
C ALA S 410 -124.02 66.36 27.28
N LEU S 411 -124.49 67.33 28.05
CA LEU S 411 -124.77 68.68 27.57
C LEU S 411 -124.22 69.71 28.54
N ASN S 412 -123.77 70.85 28.02
CA ASN S 412 -123.22 71.93 28.83
C ASN S 412 -124.15 73.14 28.77
N VAL S 413 -124.27 73.83 29.90
CA VAL S 413 -125.24 74.91 30.04
C VAL S 413 -124.59 76.27 29.84
N GLU S 414 -123.41 76.30 29.22
CA GLU S 414 -122.69 77.54 28.98
C GLU S 414 -122.48 77.81 27.49
N THR S 415 -122.20 76.79 26.70
CA THR S 415 -121.99 76.94 25.27
C THR S 415 -122.93 76.08 24.43
N GLY S 416 -123.63 75.14 25.04
CA GLY S 416 -124.58 74.32 24.31
C GLY S 416 -123.97 73.27 23.40
N ASN S 417 -122.74 72.88 23.66
CA ASN S 417 -122.12 71.82 22.88
C ASN S 417 -122.55 70.46 23.44
N LEU S 418 -122.70 69.50 22.53
CA LEU S 418 -123.17 68.15 22.88
C LEU S 418 -122.00 67.19 22.80
N ASP S 419 -121.77 66.45 23.89
CA ASP S 419 -120.65 65.52 24.00
C ASP S 419 -121.18 64.10 23.96
N VAL S 420 -120.52 63.24 23.20
CA VAL S 420 -120.88 61.82 23.10
C VAL S 420 -119.60 61.02 23.29
N GLY S 421 -119.46 60.38 24.45
CA GLY S 421 -118.32 59.54 24.74
C GLY S 421 -118.68 58.06 24.76
N ASN S 422 -117.64 57.22 24.82
CA ASN S 422 -117.83 55.78 24.80
C ASN S 422 -116.91 55.11 25.81
N LEU S 423 -117.38 54.00 26.35
CA LEU S 423 -116.64 53.16 27.27
C LEU S 423 -116.70 51.72 26.79
N THR S 424 -115.74 50.90 27.21
CA THR S 424 -115.76 49.48 26.86
C THR S 424 -115.61 48.64 28.13
N PHE S 425 -116.72 48.06 28.58
CA PHE S 425 -116.68 47.14 29.70
C PHE S 425 -116.10 45.80 29.25
N ASN S 426 -115.47 45.09 30.19
CA ASN S 426 -114.92 43.76 29.94
C ASN S 426 -115.66 42.77 30.84
N PHE S 427 -115.89 41.57 30.31
CA PHE S 427 -116.62 40.53 31.03
C PHE S 427 -115.81 39.25 31.09
N ARG S 428 -116.03 38.49 32.16
CA ARG S 428 -115.10 37.47 32.66
C ARG S 428 -115.15 36.24 31.75
N GLU S 429 -114.38 35.20 32.12
CA GLU S 429 -114.12 34.05 31.24
C GLU S 429 -115.36 33.21 31.03
N ASP S 430 -115.88 32.63 32.11
CA ASP S 430 -116.86 31.55 31.97
C ASP S 430 -117.72 31.46 33.23
N THR S 431 -118.99 31.16 33.03
CA THR S 431 -119.95 30.73 34.05
C THR S 431 -120.73 29.55 33.47
N GLY S 432 -121.83 29.20 34.12
CA GLY S 432 -122.76 28.31 33.45
C GLY S 432 -123.42 27.21 34.26
N THR S 433 -124.66 26.91 33.90
CA THR S 433 -125.34 25.70 34.35
C THR S 433 -124.92 24.57 33.40
N ASP S 434 -125.74 23.53 33.26
CA ASP S 434 -125.36 22.37 32.45
C ASP S 434 -125.53 22.69 30.96
N THR S 435 -124.57 23.45 30.43
CA THR S 435 -124.35 23.59 28.99
C THR S 435 -125.60 24.11 28.26
N ALA S 436 -126.41 24.93 28.91
CA ALA S 436 -127.57 25.45 28.20
C ALA S 436 -127.38 26.88 27.70
N TYR S 437 -127.20 27.83 28.61
CA TYR S 437 -127.08 29.24 28.25
C TYR S 437 -125.88 29.96 28.85
N GLY S 438 -125.51 29.68 30.10
CA GLY S 438 -124.50 30.47 30.79
C GLY S 438 -125.01 31.03 32.11
N SER S 439 -124.34 32.05 32.64
CA SER S 439 -124.76 32.69 33.88
C SER S 439 -123.99 34.00 34.02
N THR S 440 -124.47 34.85 34.94
CA THR S 440 -123.84 36.13 35.23
C THR S 440 -124.26 36.56 36.64
N THR S 441 -123.42 37.36 37.27
CA THR S 441 -123.67 37.88 38.62
C THR S 441 -123.95 39.37 38.56
N GLY S 442 -124.74 39.86 39.51
CA GLY S 442 -125.21 41.23 39.52
C GLY S 442 -124.60 42.07 40.63
N GLY S 443 -125.05 43.31 40.72
CA GLY S 443 -124.57 44.27 41.70
C GLY S 443 -124.32 45.63 41.06
N SER S 444 -123.41 46.38 41.68
CA SER S 444 -123.01 47.68 41.19
C SER S 444 -121.57 47.96 41.60
N PHE S 445 -120.92 48.89 40.89
CA PHE S 445 -119.57 49.28 41.24
C PHE S 445 -119.31 50.71 40.79
N ASP S 446 -118.08 51.16 41.04
CA ASP S 446 -117.71 52.56 40.96
C ASP S 446 -116.52 52.74 40.04
N LEU S 447 -116.58 53.77 39.20
CA LEU S 447 -115.51 54.12 38.28
C LEU S 447 -114.97 55.51 38.62
N LEU S 448 -113.64 55.66 38.56
CA LEU S 448 -112.98 56.94 38.74
C LEU S 448 -112.28 57.30 37.44
N VAL S 449 -112.59 58.48 36.91
CA VAL S 449 -112.02 58.97 35.67
C VAL S 449 -111.05 60.10 35.99
N ALA S 450 -109.79 59.92 35.61
CA ALA S 450 -108.74 60.90 35.85
C ALA S 450 -108.22 61.43 34.52
N GLY S 451 -107.99 62.74 34.45
CA GLY S 451 -107.51 63.36 33.24
C GLY S 451 -105.99 63.37 33.16
N GLY S 452 -105.49 64.23 32.26
CA GLY S 452 -104.06 64.35 32.06
C GLY S 452 -103.41 65.31 33.05
N GLY S 453 -102.14 65.59 32.79
CA GLY S 453 -101.38 66.53 33.61
C GLY S 453 -100.98 65.96 34.96
N GLU S 454 -101.41 63.41 36.71
CA GLU S 454 -102.25 62.34 37.22
C GLU S 454 -101.60 60.98 37.00
N ALA S 455 -101.68 60.10 38.01
CA ALA S 455 -101.09 58.78 37.88
C ALA S 455 -101.83 57.98 36.82
N ALA S 456 -101.06 57.26 36.00
CA ALA S 456 -101.65 56.48 34.91
C ALA S 456 -102.39 55.28 35.46
N THR S 457 -103.39 54.83 34.71
CA THR S 457 -104.17 53.65 35.06
C THR S 457 -103.45 52.39 34.58
N SER S 458 -103.96 51.23 35.01
CA SER S 458 -103.35 49.97 34.62
C SER S 458 -103.61 49.62 33.17
N THR S 459 -104.56 50.27 32.51
CA THR S 459 -104.89 50.02 31.11
C THR S 459 -104.36 51.10 30.19
N THR S 460 -103.49 51.97 30.66
CA THR S 460 -102.96 53.04 29.82
C THR S 460 -102.02 52.49 28.77
N LYS S 461 -102.23 52.91 27.52
CA LYS S 461 -101.35 52.51 26.44
C LYS S 461 -100.03 53.26 26.53
N LEU S 462 -98.93 52.54 26.29
CA LEU S 462 -97.59 53.06 26.52
C LEU S 462 -97.25 54.29 25.69
N LYS S 463 -97.97 54.55 24.59
CA LYS S 463 -97.68 55.67 23.72
C LYS S 463 -98.11 57.01 24.30
N ASP S 464 -98.55 57.07 25.56
CA ASP S 464 -99.10 58.29 26.12
C ASP S 464 -98.35 58.81 27.33
N ILE S 465 -97.48 58.00 27.94
CA ILE S 465 -96.73 58.46 29.11
C ILE S 465 -95.77 59.57 28.68
N SER S 466 -95.70 60.62 29.49
CA SER S 466 -94.93 61.81 29.11
C SER S 466 -93.44 61.52 29.06
N ARG S 467 -92.96 60.50 29.76
CA ARG S 467 -91.54 60.19 29.77
C ARG S 467 -91.03 59.62 28.45
N PHE S 468 -91.92 59.14 27.59
CA PHE S 468 -91.51 58.44 26.38
C PHE S 468 -91.47 59.33 25.15
N THR S 469 -91.60 60.64 25.32
CA THR S 469 -91.39 61.61 24.25
C THR S 469 -90.18 62.46 24.58
N THR S 470 -89.38 62.77 23.56
CA THR S 470 -88.13 63.48 23.78
C THR S 470 -88.39 64.99 23.88
N ASP S 471 -87.31 65.75 24.02
CA ASP S 471 -87.41 67.20 24.12
C ASP S 471 -87.94 67.82 22.82
N ASP S 472 -87.53 67.28 21.67
CA ASP S 472 -87.90 67.85 20.38
C ASP S 472 -89.30 67.46 19.93
N GLY S 473 -89.99 66.59 20.66
CA GLY S 473 -91.37 66.27 20.37
C GLY S 473 -91.61 65.03 19.56
N VAL S 474 -90.61 64.17 19.38
CA VAL S 474 -90.78 62.90 18.68
C VAL S 474 -90.68 61.78 19.70
N ASN S 475 -91.64 60.86 19.66
CA ASN S 475 -91.66 59.75 20.61
C ASN S 475 -90.84 58.58 20.09
N ILE S 476 -90.39 57.75 21.04
CA ILE S 476 -89.46 56.67 20.71
C ILE S 476 -90.13 55.62 19.83
N PHE S 477 -91.41 55.34 20.06
CA PHE S 477 -92.10 54.26 19.39
C PHE S 477 -92.61 54.64 18.00
N ALA S 478 -92.34 55.85 17.53
CA ALA S 478 -92.70 56.23 16.17
C ALA S 478 -91.92 55.41 15.16
N ALA S 479 -90.61 55.24 15.39
CA ALA S 479 -89.77 54.48 14.47
C ALA S 479 -90.16 53.00 14.43
N GLY S 480 -90.45 52.41 15.58
CA GLY S 480 -90.82 51.01 15.63
C GLY S 480 -90.57 50.41 17.00
N PRO S 481 -90.70 49.09 17.11
CA PRO S 481 -90.47 48.43 18.39
C PRO S 481 -89.01 48.56 18.83
N GLN S 482 -88.83 48.63 20.14
CA GLN S 482 -87.50 48.70 20.74
C GLN S 482 -87.18 47.37 21.41
N GLU S 483 -85.89 47.19 21.72
CA GLU S 483 -85.38 45.96 22.29
C GLU S 483 -84.80 46.22 23.67
N LEU S 484 -85.08 45.33 24.62
CA LEU S 484 -84.57 45.43 25.97
C LEU S 484 -83.92 44.11 26.36
N THR S 485 -82.77 44.19 27.02
CA THR S 485 -82.01 43.02 27.42
C THR S 485 -81.81 43.04 28.92
N ILE S 486 -82.04 41.89 29.57
CA ILE S 486 -81.84 41.72 31.00
C ILE S 486 -80.66 40.80 31.20
N PHE S 487 -79.71 41.23 32.03
CA PHE S 487 -78.53 40.45 32.37
C PHE S 487 -78.57 40.11 33.86
N GLY S 488 -78.27 38.86 34.18
CA GLY S 488 -78.23 38.44 35.56
C GLY S 488 -78.08 36.94 35.73
N ASN S 489 -77.54 36.52 36.88
CA ASN S 489 -77.40 35.11 37.22
C ASN S 489 -76.63 34.35 36.14
N GLY S 490 -75.67 35.04 35.52
CA GLY S 490 -74.93 34.45 34.42
C GLY S 490 -75.76 34.12 33.21
N SER S 491 -76.69 34.99 32.84
CA SER S 491 -77.57 34.74 31.71
C SER S 491 -78.10 36.07 31.18
N SER S 492 -78.63 36.03 29.96
CA SER S 492 -79.21 37.20 29.32
C SER S 492 -80.53 36.82 28.67
N ALA S 493 -81.42 37.80 28.57
CA ALA S 493 -82.74 37.57 28.00
C ALA S 493 -83.17 38.83 27.24
N THR S 494 -84.01 38.63 26.23
CA THR S 494 -84.41 39.69 25.31
C THR S 494 -85.91 39.79 25.22
N ILE S 495 -86.41 41.03 25.25
CA ILE S 495 -87.83 41.30 25.01
C ILE S 495 -87.94 42.47 24.05
N TYR S 496 -89.09 42.53 23.36
CA TYR S 496 -89.39 43.61 22.43
C TYR S 496 -90.62 44.37 22.91
N LEU S 497 -90.53 45.70 22.86
CA LEU S 497 -91.61 46.58 23.29
C LEU S 497 -92.16 47.32 22.09
N GLU S 498 -93.48 47.40 22.01
CA GLU S 498 -94.17 48.12 20.95
C GLU S 498 -95.14 49.12 21.56
N GLY S 499 -95.59 50.06 20.74
CA GLY S 499 -96.49 51.09 21.22
C GLY S 499 -97.89 50.64 21.55
N ASP S 500 -98.31 49.46 21.07
CA ASP S 500 -99.65 48.97 21.32
C ASP S 500 -99.87 48.45 22.74
N ASP S 501 -98.88 47.78 23.32
CA ASP S 501 -99.06 47.11 24.60
C ASP S 501 -99.23 48.13 25.73
N THR S 502 -99.92 47.69 26.78
CA THR S 502 -100.23 48.51 27.95
C THR S 502 -99.28 48.18 29.09
N VAL S 503 -99.47 48.86 30.21
CA VAL S 503 -98.62 48.66 31.38
C VAL S 503 -98.76 47.24 31.92
N SER S 504 -100.00 46.73 31.98
CA SER S 504 -100.21 45.37 32.47
C SER S 504 -99.53 44.34 31.57
N GLU S 505 -99.62 44.53 30.25
CA GLU S 505 -98.95 43.61 29.34
C GLU S 505 -97.43 43.71 29.48
N PHE S 506 -96.91 44.90 29.74
CA PHE S 506 -95.49 45.04 30.03
C PHE S 506 -95.10 44.26 31.28
N GLU S 507 -95.92 44.34 32.33
CA GLU S 507 -95.65 43.57 33.54
C GLU S 507 -95.69 42.07 33.26
N THR S 508 -96.66 41.63 32.46
CA THR S 508 -96.74 40.21 32.11
C THR S 508 -95.50 39.75 31.36
N LYS S 509 -95.07 40.54 30.36
CA LYS S 509 -93.87 40.18 29.60
C LYS S 509 -92.64 40.13 30.49
N LEU S 510 -92.51 41.10 31.40
CA LEU S 510 -91.36 41.11 32.31
C LEU S 510 -91.38 39.90 33.22
N SER S 511 -92.56 39.54 33.75
CA SER S 511 -92.65 38.37 34.62
C SER S 511 -92.28 37.10 33.87
N SER S 512 -92.80 36.93 32.66
CA SER S 512 -92.49 35.73 31.88
C SER S 512 -91.01 35.67 31.54
N ALA S 513 -90.42 36.80 31.14
CA ALA S 513 -88.99 36.82 30.81
C ALA S 513 -88.13 36.49 32.03
N ILE S 514 -88.47 37.05 33.18
CA ILE S 514 -87.71 36.78 34.40
C ILE S 514 -87.82 35.31 34.78
N LEU S 515 -89.03 34.76 34.74
CA LEU S 515 -89.21 33.35 35.10
C LEU S 515 -88.57 32.41 34.09
N GLU S 516 -88.38 32.87 32.85
CA GLU S 516 -87.63 32.06 31.89
C GLU S 516 -86.20 31.84 32.35
N LEU S 517 -85.55 32.87 32.89
CA LEU S 517 -84.18 32.75 33.36
C LEU S 517 -84.02 31.76 34.49
N GLY S 518 -85.04 31.59 35.34
CA GLY S 518 -84.97 30.67 36.45
C GLY S 518 -84.66 31.28 37.79
N MET S 519 -84.94 32.58 37.97
CA MET S 519 -84.69 33.21 39.26
C MET S 519 -85.92 33.21 40.16
N GLY S 520 -87.03 32.66 39.70
CA GLY S 520 -88.25 32.68 40.47
C GLY S 520 -88.27 31.58 41.53
N ALA S 521 -89.45 31.41 42.13
CA ALA S 521 -89.63 30.38 43.13
C ALA S 521 -89.42 29.01 42.51
N THR S 522 -88.61 28.18 43.17
CA THR S 522 -88.19 26.91 42.60
C THR S 522 -89.30 25.88 42.77
N ALA S 523 -88.97 24.61 42.52
CA ALA S 523 -89.97 23.56 42.47
C ALA S 523 -90.41 23.12 43.86
N GLY S 524 -90.92 24.06 44.65
CA GLY S 524 -91.72 23.69 45.80
C GLY S 524 -93.10 23.33 45.31
N THR S 525 -93.43 23.84 44.12
CA THR S 525 -94.64 23.53 43.36
C THR S 525 -95.93 23.77 44.12
N SER S 526 -95.88 24.52 45.21
CA SER S 526 -97.06 24.81 46.03
C SER S 526 -97.71 26.12 45.58
N ASP S 527 -98.87 26.40 46.17
CA ASP S 527 -99.52 27.69 45.93
C ASP S 527 -98.63 28.84 46.38
N GLU S 528 -97.69 28.58 47.28
CA GLU S 528 -96.67 29.55 47.64
C GLU S 528 -95.91 30.00 46.41
N ALA S 529 -95.59 29.05 45.52
CA ALA S 529 -94.88 29.39 44.29
C ALA S 529 -95.74 30.30 43.41
N ALA S 530 -97.04 30.00 43.31
CA ALA S 530 -97.93 30.84 42.53
C ALA S 530 -97.98 32.26 43.07
N THR S 531 -98.11 32.40 44.40
CA THR S 531 -98.14 33.71 45.01
C THR S 531 -96.83 34.47 44.76
N VAL S 532 -95.69 33.80 44.96
CA VAL S 532 -94.40 34.45 44.81
C VAL S 532 -94.20 34.89 43.36
N ASN S 533 -94.56 34.02 42.41
CA ASN S 533 -94.41 34.37 41.00
C ASN S 533 -95.33 35.53 40.62
N SER S 534 -96.55 35.54 41.17
CA SER S 534 -97.48 36.62 40.88
C SER S 534 -97.07 37.94 41.51
N ASN S 535 -96.28 37.92 42.59
CA ASN S 535 -95.85 39.13 43.27
C ASN S 535 -94.39 39.47 42.98
N LEU S 536 -93.91 39.25 41.76
CA LEU S 536 -92.53 39.57 41.41
C LEU S 536 -92.38 40.97 40.83
N VAL S 537 -93.24 41.35 39.90
CA VAL S 537 -93.25 42.67 39.28
C VAL S 537 -94.54 43.37 39.69
N ASN S 538 -94.42 44.56 40.27
CA ASN S 538 -95.59 45.22 40.82
C ASN S 538 -95.76 46.63 40.29
N TYR S 539 -97.00 46.96 39.95
CA TYR S 539 -97.43 48.30 39.61
C TYR S 539 -98.65 48.65 40.46
N VAL S 540 -98.67 49.87 40.98
CA VAL S 540 -99.67 50.29 41.96
C VAL S 540 -100.51 51.41 41.38
N SER S 541 -101.82 51.36 41.62
CA SER S 541 -102.71 52.44 41.19
C SER S 541 -102.82 53.48 42.30
N THR S 542 -103.82 54.35 42.20
CA THR S 542 -103.94 55.45 43.17
C THR S 542 -104.37 54.93 44.53
N GLY S 543 -105.39 54.08 44.59
CA GLY S 543 -105.96 53.65 45.85
C GLY S 543 -105.29 52.47 46.53
N ASP S 544 -104.18 51.97 45.99
CA ASP S 544 -103.51 50.79 46.51
C ASP S 544 -102.26 51.14 47.33
N VAL S 545 -102.09 52.41 47.67
CA VAL S 545 -100.87 52.86 48.35
C VAL S 545 -100.90 52.38 49.79
N THR S 546 -99.75 51.88 50.27
CA THR S 546 -99.57 51.45 51.65
C THR S 546 -98.42 52.24 52.26
N ASP S 547 -98.65 52.80 53.44
CA ASP S 547 -97.71 53.72 54.07
C ASP S 547 -96.60 52.97 54.80
N SER S 548 -95.45 53.61 54.89
CA SER S 548 -94.29 53.10 55.64
C SER S 548 -93.87 51.72 55.18
N SER S 549 -93.99 51.46 53.87
CA SER S 549 -93.57 50.20 53.29
C SER S 549 -92.78 50.51 52.02
N ASN S 550 -92.42 49.46 51.29
CA ASN S 550 -91.76 49.67 50.01
C ASN S 550 -92.64 50.44 49.03
N GLU S 551 -93.96 50.40 49.23
CA GLU S 551 -94.91 50.87 48.22
C GLU S 551 -95.54 52.20 48.60
N ALA S 552 -94.78 53.08 49.26
CA ALA S 552 -95.34 54.33 49.75
C ALA S 552 -95.56 55.37 48.65
N LEU S 553 -95.27 55.04 47.39
CA LEU S 553 -95.43 55.96 46.28
C LEU S 553 -96.31 55.34 45.22
N ALA S 554 -97.01 56.17 44.46
CA ALA S 554 -97.92 55.71 43.42
C ALA S 554 -97.29 55.81 42.04
N GLY S 555 -97.81 55.01 41.11
CA GLY S 555 -97.32 55.03 39.75
C GLY S 555 -95.87 54.61 39.59
N THR S 556 -95.44 53.60 40.34
CA THR S 556 -94.07 53.12 40.29
C THR S 556 -94.02 51.62 40.01
N PHE S 557 -93.01 51.21 39.28
CA PHE S 557 -92.72 49.80 39.08
C PHE S 557 -91.76 49.35 40.18
N VAL S 558 -92.05 48.20 40.78
CA VAL S 558 -91.18 47.64 41.82
C VAL S 558 -90.82 46.21 41.44
N ILE S 559 -89.53 45.91 41.50
CA ILE S 559 -89.00 44.62 41.06
C ILE S 559 -88.23 43.98 42.20
N GLN S 560 -88.46 42.69 42.42
CA GLN S 560 -87.76 41.90 43.41
C GLN S 560 -87.25 40.63 42.74
N THR S 561 -86.32 39.95 43.41
CA THR S 561 -85.83 38.66 42.93
C THR S 561 -85.97 37.61 44.04
N ALA S 562 -86.04 36.34 43.66
CA ALA S 562 -86.33 35.28 44.60
C ALA S 562 -85.10 34.47 45.00
N ARG S 563 -83.90 35.07 44.92
CA ARG S 563 -82.68 34.44 45.39
C ARG S 563 -81.90 35.42 46.25
N LEU S 564 -80.98 34.86 47.04
CA LEU S 564 -80.19 35.63 47.98
C LEU S 564 -78.82 35.96 47.41
N GLY S 565 -78.13 36.87 48.08
CA GLY S 565 -76.74 37.16 47.77
C GLY S 565 -76.52 37.84 46.43
N ASP S 566 -75.24 37.89 46.05
CA ASP S 566 -74.84 38.58 44.83
C ASP S 566 -75.45 37.94 43.59
N ASP S 567 -75.93 36.71 43.70
CA ASP S 567 -76.61 36.07 42.56
C ASP S 567 -77.88 36.81 42.17
N SER S 568 -78.45 37.61 43.06
CA SER S 568 -79.72 38.29 42.80
C SER S 568 -79.55 39.65 42.14
N LYS S 569 -78.33 40.00 41.71
CA LYS S 569 -78.10 41.29 41.07
C LYS S 569 -78.69 41.27 39.66
N LEU S 570 -79.27 42.39 39.25
CA LEU S 570 -79.88 42.53 37.93
C LEU S 570 -79.28 43.71 37.19
N SER S 571 -79.22 43.60 35.86
CA SER S 571 -78.70 44.67 35.01
C SER S 571 -79.56 44.79 33.76
N PHE S 572 -79.61 46.01 33.21
CA PHE S 572 -80.50 46.35 32.11
C PHE S 572 -79.69 46.95 30.95
N ILE S 573 -80.03 46.57 29.73
CA ILE S 573 -79.36 47.09 28.53
C ILE S 573 -80.42 47.45 27.50
N GLY S 574 -80.19 48.54 26.78
CA GLY S 574 -81.09 48.93 25.71
C GLY S 574 -80.63 50.25 25.11
N ASP S 575 -81.55 50.89 24.40
CA ASP S 575 -81.28 52.20 23.85
C ASP S 575 -81.13 53.22 24.98
N GLN S 576 -80.32 54.26 24.73
CA GLN S 576 -80.05 55.25 25.75
C GLN S 576 -81.32 55.96 26.20
N ASN S 577 -82.18 56.33 25.25
CA ASN S 577 -83.41 57.04 25.58
C ASN S 577 -84.31 56.19 26.47
N LEU S 578 -84.55 54.93 26.07
CA LEU S 578 -85.42 54.06 26.83
C LEU S 578 -84.85 53.78 28.23
N ILE S 579 -83.55 53.51 28.31
CA ILE S 579 -82.93 53.21 29.59
C ILE S 579 -83.00 54.42 30.52
N ASN S 580 -82.71 55.61 30.01
CA ASN S 580 -82.76 56.81 30.85
C ASN S 580 -84.20 57.16 31.21
N ALA S 581 -85.16 56.79 30.36
CA ALA S 581 -86.56 57.05 30.66
C ALA S 581 -87.07 56.11 31.76
N LEU S 582 -86.61 54.86 31.75
CA LEU S 582 -87.02 53.93 32.80
C LEU S 582 -86.52 54.39 34.16
N SER S 583 -85.27 54.86 34.23
CA SER S 583 -84.74 55.55 35.41
C SER S 583 -84.85 54.70 36.67
N LEU S 584 -84.12 53.58 36.66
CA LEU S 584 -84.17 52.65 37.77
C LEU S 584 -83.27 53.12 38.91
N ALA S 585 -83.68 52.79 40.14
CA ALA S 585 -82.93 53.15 41.33
C ALA S 585 -82.96 51.97 42.28
N THR S 586 -81.98 51.94 43.19
CA THR S 586 -81.85 50.87 44.17
C THR S 586 -82.34 51.36 45.53
N ILE S 587 -83.29 50.64 46.10
CA ILE S 587 -83.76 50.93 47.46
C ILE S 587 -83.35 49.86 48.46
N GLN S 588 -83.12 48.62 48.02
CA GLN S 588 -82.53 47.64 48.93
C GLN S 588 -81.46 46.86 48.19
N GLU S 589 -80.33 46.66 48.86
CA GLU S 589 -79.22 45.89 48.31
C GLU S 589 -79.17 44.53 48.99
N GLY S 590 -78.52 43.58 48.31
CA GLY S 590 -78.51 42.20 48.72
C GLY S 590 -77.72 41.95 49.99
N GLU S 591 -77.71 40.68 50.39
CA GLU S 591 -77.02 40.24 51.60
C GLU S 591 -76.77 38.74 51.54
N ASN S 592 -75.56 38.32 51.87
CA ASN S 592 -75.21 36.91 51.76
C ASN S 592 -75.77 36.12 52.94
N SER S 593 -75.40 34.84 52.99
CA SER S 593 -75.90 33.93 54.00
C SER S 593 -74.76 33.43 54.88
N GLU S 594 -75.09 32.55 55.83
CA GLU S 594 -74.11 31.90 56.67
C GLU S 594 -74.33 30.40 56.59
N THR S 595 -73.25 29.63 56.51
CA THR S 595 -73.36 28.19 56.39
C THR S 595 -72.49 27.52 57.44
N THR S 596 -73.03 26.51 58.11
CA THR S 596 -72.27 25.67 59.02
C THR S 596 -72.15 24.28 58.42
N ILE S 597 -70.92 23.82 58.18
CA ILE S 597 -70.66 22.60 57.44
C ILE S 597 -69.84 21.67 58.32
N LYS S 598 -70.27 20.40 58.41
CA LYS S 598 -69.57 19.39 59.18
C LYS S 598 -69.35 18.17 58.30
N VAL S 599 -68.11 17.68 58.24
CA VAL S 599 -67.75 16.54 57.41
C VAL S 599 -67.21 15.42 58.28
N THR S 600 -67.69 14.20 58.04
CA THR S 600 -67.24 13.04 58.79
C THR S 600 -67.13 11.83 57.86
N ASP S 601 -66.30 10.87 58.26
CA ASP S 601 -66.09 9.69 57.44
C ASP S 601 -67.37 8.85 57.35
N ALA S 602 -67.52 8.17 56.22
CA ALA S 602 -68.79 7.54 55.88
C ALA S 602 -68.95 6.12 56.40
N HIS S 603 -67.91 5.52 57.00
CA HIS S 603 -67.99 4.15 57.45
C HIS S 603 -67.66 3.95 58.92
N THR S 604 -67.09 4.94 59.60
CA THR S 604 -66.86 4.87 61.03
C THR S 604 -67.61 5.97 61.77
N GLY S 605 -67.53 7.20 61.29
CA GLY S 605 -68.17 8.33 61.94
C GLY S 605 -67.23 9.27 62.67
N LYS S 606 -65.92 9.12 62.48
CA LYS S 606 -64.97 10.01 63.15
C LYS S 606 -65.10 11.43 62.60
N PHE S 607 -65.12 12.40 63.51
CA PHE S 607 -65.20 13.79 63.12
C PHE S 607 -63.91 14.24 62.45
N ILE S 608 -64.05 14.94 61.32
CA ILE S 608 -62.92 15.35 60.50
C ILE S 608 -62.78 16.86 60.46
N GLY S 609 -63.91 17.57 60.33
CA GLY S 609 -63.85 19.02 60.31
C GLY S 609 -65.21 19.70 60.34
N SER S 610 -65.24 20.93 60.85
CA SER S 610 -66.44 21.75 60.80
C SER S 610 -66.05 23.21 60.66
N ASP S 611 -66.82 23.96 59.87
CA ASP S 611 -66.51 25.34 59.56
C ASP S 611 -67.78 26.16 59.42
N SER S 612 -67.63 27.47 59.62
CA SER S 612 -68.68 28.44 59.34
C SER S 612 -68.17 29.35 58.23
N VAL S 613 -68.94 29.47 57.15
CA VAL S 613 -68.51 30.19 55.97
C VAL S 613 -69.59 31.17 55.55
N ASN S 614 -69.16 32.21 54.82
CA ASN S 614 -70.03 33.23 54.27
C ASN S 614 -70.26 33.09 52.78
N ASP S 615 -69.23 32.71 52.02
CA ASP S 615 -69.31 32.61 50.57
C ASP S 615 -69.79 31.23 50.11
N SER S 616 -70.14 30.34 51.04
CA SER S 616 -70.63 29.01 50.71
C SER S 616 -69.59 28.20 49.93
N THR S 617 -68.33 28.32 50.36
CA THR S 617 -67.23 27.55 49.79
C THR S 617 -66.45 26.92 50.95
N LEU S 618 -66.26 25.61 50.90
CA LEU S 618 -65.50 24.90 51.92
C LEU S 618 -64.03 24.86 51.50
N ARG S 619 -63.15 25.37 52.35
CA ARG S 619 -61.73 25.46 52.03
C ARG S 619 -60.90 25.09 53.23
N GLY S 620 -59.86 24.27 52.99
CA GLY S 620 -58.88 23.98 54.00
C GLY S 620 -59.30 23.06 55.13
N VAL S 621 -60.13 22.06 54.84
CA VAL S 621 -60.37 20.96 55.76
C VAL S 621 -60.05 19.61 55.13
N ILE S 622 -60.50 19.37 53.90
CA ILE S 622 -60.07 18.24 53.10
C ILE S 622 -58.77 18.63 52.41
N GLN S 623 -57.79 17.73 52.42
CA GLN S 623 -56.46 18.07 51.96
C GLN S 623 -56.43 18.30 50.46
N GLY S 624 -56.29 19.55 50.05
CA GLY S 624 -56.07 19.89 48.66
C GLY S 624 -57.30 19.94 47.79
N VAL S 625 -58.48 20.12 48.36
CA VAL S 625 -59.73 20.17 47.61
C VAL S 625 -60.60 21.28 48.19
N ASP S 626 -61.25 22.04 47.30
CA ASP S 626 -62.21 23.05 47.71
C ASP S 626 -63.59 22.69 47.17
N VAL S 627 -64.61 22.87 48.00
CA VAL S 627 -65.97 22.43 47.71
C VAL S 627 -66.88 23.64 47.66
N LYS S 628 -67.72 23.69 46.63
CA LYS S 628 -68.68 24.77 46.42
C LYS S 628 -70.09 24.21 46.53
N ILE S 629 -70.93 24.88 47.32
CA ILE S 629 -72.31 24.48 47.53
C ILE S 629 -73.22 25.61 47.08
N ASP S 630 -74.26 25.26 46.34
CA ASP S 630 -75.21 26.25 45.83
C ASP S 630 -75.96 26.91 46.98
N SER S 631 -76.48 28.10 46.71
CA SER S 631 -77.17 28.89 47.72
C SER S 631 -78.67 28.65 47.77
N ASP S 632 -79.15 27.55 47.19
CA ASP S 632 -80.58 27.22 47.17
C ASP S 632 -80.89 25.98 48.01
N VAL S 633 -80.25 25.84 49.17
CA VAL S 633 -80.38 24.66 50.02
C VAL S 633 -80.98 25.09 51.35
N GLY S 634 -82.05 24.42 51.76
CA GLY S 634 -82.61 24.59 53.08
C GLY S 634 -83.24 25.94 53.37
N VAL S 635 -83.96 26.49 52.41
CA VAL S 635 -84.64 27.78 52.58
C VAL S 635 -86.05 27.66 52.02
N SER S 636 -87.02 28.22 52.74
CA SER S 636 -88.39 28.30 52.30
C SER S 636 -88.81 29.76 52.22
N ILE S 637 -89.59 30.11 51.20
CA ILE S 637 -89.90 31.49 50.87
C ILE S 637 -91.40 31.71 50.98
N SER S 638 -91.78 32.86 51.53
CA SER S 638 -93.18 33.20 51.71
C SER S 638 -93.39 34.68 51.43
N TRP S 639 -94.66 35.04 51.22
CA TRP S 639 -95.07 36.39 50.84
C TRP S 639 -96.01 36.94 51.89
N ASN S 640 -95.70 38.12 52.43
CA ASN S 640 -96.53 38.80 53.41
C ASN S 640 -97.27 39.91 52.70
N SER S 641 -98.59 39.72 52.50
CA SER S 641 -99.40 40.73 51.83
C SER S 641 -99.71 41.91 52.73
N THR S 642 -99.77 41.69 54.05
CA THR S 642 -100.05 42.77 54.98
C THR S 642 -99.00 43.86 54.92
N LYS S 643 -97.73 43.50 54.72
CA LYS S 643 -96.66 44.47 54.54
C LYS S 643 -96.06 44.42 53.14
N LYS S 644 -96.49 43.49 52.29
CA LYS S 644 -95.93 43.30 50.96
C LYS S 644 -94.42 43.07 51.02
N THR S 645 -94.02 42.00 51.69
CA THR S 645 -92.61 41.72 51.91
C THR S 645 -92.30 40.25 51.64
N MET S 646 -91.06 39.99 51.23
CA MET S 646 -90.58 38.64 51.13
C MET S 646 -90.19 38.12 52.51
N GLU S 647 -90.19 36.80 52.68
CA GLU S 647 -89.79 36.21 53.94
C GLU S 647 -89.04 34.91 53.68
N PHE S 648 -87.81 34.85 54.14
CA PHE S 648 -86.98 33.66 54.02
C PHE S 648 -86.88 32.97 55.38
N SER S 649 -87.13 31.67 55.40
CA SER S 649 -87.16 30.92 56.65
C SER S 649 -86.39 29.61 56.49
N ALA S 650 -85.92 29.10 57.62
CA ALA S 650 -85.19 27.84 57.61
C ALA S 650 -86.16 26.67 57.43
N THR S 651 -85.69 25.63 56.74
CA THR S 651 -86.51 24.44 56.52
C THR S 651 -86.76 23.71 57.83
N GLY S 652 -85.77 23.66 58.72
CA GLY S 652 -85.89 22.96 59.97
C GLY S 652 -85.19 21.62 60.03
N GLU S 653 -84.61 21.18 58.92
CA GLU S 653 -83.88 19.92 58.88
C GLU S 653 -82.55 20.12 58.15
N SER S 654 -81.56 19.34 58.54
CA SER S 654 -80.29 19.35 57.84
C SER S 654 -80.35 18.42 56.63
N GLU S 655 -79.34 18.54 55.77
CA GLU S 655 -79.27 17.75 54.55
C GLU S 655 -77.94 17.00 54.51
N ASP S 656 -77.89 15.95 53.70
CA ASP S 656 -76.70 15.11 53.58
C ASP S 656 -76.33 14.95 52.11
N ILE S 657 -75.06 15.18 51.80
CA ILE S 657 -74.49 14.91 50.48
C ILE S 657 -73.24 14.08 50.69
N LYS S 658 -73.04 13.08 49.83
CA LYS S 658 -71.97 12.11 50.01
C LYS S 658 -70.98 12.22 48.86
N LEU S 659 -69.70 12.20 49.20
CA LEU S 659 -68.63 12.52 48.26
C LEU S 659 -67.69 11.34 48.11
N HIS S 660 -67.28 11.09 46.86
CA HIS S 660 -66.37 10.01 46.50
C HIS S 660 -65.12 10.61 45.87
N LEU S 661 -63.95 10.14 46.31
CA LEU S 661 -62.72 10.83 46.00
C LEU S 661 -61.56 9.83 46.05
N VAL S 662 -60.81 9.73 44.95
CA VAL S 662 -59.75 8.73 44.82
C VAL S 662 -58.52 9.39 44.20
N ASP S 663 -57.34 8.95 44.62
CA ASP S 663 -56.10 9.45 44.05
C ASP S 663 -55.85 8.84 42.68
N ASN S 664 -55.28 9.64 41.78
CA ASN S 664 -54.88 9.16 40.45
C ASN S 664 -53.56 9.78 40.04
N ALA S 665 -50.71 10.15 41.64
CA ALA S 665 -50.41 11.07 40.57
C ALA S 665 -49.60 10.39 39.48
N MET S 666 -48.47 11.00 39.11
CA MET S 666 -47.60 10.47 38.06
C MET S 666 -46.32 9.97 38.71
N GLU S 667 -46.23 8.66 38.94
CA GLU S 667 -45.05 8.06 39.55
C GLU S 667 -44.11 7.61 38.43
N MET S 668 -42.82 7.92 38.58
CA MET S 668 -41.85 7.71 37.52
C MET S 668 -40.62 7.02 38.10
N GLN S 669 -40.23 5.91 37.49
CA GLN S 669 -39.08 5.15 37.95
C GLN S 669 -37.79 5.80 37.45
N ILE S 670 -36.85 6.01 38.37
CA ILE S 670 -35.59 6.66 38.03
C ILE S 670 -34.42 5.81 38.54
N GLY S 671 -34.71 4.91 39.48
CA GLY S 671 -33.69 4.09 40.09
C GLY S 671 -33.51 2.77 39.39
N ALA S 672 -32.40 2.12 39.70
CA ALA S 672 -32.09 0.79 39.17
C ALA S 672 -32.57 -0.32 40.10
N ASN S 673 -33.22 0.04 41.20
CA ASN S 673 -33.76 -0.94 42.14
C ASN S 673 -35.13 -0.47 42.61
N GLU S 674 -35.71 -1.20 43.54
CA GLU S 674 -37.02 -0.88 44.08
C GLU S 674 -36.97 0.37 44.94
N GLY S 675 -38.04 1.15 44.88
CA GLY S 675 -38.26 2.22 45.83
C GLY S 675 -37.76 3.58 45.39
N GLN S 676 -36.98 3.64 44.32
CA GLN S 676 -36.41 4.90 43.87
C GLN S 676 -37.27 5.51 42.77
N THR S 677 -38.20 6.38 43.14
CA THR S 677 -39.16 6.95 42.19
C THR S 677 -39.28 8.45 42.42
N ILE S 678 -39.98 9.10 41.49
CA ILE S 678 -40.27 10.52 41.55
C ILE S 678 -41.77 10.72 41.32
N LEU S 679 -42.37 11.58 42.13
CA LEU S 679 -43.80 11.88 42.04
C LEU S 679 -44.00 13.23 41.37
N ALA S 680 -44.78 13.25 40.30
CA ALA S 680 -45.09 14.46 39.55
C ALA S 680 -46.60 14.67 39.55
N ASN S 681 -47.01 15.92 39.71
CA ASN S 681 -48.41 16.27 39.88
C ASN S 681 -48.71 17.58 39.17
N ILE S 682 -49.87 17.67 38.53
CA ILE S 682 -50.29 18.88 37.83
C ILE S 682 -51.72 19.24 38.24
N PRO S 683 -51.93 20.43 38.82
CA PRO S 683 -53.28 20.81 39.25
C PRO S 683 -54.19 21.16 38.08
N GLN S 684 -55.47 21.34 38.39
CA GLN S 684 -56.46 21.69 37.38
C GLN S 684 -56.36 23.15 37.00
N VAL S 685 -56.51 23.43 35.70
CA VAL S 685 -56.50 24.80 35.19
C VAL S 685 -57.68 24.97 34.23
N ASP S 686 -58.56 25.91 34.53
CA ASP S 686 -59.69 26.28 33.68
C ASP S 686 -60.32 27.54 34.27
N THR S 687 -61.42 28.00 33.68
CA THR S 687 -62.04 29.24 34.13
C THR S 687 -62.61 29.10 35.54
N THR S 688 -63.24 27.97 35.85
CA THR S 688 -63.81 27.80 37.18
C THR S 688 -62.72 27.80 38.25
N SER S 689 -61.60 27.17 37.97
CA SER S 689 -60.49 27.18 38.92
C SER S 689 -59.90 28.58 39.09
N LEU S 690 -59.78 29.32 37.99
CA LEU S 690 -59.18 30.65 38.04
C LEU S 690 -60.05 31.69 38.74
N GLY S 691 -61.31 31.37 39.01
CA GLY S 691 -62.20 32.32 39.66
C GLY S 691 -62.53 33.55 38.83
N ILE S 692 -62.68 33.37 37.52
CA ILE S 692 -63.05 34.47 36.62
C ILE S 692 -64.26 34.02 35.81
N ASP S 693 -64.95 32.98 36.28
CA ASP S 693 -66.00 32.35 35.49
C ASP S 693 -67.17 33.30 35.23
N ASP S 694 -67.54 34.10 36.23
CA ASP S 694 -68.76 34.90 36.10
C ASP S 694 -68.45 36.39 36.04
N ILE S 695 -67.40 36.77 35.31
CA ILE S 695 -67.03 38.17 35.16
C ILE S 695 -67.91 38.80 34.09
N LEU S 696 -68.52 39.93 34.42
CA LEU S 696 -69.41 40.64 33.53
C LEU S 696 -68.95 42.08 33.38
N MET S 697 -69.26 42.69 32.22
CA MET S 697 -69.03 44.11 31.98
C MET S 697 -70.25 44.68 31.24
N VAL S 698 -71.16 45.29 32.01
CA VAL S 698 -72.34 45.94 31.46
C VAL S 698 -72.35 47.40 31.86
N ASP S 699 -72.25 47.69 33.15
CA ASP S 699 -72.37 49.03 33.66
C ASP S 699 -71.00 49.56 34.09
N GLN S 700 -70.99 50.78 34.64
CA GLN S 700 -69.77 51.40 35.13
C GLN S 700 -69.49 51.02 36.59
N GLU S 701 -69.52 49.72 36.86
CA GLU S 701 -69.25 49.23 38.21
C GLU S 701 -68.41 47.96 38.28
N LEU S 702 -68.19 47.24 37.18
CA LEU S 702 -67.62 45.90 37.25
C LEU S 702 -66.16 45.82 36.85
N ALA S 703 -65.66 46.82 36.11
CA ALA S 703 -64.29 46.74 35.60
C ALA S 703 -63.24 46.70 36.71
N GLN S 704 -63.55 47.32 37.85
CA GLN S 704 -62.56 47.37 38.94
C GLN S 704 -62.28 45.97 39.49
N GLU S 705 -63.33 45.29 39.96
CA GLU S 705 -63.14 43.94 40.45
C GLU S 705 -62.71 43.01 39.32
N SER S 706 -63.07 43.33 38.08
CA SER S 706 -62.54 42.58 36.94
C SER S 706 -61.02 42.63 36.91
N ILE S 707 -60.47 43.85 37.07
CA ILE S 707 -59.01 44.01 37.07
C ILE S 707 -58.40 43.23 38.22
N THR S 708 -59.01 43.31 39.40
CA THR S 708 -58.46 42.61 40.57
C THR S 708 -58.42 41.10 40.34
N LYS S 709 -59.54 40.52 39.87
CA LYS S 709 -59.59 39.09 39.64
C LYS S 709 -58.59 38.66 38.57
N LEU S 710 -58.44 39.47 37.52
CA LEU S 710 -57.48 39.14 36.47
C LEU S 710 -56.05 39.11 37.02
N ASP S 711 -55.71 40.08 37.87
CA ASP S 711 -54.39 40.09 38.48
C ASP S 711 -54.16 38.82 39.31
N LYS S 712 -55.15 38.44 40.11
CA LYS S 712 -54.99 37.25 40.94
C LYS S 712 -54.83 35.98 40.10
N ALA S 713 -55.59 35.89 39.00
CA ALA S 713 -55.46 34.74 38.12
C ALA S 713 -54.08 34.68 37.48
N LEU S 714 -53.54 35.83 37.06
CA LEU S 714 -52.19 35.87 36.52
C LEU S 714 -51.19 35.36 37.55
N GLU S 715 -51.36 35.76 38.81
CA GLU S 715 -50.47 35.29 39.87
C GLU S 715 -50.51 33.77 40.01
N THR S 716 -51.72 33.20 39.99
CA THR S 716 -51.85 31.75 40.14
C THR S 716 -51.19 31.00 38.98
N VAL S 717 -51.38 31.49 37.74
CA VAL S 717 -50.75 30.85 36.60
C VAL S 717 -49.23 30.92 36.72
N SER S 718 -48.70 32.06 37.17
CA SER S 718 -47.26 32.16 37.39
C SER S 718 -46.78 31.13 38.40
N GLY S 719 -47.56 30.91 39.46
CA GLY S 719 -47.18 29.91 40.45
C GLY S 719 -47.08 28.50 39.88
N VAL S 720 -48.08 28.10 39.09
CA VAL S 720 -48.03 26.74 38.53
C VAL S 720 -46.86 26.60 37.56
N ARG S 721 -46.59 27.64 36.77
CA ARG S 721 -45.42 27.60 35.89
C ARG S 721 -44.13 27.44 36.68
N ALA S 722 -44.02 28.14 37.81
CA ALA S 722 -42.82 28.03 38.63
C ALA S 722 -42.63 26.60 39.14
N THR S 723 -43.72 25.97 39.58
CA THR S 723 -43.63 24.58 40.03
C THR S 723 -43.08 23.67 38.93
N ILE S 724 -43.65 23.79 37.72
CA ILE S 724 -43.21 22.94 36.62
C ILE S 724 -41.73 23.17 36.33
N GLY S 725 -41.30 24.44 36.31
CA GLY S 725 -39.91 24.74 36.04
C GLY S 725 -38.96 24.13 37.07
N ALA S 726 -39.35 24.21 38.35
CA ALA S 726 -38.51 23.61 39.39
C ALA S 726 -38.34 22.11 39.15
N GLN S 727 -39.44 21.42 38.84
CA GLN S 727 -39.34 19.97 38.64
C GLN S 727 -38.46 19.63 37.44
N ILE S 728 -38.61 20.36 36.33
CA ILE S 728 -37.82 20.03 35.15
C ILE S 728 -36.33 20.29 35.41
N ASN S 729 -36.01 21.36 36.14
CA ASN S 729 -34.61 21.60 36.48
C ASN S 729 -34.03 20.49 37.33
N ARG S 730 -34.80 20.00 38.31
CA ARG S 730 -34.29 18.91 39.15
C ARG S 730 -34.04 17.67 38.31
N LEU S 731 -34.94 17.37 37.36
CA LEU S 731 -34.73 16.22 36.49
C LEU S 731 -33.47 16.38 35.65
N GLU S 732 -33.24 17.60 35.13
CA GLU S 732 -32.04 17.83 34.33
C GLU S 732 -30.78 17.59 35.15
N TYR S 733 -30.76 18.05 36.40
CA TYR S 733 -29.60 17.75 37.25
C TYR S 733 -29.47 16.25 37.51
N THR S 734 -30.57 15.55 37.78
CA THR S 734 -30.43 14.14 38.14
C THR S 734 -30.09 13.26 36.96
N MET S 735 -30.15 13.77 35.73
CA MET S 735 -29.70 12.97 34.57
C MET S 735 -28.26 12.49 34.67
N THR S 736 -27.29 13.39 34.91
CA THR S 736 -25.89 13.10 34.59
C THR S 736 -25.26 12.02 35.47
N GLY S 737 -25.68 11.93 36.73
CA GLY S 737 -25.07 10.96 37.63
C GLY S 737 -25.24 9.53 37.16
N LEU S 738 -26.39 9.23 36.54
CA LEU S 738 -26.63 7.88 36.03
C LEU S 738 -25.62 7.52 34.94
N ASP S 739 -25.35 8.44 34.02
CA ASP S 739 -24.36 8.16 32.98
C ASP S 739 -22.96 8.03 33.56
N THR S 740 -22.61 8.88 34.53
CA THR S 740 -21.31 8.75 35.17
C THR S 740 -21.14 7.38 35.82
N THR S 741 -22.16 6.95 36.57
CA THR S 741 -22.10 5.64 37.22
C THR S 741 -22.05 4.52 36.21
N ARG S 742 -22.79 4.64 35.10
CA ARG S 742 -22.76 3.62 34.06
C ARG S 742 -21.36 3.47 33.48
N GLU S 743 -20.71 4.61 33.16
CA GLU S 743 -19.36 4.54 32.63
C GLU S 743 -18.40 3.92 33.63
N ASN S 744 -18.48 4.33 34.90
CA ASN S 744 -17.57 3.80 35.90
C ASN S 744 -17.75 2.30 36.09
N LEU S 745 -19.00 1.83 36.13
CA LEU S 745 -19.25 0.41 36.35
C LEU S 745 -18.94 -0.43 35.12
N THR S 746 -19.17 0.10 33.91
CA THR S 746 -18.80 -0.66 32.73
C THR S 746 -17.29 -0.69 32.52
N ALA S 747 -16.57 0.30 33.08
CA ALA S 747 -15.12 0.22 33.11
C ALA S 747 -14.64 -0.79 34.14
N ALA S 748 -15.27 -0.79 35.32
CA ALA S 748 -14.88 -1.72 36.37
C ALA S 748 -15.15 -3.17 35.97
N GLU S 749 -16.29 -3.42 35.29
CA GLU S 749 -16.60 -4.77 34.88
C GLU S 749 -15.64 -5.27 33.80
N SER S 750 -15.18 -4.37 32.93
CA SER S 750 -14.22 -4.76 31.91
C SER S 750 -12.81 -4.80 32.49
N ARG S 751 -12.66 -5.49 33.62
CA ARG S 751 -11.36 -5.90 34.13
C ARG S 751 -11.26 -7.40 34.30
N ILE S 752 -12.32 -8.13 33.97
CA ILE S 752 -12.37 -9.58 34.08
C ILE S 752 -12.79 -10.19 32.74
N ARG S 753 -12.61 -9.43 31.65
CA ARG S 753 -13.09 -9.86 30.34
C ARG S 753 -12.11 -10.82 29.70
N ASP S 754 -10.88 -10.38 29.46
CA ASP S 754 -9.87 -11.26 28.89
C ASP S 754 -8.49 -10.72 29.25
N LEU S 755 -7.50 -11.61 29.19
CA LEU S 755 -6.12 -11.20 29.40
C LEU S 755 -5.63 -10.38 28.23
N ASP S 756 -4.64 -9.53 28.49
CA ASP S 756 -3.91 -8.90 27.40
C ASP S 756 -3.31 -10.00 26.53
N ILE S 757 -3.53 -9.90 25.22
CA ILE S 757 -3.29 -10.98 24.28
C ILE S 757 -1.84 -11.45 24.30
N ALA S 758 -0.94 -10.61 24.83
CA ALA S 758 0.49 -10.92 24.79
C ALA S 758 0.81 -12.21 25.53
N ASP S 759 0.37 -12.34 26.79
CA ASP S 759 0.75 -13.50 27.59
C ASP S 759 0.06 -14.77 27.10
N GLU S 760 -1.20 -14.65 26.66
CA GLU S 760 -1.87 -15.81 26.07
C GLU S 760 -1.14 -16.29 24.83
N MET S 761 -0.71 -15.36 23.97
CA MET S 761 0.03 -15.73 22.78
C MET S 761 1.36 -16.39 23.14
N ALA S 762 2.03 -15.86 24.18
CA ALA S 762 3.29 -16.45 24.61
C ALA S 762 3.08 -17.88 25.11
N LYS S 763 2.02 -18.09 25.89
CA LYS S 763 1.73 -19.44 26.39
C LYS S 763 1.44 -20.38 25.22
N PHE S 764 0.66 -19.91 24.25
CA PHE S 764 0.37 -20.71 23.07
C PHE S 764 1.65 -21.11 22.34
N THR S 765 2.53 -20.14 22.11
CA THR S 765 3.77 -20.42 21.39
C THR S 765 4.63 -21.41 22.16
N LYS S 766 4.75 -21.24 23.48
CA LYS S 766 5.58 -22.12 24.27
C LYS S 766 5.06 -23.56 24.22
N ASN S 767 3.76 -23.75 24.43
CA ASN S 767 3.20 -25.10 24.39
C ASN S 767 3.34 -25.72 23.00
N GLN S 768 3.09 -24.93 21.96
CA GLN S 768 3.20 -25.44 20.60
C GLN S 768 4.63 -25.89 20.32
N ILE S 769 5.62 -25.11 20.75
CA ILE S 769 7.02 -25.49 20.53
C ILE S 769 7.36 -26.77 21.30
N LEU S 770 6.89 -26.88 22.54
CA LEU S 770 7.26 -28.03 23.36
C LEU S 770 6.63 -29.32 22.85
N ALA S 771 5.47 -29.22 22.19
CA ALA S 771 4.76 -30.42 21.74
C ALA S 771 5.60 -31.24 20.77
N GLN S 772 6.24 -30.59 19.79
CA GLN S 772 7.01 -31.35 18.79
C GLN S 772 8.21 -32.03 19.43
N SER S 773 8.86 -31.38 20.39
CA SER S 773 9.98 -32.02 21.08
C SER S 773 9.50 -33.26 21.82
N ASN S 774 8.34 -33.16 22.49
CA ASN S 774 7.79 -34.34 23.16
C ASN S 774 7.52 -35.46 22.16
N ILE S 775 6.96 -35.13 21.00
CA ILE S 775 6.64 -36.14 19.99
C ILE S 775 7.91 -36.82 19.49
N SER S 776 8.96 -36.04 19.22
CA SER S 776 10.20 -36.61 18.72
C SER S 776 10.84 -37.54 19.76
N MET S 777 10.82 -37.12 21.02
CA MET S 777 11.36 -37.98 22.07
C MET S 777 10.56 -39.28 22.18
N LEU S 778 9.24 -39.20 22.06
CA LEU S 778 8.41 -40.40 22.07
C LEU S 778 8.79 -41.33 20.92
N ALA S 779 9.01 -40.76 19.73
CA ALA S 779 9.37 -41.58 18.57
C ALA S 779 10.70 -42.31 18.81
N GLN S 780 11.71 -41.59 19.30
CA GLN S 780 13.00 -42.21 19.55
C GLN S 780 12.90 -43.30 20.61
N ALA S 781 12.12 -43.04 21.66
CA ALA S 781 11.95 -44.03 22.73
C ALA S 781 11.27 -45.29 22.20
N ASN S 782 10.24 -45.12 21.36
CA ASN S 782 9.62 -46.28 20.72
C ASN S 782 10.63 -47.02 19.84
N SER S 783 11.52 -46.29 19.18
CA SER S 783 12.45 -46.91 18.25
C SER S 783 13.45 -47.82 18.96
N LEU S 784 14.15 -47.29 19.97
CA LEU S 784 15.41 -47.92 20.39
C LEU S 784 15.30 -49.37 20.83
N PRO S 785 14.35 -49.78 21.69
CA PRO S 785 14.52 -51.05 22.41
C PRO S 785 14.47 -52.28 21.53
N GLN S 786 13.49 -52.37 20.62
CA GLN S 786 13.30 -53.61 19.88
C GLN S 786 14.49 -53.90 18.97
N MET S 787 14.99 -52.90 18.24
CA MET S 787 16.16 -53.11 17.41
C MET S 787 17.40 -53.42 18.25
N ALA S 788 17.56 -52.74 19.40
CA ALA S 788 18.69 -53.06 20.26
C ALA S 788 18.66 -54.52 20.68
N LEU S 789 17.53 -54.99 21.18
CA LEU S 789 17.45 -56.35 21.70
C LEU S 789 17.52 -57.39 20.59
N SER S 790 16.93 -57.10 19.43
CA SER S 790 17.04 -58.02 18.31
C SER S 790 18.48 -58.13 17.84
N LEU S 791 19.22 -57.02 17.86
CA LEU S 791 20.66 -57.10 17.59
C LEU S 791 21.34 -57.99 18.62
N LEU S 792 20.98 -57.85 19.90
CA LEU S 792 21.57 -58.70 20.92
C LEU S 792 21.23 -60.17 20.71
N GLY S 793 19.99 -60.46 20.35
CA GLY S 793 19.50 -61.82 20.23
C GLY S 793 20.21 -62.69 19.21
N ALA T 2 41.87 -107.24 35.89
CA ALA T 2 41.68 -107.78 34.55
C ALA T 2 40.50 -107.12 33.87
N MET T 3 40.51 -107.10 32.54
CA MET T 3 39.38 -106.59 31.77
C MET T 3 38.20 -107.55 31.89
N TYR T 4 37.00 -106.99 31.87
CA TYR T 4 35.80 -107.76 32.12
C TYR T 4 34.83 -107.66 30.94
N ILE T 5 33.68 -108.31 31.11
CA ILE T 5 32.65 -108.43 30.09
C ILE T 5 31.30 -108.11 30.73
N ASN T 6 30.47 -107.35 30.01
CA ASN T 6 29.11 -106.99 30.45
C ASN T 6 29.15 -106.00 31.61
N THR T 7 30.21 -105.20 31.70
CA THR T 7 30.39 -104.28 32.82
C THR T 7 30.92 -102.93 32.35
N ASN T 8 30.30 -102.34 31.33
CA ASN T 8 30.73 -101.05 30.79
C ASN T 8 30.11 -99.91 31.61
N VAL T 9 30.62 -99.76 32.83
CA VAL T 9 30.10 -98.74 33.76
C VAL T 9 30.31 -97.31 33.26
N PRO T 10 31.49 -96.92 32.73
CA PRO T 10 31.66 -95.53 32.30
C PRO T 10 30.64 -95.09 31.27
N SER T 11 30.16 -96.03 30.44
CA SER T 11 29.06 -95.71 29.54
C SER T 11 27.82 -95.29 30.31
N LEU T 12 27.52 -95.99 31.41
CA LEU T 12 26.37 -95.61 32.23
C LEU T 12 26.56 -94.23 32.85
N THR T 13 27.77 -93.94 33.33
CA THR T 13 28.03 -92.62 33.92
C THR T 13 27.83 -91.51 32.89
N ALA T 14 28.40 -91.71 31.69
CA ALA T 14 28.24 -90.73 30.62
C ALA T 14 26.78 -90.58 30.23
N GLN T 15 26.03 -91.69 30.23
CA GLN T 15 24.61 -91.63 29.92
C GLN T 15 23.85 -90.77 30.92
N ARG T 16 24.15 -90.94 32.21
CA ARG T 16 23.48 -90.13 33.23
C ARG T 16 23.78 -88.64 33.03
N TYR T 17 25.06 -88.32 32.84
CA TYR T 17 25.43 -86.91 32.68
C TYR T 17 24.80 -86.31 31.42
N LEU T 18 24.79 -87.08 30.32
CA LEU T 18 24.15 -86.62 29.09
C LEU T 18 22.66 -86.39 29.28
N GLY T 19 21.99 -87.27 30.03
CA GLY T 19 20.58 -87.07 30.30
C GLY T 19 20.31 -85.77 31.03
N GLU T 20 21.10 -85.50 32.07
CA GLU T 20 20.92 -84.22 32.77
C GLU T 20 21.20 -83.04 31.86
N THR T 21 22.23 -83.13 31.02
CA THR T 21 22.54 -82.03 30.10
C THR T 21 21.39 -81.77 29.14
N ASN T 22 20.81 -82.84 28.59
CA ASN T 22 19.68 -82.66 27.67
C ASN T 22 18.48 -82.06 28.37
N ASN T 23 18.21 -82.49 29.61
CA ASN T 23 17.13 -81.89 30.40
C ASN T 23 17.35 -80.39 30.53
N ALA T 24 18.56 -79.98 30.90
CA ALA T 24 18.84 -78.56 31.07
C ALA T 24 18.67 -77.80 29.76
N VAL T 25 19.14 -78.37 28.65
CA VAL T 25 19.02 -77.70 27.35
C VAL T 25 17.56 -77.50 26.98
N SER T 26 16.73 -78.53 27.17
CA SER T 26 15.32 -78.42 26.82
C SER T 26 14.63 -77.36 27.69
N LYS T 27 14.94 -77.35 28.99
CA LYS T 27 14.33 -76.36 29.87
C LYS T 27 14.72 -74.94 29.46
N SER T 28 16.00 -74.72 29.14
CA SER T 28 16.44 -73.40 28.74
C SER T 28 15.78 -72.96 27.45
N LEU T 29 15.66 -73.87 26.48
CA LEU T 29 15.01 -73.53 25.22
C LEU T 29 13.55 -73.17 25.44
N GLU T 30 12.84 -73.93 26.28
CA GLU T 30 11.44 -73.63 26.53
C GLU T 30 11.30 -72.27 27.20
N ARG T 31 12.15 -71.97 28.18
CA ARG T 31 12.08 -70.68 28.86
C ARG T 31 12.34 -69.53 27.90
N LEU T 32 13.37 -69.65 27.05
CA LEU T 32 13.69 -68.59 26.12
C LEU T 32 12.57 -68.39 25.10
N SER T 33 11.98 -69.49 24.61
CA SER T 33 10.88 -69.36 23.66
C SER T 33 9.67 -68.70 24.30
N SER T 34 9.34 -69.08 25.54
CA SER T 34 8.20 -68.47 26.21
C SER T 34 8.43 -66.99 26.48
N GLY T 35 9.63 -66.62 26.90
CA GLY T 35 9.91 -65.24 27.22
C GLY T 35 9.43 -64.81 28.58
N LEU T 36 9.18 -65.74 29.49
CA LEU T 36 8.79 -65.44 30.86
C LEU T 36 9.71 -66.20 31.81
N ARG T 37 9.89 -65.67 33.01
CA ARG T 37 10.69 -66.36 34.02
C ARG T 37 9.99 -67.61 34.52
N ILE T 38 8.84 -67.42 35.17
CA ILE T 38 8.29 -68.47 36.02
C ILE T 38 7.68 -69.58 35.19
N ASN T 39 6.61 -69.27 34.45
CA ASN T 39 5.84 -70.28 33.73
C ASN T 39 5.39 -71.39 34.68
N SER T 40 4.85 -72.48 34.12
CA SER T 40 4.46 -73.65 34.89
C SER T 40 3.77 -73.30 36.20
N ALA T 41 4.04 -74.07 37.25
CA ALA T 41 3.66 -73.68 38.60
C ALA T 41 4.72 -74.00 39.64
N SER T 42 5.82 -74.64 39.28
CA SER T 42 6.77 -75.16 40.25
C SER T 42 8.12 -74.46 40.22
N ASP T 43 8.40 -73.66 39.19
CA ASP T 43 9.67 -72.93 39.17
C ASP T 43 9.73 -71.91 40.30
N ASP T 44 8.63 -71.22 40.57
CA ASP T 44 8.51 -70.33 41.71
C ASP T 44 7.15 -70.54 42.36
N ALA T 45 7.11 -70.50 43.68
CA ALA T 45 5.88 -70.76 44.42
C ALA T 45 5.34 -69.54 45.15
N SER T 46 5.97 -68.38 44.99
CA SER T 46 5.55 -67.18 45.73
C SER T 46 5.26 -65.98 44.84
N GLY T 47 5.92 -65.86 43.68
CA GLY T 47 5.69 -64.73 42.80
C GLY T 47 4.37 -64.79 42.06
N LEU T 48 3.79 -65.99 41.93
CA LEU T 48 2.55 -66.14 41.17
C LEU T 48 1.42 -65.32 41.78
N ALA T 49 1.24 -65.42 43.10
CA ALA T 49 0.16 -64.68 43.76
C ALA T 49 0.33 -63.18 43.61
N ILE T 50 1.56 -62.69 43.81
CA ILE T 50 1.83 -61.27 43.67
C ILE T 50 1.52 -60.80 42.26
N SER T 51 1.95 -61.57 41.26
CA SER T 51 1.68 -61.20 39.88
C SER T 51 0.18 -61.16 39.59
N GLU T 52 -0.57 -62.13 40.11
CA GLU T 52 -2.01 -62.16 39.86
C GLU T 52 -2.70 -60.95 40.49
N LYS T 53 -2.34 -60.62 41.73
CA LYS T 53 -2.91 -59.44 42.37
C LYS T 53 -2.57 -58.18 41.59
N LEU T 54 -1.34 -58.06 41.13
CA LEU T 54 -0.94 -56.86 40.41
C LEU T 54 -1.69 -56.72 39.08
N ARG T 55 -1.87 -57.81 38.35
CA ARG T 55 -2.61 -57.75 37.08
C ARG T 55 -4.07 -57.36 37.32
N GLY T 56 -4.69 -57.94 38.36
CA GLY T 56 -6.05 -57.56 38.68
C GLY T 56 -6.18 -56.08 39.03
N GLN T 57 -5.25 -55.57 39.83
CA GLN T 57 -5.28 -54.16 40.18
C GLN T 57 -5.08 -53.27 38.95
N ILE T 58 -4.21 -53.67 38.03
CA ILE T 58 -3.99 -52.88 36.81
C ILE T 58 -5.27 -52.77 36.01
N SER T 59 -5.97 -53.89 35.84
CA SER T 59 -7.22 -53.87 35.09
C SER T 59 -8.26 -52.98 35.77
N GLY T 60 -8.39 -53.09 37.08
CA GLY T 60 -9.32 -52.23 37.80
C GLY T 60 -9.00 -50.76 37.64
N LEU T 61 -7.71 -50.42 37.68
CA LEU T 61 -7.30 -49.03 37.54
C LEU T 61 -7.68 -48.49 36.15
N LYS T 62 -7.50 -49.30 35.11
CA LYS T 62 -7.91 -48.86 33.78
C LYS T 62 -9.41 -48.61 33.72
N ARG T 63 -10.20 -49.50 34.33
CA ARG T 63 -11.64 -49.31 34.35
C ARG T 63 -12.02 -47.99 35.03
N ALA T 64 -11.42 -47.71 36.18
CA ALA T 64 -11.72 -46.46 36.87
C ALA T 64 -11.32 -45.24 36.03
N SER T 65 -10.18 -45.34 35.35
CA SER T 65 -9.73 -44.24 34.50
C SER T 65 -10.77 -43.91 33.43
N LEU T 66 -11.33 -44.93 32.79
CA LEU T 66 -12.39 -44.66 31.80
C LEU T 66 -13.63 -44.07 32.46
N ASN T 67 -14.02 -44.62 33.62
CA ASN T 67 -15.22 -44.15 34.31
C ASN T 67 -15.15 -42.67 34.61
N ALA T 68 -13.97 -42.14 34.92
CA ALA T 68 -13.85 -40.72 35.27
C ALA T 68 -14.34 -39.81 34.15
N GLN T 69 -13.82 -40.01 32.94
CA GLN T 69 -14.22 -39.18 31.79
C GLN T 69 -15.70 -39.38 31.48
N ASP T 70 -16.14 -40.65 31.48
CA ASP T 70 -17.55 -40.91 31.24
C ASP T 70 -18.43 -40.13 32.21
N GLY T 71 -17.96 -39.96 33.45
CA GLY T 71 -18.69 -39.14 34.40
C GLY T 71 -18.65 -37.66 34.08
N ILE T 72 -17.48 -37.14 33.71
CA ILE T 72 -17.34 -35.68 33.59
C ILE T 72 -18.19 -35.12 32.45
N SER T 73 -18.43 -35.91 31.39
CA SER T 73 -19.21 -35.41 30.27
C SER T 73 -20.60 -34.93 30.71
N LEU T 74 -21.21 -35.63 31.66
CA LEU T 74 -22.56 -35.32 32.12
C LEU T 74 -22.63 -33.92 32.73
N LEU T 75 -21.68 -33.62 33.62
CA LEU T 75 -21.64 -32.30 34.24
C LEU T 75 -21.41 -31.22 33.19
N GLN T 76 -20.59 -31.51 32.18
CA GLN T 76 -20.41 -30.53 31.11
C GLN T 76 -21.74 -30.17 30.46
N THR T 77 -22.54 -31.20 30.11
CA THR T 77 -23.83 -30.93 29.46
C THR T 77 -24.77 -30.14 30.36
N ALA T 78 -24.85 -30.52 31.63
CA ALA T 78 -25.73 -29.80 32.55
C ALA T 78 -25.32 -28.34 32.68
N GLU T 79 -24.01 -28.08 32.74
CA GLU T 79 -23.54 -26.70 32.85
C GLU T 79 -23.92 -25.88 31.64
N GLY T 80 -23.84 -26.48 30.44
CA GLY T 80 -24.27 -25.76 29.25
C GLY T 80 -25.74 -25.36 29.33
N GLY T 81 -26.60 -26.30 29.72
CA GLY T 81 -28.01 -25.96 29.87
C GLY T 81 -28.25 -24.83 30.85
N LEU T 82 -27.59 -24.89 32.01
CA LEU T 82 -27.78 -23.87 33.03
C LEU T 82 -27.29 -22.50 32.54
N GLN T 83 -26.23 -22.50 31.74
CA GLN T 83 -25.77 -21.25 31.13
C GLN T 83 -26.85 -20.64 30.24
N ASN T 84 -27.51 -21.46 29.43
CA ASN T 84 -28.59 -20.92 28.60
C ASN T 84 -29.70 -20.30 29.47
N ILE T 85 -30.10 -21.01 30.52
CA ILE T 85 -31.17 -20.51 31.39
C ILE T 85 -30.79 -19.17 32.00
N GLN T 86 -29.57 -19.08 32.54
CA GLN T 86 -29.15 -17.84 33.18
C GLN T 86 -29.01 -16.71 32.17
N ASP T 87 -28.69 -17.05 30.91
CA ASP T 87 -28.70 -16.03 29.87
C ASP T 87 -30.09 -15.44 29.71
N MET T 88 -31.12 -16.30 29.67
CA MET T 88 -32.47 -15.80 29.44
C MET T 88 -32.98 -14.95 30.61
N LEU T 89 -32.64 -15.33 31.85
CA LEU T 89 -33.16 -14.60 33.00
C LEU T 89 -32.73 -13.14 32.99
N GLN T 90 -31.58 -12.84 32.41
CA GLN T 90 -31.08 -11.47 32.39
C GLN T 90 -31.95 -10.57 31.52
N ARG T 91 -32.30 -11.04 30.32
CA ARG T 91 -33.21 -10.27 29.47
C ARG T 91 -34.58 -10.15 30.13
N MET T 92 -35.01 -11.18 30.86
CA MET T 92 -36.26 -11.05 31.59
C MET T 92 -36.20 -9.91 32.60
N ARG T 93 -35.09 -9.81 33.34
CA ARG T 93 -34.94 -8.72 34.30
C ARG T 93 -34.91 -7.35 33.61
N GLU T 94 -34.22 -7.27 32.47
CA GLU T 94 -34.16 -6.00 31.74
C GLU T 94 -35.54 -5.57 31.28
N LEU T 95 -36.33 -6.50 30.74
CA LEU T 95 -37.69 -6.16 30.36
C LEU T 95 -38.56 -5.82 31.57
N ALA T 96 -38.30 -6.43 32.72
CA ALA T 96 -39.04 -6.07 33.92
C ALA T 96 -38.78 -4.62 34.32
N VAL T 97 -37.52 -4.20 34.26
CA VAL T 97 -37.22 -2.81 34.60
C VAL T 97 -37.66 -1.86 33.49
N GLN T 98 -37.83 -2.36 32.26
CA GLN T 98 -38.39 -1.54 31.18
C GLN T 98 -39.73 -0.96 31.59
N ALA T 99 -40.64 -1.81 32.07
CA ALA T 99 -41.95 -1.34 32.51
C ALA T 99 -41.90 -0.92 33.98
N GLY T 100 -42.68 0.10 34.30
CA GLY T 100 -42.69 0.65 35.64
C GLY T 100 -42.78 2.17 35.63
N ASN T 101 -42.59 2.76 34.46
CA ASN T 101 -42.74 4.18 34.30
C ASN T 101 -44.19 4.53 33.99
N GLY T 102 -44.66 5.65 34.53
CA GLY T 102 -45.98 6.06 34.13
C GLY T 102 -45.95 7.04 32.98
N VAL T 103 -45.97 6.51 31.76
CA VAL T 103 -46.29 7.25 30.55
C VAL T 103 -47.21 6.38 29.71
N TYR T 104 -47.26 5.09 30.07
CA TYR T 104 -47.92 4.07 29.28
C TYR T 104 -49.35 3.86 29.76
N THR T 105 -50.24 3.58 28.81
CA THR T 105 -51.60 3.16 29.13
C THR T 105 -51.57 1.71 29.59
N THR T 106 -52.76 1.14 29.84
CA THR T 106 -52.84 -0.21 30.36
C THR T 106 -52.74 -1.29 29.28
N ASN T 107 -52.68 -0.91 28.01
CA ASN T 107 -52.53 -1.87 26.93
C ASN T 107 -51.07 -2.23 26.65
N ASP T 108 -50.16 -1.27 26.78
CA ASP T 108 -48.75 -1.54 26.51
C ASP T 108 -48.17 -2.52 27.53
N ARG T 109 -48.63 -2.43 28.79
CA ARG T 109 -48.15 -3.34 29.81
C ARG T 109 -48.55 -4.78 29.49
N ALA T 110 -49.78 -4.99 29.03
CA ALA T 110 -50.20 -6.32 28.59
C ALA T 110 -49.41 -6.76 27.36
N GLU T 111 -49.14 -5.82 26.45
CA GLU T 111 -48.31 -6.13 25.29
C GLU T 111 -46.95 -6.68 25.72
N ILE T 112 -46.35 -6.09 26.75
CA ILE T 112 -45.10 -6.62 27.30
C ILE T 112 -45.33 -7.98 27.96
N GLN T 113 -46.44 -8.10 28.68
CA GLN T 113 -46.76 -9.34 29.40
C GLN T 113 -46.80 -10.53 28.46
N LYS T 114 -47.21 -10.31 27.20
CA LYS T 114 -47.28 -11.43 26.25
C LYS T 114 -45.91 -12.08 26.06
N GLU T 115 -44.89 -11.30 25.71
CA GLU T 115 -43.58 -11.91 25.52
C GLU T 115 -42.95 -12.34 26.83
N VAL T 116 -43.35 -11.71 27.95
CA VAL T 116 -42.88 -12.20 29.24
C VAL T 116 -43.38 -13.62 29.48
N ASP T 117 -44.67 -13.86 29.20
CA ASP T 117 -45.24 -15.19 29.35
C ASP T 117 -44.60 -16.18 28.39
N GLN T 118 -44.33 -15.76 27.15
CA GLN T 118 -43.68 -16.69 26.22
C GLN T 118 -42.28 -17.05 26.67
N LEU T 119 -41.55 -16.09 27.25
CA LEU T 119 -40.23 -16.40 27.80
C LEU T 119 -40.35 -17.39 28.96
N LYS T 120 -41.36 -17.24 29.80
CA LYS T 120 -41.60 -18.22 30.86
C LYS T 120 -41.82 -19.61 30.27
N GLU T 121 -42.64 -19.71 29.22
CA GLU T 121 -42.89 -21.00 28.60
C GLU T 121 -41.60 -21.61 28.06
N GLU T 122 -40.77 -20.80 27.41
CA GLU T 122 -39.53 -21.31 26.84
C GLU T 122 -38.57 -21.78 27.95
N ILE T 123 -38.51 -21.05 29.07
CA ILE T 123 -37.62 -21.47 30.14
C ILE T 123 -38.11 -22.79 30.76
N ASN T 124 -39.42 -22.97 30.86
CA ASN T 124 -39.93 -24.26 31.33
C ASN T 124 -39.57 -25.37 30.35
N ARG T 125 -39.67 -25.09 29.05
CA ARG T 125 -39.33 -26.11 28.05
C ARG T 125 -37.86 -26.51 28.16
N ILE T 126 -36.97 -25.54 28.30
CA ILE T 126 -35.55 -25.86 28.39
C ILE T 126 -35.24 -26.55 29.72
N ALA T 127 -35.99 -26.24 30.77
CA ALA T 127 -35.83 -26.96 32.04
C ALA T 127 -36.22 -28.43 31.88
N SER T 128 -37.27 -28.71 31.13
CA SER T 128 -37.77 -30.07 31.00
C SER T 128 -37.27 -30.79 29.75
N SER T 129 -36.32 -30.22 29.01
CA SER T 129 -35.89 -30.81 27.75
C SER T 129 -34.51 -31.47 27.79
N THR T 130 -33.69 -31.18 28.81
CA THR T 130 -32.33 -31.72 28.84
C THR T 130 -32.36 -33.23 29.00
N GLU T 131 -31.39 -33.90 28.37
CA GLU T 131 -31.38 -35.35 28.31
C GLU T 131 -29.95 -35.86 28.13
N PHE T 132 -29.67 -37.01 28.76
CA PHE T 132 -28.40 -37.71 28.54
C PHE T 132 -28.63 -39.19 28.80
N ASN T 133 -28.54 -40.00 27.75
CA ASN T 133 -28.67 -41.45 27.85
C ASN T 133 -29.99 -41.85 28.51
N THR T 134 -31.07 -41.22 28.07
CA THR T 134 -32.45 -41.53 28.49
C THR T 134 -32.65 -41.36 29.99
N LYS T 135 -31.77 -40.63 30.67
CA LYS T 135 -31.91 -40.30 32.08
C LYS T 135 -31.92 -38.78 32.19
N LYS T 136 -33.12 -38.20 32.29
CA LYS T 136 -33.25 -36.75 32.36
C LYS T 136 -32.65 -36.21 33.64
N LEU T 137 -32.05 -35.02 33.56
CA LEU T 137 -31.16 -34.51 34.59
C LEU T 137 -31.79 -33.46 35.49
N LEU T 138 -32.28 -32.36 34.90
CA LEU T 138 -32.50 -31.15 35.67
C LEU T 138 -33.75 -31.20 36.54
N ASN T 139 -34.82 -31.87 36.10
CA ASN T 139 -36.08 -31.80 36.84
C ASN T 139 -36.12 -32.76 38.01
N GLY T 140 -35.13 -32.68 38.89
CA GLY T 140 -35.16 -33.45 40.12
C GLY T 140 -35.16 -34.95 39.93
N ASP T 141 -34.71 -35.43 38.78
CA ASP T 141 -34.59 -36.86 38.53
C ASP T 141 -33.21 -37.39 38.87
N SER T 142 -32.38 -36.58 39.51
CA SER T 142 -31.04 -36.99 39.90
C SER T 142 -30.88 -37.26 41.39
N THR T 143 -31.77 -36.76 42.25
CA THR T 143 -31.64 -36.94 43.69
C THR T 143 -32.76 -37.77 44.28
N ALA T 144 -34.02 -37.38 44.08
CA ALA T 144 -35.13 -37.98 44.80
C ALA T 144 -36.33 -38.18 43.88
N LEU T 145 -37.41 -38.68 44.47
CA LEU T 145 -38.65 -38.97 43.75
C LEU T 145 -39.78 -39.06 44.76
N TRP T 146 -40.85 -38.31 44.53
CA TRP T 146 -41.94 -38.19 45.49
C TRP T 146 -43.28 -38.50 44.84
N SER T 147 -44.24 -38.91 45.66
CA SER T 147 -45.60 -39.14 45.22
C SER T 147 -46.53 -39.04 46.43
N SER T 148 -47.70 -38.44 46.21
CA SER T 148 -48.66 -38.20 47.29
C SER T 148 -50.06 -38.48 46.79
N ASP T 149 -51.01 -38.47 47.72
CA ASP T 149 -52.41 -38.79 47.42
C ASP T 149 -53.28 -37.56 47.20
N SER T 150 -53.12 -36.53 48.03
CA SER T 150 -53.93 -35.32 47.87
C SER T 150 -53.48 -34.53 46.65
N SER T 151 -54.41 -33.80 46.04
CA SER T 151 -54.13 -33.04 44.84
C SER T 151 -53.95 -31.55 45.09
N ASP T 152 -53.47 -31.17 46.27
CA ASP T 152 -53.23 -29.77 46.63
C ASP T 152 -51.90 -29.63 47.37
N LEU T 153 -51.00 -30.58 47.14
CA LEU T 153 -49.73 -30.59 47.86
C LEU T 153 -48.59 -30.50 46.85
N ASP T 154 -47.71 -29.53 47.06
CA ASP T 154 -46.58 -29.29 46.18
C ASP T 154 -45.28 -29.60 46.91
N VAL T 155 -44.37 -30.27 46.21
CA VAL T 155 -43.10 -30.68 46.80
C VAL T 155 -41.96 -30.16 45.92
N VAL T 156 -40.99 -29.49 46.55
CA VAL T 156 -39.82 -29.00 45.86
C VAL T 156 -38.58 -29.59 46.50
N ILE T 157 -37.65 -30.05 45.67
CA ILE T 157 -36.46 -30.78 46.08
C ILE T 157 -35.28 -29.82 46.09
N LYS T 158 -34.53 -29.82 47.19
CA LYS T 158 -33.30 -29.03 47.29
C LYS T 158 -32.07 -29.91 47.43
N SER T 159 -32.05 -30.83 48.40
CA SER T 159 -30.89 -31.66 48.66
C SER T 159 -31.30 -33.10 48.92
N ALA T 160 -30.39 -33.90 49.46
CA ALA T 160 -30.67 -35.31 49.73
C ALA T 160 -31.84 -35.45 50.69
N VAL T 161 -32.68 -36.45 50.43
CA VAL T 161 -33.85 -36.75 51.25
C VAL T 161 -33.53 -37.98 52.08
N ALA T 162 -34.39 -38.27 53.06
CA ALA T 162 -34.03 -39.38 53.94
C ALA T 162 -34.64 -40.70 53.48
N GLU T 163 -35.95 -40.87 53.67
CA GLU T 163 -36.72 -42.08 53.30
C GLU T 163 -38.19 -41.98 53.70
N GLY T 164 -38.97 -42.98 53.31
CA GLY T 164 -40.12 -43.42 54.07
C GLY T 164 -41.40 -42.69 53.73
N ASN T 165 -42.45 -43.08 54.47
CA ASN T 165 -43.79 -42.54 54.33
C ASN T 165 -44.09 -41.63 55.52
N TYR T 166 -44.74 -40.51 55.26
CA TYR T 166 -45.02 -39.51 56.28
C TYR T 166 -46.51 -39.18 56.33
N ASN T 167 -46.96 -38.77 57.52
CA ASN T 167 -48.35 -38.40 57.77
C ASN T 167 -48.40 -36.99 58.32
N LEU T 168 -49.28 -36.17 57.75
CA LEU T 168 -49.37 -34.75 58.08
C LEU T 168 -50.76 -34.43 58.63
N ASN T 169 -50.79 -33.47 59.56
CA ASN T 169 -52.02 -33.01 60.18
C ASN T 169 -52.03 -31.49 60.13
N VAL T 170 -53.19 -30.92 59.79
CA VAL T 170 -53.31 -29.50 59.50
C VAL T 170 -54.38 -28.88 60.39
N THR T 171 -54.05 -27.76 61.03
CA THR T 171 -55.00 -26.95 61.78
C THR T 171 -54.96 -25.53 61.23
N VAL T 172 -56.13 -24.96 60.97
CA VAL T 172 -56.23 -23.69 60.25
C VAL T 172 -56.87 -22.64 61.13
N ASP T 173 -56.36 -21.41 61.04
CA ASP T 173 -56.97 -20.25 61.69
C ASP T 173 -57.01 -19.13 60.64
N PRO T 174 -58.20 -18.68 60.24
CA PRO T 174 -58.32 -17.96 58.97
C PRO T 174 -57.95 -16.48 59.09
N GLY T 175 -58.05 -15.80 57.94
CA GLY T 175 -57.68 -14.40 57.83
C GLY T 175 -58.77 -13.52 57.24
N LYS T 176 -58.44 -12.74 56.22
CA LYS T 176 -59.34 -11.72 55.68
C LYS T 176 -59.19 -11.65 54.17
N ASN T 177 -60.07 -10.87 53.53
CA ASN T 177 -60.11 -10.79 52.06
C ASN T 177 -60.09 -9.35 51.57
N PHE T 178 -60.18 -9.18 50.25
CA PHE T 178 -60.11 -7.87 49.61
C PHE T 178 -61.49 -7.44 49.13
N VAL T 179 -61.86 -6.19 49.41
CA VAL T 179 -63.19 -5.67 49.07
C VAL T 179 -63.01 -4.36 48.31
N TYR T 180 -63.62 -4.29 47.12
CA TYR T 180 -63.52 -3.16 46.20
C TYR T 180 -64.86 -2.45 46.03
N LYS T 181 -64.79 -1.16 45.72
CA LYS T 181 -65.96 -0.32 45.51
C LYS T 181 -65.78 0.52 44.25
N SER T 182 -66.85 0.66 43.48
CA SER T 182 -66.87 1.45 42.26
C SER T 182 -67.33 2.89 42.56
N ASP T 183 -67.62 3.65 41.50
CA ASP T 183 -67.97 5.05 41.63
C ASP T 183 -69.48 5.25 41.67
N VAL T 184 -69.90 6.50 41.72
CA VAL T 184 -71.30 6.89 41.80
C VAL T 184 -71.83 7.06 40.38
N MET T 185 -73.06 6.59 40.15
CA MET T 185 -73.69 6.66 38.85
C MET T 185 -74.85 7.65 38.87
N THR T 186 -74.94 8.46 37.84
CA THR T 186 -75.99 9.45 37.71
C THR T 186 -76.33 9.61 36.23
N LEU T 187 -77.52 10.14 35.96
CA LEU T 187 -78.07 10.20 34.63
C LEU T 187 -77.73 11.52 33.94
N ASN T 188 -77.88 11.53 32.62
CA ASN T 188 -77.69 12.74 31.84
C ASN T 188 -78.86 13.71 32.07
N GLU T 189 -78.78 14.86 31.41
CA GLU T 189 -79.81 15.89 31.53
C GLU T 189 -80.83 15.83 30.40
N ASP T 190 -80.49 15.23 29.25
CA ASP T 190 -81.47 15.10 28.18
C ASP T 190 -82.62 14.20 28.60
N ALA T 191 -82.36 13.21 29.45
CA ALA T 191 -83.40 12.36 29.99
C ALA T 191 -84.16 13.08 31.09
N ILE T 192 -84.98 12.34 31.84
CA ILE T 192 -85.79 12.84 32.94
C ILE T 192 -86.94 13.68 32.41
N GLY T 193 -88.14 13.48 32.97
CA GLY T 193 -89.31 14.21 32.54
C GLY T 193 -90.50 13.34 32.21
N ALA T 194 -91.63 13.58 32.87
CA ALA T 194 -92.85 12.83 32.62
C ALA T 194 -93.91 13.75 32.01
N GLU T 195 -94.87 13.14 31.31
CA GLU T 195 -95.93 13.92 30.69
C GLU T 195 -97.14 13.04 30.42
N ILE T 196 -98.15 13.68 29.83
CA ILE T 196 -99.42 13.06 29.47
C ILE T 196 -99.44 12.87 27.97
N VAL T 197 -99.76 11.64 27.54
CA VAL T 197 -99.76 11.29 26.12
C VAL T 197 -101.09 10.62 25.78
N THR T 198 -101.47 10.72 24.51
CA THR T 198 -102.71 10.15 23.99
C THR T 198 -102.33 9.14 22.91
N ALA T 199 -102.14 7.89 23.32
CA ALA T 199 -101.80 6.81 22.40
C ALA T 199 -102.84 5.70 22.42
N GLY T 200 -103.33 5.32 23.59
CA GLY T 200 -104.37 4.31 23.66
C GLY T 200 -105.75 4.87 23.49
N GLY T 201 -105.94 6.13 23.87
CA GLY T 201 -107.21 6.81 23.65
C GLY T 201 -108.11 6.86 24.89
N ASP T 202 -108.17 8.03 25.51
CA ASP T 202 -109.06 8.24 26.65
C ASP T 202 -109.22 9.74 26.86
N VAL T 203 -110.19 10.11 27.68
CA VAL T 203 -110.53 11.49 27.95
C VAL T 203 -110.04 11.84 29.35
N ASN T 204 -109.70 13.12 29.53
CA ASN T 204 -109.25 13.64 30.83
C ASN T 204 -110.49 14.01 31.65
N GLU T 205 -110.90 13.13 32.56
CA GLU T 205 -112.04 13.44 33.41
C GLU T 205 -111.65 14.20 34.67
N THR T 206 -110.36 14.33 34.95
CA THR T 206 -109.89 14.85 36.22
C THR T 206 -109.36 16.28 36.05
N ASN T 207 -108.84 16.83 37.13
CA ASN T 207 -108.43 18.24 37.16
C ASN T 207 -106.93 18.39 37.33
N VAL T 208 -106.17 17.32 37.09
CA VAL T 208 -104.73 17.29 37.33
C VAL T 208 -104.05 18.14 36.27
N GLY T 209 -103.28 19.12 36.70
CA GLY T 209 -102.55 19.98 35.78
C GLY T 209 -101.44 19.24 35.07
N PHE T 210 -100.42 18.83 35.82
CA PHE T 210 -99.28 18.11 35.26
C PHE T 210 -98.52 17.46 36.42
N VAL T 211 -97.34 16.93 36.10
CA VAL T 211 -96.51 16.22 37.06
C VAL T 211 -95.10 16.77 36.98
N THR T 212 -94.39 16.71 38.10
CA THR T 212 -93.04 17.25 38.19
C THR T 212 -92.17 16.33 39.04
N ASP T 213 -90.86 16.52 38.90
CA ASP T 213 -89.82 15.82 39.64
C ASP T 213 -89.97 14.30 39.58
N PRO T 214 -89.75 13.67 38.43
CA PRO T 214 -89.60 12.22 38.42
C PRO T 214 -88.16 11.85 38.78
N ASN T 215 -88.01 11.13 39.88
CA ASN T 215 -86.68 10.83 40.41
C ASN T 215 -86.68 9.39 40.90
N THR T 216 -85.87 8.55 40.25
CA THR T 216 -85.65 7.15 40.64
C THR T 216 -86.94 6.32 40.56
N LEU T 217 -87.84 6.70 39.66
CA LEU T 217 -89.14 6.06 39.53
C LEU T 217 -89.13 4.92 38.51
N ALA T 218 -87.99 4.26 38.33
CA ALA T 218 -87.70 3.38 37.20
C ALA T 218 -87.62 4.22 35.95
N SER T 219 -87.72 3.60 34.77
CA SER T 219 -87.45 4.34 33.54
C SER T 219 -88.04 3.61 32.34
N THR T 220 -87.67 4.07 31.14
CA THR T 220 -87.99 3.55 29.82
C THR T 220 -89.45 3.82 29.43
N GLY T 221 -90.26 4.25 30.38
CA GLY T 221 -91.48 4.99 30.11
C GLY T 221 -92.39 4.53 28.98
N THR T 222 -92.28 3.28 28.57
CA THR T 222 -93.13 2.77 27.50
C THR T 222 -94.25 1.88 28.02
N ALA T 223 -94.05 1.25 29.16
CA ALA T 223 -95.13 0.61 29.90
C ALA T 223 -95.83 1.71 30.69
N TYR T 224 -97.01 2.12 30.20
CA TYR T 224 -97.65 3.32 30.67
C TYR T 224 -98.18 3.13 32.09
N TYR T 225 -98.55 4.24 32.73
CA TYR T 225 -98.95 4.20 34.13
C TYR T 225 -100.40 4.63 34.30
N THR T 226 -101.12 3.90 35.15
CA THR T 226 -102.52 4.15 35.47
C THR T 226 -102.58 4.86 36.82
N VAL T 227 -103.10 6.09 36.82
CA VAL T 227 -102.94 7.03 37.91
C VAL T 227 -104.29 7.50 38.45
N ASP T 228 -105.26 6.59 38.55
CA ASP T 228 -106.64 6.94 38.84
C ASP T 228 -106.77 7.91 40.01
N VAL T 229 -107.54 8.97 39.82
CA VAL T 229 -107.80 9.97 40.86
C VAL T 229 -109.31 10.03 41.02
N THR T 230 -109.85 9.26 41.94
CA THR T 230 -111.29 9.11 42.10
C THR T 230 -111.83 10.06 43.16
N ALA T 231 -113.06 10.51 42.94
CA ALA T 231 -113.72 11.48 43.82
C ALA T 231 -114.64 10.81 44.83
N GLY T 232 -114.07 9.99 45.70
CA GLY T 232 -114.81 9.40 46.79
C GLY T 232 -115.43 8.05 46.49
N ALA T 233 -115.04 7.04 47.26
CA ALA T 233 -115.59 5.70 47.15
C ALA T 233 -115.18 4.90 48.39
N ASP T 234 -116.13 4.23 49.03
CA ASP T 234 -115.85 3.53 50.27
C ASP T 234 -114.76 2.49 50.06
N THR T 235 -113.81 2.45 50.99
CA THR T 235 -112.62 1.61 50.86
C THR T 235 -112.59 0.60 51.99
N LEU T 236 -112.32 -0.66 51.65
CA LEU T 236 -112.17 -1.71 52.65
C LEU T 236 -110.71 -2.12 52.74
N SER T 237 -110.30 -2.51 53.95
CA SER T 237 -108.93 -2.95 54.17
C SER T 237 -108.62 -4.17 53.31
N SER T 238 -107.45 -4.13 52.65
CA SER T 238 -107.10 -5.19 51.72
C SER T 238 -105.58 -5.34 51.69
N VAL T 239 -105.15 -6.53 51.30
CA VAL T 239 -103.74 -6.84 51.09
C VAL T 239 -103.63 -7.87 49.98
N ALA T 240 -102.66 -7.67 49.08
CA ALA T 240 -102.52 -8.51 47.91
C ALA T 240 -101.06 -8.91 47.75
N THR T 241 -100.86 -10.12 47.23
CA THR T 241 -99.52 -10.60 46.93
C THR T 241 -98.95 -9.80 45.77
N MET T 242 -97.79 -9.19 45.97
CA MET T 242 -97.25 -8.26 44.99
C MET T 242 -96.21 -8.90 44.08
N SER T 243 -95.18 -9.51 44.67
CA SER T 243 -94.10 -10.04 43.85
C SER T 243 -93.33 -11.12 44.62
N VAL T 244 -92.61 -11.94 43.88
CA VAL T 244 -91.81 -13.04 44.42
C VAL T 244 -90.46 -13.06 43.71
N TYR T 245 -89.45 -13.61 44.38
CA TYR T 245 -88.12 -13.69 43.79
C TYR T 245 -87.40 -14.94 44.28
N ARG T 246 -86.85 -15.70 43.34
CA ARG T 246 -86.12 -16.93 43.60
C ARG T 246 -84.80 -16.88 42.84
N GLN T 247 -83.77 -17.54 43.37
CA GLN T 247 -82.47 -17.58 42.69
C GLN T 247 -82.35 -18.85 41.84
N ALA T 248 -82.26 -20.00 42.51
CA ALA T 248 -82.44 -21.28 41.83
C ALA T 248 -83.54 -22.07 42.53
N GLY T 249 -83.40 -22.18 43.86
CA GLY T 249 -84.40 -22.74 44.75
C GLY T 249 -85.10 -24.00 44.29
N SER T 250 -86.39 -24.08 44.61
CA SER T 250 -87.25 -25.18 44.24
C SER T 250 -88.68 -24.70 44.34
N ASN T 251 -89.63 -25.59 44.08
CA ASN T 251 -91.02 -25.20 44.00
C ASN T 251 -91.56 -24.74 45.34
N PHE T 252 -92.31 -23.63 45.31
CA PHE T 252 -93.11 -23.18 46.45
C PHE T 252 -94.18 -22.21 45.95
N GLY T 253 -95.39 -22.33 46.48
CA GLY T 253 -96.53 -21.57 45.99
C GLY T 253 -96.59 -20.14 46.49
N SER T 254 -97.72 -19.50 46.21
CA SER T 254 -97.96 -18.10 46.56
C SER T 254 -99.39 -17.95 47.03
N VAL T 255 -99.85 -16.70 47.10
CA VAL T 255 -101.19 -16.28 47.52
C VAL T 255 -101.23 -16.18 49.04
N ALA T 256 -101.55 -14.99 49.54
CA ALA T 256 -101.63 -14.72 50.97
C ALA T 256 -103.09 -14.56 51.38
N THR T 257 -103.39 -15.01 52.60
CA THR T 257 -104.73 -14.93 53.15
C THR T 257 -104.68 -14.25 54.51
N TRP T 258 -105.75 -13.52 54.83
CA TRP T 258 -105.88 -12.75 56.04
C TRP T 258 -106.86 -13.41 57.01
N THR T 259 -106.78 -13.01 58.28
CA THR T 259 -107.77 -13.37 59.29
C THR T 259 -108.50 -12.11 59.70
N THR T 260 -109.77 -12.00 59.29
CA THR T 260 -110.51 -10.76 59.47
C THR T 260 -110.64 -10.41 60.96
N GLY T 261 -110.54 -9.11 61.24
CA GLY T 261 -110.51 -8.60 62.60
C GLY T 261 -109.35 -7.65 62.85
N GLY T 262 -108.22 -7.87 62.17
CA GLY T 262 -107.08 -6.99 62.30
C GLY T 262 -107.28 -5.67 61.60
N THR T 263 -106.33 -4.78 61.79
CA THR T 263 -106.38 -3.44 61.22
C THR T 263 -104.97 -3.04 60.78
N VAL T 264 -104.91 -2.10 59.85
CA VAL T 264 -103.67 -1.58 59.31
C VAL T 264 -103.47 -0.18 59.83
N ALA T 265 -102.21 0.21 60.03
CA ALA T 265 -101.91 1.55 60.53
C ALA T 265 -101.95 2.58 59.40
N ASP T 266 -101.10 2.40 58.39
CA ASP T 266 -101.08 3.30 57.24
C ASP T 266 -100.64 2.52 56.01
N SER T 267 -101.21 2.88 54.85
CA SER T 267 -100.97 2.14 53.63
C SER T 267 -99.52 2.23 53.19
N GLY T 268 -99.04 1.19 52.50
CA GLY T 268 -97.67 1.18 52.03
C GLY T 268 -97.23 -0.12 51.40
N TYR T 269 -95.94 -0.44 51.50
CA TYR T 269 -95.39 -1.67 50.95
C TYR T 269 -94.63 -2.42 52.04
N LEU T 270 -94.72 -3.75 51.99
CA LEU T 270 -94.03 -4.63 52.92
C LEU T 270 -93.17 -5.61 52.14
N LEU T 271 -91.98 -5.90 52.65
CA LEU T 271 -91.07 -6.81 51.99
C LEU T 271 -90.50 -7.77 53.02
N ILE T 272 -90.44 -9.05 52.66
CA ILE T 272 -90.09 -10.12 53.60
C ILE T 272 -88.99 -10.96 52.99
N GLU T 273 -88.00 -11.30 53.81
CA GLU T 273 -86.79 -12.03 53.44
C GLU T 273 -86.64 -13.26 54.31
N ALA T 274 -86.36 -14.40 53.68
CA ALA T 274 -85.97 -15.59 54.41
C ALA T 274 -84.47 -15.57 54.71
N GLN T 275 -84.03 -16.46 55.60
CA GLN T 275 -82.67 -16.41 56.09
C GLN T 275 -81.90 -17.72 55.98
N GLU T 276 -82.55 -18.87 55.97
CA GLU T 276 -81.83 -20.14 55.95
C GLU T 276 -82.57 -21.12 55.03
N ASN T 277 -82.16 -22.39 55.11
CA ASN T 277 -82.63 -23.45 54.23
C ASN T 277 -83.47 -24.45 55.02
N PHE T 278 -84.59 -24.88 54.44
CA PHE T 278 -85.38 -25.94 55.04
C PHE T 278 -86.27 -26.59 53.98
N THR T 279 -86.24 -27.92 53.93
CA THR T 279 -87.07 -28.70 53.01
C THR T 279 -87.60 -29.97 53.68
N VAL T 280 -87.80 -29.93 54.99
CA VAL T 280 -88.13 -31.14 55.75
C VAL T 280 -89.65 -31.13 55.98
N SER T 281 -90.36 -30.37 55.15
CA SER T 281 -91.80 -30.20 55.30
C SER T 281 -92.51 -31.50 54.94
N ALA T 282 -92.96 -32.23 55.97
CA ALA T 282 -93.86 -33.36 55.80
C ALA T 282 -94.98 -33.36 56.84
N GLY T 283 -95.04 -32.34 57.69
CA GLY T 283 -96.03 -32.19 58.74
C GLY T 283 -95.41 -32.35 60.10
N THR T 284 -95.03 -31.22 60.71
CA THR T 284 -94.41 -31.16 62.02
C THR T 284 -94.24 -29.70 62.43
N THR T 285 -94.43 -29.38 63.71
CA THR T 285 -94.22 -28.01 64.17
C THR T 285 -92.76 -27.62 64.03
N ALA T 286 -92.53 -26.34 63.77
CA ALA T 286 -91.18 -25.83 63.56
C ALA T 286 -91.17 -24.33 63.77
N ASN T 287 -90.01 -23.72 63.55
CA ASN T 287 -89.84 -22.29 63.69
C ASN T 287 -88.62 -21.86 62.89
N TYR T 288 -88.70 -20.65 62.30
CA TYR T 288 -87.63 -20.11 61.48
C TYR T 288 -87.71 -18.59 61.54
N THR T 289 -86.63 -17.94 61.12
CA THR T 289 -86.48 -16.50 61.23
C THR T 289 -86.62 -15.84 59.86
N PHE T 290 -87.00 -14.55 59.89
CA PHE T 290 -87.20 -13.76 58.69
C PHE T 290 -86.90 -12.31 59.00
N LYS T 291 -86.59 -11.54 57.96
CA LYS T 291 -86.34 -10.10 58.06
C LYS T 291 -87.44 -9.35 57.32
N ALA T 292 -87.89 -8.23 57.89
CA ALA T 292 -89.01 -7.48 57.35
C ALA T 292 -88.62 -6.03 57.15
N THR T 293 -89.06 -5.45 56.04
CA THR T 293 -88.83 -4.03 55.75
C THR T 293 -90.13 -3.40 55.27
N PHE T 294 -90.51 -2.28 55.91
CA PHE T 294 -91.72 -1.56 55.55
C PHE T 294 -91.34 -0.21 54.95
N VAL T 295 -92.02 0.15 53.87
CA VAL T 295 -91.87 1.46 53.23
C VAL T 295 -93.24 2.13 53.22
N ASP T 296 -93.30 3.36 53.71
CA ASP T 296 -94.54 4.12 53.74
C ASP T 296 -94.71 4.87 52.43
N ALA T 297 -95.94 4.89 51.91
CA ALA T 297 -96.21 5.53 50.63
C ALA T 297 -96.49 7.01 50.75
N LYS T 298 -96.63 7.54 51.96
CA LYS T 298 -96.95 8.94 52.16
C LYS T 298 -95.75 9.82 52.47
N THR T 299 -94.91 9.42 53.42
CA THR T 299 -93.75 10.22 53.81
C THR T 299 -92.43 9.68 53.27
N GLY T 300 -92.38 8.42 52.85
CA GLY T 300 -91.15 7.82 52.41
C GLY T 300 -90.32 7.17 53.50
N GLU T 301 -90.90 6.95 54.67
CA GLU T 301 -90.16 6.34 55.77
C GLU T 301 -89.82 4.89 55.46
N LYS T 302 -88.83 4.37 56.18
CA LYS T 302 -88.36 3.01 56.00
C LYS T 302 -88.05 2.40 57.36
N SER T 303 -88.60 1.22 57.63
CA SER T 303 -88.37 0.53 58.89
C SER T 303 -87.93 -0.90 58.62
N THR T 304 -87.15 -1.45 59.55
CA THR T 304 -86.57 -2.78 59.40
C THR T 304 -86.65 -3.53 60.72
N TYR T 305 -87.25 -4.72 60.70
CA TYR T 305 -87.48 -5.52 61.89
C TYR T 305 -87.12 -6.98 61.62
N GLU T 306 -87.15 -7.78 62.70
CA GLU T 306 -87.00 -9.22 62.62
C GLU T 306 -88.33 -9.87 62.99
N ILE T 307 -88.59 -11.05 62.44
CA ILE T 307 -89.85 -11.75 62.66
C ILE T 307 -89.57 -13.26 62.58
N GLU T 308 -90.53 -14.07 63.00
CA GLU T 308 -90.39 -15.51 62.95
C GLU T 308 -91.70 -16.14 62.49
N GLY T 309 -91.59 -17.34 61.93
CA GLY T 309 -92.75 -18.07 61.45
C GLY T 309 -92.45 -19.55 61.34
N GLY T 310 -93.51 -20.35 61.29
CA GLY T 310 -93.35 -21.79 61.26
C GLY T 310 -94.44 -22.49 60.49
N ASP T 311 -94.11 -23.70 60.04
CA ASP T 311 -95.03 -24.58 59.34
C ASP T 311 -96.02 -25.19 60.33
N ASP T 312 -97.19 -25.58 59.83
CA ASP T 312 -98.20 -26.21 60.66
C ASP T 312 -98.44 -27.67 60.29
N GLY T 313 -98.94 -27.94 59.07
CA GLY T 313 -98.94 -29.31 58.60
C GLY T 313 -98.47 -29.48 57.17
N ALA T 314 -98.61 -28.44 56.36
CA ALA T 314 -98.22 -28.48 54.96
C ALA T 314 -98.32 -27.09 54.36
N GLY T 315 -97.20 -26.61 53.80
CA GLY T 315 -97.16 -25.43 52.96
C GLY T 315 -97.96 -24.21 53.40
N ASN T 316 -98.07 -23.98 54.70
CA ASN T 316 -98.71 -22.79 55.24
C ASN T 316 -97.72 -22.06 56.11
N LEU T 317 -97.41 -20.81 55.73
CA LEU T 317 -96.48 -19.97 56.47
C LEU T 317 -97.28 -18.91 57.21
N VAL T 318 -97.34 -19.02 58.54
CA VAL T 318 -98.14 -18.13 59.37
C VAL T 318 -97.22 -17.09 59.98
N PHE T 319 -97.48 -15.82 59.66
CA PHE T 319 -96.73 -14.71 60.24
C PHE T 319 -97.63 -13.93 61.20
N ASP T 320 -97.02 -13.49 62.30
CA ASP T 320 -97.71 -12.68 63.30
C ASP T 320 -97.18 -11.26 63.20
N LEU T 321 -98.05 -10.32 62.84
CA LEU T 321 -97.66 -8.94 62.64
C LEU T 321 -97.81 -8.10 63.90
N ALA T 322 -97.96 -8.73 65.06
CA ALA T 322 -97.92 -8.00 66.32
C ALA T 322 -96.55 -7.39 66.56
N ASP T 323 -95.49 -8.05 66.08
CA ASP T 323 -94.13 -7.55 66.23
C ASP T 323 -93.84 -6.32 65.37
N MET T 324 -94.84 -5.79 64.68
CA MET T 324 -94.67 -4.59 63.87
C MET T 324 -94.70 -3.34 64.74
N THR T 325 -93.68 -3.17 65.59
CA THR T 325 -93.63 -2.03 66.48
C THR T 325 -93.37 -0.75 65.68
N GLY T 326 -93.41 0.37 66.38
CA GLY T 326 -93.25 1.66 65.72
C GLY T 326 -94.50 2.05 64.97
N ALA T 327 -94.85 1.28 63.94
CA ALA T 327 -96.09 1.52 63.21
C ALA T 327 -97.29 1.01 63.99
N GLY T 328 -97.32 -0.29 64.27
CA GLY T 328 -98.43 -0.88 65.00
C GLY T 328 -99.44 -1.54 64.09
N PHE T 329 -99.42 -2.87 64.03
CA PHE T 329 -100.30 -3.65 63.17
C PHE T 329 -101.09 -4.64 64.02
N SER T 330 -102.03 -5.32 63.38
CA SER T 330 -102.86 -6.32 64.05
C SER T 330 -103.23 -7.39 63.03
N GLY T 331 -103.64 -8.55 63.54
CA GLY T 331 -104.04 -9.65 62.70
C GLY T 331 -102.88 -10.54 62.29
N GLU T 332 -103.22 -11.53 61.47
CA GLU T 332 -102.29 -12.54 60.99
C GLU T 332 -102.25 -12.52 59.47
N VAL T 333 -101.29 -13.25 58.91
CA VAL T 333 -101.22 -13.45 57.47
C VAL T 333 -100.68 -14.86 57.24
N SER T 334 -101.17 -15.50 56.19
CA SER T 334 -100.74 -16.85 55.86
C SER T 334 -100.37 -16.92 54.38
N ILE T 335 -99.14 -17.35 54.11
CA ILE T 335 -98.67 -17.58 52.74
C ILE T 335 -98.95 -19.03 52.41
N ALA T 336 -99.61 -19.27 51.26
CA ALA T 336 -99.98 -20.62 50.82
C ALA T 336 -98.86 -21.15 49.93
N ILE T 337 -98.21 -22.21 50.39
CA ILE T 337 -97.12 -22.82 49.65
C ILE T 337 -97.54 -24.14 49.02
N GLY T 338 -97.95 -25.09 49.87
CA GLY T 338 -98.25 -26.43 49.42
C GLY T 338 -97.21 -27.44 49.89
N THR T 339 -97.57 -28.71 49.76
CA THR T 339 -96.69 -29.79 50.21
C THR T 339 -95.42 -29.82 49.36
N ASP T 340 -94.35 -30.36 49.94
CA ASP T 340 -93.04 -30.48 49.28
C ASP T 340 -92.46 -29.10 48.95
N ALA T 341 -92.16 -28.35 50.01
CA ALA T 341 -91.60 -27.01 49.89
C ALA T 341 -90.12 -27.04 50.26
N ASN T 342 -89.27 -26.50 49.39
CA ASN T 342 -87.85 -26.34 49.66
C ASN T 342 -87.53 -24.85 49.66
N MET T 343 -86.94 -24.36 50.75
CA MET T 343 -86.68 -22.94 50.93
C MET T 343 -85.19 -22.69 51.10
N GLN T 344 -84.61 -21.94 50.18
CA GLN T 344 -83.23 -21.48 50.29
C GLN T 344 -83.21 -20.18 51.08
N SER T 345 -82.05 -19.52 51.11
CA SER T 345 -81.91 -18.21 51.72
C SER T 345 -81.73 -17.18 50.61
N GLY T 346 -82.67 -16.25 50.50
CA GLY T 346 -82.57 -15.23 49.48
C GLY T 346 -83.85 -14.92 48.74
N ASP T 347 -84.88 -15.73 48.94
CA ASP T 347 -86.14 -15.52 48.22
C ASP T 347 -86.85 -14.28 48.75
N LYS T 348 -87.24 -13.39 47.84
CA LYS T 348 -87.94 -12.16 48.19
C LYS T 348 -89.45 -12.39 48.12
N ILE T 349 -90.17 -11.81 49.06
CA ILE T 349 -91.63 -11.69 48.96
C ILE T 349 -92.01 -10.24 49.17
N LEU T 350 -92.87 -9.71 48.31
CA LEU T 350 -93.29 -8.32 48.39
C LEU T 350 -94.81 -8.27 48.37
N LEU T 351 -95.37 -7.42 49.24
CA LEU T 351 -96.82 -7.26 49.39
C LEU T 351 -97.16 -5.78 49.50
N SER T 352 -98.41 -5.45 49.19
CA SER T 352 -98.93 -4.09 49.27
C SER T 352 -100.00 -4.00 50.34
N THR T 353 -100.04 -2.89 51.06
CA THR T 353 -100.91 -2.70 52.21
C THR T 353 -101.81 -1.50 52.00
N THR T 354 -103.11 -1.69 52.28
CA THR T 354 -104.15 -0.70 52.04
C THR T 354 -104.81 -0.31 53.36
N GLU T 355 -105.21 0.96 53.47
CA GLU T 355 -105.86 1.50 54.65
C GLU T 355 -107.34 1.76 54.37
N ALA T 356 -108.17 1.54 55.38
CA ALA T 356 -109.60 1.77 55.27
C ALA T 356 -109.94 3.20 55.68
N VAL T 357 -110.71 3.88 54.82
CA VAL T 357 -111.09 5.27 55.04
C VAL T 357 -112.58 5.42 54.77
N ASP T 358 -113.21 6.39 55.44
CA ASP T 358 -114.62 6.64 55.22
C ASP T 358 -114.89 7.12 53.80
N THR T 359 -114.05 8.03 53.30
CA THR T 359 -114.12 8.57 51.94
C THR T 359 -115.48 9.13 51.58
N SER T 360 -116.17 9.76 52.53
CA SER T 360 -117.46 10.37 52.26
C SER T 360 -117.60 11.61 53.13
N ALA T 361 -117.23 12.76 52.59
CA ALA T 361 -117.37 14.05 53.24
C ALA T 361 -118.19 14.98 52.35
N THR T 362 -118.41 16.19 52.83
CA THR T 362 -119.13 17.18 52.03
C THR T 362 -118.35 17.50 50.76
N SER T 363 -117.04 17.73 50.88
CA SER T 363 -116.12 17.96 49.78
C SER T 363 -114.73 18.12 50.36
N GLY T 364 -113.73 18.15 49.48
CA GLY T 364 -112.39 18.49 49.91
C GLY T 364 -111.25 17.63 49.42
N GLY T 365 -111.48 16.33 49.23
CA GLY T 365 -110.39 15.44 48.88
C GLY T 365 -110.88 14.26 48.05
N GLY T 366 -109.95 13.36 47.78
CA GLY T 366 -110.24 12.19 46.97
C GLY T 366 -109.19 11.11 47.17
N THR T 367 -109.20 10.12 46.29
CA THR T 367 -108.33 8.96 46.40
C THR T 367 -107.48 8.80 45.15
N ILE T 368 -106.27 8.26 45.34
CA ILE T 368 -105.31 8.04 44.27
C ILE T 368 -104.93 6.57 44.25
N ALA T 369 -104.84 6.00 43.03
CA ALA T 369 -104.48 4.61 42.85
C ALA T 369 -103.56 4.48 41.64
N ILE T 370 -102.39 3.88 41.86
CA ILE T 370 -101.37 3.71 40.83
C ILE T 370 -101.24 2.23 40.50
N SER T 371 -101.18 1.93 39.21
CA SER T 371 -101.00 0.55 38.74
C SER T 371 -100.36 0.59 37.36
N GLY T 372 -99.96 -0.60 36.88
CA GLY T 372 -99.37 -0.72 35.57
C GLY T 372 -97.89 -1.00 35.59
N GLY T 373 -97.16 -0.47 34.62
CA GLY T 373 -95.73 -0.63 34.56
C GLY T 373 -95.31 -1.87 33.81
N PRO T 374 -94.00 -2.06 33.65
CA PRO T 374 -93.51 -3.24 32.92
C PRO T 374 -93.94 -4.55 33.55
N ALA T 375 -94.06 -4.60 34.87
CA ALA T 375 -94.54 -5.78 35.56
C ALA T 375 -96.06 -5.82 35.70
N GLY T 376 -96.75 -4.73 35.37
CA GLY T 376 -98.20 -4.70 35.44
C GLY T 376 -98.73 -4.99 36.83
N THR T 377 -98.10 -4.41 37.85
CA THR T 377 -98.47 -4.71 39.22
C THR T 377 -99.78 -4.03 39.60
N THR T 378 -100.54 -4.69 40.47
CA THR T 378 -101.79 -4.16 41.00
C THR T 378 -101.53 -3.69 42.44
N GLY T 379 -101.25 -2.40 42.60
CA GLY T 379 -100.85 -1.85 43.87
C GLY T 379 -102.01 -1.51 44.77
N ALA T 380 -101.73 -0.66 45.74
CA ALA T 380 -102.71 -0.25 46.74
C ALA T 380 -103.41 1.05 46.33
N ILE T 381 -104.21 1.58 47.25
CA ILE T 381 -104.97 2.80 47.04
C ILE T 381 -104.80 3.68 48.27
N ILE T 382 -104.80 5.00 48.06
CA ILE T 382 -104.61 5.96 49.15
C ILE T 382 -105.71 7.01 49.05
N SER T 383 -105.97 7.68 50.17
CA SER T 383 -107.01 8.70 50.24
C SER T 383 -106.49 9.91 51.00
N TYR T 384 -107.07 11.07 50.71
CA TYR T 384 -106.68 12.33 51.34
C TYR T 384 -107.91 13.01 51.92
N GLY T 385 -107.67 13.90 52.89
CA GLY T 385 -108.72 14.47 53.71
C GLY T 385 -109.32 15.74 53.15
N ASN T 386 -109.98 16.48 54.03
CA ASN T 386 -110.77 17.65 53.64
C ASN T 386 -109.88 18.82 53.20
N ASN T 387 -110.25 19.42 52.07
CA ASN T 387 -109.58 20.61 51.54
C ASN T 387 -108.08 20.37 51.36
N GLU T 388 -107.74 19.17 50.93
CA GLU T 388 -106.35 18.79 50.73
C GLU T 388 -105.99 18.59 49.26
N LEU T 389 -106.88 18.89 48.33
CA LEU T 389 -106.63 18.69 46.91
C LEU T 389 -106.82 19.95 46.09
N THR T 390 -107.79 20.79 46.45
CA THR T 390 -108.09 22.01 45.69
C THR T 390 -108.24 23.17 46.66
N LYS T 391 -107.64 24.32 46.28
CA LYS T 391 -107.67 25.50 47.12
C LYS T 391 -108.89 26.35 46.75
N VAL T 392 -109.11 27.44 47.48
CA VAL T 392 -110.25 28.33 47.26
C VAL T 392 -109.76 29.55 46.51
N ASP T 393 -110.65 30.12 45.68
CA ASP T 393 -110.30 31.28 44.88
C ASP T 393 -110.11 32.52 45.76
N ASN T 394 -109.32 33.46 45.26
CA ASN T 394 -108.99 34.69 45.97
C ASN T 394 -109.15 35.89 45.04
N GLY T 395 -110.27 35.94 44.34
CA GLY T 395 -110.56 37.01 43.39
C GLY T 395 -110.33 36.62 41.94
N ASP T 396 -109.09 36.44 41.53
CA ASP T 396 -108.82 35.95 40.18
C ASP T 396 -107.87 34.78 40.20
N THR T 397 -106.93 34.81 41.16
CA THR T 397 -105.96 33.76 41.46
C THR T 397 -104.88 33.63 40.39
N THR T 398 -105.07 34.30 39.25
CA THR T 398 -104.18 34.21 38.09
C THR T 398 -103.64 32.78 37.92
N ILE T 399 -104.55 31.81 38.02
CA ILE T 399 -104.26 30.38 37.97
C ILE T 399 -103.49 29.94 39.21
N ASP T 400 -103.94 28.86 39.84
CA ASP T 400 -103.29 28.30 41.02
C ASP T 400 -102.95 26.84 40.74
N TYR T 401 -102.14 26.25 41.62
CA TYR T 401 -101.84 24.83 41.55
C TYR T 401 -101.39 24.33 42.92
N ASN T 402 -101.93 23.19 43.33
CA ASN T 402 -101.55 22.54 44.58
C ASN T 402 -100.61 21.37 44.29
N SER T 403 -99.96 20.87 45.35
CA SER T 403 -98.93 19.85 45.20
C SER T 403 -99.28 18.60 45.99
N VAL T 404 -98.96 17.44 45.41
CA VAL T 404 -99.12 16.16 46.08
C VAL T 404 -97.86 15.33 45.83
N THR T 405 -97.28 14.80 46.90
CA THR T 405 -96.08 13.97 46.83
C THR T 405 -96.49 12.51 46.78
N VAL T 406 -95.83 11.76 45.89
CA VAL T 406 -96.17 10.36 45.66
C VAL T 406 -94.89 9.54 45.57
N TYR T 407 -94.88 8.37 46.21
CA TYR T 407 -93.77 7.43 46.13
C TYR T 407 -94.22 6.10 45.56
N HIS T 408 -93.32 5.47 44.81
CA HIS T 408 -93.60 4.22 44.11
C HIS T 408 -92.43 3.26 44.31
N ALA T 409 -92.75 1.98 44.43
CA ALA T 409 -91.74 0.95 44.68
C ALA T 409 -91.99 -0.27 43.80
N ALA T 410 -90.91 -0.93 43.42
CA ALA T 410 -90.97 -2.11 42.56
C ALA T 410 -89.81 -3.03 42.89
N LEU T 411 -89.95 -4.29 42.48
CA LEU T 411 -88.95 -5.33 42.72
C LEU T 411 -88.63 -6.05 41.42
N ASN T 412 -87.34 -6.29 41.20
CA ASN T 412 -86.84 -6.92 39.98
C ASN T 412 -86.65 -8.41 40.26
N VAL T 413 -86.68 -9.21 39.19
CA VAL T 413 -86.68 -10.66 39.30
C VAL T 413 -85.33 -11.26 38.92
N GLU T 414 -84.30 -10.45 38.79
CA GLU T 414 -83.01 -11.06 38.48
C GLU T 414 -81.94 -10.69 39.51
N THR T 415 -81.98 -9.48 40.06
CA THR T 415 -81.15 -9.11 41.19
C THR T 415 -81.90 -8.96 42.50
N GLY T 416 -83.23 -8.85 42.46
CA GLY T 416 -83.98 -8.61 43.68
C GLY T 416 -83.77 -7.24 44.28
N ASN T 417 -83.39 -6.25 43.48
CA ASN T 417 -83.18 -4.89 43.97
C ASN T 417 -84.52 -4.16 44.05
N LEU T 418 -84.72 -3.46 45.17
CA LEU T 418 -85.94 -2.70 45.40
C LEU T 418 -85.75 -1.28 44.91
N ASP T 419 -86.52 -0.88 43.90
CA ASP T 419 -86.43 0.45 43.31
C ASP T 419 -87.56 1.31 43.88
N VAL T 420 -87.22 2.54 44.28
CA VAL T 420 -88.17 3.48 44.85
C VAL T 420 -87.99 4.84 44.19
N GLY T 421 -89.10 5.48 43.85
CA GLY T 421 -89.08 6.77 43.16
C GLY T 421 -90.20 7.67 43.65
N ASN T 422 -90.15 8.93 43.22
CA ASN T 422 -91.11 9.91 43.69
C ASN T 422 -91.58 10.79 42.54
N LEU T 423 -92.76 11.38 42.74
CA LEU T 423 -93.40 12.27 41.79
C LEU T 423 -94.15 13.35 42.55
N THR T 424 -94.46 14.45 41.87
CA THR T 424 -95.27 15.51 42.44
C THR T 424 -96.38 15.86 41.46
N PHE T 425 -97.61 15.51 41.80
CA PHE T 425 -98.76 15.90 41.00
C PHE T 425 -99.17 17.32 41.35
N ASN T 426 -99.61 18.07 40.32
CA ASN T 426 -100.07 19.44 40.48
C ASN T 426 -101.57 19.47 40.23
N PHE T 427 -102.32 19.81 41.27
CA PHE T 427 -103.77 19.78 41.23
C PHE T 427 -104.34 21.18 40.95
N ARG T 428 -105.59 21.20 40.52
CA ARG T 428 -106.20 22.30 39.77
C ARG T 428 -106.21 23.59 40.57
N GLU T 429 -106.50 24.69 39.85
CA GLU T 429 -106.46 26.04 40.38
C GLU T 429 -107.36 26.27 41.57
N ASP T 430 -108.68 26.22 41.36
CA ASP T 430 -109.63 26.54 42.42
C ASP T 430 -111.04 26.06 42.08
N THR T 431 -111.70 25.45 43.06
CA THR T 431 -113.07 25.00 42.97
C THR T 431 -113.84 25.53 44.19
N GLY T 432 -115.07 25.05 44.36
CA GLY T 432 -115.79 25.38 45.57
C GLY T 432 -117.29 25.60 45.44
N THR T 433 -118.02 25.08 46.41
CA THR T 433 -119.42 25.40 46.61
C THR T 433 -119.46 26.75 47.34
N ASP T 434 -120.57 27.08 48.00
CA ASP T 434 -120.71 28.40 48.59
C ASP T 434 -119.80 28.55 49.80
N THR T 435 -118.49 28.61 49.53
CA THR T 435 -117.45 28.92 50.53
C THR T 435 -117.57 28.03 51.77
N ALA T 436 -117.75 26.73 51.55
CA ALA T 436 -117.76 25.78 52.67
C ALA T 436 -116.46 25.00 52.79
N TYR T 437 -116.15 24.15 51.80
CA TYR T 437 -114.92 23.35 51.86
C TYR T 437 -114.18 23.21 50.53
N GLY T 438 -114.83 23.38 49.38
CA GLY T 438 -114.18 23.22 48.10
C GLY T 438 -114.93 22.21 47.24
N SER T 439 -114.24 21.67 46.25
CA SER T 439 -114.81 20.66 45.35
C SER T 439 -113.67 19.88 44.70
N THR T 440 -114.02 18.71 44.17
CA THR T 440 -113.07 17.84 43.49
C THR T 440 -113.82 16.96 42.51
N THR T 441 -113.14 16.59 41.42
CA THR T 441 -113.71 15.73 40.38
C THR T 441 -112.80 14.54 40.14
N GLY T 442 -113.40 13.37 39.94
CA GLY T 442 -112.66 12.15 39.70
C GLY T 442 -112.35 11.94 38.23
N GLY T 443 -111.62 10.85 37.96
CA GLY T 443 -111.24 10.47 36.62
C GLY T 443 -109.99 9.61 36.63
N SER T 444 -109.49 9.34 35.42
CA SER T 444 -108.29 8.53 35.24
C SER T 444 -107.67 8.85 33.89
N PHE T 445 -106.35 8.90 33.86
CA PHE T 445 -105.63 9.13 32.62
C PHE T 445 -104.37 8.29 32.60
N ASP T 446 -103.62 8.40 31.52
CA ASP T 446 -102.43 7.60 31.32
C ASP T 446 -101.18 8.47 31.38
N LEU T 447 -100.17 7.97 32.09
CA LEU T 447 -98.94 8.74 32.34
C LEU T 447 -97.75 8.08 31.65
N LEU T 448 -96.87 8.91 31.09
CA LEU T 448 -95.63 8.46 30.48
C LEU T 448 -94.44 9.15 31.14
N VAL T 449 -93.30 8.47 31.17
CA VAL T 449 -92.09 8.96 31.83
C VAL T 449 -90.91 8.77 30.87
N ALA T 450 -89.89 9.62 31.02
CA ALA T 450 -88.63 9.43 30.32
C ALA T 450 -87.49 9.81 31.25
N GLY T 451 -86.52 8.93 31.38
CA GLY T 451 -85.43 9.15 32.32
C GLY T 451 -85.82 8.71 33.73
N GLY T 452 -84.84 8.75 34.61
CA GLY T 452 -85.03 8.24 35.96
C GLY T 452 -85.01 9.30 37.05
N GLY T 453 -84.20 10.34 36.89
CA GLY T 453 -84.08 11.36 37.91
C GLY T 453 -82.65 11.60 38.35
N GLU T 454 -82.38 11.48 39.66
CA GLU T 454 -81.01 11.54 40.17
C GLU T 454 -80.74 10.24 40.92
N ALA T 455 -80.45 9.19 40.15
CA ALA T 455 -79.85 7.93 40.53
C ALA T 455 -79.84 7.09 39.26
N ALA T 456 -79.23 5.91 39.34
CA ALA T 456 -79.35 4.92 38.29
C ALA T 456 -80.35 3.86 38.72
N THR T 457 -81.42 3.70 37.93
CA THR T 457 -82.45 2.74 38.24
C THR T 457 -81.95 1.32 37.99
N SER T 458 -82.74 0.34 38.45
CA SER T 458 -82.32 -1.05 38.35
C SER T 458 -82.23 -1.51 36.90
N THR T 459 -82.92 -0.83 35.98
CA THR T 459 -82.93 -1.20 34.57
C THR T 459 -82.56 -0.03 33.65
N THR T 460 -81.54 0.73 34.02
CA THR T 460 -81.12 1.86 33.20
C THR T 460 -80.15 1.40 32.12
N LYS T 461 -80.30 1.98 30.92
CA LYS T 461 -79.41 1.63 29.82
C LYS T 461 -78.01 2.19 30.06
N LEU T 462 -77.01 1.47 29.55
CA LEU T 462 -75.61 1.85 29.77
C LEU T 462 -75.17 3.02 28.91
N LYS T 463 -75.99 3.48 27.97
CA LYS T 463 -75.63 4.58 27.09
C LYS T 463 -76.14 5.93 27.59
N ASP T 464 -76.67 5.98 28.81
CA ASP T 464 -77.22 7.21 29.35
C ASP T 464 -76.62 7.63 30.69
N ILE T 465 -75.63 6.89 31.19
CA ILE T 465 -74.97 7.28 32.43
C ILE T 465 -74.01 8.43 32.14
N SER T 466 -73.91 9.36 33.09
CA SER T 466 -73.12 10.58 32.87
C SER T 466 -71.63 10.26 32.71
N ARG T 467 -71.12 9.27 33.43
CA ARG T 467 -69.70 8.97 33.39
C ARG T 467 -69.24 8.36 32.07
N PHE T 468 -70.17 7.91 31.23
CA PHE T 468 -69.82 7.21 30.00
C PHE T 468 -69.81 8.11 28.77
N THR T 469 -69.49 9.39 28.94
CA THR T 469 -69.32 10.30 27.82
C THR T 469 -68.09 11.17 28.05
N THR T 470 -67.35 11.42 26.98
CA THR T 470 -66.12 12.19 27.07
C THR T 470 -66.44 13.68 27.19
N ASP T 471 -65.40 14.47 27.47
CA ASP T 471 -65.59 15.91 27.65
C ASP T 471 -65.98 16.62 26.36
N ASP T 472 -65.68 16.02 25.21
CA ASP T 472 -66.01 16.62 23.92
C ASP T 472 -67.36 16.19 23.40
N GLY T 473 -68.12 15.41 24.18
CA GLY T 473 -69.45 15.02 23.79
C GLY T 473 -69.56 13.72 23.02
N VAL T 474 -68.49 12.92 22.99
CA VAL T 474 -68.49 11.64 22.29
C VAL T 474 -68.57 10.53 23.32
N ASN T 475 -69.66 9.78 23.31
CA ASN T 475 -69.79 8.62 24.18
C ASN T 475 -68.99 7.45 23.63
N ILE T 476 -68.53 6.59 24.54
CA ILE T 476 -67.63 5.51 24.16
C ILE T 476 -68.33 4.49 23.27
N PHE T 477 -69.57 4.15 23.59
CA PHE T 477 -70.29 3.08 22.90
C PHE T 477 -70.76 3.48 21.51
N ALA T 478 -70.43 4.69 21.05
CA ALA T 478 -70.84 5.11 19.71
C ALA T 478 -70.19 4.23 18.65
N ALA T 479 -68.90 3.90 18.81
CA ALA T 479 -68.21 3.10 17.82
C ALA T 479 -68.67 1.65 17.86
N GLY T 480 -68.80 1.08 19.06
CA GLY T 480 -69.20 -0.29 19.20
C GLY T 480 -68.87 -0.86 20.56
N PRO T 481 -68.78 -2.18 20.65
CA PRO T 481 -68.48 -2.82 21.94
C PRO T 481 -67.06 -2.52 22.39
N GLN T 482 -66.85 -2.61 23.70
CA GLN T 482 -65.53 -2.46 24.30
C GLN T 482 -65.17 -3.71 25.09
N GLU T 483 -63.88 -3.96 25.25
CA GLU T 483 -63.40 -5.16 25.91
C GLU T 483 -62.90 -4.85 27.30
N LEU T 484 -63.13 -5.78 28.22
CA LEU T 484 -62.58 -5.69 29.57
C LEU T 484 -61.96 -7.03 29.92
N THR T 485 -60.78 -7.01 30.56
CA THR T 485 -60.09 -8.21 30.96
C THR T 485 -59.89 -8.19 32.47
N ILE T 486 -60.20 -9.29 33.12
CA ILE T 486 -60.03 -9.46 34.56
C ILE T 486 -58.88 -10.44 34.77
N PHE T 487 -57.88 -10.01 35.53
CA PHE T 487 -56.69 -10.82 35.80
C PHE T 487 -56.67 -11.20 37.27
N GLY T 488 -56.42 -12.49 37.54
CA GLY T 488 -56.35 -12.98 38.90
C GLY T 488 -56.24 -14.50 38.97
N ASN T 489 -55.78 -15.01 40.11
CA ASN T 489 -55.66 -16.45 40.35
C ASN T 489 -54.83 -17.13 39.27
N GLY T 490 -53.79 -16.43 38.81
CA GLY T 490 -52.95 -16.96 37.75
C GLY T 490 -53.67 -17.21 36.45
N SER T 491 -54.68 -16.39 36.12
CA SER T 491 -55.45 -16.56 34.92
C SER T 491 -56.12 -15.24 34.56
N SER T 492 -56.89 -15.25 33.47
CA SER T 492 -57.55 -14.06 32.98
C SER T 492 -58.85 -14.44 32.30
N ALA T 493 -59.73 -13.45 32.19
CA ALA T 493 -61.02 -13.63 31.54
C ALA T 493 -61.37 -12.37 30.78
N THR T 494 -62.16 -12.52 29.71
CA THR T 494 -62.49 -11.41 28.82
C THR T 494 -64.00 -11.29 28.71
N ILE T 495 -64.49 -10.05 28.76
CA ILE T 495 -65.90 -9.74 28.59
C ILE T 495 -66.05 -8.58 27.63
N TYR T 496 -67.22 -8.51 26.99
CA TYR T 496 -67.55 -7.48 26.02
C TYR T 496 -68.74 -6.67 26.51
N LEU T 497 -68.66 -5.36 26.33
CA LEU T 497 -69.72 -4.44 26.74
C LEU T 497 -70.27 -3.74 25.52
N GLU T 498 -71.58 -3.57 25.49
CA GLU T 498 -72.27 -2.88 24.41
C GLU T 498 -73.05 -1.71 24.98
N GLY T 499 -73.58 -0.88 24.08
CA GLY T 499 -74.26 0.35 24.46
C GLY T 499 -75.74 0.20 24.74
N ASP T 500 -76.25 -1.01 24.92
CA ASP T 500 -77.65 -1.23 25.20
C ASP T 500 -77.90 -2.11 26.43
N ASP T 501 -76.86 -2.46 27.18
CA ASP T 501 -77.03 -3.32 28.33
C ASP T 501 -77.67 -2.57 29.49
N THR T 502 -78.24 -3.33 30.42
CA THR T 502 -78.70 -2.81 31.69
C THR T 502 -77.68 -3.14 32.78
N VAL T 503 -77.85 -2.49 33.93
CA VAL T 503 -76.91 -2.69 35.04
C VAL T 503 -77.00 -4.12 35.55
N SER T 504 -78.20 -4.68 35.60
CA SER T 504 -78.38 -6.05 36.07
C SER T 504 -77.64 -7.03 35.16
N GLU T 505 -77.73 -6.83 33.85
CA GLU T 505 -77.03 -7.71 32.92
C GLU T 505 -75.51 -7.58 33.08
N PHE T 506 -75.04 -6.36 33.34
CA PHE T 506 -73.62 -6.17 33.64
C PHE T 506 -73.20 -6.95 34.87
N GLU T 507 -74.01 -6.89 35.94
CA GLU T 507 -73.70 -7.65 37.15
C GLU T 507 -73.68 -9.14 36.88
N THR T 508 -74.64 -9.63 36.11
CA THR T 508 -74.67 -11.06 35.77
C THR T 508 -73.43 -11.47 34.98
N LYS T 509 -73.03 -10.66 34.00
CA LYS T 509 -71.84 -10.98 33.22
C LYS T 509 -70.59 -10.98 34.09
N LEU T 510 -70.48 -10.01 34.99
CA LEU T 510 -69.33 -9.97 35.89
C LEU T 510 -69.32 -11.18 36.81
N SER T 511 -70.49 -11.60 37.30
CA SER T 511 -70.56 -12.78 38.16
C SER T 511 -70.09 -14.02 37.40
N SER T 512 -70.56 -14.17 36.15
CA SER T 512 -70.13 -15.31 35.34
C SER T 512 -68.62 -15.31 35.12
N ALA T 513 -68.08 -14.14 34.76
CA ALA T 513 -66.64 -14.05 34.51
C ALA T 513 -65.83 -14.37 35.76
N ILE T 514 -66.26 -13.85 36.92
CA ILE T 514 -65.53 -14.08 38.16
C ILE T 514 -65.60 -15.56 38.55
N LEU T 515 -66.79 -16.17 38.45
CA LEU T 515 -66.90 -17.57 38.83
C LEU T 515 -66.14 -18.49 37.87
N GLU T 516 -65.98 -18.09 36.60
CA GLU T 516 -65.21 -18.93 35.68
C GLU T 516 -63.74 -18.99 36.08
N LEU T 517 -63.21 -17.92 36.67
CA LEU T 517 -61.79 -17.84 37.00
C LEU T 517 -61.35 -18.90 38.00
N GLY T 518 -62.28 -19.47 38.76
CA GLY T 518 -61.94 -20.44 39.79
C GLY T 518 -61.88 -19.88 41.19
N MET T 519 -62.23 -18.62 41.38
CA MET T 519 -62.24 -18.02 42.71
C MET T 519 -63.59 -18.14 43.41
N GLY T 520 -64.57 -18.77 42.78
CA GLY T 520 -65.91 -18.86 43.32
C GLY T 520 -66.01 -19.80 44.50
N ALA T 521 -67.21 -19.84 45.07
CA ALA T 521 -67.48 -20.68 46.23
C ALA T 521 -67.36 -22.15 45.87
N THR T 522 -66.83 -22.92 46.82
CA THR T 522 -66.63 -24.34 46.61
C THR T 522 -67.96 -25.09 46.59
N ALA T 523 -67.92 -26.29 46.04
CA ALA T 523 -69.10 -27.16 45.97
C ALA T 523 -69.24 -27.87 47.32
N GLY T 524 -70.00 -27.26 48.22
CA GLY T 524 -70.27 -27.83 49.52
C GLY T 524 -71.53 -28.66 49.60
N THR T 525 -72.16 -28.94 48.45
CA THR T 525 -73.42 -29.70 48.40
C THR T 525 -74.50 -29.07 49.28
N SER T 526 -74.57 -27.74 49.25
CA SER T 526 -75.55 -27.00 50.03
C SER T 526 -75.88 -25.70 49.32
N ASP T 527 -77.08 -25.17 49.61
CA ASP T 527 -77.50 -23.88 49.07
C ASP T 527 -76.71 -22.71 49.67
N GLU T 528 -75.93 -22.97 50.71
CA GLU T 528 -74.97 -21.99 51.21
C GLU T 528 -74.11 -21.46 50.08
N ALA T 529 -73.64 -22.36 49.21
CA ALA T 529 -72.84 -21.96 48.07
C ALA T 529 -73.65 -21.08 47.13
N ALA T 530 -74.93 -21.39 46.94
CA ALA T 530 -75.76 -20.57 46.06
C ALA T 530 -75.88 -19.15 46.61
N THR T 531 -76.13 -19.03 47.91
CA THR T 531 -76.23 -17.70 48.52
C THR T 531 -74.91 -16.94 48.40
N VAL T 532 -73.80 -17.62 48.69
CA VAL T 532 -72.49 -16.97 48.64
C VAL T 532 -72.18 -16.50 47.22
N ASN T 533 -72.47 -17.34 46.23
CA ASN T 533 -72.25 -16.98 44.84
C ASN T 533 -73.14 -15.80 44.44
N SER T 534 -74.38 -15.78 44.91
CA SER T 534 -75.28 -14.67 44.57
C SER T 534 -74.81 -13.36 45.17
N ASN T 535 -74.22 -13.39 46.38
CA ASN T 535 -73.83 -12.18 47.09
C ASN T 535 -72.40 -11.75 46.77
N LEU T 536 -71.86 -12.09 45.61
CA LEU T 536 -70.49 -11.72 45.25
C LEU T 536 -70.41 -10.28 44.75
N VAL T 537 -71.14 -9.97 43.68
CA VAL T 537 -71.16 -8.64 43.09
C VAL T 537 -72.53 -8.03 43.37
N ASN T 538 -72.54 -6.81 43.89
CA ASN T 538 -73.81 -6.19 44.27
C ASN T 538 -73.87 -4.76 43.77
N TYR T 539 -75.10 -4.33 43.46
CA TYR T 539 -75.39 -2.94 43.13
C TYR T 539 -76.38 -2.39 44.16
N VAL T 540 -76.02 -1.27 44.76
CA VAL T 540 -76.79 -0.67 45.84
C VAL T 540 -77.81 0.27 45.22
N SER T 541 -79.10 -0.03 45.41
CA SER T 541 -80.16 0.79 44.86
C SER T 541 -80.52 1.90 45.83
N THR T 542 -81.54 2.70 45.49
CA THR T 542 -81.93 3.81 46.34
C THR T 542 -82.46 3.35 47.68
N GLY T 543 -83.28 2.31 47.69
CA GLY T 543 -83.91 1.84 48.91
C GLY T 543 -83.29 0.63 49.57
N ASP T 544 -82.06 0.27 49.22
CA ASP T 544 -81.39 -0.90 49.77
C ASP T 544 -80.09 -0.50 50.48
N VAL T 545 -79.97 0.77 50.85
CA VAL T 545 -78.74 1.28 51.45
C VAL T 545 -78.71 0.89 52.92
N THR T 546 -77.58 0.32 53.35
CA THR T 546 -77.35 0.00 54.75
C THR T 546 -76.26 0.90 55.30
N ASP T 547 -76.54 1.55 56.43
CA ASP T 547 -75.63 2.53 56.98
C ASP T 547 -74.61 1.88 57.91
N SER T 548 -73.47 2.54 58.08
CA SER T 548 -72.37 2.07 58.91
C SER T 548 -71.90 0.69 58.48
N SER T 549 -71.89 0.46 57.17
CA SER T 549 -71.44 -0.81 56.60
C SER T 549 -70.73 -0.51 55.29
N ASN T 550 -70.40 -1.57 54.57
CA ASN T 550 -69.76 -1.41 53.27
C ASN T 550 -70.70 -0.83 52.22
N GLU T 551 -72.00 -0.76 52.51
CA GLU T 551 -72.99 -0.24 51.58
C GLU T 551 -73.57 1.10 52.04
N ALA T 552 -72.73 1.95 52.63
CA ALA T 552 -73.19 3.24 53.14
C ALA T 552 -73.37 4.28 52.05
N LEU T 553 -73.30 3.89 50.78
CA LEU T 553 -73.43 4.81 49.66
C LEU T 553 -74.46 4.28 48.68
N ALA T 554 -75.03 5.19 47.90
CA ALA T 554 -76.07 4.85 46.94
C ALA T 554 -75.51 4.90 45.52
N GLY T 555 -75.89 3.91 44.72
CA GLY T 555 -75.48 3.85 43.33
C GLY T 555 -74.01 3.53 43.13
N THR T 556 -73.48 2.57 43.88
CA THR T 556 -72.11 2.10 43.72
C THR T 556 -72.09 0.58 43.64
N PHE T 557 -71.12 0.07 42.90
CA PHE T 557 -70.89 -1.37 42.78
C PHE T 557 -69.99 -1.83 43.91
N VAL T 558 -70.35 -2.94 44.54
CA VAL T 558 -69.53 -3.56 45.58
C VAL T 558 -69.06 -4.90 45.05
N ILE T 559 -67.74 -5.11 45.07
CA ILE T 559 -67.12 -6.30 44.51
C ILE T 559 -66.32 -6.99 45.59
N GLN T 560 -66.53 -8.30 45.74
CA GLN T 560 -65.85 -9.11 46.73
C GLN T 560 -65.36 -10.40 46.08
N THR T 561 -64.50 -11.11 46.81
CA THR T 561 -63.99 -12.40 46.35
C THR T 561 -64.27 -13.46 47.40
N ALA T 562 -64.15 -14.71 47.00
CA ALA T 562 -64.44 -15.84 47.89
C ALA T 562 -63.19 -16.55 48.39
N ARG T 563 -62.01 -15.98 48.19
CA ARG T 563 -60.76 -16.56 48.67
C ARG T 563 -60.09 -15.64 49.67
N LEU T 564 -59.02 -16.14 50.28
CA LEU T 564 -58.26 -15.42 51.28
C LEU T 564 -56.84 -15.13 50.80
N GLY T 565 -56.23 -14.12 51.41
CA GLY T 565 -54.82 -13.85 51.20
C GLY T 565 -54.51 -13.24 49.84
N ASP T 566 -53.24 -13.35 49.46
CA ASP T 566 -52.74 -12.69 48.25
C ASP T 566 -53.43 -13.19 47.00
N ASP T 567 -53.96 -14.41 47.03
CA ASP T 567 -54.65 -14.95 45.86
C ASP T 567 -55.95 -14.20 45.57
N SER T 568 -56.42 -13.37 46.49
CA SER T 568 -57.68 -12.66 46.33
C SER T 568 -57.50 -11.27 45.72
N LYS T 569 -56.45 -11.06 44.92
CA LYS T 569 -56.25 -9.77 44.26
C LYS T 569 -56.79 -9.80 42.84
N LEU T 570 -57.60 -8.82 42.50
CA LEU T 570 -58.16 -8.65 41.17
C LEU T 570 -57.46 -7.51 40.45
N SER T 571 -57.36 -7.62 39.12
CA SER T 571 -56.84 -6.54 38.31
C SER T 571 -57.71 -6.38 37.06
N PHE T 572 -57.80 -5.15 36.57
CA PHE T 572 -58.66 -4.82 35.43
C PHE T 572 -57.82 -4.20 34.32
N ILE T 573 -58.06 -4.63 33.08
CA ILE T 573 -57.28 -4.20 31.93
C ILE T 573 -58.24 -3.83 30.81
N GLY T 574 -57.96 -2.73 30.13
CA GLY T 574 -58.80 -2.32 29.02
C GLY T 574 -58.41 -0.93 28.54
N ASP T 575 -59.35 -0.30 27.82
CA ASP T 575 -59.11 1.02 27.28
C ASP T 575 -59.01 2.05 28.40
N GLN T 576 -58.25 3.12 28.14
CA GLN T 576 -58.03 4.14 29.16
C GLN T 576 -59.32 4.83 29.57
N ASN T 577 -60.19 5.14 28.60
CA ASN T 577 -61.42 5.87 28.91
C ASN T 577 -62.34 5.05 29.81
N LEU T 578 -62.56 3.78 29.47
CA LEU T 578 -63.44 2.94 30.27
C LEU T 578 -62.87 2.71 31.66
N ILE T 579 -61.57 2.47 31.76
CA ILE T 579 -60.95 2.24 33.06
C ILE T 579 -61.06 3.49 33.93
N ASN T 580 -60.82 4.67 33.35
CA ASN T 580 -60.94 5.91 34.11
C ASN T 580 -62.38 6.14 34.53
N ALA T 581 -63.34 5.85 33.65
CA ALA T 581 -64.75 6.06 33.99
C ALA T 581 -65.20 5.12 35.11
N LEU T 582 -64.76 3.86 35.07
CA LEU T 582 -65.13 2.93 36.12
C LEU T 582 -64.59 3.37 37.47
N SER T 583 -63.28 3.64 37.54
CA SER T 583 -62.65 4.26 38.71
C SER T 583 -62.89 3.44 39.98
N LEU T 584 -62.36 2.23 39.97
CA LEU T 584 -62.49 1.37 41.14
C LEU T 584 -61.58 1.84 42.26
N ALA T 585 -61.90 1.44 43.48
CA ALA T 585 -61.13 1.81 44.66
C ALA T 585 -61.16 0.66 45.65
N THR T 586 -60.19 0.66 46.55
CA THR T 586 -60.03 -0.39 47.54
C THR T 586 -60.54 0.10 48.90
N ILE T 587 -61.43 -0.68 49.50
CA ILE T 587 -61.90 -0.37 50.84
C ILE T 587 -61.56 -1.43 51.87
N GLN T 588 -61.17 -2.64 51.47
CA GLN T 588 -60.61 -3.57 52.43
C GLN T 588 -59.49 -4.40 51.80
N GLU T 589 -58.46 -4.65 52.60
CA GLU T 589 -57.30 -5.44 52.18
C GLU T 589 -57.30 -6.78 52.91
N GLY T 590 -56.97 -7.83 52.17
CA GLY T 590 -56.93 -9.16 52.72
C GLY T 590 -55.69 -9.43 53.55
N GLU T 591 -55.81 -10.46 54.38
CA GLU T 591 -54.73 -10.86 55.28
C GLU T 591 -54.53 -12.36 55.18
N ASN T 592 -53.32 -12.83 55.49
CA ASN T 592 -53.04 -14.25 55.42
C ASN T 592 -53.52 -14.96 56.69
N SER T 593 -53.57 -16.28 56.61
CA SER T 593 -54.03 -17.11 57.72
C SER T 593 -52.83 -17.65 58.49
N GLU T 594 -53.12 -18.51 59.47
CA GLU T 594 -52.09 -19.16 60.26
C GLU T 594 -52.41 -20.64 60.38
N THR T 595 -51.43 -21.48 60.02
CA THR T 595 -51.62 -22.92 59.99
C THR T 595 -50.64 -23.59 60.94
N THR T 596 -51.12 -24.58 61.68
CA THR T 596 -50.27 -25.41 62.52
C THR T 596 -50.20 -26.80 61.90
N ILE T 597 -48.98 -27.26 61.62
CA ILE T 597 -48.75 -28.52 60.93
C ILE T 597 -48.01 -29.46 61.87
N LYS T 598 -48.52 -30.68 61.98
CA LYS T 598 -47.94 -31.72 62.82
C LYS T 598 -47.60 -32.91 61.94
N VAL T 599 -46.35 -33.36 61.96
CA VAL T 599 -45.90 -34.43 61.08
C VAL T 599 -45.45 -35.60 61.94
N THR T 600 -45.83 -36.81 61.54
CA THR T 600 -45.44 -38.02 62.25
C THR T 600 -45.35 -39.17 61.26
N ASP T 601 -44.63 -40.22 61.66
CA ASP T 601 -44.41 -41.36 60.79
C ASP T 601 -45.71 -42.12 60.56
N ALA T 602 -45.79 -42.80 59.42
CA ALA T 602 -47.00 -43.48 59.00
C ALA T 602 -47.08 -44.94 59.45
N HIS T 603 -46.03 -45.47 60.06
CA HIS T 603 -46.06 -46.86 60.49
C HIS T 603 -45.91 -47.03 61.98
N THR T 604 -44.96 -46.34 62.61
CA THR T 604 -44.76 -46.41 64.05
C THR T 604 -45.45 -45.28 64.79
N GLY T 605 -45.63 -44.13 64.14
CA GLY T 605 -46.36 -43.03 64.72
C GLY T 605 -45.58 -42.14 65.66
N LYS T 606 -44.26 -42.27 65.71
CA LYS T 606 -43.48 -41.44 66.61
C LYS T 606 -43.45 -39.99 66.10
N PHE T 607 -43.35 -39.06 67.05
CA PHE T 607 -43.39 -37.64 66.70
C PHE T 607 -42.11 -37.21 66.01
N ILE T 608 -42.24 -36.40 64.97
CA ILE T 608 -41.12 -35.89 64.20
C ILE T 608 -40.98 -34.38 64.34
N GLY T 609 -42.06 -33.64 64.07
CA GLY T 609 -41.99 -32.19 64.18
C GLY T 609 -43.35 -31.55 64.07
N SER T 610 -43.36 -30.24 64.33
CA SER T 610 -44.55 -29.41 64.17
C SER T 610 -44.10 -27.98 63.97
N ASP T 611 -44.98 -27.16 63.38
CA ASP T 611 -44.64 -25.78 63.10
C ASP T 611 -45.91 -24.94 62.92
N SER T 612 -45.73 -23.62 62.96
CA SER T 612 -46.79 -22.67 62.69
C SER T 612 -46.34 -21.76 61.55
N VAL T 613 -46.99 -21.90 60.39
CA VAL T 613 -46.61 -21.19 59.19
C VAL T 613 -47.72 -20.22 58.80
N ASN T 614 -47.36 -19.28 57.92
CA ASN T 614 -48.27 -18.25 57.44
C ASN T 614 -48.24 -18.07 55.93
N ASP T 615 -47.17 -18.48 55.26
CA ASP T 615 -47.12 -18.49 53.81
C ASP T 615 -47.40 -19.87 53.24
N SER T 616 -47.84 -20.81 54.09
CA SER T 616 -48.22 -22.17 53.68
C SER T 616 -47.06 -22.90 53.01
N THR T 617 -45.84 -22.64 53.48
CA THR T 617 -44.65 -23.35 53.02
C THR T 617 -43.98 -23.99 54.22
N LEU T 618 -44.03 -25.31 54.29
CA LEU T 618 -43.38 -26.05 55.36
C LEU T 618 -41.92 -26.26 55.00
N ARG T 619 -41.03 -25.52 55.66
CA ARG T 619 -39.64 -25.41 55.25
C ARG T 619 -38.74 -25.84 56.40
N GLY T 620 -37.80 -26.73 56.10
CA GLY T 620 -36.78 -27.09 57.06
C GLY T 620 -37.22 -27.94 58.23
N VAL T 621 -38.13 -28.90 58.01
CA VAL T 621 -38.40 -29.94 58.98
C VAL T 621 -38.10 -31.32 58.39
N ILE T 622 -38.44 -31.55 57.13
CA ILE T 622 -38.03 -32.73 56.39
C ILE T 622 -36.88 -32.31 55.49
N GLN T 623 -35.73 -32.95 55.65
CA GLN T 623 -34.50 -32.45 55.04
C GLN T 623 -34.57 -32.53 53.51
N GLY T 624 -34.17 -31.44 52.85
CA GLY T 624 -34.05 -31.42 51.41
C GLY T 624 -35.34 -31.23 50.65
N VAL T 625 -36.47 -31.13 51.34
CA VAL T 625 -37.79 -31.05 50.70
C VAL T 625 -38.57 -29.93 51.35
N ASP T 626 -39.25 -29.12 50.54
CA ASP T 626 -40.16 -28.11 51.02
C ASP T 626 -41.56 -28.38 50.47
N VAL T 627 -42.57 -28.11 51.30
CA VAL T 627 -43.95 -28.52 51.05
C VAL T 627 -44.83 -27.27 51.00
N LYS T 628 -45.74 -27.24 50.03
CA LYS T 628 -46.67 -26.14 49.82
C LYS T 628 -48.08 -26.72 49.88
N ILE T 629 -48.95 -26.11 50.69
CA ILE T 629 -50.30 -26.60 50.92
C ILE T 629 -51.29 -25.51 50.51
N ASP T 630 -52.32 -25.89 49.76
CA ASP T 630 -53.34 -24.94 49.33
C ASP T 630 -54.08 -24.39 50.53
N SER T 631 -54.45 -23.11 50.44
CA SER T 631 -55.12 -22.41 51.53
C SER T 631 -56.62 -22.62 51.54
N ASP T 632 -57.14 -23.51 50.70
CA ASP T 632 -58.57 -23.84 50.69
C ASP T 632 -58.85 -25.10 51.49
N VAL T 633 -58.04 -25.36 52.52
CA VAL T 633 -58.14 -26.56 53.34
C VAL T 633 -58.72 -26.17 54.69
N GLY T 634 -59.81 -26.83 55.08
CA GLY T 634 -60.41 -26.63 56.38
C GLY T 634 -60.96 -25.23 56.61
N VAL T 635 -61.60 -24.65 55.59
CA VAL T 635 -62.20 -23.32 55.69
C VAL T 635 -63.63 -23.40 55.15
N SER T 636 -64.57 -22.88 55.93
CA SER T 636 -65.97 -22.80 55.53
C SER T 636 -66.38 -21.34 55.41
N ILE T 637 -67.30 -21.05 54.50
CA ILE T 637 -67.72 -19.69 54.18
C ILE T 637 -69.22 -19.58 54.36
N SER T 638 -69.67 -18.46 54.92
CA SER T 638 -71.09 -18.18 55.05
C SER T 638 -71.33 -16.70 54.82
N TRP T 639 -72.59 -16.34 54.59
CA TRP T 639 -72.99 -14.96 54.32
C TRP T 639 -73.91 -14.46 55.42
N ASN T 640 -73.69 -13.22 55.86
CA ASN T 640 -74.54 -12.57 56.85
C ASN T 640 -75.16 -11.34 56.23
N SER T 641 -76.49 -11.35 56.14
CA SER T 641 -77.21 -10.24 55.50
C SER T 641 -77.64 -9.17 56.49
N THR T 642 -77.70 -9.49 57.78
CA THR T 642 -78.05 -8.48 58.77
C THR T 642 -76.99 -7.40 58.86
N LYS T 643 -75.72 -7.79 58.71
CA LYS T 643 -74.61 -6.85 58.68
C LYS T 643 -73.92 -6.77 57.33
N LYS T 644 -74.36 -7.57 56.35
CA LYS T 644 -73.81 -7.54 54.99
C LYS T 644 -72.30 -7.82 54.98
N THR T 645 -71.93 -9.00 55.45
CA THR T 645 -70.52 -9.41 55.49
C THR T 645 -70.39 -10.89 55.18
N MET T 646 -69.15 -11.32 55.01
CA MET T 646 -68.83 -12.74 54.94
C MET T 646 -68.33 -13.23 56.29
N GLU T 647 -68.50 -14.52 56.53
CA GLU T 647 -67.97 -15.17 57.71
C GLU T 647 -67.12 -16.35 57.28
N PHE T 648 -65.84 -16.30 57.61
CA PHE T 648 -64.92 -17.40 57.38
C PHE T 648 -64.71 -18.14 58.70
N SER T 649 -64.86 -19.46 58.67
CA SER T 649 -64.84 -20.22 59.91
C SER T 649 -64.05 -21.51 59.71
N ALA T 650 -63.61 -22.07 60.83
CA ALA T 650 -62.91 -23.34 60.81
C ALA T 650 -63.91 -24.49 60.73
N THR T 651 -63.48 -25.58 60.07
CA THR T 651 -64.36 -26.73 59.89
C THR T 651 -64.71 -27.38 61.22
N GLY T 652 -63.73 -27.52 62.12
CA GLY T 652 -63.91 -28.21 63.37
C GLY T 652 -63.23 -29.56 63.45
N GLU T 653 -62.72 -30.08 62.32
CA GLU T 653 -61.98 -31.33 62.29
C GLU T 653 -60.74 -31.15 61.43
N SER T 654 -59.66 -31.80 61.83
CA SER T 654 -58.39 -31.66 61.12
C SER T 654 -58.39 -32.53 59.87
N GLU T 655 -57.30 -32.44 59.11
CA GLU T 655 -57.13 -33.13 57.84
C GLU T 655 -55.89 -34.01 57.87
N ASP T 656 -55.92 -35.12 57.14
CA ASP T 656 -54.81 -36.05 57.08
C ASP T 656 -54.36 -36.21 55.63
N ILE T 657 -53.05 -36.14 55.42
CA ILE T 657 -52.44 -36.36 54.11
C ILE T 657 -51.27 -37.32 54.29
N LYS T 658 -50.93 -38.01 53.20
CA LYS T 658 -49.86 -38.99 53.21
C LYS T 658 -48.84 -38.65 52.14
N LEU T 659 -47.57 -38.97 52.38
CA LEU T 659 -46.49 -38.65 51.47
C LEU T 659 -45.56 -39.84 51.32
N HIS T 660 -45.04 -40.01 50.10
CA HIS T 660 -44.16 -41.12 49.75
C HIS T 660 -42.90 -40.57 49.09
N LEU T 661 -41.73 -40.93 49.62
CA LEU T 661 -40.47 -40.31 49.24
C LEU T 661 -39.38 -41.37 49.10
N VAL T 662 -38.58 -41.25 48.04
CA VAL T 662 -37.51 -42.20 47.78
C VAL T 662 -36.35 -41.45 47.14
N ASP T 663 -35.16 -42.07 47.16
CA ASP T 663 -33.95 -41.44 46.69
C ASP T 663 -33.46 -42.07 45.37
N ASN T 664 -32.84 -41.24 44.53
CA ASN T 664 -32.36 -41.67 43.22
C ASN T 664 -30.99 -41.08 42.88
N ALA T 665 -30.13 -40.89 43.89
CA ALA T 665 -28.85 -40.19 43.70
C ALA T 665 -27.93 -40.94 42.74
N MET T 666 -26.78 -40.35 42.43
CA MET T 666 -25.85 -40.87 41.43
C MET T 666 -24.59 -41.41 42.09
N GLU T 667 -24.25 -42.65 41.78
CA GLU T 667 -23.03 -43.29 42.26
C GLU T 667 -21.94 -43.17 41.21
N MET T 668 -20.69 -43.05 41.66
CA MET T 668 -19.56 -42.92 40.76
C MET T 668 -18.44 -43.82 41.26
N GLN T 669 -18.12 -44.87 40.51
CA GLN T 669 -16.97 -45.70 40.86
C GLN T 669 -15.69 -44.99 40.46
N ILE T 670 -14.80 -44.77 41.43
CA ILE T 670 -13.59 -43.98 41.20
C ILE T 670 -12.37 -44.78 41.63
N GLY T 671 -12.58 -45.96 42.19
CA GLY T 671 -11.47 -46.76 42.66
C GLY T 671 -11.45 -48.16 42.09
N ALA T 672 -10.48 -48.97 42.52
CA ALA T 672 -10.33 -50.33 42.03
C ALA T 672 -10.64 -51.35 43.11
N ASN T 673 -11.34 -50.94 44.17
CA ASN T 673 -11.70 -51.85 45.25
C ASN T 673 -13.09 -51.49 45.75
N GLU T 674 -13.71 -52.45 46.45
CA GLU T 674 -15.03 -52.25 47.00
C GLU T 674 -15.01 -51.18 48.09
N GLY T 675 -15.85 -50.16 47.96
CA GLY T 675 -16.06 -49.24 49.05
C GLY T 675 -15.93 -47.77 48.74
N GLN T 676 -14.99 -47.39 47.87
CA GLN T 676 -14.74 -45.98 47.59
C GLN T 676 -15.53 -45.55 46.36
N THR T 677 -16.42 -44.57 46.55
CA THR T 677 -17.27 -44.05 45.49
C THR T 677 -17.46 -42.56 45.71
N ILE T 678 -18.00 -41.89 44.69
CA ILE T 678 -18.28 -40.46 44.72
C ILE T 678 -19.77 -40.26 44.49
N LEU T 679 -20.38 -39.40 45.29
CA LEU T 679 -21.78 -39.07 45.12
C LEU T 679 -21.97 -37.86 44.22
N ALA T 680 -22.94 -37.97 43.32
CA ALA T 680 -23.32 -36.86 42.46
C ALA T 680 -24.82 -36.69 42.48
N ASN T 681 -25.26 -35.44 42.60
CA ASN T 681 -26.67 -35.12 42.67
C ASN T 681 -26.89 -33.69 42.17
N ILE T 682 -27.93 -33.51 41.37
CA ILE T 682 -28.24 -32.23 40.76
C ILE T 682 -29.60 -31.77 41.28
N PRO T 683 -29.69 -30.56 41.87
CA PRO T 683 -30.98 -30.12 42.42
C PRO T 683 -32.01 -29.85 41.34
N GLN T 684 -33.26 -29.77 41.75
CA GLN T 684 -34.37 -29.57 40.82
C GLN T 684 -34.54 -28.10 40.50
N VAL T 685 -34.63 -27.78 39.20
CA VAL T 685 -34.70 -26.41 38.72
C VAL T 685 -35.85 -26.27 37.73
N ASP T 686 -36.75 -25.33 38.00
CA ASP T 686 -37.80 -24.94 37.06
C ASP T 686 -38.32 -23.58 37.49
N THR T 687 -39.45 -23.17 36.91
CA THR T 687 -40.08 -21.92 37.32
C THR T 687 -40.54 -21.98 38.77
N THR T 688 -41.11 -23.12 39.18
CA THR T 688 -41.61 -23.24 40.55
C THR T 688 -40.49 -23.13 41.57
N SER T 689 -39.34 -23.75 41.29
CA SER T 689 -38.22 -23.67 42.22
C SER T 689 -37.70 -22.25 42.34
N LEU T 690 -37.62 -21.53 41.23
CA LEU T 690 -37.14 -20.15 41.23
C LEU T 690 -38.11 -19.18 41.89
N GLY T 691 -39.33 -19.60 42.16
CA GLY T 691 -40.30 -18.72 42.79
C GLY T 691 -40.75 -17.55 41.95
N ILE T 692 -40.93 -17.76 40.65
CA ILE T 692 -41.39 -16.70 39.76
C ILE T 692 -42.62 -17.19 38.99
N ASP T 693 -43.39 -18.10 39.59
CA ASP T 693 -44.60 -18.58 38.95
C ASP T 693 -45.64 -17.47 38.82
N ASP T 694 -45.80 -16.65 39.85
CA ASP T 694 -46.86 -15.66 39.93
C ASP T 694 -46.34 -14.25 39.64
N ILE T 695 -45.43 -14.15 38.69
CA ILE T 695 -44.92 -12.84 38.28
C ILE T 695 -45.84 -12.28 37.19
N LEU T 696 -46.27 -11.04 37.37
CA LEU T 696 -47.25 -10.43 36.49
C LEU T 696 -47.02 -8.92 36.44
N MET T 697 -47.23 -8.33 35.26
CA MET T 697 -47.11 -6.88 35.06
C MET T 697 -48.33 -6.39 34.28
N VAL T 698 -49.33 -5.94 35.02
CA VAL T 698 -50.54 -5.38 34.43
C VAL T 698 -50.68 -3.92 34.88
N ASP T 699 -50.38 -3.66 36.14
CA ASP T 699 -50.43 -2.32 36.73
C ASP T 699 -49.03 -1.91 37.17
N GLN T 700 -48.91 -0.66 37.59
CA GLN T 700 -47.61 -0.12 37.99
C GLN T 700 -47.38 -0.30 39.50
N GLU T 701 -47.53 -1.55 39.96
CA GLU T 701 -47.27 -1.89 41.35
C GLU T 701 -46.59 -3.24 41.56
N LEU T 702 -46.47 -4.08 40.53
CA LEU T 702 -45.88 -5.40 40.69
C LEU T 702 -44.47 -5.50 40.14
N ALA T 703 -44.00 -4.49 39.40
CA ALA T 703 -42.67 -4.56 38.81
C ALA T 703 -41.58 -4.60 39.87
N GLN T 704 -41.81 -3.98 41.02
CA GLN T 704 -40.81 -3.97 42.09
C GLN T 704 -40.62 -5.38 42.67
N GLU T 705 -41.74 -6.05 42.98
CA GLU T 705 -41.67 -7.44 43.38
C GLU T 705 -41.02 -8.30 42.31
N SER T 706 -41.32 -7.99 41.04
CA SER T 706 -40.68 -8.71 39.94
C SER T 706 -39.16 -8.58 40.00
N ILE T 707 -38.67 -7.36 40.24
CA ILE T 707 -37.23 -7.13 40.33
C ILE T 707 -36.63 -7.96 41.46
N THR T 708 -37.27 -7.94 42.63
CA THR T 708 -36.74 -8.68 43.77
C THR T 708 -36.69 -10.18 43.48
N LYS T 709 -37.78 -10.72 42.93
CA LYS T 709 -37.82 -12.15 42.62
C LYS T 709 -36.74 -12.53 41.61
N LEU T 710 -36.55 -11.70 40.58
CA LEU T 710 -35.55 -12.00 39.57
C LEU T 710 -34.15 -12.00 40.17
N ASP T 711 -33.85 -11.05 41.05
CA ASP T 711 -32.53 -11.02 41.68
C ASP T 711 -32.29 -12.28 42.50
N LYS T 712 -33.29 -12.70 43.28
CA LYS T 712 -33.13 -13.89 44.10
C LYS T 712 -32.92 -15.14 43.24
N ALA T 713 -33.66 -15.23 42.13
CA ALA T 713 -33.49 -16.36 41.22
C ALA T 713 -32.09 -16.40 40.63
N LEU T 714 -31.55 -15.23 40.27
CA LEU T 714 -30.17 -15.17 39.78
C LEU T 714 -29.21 -15.70 40.83
N GLU T 715 -29.39 -15.29 42.08
CA GLU T 715 -28.55 -15.80 43.16
C GLU T 715 -28.57 -17.33 43.21
N THR T 716 -29.78 -17.92 43.17
CA THR T 716 -29.89 -19.37 43.30
C THR T 716 -29.20 -20.09 42.14
N VAL T 717 -29.41 -19.60 40.91
CA VAL T 717 -28.79 -20.24 39.75
C VAL T 717 -27.27 -20.18 39.85
N SER T 718 -26.73 -19.03 40.28
CA SER T 718 -25.29 -18.91 40.44
C SER T 718 -24.77 -19.91 41.46
N GLY T 719 -25.49 -20.10 42.57
CA GLY T 719 -25.06 -21.09 43.55
C GLY T 719 -25.00 -22.50 42.99
N VAL T 720 -26.03 -22.88 42.23
CA VAL T 720 -26.03 -24.22 41.62
C VAL T 720 -24.82 -24.41 40.71
N ARG T 721 -24.57 -23.42 39.85
CA ARG T 721 -23.44 -23.52 38.92
C ARG T 721 -22.12 -23.62 39.68
N ALA T 722 -21.99 -22.88 40.78
CA ALA T 722 -20.76 -22.95 41.57
C ALA T 722 -20.53 -24.34 42.13
N THR T 723 -21.59 -24.98 42.64
CA THR T 723 -21.45 -26.34 43.14
C THR T 723 -20.99 -27.31 42.03
N ILE T 724 -21.59 -27.17 40.85
CA ILE T 724 -21.19 -28.04 39.72
C ILE T 724 -19.71 -27.85 39.42
N GLY T 725 -19.25 -26.60 39.37
CA GLY T 725 -17.85 -26.34 39.09
C GLY T 725 -16.91 -26.94 40.13
N ALA T 726 -17.29 -26.84 41.40
CA ALA T 726 -16.45 -27.42 42.45
C ALA T 726 -16.29 -28.92 42.26
N GLN T 727 -17.40 -29.63 41.97
CA GLN T 727 -17.29 -31.07 41.79
C GLN T 727 -16.46 -31.42 40.56
N ILE T 728 -16.61 -30.68 39.46
CA ILE T 728 -15.84 -31.01 38.27
C ILE T 728 -14.34 -30.81 38.52
N ASN T 729 -13.98 -29.77 39.29
CA ASN T 729 -12.57 -29.58 39.62
C ASN T 729 -12.04 -30.73 40.47
N ARG T 730 -12.82 -31.18 41.45
CA ARG T 730 -12.34 -32.30 42.27
C ARG T 730 -12.10 -33.54 41.41
N LEU T 731 -13.03 -33.83 40.49
CA LEU T 731 -12.85 -35.01 39.64
C LEU T 731 -11.62 -34.87 38.76
N GLU T 732 -11.41 -33.68 38.18
CA GLU T 732 -10.24 -33.49 37.33
C GLU T 732 -8.95 -33.71 38.11
N TYR T 733 -8.88 -33.22 39.35
CA TYR T 733 -7.69 -33.48 40.15
C TYR T 733 -7.53 -34.97 40.49
N THR T 734 -8.62 -35.65 40.83
CA THR T 734 -8.44 -37.05 41.20
C THR T 734 -8.11 -37.93 40.01
N MET T 735 -8.27 -37.43 38.78
CA MET T 735 -7.96 -38.24 37.60
C MET T 735 -6.49 -38.68 37.56
N THR T 736 -5.54 -37.74 37.75
CA THR T 736 -4.15 -37.97 37.37
C THR T 736 -3.41 -38.95 38.27
N GLY T 737 -3.71 -38.94 39.58
CA GLY T 737 -3.00 -39.82 40.50
C GLY T 737 -3.20 -41.29 40.15
N LEU T 738 -4.37 -41.64 39.64
CA LEU T 738 -4.62 -43.02 39.26
C LEU T 738 -3.70 -43.46 38.13
N ASP T 739 -3.49 -42.59 37.14
CA ASP T 739 -2.57 -42.92 36.06
C ASP T 739 -1.14 -43.02 36.56
N THR T 740 -0.74 -42.12 37.47
CA THR T 740 0.60 -42.22 38.04
C THR T 740 0.81 -43.54 38.78
N THR T 741 -0.20 -43.96 39.55
CA THR T 741 -0.13 -45.22 40.25
C THR T 741 -0.12 -46.40 39.27
N ARG T 742 -0.88 -46.29 38.18
CA ARG T 742 -0.82 -47.30 37.13
C ARG T 742 0.60 -47.47 36.62
N GLU T 743 1.26 -46.36 36.28
CA GLU T 743 2.63 -46.44 35.77
C GLU T 743 3.56 -47.06 36.80
N ASN T 744 3.46 -46.61 38.06
CA ASN T 744 4.37 -47.13 39.07
C ASN T 744 4.18 -48.62 39.30
N LEU T 745 2.93 -49.08 39.37
CA LEU T 745 2.69 -50.49 39.63
C LEU T 745 2.98 -51.37 38.42
N THR T 746 2.76 -50.86 37.20
CA THR T 746 3.14 -51.65 36.03
C THR T 746 4.64 -51.71 35.85
N ALA T 747 5.37 -50.69 36.35
CA ALA T 747 6.83 -50.80 36.38
C ALA T 747 7.28 -51.80 37.45
N ALA T 748 6.63 -51.78 38.61
CA ALA T 748 6.99 -52.71 39.67
C ALA T 748 6.72 -54.16 39.26
N GLU T 749 5.56 -54.41 38.65
CA GLU T 749 5.22 -55.78 38.26
C GLU T 749 6.17 -56.31 37.20
N SER T 750 6.52 -55.48 36.23
CA SER T 750 7.36 -55.94 35.12
C SER T 750 8.82 -55.92 35.52
N ARG T 751 9.14 -56.53 36.66
CA ARG T 751 10.50 -56.79 37.07
C ARG T 751 10.74 -58.28 37.30
N ILE T 752 9.68 -59.08 37.26
CA ILE T 752 9.75 -60.52 37.47
C ILE T 752 9.19 -61.26 36.25
N ARG T 753 9.23 -60.64 35.08
CA ARG T 753 8.66 -61.30 33.90
C ARG T 753 9.70 -62.22 33.23
N ASP T 754 10.85 -61.68 32.86
CA ASP T 754 11.89 -62.49 32.24
C ASP T 754 13.25 -61.86 32.54
N LEU T 755 14.26 -62.71 32.58
CA LEU T 755 15.63 -62.23 32.77
C LEU T 755 16.07 -61.46 31.52
N ASP T 756 17.30 -60.94 31.58
CA ASP T 756 17.91 -60.38 30.38
C ASP T 756 18.11 -61.49 29.36
N ILE T 757 18.04 -61.12 28.08
CA ILE T 757 18.28 -62.11 27.03
C ILE T 757 19.72 -62.59 27.07
N ALA T 758 20.64 -61.75 27.56
CA ALA T 758 22.07 -62.05 27.46
C ALA T 758 22.45 -63.27 28.29
N ASP T 759 22.07 -63.29 29.57
CA ASP T 759 22.52 -64.38 30.43
C ASP T 759 21.84 -65.71 30.09
N GLU T 760 20.56 -65.66 29.70
CA GLU T 760 19.90 -66.87 29.21
C GLU T 760 20.56 -67.39 27.95
N MET T 761 20.93 -66.49 27.05
CA MET T 761 21.65 -66.90 25.84
C MET T 761 23.00 -67.51 26.18
N ALA T 762 23.68 -66.97 27.19
CA ALA T 762 24.95 -67.54 27.62
C ALA T 762 24.75 -68.94 28.19
N LYS T 763 23.70 -69.13 28.99
CA LYS T 763 23.34 -70.46 29.47
C LYS T 763 23.15 -71.42 28.30
N PHE T 764 22.37 -70.99 27.30
CA PHE T 764 22.10 -71.84 26.14
C PHE T 764 23.37 -72.22 25.41
N THR T 765 24.24 -71.25 25.12
CA THR T 765 25.43 -71.55 24.36
C THR T 765 26.39 -72.45 25.14
N LYS T 766 26.51 -72.22 26.45
CA LYS T 766 27.37 -73.07 27.26
C LYS T 766 26.87 -74.51 27.26
N ASN T 767 25.58 -74.71 27.47
CA ASN T 767 25.03 -76.06 27.50
C ASN T 767 25.18 -76.73 26.14
N GLN T 768 24.92 -75.98 25.06
CA GLN T 768 25.05 -76.55 23.72
C GLN T 768 26.48 -76.96 23.42
N ILE T 769 27.45 -76.16 23.86
CA ILE T 769 28.86 -76.52 23.66
C ILE T 769 29.20 -77.79 24.45
N LEU T 770 28.73 -77.88 25.70
CA LEU T 770 29.11 -79.01 26.55
C LEU T 770 28.45 -80.31 26.09
N ALA T 771 27.27 -80.22 25.47
CA ALA T 771 26.57 -81.43 25.03
C ALA T 771 27.37 -82.23 24.01
N GLN T 772 28.02 -81.53 23.06
CA GLN T 772 28.77 -82.23 22.02
C GLN T 772 29.99 -82.94 22.59
N SER T 773 30.65 -82.35 23.58
CA SER T 773 31.74 -83.04 24.26
C SER T 773 31.24 -84.29 24.95
N ASN T 774 30.08 -84.20 25.61
CA ASN T 774 29.47 -85.40 26.18
C ASN T 774 29.26 -86.47 25.11
N ILE T 775 28.71 -86.08 23.96
CA ILE T 775 28.41 -87.04 22.90
C ILE T 775 29.68 -87.74 22.42
N SER T 776 30.73 -86.95 22.15
CA SER T 776 31.96 -87.52 21.62
C SER T 776 32.60 -88.47 22.63
N MET T 777 32.63 -88.09 23.90
CA MET T 777 33.27 -88.95 24.88
C MET T 777 32.45 -90.21 25.14
N LEU T 778 31.11 -90.10 25.06
CA LEU T 778 30.28 -91.30 25.18
C LEU T 778 30.54 -92.25 24.01
N ALA T 779 30.71 -91.69 22.80
CA ALA T 779 31.03 -92.53 21.65
C ALA T 779 32.35 -93.26 21.85
N GLN T 780 33.37 -92.54 22.32
CA GLN T 780 34.67 -93.17 22.57
C GLN T 780 34.56 -94.26 23.64
N ALA T 781 33.79 -93.99 24.70
CA ALA T 781 33.63 -94.98 25.76
C ALA T 781 32.96 -96.24 25.24
N ASN T 782 31.94 -96.09 24.40
CA ASN T 782 31.29 -97.26 23.81
C ASN T 782 32.23 -97.99 22.85
N SER T 783 33.14 -97.26 22.22
CA SER T 783 34.10 -97.90 21.32
C SER T 783 35.15 -98.70 22.10
N LEU T 784 35.45 -98.26 23.32
CA LEU T 784 36.57 -98.82 24.07
C LEU T 784 36.52 -100.33 24.31
N PRO T 785 35.39 -100.93 24.79
CA PRO T 785 35.48 -102.22 25.51
C PRO T 785 36.26 -103.36 24.87
N GLN T 786 35.90 -103.84 23.67
CA GLN T 786 36.64 -105.00 23.16
C GLN T 786 37.73 -104.58 22.17
N MET T 787 37.67 -103.37 21.65
CA MET T 787 38.65 -102.97 20.64
C MET T 787 40.08 -103.02 21.19
N ALA T 788 40.21 -103.29 22.49
CA ALA T 788 41.51 -103.62 23.09
C ALA T 788 41.60 -105.07 23.56
N LEU T 789 40.48 -105.80 23.63
CA LEU T 789 40.45 -107.11 24.23
C LEU T 789 40.32 -108.26 23.23
N SER T 790 39.78 -107.98 22.04
CA SER T 790 39.53 -109.02 21.05
C SER T 790 40.81 -109.73 20.63
N LEU T 791 41.94 -109.04 20.66
CA LEU T 791 43.21 -109.61 20.23
C LEU T 791 43.92 -110.40 21.32
N LEU T 792 43.28 -110.54 22.48
CA LEU T 792 43.88 -111.33 23.56
C LEU T 792 44.05 -112.79 23.14
N GLY T 793 43.20 -113.29 22.26
CA GLY T 793 43.31 -114.65 21.79
C GLY T 793 42.02 -115.20 21.21
N ALA U 2 66.56 -121.58 34.08
CA ALA U 2 65.80 -122.76 34.47
C ALA U 2 64.41 -122.75 33.82
N MET U 3 64.11 -123.82 33.10
CA MET U 3 62.85 -123.95 32.38
C MET U 3 61.91 -124.87 33.17
N TYR U 4 60.75 -124.35 33.51
CA TYR U 4 59.77 -125.06 34.32
C TYR U 4 58.46 -125.19 33.56
N ILE U 5 57.45 -125.75 34.24
CA ILE U 5 56.11 -125.94 33.70
C ILE U 5 55.12 -125.15 34.55
N ASN U 6 54.32 -124.31 33.90
CA ASN U 6 53.30 -123.50 34.55
C ASN U 6 53.86 -122.71 35.73
N THR U 7 54.91 -121.93 35.44
CA THR U 7 55.57 -121.03 36.40
C THR U 7 55.71 -119.66 35.79
N ASN U 8 54.80 -119.35 34.87
CA ASN U 8 54.89 -118.20 33.98
C ASN U 8 54.47 -116.94 34.76
N VAL U 9 55.44 -116.46 35.54
CA VAL U 9 55.26 -115.21 36.31
C VAL U 9 55.25 -113.94 35.45
N PRO U 10 55.89 -113.87 34.27
CA PRO U 10 55.83 -112.62 33.50
C PRO U 10 54.41 -112.21 33.21
N SER U 11 53.52 -113.17 33.00
CA SER U 11 52.12 -112.81 32.84
C SER U 11 51.57 -112.17 34.10
N LEU U 12 51.98 -112.65 35.28
CA LEU U 12 51.55 -112.00 36.51
C LEU U 12 51.97 -110.53 36.54
N THR U 13 53.24 -110.26 36.25
CA THR U 13 53.70 -108.87 36.24
C THR U 13 52.90 -108.04 35.23
N ALA U 14 52.72 -108.59 34.03
CA ALA U 14 52.04 -107.85 32.97
C ALA U 14 50.58 -107.60 33.30
N GLN U 15 49.92 -108.57 33.94
CA GLN U 15 48.54 -108.39 34.35
C GLN U 15 48.41 -107.31 35.41
N ARG U 16 49.34 -107.27 36.36
CA ARG U 16 49.32 -106.20 37.35
C ARG U 16 49.47 -104.83 36.69
N TYR U 17 50.42 -104.72 35.77
CA TYR U 17 50.66 -103.44 35.10
C TYR U 17 49.45 -103.05 34.25
N LEU U 18 48.86 -104.01 33.55
CA LEU U 18 47.69 -103.76 32.72
C LEU U 18 46.50 -103.31 33.57
N GLY U 19 46.31 -103.95 34.73
CA GLY U 19 45.24 -103.52 35.61
C GLY U 19 45.41 -102.09 36.08
N GLU U 20 46.65 -101.73 36.43
CA GLU U 20 46.91 -100.36 36.84
C GLU U 20 46.59 -99.37 35.73
N THR U 21 47.04 -99.69 34.50
CA THR U 21 46.78 -98.80 33.37
C THR U 21 45.29 -98.68 33.10
N ASN U 22 44.57 -99.80 33.18
CA ASN U 22 43.12 -99.77 32.93
C ASN U 22 42.40 -98.92 33.97
N ASN U 23 42.80 -99.04 35.23
CA ASN U 23 42.19 -98.22 36.28
C ASN U 23 42.43 -96.74 36.01
N ALA U 24 43.66 -96.38 35.62
CA ALA U 24 43.95 -94.99 35.30
C ALA U 24 43.06 -94.50 34.16
N VAL U 25 42.92 -95.32 33.11
CA VAL U 25 42.11 -94.94 31.95
C VAL U 25 40.67 -94.70 32.37
N SER U 26 40.09 -95.64 33.13
CA SER U 26 38.70 -95.52 33.53
C SER U 26 38.47 -94.26 34.35
N LYS U 27 39.35 -94.02 35.33
CA LYS U 27 39.18 -92.87 36.22
C LYS U 27 39.29 -91.55 35.48
N SER U 28 40.29 -91.44 34.58
CA SER U 28 40.44 -90.23 33.78
C SER U 28 39.24 -90.03 32.87
N LEU U 29 38.71 -91.12 32.31
CA LEU U 29 37.54 -91.02 31.44
C LEU U 29 36.34 -90.48 32.19
N GLU U 30 36.09 -91.00 33.39
CA GLU U 30 34.97 -90.53 34.19
C GLU U 30 35.12 -89.05 34.48
N ARG U 31 36.35 -88.63 34.85
CA ARG U 31 36.56 -87.21 35.12
C ARG U 31 36.25 -86.36 33.89
N LEU U 32 36.78 -86.74 32.72
CA LEU U 32 36.64 -85.86 31.57
C LEU U 32 35.19 -85.81 31.12
N SER U 33 34.47 -86.92 31.22
CA SER U 33 33.04 -86.90 30.93
C SER U 33 32.30 -85.99 31.89
N SER U 34 32.63 -86.05 33.19
CA SER U 34 31.93 -85.25 34.18
C SER U 34 32.17 -83.75 34.00
N GLY U 35 33.40 -83.37 33.65
CA GLY U 35 33.70 -81.95 33.48
C GLY U 35 34.03 -81.22 34.76
N LEU U 36 34.20 -81.93 35.86
CA LEU U 36 34.55 -81.33 37.15
C LEU U 36 35.84 -81.96 37.66
N ARG U 37 36.58 -81.21 38.47
CA ARG U 37 37.84 -81.72 39.02
C ARG U 37 37.59 -82.83 40.03
N ILE U 38 36.91 -82.51 41.13
CA ILE U 38 36.98 -83.38 42.31
C ILE U 38 36.06 -84.57 42.15
N ASN U 39 34.74 -84.32 42.09
CA ASN U 39 33.72 -85.35 42.19
C ASN U 39 33.92 -86.23 43.43
N SER U 40 33.01 -87.18 43.65
CA SER U 40 33.07 -88.09 44.79
C SER U 40 33.49 -87.37 46.07
N ALA U 41 34.30 -88.03 46.89
CA ALA U 41 34.92 -87.36 48.02
C ALA U 41 36.38 -87.75 48.24
N SER U 42 36.92 -88.68 47.45
CA SER U 42 38.24 -89.23 47.72
C SER U 42 39.38 -88.49 47.02
N ASP U 43 39.08 -87.66 46.02
CA ASP U 43 40.15 -86.97 45.31
C ASP U 43 40.79 -85.90 46.19
N ASP U 44 39.98 -85.09 46.86
CA ASP U 44 40.48 -84.06 47.77
C ASP U 44 39.52 -83.92 48.94
N ALA U 45 40.07 -83.87 50.14
CA ALA U 45 39.26 -83.74 51.35
C ALA U 45 39.15 -82.31 51.85
N SER U 46 39.71 -81.34 51.14
CA SER U 46 39.73 -79.96 51.60
C SER U 46 38.92 -79.01 50.73
N GLY U 47 38.88 -79.20 49.41
CA GLY U 47 38.17 -78.28 48.55
C GLY U 47 36.66 -78.35 48.65
N LEU U 48 36.12 -79.46 49.17
CA LEU U 48 34.68 -79.64 49.22
C LEU U 48 34.02 -78.59 50.10
N ALA U 49 34.53 -78.41 51.33
CA ALA U 49 33.90 -77.47 52.26
C ALA U 49 34.00 -76.03 51.74
N ILE U 50 35.16 -75.66 51.21
CA ILE U 50 35.31 -74.31 50.66
C ILE U 50 34.33 -74.09 49.53
N SER U 51 34.22 -75.07 48.62
CA SER U 51 33.30 -74.94 47.50
C SER U 51 31.85 -74.81 47.97
N GLU U 52 31.46 -75.61 48.97
CA GLU U 52 30.08 -75.56 49.44
C GLU U 52 29.76 -74.22 50.10
N LYS U 53 30.68 -73.72 50.93
CA LYS U 53 30.47 -72.43 51.57
C LYS U 53 30.35 -71.32 50.53
N LEU U 54 31.22 -71.35 49.52
CA LEU U 54 31.17 -70.32 48.49
C LEU U 54 29.86 -70.39 47.69
N ARG U 55 29.40 -71.60 47.39
CA ARG U 55 28.16 -71.76 46.65
C ARG U 55 26.98 -71.18 47.44
N GLY U 56 26.90 -71.51 48.73
CA GLY U 56 25.84 -70.97 49.55
C GLY U 56 25.86 -69.45 49.62
N GLN U 57 27.07 -68.88 49.78
CA GLN U 57 27.18 -67.43 49.83
C GLN U 57 26.75 -66.80 48.51
N ILE U 58 27.08 -67.43 47.38
CA ILE U 58 26.67 -66.91 46.07
C ILE U 58 25.15 -66.87 45.97
N SER U 59 24.49 -67.96 46.39
CA SER U 59 23.03 -67.98 46.37
C SER U 59 22.44 -66.84 47.21
N GLY U 60 22.97 -66.67 48.41
CA GLY U 60 22.48 -65.58 49.26
C GLY U 60 22.67 -64.21 48.63
N LEU U 61 23.82 -63.99 47.99
CA LEU U 61 24.07 -62.71 47.35
C LEU U 61 23.07 -62.44 46.24
N LYS U 62 22.79 -63.45 45.41
CA LYS U 62 21.81 -63.26 44.34
C LYS U 62 20.44 -62.89 44.90
N ARG U 63 20.03 -63.59 45.96
CA ARG U 63 18.73 -63.28 46.56
C ARG U 63 18.68 -61.84 47.05
N ALA U 64 19.68 -61.40 47.80
CA ALA U 64 19.69 -60.03 48.30
C ALA U 64 19.69 -59.02 47.15
N SER U 65 20.38 -59.34 46.07
CA SER U 65 20.42 -58.46 44.90
C SER U 65 19.01 -58.23 44.36
N LEU U 66 18.20 -59.28 44.30
CA LEU U 66 16.81 -59.07 43.86
C LEU U 66 15.99 -58.32 44.91
N ASN U 67 16.22 -58.61 46.19
CA ASN U 67 15.41 -58.02 47.26
C ASN U 67 15.53 -56.50 47.27
N ALA U 68 16.73 -55.97 46.98
CA ALA U 68 16.91 -54.52 47.02
C ALA U 68 15.96 -53.80 46.06
N GLN U 69 15.90 -54.26 44.81
CA GLN U 69 15.03 -53.64 43.82
C GLN U 69 13.56 -53.79 44.21
N ASP U 70 13.19 -54.99 44.67
CA ASP U 70 11.81 -55.18 45.13
C ASP U 70 11.47 -54.18 46.22
N GLY U 71 12.46 -53.83 47.06
CA GLY U 71 12.23 -52.80 48.06
C GLY U 71 12.06 -51.40 47.46
N ILE U 72 12.88 -51.06 46.47
CA ILE U 72 12.87 -49.68 45.96
C ILE U 72 11.54 -49.32 45.31
N SER U 73 10.83 -50.30 44.75
CA SER U 73 9.58 -49.99 44.05
C SER U 73 8.56 -49.30 44.97
N LEU U 74 8.43 -49.76 46.21
CA LEU U 74 7.43 -49.22 47.13
C LEU U 74 7.68 -47.75 47.43
N LEU U 75 8.94 -47.38 47.66
CA LEU U 75 9.27 -45.99 47.92
C LEU U 75 8.96 -45.12 46.69
N GLN U 76 9.18 -45.67 45.49
CA GLN U 76 8.75 -44.93 44.29
C GLN U 76 7.26 -44.61 44.35
N THR U 77 6.43 -45.61 44.69
CA THR U 77 4.99 -45.37 44.74
C THR U 77 4.62 -44.30 45.78
N ALA U 78 5.22 -44.39 46.96
CA ALA U 78 4.91 -43.41 48.01
C ALA U 78 5.30 -42.01 47.58
N GLU U 79 6.44 -41.87 46.89
CA GLU U 79 6.86 -40.57 46.40
C GLU U 79 5.84 -40.00 45.42
N GLY U 80 5.30 -40.84 44.54
CA GLY U 80 4.27 -40.35 43.63
C GLY U 80 3.06 -39.80 44.36
N GLY U 81 2.56 -40.55 45.34
CA GLY U 81 1.41 -40.06 46.11
C GLY U 81 1.67 -38.74 46.79
N LEU U 82 2.85 -38.62 47.44
CA LEU U 82 3.18 -37.39 48.12
C LEU U 82 3.26 -36.22 47.14
N GLN U 83 3.77 -36.47 45.94
CA GLN U 83 3.83 -35.42 44.93
C GLN U 83 2.44 -34.91 44.58
N ASN U 84 1.47 -35.82 44.42
CA ASN U 84 0.11 -35.37 44.13
C ASN U 84 -0.44 -34.48 45.24
N ILE U 85 -0.25 -34.91 46.50
CA ILE U 85 -0.76 -34.13 47.62
C ILE U 85 -0.13 -32.73 47.64
N GLN U 86 1.19 -32.67 47.45
CA GLN U 86 1.87 -31.37 47.44
C GLN U 86 1.35 -30.51 46.30
N ASP U 87 1.01 -31.11 45.16
CA ASP U 87 0.45 -30.34 44.06
C ASP U 87 -0.86 -29.67 44.46
N MET U 88 -1.74 -30.39 45.15
CA MET U 88 -3.02 -29.79 45.52
C MET U 88 -2.87 -28.70 46.59
N LEU U 89 -1.90 -28.85 47.49
CA LEU U 89 -1.78 -27.91 48.61
C LEU U 89 -1.56 -26.47 48.12
N GLN U 90 -0.78 -26.28 47.06
CA GLN U 90 -0.45 -24.93 46.63
C GLN U 90 -1.65 -24.22 46.02
N ARG U 91 -2.50 -24.95 45.30
CA ARG U 91 -3.76 -24.36 44.84
C ARG U 91 -4.62 -23.96 46.02
N MET U 92 -4.66 -24.78 47.07
CA MET U 92 -5.39 -24.37 48.26
C MET U 92 -4.81 -23.07 48.82
N ARG U 93 -3.47 -22.94 48.81
CA ARG U 93 -2.84 -21.71 49.32
C ARG U 93 -3.24 -20.49 48.50
N GLU U 94 -3.25 -20.62 47.17
CA GLU U 94 -3.60 -19.48 46.34
C GLU U 94 -5.06 -19.09 46.51
N LEU U 95 -5.95 -20.08 46.62
CA LEU U 95 -7.34 -19.76 46.93
C LEU U 95 -7.46 -19.11 48.31
N ALA U 96 -6.55 -19.43 49.22
CA ALA U 96 -6.54 -18.76 50.52
C ALA U 96 -6.15 -17.30 50.39
N VAL U 97 -5.08 -17.02 49.62
CA VAL U 97 -4.62 -15.64 49.51
C VAL U 97 -5.62 -14.79 48.74
N GLN U 98 -6.41 -15.39 47.85
CA GLN U 98 -7.45 -14.60 47.18
C GLN U 98 -8.47 -14.07 48.18
N ALA U 99 -8.93 -14.93 49.09
CA ALA U 99 -9.88 -14.51 50.11
C ALA U 99 -9.20 -13.58 51.10
N GLY U 100 -9.77 -12.39 51.28
CA GLY U 100 -9.16 -11.42 52.17
C GLY U 100 -9.24 -10.01 51.64
N ASN U 101 -9.26 -9.84 50.33
CA ASN U 101 -9.49 -8.54 49.73
C ASN U 101 -10.95 -8.15 49.95
N GLY U 102 -11.19 -7.12 50.76
CA GLY U 102 -12.56 -6.82 51.11
C GLY U 102 -13.26 -5.91 50.13
N VAL U 103 -13.93 -6.51 49.15
CA VAL U 103 -14.90 -5.85 48.30
C VAL U 103 -16.07 -6.80 48.16
N TYR U 104 -15.87 -8.04 48.62
CA TYR U 104 -16.86 -9.10 48.49
C TYR U 104 -17.81 -9.09 49.68
N THR U 105 -19.04 -9.54 49.45
CA THR U 105 -19.99 -9.71 50.53
C THR U 105 -19.72 -11.03 51.26
N THR U 106 -20.66 -11.40 52.13
CA THR U 106 -20.52 -12.58 52.97
C THR U 106 -21.02 -13.86 52.30
N ASN U 107 -21.46 -13.79 51.05
CA ASN U 107 -21.96 -14.96 50.33
C ASN U 107 -20.90 -15.62 49.45
N ASP U 108 -20.10 -14.81 48.76
CA ASP U 108 -19.03 -15.35 47.93
C ASP U 108 -18.02 -16.13 48.76
N ARG U 109 -17.80 -15.72 50.00
CA ARG U 109 -16.84 -16.41 50.86
C ARG U 109 -17.33 -17.81 51.23
N ALA U 110 -18.64 -17.95 51.50
CA ALA U 110 -19.20 -19.29 51.70
C ALA U 110 -19.12 -20.12 50.42
N GLU U 111 -19.35 -19.47 49.28
CA GLU U 111 -19.20 -20.16 48.00
C GLU U 111 -17.80 -20.73 47.85
N ILE U 112 -16.77 -19.96 48.22
CA ILE U 112 -15.40 -20.43 48.16
C ILE U 112 -15.15 -21.52 49.20
N GLN U 113 -15.77 -21.37 50.38
CA GLN U 113 -15.64 -22.35 51.45
C GLN U 113 -16.10 -23.74 50.99
N LYS U 114 -17.15 -23.80 50.17
CA LYS U 114 -17.62 -25.08 49.67
C LYS U 114 -16.53 -25.82 48.90
N GLU U 115 -15.86 -25.11 47.97
CA GLU U 115 -14.79 -25.72 47.19
C GLU U 115 -13.61 -26.10 48.06
N VAL U 116 -13.27 -25.26 49.05
CA VAL U 116 -12.19 -25.60 49.97
C VAL U 116 -12.51 -26.90 50.71
N ASP U 117 -13.78 -27.05 51.13
CA ASP U 117 -14.19 -28.27 51.81
C ASP U 117 -14.06 -29.49 50.92
N GLN U 118 -14.47 -29.37 49.66
CA GLN U 118 -14.34 -30.52 48.76
C GLN U 118 -12.87 -30.88 48.54
N LEU U 119 -12.00 -29.87 48.44
CA LEU U 119 -10.57 -30.16 48.28
C LEU U 119 -10.02 -30.89 49.51
N LYS U 120 -10.46 -30.48 50.70
CA LYS U 120 -10.05 -31.18 51.91
C LYS U 120 -10.50 -32.63 51.89
N GLU U 121 -11.74 -32.86 51.46
CA GLU U 121 -12.24 -34.24 51.38
C GLU U 121 -11.41 -35.06 50.40
N GLU U 122 -11.05 -34.46 49.26
CA GLU U 122 -10.22 -35.17 48.28
C GLU U 122 -8.86 -35.51 48.87
N ILE U 123 -8.26 -34.58 49.62
CA ILE U 123 -6.93 -34.87 50.18
C ILE U 123 -7.02 -35.99 51.21
N ASN U 124 -8.11 -36.03 51.98
CA ASN U 124 -8.29 -37.14 52.91
C ASN U 124 -8.44 -38.47 52.17
N ARG U 125 -9.23 -38.48 51.10
CA ARG U 125 -9.44 -39.71 50.34
C ARG U 125 -8.13 -40.21 49.75
N ILE U 126 -7.35 -39.31 49.14
CA ILE U 126 -6.10 -39.75 48.52
C ILE U 126 -5.09 -40.17 49.58
N ALA U 127 -5.11 -39.55 50.76
CA ALA U 127 -4.24 -39.99 51.83
C ALA U 127 -4.63 -41.37 52.34
N SER U 128 -5.92 -41.70 52.28
CA SER U 128 -6.39 -42.98 52.80
C SER U 128 -6.52 -44.06 51.74
N SER U 129 -6.19 -43.77 50.48
CA SER U 129 -6.41 -44.74 49.40
C SER U 129 -5.13 -45.39 48.86
N THR U 130 -3.97 -45.06 49.40
CA THR U 130 -2.72 -45.64 48.88
C THR U 130 -2.63 -47.10 49.29
N GLU U 131 -2.07 -47.92 48.40
CA GLU U 131 -2.07 -49.37 48.59
C GLU U 131 -0.97 -50.02 47.76
N PHE U 132 -0.44 -51.12 48.27
CA PHE U 132 0.52 -51.96 47.54
C PHE U 132 0.52 -53.34 48.16
N ASN U 133 0.08 -54.34 47.40
CA ASN U 133 0.04 -55.73 47.84
C ASN U 133 -0.73 -55.86 49.15
N THR U 134 -1.90 -55.25 49.19
CA THR U 134 -2.78 -55.23 50.37
C THR U 134 -2.05 -54.70 51.60
N LYS U 135 -1.20 -53.69 51.42
CA LYS U 135 -0.47 -53.05 52.51
C LYS U 135 -0.61 -51.54 52.33
N LYS U 136 -1.43 -50.91 53.17
CA LYS U 136 -1.60 -49.47 53.11
C LYS U 136 -0.46 -48.79 53.87
N LEU U 137 0.10 -47.74 53.27
CA LEU U 137 1.31 -47.10 53.79
C LEU U 137 1.02 -45.84 54.59
N LEU U 138 0.33 -44.87 53.98
CA LEU U 138 0.34 -43.51 54.52
C LEU U 138 -0.55 -43.37 55.75
N ASN U 139 -1.54 -44.24 55.94
CA ASN U 139 -2.44 -44.08 57.07
C ASN U 139 -1.88 -44.68 58.35
N GLY U 140 -0.64 -44.34 58.69
CA GLY U 140 -0.05 -44.76 59.95
C GLY U 140 0.06 -46.26 60.12
N ASP U 141 -0.03 -47.01 59.04
CA ASP U 141 0.05 -48.47 59.08
C ASP U 141 1.46 -48.94 58.76
N SER U 142 2.46 -48.12 59.04
CA SER U 142 3.85 -48.46 58.74
C SER U 142 4.77 -48.38 59.95
N THR U 143 4.42 -47.57 60.95
CA THR U 143 5.29 -47.38 62.11
C THR U 143 4.70 -47.95 63.39
N ALA U 144 3.47 -47.60 63.73
CA ALA U 144 2.88 -47.98 65.00
C ALA U 144 1.46 -48.46 64.81
N LEU U 145 0.85 -48.88 65.92
CA LEU U 145 -0.56 -49.28 65.91
C LEU U 145 -1.10 -49.07 67.32
N TRP U 146 -2.07 -48.18 67.46
CA TRP U 146 -2.56 -47.77 68.77
C TRP U 146 -4.02 -48.14 68.95
N SER U 147 -4.44 -48.17 70.22
CA SER U 147 -5.82 -48.42 70.61
C SER U 147 -6.01 -47.86 72.01
N SER U 148 -7.24 -47.43 72.30
CA SER U 148 -7.58 -46.87 73.59
C SER U 148 -9.05 -47.16 73.87
N ASP U 149 -9.50 -46.75 75.06
CA ASP U 149 -10.87 -47.01 75.49
C ASP U 149 -11.77 -45.78 75.44
N SER U 150 -11.28 -44.63 75.89
CA SER U 150 -12.10 -43.43 75.88
C SER U 150 -12.36 -42.98 74.44
N SER U 151 -13.47 -42.27 74.27
CA SER U 151 -13.89 -41.78 72.96
C SER U 151 -13.60 -40.30 72.79
N ASP U 152 -12.61 -39.77 73.49
CA ASP U 152 -12.22 -38.37 73.41
C ASP U 152 -10.71 -38.22 73.40
N LEU U 153 -10.01 -39.23 72.88
CA LEU U 153 -8.56 -39.26 72.95
C LEU U 153 -8.02 -39.60 71.58
N ASP U 154 -7.17 -38.73 71.03
CA ASP U 154 -6.57 -38.95 69.71
C ASP U 154 -5.06 -39.10 69.86
N VAL U 155 -4.46 -39.90 68.98
CA VAL U 155 -3.03 -40.13 68.98
C VAL U 155 -2.53 -40.00 67.55
N VAL U 156 -1.47 -39.22 67.35
CA VAL U 156 -0.83 -39.08 66.05
C VAL U 156 0.61 -39.54 66.15
N ILE U 157 1.07 -40.26 65.13
CA ILE U 157 2.38 -40.90 65.10
C ILE U 157 3.25 -40.16 64.09
N LYS U 158 4.49 -39.86 64.47
CA LYS U 158 5.43 -39.24 63.56
C LYS U 158 6.71 -40.05 63.40
N SER U 159 7.18 -40.69 64.47
CA SER U 159 8.43 -41.43 64.47
C SER U 159 8.22 -42.78 65.16
N ALA U 160 9.33 -43.49 65.40
CA ALA U 160 9.25 -44.81 65.99
C ALA U 160 8.89 -44.72 67.47
N VAL U 161 7.81 -45.40 67.85
CA VAL U 161 7.44 -45.55 69.25
C VAL U 161 7.82 -46.96 69.67
N ALA U 162 8.00 -47.16 70.98
CA ALA U 162 8.58 -48.43 71.46
C ALA U 162 7.52 -49.46 71.84
N GLU U 163 6.76 -49.21 72.90
CA GLU U 163 5.89 -50.24 73.46
C GLU U 163 5.13 -49.72 74.68
N GLY U 164 4.19 -50.50 75.20
CA GLY U 164 3.75 -50.35 76.57
C GLY U 164 2.29 -49.95 76.75
N ASN U 165 1.81 -50.17 77.98
CA ASN U 165 0.51 -49.73 78.43
C ASN U 165 0.68 -48.64 79.46
N TYR U 166 0.02 -47.51 79.24
CA TYR U 166 0.23 -46.31 80.03
C TYR U 166 -1.07 -45.88 80.71
N ASN U 167 -0.93 -45.34 81.90
CA ASN U 167 -2.04 -44.79 82.67
C ASN U 167 -1.82 -43.29 82.87
N LEU U 168 -2.87 -42.53 82.60
CA LEU U 168 -2.80 -41.07 82.58
C LEU U 168 -3.66 -40.49 83.69
N ASN U 169 -3.23 -39.34 84.21
CA ASN U 169 -3.92 -38.62 85.27
C ASN U 169 -4.04 -37.18 84.84
N VAL U 170 -5.26 -36.64 84.93
CA VAL U 170 -5.59 -35.33 84.37
C VAL U 170 -6.22 -34.46 85.45
N THR U 171 -5.75 -33.22 85.56
CA THR U 171 -6.36 -32.21 86.42
C THR U 171 -6.50 -30.92 85.60
N VAL U 172 -7.57 -30.16 85.84
CA VAL U 172 -7.97 -29.08 84.95
C VAL U 172 -8.06 -27.78 85.74
N ASP U 173 -7.78 -26.66 85.05
CA ASP U 173 -8.00 -25.31 85.56
C ASP U 173 -8.71 -24.55 84.46
N PRO U 174 -9.94 -24.08 84.68
CA PRO U 174 -10.76 -23.56 83.60
C PRO U 174 -10.50 -22.07 83.34
N GLY U 175 -10.96 -21.63 82.18
CA GLY U 175 -10.86 -20.24 81.78
C GLY U 175 -12.20 -19.55 81.61
N LYS U 176 -12.38 -18.84 80.49
CA LYS U 176 -13.61 -18.11 80.23
C LYS U 176 -13.99 -18.30 78.76
N ASN U 177 -15.17 -17.78 78.39
CA ASN U 177 -15.75 -18.02 77.08
C ASN U 177 -16.10 -16.70 76.41
N PHE U 178 -16.81 -16.79 75.29
CA PHE U 178 -17.18 -15.65 74.47
C PHE U 178 -18.59 -15.18 74.79
N VAL U 179 -18.78 -13.87 74.86
CA VAL U 179 -20.10 -13.29 75.08
C VAL U 179 -20.31 -12.18 74.05
N TYR U 180 -21.43 -12.25 73.33
CA TYR U 180 -21.77 -11.29 72.29
C TYR U 180 -23.03 -10.52 72.65
N LYS U 181 -23.09 -9.28 72.17
CA LYS U 181 -24.21 -8.38 72.41
C LYS U 181 -24.74 -7.87 71.08
N SER U 182 -26.07 -7.83 70.96
CA SER U 182 -26.74 -7.29 69.79
C SER U 182 -27.13 -5.83 70.04
N ASP U 183 -27.60 -5.18 68.98
CA ASP U 183 -27.89 -3.76 69.04
C ASP U 183 -29.38 -3.51 69.30
N VAL U 184 -29.68 -2.25 69.63
CA VAL U 184 -31.01 -1.89 70.12
C VAL U 184 -32.05 -2.00 69.01
N MET U 185 -33.25 -2.42 69.40
CA MET U 185 -34.39 -2.51 68.49
C MET U 185 -35.54 -1.68 69.05
N THR U 186 -36.12 -0.84 68.18
CA THR U 186 -37.20 0.06 68.59
C THR U 186 -38.35 -0.05 67.61
N LEU U 187 -39.50 0.46 68.01
CA LEU U 187 -40.73 0.39 67.24
C LEU U 187 -40.79 1.52 66.22
N ASN U 188 -41.68 1.35 65.24
CA ASN U 188 -41.92 2.39 64.24
C ASN U 188 -42.76 3.51 64.84
N GLU U 189 -43.11 4.48 63.99
CA GLU U 189 -43.88 5.62 64.44
C GLU U 189 -45.32 5.28 64.77
N ASP U 190 -45.92 4.31 64.08
CA ASP U 190 -47.33 4.00 64.20
C ASP U 190 -47.62 2.74 65.02
N ALA U 191 -46.64 2.23 65.75
CA ALA U 191 -46.85 0.97 66.45
C ALA U 191 -47.36 1.21 67.88
N ILE U 192 -47.72 0.11 68.53
CA ILE U 192 -48.16 0.11 69.93
C ILE U 192 -47.51 -1.07 70.63
N GLY U 193 -46.98 -0.83 71.83
CA GLY U 193 -46.37 -1.88 72.63
C GLY U 193 -47.02 -1.94 74.01
N ALA U 194 -47.17 -3.16 74.53
CA ALA U 194 -47.70 -3.37 75.87
C ALA U 194 -46.95 -4.51 76.53
N GLU U 195 -46.84 -4.46 77.85
CA GLU U 195 -46.11 -5.50 78.57
C GLU U 195 -46.50 -5.46 80.04
N ILE U 196 -46.08 -6.48 80.78
CA ILE U 196 -46.34 -6.60 82.21
C ILE U 196 -45.07 -6.17 82.95
N VAL U 197 -45.19 -5.13 83.77
CA VAL U 197 -44.05 -4.57 84.49
C VAL U 197 -44.42 -4.50 85.97
N THR U 198 -43.42 -4.53 86.84
CA THR U 198 -43.63 -4.44 88.29
C THR U 198 -42.97 -3.17 88.83
N ALA U 199 -43.67 -2.51 89.76
CA ALA U 199 -43.15 -1.31 90.40
C ALA U 199 -43.69 -1.28 91.82
N GLY U 200 -42.90 -1.77 92.77
CA GLY U 200 -43.31 -1.86 94.15
C GLY U 200 -43.51 -3.26 94.69
N GLY U 201 -43.16 -4.30 93.92
CA GLY U 201 -43.33 -5.65 94.39
C GLY U 201 -44.68 -6.26 94.16
N ASP U 202 -45.46 -5.76 93.21
CA ASP U 202 -46.77 -6.33 92.91
C ASP U 202 -46.59 -7.65 92.16
N VAL U 203 -46.25 -8.71 92.88
CA VAL U 203 -45.91 -10.00 92.29
C VAL U 203 -47.15 -10.64 91.67
N ASN U 204 -46.95 -11.46 90.64
CA ASN U 204 -48.04 -12.07 89.91
C ASN U 204 -48.65 -13.25 90.68
N GLU U 205 -49.83 -13.04 91.24
CA GLU U 205 -50.60 -14.11 91.87
C GLU U 205 -51.55 -14.79 90.89
N THR U 206 -51.58 -14.36 89.64
CA THR U 206 -52.64 -14.69 88.71
C THR U 206 -52.24 -15.88 87.83
N ASN U 207 -53.07 -16.14 86.82
CA ASN U 207 -52.90 -17.24 85.89
C ASN U 207 -52.82 -16.72 84.45
N VAL U 208 -52.25 -15.53 84.27
CA VAL U 208 -52.22 -14.84 82.99
C VAL U 208 -50.78 -14.77 82.51
N GLY U 209 -50.54 -15.26 81.30
CA GLY U 209 -49.22 -15.21 80.72
C GLY U 209 -48.86 -13.86 80.15
N PHE U 210 -49.62 -13.40 79.15
CA PHE U 210 -49.36 -12.11 78.53
C PHE U 210 -50.61 -11.64 77.79
N VAL U 211 -50.48 -10.49 77.13
CA VAL U 211 -51.53 -9.87 76.33
C VAL U 211 -50.96 -9.58 74.94
N THR U 212 -51.75 -9.85 73.92
CA THR U 212 -51.33 -9.67 72.55
C THR U 212 -52.37 -8.86 71.77
N ASP U 213 -52.00 -8.57 70.50
CA ASP U 213 -52.57 -7.69 69.48
C ASP U 213 -53.29 -6.49 70.09
N PRO U 214 -52.58 -5.62 70.82
CA PRO U 214 -53.21 -4.37 71.25
C PRO U 214 -53.41 -3.44 70.07
N ASN U 215 -54.60 -2.85 69.99
CA ASN U 215 -54.95 -2.02 68.86
C ASN U 215 -55.77 -0.83 69.34
N THR U 216 -55.39 0.36 68.89
CA THR U 216 -56.10 1.60 69.16
C THR U 216 -56.42 1.75 70.65
N LEU U 217 -55.39 1.57 71.47
CA LEU U 217 -55.53 1.74 72.92
C LEU U 217 -54.44 2.68 73.41
N ALA U 218 -54.78 3.95 73.53
CA ALA U 218 -53.88 4.98 74.07
C ALA U 218 -52.55 4.99 73.34
N SER U 219 -52.61 5.26 72.03
CA SER U 219 -51.40 5.36 71.23
C SER U 219 -50.53 6.54 71.64
N THR U 220 -51.06 7.49 72.40
CA THR U 220 -50.31 8.66 72.87
C THR U 220 -50.09 8.51 74.37
N GLY U 221 -48.86 8.19 74.75
CA GLY U 221 -48.46 8.13 76.14
C GLY U 221 -48.48 6.71 76.68
N THR U 222 -47.64 6.49 77.68
CA THR U 222 -47.58 5.22 78.40
C THR U 222 -48.64 5.23 79.49
N ALA U 223 -49.43 4.16 79.55
CA ALA U 223 -50.53 4.06 80.49
C ALA U 223 -50.37 2.82 81.35
N TYR U 224 -50.69 2.97 82.63
CA TYR U 224 -50.72 1.87 83.58
C TYR U 224 -52.17 1.45 83.79
N TYR U 225 -52.52 0.24 83.34
CA TYR U 225 -53.84 -0.32 83.55
C TYR U 225 -53.79 -1.41 84.60
N THR U 226 -54.87 -1.54 85.36
CA THR U 226 -55.01 -2.62 86.34
C THR U 226 -56.08 -3.57 85.83
N VAL U 227 -55.70 -4.82 85.62
CA VAL U 227 -56.62 -5.84 85.13
C VAL U 227 -56.79 -6.87 86.25
N ASP U 228 -58.04 -7.08 86.66
CA ASP U 228 -58.35 -7.99 87.76
C ASP U 228 -59.20 -9.14 87.22
N VAL U 229 -58.76 -10.36 87.49
CA VAL U 229 -59.49 -11.56 87.08
C VAL U 229 -59.87 -12.32 88.34
N THR U 230 -61.16 -12.39 88.62
CA THR U 230 -61.69 -13.09 89.79
C THR U 230 -62.33 -14.40 89.34
N ALA U 231 -62.30 -15.40 90.22
CA ALA U 231 -62.91 -16.69 89.91
C ALA U 231 -64.40 -16.71 90.22
N GLY U 232 -65.12 -15.69 89.75
CA GLY U 232 -66.56 -15.63 89.95
C GLY U 232 -66.99 -14.94 91.23
N ALA U 233 -67.90 -13.98 91.12
CA ALA U 233 -68.43 -13.27 92.28
C ALA U 233 -69.74 -12.61 91.89
N ASP U 234 -70.78 -12.87 92.67
CA ASP U 234 -72.12 -12.39 92.34
C ASP U 234 -72.18 -10.87 92.32
N THR U 235 -72.84 -10.33 91.29
CA THR U 235 -72.94 -8.89 91.08
C THR U 235 -74.37 -8.55 90.69
N LEU U 236 -74.84 -7.37 91.11
CA LEU U 236 -76.14 -6.89 90.72
C LEU U 236 -76.03 -5.97 89.50
N SER U 237 -77.12 -5.87 88.76
CA SER U 237 -77.17 -5.02 87.58
C SER U 237 -76.90 -3.56 87.96
N SER U 238 -76.12 -2.87 87.13
CA SER U 238 -75.79 -1.47 87.40
C SER U 238 -75.31 -0.79 86.12
N VAL U 239 -75.55 0.52 86.05
CA VAL U 239 -74.97 1.38 85.02
C VAL U 239 -74.26 2.50 85.75
N ALA U 240 -73.28 3.11 85.09
CA ALA U 240 -72.47 4.13 85.73
C ALA U 240 -72.08 5.19 84.71
N THR U 241 -71.70 6.36 85.20
CA THR U 241 -71.33 7.45 84.32
C THR U 241 -69.83 7.48 84.06
N MET U 242 -69.45 7.31 82.80
CA MET U 242 -68.08 7.52 82.38
C MET U 242 -67.78 8.95 81.99
N SER U 243 -68.45 9.52 80.99
CA SER U 243 -67.97 10.81 80.53
C SER U 243 -69.08 11.61 79.87
N VAL U 244 -68.79 12.91 79.71
CA VAL U 244 -69.64 13.84 78.98
C VAL U 244 -68.73 14.75 78.15
N TYR U 245 -69.28 15.32 77.10
CA TYR U 245 -68.50 16.14 76.19
C TYR U 245 -69.30 17.35 75.74
N ARG U 246 -68.66 18.52 75.79
CA ARG U 246 -69.25 19.81 75.47
C ARG U 246 -68.39 20.51 74.43
N GLN U 247 -69.02 21.34 73.59
CA GLN U 247 -68.28 22.10 72.59
C GLN U 247 -67.98 23.51 73.11
N ALA U 248 -69.04 24.30 73.29
CA ALA U 248 -68.95 25.55 74.05
C ALA U 248 -69.97 25.50 75.17
N GLY U 249 -71.21 25.16 74.81
CA GLY U 249 -72.34 24.81 75.63
C GLY U 249 -72.62 25.81 76.73
N SER U 250 -73.39 25.35 77.71
CA SER U 250 -73.68 26.09 78.93
C SER U 250 -73.71 25.08 80.07
N ASN U 251 -74.12 25.55 81.25
CA ASN U 251 -74.11 24.68 82.42
C ASN U 251 -75.17 23.59 82.31
N PHE U 252 -74.75 22.34 82.55
CA PHE U 252 -75.67 21.22 82.66
C PHE U 252 -74.90 20.07 83.29
N GLY U 253 -75.58 19.30 84.15
CA GLY U 253 -74.92 18.32 84.99
C GLY U 253 -74.88 16.93 84.41
N SER U 254 -74.82 15.95 85.32
CA SER U 254 -74.68 14.53 85.00
C SER U 254 -75.37 13.74 86.09
N VAL U 255 -75.05 12.45 86.16
CA VAL U 255 -75.43 11.52 87.23
C VAL U 255 -76.78 10.90 86.93
N ALA U 256 -76.77 9.59 86.68
CA ALA U 256 -77.98 8.85 86.35
C ALA U 256 -78.56 8.17 87.59
N THR U 257 -79.85 7.86 87.53
CA THR U 257 -80.55 7.15 88.58
C THR U 257 -81.47 6.12 87.95
N TRP U 258 -81.59 4.96 88.62
CA TRP U 258 -82.38 3.84 88.15
C TRP U 258 -83.81 3.88 88.68
N THR U 259 -84.58 2.88 88.25
CA THR U 259 -85.81 2.46 88.92
C THR U 259 -85.71 0.96 89.12
N THR U 260 -85.92 0.51 90.35
CA THR U 260 -85.74 -0.90 90.67
C THR U 260 -86.73 -1.77 89.90
N GLY U 261 -86.22 -2.86 89.33
CA GLY U 261 -87.03 -3.82 88.60
C GLY U 261 -86.68 -3.96 87.13
N GLY U 262 -85.82 -3.09 86.60
CA GLY U 262 -85.44 -3.17 85.21
C GLY U 262 -84.51 -4.32 84.91
N THR U 263 -84.39 -4.63 83.62
CA THR U 263 -83.56 -5.72 83.16
C THR U 263 -82.58 -5.22 82.10
N VAL U 264 -81.41 -5.84 82.05
CA VAL U 264 -80.38 -5.51 81.09
C VAL U 264 -80.01 -6.78 80.31
N ALA U 265 -79.75 -6.61 79.02
CA ALA U 265 -79.38 -7.75 78.17
C ALA U 265 -77.97 -8.23 78.47
N ASP U 266 -76.98 -7.36 78.32
CA ASP U 266 -75.59 -7.74 78.56
C ASP U 266 -74.76 -6.50 78.83
N SER U 267 -73.57 -6.73 79.38
CA SER U 267 -72.63 -5.64 79.65
C SER U 267 -72.15 -5.02 78.35
N GLY U 268 -71.92 -3.72 78.36
CA GLY U 268 -71.45 -3.06 77.15
C GLY U 268 -71.32 -1.57 77.35
N TYR U 269 -71.06 -0.87 76.26
CA TYR U 269 -70.93 0.58 76.26
C TYR U 269 -72.10 1.20 75.54
N LEU U 270 -72.57 2.36 76.03
CA LEU U 270 -73.65 3.10 75.39
C LEU U 270 -73.28 4.57 75.28
N LEU U 271 -73.71 5.19 74.19
CA LEU U 271 -73.45 6.60 73.91
C LEU U 271 -74.75 7.27 73.51
N ILE U 272 -75.00 8.46 74.06
CA ILE U 272 -76.22 9.22 73.78
C ILE U 272 -75.81 10.61 73.32
N GLU U 273 -76.32 11.02 72.16
CA GLU U 273 -76.01 12.32 71.58
C GLU U 273 -77.28 13.03 71.12
N ALA U 274 -77.23 14.35 71.15
CA ALA U 274 -78.41 15.18 70.91
C ALA U 274 -78.57 15.53 69.43
N GLN U 275 -79.64 16.25 69.13
CA GLN U 275 -80.01 16.54 67.75
C GLN U 275 -80.35 18.02 67.54
N GLU U 276 -80.73 18.72 68.60
CA GLU U 276 -81.25 20.07 68.44
C GLU U 276 -80.93 20.89 69.70
N ASN U 277 -81.16 22.21 69.62
CA ASN U 277 -80.69 23.14 70.63
C ASN U 277 -81.87 23.70 71.43
N PHE U 278 -81.70 23.80 72.75
CA PHE U 278 -82.79 24.35 73.55
C PHE U 278 -82.28 24.83 74.91
N THR U 279 -82.89 25.93 75.39
CA THR U 279 -82.55 26.48 76.69
C THR U 279 -83.79 26.96 77.45
N VAL U 280 -84.94 26.31 77.23
CA VAL U 280 -86.22 26.82 77.69
C VAL U 280 -86.71 25.98 78.88
N SER U 281 -85.77 25.40 79.61
CA SER U 281 -86.09 24.55 80.75
C SER U 281 -86.65 25.41 81.88
N ALA U 282 -87.97 25.42 82.02
CA ALA U 282 -88.65 26.13 83.10
C ALA U 282 -89.61 25.25 83.88
N GLY U 283 -89.91 24.04 83.42
CA GLY U 283 -90.79 23.12 84.09
C GLY U 283 -92.10 22.93 83.34
N THR U 284 -92.16 21.87 82.53
CA THR U 284 -93.29 21.55 81.66
C THR U 284 -92.97 20.23 80.98
N THR U 285 -94.01 19.43 80.71
CA THR U 285 -93.83 18.24 79.89
C THR U 285 -93.31 18.64 78.52
N ALA U 286 -92.37 17.87 77.99
CA ALA U 286 -91.74 18.19 76.71
C ALA U 286 -91.20 16.91 76.11
N ASN U 287 -90.84 16.99 74.83
CA ASN U 287 -90.27 15.85 74.13
C ASN U 287 -89.22 16.33 73.15
N TYR U 288 -88.09 15.62 73.14
CA TYR U 288 -87.01 15.87 72.20
C TYR U 288 -86.38 14.53 71.85
N THR U 289 -85.48 14.56 70.87
CA THR U 289 -84.96 13.36 70.23
C THR U 289 -83.44 13.27 70.43
N PHE U 290 -82.96 12.04 70.59
CA PHE U 290 -81.54 11.74 70.71
C PHE U 290 -81.23 10.52 69.86
N LYS U 291 -79.94 10.35 69.57
CA LYS U 291 -79.43 9.12 68.97
C LYS U 291 -78.64 8.34 70.00
N ALA U 292 -78.82 7.01 69.97
CA ALA U 292 -78.18 6.13 70.94
C ALA U 292 -77.38 5.07 70.20
N THR U 293 -76.25 4.67 70.78
CA THR U 293 -75.38 3.67 70.19
C THR U 293 -74.91 2.72 71.28
N PHE U 294 -74.83 1.43 70.94
CA PHE U 294 -74.39 0.40 71.88
C PHE U 294 -73.30 -0.45 71.24
N VAL U 295 -72.28 -0.77 72.04
CA VAL U 295 -71.20 -1.65 71.63
C VAL U 295 -71.10 -2.79 72.64
N ASP U 296 -71.11 -4.02 72.14
CA ASP U 296 -70.96 -5.20 72.97
C ASP U 296 -69.53 -5.35 73.44
N ALA U 297 -69.35 -6.00 74.59
CA ALA U 297 -68.03 -6.14 75.18
C ALA U 297 -67.34 -7.45 74.81
N LYS U 298 -68.09 -8.44 74.32
CA LYS U 298 -67.52 -9.73 73.97
C LYS U 298 -67.34 -9.94 72.47
N THR U 299 -68.00 -9.16 71.63
CA THR U 299 -67.79 -9.20 70.19
C THR U 299 -67.45 -7.85 69.58
N GLY U 300 -67.83 -6.75 70.24
CA GLY U 300 -67.59 -5.43 69.70
C GLY U 300 -68.57 -4.99 68.64
N GLU U 301 -69.66 -5.71 68.44
CA GLU U 301 -70.63 -5.36 67.42
C GLU U 301 -71.35 -4.07 67.81
N LYS U 302 -71.66 -3.26 66.79
CA LYS U 302 -72.18 -1.91 66.98
C LYS U 302 -73.65 -1.85 66.56
N SER U 303 -74.47 -1.20 67.39
CA SER U 303 -75.89 -0.99 67.08
C SER U 303 -76.22 0.47 67.32
N THR U 304 -77.14 1.00 66.50
CA THR U 304 -77.53 2.40 66.55
C THR U 304 -79.04 2.51 66.47
N TYR U 305 -79.63 3.31 67.36
CA TYR U 305 -81.07 3.44 67.45
C TYR U 305 -81.46 4.90 67.66
N GLU U 306 -82.72 5.20 67.39
CA GLU U 306 -83.34 6.48 67.67
C GLU U 306 -84.05 6.40 69.01
N ILE U 307 -83.95 7.47 69.81
CA ILE U 307 -84.56 7.50 71.13
C ILE U 307 -85.13 8.89 71.36
N GLU U 308 -86.05 9.01 72.31
CA GLU U 308 -86.62 10.30 72.66
C GLU U 308 -86.82 10.38 74.17
N GLY U 309 -86.76 11.60 74.69
CA GLY U 309 -86.94 11.85 76.11
C GLY U 309 -87.38 13.27 76.34
N GLY U 310 -87.77 13.56 77.58
CA GLY U 310 -88.33 14.87 77.88
C GLY U 310 -88.04 15.31 79.30
N ASP U 311 -88.01 16.63 79.48
CA ASP U 311 -87.95 17.22 80.81
C ASP U 311 -89.34 17.26 81.43
N ASP U 312 -89.41 17.14 82.75
CA ASP U 312 -90.69 16.96 83.42
C ASP U 312 -91.08 18.15 84.29
N GLY U 313 -90.33 18.46 85.34
CA GLY U 313 -90.63 19.65 86.11
C GLY U 313 -89.45 20.53 86.44
N ALA U 314 -88.26 19.94 86.49
CA ALA U 314 -87.03 20.67 86.74
C ALA U 314 -85.81 19.76 86.60
N GLY U 315 -84.81 20.21 85.84
CA GLY U 315 -83.50 19.60 85.80
C GLY U 315 -83.42 18.09 85.78
N ASN U 316 -84.39 17.42 85.17
CA ASN U 316 -84.40 15.97 85.07
C ASN U 316 -84.68 15.56 83.63
N LEU U 317 -83.86 14.66 83.11
CA LEU U 317 -84.01 14.16 81.75
C LEU U 317 -84.26 12.65 81.84
N VAL U 318 -85.48 12.22 81.58
CA VAL U 318 -85.89 10.83 81.76
C VAL U 318 -85.90 10.13 80.42
N PHE U 319 -85.24 8.98 80.35
CA PHE U 319 -85.19 8.16 79.15
C PHE U 319 -85.74 6.77 79.44
N ASP U 320 -86.14 6.08 78.38
CA ASP U 320 -86.64 4.71 78.46
C ASP U 320 -85.79 3.83 77.58
N LEU U 321 -85.26 2.76 78.14
CA LEU U 321 -84.46 1.80 77.38
C LEU U 321 -85.30 0.74 76.69
N ALA U 322 -86.61 0.74 76.90
CA ALA U 322 -87.46 -0.28 76.30
C ALA U 322 -87.49 -0.16 74.78
N ASP U 323 -87.16 1.00 74.24
CA ASP U 323 -87.21 1.20 72.79
C ASP U 323 -85.98 0.69 72.06
N MET U 324 -85.00 0.13 72.77
CA MET U 324 -83.88 -0.52 72.10
C MET U 324 -84.33 -1.86 71.54
N THR U 325 -84.75 -1.87 70.28
CA THR U 325 -85.25 -3.08 69.66
C THR U 325 -84.09 -4.03 69.35
N GLY U 326 -84.46 -5.27 69.01
CA GLY U 326 -83.48 -6.29 68.67
C GLY U 326 -82.81 -6.88 69.89
N ALA U 327 -81.95 -6.09 70.56
CA ALA U 327 -81.33 -6.57 71.79
C ALA U 327 -82.34 -6.65 72.92
N GLY U 328 -83.10 -5.58 73.15
CA GLY U 328 -84.16 -5.57 74.12
C GLY U 328 -83.70 -5.21 75.52
N PHE U 329 -84.21 -4.11 76.05
CA PHE U 329 -83.93 -3.67 77.41
C PHE U 329 -85.25 -3.48 78.14
N SER U 330 -85.18 -2.93 79.36
CA SER U 330 -86.36 -2.59 80.14
C SER U 330 -85.91 -1.65 81.25
N GLY U 331 -86.87 -1.24 82.07
CA GLY U 331 -86.59 -0.31 83.14
C GLY U 331 -86.55 1.13 82.66
N GLU U 332 -86.18 2.02 83.59
CA GLU U 332 -86.13 3.44 83.32
C GLU U 332 -84.79 4.01 83.77
N VAL U 333 -84.54 5.26 83.39
CA VAL U 333 -83.31 5.95 83.76
C VAL U 333 -83.58 7.44 83.77
N SER U 334 -83.00 8.15 84.74
CA SER U 334 -83.18 9.60 84.84
C SER U 334 -81.85 10.28 85.09
N ILE U 335 -81.52 11.26 84.27
CA ILE U 335 -80.31 12.06 84.44
C ILE U 335 -80.67 13.30 85.25
N ALA U 336 -79.91 13.57 86.31
CA ALA U 336 -80.17 14.69 87.20
C ALA U 336 -79.35 15.89 86.75
N ILE U 337 -79.86 16.61 85.76
CA ILE U 337 -79.13 17.75 85.21
C ILE U 337 -79.13 18.93 86.18
N GLY U 338 -80.28 19.25 86.73
CA GLY U 338 -80.44 20.46 87.52
C GLY U 338 -80.96 21.62 86.67
N THR U 339 -81.62 22.55 87.35
CA THR U 339 -82.24 23.69 86.68
C THR U 339 -81.16 24.54 85.99
N ASP U 340 -81.61 25.40 85.08
CA ASP U 340 -80.71 26.13 84.17
C ASP U 340 -79.95 25.15 83.28
N ALA U 341 -80.70 24.40 82.49
CA ALA U 341 -80.14 23.37 81.61
C ALA U 341 -80.27 23.84 80.16
N ASN U 342 -79.16 24.31 79.61
CA ASN U 342 -79.09 24.71 78.21
C ASN U 342 -78.28 23.68 77.44
N MET U 343 -78.88 23.15 76.38
CA MET U 343 -78.28 22.08 75.58
C MET U 343 -78.02 22.58 74.16
N GLN U 344 -76.75 22.60 73.79
CA GLN U 344 -76.35 22.81 72.41
C GLN U 344 -76.38 21.47 71.68
N SER U 345 -75.86 21.45 70.46
CA SER U 345 -75.83 20.23 69.65
C SER U 345 -74.39 19.68 69.65
N GLY U 346 -74.26 18.40 69.96
CA GLY U 346 -72.96 17.74 70.00
C GLY U 346 -72.51 17.32 71.38
N ASP U 347 -73.11 17.84 72.46
CA ASP U 347 -72.75 17.43 73.81
C ASP U 347 -73.18 15.99 74.01
N LYS U 348 -72.21 15.11 74.24
CA LYS U 348 -72.48 13.67 74.26
C LYS U 348 -72.27 13.10 75.66
N ILE U 349 -72.91 11.96 75.92
CA ILE U 349 -72.82 11.27 77.21
C ILE U 349 -72.47 9.82 76.96
N LEU U 350 -71.48 9.30 77.70
CA LEU U 350 -70.98 7.94 77.54
C LEU U 350 -71.09 7.19 78.87
N LEU U 351 -71.80 6.06 78.84
CA LEU U 351 -72.08 5.23 80.00
C LEU U 351 -71.75 3.77 79.68
N SER U 352 -71.72 2.94 80.72
CA SER U 352 -71.45 1.52 80.57
C SER U 352 -72.40 0.70 81.44
N THR U 353 -72.85 -0.44 80.90
CA THR U 353 -73.80 -1.30 81.57
C THR U 353 -73.13 -2.59 81.98
N THR U 354 -73.38 -3.03 83.21
CA THR U 354 -72.87 -4.27 83.76
C THR U 354 -74.02 -5.27 83.88
N GLU U 355 -73.77 -6.51 83.47
CA GLU U 355 -74.81 -7.54 83.45
C GLU U 355 -74.67 -8.46 84.65
N ALA U 356 -75.77 -8.65 85.38
CA ALA U 356 -75.77 -9.59 86.50
C ALA U 356 -75.69 -11.01 85.98
N VAL U 357 -74.82 -11.82 86.59
CA VAL U 357 -74.59 -13.20 86.17
C VAL U 357 -74.46 -14.05 87.43
N ASP U 358 -74.74 -15.34 87.28
CA ASP U 358 -74.60 -16.27 88.41
C ASP U 358 -73.21 -16.20 89.02
N THR U 359 -72.18 -16.33 88.18
CA THR U 359 -70.78 -16.19 88.58
C THR U 359 -70.40 -17.06 89.78
N SER U 360 -71.06 -18.20 89.95
CA SER U 360 -70.73 -19.09 91.06
C SER U 360 -71.10 -20.52 90.64
N ALA U 361 -70.09 -21.29 90.26
CA ALA U 361 -70.26 -22.68 89.86
C ALA U 361 -69.23 -23.53 90.58
N THR U 362 -69.15 -24.81 90.18
CA THR U 362 -68.11 -25.68 90.72
C THR U 362 -66.72 -25.20 90.29
N SER U 363 -66.57 -24.90 89.00
CA SER U 363 -65.38 -24.29 88.42
C SER U 363 -65.63 -24.09 86.93
N GLY U 364 -64.74 -23.34 86.29
CA GLY U 364 -64.82 -23.20 84.84
C GLY U 364 -64.53 -21.81 84.29
N GLY U 365 -64.72 -20.77 85.09
CA GLY U 365 -64.48 -19.43 84.61
C GLY U 365 -64.79 -18.41 85.67
N GLY U 366 -64.64 -17.13 85.29
CA GLY U 366 -64.88 -16.05 86.22
C GLY U 366 -65.09 -14.70 85.57
N THR U 367 -64.71 -13.64 86.27
CA THR U 367 -64.97 -12.27 85.85
C THR U 367 -63.68 -11.54 85.54
N ILE U 368 -63.75 -10.67 84.55
CA ILE U 368 -62.64 -9.84 84.10
C ILE U 368 -63.02 -8.38 84.26
N ALA U 369 -62.11 -7.58 84.80
CA ALA U 369 -62.33 -6.16 85.00
C ALA U 369 -61.09 -5.38 84.58
N ILE U 370 -61.33 -4.22 83.95
CA ILE U 370 -60.29 -3.32 83.48
C ILE U 370 -60.48 -1.98 84.17
N SER U 371 -59.40 -1.44 84.74
CA SER U 371 -59.46 -0.17 85.46
C SER U 371 -58.18 0.62 85.23
N GLY U 372 -58.23 1.90 85.58
CA GLY U 372 -57.08 2.77 85.47
C GLY U 372 -57.10 3.68 84.27
N GLY U 373 -55.96 3.86 83.63
CA GLY U 373 -55.85 4.69 82.46
C GLY U 373 -55.47 6.13 82.79
N PRO U 374 -54.93 6.84 81.82
CA PRO U 374 -54.55 8.25 82.06
C PRO U 374 -55.72 9.15 82.39
N ALA U 375 -56.92 8.82 81.93
CA ALA U 375 -58.09 9.66 82.14
C ALA U 375 -58.81 9.37 83.45
N GLY U 376 -58.38 8.37 84.20
CA GLY U 376 -58.93 8.12 85.52
C GLY U 376 -60.39 7.70 85.57
N THR U 377 -60.76 6.69 84.79
CA THR U 377 -62.11 6.15 84.83
C THR U 377 -62.11 4.73 85.39
N THR U 378 -63.30 4.14 85.45
CA THR U 378 -63.47 2.74 85.87
C THR U 378 -64.31 2.03 84.82
N GLY U 379 -63.81 0.90 84.33
CA GLY U 379 -64.42 0.20 83.22
C GLY U 379 -65.53 -0.75 83.64
N ALA U 380 -66.06 -1.45 82.65
CA ALA U 380 -67.13 -2.42 82.85
C ALA U 380 -66.59 -3.71 83.44
N ILE U 381 -67.51 -4.59 83.85
CA ILE U 381 -67.17 -5.88 84.43
C ILE U 381 -67.81 -6.95 83.57
N ILE U 382 -67.02 -7.94 83.13
CA ILE U 382 -67.52 -8.99 82.26
C ILE U 382 -67.37 -10.33 82.98
N SER U 383 -68.21 -11.29 82.60
CA SER U 383 -68.23 -12.60 83.23
C SER U 383 -68.30 -13.70 82.17
N TYR U 384 -67.65 -14.83 82.46
CA TYR U 384 -67.55 -15.96 81.56
C TYR U 384 -68.01 -17.22 82.28
N GLY U 385 -68.40 -18.23 81.50
CA GLY U 385 -69.03 -19.42 82.02
C GLY U 385 -68.08 -20.58 82.28
N ASN U 386 -68.65 -21.77 82.36
CA ASN U 386 -67.90 -22.98 82.71
C ASN U 386 -67.10 -23.49 81.52
N ASN U 387 -65.86 -23.89 81.80
CA ASN U 387 -64.94 -24.45 80.81
C ASN U 387 -64.77 -23.52 79.60
N GLU U 388 -64.74 -22.22 79.84
CA GLU U 388 -64.45 -21.24 78.80
C GLU U 388 -63.10 -20.58 78.97
N LEU U 389 -62.36 -20.93 80.03
CA LEU U 389 -61.07 -20.32 80.32
C LEU U 389 -59.93 -21.30 80.18
N THR U 390 -59.99 -22.45 80.85
CA THR U 390 -58.88 -23.41 80.89
C THR U 390 -59.36 -24.79 80.47
N LYS U 391 -58.55 -25.47 79.68
CA LYS U 391 -58.78 -26.85 79.29
C LYS U 391 -57.69 -27.71 79.93
N VAL U 392 -57.65 -29.01 79.61
CA VAL U 392 -56.86 -29.98 80.33
C VAL U 392 -55.64 -30.39 79.51
N ASP U 393 -54.75 -31.15 80.16
CA ASP U 393 -53.50 -31.59 79.56
C ASP U 393 -53.72 -32.78 78.64
N ASN U 394 -52.68 -33.09 77.84
CA ASN U 394 -52.66 -34.26 76.96
C ASN U 394 -51.33 -34.98 77.08
N GLY U 395 -50.86 -35.18 78.31
CA GLY U 395 -49.56 -35.77 78.56
C GLY U 395 -48.48 -34.75 78.82
N ASP U 396 -48.12 -33.94 77.81
CA ASP U 396 -47.15 -32.87 78.00
C ASP U 396 -47.67 -31.51 77.55
N THR U 397 -48.38 -31.47 76.42
CA THR U 397 -48.96 -30.27 75.81
C THR U 397 -47.91 -29.31 75.27
N THR U 398 -46.64 -29.60 75.53
CA THR U 398 -45.53 -28.68 75.25
C THR U 398 -45.92 -27.26 75.64
N ILE U 399 -46.60 -27.15 76.79
CA ILE U 399 -47.24 -25.92 77.27
C ILE U 399 -48.38 -25.52 76.34
N ASP U 400 -49.54 -25.24 76.91
CA ASP U 400 -50.72 -24.86 76.13
C ASP U 400 -51.23 -23.50 76.60
N TYR U 401 -51.65 -22.70 75.63
CA TYR U 401 -52.18 -21.36 75.90
C TYR U 401 -53.56 -21.23 75.29
N ASN U 402 -54.42 -20.46 75.94
CA ASN U 402 -55.77 -20.18 75.48
C ASN U 402 -55.94 -18.67 75.31
N SER U 403 -56.78 -18.27 74.35
CA SER U 403 -56.90 -16.87 73.96
C SER U 403 -58.27 -16.31 74.33
N VAL U 404 -58.28 -15.07 74.84
CA VAL U 404 -59.51 -14.36 75.16
C VAL U 404 -59.41 -12.95 74.60
N THR U 405 -60.41 -12.54 73.81
CA THR U 405 -60.47 -11.21 73.24
C THR U 405 -61.43 -10.34 74.05
N VAL U 406 -60.99 -9.13 74.41
CA VAL U 406 -61.80 -8.22 75.21
C VAL U 406 -61.71 -6.82 74.60
N TYR U 407 -62.86 -6.21 74.36
CA TYR U 407 -62.93 -4.88 73.76
C TYR U 407 -63.20 -3.83 74.84
N HIS U 408 -62.65 -2.64 74.64
CA HIS U 408 -62.77 -1.53 75.59
C HIS U 408 -62.84 -0.22 74.81
N ALA U 409 -63.73 0.67 75.24
CA ALA U 409 -63.96 1.92 74.55
C ALA U 409 -63.73 3.11 75.48
N ALA U 410 -63.37 4.23 74.88
CA ALA U 410 -63.06 5.45 75.63
C ALA U 410 -63.43 6.67 74.81
N LEU U 411 -63.58 7.80 75.48
CA LEU U 411 -63.99 9.06 74.88
C LEU U 411 -63.04 10.17 75.29
N ASN U 412 -62.73 11.05 74.35
CA ASN U 412 -61.87 12.20 74.59
C ASN U 412 -62.72 13.43 74.91
N VAL U 413 -62.17 14.32 75.72
CA VAL U 413 -62.91 15.49 76.19
C VAL U 413 -62.71 16.67 75.24
N GLU U 414 -62.07 16.43 74.09
CA GLU U 414 -61.75 17.50 73.17
C GLU U 414 -62.46 17.36 71.82
N THR U 415 -62.48 16.16 71.24
CA THR U 415 -62.97 15.98 69.89
C THR U 415 -64.29 15.23 69.81
N GLY U 416 -64.73 14.61 70.90
CA GLY U 416 -65.93 13.81 70.84
C GLY U 416 -65.81 12.55 70.03
N ASN U 417 -64.58 12.10 69.79
CA ASN U 417 -64.35 10.85 69.06
C ASN U 417 -64.30 9.67 70.03
N LEU U 418 -64.75 8.53 69.55
CA LEU U 418 -64.82 7.31 70.35
C LEU U 418 -63.74 6.34 69.91
N ASP U 419 -62.84 5.98 70.81
CA ASP U 419 -61.76 5.06 70.53
C ASP U 419 -62.12 3.69 71.10
N VAL U 420 -62.30 2.71 70.23
CA VAL U 420 -62.74 1.37 70.63
C VAL U 420 -61.63 0.41 70.25
N GLY U 421 -60.83 -0.01 71.24
CA GLY U 421 -59.75 -0.94 71.01
C GLY U 421 -60.00 -2.30 71.63
N ASN U 422 -59.02 -3.19 71.45
CA ASN U 422 -59.14 -4.56 71.93
C ASN U 422 -57.82 -5.06 72.50
N LEU U 423 -57.92 -6.05 73.39
CA LEU U 423 -56.80 -6.78 73.95
C LEU U 423 -57.05 -8.27 73.75
N THR U 424 -55.98 -9.05 73.77
CA THR U 424 -56.12 -10.50 73.80
C THR U 424 -55.29 -11.06 74.95
N PHE U 425 -55.96 -11.38 76.06
CA PHE U 425 -55.29 -12.04 77.17
C PHE U 425 -55.05 -13.50 76.83
N ASN U 426 -54.02 -14.09 77.42
CA ASN U 426 -53.80 -15.52 77.32
C ASN U 426 -54.03 -16.16 78.68
N PHE U 427 -54.28 -17.46 78.69
CA PHE U 427 -54.44 -18.21 79.92
C PHE U 427 -53.74 -19.56 79.81
N ARG U 428 -53.35 -20.11 80.94
CA ARG U 428 -52.27 -21.10 81.00
C ARG U 428 -52.78 -22.52 80.78
N GLU U 429 -51.91 -23.48 81.04
CA GLU U 429 -51.95 -24.81 80.46
C GLU U 429 -53.07 -25.71 81.01
N ASP U 430 -52.99 -26.04 82.29
CA ASP U 430 -53.83 -27.11 82.84
C ASP U 430 -53.89 -27.01 84.35
N THR U 431 -55.09 -26.87 84.89
CA THR U 431 -55.37 -26.96 86.31
C THR U 431 -56.66 -27.76 86.50
N GLY U 432 -57.14 -27.81 87.75
CA GLY U 432 -58.46 -28.37 87.99
C GLY U 432 -58.55 -29.49 89.00
N THR U 433 -59.78 -29.79 89.42
CA THR U 433 -60.07 -30.97 90.21
C THR U 433 -60.10 -32.17 89.25
N ASP U 434 -60.50 -33.35 89.73
CA ASP U 434 -60.35 -34.58 88.95
C ASP U 434 -61.34 -34.61 87.79
N THR U 435 -60.87 -34.09 86.64
CA THR U 435 -61.43 -34.40 85.33
C THR U 435 -62.88 -33.93 85.19
N ALA U 436 -63.33 -33.01 86.02
CA ALA U 436 -64.74 -32.63 85.96
C ALA U 436 -64.98 -31.34 85.18
N TYR U 437 -64.43 -30.22 85.65
CA TYR U 437 -64.65 -28.94 84.98
C TYR U 437 -63.42 -28.07 84.84
N GLY U 438 -62.40 -28.21 85.69
CA GLY U 438 -61.22 -27.37 85.59
C GLY U 438 -60.99 -26.52 86.82
N SER U 439 -60.16 -25.49 86.69
CA SER U 439 -59.90 -24.51 87.75
C SER U 439 -59.04 -23.41 87.15
N THR U 440 -59.04 -22.25 87.83
CA THR U 440 -58.23 -21.11 87.43
C THR U 440 -58.05 -20.20 88.62
N THR U 441 -56.85 -19.65 88.76
CA THR U 441 -56.52 -18.75 89.86
C THR U 441 -56.82 -17.31 89.46
N GLY U 442 -57.14 -16.49 90.45
CA GLY U 442 -57.47 -15.09 90.24
C GLY U 442 -56.40 -14.16 90.76
N GLY U 443 -56.74 -12.88 90.84
CA GLY U 443 -55.84 -11.84 91.31
C GLY U 443 -55.93 -10.59 90.45
N SER U 444 -54.87 -9.78 90.54
CA SER U 444 -54.78 -8.54 89.80
C SER U 444 -53.37 -8.38 89.25
N PHE U 445 -53.25 -7.67 88.14
CA PHE U 445 -51.93 -7.37 87.59
C PHE U 445 -51.97 -6.04 86.86
N ASP U 446 -50.78 -5.55 86.51
CA ASP U 446 -50.57 -4.21 85.99
C ASP U 446 -49.95 -4.28 84.60
N LEU U 447 -50.60 -3.63 83.63
CA LEU U 447 -50.11 -3.51 82.26
C LEU U 447 -49.52 -2.12 82.05
N LEU U 448 -48.40 -2.07 81.35
CA LEU U 448 -47.81 -0.82 80.88
C LEU U 448 -47.88 -0.80 79.37
N VAL U 449 -48.50 0.24 78.81
CA VAL U 449 -48.65 0.39 77.38
C VAL U 449 -47.89 1.63 76.94
N ALA U 450 -46.86 1.43 76.13
CA ALA U 450 -46.05 2.52 75.58
C ALA U 450 -46.21 2.54 74.06
N GLY U 451 -46.20 3.74 73.50
CA GLY U 451 -46.37 3.91 72.07
C GLY U 451 -45.10 3.62 71.30
N GLY U 452 -45.14 3.95 70.00
CA GLY U 452 -44.02 3.72 69.12
C GLY U 452 -42.96 4.80 69.23
N GLY U 453 -41.85 4.58 68.54
CA GLY U 453 -40.75 5.51 68.53
C GLY U 453 -40.01 5.61 69.85
N GLU U 454 -38.85 4.38 72.48
CA GLU U 454 -39.54 3.32 73.21
C GLU U 454 -39.01 1.95 72.80
N ALA U 455 -38.46 1.22 73.76
CA ALA U 455 -37.92 -0.10 73.49
C ALA U 455 -39.02 -1.06 73.06
N ALA U 456 -38.63 -2.09 72.30
CA ALA U 456 -39.59 -3.07 71.83
C ALA U 456 -40.06 -3.97 72.97
N THR U 457 -41.16 -4.67 72.73
CA THR U 457 -41.75 -5.55 73.72
C THR U 457 -41.39 -7.00 73.43
N SER U 458 -41.97 -7.92 74.20
CA SER U 458 -41.67 -9.34 74.04
C SER U 458 -42.62 -10.05 73.09
N THR U 459 -43.69 -9.40 72.64
CA THR U 459 -44.65 -10.01 71.72
C THR U 459 -44.80 -9.23 70.43
N THR U 460 -43.85 -8.35 70.10
CA THR U 460 -43.94 -7.57 68.88
C THR U 460 -43.58 -8.42 67.67
N LYS U 461 -44.34 -8.25 66.59
CA LYS U 461 -44.01 -8.91 65.34
C LYS U 461 -42.77 -8.28 64.72
N LEU U 462 -41.97 -9.11 64.06
CA LEU U 462 -40.68 -8.67 63.53
C LEU U 462 -40.80 -7.78 62.31
N LYS U 463 -42.01 -7.44 61.87
CA LYS U 463 -42.19 -6.55 60.73
C LYS U 463 -42.37 -5.09 61.12
N ASP U 464 -42.32 -4.78 62.42
CA ASP U 464 -42.54 -3.41 62.88
C ASP U 464 -41.30 -2.75 63.49
N ILE U 465 -40.22 -3.50 63.67
CA ILE U 465 -39.00 -2.91 64.22
C ILE U 465 -38.42 -1.93 63.20
N SER U 466 -37.99 -0.76 63.69
CA SER U 466 -37.56 0.30 62.80
C SER U 466 -36.29 -0.04 62.03
N ARG U 467 -35.49 -0.98 62.54
CA ARG U 467 -34.26 -1.37 61.86
C ARG U 467 -34.51 -2.21 60.61
N PHE U 468 -35.67 -2.85 60.49
CA PHE U 468 -35.89 -3.85 59.46
C PHE U 468 -36.53 -3.27 58.19
N THR U 469 -36.30 -2.00 57.90
CA THR U 469 -36.69 -1.40 56.64
C THR U 469 -35.51 -0.61 56.08
N THR U 470 -35.37 -0.63 54.75
CA THR U 470 -34.23 0.01 54.12
C THR U 470 -34.42 1.52 54.07
N ASP U 471 -33.47 2.22 53.45
CA ASP U 471 -33.56 3.66 53.31
C ASP U 471 -34.69 4.07 52.37
N ASP U 472 -35.05 3.21 51.43
CA ASP U 472 -36.06 3.54 50.43
C ASP U 472 -37.47 3.11 50.83
N GLY U 473 -37.65 2.61 52.06
CA GLY U 473 -38.97 2.24 52.53
C GLY U 473 -39.42 0.84 52.17
N VAL U 474 -38.50 -0.07 51.92
CA VAL U 474 -38.84 -1.46 51.57
C VAL U 474 -38.38 -2.35 52.71
N ASN U 475 -39.29 -3.16 53.24
CA ASN U 475 -38.93 -4.10 54.28
C ASN U 475 -38.36 -5.38 53.66
N ILE U 476 -37.46 -6.01 54.40
CA ILE U 476 -36.68 -7.13 53.86
C ILE U 476 -37.57 -8.34 53.64
N PHE U 477 -38.60 -8.51 54.47
CA PHE U 477 -39.41 -9.72 54.47
C PHE U 477 -40.44 -9.77 53.34
N ALA U 478 -40.54 -8.71 52.53
CA ALA U 478 -41.63 -8.61 51.56
C ALA U 478 -41.59 -9.76 50.55
N ALA U 479 -40.40 -10.10 50.06
CA ALA U 479 -40.30 -11.14 49.04
C ALA U 479 -40.54 -12.53 49.60
N GLY U 480 -40.05 -12.81 50.80
CA GLY U 480 -40.21 -14.11 51.40
C GLY U 480 -39.34 -14.29 52.63
N PRO U 481 -39.25 -15.53 53.12
CA PRO U 481 -38.42 -15.79 54.31
C PRO U 481 -36.94 -15.60 54.00
N GLN U 482 -36.19 -15.30 55.06
CA GLN U 482 -34.76 -15.06 54.98
C GLN U 482 -33.98 -16.19 55.61
N GLU U 483 -32.70 -16.27 55.26
CA GLU U 483 -31.82 -17.35 55.66
C GLU U 483 -30.78 -16.83 56.64
N LEU U 484 -30.45 -17.64 57.64
CA LEU U 484 -29.33 -17.33 58.53
C LEU U 484 -28.54 -18.60 58.81
N THR U 485 -27.23 -18.55 58.56
CA THR U 485 -26.34 -19.70 58.72
C THR U 485 -25.39 -19.43 59.87
N ILE U 486 -25.23 -20.42 60.75
CA ILE U 486 -24.37 -20.33 61.91
C ILE U 486 -23.26 -21.36 61.76
N PHE U 487 -22.02 -20.92 61.93
CA PHE U 487 -20.83 -21.77 61.85
C PHE U 487 -20.17 -21.82 63.22
N GLY U 488 -19.86 -23.03 63.69
CA GLY U 488 -19.22 -23.18 64.98
C GLY U 488 -18.83 -24.61 65.33
N ASN U 489 -17.70 -24.74 66.05
CA ASN U 489 -17.20 -26.03 66.53
C ASN U 489 -17.13 -27.06 65.41
N GLY U 490 -16.65 -26.63 64.25
CA GLY U 490 -16.56 -27.51 63.10
C GLY U 490 -17.90 -28.05 62.64
N SER U 491 -18.94 -27.22 62.64
CA SER U 491 -20.27 -27.64 62.21
C SER U 491 -21.04 -26.41 61.75
N SER U 492 -22.17 -26.66 61.09
CA SER U 492 -22.98 -25.58 60.55
C SER U 492 -24.45 -25.87 60.81
N ALA U 493 -25.24 -24.80 60.82
CA ALA U 493 -26.68 -24.90 60.99
C ALA U 493 -27.35 -23.77 60.23
N THR U 494 -28.63 -23.95 59.92
CA THR U 494 -29.38 -22.98 59.13
C THR U 494 -30.75 -22.76 59.75
N ILE U 495 -31.20 -21.50 59.77
CA ILE U 495 -32.50 -21.13 60.29
C ILE U 495 -33.21 -20.23 59.28
N TYR U 496 -34.54 -20.28 59.34
CA TYR U 496 -35.44 -19.53 58.46
C TYR U 496 -36.10 -18.43 59.27
N LEU U 497 -36.35 -17.29 58.61
CA LEU U 497 -37.00 -16.15 59.27
C LEU U 497 -38.20 -15.70 58.46
N GLU U 498 -39.33 -15.52 59.14
CA GLU U 498 -40.55 -15.01 58.54
C GLU U 498 -41.04 -13.83 59.37
N GLY U 499 -41.78 -12.93 58.71
CA GLY U 499 -42.17 -11.67 59.31
C GLY U 499 -43.39 -11.68 60.19
N ASP U 500 -43.91 -12.84 60.56
CA ASP U 500 -45.06 -12.92 61.44
C ASP U 500 -44.73 -13.44 62.84
N ASP U 501 -43.56 -14.04 63.01
CA ASP U 501 -43.15 -14.51 64.32
C ASP U 501 -42.85 -13.32 65.23
N THR U 502 -42.70 -13.63 66.52
CA THR U 502 -42.37 -12.63 67.53
C THR U 502 -40.91 -12.78 67.95
N VAL U 503 -40.50 -11.96 68.92
CA VAL U 503 -39.13 -12.03 69.41
C VAL U 503 -38.89 -13.33 70.17
N SER U 504 -39.88 -13.78 70.94
CA SER U 504 -39.71 -15.00 71.73
C SER U 504 -39.47 -16.22 70.86
N GLU U 505 -40.19 -16.32 69.73
CA GLU U 505 -39.99 -17.45 68.85
C GLU U 505 -38.62 -17.40 68.17
N PHE U 506 -38.14 -16.19 67.87
CA PHE U 506 -36.77 -16.05 67.37
C PHE U 506 -35.76 -16.52 68.40
N GLU U 507 -35.97 -16.17 69.66
CA GLU U 507 -35.08 -16.63 70.73
C GLU U 507 -35.12 -18.15 70.86
N THR U 508 -36.30 -18.74 70.78
CA THR U 508 -36.42 -20.19 70.87
C THR U 508 -35.73 -20.88 69.70
N LYS U 509 -35.91 -20.35 68.48
CA LYS U 509 -35.23 -20.92 67.32
C LYS U 509 -33.72 -20.83 67.46
N LEU U 510 -33.22 -19.68 67.94
CA LEU U 510 -31.78 -19.55 68.14
C LEU U 510 -31.27 -20.53 69.19
N SER U 511 -32.02 -20.71 70.27
CA SER U 511 -31.61 -21.66 71.30
C SER U 511 -31.54 -23.08 70.74
N SER U 512 -32.55 -23.47 69.96
CA SER U 512 -32.55 -24.80 69.37
C SER U 512 -31.37 -24.96 68.40
N ALA U 513 -31.12 -23.95 67.57
CA ALA U 513 -30.02 -24.04 66.62
C ALA U 513 -28.68 -24.14 67.32
N ILE U 514 -28.47 -23.37 68.39
CA ILE U 514 -27.22 -23.45 69.14
C ILE U 514 -27.07 -24.81 69.80
N LEU U 515 -28.15 -25.31 70.42
CA LEU U 515 -28.10 -26.62 71.06
C LEU U 515 -27.84 -27.75 70.07
N GLU U 516 -28.30 -27.61 68.82
CA GLU U 516 -28.11 -28.69 67.86
C GLU U 516 -26.64 -28.91 67.54
N LEU U 517 -25.86 -27.83 67.43
CA LEU U 517 -24.46 -27.94 67.04
C LEU U 517 -23.63 -28.71 68.05
N GLY U 518 -24.08 -28.82 69.29
CA GLY U 518 -23.33 -29.52 70.32
C GLY U 518 -22.66 -28.64 71.35
N MET U 519 -22.88 -27.33 71.31
CA MET U 519 -22.30 -26.45 72.32
C MET U 519 -23.09 -26.45 73.62
N GLY U 520 -24.25 -27.11 73.64
CA GLY U 520 -25.12 -27.04 74.79
C GLY U 520 -24.61 -27.84 75.96
N ALA U 521 -25.38 -27.80 77.05
CA ALA U 521 -25.03 -28.53 78.26
C ALA U 521 -24.92 -30.01 77.98
N THR U 522 -23.88 -30.64 78.49
CA THR U 522 -23.60 -32.04 78.21
C THR U 522 -24.50 -32.93 79.06
N ALA U 523 -24.20 -34.23 79.09
CA ALA U 523 -25.04 -35.17 79.80
C ALA U 523 -24.83 -35.09 81.31
N GLY U 524 -25.05 -33.91 81.88
CA GLY U 524 -25.17 -33.79 83.32
C GLY U 524 -26.53 -34.32 83.73
N THR U 525 -27.47 -34.28 82.78
CA THR U 525 -28.81 -34.85 82.88
C THR U 525 -29.64 -34.27 84.03
N SER U 526 -29.15 -33.23 84.70
CA SER U 526 -29.82 -32.65 85.85
C SER U 526 -30.51 -31.35 85.48
N ASP U 527 -31.24 -30.79 86.45
CA ASP U 527 -31.90 -29.51 86.25
C ASP U 527 -30.89 -28.39 86.03
N GLU U 528 -29.63 -28.61 86.43
CA GLU U 528 -28.57 -27.66 86.10
C GLU U 528 -28.47 -27.48 84.59
N ALA U 529 -28.47 -28.59 83.86
CA ALA U 529 -28.42 -28.54 82.40
C ALA U 529 -29.65 -27.84 81.83
N ALA U 530 -30.83 -28.11 82.41
CA ALA U 530 -32.04 -27.46 81.93
C ALA U 530 -31.97 -25.94 82.12
N THR U 531 -31.50 -25.50 83.29
CA THR U 531 -31.36 -24.07 83.55
C THR U 531 -30.34 -23.45 82.60
N VAL U 532 -29.22 -24.13 82.38
CA VAL U 532 -28.20 -23.60 81.48
C VAL U 532 -28.76 -23.46 80.07
N ASN U 533 -29.46 -24.49 79.59
CA ASN U 533 -30.06 -24.42 78.26
C ASN U 533 -31.09 -23.29 78.19
N SER U 534 -31.83 -23.09 79.27
CA SER U 534 -32.80 -21.99 79.33
C SER U 534 -32.14 -20.63 79.24
N ASN U 535 -30.99 -20.44 79.88
CA ASN U 535 -30.34 -19.14 79.97
C ASN U 535 -29.13 -19.01 79.04
N LEU U 536 -29.22 -19.53 77.82
CA LEU U 536 -28.15 -19.33 76.85
C LEU U 536 -28.29 -18.01 76.10
N VAL U 537 -29.38 -17.84 75.37
CA VAL U 537 -29.68 -16.62 74.62
C VAL U 537 -30.78 -15.87 75.36
N ASN U 538 -30.57 -14.59 75.61
CA ASN U 538 -31.55 -13.83 76.38
C ASN U 538 -31.81 -12.47 75.77
N TYR U 539 -33.02 -11.96 76.02
CA TYR U 539 -33.44 -10.64 75.56
C TYR U 539 -33.78 -9.80 76.79
N VAL U 540 -33.65 -8.48 76.65
CA VAL U 540 -33.87 -7.56 77.76
C VAL U 540 -35.24 -6.92 77.59
N SER U 541 -36.02 -6.93 78.67
CA SER U 541 -37.27 -6.18 78.70
C SER U 541 -37.06 -4.89 79.49
N THR U 542 -38.06 -4.01 79.50
CA THR U 542 -37.92 -2.74 80.20
C THR U 542 -37.73 -2.97 81.70
N GLY U 543 -38.46 -3.93 82.26
CA GLY U 543 -38.33 -4.26 83.66
C GLY U 543 -37.26 -5.26 84.02
N ASP U 544 -36.46 -5.69 83.04
CA ASP U 544 -35.42 -6.69 83.25
C ASP U 544 -34.03 -6.06 83.32
N VAL U 545 -33.94 -4.76 83.53
CA VAL U 545 -32.66 -4.06 83.52
C VAL U 545 -31.89 -4.41 84.79
N THR U 546 -30.62 -4.77 84.63
CA THR U 546 -29.74 -5.03 85.76
C THR U 546 -28.47 -4.21 85.59
N ASP U 547 -28.11 -3.45 86.63
CA ASP U 547 -27.01 -2.52 86.55
C ASP U 547 -25.66 -3.22 86.76
N SER U 548 -24.63 -2.66 86.14
CA SER U 548 -23.24 -3.08 86.32
C SER U 548 -23.03 -4.57 86.04
N SER U 549 -23.62 -5.06 84.95
CA SER U 549 -23.40 -6.44 84.52
C SER U 549 -23.39 -6.47 83.01
N ASN U 550 -23.44 -7.68 82.45
CA ASN U 550 -23.60 -7.82 81.01
C ASN U 550 -24.97 -7.39 80.54
N GLU U 551 -25.90 -7.16 81.46
CA GLU U 551 -27.31 -6.96 81.15
C GLU U 551 -27.74 -5.52 81.36
N ALA U 552 -26.83 -4.57 81.18
CA ALA U 552 -27.07 -3.19 81.58
C ALA U 552 -27.77 -2.36 80.52
N LEU U 553 -28.14 -2.94 79.39
CA LEU U 553 -28.84 -2.20 78.34
C LEU U 553 -30.20 -2.83 78.11
N ALA U 554 -31.15 -2.01 77.70
CA ALA U 554 -32.53 -2.44 77.54
C ALA U 554 -32.87 -2.65 76.06
N GLY U 555 -33.53 -3.77 75.78
CA GLY U 555 -33.94 -4.08 74.42
C GLY U 555 -32.82 -4.59 73.53
N THR U 556 -31.99 -5.48 74.05
CA THR U 556 -30.89 -6.07 73.29
C THR U 556 -30.83 -7.57 73.54
N PHE U 557 -30.10 -8.27 72.68
CA PHE U 557 -29.87 -9.70 72.84
C PHE U 557 -28.48 -9.96 73.39
N VAL U 558 -28.37 -10.94 74.29
CA VAL U 558 -27.10 -11.37 74.83
C VAL U 558 -26.95 -12.86 74.52
N ILE U 559 -25.80 -13.22 73.95
CA ILE U 559 -25.54 -14.58 73.47
C ILE U 559 -24.27 -15.09 74.13
N GLN U 560 -24.36 -16.29 74.72
CA GLN U 560 -23.23 -16.97 75.33
C GLN U 560 -23.22 -18.42 74.88
N THR U 561 -22.18 -19.15 75.29
CA THR U 561 -22.09 -20.56 74.98
C THR U 561 -21.72 -21.35 76.24
N ALA U 562 -21.64 -22.68 76.13
CA ALA U 562 -21.33 -23.52 77.28
C ALA U 562 -20.01 -24.25 77.13
N ARG U 563 -19.08 -23.72 76.34
CA ARG U 563 -17.75 -24.30 76.16
C ARG U 563 -16.69 -23.21 76.25
N LEU U 564 -15.49 -23.62 76.62
CA LEU U 564 -14.40 -22.69 76.90
C LEU U 564 -13.37 -22.72 75.79
N GLY U 565 -12.99 -21.53 75.32
CA GLY U 565 -11.90 -21.42 74.37
C GLY U 565 -12.36 -21.11 72.95
N ASP U 566 -11.42 -21.29 72.02
CA ASP U 566 -11.67 -20.96 70.63
C ASP U 566 -12.80 -21.79 70.03
N ASP U 567 -13.11 -22.94 70.61
CA ASP U 567 -14.23 -23.73 70.12
C ASP U 567 -15.56 -23.01 70.29
N SER U 568 -15.63 -22.00 71.15
CA SER U 568 -16.85 -21.27 71.39
C SER U 568 -17.02 -20.06 70.48
N LYS U 569 -16.09 -19.83 69.56
CA LYS U 569 -16.24 -18.72 68.62
C LYS U 569 -17.32 -19.05 67.61
N LEU U 570 -18.20 -18.09 67.36
CA LEU U 570 -19.35 -18.27 66.47
C LEU U 570 -19.20 -17.39 65.24
N SER U 571 -19.72 -17.87 64.12
CA SER U 571 -19.68 -17.13 62.87
C SER U 571 -21.08 -17.06 62.25
N PHE U 572 -21.44 -15.89 61.74
CA PHE U 572 -22.77 -15.63 61.22
C PHE U 572 -22.70 -15.33 59.73
N ILE U 573 -23.68 -15.84 58.97
CA ILE U 573 -23.74 -15.64 57.53
C ILE U 573 -25.20 -15.42 57.13
N GLY U 574 -25.43 -14.53 56.19
CA GLY U 574 -26.77 -14.35 55.64
C GLY U 574 -26.78 -13.24 54.62
N ASP U 575 -27.98 -12.69 54.40
CA ASP U 575 -28.12 -11.54 53.52
C ASP U 575 -27.43 -10.33 54.14
N GLN U 576 -26.88 -9.48 53.27
CA GLN U 576 -26.08 -8.35 53.74
C GLN U 576 -26.92 -7.39 54.57
N ASN U 577 -28.15 -7.11 54.15
CA ASN U 577 -28.99 -6.18 54.88
C ASN U 577 -29.36 -6.72 56.26
N LEU U 578 -29.71 -7.99 56.34
CA LEU U 578 -30.07 -8.58 57.64
C LEU U 578 -28.87 -8.61 58.58
N ILE U 579 -27.70 -9.02 58.07
CA ILE U 579 -26.51 -9.07 58.91
C ILE U 579 -26.13 -7.66 59.38
N ASN U 580 -26.24 -6.67 58.50
CA ASN U 580 -25.92 -5.30 58.89
C ASN U 580 -26.92 -4.78 59.92
N ALA U 581 -28.19 -5.19 59.80
CA ALA U 581 -29.21 -4.72 60.73
C ALA U 581 -29.05 -5.36 62.11
N LEU U 582 -28.67 -6.64 62.15
CA LEU U 582 -28.43 -7.28 63.45
C LEU U 582 -27.33 -6.58 64.21
N SER U 583 -26.20 -6.29 63.55
CA SER U 583 -25.13 -5.49 64.10
C SER U 583 -24.63 -6.05 65.44
N LEU U 584 -24.10 -7.27 65.36
CA LEU U 584 -23.59 -7.95 66.54
C LEU U 584 -22.23 -7.40 66.94
N ALA U 585 -21.98 -7.36 68.24
CA ALA U 585 -20.73 -6.86 68.77
C ALA U 585 -20.22 -7.81 69.85
N THR U 586 -18.91 -7.79 70.05
CA THR U 586 -18.24 -8.67 71.00
C THR U 586 -18.01 -7.92 72.31
N ILE U 587 -18.38 -8.54 73.42
CA ILE U 587 -18.15 -7.95 74.74
C ILE U 587 -17.26 -8.81 75.61
N GLN U 588 -17.16 -10.13 75.36
CA GLN U 588 -16.22 -10.96 76.10
C GLN U 588 -15.54 -11.92 75.15
N GLU U 589 -14.21 -11.96 75.25
CA GLU U 589 -13.36 -12.79 74.42
C GLU U 589 -12.95 -14.05 75.19
N GLY U 590 -12.81 -15.15 74.45
CA GLY U 590 -12.53 -16.44 75.05
C GLY U 590 -11.08 -16.62 75.46
N GLU U 591 -10.88 -17.51 76.43
CA GLU U 591 -9.55 -17.89 76.89
C GLU U 591 -9.49 -19.40 77.07
N ASN U 592 -8.30 -19.98 76.99
CA ASN U 592 -8.16 -21.42 77.12
C ASN U 592 -8.00 -21.82 78.58
N SER U 593 -7.69 -23.09 78.79
CA SER U 593 -7.57 -23.68 80.11
C SER U 593 -6.14 -24.13 80.36
N GLU U 594 -5.90 -24.75 81.51
CA GLU U 594 -4.60 -25.28 81.87
C GLU U 594 -4.77 -26.71 82.35
N THR U 595 -3.90 -27.61 81.89
CA THR U 595 -4.05 -29.03 82.16
C THR U 595 -2.77 -29.57 82.78
N THR U 596 -2.91 -30.34 83.86
CA THR U 596 -1.82 -31.05 84.48
C THR U 596 -1.99 -32.54 84.18
N ILE U 597 -0.95 -33.14 83.60
CA ILE U 597 -0.99 -34.53 83.15
C ILE U 597 0.16 -35.28 83.78
N LYS U 598 -0.13 -36.45 84.35
CA LYS U 598 0.86 -37.34 84.94
C LYS U 598 0.73 -38.71 84.28
N VAL U 599 1.84 -39.29 83.85
CA VAL U 599 1.81 -40.59 83.19
C VAL U 599 2.63 -41.59 83.98
N THR U 600 2.09 -42.79 84.16
CA THR U 600 2.78 -43.87 84.86
C THR U 600 2.48 -45.19 84.17
N ASP U 601 3.36 -46.16 84.36
CA ASP U 601 3.16 -47.47 83.75
C ASP U 601 2.01 -48.21 84.44
N ALA U 602 1.28 -48.99 83.65
CA ALA U 602 0.06 -49.63 84.13
C ALA U 602 0.32 -50.83 85.04
N HIS U 603 1.51 -51.44 84.98
CA HIS U 603 1.79 -52.63 85.76
C HIS U 603 2.88 -52.45 86.81
N THR U 604 3.75 -51.44 86.67
CA THR U 604 4.84 -51.23 87.60
C THR U 604 4.59 -50.05 88.53
N GLY U 605 4.16 -48.91 87.99
CA GLY U 605 3.90 -47.73 88.79
C GLY U 605 5.01 -46.71 88.79
N LYS U 606 6.08 -46.94 88.03
CA LYS U 606 7.17 -45.97 87.98
C LYS U 606 6.75 -44.72 87.24
N PHE U 607 7.18 -43.57 87.74
CA PHE U 607 6.90 -42.30 87.09
C PHE U 607 7.67 -42.19 85.78
N ILE U 608 7.02 -41.64 84.75
CA ILE U 608 7.62 -41.46 83.43
C ILE U 608 7.67 -39.99 83.04
N GLY U 609 6.56 -39.27 83.24
CA GLY U 609 6.51 -37.88 82.84
C GLY U 609 5.31 -37.12 83.37
N SER U 610 5.42 -35.79 83.39
CA SER U 610 4.33 -34.91 83.80
C SER U 610 4.46 -33.61 83.03
N ASP U 611 3.33 -32.95 82.82
CA ASP U 611 3.32 -31.72 82.03
C ASP U 611 2.19 -30.81 82.49
N SER U 612 2.39 -29.51 82.25
CA SER U 612 1.35 -28.50 82.41
C SER U 612 1.24 -27.77 81.08
N VAL U 613 0.08 -27.89 80.43
CA VAL U 613 -0.10 -27.43 79.07
C VAL U 613 -1.30 -26.50 78.98
N ASN U 614 -1.33 -25.71 77.91
CA ASN U 614 -2.40 -24.75 77.67
C ASN U 614 -3.35 -25.16 76.55
N ASP U 615 -2.83 -25.78 75.48
CA ASP U 615 -3.64 -26.18 74.34
C ASP U 615 -4.08 -27.63 74.42
N SER U 616 -3.86 -28.30 75.54
CA SER U 616 -4.31 -29.67 75.77
C SER U 616 -3.70 -30.64 74.76
N THR U 617 -2.39 -30.54 74.57
CA THR U 617 -1.65 -31.43 73.68
C THR U 617 -0.41 -31.93 74.43
N LEU U 618 -0.37 -33.22 74.72
CA LEU U 618 0.78 -33.82 75.37
C LEU U 618 1.84 -34.10 74.31
N ARG U 619 2.96 -33.38 74.39
CA ARG U 619 3.97 -33.43 73.34
C ARG U 619 5.36 -33.65 73.94
N GLY U 620 6.10 -34.58 73.34
CA GLY U 620 7.50 -34.73 73.64
C GLY U 620 7.86 -35.38 74.95
N VAL U 621 6.96 -36.19 75.52
CA VAL U 621 7.27 -36.97 76.71
C VAL U 621 7.23 -38.47 76.41
N ILE U 622 6.40 -38.89 75.47
CA ILE U 622 6.40 -40.25 74.94
C ILE U 622 6.99 -40.20 73.54
N GLN U 623 7.87 -41.15 73.24
CA GLN U 623 8.65 -41.09 72.00
C GLN U 623 7.74 -41.25 70.78
N GLY U 624 7.81 -40.28 69.87
CA GLY U 624 7.13 -40.38 68.59
C GLY U 624 5.61 -40.39 68.62
N VAL U 625 5.00 -39.85 69.67
CA VAL U 625 3.55 -39.88 69.82
C VAL U 625 3.07 -38.53 70.33
N ASP U 626 1.97 -38.03 69.76
CA ASP U 626 1.28 -36.87 70.32
C ASP U 626 -0.15 -37.27 70.67
N VAL U 627 -0.61 -36.82 71.84
CA VAL U 627 -1.91 -37.17 72.37
C VAL U 627 -2.76 -35.90 72.49
N LYS U 628 -3.99 -36.00 72.03
CA LYS U 628 -4.96 -34.91 72.10
C LYS U 628 -6.13 -35.35 72.97
N ILE U 629 -6.44 -34.53 73.98
CA ILE U 629 -7.51 -34.79 74.93
C ILE U 629 -8.53 -33.66 74.84
N ASP U 630 -9.80 -34.03 74.79
CA ASP U 630 -10.86 -33.04 74.65
C ASP U 630 -10.92 -32.15 75.87
N SER U 631 -11.35 -30.89 75.65
CA SER U 631 -11.31 -29.88 76.69
C SER U 631 -12.52 -29.91 77.61
N ASP U 632 -13.40 -30.91 77.48
CA ASP U 632 -14.57 -31.05 78.33
C ASP U 632 -14.41 -32.17 79.35
N VAL U 633 -13.18 -32.52 79.69
CA VAL U 633 -12.89 -33.54 80.69
C VAL U 633 -12.76 -32.86 82.03
N GLY U 634 -13.74 -33.08 82.90
CA GLY U 634 -13.68 -32.56 84.26
C GLY U 634 -13.93 -31.08 84.41
N VAL U 635 -15.09 -30.61 83.94
CA VAL U 635 -15.50 -29.22 84.09
C VAL U 635 -16.95 -29.20 84.55
N SER U 636 -17.26 -28.34 85.52
CA SER U 636 -18.62 -28.20 86.02
C SER U 636 -19.11 -26.78 85.73
N ILE U 637 -20.37 -26.68 85.30
CA ILE U 637 -20.97 -25.42 84.89
C ILE U 637 -22.11 -25.09 85.82
N SER U 638 -22.21 -23.81 86.19
CA SER U 638 -23.27 -23.33 87.07
C SER U 638 -23.71 -21.96 86.61
N TRP U 639 -24.89 -21.55 87.06
CA TRP U 639 -25.51 -20.29 86.68
C TRP U 639 -25.80 -19.47 87.92
N ASN U 640 -25.40 -18.20 87.90
CA ASN U 640 -25.64 -17.27 89.00
C ASN U 640 -26.73 -16.30 88.55
N SER U 641 -27.93 -16.47 89.10
CA SER U 641 -29.05 -15.63 88.71
C SER U 641 -28.97 -14.25 89.35
N THR U 642 -28.42 -14.16 90.56
CA THR U 642 -28.26 -12.87 91.21
C THR U 642 -27.32 -11.95 90.43
N LYS U 643 -26.19 -12.48 89.94
CA LYS U 643 -25.30 -11.75 89.06
C LYS U 643 -25.59 -11.99 87.59
N LYS U 644 -26.44 -12.97 87.27
CA LYS U 644 -26.77 -13.33 85.88
C LYS U 644 -25.51 -13.63 85.07
N THR U 645 -24.67 -14.54 85.58
CA THR U 645 -23.43 -14.89 84.90
C THR U 645 -23.18 -16.39 84.98
N MET U 646 -22.47 -16.90 83.97
CA MET U 646 -22.02 -18.28 84.03
C MET U 646 -20.82 -18.40 84.96
N GLU U 647 -20.67 -19.58 85.55
CA GLU U 647 -19.57 -19.87 86.46
C GLU U 647 -19.04 -21.26 86.17
N PHE U 648 -17.74 -21.35 85.92
CA PHE U 648 -17.10 -22.61 85.59
C PHE U 648 -16.16 -23.01 86.72
N SER U 649 -16.19 -24.28 87.09
CA SER U 649 -15.41 -24.76 88.23
C SER U 649 -14.78 -26.10 87.92
N ALA U 650 -13.69 -26.38 88.64
CA ALA U 650 -13.01 -27.67 88.52
C ALA U 650 -13.80 -28.76 89.23
N THR U 651 -13.54 -30.01 88.83
CA THR U 651 -14.28 -31.13 89.39
C THR U 651 -13.86 -31.42 90.83
N GLY U 652 -12.58 -31.71 91.03
CA GLY U 652 -12.08 -32.11 92.33
C GLY U 652 -11.71 -33.57 92.43
N GLU U 653 -12.17 -34.40 91.50
CA GLU U 653 -11.78 -35.79 91.40
C GLU U 653 -11.05 -36.00 90.08
N SER U 654 -9.86 -36.60 90.16
CA SER U 654 -9.04 -36.77 88.98
C SER U 654 -9.65 -37.80 88.04
N GLU U 655 -9.34 -37.67 86.76
CA GLU U 655 -9.85 -38.56 85.72
C GLU U 655 -8.68 -39.27 85.05
N ASP U 656 -8.87 -40.56 84.78
CA ASP U 656 -7.81 -41.40 84.25
C ASP U 656 -8.24 -42.04 82.95
N ILE U 657 -7.29 -42.20 82.03
CA ILE U 657 -7.52 -42.86 80.74
C ILE U 657 -6.38 -43.86 80.54
N LYS U 658 -6.59 -44.85 79.69
CA LYS U 658 -5.63 -45.91 79.46
C LYS U 658 -5.30 -46.01 77.98
N LEU U 659 -4.01 -46.22 77.69
CA LEU U 659 -3.52 -46.20 76.32
C LEU U 659 -2.76 -47.49 76.01
N HIS U 660 -3.01 -48.04 74.84
CA HIS U 660 -2.37 -49.26 74.36
C HIS U 660 -1.69 -48.98 73.03
N LEU U 661 -0.44 -49.44 72.90
CA LEU U 661 0.36 -49.07 71.73
C LEU U 661 1.33 -50.19 71.42
N VAL U 662 1.39 -50.61 70.16
CA VAL U 662 2.25 -51.71 69.74
C VAL U 662 3.02 -51.29 68.48
N ASP U 663 4.29 -51.67 68.43
CA ASP U 663 5.12 -51.37 67.26
C ASP U 663 4.75 -52.30 66.11
N ASN U 664 4.79 -51.74 64.90
CA ASN U 664 4.48 -52.51 63.70
C ASN U 664 5.08 -51.85 62.46
N ALA U 665 8.11 -51.50 62.57
CA ALA U 665 8.79 -50.92 61.42
C ALA U 665 8.79 -51.89 60.25
N MET U 666 9.40 -51.46 59.14
CA MET U 666 9.54 -52.31 57.95
C MET U 666 10.96 -52.85 57.92
N GLU U 667 11.08 -54.17 57.86
CA GLU U 667 12.35 -54.86 58.07
C GLU U 667 12.78 -55.52 56.77
N MET U 668 13.90 -55.06 56.20
CA MET U 668 14.33 -55.48 54.88
C MET U 668 15.65 -56.23 54.96
N GLN U 669 15.68 -57.45 54.42
CA GLN U 669 16.91 -58.21 54.33
C GLN U 669 17.76 -57.70 53.17
N ILE U 670 19.03 -57.42 53.45
CA ILE U 670 19.91 -56.84 52.45
C ILE U 670 21.22 -57.62 52.34
N GLY U 671 21.50 -58.45 53.34
CA GLY U 671 22.74 -59.19 53.38
C GLY U 671 22.52 -60.69 53.21
N ALA U 672 23.64 -61.41 53.23
CA ALA U 672 23.65 -62.86 53.08
C ALA U 672 23.85 -63.58 54.41
N ASN U 673 23.86 -62.85 55.53
CA ASN U 673 24.08 -63.43 56.85
C ASN U 673 23.25 -62.68 57.88
N GLU U 674 23.60 -62.87 59.14
CA GLU U 674 22.82 -62.33 60.25
C GLU U 674 22.91 -60.80 60.30
N GLY U 675 21.86 -60.18 60.82
CA GLY U 675 21.86 -58.77 61.19
C GLY U 675 21.78 -57.78 60.05
N GLN U 676 22.27 -58.17 58.88
CA GLN U 676 22.41 -57.27 57.75
C GLN U 676 21.04 -56.89 57.20
N THR U 677 20.36 -55.96 57.87
CA THR U 677 19.02 -55.56 57.50
C THR U 677 18.89 -54.05 57.59
N ILE U 678 17.82 -53.54 56.97
CA ILE U 678 17.56 -52.11 56.89
C ILE U 678 16.14 -51.85 57.41
N LEU U 679 15.98 -50.78 58.17
CA LEU U 679 14.69 -50.41 58.75
C LEU U 679 14.09 -49.26 57.94
N ALA U 680 12.79 -49.33 57.71
CA ALA U 680 12.06 -48.32 56.94
C ALA U 680 10.78 -47.93 57.67
N ASN U 681 10.51 -46.63 57.70
CA ASN U 681 9.33 -46.09 58.35
C ASN U 681 8.71 -45.01 57.48
N ILE U 682 7.40 -44.83 57.63
CA ILE U 682 6.66 -43.80 56.91
C ILE U 682 5.73 -43.09 57.89
N PRO U 683 5.91 -41.80 58.13
CA PRO U 683 5.03 -41.08 59.06
C PRO U 683 3.63 -40.94 58.50
N GLN U 684 2.66 -40.83 59.42
CA GLN U 684 1.28 -40.66 59.03
C GLN U 684 1.04 -39.28 58.42
N VAL U 685 0.31 -39.23 57.32
CA VAL U 685 -0.01 -37.99 56.61
C VAL U 685 -1.50 -37.94 56.37
N ASP U 686 -2.16 -36.92 56.91
CA ASP U 686 -3.57 -36.65 56.69
C ASP U 686 -3.85 -35.23 57.15
N THR U 687 -5.14 -34.85 57.14
CA THR U 687 -5.50 -33.48 57.53
C THR U 687 -5.18 -33.21 58.98
N THR U 688 -5.40 -34.18 59.86
CA THR U 688 -5.20 -33.96 61.29
C THR U 688 -3.74 -33.67 61.61
N SER U 689 -2.82 -34.43 61.02
CA SER U 689 -1.40 -34.22 61.28
C SER U 689 -0.92 -32.87 60.77
N LEU U 690 -1.40 -32.46 59.59
CA LEU U 690 -0.97 -31.19 59.01
C LEU U 690 -1.53 -29.99 59.76
N GLY U 691 -2.53 -30.17 60.61
CA GLY U 691 -3.05 -29.07 61.41
C GLY U 691 -4.01 -28.15 60.69
N ILE U 692 -4.54 -28.58 59.55
CA ILE U 692 -5.50 -27.77 58.79
C ILE U 692 -6.84 -28.50 58.76
N ASP U 693 -7.10 -29.29 59.80
CA ASP U 693 -8.35 -30.04 59.88
C ASP U 693 -9.54 -29.10 60.04
N ASP U 694 -9.39 -28.05 60.86
CA ASP U 694 -10.52 -27.23 61.24
C ASP U 694 -10.35 -25.79 60.80
N ILE U 695 -9.94 -25.57 59.57
CA ILE U 695 -9.80 -24.23 59.02
C ILE U 695 -11.13 -23.81 58.40
N LEU U 696 -11.55 -22.58 58.67
CA LEU U 696 -12.80 -22.04 58.16
C LEU U 696 -12.50 -20.81 57.33
N MET U 697 -13.45 -20.44 56.46
CA MET U 697 -13.29 -19.30 55.56
C MET U 697 -14.63 -18.59 55.45
N VAL U 698 -14.89 -17.66 56.36
CA VAL U 698 -16.17 -16.97 56.40
C VAL U 698 -15.98 -15.47 56.37
N ASP U 699 -15.17 -14.95 57.30
CA ASP U 699 -15.04 -13.51 57.49
C ASP U 699 -13.60 -13.07 57.27
N GLN U 700 -13.35 -11.78 57.50
CA GLN U 700 -12.06 -11.18 57.17
C GLN U 700 -11.08 -11.22 58.35
N GLU U 701 -10.97 -12.38 59.00
CA GLU U 701 -9.89 -12.60 59.97
C GLU U 701 -9.23 -13.97 59.88
N LEU U 702 -9.83 -14.95 59.22
CA LEU U 702 -9.29 -16.31 59.19
C LEU U 702 -8.16 -16.50 58.19
N ALA U 703 -8.06 -15.62 57.19
CA ALA U 703 -7.14 -15.82 56.08
C ALA U 703 -5.68 -15.84 56.54
N GLN U 704 -5.31 -14.99 57.49
CA GLN U 704 -3.89 -14.85 57.85
C GLN U 704 -3.36 -16.13 58.50
N GLU U 705 -4.05 -16.63 59.52
CA GLU U 705 -3.60 -17.88 60.13
C GLU U 705 -3.82 -19.05 59.18
N SER U 706 -4.80 -18.96 58.28
CA SER U 706 -4.91 -19.96 57.22
C SER U 706 -3.61 -20.04 56.42
N ILE U 707 -3.08 -18.89 56.02
CA ILE U 707 -1.84 -18.85 55.24
C ILE U 707 -0.69 -19.42 56.05
N THR U 708 -0.61 -19.06 57.33
CA THR U 708 0.47 -19.57 58.17
C THR U 708 0.44 -21.10 58.27
N LYS U 709 -0.75 -21.66 58.49
CA LYS U 709 -0.87 -23.11 58.59
C LYS U 709 -0.54 -23.78 57.26
N LEU U 710 -0.91 -23.14 56.15
CA LEU U 710 -0.56 -23.69 54.83
C LEU U 710 0.96 -23.74 54.66
N ASP U 711 1.65 -22.68 55.09
CA ASP U 711 3.11 -22.68 55.03
C ASP U 711 3.69 -23.83 55.84
N LYS U 712 3.17 -24.04 57.05
CA LYS U 712 3.68 -25.13 57.89
C LYS U 712 3.46 -26.49 57.23
N ALA U 713 2.29 -26.68 56.62
CA ALA U 713 2.01 -27.94 55.94
C ALA U 713 2.98 -28.17 54.78
N LEU U 714 3.27 -27.11 54.02
CA LEU U 714 4.25 -27.24 52.93
C LEU U 714 5.60 -27.69 53.47
N GLU U 715 6.03 -27.08 54.59
CA GLU U 715 7.29 -27.47 55.20
C GLU U 715 7.31 -28.96 55.54
N THR U 716 6.24 -29.44 56.18
CA THR U 716 6.19 -30.84 56.61
C THR U 716 6.24 -31.79 55.42
N VAL U 717 5.48 -31.49 54.36
CA VAL U 717 5.48 -32.37 53.19
C VAL U 717 6.87 -32.42 52.57
N SER U 718 7.53 -31.27 52.46
CA SER U 718 8.87 -31.24 51.89
C SER U 718 9.84 -32.09 52.72
N GLY U 719 9.74 -32.01 54.05
CA GLY U 719 10.60 -32.83 54.89
C GLY U 719 10.40 -34.33 54.67
N VAL U 720 9.15 -34.76 54.58
CA VAL U 720 8.88 -36.20 54.37
C VAL U 720 9.46 -36.65 53.03
N ARG U 721 9.26 -35.85 51.99
CA ARG U 721 9.81 -36.21 50.68
C ARG U 721 11.34 -36.30 50.73
N ALA U 722 11.98 -35.39 51.44
CA ALA U 722 13.44 -35.43 51.54
C ALA U 722 13.91 -36.71 52.22
N THR U 723 13.22 -37.13 53.28
CA THR U 723 13.60 -38.36 53.97
C THR U 723 13.50 -39.57 53.03
N ILE U 724 12.40 -39.65 52.27
CA ILE U 724 12.23 -40.76 51.34
C ILE U 724 13.35 -40.76 50.30
N GLY U 725 13.68 -39.59 49.76
CA GLY U 725 14.77 -39.51 48.78
C GLY U 725 16.11 -39.95 49.35
N ALA U 726 16.39 -39.59 50.60
CA ALA U 726 17.64 -40.01 51.22
C ALA U 726 17.71 -41.53 51.29
N GLN U 727 16.62 -42.17 51.74
CA GLN U 727 16.64 -43.63 51.84
C GLN U 727 16.84 -44.28 50.47
N ILE U 728 16.15 -43.77 49.44
CA ILE U 728 16.27 -44.40 48.13
C ILE U 728 17.69 -44.25 47.58
N ASN U 729 18.33 -43.10 47.84
CA ASN U 729 19.71 -42.93 47.38
C ASN U 729 20.66 -43.89 48.08
N ARG U 730 20.48 -44.08 49.39
CA ARG U 730 21.32 -45.04 50.11
C ARG U 730 21.17 -46.44 49.54
N LEU U 731 19.93 -46.86 49.26
CA LEU U 731 19.73 -48.20 48.71
C LEU U 731 20.37 -48.33 47.33
N GLU U 732 20.24 -47.29 46.50
CA GLU U 732 20.81 -47.35 45.16
C GLU U 732 22.33 -47.49 45.22
N TYR U 733 22.99 -46.75 46.11
CA TYR U 733 24.43 -46.95 46.28
C TYR U 733 24.77 -48.34 46.80
N THR U 734 24.01 -48.86 47.77
CA THR U 734 24.41 -50.16 48.31
C THR U 734 24.14 -51.31 47.36
N MET U 735 23.39 -51.08 46.28
CA MET U 735 23.10 -52.19 45.35
C MET U 735 24.34 -52.76 44.67
N THR U 736 25.26 -51.91 44.18
CA THR U 736 26.27 -52.38 43.21
C THR U 736 27.37 -53.24 43.85
N GLY U 737 27.63 -53.05 45.14
CA GLY U 737 28.65 -53.84 45.80
C GLY U 737 28.36 -55.32 45.75
N LEU U 738 27.09 -55.70 45.85
CA LEU U 738 26.72 -57.11 45.75
C LEU U 738 27.08 -57.69 44.39
N ASP U 739 26.84 -56.94 43.31
CA ASP U 739 27.18 -57.43 41.98
C ASP U 739 28.69 -57.59 41.82
N THR U 740 29.45 -56.61 42.30
CA THR U 740 30.91 -56.72 42.21
C THR U 740 31.42 -57.93 43.01
N THR U 741 30.88 -58.12 44.21
CA THR U 741 31.26 -59.27 45.03
C THR U 741 30.88 -60.57 44.36
N ARG U 742 29.70 -60.62 43.73
CA ARG U 742 29.29 -61.83 43.02
C ARG U 742 30.27 -62.17 41.91
N GLU U 743 30.66 -61.17 41.11
CA GLU U 743 31.62 -61.44 40.04
C GLU U 743 32.94 -61.96 40.60
N ASN U 744 33.46 -61.29 41.63
CA ASN U 744 34.76 -61.69 42.18
C ASN U 744 34.70 -63.10 42.76
N LEU U 745 33.65 -63.42 43.52
CA LEU U 745 33.56 -64.72 44.15
C LEU U 745 33.26 -65.85 43.16
N THR U 746 32.43 -65.59 42.14
CA THR U 746 32.21 -66.64 41.15
C THR U 746 33.44 -66.86 40.29
N ALA U 747 34.25 -65.82 40.08
CA ALA U 747 35.55 -66.03 39.44
C ALA U 747 36.48 -66.85 40.33
N ALA U 748 36.49 -66.55 41.63
CA ALA U 748 37.35 -67.28 42.55
C ALA U 748 36.94 -68.74 42.66
N GLU U 749 35.63 -69.02 42.59
CA GLU U 749 35.19 -70.40 42.71
C GLU U 749 35.52 -71.22 41.48
N SER U 750 35.52 -70.59 40.30
CA SER U 750 35.88 -71.32 39.08
C SER U 750 37.39 -71.36 38.93
N ARG U 751 38.08 -71.72 40.00
CA ARG U 751 39.48 -72.13 39.95
C ARG U 751 39.68 -73.53 40.49
N ILE U 752 38.60 -74.17 40.95
CA ILE U 752 38.59 -75.55 41.42
C ILE U 752 37.56 -76.37 40.64
N ARG U 753 37.15 -75.85 39.47
CA ARG U 753 36.11 -76.51 38.68
C ARG U 753 36.69 -77.67 37.89
N ASP U 754 37.60 -77.38 36.96
CA ASP U 754 38.20 -78.43 36.14
C ASP U 754 39.51 -77.91 35.58
N LEU U 755 40.37 -78.85 35.18
CA LEU U 755 41.62 -78.50 34.52
C LEU U 755 41.34 -77.98 33.11
N ASP U 756 42.32 -77.29 32.55
CA ASP U 756 42.30 -77.04 31.11
C ASP U 756 42.29 -78.37 30.39
N ILE U 757 41.45 -78.48 29.36
CA ILE U 757 41.16 -79.76 28.71
C ILE U 757 42.42 -80.35 28.10
N ALA U 758 43.41 -79.51 27.81
CA ALA U 758 44.59 -79.96 27.07
C ALA U 758 45.34 -81.05 27.82
N ASP U 759 45.68 -80.82 29.08
CA ASP U 759 46.51 -81.77 29.82
C ASP U 759 45.75 -83.06 30.10
N GLU U 760 44.45 -82.96 30.40
CA GLU U 760 43.65 -84.17 30.61
C GLU U 760 43.55 -85.00 29.34
N MET U 761 43.35 -84.33 28.20
CA MET U 761 43.37 -85.04 26.92
C MET U 761 44.72 -85.71 26.68
N ALA U 762 45.81 -85.02 27.01
CA ALA U 762 47.14 -85.61 26.83
C ALA U 762 47.31 -86.85 27.70
N LYS U 763 46.87 -86.77 28.96
CA LYS U 763 46.98 -87.91 29.85
C LYS U 763 46.16 -89.10 29.35
N PHE U 764 44.92 -88.84 28.94
CA PHE U 764 44.08 -89.88 28.36
C PHE U 764 44.75 -90.52 27.16
N THR U 765 45.28 -89.70 26.26
CA THR U 765 45.94 -90.22 25.07
C THR U 765 47.10 -91.12 25.46
N LYS U 766 47.97 -90.64 26.35
CA LYS U 766 49.18 -91.39 26.69
C LYS U 766 48.86 -92.71 27.38
N ASN U 767 47.84 -92.71 28.25
CA ASN U 767 47.45 -93.96 28.89
C ASN U 767 46.91 -94.96 27.86
N GLN U 768 46.08 -94.48 26.93
CA GLN U 768 45.63 -95.33 25.84
C GLN U 768 46.80 -95.86 25.04
N ILE U 769 47.84 -95.03 24.88
CA ILE U 769 49.06 -95.43 24.18
C ILE U 769 49.71 -96.62 24.89
N LEU U 770 49.90 -96.51 26.20
CA LEU U 770 50.69 -97.50 26.91
C LEU U 770 49.95 -98.82 27.10
N ALA U 771 48.60 -98.77 27.15
CA ALA U 771 47.83 -99.99 27.36
C ALA U 771 48.06 -101.02 26.26
N GLN U 772 48.06 -100.60 25.00
CA GLN U 772 48.17 -101.55 23.90
C GLN U 772 49.54 -102.21 23.88
N SER U 773 50.59 -101.46 24.21
CA SER U 773 51.91 -102.06 24.33
C SER U 773 51.93 -103.11 25.43
N ASN U 774 51.30 -102.81 26.57
CA ASN U 774 51.18 -103.82 27.62
C ASN U 774 50.53 -105.09 27.07
N ILE U 775 49.43 -104.94 26.34
CA ILE U 775 48.68 -106.10 25.89
C ILE U 775 49.50 -106.93 24.90
N SER U 776 50.18 -106.26 23.97
CA SER U 776 50.99 -106.99 22.98
C SER U 776 52.12 -107.76 23.65
N MET U 777 52.82 -107.12 24.59
CA MET U 777 53.89 -107.81 25.30
C MET U 777 53.35 -108.99 26.10
N LEU U 778 52.18 -108.82 26.71
CA LEU U 778 51.55 -109.92 27.43
C LEU U 778 51.26 -111.08 26.50
N ALA U 779 50.77 -110.79 25.29
CA ALA U 779 50.45 -111.86 24.34
C ALA U 779 51.71 -112.64 23.96
N GLN U 780 52.80 -111.94 23.67
CA GLN U 780 54.03 -112.63 23.29
C GLN U 780 54.58 -113.45 24.44
N ALA U 781 54.58 -112.88 25.65
CA ALA U 781 55.07 -113.59 26.83
C ALA U 781 54.23 -114.82 27.12
N ASN U 782 52.93 -114.74 26.88
CA ASN U 782 52.07 -115.92 26.99
C ASN U 782 52.47 -116.98 25.97
N SER U 783 52.72 -116.55 24.73
CA SER U 783 52.97 -117.51 23.66
C SER U 783 54.24 -118.30 23.90
N LEU U 784 55.32 -117.63 24.35
CA LEU U 784 56.64 -118.25 24.34
C LEU U 784 56.75 -119.56 25.12
N PRO U 785 56.39 -119.64 26.41
CA PRO U 785 56.94 -120.72 27.25
C PRO U 785 56.46 -122.12 26.87
N GLN U 786 55.16 -122.30 26.70
CA GLN U 786 54.64 -123.63 26.41
C GLN U 786 55.18 -124.15 25.09
N MET U 787 55.22 -123.29 24.08
CA MET U 787 55.77 -123.71 22.79
C MET U 787 57.23 -124.11 22.91
N ALA U 788 58.03 -123.33 23.64
CA ALA U 788 59.44 -123.67 23.80
C ALA U 788 59.61 -125.01 24.51
N LEU U 789 58.88 -125.21 25.59
CA LEU U 789 59.06 -126.43 26.39
C LEU U 789 58.54 -127.66 25.64
N SER U 790 57.46 -127.51 24.86
CA SER U 790 57.00 -128.61 24.05
C SER U 790 57.98 -128.93 22.93
N LEU U 791 58.62 -127.91 22.37
CA LEU U 791 59.66 -128.15 21.37
C LEU U 791 60.83 -128.93 21.98
N LEU U 792 61.21 -128.59 23.21
CA LEU U 792 62.28 -129.34 23.87
C LEU U 792 61.88 -130.80 24.08
N GLY U 793 60.64 -131.04 24.48
CA GLY U 793 60.17 -132.37 24.75
C GLY U 793 60.08 -133.27 23.52
N ALA V 2 89.08 -175.81 37.73
CA ALA V 2 87.98 -176.51 37.06
C ALA V 2 86.72 -175.68 37.04
N MET V 3 86.01 -175.70 35.92
CA MET V 3 84.74 -175.02 35.79
C MET V 3 83.59 -176.00 36.03
N TYR V 4 82.50 -175.49 36.58
CA TYR V 4 81.48 -176.32 37.22
C TYR V 4 80.13 -176.16 36.54
N ILE V 5 79.11 -176.78 37.15
CA ILE V 5 77.72 -176.57 36.80
C ILE V 5 77.10 -175.73 37.91
N ASN V 6 75.87 -175.28 37.70
CA ASN V 6 75.08 -174.45 38.64
C ASN V 6 75.94 -173.48 39.46
N THR V 7 76.87 -172.79 38.79
CA THR V 7 77.69 -171.74 39.43
C THR V 7 77.79 -170.52 38.52
N ASN V 8 76.65 -170.07 37.99
CA ASN V 8 76.60 -168.89 37.13
C ASN V 8 76.49 -167.62 37.99
N VAL V 9 77.59 -167.33 38.70
CA VAL V 9 77.66 -166.10 39.49
C VAL V 9 77.51 -164.85 38.65
N PRO V 10 78.14 -164.73 37.47
CA PRO V 10 77.88 -163.53 36.65
C PRO V 10 76.42 -163.35 36.30
N SER V 11 75.65 -164.44 36.21
CA SER V 11 74.22 -164.32 35.98
C SER V 11 73.55 -163.53 37.10
N LEU V 12 73.81 -163.89 38.36
CA LEU V 12 73.19 -163.17 39.47
C LEU V 12 73.71 -161.74 39.56
N THR V 13 75.00 -161.53 39.24
CA THR V 13 75.54 -160.18 39.21
C THR V 13 74.77 -159.30 38.21
N ALA V 14 74.63 -159.79 36.97
CA ALA V 14 73.93 -159.02 35.95
C ALA V 14 72.47 -158.83 36.30
N GLN V 15 71.85 -159.83 36.93
CA GLN V 15 70.46 -159.70 37.34
C GLN V 15 70.29 -158.61 38.38
N ARG V 16 71.19 -158.56 39.38
CA ARG V 16 71.14 -157.49 40.36
C ARG V 16 71.29 -156.13 39.69
N TYR V 17 72.27 -156.01 38.80
CA TYR V 17 72.51 -154.73 38.13
C TYR V 17 71.29 -154.29 37.33
N LEU V 18 70.67 -155.23 36.60
CA LEU V 18 69.45 -154.91 35.88
C LEU V 18 68.33 -154.50 36.83
N GLY V 19 68.29 -155.10 38.02
CA GLY V 19 67.30 -154.67 39.01
C GLY V 19 67.48 -153.22 39.41
N GLU V 20 68.71 -152.82 39.73
CA GLU V 20 68.90 -151.40 40.04
C GLU V 20 68.56 -150.52 38.84
N THR V 21 68.94 -150.95 37.64
CA THR V 21 68.70 -150.14 36.45
C THR V 21 67.21 -149.91 36.21
N ASN V 22 66.40 -150.96 36.29
CA ASN V 22 64.99 -150.80 35.98
C ASN V 22 64.25 -150.10 37.11
N ASN V 23 64.72 -150.26 38.36
CA ASN V 23 64.17 -149.45 39.44
C ASN V 23 64.42 -147.97 39.18
N ALA V 24 65.65 -147.62 38.76
CA ALA V 24 65.97 -146.23 38.49
C ALA V 24 65.13 -145.68 37.34
N VAL V 25 64.97 -146.45 36.26
CA VAL V 25 64.21 -145.92 35.13
C VAL V 25 62.74 -145.79 35.49
N SER V 26 62.21 -146.69 36.33
CA SER V 26 60.83 -146.56 36.78
C SER V 26 60.64 -145.30 37.60
N LYS V 27 61.58 -145.02 38.51
CA LYS V 27 61.47 -143.80 39.31
C LYS V 27 61.54 -142.56 38.43
N SER V 28 62.45 -142.54 37.46
CA SER V 28 62.56 -141.39 36.56
C SER V 28 61.28 -141.21 35.76
N LEU V 29 60.71 -142.31 35.25
CA LEU V 29 59.49 -142.21 34.48
C LEU V 29 58.35 -141.67 35.32
N GLU V 30 58.23 -142.13 36.56
CA GLU V 30 57.15 -141.64 37.42
C GLU V 30 57.32 -140.15 37.69
N ARG V 31 58.54 -139.71 38.00
CA ARG V 31 58.76 -138.28 38.24
C ARG V 31 58.42 -137.46 37.01
N LEU V 32 58.90 -137.89 35.84
CA LEU V 32 58.65 -137.13 34.61
C LEU V 32 57.17 -137.06 34.29
N SER V 33 56.45 -138.18 34.46
CA SER V 33 55.02 -138.20 34.18
C SER V 33 54.27 -137.28 35.13
N SER V 34 54.63 -137.29 36.42
CA SER V 34 53.89 -136.51 37.39
C SER V 34 54.17 -135.01 37.25
N GLY V 35 55.42 -134.65 36.96
CA GLY V 35 55.77 -133.25 36.84
C GLY V 35 56.06 -132.55 38.15
N LEU V 36 56.32 -133.29 39.22
CA LEU V 36 56.69 -132.74 40.52
C LEU V 36 57.88 -133.53 41.05
N ARG V 37 58.84 -132.84 41.67
CA ARG V 37 60.00 -133.57 42.20
C ARG V 37 59.61 -134.43 43.40
N ILE V 38 59.06 -133.80 44.43
CA ILE V 38 58.92 -134.47 45.73
C ILE V 38 57.88 -135.58 45.65
N ASN V 39 56.61 -135.23 45.38
CA ASN V 39 55.51 -136.19 45.39
C ASN V 39 55.50 -137.01 46.67
N SER V 40 54.75 -138.11 46.67
CA SER V 40 54.86 -139.18 47.67
C SER V 40 55.04 -138.65 49.09
N ALA V 41 55.86 -139.34 49.87
CA ALA V 41 56.32 -138.82 51.14
C ALA V 41 57.78 -139.11 51.43
N SER V 42 58.49 -139.82 50.56
CA SER V 42 59.81 -140.34 50.87
C SER V 42 60.94 -139.67 50.10
N ASP V 43 60.63 -138.88 49.06
CA ASP V 43 61.70 -138.25 48.29
C ASP V 43 62.40 -137.17 49.11
N ASP V 44 61.64 -136.33 49.80
CA ASP V 44 62.19 -135.27 50.62
C ASP V 44 61.44 -135.19 51.94
N ALA V 45 62.17 -134.99 53.02
CA ALA V 45 61.60 -134.87 54.35
C ALA V 45 61.55 -133.45 54.87
N SER V 46 61.80 -132.45 54.02
CA SER V 46 61.90 -131.07 54.46
C SER V 46 60.89 -130.13 53.82
N GLY V 47 60.73 -130.18 52.50
CA GLY V 47 59.95 -129.18 51.80
C GLY V 47 58.45 -129.30 51.96
N LEU V 48 57.97 -130.40 52.54
CA LEU V 48 56.53 -130.64 52.61
C LEU V 48 55.83 -129.56 53.44
N ALA V 49 56.31 -129.31 54.66
CA ALA V 49 55.67 -128.34 55.54
C ALA V 49 55.74 -126.94 54.95
N ILE V 50 56.88 -126.59 54.37
CA ILE V 50 57.04 -125.27 53.76
C ILE V 50 56.03 -125.09 52.63
N SER V 51 55.91 -126.11 51.77
CA SER V 51 54.98 -126.02 50.65
C SER V 51 53.53 -125.90 51.13
N GLU V 52 53.17 -126.67 52.15
CA GLU V 52 51.80 -126.61 52.67
C GLU V 52 51.50 -125.23 53.25
N LYS V 53 52.43 -124.68 54.03
CA LYS V 53 52.23 -123.34 54.58
C LYS V 53 52.10 -122.30 53.47
N LEU V 54 52.95 -122.42 52.43
CA LEU V 54 52.91 -121.45 51.35
C LEU V 54 51.58 -121.50 50.59
N ARG V 55 51.07 -122.70 50.30
CA ARG V 55 49.81 -122.79 49.57
C ARG V 55 48.66 -122.25 50.41
N GLY V 56 48.65 -122.56 51.72
CA GLY V 56 47.63 -121.99 52.58
C GLY V 56 47.66 -120.48 52.59
N GLN V 57 48.86 -119.90 52.70
CA GLN V 57 48.97 -118.45 52.72
C GLN V 57 48.54 -117.84 51.39
N ILE V 58 48.84 -118.49 50.27
CA ILE V 58 48.43 -117.99 48.96
C ILE V 58 46.91 -117.93 48.86
N SER V 59 46.24 -118.99 49.31
CA SER V 59 44.78 -118.98 49.31
C SER V 59 44.23 -117.86 50.19
N GLY V 60 44.84 -117.66 51.37
CA GLY V 60 44.41 -116.57 52.23
C GLY V 60 44.56 -115.21 51.57
N LEU V 61 45.66 -114.99 50.86
CA LEU V 61 45.86 -113.71 50.18
C LEU V 61 44.81 -113.49 49.10
N LYS V 62 44.48 -114.53 48.34
CA LYS V 62 43.38 -114.41 47.37
C LYS V 62 42.09 -113.96 48.06
N ARG V 63 41.74 -114.62 49.16
CA ARG V 63 40.48 -114.30 49.83
C ARG V 63 40.46 -112.85 50.33
N ALA V 64 41.57 -112.41 50.92
CA ALA V 64 41.63 -111.03 51.39
C ALA V 64 41.54 -110.04 50.24
N SER V 65 42.18 -110.36 49.11
CA SER V 65 42.14 -109.48 47.95
C SER V 65 40.72 -109.27 47.46
N LEU V 66 39.92 -110.34 47.44
CA LEU V 66 38.51 -110.17 47.08
C LEU V 66 37.75 -109.35 48.13
N ASN V 67 37.99 -109.67 49.41
CA ASN V 67 37.27 -109.01 50.49
C ASN V 67 37.45 -107.50 50.47
N ALA V 68 38.61 -107.02 50.02
CA ALA V 68 38.85 -105.57 49.98
C ALA V 68 37.83 -104.85 49.10
N GLN V 69 37.61 -105.35 47.89
CA GLN V 69 36.65 -104.72 46.98
C GLN V 69 35.22 -104.87 47.50
N ASP V 70 34.91 -106.06 48.05
CA ASP V 70 33.59 -106.21 48.68
C ASP V 70 33.39 -105.15 49.75
N GLY V 71 34.47 -104.77 50.45
CA GLY V 71 34.36 -103.68 51.41
C GLY V 71 34.14 -102.33 50.77
N ILE V 72 34.86 -102.04 49.66
CA ILE V 72 34.85 -100.68 49.12
C ILE V 72 33.49 -100.30 48.53
N SER V 73 32.76 -101.27 47.95
CA SER V 73 31.51 -100.92 47.27
C SER V 73 30.50 -100.25 48.20
N LEU V 74 30.40 -100.75 49.43
CA LEU V 74 29.40 -100.25 50.39
C LEU V 74 29.63 -98.77 50.69
N LEU V 75 30.89 -98.40 50.94
CA LEU V 75 31.19 -97.01 51.24
C LEU V 75 30.93 -96.13 50.04
N GLN V 76 31.17 -96.64 48.82
CA GLN V 76 30.83 -95.86 47.63
C GLN V 76 29.33 -95.51 47.62
N THR V 77 28.49 -96.52 47.89
CA THR V 77 27.04 -96.27 47.90
C THR V 77 26.66 -95.24 48.96
N ALA V 78 27.21 -95.38 50.16
CA ALA V 78 26.91 -94.42 51.22
C ALA V 78 27.29 -93.00 50.83
N GLU V 79 28.46 -92.86 50.18
CA GLU V 79 28.89 -91.54 49.72
C GLU V 79 27.89 -90.94 48.74
N GLY V 80 27.38 -91.75 47.81
CA GLY V 80 26.38 -91.24 46.89
C GLY V 80 25.14 -90.71 47.60
N GLY V 81 24.62 -91.48 48.56
CA GLY V 81 23.45 -91.03 49.30
C GLY V 81 23.69 -89.73 50.05
N LEU V 82 24.85 -89.63 50.71
CA LEU V 82 25.17 -88.40 51.44
C LEU V 82 25.26 -87.21 50.49
N GLN V 83 25.79 -87.43 49.27
CA GLN V 83 25.86 -86.35 48.30
C GLN V 83 24.46 -85.84 47.95
N ASN V 84 23.52 -86.75 47.73
CA ASN V 84 22.16 -86.31 47.43
C ASN V 84 21.57 -85.48 48.57
N ILE V 85 21.74 -85.94 49.81
CA ILE V 85 21.18 -85.21 50.95
C ILE V 85 21.78 -83.81 51.06
N GLN V 86 23.10 -83.71 50.94
CA GLN V 86 23.75 -82.40 51.06
C GLN V 86 23.37 -81.50 49.90
N ASP V 87 23.04 -82.08 48.73
CA ASP V 87 22.53 -81.26 47.64
C ASP V 87 21.18 -80.65 47.99
N MET V 88 20.32 -81.41 48.65
CA MET V 88 19.00 -80.85 49.00
C MET V 88 19.11 -79.75 50.06
N LEU V 89 20.06 -79.90 50.99
CA LEU V 89 20.20 -78.91 52.06
C LEU V 89 20.43 -77.49 51.51
N GLN V 90 21.14 -77.38 50.38
CA GLN V 90 21.46 -76.05 49.86
C GLN V 90 20.22 -75.37 49.29
N ARG V 91 19.34 -76.12 48.65
CA ARG V 91 18.07 -75.54 48.20
C ARG V 91 17.23 -75.13 49.40
N MET V 92 17.29 -75.91 50.49
CA MET V 92 16.62 -75.47 51.71
C MET V 92 17.15 -74.12 52.18
N ARG V 93 18.48 -73.95 52.15
CA ARG V 93 19.07 -72.67 52.55
C ARG V 93 18.63 -71.54 51.63
N GLU V 94 18.60 -71.80 50.33
CA GLU V 94 18.13 -70.81 49.36
C GLU V 94 16.71 -70.35 49.68
N LEU V 95 15.80 -71.30 49.89
CA LEU V 95 14.43 -70.92 50.18
C LEU V 95 14.29 -70.24 51.53
N ALA V 96 15.15 -70.59 52.50
CA ALA V 96 15.11 -69.92 53.79
C ALA V 96 15.53 -68.46 53.67
N VAL V 97 16.57 -68.18 52.88
CA VAL V 97 17.01 -66.80 52.73
C VAL V 97 16.07 -66.02 51.81
N GLN V 98 15.27 -66.71 50.99
CA GLN V 98 14.26 -66.03 50.19
C GLN V 98 13.33 -65.20 51.06
N ALA V 99 12.76 -65.79 52.10
CA ALA V 99 11.84 -65.08 52.97
C ALA V 99 12.61 -64.16 53.92
N GLY V 100 11.91 -63.15 54.43
CA GLY V 100 12.51 -62.22 55.36
C GLY V 100 12.21 -60.76 55.09
N ASN V 101 11.91 -60.42 53.84
CA ASN V 101 11.60 -59.04 53.49
C ASN V 101 10.24 -58.63 54.04
N GLY V 102 10.12 -57.35 54.39
CA GLY V 102 8.80 -56.84 54.70
C GLY V 102 8.11 -56.34 53.45
N VAL V 103 7.84 -57.25 52.52
CA VAL V 103 7.09 -56.95 51.31
C VAL V 103 6.04 -58.02 51.11
N TYR V 104 6.15 -59.11 51.84
CA TYR V 104 5.25 -60.25 51.75
C TYR V 104 4.16 -60.16 52.81
N THR V 105 2.98 -60.67 52.47
CA THR V 105 1.89 -60.76 53.42
C THR V 105 2.10 -62.00 54.30
N THR V 106 1.09 -62.34 55.10
CA THR V 106 1.17 -63.49 55.98
C THR V 106 0.98 -64.81 55.26
N ASN V 107 0.24 -64.83 54.14
CA ASN V 107 -0.06 -66.05 53.40
C ASN V 107 1.14 -66.60 52.63
N ASP V 108 1.98 -65.73 52.08
CA ASP V 108 3.11 -66.18 51.27
C ASP V 108 4.08 -67.01 52.09
N ARG V 109 4.29 -66.63 53.35
CA ARG V 109 5.17 -67.39 54.22
C ARG V 109 4.64 -68.81 54.43
N ALA V 110 3.34 -68.95 54.60
CA ALA V 110 2.74 -70.29 54.72
C ALA V 110 2.88 -71.07 53.42
N GLU V 111 2.71 -70.39 52.28
CA GLU V 111 2.88 -71.07 51.00
C GLU V 111 4.29 -71.62 50.85
N ILE V 112 5.31 -70.88 51.32
CA ILE V 112 6.67 -71.40 51.33
C ILE V 112 6.82 -72.53 52.34
N GLN V 113 6.15 -72.40 53.49
CA GLN V 113 6.27 -73.37 54.57
C GLN V 113 5.77 -74.75 54.14
N LYS V 114 4.71 -74.79 53.34
CA LYS V 114 4.19 -76.08 52.88
C LYS V 114 5.26 -76.86 52.11
N GLU V 115 5.91 -76.20 51.15
CA GLU V 115 6.93 -76.91 50.37
C GLU V 115 8.16 -77.23 51.20
N VAL V 116 8.52 -76.38 52.17
CA VAL V 116 9.62 -76.73 53.05
C VAL V 116 9.29 -77.98 53.84
N ASP V 117 8.06 -78.08 54.35
CA ASP V 117 7.65 -79.26 55.10
C ASP V 117 7.71 -80.51 54.23
N GLN V 118 7.24 -80.41 52.97
CA GLN V 118 7.29 -81.57 52.09
C GLN V 118 8.73 -81.98 51.79
N LEU V 119 9.63 -81.00 51.64
CA LEU V 119 11.02 -81.32 51.38
C LEU V 119 11.68 -81.96 52.60
N LYS V 120 11.27 -81.55 53.81
CA LYS V 120 11.75 -82.22 55.01
C LYS V 120 11.25 -83.66 55.08
N GLU V 121 10.00 -83.89 54.69
CA GLU V 121 9.50 -85.26 54.57
C GLU V 121 10.35 -86.08 53.60
N GLU V 122 10.70 -85.48 52.46
CA GLU V 122 11.52 -86.19 51.48
C GLU V 122 12.90 -86.49 52.03
N ILE V 123 13.50 -85.55 52.76
CA ILE V 123 14.84 -85.80 53.30
C ILE V 123 14.81 -86.89 54.36
N ASN V 124 13.74 -86.94 55.17
CA ASN V 124 13.58 -88.06 56.09
C ASN V 124 13.46 -89.37 55.33
N ARG V 125 12.68 -89.39 54.25
CA ARG V 125 12.52 -90.61 53.48
C ARG V 125 13.85 -91.10 52.91
N ILE V 126 14.63 -90.19 52.32
CA ILE V 126 15.89 -90.61 51.70
C ILE V 126 16.89 -91.02 52.79
N ALA V 127 16.87 -90.36 53.95
CA ALA V 127 17.71 -90.80 55.05
C ALA V 127 17.35 -92.21 55.50
N SER V 128 16.07 -92.57 55.41
CA SER V 128 15.63 -93.89 55.82
C SER V 128 15.43 -94.87 54.66
N SER V 129 15.92 -94.56 53.46
CA SER V 129 15.67 -95.41 52.30
C SER V 129 16.90 -96.16 51.78
N THR V 130 18.07 -96.01 52.39
CA THR V 130 19.26 -96.68 51.90
C THR V 130 19.17 -98.18 52.16
N GLU V 131 19.83 -98.97 51.30
CA GLU V 131 19.77 -100.41 51.38
C GLU V 131 20.98 -101.04 50.69
N PHE V 132 21.47 -102.13 51.27
CA PHE V 132 22.50 -102.95 50.62
C PHE V 132 22.49 -104.33 51.27
N ASN V 133 22.16 -105.36 50.49
CA ASN V 133 22.18 -106.75 50.93
C ASN V 133 21.39 -106.94 52.23
N THR V 134 20.21 -106.33 52.28
CA THR V 134 19.30 -106.40 53.41
C THR V 134 19.95 -105.95 54.72
N LYS V 135 20.92 -105.04 54.65
CA LYS V 135 21.58 -104.48 55.82
C LYS V 135 21.55 -102.96 55.72
N LYS V 136 20.82 -102.33 56.63
CA LYS V 136 20.70 -100.88 56.65
C LYS V 136 21.96 -100.22 57.18
N LEU V 137 22.28 -99.05 56.61
CA LEU V 137 23.53 -98.35 56.90
C LEU V 137 23.33 -97.07 57.70
N LEU V 138 22.55 -96.12 57.17
CA LEU V 138 22.66 -94.73 57.60
C LEU V 138 22.01 -94.45 58.95
N ASN V 139 20.84 -95.03 59.22
CA ASN V 139 20.09 -94.61 60.40
C ASN V 139 20.59 -95.29 61.67
N GLY V 140 21.90 -95.24 61.89
CA GLY V 140 22.47 -95.74 63.13
C GLY V 140 22.27 -97.22 63.37
N ASP V 141 22.26 -98.03 62.31
CA ASP V 141 22.22 -99.47 62.44
C ASP V 141 23.59 -100.12 62.21
N SER V 142 24.66 -99.32 62.16
CA SER V 142 25.99 -99.83 61.95
C SER V 142 26.96 -99.51 63.08
N THR V 143 26.55 -98.76 64.09
CA THR V 143 27.40 -98.44 65.24
C THR V 143 26.85 -98.98 66.54
N ALA V 144 25.61 -98.62 66.88
CA ALA V 144 25.06 -98.95 68.19
C ALA V 144 23.60 -99.41 68.03
N LEU V 145 23.00 -99.77 69.16
CA LEU V 145 21.62 -100.21 69.21
C LEU V 145 21.11 -99.97 70.62
N TRP V 146 20.04 -99.19 70.76
CA TRP V 146 19.59 -98.71 72.06
C TRP V 146 18.10 -98.99 72.24
N SER V 147 17.69 -99.02 73.51
CA SER V 147 16.29 -99.16 73.86
C SER V 147 16.10 -98.64 75.28
N SER V 148 14.86 -98.26 75.60
CA SER V 148 14.51 -97.77 76.92
C SER V 148 13.02 -97.99 77.16
N ASP V 149 12.62 -97.90 78.42
CA ASP V 149 11.24 -98.14 78.80
C ASP V 149 10.38 -96.88 78.79
N SER V 150 10.91 -95.75 79.25
CA SER V 150 10.14 -94.51 79.23
C SER V 150 9.96 -94.02 77.80
N SER V 151 8.75 -93.56 77.48
CA SER V 151 8.43 -93.10 76.13
C SER V 151 8.63 -91.60 75.96
N ASP V 152 9.50 -90.99 76.76
CA ASP V 152 9.84 -89.58 76.64
C ASP V 152 11.35 -89.39 76.74
N LEU V 153 12.10 -90.33 76.17
CA LEU V 153 13.55 -90.28 76.20
C LEU V 153 14.06 -90.55 74.79
N ASP V 154 15.00 -89.74 74.32
CA ASP V 154 15.54 -89.86 72.98
C ASP V 154 17.06 -89.93 73.04
N VAL V 155 17.65 -90.62 72.06
CA VAL V 155 19.08 -90.82 72.00
C VAL V 155 19.55 -90.62 70.56
N VAL V 156 20.61 -89.83 70.38
CA VAL V 156 21.23 -89.63 69.07
C VAL V 156 22.66 -90.16 69.14
N ILE V 157 23.07 -90.83 68.06
CA ILE V 157 24.33 -91.56 68.00
C ILE V 157 25.34 -90.76 67.20
N LYS V 158 26.57 -90.66 67.73
CA LYS V 158 27.67 -90.04 67.01
C LYS V 158 28.78 -91.04 66.70
N SER V 159 29.29 -91.73 67.72
CA SER V 159 30.43 -92.62 67.53
C SER V 159 30.29 -93.89 68.37
N ALA V 160 31.40 -94.61 68.55
CA ALA V 160 31.37 -95.88 69.27
C ALA V 160 30.87 -95.71 70.69
N VAL V 161 30.01 -96.63 71.13
CA VAL V 161 29.51 -96.69 72.48
C VAL V 161 30.07 -97.94 73.14
N ALA V 162 29.95 -98.04 74.46
CA ALA V 162 30.56 -99.20 75.08
C ALA V 162 29.58 -100.35 75.31
N GLU V 163 28.70 -100.22 76.30
CA GLU V 163 27.83 -101.32 76.76
C GLU V 163 26.92 -100.91 77.92
N GLY V 164 26.06 -101.84 78.34
CA GLY V 164 25.59 -101.91 79.70
C GLY V 164 24.21 -101.28 79.91
N ASN V 165 23.75 -101.40 81.16
CA ASN V 165 22.51 -100.80 81.62
C ASN V 165 22.83 -99.62 82.52
N TYR V 166 22.21 -98.49 82.26
CA TYR V 166 22.47 -97.26 83.01
C TYR V 166 21.22 -96.82 83.75
N ASN V 167 21.42 -96.21 84.91
CA ASN V 167 20.35 -95.70 85.76
C ASN V 167 20.51 -94.20 85.89
N LEU V 168 19.44 -93.47 85.64
CA LEU V 168 19.46 -92.01 85.62
C LEU V 168 18.57 -91.46 86.73
N ASN V 169 19.04 -90.38 87.36
CA ASN V 169 18.31 -89.70 88.42
C ASN V 169 18.23 -88.22 88.05
N VAL V 170 17.02 -87.67 88.09
CA VAL V 170 16.74 -86.35 87.51
C VAL V 170 16.11 -85.46 88.57
N THR V 171 16.56 -84.21 88.63
CA THR V 171 15.93 -83.17 89.44
C THR V 171 15.87 -81.89 88.61
N VAL V 172 14.82 -81.09 88.82
CA VAL V 172 14.54 -79.95 87.95
C VAL V 172 14.30 -78.70 88.80
N ASP V 173 14.65 -77.54 88.26
CA ASP V 173 14.22 -76.24 88.75
C ASP V 173 13.61 -75.48 87.59
N PRO V 174 12.34 -75.08 87.66
CA PRO V 174 11.64 -74.58 86.48
C PRO V 174 11.91 -73.11 86.22
N GLY V 175 11.43 -72.66 85.06
CA GLY V 175 11.58 -71.28 84.63
C GLY V 175 10.28 -70.53 84.50
N LYS V 176 10.05 -69.89 83.36
CA LYS V 176 8.88 -69.06 83.13
C LYS V 176 8.25 -69.40 81.78
N ASN V 177 7.05 -68.86 81.55
CA ASN V 177 6.34 -69.09 80.31
C ASN V 177 5.99 -67.77 79.61
N PHE V 178 5.24 -67.84 78.52
CA PHE V 178 4.90 -66.68 77.72
C PHE V 178 3.52 -66.15 78.12
N VAL V 179 3.36 -64.83 78.08
CA VAL V 179 2.09 -64.16 78.36
C VAL V 179 1.84 -63.13 77.28
N TYR V 180 0.72 -63.28 76.56
CA TYR V 180 0.30 -62.40 75.48
C TYR V 180 -0.97 -61.64 75.85
N LYS V 181 -1.10 -60.42 75.32
CA LYS V 181 -2.22 -59.54 75.61
C LYS V 181 -2.73 -58.90 74.32
N SER V 182 -4.05 -58.76 74.22
CA SER V 182 -4.69 -58.21 73.04
C SER V 182 -5.08 -56.75 73.28
N ASP V 183 -5.81 -56.17 72.33
CA ASP V 183 -6.17 -54.76 72.38
C ASP V 183 -7.46 -54.55 73.17
N VAL V 184 -7.98 -53.33 73.08
CA VAL V 184 -9.22 -52.93 73.74
C VAL V 184 -10.31 -52.79 72.67
N MET V 185 -11.50 -53.30 72.99
CA MET V 185 -12.61 -53.34 72.05
C MET V 185 -13.68 -52.35 72.47
N THR V 186 -14.26 -51.67 71.48
CA THR V 186 -15.25 -50.64 71.75
C THR V 186 -16.38 -50.77 70.72
N LEU V 187 -17.57 -50.35 71.11
CA LEU V 187 -18.78 -50.49 70.30
C LEU V 187 -18.85 -49.40 69.24
N ASN V 188 -19.51 -49.74 68.13
CA ASN V 188 -19.82 -48.74 67.12
C ASN V 188 -20.88 -47.77 67.65
N GLU V 189 -20.88 -46.56 67.10
CA GLU V 189 -21.77 -45.51 67.54
C GLU V 189 -23.23 -45.80 67.21
N ASP V 190 -23.50 -46.61 66.19
CA ASP V 190 -24.87 -46.92 65.81
C ASP V 190 -25.62 -47.64 66.94
N ALA V 191 -24.89 -48.38 67.77
CA ALA V 191 -25.50 -49.04 68.92
C ALA V 191 -25.69 -48.05 70.06
N ILE V 192 -25.94 -48.57 71.26
CA ILE V 192 -26.07 -47.79 72.50
C ILE V 192 -27.38 -47.00 72.50
N GLY V 193 -28.14 -47.11 73.59
CA GLY V 193 -29.37 -46.36 73.73
C GLY V 193 -30.55 -47.18 74.23
N ALA V 194 -31.18 -46.71 75.30
CA ALA V 194 -32.42 -47.28 75.79
C ALA V 194 -33.61 -46.53 75.21
N GLU V 195 -34.78 -47.17 75.22
CA GLU V 195 -35.95 -46.57 74.61
C GLU V 195 -37.18 -47.20 75.24
N ILE V 196 -38.32 -46.51 75.12
CA ILE V 196 -39.56 -46.89 75.78
C ILE V 196 -40.53 -47.45 74.74
N VAL V 197 -41.03 -48.65 74.99
CA VAL V 197 -41.86 -49.36 74.03
C VAL V 197 -43.19 -49.70 74.66
N THR V 198 -44.19 -49.91 73.81
CA THR V 198 -45.52 -50.41 74.20
C THR V 198 -45.88 -51.53 73.23
N ALA V 199 -45.43 -52.74 73.54
CA ALA V 199 -45.72 -53.92 72.72
C ALA V 199 -46.47 -54.98 73.51
N GLY V 200 -45.99 -55.33 74.71
CA GLY V 200 -46.71 -56.28 75.54
C GLY V 200 -48.04 -55.74 76.02
N GLY V 201 -48.11 -54.44 76.27
CA GLY V 201 -49.34 -53.78 76.65
C GLY V 201 -49.34 -53.27 78.08
N ASP V 202 -49.09 -51.98 78.25
CA ASP V 202 -49.19 -51.30 79.53
C ASP V 202 -49.14 -49.81 79.27
N VAL V 203 -49.73 -49.05 80.18
CA VAL V 203 -49.81 -47.60 80.07
C VAL V 203 -48.84 -47.01 81.08
N ASN V 204 -48.43 -45.76 80.84
CA ASN V 204 -47.46 -45.08 81.68
C ASN V 204 -48.19 -44.38 82.82
N GLU V 205 -48.00 -44.90 84.04
CA GLU V 205 -48.65 -44.34 85.22
C GLU V 205 -47.72 -43.45 86.04
N THR V 206 -46.47 -43.27 85.63
CA THR V 206 -45.48 -42.62 86.48
C THR V 206 -44.92 -41.37 85.82
N ASN V 207 -43.91 -40.79 86.45
CA ASN V 207 -43.36 -39.51 86.01
C ASN V 207 -41.89 -39.64 85.60
N VAL V 208 -41.54 -40.71 84.90
CA VAL V 208 -40.19 -40.89 84.37
C VAL V 208 -40.21 -40.53 82.89
N GLY V 209 -39.50 -39.46 82.53
CA GLY V 209 -39.53 -38.96 81.18
C GLY V 209 -38.80 -39.82 80.17
N PHE V 210 -37.53 -40.09 80.42
CA PHE V 210 -36.68 -40.85 79.49
C PHE V 210 -35.43 -41.29 80.23
N VAL V 211 -34.54 -41.96 79.50
CA VAL V 211 -33.36 -42.58 80.07
C VAL V 211 -32.16 -42.26 79.19
N THR V 212 -31.02 -42.03 79.83
CA THR V 212 -29.79 -41.68 79.12
C THR V 212 -28.62 -42.51 79.65
N ASP V 213 -27.46 -42.28 79.01
CA ASP V 213 -26.13 -42.87 79.14
C ASP V 213 -26.14 -44.35 79.53
N PRO V 214 -26.61 -45.22 78.65
CA PRO V 214 -26.44 -46.66 78.88
C PRO V 214 -25.00 -47.08 78.60
N ASN V 215 -24.28 -47.45 79.66
CA ASN V 215 -22.88 -47.83 79.53
C ASN V 215 -22.69 -49.18 80.21
N THR V 216 -22.41 -50.22 79.41
CA THR V 216 -22.04 -51.55 79.88
C THR V 216 -23.17 -52.25 80.62
N LEU V 217 -24.42 -51.92 80.27
CA LEU V 217 -25.60 -52.48 80.91
C LEU V 217 -25.99 -53.85 80.34
N ALA V 218 -25.03 -54.56 79.76
CA ALA V 218 -25.24 -55.70 78.87
C ALA V 218 -25.84 -55.21 77.57
N SER V 219 -26.45 -56.10 76.79
CA SER V 219 -26.83 -55.73 75.42
C SER V 219 -27.93 -56.67 74.93
N THR V 220 -28.17 -56.63 73.62
CA THR V 220 -29.11 -57.41 72.83
C THR V 220 -30.55 -56.97 73.03
N GLY V 221 -30.79 -56.13 74.05
CA GLY V 221 -31.97 -55.28 74.11
C GLY V 221 -33.32 -55.87 73.75
N THR V 222 -33.46 -57.19 73.80
CA THR V 222 -34.72 -57.82 73.44
C THR V 222 -35.44 -58.42 74.64
N ALA V 223 -34.71 -58.90 75.63
CA ALA V 223 -35.29 -59.26 76.92
C ALA V 223 -35.72 -57.96 77.60
N TYR V 224 -37.04 -57.71 77.59
CA TYR V 224 -37.55 -56.43 78.05
C TYR V 224 -37.30 -56.27 79.55
N TYR V 225 -37.21 -55.02 79.99
CA TYR V 225 -36.84 -54.72 81.37
C TYR V 225 -37.99 -54.01 82.09
N THR V 226 -38.17 -54.34 83.37
CA THR V 226 -39.23 -53.80 84.20
C THR V 226 -38.61 -52.86 85.24
N VAL V 227 -39.15 -51.65 85.33
CA VAL V 227 -38.48 -50.53 85.98
C VAL V 227 -39.37 -49.94 87.09
N ASP V 228 -40.05 -50.80 87.84
CA ASP V 228 -41.11 -50.37 88.76
C ASP V 228 -40.66 -49.21 89.65
N VAL V 229 -41.50 -48.17 89.70
CA VAL V 229 -41.23 -46.97 90.48
C VAL V 229 -42.37 -46.82 91.48
N THR V 230 -42.20 -47.35 92.68
CA THR V 230 -43.26 -47.27 93.68
C THR V 230 -43.12 -45.99 94.49
N ALA V 231 -44.25 -45.43 94.91
CA ALA V 231 -44.26 -44.17 95.66
C ALA V 231 -44.26 -44.41 97.16
N GLY V 232 -43.31 -45.21 97.64
CA GLY V 232 -43.17 -45.44 99.06
C GLY V 232 -43.92 -46.66 99.56
N ALA V 233 -43.19 -47.67 100.03
CA ALA V 233 -43.78 -48.88 100.56
C ALA V 233 -42.79 -49.59 101.47
N ASP V 234 -43.27 -50.14 102.59
CA ASP V 234 -42.37 -50.71 103.59
C ASP V 234 -41.52 -51.82 102.99
N THR V 235 -40.23 -51.80 103.32
CA THR V 235 -39.27 -52.77 102.81
C THR V 235 -38.63 -53.47 104.00
N LEU V 236 -38.46 -54.79 103.89
CA LEU V 236 -37.90 -55.57 104.97
C LEU V 236 -36.56 -56.19 104.56
N SER V 237 -35.83 -56.67 105.55
CA SER V 237 -34.53 -57.29 105.30
C SER V 237 -34.70 -58.61 104.57
N SER V 238 -33.88 -58.83 103.53
CA SER V 238 -33.97 -60.03 102.74
C SER V 238 -32.76 -60.14 101.83
N VAL V 239 -32.43 -61.38 101.46
CA VAL V 239 -31.49 -61.68 100.39
C VAL V 239 -32.08 -62.80 99.57
N ALA V 240 -31.90 -62.72 98.25
CA ALA V 240 -32.47 -63.69 97.33
C ALA V 240 -31.38 -64.22 96.41
N THR V 241 -31.42 -65.52 96.16
CA THR V 241 -30.43 -66.16 95.29
C THR V 241 -30.61 -65.61 93.88
N MET V 242 -29.50 -65.21 93.26
CA MET V 242 -29.58 -64.68 91.90
C MET V 242 -29.06 -65.69 90.89
N SER V 243 -27.85 -66.20 91.07
CA SER V 243 -27.35 -67.19 90.11
C SER V 243 -26.15 -67.93 90.68
N VAL V 244 -25.74 -68.99 89.98
CA VAL V 244 -24.59 -69.80 90.32
C VAL V 244 -23.83 -70.13 89.04
N TYR V 245 -22.66 -70.76 89.22
CA TYR V 245 -21.76 -71.03 88.10
C TYR V 245 -20.88 -72.22 88.42
N ARG V 246 -21.05 -73.30 87.66
CA ARG V 246 -20.18 -74.47 87.68
C ARG V 246 -19.68 -74.71 86.26
N GLN V 247 -18.47 -75.28 86.14
CA GLN V 247 -17.91 -75.53 84.81
C GLN V 247 -18.23 -76.97 84.38
N ALA V 248 -17.63 -77.94 85.07
CA ALA V 248 -18.07 -79.33 84.99
C ALA V 248 -18.34 -79.83 86.40
N GLY V 249 -17.36 -79.62 87.28
CA GLY V 249 -17.46 -79.85 88.70
C GLY V 249 -18.23 -81.08 89.12
N SER V 250 -19.14 -80.89 90.07
CA SER V 250 -20.06 -81.92 90.51
C SER V 250 -21.30 -81.22 91.05
N ASN V 251 -22.29 -82.02 91.44
CA ASN V 251 -23.54 -81.46 91.93
C ASN V 251 -23.35 -80.71 93.25
N PHE V 252 -24.16 -79.68 93.46
CA PHE V 252 -24.24 -78.99 94.74
C PHE V 252 -25.53 -78.17 94.79
N GLY V 253 -26.22 -78.20 95.92
CA GLY V 253 -27.50 -77.54 96.07
C GLY V 253 -27.37 -76.03 96.18
N SER V 254 -28.51 -75.39 96.43
CA SER V 254 -28.57 -73.93 96.51
C SER V 254 -29.60 -73.56 97.57
N VAL V 255 -30.02 -72.29 97.52
CA VAL V 255 -31.01 -71.68 98.40
C VAL V 255 -30.34 -71.22 99.68
N ALA V 256 -30.41 -69.92 99.95
CA ALA V 256 -29.80 -69.31 101.11
C ALA V 256 -30.87 -68.96 102.14
N THR V 257 -30.47 -68.98 103.42
CA THR V 257 -31.36 -68.68 104.51
C THR V 257 -30.68 -67.73 105.48
N TRP V 258 -31.50 -66.94 106.18
CA TRP V 258 -31.06 -65.93 107.13
C TRP V 258 -31.07 -66.44 108.56
N THR V 259 -30.56 -65.62 109.46
CA THR V 259 -30.85 -65.65 110.88
C THR V 259 -31.19 -64.22 111.30
N THR V 260 -32.43 -64.00 111.74
CA THR V 260 -32.88 -62.64 112.00
C THR V 260 -32.16 -62.07 113.22
N GLY V 261 -32.11 -60.74 113.28
CA GLY V 261 -31.40 -60.00 114.32
C GLY V 261 -30.23 -59.19 113.80
N GLY V 262 -29.59 -59.66 112.75
CA GLY V 262 -28.49 -58.92 112.16
C GLY V 262 -28.96 -57.73 111.33
N THR V 263 -28.00 -56.90 110.95
CA THR V 263 -28.27 -55.69 110.18
C THR V 263 -27.37 -55.64 108.96
N VAL V 264 -27.88 -55.00 107.91
CA VAL V 264 -27.16 -54.86 106.65
C VAL V 264 -26.89 -53.38 106.40
N ALA V 265 -25.77 -53.10 105.75
CA ALA V 265 -25.34 -51.71 105.53
C ALA V 265 -26.19 -51.02 104.47
N ASP V 266 -26.15 -51.54 103.25
CA ASP V 266 -26.90 -50.96 102.13
C ASP V 266 -27.28 -52.06 101.16
N SER V 267 -28.31 -51.81 100.36
CA SER V 267 -28.67 -52.72 99.29
C SER V 267 -27.57 -52.78 98.25
N GLY V 268 -27.37 -53.94 97.65
CA GLY V 268 -26.31 -54.08 96.66
C GLY V 268 -26.17 -55.46 96.08
N TYR V 269 -25.01 -55.75 95.49
CA TYR V 269 -24.74 -57.05 94.89
C TYR V 269 -23.54 -57.68 95.59
N LEU V 270 -23.65 -58.98 95.86
CA LEU V 270 -22.58 -59.74 96.50
C LEU V 270 -22.23 -60.93 95.63
N LEU V 271 -20.94 -61.29 95.60
CA LEU V 271 -20.48 -62.40 94.79
C LEU V 271 -19.43 -63.19 95.55
N ILE V 272 -19.65 -64.49 95.68
CA ILE V 272 -18.81 -65.37 96.48
C ILE V 272 -18.18 -66.41 95.56
N GLU V 273 -16.91 -66.73 95.82
CA GLU V 273 -16.07 -67.54 94.96
C GLU V 273 -15.33 -68.56 95.80
N ALA V 274 -15.32 -69.81 95.36
CA ALA V 274 -14.64 -70.87 96.09
C ALA V 274 -13.13 -70.80 95.85
N GLN V 275 -12.39 -71.58 96.63
CA GLN V 275 -10.93 -71.58 96.55
C GLN V 275 -10.28 -72.95 96.36
N GLU V 276 -10.87 -74.02 96.88
CA GLU V 276 -10.30 -75.36 96.70
C GLU V 276 -11.43 -76.34 96.45
N ASN V 277 -11.10 -77.64 96.52
CA ASN V 277 -12.03 -78.71 96.23
C ASN V 277 -12.26 -79.54 97.49
N PHE V 278 -13.44 -80.14 97.60
CA PHE V 278 -13.70 -81.09 98.67
C PHE V 278 -14.89 -81.97 98.30
N THR V 279 -14.75 -83.28 98.55
CA THR V 279 -15.79 -84.26 98.24
C THR V 279 -15.93 -85.30 99.34
N VAL V 280 -15.34 -85.06 100.51
CA VAL V 280 -15.30 -86.07 101.56
C VAL V 280 -16.37 -85.71 102.58
N SER V 281 -17.37 -84.96 102.13
CA SER V 281 -18.44 -84.49 103.02
C SER V 281 -19.37 -85.64 103.35
N ALA V 282 -19.10 -86.31 104.46
CA ALA V 282 -20.00 -87.33 105.00
C ALA V 282 -20.44 -87.03 106.42
N GLY V 283 -20.18 -85.82 106.92
CA GLY V 283 -20.47 -85.42 108.28
C GLY V 283 -19.20 -85.21 109.06
N THR V 284 -18.73 -83.95 109.11
CA THR V 284 -17.49 -83.59 109.77
C THR V 284 -17.34 -82.08 109.81
N THR V 285 -16.93 -81.52 110.95
CA THR V 285 -16.61 -80.11 111.00
C THR V 285 -15.31 -79.84 110.24
N ALA V 286 -15.27 -78.69 109.57
CA ALA V 286 -14.13 -78.37 108.73
C ALA V 286 -14.08 -76.86 108.51
N ASN V 287 -13.14 -76.44 107.67
CA ASN V 287 -12.97 -75.03 107.36
C ASN V 287 -12.35 -74.91 105.97
N TYR V 288 -12.84 -73.93 105.21
CA TYR V 288 -12.36 -73.66 103.86
C TYR V 288 -12.42 -72.17 103.60
N THR V 289 -11.65 -71.73 102.61
CA THR V 289 -11.49 -70.32 102.31
C THR V 289 -12.40 -69.89 101.16
N PHE V 290 -12.79 -68.62 101.16
CA PHE V 290 -13.74 -68.09 100.20
C PHE V 290 -13.38 -66.64 99.90
N LYS V 291 -13.64 -66.23 98.66
CA LYS V 291 -13.41 -64.86 98.20
C LYS V 291 -14.73 -64.15 98.03
N ALA V 292 -14.85 -62.94 98.57
CA ALA V 292 -16.10 -62.20 98.53
C ALA V 292 -15.85 -60.84 97.89
N THR V 293 -16.74 -60.43 96.98
CA THR V 293 -16.72 -59.08 96.43
C THR V 293 -18.10 -58.46 96.56
N PHE V 294 -18.12 -57.17 96.87
CA PHE V 294 -19.35 -56.43 97.13
C PHE V 294 -19.37 -55.19 96.24
N VAL V 295 -20.48 -54.97 95.55
CA VAL V 295 -20.67 -53.83 94.68
C VAL V 295 -21.91 -53.06 95.13
N ASP V 296 -21.77 -51.75 95.32
CA ASP V 296 -22.89 -50.90 95.70
C ASP V 296 -23.70 -50.54 94.46
N ALA V 297 -25.03 -50.60 94.59
CA ALA V 297 -25.92 -50.26 93.49
C ALA V 297 -26.09 -48.75 93.31
N LYS V 298 -25.69 -47.96 94.31
CA LYS V 298 -25.86 -46.51 94.26
C LYS V 298 -24.59 -45.76 93.88
N THR V 299 -23.42 -46.21 94.36
CA THR V 299 -22.17 -45.52 94.10
C THR V 299 -21.27 -46.21 93.09
N GLY V 300 -21.32 -47.54 93.01
CA GLY V 300 -20.41 -48.28 92.16
C GLY V 300 -19.12 -48.69 92.82
N GLU V 301 -18.91 -48.34 94.09
CA GLU V 301 -17.71 -48.78 94.80
C GLU V 301 -17.73 -50.29 94.98
N LYS V 302 -16.56 -50.91 94.84
CA LYS V 302 -16.41 -52.35 94.93
C LYS V 302 -15.33 -52.68 95.96
N SER V 303 -15.63 -53.63 96.83
CA SER V 303 -14.71 -54.06 97.87
C SER V 303 -14.51 -55.57 97.79
N THR V 304 -13.30 -56.01 98.16
CA THR V 304 -12.92 -57.43 98.06
C THR V 304 -12.34 -57.88 99.39
N TYR V 305 -12.84 -59.01 99.90
CA TYR V 305 -12.42 -59.55 101.18
C TYR V 305 -12.25 -61.06 101.10
N GLU V 306 -11.61 -61.61 102.13
CA GLU V 306 -11.43 -63.04 102.32
C GLU V 306 -12.28 -63.48 103.49
N ILE V 307 -12.81 -64.71 103.43
CA ILE V 307 -13.68 -65.20 104.49
C ILE V 307 -13.51 -66.71 104.60
N GLU V 308 -14.07 -67.30 105.66
CA GLU V 308 -13.98 -68.72 105.91
C GLU V 308 -15.38 -69.30 106.08
N GLY V 309 -15.50 -70.60 105.79
CA GLY V 309 -16.77 -71.29 105.94
C GLY V 309 -16.54 -72.74 106.30
N GLY V 310 -17.63 -73.42 106.66
CA GLY V 310 -17.53 -74.81 107.04
C GLY V 310 -18.87 -75.52 107.05
N ASP V 311 -18.81 -76.82 106.79
CA ASP V 311 -19.96 -77.71 106.90
C ASP V 311 -20.25 -77.99 108.37
N ASP V 312 -21.50 -78.38 108.65
CA ASP V 312 -21.91 -78.73 110.01
C ASP V 312 -22.17 -80.22 110.17
N GLY V 313 -23.14 -80.77 109.43
CA GLY V 313 -23.25 -82.21 109.36
C GLY V 313 -23.40 -82.72 107.94
N ALA V 314 -23.93 -81.88 107.06
CA ALA V 314 -24.02 -82.15 105.64
C ALA V 314 -24.55 -80.92 104.92
N GLY V 315 -23.88 -80.56 103.83
CA GLY V 315 -24.41 -79.61 102.86
C GLY V 315 -25.06 -78.34 103.39
N ASN V 316 -24.62 -77.86 104.54
CA ASN V 316 -25.10 -76.60 105.09
C ASN V 316 -23.89 -75.71 105.33
N LEU V 317 -23.65 -74.79 104.39
CA LEU V 317 -22.47 -73.94 104.43
C LEU V 317 -22.87 -72.62 105.08
N VAL V 318 -22.44 -72.42 106.32
CA VAL V 318 -22.79 -71.24 107.09
C VAL V 318 -21.65 -70.25 107.00
N PHE V 319 -21.95 -69.05 106.51
CA PHE V 319 -20.95 -68.00 106.36
C PHE V 319 -21.10 -66.97 107.46
N ASP V 320 -19.98 -66.63 108.08
CA ASP V 320 -19.91 -65.56 109.08
C ASP V 320 -19.49 -64.30 108.35
N LEU V 321 -20.32 -63.26 108.43
CA LEU V 321 -20.08 -62.03 107.70
C LEU V 321 -19.63 -60.88 108.58
N ALA V 322 -19.16 -61.17 109.80
CA ALA V 322 -18.64 -60.11 110.66
C ALA V 322 -17.34 -59.53 110.13
N ASP V 323 -16.65 -60.26 109.26
CA ASP V 323 -15.42 -59.77 108.66
C ASP V 323 -15.65 -58.84 107.48
N MET V 324 -16.91 -58.53 107.15
CA MET V 324 -17.23 -57.61 106.08
C MET V 324 -16.91 -56.19 106.55
N THR V 325 -15.63 -55.85 106.60
CA THR V 325 -15.21 -54.57 107.14
C THR V 325 -15.55 -53.43 106.18
N GLY V 326 -15.41 -52.20 106.68
CA GLY V 326 -15.74 -51.03 105.90
C GLY V 326 -17.23 -50.80 105.81
N ALA V 327 -17.94 -51.73 105.17
CA ALA V 327 -19.40 -51.61 105.07
C ALA V 327 -20.07 -51.98 106.38
N GLY V 328 -19.72 -53.14 106.94
CA GLY V 328 -20.29 -53.57 108.20
C GLY V 328 -21.56 -54.37 108.01
N PHE V 329 -21.59 -55.60 108.51
CA PHE V 329 -22.77 -56.43 108.45
C PHE V 329 -22.87 -57.23 109.74
N SER V 330 -24.09 -57.65 110.08
CA SER V 330 -24.30 -58.50 111.24
C SER V 330 -25.28 -59.59 110.86
N GLY V 331 -25.22 -60.70 111.60
CA GLY V 331 -26.03 -61.85 111.29
C GLY V 331 -25.24 -62.92 110.54
N GLU V 332 -25.96 -63.95 110.13
CA GLU V 332 -25.39 -65.09 109.43
C GLU V 332 -26.15 -65.36 108.13
N VAL V 333 -25.68 -66.34 107.39
CA VAL V 333 -26.34 -66.83 106.18
C VAL V 333 -25.93 -68.27 105.99
N SER V 334 -26.83 -69.07 105.43
CA SER V 334 -26.59 -70.49 105.24
C SER V 334 -27.02 -70.92 103.85
N ILE V 335 -26.11 -71.57 103.12
CA ILE V 335 -26.41 -72.17 101.83
C ILE V 335 -26.76 -73.63 102.05
N ALA V 336 -27.95 -74.04 101.59
CA ALA V 336 -28.46 -75.39 101.82
C ALA V 336 -28.07 -76.28 100.64
N ILE V 337 -26.92 -76.94 100.77
CA ILE V 337 -26.39 -77.74 99.67
C ILE V 337 -26.87 -79.19 99.76
N GLY V 338 -27.01 -79.71 100.97
CA GLY V 338 -27.44 -81.07 101.17
C GLY V 338 -26.28 -82.05 101.15
N THR V 339 -26.58 -83.29 101.56
CA THR V 339 -25.57 -84.33 101.64
C THR V 339 -24.98 -84.61 100.25
N ASP V 340 -23.74 -85.12 100.24
CA ASP V 340 -22.96 -85.35 99.02
C ASP V 340 -22.73 -84.04 98.26
N ALA V 341 -21.99 -83.15 98.91
CA ALA V 341 -21.63 -81.85 98.34
C ALA V 341 -20.18 -81.92 97.86
N ASN V 342 -20.00 -82.17 96.56
CA ASN V 342 -18.68 -82.18 95.94
C ASN V 342 -18.46 -80.83 95.26
N MET V 343 -17.48 -80.08 95.76
CA MET V 343 -17.29 -78.70 95.35
C MET V 343 -15.89 -78.51 94.78
N GLN V 344 -15.80 -77.97 93.57
CA GLN V 344 -14.53 -77.64 92.96
C GLN V 344 -14.17 -76.18 93.25
N SER V 345 -13.02 -75.74 92.76
CA SER V 345 -12.57 -74.36 92.90
C SER V 345 -12.82 -73.62 91.60
N GLY V 346 -13.66 -72.59 91.65
CA GLY V 346 -14.00 -71.85 90.45
C GLY V 346 -15.49 -71.57 90.36
N ASP V 347 -16.28 -72.37 91.05
CA ASP V 347 -17.73 -72.16 91.05
C ASP V 347 -18.06 -70.85 91.76
N LYS V 348 -19.05 -70.14 91.23
CA LYS V 348 -19.40 -68.80 91.70
C LYS V 348 -20.85 -68.76 92.13
N ILE V 349 -21.16 -67.90 93.10
CA ILE V 349 -22.55 -67.63 93.48
C ILE V 349 -22.76 -66.12 93.56
N LEU V 350 -23.85 -65.65 92.96
CA LEU V 350 -24.15 -64.23 92.91
C LEU V 350 -25.51 -63.97 93.56
N LEU V 351 -25.53 -62.97 94.44
CA LEU V 351 -26.67 -62.62 95.28
C LEU V 351 -26.94 -61.12 95.20
N SER V 352 -28.18 -60.74 95.50
CA SER V 352 -28.56 -59.35 95.65
C SER V 352 -29.15 -59.14 97.04
N THR V 353 -28.77 -58.04 97.70
CA THR V 353 -29.12 -57.80 99.09
C THR V 353 -29.93 -56.51 99.23
N THR V 354 -30.84 -56.53 100.20
CA THR V 354 -31.88 -55.52 100.38
C THR V 354 -31.67 -54.75 101.66
N GLU V 355 -31.92 -53.43 101.62
CA GLU V 355 -31.86 -52.55 102.77
C GLU V 355 -33.27 -52.17 103.21
N ALA V 356 -33.47 -52.11 104.52
CA ALA V 356 -34.76 -51.73 105.08
C ALA V 356 -34.84 -50.22 105.28
N VAL V 357 -35.94 -49.63 104.83
CA VAL V 357 -36.17 -48.18 104.91
C VAL V 357 -37.57 -47.95 105.46
N ASP V 358 -37.74 -46.81 106.14
CA ASP V 358 -39.05 -46.48 106.70
C ASP V 358 -40.11 -46.32 105.61
N THR V 359 -39.77 -45.61 104.53
CA THR V 359 -40.62 -45.47 103.35
C THR V 359 -42.01 -44.93 103.65
N SER V 360 -42.14 -44.09 104.68
CA SER V 360 -43.44 -43.50 105.01
C SER V 360 -43.20 -42.14 105.63
N ALA V 361 -43.47 -41.08 104.87
CA ALA V 361 -43.32 -39.71 105.30
C ALA V 361 -44.44 -38.86 104.73
N THR V 362 -44.31 -37.54 104.91
CA THR V 362 -45.29 -36.62 104.31
C THR V 362 -45.27 -36.68 102.80
N SER V 363 -44.06 -36.60 102.21
CA SER V 363 -43.84 -36.69 100.77
C SER V 363 -42.33 -36.67 100.56
N GLY V 364 -41.93 -36.80 99.29
CA GLY V 364 -40.53 -36.62 98.95
C GLY V 364 -39.90 -37.59 97.99
N GLY V 365 -40.33 -38.85 97.98
CA GLY V 365 -39.72 -39.82 97.09
C GLY V 365 -40.31 -41.20 97.28
N GLY V 366 -39.66 -42.18 96.67
CA GLY V 366 -40.12 -43.56 96.72
C GLY V 366 -39.00 -44.56 96.46
N THR V 367 -39.38 -45.70 95.88
CA THR V 367 -38.48 -46.82 95.69
C THR V 367 -38.45 -47.24 94.22
N ILE V 368 -37.31 -47.82 93.83
CA ILE V 368 -37.03 -48.25 92.47
C ILE V 368 -36.67 -49.73 92.49
N ALA V 369 -37.33 -50.50 91.62
CA ALA V 369 -37.05 -51.93 91.48
C ALA V 369 -36.86 -52.27 90.01
N ILE V 370 -35.70 -52.85 89.70
CA ILE V 370 -35.36 -53.31 88.36
C ILE V 370 -35.48 -54.82 88.32
N SER V 371 -36.14 -55.34 87.28
CA SER V 371 -36.35 -56.77 87.14
C SER V 371 -36.38 -57.14 85.66
N GLY V 372 -36.23 -58.44 85.40
CA GLY V 372 -36.26 -58.94 84.04
C GLY V 372 -34.96 -59.58 83.61
N GLY V 373 -34.55 -59.33 82.37
CA GLY V 373 -33.30 -59.83 81.87
C GLY V 373 -33.45 -61.10 81.07
N PRO V 374 -32.45 -61.42 80.25
CA PRO V 374 -32.50 -62.68 79.47
C PRO V 374 -32.58 -63.92 80.35
N ALA V 375 -32.00 -63.87 81.55
CA ALA V 375 -32.04 -64.99 82.48
C ALA V 375 -33.24 -64.94 83.42
N GLY V 376 -34.11 -63.94 83.27
CA GLY V 376 -35.27 -63.80 84.13
C GLY V 376 -34.91 -63.49 85.56
N THR V 377 -33.96 -62.58 85.76
CA THR V 377 -33.51 -62.24 87.10
C THR V 377 -34.52 -61.34 87.81
N THR V 378 -34.56 -61.47 89.14
CA THR V 378 -35.39 -60.64 90.00
C THR V 378 -34.46 -59.73 90.80
N GLY V 379 -34.32 -58.49 90.35
CA GLY V 379 -33.33 -57.57 90.90
C GLY V 379 -33.71 -57.04 92.26
N ALA V 380 -32.83 -56.19 92.78
CA ALA V 380 -32.94 -55.66 94.13
C ALA V 380 -33.82 -54.41 94.16
N ILE V 381 -34.02 -53.89 95.36
CA ILE V 381 -34.88 -52.74 95.62
C ILE V 381 -34.03 -51.63 96.23
N ILE V 382 -34.30 -50.38 95.83
CA ILE V 382 -33.64 -49.23 96.43
C ILE V 382 -34.70 -48.21 96.80
N SER V 383 -34.39 -47.37 97.79
CA SER V 383 -35.32 -46.36 98.26
C SER V 383 -34.58 -45.03 98.42
N TYR V 384 -35.29 -43.94 98.15
CA TYR V 384 -34.72 -42.59 98.22
C TYR V 384 -35.45 -41.75 99.26
N GLY V 385 -34.97 -40.53 99.44
CA GLY V 385 -35.41 -39.66 100.51
C GLY V 385 -36.37 -38.57 100.07
N ASN V 386 -36.25 -37.42 100.73
CA ASN V 386 -37.18 -36.32 100.56
C ASN V 386 -36.65 -35.30 99.55
N ASN V 387 -37.53 -34.87 98.64
CA ASN V 387 -37.21 -33.88 97.61
C ASN V 387 -35.94 -34.28 96.85
N GLU V 388 -35.83 -35.58 96.54
CA GLU V 388 -34.69 -36.10 95.79
C GLU V 388 -35.06 -36.56 94.40
N LEU V 389 -36.34 -36.50 94.02
CA LEU V 389 -36.81 -37.00 92.74
C LEU V 389 -37.41 -35.91 91.87
N THR V 390 -38.27 -35.07 92.44
CA THR V 390 -38.93 -33.99 91.70
C THR V 390 -38.66 -32.67 92.39
N LYS V 391 -38.36 -31.64 91.61
CA LYS V 391 -38.04 -30.33 92.15
C LYS V 391 -39.30 -29.48 92.27
N VAL V 392 -39.13 -28.19 92.55
CA VAL V 392 -40.23 -27.27 92.82
C VAL V 392 -40.30 -26.24 91.70
N ASP V 393 -41.52 -25.85 91.36
CA ASP V 393 -41.72 -24.88 90.29
C ASP V 393 -41.21 -23.49 90.69
N ASN V 394 -40.81 -22.72 89.69
CA ASN V 394 -40.22 -21.39 89.87
C ASN V 394 -40.86 -20.41 88.90
N GLY V 395 -42.19 -20.44 88.82
CA GLY V 395 -42.93 -19.61 87.88
C GLY V 395 -43.34 -20.33 86.62
N ASP V 396 -42.38 -20.68 85.76
CA ASP V 396 -42.70 -21.43 84.55
C ASP V 396 -41.84 -22.69 84.42
N THR V 397 -40.56 -22.57 84.78
CA THR V 397 -39.57 -23.64 84.79
C THR V 397 -39.17 -24.08 83.39
N THR V 398 -39.88 -23.59 82.38
CA THR V 398 -39.71 -23.98 80.98
C THR V 398 -39.41 -25.47 80.85
N ILE V 399 -40.19 -26.28 81.59
CA ILE V 399 -40.07 -27.73 81.65
C ILE V 399 -38.77 -28.12 82.33
N ASP V 400 -38.83 -29.07 83.27
CA ASP V 400 -37.69 -29.50 84.06
C ASP V 400 -37.49 -31.00 83.90
N TYR V 401 -36.33 -31.46 84.36
CA TYR V 401 -36.01 -32.88 84.43
C TYR V 401 -34.94 -33.10 85.50
N ASN V 402 -35.21 -34.03 86.40
CA ASN V 402 -34.24 -34.41 87.42
C ASN V 402 -33.51 -35.68 86.98
N SER V 403 -32.39 -35.97 87.64
CA SER V 403 -31.54 -37.09 87.24
C SER V 403 -31.30 -38.02 88.41
N VAL V 404 -31.33 -39.32 88.13
CA VAL V 404 -30.90 -40.33 89.10
C VAL V 404 -30.06 -41.38 88.36
N THR V 405 -28.97 -41.80 89.00
CA THR V 405 -28.04 -42.77 88.43
C THR V 405 -28.33 -44.16 89.00
N VAL V 406 -28.29 -45.16 88.14
CA VAL V 406 -28.59 -46.54 88.52
C VAL V 406 -27.50 -47.46 87.97
N TYR V 407 -26.97 -48.34 88.82
CA TYR V 407 -26.02 -49.35 88.41
C TYR V 407 -26.61 -50.73 88.62
N HIS V 408 -26.32 -51.63 87.68
CA HIS V 408 -26.86 -52.99 87.68
C HIS V 408 -25.76 -53.96 87.31
N ALA V 409 -25.91 -55.21 87.77
CA ALA V 409 -24.90 -56.24 87.56
C ALA V 409 -25.54 -57.49 86.97
N ALA V 410 -24.73 -58.27 86.27
CA ALA V 410 -25.17 -59.49 85.62
C ALA V 410 -24.00 -60.46 85.52
N LEU V 411 -24.32 -61.74 85.34
CA LEU V 411 -23.32 -62.80 85.28
C LEU V 411 -23.57 -63.68 84.07
N ASN V 412 -22.49 -64.20 83.51
CA ASN V 412 -22.55 -65.06 82.33
C ASN V 412 -22.38 -66.52 82.75
N VAL V 413 -23.15 -67.40 82.09
CA VAL V 413 -23.32 -68.77 82.55
C VAL V 413 -22.25 -69.70 81.99
N GLU V 414 -21.21 -69.17 81.37
CA GLU V 414 -20.21 -70.05 80.81
C GLU V 414 -18.77 -69.63 81.14
N THR V 415 -18.54 -68.37 81.48
CA THR V 415 -17.19 -67.89 81.74
C THR V 415 -16.99 -67.31 83.13
N GLY V 416 -18.06 -66.94 83.84
CA GLY V 416 -17.93 -66.44 85.18
C GLY V 416 -17.45 -65.02 85.31
N ASN V 417 -17.50 -64.24 84.23
CA ASN V 417 -17.22 -62.81 84.31
C ASN V 417 -18.45 -62.09 84.85
N LEU V 418 -18.21 -60.99 85.56
CA LEU V 418 -19.28 -60.15 86.08
C LEU V 418 -19.34 -58.87 85.26
N ASP V 419 -20.54 -58.51 84.80
CA ASP V 419 -20.74 -57.33 83.97
C ASP V 419 -21.53 -56.30 84.77
N VAL V 420 -21.06 -55.05 84.74
CA VAL V 420 -21.67 -53.97 85.51
C VAL V 420 -21.96 -52.81 84.56
N GLY V 421 -23.19 -52.29 84.62
CA GLY V 421 -23.60 -51.20 83.75
C GLY V 421 -24.38 -50.15 84.51
N ASN V 422 -24.70 -49.07 83.80
CA ASN V 422 -25.38 -47.96 84.44
C ASN V 422 -26.33 -47.28 83.46
N LEU V 423 -27.27 -46.54 84.04
CA LEU V 423 -28.28 -45.77 83.32
C LEU V 423 -28.58 -44.53 84.13
N THR V 424 -29.22 -43.55 83.48
CA THR V 424 -29.68 -42.35 84.16
C THR V 424 -31.15 -42.12 83.83
N PHE V 425 -32.00 -42.18 84.85
CA PHE V 425 -33.40 -41.85 84.68
C PHE V 425 -33.59 -40.34 84.81
N ASN V 426 -34.42 -39.79 83.91
CA ASN V 426 -34.80 -38.37 83.94
C ASN V 426 -36.25 -38.29 84.41
N PHE V 427 -36.43 -37.71 85.58
CA PHE V 427 -37.74 -37.57 86.21
C PHE V 427 -38.41 -36.26 85.78
N ARG V 428 -39.74 -36.31 85.77
CA ARG V 428 -40.62 -35.28 85.20
C ARG V 428 -40.39 -33.94 85.89
N GLU V 429 -40.96 -32.89 85.28
CA GLU V 429 -40.62 -31.50 85.55
C GLU V 429 -40.76 -31.14 87.02
N ASP V 430 -42.00 -31.09 87.52
CA ASP V 430 -42.24 -30.59 88.87
C ASP V 430 -43.65 -30.87 89.37
N THR V 431 -43.75 -31.44 90.57
CA THR V 431 -44.99 -31.59 91.31
C THR V 431 -44.81 -30.94 92.68
N GLY V 432 -45.82 -31.08 93.54
CA GLY V 432 -45.69 -30.52 94.87
C GLY V 432 -46.98 -30.12 95.56
N THR V 433 -47.05 -30.37 96.86
CA THR V 433 -48.18 -29.95 97.69
C THR V 433 -47.97 -28.47 98.02
N ASP V 434 -48.75 -27.93 98.95
CA ASP V 434 -48.68 -26.51 99.26
C ASP V 434 -47.42 -26.17 100.04
N THR V 435 -46.30 -26.04 99.32
CA THR V 435 -45.06 -25.49 99.85
C THR V 435 -44.58 -26.26 101.09
N ALA V 436 -44.76 -27.59 101.08
CA ALA V 436 -44.21 -28.39 102.17
C ALA V 436 -42.95 -29.15 101.77
N TYR V 437 -43.07 -30.14 100.87
CA TYR V 437 -41.90 -30.90 100.42
C TYR V 437 -41.88 -31.26 98.95
N GLY V 438 -43.03 -31.34 98.26
CA GLY V 438 -43.10 -31.83 96.90
C GLY V 438 -44.09 -32.98 96.80
N SER V 439 -43.92 -33.79 95.76
CA SER V 439 -44.79 -34.93 95.51
C SER V 439 -44.07 -35.91 94.59
N THR V 440 -44.63 -37.11 94.49
CA THR V 440 -44.03 -38.18 93.69
C THR V 440 -45.13 -39.13 93.26
N THR V 441 -44.89 -39.86 92.17
CA THR V 441 -45.86 -40.80 91.62
C THR V 441 -45.16 -42.08 91.20
N GLY V 442 -45.85 -43.22 91.36
CA GLY V 442 -45.32 -44.50 90.97
C GLY V 442 -45.97 -45.05 89.70
N GLY V 443 -45.61 -46.28 89.37
CA GLY V 443 -46.10 -46.97 88.20
C GLY V 443 -45.06 -47.93 87.66
N SER V 444 -45.28 -48.38 86.43
CA SER V 444 -44.39 -49.30 85.75
C SER V 444 -44.50 -49.11 84.25
N PHE V 445 -43.36 -49.24 83.57
CA PHE V 445 -43.35 -49.26 82.11
C PHE V 445 -42.22 -50.18 81.65
N ASP V 446 -42.25 -50.53 80.37
CA ASP V 446 -41.31 -51.48 79.81
C ASP V 446 -40.15 -50.76 79.14
N LEU V 447 -38.96 -51.37 79.22
CA LEU V 447 -37.73 -50.76 78.71
C LEU V 447 -37.08 -51.68 77.69
N LEU V 448 -36.63 -51.09 76.58
CA LEU V 448 -35.88 -51.78 75.54
C LEU V 448 -34.50 -51.15 75.42
N VAL V 449 -33.52 -51.95 74.99
CA VAL V 449 -32.12 -51.54 74.99
C VAL V 449 -31.54 -51.79 73.61
N ALA V 450 -30.47 -51.07 73.27
CA ALA V 450 -29.68 -51.36 72.09
C ALA V 450 -28.23 -51.00 72.38
N GLY V 451 -27.35 -51.98 72.24
CA GLY V 451 -25.95 -51.78 72.55
C GLY V 451 -25.70 -51.79 74.05
N GLY V 452 -24.43 -51.61 74.41
CA GLY V 452 -24.06 -51.64 75.81
C GLY V 452 -23.49 -50.34 76.36
N GLY V 453 -22.79 -49.57 75.53
CA GLY V 453 -22.13 -48.37 75.99
C GLY V 453 -20.81 -48.13 75.28
N GLU V 454 -19.76 -47.75 76.02
CA GLU V 454 -18.42 -47.65 75.46
C GLU V 454 -17.54 -48.63 76.22
N ALA V 455 -17.70 -49.91 75.87
CA ALA V 455 -16.93 -51.07 76.33
C ALA V 455 -17.58 -52.26 75.66
N ALA V 456 -17.00 -53.44 75.87
CA ALA V 456 -17.54 -54.67 75.32
C ALA V 456 -18.04 -55.58 76.44
N THR V 457 -19.23 -56.13 76.25
CA THR V 457 -19.80 -57.08 77.19
C THR V 457 -19.44 -58.51 76.80
N SER V 458 -19.81 -59.45 77.66
CA SER V 458 -19.52 -60.85 77.37
C SER V 458 -20.46 -61.40 76.29
N THR V 459 -21.64 -60.79 76.12
CA THR V 459 -22.62 -61.23 75.15
C THR V 459 -22.69 -60.30 73.95
N THR V 460 -21.66 -59.49 73.72
CA THR V 460 -21.65 -58.58 72.59
C THR V 460 -21.39 -59.34 71.30
N LYS V 461 -22.12 -58.96 70.26
CA LYS V 461 -21.90 -59.56 68.94
C LYS V 461 -20.53 -59.15 68.39
N LEU V 462 -19.96 -60.04 67.59
CA LEU V 462 -18.65 -59.80 67.00
C LEU V 462 -18.70 -58.91 65.77
N LYS V 463 -19.89 -58.64 65.23
CA LYS V 463 -20.03 -57.88 64.00
C LYS V 463 -20.21 -56.39 64.23
N ASP V 464 -20.19 -55.92 65.47
CA ASP V 464 -20.42 -54.52 65.78
C ASP V 464 -19.30 -53.86 66.57
N ILE V 465 -18.17 -54.53 66.75
CA ILE V 465 -17.03 -53.90 67.40
C ILE V 465 -16.33 -52.97 66.42
N SER V 466 -15.85 -51.84 66.92
CA SER V 466 -15.26 -50.83 66.04
C SER V 466 -13.99 -51.31 65.35
N ARG V 467 -13.28 -52.27 65.95
CA ARG V 467 -12.03 -52.73 65.36
C ARG V 467 -12.22 -53.77 64.25
N PHE V 468 -13.45 -54.20 63.99
CA PHE V 468 -13.73 -55.19 62.97
C PHE V 468 -14.27 -54.58 61.68
N THR V 469 -14.05 -53.28 61.47
CA THR V 469 -14.42 -52.62 60.22
C THR V 469 -13.24 -51.78 59.75
N THR V 470 -13.02 -51.78 58.43
CA THR V 470 -11.89 -51.08 57.85
C THR V 470 -12.22 -49.60 57.65
N ASP V 471 -11.24 -48.87 57.10
CA ASP V 471 -11.42 -47.43 56.89
C ASP V 471 -12.41 -47.12 55.78
N ASP V 472 -12.55 -48.00 54.79
CA ASP V 472 -13.50 -47.80 53.70
C ASP V 472 -14.94 -48.08 54.12
N GLY V 473 -15.16 -48.47 55.38
CA GLY V 473 -16.49 -48.69 55.88
C GLY V 473 -17.07 -50.06 55.62
N VAL V 474 -16.26 -51.02 55.19
CA VAL V 474 -16.71 -52.37 54.92
C VAL V 474 -16.16 -53.29 55.99
N ASN V 475 -17.05 -53.92 56.75
CA ASN V 475 -16.62 -54.88 57.76
C ASN V 475 -16.14 -56.17 57.11
N ILE V 476 -15.22 -56.84 57.80
CA ILE V 476 -14.57 -58.02 57.23
C ILE V 476 -15.56 -59.17 57.08
N PHE V 477 -16.48 -59.31 58.04
CA PHE V 477 -17.36 -60.47 58.12
C PHE V 477 -18.51 -60.44 57.13
N ALA V 478 -18.61 -59.40 56.28
CA ALA V 478 -19.74 -59.30 55.37
C ALA V 478 -19.76 -60.45 54.37
N ALA V 479 -18.61 -60.80 53.80
CA ALA V 479 -18.58 -61.82 52.76
C ALA V 479 -18.87 -63.20 53.30
N GLY V 480 -18.22 -63.58 54.40
CA GLY V 480 -18.36 -64.91 54.94
C GLY V 480 -17.38 -65.19 56.07
N PRO V 481 -17.22 -66.47 56.40
CA PRO V 481 -16.35 -66.83 57.53
C PRO V 481 -14.90 -66.51 57.23
N GLN V 482 -14.14 -66.27 58.30
CA GLN V 482 -12.71 -66.01 58.20
C GLN V 482 -11.92 -67.11 58.89
N GLU V 483 -10.64 -67.23 58.51
CA GLU V 483 -9.77 -68.30 58.96
C GLU V 483 -8.74 -67.77 59.95
N LEU V 484 -8.39 -68.59 60.93
CA LEU V 484 -7.31 -68.27 61.86
C LEU V 484 -6.54 -69.53 62.18
N THR V 485 -5.24 -69.50 61.89
CA THR V 485 -4.36 -70.66 62.07
C THR V 485 -3.42 -70.39 63.24
N ILE V 486 -3.27 -71.39 64.11
CA ILE V 486 -2.38 -71.32 65.25
C ILE V 486 -1.27 -72.35 65.05
N PHE V 487 -0.03 -71.89 65.15
CA PHE V 487 1.15 -72.73 65.04
C PHE V 487 1.87 -72.77 66.38
N GLY V 488 2.25 -73.96 66.81
CA GLY V 488 2.97 -74.11 68.07
C GLY V 488 3.33 -75.54 68.40
N ASN V 489 4.42 -75.71 69.16
CA ASN V 489 4.88 -77.03 69.62
C ASN V 489 5.00 -78.01 68.47
N GLY V 490 5.45 -77.51 67.32
CA GLY V 490 5.59 -78.35 66.15
C GLY V 490 4.29 -78.90 65.62
N SER V 491 3.22 -78.11 65.64
CA SER V 491 1.93 -78.53 65.11
C SER V 491 1.12 -77.30 64.74
N SER V 492 -0.02 -77.52 64.10
CA SER V 492 -0.87 -76.44 63.63
C SER V 492 -2.34 -76.80 63.82
N ALA V 493 -3.17 -75.77 63.88
CA ALA V 493 -4.61 -75.93 64.00
C ALA V 493 -5.30 -74.76 63.35
N THR V 494 -6.58 -74.95 62.99
CA THR V 494 -7.33 -73.94 62.27
C THR V 494 -8.71 -73.76 62.91
N ILE V 495 -9.16 -72.51 62.99
CA ILE V 495 -10.49 -72.17 63.48
C ILE V 495 -11.14 -71.21 62.49
N TYR V 496 -12.47 -71.25 62.46
CA TYR V 496 -13.27 -70.40 61.59
C TYR V 496 -14.13 -69.46 62.42
N LEU V 497 -14.24 -68.22 61.97
CA LEU V 497 -15.01 -67.20 62.65
C LEU V 497 -16.15 -66.74 61.76
N GLU V 498 -17.34 -66.62 62.34
CA GLU V 498 -18.52 -66.11 61.66
C GLU V 498 -18.95 -64.81 62.32
N GLY V 499 -19.91 -64.14 61.70
CA GLY V 499 -20.40 -62.87 62.19
C GLY V 499 -21.44 -62.94 63.28
N ASP V 500 -21.92 -64.15 63.62
CA ASP V 500 -22.94 -64.31 64.65
C ASP V 500 -22.37 -64.66 66.00
N ASP V 501 -21.07 -64.91 66.11
CA ASP V 501 -20.49 -65.31 67.38
C ASP V 501 -20.40 -64.14 68.35
N THR V 502 -20.28 -64.47 69.62
CA THR V 502 -20.01 -63.50 70.67
C THR V 502 -18.57 -63.67 71.18
N VAL V 503 -18.20 -62.81 72.14
CA VAL V 503 -16.85 -62.85 72.68
C VAL V 503 -16.62 -64.14 73.46
N SER V 504 -17.61 -64.54 74.26
CA SER V 504 -17.45 -65.73 75.10
C SER V 504 -17.23 -66.98 74.26
N GLU V 505 -17.99 -67.14 73.18
CA GLU V 505 -17.82 -68.33 72.35
C GLU V 505 -16.49 -68.29 71.61
N PHE V 506 -16.00 -67.09 71.28
CA PHE V 506 -14.66 -66.96 70.72
C PHE V 506 -13.61 -67.44 71.70
N GLU V 507 -13.75 -67.04 72.98
CA GLU V 507 -12.83 -67.53 74.00
C GLU V 507 -12.89 -69.03 74.14
N THR V 508 -14.10 -69.60 74.14
CA THR V 508 -14.24 -71.05 74.25
C THR V 508 -13.60 -71.77 73.06
N LYS V 509 -13.81 -71.27 71.86
CA LYS V 509 -13.22 -71.89 70.67
C LYS V 509 -11.70 -71.80 70.70
N LEU V 510 -11.17 -70.66 71.12
CA LEU V 510 -9.71 -70.54 71.24
C LEU V 510 -9.17 -71.50 72.28
N SER V 511 -9.86 -71.65 73.40
CA SER V 511 -9.41 -72.59 74.43
C SER V 511 -9.40 -74.01 73.90
N SER V 512 -10.46 -74.40 73.18
CA SER V 512 -10.50 -75.74 72.60
C SER V 512 -9.37 -75.94 71.59
N ALA V 513 -9.12 -74.95 70.75
CA ALA V 513 -8.06 -75.07 69.75
C ALA V 513 -6.70 -75.22 70.40
N ILE V 514 -6.43 -74.43 71.44
CA ILE V 514 -5.15 -74.54 72.14
C ILE V 514 -5.04 -75.89 72.85
N LEU V 515 -6.14 -76.36 73.43
CA LEU V 515 -6.13 -77.67 74.08
C LEU V 515 -5.88 -78.80 73.09
N GLU V 516 -6.34 -78.67 71.86
CA GLU V 516 -6.15 -79.75 70.89
C GLU V 516 -4.68 -79.94 70.55
N LEU V 517 -3.89 -78.87 70.61
CA LEU V 517 -2.49 -78.94 70.23
C LEU V 517 -1.63 -79.68 71.26
N GLY V 518 -2.23 -80.25 72.29
CA GLY V 518 -1.48 -80.95 73.31
C GLY V 518 -0.71 -80.06 74.25
N MET V 519 -1.11 -78.79 74.39
CA MET V 519 -0.38 -77.83 75.21
C MET V 519 -1.11 -77.50 76.50
N GLY V 520 -2.19 -78.22 76.80
CA GLY V 520 -3.00 -77.93 77.97
C GLY V 520 -2.50 -78.64 79.21
N ALA V 521 -3.38 -78.71 80.20
CA ALA V 521 -3.04 -79.31 81.49
C ALA V 521 -2.79 -80.80 81.36
N THR V 522 -1.90 -81.31 82.22
CA THR V 522 -1.58 -82.72 82.23
C THR V 522 -2.69 -83.51 82.92
N ALA V 523 -2.61 -84.84 82.80
CA ALA V 523 -3.56 -85.75 83.43
C ALA V 523 -3.08 -86.04 84.84
N GLY V 524 -3.32 -85.09 85.75
CA GLY V 524 -2.93 -85.23 87.13
C GLY V 524 -3.97 -85.89 88.02
N THR V 525 -5.07 -86.39 87.44
CA THR V 525 -6.16 -87.01 88.19
C THR V 525 -6.69 -86.09 89.28
N SER V 526 -6.86 -84.81 88.95
CA SER V 526 -7.32 -83.83 89.92
C SER V 526 -8.09 -82.73 89.19
N ASP V 527 -8.98 -82.08 89.94
CA ASP V 527 -9.70 -80.92 89.43
C ASP V 527 -8.80 -79.72 89.19
N GLU V 528 -7.56 -79.77 89.70
CA GLU V 528 -6.58 -78.74 89.37
C GLU V 528 -6.44 -78.60 87.86
N ALA V 529 -6.48 -79.73 87.14
CA ALA V 529 -6.43 -79.68 85.70
C ALA V 529 -7.63 -78.94 85.12
N ALA V 530 -8.82 -79.17 85.70
CA ALA V 530 -10.01 -78.46 85.25
C ALA V 530 -9.85 -76.96 85.46
N THR V 531 -9.35 -76.54 86.62
CA THR V 531 -9.14 -75.12 86.86
C THR V 531 -8.13 -74.54 85.89
N VAL V 532 -7.02 -75.25 85.66
CA VAL V 532 -5.98 -74.75 84.77
C VAL V 532 -6.52 -74.60 83.35
N ASN V 533 -7.25 -75.61 82.87
CA ASN V 533 -7.84 -75.52 81.54
C ASN V 533 -8.86 -74.40 81.46
N SER V 534 -9.61 -74.16 82.54
CA SER V 534 -10.55 -73.05 82.55
C SER V 534 -9.85 -71.71 82.44
N ASN V 535 -8.72 -71.54 83.13
CA ASN V 535 -8.08 -70.23 83.28
C ASN V 535 -6.91 -70.03 82.32
N LEU V 536 -6.95 -70.61 81.12
CA LEU V 536 -5.88 -70.38 80.13
C LEU V 536 -6.09 -69.05 79.41
N VAL V 537 -7.18 -68.95 78.64
CA VAL V 537 -7.52 -67.75 77.89
C VAL V 537 -8.64 -67.05 78.63
N ASN V 538 -8.48 -65.75 78.88
CA ASN V 538 -9.48 -65.05 79.67
C ASN V 538 -9.76 -63.67 79.08
N TYR V 539 -10.98 -63.19 79.32
CA TYR V 539 -11.42 -61.87 78.92
C TYR V 539 -11.77 -61.07 80.17
N VAL V 540 -11.47 -59.78 80.14
CA VAL V 540 -11.65 -58.90 81.29
C VAL V 540 -12.91 -58.08 81.05
N SER V 541 -13.83 -58.11 82.02
CA SER V 541 -15.08 -57.37 81.93
C SER V 541 -14.94 -56.05 82.67
N THR V 542 -16.06 -55.33 82.81
CA THR V 542 -16.03 -54.03 83.49
C THR V 542 -15.71 -54.18 84.98
N GLY V 543 -16.41 -55.06 85.67
CA GLY V 543 -16.18 -55.25 87.09
C GLY V 543 -15.10 -56.24 87.46
N ASP V 544 -14.48 -56.89 86.48
CA ASP V 544 -13.42 -57.87 86.71
C ASP V 544 -12.05 -57.25 86.51
N VAL V 545 -11.93 -55.97 86.81
CA VAL V 545 -10.66 -55.26 86.65
C VAL V 545 -9.82 -55.45 87.91
N THR V 546 -8.57 -55.88 87.73
CA THR V 546 -7.65 -56.11 88.83
C THR V 546 -6.38 -55.30 88.59
N ASP V 547 -5.96 -54.56 89.60
CA ASP V 547 -4.83 -53.67 89.48
C ASP V 547 -3.52 -54.37 89.84
N SER V 548 -2.43 -53.84 89.29
CA SER V 548 -1.07 -54.38 89.53
C SER V 548 -1.01 -55.88 89.25
N SER V 549 -1.60 -56.29 88.14
CA SER V 549 -1.52 -57.67 87.68
C SER V 549 -1.51 -57.67 86.16
N ASN V 550 -1.60 -58.86 85.58
CA ASN V 550 -1.69 -58.98 84.13
C ASN V 550 -2.98 -58.41 83.57
N GLU V 551 -3.99 -58.19 84.40
CA GLU V 551 -5.32 -57.77 83.95
C GLU V 551 -5.65 -56.34 84.38
N ALA V 552 -4.67 -55.44 84.33
CA ALA V 552 -4.90 -54.05 84.70
C ALA V 552 -5.63 -53.26 83.62
N LEU V 553 -6.14 -53.91 82.58
CA LEU V 553 -6.81 -53.25 81.47
C LEU V 553 -8.14 -53.91 81.21
N ALA V 554 -9.11 -53.12 80.76
CA ALA V 554 -10.47 -53.58 80.53
C ALA V 554 -10.67 -53.86 79.05
N GLY V 555 -11.53 -54.85 78.76
CA GLY V 555 -11.85 -55.21 77.39
C GLY V 555 -10.68 -55.76 76.60
N THR V 556 -9.89 -56.63 77.22
CA THR V 556 -8.71 -57.21 76.58
C THR V 556 -8.72 -58.72 76.75
N PHE V 557 -8.02 -59.40 75.84
CA PHE V 557 -7.84 -60.83 75.89
C PHE V 557 -6.45 -61.15 76.44
N VAL V 558 -6.39 -62.06 77.41
CA VAL V 558 -5.14 -62.51 78.01
C VAL V 558 -4.94 -63.97 77.65
N ILE V 559 -3.78 -64.28 77.07
CA ILE V 559 -3.48 -65.61 76.55
C ILE V 559 -2.20 -66.11 77.20
N GLN V 560 -2.24 -67.33 77.72
CA GLN V 560 -1.07 -67.97 78.31
C GLN V 560 -1.03 -69.43 77.90
N THR V 561 0.10 -70.07 78.15
CA THR V 561 0.30 -71.47 77.82
C THR V 561 0.77 -72.22 79.06
N ALA V 562 0.56 -73.53 79.06
CA ALA V 562 0.84 -74.35 80.22
C ALA V 562 2.24 -74.97 80.20
N ARG V 563 3.02 -74.74 79.15
CA ARG V 563 4.37 -75.28 79.05
C ARG V 563 5.39 -74.19 79.36
N LEU V 564 6.65 -74.60 79.43
CA LEU V 564 7.74 -73.71 79.79
C LEU V 564 8.71 -73.52 78.63
N GLY V 565 9.36 -72.37 78.62
CA GLY V 565 10.45 -72.10 77.70
C GLY V 565 10.02 -72.00 76.25
N ASP V 566 10.92 -72.42 75.36
CA ASP V 566 10.72 -72.22 73.93
C ASP V 566 9.54 -73.00 73.39
N ASP V 567 9.11 -74.04 74.11
CA ASP V 567 7.93 -74.79 73.69
C ASP V 567 6.67 -73.94 73.78
N SER V 568 6.70 -72.85 74.54
CA SER V 568 5.50 -72.06 74.84
C SER V 568 5.33 -70.86 73.93
N LYS V 569 5.94 -70.86 72.75
CA LYS V 569 5.75 -69.77 71.81
C LYS V 569 4.58 -70.06 70.88
N LEU V 570 3.79 -69.03 70.59
CA LEU V 570 2.59 -69.16 69.77
C LEU V 570 2.70 -68.30 68.52
N SER V 571 2.21 -68.82 67.40
CA SER V 571 2.23 -68.11 66.13
C SER V 571 0.83 -68.03 65.55
N PHE V 572 0.47 -66.86 65.04
CA PHE V 572 -0.86 -66.60 64.49
C PHE V 572 -0.75 -66.34 63.00
N ILE V 573 -1.66 -66.92 62.22
CA ILE V 573 -1.67 -66.82 60.77
C ILE V 573 -3.10 -66.54 60.32
N GLY V 574 -3.24 -65.69 59.30
CA GLY V 574 -4.55 -65.43 58.74
C GLY V 574 -4.49 -64.28 57.75
N ASP V 575 -5.67 -63.74 57.45
CA ASP V 575 -5.75 -62.59 56.58
C ASP V 575 -5.10 -61.38 57.24
N GLN V 576 -4.56 -60.48 56.42
CA GLN V 576 -3.83 -59.33 56.93
C GLN V 576 -4.74 -58.44 57.79
N ASN V 577 -5.95 -58.18 57.32
CA ASN V 577 -6.83 -57.26 58.03
C ASN V 577 -7.22 -57.79 59.40
N LEU V 578 -7.56 -59.08 59.49
CA LEU V 578 -7.92 -59.66 60.78
C LEU V 578 -6.74 -59.64 61.75
N ILE V 579 -5.55 -59.97 61.25
CA ILE V 579 -4.37 -59.97 62.11
C ILE V 579 -4.07 -58.58 62.62
N ASN V 580 -4.17 -57.57 61.75
CA ASN V 580 -3.97 -56.20 62.19
C ASN V 580 -5.03 -55.77 63.20
N ALA V 581 -6.28 -56.20 62.98
CA ALA V 581 -7.35 -55.85 63.90
C ALA V 581 -7.12 -56.47 65.27
N LEU V 582 -6.60 -57.69 65.32
CA LEU V 582 -6.27 -58.30 66.61
C LEU V 582 -5.20 -57.49 67.33
N SER V 583 -4.12 -57.15 66.63
CA SER V 583 -3.07 -56.28 67.16
C SER V 583 -2.48 -56.86 68.45
N LEU V 584 -1.87 -58.03 68.32
CA LEU V 584 -1.33 -58.74 69.46
C LEU V 584 -0.12 -58.00 70.04
N ALA V 585 0.16 -58.30 71.31
CA ALA V 585 1.34 -57.76 71.99
C ALA V 585 1.86 -58.81 72.96
N THR V 586 3.15 -58.71 73.26
CA THR V 586 3.80 -59.63 74.18
C THR V 586 4.22 -58.90 75.43
N ILE V 587 3.80 -59.42 76.58
CA ILE V 587 4.17 -58.82 77.86
C ILE V 587 5.01 -59.74 78.74
N GLN V 588 5.08 -61.04 78.44
CA GLN V 588 6.06 -61.87 79.14
C GLN V 588 6.61 -62.93 78.20
N GLU V 589 7.91 -63.17 78.33
CA GLU V 589 8.62 -64.16 77.52
C GLU V 589 9.12 -65.27 78.43
N GLY V 590 9.14 -66.50 77.89
CA GLY V 590 9.48 -67.65 78.67
C GLY V 590 10.96 -67.77 78.99
N GLU V 591 11.27 -68.67 79.91
CA GLU V 591 12.63 -68.98 80.31
C GLU V 591 12.81 -70.48 80.36
N ASN V 592 13.98 -70.96 79.94
CA ASN V 592 14.28 -72.37 80.03
C ASN V 592 14.61 -72.75 81.47
N SER V 593 14.35 -74.01 81.81
CA SER V 593 14.58 -74.53 83.15
C SER V 593 16.03 -74.93 83.31
N GLU V 594 16.35 -75.51 84.47
CA GLU V 594 17.66 -76.08 84.72
C GLU V 594 17.49 -77.48 85.30
N THR V 595 18.36 -78.40 84.90
CA THR V 595 18.20 -79.81 85.22
C THR V 595 19.51 -80.36 85.79
N THR V 596 19.40 -81.21 86.80
CA THR V 596 20.52 -81.95 87.36
C THR V 596 20.31 -83.43 87.09
N ILE V 597 21.30 -84.06 86.45
CA ILE V 597 21.21 -85.45 86.02
C ILE V 597 22.38 -86.21 86.61
N LYS V 598 22.10 -87.38 87.17
CA LYS V 598 23.13 -88.23 87.78
C LYS V 598 22.99 -89.64 87.21
N VAL V 599 24.08 -90.19 86.71
CA VAL V 599 24.06 -91.50 86.06
C VAL V 599 24.92 -92.46 86.87
N THR V 600 24.42 -93.68 87.05
CA THR V 600 25.16 -94.72 87.76
C THR V 600 24.76 -96.09 87.21
N ASP V 601 25.70 -97.02 87.27
CA ASP V 601 25.45 -98.35 86.72
C ASP V 601 24.40 -99.08 87.55
N ALA V 602 23.55 -99.84 86.86
CA ALA V 602 22.37 -100.44 87.47
C ALA V 602 22.60 -101.84 87.99
N HIS V 603 23.80 -102.38 87.88
CA HIS V 603 24.02 -103.74 88.38
C HIS V 603 25.08 -103.80 89.49
N THR V 604 26.04 -102.89 89.48
CA THR V 604 27.09 -102.89 90.50
C THR V 604 26.99 -101.71 91.46
N GLY V 605 26.71 -100.52 90.95
CA GLY V 605 26.47 -99.36 91.78
C GLY V 605 27.54 -98.30 91.80
N LYS V 606 28.66 -98.51 91.11
CA LYS V 606 29.72 -97.50 91.11
C LYS V 606 29.30 -96.27 90.34
N PHE V 607 29.90 -95.13 90.68
CA PHE V 607 29.52 -93.86 90.09
C PHE V 607 30.10 -93.71 88.69
N ILE V 608 29.40 -92.94 87.84
CA ILE V 608 29.82 -92.70 86.47
C ILE V 608 29.94 -91.21 86.18
N GLY V 609 28.88 -90.45 86.39
CA GLY V 609 28.91 -89.04 86.06
C GLY V 609 27.68 -88.30 86.57
N SER V 610 27.78 -86.98 86.54
CA SER V 610 26.68 -86.08 86.89
C SER V 610 26.88 -84.77 86.16
N ASP V 611 25.79 -84.06 85.90
CA ASP V 611 25.85 -82.81 85.16
C ASP V 611 24.67 -81.92 85.51
N SER V 612 24.85 -80.63 85.24
CA SER V 612 23.80 -79.62 85.35
C SER V 612 23.68 -78.91 84.00
N VAL V 613 22.49 -78.94 83.43
CA VAL V 613 22.26 -78.48 82.06
C VAL V 613 21.12 -77.47 82.03
N ASN V 614 21.11 -76.67 80.96
CA ASN V 614 20.07 -75.68 80.73
C ASN V 614 19.13 -76.02 79.59
N ASP V 615 19.61 -76.66 78.52
CA ASP V 615 18.80 -76.98 77.36
C ASP V 615 18.24 -78.40 77.42
N SER V 616 18.30 -79.05 78.57
CA SER V 616 17.71 -80.37 78.79
C SER V 616 18.31 -81.43 77.86
N THR V 617 19.59 -81.27 77.55
CA THR V 617 20.32 -82.23 76.72
C THR V 617 21.61 -82.60 77.42
N LEU V 618 21.80 -83.88 77.71
CA LEU V 618 23.03 -84.38 78.33
C LEU V 618 24.03 -84.73 77.23
N ARG V 619 25.12 -84.00 77.15
CA ARG V 619 26.11 -84.18 76.10
C ARG V 619 27.50 -84.30 76.69
N GLY V 620 28.29 -85.24 76.15
CA GLY V 620 29.71 -85.29 76.44
C GLY V 620 30.12 -86.07 77.66
N VAL V 621 29.22 -86.87 78.24
CA VAL V 621 29.56 -87.74 79.36
C VAL V 621 29.57 -89.20 78.94
N ILE V 622 28.72 -89.59 78.01
CA ILE V 622 28.67 -90.94 77.47
C ILE V 622 29.22 -90.90 76.05
N GLN V 623 30.13 -91.81 75.74
CA GLN V 623 30.84 -91.77 74.46
C GLN V 623 29.89 -92.12 73.32
N GLY V 624 29.85 -91.28 72.31
CA GLY V 624 29.11 -91.58 71.09
C GLY V 624 27.61 -91.43 71.19
N VAL V 625 27.10 -90.92 72.30
CA VAL V 625 25.65 -90.83 72.52
C VAL V 625 25.34 -89.49 73.16
N ASP V 626 24.28 -88.84 72.68
CA ASP V 626 23.70 -87.68 73.33
C ASP V 626 22.24 -87.98 73.67
N VAL V 627 21.81 -87.61 74.87
CA VAL V 627 20.51 -87.98 75.40
C VAL V 627 19.65 -86.74 75.53
N LYS V 628 18.42 -86.84 75.01
CA LYS V 628 17.44 -85.76 75.09
C LYS V 628 16.29 -86.23 75.98
N ILE V 629 15.96 -85.42 76.99
CA ILE V 629 14.89 -85.70 77.93
C ILE V 629 13.84 -84.61 77.80
N ASP V 630 12.57 -85.03 77.75
CA ASP V 630 11.49 -84.07 77.53
C ASP V 630 11.36 -83.11 78.70
N SER V 631 10.78 -81.95 78.44
CA SER V 631 10.82 -80.83 79.37
C SER V 631 9.74 -80.89 80.44
N ASP V 632 8.82 -81.85 80.39
CA ASP V 632 7.72 -81.92 81.35
C ASP V 632 7.93 -83.01 82.38
N VAL V 633 9.16 -83.21 82.84
CA VAL V 633 9.48 -84.20 83.85
C VAL V 633 9.68 -83.49 85.18
N GLY V 634 8.93 -83.92 86.20
CA GLY V 634 9.10 -83.41 87.54
C GLY V 634 8.77 -81.94 87.74
N VAL V 635 7.62 -81.49 87.22
CA VAL V 635 7.16 -80.12 87.38
C VAL V 635 5.73 -80.15 87.90
N SER V 636 5.38 -79.19 88.75
CA SER V 636 4.03 -79.08 89.30
C SER V 636 3.48 -77.69 89.02
N ILE V 637 2.19 -77.63 88.68
CA ILE V 637 1.53 -76.41 88.24
C ILE V 637 0.34 -76.13 89.16
N SER V 638 0.15 -74.86 89.51
CA SER V 638 -1.00 -74.46 90.31
C SER V 638 -1.44 -73.07 89.84
N TRP V 639 -2.66 -72.71 90.23
CA TRP V 639 -3.28 -71.45 89.82
C TRP V 639 -3.53 -70.56 91.03
N ASN V 640 -3.39 -69.24 90.82
CA ASN V 640 -3.64 -68.26 91.87
C ASN V 640 -4.48 -67.13 91.31
N SER V 641 -5.78 -67.16 91.58
CA SER V 641 -6.67 -66.08 91.18
C SER V 641 -6.51 -64.84 92.04
N THR V 642 -5.97 -64.98 93.25
CA THR V 642 -5.72 -63.81 94.08
C THR V 642 -4.64 -62.93 93.47
N LYS V 643 -3.64 -63.55 92.85
CA LYS V 643 -2.63 -62.82 92.10
C LYS V 643 -2.82 -62.95 90.59
N LYS V 644 -3.74 -63.81 90.15
CA LYS V 644 -3.98 -64.06 88.72
C LYS V 644 -2.70 -64.49 88.02
N THR V 645 -2.10 -65.57 88.50
CA THR V 645 -0.85 -66.08 87.95
C THR V 645 -0.84 -67.60 88.01
N MET V 646 0.06 -68.17 87.22
CA MET V 646 0.41 -69.57 87.36
C MET V 646 1.64 -69.70 88.24
N GLU V 647 1.70 -70.80 88.99
CA GLU V 647 2.85 -71.08 89.86
C GLU V 647 3.40 -72.44 89.51
N PHE V 648 4.71 -72.49 89.28
CA PHE V 648 5.41 -73.73 88.98
C PHE V 648 6.34 -74.06 90.14
N SER V 649 6.42 -75.35 90.46
CA SER V 649 7.20 -75.77 91.61
C SER V 649 7.79 -77.16 91.36
N ALA V 650 8.79 -77.50 92.16
CA ALA V 650 9.44 -78.80 92.06
C ALA V 650 8.57 -79.87 92.70
N THR V 651 8.75 -81.11 92.23
CA THR V 651 7.97 -82.21 92.75
C THR V 651 8.28 -82.48 94.22
N GLY V 652 9.56 -82.45 94.59
CA GLY V 652 10.00 -82.88 95.90
C GLY V 652 10.67 -84.24 95.89
N GLU V 653 10.49 -85.02 94.83
CA GLU V 653 11.15 -86.31 94.67
C GLU V 653 11.80 -86.35 93.29
N SER V 654 12.71 -87.30 93.11
CA SER V 654 13.39 -87.44 91.83
C SER V 654 12.72 -88.53 90.99
N GLU V 655 13.20 -88.67 89.75
CA GLU V 655 12.67 -89.63 88.80
C GLU V 655 13.74 -90.67 88.46
N ASP V 656 13.31 -91.87 88.13
CA ASP V 656 14.20 -92.97 87.79
C ASP V 656 13.85 -93.51 86.41
N ILE V 657 14.83 -93.47 85.50
CA ILE V 657 14.69 -94.03 84.16
C ILE V 657 15.89 -94.93 83.90
N LYS V 658 15.68 -95.95 83.07
CA LYS V 658 16.69 -96.95 82.77
C LYS V 658 16.91 -97.01 81.26
N LEU V 659 18.16 -97.26 80.87
CA LEU V 659 18.55 -97.26 79.47
C LEU V 659 19.39 -98.49 79.15
N HIS V 660 19.21 -99.02 77.95
CA HIS V 660 19.91 -100.21 77.49
C HIS V 660 20.61 -99.91 76.18
N LEU V 661 21.90 -100.26 76.10
CA LEU V 661 22.74 -99.88 74.97
C LEU V 661 23.69 -101.02 74.64
N VAL V 662 23.89 -101.26 73.33
CA VAL V 662 24.79 -102.31 72.86
C VAL V 662 25.46 -101.82 71.59
N ASP V 663 26.60 -102.42 71.24
CA ASP V 663 27.40 -102.01 70.09
C ASP V 663 27.07 -102.83 68.84
N ASN V 664 27.25 -102.20 67.68
CA ASN V 664 26.95 -102.84 66.40
C ASN V 664 27.97 -102.49 65.33
N ALA V 665 29.23 -102.26 65.70
CA ALA V 665 30.26 -101.81 64.76
C ALA V 665 30.47 -102.83 63.64
N MET V 666 31.15 -102.43 62.55
CA MET V 666 31.32 -103.28 61.39
C MET V 666 32.78 -103.67 61.25
N GLU V 667 33.03 -104.95 61.01
CA GLU V 667 34.37 -105.51 60.90
C GLU V 667 34.67 -105.93 59.48
N MET V 668 35.94 -105.84 59.10
CA MET V 668 36.40 -106.32 57.80
C MET V 668 37.70 -107.09 57.97
N GLN V 669 37.71 -108.34 57.52
CA GLN V 669 38.94 -109.13 57.51
C GLN V 669 39.81 -108.67 56.35
N ILE V 670 41.06 -108.29 56.65
CA ILE V 670 41.91 -107.66 55.66
C ILE V 670 43.22 -108.42 55.53
N GLY V 671 43.30 -109.58 56.18
CA GLY V 671 44.52 -110.38 56.12
C GLY V 671 44.27 -111.85 55.95
N ALA V 672 45.35 -112.64 55.88
CA ALA V 672 45.27 -114.08 55.75
C ALA V 672 45.57 -114.78 57.06
N ASN V 673 45.58 -114.03 58.17
CA ASN V 673 45.89 -114.60 59.47
C ASN V 673 44.96 -113.99 60.51
N GLU V 674 44.77 -114.70 61.61
CA GLU V 674 43.98 -114.20 62.72
C GLU V 674 44.62 -112.96 63.31
N GLY V 675 43.83 -111.92 63.53
CA GLY V 675 44.30 -110.78 64.28
C GLY V 675 44.14 -109.43 63.60
N GLN V 676 44.39 -109.36 62.29
CA GLN V 676 44.35 -108.10 61.57
C GLN V 676 42.95 -107.88 60.99
N THR V 677 42.29 -106.82 61.48
CA THR V 677 40.96 -106.47 60.99
C THR V 677 40.89 -104.95 60.84
N ILE V 678 39.85 -104.50 60.14
CA ILE V 678 39.58 -103.08 59.97
C ILE V 678 38.20 -102.81 60.55
N LEU V 679 38.12 -101.83 61.45
CA LEU V 679 36.87 -101.46 62.06
C LEU V 679 36.30 -100.21 61.40
N ALA V 680 34.99 -100.24 61.14
CA ALA V 680 34.31 -99.09 60.55
C ALA V 680 32.95 -98.90 61.19
N ASN V 681 32.54 -97.65 61.28
CA ASN V 681 31.25 -97.27 61.83
C ASN V 681 30.78 -96.00 61.14
N ILE V 682 29.46 -95.83 61.04
CA ILE V 682 28.85 -94.73 60.30
C ILE V 682 27.96 -93.95 61.24
N PRO V 683 28.26 -92.67 61.52
CA PRO V 683 27.40 -91.89 62.43
C PRO V 683 25.98 -91.76 61.89
N GLN V 684 25.03 -91.68 62.82
CA GLN V 684 23.62 -91.67 62.45
C GLN V 684 23.23 -90.30 61.91
N VAL V 685 22.52 -90.29 60.79
CA VAL V 685 22.18 -89.06 60.08
C VAL V 685 20.69 -89.04 59.77
N ASP V 686 20.01 -87.99 60.21
CA ASP V 686 18.62 -87.72 59.84
C ASP V 686 18.30 -86.29 60.25
N THR V 687 17.02 -85.93 60.21
CA THR V 687 16.62 -84.58 60.57
C THR V 687 16.95 -84.26 62.02
N THR V 688 16.69 -85.19 62.93
CA THR V 688 16.94 -84.92 64.35
C THR V 688 18.43 -84.86 64.65
N SER V 689 19.24 -85.62 63.91
CA SER V 689 20.69 -85.55 64.09
C SER V 689 21.23 -84.19 63.64
N LEU V 690 20.69 -83.66 62.54
CA LEU V 690 21.12 -82.35 62.04
C LEU V 690 20.55 -81.20 62.84
N GLY V 691 19.61 -81.45 63.75
CA GLY V 691 19.03 -80.40 64.56
C GLY V 691 18.20 -79.40 63.78
N ILE V 692 17.40 -79.87 62.83
CA ILE V 692 16.54 -78.99 62.04
C ILE V 692 15.10 -79.47 62.12
N ASP V 693 14.75 -80.14 63.23
CA ASP V 693 13.38 -80.63 63.38
C ASP V 693 12.38 -79.48 63.47
N ASP V 694 12.69 -78.47 64.28
CA ASP V 694 11.74 -77.41 64.63
C ASP V 694 12.05 -76.14 63.83
N ILE V 695 12.47 -76.31 62.59
CA ILE V 695 12.69 -75.17 61.70
C ILE V 695 11.35 -74.69 61.16
N LEU V 696 11.09 -73.39 61.29
CA LEU V 696 9.83 -72.81 60.85
C LEU V 696 10.10 -71.51 60.10
N MET V 697 9.23 -71.21 59.14
CA MET V 697 9.21 -69.92 58.43
C MET V 697 7.77 -69.46 58.43
N VAL V 698 7.37 -68.80 59.52
CA VAL V 698 5.98 -68.47 59.77
C VAL V 698 5.84 -66.96 59.93
N ASP V 699 6.80 -66.34 60.60
CA ASP V 699 6.85 -64.90 60.82
C ASP V 699 8.23 -64.38 60.42
N GLN V 700 8.44 -63.08 60.62
CA GLN V 700 9.70 -62.45 60.24
C GLN V 700 10.69 -62.45 61.41
N GLU V 701 10.86 -63.62 62.03
CA GLU V 701 11.89 -63.80 63.05
C GLU V 701 12.64 -65.12 62.99
N LEU V 702 12.06 -66.18 62.43
CA LEU V 702 12.66 -67.51 62.48
C LEU V 702 13.63 -67.78 61.33
N ALA V 703 13.63 -66.92 60.30
CA ALA V 703 14.50 -67.13 59.15
C ALA V 703 15.97 -67.08 59.56
N GLN V 704 16.32 -66.22 60.50
CA GLN V 704 17.72 -66.08 60.92
C GLN V 704 18.22 -67.37 61.56
N GLU V 705 17.45 -67.90 62.52
CA GLU V 705 17.82 -69.18 63.11
C GLU V 705 17.87 -70.27 62.06
N SER V 706 16.95 -70.23 61.09
CA SER V 706 16.99 -71.23 60.03
C SER V 706 18.32 -71.18 59.29
N ILE V 707 18.80 -69.96 58.98
CA ILE V 707 20.09 -69.80 58.31
C ILE V 707 21.21 -70.40 59.15
N THR V 708 21.23 -70.09 60.45
CA THR V 708 22.32 -70.55 61.31
C THR V 708 22.35 -72.08 61.39
N LYS V 709 21.20 -72.69 61.67
CA LYS V 709 21.15 -74.14 61.75
C LYS V 709 21.47 -74.79 60.42
N LEU V 710 21.05 -74.19 59.31
CA LEU V 710 21.39 -74.74 58.00
C LEU V 710 22.90 -74.76 57.78
N ASP V 711 23.57 -73.67 58.16
CA ASP V 711 25.04 -73.63 58.02
C ASP V 711 25.69 -74.73 58.85
N LYS V 712 25.23 -74.90 60.10
CA LYS V 712 25.83 -75.93 60.95
C LYS V 712 25.62 -77.32 60.37
N ALA V 713 24.41 -77.60 59.87
CA ALA V 713 24.14 -78.91 59.29
C ALA V 713 25.00 -79.17 58.07
N LEU V 714 25.19 -78.15 57.22
CA LEU V 714 26.07 -78.31 56.06
C LEU V 714 27.48 -78.68 56.50
N GLU V 715 27.99 -78.00 57.52
CA GLU V 715 29.33 -78.31 58.01
C GLU V 715 29.42 -79.76 58.48
N THR V 716 28.42 -80.22 59.24
CA THR V 716 28.46 -81.59 59.76
C THR V 716 28.45 -82.62 58.62
N VAL V 717 27.61 -82.40 57.62
CA VAL V 717 27.53 -83.34 56.50
C VAL V 717 28.87 -83.41 55.76
N SER V 718 29.49 -82.24 55.54
CA SER V 718 30.79 -82.23 54.87
C SER V 718 31.83 -83.02 55.68
N GLY V 719 31.81 -82.86 57.00
CA GLY V 719 32.75 -83.62 57.83
C GLY V 719 32.56 -85.12 57.70
N VAL V 720 31.31 -85.58 57.70
CA VAL V 720 31.05 -87.01 57.57
C VAL V 720 31.57 -87.52 56.23
N ARG V 721 31.31 -86.77 55.15
CA ARG V 721 31.82 -87.19 53.84
C ARG V 721 33.33 -87.26 53.83
N ALA V 722 34.01 -86.32 54.49
CA ALA V 722 35.46 -86.35 54.55
C ALA V 722 35.96 -87.61 55.25
N THR V 723 35.30 -88.00 56.35
CA THR V 723 35.70 -89.22 57.05
C THR V 723 35.57 -90.44 56.14
N ILE V 724 34.44 -90.54 55.42
CA ILE V 724 34.25 -91.68 54.51
C ILE V 724 35.34 -91.71 53.45
N GLY V 725 35.67 -90.55 52.89
CA GLY V 725 36.73 -90.50 51.89
C GLY V 725 38.07 -90.94 52.43
N ALA V 726 38.39 -90.53 53.66
CA ALA V 726 39.66 -90.95 54.26
C ALA V 726 39.74 -92.47 54.38
N GLN V 727 38.65 -93.09 54.87
CA GLN V 727 38.67 -94.55 54.99
C GLN V 727 38.82 -95.23 53.64
N ILE V 728 38.10 -94.75 52.63
CA ILE V 728 38.17 -95.41 51.32
C ILE V 728 39.55 -95.27 50.71
N ASN V 729 40.22 -94.12 50.93
CA ASN V 729 41.56 -93.95 50.40
C ASN V 729 42.55 -94.88 51.09
N ARG V 730 42.41 -95.05 52.41
CA ARG V 730 43.29 -95.98 53.11
C ARG V 730 43.12 -97.41 52.57
N LEU V 731 41.88 -97.81 52.33
CA LEU V 731 41.65 -99.14 51.75
C LEU V 731 42.25 -99.25 50.36
N GLU V 732 42.14 -98.19 49.55
CA GLU V 732 42.71 -98.21 48.22
C GLU V 732 44.22 -98.43 48.27
N TYR V 733 44.90 -97.74 49.18
CA TYR V 733 46.34 -97.98 49.34
C TYR V 733 46.63 -99.41 49.82
N THR V 734 45.85 -99.93 50.77
CA THR V 734 46.18 -101.28 51.24
C THR V 734 45.83 -102.36 50.21
N MET V 735 45.12 -102.00 49.14
CA MET V 735 44.79 -102.99 48.10
C MET V 735 46.04 -103.66 47.51
N THR V 736 47.05 -102.87 47.11
CA THR V 736 48.06 -103.38 46.18
C THR V 736 49.16 -104.21 46.85
N GLY V 737 49.42 -103.98 48.14
CA GLY V 737 50.44 -104.75 48.82
C GLY V 737 50.15 -106.23 48.84
N LEU V 738 48.87 -106.59 48.92
CA LEU V 738 48.50 -108.00 48.89
C LEU V 738 48.90 -108.65 47.57
N ASP V 739 48.66 -107.96 46.46
CA ASP V 739 49.06 -108.50 45.16
C ASP V 739 50.58 -108.58 45.03
N THR V 740 51.29 -107.59 45.55
CA THR V 740 52.76 -107.64 45.51
C THR V 740 53.28 -108.85 46.28
N THR V 741 52.73 -109.08 47.48
CA THR V 741 53.13 -110.23 48.28
C THR V 741 52.75 -111.53 47.57
N ARG V 742 51.58 -111.57 46.93
CA ARG V 742 51.18 -112.73 46.15
C ARG V 742 52.22 -113.05 45.08
N GLU V 743 52.61 -112.05 44.29
CA GLU V 743 53.59 -112.28 43.23
C GLU V 743 54.90 -112.80 43.81
N ASN V 744 55.40 -112.14 44.86
CA ASN V 744 56.69 -112.54 45.43
C ASN V 744 56.64 -113.97 45.96
N LEU V 745 55.62 -114.31 46.73
CA LEU V 745 55.58 -115.62 47.35
C LEU V 745 55.22 -116.73 46.36
N THR V 746 54.43 -116.42 45.32
CA THR V 746 54.16 -117.44 44.31
C THR V 746 55.37 -117.67 43.42
N ALA V 747 56.21 -116.65 43.23
CA ALA V 747 57.48 -116.87 42.55
C ALA V 747 58.41 -117.70 43.42
N ALA V 748 58.48 -117.39 44.72
CA ALA V 748 59.35 -118.13 45.62
C ALA V 748 58.92 -119.59 45.77
N GLU V 749 57.61 -119.84 45.85
CA GLU V 749 57.12 -121.18 46.12
C GLU V 749 57.50 -122.15 45.01
N SER V 750 57.37 -121.74 43.75
CA SER V 750 57.64 -122.66 42.66
C SER V 750 59.13 -122.67 42.33
N ARG V 751 59.97 -122.84 43.35
CA ARG V 751 61.35 -123.25 43.17
C ARG V 751 61.60 -124.63 43.74
N ILE V 752 60.57 -125.25 44.31
CA ILE V 752 60.63 -126.60 44.86
C ILE V 752 59.63 -127.52 44.15
N ARG V 753 59.32 -127.22 42.88
CA ARG V 753 58.27 -127.96 42.19
C ARG V 753 58.86 -129.06 41.30
N ASP V 754 59.68 -128.69 40.33
CA ASP V 754 60.19 -129.69 39.39
C ASP V 754 61.52 -129.23 38.81
N LEU V 755 62.29 -130.21 38.31
CA LEU V 755 63.57 -129.90 37.67
C LEU V 755 63.34 -129.21 36.34
N ASP V 756 64.43 -128.80 35.70
CA ASP V 756 64.37 -128.51 34.28
C ASP V 756 64.14 -129.81 33.52
N ILE V 757 63.47 -129.70 32.39
CA ILE V 757 63.19 -130.91 31.62
C ILE V 757 64.48 -131.51 31.04
N ALA V 758 65.48 -130.67 30.80
CA ALA V 758 66.67 -131.11 30.06
C ALA V 758 67.43 -132.20 30.80
N ASP V 759 67.78 -131.95 32.07
CA ASP V 759 68.58 -132.94 32.78
C ASP V 759 67.77 -134.19 33.11
N GLU V 760 66.46 -134.06 33.32
CA GLU V 760 65.63 -135.24 33.54
C GLU V 760 65.61 -136.11 32.29
N MET V 761 65.45 -135.51 31.11
CA MET V 761 65.50 -136.30 29.88
C MET V 761 66.89 -136.88 29.65
N ALA V 762 67.93 -136.15 30.05
CA ALA V 762 69.29 -136.68 29.93
C ALA V 762 69.47 -137.92 30.78
N LYS V 763 68.98 -137.88 32.03
CA LYS V 763 69.04 -139.06 32.90
C LYS V 763 68.23 -140.21 32.31
N PHE V 764 67.04 -139.90 31.78
CA PHE V 764 66.22 -140.92 31.15
C PHE V 764 66.96 -141.59 30.00
N THR V 765 67.57 -140.79 29.13
CA THR V 765 68.28 -141.34 27.98
C THR V 765 69.47 -142.18 28.40
N LYS V 766 70.24 -141.70 29.40
CA LYS V 766 71.40 -142.47 29.85
C LYS V 766 70.99 -143.81 30.46
N ASN V 767 69.96 -143.79 31.32
CA ASN V 767 69.50 -145.04 31.91
C ASN V 767 68.98 -145.98 30.85
N GLN V 768 68.21 -145.46 29.88
CA GLN V 768 67.70 -146.32 28.83
C GLN V 768 68.83 -146.95 28.02
N ILE V 769 69.82 -146.15 27.61
CA ILE V 769 70.89 -146.68 26.77
C ILE V 769 71.75 -147.67 27.54
N LEU V 770 71.79 -147.53 28.87
CA LEU V 770 72.47 -148.53 29.69
C LEU V 770 71.64 -149.82 29.79
N ALA V 771 70.32 -149.71 29.72
CA ALA V 771 69.46 -150.88 29.88
C ALA V 771 69.74 -151.95 28.83
N GLN V 772 69.81 -151.56 27.54
CA GLN V 772 70.04 -152.56 26.50
C GLN V 772 71.41 -153.20 26.62
N SER V 773 72.41 -152.42 27.05
CA SER V 773 73.72 -153.02 27.30
C SER V 773 73.64 -154.05 28.41
N ASN V 774 72.92 -153.75 29.50
CA ASN V 774 72.80 -154.73 30.58
C ASN V 774 72.08 -155.99 30.11
N ILE V 775 71.04 -155.80 29.31
CA ILE V 775 70.29 -156.94 28.79
C ILE V 775 71.20 -157.83 27.96
N SER V 776 71.98 -157.23 27.07
CA SER V 776 72.86 -157.99 26.20
C SER V 776 73.94 -158.72 26.98
N MET V 777 74.57 -158.03 27.95
CA MET V 777 75.62 -158.68 28.72
C MET V 777 75.05 -159.87 29.47
N LEU V 778 73.86 -159.73 30.04
CA LEU V 778 73.14 -160.86 30.60
C LEU V 778 72.94 -161.94 29.56
N ALA V 779 72.72 -161.55 28.31
CA ALA V 779 72.44 -162.55 27.28
C ALA V 779 73.64 -163.46 27.03
N GLN V 780 74.83 -162.88 26.81
CA GLN V 780 75.97 -163.78 26.60
C GLN V 780 76.40 -164.45 27.90
N ALA V 781 76.18 -163.80 29.06
CA ALA V 781 76.48 -164.45 30.33
C ALA V 781 75.59 -165.68 30.58
N ASN V 782 74.34 -165.64 30.12
CA ASN V 782 73.50 -166.83 30.21
C ASN V 782 73.89 -167.85 29.14
N SER V 783 74.28 -167.37 27.96
CA SER V 783 74.55 -168.29 26.86
C SER V 783 75.85 -169.07 27.08
N LEU V 784 76.84 -168.46 27.72
CA LEU V 784 78.19 -169.01 27.75
C LEU V 784 78.30 -170.40 28.39
N PRO V 785 77.83 -170.62 29.64
CA PRO V 785 78.38 -171.74 30.44
C PRO V 785 78.26 -173.14 29.84
N GLN V 786 77.05 -173.62 29.58
CA GLN V 786 76.87 -175.03 29.25
C GLN V 786 77.30 -175.37 27.83
N MET V 787 77.20 -174.41 26.91
CA MET V 787 77.62 -174.66 25.53
C MET V 787 79.12 -174.88 25.44
N ALA V 788 79.90 -174.18 26.28
CA ALA V 788 81.33 -174.36 26.30
C ALA V 788 81.78 -175.62 27.04
N LEU V 789 80.86 -176.31 27.71
CA LEU V 789 81.21 -177.52 28.46
C LEU V 789 80.59 -178.79 27.89
N SER V 790 79.58 -178.67 27.03
CA SER V 790 78.95 -179.87 26.46
C SER V 790 79.93 -180.71 25.64
N LEU V 791 81.04 -180.12 25.20
CA LEU V 791 82.03 -180.82 24.39
C LEU V 791 83.05 -181.58 25.23
N LEU V 792 82.89 -181.60 26.55
CA LEU V 792 83.85 -182.33 27.39
C LEU V 792 83.83 -183.83 27.09
N GLY V 793 82.65 -184.40 26.91
CA GLY V 793 82.53 -185.81 26.60
C GLY V 793 81.10 -186.31 26.61
#